data_6JLU
#
_entry.id   6JLU
#
_cell.length_a   1.00
_cell.length_b   1.00
_cell.length_c   1.00
_cell.angle_alpha   90.00
_cell.angle_beta   90.00
_cell.angle_gamma   90.00
#
_symmetry.space_group_name_H-M   'P 1'
#
loop_
_entity.id
_entity.type
_entity.pdbx_description
1 polymer PsbA
2 polymer PsbB
3 polymer PsbC
4 polymer PsbD
5 polymer PsbE
6 polymer PsbF
7 polymer Psb31
8 polymer 'Photosystem II reaction center protein H'
9 polymer PsbI
10 polymer PsbJ
11 polymer PsbK
12 polymer PsbL
13 polymer PsbM
14 polymer Psb34
15 polymer 'Extrinsic protein in photosystem II'
16 polymer FCP-D
17 polymer 'Extrinsic protein in photosystem II'
18 polymer PsbG
19 polymer PsbT
20 polymer 'Extrinsic protein in photosystem II'
21 polymer 'Cytochrome c-550'
22 polymer PsbW
23 polymer 'Photosystem II reaction center X protein'
24 polymer PsbY
25 polymer PsbZ
26 polymer FCP-E
27 polymer FCP-A
28 polymer FCP-F
29 non-polymer 'CA-MN4-O5 CLUSTER'
30 non-polymer 'FE (II) ION'
31 non-polymer 'CHLOROPHYLL A'
32 non-polymer 'PHEOPHYTIN A'
33 non-polymer BETA-CAROTENE
34 non-polymer 1,2-DI-O-ACYL-3-O-[6-DEOXY-6-SULFO-ALPHA-D-GLUCOPYRANOSYL]-SN-GLYCEROL
35 non-polymer 2,3-DIMETHYL-5-(3,7,11,15,19,23,27,31,35-NONAMETHYL-2,6,10,14,18,22,26,30,34-HEXATRIACONTANONAENYL-2,5-CYCLOHEXADIENE-1,4-DIONE-2,3-DIMETHYL-5-SOLANESYL-1,4-BENZOQUINONE
36 non-polymer 1,2-DIPALMITOYL-PHOSPHATIDYL-GLYCEROLE
37 non-polymer 1,2-DISTEAROYL-MONOGALACTOSYL-DIGLYCERIDE
38 non-polymer 'DIGALACTOSYL DIACYL GLYCEROL (DGDG)'
39 non-polymer 'CHLORIDE ION'
40 non-polymer 'BICARBONATE ION'
41 non-polymer 'PROTOPORPHYRIN IX CONTAINING FE'
42 non-polymer 'Chlorophyll c1'
43 non-polymer "(3S,3'S,5R,5'R,6S,6'R,8'R)-3,5'-dihydroxy-8-oxo-6',7'-didehydro-5,5',6,6',7,8-hexahydro-5,6-epoxy-beta,beta-caroten-3'- yl acetate"
44 non-polymer "(3S,3'R,5R,6S,7cis)-7',8'-didehydro-5,6-dihydro-5,6-epoxy-beta,beta-carotene-3,3'-diol"
45 non-polymer 'Chlorophyll c2'
46 water water
#
loop_
_entity_poly.entity_id
_entity_poly.type
_entity_poly.pdbx_seq_one_letter_code
_entity_poly.pdbx_strand_id
1 'polypeptide(L)'
;MTATLERREGVSLWERFCAWITSTENRLYIGWFGCLMFPTLLTATSCFIIAFIAAPPVDIDGIREPVSGSLLYGNNIISG
AVVPSSNAIGMHFYPIWEAASVDEWLYNGGPYQLIVLHFLLGVSAYMGREWELSYRLGMRPWIFVAFSAPVAAASAVFLV
YPIGQGSFSDGMPLGISGTFNFMLVFQAEHNILMHPFHMAGVAGVFGGSLFSAMHGSLVTSSLIRETTENESTNYGYKFG
QEEETYNIVAAHGYFGRLIFQYASFNNSRALHFFLALWPVVGIWITAMGISTMAFNLNGFNFNQSVVDSQGRVINTWADI
LNRANLGIEVMHERNAHNFPLDLASGDVLPVALTAPAVN
;
A,a
2 'polypeptide(L)'
;MALPWYRVHTVVLNDPGRLIAVHLMHTALVAGWAGSMALYELAVFDPSDPVLNPMWRQGMFVMPFMTRLGITDSWGGWSI
TGESVSNPGIWSFEGVALSHIILSGMCFLAAIWHWVYWDLELFRDPRTGEPALDLPKIFGIHLFLSGLLCFGFGAFHVTG
LFGPGIWVSDAYGITGKVQPVAPAWGADGFNPFNPGGIAAHHIAAGIFGIFAGIFHLTVRPPQRLYRALRMGNIETVLSS
SISAVFFAAFVTSGTMWYGAAATPIELFGPTRYQWDSGYFQQEIERQVETSVSEGLSESQAWSRIPDKLAFYDYIGNNPA
KGGLFRAGPMNKGDGIAEAWLGHPIFRDKEGRELTVRRMPAFFETFPVILVDKDGIIRADIPFRRAESKYSIEQVGVTVD
FYGGKLNGQTFKDAPTVKKFARKAQLGEVFEFDRTSLESDGVFRSSPRGWYTYGHANFALLFFFGHLWHGGRTIFRDVFT
GIGAEVTEQVEFGAFQKLGDKSTKKQGAV
;
B,b
3 'polypeptide(L)'
;IAGRDIESTGFAWWSGNARLINVSGKLLGAHVAHAGLMVFWAGAMVLFEVSHFVPEKPTYEQGFILIQHLATLGYGIGPG
GEITSTVPYFAVGVIHLISSAILGFGGIYHSLLGPDTLEESFPFFGYDWRDKNKMTTILGIHLCLLGLGSFLLVIKAMYL
GGVYDTWAPGGGDVRYITTPTLNPIVIFGYVFRSPFGGDGWVVSVNNMEDVIGGHIWVGILCIVGGIWHIFTKPFAWARR
AFVWSGEAYLSYSLAAISLMGFTAALYSWYNNTAYPSELYGPTGPEASQAQAFTFLVRDQRLGANVSSAQGPTGLGKYLM
RSPSGEIIFGGETMRFWDLRAPWVEPLRGPNGLDINKIKNDIQPWQERRAAEYMTHAPLGSLNSVGGVATEINSVNYVSP
RSWLCCSHFFLAFFFLVGHWWHAGRARAAAAGFEKGIDRDFEPVLSMTPL
;
C,c
4 'polypeptide(L)'
;RGLFDLVDDWLKKDRFVFVGWSGLLLFPTAYLAAGGWMTGTTFVTSWYTHGLASSYLEGCNFLTAAVSTPANSVGHSLLL
LWGPEAQGDFTRWCQIGGLWTFVALHGAFGLIGFCLRQFEIARLVGIRPYNAIAFSGPIAVFVSVFLLYPLGQASWFFAP
SFGVAAIFRFLLFLQGFHNWTLNPFHMMGVAGILGGALLCAIHGATVENTLFEDGDAANTFRAFTPTQSEETYSMVTANR
FWSQIFGVAFSNKRWLHFFMLFVPVTGLWTSSIGIVGLALNLRAYDFVSQELRAAEDPEFETFYTKNHLLDEGIRAWMAA
QDQPHENFVFPEEVLPRGNAL
;
D,d
5 'polypeptide(L)' STGERPFSDIITSVRYWIIHSITIPSLFVSGWLFISTGLAYDVFGTPRPNEYFTQDRQQVPLVNDRFSAKQELEDLTKG E,e
6 'polypeptide(L)' PIFTFRWLAVHGLAIPTVFFLGGITAMQFIQR F,f
7 'polypeptide(L)'
;MKLSIAALLVTSVAAFAPSTVERTSTALNMDRRSAFAQIATAGAVLAGIPSIASADGSVSAATINRARGLYGDRIAALKD
AVAAGDFKAIAEEKNAFILFNSGAYPTNKAKKNAAIAQTNEIFKAIRSGDKAAVKSAYDAYMAANDIRPLPEINANIGQG
YSSDFDFRVRTKAGAIYVR
;
G,g
8 'polypeptide(L)' ALRTRLGEILRPLNAEYGKVAPGWGTTPIMGIVMLAFLIFLVIILQIYNSSLIIENVDVDWANGI H,h
9 'polypeptide(L)' MLTLKILVYTTVIFFVSLFIFGFLSSDPSRNPNR I,i
10 'polypeptide(L)' GRVPLWLVGLVGGFAVITIVSLFIYGSYSGLGSS J,j
11 'polypeptide(L)' KLPEAYAFLNPIVDVMPVIPVLFFLLAFVWQAAVSFR K,k
12 'polypeptide(L)' MTGPNPNKQAVELNRTSLYWGLLLIFVLAVLFSSYFFN L,l
13 'polypeptide(L)' EVQFGAYLAVLLGTFLPALFLVNLFIQTEARKAGKAGGQDS M,m
14 'polypeptide(L)'
;(UNK)(UNK)(UNK)(UNK)(UNK)(UNK)(UNK)(UNK)(UNK)(UNK)(UNK)(UNK)(UNK)(UNK)(UNK)(UNK)
(UNK)(UNK)(UNK)(UNK)(UNK)(UNK)(UNK)(UNK)(UNK)(UNK)(UNK)(UNK)(UNK)(UNK)
;
N,n
15 'polypeptide(L)'
;ALTKSQINELSYLQVKGTGLANRCAEVVGEDSIKPKPGAKLVDMCIEPKAWAVEEEVGKAGKTEKKFVNSKVMTRQTYTL
DAIEGPITVDGGKITFSEKEGIDYAATTVQLPGGERVPFLFTVKDLVAKGNGDTFKPGFQMGGDFNTPSYRTGLFLDPKG
RGGTTGYDMAVALPALQLGEEGDAELFGENNKVFDITQGRIEMEVNKVNAEDSEIGGVFVATQLSDTDMGSKTPKKVLTK
GIFYAKVEQ
;
O,o
16 'polypeptide(L)'
;PSADAWANSVESKALPFARAPATLDGTMLGDFGFDPLGFSTVPVGPWFTGIQGRNGEIGNLKWYREAELIHGRIAQVAVV
GFIAPGLFGTLPGNEWTGVDAYSNLNPLEAFSQVPGLAILQIFLFMSYLEIRRINIIKEEGENYMPGDLRIGQGEGRWNP
FGLDYSPEAYEEKRLQELKHCRLAMIGVFGLWAQAQASGVGVTEQIGAALTTPDYYAKAGYFLPEG
;
P,p
17 'polypeptide(L)'
;MKSAICFVALAASASAFAPEANNARVATSVNAEARREVFGKIAAAGAAFLPVAANAAVGESPRFSVFGLIGDGTSYSEGA
AYGTDQADKLYSPYSVYSPEGEKSLYKPDSAEYLARKKAVLAETKNRLQKIPGYVDKKEWFNVKDELTRYMYETRGAVRS
LSSSVTQKEKAEVFFRALEDTYGAATLKKGDAVKASNDKAIAALDAFTATL
;
Q,q
18 'polypeptide(L)'
;(UNK)(UNK)(UNK)(UNK)(UNK)(UNK)(UNK)(UNK)(UNK)(UNK)(UNK)(UNK)(UNK)(UNK)(UNK)(UNK)
(UNK)(UNK)(UNK)(UNK)(UNK)(UNK)(UNK)(UNK)(UNK)(UNK)(UNK)(UNK)(UNK)(UNK)(UNK)(UNK)
(UNK)(UNK)(UNK)(UNK)(UNK)(UNK)(UNK)(UNK)(UNK)(UNK)(UNK)(UNK)(UNK)(UNK)(UNK)(UNK)
(UNK)(UNK)(UNK)(UNK)(UNK)(UNK)(UNK)(UNK)(UNK)(UNK)(UNK)(UNK)(UNK)(UNK)(UNK)(UNK)
(UNK)(UNK)(UNK)(UNK)(UNK)(UNK)(UNK)(UNK)(UNK)
;
R,r
19 'polypeptide(L)' MEALVYTFLLIGTLMVIFFAVFFRETPRILR T,t
20 'polypeptide(L)'
;VIDYENIGYLGGSSIVDINNANIRAYLKMPGMYPTVAGKIVSHGPYSGVSDLYKIPGLSSAEADVIKKYESRLTAKTPSP
DYVIDRINNGLYR
;
U,u
21 'polypeptide(L)'
;IDLDEATRTVVVDNAGNTTVLTPEQVKRGKRLFNATCGACHVGGITKTNPNVGLDPEALSLATPRRDNINALVDYIKNPT
TYDGLESIAEVHPSIKSADIYPRMRSLTDEDLYSIAGHIMLSPKIASEKWGGGKIYY
;
V,v
22 'polypeptide(L)' NARFANGKPQSIEAKYIMRSPAEWDRFMRFMDRYAEANGLGFSS(UNK)(UNK)(UNK)(UNK)(UNK)(UNK)(UNK) W,w
23 'polypeptide(L)' MTASLSNFIASLIAGGVVVGVIAIALIVISKSDRI X,x
24 'polypeptide(L)' DTRLLVIAAPVLVAASWALFNIGRLAIQQIQRL Y,y
25 'polypeptide(L)' MITALTALFVLVSLALVVTVPVALATPGEWETSKDQFNKIFQLWVGLVVAIATADGISTAI Z,z
26 'polypeptide(L)'
;AFEDELGAQPPLGFFDPLGLV(UNK)(UNK)(UNK)(UNK)(UNK)(UNK)(UNK)DGDQEKFDRLRYVEIKHGRISMLA
VVGYLVQEAGVRLPGTIDYSGKTFAEIPNGFAAFKEIPAGGLVQLLFFIGVLESSVMRDLT(UNK)(UNK)(UNK)
(UNK)(UNK)(UNK)(UNK)(UNK)(UNK)(UNK)(UNK)(UNK)(UNK)(UNK)(UNK)TFDEETQFKKRAIELNQGRA
AQMGILALMVHEQLGVSLLP(UNK)(UNK)(UNK)(UNK)(UNK)(UNK)(UNK)(UNK)(UNK)(UNK)
;
0,10
27 'polypeptide(L)'
;ENELGAQPPLGFFDPLGLVEDGNQAKFDRLRYVELKHGRISMLAVVGYLIEKAGIRLPGNISYDGTTFADIPDGFAALSK
IPDAGLFQLFAFIGFLEVFVMKDITGGEFVGDFRNGFIDFGWDSFDEETKLKKRAIELNQGRAAMMGILALMVHEKLIPL
GYDADLPIIGHL
;
1,2,3,4,5,6,7,8,11,12,13,14,15,16,17,18
28 'polypeptide(L)'
;AFEDELGAQPPLGFFDPLGLVADGDQEKFDRLRYVEIKHGRISMLAVVGYLVQEAGVRLPGTIDYSGKTFAEIPNGFAAF
KEIPAGGLVQLLFFIGVLESSVMRDLTGEAEFVGDFRNGAIDFGWDTFDEETQFKKRAIELNQGRAAQMGILALMVHEQL
GVSLLP
;
9,19
#
# COMPACT_ATOMS: atom_id res chain seq x y z
N VAL A 11 -13.05 -31.46 -53.74
CA VAL A 11 -12.51 -30.96 -52.49
C VAL A 11 -13.48 -31.28 -51.35
N SER A 12 -13.10 -32.25 -50.52
CA SER A 12 -14.00 -32.74 -49.50
C SER A 12 -14.00 -31.82 -48.29
N LEU A 13 -14.87 -32.12 -47.31
CA LEU A 13 -14.82 -31.42 -46.03
C LEU A 13 -13.52 -31.75 -45.32
N TRP A 14 -13.07 -32.97 -45.46
CA TRP A 14 -11.76 -33.34 -44.93
C TRP A 14 -10.62 -32.75 -45.75
N GLU A 15 -10.88 -32.23 -46.94
CA GLU A 15 -9.81 -31.52 -47.66
C GLU A 15 -9.63 -30.12 -47.08
N ARG A 16 -10.73 -29.41 -46.80
CA ARG A 16 -10.62 -28.07 -46.20
C ARG A 16 -10.19 -28.13 -44.74
N PHE A 17 -10.09 -29.33 -44.16
CA PHE A 17 -9.69 -29.50 -42.77
C PHE A 17 -8.19 -29.74 -42.64
N CYS A 18 -7.66 -30.77 -43.30
CA CYS A 18 -6.24 -31.11 -43.19
C CYS A 18 -5.35 -30.01 -43.76
N ALA A 19 -5.86 -29.27 -44.75
CA ALA A 19 -5.15 -28.12 -45.25
C ALA A 19 -5.14 -26.99 -44.22
N TRP A 20 -6.10 -26.97 -43.30
CA TRP A 20 -6.12 -25.94 -42.29
C TRP A 20 -5.29 -26.33 -41.07
N ILE A 21 -5.30 -27.61 -40.71
CA ILE A 21 -4.56 -28.07 -39.54
C ILE A 21 -3.06 -27.94 -39.79
N THR A 22 -2.62 -28.39 -40.95
CA THR A 22 -1.24 -28.25 -41.36
C THR A 22 -0.97 -26.98 -42.12
N SER A 23 -1.79 -25.96 -41.96
CA SER A 23 -1.50 -24.69 -42.60
C SER A 23 -0.37 -24.02 -41.86
N THR A 24 0.63 -23.59 -42.61
CA THR A 24 1.70 -22.80 -42.02
C THR A 24 1.34 -21.34 -41.90
N GLU A 25 0.26 -20.90 -42.54
CA GLU A 25 -0.14 -19.50 -42.50
C GLU A 25 -0.89 -19.14 -41.22
N ASN A 26 -1.14 -20.10 -40.34
CA ASN A 26 -1.81 -19.80 -39.08
C ASN A 26 -0.88 -19.04 -38.16
N ARG A 27 -1.46 -18.38 -37.16
CA ARG A 27 -0.65 -17.63 -36.21
C ARG A 27 0.14 -18.57 -35.32
N LEU A 28 -0.53 -19.53 -34.71
CA LEU A 28 0.09 -20.62 -33.99
C LEU A 28 -0.23 -21.89 -34.75
N TYR A 29 0.81 -22.66 -35.07
CA TYR A 29 0.67 -23.87 -35.86
C TYR A 29 -0.13 -24.88 -35.08
N ILE A 30 -1.06 -25.55 -35.75
CA ILE A 30 -1.78 -26.55 -34.98
C ILE A 30 -1.14 -27.89 -35.27
N GLY A 31 -1.25 -28.37 -36.50
CA GLY A 31 -0.65 -29.64 -36.83
C GLY A 31 -1.31 -30.83 -36.18
N TRP A 32 -0.88 -32.02 -36.52
CA TRP A 32 -1.57 -33.17 -36.00
C TRP A 32 -1.14 -33.55 -34.60
N PHE A 33 0.06 -33.14 -34.16
CA PHE A 33 0.37 -33.27 -32.76
C PHE A 33 -0.33 -32.21 -31.92
N GLY A 34 -0.69 -31.08 -32.53
CA GLY A 34 -1.44 -30.09 -31.82
C GLY A 34 -2.87 -30.50 -31.54
N CYS A 35 -3.38 -31.47 -32.31
CA CYS A 35 -4.64 -32.10 -31.92
C CYS A 35 -4.50 -32.84 -30.61
N LEU A 36 -3.30 -33.29 -30.28
CA LEU A 36 -3.02 -33.80 -28.93
C LEU A 36 -2.63 -32.69 -28.00
N MET A 37 -1.71 -31.83 -28.45
CA MET A 37 -0.97 -30.95 -27.57
C MET A 37 -1.85 -29.86 -26.97
N PHE A 38 -2.67 -29.20 -27.80
CA PHE A 38 -3.47 -28.10 -27.27
C PHE A 38 -4.52 -28.56 -26.26
N PRO A 39 -5.41 -29.54 -26.53
CA PRO A 39 -6.39 -29.86 -25.48
C PRO A 39 -5.81 -30.64 -24.32
N THR A 40 -4.58 -31.14 -24.42
CA THR A 40 -3.97 -31.79 -23.27
C THR A 40 -3.20 -30.79 -22.42
N LEU A 41 -2.55 -29.81 -23.04
CA LEU A 41 -1.90 -28.80 -22.24
C LEU A 41 -2.85 -27.76 -21.70
N LEU A 42 -3.97 -27.49 -22.38
CA LEU A 42 -4.91 -26.52 -21.84
C LEU A 42 -5.67 -27.09 -20.64
N THR A 43 -5.83 -28.41 -20.56
CA THR A 43 -6.41 -28.99 -19.35
C THR A 43 -5.37 -29.24 -18.28
N ALA A 44 -4.10 -29.04 -18.58
CA ALA A 44 -3.10 -29.13 -17.53
C ALA A 44 -2.77 -27.77 -16.96
N THR A 45 -2.81 -26.71 -17.78
CA THR A 45 -2.68 -25.36 -17.23
C THR A 45 -3.87 -25.00 -16.38
N SER A 46 -5.06 -25.35 -16.84
CA SER A 46 -6.29 -24.88 -16.21
C SER A 46 -6.50 -25.55 -14.86
N CYS A 47 -6.23 -26.85 -14.78
CA CYS A 47 -6.27 -27.49 -13.48
C CYS A 47 -5.16 -26.98 -12.59
N PHE A 48 -4.01 -26.61 -13.16
CA PHE A 48 -2.92 -26.11 -12.33
C PHE A 48 -3.24 -24.77 -11.73
N ILE A 49 -3.85 -23.88 -12.50
CA ILE A 49 -4.23 -22.56 -11.98
C ILE A 49 -5.28 -22.71 -10.90
N ILE A 50 -6.20 -23.65 -11.08
CA ILE A 50 -7.22 -23.85 -10.08
C ILE A 50 -6.67 -24.58 -8.85
N ALA A 51 -5.81 -25.58 -9.06
CA ALA A 51 -5.29 -26.32 -7.90
C ALA A 51 -4.23 -25.55 -7.14
N PHE A 52 -3.48 -24.68 -7.82
CA PHE A 52 -2.53 -23.86 -7.08
C PHE A 52 -3.23 -22.79 -6.28
N ILE A 53 -4.44 -22.39 -6.68
CA ILE A 53 -5.15 -21.37 -5.94
C ILE A 53 -6.09 -22.00 -4.92
N ALA A 54 -6.87 -23.01 -5.31
CA ALA A 54 -8.03 -23.38 -4.52
C ALA A 54 -8.11 -24.84 -4.10
N ALA A 55 -7.04 -25.61 -4.16
CA ALA A 55 -7.17 -27.03 -3.87
C ALA A 55 -7.16 -27.28 -2.37
N PRO A 56 -8.06 -28.12 -1.86
CA PRO A 56 -8.04 -28.46 -0.44
C PRO A 56 -6.89 -29.37 -0.10
N PRO A 57 -6.49 -29.46 1.18
CA PRO A 57 -5.26 -30.18 1.52
C PRO A 57 -5.36 -31.68 1.35
N VAL A 58 -4.19 -32.29 1.16
CA VAL A 58 -4.03 -33.67 0.72
C VAL A 58 -3.00 -34.36 1.60
N ASP A 59 -3.26 -35.60 2.00
CA ASP A 59 -2.21 -36.41 2.62
C ASP A 59 -1.34 -37.00 1.51
N ILE A 60 -0.06 -36.65 1.52
CA ILE A 60 0.86 -37.34 0.63
C ILE A 60 1.17 -38.71 1.20
N ASP A 61 1.32 -38.79 2.52
CA ASP A 61 1.85 -39.99 3.14
C ASP A 61 0.80 -41.06 3.41
N GLY A 62 -0.47 -40.76 3.19
CA GLY A 62 -1.52 -41.72 3.45
C GLY A 62 -1.65 -41.99 4.93
N ILE A 63 -1.26 -41.01 5.73
CA ILE A 63 -1.27 -41.14 7.18
C ILE A 63 -2.40 -40.29 7.71
N ARG A 64 -3.23 -39.79 6.80
CA ARG A 64 -4.35 -38.88 7.06
C ARG A 64 -3.91 -37.56 7.66
N GLU A 65 -2.69 -37.12 7.40
CA GLU A 65 -2.28 -35.78 7.81
C GLU A 65 -2.21 -34.94 6.54
N PRO A 66 -3.22 -34.15 6.25
CA PRO A 66 -3.24 -33.41 4.98
C PRO A 66 -2.27 -32.25 4.96
N VAL A 67 -1.74 -31.98 3.78
CA VAL A 67 -0.75 -30.94 3.54
C VAL A 67 -1.38 -29.87 2.67
N SER A 68 -1.30 -28.62 3.11
CA SER A 68 -1.98 -27.51 2.45
C SER A 68 -1.11 -27.00 1.31
N GLY A 69 -1.61 -27.10 0.09
CA GLY A 69 -0.82 -26.69 -1.06
C GLY A 69 -1.25 -25.39 -1.69
N SER A 70 -2.52 -25.03 -1.54
CA SER A 70 -3.09 -23.94 -2.31
C SER A 70 -2.81 -22.59 -1.67
N LEU A 71 -3.04 -21.53 -2.44
CA LEU A 71 -2.85 -20.17 -1.95
C LEU A 71 -3.94 -19.76 -0.97
N LEU A 72 -5.16 -20.22 -1.20
CA LEU A 72 -6.28 -19.78 -0.38
C LEU A 72 -6.25 -20.32 1.03
N TYR A 73 -5.40 -21.30 1.30
CA TYR A 73 -5.28 -21.86 2.64
C TYR A 73 -4.00 -21.46 3.32
N GLY A 74 -3.47 -20.29 3.02
CA GLY A 74 -2.37 -19.73 3.76
C GLY A 74 -1.01 -20.17 3.29
N ASN A 75 -0.76 -20.07 1.99
CA ASN A 75 0.56 -20.37 1.45
C ASN A 75 1.09 -19.20 0.66
N ASN A 76 2.39 -19.21 0.48
CA ASN A 76 3.06 -18.23 -0.36
C ASN A 76 3.07 -18.75 -1.79
N ILE A 77 3.72 -18.02 -2.68
CA ILE A 77 3.98 -18.55 -3.99
C ILE A 77 5.08 -19.60 -3.91
N ILE A 78 6.04 -19.42 -3.01
CA ILE A 78 7.16 -20.33 -2.92
C ILE A 78 6.80 -21.56 -2.09
N SER A 79 6.15 -21.37 -0.95
CA SER A 79 5.74 -22.49 -0.12
C SER A 79 4.52 -23.22 -0.67
N GLY A 80 3.73 -22.57 -1.52
CA GLY A 80 2.60 -23.24 -2.11
C GLY A 80 3.01 -24.21 -3.19
N ALA A 81 2.15 -25.19 -3.45
CA ALA A 81 2.45 -26.26 -4.39
C ALA A 81 1.16 -26.96 -4.78
N VAL A 82 1.25 -27.82 -5.77
CA VAL A 82 0.27 -28.86 -5.98
C VAL A 82 0.93 -30.15 -5.55
N VAL A 83 0.44 -30.72 -4.45
CA VAL A 83 0.93 -31.92 -3.79
C VAL A 83 0.93 -33.12 -4.73
N PRO A 84 1.66 -34.17 -4.45
CA PRO A 84 1.42 -35.42 -5.17
C PRO A 84 0.25 -36.18 -4.59
N SER A 85 -0.06 -37.35 -5.16
CA SER A 85 -1.20 -38.13 -4.73
C SER A 85 -0.93 -38.79 -3.39
N SER A 86 -1.93 -39.50 -2.88
CA SER A 86 -1.77 -40.19 -1.62
C SER A 86 -0.92 -41.43 -1.80
N ASN A 87 -0.16 -41.76 -0.76
CA ASN A 87 0.55 -43.03 -0.69
C ASN A 87 -0.40 -44.20 -0.77
N ALA A 88 -1.61 -44.06 -0.21
CA ALA A 88 -2.60 -45.12 -0.25
C ALA A 88 -3.07 -45.43 -1.66
N ILE A 89 -3.13 -44.42 -2.52
CA ILE A 89 -3.41 -44.68 -3.93
C ILE A 89 -2.30 -45.51 -4.55
N GLY A 90 -1.07 -45.05 -4.40
CA GLY A 90 0.04 -45.82 -4.92
C GLY A 90 0.21 -45.50 -6.38
N MET A 91 0.22 -46.53 -7.20
CA MET A 91 0.35 -46.42 -8.64
C MET A 91 -1.01 -46.34 -9.34
N HIS A 92 -2.09 -46.46 -8.60
CA HIS A 92 -3.40 -46.66 -9.21
C HIS A 92 -3.86 -45.44 -9.96
N PHE A 93 -4.28 -45.67 -11.19
CA PHE A 93 -4.89 -44.64 -11.99
C PHE A 93 -6.13 -44.15 -11.28
N TYR A 94 -6.10 -42.90 -10.87
CA TYR A 94 -7.11 -42.32 -10.00
C TYR A 94 -7.69 -41.11 -10.71
N PRO A 95 -8.64 -41.32 -11.60
CA PRO A 95 -9.25 -40.19 -12.30
C PRO A 95 -10.31 -39.52 -11.46
N ILE A 96 -11.08 -38.60 -12.05
CA ILE A 96 -12.17 -38.02 -11.27
C ILE A 96 -13.25 -39.06 -11.04
N TRP A 97 -13.65 -39.78 -12.08
CA TRP A 97 -14.80 -40.67 -12.03
C TRP A 97 -14.61 -41.91 -11.16
N GLU A 98 -13.39 -42.19 -10.70
CA GLU A 98 -13.19 -43.28 -9.77
C GLU A 98 -13.10 -42.80 -8.33
N ALA A 99 -13.30 -41.52 -8.07
CA ALA A 99 -13.66 -41.11 -6.74
C ALA A 99 -15.16 -41.26 -6.56
N ALA A 100 -15.61 -41.21 -5.31
CA ALA A 100 -17.04 -41.17 -5.08
C ALA A 100 -17.57 -39.75 -5.04
N SER A 101 -16.68 -38.77 -4.90
CA SER A 101 -17.03 -37.35 -4.95
C SER A 101 -15.76 -36.57 -5.23
N VAL A 102 -15.94 -35.34 -5.74
CA VAL A 102 -14.80 -34.48 -5.99
C VAL A 102 -14.25 -33.93 -4.67
N ASP A 103 -15.06 -33.95 -3.61
CA ASP A 103 -14.54 -33.80 -2.26
C ASP A 103 -13.45 -34.81 -1.96
N GLU A 104 -13.67 -36.06 -2.39
CA GLU A 104 -12.77 -37.15 -2.08
C GLU A 104 -11.62 -37.22 -3.06
N TRP A 105 -11.88 -36.85 -4.32
CA TRP A 105 -10.84 -36.79 -5.33
C TRP A 105 -9.80 -35.76 -4.97
N LEU A 106 -10.22 -34.64 -4.42
CA LEU A 106 -9.29 -33.60 -4.03
C LEU A 106 -8.67 -33.85 -2.68
N TYR A 107 -9.19 -34.79 -1.90
CA TYR A 107 -8.56 -35.12 -0.63
C TYR A 107 -7.36 -36.02 -0.82
N ASN A 108 -7.45 -36.94 -1.77
CA ASN A 108 -6.46 -37.99 -1.90
C ASN A 108 -5.35 -37.64 -2.86
N GLY A 109 -5.38 -36.46 -3.47
CA GLY A 109 -4.34 -36.11 -4.41
C GLY A 109 -4.67 -36.46 -5.82
N GLY A 110 -5.94 -36.51 -6.16
CA GLY A 110 -6.40 -36.56 -7.51
C GLY A 110 -5.84 -35.58 -8.52
N PRO A 111 -5.85 -34.26 -8.23
CA PRO A 111 -5.40 -33.31 -9.25
C PRO A 111 -3.91 -33.32 -9.51
N TYR A 112 -3.11 -34.10 -8.81
CA TYR A 112 -1.75 -34.30 -9.25
C TYR A 112 -1.72 -35.13 -10.53
N GLN A 113 -2.42 -36.25 -10.53
CA GLN A 113 -2.44 -37.12 -11.71
C GLN A 113 -3.14 -36.48 -12.89
N LEU A 114 -4.06 -35.56 -12.63
CA LEU A 114 -4.70 -34.84 -13.72
C LEU A 114 -3.73 -33.88 -14.39
N ILE A 115 -2.84 -33.26 -13.62
CA ILE A 115 -1.91 -32.33 -14.20
C ILE A 115 -0.68 -33.05 -14.77
N VAL A 116 -0.22 -34.10 -14.11
CA VAL A 116 1.01 -34.76 -14.53
C VAL A 116 0.79 -35.55 -15.81
N LEU A 117 -0.29 -36.33 -15.87
CA LEU A 117 -0.55 -37.13 -17.05
C LEU A 117 -0.96 -36.28 -18.25
N HIS A 118 -1.33 -35.03 -18.02
CA HIS A 118 -1.59 -34.14 -19.14
C HIS A 118 -0.44 -33.22 -19.43
N PHE A 119 0.45 -33.03 -18.47
CA PHE A 119 1.71 -32.40 -18.82
C PHE A 119 2.50 -33.32 -19.74
N LEU A 120 2.57 -34.60 -19.41
CA LEU A 120 3.49 -35.46 -20.13
C LEU A 120 2.93 -36.02 -21.42
N LEU A 121 1.63 -35.94 -21.64
CA LEU A 121 1.15 -36.18 -23.00
C LEU A 121 1.29 -34.94 -23.85
N GLY A 122 1.04 -33.77 -23.26
CA GLY A 122 1.10 -32.55 -24.02
C GLY A 122 2.52 -32.11 -24.33
N VAL A 123 3.47 -32.44 -23.46
CA VAL A 123 4.84 -32.07 -23.75
C VAL A 123 5.46 -33.07 -24.72
N SER A 124 5.04 -34.33 -24.67
CA SER A 124 5.42 -35.27 -25.71
C SER A 124 4.83 -34.87 -27.06
N ALA A 125 3.61 -34.34 -27.05
CA ALA A 125 3.03 -33.82 -28.27
C ALA A 125 3.59 -32.46 -28.66
N TYR A 126 4.24 -31.77 -27.73
CA TYR A 126 4.96 -30.57 -28.10
C TYR A 126 6.28 -30.90 -28.76
N MET A 127 6.75 -32.13 -28.58
CA MET A 127 7.96 -32.56 -29.27
C MET A 127 7.69 -32.81 -30.73
N GLY A 128 6.60 -33.53 -31.01
CA GLY A 128 6.29 -33.86 -32.39
C GLY A 128 5.92 -32.63 -33.20
N ARG A 129 5.31 -31.65 -32.55
CA ARG A 129 4.94 -30.44 -33.26
C ARG A 129 6.15 -29.61 -33.62
N GLU A 130 7.19 -29.63 -32.77
CA GLU A 130 8.46 -29.03 -33.16
C GLU A 130 9.07 -29.74 -34.35
N TRP A 131 8.78 -31.02 -34.49
CA TRP A 131 9.26 -31.71 -35.68
C TRP A 131 8.38 -31.43 -36.87
N GLU A 132 7.07 -31.56 -36.68
CA GLU A 132 6.11 -31.57 -37.78
C GLU A 132 6.17 -30.29 -38.57
N LEU A 133 6.33 -29.17 -37.88
CA LEU A 133 6.52 -27.91 -38.59
C LEU A 133 7.89 -27.80 -39.22
N SER A 134 8.92 -28.35 -38.58
CA SER A 134 10.25 -28.35 -39.21
C SER A 134 10.25 -29.20 -40.46
N TYR A 135 9.36 -30.17 -40.55
CA TYR A 135 9.08 -30.82 -41.81
C TYR A 135 8.25 -29.94 -42.74
N ARG A 136 7.32 -29.14 -42.21
CA ARG A 136 6.49 -28.30 -43.07
C ARG A 136 7.22 -27.10 -43.63
N LEU A 137 8.25 -26.61 -42.95
CA LEU A 137 9.00 -25.46 -43.44
C LEU A 137 10.28 -25.84 -44.14
N GLY A 138 10.50 -27.13 -44.37
CA GLY A 138 11.66 -27.56 -45.12
C GLY A 138 12.99 -27.39 -44.42
N MET A 139 12.99 -27.08 -43.14
CA MET A 139 14.25 -26.93 -42.42
C MET A 139 14.66 -28.28 -41.85
N ARG A 140 15.97 -28.42 -41.58
CA ARG A 140 16.53 -29.68 -41.11
C ARG A 140 15.88 -30.08 -39.80
N PRO A 141 15.34 -31.29 -39.71
CA PRO A 141 14.42 -31.63 -38.61
C PRO A 141 15.07 -32.32 -37.41
N TRP A 142 15.76 -31.56 -36.55
CA TRP A 142 16.33 -32.15 -35.35
C TRP A 142 16.26 -31.25 -34.12
N ILE A 143 15.39 -30.25 -34.09
CA ILE A 143 15.33 -29.34 -32.96
C ILE A 143 14.66 -30.01 -31.76
N PHE A 144 13.62 -30.78 -32.03
CA PHE A 144 12.88 -31.58 -31.06
C PHE A 144 13.75 -32.64 -30.38
N VAL A 145 14.82 -33.09 -31.02
CA VAL A 145 15.73 -34.00 -30.35
C VAL A 145 16.52 -33.26 -29.28
N ALA A 146 16.71 -31.96 -29.45
CA ALA A 146 17.29 -31.19 -28.36
C ALA A 146 16.27 -30.97 -27.25
N PHE A 147 14.99 -30.85 -27.60
CA PHE A 147 13.94 -30.75 -26.60
C PHE A 147 13.66 -32.10 -25.94
N SER A 148 14.23 -33.18 -26.45
CA SER A 148 14.12 -34.47 -25.79
C SER A 148 14.78 -34.48 -24.43
N ALA A 149 15.77 -33.61 -24.19
CA ALA A 149 16.44 -33.62 -22.88
C ALA A 149 15.58 -33.08 -21.75
N PRO A 150 14.79 -31.99 -21.91
CA PRO A 150 13.84 -31.69 -20.84
C PRO A 150 12.68 -32.67 -20.72
N VAL A 151 12.28 -33.30 -21.81
CA VAL A 151 11.20 -34.29 -21.72
C VAL A 151 11.68 -35.53 -21.01
N ALA A 152 12.91 -35.94 -21.31
CA ALA A 152 13.57 -37.00 -20.56
C ALA A 152 13.65 -36.67 -19.09
N ALA A 153 13.99 -35.42 -18.79
CA ALA A 153 14.16 -35.02 -17.40
C ALA A 153 12.82 -34.95 -16.69
N ALA A 154 11.80 -34.41 -17.36
CA ALA A 154 10.49 -34.29 -16.71
C ALA A 154 9.81 -35.64 -16.56
N SER A 155 9.93 -36.51 -17.56
CA SER A 155 9.26 -37.80 -17.44
C SER A 155 9.97 -38.71 -16.45
N ALA A 156 11.27 -38.50 -16.22
CA ALA A 156 11.95 -39.28 -15.19
C ALA A 156 11.51 -38.88 -13.80
N VAL A 157 11.12 -37.62 -13.64
CA VAL A 157 10.82 -37.08 -12.32
C VAL A 157 9.34 -37.24 -12.00
N PHE A 158 8.48 -37.14 -13.01
CA PHE A 158 7.05 -37.25 -12.77
C PHE A 158 6.48 -38.63 -13.06
N LEU A 159 7.16 -39.45 -13.87
CA LEU A 159 6.63 -40.79 -14.13
C LEU A 159 7.54 -41.87 -13.60
N VAL A 160 8.81 -41.88 -14.04
CA VAL A 160 9.64 -43.05 -13.84
C VAL A 160 10.08 -43.18 -12.40
N TYR A 161 10.33 -42.06 -11.74
CA TYR A 161 10.62 -42.14 -10.32
C TYR A 161 9.38 -42.49 -9.50
N PRO A 162 8.17 -42.05 -9.84
CA PRO A 162 7.01 -42.74 -9.27
C PRO A 162 6.87 -44.20 -9.67
N ILE A 163 7.25 -44.59 -10.89
CA ILE A 163 7.10 -46.00 -11.28
C ILE A 163 8.09 -46.87 -10.51
N GLY A 164 9.33 -46.40 -10.38
CA GLY A 164 10.33 -47.21 -9.74
C GLY A 164 10.12 -47.35 -8.24
N GLN A 165 9.60 -46.31 -7.62
CA GLN A 165 9.42 -46.31 -6.18
C GLN A 165 8.04 -46.77 -5.75
N GLY A 166 7.12 -46.94 -6.68
CA GLY A 166 5.87 -47.62 -6.41
C GLY A 166 4.66 -46.75 -6.24
N SER A 167 4.81 -45.42 -6.18
CA SER A 167 3.65 -44.58 -5.93
C SER A 167 3.88 -43.20 -6.51
N PHE A 168 2.78 -42.54 -6.87
CA PHE A 168 2.86 -41.17 -7.38
C PHE A 168 3.14 -40.16 -6.28
N SER A 169 3.02 -40.55 -5.02
CA SER A 169 3.39 -39.67 -3.92
C SER A 169 4.88 -39.39 -3.89
N ASP A 170 5.68 -40.23 -4.53
CA ASP A 170 7.10 -40.03 -4.65
C ASP A 170 7.48 -39.09 -5.78
N GLY A 171 6.54 -38.72 -6.64
CA GLY A 171 6.83 -37.75 -7.67
C GLY A 171 7.11 -36.38 -7.09
N MET A 172 7.70 -35.54 -7.90
CA MET A 172 8.01 -34.19 -7.46
C MET A 172 6.73 -33.39 -7.38
N PRO A 173 6.46 -32.71 -6.28
CA PRO A 173 5.29 -31.85 -6.23
C PRO A 173 5.48 -30.60 -7.07
N LEU A 174 4.38 -29.98 -7.38
CA LEU A 174 4.35 -28.89 -8.34
C LEU A 174 4.42 -27.57 -7.60
N GLY A 175 5.59 -27.24 -7.08
CA GLY A 175 5.74 -26.00 -6.37
C GLY A 175 7.17 -25.77 -5.98
N ILE A 176 7.47 -24.52 -5.62
CA ILE A 176 8.85 -24.09 -5.50
C ILE A 176 9.50 -24.66 -4.24
N SER A 177 8.84 -24.58 -3.09
CA SER A 177 9.35 -25.30 -1.93
C SER A 177 9.11 -26.78 -2.02
N GLY A 178 8.19 -27.20 -2.89
CA GLY A 178 7.93 -28.61 -3.05
C GLY A 178 9.04 -29.34 -3.76
N THR A 179 9.63 -28.70 -4.78
CA THR A 179 10.76 -29.32 -5.46
C THR A 179 11.98 -29.42 -4.56
N PHE A 180 12.11 -28.51 -3.60
CA PHE A 180 13.25 -28.57 -2.70
C PHE A 180 13.11 -29.74 -1.73
N ASN A 181 11.87 -30.05 -1.34
CA ASN A 181 11.62 -31.27 -0.57
C ASN A 181 11.94 -32.50 -1.40
N PHE A 182 11.68 -32.45 -2.71
CA PHE A 182 11.97 -33.59 -3.55
C PHE A 182 13.46 -33.80 -3.69
N MET A 183 14.24 -32.73 -3.71
CA MET A 183 15.68 -32.87 -3.91
C MET A 183 16.37 -33.38 -2.66
N LEU A 184 15.93 -32.95 -1.48
CA LEU A 184 16.60 -33.33 -0.25
C LEU A 184 16.35 -34.79 0.09
N VAL A 185 15.10 -35.24 -0.04
CA VAL A 185 14.76 -36.63 0.24
C VAL A 185 15.45 -37.55 -0.75
N PHE A 186 15.55 -37.12 -1.99
CA PHE A 186 16.28 -37.88 -2.99
C PHE A 186 17.80 -37.75 -2.78
N GLN A 187 18.26 -36.82 -1.96
CA GLN A 187 19.67 -36.88 -1.60
C GLN A 187 19.92 -37.95 -0.57
N ALA A 188 18.98 -38.14 0.37
CA ALA A 188 19.22 -38.99 1.53
C ALA A 188 19.23 -40.46 1.14
N GLU A 189 18.15 -40.95 0.55
CA GLU A 189 18.06 -42.37 0.25
C GLU A 189 18.93 -42.74 -0.91
N HIS A 190 19.23 -41.76 -1.75
CA HIS A 190 19.73 -42.11 -3.06
C HIS A 190 21.15 -41.62 -3.29
N ASN A 191 21.58 -40.51 -2.69
CA ASN A 191 22.93 -39.92 -2.84
C ASN A 191 23.19 -39.60 -4.31
N ILE A 192 22.46 -38.59 -4.79
CA ILE A 192 22.60 -38.18 -6.18
C ILE A 192 23.90 -37.42 -6.42
N LEU A 193 24.46 -36.79 -5.38
CA LEU A 193 25.66 -36.01 -5.60
C LEU A 193 26.85 -36.88 -5.92
N MET A 194 26.88 -38.08 -5.39
CA MET A 194 27.90 -39.06 -5.70
C MET A 194 27.47 -39.97 -6.85
N HIS A 195 26.70 -39.47 -7.79
CA HIS A 195 26.27 -40.24 -8.95
C HIS A 195 26.88 -39.60 -10.19
N PRO A 196 27.69 -40.31 -10.96
CA PRO A 196 28.36 -39.67 -12.11
C PRO A 196 27.42 -39.37 -13.24
N PHE A 197 26.31 -40.08 -13.32
CA PHE A 197 25.27 -39.67 -14.27
C PHE A 197 24.63 -38.36 -13.87
N HIS A 198 24.73 -37.98 -12.59
CA HIS A 198 24.39 -36.63 -12.19
C HIS A 198 25.56 -35.69 -12.33
N MET A 199 26.78 -36.20 -12.19
CA MET A 199 27.97 -35.36 -12.38
C MET A 199 28.12 -34.95 -13.83
N ALA A 200 27.63 -35.78 -14.75
CA ALA A 200 27.81 -35.49 -16.16
C ALA A 200 26.92 -34.36 -16.61
N GLY A 201 25.69 -34.30 -16.08
CA GLY A 201 24.79 -33.26 -16.52
C GLY A 201 24.93 -31.95 -15.79
N VAL A 202 25.48 -31.96 -14.58
CA VAL A 202 25.89 -30.69 -14.01
C VAL A 202 27.13 -30.17 -14.73
N ALA A 203 27.93 -31.05 -15.34
CA ALA A 203 28.91 -30.60 -16.30
C ALA A 203 28.28 -30.25 -17.63
N GLY A 204 27.01 -30.60 -17.84
CA GLY A 204 26.30 -30.11 -19.00
C GLY A 204 25.53 -28.84 -18.73
N VAL A 205 25.36 -28.48 -17.47
CA VAL A 205 24.68 -27.24 -17.13
C VAL A 205 25.70 -26.14 -16.81
N PHE A 206 26.80 -26.50 -16.13
CA PHE A 206 27.90 -25.56 -15.98
C PHE A 206 28.52 -25.24 -17.34
N GLY A 207 28.94 -26.28 -18.05
CA GLY A 207 29.51 -26.09 -19.36
C GLY A 207 28.50 -25.60 -20.38
N GLY A 208 27.22 -25.86 -20.15
CA GLY A 208 26.19 -25.32 -20.99
C GLY A 208 26.12 -23.82 -20.88
N SER A 209 26.02 -23.30 -19.66
CA SER A 209 26.00 -21.86 -19.49
C SER A 209 27.39 -21.24 -19.58
N LEU A 210 28.45 -22.04 -19.47
CA LEU A 210 29.78 -21.58 -19.84
C LEU A 210 29.81 -21.17 -21.30
N PHE A 211 29.41 -22.08 -22.17
CA PHE A 211 29.58 -21.88 -23.60
C PHE A 211 28.56 -20.93 -24.15
N SER A 212 27.40 -20.80 -23.49
CA SER A 212 26.45 -19.78 -23.88
C SER A 212 26.99 -18.40 -23.58
N ALA A 213 27.72 -18.26 -22.47
CA ALA A 213 28.35 -16.98 -22.18
C ALA A 213 29.54 -16.73 -23.09
N MET A 214 30.24 -17.79 -23.48
CA MET A 214 31.37 -17.65 -24.37
C MET A 214 30.92 -17.27 -25.77
N HIS A 215 30.04 -18.08 -26.35
CA HIS A 215 29.58 -17.85 -27.71
C HIS A 215 28.78 -16.56 -27.82
N GLY A 216 28.16 -16.14 -26.73
CA GLY A 216 27.55 -14.84 -26.73
C GLY A 216 28.55 -13.70 -26.68
N SER A 217 29.67 -13.92 -26.00
CA SER A 217 30.64 -12.85 -25.85
C SER A 217 31.63 -12.80 -26.99
N LEU A 218 31.79 -13.89 -27.75
CA LEU A 218 32.66 -13.82 -28.90
C LEU A 218 31.96 -13.24 -30.11
N VAL A 219 30.65 -13.43 -30.21
CA VAL A 219 29.91 -12.82 -31.30
C VAL A 219 29.71 -11.33 -31.04
N THR A 220 29.28 -10.97 -29.83
CA THR A 220 29.03 -9.56 -29.56
C THR A 220 30.27 -8.73 -29.37
N SER A 221 31.45 -9.35 -29.32
CA SER A 221 32.68 -8.58 -29.35
C SER A 221 33.06 -8.21 -30.77
N SER A 222 32.88 -9.12 -31.70
CA SER A 222 33.42 -8.97 -33.05
C SER A 222 32.43 -8.33 -34.00
N LEU A 223 31.61 -7.41 -33.51
CA LEU A 223 30.51 -6.86 -34.29
C LEU A 223 30.98 -5.76 -35.23
N ILE A 224 30.42 -5.73 -36.44
CA ILE A 224 30.86 -4.81 -37.49
C ILE A 224 30.11 -3.48 -37.36
N ARG A 225 30.81 -2.39 -37.64
CA ARG A 225 30.34 -1.03 -37.40
C ARG A 225 29.21 -0.64 -38.33
N GLU A 226 28.02 -0.46 -37.78
CA GLU A 226 26.92 0.12 -38.54
C GLU A 226 26.24 1.25 -37.78
N THR A 227 26.13 1.12 -36.47
CA THR A 227 25.35 2.08 -35.68
C THR A 227 26.21 3.29 -35.33
N THR A 228 25.59 4.22 -34.61
CA THR A 228 26.28 5.35 -34.05
C THR A 228 26.44 5.16 -32.55
N GLU A 229 26.99 6.18 -31.90
CA GLU A 229 27.13 6.18 -30.46
C GLU A 229 25.80 6.31 -29.74
N ASN A 230 24.77 6.82 -30.41
CA ASN A 230 23.56 7.30 -29.78
C ASN A 230 22.37 6.42 -30.10
N GLU A 231 22.62 5.17 -30.38
CA GLU A 231 21.64 4.23 -30.89
C GLU A 231 22.08 2.87 -30.42
N SER A 232 21.12 1.97 -30.20
CA SER A 232 21.48 0.64 -29.75
C SER A 232 22.25 -0.08 -30.84
N THR A 233 23.21 -0.90 -30.42
CA THR A 233 24.02 -1.60 -31.41
C THR A 233 23.27 -2.73 -32.09
N ASN A 234 22.10 -3.10 -31.59
CA ASN A 234 21.25 -4.09 -32.22
C ASN A 234 20.63 -3.61 -33.52
N TYR A 235 20.67 -2.32 -33.79
CA TYR A 235 20.09 -1.84 -35.03
C TYR A 235 21.07 -1.89 -36.17
N GLY A 236 22.28 -2.38 -35.92
CA GLY A 236 23.20 -2.70 -36.99
C GLY A 236 22.87 -3.99 -37.68
N TYR A 237 21.93 -4.77 -37.15
CA TYR A 237 21.41 -5.96 -37.80
C TYR A 237 19.97 -5.69 -38.18
N LYS A 238 19.73 -5.45 -39.46
CA LYS A 238 18.38 -5.50 -39.99
C LYS A 238 17.94 -6.95 -40.10
N PHE A 239 16.62 -7.16 -40.08
CA PHE A 239 16.14 -8.53 -40.13
C PHE A 239 16.19 -9.07 -41.55
N GLY A 240 16.76 -10.25 -41.71
CA GLY A 240 16.82 -10.88 -43.01
C GLY A 240 17.95 -10.37 -43.88
N GLN A 241 19.13 -10.18 -43.32
CA GLN A 241 20.26 -9.70 -44.09
C GLN A 241 20.82 -10.77 -45.01
N GLU A 242 21.83 -10.37 -45.78
CA GLU A 242 22.65 -11.28 -46.54
C GLU A 242 24.12 -11.23 -46.15
N GLU A 243 24.56 -10.16 -45.50
CA GLU A 243 25.92 -10.03 -45.01
C GLU A 243 25.97 -10.44 -43.55
N GLU A 244 27.03 -11.14 -43.17
CA GLU A 244 27.24 -11.49 -41.78
C GLU A 244 27.43 -10.23 -40.94
N THR A 245 26.80 -10.22 -39.79
CA THR A 245 26.71 -9.04 -38.96
C THR A 245 27.90 -8.88 -38.04
N TYR A 246 28.88 -9.77 -38.13
CA TYR A 246 30.05 -9.73 -37.27
C TYR A 246 31.23 -10.33 -38.02
N ASN A 247 32.37 -10.40 -37.36
CA ASN A 247 33.60 -10.91 -37.95
C ASN A 247 33.92 -12.26 -37.30
N ILE A 248 33.88 -13.32 -38.09
CA ILE A 248 34.30 -14.62 -37.57
C ILE A 248 35.81 -14.64 -37.37
N VAL A 249 36.55 -13.95 -38.23
CA VAL A 249 38.01 -14.03 -38.22
C VAL A 249 38.57 -13.30 -36.99
N ALA A 250 37.92 -12.22 -36.57
CA ALA A 250 38.39 -11.53 -35.37
C ALA A 250 37.98 -12.24 -34.09
N ALA A 251 36.84 -12.92 -34.09
CA ALA A 251 36.44 -13.69 -32.91
C ALA A 251 37.32 -14.91 -32.75
N HIS A 252 37.58 -15.60 -33.86
CA HIS A 252 38.46 -16.76 -33.83
C HIS A 252 39.90 -16.37 -33.54
N GLY A 253 40.34 -15.22 -34.07
CA GLY A 253 41.69 -14.76 -33.78
C GLY A 253 41.84 -14.26 -32.36
N TYR A 254 40.75 -13.76 -31.77
CA TYR A 254 40.73 -13.47 -30.35
C TYR A 254 40.86 -14.74 -29.54
N PHE A 255 39.93 -15.66 -29.78
CA PHE A 255 39.75 -16.81 -28.91
C PHE A 255 40.85 -17.84 -29.11
N GLY A 256 41.49 -17.85 -30.27
CA GLY A 256 42.64 -18.71 -30.46
C GLY A 256 43.84 -18.27 -29.66
N ARG A 257 44.02 -16.97 -29.49
CA ARG A 257 45.07 -16.51 -28.59
C ARG A 257 44.67 -16.61 -27.13
N LEU A 258 43.38 -16.78 -26.86
CA LEU A 258 42.95 -16.93 -25.47
C LEU A 258 43.39 -18.25 -24.89
N ILE A 259 43.31 -19.33 -25.66
CA ILE A 259 43.85 -20.59 -25.17
C ILE A 259 44.93 -21.12 -26.12
N PHE A 260 44.51 -21.66 -27.27
CA PHE A 260 45.36 -22.46 -28.14
C PHE A 260 45.04 -22.12 -29.58
N GLN A 261 46.01 -22.32 -30.46
CA GLN A 261 45.75 -22.19 -31.89
C GLN A 261 44.96 -23.38 -32.44
N TYR A 262 45.44 -24.60 -32.18
CA TYR A 262 44.89 -25.79 -32.83
C TYR A 262 43.59 -26.23 -32.19
N ALA A 263 43.51 -26.18 -30.87
CA ALA A 263 42.21 -26.17 -30.23
C ALA A 263 41.52 -24.84 -30.51
N SER A 264 40.27 -24.74 -30.07
CA SER A 264 39.43 -23.55 -30.23
C SER A 264 39.24 -23.21 -31.72
N PHE A 265 38.51 -24.11 -32.39
CA PHE A 265 38.59 -24.36 -33.83
C PHE A 265 37.82 -23.34 -34.67
N ASN A 266 37.96 -23.50 -36.00
CA ASN A 266 37.54 -22.53 -37.00
C ASN A 266 36.05 -22.56 -37.29
N ASN A 267 35.47 -23.75 -37.40
CA ASN A 267 34.22 -23.98 -38.09
C ASN A 267 33.05 -23.45 -37.29
N SER A 268 32.44 -22.35 -37.76
CA SER A 268 31.25 -21.81 -37.12
C SER A 268 30.05 -22.71 -37.28
N ARG A 269 30.09 -23.64 -38.22
CA ARG A 269 29.01 -24.60 -38.35
C ARG A 269 29.22 -25.81 -37.44
N ALA A 270 30.45 -26.27 -37.29
CA ALA A 270 30.68 -27.35 -36.34
C ALA A 270 30.63 -26.87 -34.90
N LEU A 271 30.73 -25.56 -34.69
CA LEU A 271 30.70 -25.00 -33.35
C LEU A 271 29.31 -25.06 -32.75
N HIS A 272 28.30 -24.66 -33.53
CA HIS A 272 26.94 -24.69 -33.04
C HIS A 272 26.42 -26.10 -32.87
N PHE A 273 27.04 -27.09 -33.50
CA PHE A 273 26.71 -28.43 -33.09
C PHE A 273 27.23 -28.72 -31.70
N PHE A 274 28.39 -28.20 -31.38
CA PHE A 274 28.95 -28.42 -30.05
C PHE A 274 28.17 -27.66 -29.00
N LEU A 275 27.55 -26.55 -29.38
CA LEU A 275 26.57 -25.91 -28.49
C LEU A 275 25.33 -26.77 -28.36
N ALA A 276 24.93 -27.46 -29.42
CA ALA A 276 23.72 -28.26 -29.32
C ALA A 276 23.98 -29.56 -28.59
N LEU A 277 25.19 -30.09 -28.68
CA LEU A 277 25.49 -31.38 -28.06
C LEU A 277 25.55 -31.26 -26.54
N TRP A 278 26.38 -30.35 -26.05
CA TRP A 278 26.90 -30.44 -24.69
C TRP A 278 25.87 -30.22 -23.59
N PRO A 279 24.88 -29.33 -23.70
CA PRO A 279 23.79 -29.40 -22.72
C PRO A 279 22.88 -30.57 -22.92
N VAL A 280 22.55 -30.91 -24.16
CA VAL A 280 21.53 -31.91 -24.42
C VAL A 280 22.05 -33.30 -24.09
N VAL A 281 23.33 -33.56 -24.37
CA VAL A 281 23.90 -34.84 -23.98
C VAL A 281 24.05 -34.91 -22.46
N GLY A 282 24.30 -33.77 -21.81
CA GLY A 282 24.38 -33.77 -20.36
C GLY A 282 23.06 -34.08 -19.68
N ILE A 283 21.98 -33.44 -20.14
CA ILE A 283 20.68 -33.61 -19.50
C ILE A 283 20.03 -34.94 -19.88
N TRP A 284 20.45 -35.57 -20.98
CA TRP A 284 20.06 -36.97 -21.21
C TRP A 284 20.62 -37.87 -20.13
N ILE A 285 21.82 -37.55 -19.64
CA ILE A 285 22.50 -38.44 -18.73
C ILE A 285 21.91 -38.34 -17.32
N THR A 286 21.59 -37.13 -16.86
CA THR A 286 20.93 -36.99 -15.56
C THR A 286 19.54 -37.55 -15.58
N ALA A 287 18.86 -37.46 -16.71
CA ALA A 287 17.52 -38.01 -16.78
C ALA A 287 17.55 -39.52 -16.74
N MET A 288 18.64 -40.12 -17.20
CA MET A 288 18.91 -41.51 -16.90
C MET A 288 19.57 -41.67 -15.54
N GLY A 289 20.05 -40.59 -14.94
CA GLY A 289 20.58 -40.67 -13.61
C GLY A 289 19.48 -40.74 -12.58
N ILE A 290 18.44 -39.92 -12.74
CA ILE A 290 17.29 -39.96 -11.84
C ILE A 290 16.56 -41.27 -11.97
N SER A 291 16.53 -41.83 -13.16
CA SER A 291 15.62 -42.90 -13.45
C SER A 291 16.25 -44.28 -13.36
N THR A 292 17.56 -44.39 -13.28
CA THR A 292 18.10 -45.62 -12.72
C THR A 292 17.89 -45.65 -11.22
N MET A 293 18.02 -44.51 -10.56
CA MET A 293 17.81 -44.47 -9.12
C MET A 293 16.35 -44.47 -8.76
N ALA A 294 15.47 -44.29 -9.75
CA ALA A 294 14.09 -44.72 -9.62
C ALA A 294 14.03 -46.18 -9.23
N PHE A 295 14.87 -46.99 -9.85
CA PHE A 295 14.97 -48.41 -9.56
C PHE A 295 16.10 -48.71 -8.60
N ASN A 296 16.47 -47.73 -7.78
CA ASN A 296 17.21 -47.91 -6.53
C ASN A 296 18.63 -48.45 -6.76
N LEU A 297 19.32 -47.84 -7.72
CA LEU A 297 20.71 -48.14 -7.99
C LEU A 297 21.47 -46.86 -7.72
N ASN A 298 21.94 -46.70 -6.50
CA ASN A 298 22.31 -45.42 -5.94
C ASN A 298 23.70 -44.99 -6.35
N GLY A 299 24.04 -43.74 -6.04
CA GLY A 299 25.37 -43.25 -6.29
C GLY A 299 26.37 -43.82 -5.30
N PHE A 300 27.64 -43.47 -5.50
CA PHE A 300 28.76 -44.13 -4.85
C PHE A 300 28.73 -44.04 -3.33
N ASN A 301 28.87 -45.19 -2.69
CA ASN A 301 28.84 -45.30 -1.23
C ASN A 301 30.26 -45.55 -0.77
N PHE A 302 30.94 -44.51 -0.34
CA PHE A 302 32.32 -44.61 0.12
C PHE A 302 32.43 -44.55 1.63
N ASN A 303 31.39 -44.97 2.34
CA ASN A 303 31.38 -44.90 3.79
C ASN A 303 32.26 -45.96 4.39
N GLN A 304 33.13 -45.53 5.30
CA GLN A 304 34.03 -46.39 6.06
C GLN A 304 34.95 -47.18 5.16
N SER A 305 35.40 -46.55 4.07
CA SER A 305 36.30 -47.24 3.17
C SER A 305 37.75 -47.06 3.60
N VAL A 306 38.10 -45.90 4.13
CA VAL A 306 39.47 -45.61 4.51
C VAL A 306 39.71 -46.11 5.92
N VAL A 307 40.53 -47.14 6.03
CA VAL A 307 40.75 -47.87 7.27
C VAL A 307 42.25 -47.93 7.51
N ASP A 308 42.69 -47.70 8.75
CA ASP A 308 44.11 -47.70 9.08
C ASP A 308 44.62 -49.13 9.29
N SER A 309 45.83 -49.25 9.84
CA SER A 309 46.41 -50.56 10.10
C SER A 309 45.66 -51.28 11.20
N GLN A 310 45.23 -50.54 12.22
CA GLN A 310 44.53 -51.15 13.35
C GLN A 310 43.16 -51.67 12.96
N GLY A 311 42.46 -50.99 12.08
CA GLY A 311 41.12 -51.36 11.69
C GLY A 311 40.11 -50.26 11.88
N ARG A 312 40.45 -49.19 12.57
CA ARG A 312 39.48 -48.14 12.83
C ARG A 312 39.20 -47.36 11.55
N VAL A 313 37.93 -47.03 11.37
CA VAL A 313 37.49 -46.18 10.28
C VAL A 313 38.09 -44.79 10.41
N ILE A 314 38.87 -44.43 9.44
CA ILE A 314 39.30 -43.06 9.20
C ILE A 314 38.24 -42.41 8.34
N ASN A 315 37.83 -41.20 8.68
CA ASN A 315 36.71 -40.58 7.99
C ASN A 315 37.18 -39.76 6.80
N THR A 316 36.34 -39.69 5.78
CA THR A 316 36.61 -38.89 4.60
C THR A 316 35.59 -37.78 4.47
N TRP A 317 35.68 -37.05 3.37
CA TRP A 317 34.62 -36.10 3.05
C TRP A 317 33.35 -36.80 2.63
N ALA A 318 33.42 -38.07 2.24
CA ALA A 318 32.22 -38.82 1.93
C ALA A 318 31.41 -39.12 3.17
N ASP A 319 32.06 -39.19 4.33
CA ASP A 319 31.35 -39.58 5.54
C ASP A 319 30.52 -38.44 6.09
N ILE A 320 30.99 -37.21 5.98
CA ILE A 320 30.16 -36.09 6.39
C ILE A 320 29.08 -35.82 5.35
N LEU A 321 29.35 -36.18 4.10
CA LEU A 321 28.30 -36.20 3.08
C LEU A 321 27.20 -37.18 3.46
N ASN A 322 27.57 -38.39 3.88
CA ASN A 322 26.56 -39.36 4.24
C ASN A 322 26.10 -39.18 5.67
N ARG A 323 26.60 -38.16 6.37
CA ARG A 323 26.05 -37.73 7.64
C ARG A 323 24.97 -36.68 7.42
N ALA A 324 25.00 -35.98 6.29
CA ALA A 324 23.84 -35.21 5.86
C ALA A 324 22.67 -36.12 5.56
N ASN A 325 22.94 -37.21 4.85
CA ASN A 325 21.90 -38.11 4.39
C ASN A 325 21.24 -38.80 5.55
N LEU A 326 21.99 -39.08 6.62
CA LEU A 326 21.38 -39.55 7.86
C LEU A 326 20.45 -38.51 8.45
N GLY A 327 20.81 -37.23 8.33
CA GLY A 327 19.95 -36.19 8.86
C GLY A 327 18.68 -36.05 8.06
N ILE A 328 18.75 -36.18 6.75
CA ILE A 328 17.52 -36.15 5.97
C ILE A 328 16.80 -37.49 6.04
N GLU A 329 17.52 -38.60 6.27
CA GLU A 329 16.84 -39.90 6.30
C GLU A 329 15.92 -40.01 7.50
N VAL A 330 16.40 -39.64 8.69
CA VAL A 330 15.59 -39.83 9.88
C VAL A 330 14.43 -38.84 9.97
N MET A 331 14.38 -37.84 9.09
CA MET A 331 13.36 -36.82 9.17
C MET A 331 12.27 -36.93 8.13
N HIS A 332 12.55 -37.46 6.95
CA HIS A 332 11.60 -37.38 5.86
C HIS A 332 10.42 -38.30 6.15
N GLU A 333 9.23 -37.70 6.21
CA GLU A 333 7.96 -38.38 6.36
C GLU A 333 7.95 -39.23 7.63
N ARG A 334 8.16 -38.54 8.73
CA ARG A 334 8.77 -39.15 9.91
C ARG A 334 7.85 -40.10 10.65
N ASN A 335 6.56 -40.08 10.33
CA ASN A 335 5.59 -40.95 10.98
C ASN A 335 5.01 -41.96 10.03
N ALA A 336 5.29 -41.81 8.74
CA ALA A 336 4.89 -42.79 7.75
C ALA A 336 5.69 -44.08 7.89
N HIS A 337 6.81 -44.04 8.58
CA HIS A 337 7.66 -45.18 8.79
C HIS A 337 7.28 -45.87 10.09
N ASN A 338 7.12 -47.18 10.04
CA ASN A 338 6.87 -47.99 11.22
C ASN A 338 7.93 -49.04 11.44
N PHE A 339 8.89 -49.16 10.53
CA PHE A 339 9.80 -50.28 10.44
C PHE A 339 11.17 -49.70 10.12
N PRO A 340 12.27 -50.40 10.45
CA PRO A 340 13.57 -49.72 10.55
C PRO A 340 14.16 -49.27 9.23
N LEU A 341 14.10 -50.09 8.20
CA LEU A 341 14.69 -49.79 6.91
C LEU A 341 13.66 -49.15 6.01
N ASP A 342 14.15 -48.30 5.12
CA ASP A 342 13.32 -47.50 4.24
C ASP A 342 13.34 -48.17 2.87
N LEU A 343 12.55 -49.21 2.73
CA LEU A 343 12.50 -49.97 1.49
C LEU A 343 11.48 -49.40 0.51
N ALA A 344 10.38 -48.86 1.02
CA ALA A 344 9.26 -48.45 0.19
C ALA A 344 9.53 -47.20 -0.61
N ALA B 2 16.19 7.22 -30.02
CA ALA B 2 17.59 6.99 -30.36
C ALA B 2 18.30 6.31 -29.22
N LEU B 3 18.40 7.00 -28.09
CA LEU B 3 19.06 6.41 -26.94
C LEU B 3 18.16 5.34 -26.32
N PRO B 4 18.70 4.24 -25.95
CA PRO B 4 17.96 3.28 -25.14
C PRO B 4 17.91 3.73 -23.70
N TRP B 5 17.20 3.01 -22.87
CA TRP B 5 17.00 3.43 -21.49
C TRP B 5 18.27 3.32 -20.66
N TYR B 6 19.27 2.57 -21.10
CA TYR B 6 20.44 2.39 -20.27
C TYR B 6 21.58 3.33 -20.63
N ARG B 7 21.55 3.89 -21.83
CA ARG B 7 22.54 4.87 -22.28
C ARG B 7 22.09 6.29 -21.96
N VAL B 8 21.00 6.43 -21.21
CA VAL B 8 20.21 7.65 -21.24
C VAL B 8 20.93 8.81 -20.54
N HIS B 9 21.93 8.53 -19.72
CA HIS B 9 22.70 9.58 -19.07
C HIS B 9 23.99 9.91 -19.78
N THR B 10 24.34 9.23 -20.86
CA THR B 10 25.59 9.55 -21.54
C THR B 10 25.52 10.87 -22.28
N VAL B 11 24.34 11.48 -22.38
CA VAL B 11 24.14 12.80 -22.97
C VAL B 11 24.86 13.89 -22.17
N VAL B 12 25.13 13.65 -20.88
CA VAL B 12 25.74 14.66 -20.03
C VAL B 12 27.27 14.51 -19.98
N LEU B 13 27.83 13.50 -20.66
CA LEU B 13 29.28 13.36 -20.76
C LEU B 13 29.88 14.57 -21.47
N ASN B 14 29.30 14.94 -22.60
CA ASN B 14 29.93 15.94 -23.46
C ASN B 14 29.81 17.33 -22.89
N ASP B 15 28.83 17.56 -22.04
CA ASP B 15 28.61 18.87 -21.46
C ASP B 15 29.10 18.85 -20.03
N PRO B 16 30.21 19.52 -19.71
CA PRO B 16 30.66 19.56 -18.33
C PRO B 16 29.85 20.48 -17.47
N GLY B 17 29.16 21.45 -18.05
CA GLY B 17 28.28 22.30 -17.26
C GLY B 17 27.06 21.55 -16.78
N ARG B 18 26.65 20.50 -17.50
CA ARG B 18 25.53 19.73 -17.02
C ARG B 18 25.93 18.64 -16.04
N LEU B 19 27.19 18.18 -16.07
CA LEU B 19 27.65 17.22 -15.06
C LEU B 19 27.51 17.80 -13.67
N ILE B 20 27.89 19.06 -13.53
CA ILE B 20 27.79 19.72 -12.26
C ILE B 20 26.32 19.96 -11.91
N ALA B 21 25.48 20.21 -12.92
CA ALA B 21 24.05 20.30 -12.69
C ALA B 21 23.48 19.00 -12.16
N VAL B 22 24.07 17.89 -12.56
CA VAL B 22 23.51 16.59 -12.23
C VAL B 22 24.09 16.07 -10.91
N HIS B 23 25.38 16.32 -10.68
CA HIS B 23 25.97 15.99 -9.37
C HIS B 23 25.35 16.81 -8.25
N LEU B 24 24.86 18.00 -8.56
CA LEU B 24 24.17 18.78 -7.54
C LEU B 24 22.78 18.25 -7.27
N MET B 25 22.11 17.74 -8.29
CA MET B 25 20.84 17.07 -8.04
C MET B 25 21.06 15.78 -7.29
N HIS B 26 22.18 15.12 -7.54
CA HIS B 26 22.48 13.91 -6.80
C HIS B 26 22.82 14.20 -5.34
N THR B 27 23.63 15.23 -5.10
CA THR B 27 23.98 15.55 -3.73
C THR B 27 22.83 16.20 -2.97
N ALA B 28 21.77 16.63 -3.68
CA ALA B 28 20.58 17.11 -3.01
C ALA B 28 19.66 15.96 -2.63
N LEU B 29 19.65 14.90 -3.42
CA LEU B 29 18.88 13.72 -3.05
C LEU B 29 19.53 12.97 -1.90
N VAL B 30 20.86 12.93 -1.88
CA VAL B 30 21.58 12.18 -0.85
C VAL B 30 21.46 12.89 0.49
N ALA B 31 21.73 14.18 0.51
CA ALA B 31 21.62 14.91 1.78
C ALA B 31 20.17 15.14 2.14
N GLY B 32 19.28 15.13 1.15
CA GLY B 32 17.87 15.11 1.46
C GLY B 32 17.46 13.85 2.17
N TRP B 33 18.07 12.74 1.78
CA TRP B 33 17.79 11.49 2.46
C TRP B 33 18.36 11.49 3.86
N ALA B 34 19.58 12.02 4.02
CA ALA B 34 20.23 12.05 5.33
C ALA B 34 19.49 12.92 6.30
N GLY B 35 18.83 13.96 5.83
CA GLY B 35 18.05 14.79 6.71
C GLY B 35 16.71 14.18 7.01
N SER B 36 16.07 13.61 6.00
CA SER B 36 14.72 13.11 6.18
C SER B 36 14.70 11.76 6.87
N MET B 37 15.71 10.92 6.64
CA MET B 37 15.80 9.68 7.40
C MET B 37 16.14 9.96 8.85
N ALA B 38 16.98 10.96 9.11
CA ALA B 38 17.29 11.30 10.49
C ALA B 38 16.10 11.92 11.19
N LEU B 39 15.23 12.64 10.48
CA LEU B 39 14.01 13.12 11.11
C LEU B 39 13.05 11.98 11.38
N TYR B 40 13.02 10.99 10.50
CA TYR B 40 12.17 9.83 10.72
C TYR B 40 12.62 9.07 11.93
N GLU B 41 13.92 8.95 12.12
CA GLU B 41 14.47 8.22 13.24
C GLU B 41 14.23 8.93 14.55
N LEU B 42 14.19 10.26 14.54
CA LEU B 42 13.86 10.98 15.76
C LEU B 42 12.41 10.78 16.16
N ALA B 43 11.52 10.54 15.23
CA ALA B 43 10.14 10.23 15.58
C ALA B 43 10.00 8.82 16.14
N VAL B 44 10.92 7.92 15.78
CA VAL B 44 10.84 6.54 16.23
C VAL B 44 11.58 6.35 17.54
N PHE B 45 12.59 7.18 17.80
CA PHE B 45 13.52 6.95 18.90
C PHE B 45 12.86 7.11 20.27
N ASP B 46 13.28 6.26 21.21
CA ASP B 46 12.79 6.26 22.58
C ASP B 46 13.96 6.51 23.51
N PRO B 47 14.09 7.72 24.07
CA PRO B 47 15.26 8.02 24.91
C PRO B 47 15.14 7.57 26.34
N SER B 48 14.07 6.86 26.70
CA SER B 48 13.76 6.64 28.10
C SER B 48 14.74 5.68 28.78
N ASP B 49 15.33 4.76 28.02
CA ASP B 49 16.26 3.78 28.55
C ASP B 49 17.49 3.73 27.65
N PRO B 50 18.58 4.39 28.03
CA PRO B 50 19.83 4.19 27.30
C PRO B 50 20.57 2.94 27.69
N VAL B 51 20.12 2.23 28.72
CA VAL B 51 20.83 1.07 29.23
C VAL B 51 20.39 -0.18 28.47
N LEU B 52 19.12 -0.54 28.60
CA LEU B 52 18.60 -1.74 27.96
C LEU B 52 17.86 -1.46 26.68
N ASN B 53 17.82 -0.21 26.24
CA ASN B 53 17.22 0.14 24.96
C ASN B 53 18.10 1.15 24.23
N PRO B 54 19.35 0.75 23.82
CA PRO B 54 20.17 1.73 23.10
C PRO B 54 19.71 2.00 21.68
N MET B 55 20.49 2.79 20.95
CA MET B 55 20.07 3.17 19.61
C MET B 55 20.16 2.00 18.65
N TRP B 56 21.09 1.08 18.88
CA TRP B 56 21.25 -0.01 17.94
C TRP B 56 20.20 -1.06 18.14
N ARG B 57 19.64 -1.12 19.34
CA ARG B 57 18.54 -1.99 19.64
C ARG B 57 17.26 -1.57 18.92
N GLN B 58 17.12 -0.29 18.59
CA GLN B 58 15.92 0.23 17.97
C GLN B 58 15.99 0.31 16.46
N GLY B 59 17.03 -0.25 15.86
CA GLY B 59 17.15 -0.16 14.42
C GLY B 59 17.51 1.21 13.90
N MET B 60 18.32 1.95 14.65
CA MET B 60 18.78 3.27 14.22
C MET B 60 19.97 3.09 13.31
N PHE B 61 19.82 3.52 12.07
CA PHE B 61 20.93 3.39 11.14
C PHE B 61 21.70 4.68 11.00
N VAL B 62 21.01 5.81 11.01
CA VAL B 62 21.66 7.08 10.74
C VAL B 62 22.21 7.67 12.03
N MET B 63 21.48 7.52 13.13
CA MET B 63 21.90 8.06 14.43
C MET B 63 23.25 7.62 14.98
N PRO B 64 23.73 6.37 14.82
CA PRO B 64 25.08 6.07 15.33
C PRO B 64 26.19 6.82 14.61
N PHE B 65 25.98 7.18 13.35
CA PHE B 65 26.96 7.97 12.63
C PHE B 65 26.95 9.41 13.09
N MET B 66 25.81 9.88 13.60
CA MET B 66 25.73 11.24 14.11
C MET B 66 26.41 11.36 15.46
N THR B 67 26.23 10.37 16.32
CA THR B 67 26.76 10.45 17.67
C THR B 67 28.23 10.10 17.75
N ARG B 68 28.77 9.37 16.78
CA ARG B 68 30.15 8.95 16.94
C ARG B 68 31.12 10.06 16.64
N LEU B 69 30.66 11.17 16.09
CA LEU B 69 31.51 12.32 15.89
C LEU B 69 31.12 13.49 16.78
N GLY B 70 30.08 13.33 17.60
CA GLY B 70 29.86 14.26 18.68
C GLY B 70 28.48 14.82 18.86
N ILE B 71 27.48 14.35 18.13
CA ILE B 71 26.12 14.82 18.33
C ILE B 71 25.49 13.95 19.41
N THR B 72 25.52 14.43 20.66
CA THR B 72 24.97 13.64 21.74
C THR B 72 23.66 14.16 22.29
N ASP B 73 23.29 15.40 21.99
CA ASP B 73 22.15 16.02 22.63
C ASP B 73 21.05 16.25 21.61
N SER B 74 19.84 16.37 22.11
CA SER B 74 18.69 16.64 21.28
C SER B 74 17.86 17.76 21.88
N TRP B 75 17.05 18.38 21.03
CA TRP B 75 16.23 19.52 21.44
C TRP B 75 15.15 19.12 22.42
N GLY B 76 14.81 17.84 22.50
CA GLY B 76 13.85 17.36 23.49
C GLY B 76 14.42 17.22 24.89
N GLY B 77 15.63 17.74 25.12
CA GLY B 77 16.23 17.76 26.43
C GLY B 77 17.00 16.52 26.78
N TRP B 78 16.76 15.41 26.09
CA TRP B 78 17.43 14.16 26.42
C TRP B 78 18.81 14.13 25.79
N SER B 79 19.77 13.63 26.55
CA SER B 79 21.10 13.36 26.05
C SER B 79 21.24 11.88 25.79
N ILE B 80 22.10 11.53 24.84
CA ILE B 80 22.31 10.11 24.58
C ILE B 80 23.33 9.52 25.55
N THR B 81 24.13 10.35 26.18
CA THR B 81 25.09 9.87 27.16
C THR B 81 24.48 9.72 28.54
N GLY B 82 23.15 9.77 28.64
CA GLY B 82 22.49 9.65 29.92
C GLY B 82 22.60 10.90 30.77
N GLU B 83 22.52 12.06 30.16
CA GLU B 83 22.58 13.33 30.88
C GLU B 83 21.26 14.06 30.71
N SER B 84 21.26 15.31 31.18
CA SER B 84 20.17 16.23 30.93
C SER B 84 20.80 17.56 30.56
N VAL B 85 20.45 18.08 29.39
CA VAL B 85 21.05 19.31 28.90
C VAL B 85 19.97 20.37 28.79
N SER B 86 20.34 21.60 29.12
CA SER B 86 19.38 22.70 29.06
C SER B 86 19.28 23.25 27.65
N ASN B 87 20.41 23.41 26.97
CA ASN B 87 20.49 24.01 25.65
C ASN B 87 21.52 23.22 24.87
N PRO B 88 21.08 22.39 23.92
CA PRO B 88 22.05 21.72 23.05
C PRO B 88 22.66 22.66 22.02
N GLY B 89 21.94 23.68 21.61
CA GLY B 89 22.43 24.61 20.62
C GLY B 89 21.90 24.31 19.24
N ILE B 90 22.66 24.79 18.25
CA ILE B 90 22.31 24.53 16.86
C ILE B 90 22.49 23.06 16.54
N TRP B 91 23.59 22.47 17.00
CA TRP B 91 23.96 21.11 16.60
C TRP B 91 23.38 20.11 17.56
N SER B 92 22.18 19.63 17.24
CA SER B 92 21.57 18.52 17.93
C SER B 92 21.18 17.51 16.88
N PHE B 93 20.42 16.50 17.27
CA PHE B 93 19.93 15.53 16.29
C PHE B 93 18.96 16.19 15.32
N GLU B 94 18.15 17.12 15.81
CA GLU B 94 17.21 17.80 14.94
C GLU B 94 17.91 18.85 14.10
N GLY B 95 18.91 19.52 14.67
CA GLY B 95 19.59 20.57 13.93
C GLY B 95 20.48 20.04 12.83
N VAL B 96 21.10 18.89 13.05
CA VAL B 96 21.87 18.25 11.99
C VAL B 96 20.94 17.76 10.89
N ALA B 97 19.81 17.17 11.28
CA ALA B 97 18.84 16.67 10.32
C ALA B 97 18.19 17.80 9.55
N LEU B 98 18.03 18.95 10.20
CA LEU B 98 17.49 20.11 9.51
C LEU B 98 18.51 20.71 8.57
N SER B 99 19.79 20.67 8.94
CA SER B 99 20.83 21.27 8.13
C SER B 99 21.02 20.53 6.82
N HIS B 100 20.70 19.25 6.79
CA HIS B 100 20.77 18.50 5.55
C HIS B 100 19.56 18.75 4.67
N ILE B 101 18.48 19.25 5.23
CA ILE B 101 17.32 19.58 4.41
C ILE B 101 17.48 20.95 3.80
N ILE B 102 18.15 21.86 4.51
CA ILE B 102 18.57 23.12 3.91
C ILE B 102 19.53 22.87 2.77
N LEU B 103 20.56 22.07 3.02
CA LEU B 103 21.53 21.73 1.99
C LEU B 103 20.86 20.98 0.85
N SER B 104 19.82 20.20 1.14
CA SER B 104 19.08 19.56 0.06
C SER B 104 18.35 20.58 -0.78
N GLY B 105 17.80 21.61 -0.16
CA GLY B 105 17.06 22.60 -0.92
C GLY B 105 17.99 23.53 -1.69
N MET B 106 19.13 23.87 -1.09
CA MET B 106 20.03 24.81 -1.75
C MET B 106 20.80 24.15 -2.88
N CYS B 107 21.18 22.87 -2.71
CA CYS B 107 21.80 22.16 -3.81
C CYS B 107 20.79 21.83 -4.89
N PHE B 108 19.51 21.75 -4.55
CA PHE B 108 18.47 21.56 -5.54
C PHE B 108 18.36 22.76 -6.45
N LEU B 109 18.36 23.96 -5.86
CA LEU B 109 18.27 25.18 -6.65
C LEU B 109 19.52 25.39 -7.47
N ALA B 110 20.68 25.08 -6.90
CA ALA B 110 21.93 25.20 -7.63
C ALA B 110 21.98 24.23 -8.79
N ALA B 111 21.39 23.05 -8.61
CA ALA B 111 21.30 22.07 -9.70
C ALA B 111 20.49 22.58 -10.86
N ILE B 112 19.45 23.36 -10.56
CA ILE B 112 18.63 23.92 -11.62
C ILE B 112 19.37 25.02 -12.34
N TRP B 113 20.15 25.80 -11.59
CA TRP B 113 20.84 26.93 -12.18
C TRP B 113 21.92 26.50 -13.16
N HIS B 114 22.63 25.41 -12.87
CA HIS B 114 23.60 24.91 -13.82
C HIS B 114 22.95 24.18 -14.97
N TRP B 115 21.78 23.58 -14.75
CA TRP B 115 21.09 22.91 -15.85
C TRP B 115 20.53 23.91 -16.83
N VAL B 116 20.16 25.09 -16.36
CA VAL B 116 19.73 26.14 -17.27
C VAL B 116 20.94 26.78 -17.94
N TYR B 117 21.99 27.07 -17.17
CA TYR B 117 23.18 27.73 -17.70
C TYR B 117 24.27 26.71 -17.90
N TRP B 118 24.23 26.02 -19.04
CA TRP B 118 25.32 25.17 -19.47
C TRP B 118 26.39 25.94 -20.23
N ASP B 119 26.09 27.16 -20.64
CA ASP B 119 26.93 27.98 -21.49
C ASP B 119 27.96 28.76 -20.66
N LEU B 120 28.42 28.20 -19.56
CA LEU B 120 29.51 28.85 -18.85
C LEU B 120 30.78 28.77 -19.69
N GLU B 121 31.43 29.92 -19.85
CA GLU B 121 32.65 30.04 -20.62
C GLU B 121 33.78 29.21 -20.03
N LEU B 122 33.76 29.06 -18.70
CA LEU B 122 34.77 28.37 -17.92
C LEU B 122 35.02 26.93 -18.38
N PHE B 123 34.04 26.31 -19.01
CA PHE B 123 34.12 24.94 -19.45
C PHE B 123 34.65 24.79 -20.86
N ARG B 124 35.13 25.87 -21.46
CA ARG B 124 35.67 25.83 -22.80
C ARG B 124 37.19 25.75 -22.79
N ASP B 125 37.72 25.01 -23.75
CA ASP B 125 39.14 25.02 -24.04
C ASP B 125 39.56 26.43 -24.48
N PRO B 126 40.73 26.91 -24.06
CA PRO B 126 41.30 28.10 -24.72
C PRO B 126 41.74 27.83 -26.15
N ARG B 127 42.52 26.77 -26.39
CA ARG B 127 43.09 26.46 -27.69
C ARG B 127 42.03 26.20 -28.75
N THR B 128 41.28 25.12 -28.60
CA THR B 128 40.14 24.86 -29.43
C THR B 128 38.91 25.47 -28.79
N GLY B 129 37.77 25.35 -29.45
CA GLY B 129 36.52 25.78 -28.86
C GLY B 129 35.77 24.69 -28.14
N GLU B 130 36.38 23.54 -27.93
CA GLU B 130 35.67 22.38 -27.43
C GLU B 130 35.32 22.55 -25.95
N PRO B 131 34.19 22.01 -25.50
CA PRO B 131 33.97 21.89 -24.06
C PRO B 131 34.91 20.85 -23.50
N ALA B 132 35.68 21.24 -22.49
CA ALA B 132 36.78 20.40 -22.06
C ALA B 132 37.10 20.67 -20.61
N LEU B 133 37.40 19.58 -19.89
CA LEU B 133 37.82 19.64 -18.50
C LEU B 133 39.23 19.08 -18.38
N ASP B 134 40.15 19.89 -17.87
CA ASP B 134 41.51 19.42 -17.68
C ASP B 134 41.58 18.59 -16.41
N LEU B 135 41.32 17.32 -16.55
CA LEU B 135 41.31 16.37 -15.45
C LEU B 135 42.55 16.27 -14.55
N PRO B 136 43.80 16.46 -15.00
CA PRO B 136 44.89 16.42 -14.02
C PRO B 136 45.00 17.68 -13.17
N LYS B 137 44.55 18.83 -13.66
CA LYS B 137 44.54 20.00 -12.79
C LYS B 137 43.37 19.94 -11.82
N ILE B 138 42.23 19.46 -12.29
CA ILE B 138 41.04 19.34 -11.45
C ILE B 138 41.28 18.38 -10.31
N PHE B 139 41.96 17.27 -10.60
CA PHE B 139 42.32 16.31 -9.57
C PHE B 139 43.22 16.95 -8.54
N GLY B 140 44.17 17.75 -8.99
CA GLY B 140 45.10 18.37 -8.06
C GLY B 140 44.44 19.41 -7.20
N ILE B 141 43.42 20.07 -7.74
CA ILE B 141 42.60 20.95 -6.91
C ILE B 141 41.91 20.12 -5.84
N HIS B 142 41.10 19.14 -6.27
CA HIS B 142 40.26 18.35 -5.37
C HIS B 142 41.08 17.57 -4.34
N LEU B 143 42.25 17.06 -4.76
CA LEU B 143 43.11 16.36 -3.81
C LEU B 143 43.68 17.31 -2.78
N PHE B 144 43.93 18.56 -3.17
CA PHE B 144 44.42 19.53 -2.20
C PHE B 144 43.36 19.88 -1.19
N LEU B 145 42.13 20.12 -1.66
CA LEU B 145 41.02 20.43 -0.76
C LEU B 145 40.72 19.29 0.19
N SER B 146 40.62 18.08 -0.35
CA SER B 146 40.26 16.92 0.45
C SER B 146 41.36 16.58 1.43
N GLY B 147 42.62 16.72 1.02
CA GLY B 147 43.70 16.54 1.96
C GLY B 147 43.78 17.63 2.99
N LEU B 148 43.38 18.84 2.62
CA LEU B 148 43.27 19.93 3.60
C LEU B 148 42.15 19.63 4.58
N LEU B 149 41.01 19.18 4.07
CA LEU B 149 39.85 18.92 4.91
C LEU B 149 40.07 17.68 5.77
N CYS B 150 40.85 16.72 5.28
CA CYS B 150 41.21 15.56 6.10
C CYS B 150 42.14 15.96 7.23
N PHE B 151 43.11 16.82 6.94
CA PHE B 151 44.01 17.30 7.98
C PHE B 151 43.27 18.13 9.00
N GLY B 152 42.34 18.97 8.54
CA GLY B 152 41.58 19.77 9.48
C GLY B 152 40.65 18.92 10.33
N PHE B 153 40.15 17.83 9.76
CA PHE B 153 39.29 16.93 10.53
C PHE B 153 40.08 16.24 11.63
N GLY B 154 41.24 15.71 11.28
CA GLY B 154 42.05 15.04 12.28
C GLY B 154 42.62 15.99 13.30
N ALA B 155 43.15 17.11 12.86
CA ALA B 155 43.83 18.00 13.79
C ALA B 155 42.86 18.83 14.61
N PHE B 156 41.69 19.16 14.06
CA PHE B 156 40.85 20.12 14.76
C PHE B 156 39.53 19.54 15.24
N HIS B 157 39.13 18.36 14.81
CA HIS B 157 37.88 17.76 15.28
C HIS B 157 38.15 16.56 16.16
N VAL B 158 38.97 15.60 15.73
CA VAL B 158 39.18 14.40 16.53
C VAL B 158 40.08 14.71 17.73
N THR B 159 41.15 15.48 17.51
CA THR B 159 42.02 15.83 18.63
C THR B 159 41.38 16.88 19.52
N GLY B 160 40.30 17.49 19.05
CA GLY B 160 39.48 18.31 19.90
C GLY B 160 40.07 19.63 20.28
N LEU B 161 41.08 20.11 19.54
CA LEU B 161 41.49 21.50 19.66
C LEU B 161 40.31 22.42 19.39
N PHE B 162 39.78 22.35 18.18
CA PHE B 162 38.61 23.13 17.82
C PHE B 162 37.31 22.35 17.92
N GLY B 163 37.28 21.08 17.57
CA GLY B 163 36.06 20.33 17.55
C GLY B 163 35.78 19.64 18.86
N PRO B 164 34.66 18.91 18.90
CA PRO B 164 34.22 18.26 20.13
C PRO B 164 34.85 16.92 20.42
N GLY B 165 35.55 16.32 19.47
CA GLY B 165 36.13 15.02 19.72
C GLY B 165 35.50 13.92 18.91
N ILE B 166 35.44 12.75 19.50
CA ILE B 166 34.97 11.54 18.83
C ILE B 166 34.47 10.63 19.94
N TRP B 167 33.54 9.74 19.60
CA TRP B 167 33.03 8.80 20.58
C TRP B 167 34.09 7.78 20.89
N VAL B 168 34.53 7.75 22.15
CA VAL B 168 35.53 6.80 22.60
C VAL B 168 34.95 6.04 23.78
N SER B 169 34.77 4.74 23.61
CA SER B 169 34.18 3.91 24.63
C SER B 169 35.27 3.15 25.36
N ASP B 170 34.86 2.37 26.36
CA ASP B 170 35.78 1.49 27.05
C ASP B 170 35.79 0.13 26.37
N ALA B 171 36.45 -0.84 27.01
CA ALA B 171 36.70 -2.12 26.36
C ALA B 171 35.43 -2.94 26.25
N TYR B 172 34.46 -2.72 27.13
CA TYR B 172 33.29 -3.57 27.22
C TYR B 172 32.00 -2.83 26.98
N GLY B 173 32.07 -1.57 26.58
CA GLY B 173 30.88 -0.85 26.19
C GLY B 173 29.96 -0.51 27.33
N ILE B 174 30.50 -0.37 28.54
CA ILE B 174 29.71 0.14 29.65
C ILE B 174 29.61 1.66 29.56
N THR B 175 30.75 2.32 29.58
CA THR B 175 30.83 3.77 29.49
C THR B 175 31.54 4.19 28.22
N GLY B 176 31.00 5.21 27.57
CA GLY B 176 31.71 5.90 26.53
C GLY B 176 31.25 7.34 26.57
N LYS B 177 32.06 8.21 25.99
CA LYS B 177 31.65 9.60 25.85
C LYS B 177 32.43 10.21 24.71
N VAL B 178 31.86 11.26 24.14
CA VAL B 178 32.56 12.02 23.11
C VAL B 178 33.62 12.85 23.80
N GLN B 179 34.86 12.69 23.39
CA GLN B 179 35.97 13.34 24.05
C GLN B 179 37.09 13.53 23.02
N PRO B 180 37.99 14.49 23.23
CA PRO B 180 39.11 14.62 22.32
C PRO B 180 40.08 13.47 22.47
N VAL B 181 40.91 13.26 21.46
CA VAL B 181 41.82 12.13 21.43
C VAL B 181 43.21 12.62 21.03
N ALA B 182 44.19 12.39 21.89
CA ALA B 182 45.57 12.61 21.51
C ALA B 182 45.97 11.57 20.45
N PRO B 183 46.61 11.98 19.36
CA PRO B 183 46.94 11.02 18.31
C PRO B 183 48.06 10.09 18.73
N ALA B 184 47.96 8.83 18.31
CA ALA B 184 48.93 7.81 18.64
C ALA B 184 49.81 7.57 17.42
N TRP B 185 51.09 7.93 17.53
CA TRP B 185 51.96 7.99 16.37
C TRP B 185 52.76 6.71 16.14
N GLY B 186 52.89 5.86 17.13
CA GLY B 186 53.71 4.66 16.98
C GLY B 186 53.02 3.57 16.20
N ALA B 187 53.38 2.33 16.52
CA ALA B 187 52.67 1.19 15.93
C ALA B 187 51.29 1.05 16.52
N ASP B 188 51.07 1.62 17.71
CA ASP B 188 49.76 1.70 18.35
C ASP B 188 48.72 2.41 17.50
N GLY B 189 49.14 3.29 16.58
CA GLY B 189 48.18 3.92 15.71
C GLY B 189 47.54 2.96 14.72
N PHE B 190 48.29 1.94 14.32
CA PHE B 190 47.77 0.96 13.38
C PHE B 190 47.00 -0.15 14.06
N ASN B 191 46.98 -0.17 15.38
CA ASN B 191 45.95 -0.89 16.11
C ASN B 191 44.62 -0.26 15.76
N PRO B 192 43.69 -0.98 15.13
CA PRO B 192 42.41 -0.39 14.75
C PRO B 192 41.53 -0.06 15.91
N PHE B 193 41.72 -0.70 17.05
CA PHE B 193 40.90 -0.46 18.22
C PHE B 193 41.44 0.66 19.07
N ASN B 194 42.49 1.33 18.64
CA ASN B 194 42.94 2.55 19.27
C ASN B 194 42.31 3.72 18.54
N PRO B 195 41.51 4.54 19.20
CA PRO B 195 41.01 5.76 18.54
C PRO B 195 42.08 6.83 18.36
N GLY B 196 43.28 6.65 18.93
CA GLY B 196 44.37 7.54 18.63
C GLY B 196 44.92 7.36 17.23
N GLY B 197 44.70 6.19 16.65
CA GLY B 197 45.10 5.99 15.28
C GLY B 197 44.28 6.83 14.33
N ILE B 198 43.01 7.06 14.64
CA ILE B 198 42.12 7.81 13.78
C ILE B 198 42.51 9.28 13.75
N ALA B 199 42.93 9.82 14.88
CA ALA B 199 43.49 11.17 14.89
C ALA B 199 44.81 11.23 14.14
N ALA B 200 45.69 10.26 14.42
CA ALA B 200 46.99 10.25 13.77
C ALA B 200 46.90 9.89 12.30
N HIS B 201 45.81 9.22 11.90
CA HIS B 201 45.59 8.96 10.48
C HIS B 201 45.37 10.24 9.72
N HIS B 202 44.29 10.94 10.05
CA HIS B 202 43.84 12.06 9.25
C HIS B 202 44.78 13.23 9.29
N ILE B 203 45.57 13.32 10.35
CA ILE B 203 46.67 14.27 10.33
C ILE B 203 47.68 13.86 9.27
N ALA B 204 48.27 12.67 9.41
CA ALA B 204 49.35 12.24 8.52
C ALA B 204 48.86 12.00 7.10
N ALA B 205 47.73 11.32 6.94
CA ALA B 205 47.19 11.10 5.59
C ALA B 205 46.69 12.40 5.00
N GLY B 206 46.20 13.31 5.84
CA GLY B 206 45.84 14.62 5.35
C GLY B 206 47.02 15.45 4.95
N ILE B 207 48.17 15.27 5.61
CA ILE B 207 49.39 15.97 5.21
C ILE B 207 49.81 15.56 3.81
N PHE B 208 49.81 14.24 3.55
CA PHE B 208 50.14 13.78 2.21
C PHE B 208 49.07 14.17 1.21
N GLY B 209 47.82 14.31 1.64
CA GLY B 209 46.80 14.82 0.75
C GLY B 209 47.01 16.28 0.41
N ILE B 210 47.68 17.03 1.28
CA ILE B 210 48.04 18.40 0.95
C ILE B 210 49.20 18.42 -0.03
N PHE B 211 50.29 17.73 0.30
CA PHE B 211 51.49 17.83 -0.51
C PHE B 211 51.43 17.01 -1.79
N ALA B 212 50.47 16.09 -1.92
CA ALA B 212 50.24 15.51 -3.23
C ALA B 212 49.28 16.36 -4.04
N GLY B 213 48.47 17.17 -3.37
CA GLY B 213 47.73 18.19 -4.08
C GLY B 213 48.66 19.18 -4.73
N ILE B 214 49.60 19.72 -3.96
CA ILE B 214 50.60 20.68 -4.43
C ILE B 214 51.44 20.09 -5.55
N PHE B 215 51.69 18.78 -5.50
CA PHE B 215 52.35 18.11 -6.60
C PHE B 215 51.50 18.13 -7.86
N HIS B 216 50.23 17.75 -7.74
CA HIS B 216 49.40 17.67 -8.92
C HIS B 216 48.88 19.03 -9.38
N LEU B 217 49.00 20.06 -8.57
CA LEU B 217 48.67 21.40 -9.04
C LEU B 217 49.70 21.91 -10.03
N THR B 218 50.92 21.39 -9.99
CA THR B 218 52.00 21.89 -10.81
C THR B 218 52.40 20.94 -11.91
N VAL B 219 52.74 19.69 -11.58
CA VAL B 219 53.36 18.80 -12.55
C VAL B 219 52.31 18.25 -13.51
N ARG B 220 52.58 18.40 -14.79
CA ARG B 220 51.73 17.87 -15.83
C ARG B 220 52.01 16.39 -16.04
N PRO B 221 51.04 15.61 -16.55
CA PRO B 221 51.28 14.20 -16.78
C PRO B 221 52.25 13.99 -17.94
N PRO B 222 52.95 12.86 -17.98
CA PRO B 222 53.72 12.52 -19.17
C PRO B 222 52.83 12.06 -20.30
N GLN B 223 53.44 11.95 -21.49
CA GLN B 223 52.73 11.43 -22.64
C GLN B 223 52.37 9.97 -22.44
N ARG B 224 53.21 9.25 -21.71
CA ARG B 224 53.04 7.81 -21.58
C ARG B 224 51.84 7.49 -20.70
N LEU B 225 51.60 8.28 -19.66
CA LEU B 225 50.41 8.07 -18.86
C LEU B 225 49.18 8.66 -19.54
N TYR B 226 49.33 9.84 -20.14
CA TYR B 226 48.19 10.54 -20.72
C TYR B 226 47.61 9.77 -21.90
N ARG B 227 48.45 9.05 -22.63
CA ARG B 227 47.94 8.22 -23.72
C ARG B 227 47.36 6.92 -23.19
N ALA B 228 48.07 6.26 -22.28
CA ALA B 228 47.62 4.95 -21.81
C ALA B 228 46.40 5.07 -20.93
N LEU B 229 46.48 5.89 -19.89
CA LEU B 229 45.39 6.04 -18.95
C LEU B 229 44.30 6.96 -19.45
N ARG B 230 44.50 7.58 -20.61
CA ARG B 230 43.52 8.37 -21.34
C ARG B 230 42.94 9.48 -20.50
N MET B 231 43.83 10.37 -20.05
CA MET B 231 43.39 11.40 -19.13
C MET B 231 42.62 12.52 -19.82
N GLY B 232 42.51 12.51 -21.15
CA GLY B 232 41.57 13.40 -21.80
C GLY B 232 40.16 12.91 -21.81
N ASN B 233 39.93 11.70 -21.31
CA ASN B 233 38.63 11.06 -21.24
C ASN B 233 38.14 11.16 -19.80
N ILE B 234 36.88 11.54 -19.64
CA ILE B 234 36.35 11.66 -18.28
C ILE B 234 35.94 10.30 -17.73
N GLU B 235 35.69 9.32 -18.58
CA GLU B 235 35.26 8.04 -18.04
C GLU B 235 36.43 7.29 -17.39
N THR B 236 37.67 7.65 -17.72
CA THR B 236 38.80 7.08 -16.98
C THR B 236 38.84 7.57 -15.57
N VAL B 237 38.34 8.79 -15.31
CA VAL B 237 38.16 9.23 -13.93
C VAL B 237 37.12 8.36 -13.26
N LEU B 238 36.03 8.06 -13.97
CA LEU B 238 34.90 7.35 -13.38
C LEU B 238 35.30 5.94 -12.98
N SER B 239 35.92 5.19 -13.89
CA SER B 239 36.31 3.82 -13.59
C SER B 239 37.31 3.75 -12.45
N SER B 240 38.33 4.60 -12.50
CA SER B 240 39.30 4.65 -11.42
C SER B 240 38.70 5.16 -10.13
N SER B 241 37.65 5.98 -10.20
CA SER B 241 37.00 6.42 -8.97
C SER B 241 36.18 5.31 -8.37
N ILE B 242 35.50 4.51 -9.20
CA ILE B 242 34.73 3.37 -8.68
C ILE B 242 35.65 2.42 -7.93
N SER B 243 36.83 2.17 -8.49
CA SER B 243 37.85 1.33 -7.86
C SER B 243 38.26 1.85 -6.51
N ALA B 244 38.32 3.17 -6.35
CA ALA B 244 38.56 3.71 -5.03
C ALA B 244 37.34 3.57 -4.14
N VAL B 245 36.14 3.62 -4.74
CA VAL B 245 34.94 3.64 -3.92
C VAL B 245 34.59 2.25 -3.42
N PHE B 246 34.75 1.20 -4.25
CA PHE B 246 34.47 -0.10 -3.65
C PHE B 246 35.64 -0.63 -2.84
N PHE B 247 36.88 -0.20 -3.11
CA PHE B 247 37.98 -0.50 -2.21
C PHE B 247 37.72 0.05 -0.82
N ALA B 248 37.16 1.26 -0.75
CA ALA B 248 36.78 1.81 0.53
C ALA B 248 35.60 1.08 1.15
N ALA B 249 34.78 0.39 0.35
CA ALA B 249 33.66 -0.30 0.94
C ALA B 249 34.01 -1.64 1.54
N PHE B 250 34.99 -2.35 0.97
CA PHE B 250 35.46 -3.56 1.62
C PHE B 250 36.18 -3.24 2.91
N VAL B 251 36.74 -2.03 3.02
CA VAL B 251 37.41 -1.65 4.26
C VAL B 251 36.41 -1.28 5.33
N THR B 252 35.39 -0.49 4.99
CA THR B 252 34.40 -0.11 5.99
C THR B 252 33.52 -1.27 6.39
N SER B 253 33.06 -2.07 5.42
CA SER B 253 32.25 -3.22 5.76
C SER B 253 33.06 -4.32 6.42
N GLY B 254 34.38 -4.30 6.29
CA GLY B 254 35.20 -5.23 7.02
C GLY B 254 35.36 -4.79 8.46
N THR B 255 35.74 -3.53 8.67
CA THR B 255 35.88 -3.01 10.02
C THR B 255 34.55 -2.78 10.70
N MET B 256 33.45 -2.81 9.96
CA MET B 256 32.13 -2.87 10.59
C MET B 256 31.92 -4.21 11.26
N TRP B 257 32.07 -5.28 10.49
CA TRP B 257 31.70 -6.60 10.92
C TRP B 257 32.66 -7.14 11.96
N TYR B 258 33.91 -6.71 11.91
CA TYR B 258 34.91 -7.18 12.85
C TYR B 258 35.12 -6.21 13.99
N GLY B 259 34.53 -5.03 13.93
CA GLY B 259 34.73 -4.03 14.94
C GLY B 259 36.04 -3.27 14.76
N ALA B 260 36.03 -2.05 15.25
CA ALA B 260 37.21 -1.19 15.31
C ALA B 260 36.90 -0.13 16.35
N ALA B 261 37.85 0.80 16.53
CA ALA B 261 37.57 1.94 17.38
C ALA B 261 36.62 2.92 16.70
N ALA B 262 36.53 2.86 15.37
CA ALA B 262 35.61 3.70 14.64
C ALA B 262 34.17 3.22 14.71
N THR B 263 33.95 1.96 15.08
CA THR B 263 32.60 1.40 15.19
C THR B 263 32.45 0.69 16.52
N PRO B 264 32.20 1.42 17.60
CA PRO B 264 32.24 0.84 18.94
C PRO B 264 30.96 0.10 19.30
N ILE B 265 31.02 -0.59 20.46
CA ILE B 265 30.04 -1.61 20.81
C ILE B 265 28.70 -0.99 21.15
N GLU B 266 28.69 -0.02 22.07
CA GLU B 266 27.43 0.54 22.57
C GLU B 266 26.80 1.52 21.62
N LEU B 267 27.26 1.55 20.39
CA LEU B 267 26.82 2.46 19.38
C LEU B 267 26.15 1.74 18.22
N PHE B 268 26.81 0.72 17.71
CA PHE B 268 26.32 -0.07 16.59
C PHE B 268 25.86 -1.45 17.02
N GLY B 269 26.15 -1.88 18.22
CA GLY B 269 25.88 -3.23 18.63
C GLY B 269 27.17 -4.01 18.75
N PRO B 270 27.16 -5.07 19.54
CA PRO B 270 28.35 -5.91 19.63
C PRO B 270 28.56 -6.68 18.35
N THR B 271 29.80 -7.07 18.11
CA THR B 271 30.10 -7.82 16.90
C THR B 271 29.61 -9.25 17.05
N ARG B 272 29.73 -9.98 15.96
CA ARG B 272 29.48 -11.40 15.99
C ARG B 272 30.52 -12.12 16.84
N TYR B 273 31.78 -11.70 16.72
CA TYR B 273 32.90 -12.40 17.30
C TYR B 273 33.03 -12.19 18.80
N GLN B 274 32.19 -11.35 19.38
CA GLN B 274 32.12 -11.28 20.82
C GLN B 274 31.18 -12.30 21.40
N TRP B 275 30.28 -12.87 20.61
CA TRP B 275 29.54 -14.03 21.07
C TRP B 275 30.36 -15.31 20.95
N ASP B 276 31.22 -15.39 19.93
CA ASP B 276 31.95 -16.62 19.64
C ASP B 276 32.91 -16.95 20.77
N SER B 277 33.78 -16.02 21.12
CA SER B 277 34.74 -16.26 22.19
C SER B 277 34.12 -16.19 23.57
N GLY B 278 32.87 -15.77 23.68
CA GLY B 278 32.29 -15.47 24.97
C GLY B 278 33.03 -14.29 25.56
N TYR B 279 33.03 -13.18 24.81
CA TYR B 279 33.86 -12.04 25.17
C TYR B 279 33.33 -11.35 26.41
N PHE B 280 32.03 -11.37 26.62
CA PHE B 280 31.47 -10.75 27.80
C PHE B 280 31.34 -11.70 28.96
N GLN B 281 31.23 -13.01 28.70
CA GLN B 281 31.26 -14.02 29.77
C GLN B 281 32.52 -13.89 30.61
N GLN B 282 33.67 -13.83 29.93
CA GLN B 282 34.94 -13.68 30.62
C GLN B 282 35.04 -12.38 31.38
N GLU B 283 34.27 -11.36 30.97
CA GLU B 283 34.21 -10.15 31.74
C GLU B 283 33.20 -10.24 32.88
N ILE B 284 32.10 -10.96 32.69
CA ILE B 284 31.19 -11.25 33.79
C ILE B 284 31.92 -12.00 34.88
N GLU B 285 32.55 -13.11 34.51
CA GLU B 285 33.13 -14.01 35.48
C GLU B 285 34.34 -13.42 36.18
N ARG B 286 35.10 -12.57 35.49
CA ARG B 286 36.22 -11.91 36.14
C ARG B 286 35.74 -10.92 37.18
N GLN B 287 34.68 -10.18 36.89
CA GLN B 287 34.16 -9.21 37.85
C GLN B 287 33.45 -9.91 39.01
N VAL B 288 33.02 -11.16 38.80
CA VAL B 288 32.48 -11.92 39.92
C VAL B 288 33.60 -12.45 40.78
N GLU B 289 34.69 -12.91 40.15
CA GLU B 289 35.81 -13.47 40.90
C GLU B 289 36.53 -12.41 41.71
N THR B 290 36.65 -11.20 41.18
CA THR B 290 37.22 -10.12 41.98
C THR B 290 36.24 -9.57 43.00
N SER B 291 34.98 -9.96 42.94
CA SER B 291 34.05 -9.59 43.99
C SER B 291 34.02 -10.65 45.09
N VAL B 292 34.12 -11.93 44.73
CA VAL B 292 34.19 -12.95 45.78
C VAL B 292 35.57 -13.03 46.40
N SER B 293 36.61 -12.54 45.73
CA SER B 293 37.91 -12.43 46.37
C SER B 293 37.97 -11.24 47.30
N GLU B 294 37.09 -10.26 47.12
CA GLU B 294 36.91 -9.19 48.08
C GLU B 294 36.24 -9.67 49.36
N GLY B 295 35.61 -10.84 49.33
CA GLY B 295 35.00 -11.45 50.49
C GLY B 295 33.51 -11.56 50.40
N LEU B 296 32.91 -11.17 49.28
CA LEU B 296 31.46 -11.12 49.15
C LEU B 296 30.90 -12.51 48.93
N SER B 297 29.72 -12.75 49.48
CA SER B 297 28.97 -13.93 49.13
C SER B 297 28.42 -13.80 47.71
N GLU B 298 27.88 -14.89 47.21
CA GLU B 298 27.61 -15.03 45.79
C GLU B 298 26.43 -14.18 45.32
N SER B 299 25.38 -14.10 46.12
CA SER B 299 24.15 -13.47 45.66
C SER B 299 24.27 -11.96 45.55
N GLN B 300 25.26 -11.36 46.20
CA GLN B 300 25.59 -9.96 45.98
C GLN B 300 26.87 -9.79 45.20
N ALA B 301 27.51 -10.89 44.83
CA ALA B 301 28.60 -10.83 43.87
C ALA B 301 28.07 -10.67 42.46
N TRP B 302 26.93 -11.32 42.15
CA TRP B 302 26.34 -11.20 40.84
C TRP B 302 25.53 -9.92 40.68
N SER B 303 25.04 -9.36 41.79
CA SER B 303 24.23 -8.16 41.67
C SER B 303 25.06 -6.90 41.42
N ARG B 304 26.37 -6.98 41.56
CA ARG B 304 27.22 -5.84 41.23
C ARG B 304 27.55 -5.76 39.74
N ILE B 305 27.20 -6.78 38.98
CA ILE B 305 27.41 -6.76 37.53
C ILE B 305 26.46 -5.74 36.91
N PRO B 306 26.93 -4.84 36.04
CA PRO B 306 26.02 -3.89 35.41
C PRO B 306 25.09 -4.59 34.45
N ASP B 307 23.87 -4.06 34.35
CA ASP B 307 22.85 -4.65 33.49
C ASP B 307 23.22 -4.53 32.03
N LYS B 308 23.85 -3.42 31.65
CA LYS B 308 24.22 -3.21 30.24
C LYS B 308 25.25 -4.22 29.79
N LEU B 309 26.16 -4.61 30.68
CA LEU B 309 27.12 -5.64 30.35
C LEU B 309 26.45 -7.00 30.21
N ALA B 310 25.40 -7.27 30.98
CA ALA B 310 24.69 -8.52 30.82
C ALA B 310 23.87 -8.53 29.54
N PHE B 311 23.47 -7.34 29.08
CA PHE B 311 22.72 -7.21 27.83
C PHE B 311 23.57 -7.60 26.63
N TYR B 312 24.88 -7.44 26.74
CA TYR B 312 25.75 -7.70 25.61
C TYR B 312 26.04 -9.18 25.44
N ASP B 313 25.91 -9.96 26.51
CA ASP B 313 26.12 -11.40 26.43
C ASP B 313 24.75 -12.02 26.21
N TYR B 314 24.28 -11.95 24.98
CA TYR B 314 22.92 -12.29 24.65
C TYR B 314 22.84 -12.55 23.15
N ILE B 315 22.03 -13.53 22.75
CA ILE B 315 22.09 -13.93 21.34
C ILE B 315 21.29 -12.98 20.46
N GLY B 316 20.17 -12.48 20.93
CA GLY B 316 19.42 -11.52 20.14
C GLY B 316 20.07 -10.16 19.93
N ASN B 317 21.27 -10.00 20.47
CA ASN B 317 22.13 -8.86 20.20
C ASN B 317 23.27 -9.21 19.26
N ASN B 318 23.18 -10.32 18.55
CA ASN B 318 24.16 -10.57 17.52
C ASN B 318 23.75 -9.92 16.19
N PRO B 319 24.72 -9.43 15.43
CA PRO B 319 24.41 -9.07 14.05
C PRO B 319 24.09 -10.27 13.19
N ALA B 320 24.67 -11.42 13.51
CA ALA B 320 24.51 -12.62 12.70
C ALA B 320 23.35 -13.47 13.14
N LYS B 321 22.41 -12.91 13.86
CA LYS B 321 21.36 -13.74 14.39
C LYS B 321 20.08 -13.65 13.55
N GLY B 322 19.84 -12.51 12.95
CA GLY B 322 18.62 -12.30 12.22
C GLY B 322 18.67 -12.87 10.82
N GLY B 323 17.80 -12.33 9.98
CA GLY B 323 17.70 -12.77 8.60
C GLY B 323 17.41 -11.60 7.71
N LEU B 324 17.31 -11.87 6.41
CA LEU B 324 17.12 -10.82 5.41
C LEU B 324 15.77 -10.17 5.57
N PHE B 325 14.73 -10.95 5.44
CA PHE B 325 13.39 -10.43 5.27
C PHE B 325 12.68 -10.27 6.59
N ARG B 326 13.41 -10.39 7.69
CA ARG B 326 13.01 -9.83 8.96
C ARG B 326 13.33 -8.35 8.94
N ALA B 327 12.31 -7.54 8.76
CA ALA B 327 12.52 -6.12 8.61
C ALA B 327 12.23 -5.40 9.91
N GLY B 328 13.04 -4.40 10.20
CA GLY B 328 12.75 -3.51 11.30
C GLY B 328 13.72 -3.63 12.44
N PRO B 329 13.36 -3.04 13.58
CA PRO B 329 14.25 -3.03 14.73
C PRO B 329 14.37 -4.38 15.38
N MET B 330 15.33 -4.49 16.29
CA MET B 330 15.46 -5.70 17.10
C MET B 330 14.33 -5.85 18.07
N ASN B 331 13.72 -4.75 18.45
CA ASN B 331 12.63 -4.82 19.41
C ASN B 331 11.37 -5.37 18.78
N LYS B 332 11.30 -5.41 17.45
CA LYS B 332 10.26 -6.19 16.80
C LYS B 332 10.65 -7.65 16.73
N GLY B 333 11.87 -7.99 17.12
CA GLY B 333 12.27 -9.37 17.23
C GLY B 333 11.79 -10.08 18.47
N ASP B 334 12.10 -9.54 19.64
CA ASP B 334 11.76 -10.19 20.89
C ASP B 334 11.12 -9.26 21.91
N GLY B 335 11.11 -7.96 21.66
CA GLY B 335 10.49 -7.00 22.56
C GLY B 335 11.51 -6.04 23.15
N ILE B 336 10.98 -5.06 23.86
CA ILE B 336 11.77 -4.12 24.64
C ILE B 336 12.30 -4.83 25.87
N ALA B 337 13.59 -4.70 26.15
CA ALA B 337 14.14 -5.28 27.36
C ALA B 337 13.73 -4.47 28.58
N GLU B 338 13.29 -5.17 29.63
CA GLU B 338 12.86 -4.53 30.87
C GLU B 338 13.91 -4.58 31.97
N ALA B 339 14.34 -5.80 32.35
CA ALA B 339 15.25 -5.96 33.46
C ALA B 339 15.89 -7.35 33.39
N TRP B 340 17.10 -7.45 33.94
CA TRP B 340 17.78 -8.72 34.05
C TRP B 340 17.09 -9.59 35.07
N LEU B 341 16.82 -10.84 34.71
CA LEU B 341 16.18 -11.75 35.65
C LEU B 341 17.18 -12.20 36.71
N GLY B 342 18.23 -12.89 36.27
CA GLY B 342 19.20 -13.42 37.21
C GLY B 342 20.09 -14.40 36.51
N HIS B 343 21.17 -14.75 37.18
CA HIS B 343 22.15 -15.66 36.61
C HIS B 343 21.85 -17.05 37.10
N PRO B 344 21.42 -17.96 36.26
CA PRO B 344 21.11 -19.31 36.73
C PRO B 344 22.37 -20.09 37.04
N ILE B 345 22.32 -20.83 38.13
CA ILE B 345 23.31 -21.83 38.46
C ILE B 345 22.56 -23.14 38.63
N PHE B 346 22.95 -24.16 37.87
CA PHE B 346 22.21 -25.42 37.84
C PHE B 346 23.02 -26.46 38.60
N ARG B 347 22.41 -27.03 39.63
CA ARG B 347 23.10 -27.99 40.47
C ARG B 347 22.43 -29.36 40.38
N ASP B 348 23.25 -30.39 40.45
CA ASP B 348 22.75 -31.76 40.49
C ASP B 348 22.57 -32.21 41.95
N LYS B 349 22.37 -33.51 42.14
CA LYS B 349 22.20 -34.03 43.49
C LYS B 349 23.52 -34.09 44.26
N GLU B 350 24.65 -34.01 43.57
CA GLU B 350 25.96 -34.01 44.22
C GLU B 350 26.46 -32.61 44.50
N GLY B 351 25.65 -31.58 44.25
CA GLY B 351 26.09 -30.23 44.49
C GLY B 351 27.12 -29.71 43.52
N ARG B 352 27.22 -30.33 42.33
CA ARG B 352 28.09 -29.82 41.29
C ARG B 352 27.40 -28.67 40.57
N GLU B 353 28.07 -28.13 39.55
CA GLU B 353 27.56 -26.98 38.83
C GLU B 353 27.41 -27.36 37.37
N LEU B 354 26.25 -27.04 36.81
CA LEU B 354 25.95 -27.34 35.42
C LEU B 354 25.71 -26.04 34.67
N THR B 355 26.36 -25.91 33.53
CA THR B 355 26.12 -24.79 32.62
C THR B 355 25.48 -25.34 31.36
N VAL B 356 24.38 -24.74 30.93
CA VAL B 356 23.82 -25.10 29.64
C VAL B 356 24.78 -24.62 28.56
N ARG B 357 25.22 -25.55 27.72
CA ARG B 357 26.08 -25.21 26.60
C ARG B 357 25.33 -24.28 25.66
N ARG B 358 25.89 -23.09 25.48
CA ARG B 358 25.22 -22.07 24.70
C ARG B 358 25.28 -22.40 23.23
N MET B 359 24.42 -21.78 22.50
CA MET B 359 24.25 -22.09 21.11
C MET B 359 25.22 -21.26 20.25
N PRO B 360 25.80 -21.86 19.21
CA PRO B 360 26.55 -21.07 18.24
C PRO B 360 25.62 -20.16 17.43
N ALA B 361 26.22 -19.26 16.68
CA ALA B 361 25.40 -18.36 15.88
C ALA B 361 24.87 -19.01 14.61
N PHE B 362 25.35 -20.20 14.25
CA PHE B 362 24.82 -20.87 13.07
C PHE B 362 23.41 -21.36 13.30
N PHE B 363 23.23 -22.05 14.41
CA PHE B 363 22.02 -22.82 14.61
C PHE B 363 20.88 -21.88 14.91
N GLU B 364 19.81 -22.00 14.15
CA GLU B 364 18.57 -21.42 14.64
C GLU B 364 18.06 -22.19 15.84
N THR B 365 18.27 -23.51 15.86
CA THR B 365 17.92 -24.34 17.01
C THR B 365 19.04 -25.30 17.33
N PHE B 366 19.40 -25.36 18.61
CA PHE B 366 20.37 -26.22 19.24
C PHE B 366 19.60 -26.82 20.39
N PRO B 367 19.86 -28.04 20.76
CA PRO B 367 19.14 -28.61 21.90
C PRO B 367 19.61 -28.08 23.24
N VAL B 368 19.00 -28.57 24.31
CA VAL B 368 19.38 -28.18 25.66
C VAL B 368 20.26 -29.27 26.23
N ILE B 369 21.51 -28.92 26.53
CA ILE B 369 22.52 -29.85 27.01
C ILE B 369 23.18 -29.23 28.22
N LEU B 370 23.17 -29.92 29.34
CA LEU B 370 23.67 -29.38 30.60
C LEU B 370 24.99 -30.05 30.91
N VAL B 371 26.09 -29.32 30.78
CA VAL B 371 27.41 -29.85 31.00
C VAL B 371 28.03 -29.19 32.22
N ASP B 372 28.96 -29.89 32.83
CA ASP B 372 29.61 -29.49 34.07
C ASP B 372 30.88 -28.70 33.76
N LYS B 373 31.80 -28.64 34.72
CA LYS B 373 33.04 -27.89 34.55
C LYS B 373 33.96 -28.51 33.50
N ASP B 374 34.02 -29.84 33.39
CA ASP B 374 34.88 -30.42 32.36
C ASP B 374 34.12 -30.82 31.10
N GLY B 375 32.94 -30.26 30.88
CA GLY B 375 32.24 -30.46 29.62
C GLY B 375 31.70 -31.85 29.37
N ILE B 376 31.29 -32.56 30.41
CA ILE B 376 30.64 -33.86 30.26
C ILE B 376 29.18 -33.70 30.62
N ILE B 377 28.32 -34.37 29.85
CA ILE B 377 26.88 -34.14 29.93
C ILE B 377 26.32 -34.83 31.17
N ARG B 378 25.88 -34.03 32.12
CA ARG B 378 25.13 -34.61 33.23
C ARG B 378 23.64 -34.62 32.95
N ALA B 379 23.15 -33.73 32.09
CA ALA B 379 21.71 -33.63 31.88
C ALA B 379 21.43 -33.05 30.51
N ASP B 380 20.18 -33.21 30.07
CA ASP B 380 19.72 -32.66 28.79
C ASP B 380 18.21 -32.49 28.86
N ILE B 381 17.61 -32.19 27.71
CA ILE B 381 16.17 -32.38 27.55
C ILE B 381 15.99 -33.34 26.38
N PRO B 382 15.35 -34.49 26.58
CA PRO B 382 15.31 -35.49 25.51
C PRO B 382 14.32 -35.14 24.42
N PHE B 383 14.68 -35.47 23.20
CA PHE B 383 13.70 -35.47 22.11
C PHE B 383 12.87 -36.75 22.17
N ARG B 384 13.52 -37.90 22.08
CA ARG B 384 12.87 -39.16 22.40
C ARG B 384 12.90 -39.33 23.90
N ARG B 385 11.73 -39.33 24.54
CA ARG B 385 11.65 -39.36 25.99
C ARG B 385 11.50 -40.76 26.55
N ALA B 386 11.70 -41.79 25.74
CA ALA B 386 11.43 -43.14 26.24
C ALA B 386 12.59 -43.69 27.04
N GLU B 387 13.76 -43.86 26.44
CA GLU B 387 14.87 -44.47 27.15
C GLU B 387 15.93 -43.48 27.58
N SER B 388 15.55 -42.24 27.85
CA SER B 388 16.52 -41.20 28.11
C SER B 388 17.13 -41.34 29.49
N LYS B 389 18.46 -41.29 29.54
CA LYS B 389 19.20 -41.47 30.77
C LYS B 389 19.46 -40.14 31.46
N TYR B 390 19.46 -39.05 30.70
CA TYR B 390 19.96 -37.79 31.21
C TYR B 390 18.89 -36.74 31.35
N SER B 391 17.62 -37.15 31.39
CA SER B 391 16.54 -36.19 31.54
C SER B 391 16.62 -35.50 32.89
N ILE B 392 16.11 -34.27 32.94
CA ILE B 392 16.24 -33.45 34.14
C ILE B 392 15.42 -34.02 35.28
N GLU B 393 14.29 -34.67 34.97
CA GLU B 393 13.51 -35.32 36.00
C GLU B 393 14.19 -36.57 36.53
N GLN B 394 15.16 -37.12 35.81
CA GLN B 394 15.91 -38.24 36.34
C GLN B 394 17.11 -37.77 37.13
N VAL B 395 17.89 -36.85 36.56
CA VAL B 395 19.08 -36.35 37.24
C VAL B 395 18.70 -35.42 38.40
N GLY B 396 17.55 -34.77 38.33
CA GLY B 396 17.13 -33.95 39.45
C GLY B 396 17.95 -32.68 39.54
N VAL B 397 17.99 -31.95 38.45
CA VAL B 397 18.76 -30.72 38.38
C VAL B 397 17.95 -29.62 39.05
N THR B 398 18.60 -28.88 39.93
CA THR B 398 17.95 -27.79 40.64
C THR B 398 18.55 -26.47 40.20
N VAL B 399 17.72 -25.44 40.28
CA VAL B 399 18.01 -24.12 39.75
C VAL B 399 18.15 -23.17 40.92
N ASP B 400 19.19 -22.34 40.90
CA ASP B 400 19.27 -21.25 41.88
C ASP B 400 19.84 -20.02 41.23
N PHE B 401 19.10 -18.92 41.33
CA PHE B 401 19.48 -17.69 40.66
C PHE B 401 20.32 -16.81 41.57
N TYR B 402 20.95 -15.82 40.97
CA TYR B 402 21.79 -14.89 41.70
C TYR B 402 21.72 -13.54 41.04
N GLY B 403 21.15 -12.56 41.73
CA GLY B 403 21.06 -11.21 41.22
C GLY B 403 19.76 -10.98 40.47
N GLY B 404 19.55 -9.72 40.12
CA GLY B 404 18.44 -9.31 39.31
C GLY B 404 17.14 -9.36 40.08
N LYS B 405 16.05 -9.34 39.32
CA LYS B 405 14.75 -9.35 39.96
C LYS B 405 14.38 -10.72 40.49
N LEU B 406 15.11 -11.77 40.10
CA LEU B 406 14.84 -13.11 40.60
C LEU B 406 15.95 -13.60 41.51
N ASN B 407 16.56 -12.71 42.28
CA ASN B 407 17.70 -13.02 43.14
C ASN B 407 17.29 -14.00 44.23
N GLY B 408 18.12 -15.02 44.42
CA GLY B 408 18.04 -15.96 45.53
C GLY B 408 16.74 -16.73 45.60
N GLN B 409 16.35 -17.37 44.50
CA GLN B 409 15.12 -18.15 44.45
C GLN B 409 15.45 -19.53 43.90
N THR B 410 15.40 -20.55 44.75
CA THR B 410 15.57 -21.91 44.26
C THR B 410 14.37 -22.33 43.45
N PHE B 411 14.60 -23.28 42.55
CA PHE B 411 13.53 -23.92 41.79
C PHE B 411 13.90 -25.39 41.71
N LYS B 412 13.21 -26.22 42.49
CA LYS B 412 13.32 -27.66 42.39
C LYS B 412 12.18 -28.24 41.59
N ASP B 413 11.28 -27.39 41.12
CA ASP B 413 10.14 -27.78 40.31
C ASP B 413 10.63 -28.17 38.91
N ALA B 414 10.52 -29.45 38.57
CA ALA B 414 11.10 -30.00 37.35
C ALA B 414 10.64 -29.38 36.03
N PRO B 415 9.37 -28.97 35.84
CA PRO B 415 9.07 -28.17 34.63
C PRO B 415 9.81 -26.85 34.56
N THR B 416 9.80 -26.10 35.65
CA THR B 416 10.41 -24.79 35.63
C THR B 416 11.92 -24.88 35.54
N VAL B 417 12.51 -25.96 36.03
CA VAL B 417 13.94 -26.21 35.77
C VAL B 417 14.18 -26.35 34.28
N LYS B 418 13.27 -27.06 33.58
CA LYS B 418 13.39 -27.21 32.13
C LYS B 418 13.13 -25.89 31.41
N LYS B 419 12.19 -25.08 31.91
CA LYS B 419 11.86 -23.82 31.27
C LYS B 419 13.03 -22.84 31.35
N PHE B 420 13.64 -22.74 32.53
CA PHE B 420 14.83 -21.90 32.65
C PHE B 420 16.05 -22.55 32.05
N ALA B 421 16.01 -23.84 31.73
CA ALA B 421 17.12 -24.45 31.00
C ALA B 421 17.08 -24.08 29.53
N ARG B 422 15.88 -23.88 29.00
CA ARG B 422 15.73 -23.46 27.62
C ARG B 422 16.04 -21.99 27.47
N LYS B 423 15.65 -21.19 28.45
CA LYS B 423 15.98 -19.78 28.44
C LYS B 423 17.47 -19.57 28.59
N ALA B 424 18.13 -20.32 29.49
CA ALA B 424 19.55 -20.10 29.73
C ALA B 424 20.43 -20.63 28.62
N GLN B 425 19.86 -21.34 27.66
CA GLN B 425 20.62 -21.76 26.50
C GLN B 425 21.04 -20.57 25.66
N LEU B 426 20.15 -19.61 25.50
CA LEU B 426 20.44 -18.41 24.76
C LEU B 426 20.64 -17.26 25.73
N GLY B 427 21.78 -16.60 25.65
CA GLY B 427 21.94 -15.33 26.30
C GLY B 427 21.93 -15.31 27.81
N GLU B 428 22.10 -14.13 28.37
CA GLU B 428 21.66 -13.88 29.72
C GLU B 428 20.17 -13.58 29.67
N VAL B 429 19.41 -14.24 30.53
CA VAL B 429 17.96 -14.26 30.38
C VAL B 429 17.38 -12.99 30.99
N PHE B 430 16.62 -12.26 30.18
CA PHE B 430 15.94 -11.06 30.64
C PHE B 430 14.45 -11.29 30.63
N GLU B 431 13.72 -10.26 31.01
CA GLU B 431 12.27 -10.21 30.85
C GLU B 431 11.95 -9.07 29.89
N PHE B 432 11.08 -9.33 28.92
CA PHE B 432 10.84 -8.39 27.84
C PHE B 432 9.42 -7.85 27.88
N ASP B 433 9.12 -7.01 26.90
CA ASP B 433 7.78 -6.50 26.65
C ASP B 433 7.46 -6.78 25.18
N ARG B 434 6.71 -7.83 24.92
CA ARG B 434 6.34 -8.18 23.56
C ARG B 434 5.03 -7.55 23.13
N THR B 435 4.32 -6.90 24.03
CA THR B 435 2.99 -6.40 23.74
C THR B 435 2.98 -4.96 23.30
N SER B 436 4.13 -4.28 23.33
CA SER B 436 4.17 -2.86 22.98
C SER B 436 3.92 -2.67 21.49
N LEU B 437 4.70 -3.35 20.66
CA LEU B 437 4.56 -3.23 19.22
C LEU B 437 4.09 -4.52 18.56
N GLU B 438 3.61 -5.49 19.35
CA GLU B 438 3.34 -6.87 18.91
C GLU B 438 4.58 -7.51 18.32
N SER B 439 5.65 -7.54 19.11
CA SER B 439 6.88 -8.19 18.71
C SER B 439 6.65 -9.68 18.58
N ASP B 440 7.28 -10.29 17.59
CA ASP B 440 7.17 -11.73 17.38
C ASP B 440 8.06 -12.44 18.37
N GLY B 441 8.30 -13.72 18.16
CA GLY B 441 9.14 -14.38 19.10
C GLY B 441 10.46 -14.76 18.51
N VAL B 442 11.06 -13.91 17.68
CA VAL B 442 12.07 -14.43 16.77
C VAL B 442 12.91 -13.30 16.19
N PHE B 443 14.19 -13.58 16.03
CA PHE B 443 15.27 -12.61 16.26
C PHE B 443 15.43 -11.64 15.11
N ARG B 444 16.43 -10.78 15.23
CA ARG B 444 16.72 -9.69 14.29
C ARG B 444 18.22 -9.47 14.21
N SER B 445 18.62 -8.36 13.59
CA SER B 445 20.02 -8.04 13.41
C SER B 445 20.28 -6.55 13.60
N SER B 446 21.54 -6.24 13.85
CA SER B 446 21.98 -4.93 14.29
C SER B 446 22.25 -4.02 13.11
N PRO B 447 22.40 -2.69 13.35
CA PRO B 447 22.99 -1.83 12.32
C PRO B 447 24.36 -2.31 11.88
N ARG B 448 25.08 -3.01 12.75
CA ARG B 448 26.29 -3.69 12.35
C ARG B 448 26.00 -4.82 11.38
N GLY B 449 24.85 -5.46 11.47
CA GLY B 449 24.53 -6.46 10.48
C GLY B 449 24.14 -5.83 9.16
N TRP B 450 23.37 -4.75 9.22
CA TRP B 450 22.81 -4.19 8.01
C TRP B 450 23.79 -3.30 7.26
N TYR B 451 24.69 -2.60 7.97
CA TYR B 451 25.67 -1.76 7.29
C TYR B 451 26.59 -2.59 6.42
N THR B 452 27.21 -3.61 7.01
CA THR B 452 28.07 -4.45 6.21
C THR B 452 27.30 -5.41 5.33
N TYR B 453 25.98 -5.49 5.45
CA TYR B 453 25.24 -6.22 4.44
C TYR B 453 25.20 -5.45 3.15
N GLY B 454 24.67 -4.22 3.21
CA GLY B 454 24.49 -3.43 2.01
C GLY B 454 25.81 -3.10 1.34
N HIS B 455 26.84 -2.87 2.13
CA HIS B 455 28.08 -2.37 1.56
C HIS B 455 28.96 -3.48 1.05
N ALA B 456 28.87 -4.68 1.59
CA ALA B 456 29.58 -5.78 0.97
C ALA B 456 28.90 -6.25 -0.30
N ASN B 457 27.63 -5.88 -0.49
CA ASN B 457 26.96 -6.16 -1.75
C ASN B 457 27.18 -5.05 -2.76
N PHE B 458 27.14 -3.80 -2.29
CA PHE B 458 27.37 -2.66 -3.16
C PHE B 458 28.79 -2.66 -3.69
N ALA B 459 29.73 -3.17 -2.89
CA ALA B 459 31.11 -3.25 -3.35
C ALA B 459 31.27 -4.30 -4.43
N LEU B 460 30.39 -5.32 -4.43
CA LEU B 460 30.44 -6.32 -5.48
C LEU B 460 29.90 -5.79 -6.79
N LEU B 461 28.79 -5.07 -6.71
CA LEU B 461 28.22 -4.47 -7.91
C LEU B 461 29.14 -3.40 -8.44
N PHE B 462 29.90 -2.78 -7.57
CA PHE B 462 30.79 -1.74 -8.04
C PHE B 462 32.06 -2.34 -8.57
N PHE B 463 32.35 -3.59 -8.24
CA PHE B 463 33.42 -4.26 -8.94
C PHE B 463 33.08 -4.47 -10.40
N PHE B 464 31.82 -4.77 -10.69
CA PHE B 464 31.41 -4.94 -12.08
C PHE B 464 31.41 -3.62 -12.81
N GLY B 465 30.98 -2.55 -12.13
CA GLY B 465 30.95 -1.25 -12.78
C GLY B 465 32.33 -0.68 -13.00
N HIS B 466 33.33 -1.17 -12.26
CA HIS B 466 34.69 -0.81 -12.58
C HIS B 466 35.14 -1.49 -13.86
N LEU B 467 34.78 -2.77 -14.03
CA LEU B 467 35.19 -3.48 -15.23
C LEU B 467 34.41 -3.01 -16.45
N TRP B 468 33.22 -2.48 -16.25
CA TRP B 468 32.47 -1.95 -17.37
C TRP B 468 33.12 -0.68 -17.89
N HIS B 469 33.39 0.25 -16.99
CA HIS B 469 34.00 1.50 -17.41
C HIS B 469 35.49 1.38 -17.55
N GLY B 470 36.13 0.46 -16.86
CA GLY B 470 37.49 0.13 -17.22
C GLY B 470 37.58 -0.47 -18.59
N GLY B 471 36.53 -1.10 -19.06
CA GLY B 471 36.53 -1.62 -20.41
C GLY B 471 36.15 -0.58 -21.44
N ARG B 472 35.18 0.27 -21.12
CA ARG B 472 34.66 1.21 -22.10
C ARG B 472 35.64 2.34 -22.39
N THR B 473 36.48 2.72 -21.44
CA THR B 473 37.49 3.73 -21.73
C THR B 473 38.57 3.20 -22.63
N ILE B 474 39.08 2.01 -22.31
CA ILE B 474 40.18 1.45 -23.07
C ILE B 474 39.73 1.21 -24.51
N PHE B 475 38.47 0.82 -24.70
CA PHE B 475 37.99 0.50 -26.03
C PHE B 475 36.97 1.49 -26.51
N ARG B 476 37.24 2.78 -26.30
CA ARG B 476 36.33 3.84 -26.68
C ARG B 476 36.11 3.90 -28.18
N ASP B 477 37.12 3.54 -28.96
CA ASP B 477 36.98 3.66 -30.41
C ASP B 477 36.18 2.51 -31.01
N VAL B 478 36.31 1.30 -30.48
CA VAL B 478 35.65 0.14 -31.06
C VAL B 478 34.35 -0.13 -30.31
N PHE B 479 33.86 0.86 -29.57
CA PHE B 479 32.60 0.71 -28.86
C PHE B 479 31.42 0.62 -29.82
N THR B 480 31.51 1.28 -30.97
CA THR B 480 30.53 1.16 -32.03
C THR B 480 31.21 0.47 -33.20
N GLY B 481 30.96 -0.83 -33.30
CA GLY B 481 31.59 -1.78 -34.19
C GLY B 481 33.07 -2.04 -34.09
N ILE B 482 33.53 -3.03 -34.84
CA ILE B 482 34.91 -3.13 -35.28
C ILE B 482 34.89 -2.89 -36.78
N GLY B 483 36.01 -2.41 -37.30
CA GLY B 483 36.07 -2.09 -38.70
C GLY B 483 36.49 -3.26 -39.55
N ALA B 484 36.96 -2.95 -40.75
CA ALA B 484 37.54 -3.94 -41.64
C ALA B 484 39.06 -3.96 -41.57
N GLU B 485 39.66 -2.98 -40.88
CA GLU B 485 41.10 -2.96 -40.67
C GLU B 485 41.56 -4.03 -39.69
N VAL B 486 40.65 -4.57 -38.87
CA VAL B 486 41.05 -5.55 -37.90
C VAL B 486 41.28 -6.90 -38.54
N THR B 487 40.75 -7.12 -39.75
CA THR B 487 40.81 -8.42 -40.41
C THR B 487 42.25 -8.82 -40.73
N GLU B 488 43.09 -7.85 -41.07
CA GLU B 488 44.48 -8.15 -41.34
C GLU B 488 45.24 -8.47 -40.07
N GLN B 489 44.96 -7.76 -38.99
CA GLN B 489 45.73 -7.96 -37.77
C GLN B 489 45.25 -9.14 -36.93
N VAL B 490 44.18 -9.84 -37.34
CA VAL B 490 43.75 -11.05 -36.65
C VAL B 490 44.27 -12.24 -37.48
N GLU B 491 45.52 -12.61 -37.22
CA GLU B 491 46.14 -13.70 -37.95
C GLU B 491 47.30 -14.21 -37.13
N PHE B 492 47.45 -15.52 -37.12
CA PHE B 492 48.50 -16.18 -36.36
C PHE B 492 49.73 -16.21 -37.25
N GLY B 493 50.59 -15.22 -37.09
CA GLY B 493 51.68 -15.01 -38.01
C GLY B 493 51.50 -13.72 -38.80
N ALA B 494 52.57 -13.42 -39.54
CA ALA B 494 52.78 -12.31 -40.47
C ALA B 494 52.94 -10.96 -39.78
N PHE B 495 52.61 -10.89 -38.48
CA PHE B 495 53.04 -9.83 -37.58
C PHE B 495 53.79 -10.54 -36.48
N GLN B 496 55.08 -10.25 -36.30
CA GLN B 496 55.77 -10.97 -35.24
C GLN B 496 55.45 -10.41 -33.86
N LYS B 497 55.02 -9.16 -33.77
CA LYS B 497 54.34 -8.67 -32.58
C LYS B 497 52.85 -9.02 -32.74
N LEU B 498 52.04 -8.80 -31.69
CA LEU B 498 50.60 -8.71 -31.83
C LEU B 498 50.28 -7.34 -32.42
N GLY B 499 48.99 -6.97 -32.53
CA GLY B 499 48.46 -6.09 -33.56
C GLY B 499 49.12 -4.74 -33.73
N ASP B 500 49.88 -4.67 -34.81
CA ASP B 500 50.83 -3.60 -35.10
C ASP B 500 51.14 -3.73 -36.58
N LYS B 501 50.79 -2.70 -37.35
CA LYS B 501 51.01 -2.74 -38.78
C LYS B 501 52.39 -2.26 -39.18
N SER B 502 53.23 -1.89 -38.22
CA SER B 502 54.61 -1.51 -38.49
C SER B 502 55.54 -2.71 -38.56
N THR B 503 55.00 -3.91 -38.46
CA THR B 503 55.79 -5.13 -38.39
C THR B 503 55.48 -6.01 -39.59
N LYS B 504 56.51 -6.30 -40.39
CA LYS B 504 56.47 -7.21 -41.53
C LYS B 504 55.39 -6.87 -42.56
N ILE C 1 39.40 -46.16 -51.88
CA ILE C 1 38.64 -46.45 -53.10
C ILE C 1 37.18 -46.07 -52.78
N ALA C 2 36.40 -45.83 -53.84
CA ALA C 2 35.02 -45.38 -53.75
C ALA C 2 34.16 -46.29 -52.90
N GLY C 3 33.12 -45.71 -52.31
CA GLY C 3 32.33 -46.36 -51.30
C GLY C 3 32.84 -46.16 -49.89
N ARG C 4 34.16 -46.22 -49.70
CA ARG C 4 34.75 -46.11 -48.38
C ARG C 4 35.53 -44.81 -48.19
N ASP C 5 35.37 -43.85 -49.09
CA ASP C 5 35.86 -42.49 -48.92
C ASP C 5 34.68 -41.62 -48.50
N ILE C 6 34.98 -40.43 -47.96
CA ILE C 6 33.91 -39.47 -47.77
C ILE C 6 33.58 -38.74 -49.05
N GLU C 7 34.49 -38.73 -50.01
CA GLU C 7 34.27 -37.98 -51.25
C GLU C 7 33.34 -38.75 -52.16
N SER C 8 33.35 -40.08 -52.03
CA SER C 8 32.55 -40.91 -52.91
C SER C 8 31.10 -40.93 -52.47
N THR C 9 30.80 -40.50 -51.25
CA THR C 9 29.46 -40.66 -50.72
C THR C 9 28.92 -39.46 -49.95
N GLY C 10 29.76 -38.57 -49.44
CA GLY C 10 29.31 -37.53 -48.56
C GLY C 10 29.47 -37.83 -47.07
N PHE C 11 29.16 -39.06 -46.64
CA PHE C 11 29.14 -39.39 -45.21
C PHE C 11 30.55 -39.43 -44.64
N ALA C 12 30.71 -38.87 -43.44
CA ALA C 12 32.00 -38.83 -42.79
C ALA C 12 32.35 -40.21 -42.21
N TRP C 13 33.52 -40.30 -41.59
CA TRP C 13 33.89 -41.57 -40.96
C TRP C 13 33.09 -41.82 -39.70
N TRP C 14 32.75 -40.78 -38.95
CA TRP C 14 32.10 -41.02 -37.68
C TRP C 14 30.63 -41.35 -37.84
N SER C 15 30.08 -41.15 -39.04
CA SER C 15 28.80 -41.70 -39.42
C SER C 15 28.93 -42.64 -40.60
N GLY C 16 30.00 -43.42 -40.66
CA GLY C 16 30.31 -44.15 -41.86
C GLY C 16 29.53 -45.43 -42.06
N ASN C 17 28.75 -45.87 -41.09
CA ASN C 17 27.88 -47.01 -41.32
C ASN C 17 26.70 -46.65 -42.21
N ALA C 18 26.42 -45.36 -42.39
CA ALA C 18 25.37 -44.94 -43.31
C ALA C 18 25.76 -45.14 -44.76
N ARG C 19 27.03 -45.44 -45.01
CA ARG C 19 27.48 -45.80 -46.33
C ARG C 19 27.06 -47.21 -46.72
N LEU C 20 26.58 -48.00 -45.77
CA LEU C 20 26.17 -49.35 -46.05
C LEU C 20 24.73 -49.45 -46.54
N ILE C 21 23.96 -48.35 -46.53
CA ILE C 21 22.51 -48.41 -46.74
C ILE C 21 22.19 -48.98 -48.11
N ASN C 22 22.78 -48.41 -49.14
CA ASN C 22 22.55 -48.88 -50.49
C ASN C 22 23.58 -49.91 -50.94
N VAL C 23 24.31 -50.49 -50.01
CA VAL C 23 25.25 -51.56 -50.29
C VAL C 23 24.72 -52.79 -49.55
N SER C 24 23.97 -53.63 -50.25
CA SER C 24 23.16 -54.64 -49.58
C SER C 24 23.98 -55.80 -49.04
N GLY C 25 25.03 -56.20 -49.76
CA GLY C 25 25.76 -57.39 -49.33
C GLY C 25 26.74 -57.11 -48.21
N LYS C 26 27.25 -55.89 -48.13
CA LYS C 26 28.05 -55.52 -46.97
C LYS C 26 27.15 -55.29 -45.77
N LEU C 27 25.94 -54.79 -45.99
CA LEU C 27 25.00 -54.57 -44.90
C LEU C 27 24.50 -55.88 -44.32
N LEU C 28 24.48 -56.94 -45.13
CA LEU C 28 24.20 -58.27 -44.59
C LEU C 28 25.31 -58.72 -43.67
N GLY C 29 26.56 -58.52 -44.08
CA GLY C 29 27.67 -58.96 -43.26
C GLY C 29 27.91 -58.08 -42.07
N ALA C 30 27.31 -56.89 -42.05
CA ALA C 30 27.32 -56.09 -40.84
C ALA C 30 26.49 -56.74 -39.75
N HIS C 31 25.32 -57.26 -40.12
CA HIS C 31 24.44 -57.87 -39.14
C HIS C 31 24.97 -59.21 -38.66
N VAL C 32 25.42 -60.03 -39.60
CA VAL C 32 25.87 -61.38 -39.27
C VAL C 32 27.12 -61.32 -38.40
N ALA C 33 27.95 -60.31 -38.62
CA ALA C 33 29.05 -60.07 -37.69
C ALA C 33 28.51 -59.59 -36.36
N HIS C 34 27.50 -58.73 -36.39
CA HIS C 34 26.92 -58.26 -35.14
C HIS C 34 26.12 -59.34 -34.46
N ALA C 35 25.41 -60.18 -35.22
CA ALA C 35 24.78 -61.35 -34.62
C ALA C 35 25.82 -62.31 -34.07
N GLY C 36 27.03 -62.28 -34.63
CA GLY C 36 28.14 -62.98 -34.01
C GLY C 36 28.53 -62.41 -32.68
N LEU C 37 28.27 -61.12 -32.43
CA LEU C 37 28.63 -60.52 -31.15
C LEU C 37 27.63 -60.90 -30.05
N MET C 38 26.34 -60.83 -30.37
CA MET C 38 25.30 -61.15 -29.38
C MET C 38 25.39 -62.59 -28.95
N VAL C 39 25.67 -63.49 -29.88
CA VAL C 39 25.83 -64.89 -29.55
C VAL C 39 27.13 -65.10 -28.79
N PHE C 40 28.15 -64.28 -29.08
CA PHE C 40 29.42 -64.40 -28.39
C PHE C 40 29.33 -63.92 -26.96
N TRP C 41 28.69 -62.76 -26.75
CA TRP C 41 28.54 -62.24 -25.40
C TRP C 41 27.70 -63.17 -24.54
N ALA C 42 26.63 -63.73 -25.12
CA ALA C 42 25.80 -64.69 -24.42
C ALA C 42 26.56 -65.96 -24.08
N GLY C 43 27.53 -66.33 -24.89
CA GLY C 43 28.34 -67.49 -24.56
C GLY C 43 29.46 -67.16 -23.62
N ALA C 44 29.99 -65.95 -23.69
CA ALA C 44 31.15 -65.63 -22.90
C ALA C 44 30.78 -65.20 -21.50
N MET C 45 29.58 -64.64 -21.31
CA MET C 45 29.14 -64.32 -19.95
C MET C 45 28.91 -65.56 -19.15
N VAL C 46 28.13 -66.50 -19.69
CA VAL C 46 27.63 -67.64 -18.93
C VAL C 46 28.77 -68.50 -18.43
N LEU C 47 29.82 -68.64 -19.22
CA LEU C 47 31.03 -69.32 -18.75
C LEU C 47 31.75 -68.51 -17.68
N PHE C 48 31.82 -67.20 -17.86
CA PHE C 48 32.34 -66.32 -16.83
C PHE C 48 31.44 -66.31 -15.61
N GLU C 49 30.18 -66.63 -15.79
CA GLU C 49 29.16 -66.71 -14.76
C GLU C 49 29.06 -68.11 -14.17
N VAL C 50 29.57 -69.13 -14.84
CA VAL C 50 29.75 -70.43 -14.21
C VAL C 50 31.05 -70.45 -13.42
N SER C 51 32.09 -69.77 -13.92
CA SER C 51 33.39 -69.77 -13.26
C SER C 51 33.36 -69.10 -11.91
N HIS C 52 32.42 -68.19 -11.70
CA HIS C 52 32.31 -67.47 -10.44
C HIS C 52 31.19 -68.01 -9.57
N PHE C 53 30.65 -69.16 -9.91
CA PHE C 53 29.59 -69.74 -9.13
C PHE C 53 30.15 -70.35 -7.85
N VAL C 54 29.57 -69.99 -6.72
CA VAL C 54 29.82 -70.69 -5.46
C VAL C 54 28.48 -71.27 -5.03
N PRO C 55 28.40 -72.54 -4.63
CA PRO C 55 27.09 -73.16 -4.45
C PRO C 55 26.39 -72.75 -3.20
N GLU C 56 27.07 -72.06 -2.29
CA GLU C 56 26.46 -71.59 -1.05
C GLU C 56 25.38 -70.55 -1.29
N LYS C 57 25.78 -69.42 -1.78
CA LYS C 57 24.85 -68.32 -1.86
C LYS C 57 23.96 -68.49 -3.08
N PRO C 58 22.73 -67.98 -3.03
CA PRO C 58 21.85 -68.07 -4.19
C PRO C 58 22.32 -67.21 -5.35
N THR C 59 21.61 -67.34 -6.48
CA THR C 59 22.09 -66.73 -7.71
C THR C 59 22.02 -65.22 -7.67
N TYR C 60 21.07 -64.67 -6.92
CA TYR C 60 20.96 -63.22 -6.89
C TYR C 60 22.04 -62.59 -6.03
N GLU C 61 22.59 -63.31 -5.06
CA GLU C 61 23.58 -62.70 -4.17
C GLU C 61 24.94 -62.57 -4.83
N GLN C 62 25.29 -63.43 -5.75
CA GLN C 62 26.58 -63.34 -6.42
C GLN C 62 26.51 -62.63 -7.75
N GLY C 63 25.48 -61.83 -7.97
CA GLY C 63 25.43 -60.88 -9.08
C GLY C 63 25.43 -61.54 -10.43
N PHE C 64 24.53 -62.49 -10.64
CA PHE C 64 24.48 -63.25 -11.89
C PHE C 64 23.31 -62.77 -12.72
N ILE C 65 23.46 -62.86 -14.02
CA ILE C 65 22.53 -62.14 -14.88
C ILE C 65 21.92 -63.06 -15.93
N LEU C 66 22.62 -64.13 -16.33
CA LEU C 66 22.12 -65.00 -17.37
C LEU C 66 21.89 -66.41 -16.89
N ILE C 67 22.33 -66.74 -15.67
CA ILE C 67 21.96 -68.00 -15.05
C ILE C 67 20.46 -68.08 -14.89
N GLN C 68 19.83 -67.00 -14.43
CA GLN C 68 18.44 -67.06 -14.03
C GLN C 68 17.52 -67.12 -15.23
N HIS C 69 17.96 -66.67 -16.39
CA HIS C 69 17.16 -66.87 -17.58
C HIS C 69 17.18 -68.32 -18.02
N LEU C 70 18.28 -68.99 -17.77
CA LEU C 70 18.36 -70.42 -18.03
C LEU C 70 17.78 -71.24 -16.90
N ALA C 71 17.67 -70.66 -15.71
CA ALA C 71 17.10 -71.40 -14.60
C ALA C 71 15.60 -71.51 -14.72
N THR C 72 14.94 -70.48 -15.23
CA THR C 72 13.51 -70.50 -15.38
C THR C 72 13.07 -71.13 -16.68
N LEU C 73 13.97 -71.77 -17.40
CA LEU C 73 13.59 -72.73 -18.40
C LEU C 73 13.79 -74.14 -17.90
N GLY C 74 14.28 -74.30 -16.68
CA GLY C 74 14.37 -75.59 -16.05
C GLY C 74 15.69 -76.29 -16.17
N TYR C 75 16.79 -75.56 -16.23
CA TYR C 75 18.11 -76.14 -16.43
C TYR C 75 18.88 -76.15 -15.12
N GLY C 76 19.19 -77.35 -14.63
CA GLY C 76 20.03 -77.50 -13.46
C GLY C 76 19.45 -77.06 -12.15
N ILE C 77 18.23 -76.57 -12.11
CA ILE C 77 17.63 -76.06 -10.89
C ILE C 77 16.72 -77.13 -10.31
N GLY C 78 16.71 -77.22 -8.98
CA GLY C 78 15.81 -78.11 -8.30
C GLY C 78 14.78 -77.32 -7.54
N PRO C 79 14.25 -77.90 -6.46
CA PRO C 79 13.17 -77.25 -5.74
C PRO C 79 13.65 -76.09 -4.90
N GLY C 80 12.79 -75.08 -4.79
CA GLY C 80 13.08 -73.94 -3.94
C GLY C 80 14.13 -73.00 -4.48
N GLY C 81 14.46 -73.07 -5.75
CA GLY C 81 15.51 -72.25 -6.30
C GLY C 81 16.91 -72.74 -6.00
N GLU C 82 17.05 -73.93 -5.44
CA GLU C 82 18.35 -74.50 -5.21
C GLU C 82 18.89 -75.09 -6.50
N ILE C 83 20.18 -74.90 -6.75
CA ILE C 83 20.79 -75.20 -8.03
C ILE C 83 21.53 -76.51 -7.90
N THR C 84 21.09 -77.52 -8.66
CA THR C 84 21.66 -78.85 -8.53
C THR C 84 23.06 -78.91 -9.14
N SER C 85 23.22 -78.40 -10.36
CA SER C 85 24.53 -78.34 -10.98
C SER C 85 24.56 -77.20 -11.98
N THR C 86 25.76 -76.84 -12.40
CA THR C 86 25.97 -75.82 -13.42
C THR C 86 26.39 -76.43 -14.75
N VAL C 87 26.31 -77.75 -14.87
CA VAL C 87 26.66 -78.40 -16.14
C VAL C 87 25.74 -78.04 -17.30
N PRO C 88 24.40 -77.98 -17.15
CA PRO C 88 23.61 -77.48 -18.29
C PRO C 88 23.84 -76.01 -18.61
N TYR C 89 24.31 -75.23 -17.64
CA TYR C 89 24.68 -73.85 -17.96
C TYR C 89 25.99 -73.83 -18.69
N PHE C 90 26.85 -74.79 -18.38
CA PHE C 90 28.07 -74.95 -19.16
C PHE C 90 27.73 -75.38 -20.57
N ALA C 91 26.68 -76.18 -20.74
CA ALA C 91 26.29 -76.64 -22.07
C ALA C 91 25.80 -75.48 -22.91
N VAL C 92 24.96 -74.62 -22.33
CA VAL C 92 24.35 -73.54 -23.07
C VAL C 92 25.38 -72.49 -23.46
N GLY C 93 26.28 -72.15 -22.54
CA GLY C 93 27.24 -71.11 -22.81
C GLY C 93 28.32 -71.51 -23.80
N VAL C 94 28.66 -72.79 -23.84
CA VAL C 94 29.72 -73.21 -24.76
C VAL C 94 29.19 -73.29 -26.19
N ILE C 95 27.95 -73.78 -26.36
CA ILE C 95 27.32 -73.86 -27.68
C ILE C 95 27.18 -72.48 -28.31
N HIS C 96 26.93 -71.45 -27.49
CA HIS C 96 26.88 -70.10 -28.02
C HIS C 96 28.26 -69.54 -28.34
N LEU C 97 29.33 -70.14 -27.84
CA LEU C 97 30.64 -69.66 -28.24
C LEU C 97 30.99 -70.13 -29.64
N ILE C 98 30.90 -71.44 -29.86
CA ILE C 98 31.33 -72.02 -31.14
C ILE C 98 30.40 -71.57 -32.25
N SER C 99 29.12 -71.37 -31.94
CA SER C 99 28.21 -70.82 -32.94
C SER C 99 28.50 -69.37 -33.25
N SER C 100 29.13 -68.65 -32.33
CA SER C 100 29.48 -67.27 -32.62
C SER C 100 30.62 -67.18 -33.62
N ALA C 101 31.50 -68.18 -33.65
CA ALA C 101 32.55 -68.16 -34.66
C ALA C 101 32.02 -68.53 -36.02
N ILE C 102 30.90 -69.26 -36.08
CA ILE C 102 30.22 -69.47 -37.35
C ILE C 102 29.56 -68.18 -37.81
N LEU C 103 28.85 -67.51 -36.91
CA LEU C 103 28.23 -66.24 -37.28
C LEU C 103 29.27 -65.14 -37.44
N GLY C 104 30.37 -65.23 -36.69
CA GLY C 104 31.41 -64.24 -36.85
C GLY C 104 32.10 -64.35 -38.19
N PHE C 105 32.28 -65.57 -38.69
CA PHE C 105 32.99 -65.77 -39.95
C PHE C 105 32.18 -65.25 -41.13
N GLY C 106 30.89 -65.56 -41.17
CA GLY C 106 30.07 -65.12 -42.27
C GLY C 106 29.81 -63.63 -42.27
N GLY C 107 29.91 -63.01 -41.10
CA GLY C 107 29.81 -61.57 -41.04
C GLY C 107 31.07 -60.91 -41.54
N ILE C 108 32.22 -61.50 -41.25
CA ILE C 108 33.46 -60.99 -41.79
C ILE C 108 33.57 -61.31 -43.27
N TYR C 109 32.95 -62.42 -43.68
CA TYR C 109 32.86 -62.80 -45.09
C TYR C 109 32.17 -61.74 -45.91
N HIS C 110 30.87 -61.51 -45.67
CA HIS C 110 30.13 -60.57 -46.50
C HIS C 110 30.50 -59.11 -46.27
N SER C 111 31.31 -58.81 -45.28
CA SER C 111 31.84 -57.47 -45.16
C SER C 111 33.20 -57.34 -45.84
N LEU C 112 33.90 -58.43 -46.11
CA LEU C 112 35.19 -58.35 -46.79
C LEU C 112 35.15 -59.03 -48.16
N LEU C 113 34.84 -60.31 -48.24
CA LEU C 113 34.77 -61.03 -49.50
C LEU C 113 33.31 -61.43 -49.71
N GLY C 114 32.57 -60.60 -50.42
CA GLY C 114 31.23 -60.94 -50.77
C GLY C 114 30.77 -60.05 -51.88
N PRO C 115 29.62 -60.36 -52.47
CA PRO C 115 28.97 -59.40 -53.35
C PRO C 115 28.57 -58.18 -52.53
N ASP C 116 28.99 -57.01 -53.00
CA ASP C 116 28.66 -55.80 -52.26
C ASP C 116 27.18 -55.47 -52.42
N THR C 117 26.64 -55.68 -53.60
CA THR C 117 25.21 -55.61 -53.81
C THR C 117 24.73 -57.01 -54.19
N LEU C 118 23.71 -57.50 -53.49
CA LEU C 118 23.27 -58.87 -53.68
C LEU C 118 22.45 -59.05 -54.94
N GLU C 119 21.84 -58.00 -55.47
CA GLU C 119 20.89 -58.10 -56.56
C GLU C 119 21.54 -58.29 -57.92
N GLU C 120 22.86 -58.44 -58.00
CA GLU C 120 23.50 -58.75 -59.26
C GLU C 120 23.28 -60.21 -59.61
N SER C 121 23.74 -61.12 -58.76
CA SER C 121 23.66 -62.55 -59.05
C SER C 121 22.76 -63.30 -58.08
N PHE C 122 22.18 -62.63 -57.09
CA PHE C 122 21.26 -63.25 -56.14
C PHE C 122 19.99 -62.41 -56.08
N PRO C 123 19.05 -62.65 -56.99
CA PRO C 123 17.82 -61.87 -56.97
C PRO C 123 16.91 -62.21 -55.82
N PHE C 124 17.07 -63.39 -55.21
CA PHE C 124 16.22 -63.75 -54.08
C PHE C 124 16.59 -62.97 -52.83
N PHE C 125 17.86 -62.59 -52.70
CA PHE C 125 18.31 -61.87 -51.52
C PHE C 125 18.54 -60.39 -51.79
N GLY C 126 18.30 -59.92 -52.99
CA GLY C 126 18.44 -58.51 -53.28
C GLY C 126 17.15 -57.75 -53.05
N TYR C 127 17.29 -56.46 -52.80
CA TYR C 127 16.13 -55.62 -52.50
C TYR C 127 16.47 -54.19 -52.89
N ASP C 128 15.46 -53.33 -52.84
CA ASP C 128 15.63 -51.96 -53.26
C ASP C 128 15.46 -50.95 -52.12
N TRP C 129 14.87 -51.40 -51.00
CA TRP C 129 14.31 -50.68 -49.85
C TRP C 129 13.01 -49.96 -50.18
N ARG C 130 12.63 -49.92 -51.45
CA ARG C 130 11.40 -49.31 -51.89
C ARG C 130 10.43 -50.33 -52.43
N ASP C 131 10.91 -51.54 -52.69
CA ASP C 131 10.06 -52.64 -53.10
C ASP C 131 9.20 -53.02 -51.91
N LYS C 132 7.95 -52.55 -51.92
CA LYS C 132 7.04 -52.81 -50.82
C LYS C 132 6.71 -54.28 -50.70
N ASN C 133 6.73 -55.00 -51.82
CA ASN C 133 6.52 -56.45 -51.75
C ASN C 133 7.70 -57.12 -51.08
N LYS C 134 8.92 -56.86 -51.56
CA LYS C 134 10.09 -57.59 -51.12
C LYS C 134 10.45 -57.27 -49.67
N MET C 135 10.15 -56.06 -49.22
CA MET C 135 10.41 -55.77 -47.82
C MET C 135 9.39 -56.43 -46.90
N THR C 136 8.15 -56.63 -47.37
CA THR C 136 7.22 -57.42 -46.58
C THR C 136 7.56 -58.89 -46.60
N THR C 137 8.16 -59.39 -47.69
CA THR C 137 8.53 -60.80 -47.68
C THR C 137 9.62 -61.07 -46.66
N ILE C 138 10.49 -60.11 -46.42
CA ILE C 138 11.53 -60.31 -45.41
C ILE C 138 10.95 -60.16 -44.01
N LEU C 139 9.92 -59.32 -43.84
CA LEU C 139 9.08 -59.36 -42.66
C LEU C 139 8.49 -60.73 -42.46
N GLY C 140 7.77 -61.19 -43.49
CA GLY C 140 6.98 -62.39 -43.36
C GLY C 140 7.83 -63.64 -43.20
N ILE C 141 9.06 -63.61 -43.67
CA ILE C 141 9.99 -64.65 -43.28
C ILE C 141 10.29 -64.55 -41.80
N HIS C 142 10.69 -63.37 -41.34
CA HIS C 142 11.18 -63.22 -39.97
C HIS C 142 10.08 -63.33 -38.95
N LEU C 143 8.84 -63.06 -39.32
CA LEU C 143 7.72 -63.31 -38.41
C LEU C 143 7.51 -64.79 -38.19
N CYS C 144 7.74 -65.62 -39.21
CA CYS C 144 7.61 -67.06 -39.04
C CYS C 144 8.68 -67.60 -38.11
N LEU C 145 9.88 -67.04 -38.18
CA LEU C 145 10.94 -67.54 -37.33
C LEU C 145 10.78 -67.08 -35.89
N LEU C 146 10.19 -65.90 -35.68
CA LEU C 146 9.81 -65.51 -34.33
C LEU C 146 8.62 -66.33 -33.85
N GLY C 147 7.75 -66.73 -34.76
CA GLY C 147 6.65 -67.61 -34.44
C GLY C 147 7.13 -68.98 -34.03
N LEU C 148 8.00 -69.58 -34.85
CA LEU C 148 8.56 -70.88 -34.51
C LEU C 148 9.45 -70.81 -33.28
N GLY C 149 10.01 -69.63 -32.98
CA GLY C 149 10.76 -69.49 -31.75
C GLY C 149 9.88 -69.45 -30.53
N SER C 150 8.63 -69.04 -30.69
CA SER C 150 7.73 -68.96 -29.54
C SER C 150 7.10 -70.30 -29.21
N PHE C 151 6.79 -71.10 -30.24
CA PHE C 151 6.36 -72.47 -29.98
C PHE C 151 7.49 -73.31 -29.42
N LEU C 152 8.73 -72.92 -29.72
CA LEU C 152 9.89 -73.65 -29.22
C LEU C 152 9.97 -73.55 -27.70
N LEU C 153 9.43 -72.48 -27.13
CA LEU C 153 9.23 -72.43 -25.69
C LEU C 153 8.05 -73.28 -25.27
N VAL C 154 6.99 -73.29 -26.07
CA VAL C 154 5.80 -74.05 -25.77
C VAL C 154 6.10 -75.56 -25.85
N ILE C 155 7.04 -75.94 -26.72
CA ILE C 155 7.57 -77.29 -26.69
C ILE C 155 8.40 -77.52 -25.44
N LYS C 156 9.11 -76.49 -24.97
CA LYS C 156 9.96 -76.65 -23.79
C LYS C 156 9.13 -76.84 -22.52
N ALA C 157 8.04 -76.10 -22.38
CA ALA C 157 7.25 -76.21 -21.16
C ALA C 157 6.37 -77.43 -21.14
N MET C 158 5.68 -77.70 -22.24
CA MET C 158 4.75 -78.81 -22.26
C MET C 158 5.47 -80.15 -22.30
N TYR C 159 6.49 -80.27 -23.14
CA TYR C 159 6.97 -81.57 -23.56
C TYR C 159 8.39 -81.85 -23.10
N LEU C 160 9.33 -80.95 -23.37
CA LEU C 160 10.75 -81.22 -23.16
C LEU C 160 11.20 -80.65 -21.81
N GLY C 161 11.05 -81.44 -20.76
CA GLY C 161 11.68 -81.11 -19.49
C GLY C 161 10.96 -80.08 -18.65
N GLY C 162 9.95 -79.40 -19.17
CA GLY C 162 9.18 -78.49 -18.35
C GLY C 162 9.92 -77.18 -18.07
N VAL C 163 9.23 -76.29 -17.35
CA VAL C 163 9.69 -74.93 -17.11
C VAL C 163 9.42 -74.59 -15.65
N TYR C 164 10.40 -73.96 -15.00
CA TYR C 164 10.34 -73.64 -13.57
C TYR C 164 9.18 -72.71 -13.22
N ASP C 165 8.54 -73.00 -12.09
CA ASP C 165 7.34 -72.29 -11.64
C ASP C 165 7.49 -72.04 -10.15
N THR C 166 7.26 -70.80 -9.72
CA THR C 166 7.21 -70.51 -8.29
C THR C 166 5.84 -70.69 -7.71
N TRP C 167 4.81 -70.52 -8.52
CA TRP C 167 3.45 -70.83 -8.13
C TRP C 167 3.17 -72.32 -8.22
N ALA C 168 4.19 -73.11 -8.50
CA ALA C 168 4.07 -74.55 -8.57
C ALA C 168 3.58 -75.08 -7.22
N PRO C 169 2.69 -76.06 -7.24
CA PRO C 169 1.97 -76.45 -6.03
C PRO C 169 2.89 -77.16 -5.04
N GLY C 170 2.88 -76.69 -3.81
CA GLY C 170 3.72 -77.29 -2.80
C GLY C 170 5.19 -76.97 -2.93
N GLY C 171 5.53 -75.84 -3.51
CA GLY C 171 6.92 -75.45 -3.62
C GLY C 171 7.29 -75.08 -5.04
N GLY C 172 8.30 -74.22 -5.15
CA GLY C 172 8.82 -73.87 -6.46
C GLY C 172 9.59 -75.04 -7.05
N ASP C 173 9.29 -75.39 -8.29
CA ASP C 173 9.91 -76.54 -8.92
C ASP C 173 9.74 -76.40 -10.43
N VAL C 174 10.61 -77.10 -11.15
CA VAL C 174 10.40 -77.34 -12.57
C VAL C 174 9.23 -78.28 -12.75
N ARG C 175 8.23 -77.86 -13.51
CA ARG C 175 7.06 -78.68 -13.74
C ARG C 175 6.69 -78.54 -15.20
N TYR C 176 5.88 -79.48 -15.68
CA TYR C 176 5.33 -79.37 -17.01
C TYR C 176 4.04 -78.58 -16.97
N ILE C 177 3.93 -77.61 -17.86
CA ILE C 177 2.71 -76.83 -18.02
C ILE C 177 1.78 -77.69 -18.87
N THR C 178 0.93 -78.48 -18.21
CA THR C 178 0.08 -79.40 -18.94
C THR C 178 -1.09 -78.69 -19.59
N THR C 179 -1.72 -77.77 -18.87
CA THR C 179 -2.89 -77.06 -19.37
C THR C 179 -2.64 -75.56 -19.30
N PRO C 180 -2.10 -74.96 -20.36
CA PRO C 180 -2.07 -73.51 -20.43
C PRO C 180 -3.45 -72.97 -20.77
N THR C 181 -3.59 -71.66 -20.61
CA THR C 181 -4.86 -71.00 -20.82
C THR C 181 -4.85 -70.36 -22.20
N LEU C 182 -5.63 -70.92 -23.12
CA LEU C 182 -5.81 -70.30 -24.43
C LEU C 182 -7.16 -69.61 -24.57
N ASN C 183 -7.68 -69.00 -23.54
CA ASN C 183 -8.83 -68.16 -23.78
C ASN C 183 -8.33 -66.78 -24.16
N PRO C 184 -8.68 -66.26 -25.34
CA PRO C 184 -8.17 -64.95 -25.75
C PRO C 184 -8.66 -63.80 -24.91
N ILE C 185 -9.76 -63.93 -24.18
CA ILE C 185 -10.15 -62.82 -23.33
C ILE C 185 -9.27 -62.77 -22.10
N VAL C 186 -8.80 -63.93 -21.65
CA VAL C 186 -7.76 -63.94 -20.63
C VAL C 186 -6.45 -63.42 -21.21
N ILE C 187 -6.08 -63.91 -22.39
CA ILE C 187 -4.76 -63.60 -22.95
C ILE C 187 -4.69 -62.16 -23.44
N PHE C 188 -5.62 -61.76 -24.29
CA PHE C 188 -5.61 -60.39 -24.75
C PHE C 188 -6.18 -59.41 -23.75
N GLY C 189 -6.71 -59.90 -22.63
CA GLY C 189 -7.04 -59.02 -21.53
C GLY C 189 -5.86 -58.56 -20.72
N TYR C 190 -4.67 -59.07 -21.01
CA TYR C 190 -3.46 -58.45 -20.49
C TYR C 190 -3.04 -57.27 -21.35
N VAL C 191 -3.17 -57.40 -22.67
CA VAL C 191 -2.71 -56.36 -23.57
C VAL C 191 -3.65 -55.16 -23.53
N PHE C 192 -4.92 -55.38 -23.28
CA PHE C 192 -5.87 -54.28 -23.29
C PHE C 192 -6.17 -53.78 -21.89
N ARG C 193 -5.46 -54.32 -20.91
CA ARG C 193 -5.47 -53.85 -19.53
C ARG C 193 -4.80 -52.47 -19.45
N SER C 194 -5.03 -51.76 -18.36
CA SER C 194 -4.32 -50.50 -18.14
C SER C 194 -2.88 -50.76 -17.74
N PRO C 195 -1.98 -49.80 -17.98
CA PRO C 195 -0.62 -49.95 -17.46
C PRO C 195 -0.42 -49.40 -16.08
N PHE C 196 -1.44 -48.86 -15.44
CA PHE C 196 -1.26 -48.23 -14.13
C PHE C 196 -1.41 -49.27 -13.04
N GLY C 197 -1.59 -48.79 -11.81
CA GLY C 197 -1.50 -49.60 -10.59
C GLY C 197 -2.37 -50.82 -10.46
N GLY C 198 -1.72 -51.97 -10.28
CA GLY C 198 -2.39 -53.21 -10.04
C GLY C 198 -2.98 -53.87 -11.28
N ASP C 199 -3.35 -53.08 -12.27
CA ASP C 199 -3.51 -53.62 -13.60
C ASP C 199 -2.17 -54.13 -14.11
N GLY C 200 -1.23 -53.24 -14.36
CA GLY C 200 0.13 -53.65 -14.64
C GLY C 200 0.36 -54.36 -15.97
N TRP C 201 0.32 -53.63 -17.08
CA TRP C 201 -0.26 -53.99 -18.39
C TRP C 201 0.00 -55.45 -18.77
N VAL C 202 1.21 -55.84 -19.14
CA VAL C 202 1.53 -57.25 -19.34
C VAL C 202 2.63 -57.68 -18.41
N VAL C 203 3.08 -56.79 -17.54
CA VAL C 203 4.04 -57.10 -16.49
C VAL C 203 3.41 -57.99 -15.44
N SER C 204 2.08 -57.93 -15.32
CA SER C 204 1.36 -58.64 -14.27
C SER C 204 0.81 -59.97 -14.74
N VAL C 205 1.54 -60.71 -15.56
CA VAL C 205 1.08 -62.06 -15.86
C VAL C 205 1.25 -62.91 -14.61
N ASN C 206 0.16 -63.52 -14.16
CA ASN C 206 0.10 -64.01 -12.80
C ASN C 206 0.77 -65.38 -12.65
N ASN C 207 0.39 -66.33 -13.49
CA ASN C 207 0.89 -67.69 -13.35
C ASN C 207 1.65 -68.07 -14.61
N MET C 208 2.14 -69.30 -14.64
CA MET C 208 2.83 -69.75 -15.83
C MET C 208 1.88 -70.25 -16.91
N GLU C 209 0.64 -70.59 -16.54
CA GLU C 209 -0.30 -71.12 -17.51
C GLU C 209 -0.79 -70.03 -18.44
N ASP C 210 -0.67 -68.77 -18.05
CA ASP C 210 -0.92 -67.66 -18.95
C ASP C 210 0.33 -67.27 -19.71
N VAL C 211 1.50 -67.59 -19.18
CA VAL C 211 2.73 -67.35 -19.91
C VAL C 211 2.85 -68.31 -21.08
N ILE C 212 2.61 -69.60 -20.82
CA ILE C 212 2.72 -70.61 -21.87
C ILE C 212 1.54 -70.49 -22.81
N GLY C 213 0.38 -70.14 -22.28
CA GLY C 213 -0.76 -69.89 -23.14
C GLY C 213 -0.54 -68.71 -24.04
N GLY C 214 0.06 -67.64 -23.51
CA GLY C 214 0.28 -66.45 -24.30
C GLY C 214 1.31 -66.61 -25.40
N HIS C 215 2.18 -67.61 -25.28
CA HIS C 215 3.13 -67.87 -26.35
C HIS C 215 2.57 -68.74 -27.45
N ILE C 216 1.48 -69.45 -27.18
CA ILE C 216 0.74 -70.05 -28.28
C ILE C 216 0.14 -68.95 -29.15
N TRP C 217 -0.40 -67.90 -28.51
CA TRP C 217 -1.06 -66.84 -29.26
C TRP C 217 -0.06 -66.01 -30.06
N VAL C 218 1.05 -65.64 -29.44
CA VAL C 218 2.11 -64.94 -30.17
C VAL C 218 2.66 -65.84 -31.27
N GLY C 219 2.73 -67.14 -31.01
CA GLY C 219 3.17 -68.07 -32.03
C GLY C 219 2.19 -68.21 -33.17
N ILE C 220 0.88 -68.24 -32.87
CA ILE C 220 -0.12 -68.34 -33.93
C ILE C 220 -0.14 -67.05 -34.76
N LEU C 221 -0.11 -65.91 -34.08
CA LEU C 221 -0.21 -64.63 -34.78
C LEU C 221 1.02 -64.35 -35.63
N CYS C 222 2.20 -64.72 -35.14
CA CYS C 222 3.41 -64.44 -35.90
C CYS C 222 3.55 -65.34 -37.12
N ILE C 223 2.94 -66.52 -37.13
CA ILE C 223 3.00 -67.34 -38.32
C ILE C 223 1.92 -66.93 -39.31
N VAL C 224 0.70 -66.72 -38.82
CA VAL C 224 -0.37 -66.21 -39.68
C VAL C 224 -0.02 -64.82 -40.21
N GLY C 225 0.63 -64.01 -39.38
CA GLY C 225 1.20 -62.77 -39.89
C GLY C 225 2.38 -63.02 -40.81
N GLY C 226 3.13 -64.09 -40.57
CA GLY C 226 4.27 -64.37 -41.40
C GLY C 226 3.89 -64.84 -42.79
N ILE C 227 2.82 -65.61 -42.88
CA ILE C 227 2.31 -65.98 -44.19
C ILE C 227 1.55 -64.82 -44.82
N TRP C 228 1.10 -63.86 -44.01
CA TRP C 228 0.37 -62.71 -44.54
C TRP C 228 1.27 -61.80 -45.36
N HIS C 229 2.50 -61.57 -44.91
CA HIS C 229 3.30 -60.56 -45.56
C HIS C 229 4.15 -61.09 -46.70
N ILE C 230 4.34 -62.39 -46.80
CA ILE C 230 5.02 -62.90 -47.98
C ILE C 230 4.13 -62.77 -49.20
N PHE C 231 2.82 -62.73 -48.98
CA PHE C 231 1.88 -62.71 -50.08
C PHE C 231 0.93 -61.54 -50.05
N THR C 232 1.31 -60.43 -49.43
CA THR C 232 0.62 -59.18 -49.64
C THR C 232 1.62 -58.07 -49.93
N LYS C 233 1.18 -57.16 -50.77
CA LYS C 233 1.72 -55.83 -50.89
C LYS C 233 0.89 -54.93 -50.00
N PRO C 234 1.49 -53.99 -49.27
CA PRO C 234 0.74 -53.22 -48.27
C PRO C 234 -0.36 -52.36 -48.89
N PHE C 235 -1.43 -52.18 -48.11
CA PHE C 235 -2.67 -51.62 -48.62
C PHE C 235 -2.50 -50.13 -48.89
N ALA C 236 -3.55 -49.55 -49.47
CA ALA C 236 -3.46 -48.16 -49.93
C ALA C 236 -3.38 -47.20 -48.76
N TRP C 237 -4.02 -47.54 -47.64
CA TRP C 237 -3.95 -46.67 -46.48
C TRP C 237 -2.58 -46.73 -45.82
N ALA C 238 -1.93 -47.88 -45.90
CA ALA C 238 -0.57 -48.01 -45.39
C ALA C 238 0.47 -47.64 -46.43
N ARG C 239 0.07 -47.46 -47.68
CA ARG C 239 1.04 -47.08 -48.70
C ARG C 239 1.42 -45.63 -48.55
N ARG C 240 0.44 -44.76 -48.32
CA ARG C 240 0.66 -43.33 -48.28
C ARG C 240 0.90 -42.80 -46.89
N ALA C 241 1.07 -43.67 -45.91
CA ALA C 241 1.29 -43.24 -44.54
C ALA C 241 2.74 -43.39 -44.09
N PHE C 242 3.49 -44.28 -44.70
CA PHE C 242 4.81 -44.62 -44.23
C PHE C 242 5.87 -44.10 -45.18
N VAL C 243 7.03 -43.82 -44.63
CA VAL C 243 8.19 -43.51 -45.45
C VAL C 243 8.82 -44.83 -45.89
N TRP C 244 8.75 -45.12 -47.18
CA TRP C 244 9.20 -46.39 -47.73
C TRP C 244 10.63 -46.19 -48.21
N SER C 245 11.57 -46.27 -47.29
CA SER C 245 12.96 -45.96 -47.59
C SER C 245 13.85 -46.77 -46.67
N GLY C 246 15.14 -46.47 -46.72
CA GLY C 246 16.11 -47.28 -46.05
C GLY C 246 16.16 -47.05 -44.56
N GLU C 247 16.38 -45.80 -44.20
CA GLU C 247 16.55 -45.42 -42.81
C GLU C 247 15.23 -45.42 -42.06
N ALA C 248 14.12 -45.32 -42.76
CA ALA C 248 12.83 -45.24 -42.08
C ALA C 248 12.43 -46.56 -41.47
N TYR C 249 12.84 -47.67 -42.07
CA TYR C 249 12.49 -48.96 -41.49
C TYR C 249 13.32 -49.22 -40.26
N LEU C 250 14.55 -48.72 -40.26
CA LEU C 250 15.35 -48.72 -39.05
C LEU C 250 14.67 -47.94 -37.97
N SER C 251 14.16 -46.76 -38.33
CA SER C 251 13.43 -45.89 -37.40
C SER C 251 12.23 -46.60 -36.81
N TYR C 252 11.46 -47.27 -37.66
CA TYR C 252 10.22 -47.93 -37.25
C TYR C 252 10.48 -49.03 -36.25
N SER C 253 11.63 -49.68 -36.35
CA SER C 253 11.99 -50.71 -35.40
C SER C 253 12.65 -50.15 -34.16
N LEU C 254 13.26 -48.98 -34.24
CA LEU C 254 13.86 -48.36 -33.05
C LEU C 254 12.78 -47.92 -32.08
N ALA C 255 11.61 -47.56 -32.58
CA ALA C 255 10.49 -47.26 -31.70
C ALA C 255 10.00 -48.51 -31.01
N ALA C 256 9.90 -49.60 -31.76
CA ALA C 256 9.33 -50.81 -31.19
C ALA C 256 10.33 -51.51 -30.29
N ILE C 257 11.62 -51.46 -30.62
CA ILE C 257 12.60 -52.06 -29.73
C ILE C 257 12.80 -51.18 -28.50
N SER C 258 12.45 -49.90 -28.56
CA SER C 258 12.50 -49.09 -27.34
C SER C 258 11.27 -49.31 -26.49
N LEU C 259 10.14 -49.66 -27.12
CA LEU C 259 8.97 -50.03 -26.34
C LEU C 259 9.21 -51.34 -25.62
N MET C 260 9.85 -52.30 -26.31
CA MET C 260 10.09 -53.60 -25.72
C MET C 260 11.09 -53.53 -24.59
N GLY C 261 12.02 -52.59 -24.65
CA GLY C 261 12.98 -52.45 -23.58
C GLY C 261 12.41 -51.81 -22.33
N PHE C 262 11.42 -50.93 -22.49
CA PHE C 262 10.74 -50.37 -21.33
C PHE C 262 9.92 -51.43 -20.62
N THR C 263 9.27 -52.31 -21.37
CA THR C 263 8.49 -53.37 -20.75
C THR C 263 9.40 -54.40 -20.10
N ALA C 264 10.42 -54.84 -20.82
CA ALA C 264 11.35 -55.82 -20.25
C ALA C 264 12.22 -55.24 -19.16
N ALA C 265 12.28 -53.92 -19.04
CA ALA C 265 12.77 -53.35 -17.80
C ALA C 265 11.83 -53.67 -16.66
N LEU C 266 10.53 -53.54 -16.89
CA LEU C 266 9.58 -53.55 -15.79
C LEU C 266 9.13 -54.94 -15.40
N TYR C 267 9.25 -55.93 -16.28
CA TYR C 267 9.16 -57.32 -15.83
C TYR C 267 10.24 -57.59 -14.80
N SER C 268 11.42 -57.08 -15.04
CA SER C 268 12.53 -57.21 -14.11
C SER C 268 12.52 -56.15 -13.07
N TRP C 269 11.35 -55.66 -12.69
CA TRP C 269 11.17 -54.94 -11.45
C TRP C 269 9.96 -55.43 -10.68
N TYR C 270 8.88 -55.78 -11.36
CA TYR C 270 7.63 -56.06 -10.68
C TYR C 270 7.24 -57.52 -10.71
N ASN C 271 7.66 -58.27 -11.71
CA ASN C 271 7.13 -59.60 -11.93
C ASN C 271 7.74 -60.60 -10.95
N ASN C 272 6.88 -61.43 -10.37
CA ASN C 272 7.26 -62.58 -9.55
C ASN C 272 7.26 -63.87 -10.32
N THR C 273 6.55 -63.92 -11.44
CA THR C 273 6.18 -65.18 -12.07
C THR C 273 7.19 -65.61 -13.14
N ALA C 274 7.36 -64.81 -14.18
CA ALA C 274 8.38 -65.15 -15.16
C ALA C 274 9.76 -64.86 -14.63
N TYR C 275 9.89 -63.89 -13.72
CA TYR C 275 11.15 -63.53 -13.08
C TYR C 275 11.01 -63.80 -11.60
N PRO C 276 11.37 -64.99 -11.16
CA PRO C 276 11.16 -65.41 -9.77
C PRO C 276 12.04 -64.66 -8.79
N SER C 277 11.66 -64.76 -7.52
CA SER C 277 12.30 -63.98 -6.48
C SER C 277 13.41 -64.71 -5.78
N GLU C 278 13.51 -66.02 -5.94
CA GLU C 278 14.60 -66.78 -5.38
C GLU C 278 15.71 -66.99 -6.39
N LEU C 279 15.54 -66.45 -7.58
CA LEU C 279 16.60 -66.42 -8.57
C LEU C 279 17.07 -65.00 -8.83
N TYR C 280 16.13 -64.08 -9.03
CA TYR C 280 16.47 -62.70 -9.29
C TYR C 280 16.49 -61.83 -8.05
N GLY C 281 16.21 -62.38 -6.88
CA GLY C 281 16.07 -61.56 -5.69
C GLY C 281 14.66 -61.05 -5.58
N PRO C 282 14.30 -60.51 -4.43
CA PRO C 282 12.93 -60.01 -4.25
C PRO C 282 12.68 -58.76 -5.06
N THR C 283 11.40 -58.48 -5.29
CA THR C 283 11.04 -57.32 -6.09
C THR C 283 11.22 -56.05 -5.29
N GLY C 284 10.89 -54.93 -5.90
CA GLY C 284 10.63 -53.71 -5.19
C GLY C 284 9.55 -53.85 -4.15
N PRO C 285 8.35 -54.29 -4.56
CA PRO C 285 7.30 -54.52 -3.54
C PRO C 285 7.59 -55.63 -2.55
N GLU C 286 8.27 -56.71 -2.95
CA GLU C 286 8.41 -57.87 -2.07
C GLU C 286 9.33 -57.62 -0.90
N ALA C 287 10.30 -56.72 -1.06
CA ALA C 287 11.19 -56.43 0.04
C ALA C 287 10.46 -55.67 1.14
N SER C 288 9.60 -54.74 0.77
CA SER C 288 8.92 -53.93 1.77
C SER C 288 7.75 -54.67 2.39
N GLN C 289 7.10 -55.55 1.64
CA GLN C 289 6.08 -56.40 2.24
C GLN C 289 6.69 -57.42 3.17
N ALA C 290 7.93 -57.85 2.87
CA ALA C 290 8.60 -58.78 3.77
C ALA C 290 9.03 -58.09 5.04
N GLN C 291 9.24 -56.79 5.00
CA GLN C 291 9.64 -56.06 6.20
C GLN C 291 8.48 -55.91 7.16
N ALA C 292 7.30 -55.57 6.63
CA ALA C 292 6.13 -55.48 7.48
C ALA C 292 5.66 -56.86 7.93
N PHE C 293 6.04 -57.90 7.20
CA PHE C 293 5.70 -59.25 7.62
C PHE C 293 6.66 -59.75 8.69
N THR C 294 7.94 -59.38 8.61
CA THR C 294 8.92 -59.92 9.55
C THR C 294 8.72 -59.36 10.95
N PHE C 295 8.44 -58.07 11.07
CA PHE C 295 8.19 -57.52 12.38
C PHE C 295 6.78 -57.72 12.85
N LEU C 296 5.86 -58.10 11.96
CA LEU C 296 4.59 -58.63 12.41
C LEU C 296 4.80 -59.91 13.19
N VAL C 297 5.67 -60.78 12.69
CA VAL C 297 5.87 -62.10 13.27
C VAL C 297 6.51 -61.97 14.64
N ARG C 298 7.66 -61.30 14.69
CA ARG C 298 8.44 -61.28 15.91
C ARG C 298 7.87 -60.35 16.96
N ASP C 299 6.86 -59.56 16.63
CA ASP C 299 6.12 -58.88 17.68
C ASP C 299 4.90 -59.66 18.08
N GLN C 300 4.42 -60.57 17.24
CA GLN C 300 3.37 -61.48 17.68
C GLN C 300 3.93 -62.60 18.54
N ARG C 301 5.18 -63.02 18.27
CA ARG C 301 5.86 -63.95 19.16
C ARG C 301 6.06 -63.38 20.54
N LEU C 302 6.14 -62.06 20.65
CA LEU C 302 6.13 -61.36 21.91
C LEU C 302 4.73 -61.01 22.37
N GLY C 303 3.70 -61.54 21.69
CA GLY C 303 2.34 -61.39 22.14
C GLY C 303 1.72 -60.03 21.91
N ALA C 304 1.85 -59.49 20.70
CA ALA C 304 1.11 -58.31 20.33
C ALA C 304 -0.22 -58.69 19.74
N ASN C 305 -1.24 -57.92 20.09
CA ASN C 305 -2.54 -58.06 19.44
C ASN C 305 -2.43 -57.35 18.10
N VAL C 306 -1.88 -58.06 17.12
CA VAL C 306 -1.85 -57.62 15.73
C VAL C 306 -3.29 -57.44 15.25
N SER C 307 -3.50 -56.39 14.46
CA SER C 307 -4.73 -55.80 13.93
C SER C 307 -5.46 -54.99 14.98
N SER C 308 -4.94 -54.87 16.19
CA SER C 308 -5.50 -53.95 17.17
C SER C 308 -4.50 -52.94 17.67
N ALA C 309 -3.25 -53.00 17.20
CA ALA C 309 -2.25 -52.00 17.50
C ALA C 309 -2.38 -50.86 16.51
N GLN C 310 -2.20 -49.63 16.98
CA GLN C 310 -2.55 -48.48 16.15
C GLN C 310 -1.37 -47.94 15.37
N GLY C 311 -0.24 -47.75 16.03
CA GLY C 311 0.83 -47.01 15.44
C GLY C 311 0.65 -45.55 15.75
N PRO C 312 1.63 -44.72 15.36
CA PRO C 312 1.50 -43.27 15.59
C PRO C 312 0.37 -42.68 14.81
N THR C 313 0.10 -43.21 13.64
CA THR C 313 -0.86 -42.58 12.79
C THR C 313 -2.30 -42.86 13.21
N GLY C 314 -2.53 -43.92 13.97
CA GLY C 314 -3.89 -44.34 14.21
C GLY C 314 -4.50 -45.14 13.09
N LEU C 315 -3.68 -45.57 12.13
CA LEU C 315 -4.17 -46.24 10.94
C LEU C 315 -3.81 -47.72 10.89
N GLY C 316 -2.83 -48.15 11.66
CA GLY C 316 -2.46 -49.55 11.65
C GLY C 316 -0.98 -49.78 11.54
N LYS C 317 -0.42 -50.41 12.55
CA LYS C 317 1.02 -50.62 12.57
C LYS C 317 1.39 -51.88 11.81
N TYR C 318 0.55 -52.91 11.90
CA TYR C 318 0.86 -54.18 11.26
C TYR C 318 -0.12 -54.51 10.14
N LEU C 319 -1.40 -54.60 10.47
CA LEU C 319 -2.43 -54.82 9.46
C LEU C 319 -3.23 -53.54 9.29
N MET C 320 -3.82 -53.40 8.12
CA MET C 320 -4.48 -52.16 7.73
C MET C 320 -5.35 -52.51 6.53
N ARG C 321 -6.34 -51.67 6.27
CA ARG C 321 -7.32 -51.94 5.23
C ARG C 321 -6.90 -51.23 3.95
N SER C 322 -6.95 -51.96 2.83
CA SER C 322 -6.51 -51.41 1.55
C SER C 322 -7.57 -50.45 1.01
N PRO C 323 -7.24 -49.65 0.01
CA PRO C 323 -8.25 -48.73 -0.57
C PRO C 323 -9.37 -49.39 -1.34
N SER C 324 -9.34 -50.69 -1.55
CA SER C 324 -10.50 -51.41 -2.02
C SER C 324 -11.19 -52.13 -0.89
N GLY C 325 -10.59 -52.15 0.28
CA GLY C 325 -11.19 -52.74 1.46
C GLY C 325 -10.50 -53.95 2.02
N GLU C 326 -9.35 -54.32 1.49
CA GLU C 326 -8.71 -55.58 1.84
C GLU C 326 -7.71 -55.39 2.96
N ILE C 327 -7.56 -56.42 3.78
CA ILE C 327 -6.62 -56.36 4.89
C ILE C 327 -5.21 -56.53 4.34
N ILE C 328 -4.38 -55.50 4.47
CA ILE C 328 -3.04 -55.52 3.94
C ILE C 328 -2.06 -55.20 5.06
N PHE C 329 -0.77 -55.29 4.75
CA PHE C 329 0.25 -54.94 5.72
C PHE C 329 0.31 -53.44 5.91
N GLY C 330 0.38 -53.02 7.16
CA GLY C 330 0.43 -51.62 7.47
C GLY C 330 1.82 -51.06 7.32
N GLY C 331 1.94 -49.78 7.59
CA GLY C 331 3.18 -49.09 7.36
C GLY C 331 3.17 -48.43 6.01
N GLU C 332 4.36 -48.03 5.58
CA GLU C 332 4.47 -47.34 4.29
C GLU C 332 4.25 -48.29 3.13
N THR C 333 4.28 -49.60 3.37
CA THR C 333 3.97 -50.57 2.34
C THR C 333 2.48 -50.64 2.00
N MET C 334 1.71 -49.63 2.41
CA MET C 334 0.37 -49.36 1.92
C MET C 334 0.29 -49.02 0.44
N ARG C 335 1.42 -48.89 -0.24
CA ARG C 335 1.39 -48.66 -1.68
C ARG C 335 1.68 -49.91 -2.47
N PHE C 336 2.31 -50.92 -1.87
CA PHE C 336 2.69 -52.12 -2.58
C PHE C 336 1.75 -53.27 -2.30
N TRP C 337 0.48 -52.98 -2.09
CA TRP C 337 -0.46 -54.01 -1.67
C TRP C 337 -1.08 -54.73 -2.86
N ASP C 338 -0.73 -54.31 -4.07
CA ASP C 338 -1.07 -55.06 -5.27
C ASP C 338 -0.20 -56.27 -5.47
N LEU C 339 0.70 -56.54 -4.53
CA LEU C 339 1.61 -57.65 -4.61
C LEU C 339 0.88 -58.98 -4.54
N ARG C 340 1.42 -59.96 -5.26
CA ARG C 340 1.02 -61.35 -5.16
C ARG C 340 2.28 -62.18 -5.25
N ALA C 341 2.75 -62.73 -4.13
CA ALA C 341 3.97 -63.51 -4.09
C ALA C 341 3.68 -64.88 -3.50
N PRO C 342 4.43 -65.92 -3.89
CA PRO C 342 4.09 -67.27 -3.41
C PRO C 342 4.43 -67.53 -1.95
N TRP C 343 4.92 -66.55 -1.20
CA TRP C 343 5.00 -66.72 0.24
C TRP C 343 3.99 -65.88 0.99
N VAL C 344 3.41 -64.88 0.35
CA VAL C 344 2.35 -64.11 0.98
C VAL C 344 1.02 -64.79 0.80
N GLU C 345 0.76 -65.26 -0.41
CA GLU C 345 -0.55 -65.82 -0.75
C GLU C 345 -1.03 -67.05 0.03
N PRO C 346 -0.19 -67.89 0.71
CA PRO C 346 -0.80 -68.84 1.65
C PRO C 346 -1.57 -68.23 2.82
N LEU C 347 -1.41 -66.94 3.06
CA LEU C 347 -2.13 -66.25 4.12
C LEU C 347 -3.26 -65.38 3.61
N ARG C 348 -3.45 -65.28 2.30
CA ARG C 348 -4.53 -64.48 1.76
C ARG C 348 -5.82 -65.25 1.82
N GLY C 349 -6.89 -64.58 2.21
CA GLY C 349 -8.20 -65.18 2.19
C GLY C 349 -8.92 -64.83 0.92
N PRO C 350 -10.26 -64.78 0.96
CA PRO C 350 -10.98 -64.19 -0.16
C PRO C 350 -11.01 -62.68 -0.07
N ASN C 351 -10.93 -62.10 1.12
CA ASN C 351 -10.53 -60.70 1.25
C ASN C 351 -9.22 -60.67 2.03
N GLY C 352 -8.36 -59.74 1.65
CA GLY C 352 -7.06 -59.34 2.17
C GLY C 352 -6.23 -60.50 2.68
N LEU C 353 -5.63 -60.29 3.84
CA LEU C 353 -5.04 -61.37 4.61
C LEU C 353 -6.11 -61.94 5.55
N ASP C 354 -6.10 -63.26 5.72
CA ASP C 354 -7.12 -63.94 6.50
C ASP C 354 -6.59 -64.17 7.90
N ILE C 355 -7.21 -63.54 8.89
CA ILE C 355 -6.53 -63.10 10.11
C ILE C 355 -6.15 -64.30 10.98
N ASN C 356 -7.04 -65.29 11.09
CA ASN C 356 -6.72 -66.42 11.97
C ASN C 356 -5.68 -67.37 11.36
N LYS C 357 -5.34 -67.20 10.09
CA LYS C 357 -4.19 -67.90 9.53
C LYS C 357 -2.89 -67.23 9.92
N ILE C 358 -2.90 -65.91 10.06
CA ILE C 358 -1.71 -65.20 10.56
C ILE C 358 -1.45 -65.62 12.01
N LYS C 359 -2.51 -65.77 12.79
CA LYS C 359 -2.33 -66.11 14.19
C LYS C 359 -1.95 -67.56 14.37
N ASN C 360 -2.71 -68.47 13.78
CA ASN C 360 -2.49 -69.89 14.04
C ASN C 360 -1.48 -70.50 13.07
N ASP C 361 -1.79 -70.49 11.77
CA ASP C 361 -1.11 -71.34 10.82
C ASP C 361 0.02 -70.66 10.07
N ILE C 362 0.71 -69.70 10.67
CA ILE C 362 1.86 -69.12 10.01
C ILE C 362 3.03 -70.10 10.14
N GLN C 363 3.89 -70.11 9.12
CA GLN C 363 4.87 -71.16 8.92
C GLN C 363 6.29 -70.63 9.01
N PRO C 364 7.26 -71.47 9.38
CA PRO C 364 8.63 -70.96 9.54
C PRO C 364 9.35 -70.73 8.25
N TRP C 365 8.95 -71.39 7.15
CA TRP C 365 9.60 -71.12 5.87
C TRP C 365 9.26 -69.74 5.37
N GLN C 366 8.05 -69.25 5.68
CA GLN C 366 7.71 -67.87 5.40
C GLN C 366 8.54 -66.90 6.22
N GLU C 367 8.94 -67.31 7.42
CA GLU C 367 9.76 -66.43 8.24
C GLU C 367 11.21 -66.45 7.79
N ARG C 368 11.70 -67.59 7.32
CA ARG C 368 13.04 -67.65 6.76
C ARG C 368 13.11 -66.86 5.48
N ARG C 369 12.06 -66.95 4.66
CA ARG C 369 12.07 -66.32 3.35
C ARG C 369 11.89 -64.82 3.42
N ALA C 370 11.00 -64.36 4.31
CA ALA C 370 10.79 -62.92 4.43
C ALA C 370 11.97 -62.24 5.11
N ALA C 371 12.77 -62.97 5.88
CA ALA C 371 14.00 -62.41 6.38
C ALA C 371 15.09 -62.39 5.33
N GLU C 372 15.04 -63.30 4.36
CA GLU C 372 15.93 -63.20 3.20
C GLU C 372 15.56 -62.01 2.36
N TYR C 373 14.27 -61.86 2.09
CA TYR C 373 13.83 -60.86 1.13
C TYR C 373 13.80 -59.47 1.73
N MET C 374 13.87 -59.34 3.06
CA MET C 374 13.91 -58.02 3.64
C MET C 374 15.32 -57.44 3.55
N THR C 375 16.33 -58.27 3.70
CA THR C 375 17.69 -57.80 3.78
C THR C 375 18.47 -57.96 2.49
N HIS C 376 17.91 -58.69 1.53
CA HIS C 376 18.45 -58.72 0.17
C HIS C 376 17.57 -57.94 -0.78
N ALA C 377 17.04 -56.83 -0.32
CA ALA C 377 16.22 -55.86 -1.03
C ALA C 377 16.91 -55.33 -2.27
N PRO C 378 16.17 -54.92 -3.28
CA PRO C 378 16.81 -54.25 -4.42
C PRO C 378 17.15 -52.81 -4.11
N LEU C 379 18.05 -52.59 -3.17
CA LEU C 379 18.64 -51.29 -2.91
C LEU C 379 20.15 -51.46 -2.96
N GLY C 380 20.85 -50.46 -3.48
CA GLY C 380 22.28 -50.58 -3.55
C GLY C 380 22.94 -49.51 -4.38
N SER C 381 24.25 -49.38 -4.25
CA SER C 381 24.99 -48.30 -4.86
C SER C 381 25.70 -48.81 -6.11
N LEU C 382 26.41 -47.90 -6.77
CA LEU C 382 27.16 -48.27 -7.98
C LEU C 382 28.31 -49.19 -7.66
N ASN C 383 29.01 -48.94 -6.56
CA ASN C 383 30.09 -49.82 -6.16
C ASN C 383 29.61 -51.08 -5.46
N SER C 384 28.31 -51.34 -5.49
CA SER C 384 27.63 -52.55 -5.03
C SER C 384 27.87 -52.77 -3.53
N VAL C 385 27.27 -51.88 -2.75
CA VAL C 385 27.24 -52.03 -1.29
C VAL C 385 25.93 -52.66 -0.84
N GLY C 386 24.81 -51.98 -1.04
CA GLY C 386 23.57 -52.59 -0.62
C GLY C 386 22.90 -51.81 0.49
N GLY C 387 21.58 -51.88 0.51
CA GLY C 387 20.79 -51.03 1.36
C GLY C 387 20.65 -49.64 0.78
N VAL C 388 20.35 -48.70 1.67
CA VAL C 388 20.17 -47.28 1.34
C VAL C 388 21.53 -46.67 0.95
N ALA C 389 21.53 -45.41 0.54
CA ALA C 389 22.79 -44.67 0.40
C ALA C 389 23.59 -44.63 1.69
N THR C 390 22.94 -44.73 2.85
CA THR C 390 23.54 -44.27 4.09
C THR C 390 24.30 -45.35 4.85
N GLU C 391 24.35 -46.59 4.37
CA GLU C 391 25.03 -47.63 5.13
C GLU C 391 26.52 -47.64 4.85
N ILE C 392 27.18 -48.69 5.33
CA ILE C 392 28.62 -48.75 5.44
C ILE C 392 29.13 -49.91 4.58
N ASN C 393 30.40 -49.84 4.22
CA ASN C 393 30.99 -50.79 3.28
C ASN C 393 31.24 -52.12 3.97
N SER C 394 30.19 -52.93 4.12
CA SER C 394 30.42 -54.31 4.53
C SER C 394 29.76 -55.30 3.57
N VAL C 395 28.50 -55.05 3.22
CA VAL C 395 27.78 -55.93 2.31
C VAL C 395 28.23 -55.67 0.89
N ASN C 396 28.32 -56.72 0.09
CA ASN C 396 28.63 -56.64 -1.33
C ASN C 396 27.44 -57.19 -2.09
N TYR C 397 26.48 -56.32 -2.40
CA TYR C 397 25.24 -56.79 -3.00
C TYR C 397 24.50 -55.65 -3.67
N VAL C 398 24.26 -55.77 -4.97
CA VAL C 398 23.14 -55.13 -5.63
C VAL C 398 22.41 -56.23 -6.38
N SER C 399 21.09 -56.24 -6.27
CA SER C 399 20.27 -57.27 -6.88
C SER C 399 20.37 -57.22 -8.39
N PRO C 400 20.39 -58.36 -9.07
CA PRO C 400 20.30 -58.34 -10.54
C PRO C 400 18.97 -57.84 -11.02
N ARG C 401 17.97 -57.89 -10.14
CA ARG C 401 16.72 -57.18 -10.32
C ARG C 401 16.92 -55.70 -10.61
N SER C 402 17.87 -55.09 -9.93
CA SER C 402 18.13 -53.68 -10.13
C SER C 402 19.10 -53.42 -11.27
N TRP C 403 19.89 -54.39 -11.71
CA TRP C 403 20.75 -54.12 -12.85
C TRP C 403 19.99 -54.29 -14.15
N LEU C 404 19.05 -55.23 -14.21
CA LEU C 404 18.27 -55.47 -15.41
C LEU C 404 17.37 -54.29 -15.73
N CYS C 405 16.75 -53.72 -14.72
CA CYS C 405 15.78 -52.67 -15.01
C CYS C 405 16.47 -51.34 -15.25
N CYS C 406 17.60 -51.10 -14.60
CA CYS C 406 18.30 -49.83 -14.80
C CYS C 406 18.95 -49.77 -16.16
N SER C 407 19.58 -50.86 -16.58
CA SER C 407 20.23 -50.89 -17.88
C SER C 407 19.20 -50.82 -19.00
N HIS C 408 18.10 -51.53 -18.86
CA HIS C 408 17.09 -51.53 -19.91
C HIS C 408 16.06 -50.45 -19.74
N PHE C 409 16.24 -49.56 -18.79
CA PHE C 409 15.56 -48.29 -18.96
C PHE C 409 16.50 -47.30 -19.60
N PHE C 410 17.78 -47.41 -19.27
CA PHE C 410 18.85 -46.62 -19.88
C PHE C 410 18.93 -46.88 -21.37
N LEU C 411 19.24 -48.13 -21.75
CA LEU C 411 19.42 -48.51 -23.15
C LEU C 411 18.15 -48.31 -23.95
N ALA C 412 17.00 -48.55 -23.35
CA ALA C 412 15.76 -48.41 -24.08
C ALA C 412 15.31 -46.99 -24.21
N PHE C 413 15.86 -46.07 -23.42
CA PHE C 413 15.48 -44.69 -23.64
C PHE C 413 16.18 -44.12 -24.86
N PHE C 414 17.47 -44.40 -25.01
CA PHE C 414 18.23 -43.83 -26.12
C PHE C 414 17.72 -44.35 -27.45
N PHE C 415 17.08 -45.52 -27.44
CA PHE C 415 16.55 -46.06 -28.67
C PHE C 415 15.30 -45.34 -29.08
N LEU C 416 14.64 -44.72 -28.12
CA LEU C 416 13.57 -43.82 -28.45
C LEU C 416 14.12 -42.46 -28.85
N VAL C 417 15.32 -42.10 -28.40
CA VAL C 417 16.00 -40.95 -28.98
C VAL C 417 16.49 -41.30 -30.39
N GLY C 418 16.94 -42.54 -30.57
CA GLY C 418 17.37 -42.97 -31.88
C GLY C 418 16.23 -43.11 -32.87
N HIS C 419 15.05 -43.47 -32.38
CA HIS C 419 13.87 -43.40 -33.24
C HIS C 419 13.59 -41.97 -33.62
N TRP C 420 13.71 -41.06 -32.66
CA TRP C 420 13.48 -39.65 -32.93
C TRP C 420 14.52 -39.07 -33.87
N TRP C 421 15.73 -39.63 -33.85
CA TRP C 421 16.73 -39.24 -34.84
C TRP C 421 16.32 -39.67 -36.23
N HIS C 422 16.06 -40.97 -36.41
CA HIS C 422 15.86 -41.48 -37.76
C HIS C 422 14.44 -41.26 -38.28
N ALA C 423 13.45 -41.05 -37.41
CA ALA C 423 12.18 -40.58 -37.93
C ALA C 423 12.28 -39.15 -38.40
N GLY C 424 13.23 -38.39 -37.86
CA GLY C 424 13.50 -37.07 -38.37
C GLY C 424 14.34 -37.09 -39.62
N ARG C 425 15.40 -37.89 -39.65
CA ARG C 425 16.29 -37.83 -40.80
C ARG C 425 15.68 -38.48 -42.04
N ALA C 426 15.14 -39.69 -41.89
CA ALA C 426 14.74 -40.49 -43.05
C ALA C 426 13.58 -39.88 -43.80
N ARG C 427 12.85 -38.99 -43.15
CA ARG C 427 11.75 -38.33 -43.82
C ARG C 427 12.15 -36.99 -44.40
N ALA C 428 13.18 -36.34 -43.85
CA ALA C 428 13.82 -35.27 -44.58
C ALA C 428 14.59 -35.81 -45.76
N ALA C 429 15.24 -36.96 -45.58
CA ALA C 429 15.98 -37.57 -46.67
C ALA C 429 15.04 -38.06 -47.76
N ALA C 430 13.82 -38.43 -47.39
CA ALA C 430 12.83 -38.78 -48.40
C ALA C 430 12.31 -37.54 -49.09
N ALA C 431 11.99 -36.51 -48.32
CA ALA C 431 11.44 -35.29 -48.91
C ALA C 431 12.47 -34.51 -49.67
N GLY C 432 13.74 -34.58 -49.27
CA GLY C 432 14.82 -34.01 -50.05
C GLY C 432 15.46 -32.78 -49.46
N PHE C 433 15.15 -32.38 -48.23
CA PHE C 433 15.76 -31.21 -47.64
C PHE C 433 16.72 -31.55 -46.50
N GLU C 434 17.20 -32.78 -46.44
CA GLU C 434 18.00 -33.25 -45.31
C GLU C 434 19.37 -32.61 -45.23
N LYS C 435 19.82 -31.94 -46.29
CA LYS C 435 21.11 -31.27 -46.25
C LYS C 435 21.00 -29.80 -45.93
N GLY C 436 19.84 -29.21 -46.08
CA GLY C 436 19.63 -27.85 -45.65
C GLY C 436 18.69 -27.13 -46.59
N ILE C 437 18.71 -25.81 -46.49
CA ILE C 437 17.83 -24.94 -47.26
C ILE C 437 18.47 -24.68 -48.63
N ASP C 438 17.62 -24.54 -49.66
CA ASP C 438 18.05 -24.39 -51.04
C ASP C 438 18.67 -23.03 -51.35
N ARG C 439 18.28 -21.98 -50.61
CA ARG C 439 18.73 -20.58 -50.67
C ARG C 439 18.19 -19.84 -51.90
N ASP C 440 17.55 -20.52 -52.86
CA ASP C 440 16.82 -19.81 -53.91
C ASP C 440 15.34 -20.17 -53.90
N PHE C 441 15.02 -21.43 -53.68
CA PHE C 441 13.64 -21.91 -53.62
C PHE C 441 12.96 -21.52 -52.32
N GLU C 442 13.74 -21.08 -51.31
CA GLU C 442 13.53 -21.17 -49.87
C GLU C 442 12.06 -20.97 -49.48
N PRO C 443 11.44 -21.98 -48.85
CA PRO C 443 9.97 -22.02 -48.82
C PRO C 443 9.35 -21.01 -47.89
N VAL C 444 10.13 -20.44 -46.96
CA VAL C 444 9.60 -19.43 -46.04
C VAL C 444 9.26 -18.15 -46.78
N LEU C 445 10.07 -17.80 -47.79
CA LEU C 445 9.80 -16.62 -48.60
C LEU C 445 8.58 -16.78 -49.50
N SER C 446 8.15 -18.00 -49.76
CA SER C 446 6.98 -18.24 -50.60
C SER C 446 5.68 -18.25 -49.82
N MET C 447 5.67 -17.71 -48.60
CA MET C 447 4.52 -17.85 -47.72
C MET C 447 3.95 -16.49 -47.36
N THR C 448 2.68 -16.52 -46.95
CA THR C 448 1.98 -15.34 -46.50
C THR C 448 2.59 -14.84 -45.19
N PRO C 449 2.90 -13.54 -45.08
CA PRO C 449 3.57 -13.05 -43.88
C PRO C 449 2.69 -13.13 -42.64
N LEU C 450 3.34 -13.11 -41.48
CA LEU C 450 2.77 -13.44 -40.17
C LEU C 450 2.14 -14.84 -40.22
N ARG D 1 64.52 2.44 -29.60
CA ARG D 1 63.50 2.77 -28.63
C ARG D 1 63.95 2.38 -27.23
N GLY D 2 63.09 2.62 -26.23
CA GLY D 2 63.48 2.44 -24.85
C GLY D 2 63.58 0.99 -24.44
N LEU D 3 63.97 0.81 -23.17
CA LEU D 3 64.06 -0.53 -22.57
C LEU D 3 62.69 -1.17 -22.45
N PHE D 4 61.76 -0.44 -21.83
CA PHE D 4 60.40 -0.91 -21.60
C PHE D 4 59.68 -1.22 -22.89
N ASP D 5 60.01 -0.50 -23.96
CA ASP D 5 59.43 -0.77 -25.26
C ASP D 5 59.91 -2.10 -25.82
N LEU D 6 61.16 -2.47 -25.54
CA LEU D 6 61.67 -3.75 -26.00
C LEU D 6 61.07 -4.90 -25.19
N VAL D 7 60.86 -4.65 -23.90
CA VAL D 7 60.18 -5.62 -23.03
C VAL D 7 58.75 -5.81 -23.49
N ASP D 8 58.12 -4.71 -23.89
CA ASP D 8 56.74 -4.75 -24.37
C ASP D 8 56.63 -5.50 -25.69
N ASP D 9 57.67 -5.48 -26.51
CA ASP D 9 57.62 -6.19 -27.78
C ASP D 9 57.72 -7.69 -27.56
N TRP D 10 58.56 -8.11 -26.62
CA TRP D 10 58.93 -9.51 -26.56
C TRP D 10 57.89 -10.35 -25.83
N LEU D 11 57.18 -9.78 -24.86
CA LEU D 11 56.06 -10.53 -24.29
C LEU D 11 54.81 -10.43 -25.14
N LYS D 12 54.65 -9.38 -25.93
CA LYS D 12 53.57 -9.30 -26.90
C LYS D 12 53.95 -9.89 -28.24
N LYS D 13 55.05 -10.66 -28.30
CA LYS D 13 55.40 -11.36 -29.52
C LYS D 13 54.41 -12.48 -29.78
N ASP D 14 53.93 -12.54 -31.02
CA ASP D 14 52.92 -13.53 -31.38
C ASP D 14 53.57 -14.89 -31.52
N ARG D 15 53.19 -15.82 -30.65
CA ARG D 15 53.68 -17.19 -30.71
C ARG D 15 52.55 -18.09 -30.23
N PHE D 16 52.88 -19.35 -29.89
CA PHE D 16 51.86 -20.37 -29.67
C PHE D 16 51.00 -20.08 -28.44
N VAL D 17 51.63 -19.66 -27.35
CA VAL D 17 50.90 -19.20 -26.18
C VAL D 17 51.28 -17.74 -25.96
N PHE D 18 50.28 -16.88 -25.92
CA PHE D 18 50.54 -15.46 -25.74
C PHE D 18 50.87 -15.19 -24.28
N VAL D 19 51.97 -14.49 -24.04
CA VAL D 19 52.39 -14.24 -22.67
C VAL D 19 51.67 -12.99 -22.15
N GLY D 20 52.00 -11.84 -22.72
CA GLY D 20 51.39 -10.59 -22.30
C GLY D 20 51.81 -10.05 -20.95
N TRP D 21 51.41 -8.81 -20.65
CA TRP D 21 51.75 -8.23 -19.36
C TRP D 21 50.97 -8.91 -18.24
N SER D 22 49.71 -9.27 -18.51
CA SER D 22 48.90 -10.03 -17.58
C SER D 22 49.46 -11.42 -17.35
N GLY D 23 50.26 -11.93 -18.27
CA GLY D 23 50.87 -13.22 -18.08
C GLY D 23 51.98 -13.21 -17.05
N LEU D 24 52.48 -12.03 -16.71
CA LEU D 24 53.39 -11.94 -15.58
C LEU D 24 52.65 -12.18 -14.27
N LEU D 25 51.35 -11.92 -14.26
CA LEU D 25 50.54 -12.21 -13.09
C LEU D 25 49.85 -13.56 -13.19
N LEU D 26 49.41 -13.95 -14.38
CA LEU D 26 48.67 -15.21 -14.53
C LEU D 26 49.58 -16.40 -14.31
N PHE D 27 50.56 -16.56 -15.18
CA PHE D 27 51.31 -17.82 -15.27
C PHE D 27 52.09 -18.24 -14.03
N PRO D 28 52.57 -17.36 -13.14
CA PRO D 28 53.02 -17.91 -11.85
C PRO D 28 51.87 -18.31 -10.94
N THR D 29 50.84 -17.46 -10.80
CA THR D 29 49.81 -17.72 -9.81
C THR D 29 48.87 -18.83 -10.25
N ALA D 30 48.55 -18.88 -11.54
CA ALA D 30 47.67 -19.93 -12.04
C ALA D 30 48.35 -21.27 -12.07
N TYR D 31 49.68 -21.29 -12.16
CA TYR D 31 50.40 -22.55 -12.07
C TYR D 31 50.41 -23.08 -10.66
N LEU D 32 50.61 -22.21 -9.68
CA LEU D 32 50.74 -22.64 -8.30
C LEU D 32 49.40 -23.02 -7.71
N ALA D 33 48.35 -22.29 -8.07
CA ALA D 33 47.01 -22.64 -7.59
C ALA D 33 46.58 -23.99 -8.16
N ALA D 34 46.86 -24.23 -9.44
CA ALA D 34 46.58 -25.54 -10.01
C ALA D 34 47.61 -26.56 -9.56
N GLY D 35 48.81 -26.11 -9.23
CA GLY D 35 49.80 -27.04 -8.74
C GLY D 35 49.59 -27.39 -7.29
N GLY D 36 49.21 -26.41 -6.47
CA GLY D 36 48.98 -26.68 -5.07
C GLY D 36 47.72 -27.50 -4.83
N TRP D 37 46.77 -27.44 -5.76
CA TRP D 37 45.62 -28.32 -5.64
C TRP D 37 46.00 -29.75 -5.95
N MET D 38 46.93 -29.96 -6.88
CA MET D 38 47.31 -31.33 -7.19
C MET D 38 48.17 -31.93 -6.10
N THR D 39 49.06 -31.15 -5.51
CA THR D 39 49.89 -31.69 -4.44
C THR D 39 49.10 -31.87 -3.16
N GLY D 40 48.16 -30.97 -2.89
CA GLY D 40 47.38 -31.08 -1.68
C GLY D 40 46.38 -32.20 -1.72
N THR D 41 45.86 -32.52 -2.91
CA THR D 41 44.96 -33.66 -3.00
C THR D 41 45.69 -34.97 -3.15
N THR D 42 46.97 -34.98 -3.48
CA THR D 42 47.67 -36.25 -3.54
C THR D 42 48.45 -36.55 -2.29
N PHE D 43 48.81 -35.56 -1.48
CA PHE D 43 49.64 -35.87 -0.34
C PHE D 43 49.10 -35.34 0.98
N VAL D 44 48.51 -34.16 0.97
CA VAL D 44 48.31 -33.42 2.22
C VAL D 44 46.96 -33.73 2.83
N THR D 45 46.92 -33.75 4.16
CA THR D 45 45.88 -34.33 4.97
C THR D 45 44.81 -33.32 5.35
N SER D 46 43.73 -33.85 5.89
CA SER D 46 42.81 -33.10 6.72
C SER D 46 42.89 -33.56 8.16
N TRP D 47 43.87 -34.40 8.47
CA TRP D 47 43.82 -35.22 9.67
C TRP D 47 44.03 -34.39 10.93
N TYR D 48 44.72 -33.26 10.81
CA TYR D 48 44.91 -32.39 11.95
C TYR D 48 44.02 -31.15 11.92
N THR D 49 43.35 -30.88 10.81
CA THR D 49 42.47 -29.73 10.71
C THR D 49 41.00 -30.13 10.80
N HIS D 50 40.60 -31.10 10.01
CA HIS D 50 39.25 -31.64 10.07
C HIS D 50 39.19 -32.98 10.76
N GLY D 51 40.31 -33.66 10.89
CA GLY D 51 40.27 -35.02 11.35
C GLY D 51 39.79 -36.00 10.32
N LEU D 52 39.82 -35.61 9.06
CA LEU D 52 39.38 -36.46 7.98
C LEU D 52 40.57 -37.12 7.30
N ALA D 53 40.29 -37.90 6.27
CA ALA D 53 41.28 -38.31 5.30
C ALA D 53 40.92 -37.64 3.98
N SER D 54 41.83 -36.83 3.45
CA SER D 54 41.61 -36.24 2.14
C SER D 54 42.91 -36.16 1.38
N SER D 55 43.25 -37.25 0.71
CA SER D 55 44.37 -37.32 -0.21
C SER D 55 44.30 -38.64 -0.93
N TYR D 56 44.84 -38.72 -2.15
CA TYR D 56 44.91 -40.01 -2.84
C TYR D 56 45.83 -40.97 -2.10
N LEU D 57 46.80 -40.44 -1.39
CA LEU D 57 47.70 -41.28 -0.64
C LEU D 57 47.02 -41.96 0.56
N GLU D 58 46.00 -41.36 1.13
CA GLU D 58 45.44 -41.92 2.36
C GLU D 58 44.28 -42.85 2.12
N GLY D 59 43.64 -42.74 0.98
CA GLY D 59 42.52 -43.60 0.63
C GLY D 59 41.47 -42.98 -0.24
N CYS D 60 41.65 -41.73 -0.65
CA CYS D 60 40.55 -41.06 -1.32
C CYS D 60 40.56 -41.35 -2.81
N ASN D 61 39.37 -41.43 -3.36
CA ASN D 61 39.16 -41.50 -4.79
C ASN D 61 39.35 -40.11 -5.39
N PHE D 62 39.06 -39.99 -6.68
CA PHE D 62 38.91 -38.66 -7.27
C PHE D 62 37.79 -37.89 -6.61
N LEU D 63 36.81 -38.61 -6.10
CA LEU D 63 35.56 -38.05 -5.65
C LEU D 63 35.65 -37.58 -4.21
N THR D 64 36.60 -38.07 -3.42
CA THR D 64 36.68 -37.70 -2.01
C THR D 64 37.98 -37.03 -1.61
N ALA D 65 38.94 -36.87 -2.51
CA ALA D 65 40.16 -36.14 -2.20
C ALA D 65 39.90 -34.64 -2.25
N ALA D 66 40.58 -33.90 -1.37
CA ALA D 66 40.31 -32.47 -1.28
C ALA D 66 41.48 -31.76 -0.61
N VAL D 67 41.80 -30.58 -1.12
CA VAL D 67 42.64 -29.64 -0.39
C VAL D 67 41.73 -28.92 0.60
N SER D 68 41.98 -29.12 1.88
CA SER D 68 41.00 -28.77 2.89
C SER D 68 41.39 -27.53 3.66
N THR D 69 40.35 -26.80 4.07
CA THR D 69 40.46 -25.58 4.85
C THR D 69 41.15 -25.85 6.18
N PRO D 70 41.84 -24.85 6.75
CA PRO D 70 42.49 -25.08 8.04
C PRO D 70 41.54 -25.20 9.20
N ALA D 71 42.08 -25.34 10.40
CA ALA D 71 41.24 -25.47 11.58
C ALA D 71 40.60 -24.13 11.93
N ASN D 72 39.54 -24.19 12.73
CA ASN D 72 38.99 -22.97 13.30
C ASN D 72 39.91 -22.38 14.35
N SER D 73 40.85 -23.17 14.89
CA SER D 73 41.82 -22.67 15.85
C SER D 73 42.60 -21.50 15.28
N VAL D 74 43.16 -21.69 14.08
CA VAL D 74 43.55 -20.56 13.28
C VAL D 74 42.30 -19.81 12.85
N GLY D 75 42.30 -18.49 13.01
CA GLY D 75 41.13 -17.74 12.65
C GLY D 75 41.11 -17.42 11.17
N HIS D 76 41.04 -16.15 10.83
CA HIS D 76 41.17 -15.76 9.43
C HIS D 76 42.59 -15.45 9.04
N SER D 77 43.58 -16.15 9.60
CA SER D 77 44.96 -15.87 9.29
C SER D 77 45.26 -16.20 7.84
N LEU D 78 46.31 -15.56 7.31
CA LEU D 78 46.68 -15.81 5.93
C LEU D 78 47.47 -17.09 5.76
N LEU D 79 47.94 -17.70 6.86
CA LEU D 79 48.71 -18.94 6.86
C LEU D 79 49.92 -18.84 5.96
N LEU D 80 50.61 -17.72 6.08
CA LEU D 80 51.88 -17.54 5.39
C LEU D 80 52.86 -18.57 5.88
N LEU D 81 53.70 -19.05 4.97
CA LEU D 81 54.71 -20.05 5.32
C LEU D 81 55.66 -19.50 6.38
N TRP D 82 56.02 -18.24 6.26
CA TRP D 82 56.84 -17.58 7.26
C TRP D 82 56.04 -17.05 8.43
N GLY D 83 54.72 -17.23 8.43
CA GLY D 83 53.86 -16.56 9.35
C GLY D 83 54.01 -17.04 10.77
N PRO D 84 53.30 -16.40 11.70
CA PRO D 84 53.50 -16.69 13.12
C PRO D 84 52.90 -18.00 13.58
N GLU D 85 52.21 -18.72 12.71
CA GLU D 85 51.67 -20.03 13.05
C GLU D 85 52.28 -21.14 12.21
N ALA D 86 53.20 -20.82 11.31
CA ALA D 86 53.87 -21.85 10.53
C ALA D 86 55.37 -21.78 10.77
N GLN D 87 55.92 -20.57 10.68
CA GLN D 87 57.32 -20.24 10.99
C GLN D 87 58.29 -21.05 10.13
N GLY D 88 58.14 -20.89 8.82
CA GLY D 88 58.83 -21.79 7.91
C GLY D 88 58.21 -23.16 8.03
N ASP D 89 59.03 -24.19 7.86
CA ASP D 89 58.73 -25.58 8.23
C ASP D 89 57.50 -26.10 7.49
N PHE D 90 57.73 -26.31 6.19
CA PHE D 90 56.75 -26.75 5.22
C PHE D 90 55.91 -27.96 5.67
N THR D 91 56.52 -28.86 6.42
CA THR D 91 55.78 -30.01 6.97
C THR D 91 54.68 -29.55 7.90
N ARG D 92 54.99 -28.59 8.77
CA ARG D 92 53.98 -28.05 9.67
C ARG D 92 53.02 -27.11 8.95
N TRP D 93 53.47 -26.52 7.84
CA TRP D 93 52.60 -25.63 7.08
C TRP D 93 51.56 -26.41 6.29
N CYS D 94 51.85 -27.67 5.95
CA CYS D 94 50.87 -28.47 5.25
C CYS D 94 49.84 -29.07 6.20
N GLN D 95 50.28 -29.48 7.39
CA GLN D 95 49.36 -30.11 8.32
C GLN D 95 48.40 -29.12 8.94
N ILE D 96 48.79 -27.85 9.01
CA ILE D 96 47.88 -26.80 9.49
C ILE D 96 46.88 -26.42 8.43
N GLY D 97 47.09 -26.82 7.19
CA GLY D 97 46.19 -26.47 6.12
C GLY D 97 46.59 -25.24 5.35
N GLY D 98 47.91 -24.98 5.25
CA GLY D 98 48.37 -23.80 4.55
C GLY D 98 48.20 -23.87 3.06
N LEU D 99 48.05 -25.07 2.52
CA LEU D 99 47.90 -25.18 1.07
C LEU D 99 46.55 -24.67 0.60
N TRP D 100 45.55 -24.74 1.47
CA TRP D 100 44.23 -24.29 1.06
C TRP D 100 44.20 -22.79 0.87
N THR D 101 44.83 -22.06 1.78
CA THR D 101 44.94 -20.63 1.59
C THR D 101 45.91 -20.31 0.46
N PHE D 102 46.94 -21.15 0.29
CA PHE D 102 47.87 -21.04 -0.83
C PHE D 102 47.15 -21.16 -2.16
N VAL D 103 46.26 -22.14 -2.29
CA VAL D 103 45.49 -22.29 -3.52
C VAL D 103 44.48 -21.15 -3.66
N ALA D 104 43.83 -20.78 -2.57
CA ALA D 104 42.77 -19.78 -2.67
C ALA D 104 43.32 -18.37 -2.84
N LEU D 105 44.53 -18.11 -2.37
CA LEU D 105 45.10 -16.79 -2.62
C LEU D 105 45.86 -16.74 -3.94
N HIS D 106 46.20 -17.87 -4.53
CA HIS D 106 46.77 -17.81 -5.87
C HIS D 106 45.72 -18.01 -6.93
N GLY D 107 44.65 -18.71 -6.60
CA GLY D 107 43.51 -18.74 -7.48
C GLY D 107 42.83 -17.41 -7.58
N ALA D 108 42.95 -16.57 -6.56
CA ALA D 108 42.38 -15.24 -6.60
C ALA D 108 43.12 -14.36 -7.60
N PHE D 109 44.45 -14.35 -7.54
CA PHE D 109 45.19 -13.52 -8.47
C PHE D 109 45.34 -14.19 -9.83
N GLY D 110 45.14 -15.51 -9.89
CA GLY D 110 45.07 -16.17 -11.18
C GLY D 110 43.86 -15.76 -11.98
N LEU D 111 42.72 -15.58 -11.30
CA LEU D 111 41.52 -15.14 -11.99
C LEU D 111 41.61 -13.67 -12.36
N ILE D 112 42.29 -12.87 -11.54
CA ILE D 112 42.56 -11.49 -11.92
C ILE D 112 43.46 -11.45 -13.13
N GLY D 113 44.50 -12.26 -13.13
CA GLY D 113 45.41 -12.31 -14.27
C GLY D 113 44.78 -12.89 -15.51
N PHE D 114 43.72 -13.67 -15.36
CA PHE D 114 43.05 -14.20 -16.53
C PHE D 114 42.02 -13.24 -17.08
N CYS D 115 41.42 -12.40 -16.24
CA CYS D 115 40.52 -11.40 -16.78
C CYS D 115 41.30 -10.28 -17.42
N LEU D 116 42.42 -9.88 -16.80
CA LEU D 116 43.33 -8.90 -17.39
C LEU D 116 43.91 -9.41 -18.69
N ARG D 117 44.06 -10.72 -18.83
CA ARG D 117 44.48 -11.30 -20.10
C ARG D 117 43.42 -11.09 -21.15
N GLN D 118 42.15 -11.12 -20.77
CA GLN D 118 41.09 -10.89 -21.73
C GLN D 118 40.96 -9.43 -22.12
N PHE D 119 41.47 -8.51 -21.29
CA PHE D 119 41.55 -7.12 -21.74
C PHE D 119 42.73 -6.93 -22.67
N GLU D 120 43.83 -7.63 -22.42
CA GLU D 120 45.05 -7.38 -23.19
C GLU D 120 44.95 -7.97 -24.59
N ILE D 121 44.34 -9.16 -24.71
CA ILE D 121 44.09 -9.71 -26.04
C ILE D 121 43.17 -8.80 -26.82
N ALA D 122 42.10 -8.32 -26.18
CA ALA D 122 41.06 -7.61 -26.90
C ALA D 122 41.53 -6.23 -27.39
N ARG D 123 42.57 -5.68 -26.78
CA ARG D 123 43.10 -4.42 -27.29
C ARG D 123 43.91 -4.63 -28.54
N LEU D 124 44.90 -5.50 -28.46
CA LEU D 124 45.88 -5.59 -29.53
C LEU D 124 45.32 -6.33 -30.72
N VAL D 125 44.44 -7.31 -30.48
CA VAL D 125 43.64 -7.89 -31.55
C VAL D 125 42.61 -6.89 -32.06
N GLY D 126 42.20 -5.93 -31.23
CA GLY D 126 41.35 -4.86 -31.70
C GLY D 126 39.89 -5.21 -31.72
N ILE D 127 39.35 -5.55 -30.56
CA ILE D 127 38.00 -6.09 -30.45
C ILE D 127 37.45 -5.73 -29.07
N ARG D 128 36.17 -5.59 -29.02
CA ARG D 128 35.31 -5.19 -27.93
C ARG D 128 35.41 -6.16 -26.75
N PRO D 129 35.36 -5.69 -25.45
CA PRO D 129 35.78 -6.54 -24.33
C PRO D 129 34.67 -7.34 -23.67
N TYR D 130 33.84 -8.00 -24.45
CA TYR D 130 32.69 -8.60 -23.80
C TYR D 130 32.99 -9.97 -23.24
N ASN D 131 34.14 -10.55 -23.57
CA ASN D 131 34.59 -11.73 -22.87
C ASN D 131 35.04 -11.39 -21.45
N ALA D 132 35.70 -10.24 -21.29
CA ALA D 132 36.14 -9.83 -19.96
C ALA D 132 34.96 -9.46 -19.07
N ILE D 133 33.89 -8.96 -19.67
CA ILE D 133 32.67 -8.69 -18.92
C ILE D 133 32.00 -10.00 -18.53
N ALA D 134 31.92 -10.94 -19.46
CA ALA D 134 31.28 -12.22 -19.18
C ALA D 134 32.09 -13.09 -18.24
N PHE D 135 33.39 -12.86 -18.13
CA PHE D 135 34.19 -13.60 -17.17
C PHE D 135 34.11 -13.02 -15.77
N SER D 136 33.58 -11.81 -15.62
CA SER D 136 33.49 -11.23 -14.29
C SER D 136 32.49 -11.95 -13.39
N GLY D 137 31.58 -12.73 -13.95
CA GLY D 137 30.72 -13.62 -13.19
C GLY D 137 31.47 -14.71 -12.43
N PRO D 138 32.27 -15.53 -13.13
CA PRO D 138 33.11 -16.50 -12.42
C PRO D 138 34.15 -15.90 -11.48
N ILE D 139 34.52 -14.63 -11.64
CA ILE D 139 35.28 -13.98 -10.59
C ILE D 139 34.39 -13.74 -9.38
N ALA D 140 33.15 -13.31 -9.60
CA ALA D 140 32.26 -12.98 -8.50
C ALA D 140 31.86 -14.20 -7.70
N VAL D 141 31.73 -15.35 -8.37
CA VAL D 141 31.37 -16.56 -7.65
C VAL D 141 32.55 -17.03 -6.80
N PHE D 142 33.75 -16.92 -7.33
CA PHE D 142 34.95 -17.31 -6.59
C PHE D 142 35.16 -16.41 -5.37
N VAL D 143 35.09 -15.11 -5.57
CA VAL D 143 35.41 -14.17 -4.50
C VAL D 143 34.34 -14.21 -3.42
N SER D 144 33.08 -14.41 -3.80
CA SER D 144 32.04 -14.35 -2.80
C SER D 144 31.90 -15.66 -2.05
N VAL D 145 32.19 -16.80 -2.70
CA VAL D 145 32.07 -18.07 -2.01
C VAL D 145 33.36 -18.43 -1.30
N PHE D 146 34.49 -18.30 -1.96
CA PHE D 146 35.71 -18.78 -1.34
C PHE D 146 36.43 -17.71 -0.55
N LEU D 147 36.12 -16.44 -0.75
CA LEU D 147 36.72 -15.39 0.06
C LEU D 147 35.69 -14.64 0.89
N LEU D 148 34.60 -14.15 0.32
CA LEU D 148 33.71 -13.32 1.12
C LEU D 148 32.87 -14.14 2.08
N TYR D 149 32.54 -15.38 1.71
CA TYR D 149 31.77 -16.22 2.62
C TYR D 149 32.53 -16.60 3.89
N PRO D 150 33.78 -17.09 3.85
CA PRO D 150 34.45 -17.35 5.12
C PRO D 150 34.69 -16.10 5.95
N LEU D 151 35.03 -14.98 5.32
CA LEU D 151 35.41 -13.77 6.03
C LEU D 151 34.26 -13.07 6.74
N GLY D 152 33.07 -13.65 6.77
CA GLY D 152 32.06 -13.17 7.66
C GLY D 152 31.74 -14.23 8.69
N GLN D 153 32.08 -15.47 8.38
CA GLN D 153 31.86 -16.57 9.31
C GLN D 153 33.03 -16.63 10.27
N ALA D 154 33.13 -17.72 11.04
CA ALA D 154 34.04 -17.76 12.19
C ALA D 154 35.50 -17.77 11.76
N SER D 155 35.85 -18.58 10.76
CA SER D 155 37.21 -18.57 10.25
C SER D 155 37.17 -19.08 8.81
N TRP D 156 38.36 -19.38 8.28
CA TRP D 156 38.48 -19.96 6.96
C TRP D 156 37.96 -21.39 6.89
N PHE D 157 37.65 -22.00 8.03
CA PHE D 157 37.15 -23.36 8.12
C PHE D 157 35.83 -23.56 7.39
N PHE D 158 35.09 -22.48 7.12
CA PHE D 158 33.72 -22.57 6.66
C PHE D 158 33.56 -22.28 5.20
N ALA D 159 34.62 -21.85 4.53
CA ALA D 159 34.64 -21.91 3.09
C ALA D 159 34.78 -23.36 2.68
N PRO D 160 34.36 -23.71 1.48
CA PRO D 160 34.44 -25.12 1.09
C PRO D 160 35.82 -25.50 0.61
N SER D 161 36.14 -26.76 0.80
CA SER D 161 37.45 -27.26 0.39
C SER D 161 37.46 -27.54 -1.09
N PHE D 162 38.65 -27.54 -1.66
CA PHE D 162 38.82 -27.78 -3.09
C PHE D 162 38.80 -29.28 -3.34
N GLY D 163 37.62 -29.85 -3.42
CA GLY D 163 37.51 -31.27 -3.69
C GLY D 163 36.11 -31.63 -4.09
N VAL D 164 35.92 -32.86 -4.57
CA VAL D 164 34.66 -33.20 -5.20
C VAL D 164 33.58 -33.45 -4.14
N ALA D 165 33.84 -34.30 -3.16
CA ALA D 165 32.85 -34.49 -2.10
C ALA D 165 32.84 -33.33 -1.13
N ALA D 166 33.93 -32.59 -1.04
CA ALA D 166 34.02 -31.52 -0.06
C ALA D 166 33.16 -30.34 -0.45
N ILE D 167 32.93 -30.15 -1.75
CA ILE D 167 31.95 -29.16 -2.18
C ILE D 167 30.53 -29.70 -1.98
N PHE D 168 30.35 -31.01 -2.13
CA PHE D 168 29.02 -31.61 -2.07
C PHE D 168 28.39 -31.42 -0.71
N ARG D 169 29.20 -31.44 0.34
CA ARG D 169 28.64 -31.18 1.65
C ARG D 169 28.46 -29.70 1.90
N PHE D 170 29.19 -28.84 1.19
CA PHE D 170 28.98 -27.40 1.31
C PHE D 170 27.66 -27.03 0.68
N LEU D 171 27.21 -27.82 -0.29
CA LEU D 171 25.83 -27.74 -0.73
C LEU D 171 24.89 -28.13 0.40
N LEU D 172 25.24 -29.16 1.16
CA LEU D 172 24.35 -29.60 2.23
C LEU D 172 24.65 -28.93 3.55
N PHE D 173 25.79 -28.26 3.67
CA PHE D 173 26.02 -27.37 4.80
C PHE D 173 25.09 -26.18 4.70
N LEU D 174 25.10 -25.49 3.56
CA LEU D 174 24.28 -24.30 3.44
C LEU D 174 22.80 -24.61 3.32
N GLN D 175 22.42 -25.86 3.05
CA GLN D 175 21.00 -26.19 3.11
C GLN D 175 20.52 -26.23 4.55
N GLY D 176 21.19 -27.01 5.38
CA GLY D 176 20.69 -27.24 6.72
C GLY D 176 20.80 -26.02 7.61
N PHE D 177 21.91 -25.30 7.48
CA PHE D 177 22.19 -24.23 8.42
C PHE D 177 21.65 -22.91 7.94
N HIS D 178 21.42 -22.80 6.66
CA HIS D 178 21.20 -21.50 6.07
C HIS D 178 19.97 -21.43 5.18
N ASN D 179 19.38 -22.58 4.85
CA ASN D 179 18.20 -22.69 4.00
C ASN D 179 18.47 -21.98 2.67
N TRP D 180 19.42 -22.55 1.96
CA TRP D 180 20.04 -21.82 0.87
C TRP D 180 19.24 -21.85 -0.40
N THR D 181 18.46 -22.89 -0.64
CA THR D 181 17.61 -22.94 -1.81
C THR D 181 16.48 -21.93 -1.74
N LEU D 182 16.08 -21.54 -0.54
CA LEU D 182 14.97 -20.62 -0.38
C LEU D 182 15.35 -19.17 -0.66
N ASN D 183 16.63 -18.84 -0.67
CA ASN D 183 17.07 -17.47 -0.93
C ASN D 183 16.72 -17.11 -2.37
N PRO D 184 15.93 -16.06 -2.60
CA PRO D 184 15.55 -15.73 -3.97
C PRO D 184 16.67 -15.16 -4.79
N PHE D 185 17.78 -14.77 -4.16
CA PHE D 185 18.97 -14.44 -4.92
C PHE D 185 19.57 -15.68 -5.53
N HIS D 186 19.40 -16.82 -4.87
CA HIS D 186 19.83 -18.08 -5.42
C HIS D 186 18.89 -18.58 -6.50
N MET D 187 17.59 -18.29 -6.35
CA MET D 187 16.62 -18.71 -7.34
C MET D 187 16.83 -17.97 -8.65
N MET D 188 17.27 -16.72 -8.58
CA MET D 188 17.66 -16.01 -9.79
C MET D 188 18.92 -16.60 -10.38
N GLY D 189 19.78 -17.16 -9.53
CA GLY D 189 20.99 -17.79 -10.03
C GLY D 189 20.69 -19.09 -10.75
N VAL D 190 19.77 -19.88 -10.23
CA VAL D 190 19.41 -21.14 -10.87
C VAL D 190 18.73 -20.87 -12.20
N ALA D 191 17.90 -19.83 -12.26
CA ALA D 191 17.25 -19.44 -13.50
C ALA D 191 18.24 -18.95 -14.54
N GLY D 192 19.35 -18.38 -14.11
CA GLY D 192 20.36 -17.93 -15.04
C GLY D 192 21.19 -19.05 -15.59
N ILE D 193 21.47 -20.05 -14.75
CA ILE D 193 22.31 -21.14 -15.20
C ILE D 193 21.51 -22.17 -15.98
N LEU D 194 20.29 -22.49 -15.53
CA LEU D 194 19.45 -23.37 -16.32
C LEU D 194 18.97 -22.69 -17.58
N GLY D 195 18.62 -21.40 -17.49
CA GLY D 195 18.33 -20.64 -18.69
C GLY D 195 19.55 -20.43 -19.58
N GLY D 196 20.74 -20.47 -18.99
CA GLY D 196 21.93 -20.39 -19.81
C GLY D 196 22.20 -21.67 -20.57
N ALA D 197 21.98 -22.81 -19.93
CA ALA D 197 22.09 -24.08 -20.63
C ALA D 197 20.93 -24.27 -21.58
N LEU D 198 19.82 -23.59 -21.32
CA LEU D 198 18.70 -23.57 -22.25
C LEU D 198 19.09 -22.90 -23.55
N LEU D 199 19.67 -21.70 -23.46
CA LEU D 199 20.03 -20.94 -24.65
C LEU D 199 21.16 -21.58 -25.42
N CYS D 200 22.04 -22.29 -24.73
CA CYS D 200 23.08 -23.04 -25.42
C CYS D 200 22.48 -24.20 -26.19
N ALA D 201 21.41 -24.80 -25.68
CA ALA D 201 20.79 -25.91 -26.38
C ALA D 201 19.88 -25.43 -27.50
N ILE D 202 19.22 -24.28 -27.33
CA ILE D 202 18.35 -23.76 -28.39
C ILE D 202 19.19 -23.31 -29.57
N HIS D 203 20.06 -22.32 -29.34
CA HIS D 203 20.78 -21.68 -30.43
C HIS D 203 21.74 -22.63 -31.11
N GLY D 204 22.18 -23.65 -30.39
CA GLY D 204 22.87 -24.74 -31.05
C GLY D 204 21.96 -25.48 -32.00
N ALA D 205 20.75 -25.79 -31.57
CA ALA D 205 19.87 -26.64 -32.35
C ALA D 205 19.32 -25.91 -33.56
N THR D 206 18.96 -24.65 -33.40
CA THR D 206 18.29 -23.94 -34.50
C THR D 206 19.26 -23.56 -35.60
N VAL D 207 20.50 -23.26 -35.23
CA VAL D 207 21.50 -22.97 -36.24
C VAL D 207 21.83 -24.21 -37.04
N GLU D 208 21.93 -25.37 -36.38
CA GLU D 208 22.22 -26.62 -37.09
C GLU D 208 21.08 -27.05 -37.99
N ASN D 209 19.89 -26.53 -37.77
CA ASN D 209 18.71 -27.08 -38.38
C ASN D 209 18.03 -26.12 -39.34
N THR D 210 18.46 -24.88 -39.38
CA THR D 210 18.08 -23.98 -40.44
C THR D 210 19.22 -23.74 -41.41
N LEU D 211 20.17 -24.67 -41.49
CA LEU D 211 21.34 -24.52 -42.33
C LEU D 211 20.96 -24.52 -43.81
N PHE D 212 21.88 -24.03 -44.63
CA PHE D 212 21.69 -24.00 -46.07
C PHE D 212 22.41 -25.15 -46.74
N GLU D 213 21.89 -25.58 -47.89
CA GLU D 213 22.61 -26.50 -48.74
C GLU D 213 23.79 -25.76 -49.35
N ASP D 214 24.99 -26.10 -48.91
CA ASP D 214 26.20 -25.56 -49.51
C ASP D 214 27.07 -26.65 -50.13
N GLY D 215 26.55 -27.86 -50.28
CA GLY D 215 27.27 -28.93 -50.94
C GLY D 215 26.32 -30.08 -51.21
N ASP D 216 26.89 -31.15 -51.75
CA ASP D 216 26.13 -32.37 -51.99
C ASP D 216 26.44 -33.47 -50.99
N ALA D 217 27.32 -33.21 -50.04
CA ALA D 217 27.65 -34.19 -49.03
C ALA D 217 26.54 -34.24 -47.99
N ALA D 218 26.23 -35.45 -47.51
CA ALA D 218 25.27 -35.57 -46.43
C ALA D 218 25.83 -35.00 -45.15
N ASN D 219 27.13 -35.13 -44.95
CA ASN D 219 27.84 -34.31 -43.98
C ASN D 219 27.70 -32.85 -44.38
N THR D 220 27.29 -32.01 -43.44
CA THR D 220 27.17 -30.61 -43.71
C THR D 220 28.31 -29.80 -43.11
N PHE D 221 29.15 -30.41 -42.27
CA PHE D 221 30.19 -29.65 -41.59
C PHE D 221 31.29 -29.22 -42.55
N ARG D 222 31.51 -29.98 -43.61
CA ARG D 222 32.56 -29.67 -44.57
C ARG D 222 32.13 -28.65 -45.60
N ALA D 223 30.89 -28.16 -45.53
CA ALA D 223 30.41 -27.15 -46.45
C ALA D 223 30.48 -25.74 -45.87
N PHE D 224 31.44 -25.49 -44.99
CA PHE D 224 31.67 -24.17 -44.43
C PHE D 224 33.15 -23.80 -44.52
N THR D 225 33.42 -22.57 -44.93
CA THR D 225 34.72 -21.93 -44.79
C THR D 225 34.55 -20.68 -43.95
N PRO D 226 35.53 -20.31 -43.12
CA PRO D 226 35.30 -19.19 -42.19
C PRO D 226 35.28 -17.83 -42.87
N THR D 227 35.69 -17.73 -44.12
CA THR D 227 35.81 -16.45 -44.80
C THR D 227 34.56 -16.07 -45.58
N GLN D 228 33.44 -16.73 -45.35
CA GLN D 228 32.25 -16.51 -46.16
C GLN D 228 31.61 -15.18 -45.84
N SER D 229 30.98 -14.59 -46.85
CA SER D 229 30.24 -13.34 -46.68
C SER D 229 28.77 -13.57 -46.39
N GLU D 230 28.24 -14.74 -46.72
CA GLU D 230 26.84 -15.04 -46.55
C GLU D 230 26.60 -15.71 -45.20
N GLU D 231 25.34 -15.90 -44.87
CA GLU D 231 24.95 -16.60 -43.66
C GLU D 231 24.78 -18.07 -43.97
N THR D 232 25.07 -18.89 -42.97
CA THR D 232 24.99 -20.32 -43.16
C THR D 232 23.76 -20.92 -42.52
N TYR D 233 22.92 -20.12 -41.88
CA TYR D 233 21.62 -20.59 -41.46
C TYR D 233 20.62 -19.48 -41.72
N SER D 234 19.41 -19.90 -42.08
CA SER D 234 18.39 -18.96 -42.50
C SER D 234 17.73 -18.37 -41.27
N MET D 235 18.08 -17.14 -40.96
CA MET D 235 17.50 -16.44 -39.82
C MET D 235 16.01 -16.15 -40.02
N VAL D 236 15.59 -15.99 -41.27
CA VAL D 236 14.16 -15.80 -41.54
C VAL D 236 13.41 -17.09 -41.28
N THR D 237 13.97 -18.22 -41.69
CA THR D 237 13.34 -19.50 -41.46
C THR D 237 13.32 -19.84 -39.98
N ALA D 238 14.41 -19.50 -39.28
CA ALA D 238 14.49 -19.79 -37.85
C ALA D 238 13.54 -18.90 -37.07
N ASN D 239 13.32 -17.67 -37.53
CA ASN D 239 12.32 -16.83 -36.89
C ASN D 239 10.92 -17.35 -37.17
N ARG D 240 10.69 -17.84 -38.38
CA ARG D 240 9.36 -18.36 -38.67
C ARG D 240 9.10 -19.63 -37.88
N PHE D 241 10.14 -20.39 -37.51
CA PHE D 241 9.95 -21.59 -36.72
C PHE D 241 9.39 -21.27 -35.35
N TRP D 242 10.13 -20.49 -34.55
CA TRP D 242 9.78 -20.35 -33.14
C TRP D 242 8.59 -19.43 -32.94
N SER D 243 8.38 -18.50 -33.86
CA SER D 243 7.23 -17.63 -33.77
C SER D 243 5.94 -18.39 -33.99
N GLN D 244 6.03 -19.48 -34.71
CA GLN D 244 4.90 -20.31 -35.09
C GLN D 244 4.80 -21.56 -34.20
N ILE D 245 5.87 -21.91 -33.48
CA ILE D 245 5.86 -23.00 -32.51
C ILE D 245 5.71 -22.49 -31.10
N PHE D 246 6.65 -21.70 -30.62
CA PHE D 246 6.63 -21.19 -29.26
C PHE D 246 5.74 -19.97 -29.14
N GLY D 247 5.58 -19.22 -30.21
CA GLY D 247 4.80 -18.01 -30.21
C GLY D 247 5.62 -16.75 -30.28
N VAL D 248 6.84 -16.77 -29.76
CA VAL D 248 7.70 -15.61 -29.61
C VAL D 248 9.11 -16.01 -30.00
N ALA D 249 9.76 -15.22 -30.85
CA ALA D 249 11.06 -15.59 -31.39
C ALA D 249 11.98 -14.38 -31.51
N PHE D 250 13.27 -14.65 -31.67
CA PHE D 250 14.25 -13.59 -31.91
C PHE D 250 14.13 -13.08 -33.34
N SER D 251 14.64 -11.88 -33.57
CA SER D 251 14.78 -11.35 -34.91
C SER D 251 16.07 -10.58 -35.09
N ASN D 252 16.94 -10.55 -34.09
CA ASN D 252 18.27 -10.00 -34.24
C ASN D 252 19.29 -11.05 -33.89
N LYS D 253 20.39 -11.07 -34.63
CA LYS D 253 21.52 -11.86 -34.19
C LYS D 253 22.35 -11.12 -33.16
N ARG D 254 22.26 -9.79 -33.17
CA ARG D 254 22.97 -9.01 -32.17
C ARG D 254 22.27 -9.07 -30.84
N TRP D 255 20.94 -9.04 -30.83
CA TRP D 255 20.22 -9.12 -29.56
C TRP D 255 20.20 -10.53 -29.03
N LEU D 256 20.23 -11.53 -29.91
CA LEU D 256 20.29 -12.92 -29.47
C LEU D 256 21.59 -13.17 -28.74
N HIS D 257 22.70 -12.84 -29.37
CA HIS D 257 23.98 -13.20 -28.79
C HIS D 257 24.34 -12.32 -27.60
N PHE D 258 23.75 -11.15 -27.47
CA PHE D 258 23.86 -10.47 -26.20
C PHE D 258 23.06 -11.18 -25.13
N PHE D 259 21.92 -11.74 -25.51
CA PHE D 259 21.07 -12.41 -24.55
C PHE D 259 21.68 -13.72 -24.09
N MET D 260 22.47 -14.37 -24.95
CA MET D 260 23.22 -15.54 -24.51
C MET D 260 24.40 -15.13 -23.64
N LEU D 261 24.93 -13.93 -23.84
CA LEU D 261 25.89 -13.39 -22.88
C LEU D 261 25.22 -13.09 -21.56
N PHE D 262 24.03 -12.51 -21.62
CA PHE D 262 23.45 -11.87 -20.45
C PHE D 262 22.95 -12.87 -19.43
N VAL D 263 22.25 -13.92 -19.85
CA VAL D 263 21.52 -14.81 -18.95
C VAL D 263 22.42 -15.66 -18.05
N PRO D 264 23.48 -16.35 -18.51
CA PRO D 264 24.33 -17.05 -17.55
C PRO D 264 25.12 -16.13 -16.67
N VAL D 265 25.45 -14.94 -17.16
CA VAL D 265 26.29 -14.05 -16.39
C VAL D 265 25.50 -13.45 -15.24
N THR D 266 24.35 -12.84 -15.52
CA THR D 266 23.54 -12.26 -14.45
C THR D 266 22.90 -13.29 -13.55
N GLY D 267 22.94 -14.58 -13.91
CA GLY D 267 22.64 -15.60 -12.93
C GLY D 267 23.71 -15.67 -11.87
N LEU D 268 24.97 -15.58 -12.27
CA LEU D 268 26.05 -15.72 -11.31
C LEU D 268 26.21 -14.47 -10.45
N TRP D 269 25.75 -13.31 -10.90
CA TRP D 269 25.87 -12.13 -10.06
C TRP D 269 24.84 -12.16 -8.95
N THR D 270 23.58 -12.38 -9.32
CA THR D 270 22.51 -12.33 -8.33
C THR D 270 22.63 -13.47 -7.34
N SER D 271 23.16 -14.60 -7.78
CA SER D 271 23.46 -15.68 -6.85
C SER D 271 24.60 -15.29 -5.92
N SER D 272 25.62 -14.62 -6.44
CA SER D 272 26.75 -14.26 -5.60
C SER D 272 26.46 -13.07 -4.71
N ILE D 273 25.37 -12.33 -4.95
CA ILE D 273 24.95 -11.33 -3.97
C ILE D 273 24.40 -12.02 -2.73
N GLY D 274 23.64 -13.11 -2.92
CA GLY D 274 23.03 -13.78 -1.80
C GLY D 274 24.00 -14.56 -0.94
N ILE D 275 25.15 -14.93 -1.48
CA ILE D 275 26.14 -15.64 -0.68
C ILE D 275 26.97 -14.65 0.14
N VAL D 276 26.87 -13.37 -0.18
CA VAL D 276 27.30 -12.34 0.77
C VAL D 276 26.20 -12.06 1.79
N GLY D 277 25.01 -12.60 1.56
CA GLY D 277 24.02 -12.59 2.61
C GLY D 277 24.38 -13.52 3.76
N LEU D 278 24.80 -14.74 3.44
CA LEU D 278 25.06 -15.71 4.48
C LEU D 278 26.39 -15.50 5.15
N ALA D 279 27.30 -14.84 4.45
CA ALA D 279 28.59 -14.51 5.04
C ALA D 279 28.38 -13.78 6.33
N LEU D 280 27.38 -12.93 6.39
CA LEU D 280 27.02 -12.29 7.62
C LEU D 280 25.68 -12.77 8.18
N ASN D 281 25.20 -13.92 7.72
CA ASN D 281 24.03 -14.66 8.23
C ASN D 281 22.72 -13.90 8.13
N LEU D 282 22.64 -12.85 7.33
CA LEU D 282 21.34 -12.32 6.96
C LEU D 282 20.80 -13.21 5.86
N ARG D 283 19.76 -13.97 6.17
CA ARG D 283 19.31 -14.99 5.25
C ARG D 283 17.81 -15.09 5.24
N ALA D 284 17.28 -15.45 4.09
CA ALA D 284 15.90 -15.88 4.03
C ALA D 284 15.87 -17.28 4.62
N TYR D 285 15.63 -17.39 5.92
CA TYR D 285 15.51 -18.67 6.57
C TYR D 285 14.05 -19.07 6.75
N ASP D 286 13.25 -18.25 7.43
CA ASP D 286 11.86 -18.59 7.57
C ASP D 286 10.94 -17.46 7.12
N PHE D 287 9.75 -17.85 6.66
CA PHE D 287 8.62 -16.94 6.58
C PHE D 287 8.01 -16.90 7.96
N VAL D 288 7.61 -15.71 8.42
CA VAL D 288 7.21 -15.60 9.81
C VAL D 288 5.78 -16.08 10.00
N SER D 289 4.82 -15.51 9.26
CA SER D 289 3.41 -15.83 9.46
C SER D 289 3.10 -17.25 9.01
N GLN D 290 3.87 -17.76 8.06
CA GLN D 290 3.80 -19.16 7.70
C GLN D 290 4.23 -20.04 8.86
N GLU D 291 5.17 -19.55 9.66
CA GLU D 291 5.71 -20.28 10.79
C GLU D 291 4.98 -19.94 12.07
N LEU D 292 4.29 -18.80 12.10
CA LEU D 292 3.34 -18.55 13.17
C LEU D 292 2.26 -19.61 13.11
N ARG D 293 1.44 -19.60 12.04
CA ARG D 293 0.21 -20.39 11.94
C ARG D 293 0.43 -21.89 12.18
N ALA D 294 1.63 -22.38 11.86
CA ALA D 294 1.99 -23.75 12.22
C ALA D 294 2.06 -23.93 13.73
N ALA D 295 2.56 -22.92 14.45
CA ALA D 295 2.72 -23.05 15.89
C ALA D 295 1.44 -22.75 16.65
N GLU D 296 0.34 -22.39 15.97
CA GLU D 296 -0.97 -22.32 16.61
C GLU D 296 -1.97 -23.29 16.00
N ASP D 297 -1.65 -23.92 14.88
CA ASP D 297 -2.47 -25.00 14.32
C ASP D 297 -1.58 -26.21 14.13
N PRO D 298 -1.71 -27.27 14.93
CA PRO D 298 -0.98 -28.51 14.62
C PRO D 298 -1.58 -29.27 13.45
N GLU D 299 -2.69 -28.82 12.89
CA GLU D 299 -3.25 -29.39 11.69
C GLU D 299 -2.48 -28.96 10.44
N PHE D 300 -1.84 -27.81 10.49
CA PHE D 300 -1.43 -27.07 9.32
C PHE D 300 0.00 -27.43 8.90
N GLU D 301 0.12 -28.23 7.85
CA GLU D 301 1.41 -28.64 7.32
C GLU D 301 1.49 -28.22 5.86
N THR D 302 2.66 -27.71 5.47
CA THR D 302 3.01 -27.37 4.10
C THR D 302 4.22 -28.19 3.69
N PHE D 303 4.66 -28.04 2.45
CA PHE D 303 5.98 -28.58 2.08
C PHE D 303 7.07 -27.76 2.69
N TYR D 304 6.76 -26.53 3.03
CA TYR D 304 7.68 -25.62 3.66
C TYR D 304 8.07 -26.10 5.04
N THR D 305 7.08 -26.48 5.86
CA THR D 305 7.38 -26.96 7.20
C THR D 305 7.99 -28.35 7.15
N LYS D 306 7.75 -29.10 6.08
CA LYS D 306 8.45 -30.35 5.87
C LYS D 306 9.93 -30.13 5.66
N ASN D 307 10.29 -29.02 5.04
CA ASN D 307 11.69 -28.72 4.81
C ASN D 307 12.42 -28.29 6.07
N HIS D 308 11.71 -27.69 7.02
CA HIS D 308 12.35 -27.29 8.27
C HIS D 308 12.70 -28.48 9.13
N LEU D 309 11.87 -29.51 9.10
CA LEU D 309 12.20 -30.73 9.82
C LEU D 309 13.38 -31.42 9.19
N LEU D 310 13.48 -31.36 7.85
CA LEU D 310 14.67 -31.88 7.19
C LEU D 310 15.87 -31.02 7.46
N ASP D 311 15.68 -29.72 7.70
CA ASP D 311 16.81 -28.86 8.00
C ASP D 311 17.35 -29.14 9.38
N GLU D 312 16.50 -29.47 10.36
CA GLU D 312 17.03 -29.84 11.66
C GLU D 312 17.52 -31.27 11.71
N GLY D 313 17.24 -32.07 10.69
CA GLY D 313 18.01 -33.28 10.53
C GLY D 313 19.44 -32.97 10.18
N ILE D 314 19.64 -32.05 9.24
CA ILE D 314 21.00 -31.73 8.80
C ILE D 314 21.74 -30.97 9.90
N ARG D 315 21.04 -30.06 10.58
CA ARG D 315 21.67 -29.26 11.64
C ARG D 315 22.14 -30.14 12.79
N ALA D 316 21.29 -31.06 13.22
CA ALA D 316 21.60 -31.76 14.45
C ALA D 316 22.52 -32.95 14.21
N TRP D 317 22.27 -33.71 13.15
CA TRP D 317 23.05 -34.92 12.95
C TRP D 317 24.45 -34.59 12.45
N MET D 318 24.59 -33.63 11.54
CA MET D 318 25.90 -33.41 10.94
C MET D 318 26.87 -32.74 11.92
N ALA D 319 26.35 -31.88 12.80
CA ALA D 319 27.18 -30.91 13.51
C ALA D 319 28.15 -31.56 14.49
N ALA D 320 27.84 -32.76 14.98
CA ALA D 320 28.76 -33.45 15.86
C ALA D 320 30.01 -33.86 15.10
N GLN D 321 29.87 -34.11 13.80
CA GLN D 321 30.98 -34.46 12.94
C GLN D 321 31.26 -33.43 11.87
N ASP D 322 30.47 -32.36 11.81
CA ASP D 322 30.74 -31.23 10.92
C ASP D 322 31.83 -30.34 11.46
N GLN D 323 31.67 -29.87 12.70
CA GLN D 323 32.65 -29.03 13.38
C GLN D 323 33.20 -29.83 14.55
N PRO D 324 34.30 -30.53 14.33
CA PRO D 324 34.83 -31.39 15.37
C PRO D 324 35.51 -30.62 16.48
N HIS D 325 35.95 -29.41 16.19
CA HIS D 325 36.67 -28.62 17.17
C HIS D 325 35.75 -28.06 18.25
N GLU D 326 34.47 -27.86 17.94
CA GLU D 326 33.55 -27.33 18.94
C GLU D 326 33.01 -28.39 19.87
N ASN D 327 33.38 -29.65 19.66
CA ASN D 327 33.23 -30.74 20.63
C ASN D 327 31.79 -30.97 21.02
N PHE D 328 30.93 -31.03 20.02
CA PHE D 328 29.53 -31.32 20.26
C PHE D 328 29.39 -32.76 20.68
N VAL D 329 28.91 -32.96 21.88
CA VAL D 329 28.54 -34.29 22.35
C VAL D 329 27.02 -34.28 22.41
N PHE D 330 26.39 -35.08 21.57
CA PHE D 330 24.96 -35.13 21.49
C PHE D 330 24.47 -36.47 22.00
N PRO D 331 23.67 -36.49 23.06
CA PRO D 331 23.00 -37.72 23.48
C PRO D 331 22.06 -38.24 22.41
N GLU D 332 21.81 -39.54 22.45
CA GLU D 332 20.97 -40.09 21.40
C GLU D 332 19.49 -39.83 21.62
N GLU D 333 19.09 -39.49 22.84
CA GLU D 333 17.75 -38.97 23.07
C GLU D 333 17.63 -37.53 22.70
N VAL D 334 18.73 -36.83 22.55
CA VAL D 334 18.69 -35.43 22.18
C VAL D 334 18.45 -35.28 20.69
N LEU D 335 19.06 -36.16 19.92
CA LEU D 335 19.06 -36.11 18.47
C LEU D 335 17.65 -36.28 17.93
N PRO D 336 17.13 -35.30 17.20
CA PRO D 336 15.77 -35.41 16.66
C PRO D 336 15.70 -36.48 15.60
N ARG D 337 14.55 -37.12 15.53
CA ARG D 337 14.44 -38.38 14.81
C ARG D 337 12.97 -38.69 14.60
N GLY D 338 12.66 -39.26 13.46
CA GLY D 338 11.31 -39.72 13.19
C GLY D 338 11.01 -41.04 13.87
N ASN D 339 9.93 -41.67 13.43
CA ASN D 339 9.57 -43.01 13.89
C ASN D 339 10.37 -44.03 13.10
N ALA D 340 11.02 -44.95 13.83
CA ALA D 340 11.66 -46.17 13.35
C ALA D 340 12.90 -45.94 12.49
N LEU D 341 13.19 -44.70 12.15
CA LEU D 341 14.36 -44.33 11.38
C LEU D 341 14.59 -42.84 11.53
N SER E 1 51.23 -22.09 -37.46
CA SER E 1 51.48 -21.01 -38.41
C SER E 1 52.17 -19.82 -37.73
N THR E 2 52.54 -20.01 -36.47
CA THR E 2 53.22 -18.96 -35.70
C THR E 2 54.73 -19.13 -35.69
N GLY E 3 55.27 -19.96 -36.57
CA GLY E 3 56.70 -20.18 -36.58
C GLY E 3 57.20 -21.17 -35.56
N GLU E 4 56.43 -22.21 -35.30
CA GLU E 4 56.81 -23.27 -34.37
C GLU E 4 56.84 -24.61 -35.09
N ARG E 5 57.63 -25.52 -34.55
CA ARG E 5 57.64 -26.89 -35.06
C ARG E 5 56.35 -27.57 -34.65
N PRO E 6 55.63 -28.23 -35.57
CA PRO E 6 54.28 -28.69 -35.26
C PRO E 6 54.23 -29.85 -34.28
N PHE E 7 53.05 -30.02 -33.69
CA PHE E 7 52.82 -31.09 -32.72
C PHE E 7 52.89 -32.45 -33.39
N SER E 8 52.25 -32.58 -34.55
CA SER E 8 52.30 -33.83 -35.29
C SER E 8 53.65 -34.09 -35.94
N ASP E 9 54.54 -33.10 -35.95
CA ASP E 9 55.92 -33.29 -36.38
C ASP E 9 56.77 -33.87 -35.25
N ILE E 10 56.67 -33.30 -34.05
CA ILE E 10 57.51 -33.75 -32.95
C ILE E 10 57.08 -35.11 -32.44
N ILE E 11 55.79 -35.42 -32.51
CA ILE E 11 55.30 -36.62 -31.84
C ILE E 11 55.65 -37.87 -32.65
N THR E 12 55.89 -37.72 -33.94
CA THR E 12 56.27 -38.83 -34.80
C THR E 12 57.78 -38.95 -34.97
N SER E 13 58.54 -37.97 -34.48
CA SER E 13 59.97 -37.93 -34.72
C SER E 13 60.68 -39.05 -33.98
N VAL E 14 61.62 -39.70 -34.66
CA VAL E 14 62.36 -40.80 -34.06
C VAL E 14 63.28 -40.28 -32.96
N ARG E 15 63.90 -39.12 -33.20
CA ARG E 15 64.76 -38.49 -32.20
C ARG E 15 64.00 -38.18 -30.91
N TYR E 16 62.74 -37.75 -31.05
CA TYR E 16 61.85 -37.51 -29.93
C TYR E 16 61.71 -38.73 -29.03
N TRP E 17 61.61 -39.92 -29.61
CA TRP E 17 61.51 -41.13 -28.81
C TRP E 17 62.83 -41.56 -28.20
N ILE E 18 63.96 -41.07 -28.71
CA ILE E 18 65.25 -41.49 -28.17
C ILE E 18 65.52 -40.78 -26.85
N ILE E 19 65.19 -39.49 -26.76
CA ILE E 19 65.33 -38.78 -25.49
C ILE E 19 64.28 -39.27 -24.51
N HIS E 20 63.06 -39.52 -24.98
CA HIS E 20 61.95 -39.81 -24.09
C HIS E 20 61.87 -41.27 -23.66
N SER E 21 62.65 -42.17 -24.29
CA SER E 21 62.76 -43.50 -23.72
C SER E 21 63.67 -43.50 -22.50
N ILE E 22 64.43 -42.42 -22.33
CA ILE E 22 65.29 -42.29 -21.15
C ILE E 22 64.58 -41.55 -20.04
N THR E 23 63.97 -40.41 -20.37
CA THR E 23 63.49 -39.49 -19.34
C THR E 23 62.14 -39.90 -18.77
N ILE E 24 61.23 -40.42 -19.60
CA ILE E 24 59.91 -40.80 -19.11
C ILE E 24 59.95 -41.99 -18.17
N PRO E 25 60.74 -43.06 -18.42
CA PRO E 25 60.95 -44.03 -17.34
C PRO E 25 61.82 -43.51 -16.21
N SER E 26 62.56 -42.42 -16.40
CA SER E 26 63.30 -41.87 -15.28
C SER E 26 62.37 -41.12 -14.33
N LEU E 27 61.43 -40.33 -14.87
CA LEU E 27 60.54 -39.56 -14.02
C LEU E 27 59.42 -40.42 -13.46
N PHE E 28 59.11 -41.53 -14.10
CA PHE E 28 58.06 -42.39 -13.58
C PHE E 28 58.57 -43.17 -12.37
N VAL E 29 59.77 -43.76 -12.48
CA VAL E 29 60.35 -44.51 -11.38
C VAL E 29 60.78 -43.58 -10.25
N SER E 30 61.14 -42.33 -10.58
CA SER E 30 61.34 -41.33 -9.54
C SER E 30 60.04 -41.00 -8.84
N GLY E 31 58.92 -41.06 -9.56
CA GLY E 31 57.63 -40.94 -8.91
C GLY E 31 57.24 -42.16 -8.12
N TRP E 32 57.65 -43.34 -8.57
CA TRP E 32 57.43 -44.56 -7.80
C TRP E 32 58.21 -44.55 -6.51
N LEU E 33 59.53 -44.37 -6.60
CA LEU E 33 60.40 -44.48 -5.44
C LEU E 33 60.26 -43.32 -4.48
N PHE E 34 59.53 -42.28 -4.88
CA PHE E 34 59.26 -41.15 -3.99
C PHE E 34 58.44 -41.60 -2.80
N ILE E 35 57.48 -42.50 -3.02
CA ILE E 35 56.69 -43.06 -1.93
C ILE E 35 56.74 -44.57 -1.88
N SER E 36 57.54 -45.21 -2.72
CA SER E 36 57.95 -46.58 -2.39
C SER E 36 58.86 -46.57 -1.18
N THR E 37 59.68 -45.54 -1.05
CA THR E 37 60.47 -45.27 0.13
C THR E 37 59.74 -44.39 1.12
N GLY E 38 58.57 -43.89 0.73
CA GLY E 38 57.71 -43.13 1.63
C GLY E 38 58.26 -41.80 2.09
N LEU E 39 59.02 -41.12 1.24
CA LEU E 39 59.60 -39.84 1.59
C LEU E 39 58.55 -38.74 1.70
N ALA E 40 57.37 -38.93 1.10
CA ALA E 40 56.32 -37.93 1.18
C ALA E 40 55.68 -37.88 2.55
N TYR E 41 55.76 -39.00 3.27
CA TYR E 41 55.25 -39.06 4.63
C TYR E 41 56.01 -38.10 5.53
N ASP E 42 57.28 -37.85 5.20
CA ASP E 42 58.10 -36.95 5.98
C ASP E 42 58.11 -35.54 5.40
N VAL E 43 57.81 -35.39 4.12
CA VAL E 43 57.87 -34.06 3.52
C VAL E 43 56.52 -33.35 3.63
N PHE E 44 55.44 -34.06 3.40
CA PHE E 44 54.13 -33.46 3.55
C PHE E 44 53.52 -33.74 4.91
N GLY E 45 54.20 -34.51 5.74
CA GLY E 45 53.72 -34.78 7.08
C GLY E 45 52.45 -35.60 7.14
N THR E 46 52.15 -36.34 6.08
CA THR E 46 50.95 -37.14 6.07
C THR E 46 51.17 -38.42 6.86
N PRO E 47 50.19 -38.85 7.65
CA PRO E 47 50.43 -39.98 8.53
C PRO E 47 50.33 -41.30 7.80
N ARG E 48 51.14 -42.24 8.26
CA ARG E 48 51.14 -43.61 7.77
C ARG E 48 49.87 -44.31 8.25
N PRO E 49 49.55 -45.48 7.69
CA PRO E 49 48.43 -46.25 8.27
C PRO E 49 48.67 -46.72 9.68
N ASN E 50 49.93 -46.75 10.14
CA ASN E 50 50.19 -46.92 11.56
C ASN E 50 50.01 -45.64 12.35
N GLU E 51 50.07 -44.49 11.71
CA GLU E 51 50.34 -43.25 12.42
C GLU E 51 49.13 -42.33 12.56
N TYR E 52 47.92 -42.81 12.30
CA TYR E 52 46.76 -41.98 12.59
C TYR E 52 46.56 -41.83 14.08
N PHE E 53 46.99 -42.83 14.84
CA PHE E 53 46.89 -42.81 16.28
C PHE E 53 48.19 -43.35 16.86
N THR E 54 48.41 -43.08 18.13
CA THR E 54 49.58 -43.57 18.82
C THR E 54 49.15 -44.50 19.94
N GLN E 55 50.14 -44.99 20.70
CA GLN E 55 49.82 -45.74 21.91
C GLN E 55 49.17 -44.83 22.93
N ASP E 56 49.65 -43.60 23.05
CA ASP E 56 49.22 -42.72 24.14
C ASP E 56 47.86 -42.11 23.83
N ARG E 57 47.77 -41.31 22.77
CA ARG E 57 46.50 -40.74 22.36
C ARG E 57 45.85 -41.64 21.33
N GLN E 58 44.57 -41.91 21.52
CA GLN E 58 43.75 -42.59 20.54
C GLN E 58 42.56 -41.74 20.17
N GLN E 59 42.77 -40.45 20.01
CA GLN E 59 41.73 -39.47 19.73
C GLN E 59 42.11 -38.66 18.51
N VAL E 60 41.12 -38.04 17.89
CA VAL E 60 41.34 -37.29 16.65
C VAL E 60 42.12 -36.02 16.96
N PRO E 61 43.30 -35.85 16.37
CA PRO E 61 44.26 -34.79 16.78
C PRO E 61 44.09 -33.42 16.15
N LEU E 62 43.15 -32.63 16.62
CA LEU E 62 42.91 -31.35 15.98
C LEU E 62 43.64 -30.22 16.67
N VAL E 63 44.11 -29.27 15.86
CA VAL E 63 44.84 -28.11 16.32
C VAL E 63 43.89 -27.21 17.10
N ASN E 64 44.34 -26.66 18.22
CA ASN E 64 43.47 -25.91 19.10
C ASN E 64 43.86 -24.47 19.32
N ASP E 65 45.08 -24.08 19.01
CA ASP E 65 45.45 -22.68 19.15
C ASP E 65 46.01 -22.16 17.85
N ARG E 66 45.82 -20.86 17.64
CA ARG E 66 46.25 -20.19 16.42
C ARG E 66 47.76 -20.03 16.38
N PHE E 67 48.31 -19.31 17.35
CA PHE E 67 49.72 -18.91 17.29
C PHE E 67 50.64 -20.07 17.53
N SER E 68 50.29 -20.94 18.48
CA SER E 68 51.17 -22.01 18.91
C SER E 68 50.84 -23.32 18.25
N ALA E 69 50.39 -23.29 16.99
CA ALA E 69 50.16 -24.52 16.25
C ALA E 69 51.46 -25.20 15.88
N LYS E 70 52.56 -24.44 15.87
CA LYS E 70 53.88 -25.00 15.65
C LYS E 70 54.26 -25.97 16.75
N GLN E 71 53.83 -25.71 17.97
CA GLN E 71 54.11 -26.62 19.07
C GLN E 71 53.07 -27.72 19.18
N GLU E 72 51.84 -27.46 18.73
CA GLU E 72 50.77 -28.45 18.91
C GLU E 72 50.93 -29.62 17.95
N LEU E 73 51.31 -29.34 16.71
CA LEU E 73 51.52 -30.42 15.75
C LEU E 73 52.75 -31.23 16.08
N GLU E 74 53.74 -30.62 16.74
CA GLU E 74 54.92 -31.38 17.13
C GLU E 74 54.62 -32.34 18.28
N ASP E 75 53.60 -32.04 19.08
CA ASP E 75 53.28 -32.94 20.18
C ASP E 75 52.37 -34.06 19.76
N LEU E 76 51.47 -33.79 18.81
CA LEU E 76 50.57 -34.84 18.34
C LEU E 76 51.31 -35.88 17.53
N THR E 77 52.37 -35.49 16.83
CA THR E 77 53.16 -36.44 16.09
C THR E 77 54.28 -37.06 16.91
N LYS E 78 54.51 -36.60 18.14
CA LYS E 78 55.65 -37.06 18.92
C LYS E 78 55.44 -38.49 19.42
N GLY E 79 54.20 -38.86 19.72
CA GLY E 79 53.90 -40.18 20.24
C GLY E 79 54.17 -41.32 19.29
N PRO F 1 64.94 -24.09 -32.86
CA PRO F 1 63.85 -23.54 -32.05
C PRO F 1 63.31 -24.56 -31.06
N ILE F 2 64.16 -24.94 -30.10
CA ILE F 2 63.78 -25.97 -29.15
C ILE F 2 63.24 -25.37 -27.84
N PHE F 3 63.50 -24.09 -27.57
CA PHE F 3 62.95 -23.54 -26.33
C PHE F 3 61.57 -22.93 -26.50
N THR F 4 61.53 -21.72 -27.09
CA THR F 4 60.36 -21.00 -27.63
C THR F 4 59.06 -21.08 -26.80
N PHE F 5 59.19 -21.20 -25.47
CA PHE F 5 58.12 -21.24 -24.47
C PHE F 5 57.14 -22.40 -24.57
N ARG F 6 57.17 -23.18 -25.65
CA ARG F 6 56.22 -24.27 -25.77
C ARG F 6 56.80 -25.52 -25.18
N TRP F 7 58.12 -25.68 -25.30
CA TRP F 7 58.87 -26.67 -24.52
C TRP F 7 58.67 -26.46 -23.03
N LEU F 8 58.63 -25.21 -22.59
CA LEU F 8 58.47 -24.92 -21.17
C LEU F 8 57.02 -25.10 -20.73
N ALA F 9 56.07 -24.58 -21.50
CA ALA F 9 54.67 -24.67 -21.11
C ALA F 9 54.08 -26.06 -21.33
N VAL F 10 54.79 -26.96 -22.01
CA VAL F 10 54.41 -28.37 -21.92
C VAL F 10 55.09 -29.03 -20.73
N HIS F 11 56.40 -28.79 -20.56
CA HIS F 11 57.13 -29.43 -19.46
C HIS F 11 56.84 -28.78 -18.12
N GLY F 12 56.26 -27.60 -18.11
CA GLY F 12 55.68 -27.08 -16.88
C GLY F 12 54.60 -28.01 -16.37
N LEU F 13 53.86 -28.62 -17.27
CA LEU F 13 52.91 -29.64 -16.86
C LEU F 13 53.49 -31.04 -16.91
N ALA F 14 54.28 -31.36 -17.94
CA ALA F 14 54.54 -32.77 -18.26
C ALA F 14 55.50 -33.43 -17.27
N ILE F 15 56.48 -32.70 -16.75
CA ILE F 15 57.38 -33.27 -15.76
C ILE F 15 56.66 -33.49 -14.42
N PRO F 16 55.82 -32.56 -13.90
CA PRO F 16 55.03 -32.96 -12.71
C PRO F 16 53.99 -34.03 -12.95
N THR F 17 53.40 -34.15 -14.14
CA THR F 17 52.38 -35.19 -14.35
C THR F 17 53.00 -36.59 -14.27
N VAL F 18 54.13 -36.79 -14.95
CA VAL F 18 54.74 -38.12 -14.95
C VAL F 18 55.28 -38.46 -13.57
N PHE F 19 55.79 -37.45 -12.85
CA PHE F 19 56.28 -37.70 -11.51
C PHE F 19 55.14 -37.97 -10.54
N PHE F 20 53.96 -37.41 -10.79
CA PHE F 20 52.88 -37.65 -9.85
C PHE F 20 52.11 -38.90 -10.20
N LEU F 21 51.96 -39.19 -11.49
CA LEU F 21 51.37 -40.45 -11.90
C LEU F 21 52.24 -41.63 -11.54
N GLY F 22 53.56 -41.43 -11.45
CA GLY F 22 54.41 -42.44 -10.87
C GLY F 22 54.15 -42.61 -9.38
N GLY F 23 53.77 -41.52 -8.72
CA GLY F 23 53.41 -41.63 -7.32
C GLY F 23 52.06 -42.29 -7.13
N ILE F 24 51.06 -41.91 -7.94
CA ILE F 24 49.70 -42.40 -7.76
C ILE F 24 49.62 -43.89 -8.04
N THR F 25 50.41 -44.40 -8.97
CA THR F 25 50.48 -45.85 -9.14
C THR F 25 51.16 -46.54 -7.97
N ALA F 26 51.92 -45.83 -7.14
CA ALA F 26 52.39 -46.49 -5.93
C ALA F 26 51.34 -46.47 -4.86
N MET F 27 50.49 -45.44 -4.86
CA MET F 27 49.38 -45.36 -3.91
C MET F 27 48.36 -46.47 -4.13
N GLN F 28 48.31 -47.04 -5.34
CA GLN F 28 47.35 -48.09 -5.64
C GLN F 28 47.73 -49.41 -5.00
N PHE F 29 48.93 -49.52 -4.48
CA PHE F 29 49.37 -50.77 -3.91
C PHE F 29 49.58 -50.71 -2.40
N ILE F 30 49.89 -49.52 -1.86
CA ILE F 30 50.18 -49.33 -0.43
C ILE F 30 49.04 -49.82 0.44
N GLN F 31 49.35 -50.66 1.41
CA GLN F 31 48.32 -51.30 2.21
C GLN F 31 48.43 -50.88 3.67
N ARG F 32 47.34 -51.11 4.39
CA ARG F 32 47.24 -50.77 5.78
C ARG F 32 48.00 -51.79 6.62
N SER G 58 38.93 -19.11 15.22
CA SER G 58 38.31 -18.43 16.33
C SER G 58 38.61 -19.11 17.66
N VAL G 59 39.03 -18.29 18.62
CA VAL G 59 38.94 -18.65 20.02
C VAL G 59 37.46 -18.77 20.40
N SER G 60 37.10 -19.87 21.05
CA SER G 60 35.74 -20.03 21.52
C SER G 60 35.79 -20.64 22.91
N ALA G 61 34.63 -21.03 23.44
CA ALA G 61 34.60 -21.65 24.75
C ALA G 61 35.00 -23.12 24.67
N ALA G 62 34.59 -23.82 23.62
CA ALA G 62 34.91 -25.23 23.49
C ALA G 62 36.36 -25.48 23.13
N THR G 63 37.03 -24.49 22.53
CA THR G 63 38.46 -24.61 22.31
C THR G 63 39.23 -24.43 23.61
N ILE G 64 38.69 -23.65 24.54
CA ILE G 64 39.28 -23.54 25.86
C ILE G 64 39.07 -24.83 26.65
N ASN G 65 37.85 -25.36 26.60
CA ASN G 65 37.50 -26.65 27.21
C ASN G 65 38.38 -27.78 26.70
N ARG G 66 38.75 -27.75 25.42
CA ARG G 66 39.45 -28.87 24.86
C ARG G 66 40.90 -28.95 25.31
N ALA G 67 41.65 -27.85 25.14
CA ALA G 67 43.04 -27.82 25.59
C ALA G 67 43.15 -27.96 27.10
N ARG G 68 42.11 -27.54 27.82
CA ARG G 68 42.04 -27.83 29.25
C ARG G 68 41.76 -29.31 29.49
N GLY G 69 40.90 -29.92 28.68
CA GLY G 69 40.61 -31.33 28.86
C GLY G 69 41.73 -32.22 28.36
N LEU G 70 42.38 -31.83 27.26
CA LEU G 70 43.48 -32.61 26.70
C LEU G 70 44.69 -32.57 27.61
N TYR G 71 45.08 -31.38 28.02
CA TYR G 71 46.37 -31.20 28.64
C TYR G 71 46.29 -31.02 30.14
N GLY G 72 45.08 -30.86 30.68
CA GLY G 72 44.89 -31.00 32.12
C GLY G 72 45.06 -32.43 32.59
N ASP G 73 44.83 -33.40 31.71
CA ASP G 73 45.36 -34.74 31.96
C ASP G 73 46.86 -34.72 31.96
N ARG G 74 47.47 -34.01 31.00
CA ARG G 74 48.89 -34.04 30.73
C ARG G 74 49.69 -33.16 31.70
N ILE G 75 49.04 -32.52 32.66
CA ILE G 75 49.78 -31.81 33.69
C ILE G 75 49.62 -32.55 35.01
N ALA G 76 48.38 -32.93 35.33
CA ALA G 76 48.10 -33.55 36.63
C ALA G 76 48.65 -34.95 36.73
N ALA G 77 48.82 -35.66 35.60
CA ALA G 77 49.37 -37.01 35.64
C ALA G 77 50.86 -37.02 35.93
N LEU G 78 51.51 -35.87 35.96
CA LEU G 78 52.90 -35.75 36.37
C LEU G 78 53.06 -35.64 37.88
N LYS G 79 51.96 -35.82 38.62
CA LYS G 79 52.03 -36.05 40.06
C LYS G 79 52.82 -37.30 40.39
N ASP G 80 52.77 -38.30 39.50
CA ASP G 80 53.62 -39.48 39.65
C ASP G 80 55.10 -39.14 39.50
N ALA G 81 55.43 -38.13 38.68
CA ALA G 81 56.81 -37.77 38.42
C ALA G 81 57.35 -36.73 39.40
N VAL G 82 56.50 -36.05 40.16
CA VAL G 82 56.99 -35.18 41.21
C VAL G 82 57.56 -36.00 42.37
N ALA G 83 56.95 -37.15 42.64
CA ALA G 83 57.24 -38.02 43.77
C ALA G 83 58.69 -38.50 43.81
N ALA G 84 59.11 -39.25 42.79
CA ALA G 84 60.52 -39.61 42.69
C ALA G 84 61.40 -38.45 42.26
N GLY G 85 60.82 -37.42 41.65
CA GLY G 85 61.60 -36.33 41.11
C GLY G 85 62.25 -36.71 39.80
N ASP G 86 61.44 -37.15 38.85
CA ASP G 86 61.96 -37.55 37.54
C ASP G 86 62.26 -36.31 36.72
N PHE G 87 63.54 -36.01 36.54
CA PHE G 87 63.95 -34.75 35.96
C PHE G 87 63.87 -34.74 34.45
N LYS G 88 63.86 -35.90 33.82
CA LYS G 88 63.63 -35.97 32.37
C LYS G 88 62.14 -35.93 32.06
N ALA G 89 61.31 -36.50 32.93
CA ALA G 89 59.86 -36.54 32.71
C ALA G 89 59.22 -35.17 32.80
N ILE G 90 59.87 -34.20 33.42
CA ILE G 90 59.40 -32.82 33.36
C ILE G 90 59.86 -32.17 32.06
N ALA G 91 61.11 -32.45 31.65
CA ALA G 91 61.65 -31.83 30.45
C ALA G 91 61.01 -32.38 29.18
N GLU G 92 60.49 -33.60 29.23
CA GLU G 92 59.76 -34.14 28.09
C GLU G 92 58.36 -33.55 27.97
N GLU G 93 57.83 -33.02 29.07
CA GLU G 93 56.51 -32.43 29.07
C GLU G 93 56.55 -30.92 29.15
N LYS G 94 57.64 -30.29 28.69
CA LYS G 94 57.72 -28.84 28.65
C LYS G 94 56.65 -28.25 27.75
N ASN G 95 56.37 -28.90 26.63
CA ASN G 95 55.36 -28.42 25.71
C ASN G 95 53.95 -28.63 26.23
N ALA G 96 53.77 -29.52 27.22
CA ALA G 96 52.48 -29.65 27.88
C ALA G 96 52.16 -28.41 28.69
N PHE G 97 53.17 -27.85 29.36
CA PHE G 97 52.98 -26.61 30.11
C PHE G 97 52.73 -25.45 29.16
N ILE G 98 53.43 -25.45 28.02
CA ILE G 98 53.36 -24.33 27.09
C ILE G 98 52.01 -24.30 26.40
N LEU G 99 51.45 -25.46 26.09
CA LEU G 99 50.27 -25.48 25.24
C LEU G 99 48.97 -25.50 26.02
N PHE G 100 49.00 -25.93 27.28
CA PHE G 100 47.87 -25.63 28.16
C PHE G 100 47.80 -24.14 28.41
N ASN G 101 48.97 -23.49 28.51
CA ASN G 101 49.07 -22.05 28.71
C ASN G 101 48.50 -21.29 27.53
N SER G 102 48.61 -21.84 26.33
CA SER G 102 48.07 -21.17 25.15
C SER G 102 46.58 -21.42 24.99
N GLY G 103 46.11 -22.59 25.41
CA GLY G 103 44.73 -22.97 25.18
C GLY G 103 43.76 -22.61 26.27
N ALA G 104 44.20 -22.66 27.53
CA ALA G 104 43.28 -22.40 28.63
C ALA G 104 42.99 -20.92 28.80
N TYR G 105 43.96 -20.05 28.50
CA TYR G 105 43.74 -18.60 28.55
C TYR G 105 44.18 -17.93 27.27
N PRO G 106 43.45 -18.15 26.15
CA PRO G 106 43.90 -17.56 24.88
C PRO G 106 43.48 -16.10 24.71
N THR G 107 42.30 -15.74 25.20
CA THR G 107 41.88 -14.34 25.17
C THR G 107 42.36 -13.61 26.41
N ASN G 108 42.26 -14.27 27.56
CA ASN G 108 42.74 -13.71 28.83
C ASN G 108 44.26 -13.70 28.80
N LYS G 109 44.84 -12.53 28.55
CA LYS G 109 46.29 -12.41 28.54
C LYS G 109 46.87 -12.15 29.92
N ALA G 110 46.06 -11.66 30.86
CA ALA G 110 46.57 -11.37 32.19
C ALA G 110 46.69 -12.64 33.02
N LYS G 111 45.75 -13.58 32.87
CA LYS G 111 45.91 -14.87 33.52
C LYS G 111 46.89 -15.74 32.75
N LYS G 112 47.04 -15.51 31.45
CA LYS G 112 48.05 -16.23 30.67
C LYS G 112 49.45 -15.84 31.11
N ASN G 113 49.70 -14.54 31.21
CA ASN G 113 51.00 -14.06 31.68
C ASN G 113 51.21 -14.31 33.16
N ALA G 114 50.13 -14.56 33.90
CA ALA G 114 50.29 -15.18 35.22
C ALA G 114 50.80 -16.60 35.10
N ALA G 115 50.24 -17.37 34.17
CA ALA G 115 50.63 -18.76 34.03
C ALA G 115 51.93 -18.94 33.26
N ILE G 116 52.45 -17.88 32.63
CA ILE G 116 53.82 -17.92 32.13
C ILE G 116 54.78 -18.07 33.30
N ALA G 117 54.71 -17.12 34.26
CA ALA G 117 55.65 -17.11 35.37
C ALA G 117 55.42 -18.25 36.34
N GLN G 118 54.21 -18.80 36.39
CA GLN G 118 53.98 -20.01 37.17
C GLN G 118 54.61 -21.21 36.50
N THR G 119 54.79 -21.17 35.18
CA THR G 119 55.51 -22.22 34.47
C THR G 119 57.02 -22.03 34.57
N ASN G 120 57.48 -20.77 34.54
CA ASN G 120 58.90 -20.48 34.69
C ASN G 120 59.41 -20.88 36.07
N GLU G 121 58.58 -20.70 37.10
CA GLU G 121 58.95 -21.06 38.46
C GLU G 121 59.09 -22.58 38.62
N ILE G 122 58.40 -23.35 37.77
CA ILE G 122 58.61 -24.79 37.77
C ILE G 122 59.99 -25.13 37.22
N PHE G 123 60.35 -24.53 36.09
CA PHE G 123 61.59 -24.93 35.42
C PHE G 123 62.80 -24.26 36.04
N LYS G 124 62.63 -23.09 36.67
CA LYS G 124 63.70 -22.49 37.45
C LYS G 124 64.03 -23.32 38.68
N ALA G 125 63.02 -24.00 39.25
CA ALA G 125 63.27 -24.79 40.45
C ALA G 125 63.96 -26.10 40.12
N ILE G 126 63.54 -26.77 39.05
CA ILE G 126 64.18 -28.04 38.67
C ILE G 126 65.57 -27.85 38.09
N ARG G 127 65.91 -26.63 37.66
CA ARG G 127 67.27 -26.38 37.20
C ARG G 127 68.24 -26.31 38.37
N SER G 128 67.82 -25.71 39.49
CA SER G 128 68.59 -25.82 40.71
C SER G 128 68.53 -27.24 41.27
N GLY G 129 67.32 -27.78 41.43
CA GLY G 129 67.13 -29.14 41.85
C GLY G 129 66.53 -29.33 43.23
N ASP G 130 66.08 -28.26 43.88
CA ASP G 130 65.46 -28.35 45.19
C ASP G 130 64.08 -28.98 45.04
N LYS G 131 63.98 -30.27 45.34
CA LYS G 131 62.74 -31.04 45.18
C LYS G 131 61.64 -30.52 46.09
N ALA G 132 62.00 -29.90 47.20
CA ALA G 132 61.01 -29.26 48.08
C ALA G 132 60.39 -28.05 47.41
N ALA G 133 61.20 -27.23 46.74
CA ALA G 133 60.68 -26.03 46.10
C ALA G 133 60.01 -26.32 44.77
N VAL G 134 60.25 -27.49 44.19
CA VAL G 134 59.55 -27.88 42.96
C VAL G 134 58.09 -28.16 43.26
N LYS G 135 57.84 -29.02 44.25
CA LYS G 135 56.48 -29.31 44.66
C LYS G 135 55.82 -28.09 45.31
N SER G 136 56.62 -27.22 45.93
CA SER G 136 56.10 -25.96 46.48
C SER G 136 55.64 -25.02 45.38
N ALA G 137 56.14 -25.20 44.15
CA ALA G 137 55.65 -24.43 43.03
C ALA G 137 54.59 -25.20 42.23
N TYR G 138 54.73 -26.53 42.15
CA TYR G 138 53.80 -27.31 41.35
C TYR G 138 52.43 -27.43 42.01
N ASP G 139 52.38 -27.36 43.34
CA ASP G 139 51.11 -27.24 44.04
C ASP G 139 50.42 -25.93 43.69
N ALA G 140 51.19 -24.85 43.58
CA ALA G 140 50.61 -23.55 43.28
C ALA G 140 50.11 -23.48 41.84
N TYR G 141 50.69 -24.26 40.94
CA TYR G 141 50.28 -24.23 39.54
C TYR G 141 48.91 -24.88 39.36
N MET G 142 48.69 -26.02 40.02
CA MET G 142 47.40 -26.69 39.94
C MET G 142 46.33 -25.96 40.74
N ALA G 143 46.70 -25.27 41.81
CA ALA G 143 45.71 -24.63 42.67
C ALA G 143 45.35 -23.23 42.19
N ALA G 144 46.10 -22.66 41.25
CA ALA G 144 45.72 -21.37 40.70
C ALA G 144 44.92 -21.54 39.42
N ASN G 145 45.34 -22.45 38.55
CA ASN G 145 44.73 -22.62 37.24
C ASN G 145 43.64 -23.66 37.22
N ASP G 146 43.41 -24.37 38.34
CA ASP G 146 42.52 -25.52 38.45
C ASP G 146 42.83 -26.57 37.40
N ILE G 147 44.01 -27.18 37.56
CA ILE G 147 44.33 -28.39 36.81
C ILE G 147 43.49 -29.53 37.36
N ARG G 148 42.81 -30.25 36.46
CA ARG G 148 42.06 -31.39 36.88
C ARG G 148 42.14 -32.45 35.79
N PRO G 149 42.47 -33.69 36.14
CA PRO G 149 42.34 -34.78 35.19
C PRO G 149 40.87 -35.14 34.97
N LEU G 150 40.63 -35.97 33.98
CA LEU G 150 39.30 -36.51 33.79
C LEU G 150 39.15 -37.79 34.60
N PRO G 151 38.20 -37.89 35.52
CA PRO G 151 37.99 -39.15 36.24
C PRO G 151 37.11 -40.09 35.44
N GLU G 152 36.77 -41.21 36.07
CA GLU G 152 35.89 -42.20 35.45
C GLU G 152 34.47 -41.66 35.38
N ILE G 153 33.88 -41.79 34.20
CA ILE G 153 32.45 -41.51 34.07
C ILE G 153 31.75 -42.84 33.93
N ASN G 154 30.42 -42.80 34.03
CA ASN G 154 29.62 -44.00 34.14
C ASN G 154 28.38 -43.79 33.30
N ALA G 155 27.36 -44.57 33.59
CA ALA G 155 26.15 -44.52 32.77
C ALA G 155 25.28 -43.31 33.12
N ASN G 156 25.18 -42.97 34.41
CA ASN G 156 24.39 -41.81 34.87
C ASN G 156 25.21 -40.52 34.81
N ILE G 157 26.52 -40.62 35.03
CA ILE G 157 27.36 -39.45 35.20
C ILE G 157 28.17 -39.15 33.94
N GLY G 158 27.80 -39.74 32.81
CA GLY G 158 28.78 -39.88 31.74
C GLY G 158 28.40 -39.25 30.42
N GLN G 159 28.57 -40.04 29.36
CA GLN G 159 28.62 -39.58 27.97
C GLN G 159 29.70 -38.53 27.77
N GLY G 160 30.95 -39.00 27.71
CA GLY G 160 32.03 -38.11 27.39
C GLY G 160 32.07 -37.71 25.92
N TYR G 161 31.73 -38.63 25.03
CA TYR G 161 31.84 -38.40 23.59
C TYR G 161 30.60 -38.90 22.89
N SER G 162 30.21 -38.24 21.80
CA SER G 162 29.23 -38.79 20.88
C SER G 162 29.82 -39.01 19.51
N SER G 163 30.44 -37.99 18.93
CA SER G 163 31.22 -38.21 17.74
C SER G 163 32.52 -38.89 18.11
N ASP G 164 33.14 -39.52 17.13
CA ASP G 164 34.48 -40.05 17.30
C ASP G 164 35.54 -39.00 17.06
N PHE G 165 35.12 -37.79 16.75
CA PHE G 165 35.99 -36.63 16.56
C PHE G 165 36.33 -35.95 17.86
N ASP G 166 35.71 -36.37 18.96
CA ASP G 166 35.92 -35.70 20.23
C ASP G 166 37.30 -36.03 20.78
N PHE G 167 37.73 -35.20 21.71
CA PHE G 167 39.08 -35.31 22.24
C PHE G 167 39.16 -36.26 23.42
N ARG G 168 38.06 -36.95 23.74
CA ARG G 168 37.97 -37.86 24.86
C ARG G 168 37.32 -39.18 24.48
N VAL G 169 37.64 -39.73 23.31
CA VAL G 169 36.95 -40.93 22.84
C VAL G 169 37.45 -42.16 23.57
N ARG G 170 38.75 -42.39 23.54
CA ARG G 170 39.30 -43.56 24.20
C ARG G 170 39.89 -43.24 25.57
N THR G 171 39.46 -42.14 26.19
CA THR G 171 39.92 -41.81 27.54
C THR G 171 39.04 -42.49 28.57
N LYS G 172 39.45 -42.42 29.85
CA LYS G 172 38.68 -43.06 30.90
C LYS G 172 37.41 -42.30 31.25
N ALA G 173 37.32 -41.02 30.85
CA ALA G 173 36.05 -40.33 30.74
C ALA G 173 35.49 -40.41 29.33
N GLY G 174 35.79 -41.49 28.61
CA GLY G 174 35.10 -41.78 27.38
C GLY G 174 34.13 -42.92 27.60
N ALA G 175 32.84 -42.63 27.53
CA ALA G 175 31.81 -43.65 27.56
C ALA G 175 30.60 -43.12 26.81
N ILE G 176 29.69 -44.02 26.46
CA ILE G 176 28.46 -43.65 25.79
C ILE G 176 27.36 -44.56 26.28
N TYR G 177 26.19 -44.00 26.49
CA TYR G 177 24.99 -44.80 26.73
C TYR G 177 24.42 -45.22 25.38
N VAL G 178 24.68 -46.47 24.99
CA VAL G 178 24.48 -46.91 23.60
C VAL G 178 23.01 -47.01 23.26
N ARG G 179 22.19 -47.50 24.20
CA ARG G 179 20.74 -47.80 24.07
C ARG G 179 20.31 -48.38 22.72
N ALA H 1 30.29 33.64 -24.88
CA ALA H 1 29.73 32.43 -24.28
C ALA H 1 29.58 32.57 -22.77
N LEU H 2 28.88 33.63 -22.34
CA LEU H 2 28.50 33.92 -20.95
C LEU H 2 29.72 33.93 -20.03
N ARG H 3 30.52 34.98 -20.09
CA ARG H 3 31.54 35.17 -19.07
C ARG H 3 30.92 35.71 -17.79
N THR H 4 31.19 35.05 -16.67
CA THR H 4 30.81 35.57 -15.37
C THR H 4 32.03 36.12 -14.65
N ARG H 5 31.79 36.67 -13.47
CA ARG H 5 32.89 37.05 -12.60
C ARG H 5 33.66 35.82 -12.14
N LEU H 6 32.92 34.84 -11.60
CA LEU H 6 33.55 33.61 -11.11
C LEU H 6 34.10 32.79 -12.26
N GLY H 7 33.51 32.91 -13.44
CA GLY H 7 34.07 32.27 -14.61
C GLY H 7 35.44 32.81 -14.97
N GLU H 8 35.66 34.10 -14.72
CA GLU H 8 36.97 34.70 -14.97
C GLU H 8 37.94 34.44 -13.82
N ILE H 9 37.43 34.25 -12.60
CA ILE H 9 38.32 33.96 -11.48
C ILE H 9 38.88 32.54 -11.60
N LEU H 10 38.06 31.60 -12.05
CA LEU H 10 38.51 30.22 -12.21
C LEU H 10 38.89 29.89 -13.65
N ARG H 11 38.88 30.87 -14.54
CA ARG H 11 39.39 30.65 -15.89
C ARG H 11 40.84 30.17 -15.99
N PRO H 12 41.81 30.62 -15.17
CA PRO H 12 43.16 30.03 -15.31
C PRO H 12 43.25 28.56 -14.99
N LEU H 13 42.37 28.01 -14.16
CA LEU H 13 42.56 26.62 -13.78
C LEU H 13 42.12 25.66 -14.90
N ASN H 14 41.23 26.12 -15.77
CA ASN H 14 40.88 25.42 -17.01
C ASN H 14 41.64 25.98 -18.21
N ALA H 15 42.87 26.46 -18.03
CA ALA H 15 43.59 27.02 -19.17
C ALA H 15 44.29 25.92 -19.94
N GLU H 16 45.19 25.20 -19.30
CA GLU H 16 45.85 24.08 -19.94
C GLU H 16 44.84 22.98 -20.17
N TYR H 17 44.88 22.36 -21.34
CA TYR H 17 44.08 21.19 -21.60
C TYR H 17 44.87 20.28 -22.53
N GLY H 18 45.25 19.13 -22.01
CA GLY H 18 46.12 18.27 -22.77
C GLY H 18 47.53 18.78 -22.89
N LYS H 19 47.96 19.74 -22.07
CA LYS H 19 49.35 20.12 -22.03
C LYS H 19 50.12 19.04 -21.29
N VAL H 20 51.04 18.39 -21.98
CA VAL H 20 51.54 17.10 -21.50
C VAL H 20 53.07 17.14 -21.48
N ALA H 21 53.65 16.71 -20.36
CA ALA H 21 55.10 16.54 -20.27
C ALA H 21 55.57 15.52 -21.32
N PRO H 22 56.70 15.78 -21.98
CA PRO H 22 57.05 15.01 -23.18
C PRO H 22 57.67 13.64 -22.87
N GLY H 23 56.83 12.72 -22.42
CA GLY H 23 57.25 11.34 -22.34
C GLY H 23 57.99 10.98 -21.07
N TRP H 24 57.51 9.93 -20.42
CA TRP H 24 58.07 9.21 -19.27
C TRP H 24 58.03 9.96 -17.94
N GLY H 25 57.87 11.28 -17.98
CA GLY H 25 57.62 12.17 -16.86
C GLY H 25 58.30 11.90 -15.52
N THR H 26 57.46 11.64 -14.52
CA THR H 26 57.88 11.23 -13.21
C THR H 26 57.46 9.80 -12.88
N THR H 27 57.12 9.00 -13.89
CA THR H 27 56.67 7.63 -13.65
C THR H 27 57.65 6.69 -12.96
N PRO H 28 58.99 6.87 -13.00
CA PRO H 28 59.79 6.11 -12.03
C PRO H 28 59.54 6.52 -10.60
N ILE H 29 59.29 7.80 -10.35
CA ILE H 29 59.00 8.24 -8.98
C ILE H 29 57.62 7.78 -8.57
N MET H 30 56.66 7.78 -9.51
CA MET H 30 55.31 7.31 -9.20
C MET H 30 55.30 5.81 -8.88
N GLY H 31 56.12 5.04 -9.57
CA GLY H 31 56.15 3.60 -9.32
C GLY H 31 56.71 3.27 -7.95
N ILE H 32 57.72 4.02 -7.51
CA ILE H 32 58.33 3.76 -6.21
C ILE H 32 57.37 4.13 -5.08
N VAL H 33 56.65 5.24 -5.25
CA VAL H 33 55.65 5.64 -4.27
C VAL H 33 54.52 4.63 -4.23
N MET H 34 54.10 4.14 -5.40
CA MET H 34 53.03 3.16 -5.47
C MET H 34 53.49 1.80 -4.94
N LEU H 35 54.78 1.48 -5.10
CA LEU H 35 55.32 0.26 -4.50
C LEU H 35 55.41 0.41 -2.99
N ALA H 36 55.71 1.61 -2.50
CA ALA H 36 55.76 1.81 -1.06
C ALA H 36 54.38 1.85 -0.45
N PHE H 37 53.38 2.27 -1.23
CA PHE H 37 52.01 2.25 -0.74
C PHE H 37 51.48 0.84 -0.65
N LEU H 38 51.93 -0.07 -1.52
CA LEU H 38 51.47 -1.44 -1.47
C LEU H 38 52.06 -2.16 -0.26
N ILE H 39 53.34 -1.94 0.03
CA ILE H 39 53.97 -2.50 1.22
C ILE H 39 53.27 -1.99 2.46
N PHE H 40 52.86 -0.73 2.43
CA PHE H 40 52.13 -0.13 3.54
C PHE H 40 50.77 -0.79 3.75
N LEU H 41 50.14 -1.25 2.68
CA LEU H 41 48.85 -1.90 2.84
C LEU H 41 48.99 -3.35 3.28
N VAL H 42 50.08 -4.02 2.91
CA VAL H 42 50.31 -5.38 3.38
C VAL H 42 50.59 -5.38 4.87
N ILE H 43 51.27 -4.35 5.36
CA ILE H 43 51.55 -4.25 6.79
C ILE H 43 50.26 -4.03 7.59
N ILE H 44 49.37 -3.17 7.08
CA ILE H 44 48.10 -2.92 7.76
C ILE H 44 47.22 -4.17 7.71
N LEU H 45 47.26 -4.89 6.58
CA LEU H 45 46.46 -6.10 6.44
C LEU H 45 46.91 -7.17 7.40
N GLN H 46 48.19 -7.21 7.72
CA GLN H 46 48.70 -8.30 8.53
C GLN H 46 48.80 -7.98 10.00
N ILE H 47 48.90 -6.72 10.37
CA ILE H 47 48.71 -6.35 11.77
C ILE H 47 47.26 -6.64 12.17
N TYR H 48 46.32 -6.24 11.32
CA TYR H 48 44.90 -6.36 11.62
C TYR H 48 44.45 -7.81 11.63
N ASN H 49 45.02 -8.65 10.78
CA ASN H 49 44.82 -10.09 10.80
C ASN H 49 45.42 -10.73 12.04
N SER H 50 46.39 -10.07 12.67
CA SER H 50 47.35 -10.65 13.61
C SER H 50 48.10 -11.81 12.98
N SER H 51 48.38 -11.69 11.69
CA SER H 51 49.40 -12.48 11.03
C SER H 51 50.75 -11.79 11.09
N LEU H 52 50.83 -10.70 11.84
CA LEU H 52 52.06 -9.98 12.15
C LEU H 52 51.84 -9.35 13.52
N ILE H 53 52.82 -9.46 14.40
CA ILE H 53 52.65 -9.11 15.80
C ILE H 53 53.75 -8.12 16.20
N ILE H 54 53.36 -7.00 16.77
CA ILE H 54 54.28 -5.97 17.24
C ILE H 54 54.29 -5.98 18.76
N GLU H 55 55.46 -5.66 19.34
CA GLU H 55 55.60 -5.45 20.78
C GLU H 55 54.63 -4.40 21.29
N ASN H 56 53.89 -4.76 22.35
CA ASN H 56 52.95 -3.90 23.06
C ASN H 56 51.82 -3.40 22.15
N VAL H 57 51.41 -4.23 21.18
CA VAL H 57 50.28 -3.94 20.31
C VAL H 57 49.42 -5.19 20.22
N ASP H 58 48.18 -5.10 20.70
CA ASP H 58 47.24 -6.20 20.57
C ASP H 58 46.10 -5.79 19.65
N VAL H 59 45.47 -6.78 19.03
CA VAL H 59 44.32 -6.52 18.16
C VAL H 59 43.06 -6.88 18.95
N ASP H 60 42.62 -5.93 19.76
CA ASP H 60 41.64 -6.24 20.79
C ASP H 60 41.06 -4.95 21.29
N TRP H 61 39.81 -5.03 21.75
CA TRP H 61 39.08 -3.86 22.26
C TRP H 61 39.78 -3.29 23.49
N ALA H 62 40.25 -2.05 23.38
CA ALA H 62 40.97 -1.37 24.45
C ALA H 62 40.15 -0.21 24.98
N ASN H 63 40.45 0.24 26.20
CA ASN H 63 39.71 1.33 26.80
C ASN H 63 40.45 2.64 26.58
N GLY H 64 40.27 3.22 25.39
CA GLY H 64 40.52 4.64 25.23
C GLY H 64 39.61 5.39 26.19
N ILE H 65 40.23 6.29 26.96
CA ILE H 65 39.51 7.09 27.94
C ILE H 65 40.35 8.29 28.40
N MET I 1 -21.00 -40.44 -11.27
CA MET I 1 -19.85 -39.82 -11.90
C MET I 1 -19.51 -40.57 -13.17
N LEU I 2 -20.50 -41.28 -13.69
CA LEU I 2 -20.34 -42.01 -14.94
C LEU I 2 -20.47 -41.09 -16.14
N THR I 3 -21.25 -40.02 -15.99
CA THR I 3 -21.45 -39.07 -17.08
C THR I 3 -20.14 -38.35 -17.42
N LEU I 4 -19.33 -38.06 -16.41
CA LEU I 4 -18.00 -37.52 -16.67
C LEU I 4 -17.11 -38.56 -17.33
N LYS I 5 -17.30 -39.83 -16.97
CA LYS I 5 -16.49 -40.88 -17.58
C LYS I 5 -16.83 -41.02 -19.05
N ILE I 6 -18.09 -40.78 -19.41
CA ILE I 6 -18.46 -40.78 -20.82
C ILE I 6 -17.83 -39.58 -21.53
N LEU I 7 -18.07 -38.37 -21.00
CA LEU I 7 -17.68 -37.14 -21.70
C LEU I 7 -16.17 -37.02 -21.85
N VAL I 8 -15.41 -37.43 -20.84
CA VAL I 8 -13.96 -37.44 -20.97
C VAL I 8 -13.56 -38.45 -22.03
N TYR I 9 -14.28 -39.56 -22.09
CA TYR I 9 -13.95 -40.53 -23.10
C TYR I 9 -14.54 -40.18 -24.45
N THR I 10 -15.53 -39.28 -24.51
CA THR I 10 -15.89 -38.73 -25.82
C THR I 10 -14.71 -38.00 -26.40
N THR I 11 -14.12 -37.12 -25.59
CA THR I 11 -13.20 -36.15 -26.12
C THR I 11 -11.80 -36.73 -26.27
N VAL I 12 -11.46 -37.80 -25.53
CA VAL I 12 -10.13 -38.40 -25.72
C VAL I 12 -10.05 -39.09 -27.07
N ILE I 13 -10.96 -40.05 -27.33
CA ILE I 13 -10.95 -40.77 -28.59
C ILE I 13 -11.35 -39.89 -29.76
N PHE I 14 -11.92 -38.72 -29.48
CA PHE I 14 -12.07 -37.66 -30.48
C PHE I 14 -10.74 -37.17 -31.03
N PHE I 15 -9.95 -36.52 -30.16
CA PHE I 15 -8.71 -35.88 -30.60
C PHE I 15 -7.66 -36.91 -30.98
N VAL I 16 -7.74 -38.11 -30.40
CA VAL I 16 -6.82 -39.17 -30.80
C VAL I 16 -7.14 -39.67 -32.19
N SER I 17 -8.44 -39.71 -32.55
CA SER I 17 -8.81 -40.17 -33.89
C SER I 17 -8.45 -39.14 -34.94
N LEU I 18 -8.40 -37.86 -34.58
CA LEU I 18 -7.87 -36.86 -35.49
C LEU I 18 -6.41 -37.17 -35.82
N PHE I 19 -5.62 -37.42 -34.76
CA PHE I 19 -4.20 -37.73 -34.89
C PHE I 19 -3.94 -38.95 -35.73
N ILE I 20 -4.78 -39.97 -35.57
CA ILE I 20 -4.63 -41.21 -36.33
C ILE I 20 -4.86 -40.95 -37.80
N PHE I 21 -5.89 -40.19 -38.12
CA PHE I 21 -6.21 -39.93 -39.51
C PHE I 21 -5.59 -38.67 -40.03
N GLY I 22 -4.65 -38.11 -39.29
CA GLY I 22 -3.83 -37.08 -39.86
C GLY I 22 -2.61 -37.64 -40.56
N PHE I 23 -1.97 -38.61 -39.96
CA PHE I 23 -0.81 -39.18 -40.60
C PHE I 23 -1.17 -40.28 -41.58
N LEU I 24 -2.40 -40.77 -41.52
CA LEU I 24 -2.93 -41.57 -42.60
C LEU I 24 -3.42 -40.72 -43.76
N SER I 25 -3.45 -39.41 -43.60
CA SER I 25 -3.96 -38.49 -44.61
C SER I 25 -2.87 -38.00 -45.53
N SER I 26 -1.90 -38.87 -45.84
CA SER I 26 -0.73 -38.57 -46.67
C SER I 26 0.04 -37.38 -46.13
N ASP I 27 0.37 -37.47 -44.84
CA ASP I 27 1.32 -36.54 -44.23
C ASP I 27 2.71 -36.49 -44.87
N PRO I 28 3.30 -37.54 -45.45
CA PRO I 28 4.54 -37.33 -46.21
C PRO I 28 4.40 -36.37 -47.38
N SER I 29 3.22 -36.23 -47.94
CA SER I 29 2.96 -35.27 -49.00
C SER I 29 2.82 -33.85 -48.50
N ARG I 30 2.63 -33.63 -47.19
CA ARG I 30 2.49 -32.29 -46.65
C ARG I 30 3.90 -31.70 -46.55
N ASN I 31 4.33 -31.05 -47.62
CA ASN I 31 5.76 -30.98 -47.90
C ASN I 31 6.01 -29.74 -48.76
N PRO I 32 7.00 -28.91 -48.41
CA PRO I 32 7.42 -27.81 -49.29
C PRO I 32 8.40 -28.21 -50.38
N ASN I 33 8.14 -29.34 -51.04
CA ASN I 33 8.94 -29.72 -52.19
C ASN I 33 8.06 -29.91 -53.42
N ARG I 34 6.95 -30.62 -53.25
CA ARG I 34 6.07 -30.92 -54.37
C ARG I 34 5.33 -29.67 -54.85
N GLY J 1 58.38 -37.96 -40.32
CA GLY J 1 57.51 -39.10 -40.12
C GLY J 1 58.22 -40.30 -39.52
N ARG J 2 58.28 -41.39 -40.30
CA ARG J 2 59.03 -42.64 -40.08
C ARG J 2 58.43 -43.52 -38.97
N VAL J 3 57.52 -42.97 -38.17
CA VAL J 3 56.63 -43.74 -37.31
C VAL J 3 55.28 -43.06 -37.43
N PRO J 4 54.23 -43.74 -37.89
CA PRO J 4 52.95 -43.06 -38.10
C PRO J 4 52.27 -42.69 -36.80
N LEU J 5 51.42 -41.67 -36.88
CA LEU J 5 50.81 -41.07 -35.70
C LEU J 5 49.84 -42.02 -35.02
N TRP J 6 49.17 -42.88 -35.79
CA TRP J 6 48.20 -43.77 -35.20
C TRP J 6 48.83 -44.88 -34.37
N LEU J 7 50.12 -45.17 -34.58
CA LEU J 7 50.86 -46.02 -33.64
C LEU J 7 51.23 -45.25 -32.37
N VAL J 8 51.41 -43.94 -32.50
CA VAL J 8 51.98 -43.15 -31.41
C VAL J 8 50.92 -42.83 -30.37
N GLY J 9 49.77 -42.32 -30.82
CA GLY J 9 48.66 -42.02 -29.91
C GLY J 9 47.89 -43.22 -29.44
N LEU J 10 48.50 -44.40 -29.53
CA LEU J 10 47.86 -45.67 -29.22
C LEU J 10 48.64 -46.43 -28.17
N VAL J 11 49.95 -46.53 -28.35
CA VAL J 11 50.81 -47.01 -27.27
C VAL J 11 50.79 -46.00 -26.14
N GLY J 12 50.66 -44.71 -26.47
CA GLY J 12 50.25 -43.74 -25.47
C GLY J 12 48.82 -43.95 -25.00
N GLY J 13 47.93 -44.36 -25.90
CA GLY J 13 46.55 -44.65 -25.53
C GLY J 13 46.36 -45.98 -24.82
N PHE J 14 47.19 -46.99 -25.11
CA PHE J 14 47.29 -48.17 -24.27
C PHE J 14 47.71 -47.78 -22.86
N ALA J 15 48.74 -46.94 -22.77
CA ALA J 15 49.31 -46.57 -21.47
C ALA J 15 48.33 -45.74 -20.66
N VAL J 16 47.36 -45.11 -21.31
CA VAL J 16 46.27 -44.53 -20.56
C VAL J 16 45.38 -45.65 -20.01
N ILE J 17 45.04 -46.61 -20.87
CA ILE J 17 44.09 -47.67 -20.48
C ILE J 17 44.70 -48.59 -19.43
N THR J 18 45.99 -48.88 -19.52
CA THR J 18 46.63 -49.74 -18.52
C THR J 18 46.69 -49.06 -17.16
N ILE J 19 46.98 -47.77 -17.13
CA ILE J 19 47.15 -47.08 -15.86
C ILE J 19 45.79 -46.72 -15.25
N VAL J 20 44.80 -46.39 -16.09
CA VAL J 20 43.48 -46.04 -15.55
C VAL J 20 42.76 -47.29 -15.06
N SER J 21 42.93 -48.42 -15.74
CA SER J 21 42.39 -49.68 -15.24
C SER J 21 43.11 -50.11 -13.97
N LEU J 22 44.37 -49.75 -13.84
CA LEU J 22 45.10 -49.99 -12.60
C LEU J 22 44.57 -49.10 -11.48
N PHE J 23 44.04 -47.93 -11.82
CA PHE J 23 43.45 -47.06 -10.81
C PHE J 23 42.14 -47.62 -10.29
N ILE J 24 41.44 -48.39 -11.11
CA ILE J 24 40.20 -49.01 -10.66
C ILE J 24 40.51 -50.30 -9.90
N TYR J 25 41.64 -50.95 -10.20
CA TYR J 25 42.01 -52.18 -9.51
C TYR J 25 42.34 -51.92 -8.05
N GLY J 26 43.29 -51.03 -7.80
CA GLY J 26 43.58 -50.66 -6.44
C GLY J 26 42.58 -49.75 -5.79
N SER J 27 41.47 -49.48 -6.47
CA SER J 27 40.30 -48.99 -5.76
C SER J 27 39.61 -50.12 -5.01
N TYR J 28 39.87 -51.36 -5.40
CA TYR J 28 39.34 -52.53 -4.70
C TYR J 28 40.38 -53.26 -3.87
N SER J 29 41.66 -52.90 -3.95
CA SER J 29 42.68 -53.53 -3.13
C SER J 29 43.53 -52.45 -2.48
N GLY J 30 44.04 -52.74 -1.30
CA GLY J 30 44.79 -51.74 -0.57
C GLY J 30 43.85 -50.87 0.24
N LEU J 31 44.38 -49.69 0.57
CA LEU J 31 43.57 -48.68 1.22
C LEU J 31 42.48 -48.14 0.32
N GLY J 32 41.45 -47.56 0.94
CA GLY J 32 40.30 -47.09 0.19
C GLY J 32 39.41 -48.17 -0.34
N SER J 33 39.54 -49.39 0.18
CA SER J 33 38.77 -50.52 -0.31
C SER J 33 37.94 -51.18 0.77
N SER J 34 38.18 -50.84 2.04
CA SER J 34 37.56 -51.46 3.22
C SER J 34 37.71 -52.97 3.24
N LYS K 1 32.36 -72.37 -10.23
CA LYS K 1 33.47 -73.21 -10.64
C LYS K 1 33.12 -73.93 -11.93
N LEU K 2 34.08 -73.99 -12.85
CA LEU K 2 33.92 -74.74 -14.09
C LEU K 2 33.95 -76.23 -13.80
N PRO K 3 33.55 -77.08 -14.76
CA PRO K 3 33.82 -78.52 -14.62
C PRO K 3 35.32 -78.79 -14.51
N GLU K 4 35.63 -79.90 -13.81
CA GLU K 4 36.98 -80.11 -13.29
C GLU K 4 38.02 -80.26 -14.38
N ALA K 5 37.62 -80.72 -15.57
CA ALA K 5 38.51 -80.64 -16.72
C ALA K 5 38.76 -79.18 -17.08
N TYR K 6 37.71 -78.42 -17.24
CA TYR K 6 37.82 -77.06 -17.75
C TYR K 6 38.27 -76.06 -16.69
N ALA K 7 38.53 -76.50 -15.46
CA ALA K 7 38.95 -75.60 -14.40
C ALA K 7 40.36 -75.06 -14.60
N PHE K 8 41.14 -75.62 -15.52
CA PHE K 8 42.47 -75.07 -15.80
C PHE K 8 42.37 -73.75 -16.54
N LEU K 9 41.32 -73.55 -17.32
CA LEU K 9 41.23 -72.40 -18.20
C LEU K 9 40.46 -71.25 -17.57
N ASN K 10 40.36 -71.21 -16.24
CA ASN K 10 39.60 -70.18 -15.52
C ASN K 10 40.01 -68.74 -15.80
N PRO K 11 41.31 -68.36 -15.90
CA PRO K 11 41.58 -66.96 -16.24
C PRO K 11 41.34 -66.63 -17.71
N ILE K 12 41.41 -67.62 -18.60
CA ILE K 12 41.04 -67.38 -19.99
C ILE K 12 39.55 -67.15 -20.11
N VAL K 13 38.76 -67.85 -19.30
CA VAL K 13 37.33 -67.60 -19.22
C VAL K 13 37.08 -66.23 -18.61
N ASP K 14 37.97 -65.79 -17.72
CA ASP K 14 37.80 -64.54 -16.99
C ASP K 14 37.95 -63.32 -17.88
N VAL K 15 38.65 -63.44 -19.02
CA VAL K 15 38.73 -62.28 -19.92
C VAL K 15 37.58 -62.27 -20.92
N MET K 16 36.99 -63.44 -21.23
CA MET K 16 36.08 -63.58 -22.36
C MET K 16 34.85 -62.64 -22.38
N PRO K 17 34.28 -62.16 -21.27
CA PRO K 17 33.26 -61.12 -21.42
C PRO K 17 33.77 -59.79 -21.94
N VAL K 18 35.03 -59.41 -21.69
CA VAL K 18 35.48 -58.06 -22.00
C VAL K 18 35.59 -57.83 -23.49
N ILE K 19 35.92 -58.89 -24.25
CA ILE K 19 36.23 -58.89 -25.68
C ILE K 19 35.20 -58.20 -26.57
N PRO K 20 33.86 -58.32 -26.37
CA PRO K 20 32.95 -57.49 -27.17
C PRO K 20 33.06 -55.99 -26.96
N VAL K 21 33.62 -55.51 -25.87
CA VAL K 21 33.95 -54.09 -25.83
C VAL K 21 35.12 -53.84 -26.77
N LEU K 22 36.10 -54.74 -26.76
CA LEU K 22 37.35 -54.46 -27.44
C LEU K 22 37.25 -54.56 -28.96
N PHE K 23 36.15 -55.10 -29.49
CA PHE K 23 35.91 -54.97 -30.93
C PHE K 23 35.59 -53.54 -31.28
N PHE K 24 34.79 -52.91 -30.44
CA PHE K 24 34.37 -51.52 -30.66
C PHE K 24 35.55 -50.58 -30.56
N LEU K 25 36.59 -50.99 -29.86
CA LEU K 25 37.80 -50.19 -29.81
C LEU K 25 38.61 -50.31 -31.10
N LEU K 26 38.58 -51.47 -31.78
CA LEU K 26 39.28 -51.58 -33.05
C LEU K 26 38.61 -50.75 -34.12
N ALA K 27 37.31 -50.54 -34.00
CA ALA K 27 36.58 -49.76 -34.98
C ALA K 27 37.04 -48.31 -35.02
N PHE K 28 37.63 -47.83 -33.92
CA PHE K 28 38.33 -46.56 -33.94
C PHE K 28 39.80 -46.71 -34.26
N VAL K 29 40.39 -47.88 -33.96
CA VAL K 29 41.75 -48.16 -34.40
C VAL K 29 41.80 -48.25 -35.90
N TRP K 30 40.87 -49.00 -36.48
CA TRP K 30 40.87 -49.25 -37.91
C TRP K 30 40.63 -47.97 -38.70
N GLN K 31 39.91 -47.01 -38.13
CA GLN K 31 39.82 -45.71 -38.77
C GLN K 31 41.12 -44.94 -38.68
N ALA K 32 41.86 -45.10 -37.60
CA ALA K 32 43.12 -44.39 -37.47
C ALA K 32 44.20 -45.01 -38.33
N ALA K 33 44.10 -46.32 -38.57
CA ALA K 33 44.94 -46.98 -39.54
C ALA K 33 44.70 -46.43 -40.93
N VAL K 34 43.42 -46.38 -41.33
CA VAL K 34 42.98 -45.75 -42.57
C VAL K 34 43.04 -44.23 -42.48
N SER K 35 43.43 -43.69 -41.32
CA SER K 35 43.69 -42.27 -41.07
C SER K 35 42.45 -41.42 -41.26
N PHE K 36 41.30 -41.99 -40.89
CA PHE K 36 40.02 -41.31 -40.80
C PHE K 36 39.61 -40.69 -42.13
N ARG K 37 39.39 -41.55 -43.10
CA ARG K 37 38.89 -41.13 -44.40
C ARG K 37 37.51 -40.52 -44.24
N THR L 2 22.72 30.14 -21.25
CA THR L 2 21.56 29.55 -21.89
C THR L 2 21.86 28.99 -23.25
N GLY L 3 20.80 28.68 -23.98
CA GLY L 3 20.89 28.23 -25.34
C GLY L 3 20.45 26.79 -25.49
N PRO L 4 20.00 26.43 -26.69
CA PRO L 4 19.72 25.02 -26.98
C PRO L 4 21.00 24.20 -26.99
N ASN L 5 20.88 22.97 -26.53
CA ASN L 5 22.09 22.16 -26.44
C ASN L 5 22.39 21.49 -27.77
N PRO L 6 23.66 21.35 -28.09
CA PRO L 6 24.09 20.31 -29.03
C PRO L 6 24.35 18.98 -28.31
N ASN L 7 23.48 18.61 -27.38
CA ASN L 7 23.62 17.36 -26.66
C ASN L 7 22.33 16.56 -26.66
N LYS L 8 21.18 17.24 -26.49
CA LYS L 8 19.93 16.58 -26.16
C LYS L 8 19.44 15.68 -27.29
N GLN L 9 18.90 14.52 -26.93
CA GLN L 9 18.62 13.46 -27.90
C GLN L 9 17.34 12.75 -27.53
N ALA L 10 16.96 11.81 -28.39
CA ALA L 10 15.74 11.02 -28.24
C ALA L 10 16.04 9.78 -27.41
N VAL L 11 15.05 9.37 -26.63
CA VAL L 11 15.15 8.19 -25.79
C VAL L 11 14.12 7.19 -26.26
N GLU L 12 14.55 5.95 -26.52
CA GLU L 12 13.65 5.02 -27.15
C GLU L 12 13.56 3.72 -26.37
N LEU L 13 12.45 3.01 -26.61
CA LEU L 13 12.21 1.68 -26.07
C LEU L 13 11.25 0.98 -27.01
N ASN L 14 11.61 -0.23 -27.46
CA ASN L 14 10.85 -0.94 -28.47
C ASN L 14 9.56 -1.50 -27.86
N ARG L 15 8.82 -2.24 -28.68
CA ARG L 15 7.66 -2.93 -28.13
C ARG L 15 8.10 -4.15 -27.35
N THR L 16 9.07 -4.88 -27.86
CA THR L 16 9.59 -6.03 -27.14
C THR L 16 10.22 -5.61 -25.81
N SER L 17 10.91 -4.48 -25.80
CA SER L 17 11.58 -4.01 -24.60
C SER L 17 10.59 -3.56 -23.55
N LEU L 18 9.37 -3.22 -23.95
CA LEU L 18 8.30 -3.08 -22.98
C LEU L 18 7.96 -4.43 -22.38
N TYR L 19 7.89 -5.46 -23.22
CA TYR L 19 7.43 -6.77 -22.77
C TYR L 19 8.47 -7.45 -21.92
N TRP L 20 9.76 -7.27 -22.26
CA TRP L 20 10.83 -7.68 -21.35
C TRP L 20 10.73 -6.91 -20.05
N GLY L 21 10.49 -5.61 -20.16
CA GLY L 21 10.58 -4.75 -18.99
C GLY L 21 9.41 -4.93 -18.05
N LEU L 22 8.22 -5.19 -18.59
CA LEU L 22 7.10 -5.52 -17.73
C LEU L 22 7.32 -6.87 -17.07
N LEU L 23 7.60 -7.90 -17.88
CA LEU L 23 7.79 -9.25 -17.37
C LEU L 23 9.01 -9.37 -16.46
N LEU L 24 9.95 -8.43 -16.55
CA LEU L 24 10.96 -8.34 -15.50
C LEU L 24 10.34 -7.92 -14.18
N ILE L 25 9.53 -6.86 -14.21
CA ILE L 25 8.99 -6.28 -12.98
C ILE L 25 7.94 -7.19 -12.35
N PHE L 26 7.08 -7.80 -13.18
CA PHE L 26 6.04 -8.66 -12.62
C PHE L 26 6.60 -9.95 -12.05
N VAL L 27 7.67 -10.49 -12.64
CA VAL L 27 8.17 -11.77 -12.18
C VAL L 27 9.08 -11.60 -10.97
N LEU L 28 9.84 -10.50 -10.92
CA LEU L 28 10.52 -10.14 -9.67
C LEU L 28 9.52 -9.86 -8.57
N ALA L 29 8.34 -9.39 -8.93
CA ALA L 29 7.30 -9.20 -7.94
C ALA L 29 6.65 -10.52 -7.56
N VAL L 30 6.85 -11.58 -8.34
CA VAL L 30 6.38 -12.89 -7.90
C VAL L 30 7.38 -13.49 -6.92
N LEU L 31 8.67 -13.35 -7.22
CA LEU L 31 9.76 -13.77 -6.35
C LEU L 31 9.74 -13.07 -5.01
N PHE L 32 10.00 -11.78 -5.04
CA PHE L 32 10.27 -11.03 -3.83
C PHE L 32 9.02 -10.53 -3.16
N SER L 33 7.84 -10.95 -3.60
CA SER L 33 6.63 -10.64 -2.87
C SER L 33 6.69 -11.30 -1.52
N SER L 34 6.61 -12.64 -1.51
CA SER L 34 6.28 -13.39 -0.31
C SER L 34 7.34 -13.27 0.75
N TYR L 35 8.58 -13.02 0.34
CA TYR L 35 9.64 -12.71 1.28
C TYR L 35 9.36 -11.42 2.02
N PHE L 36 8.80 -10.42 1.34
CA PHE L 36 8.42 -9.21 2.05
C PHE L 36 7.23 -9.45 2.95
N PHE L 37 6.36 -10.40 2.62
CA PHE L 37 5.16 -10.62 3.42
C PHE L 37 5.48 -11.39 4.69
N ASN L 38 6.28 -12.45 4.58
CA ASN L 38 6.67 -13.34 5.68
C ASN L 38 5.51 -13.89 6.52
N GLU M 1 -0.76 -11.03 11.14
CA GLU M 1 0.44 -11.84 11.27
C GLU M 1 1.37 -11.59 10.10
N VAL M 2 0.79 -11.38 8.92
CA VAL M 2 1.57 -11.04 7.74
C VAL M 2 2.13 -9.64 7.91
N GLN M 3 3.34 -9.40 7.40
CA GLN M 3 3.97 -8.10 7.60
C GLN M 3 3.26 -7.02 6.80
N PHE M 4 3.56 -5.79 7.16
CA PHE M 4 2.57 -4.72 7.06
C PHE M 4 2.77 -3.85 5.82
N GLY M 5 3.96 -3.28 5.65
CA GLY M 5 4.25 -2.42 4.53
C GLY M 5 4.59 -3.18 3.27
N ALA M 6 4.47 -4.50 3.34
CA ALA M 6 4.68 -5.33 2.16
C ALA M 6 3.54 -5.20 1.16
N TYR M 7 2.34 -4.84 1.64
CA TYR M 7 1.26 -4.52 0.72
C TYR M 7 1.59 -3.27 -0.06
N LEU M 8 2.30 -2.35 0.58
CA LEU M 8 2.79 -1.14 -0.08
C LEU M 8 4.01 -1.44 -0.93
N ALA M 9 4.95 -2.23 -0.41
CA ALA M 9 6.24 -2.39 -1.08
C ALA M 9 6.12 -3.22 -2.34
N VAL M 10 5.18 -4.16 -2.37
CA VAL M 10 4.97 -4.91 -3.60
C VAL M 10 4.28 -4.04 -4.63
N LEU M 11 3.13 -3.45 -4.26
CA LEU M 11 2.27 -2.79 -5.24
C LEU M 11 2.87 -1.47 -5.73
N LEU M 12 3.63 -0.78 -4.89
CA LEU M 12 4.36 0.37 -5.39
C LEU M 12 5.68 -0.04 -6.02
N GLY M 13 6.13 -1.26 -5.77
CA GLY M 13 7.30 -1.80 -6.42
C GLY M 13 7.00 -2.50 -7.72
N THR M 14 5.73 -2.82 -7.96
CA THR M 14 5.27 -3.19 -9.29
C THR M 14 4.94 -1.96 -10.11
N PHE M 15 3.95 -1.18 -9.66
CA PHE M 15 3.25 -0.24 -10.54
C PHE M 15 4.14 0.93 -10.91
N LEU M 16 4.93 1.42 -9.97
CA LEU M 16 5.78 2.56 -10.28
C LEU M 16 6.93 2.21 -11.22
N PRO M 17 7.56 1.02 -11.16
CA PRO M 17 8.42 0.64 -12.29
C PRO M 17 7.66 0.15 -13.51
N ALA M 18 6.46 -0.42 -13.36
CA ALA M 18 5.73 -0.87 -14.53
C ALA M 18 5.22 0.31 -15.33
N LEU M 19 4.62 1.30 -14.65
CA LEU M 19 4.11 2.47 -15.35
C LEU M 19 5.24 3.32 -15.89
N PHE M 20 6.45 3.22 -15.34
CA PHE M 20 7.57 3.96 -15.90
C PHE M 20 7.96 3.42 -17.26
N LEU M 21 8.06 2.10 -17.38
CA LEU M 21 8.53 1.50 -18.62
C LEU M 21 7.48 1.56 -19.70
N VAL M 22 6.19 1.70 -19.34
CA VAL M 22 5.14 1.98 -20.32
C VAL M 22 5.42 3.27 -21.05
N ASN M 23 5.99 4.23 -20.36
CA ASN M 23 6.00 5.59 -20.88
C ASN M 23 7.21 5.85 -21.74
N LEU M 24 8.27 5.07 -21.56
CA LEU M 24 9.30 5.07 -22.57
C LEU M 24 8.81 4.37 -23.84
N PHE M 25 7.77 3.54 -23.74
CA PHE M 25 7.16 3.02 -24.94
C PHE M 25 6.16 3.99 -25.55
N ILE M 26 5.37 4.68 -24.70
CA ILE M 26 4.39 5.63 -25.21
C ILE M 26 5.10 6.85 -25.82
N GLN M 27 6.29 7.16 -25.30
CA GLN M 27 7.08 8.27 -25.82
C GLN M 27 7.51 8.04 -27.26
N THR M 28 7.99 6.84 -27.57
CA THR M 28 8.49 6.55 -28.90
C THR M 28 7.38 6.47 -29.91
N GLU M 29 6.27 5.82 -29.54
CA GLU M 29 5.15 5.66 -30.45
C GLU M 29 4.56 7.00 -30.84
N ALA M 30 4.59 7.97 -29.92
CA ALA M 30 4.25 9.33 -30.27
C ALA M 30 5.36 10.01 -31.05
N ARG M 31 6.61 9.69 -30.76
CA ARG M 31 7.72 10.32 -31.46
C ARG M 31 7.84 9.79 -32.88
N LYS M 32 7.61 8.49 -33.06
CA LYS M 32 7.57 7.94 -34.40
C LYS M 32 6.31 8.33 -35.15
N ALA M 33 5.25 8.73 -34.44
CA ALA M 33 4.07 9.23 -35.11
C ALA M 33 4.20 10.70 -35.44
N GLY M 34 4.93 11.46 -34.63
CA GLY M 34 5.20 12.83 -34.97
C GLY M 34 6.21 12.94 -36.09
N LYS M 35 7.08 11.95 -36.24
CA LYS M 35 8.05 11.92 -37.33
C LYS M 35 7.36 11.79 -38.67
N ALA M 36 6.70 10.66 -38.91
CA ALA M 36 5.95 10.47 -40.14
C ALA M 36 4.62 11.20 -40.01
N GLY M 37 4.47 12.30 -40.74
CA GLY M 37 3.27 13.11 -40.62
C GLY M 37 2.02 12.45 -41.17
N GLY M 38 1.16 11.99 -40.26
CA GLY M 38 -0.11 11.42 -40.61
C GLY M 38 -1.27 12.24 -40.11
N GLN M 39 -2.38 11.57 -39.81
CA GLN M 39 -3.53 12.24 -39.22
C GLN M 39 -3.19 12.75 -37.82
N ASP M 40 -2.41 11.98 -37.08
CA ASP M 40 -1.86 12.51 -35.84
C ASP M 40 -0.67 13.40 -36.14
N SER M 41 -0.40 14.33 -35.25
CA SER M 41 0.56 15.39 -35.55
C SER M 41 1.98 14.89 -35.50
N UNK N 1 32.37 39.12 -16.97
CA UNK N 1 32.18 39.55 -15.61
C UNK N 1 31.02 40.53 -15.51
N UNK N 2 30.04 40.35 -16.38
CA UNK N 2 28.99 41.37 -16.51
C UNK N 2 27.84 41.12 -15.55
N UNK N 3 27.52 39.86 -15.26
CA UNK N 3 26.25 39.52 -14.61
C UNK N 3 26.22 39.98 -13.16
N UNK N 4 27.39 39.97 -12.50
CA UNK N 4 27.61 40.56 -11.17
C UNK N 4 26.75 39.92 -10.09
N UNK N 5 26.67 38.60 -10.12
CA UNK N 5 26.08 37.85 -9.02
C UNK N 5 27.12 37.03 -8.27
N UNK N 6 28.41 37.20 -8.60
CA UNK N 6 29.42 36.32 -8.03
C UNK N 6 30.20 36.99 -6.91
N UNK N 7 30.22 38.33 -6.89
CA UNK N 7 30.68 39.00 -5.68
C UNK N 7 29.55 39.18 -4.69
N UNK N 8 28.30 39.07 -5.16
CA UNK N 8 27.16 39.22 -4.29
C UNK N 8 26.71 37.90 -3.69
N UNK N 9 27.17 36.77 -4.23
CA UNK N 9 26.89 35.48 -3.63
C UNK N 9 28.12 34.80 -3.05
N UNK N 10 29.29 35.42 -3.18
CA UNK N 10 30.41 35.06 -2.32
C UNK N 10 30.37 35.84 -1.03
N UNK N 11 29.77 37.04 -1.06
CA UNK N 11 29.52 37.79 0.15
C UNK N 11 28.29 37.28 0.89
N UNK N 12 27.46 36.48 0.23
CA UNK N 12 26.34 35.88 0.93
C UNK N 12 26.72 34.55 1.56
N UNK N 13 27.79 33.93 1.09
CA UNK N 13 28.34 32.77 1.78
C UNK N 13 29.26 33.17 2.92
N UNK N 14 29.63 34.45 3.00
CA UNK N 14 30.30 34.96 4.19
C UNK N 14 29.32 35.53 5.18
N UNK N 15 28.12 35.89 4.72
CA UNK N 15 27.07 36.31 5.63
C UNK N 15 26.48 35.12 6.37
N UNK N 16 26.55 33.94 5.78
CA UNK N 16 26.20 32.69 6.46
C UNK N 16 27.40 32.04 7.12
N UNK N 17 28.60 32.53 6.85
CA UNK N 17 29.78 32.10 7.59
C UNK N 17 30.00 32.93 8.85
N UNK N 18 29.19 33.95 9.08
CA UNK N 18 29.13 34.56 10.40
C UNK N 18 28.19 33.82 11.33
N UNK N 19 27.52 32.78 10.85
CA UNK N 19 26.86 31.80 11.70
C UNK N 19 27.81 30.69 12.16
N UNK N 20 29.10 30.81 11.83
CA UNK N 20 30.10 29.98 12.48
C UNK N 20 30.45 30.53 13.85
N UNK N 21 30.20 31.81 14.09
CA UNK N 21 30.38 32.40 15.40
C UNK N 21 29.05 32.67 16.10
N UNK N 22 27.92 32.34 15.48
CA UNK N 22 26.64 32.49 16.16
C UNK N 22 26.46 31.40 17.21
N UNK N 23 27.09 30.27 16.98
CA UNK N 23 27.21 29.21 17.98
C UNK N 23 28.53 29.29 18.71
N UNK N 24 28.65 30.27 19.60
CA UNK N 24 29.83 31.10 19.88
C UNK N 24 31.14 30.31 19.87
N UNK N 25 31.33 29.41 20.80
CA UNK N 25 32.49 28.53 20.80
C UNK N 25 32.00 27.11 20.67
N UNK N 26 32.95 26.17 20.59
CA UNK N 26 32.59 24.77 20.77
C UNK N 26 31.99 24.60 22.15
N UNK N 27 30.69 24.29 22.18
CA UNK N 27 29.82 24.16 23.34
C UNK N 27 29.71 25.42 24.18
N UNK N 28 29.66 26.60 23.55
CA UNK N 28 29.25 27.78 24.31
C UNK N 28 27.73 27.87 24.38
N UNK N 29 27.06 27.62 23.26
CA UNK N 29 25.61 27.49 23.27
C UNK N 29 25.18 26.10 23.71
N UNK N 30 26.13 25.22 24.00
CA UNK N 30 25.86 24.00 24.73
C UNK N 30 26.42 24.10 26.15
N ALA O 1 -23.13 -57.60 -1.95
CA ALA O 1 -22.87 -58.12 -0.61
C ALA O 1 -23.77 -59.32 -0.33
N LEU O 2 -23.27 -60.52 -0.59
CA LEU O 2 -24.03 -61.73 -0.39
C LEU O 2 -23.57 -62.44 0.89
N THR O 3 -24.03 -63.67 1.10
CA THR O 3 -23.74 -64.46 2.27
C THR O 3 -22.25 -64.79 2.38
N LYS O 4 -21.83 -65.25 3.56
CA LYS O 4 -20.44 -65.62 3.76
C LYS O 4 -20.05 -66.86 2.97
N SER O 5 -21.04 -67.67 2.58
CA SER O 5 -20.78 -68.91 1.85
C SER O 5 -20.16 -68.65 0.48
N GLN O 6 -20.82 -67.84 -0.33
CA GLN O 6 -20.33 -67.65 -1.69
C GLN O 6 -19.39 -66.44 -1.82
N ILE O 7 -19.15 -65.70 -0.73
CA ILE O 7 -17.95 -64.88 -0.68
C ILE O 7 -16.73 -65.76 -0.57
N ASN O 8 -16.83 -66.83 0.23
CA ASN O 8 -15.75 -67.81 0.34
C ASN O 8 -15.57 -68.66 -0.89
N GLU O 9 -16.55 -68.69 -1.79
CA GLU O 9 -16.39 -69.39 -3.05
C GLU O 9 -15.60 -68.60 -4.07
N LEU O 10 -15.24 -67.37 -3.77
CA LEU O 10 -14.44 -66.55 -4.67
C LEU O 10 -12.99 -66.61 -4.26
N SER O 11 -12.12 -66.73 -5.25
CA SER O 11 -10.70 -66.65 -5.02
C SER O 11 -10.31 -65.21 -4.67
N TYR O 12 -9.06 -65.02 -4.25
CA TYR O 12 -8.63 -63.70 -3.83
C TYR O 12 -8.52 -62.75 -5.01
N LEU O 13 -8.04 -63.26 -6.14
CA LEU O 13 -7.76 -62.41 -7.28
C LEU O 13 -9.03 -61.84 -7.91
N GLN O 14 -10.16 -62.53 -7.78
CA GLN O 14 -11.39 -62.05 -8.39
C GLN O 14 -12.26 -61.25 -7.44
N VAL O 15 -11.89 -61.16 -6.16
CA VAL O 15 -12.43 -60.12 -5.29
C VAL O 15 -11.61 -58.85 -5.44
N LYS O 16 -10.37 -58.98 -5.87
CA LYS O 16 -9.33 -57.97 -5.71
C LYS O 16 -9.60 -56.77 -6.62
N GLY O 17 -10.27 -55.75 -6.07
CA GLY O 17 -10.63 -54.58 -6.82
C GLY O 17 -12.10 -54.28 -6.85
N THR O 18 -12.94 -55.26 -6.54
CA THR O 18 -14.37 -55.12 -6.70
C THR O 18 -14.99 -54.22 -5.66
N GLY O 19 -14.33 -54.02 -4.51
CA GLY O 19 -14.96 -53.36 -3.40
C GLY O 19 -15.82 -54.25 -2.55
N LEU O 20 -15.76 -55.56 -2.77
CA LEU O 20 -16.44 -56.55 -1.94
C LEU O 20 -15.87 -56.63 -0.54
N ALA O 21 -14.64 -56.20 -0.34
CA ALA O 21 -13.93 -56.57 0.87
C ALA O 21 -14.38 -55.78 2.08
N ASN O 22 -15.10 -54.67 1.89
CA ASN O 22 -15.71 -54.01 3.02
C ASN O 22 -17.05 -54.59 3.37
N ARG O 23 -17.70 -55.21 2.40
CA ARG O 23 -19.08 -55.61 2.54
C ARG O 23 -19.23 -56.72 3.57
N CYS O 24 -20.02 -56.46 4.58
CA CYS O 24 -20.42 -57.51 5.50
C CYS O 24 -21.30 -58.50 4.78
N ALA O 25 -21.23 -59.75 5.22
CA ALA O 25 -22.08 -60.75 4.62
C ALA O 25 -23.52 -60.58 5.08
N GLU O 26 -24.42 -61.27 4.40
CA GLU O 26 -25.83 -61.20 4.74
C GLU O 26 -26.32 -62.53 5.26
N VAL O 27 -27.43 -62.47 6.00
CA VAL O 27 -28.07 -63.64 6.57
C VAL O 27 -29.44 -63.79 5.92
N VAL O 28 -29.82 -65.02 5.64
CA VAL O 28 -31.19 -65.33 5.23
C VAL O 28 -31.81 -66.22 6.30
N GLY O 29 -32.97 -65.81 6.81
CA GLY O 29 -33.75 -66.64 7.69
C GLY O 29 -33.91 -66.04 9.07
N GLU O 30 -34.93 -66.54 9.78
CA GLU O 30 -35.17 -66.19 11.18
C GLU O 30 -35.13 -67.45 12.02
N ASP O 31 -34.29 -67.45 13.04
CA ASP O 31 -34.06 -68.63 13.86
C ASP O 31 -33.55 -68.16 15.21
N SER O 32 -33.38 -69.11 16.13
CA SER O 32 -32.72 -68.90 17.41
C SER O 32 -31.45 -69.73 17.44
N ILE O 33 -30.55 -69.39 18.36
CA ILE O 33 -29.25 -70.06 18.43
C ILE O 33 -29.00 -70.66 19.81
N LYS O 34 -29.34 -69.90 20.87
CA LYS O 34 -29.20 -70.26 22.28
C LYS O 34 -27.74 -70.54 22.64
N PRO O 35 -26.92 -69.50 22.80
CA PRO O 35 -25.48 -69.69 23.05
C PRO O 35 -25.19 -70.41 24.35
N LYS O 36 -24.07 -71.11 24.36
CA LYS O 36 -23.62 -71.93 25.47
C LYS O 36 -22.51 -71.23 26.25
N PRO O 37 -22.35 -71.56 27.54
CA PRO O 37 -21.21 -71.01 28.29
C PRO O 37 -19.89 -71.58 27.81
N GLY O 38 -19.14 -70.77 27.07
CA GLY O 38 -17.96 -71.24 26.36
C GLY O 38 -17.94 -70.87 24.89
N ALA O 39 -19.08 -70.49 24.30
CA ALA O 39 -19.11 -70.01 22.93
C ALA O 39 -18.54 -68.59 22.86
N LYS O 40 -18.43 -68.07 21.65
CA LYS O 40 -18.19 -66.65 21.41
C LYS O 40 -18.60 -66.31 19.98
N LEU O 41 -18.47 -65.03 19.65
CA LEU O 41 -18.68 -64.52 18.30
C LEU O 41 -17.32 -64.33 17.63
N VAL O 42 -17.21 -64.69 16.35
CA VAL O 42 -15.87 -64.79 15.77
C VAL O 42 -15.60 -63.81 14.63
N ASP O 43 -16.51 -63.70 13.66
CA ASP O 43 -16.27 -62.87 12.49
C ASP O 43 -17.26 -61.73 12.58
N MET O 44 -16.92 -60.72 13.36
CA MET O 44 -17.79 -59.60 13.62
C MET O 44 -17.48 -58.53 12.59
N CYS O 45 -18.18 -58.58 11.46
CA CYS O 45 -18.10 -57.53 10.46
C CYS O 45 -19.03 -56.41 10.89
N ILE O 46 -18.54 -55.18 10.80
CA ILE O 46 -19.27 -53.98 11.20
C ILE O 46 -19.01 -52.93 10.13
N GLU O 47 -20.02 -52.62 9.32
CA GLU O 47 -19.83 -51.59 8.31
C GLU O 47 -20.80 -50.43 8.52
N PRO O 48 -20.32 -49.20 8.58
CA PRO O 48 -21.24 -48.06 8.63
C PRO O 48 -21.72 -47.72 7.23
N LYS O 49 -23.02 -47.58 7.07
CA LYS O 49 -23.57 -47.25 5.76
C LYS O 49 -23.98 -45.80 5.65
N ALA O 50 -23.89 -45.03 6.73
CA ALA O 50 -24.12 -43.59 6.70
C ALA O 50 -23.46 -42.97 7.90
N TRP O 51 -22.86 -41.81 7.70
CA TRP O 51 -22.25 -41.04 8.77
C TRP O 51 -23.06 -39.80 9.04
N ALA O 52 -22.89 -39.26 10.24
CA ALA O 52 -23.62 -38.06 10.66
C ALA O 52 -22.84 -37.39 11.77
N VAL O 53 -22.68 -36.07 11.65
CA VAL O 53 -21.85 -35.30 12.57
C VAL O 53 -22.70 -34.18 13.16
N GLU O 54 -22.63 -34.02 14.48
CA GLU O 54 -23.30 -32.94 15.19
C GLU O 54 -22.75 -31.58 14.78
N GLU O 55 -23.59 -30.57 14.82
CA GLU O 55 -23.27 -29.24 14.31
C GLU O 55 -24.26 -28.23 14.89
N GLU O 56 -24.16 -26.97 14.44
CA GLU O 56 -25.20 -25.97 14.62
C GLU O 56 -25.84 -25.69 13.27
N VAL O 57 -27.16 -25.80 13.20
CA VAL O 57 -27.88 -25.82 11.93
C VAL O 57 -28.71 -24.55 11.81
N GLY O 58 -28.97 -24.12 10.58
CA GLY O 58 -29.91 -23.05 10.33
C GLY O 58 -31.18 -23.57 9.67
N LYS O 59 -32.32 -23.10 10.17
CA LYS O 59 -33.63 -23.46 9.65
C LYS O 59 -34.55 -22.25 9.91
N ALA O 60 -35.84 -22.52 10.06
CA ALA O 60 -36.82 -21.47 10.28
C ALA O 60 -36.55 -20.73 11.59
N GLY O 61 -35.82 -19.62 11.50
CA GLY O 61 -35.67 -18.66 12.56
C GLY O 61 -34.77 -19.04 13.71
N LYS O 62 -34.56 -20.32 13.98
CA LYS O 62 -33.88 -20.75 15.19
C LYS O 62 -32.73 -21.65 14.83
N THR O 63 -31.63 -21.53 15.57
CA THR O 63 -30.47 -22.37 15.38
C THR O 63 -30.33 -23.33 16.56
N GLU O 64 -29.98 -24.58 16.26
CA GLU O 64 -29.86 -25.61 17.28
C GLU O 64 -28.95 -26.71 16.74
N LYS O 65 -28.90 -27.82 17.47
CA LYS O 65 -28.01 -28.93 17.17
C LYS O 65 -28.75 -30.04 16.44
N LYS O 66 -28.14 -30.57 15.39
CA LYS O 66 -28.60 -31.79 14.74
C LYS O 66 -27.41 -32.41 14.00
N PHE O 67 -27.68 -33.46 13.24
CA PHE O 67 -26.66 -34.24 12.54
C PHE O 67 -26.84 -34.10 11.04
N VAL O 68 -25.80 -33.68 10.32
CA VAL O 68 -25.84 -33.71 8.86
C VAL O 68 -25.36 -35.05 8.34
N ASN O 69 -26.07 -35.59 7.35
CA ASN O 69 -25.54 -36.70 6.58
C ASN O 69 -24.32 -36.22 5.81
N SER O 70 -23.19 -36.87 6.06
CA SER O 70 -21.91 -36.39 5.59
C SER O 70 -21.15 -37.54 4.95
N LYS O 71 -20.16 -37.19 4.13
CA LYS O 71 -19.53 -38.14 3.23
C LYS O 71 -18.07 -38.38 3.60
N VAL O 72 -17.58 -39.55 3.20
CA VAL O 72 -16.30 -40.03 3.68
C VAL O 72 -15.22 -39.68 2.66
N MET O 73 -14.05 -39.25 3.16
CA MET O 73 -12.93 -38.90 2.29
C MET O 73 -11.96 -40.04 2.12
N THR O 74 -11.88 -40.92 3.09
CA THR O 74 -11.16 -42.16 2.94
C THR O 74 -11.97 -43.03 2.01
N ARG O 75 -11.29 -43.78 1.16
CA ARG O 75 -12.00 -44.40 0.06
C ARG O 75 -12.85 -45.57 0.54
N GLN O 76 -12.20 -46.60 1.02
CA GLN O 76 -12.86 -47.83 1.39
C GLN O 76 -12.35 -48.38 2.70
N THR O 77 -11.63 -47.59 3.48
CA THR O 77 -10.92 -48.09 4.65
C THR O 77 -11.71 -47.84 5.94
N TYR O 78 -12.99 -48.25 5.95
CA TYR O 78 -13.85 -47.78 7.02
C TYR O 78 -14.61 -48.84 7.79
N THR O 79 -14.48 -50.12 7.45
CA THR O 79 -15.27 -51.14 8.11
C THR O 79 -14.37 -51.98 9.02
N LEU O 80 -14.99 -52.66 9.97
CA LEU O 80 -14.27 -53.49 10.91
C LEU O 80 -14.54 -54.96 10.62
N ASP O 81 -13.55 -55.80 10.89
CA ASP O 81 -13.64 -57.20 10.51
C ASP O 81 -12.92 -58.04 11.55
N ALA O 82 -13.41 -59.28 11.68
CA ALA O 82 -12.77 -60.36 12.43
C ALA O 82 -12.58 -60.00 13.89
N ILE O 83 -13.58 -59.33 14.45
CA ILE O 83 -13.60 -58.99 15.87
C ILE O 83 -14.15 -60.19 16.63
N GLU O 84 -13.50 -60.56 17.73
CA GLU O 84 -14.02 -61.66 18.52
C GLU O 84 -13.94 -61.31 20.01
N GLY O 85 -14.87 -61.90 20.77
CA GLY O 85 -14.92 -61.70 22.20
C GLY O 85 -15.82 -62.73 22.84
N PRO O 86 -15.45 -63.19 24.05
CA PRO O 86 -16.16 -64.31 24.68
C PRO O 86 -17.57 -63.92 25.14
N ILE O 87 -18.56 -64.67 24.65
CA ILE O 87 -19.95 -64.40 24.96
C ILE O 87 -20.29 -65.06 26.30
N THR O 88 -21.08 -64.37 27.11
CA THR O 88 -21.43 -64.82 28.45
C THR O 88 -22.89 -64.47 28.74
N VAL O 89 -23.50 -65.26 29.61
CA VAL O 89 -24.83 -64.98 30.16
C VAL O 89 -24.71 -65.04 31.68
N ASP O 90 -25.14 -63.97 32.36
CA ASP O 90 -25.11 -64.05 33.82
C ASP O 90 -26.51 -63.89 34.44
N GLY O 91 -27.24 -62.85 34.05
CA GLY O 91 -28.52 -62.55 34.65
C GLY O 91 -29.62 -62.81 33.65
N GLY O 92 -29.44 -63.86 32.85
CA GLY O 92 -30.33 -64.16 31.76
C GLY O 92 -30.09 -63.36 30.50
N LYS O 93 -29.35 -62.27 30.58
CA LYS O 93 -29.10 -61.40 29.44
C LYS O 93 -27.69 -61.63 28.91
N ILE O 94 -27.57 -61.56 27.58
CA ILE O 94 -26.35 -61.93 26.88
C ILE O 94 -25.41 -60.75 26.79
N THR O 95 -24.14 -60.96 27.13
CA THR O 95 -23.11 -59.95 27.00
C THR O 95 -22.06 -60.36 25.97
N PHE O 96 -21.44 -59.39 25.32
CA PHE O 96 -20.50 -59.66 24.25
C PHE O 96 -19.05 -59.68 24.71
N SER O 97 -18.58 -58.61 25.36
CA SER O 97 -17.24 -58.50 25.95
C SER O 97 -16.14 -58.66 24.89
N GLU O 98 -16.05 -57.63 24.03
CA GLU O 98 -15.07 -57.57 22.95
C GLU O 98 -13.64 -57.71 23.46
N LYS O 99 -12.85 -58.50 22.72
CA LYS O 99 -11.42 -58.57 23.04
C LYS O 99 -10.50 -58.22 21.87
N GLU O 100 -10.64 -58.86 20.69
CA GLU O 100 -9.68 -58.68 19.61
C GLU O 100 -10.31 -58.18 18.31
N GLY O 101 -9.49 -58.18 17.27
CA GLY O 101 -9.91 -57.91 15.91
C GLY O 101 -9.43 -56.56 15.43
N ILE O 102 -9.75 -56.27 14.18
CA ILE O 102 -9.61 -54.93 13.66
C ILE O 102 -10.70 -54.11 14.34
N ASP O 103 -10.31 -53.35 15.37
CA ASP O 103 -11.28 -52.65 16.18
C ASP O 103 -11.17 -51.14 16.08
N TYR O 104 -10.63 -50.63 14.98
CA TYR O 104 -10.62 -49.20 14.70
C TYR O 104 -10.50 -49.01 13.20
N ALA O 105 -11.12 -47.96 12.70
CA ALA O 105 -11.03 -47.61 11.28
C ALA O 105 -10.88 -46.11 11.19
N ALA O 106 -9.66 -45.65 10.96
CA ALA O 106 -9.35 -44.22 10.94
C ALA O 106 -9.93 -43.61 9.68
N THR O 107 -11.12 -43.04 9.82
CA THR O 107 -11.77 -42.36 8.71
C THR O 107 -11.64 -40.86 8.88
N THR O 108 -12.01 -40.14 7.84
CA THR O 108 -12.24 -38.71 7.93
C THR O 108 -13.44 -38.41 7.05
N VAL O 109 -14.32 -37.57 7.57
CA VAL O 109 -15.65 -37.37 7.02
C VAL O 109 -15.84 -35.86 6.90
N GLN O 110 -16.08 -35.38 5.69
CA GLN O 110 -16.10 -33.95 5.44
C GLN O 110 -17.50 -33.39 5.64
N LEU O 111 -17.60 -32.34 6.42
CA LEU O 111 -18.85 -31.66 6.68
C LEU O 111 -19.29 -30.85 5.47
N PRO O 112 -20.59 -30.65 5.30
CA PRO O 112 -21.07 -29.60 4.41
C PRO O 112 -20.68 -28.23 4.94
N GLY O 113 -19.78 -27.58 4.21
CA GLY O 113 -19.14 -26.37 4.66
C GLY O 113 -17.64 -26.41 4.53
N GLY O 114 -17.08 -27.57 4.15
CA GLY O 114 -15.66 -27.72 3.92
C GLY O 114 -14.89 -28.35 5.05
N GLU O 115 -15.46 -28.41 6.26
CA GLU O 115 -14.72 -28.88 7.41
C GLU O 115 -14.55 -30.38 7.40
N ARG O 116 -13.33 -30.84 7.66
CA ARG O 116 -13.03 -32.25 7.76
C ARG O 116 -13.07 -32.71 9.20
N VAL O 117 -13.77 -33.81 9.44
CA VAL O 117 -13.89 -34.37 10.77
C VAL O 117 -13.27 -35.76 10.75
N PRO O 118 -12.02 -35.90 11.14
CA PRO O 118 -11.45 -37.23 11.30
C PRO O 118 -11.86 -37.82 12.64
N PHE O 119 -12.02 -39.15 12.63
CA PHE O 119 -12.30 -39.86 13.87
C PHE O 119 -11.86 -41.30 13.72
N LEU O 120 -11.87 -42.01 14.83
CA LEU O 120 -11.67 -43.45 14.84
C LEU O 120 -13.02 -44.12 15.01
N PHE O 121 -13.36 -45.03 14.12
CA PHE O 121 -14.55 -45.83 14.25
C PHE O 121 -14.18 -47.10 15.01
N THR O 122 -14.35 -47.07 16.33
CA THR O 122 -13.83 -48.13 17.17
C THR O 122 -14.93 -48.94 17.82
N VAL O 123 -14.57 -50.19 18.15
CA VAL O 123 -15.34 -51.11 18.99
C VAL O 123 -14.52 -51.52 20.21
N LYS O 124 -13.39 -50.83 20.45
CA LYS O 124 -12.40 -51.17 21.47
C LYS O 124 -12.97 -51.21 22.88
N ASP O 125 -12.76 -52.35 23.55
CA ASP O 125 -13.20 -52.60 24.93
C ASP O 125 -14.70 -52.46 25.08
N LEU O 126 -15.44 -53.14 24.21
CA LEU O 126 -16.89 -53.11 24.28
C LEU O 126 -17.38 -54.11 25.32
N VAL O 127 -18.47 -53.77 25.99
CA VAL O 127 -19.25 -54.69 26.81
C VAL O 127 -20.71 -54.45 26.45
N ALA O 128 -21.31 -55.36 25.69
CA ALA O 128 -22.71 -55.24 25.32
C ALA O 128 -23.61 -55.89 26.36
N LYS O 129 -24.90 -55.60 26.27
CA LYS O 129 -25.91 -56.17 27.16
C LYS O 129 -27.17 -56.40 26.34
N GLY O 130 -27.56 -57.67 26.20
CA GLY O 130 -28.72 -57.98 25.38
C GLY O 130 -30.02 -57.67 26.09
N ASN O 131 -31.09 -57.64 25.31
CA ASN O 131 -32.42 -57.44 25.90
C ASN O 131 -32.97 -58.72 26.48
N GLY O 132 -32.35 -59.85 26.18
CA GLY O 132 -32.80 -61.12 26.70
C GLY O 132 -31.75 -62.18 26.44
N ASP O 133 -32.23 -63.37 26.10
CA ASP O 133 -31.39 -64.52 25.77
C ASP O 133 -31.74 -64.91 24.33
N THR O 134 -31.03 -65.91 23.80
CA THR O 134 -31.46 -66.72 22.65
C THR O 134 -31.69 -65.92 21.37
N PHE O 135 -30.60 -65.54 20.66
CA PHE O 135 -30.55 -64.64 19.49
C PHE O 135 -31.75 -64.76 18.56
N LYS O 136 -32.44 -63.67 18.35
CA LYS O 136 -33.81 -63.80 17.88
C LYS O 136 -34.15 -62.69 16.88
N PRO O 137 -35.34 -62.72 16.22
CA PRO O 137 -35.74 -61.56 15.39
C PRO O 137 -35.99 -60.29 16.19
N GLY O 138 -34.96 -59.63 16.68
CA GLY O 138 -35.14 -58.42 17.47
C GLY O 138 -34.30 -58.35 18.72
N PHE O 139 -33.42 -59.31 18.93
CA PHE O 139 -32.47 -59.27 20.03
C PHE O 139 -31.53 -58.09 19.88
N GLN O 140 -31.61 -57.10 20.76
CA GLN O 140 -30.81 -55.91 20.63
C GLN O 140 -29.74 -55.87 21.71
N MET O 141 -28.51 -55.59 21.32
CA MET O 141 -27.39 -55.38 22.22
C MET O 141 -27.05 -53.91 22.27
N GLY O 142 -26.36 -53.51 23.32
CA GLY O 142 -25.93 -52.14 23.46
C GLY O 142 -24.93 -52.03 24.56
N GLY O 143 -23.98 -51.12 24.41
CA GLY O 143 -22.96 -50.99 25.41
C GLY O 143 -22.15 -49.73 25.24
N ASP O 144 -21.03 -49.70 25.95
CA ASP O 144 -20.13 -48.56 25.93
C ASP O 144 -18.74 -49.07 25.64
N PHE O 145 -18.06 -48.44 24.70
CA PHE O 145 -16.71 -48.81 24.35
C PHE O 145 -15.77 -47.64 24.65
N ASN O 146 -14.53 -47.77 24.22
CA ASN O 146 -13.52 -46.74 24.41
C ASN O 146 -13.08 -46.22 23.05
N THR O 147 -13.20 -44.91 22.84
CA THR O 147 -12.49 -44.24 21.77
C THR O 147 -11.18 -43.78 22.34
N PRO O 148 -10.06 -44.35 21.94
CA PRO O 148 -8.77 -43.76 22.30
C PRO O 148 -8.48 -42.57 21.42
N SER O 149 -7.36 -41.89 21.65
CA SER O 149 -7.02 -40.77 20.80
C SER O 149 -6.64 -41.26 19.42
N TYR O 150 -6.96 -40.44 18.43
CA TYR O 150 -6.73 -40.78 17.03
C TYR O 150 -5.24 -40.97 16.76
N ARG O 151 -4.45 -39.97 17.07
CA ARG O 151 -3.00 -40.07 17.00
C ARG O 151 -2.47 -40.46 18.36
N THR O 152 -1.55 -41.41 18.39
CA THR O 152 -0.90 -41.74 19.64
C THR O 152 0.26 -40.78 19.87
N GLY O 153 0.97 -40.97 20.99
CA GLY O 153 1.94 -39.97 21.40
C GLY O 153 3.20 -39.97 20.57
N LEU O 154 3.45 -41.03 19.82
CA LEU O 154 4.56 -41.05 18.89
C LEU O 154 4.33 -40.13 17.70
N PHE O 155 3.07 -39.87 17.35
CA PHE O 155 2.75 -38.95 16.28
C PHE O 155 3.24 -37.56 16.62
N LEU O 156 3.65 -36.82 15.59
CA LEU O 156 4.35 -35.57 15.81
C LEU O 156 3.71 -34.43 15.02
N ASP O 157 3.36 -33.36 15.76
CA ASP O 157 3.04 -32.02 15.28
C ASP O 157 4.01 -31.61 14.17
N PRO O 158 3.52 -31.00 13.04
CA PRO O 158 4.39 -30.57 11.94
C PRO O 158 5.63 -29.74 12.24
N LYS O 159 5.79 -29.30 13.48
CA LYS O 159 7.01 -28.66 13.93
C LYS O 159 7.87 -29.56 14.79
N GLY O 160 7.45 -30.78 15.04
CA GLY O 160 8.24 -31.68 15.84
C GLY O 160 7.89 -31.68 17.31
N ARG O 161 6.62 -31.86 17.62
CA ARG O 161 6.14 -31.90 18.99
C ARG O 161 5.22 -33.11 19.13
N GLY O 162 5.31 -33.83 20.24
CA GLY O 162 4.46 -34.99 20.39
C GLY O 162 4.15 -35.24 21.84
N GLY O 163 3.39 -36.30 22.08
CA GLY O 163 3.04 -36.67 23.43
C GLY O 163 4.19 -37.40 24.09
N THR O 164 4.54 -38.55 23.54
CA THR O 164 5.71 -39.28 24.00
C THR O 164 7.00 -38.52 23.73
N THR O 165 7.11 -37.83 22.59
CA THR O 165 8.37 -37.31 22.09
C THR O 165 8.15 -35.92 21.50
N GLY O 166 9.06 -35.52 20.64
CA GLY O 166 9.00 -34.22 20.03
C GLY O 166 9.67 -33.17 20.88
N TYR O 167 9.76 -31.98 20.34
CA TYR O 167 10.18 -30.86 21.15
C TYR O 167 9.05 -30.43 22.07
N ASP O 168 9.42 -29.72 23.13
CA ASP O 168 8.44 -29.15 24.04
C ASP O 168 8.18 -27.69 23.77
N MET O 169 9.00 -27.07 22.94
CA MET O 169 9.04 -25.64 22.78
C MET O 169 8.60 -25.29 21.37
N ALA O 170 8.30 -24.02 21.17
CA ALA O 170 8.05 -23.50 19.83
C ALA O 170 9.39 -23.28 19.16
N VAL O 171 9.87 -24.32 18.47
CA VAL O 171 11.12 -24.33 17.71
C VAL O 171 11.17 -23.24 16.65
N ALA O 172 10.00 -22.88 16.13
CA ALA O 172 9.75 -21.70 15.32
C ALA O 172 10.46 -20.46 15.79
N LEU O 173 10.11 -20.06 17.01
CA LEU O 173 10.27 -18.71 17.50
C LEU O 173 11.05 -18.86 18.79
N PRO O 174 12.39 -18.94 18.72
CA PRO O 174 13.15 -19.23 19.94
C PRO O 174 13.35 -18.03 20.84
N ALA O 175 12.81 -16.87 20.50
CA ALA O 175 12.79 -15.75 21.42
C ALA O 175 11.44 -15.54 22.05
N LEU O 176 10.59 -16.57 22.10
CA LEU O 176 9.33 -16.45 22.82
C LEU O 176 9.51 -16.57 24.32
N GLN O 177 10.56 -17.23 24.80
CA GLN O 177 10.53 -17.63 26.19
C GLN O 177 10.83 -16.46 27.11
N LEU O 178 12.11 -16.09 27.24
CA LEU O 178 12.65 -14.81 27.66
C LEU O 178 11.90 -14.00 28.71
N GLY O 179 11.71 -14.55 29.89
CA GLY O 179 11.12 -13.80 30.98
C GLY O 179 10.74 -14.73 32.11
N GLU O 180 9.85 -14.23 32.95
CA GLU O 180 9.13 -15.13 33.84
C GLU O 180 8.08 -15.91 33.06
N GLU O 181 7.40 -15.22 32.14
CA GLU O 181 6.43 -15.85 31.26
C GLU O 181 7.14 -16.33 30.00
N GLY O 182 7.21 -17.65 29.83
CA GLY O 182 7.86 -18.22 28.67
C GLY O 182 6.94 -18.30 27.48
N ASP O 183 6.75 -19.51 26.95
CA ASP O 183 5.83 -19.73 25.85
C ASP O 183 4.43 -20.06 26.31
N ALA O 184 4.02 -19.55 27.48
CA ALA O 184 2.88 -20.08 28.23
C ALA O 184 1.56 -19.91 27.50
N GLU O 185 1.47 -18.95 26.57
CA GLU O 185 0.28 -18.83 25.75
C GLU O 185 0.19 -19.93 24.70
N LEU O 186 1.28 -20.66 24.46
CA LEU O 186 1.27 -21.84 23.64
C LEU O 186 1.35 -23.12 24.46
N PHE O 187 1.13 -23.05 25.78
CA PHE O 187 1.18 -24.26 26.60
C PHE O 187 0.01 -25.17 26.30
N GLY O 188 -1.13 -24.62 25.90
CA GLY O 188 -2.26 -25.45 25.51
C GLY O 188 -2.07 -26.22 24.21
N GLU O 189 -0.92 -26.09 23.57
CA GLU O 189 -0.65 -26.71 22.29
C GLU O 189 0.68 -27.46 22.30
N ASN O 190 1.68 -26.93 23.02
CA ASN O 190 2.90 -27.68 23.26
C ASN O 190 2.64 -28.93 24.07
N ASN O 191 1.68 -28.86 25.00
CA ASN O 191 1.22 -30.03 25.74
C ASN O 191 0.40 -30.91 24.80
N LYS O 192 0.85 -32.13 24.59
CA LYS O 192 0.17 -33.09 23.72
C LYS O 192 -0.38 -34.21 24.60
N VAL O 193 -1.62 -34.06 25.05
CA VAL O 193 -2.22 -35.02 25.97
C VAL O 193 -2.89 -36.14 25.19
N PHE O 194 -2.69 -37.37 25.64
CA PHE O 194 -3.36 -38.53 25.06
C PHE O 194 -4.69 -38.67 25.78
N ASP O 195 -5.74 -38.13 25.21
CA ASP O 195 -7.07 -38.26 25.77
C ASP O 195 -7.67 -39.60 25.36
N ILE O 196 -8.58 -40.10 26.19
CA ILE O 196 -9.36 -41.26 25.84
C ILE O 196 -10.79 -40.99 26.29
N THR O 197 -11.75 -41.20 25.39
CA THR O 197 -13.14 -40.93 25.68
C THR O 197 -13.97 -42.17 25.41
N GLN O 198 -15.25 -42.07 25.69
CA GLN O 198 -16.16 -43.19 25.76
C GLN O 198 -17.26 -43.03 24.72
N GLY O 199 -17.59 -44.13 24.04
CA GLY O 199 -18.55 -44.11 22.97
C GLY O 199 -19.88 -44.74 23.37
N ARG O 200 -20.63 -45.15 22.35
CA ARG O 200 -21.93 -45.76 22.53
C ARG O 200 -22.29 -46.50 21.25
N ILE O 201 -22.84 -47.70 21.39
CA ILE O 201 -23.32 -48.46 20.25
C ILE O 201 -24.57 -49.22 20.67
N GLU O 202 -25.47 -49.46 19.72
CA GLU O 202 -26.71 -50.19 19.97
C GLU O 202 -26.98 -51.11 18.80
N MET O 203 -26.72 -52.39 18.99
CA MET O 203 -27.02 -53.40 17.98
C MET O 203 -28.53 -53.64 17.93
N GLU O 204 -28.99 -54.25 16.84
CA GLU O 204 -30.36 -54.75 16.75
C GLU O 204 -30.38 -55.87 15.72
N VAL O 205 -30.38 -57.10 16.20
CA VAL O 205 -30.24 -58.25 15.32
C VAL O 205 -31.52 -58.45 14.54
N ASN O 206 -31.42 -58.50 13.21
CA ASN O 206 -32.58 -58.62 12.36
C ASN O 206 -32.77 -60.03 11.82
N LYS O 207 -31.74 -60.64 11.23
CA LYS O 207 -31.86 -61.94 10.60
C LYS O 207 -30.86 -62.90 11.21
N VAL O 208 -31.30 -64.13 11.47
CA VAL O 208 -30.51 -65.13 12.17
C VAL O 208 -30.54 -66.44 11.40
N ASN O 209 -29.36 -66.96 11.08
CA ASN O 209 -29.19 -68.29 10.50
C ASN O 209 -28.44 -69.13 11.51
N ALA O 210 -29.02 -70.26 11.90
CA ALA O 210 -28.36 -71.17 12.82
C ALA O 210 -27.83 -72.43 12.16
N GLU O 211 -28.11 -72.63 10.87
CA GLU O 211 -27.45 -73.73 10.16
C GLU O 211 -25.97 -73.43 9.98
N ASP O 212 -25.63 -72.16 9.84
CA ASP O 212 -24.23 -71.72 9.87
C ASP O 212 -23.90 -70.98 11.16
N SER O 213 -24.86 -70.85 12.07
CA SER O 213 -24.74 -70.16 13.36
C SER O 213 -24.26 -68.73 13.19
N GLU O 214 -25.03 -67.96 12.44
CA GLU O 214 -24.63 -66.63 12.03
C GLU O 214 -25.76 -65.64 12.22
N ILE O 215 -25.45 -64.49 12.79
CA ILE O 215 -26.42 -63.43 13.01
C ILE O 215 -26.09 -62.25 12.12
N GLY O 216 -27.03 -61.32 12.04
CA GLY O 216 -26.82 -60.10 11.28
C GLY O 216 -27.91 -59.11 11.62
N GLY O 217 -27.53 -57.84 11.70
CA GLY O 217 -28.50 -56.83 12.04
C GLY O 217 -28.07 -55.45 11.60
N VAL O 218 -28.63 -54.45 12.27
CA VAL O 218 -28.38 -53.04 11.98
C VAL O 218 -28.03 -52.33 13.27
N PHE O 219 -26.85 -51.73 13.33
CA PHE O 219 -26.41 -51.00 14.51
C PHE O 219 -26.62 -49.50 14.34
N VAL O 220 -26.51 -48.79 15.46
CA VAL O 220 -26.50 -47.33 15.51
C VAL O 220 -25.43 -46.94 16.53
N ALA O 221 -24.37 -46.28 16.07
CA ALA O 221 -23.26 -45.92 16.93
C ALA O 221 -23.09 -44.42 16.98
N THR O 222 -22.87 -43.91 18.18
CA THR O 222 -22.52 -42.52 18.40
C THR O 222 -21.21 -42.47 19.16
N GLN O 223 -20.30 -41.60 18.74
CA GLN O 223 -19.04 -41.46 19.43
C GLN O 223 -18.52 -40.05 19.24
N LEU O 224 -17.28 -39.83 19.65
CA LEU O 224 -16.67 -38.52 19.67
C LEU O 224 -15.55 -38.45 18.64
N SER O 225 -15.36 -37.28 18.06
CA SER O 225 -14.38 -37.11 17.00
C SER O 225 -12.97 -37.00 17.56
N ASP O 226 -12.03 -36.66 16.68
CA ASP O 226 -10.65 -36.43 17.05
C ASP O 226 -10.51 -35.09 17.76
N THR O 227 -9.67 -35.06 18.78
CA THR O 227 -9.09 -33.81 19.26
C THR O 227 -7.58 -33.92 19.07
N ASP O 228 -7.01 -32.95 18.35
CA ASP O 228 -5.60 -33.03 17.97
C ASP O 228 -4.78 -32.75 19.22
N MET O 229 -4.63 -33.79 20.05
CA MET O 229 -3.99 -33.77 21.35
C MET O 229 -4.55 -32.66 22.24
N GLY O 230 -5.87 -32.54 22.27
CA GLY O 230 -6.48 -31.54 23.12
C GLY O 230 -6.37 -30.13 22.61
N SER O 231 -6.31 -29.94 21.29
CA SER O 231 -6.33 -28.60 20.73
C SER O 231 -7.75 -28.17 20.37
N LYS O 232 -8.40 -28.92 19.49
CA LYS O 232 -9.74 -28.58 19.04
C LYS O 232 -10.78 -29.36 19.84
N THR O 233 -11.97 -28.79 19.91
CA THR O 233 -13.07 -29.48 20.58
C THR O 233 -13.69 -30.49 19.63
N PRO O 234 -13.68 -31.78 19.96
CA PRO O 234 -14.17 -32.78 19.02
C PRO O 234 -15.69 -32.79 18.95
N LYS O 235 -16.20 -33.16 17.79
CA LYS O 235 -17.63 -33.21 17.54
C LYS O 235 -18.16 -34.60 17.79
N LYS O 236 -19.47 -34.73 17.78
CA LYS O 236 -20.15 -35.98 18.06
C LYS O 236 -20.53 -36.64 16.75
N VAL O 237 -19.89 -37.74 16.44
CA VAL O 237 -20.12 -38.46 15.20
C VAL O 237 -21.16 -39.54 15.46
N LEU O 238 -22.15 -39.62 14.57
CA LEU O 238 -23.18 -40.65 14.63
C LEU O 238 -23.08 -41.47 13.35
N THR O 239 -22.87 -42.77 13.49
CA THR O 239 -22.83 -43.67 12.35
C THR O 239 -23.98 -44.65 12.40
N LYS O 240 -24.39 -45.11 11.22
CA LYS O 240 -25.45 -46.10 11.09
C LYS O 240 -25.06 -47.07 10.01
N GLY O 241 -25.24 -48.36 10.26
CA GLY O 241 -24.91 -49.34 9.27
C GLY O 241 -25.37 -50.72 9.68
N ILE O 242 -24.80 -51.73 9.04
CA ILE O 242 -25.20 -53.10 9.29
C ILE O 242 -24.03 -53.88 9.87
N PHE O 243 -24.35 -54.92 10.62
CA PHE O 243 -23.33 -55.75 11.22
C PHE O 243 -23.65 -57.22 10.96
N TYR O 244 -22.79 -58.07 11.50
CA TYR O 244 -22.75 -59.47 11.11
C TYR O 244 -21.82 -60.20 12.05
N ALA O 245 -22.18 -61.43 12.41
CA ALA O 245 -21.30 -62.24 13.24
C ALA O 245 -21.58 -63.71 13.01
N LYS O 246 -20.68 -64.54 13.51
CA LYS O 246 -20.81 -65.98 13.48
C LYS O 246 -20.68 -66.52 14.89
N VAL O 247 -21.62 -67.38 15.29
CA VAL O 247 -21.74 -67.83 16.67
C VAL O 247 -21.02 -69.15 16.83
N GLU O 248 -20.28 -69.30 17.93
CA GLU O 248 -19.68 -70.57 18.28
C GLU O 248 -20.66 -71.40 19.13
N GLN O 249 -20.18 -72.49 19.70
CA GLN O 249 -21.01 -73.32 20.57
C GLN O 249 -20.20 -73.74 21.79
N PRO P 1 7.01 117.55 15.31
CA PRO P 1 6.53 116.44 14.50
C PRO P 1 7.66 115.71 13.79
N SER P 2 8.84 115.69 14.40
CA SER P 2 10.03 115.12 13.78
C SER P 2 9.93 113.63 13.57
N ALA P 3 9.06 112.96 14.32
CA ALA P 3 8.81 111.54 14.13
C ALA P 3 7.63 111.28 13.22
N ASP P 4 7.43 112.12 12.20
CA ASP P 4 6.33 111.95 11.24
C ASP P 4 6.60 110.84 10.23
N ALA P 5 7.71 110.11 10.39
CA ALA P 5 8.13 109.07 9.46
C ALA P 5 7.22 107.85 9.46
N TRP P 6 6.12 107.85 10.22
CA TRP P 6 5.02 106.94 9.98
C TRP P 6 4.07 107.43 8.89
N ALA P 7 4.36 108.58 8.27
CA ALA P 7 3.57 109.01 7.11
C ALA P 7 3.84 108.09 5.92
N ASN P 8 5.10 108.01 5.48
CA ASN P 8 5.48 106.98 4.53
C ASN P 8 5.85 105.74 5.33
N SER P 9 5.42 104.58 4.88
CA SER P 9 5.57 103.36 5.65
C SER P 9 6.05 102.26 4.73
N VAL P 10 7.28 101.84 4.92
CA VAL P 10 7.89 100.72 4.22
C VAL P 10 7.31 99.45 4.85
N GLU P 11 7.22 98.37 4.07
CA GLU P 11 6.63 97.14 4.57
C GLU P 11 7.48 96.53 5.68
N SER P 12 6.79 96.11 6.73
CA SER P 12 7.40 95.34 7.79
C SER P 12 7.35 93.88 7.36
N LYS P 13 8.47 93.35 6.88
CA LYS P 13 8.56 91.94 6.62
C LYS P 13 8.40 91.14 7.90
N ALA P 14 8.80 91.72 9.03
CA ALA P 14 8.46 91.19 10.34
C ALA P 14 6.97 91.01 10.51
N LEU P 15 6.21 92.09 10.46
CA LEU P 15 4.80 92.07 10.78
C LEU P 15 4.01 92.37 9.51
N PRO P 16 3.50 91.37 8.80
CA PRO P 16 2.80 91.66 7.54
C PRO P 16 1.47 92.38 7.72
N PHE P 17 0.97 92.52 8.94
CA PHE P 17 -0.20 93.36 9.16
C PHE P 17 0.18 94.81 9.46
N ALA P 18 1.30 95.04 10.14
CA ALA P 18 1.69 96.39 10.54
C ALA P 18 2.60 96.99 9.47
N ARG P 19 3.21 98.13 9.79
CA ARG P 19 4.13 98.80 8.88
C ARG P 19 5.37 99.26 9.64
N ALA P 20 6.42 99.56 8.88
CA ALA P 20 7.72 100.05 9.34
C ALA P 20 7.86 101.53 9.02
N PRO P 21 8.39 102.34 9.93
CA PRO P 21 8.38 103.80 9.77
C PRO P 21 9.55 104.39 9.02
N ALA P 22 9.96 103.74 7.92
CA ALA P 22 10.80 104.31 6.86
C ALA P 22 12.19 104.80 7.27
N THR P 23 12.58 104.62 8.53
CA THR P 23 13.95 104.86 8.94
C THR P 23 14.74 103.56 8.95
N LEU P 24 14.03 102.42 9.01
CA LEU P 24 14.66 101.12 8.84
C LEU P 24 15.31 101.01 7.46
N ASP P 25 14.51 101.19 6.40
CA ASP P 25 14.95 101.56 5.05
C ASP P 25 15.76 100.48 4.32
N GLY P 26 16.14 99.40 5.00
CA GLY P 26 16.91 98.37 4.33
C GLY P 26 18.37 98.68 4.12
N THR P 27 18.90 99.70 4.80
CA THR P 27 20.35 99.92 4.76
C THR P 27 21.08 98.86 5.54
N MET P 28 20.76 98.74 6.83
CA MET P 28 21.55 97.93 7.73
C MET P 28 21.22 96.46 7.54
N LEU P 29 22.24 95.62 7.77
CA LEU P 29 22.14 94.19 7.55
C LEU P 29 21.07 93.53 8.41
N GLY P 30 20.89 94.00 9.63
CA GLY P 30 19.91 93.37 10.47
C GLY P 30 18.49 93.69 10.17
N ASP P 31 18.24 94.65 9.29
CA ASP P 31 16.91 95.12 8.99
C ASP P 31 16.15 94.03 8.25
N PHE P 32 15.11 93.52 8.89
CA PHE P 32 14.01 92.90 8.18
C PHE P 32 12.69 93.59 8.50
N GLY P 33 12.76 94.81 9.01
CA GLY P 33 11.56 95.62 9.17
C GLY P 33 10.79 95.38 10.45
N PHE P 34 11.46 95.27 11.59
CA PHE P 34 10.76 95.05 12.84
C PHE P 34 10.84 96.32 13.67
N ASP P 35 9.70 96.99 13.77
CA ASP P 35 9.57 98.18 14.60
C ASP P 35 8.09 98.36 14.91
N PRO P 36 7.57 97.60 15.87
CA PRO P 36 6.12 97.62 16.09
C PRO P 36 5.63 98.88 16.76
N LEU P 37 6.48 99.55 17.52
CA LEU P 37 6.07 100.77 18.22
C LEU P 37 6.87 101.99 17.80
N GLY P 38 8.15 101.84 17.52
CA GLY P 38 9.00 103.02 17.39
C GLY P 38 10.37 102.74 17.95
N PHE P 39 11.07 103.83 18.28
CA PHE P 39 12.51 104.02 18.51
C PHE P 39 13.29 104.00 17.20
N SER P 40 12.65 103.67 16.08
CA SER P 40 13.39 103.76 14.83
C SER P 40 13.41 105.18 14.33
N THR P 41 12.30 105.91 14.53
CA THR P 41 12.15 107.26 13.99
C THR P 41 13.14 108.21 14.61
N VAL P 42 13.50 108.00 15.87
CA VAL P 42 14.47 108.84 16.54
C VAL P 42 15.75 108.03 16.74
N PRO P 43 16.88 108.56 16.39
CA PRO P 43 18.13 107.97 16.87
C PRO P 43 18.65 108.71 18.08
N VAL P 44 19.69 108.18 18.72
CA VAL P 44 20.38 108.89 19.77
C VAL P 44 21.88 108.83 19.51
N GLY P 45 22.53 109.97 19.67
CA GLY P 45 23.95 110.06 19.57
C GLY P 45 24.62 109.52 20.82
N PRO P 46 25.93 109.37 20.76
CA PRO P 46 26.67 108.91 21.94
C PRO P 46 26.78 110.00 22.98
N TRP P 47 26.02 109.84 24.06
CA TRP P 47 26.12 110.82 25.13
C TRP P 47 27.42 110.70 25.90
N PHE P 48 27.98 109.48 25.99
CA PHE P 48 29.21 109.30 26.77
C PHE P 48 30.43 109.85 26.04
N THR P 49 30.27 110.25 24.77
CA THR P 49 31.39 110.89 24.08
C THR P 49 31.28 112.41 24.18
N GLY P 50 30.14 112.93 24.61
CA GLY P 50 30.00 114.37 24.73
C GLY P 50 28.72 114.78 25.40
N ILE P 51 28.84 115.74 26.32
CA ILE P 51 27.70 116.61 26.61
C ILE P 51 27.25 117.29 25.34
N GLN P 52 28.22 117.74 24.54
CA GLN P 52 27.97 118.15 23.17
C GLN P 52 27.38 117.01 22.34
N GLY P 53 27.90 115.80 22.54
CA GLY P 53 27.45 114.61 21.85
C GLY P 53 26.21 113.95 22.42
N ARG P 54 25.66 114.48 23.51
CA ARG P 54 24.42 113.96 24.07
C ARG P 54 23.27 114.01 23.06
N ASN P 55 23.14 115.12 22.35
CA ASN P 55 22.17 115.20 21.27
C ASN P 55 22.62 114.31 20.11
N GLY P 56 21.65 113.90 19.29
CA GLY P 56 21.88 112.91 18.28
C GLY P 56 21.56 113.39 16.88
N GLU P 57 21.45 112.43 15.98
CA GLU P 57 21.22 112.63 14.57
C GLU P 57 19.73 112.47 14.27
N ILE P 58 19.41 112.33 12.98
CA ILE P 58 18.03 112.16 12.56
C ILE P 58 17.85 110.81 11.85
N GLY P 59 18.88 110.29 11.22
CA GLY P 59 18.77 109.02 10.53
C GLY P 59 19.78 107.95 10.88
N ASN P 60 20.85 108.31 11.59
CA ASN P 60 21.97 107.40 11.83
C ASN P 60 21.73 106.60 13.10
N LEU P 61 21.53 105.29 12.95
CA LEU P 61 21.28 104.48 14.13
C LEU P 61 22.54 104.27 14.96
N LYS P 62 23.43 103.37 14.52
CA LYS P 62 24.80 103.17 15.04
C LYS P 62 24.89 102.81 16.52
N TRP P 63 23.82 102.99 17.30
CA TRP P 63 23.94 102.98 18.75
C TRP P 63 22.88 102.06 19.33
N TYR P 64 21.72 102.05 18.71
CA TYR P 64 20.80 100.94 18.92
C TYR P 64 21.37 99.67 18.34
N ARG P 65 22.18 99.79 17.29
CA ARG P 65 22.84 98.62 16.74
C ARG P 65 23.88 98.08 17.71
N GLU P 66 24.68 98.97 18.31
CA GLU P 66 25.67 98.55 19.30
C GLU P 66 25.05 97.91 20.51
N ALA P 67 24.01 98.55 21.05
CA ALA P 67 23.32 97.99 22.20
C ALA P 67 22.65 96.69 21.84
N GLU P 68 22.28 96.52 20.58
CA GLU P 68 21.91 95.20 20.09
C GLU P 68 23.13 94.31 19.96
N LEU P 69 24.29 94.88 19.65
CA LEU P 69 25.46 94.02 19.50
C LEU P 69 26.05 93.65 20.85
N ILE P 70 26.17 94.59 21.78
CA ILE P 70 26.85 94.29 23.03
C ILE P 70 26.02 93.36 23.89
N HIS P 71 24.72 93.66 24.04
CA HIS P 71 23.84 92.76 24.78
C HIS P 71 23.77 91.40 24.15
N GLY P 72 23.78 91.35 22.82
CA GLY P 72 23.70 90.08 22.13
C GLY P 72 24.97 89.27 22.26
N ARG P 73 26.12 89.94 22.28
CA ARG P 73 27.38 89.22 22.39
C ARG P 73 27.61 88.72 23.81
N ILE P 74 27.23 89.51 24.82
CA ILE P 74 27.35 89.07 26.20
C ILE P 74 26.40 87.92 26.47
N ALA P 75 25.20 87.96 25.87
CA ALA P 75 24.22 86.91 26.05
C ALA P 75 24.70 85.58 25.46
N GLN P 76 25.46 85.64 24.37
CA GLN P 76 26.00 84.42 23.79
C GLN P 76 27.05 83.80 24.67
N VAL P 77 27.86 84.63 25.33
CA VAL P 77 28.78 84.09 26.33
C VAL P 77 27.99 83.68 27.56
N ALA P 78 26.85 84.33 27.81
CA ALA P 78 26.10 84.05 29.03
C ALA P 78 25.40 82.70 28.98
N VAL P 79 24.82 82.33 27.83
CA VAL P 79 24.06 81.07 27.76
C VAL P 79 24.97 79.88 27.97
N VAL P 80 26.25 80.01 27.62
CA VAL P 80 27.17 78.95 27.94
C VAL P 80 27.51 79.01 29.43
N GLY P 81 27.55 80.20 30.00
CA GLY P 81 27.82 80.36 31.42
C GLY P 81 26.73 79.81 32.32
N PHE P 82 25.51 79.67 31.83
CA PHE P 82 24.47 78.94 32.55
C PHE P 82 24.62 77.44 32.31
N ILE P 83 24.83 77.06 31.05
CA ILE P 83 24.66 75.67 30.66
C ILE P 83 25.93 74.86 30.97
N ALA P 84 27.09 75.38 30.59
CA ALA P 84 28.34 74.62 30.73
C ALA P 84 28.79 74.24 32.14
N PRO P 85 28.47 74.99 33.25
CA PRO P 85 28.82 74.43 34.57
C PRO P 85 28.08 73.16 34.93
N GLY P 86 26.97 72.86 34.27
CA GLY P 86 26.24 71.64 34.56
C GLY P 86 26.78 70.45 33.77
N LEU P 87 27.21 70.69 32.55
CA LEU P 87 27.68 69.61 31.69
C LEU P 87 29.09 69.16 32.01
N PHE P 88 29.89 70.02 32.63
CA PHE P 88 31.31 69.74 32.78
C PHE P 88 31.74 69.83 34.23
N GLY P 89 33.04 69.81 34.47
CA GLY P 89 33.54 69.93 35.82
C GLY P 89 33.29 71.31 36.39
N THR P 90 33.24 71.37 37.72
CA THR P 90 32.86 72.59 38.41
C THR P 90 33.97 73.16 39.30
N LEU P 91 35.23 73.08 38.87
CA LEU P 91 36.35 73.87 39.40
C LEU P 91 36.61 73.77 40.90
N PRO P 92 37.33 72.74 41.38
CA PRO P 92 37.58 72.59 42.81
C PRO P 92 38.25 73.79 43.46
N GLY P 93 37.67 74.27 44.55
CA GLY P 93 38.12 75.51 45.17
C GLY P 93 38.90 75.33 46.45
N ASN P 94 40.22 75.45 46.37
CA ASN P 94 41.11 75.25 47.50
C ASN P 94 42.25 76.25 47.53
N GLU P 95 42.25 77.23 46.61
CA GLU P 95 43.32 78.21 46.56
C GLU P 95 43.30 79.12 47.78
N TRP P 96 42.23 79.88 47.95
CA TRP P 96 42.06 80.75 49.11
C TRP P 96 41.26 80.00 50.16
N THR P 97 40.83 80.65 51.24
CA THR P 97 39.92 80.02 52.18
C THR P 97 38.54 79.85 51.54
N GLY P 98 37.81 78.84 51.98
CA GLY P 98 36.53 78.54 51.37
C GLY P 98 36.60 77.39 50.40
N VAL P 99 35.95 76.28 50.77
CA VAL P 99 35.96 75.06 49.98
C VAL P 99 34.59 74.92 49.34
N ASP P 100 34.58 74.60 48.05
CA ASP P 100 33.39 74.19 47.30
C ASP P 100 32.34 75.29 47.23
N ALA P 101 32.81 76.54 47.12
CA ALA P 101 31.92 77.63 46.76
C ALA P 101 31.53 77.52 45.29
N TYR P 102 32.38 76.85 44.50
CA TYR P 102 32.13 76.75 43.08
C TYR P 102 31.05 75.71 42.76
N SER P 103 30.97 74.65 43.56
CA SER P 103 30.25 73.42 43.24
C SER P 103 28.75 73.58 42.98
N ASN P 104 28.18 74.71 43.36
CA ASN P 104 26.76 74.99 43.14
C ASN P 104 26.46 75.09 41.65
N LEU P 105 25.37 74.43 41.24
CA LEU P 105 25.03 74.38 39.83
C LEU P 105 24.00 75.43 39.45
N ASN P 106 23.25 75.96 40.40
CA ASN P 106 22.32 77.06 40.14
C ASN P 106 23.12 78.33 39.90
N PRO P 107 23.05 78.94 38.72
CA PRO P 107 23.94 80.07 38.44
C PRO P 107 23.56 81.36 39.14
N LEU P 108 22.35 81.46 39.68
CA LEU P 108 22.02 82.64 40.45
C LEU P 108 22.59 82.57 41.87
N GLU P 109 22.60 81.37 42.45
CA GLU P 109 23.07 81.26 43.83
C GLU P 109 24.57 81.03 43.87
N ALA P 110 25.14 80.40 42.84
CA ALA P 110 26.58 80.27 42.75
C ALA P 110 27.25 81.61 42.53
N PHE P 111 26.49 82.58 42.02
CA PHE P 111 26.97 83.95 41.91
C PHE P 111 27.29 84.53 43.28
N SER P 112 26.41 84.31 44.26
CA SER P 112 26.57 84.95 45.56
C SER P 112 27.59 84.22 46.42
N GLN P 113 27.77 82.91 46.17
CA GLN P 113 28.60 82.10 47.07
C GLN P 113 30.08 82.29 46.79
N VAL P 114 30.47 82.16 45.53
CA VAL P 114 31.83 82.31 45.00
C VAL P 114 32.41 83.65 45.45
N PRO P 115 33.68 83.71 45.89
CA PRO P 115 34.15 84.91 46.62
C PRO P 115 34.21 86.16 45.78
N GLY P 116 34.07 87.30 46.46
CA GLY P 116 34.02 88.59 45.82
C GLY P 116 35.29 88.97 45.10
N LEU P 117 36.41 88.33 45.44
CA LEU P 117 37.65 88.51 44.69
C LEU P 117 37.61 87.85 43.33
N ALA P 118 36.71 86.88 43.13
CA ALA P 118 36.70 86.13 41.88
C ALA P 118 35.90 86.84 40.80
N ILE P 119 34.71 87.33 41.14
CA ILE P 119 33.88 88.00 40.14
C ILE P 119 34.37 89.43 39.93
N LEU P 120 35.10 89.97 40.92
CA LEU P 120 35.80 91.23 40.71
C LEU P 120 36.80 91.09 39.57
N GLN P 121 37.59 90.02 39.60
CA GLN P 121 38.57 89.80 38.55
C GLN P 121 37.92 89.45 37.22
N ILE P 122 36.67 88.98 37.23
CA ILE P 122 35.91 88.95 35.98
C ILE P 122 35.51 90.37 35.59
N PHE P 123 35.00 91.14 36.55
CA PHE P 123 34.57 92.51 36.31
C PHE P 123 35.73 93.41 35.88
N LEU P 124 36.96 93.15 36.35
CA LEU P 124 38.11 93.92 35.90
C LEU P 124 38.49 93.59 34.46
N PHE P 125 38.35 92.33 34.07
CA PHE P 125 38.69 91.95 32.69
C PHE P 125 37.62 92.44 31.74
N MET P 126 36.36 92.13 32.06
CA MET P 126 35.18 92.68 31.39
C MET P 126 35.14 94.20 31.43
N SER P 127 35.83 94.82 32.38
CA SER P 127 36.18 96.23 32.25
C SER P 127 37.19 96.48 31.15
N TYR P 128 38.31 95.73 31.15
CA TYR P 128 39.48 96.10 30.36
C TYR P 128 39.22 96.00 28.86
N LEU P 129 38.30 95.14 28.46
CA LEU P 129 37.92 94.97 27.05
C LEU P 129 36.95 96.02 26.59
N GLU P 130 36.78 97.08 27.37
CA GLU P 130 35.72 98.03 27.15
C GLU P 130 36.19 99.48 27.24
N ILE P 131 37.21 99.75 28.07
CA ILE P 131 37.94 101.01 27.99
C ILE P 131 38.68 101.00 26.66
N ARG P 132 39.10 99.80 26.25
CA ARG P 132 39.56 99.59 24.88
C ARG P 132 38.51 100.04 23.87
N ARG P 133 37.24 99.71 24.12
CA ARG P 133 36.19 100.16 23.22
C ARG P 133 35.94 101.65 23.30
N ILE P 134 36.20 102.27 24.45
CA ILE P 134 36.09 103.73 24.57
C ILE P 134 37.10 104.39 23.64
N ASN P 135 38.34 103.88 23.63
CA ASN P 135 39.38 104.44 22.78
C ASN P 135 39.10 104.18 21.31
N ILE P 136 38.51 103.02 20.99
CA ILE P 136 38.22 102.72 19.59
C ILE P 136 37.05 103.57 19.09
N ILE P 137 36.13 103.95 19.98
CA ILE P 137 35.11 104.92 19.57
C ILE P 137 35.72 106.30 19.38
N LYS P 138 36.69 106.67 20.22
CA LYS P 138 37.33 107.98 20.08
C LYS P 138 38.21 108.02 18.84
N GLU P 139 38.98 106.96 18.59
CA GLU P 139 39.96 107.00 17.51
C GLU P 139 39.30 106.89 16.15
N GLU P 140 38.35 105.96 16.00
CA GLU P 140 37.67 105.80 14.73
C GLU P 140 36.72 106.96 14.43
N GLY P 141 36.18 107.60 15.45
CA GLY P 141 35.39 108.81 15.26
C GLY P 141 34.08 108.52 14.59
N GLU P 142 33.73 109.35 13.61
CA GLU P 142 32.52 109.18 12.84
C GLU P 142 32.66 108.17 11.70
N ASN P 143 33.82 107.52 11.58
CA ASN P 143 33.98 106.38 10.71
C ASN P 143 33.52 105.08 11.35
N TYR P 144 32.70 105.15 12.39
CA TYR P 144 32.57 104.05 13.33
C TYR P 144 31.74 102.91 12.77
N MET P 145 32.27 101.70 12.89
CA MET P 145 31.59 100.43 12.60
C MET P 145 31.07 99.85 13.89
N PRO P 146 29.80 99.44 13.92
CA PRO P 146 29.13 99.15 15.21
C PRO P 146 29.68 97.97 15.97
N GLY P 147 30.41 97.07 15.33
CA GLY P 147 31.07 96.01 16.05
C GLY P 147 32.43 96.50 16.50
N ASP P 148 33.49 95.89 15.97
CA ASP P 148 34.83 96.49 15.93
C ASP P 148 35.45 96.78 17.29
N LEU P 149 35.88 95.75 18.01
CA LEU P 149 36.91 95.89 19.03
C LEU P 149 38.32 95.81 18.42
N ARG P 150 38.44 95.97 17.09
CA ARG P 150 39.62 95.66 16.29
C ARG P 150 40.04 94.21 16.47
N ILE P 151 39.17 93.30 16.03
CA ILE P 151 39.39 91.86 16.12
C ILE P 151 39.45 91.21 14.74
N GLY P 152 38.82 91.82 13.74
CA GLY P 152 38.52 91.16 12.48
C GLY P 152 39.71 90.93 11.56
N GLN P 153 39.36 90.59 10.31
CA GLN P 153 40.34 90.04 9.39
C GLN P 153 41.08 91.11 8.60
N GLY P 154 40.42 92.22 8.28
CA GLY P 154 41.05 93.28 7.51
C GLY P 154 41.80 94.23 8.41
N GLU P 155 42.44 95.22 7.78
CA GLU P 155 43.05 96.40 8.39
C GLU P 155 44.28 96.07 9.26
N GLY P 156 44.54 94.80 9.52
CA GLY P 156 45.35 94.45 10.66
C GLY P 156 44.66 94.83 11.96
N ARG P 157 43.41 94.41 12.13
CA ARG P 157 42.67 94.70 13.36
C ARG P 157 43.31 93.99 14.55
N TRP P 158 43.14 92.67 14.66
CA TRP P 158 44.19 91.89 15.29
C TRP P 158 44.60 90.67 14.45
N ASN P 159 43.61 89.86 14.01
CA ASN P 159 43.76 88.77 13.05
C ASN P 159 44.74 87.68 13.46
N PRO P 160 44.35 86.76 14.34
CA PRO P 160 45.26 85.65 14.70
C PRO P 160 45.34 84.54 13.66
N PHE P 161 44.18 84.15 13.14
CA PHE P 161 43.91 82.85 12.59
C PHE P 161 44.01 82.92 11.08
N GLY P 162 43.55 81.87 10.42
CA GLY P 162 43.34 81.94 8.99
C GLY P 162 42.01 82.60 8.63
N LEU P 163 41.79 83.82 9.12
CA LEU P 163 40.58 84.58 8.81
C LEU P 163 40.72 85.13 7.40
N ASP P 164 40.48 84.28 6.41
CA ASP P 164 40.62 84.63 5.01
C ASP P 164 39.29 84.93 4.36
N TYR P 165 38.26 85.25 5.13
CA TYR P 165 36.89 85.12 4.65
C TYR P 165 36.55 86.26 3.70
N SER P 166 35.99 85.89 2.55
CA SER P 166 35.70 86.81 1.46
C SER P 166 34.63 87.81 1.88
N PRO P 167 34.55 88.98 1.20
CA PRO P 167 33.54 89.98 1.60
C PRO P 167 32.10 89.54 1.49
N GLU P 168 31.81 88.52 0.68
CA GLU P 168 30.48 87.94 0.68
C GLU P 168 30.26 87.09 1.92
N ALA P 169 31.23 86.23 2.25
CA ALA P 169 31.15 85.47 3.49
C ALA P 169 31.32 86.35 4.71
N TYR P 170 31.93 87.53 4.55
CA TYR P 170 31.98 88.48 5.65
C TYR P 170 30.60 89.05 5.95
N GLU P 171 29.79 89.25 4.91
CA GLU P 171 28.42 89.71 5.10
C GLU P 171 27.54 88.63 5.71
N GLU P 172 27.87 87.35 5.43
CA GLU P 172 27.17 86.26 6.08
C GLU P 172 27.46 86.24 7.58
N LYS P 173 28.73 86.44 7.95
CA LYS P 173 29.13 86.31 9.35
C LYS P 173 28.52 87.40 10.22
N ARG P 174 28.49 88.64 9.71
CA ARG P 174 27.87 89.73 10.46
C ARG P 174 26.37 89.49 10.61
N LEU P 175 25.77 88.84 9.62
CA LEU P 175 24.37 88.47 9.71
C LEU P 175 24.19 87.29 10.67
N GLN P 176 25.09 86.32 10.62
CA GLN P 176 25.00 85.18 11.54
C GLN P 176 25.32 85.58 12.96
N GLU P 177 26.22 86.55 13.14
CA GLU P 177 26.48 87.06 14.48
C GLU P 177 25.25 87.76 15.03
N LEU P 178 24.60 88.56 14.19
CA LEU P 178 23.47 89.36 14.61
C LEU P 178 22.25 88.52 14.90
N LYS P 179 22.01 87.49 14.09
CA LYS P 179 20.88 86.62 14.31
C LYS P 179 21.02 85.83 15.59
N HIS P 180 22.25 85.46 15.95
CA HIS P 180 22.45 84.81 17.24
C HIS P 180 22.45 85.81 18.37
N CYS P 181 22.82 87.06 18.09
CA CYS P 181 22.71 88.12 19.09
C CYS P 181 21.26 88.33 19.48
N ARG P 182 20.37 88.37 18.49
CA ARG P 182 18.95 88.53 18.78
C ARG P 182 18.37 87.28 19.40
N LEU P 183 18.97 86.13 19.15
CA LEU P 183 18.40 84.89 19.66
C LEU P 183 18.89 84.60 21.08
N ALA P 184 20.13 84.99 21.40
CA ALA P 184 20.67 84.66 22.71
C ALA P 184 20.11 85.54 23.81
N MET P 185 19.64 86.74 23.46
CA MET P 185 19.10 87.62 24.49
C MET P 185 17.82 87.06 25.07
N ILE P 186 16.98 86.47 24.21
CA ILE P 186 15.80 85.77 24.68
C ILE P 186 16.20 84.50 25.43
N GLY P 187 17.34 83.92 25.07
CA GLY P 187 17.80 82.73 25.75
C GLY P 187 18.24 82.99 27.18
N VAL P 188 19.00 84.06 27.39
CA VAL P 188 19.42 84.42 28.75
C VAL P 188 18.23 84.79 29.59
N PHE P 189 17.24 85.47 29.00
CA PHE P 189 16.01 85.72 29.73
C PHE P 189 15.26 84.43 30.03
N GLY P 190 15.40 83.43 29.18
CA GLY P 190 14.84 82.15 29.49
C GLY P 190 15.57 81.48 30.64
N LEU P 191 16.90 81.48 30.56
CA LEU P 191 17.70 80.80 31.56
C LEU P 191 17.64 81.51 32.90
N TRP P 192 17.56 82.83 32.89
CA TRP P 192 17.44 83.58 34.12
C TRP P 192 16.08 83.39 34.77
N ALA P 193 15.07 83.10 33.97
CA ALA P 193 13.73 82.90 34.51
C ALA P 193 13.52 81.49 35.00
N GLN P 194 14.13 80.51 34.33
CA GLN P 194 14.05 79.13 34.80
C GLN P 194 14.89 78.91 36.05
N ALA P 195 15.93 79.71 36.26
CA ALA P 195 16.70 79.59 37.49
C ALA P 195 15.99 80.24 38.65
N GLN P 196 15.00 81.09 38.37
CA GLN P 196 14.17 81.61 39.45
C GLN P 196 12.95 80.73 39.68
N ALA P 197 12.37 80.21 38.60
CA ALA P 197 11.17 79.40 38.73
C ALA P 197 11.45 78.06 39.38
N SER P 198 12.67 77.57 39.24
CA SER P 198 13.15 76.45 40.02
C SER P 198 14.55 76.77 40.46
N GLY P 199 14.90 76.39 41.68
CA GLY P 199 16.20 76.75 42.23
C GLY P 199 17.36 75.93 41.72
N VAL P 200 17.18 75.25 40.61
CA VAL P 200 18.20 74.36 40.05
C VAL P 200 18.67 74.92 38.72
N GLY P 201 19.73 74.34 38.17
CA GLY P 201 20.24 74.73 36.88
C GLY P 201 19.53 74.00 35.75
N VAL P 202 20.12 74.12 34.57
CA VAL P 202 19.49 73.59 33.36
C VAL P 202 19.61 72.08 33.31
N THR P 203 20.81 71.58 33.59
CA THR P 203 21.03 70.13 33.60
C THR P 203 20.28 69.43 34.71
N GLU P 204 19.83 70.17 35.72
CA GLU P 204 18.94 69.61 36.72
C GLU P 204 17.47 69.86 36.41
N GLN P 205 17.17 70.41 35.23
CA GLN P 205 15.81 70.48 34.71
C GLN P 205 15.62 69.60 33.48
N ILE P 206 16.44 69.82 32.45
CA ILE P 206 16.36 69.01 31.24
C ILE P 206 16.85 67.60 31.54
N GLY P 207 17.88 67.47 32.37
CA GLY P 207 18.29 66.17 32.86
C GLY P 207 17.41 65.63 33.96
N ALA P 208 16.34 66.33 34.33
CA ALA P 208 15.31 65.79 35.20
C ALA P 208 14.05 65.40 34.44
N ALA P 209 13.82 66.00 33.29
CA ALA P 209 12.66 65.66 32.47
C ALA P 209 12.96 64.59 31.44
N LEU P 210 13.98 63.77 31.67
CA LEU P 210 14.30 62.65 30.80
C LEU P 210 14.53 61.37 31.57
N THR P 211 13.85 61.17 32.70
CA THR P 211 14.35 60.26 33.71
C THR P 211 13.47 59.06 34.01
N THR P 212 12.15 59.09 33.66
CA THR P 212 11.11 58.26 34.26
C THR P 212 11.18 58.42 35.77
N PRO P 213 10.57 59.47 36.33
CA PRO P 213 10.70 59.76 37.76
C PRO P 213 10.28 58.59 38.62
N ASP P 214 10.92 58.49 39.80
CA ASP P 214 11.08 57.22 40.50
C ASP P 214 9.75 56.62 40.92
N TYR P 215 8.77 57.46 41.15
CA TYR P 215 7.45 57.03 41.55
C TYR P 215 6.59 56.57 40.38
N TYR P 216 7.01 56.81 39.14
CA TYR P 216 6.36 56.25 37.97
C TYR P 216 7.11 55.08 37.37
N ALA P 217 8.42 55.00 37.59
CA ALA P 217 9.27 54.02 36.94
C ALA P 217 9.01 52.64 37.51
N LYS P 218 9.05 51.63 36.65
CA LYS P 218 8.80 50.28 37.11
C LYS P 218 9.95 49.79 38.00
N ALA P 219 9.68 48.69 38.71
CA ALA P 219 10.62 48.20 39.72
C ALA P 219 11.90 47.67 39.10
N GLY P 220 11.78 46.69 38.21
CA GLY P 220 12.98 46.18 37.56
C GLY P 220 12.68 44.89 36.82
N TYR P 221 13.66 44.00 36.83
CA TYR P 221 13.61 42.74 36.11
C TYR P 221 13.93 41.62 37.09
N PHE P 222 12.89 41.01 37.63
CA PHE P 222 13.06 39.98 38.64
C PHE P 222 12.70 38.60 38.13
N LEU P 223 12.59 38.43 36.82
CA LEU P 223 12.29 37.13 36.26
C LEU P 223 13.54 36.24 36.31
N PRO P 224 13.41 34.98 36.73
CA PRO P 224 14.58 34.10 36.72
C PRO P 224 14.80 33.52 35.34
N GLU P 225 16.02 33.03 35.13
CA GLU P 225 16.40 32.41 33.87
C GLU P 225 15.98 30.95 33.79
N GLY P 226 15.40 30.41 34.86
CA GLY P 226 14.86 29.06 34.85
C GLY P 226 13.37 29.02 35.12
N SER Q 65 61.84 -43.34 5.95
CA SER Q 65 61.89 -44.20 7.14
C SER Q 65 60.61 -45.02 7.27
N VAL Q 66 60.12 -45.55 6.15
CA VAL Q 66 58.82 -46.19 6.12
C VAL Q 66 58.91 -47.64 5.66
N PHE Q 67 59.18 -47.76 4.37
CA PHE Q 67 58.89 -48.96 3.58
C PHE Q 67 57.47 -49.47 3.88
N GLY Q 68 56.51 -48.67 3.43
CA GLY Q 68 55.11 -49.03 3.59
C GLY Q 68 54.77 -50.34 2.89
N LEU Q 69 53.67 -50.96 3.32
CA LEU Q 69 53.35 -52.32 2.90
C LEU Q 69 52.91 -52.31 1.45
N ILE Q 70 53.81 -52.71 0.55
CA ILE Q 70 53.61 -52.47 -0.87
C ILE Q 70 52.57 -53.42 -1.44
N GLY Q 71 52.66 -54.71 -1.11
CA GLY Q 71 51.65 -55.72 -1.41
C GLY Q 71 51.06 -55.78 -2.81
N ASP Q 72 51.91 -56.11 -3.80
CA ASP Q 72 51.57 -55.99 -5.21
C ASP Q 72 50.40 -56.88 -5.60
N GLY Q 73 50.27 -58.02 -4.94
CA GLY Q 73 49.28 -59.00 -5.34
C GLY Q 73 50.00 -60.32 -5.38
N THR Q 74 51.30 -60.23 -5.63
CA THR Q 74 52.19 -61.36 -5.47
C THR Q 74 53.02 -61.23 -4.20
N SER Q 75 53.08 -60.03 -3.62
CA SER Q 75 53.88 -59.74 -2.45
C SER Q 75 53.03 -59.92 -1.17
N TYR Q 76 53.54 -59.38 -0.06
CA TYR Q 76 52.98 -59.68 1.25
C TYR Q 76 51.63 -59.01 1.46
N SER Q 77 50.79 -59.63 2.30
CA SER Q 77 49.37 -59.28 2.40
C SER Q 77 48.88 -59.43 3.83
N GLU Q 78 48.43 -58.33 4.46
CA GLU Q 78 47.84 -58.48 5.78
C GLU Q 78 46.32 -58.45 5.77
N GLY Q 79 45.75 -57.33 5.34
CA GLY Q 79 44.34 -57.11 5.56
C GLY Q 79 43.58 -56.59 4.38
N ALA Q 80 44.29 -56.00 3.43
CA ALA Q 80 43.67 -55.24 2.35
C ALA Q 80 43.87 -55.86 0.98
N ALA Q 81 44.87 -56.72 0.80
CA ALA Q 81 45.11 -57.33 -0.50
C ALA Q 81 44.07 -58.39 -0.79
N TYR Q 82 43.68 -58.48 -2.06
CA TYR Q 82 42.79 -59.52 -2.55
C TYR Q 82 43.60 -60.38 -3.51
N GLY Q 83 44.32 -61.35 -2.95
CA GLY Q 83 45.18 -62.24 -3.69
C GLY Q 83 44.53 -63.57 -3.97
N THR Q 84 43.28 -63.72 -3.54
CA THR Q 84 42.30 -64.74 -3.92
C THR Q 84 42.61 -66.16 -3.44
N ASP Q 85 43.85 -66.47 -3.06
CA ASP Q 85 44.14 -67.68 -2.28
C ASP Q 85 45.33 -67.53 -1.34
N GLN Q 86 45.93 -66.36 -1.23
CA GLN Q 86 47.19 -66.21 -0.48
C GLN Q 86 46.95 -66.32 1.01
N ALA Q 87 46.13 -65.43 1.56
CA ALA Q 87 45.91 -65.37 3.00
C ALA Q 87 44.99 -66.47 3.50
N ASP Q 88 44.63 -67.43 2.66
CA ASP Q 88 43.80 -68.55 3.06
C ASP Q 88 44.64 -69.72 3.56
N LYS Q 89 45.86 -69.86 3.02
CA LYS Q 89 46.94 -70.68 3.58
C LYS Q 89 46.56 -72.15 3.69
N LEU Q 90 46.43 -72.76 2.50
CA LEU Q 90 46.25 -74.21 2.29
C LEU Q 90 44.93 -74.73 2.86
N TYR Q 91 43.99 -73.85 3.16
CA TYR Q 91 42.63 -74.27 3.43
C TYR Q 91 41.88 -74.59 2.14
N SER Q 92 42.41 -74.13 0.99
CA SER Q 92 42.02 -74.51 -0.36
C SER Q 92 40.54 -74.31 -0.64
N PRO Q 93 40.10 -73.06 -0.93
CA PRO Q 93 38.67 -72.80 -1.15
C PRO Q 93 38.03 -73.55 -2.31
N TYR Q 94 36.72 -73.38 -2.45
CA TYR Q 94 35.95 -74.05 -3.49
C TYR Q 94 36.43 -73.63 -4.86
N SER Q 95 36.27 -72.37 -5.19
CA SER Q 95 36.97 -71.75 -6.29
C SER Q 95 37.76 -70.60 -5.72
N VAL Q 96 38.58 -70.02 -6.59
CA VAL Q 96 39.41 -68.88 -6.23
C VAL Q 96 38.60 -67.61 -6.06
N TYR Q 97 37.35 -67.60 -6.53
CA TYR Q 97 36.48 -66.45 -6.44
C TYR Q 97 35.53 -66.55 -5.26
N SER Q 98 35.90 -67.29 -4.21
CA SER Q 98 35.04 -67.51 -3.07
C SER Q 98 35.91 -67.79 -1.85
N PRO Q 99 35.47 -67.36 -0.66
CA PRO Q 99 36.31 -67.57 0.52
C PRO Q 99 36.22 -68.96 1.13
N GLU Q 100 35.14 -69.69 0.92
CA GLU Q 100 34.91 -70.90 1.70
C GLU Q 100 35.53 -72.13 1.06
N GLY Q 101 35.92 -73.09 1.91
CA GLY Q 101 36.34 -74.40 1.43
C GLY Q 101 35.19 -75.16 0.81
N GLU Q 102 35.47 -76.32 0.20
CA GLU Q 102 34.48 -76.74 -0.79
C GLU Q 102 33.24 -77.43 -0.18
N LYS Q 103 33.30 -78.70 0.23
CA LYS Q 103 32.37 -79.38 1.14
C LYS Q 103 33.11 -80.64 1.58
N SER Q 104 33.79 -80.60 2.72
CA SER Q 104 34.51 -81.81 3.12
C SER Q 104 34.31 -82.15 4.58
N LEU Q 105 34.12 -81.13 5.41
CA LEU Q 105 34.24 -81.25 6.85
C LEU Q 105 33.11 -80.47 7.51
N TYR Q 106 32.74 -80.92 8.71
CA TYR Q 106 31.96 -80.26 9.75
C TYR Q 106 30.46 -80.23 9.45
N LYS Q 107 30.02 -80.64 8.27
CA LYS Q 107 28.62 -81.03 8.08
C LYS Q 107 28.54 -82.33 7.31
N PRO Q 108 28.41 -83.45 8.01
CA PRO Q 108 27.93 -84.66 7.34
C PRO Q 108 26.45 -84.52 7.03
N ASP Q 109 26.12 -84.47 5.75
CA ASP Q 109 24.75 -84.24 5.33
C ASP Q 109 23.85 -85.45 5.57
N SER Q 110 24.44 -86.64 5.69
CA SER Q 110 23.73 -87.88 5.99
C SER Q 110 23.43 -88.05 7.46
N ALA Q 111 23.75 -87.06 8.29
CA ALA Q 111 23.43 -87.12 9.71
C ALA Q 111 21.93 -86.83 9.90
N GLU Q 112 21.52 -86.64 11.16
CA GLU Q 112 20.10 -86.63 11.48
C GLU Q 112 19.53 -85.25 11.19
N TYR Q 113 19.33 -84.98 9.90
CA TYR Q 113 18.37 -84.02 9.42
C TYR Q 113 17.13 -84.70 8.90
N LEU Q 114 17.17 -86.02 8.84
CA LEU Q 114 16.10 -86.85 8.32
C LEU Q 114 14.94 -87.01 9.30
N ALA Q 115 15.11 -86.56 10.55
CA ALA Q 115 13.96 -86.36 11.42
C ALA Q 115 13.04 -85.32 10.83
N ARG Q 116 13.61 -84.19 10.41
CA ARG Q 116 12.82 -83.09 9.87
C ARG Q 116 12.19 -83.48 8.55
N LYS Q 117 12.91 -84.22 7.71
CA LYS Q 117 12.39 -84.60 6.41
C LYS Q 117 11.25 -85.60 6.54
N LYS Q 118 11.39 -86.60 7.40
CA LYS Q 118 10.28 -87.52 7.64
C LYS Q 118 9.14 -86.85 8.36
N ALA Q 119 9.42 -85.82 9.15
CA ALA Q 119 8.35 -85.09 9.80
C ALA Q 119 7.57 -84.25 8.81
N VAL Q 120 8.20 -83.87 7.69
CA VAL Q 120 7.45 -83.18 6.63
C VAL Q 120 6.42 -84.13 6.04
N LEU Q 121 6.84 -85.34 5.69
CA LEU Q 121 5.95 -86.33 5.10
C LEU Q 121 4.90 -86.82 6.08
N ALA Q 122 5.16 -86.71 7.38
CA ALA Q 122 4.17 -87.09 8.37
C ALA Q 122 3.03 -86.09 8.40
N GLU Q 123 3.37 -84.79 8.47
CA GLU Q 123 2.36 -83.74 8.44
C GLU Q 123 1.96 -83.36 7.03
N THR Q 124 2.56 -83.98 6.00
CA THR Q 124 2.05 -83.80 4.65
C THR Q 124 0.71 -84.49 4.48
N LYS Q 125 0.59 -85.72 5.01
CA LYS Q 125 -0.63 -86.49 4.83
C LYS Q 125 -1.79 -85.87 5.58
N ASN Q 126 -1.51 -85.24 6.72
CA ASN Q 126 -2.56 -84.64 7.53
C ASN Q 126 -3.22 -83.46 6.83
N ARG Q 127 -2.42 -82.61 6.19
CA ARG Q 127 -2.98 -81.49 5.46
C ARG Q 127 -3.69 -81.94 4.20
N LEU Q 128 -3.22 -83.02 3.59
CA LEU Q 128 -3.90 -83.56 2.42
C LEU Q 128 -5.23 -84.20 2.78
N GLN Q 129 -5.41 -84.62 4.03
CA GLN Q 129 -6.72 -85.03 4.49
C GLN Q 129 -7.67 -83.85 4.66
N LYS Q 130 -7.14 -82.63 4.84
CA LYS Q 130 -7.99 -81.47 5.05
C LYS Q 130 -8.67 -81.00 3.78
N ILE Q 131 -8.24 -81.49 2.62
CA ILE Q 131 -8.70 -80.94 1.34
C ILE Q 131 -10.16 -81.28 1.03
N PRO Q 132 -10.65 -82.54 1.11
CA PRO Q 132 -12.07 -82.75 0.78
C PRO Q 132 -13.03 -82.20 1.81
N GLY Q 133 -12.55 -81.83 3.00
CA GLY Q 133 -13.39 -81.12 3.93
C GLY Q 133 -13.64 -79.68 3.52
N TYR Q 134 -12.75 -79.12 2.71
CA TYR Q 134 -12.89 -77.74 2.27
C TYR Q 134 -13.36 -77.65 0.84
N VAL Q 135 -13.70 -78.78 0.23
CA VAL Q 135 -14.36 -78.75 -1.07
C VAL Q 135 -15.86 -78.78 -0.88
N ASP Q 136 -16.32 -79.47 0.17
CA ASP Q 136 -17.75 -79.54 0.48
C ASP Q 136 -18.25 -78.18 0.95
N LYS Q 137 -17.69 -77.66 2.02
CA LYS Q 137 -17.79 -76.24 2.31
C LYS Q 137 -16.91 -75.55 1.28
N LYS Q 138 -17.51 -75.09 0.18
CA LYS Q 138 -16.79 -74.80 -1.06
C LYS Q 138 -15.90 -73.60 -0.86
N GLU Q 139 -14.66 -73.85 -0.46
CA GLU Q 139 -13.71 -72.80 -0.12
C GLU Q 139 -12.45 -73.03 -0.96
N TRP Q 140 -12.46 -72.47 -2.16
CA TRP Q 140 -11.44 -72.77 -3.14
C TRP Q 140 -10.11 -72.14 -2.79
N PHE Q 141 -10.10 -71.03 -2.06
CA PHE Q 141 -8.85 -70.43 -1.64
C PHE Q 141 -8.15 -71.29 -0.61
N ASN Q 142 -8.90 -71.94 0.27
CA ASN Q 142 -8.30 -72.80 1.29
C ASN Q 142 -7.66 -74.03 0.69
N VAL Q 143 -8.22 -74.54 -0.41
CA VAL Q 143 -7.58 -75.64 -1.10
C VAL Q 143 -6.28 -75.18 -1.75
N LYS Q 144 -6.25 -73.96 -2.28
CA LYS Q 144 -5.03 -73.47 -2.88
C LYS Q 144 -4.02 -73.01 -1.83
N ASP Q 145 -4.48 -72.63 -0.64
CA ASP Q 145 -3.55 -72.12 0.36
C ASP Q 145 -2.91 -73.25 1.15
N GLU Q 146 -3.71 -74.22 1.60
CA GLU Q 146 -3.19 -75.33 2.40
C GLU Q 146 -2.35 -76.28 1.59
N LEU Q 147 -2.39 -76.16 0.28
CA LEU Q 147 -1.53 -76.88 -0.63
C LEU Q 147 -0.24 -76.14 -0.92
N THR Q 148 -0.03 -74.99 -0.29
CA THR Q 148 1.21 -74.26 -0.45
C THR Q 148 1.82 -73.97 0.92
N ARG Q 149 0.95 -73.74 1.92
CA ARG Q 149 1.36 -73.11 3.17
C ARG Q 149 2.28 -74.00 3.99
N TYR Q 150 1.81 -75.19 4.36
CA TYR Q 150 2.74 -76.17 4.88
C TYR Q 150 3.40 -76.99 3.78
N MET Q 151 2.72 -77.15 2.64
CA MET Q 151 3.20 -78.06 1.61
C MET Q 151 4.42 -77.55 0.87
N TYR Q 152 4.85 -76.32 1.14
CA TYR Q 152 6.06 -75.79 0.54
C TYR Q 152 7.28 -76.67 0.86
N GLU Q 153 7.30 -77.28 2.04
CA GLU Q 153 8.44 -78.07 2.44
C GLU Q 153 8.52 -79.42 1.73
N THR Q 154 7.44 -79.84 1.07
CA THR Q 154 7.37 -81.23 0.61
C THR Q 154 8.27 -81.48 -0.58
N ARG Q 155 8.41 -80.51 -1.47
CA ARG Q 155 9.31 -80.69 -2.61
C ARG Q 155 10.75 -80.71 -2.16
N GLY Q 156 11.12 -79.84 -1.23
CA GLY Q 156 12.45 -79.87 -0.65
C GLY Q 156 12.71 -81.08 0.21
N ALA Q 157 11.66 -81.77 0.65
CA ALA Q 157 11.83 -83.03 1.36
C ALA Q 157 11.92 -84.19 0.40
N VAL Q 158 10.90 -84.39 -0.44
CA VAL Q 158 10.75 -85.59 -1.25
C VAL Q 158 11.88 -85.72 -2.27
N ARG Q 159 12.26 -84.59 -2.88
CA ARG Q 159 13.38 -84.60 -3.83
C ARG Q 159 14.70 -84.87 -3.11
N SER Q 160 14.84 -84.36 -1.89
CA SER Q 160 16.08 -84.59 -1.14
C SER Q 160 16.09 -85.93 -0.44
N LEU Q 161 14.95 -86.61 -0.37
CA LEU Q 161 14.84 -87.89 0.28
C LEU Q 161 14.68 -89.04 -0.69
N SER Q 162 14.35 -88.77 -1.96
CA SER Q 162 14.31 -89.81 -2.97
C SER Q 162 15.72 -90.07 -3.47
N SER Q 163 16.10 -91.35 -3.48
CA SER Q 163 17.47 -91.75 -3.79
C SER Q 163 17.53 -92.55 -5.09
N SER Q 164 16.80 -93.65 -5.20
CA SER Q 164 16.90 -94.50 -6.37
C SER Q 164 15.94 -94.01 -7.46
N VAL Q 165 15.97 -94.70 -8.60
CA VAL Q 165 15.13 -94.30 -9.71
C VAL Q 165 13.68 -94.69 -9.47
N THR Q 166 13.44 -95.69 -8.62
CA THR Q 166 12.08 -96.09 -8.32
C THR Q 166 11.39 -95.06 -7.45
N GLN Q 167 12.14 -94.49 -6.50
CA GLN Q 167 11.59 -93.44 -5.65
C GLN Q 167 11.39 -92.16 -6.43
N LYS Q 168 12.25 -91.91 -7.42
CA LYS Q 168 12.07 -90.72 -8.25
C LYS Q 168 10.83 -90.84 -9.13
N GLU Q 169 10.52 -92.05 -9.60
CA GLU Q 169 9.30 -92.24 -10.39
C GLU Q 169 8.06 -92.11 -9.51
N LYS Q 170 8.12 -92.61 -8.28
CA LYS Q 170 6.99 -92.46 -7.39
C LYS Q 170 6.91 -91.06 -6.82
N ALA Q 171 8.02 -90.32 -6.86
CA ALA Q 171 7.94 -88.89 -6.67
C ALA Q 171 7.16 -88.25 -7.81
N GLU Q 172 7.58 -88.53 -9.06
CA GLU Q 172 7.00 -87.91 -10.26
C GLU Q 172 5.50 -88.12 -10.37
N VAL Q 173 5.02 -89.31 -10.01
CA VAL Q 173 3.59 -89.58 -10.00
C VAL Q 173 2.90 -88.78 -8.90
N PHE Q 174 3.59 -88.58 -7.78
CA PHE Q 174 2.99 -87.83 -6.68
C PHE Q 174 2.88 -86.35 -7.03
N PHE Q 175 3.89 -85.80 -7.69
CA PHE Q 175 3.88 -84.36 -7.96
C PHE Q 175 2.86 -84.00 -9.03
N ARG Q 176 2.71 -84.83 -10.07
CA ARG Q 176 1.68 -84.57 -11.08
C ARG Q 176 0.29 -84.64 -10.50
N ALA Q 177 0.06 -85.61 -9.60
CA ALA Q 177 -1.23 -85.70 -8.94
C ALA Q 177 -1.45 -84.56 -7.96
N LEU Q 178 -0.36 -84.01 -7.43
CA LEU Q 178 -0.47 -82.86 -6.55
C LEU Q 178 -0.74 -81.59 -7.35
N GLU Q 179 -0.20 -81.50 -8.56
CA GLU Q 179 -0.40 -80.31 -9.37
C GLU Q 179 -1.76 -80.31 -10.06
N ASP Q 180 -2.32 -81.49 -10.30
CA ASP Q 180 -3.66 -81.57 -10.87
C ASP Q 180 -4.73 -81.23 -9.84
N THR Q 181 -4.40 -81.23 -8.56
CA THR Q 181 -5.33 -80.75 -7.55
C THR Q 181 -5.41 -79.24 -7.56
N TYR Q 182 -4.26 -78.58 -7.63
CA TYR Q 182 -4.20 -77.12 -7.66
C TYR Q 182 -4.73 -76.57 -8.96
N GLY Q 183 -4.56 -77.30 -10.06
CA GLY Q 183 -5.19 -76.88 -11.30
C GLY Q 183 -6.70 -76.99 -11.23
N ALA Q 184 -7.19 -78.09 -10.67
CA ALA Q 184 -8.63 -78.28 -10.53
C ALA Q 184 -9.20 -77.37 -9.45
N ALA Q 185 -8.38 -76.96 -8.48
CA ALA Q 185 -8.82 -75.95 -7.53
C ALA Q 185 -8.93 -74.59 -8.18
N THR Q 186 -8.04 -74.30 -9.13
CA THR Q 186 -8.14 -73.06 -9.89
C THR Q 186 -9.36 -73.07 -10.78
N LEU Q 187 -9.59 -74.19 -11.48
CA LEU Q 187 -10.75 -74.34 -12.35
C LEU Q 187 -12.07 -74.42 -11.60
N LYS Q 188 -12.02 -74.59 -10.28
CA LYS Q 188 -13.18 -74.71 -9.39
C LYS Q 188 -14.07 -75.90 -9.79
N LYS Q 189 -13.46 -77.08 -9.85
CA LYS Q 189 -14.19 -78.31 -10.16
C LYS Q 189 -14.01 -79.27 -9.00
N GLY Q 190 -15.08 -79.45 -8.22
CA GLY Q 190 -14.95 -80.13 -6.94
C GLY Q 190 -14.69 -81.62 -7.05
N ASP Q 191 -15.23 -82.25 -8.09
CA ASP Q 191 -15.03 -83.68 -8.24
C ASP Q 191 -13.64 -84.00 -8.74
N ALA Q 192 -13.01 -83.07 -9.46
CA ALA Q 192 -11.66 -83.32 -9.92
C ALA Q 192 -10.62 -83.03 -8.85
N VAL Q 193 -10.97 -82.21 -7.87
CA VAL Q 193 -10.09 -81.99 -6.73
C VAL Q 193 -10.05 -83.23 -5.85
N LYS Q 194 -11.22 -83.79 -5.56
CA LYS Q 194 -11.31 -84.96 -4.69
C LYS Q 194 -10.71 -86.19 -5.35
N ALA Q 195 -10.86 -86.31 -6.67
CA ALA Q 195 -10.32 -87.46 -7.38
C ALA Q 195 -8.80 -87.40 -7.43
N SER Q 196 -8.26 -86.21 -7.70
CA SER Q 196 -6.81 -86.06 -7.78
C SER Q 196 -6.18 -86.13 -6.40
N ASN Q 197 -6.95 -85.84 -5.36
CA ASN Q 197 -6.43 -85.99 -4.00
C ASN Q 197 -6.26 -87.46 -3.65
N ASP Q 198 -7.23 -88.29 -4.01
CA ASP Q 198 -7.11 -89.74 -3.83
C ASP Q 198 -5.93 -90.28 -4.63
N LYS Q 199 -5.69 -89.72 -5.81
CA LYS Q 199 -4.49 -90.06 -6.56
C LYS Q 199 -3.25 -89.54 -5.85
N ALA Q 200 -3.38 -88.43 -5.13
CA ALA Q 200 -2.22 -87.85 -4.46
C ALA Q 200 -1.84 -88.63 -3.22
N ILE Q 201 -2.79 -88.83 -2.29
CA ILE Q 201 -2.50 -89.45 -0.99
C ILE Q 201 -2.02 -90.89 -1.19
N ALA Q 202 -2.61 -91.60 -2.14
CA ALA Q 202 -2.16 -92.95 -2.44
C ALA Q 202 -0.78 -92.95 -3.08
N ALA Q 203 -0.38 -91.84 -3.71
CA ALA Q 203 0.99 -91.73 -4.20
C ALA Q 203 1.94 -91.33 -3.08
N LEU Q 204 1.43 -90.64 -2.06
CA LEU Q 204 2.26 -90.37 -0.88
C LEU Q 204 2.48 -91.64 -0.08
N ASP Q 205 1.39 -92.32 0.26
CA ASP Q 205 1.44 -93.54 1.07
C ASP Q 205 2.17 -94.68 0.37
N ALA Q 206 2.27 -94.64 -0.96
CA ALA Q 206 3.21 -95.49 -1.66
C ALA Q 206 4.64 -95.04 -1.41
N PHE Q 207 4.91 -93.74 -1.57
CA PHE Q 207 6.28 -93.25 -1.53
C PHE Q 207 6.88 -93.31 -0.13
N THR Q 208 6.05 -93.16 0.91
CA THR Q 208 6.55 -93.28 2.27
C THR Q 208 7.00 -94.70 2.59
N ALA Q 209 6.31 -95.69 2.03
CA ALA Q 209 6.64 -97.08 2.30
C ALA Q 209 7.87 -97.56 1.53
N THR Q 210 8.33 -96.83 0.52
CA THR Q 210 9.47 -97.27 -0.28
C THR Q 210 10.81 -96.93 0.34
N LEU Q 211 10.84 -96.61 1.63
CA LEU Q 211 12.08 -96.20 2.25
C LEU Q 211 12.88 -97.38 2.77
N UNK R 1 58.86 28.71 -13.41
CA UNK R 1 57.60 28.84 -14.11
C UNK R 1 57.36 27.64 -15.00
N UNK R 2 57.08 27.89 -16.29
CA UNK R 2 56.95 26.83 -17.27
C UNK R 2 58.28 26.10 -17.44
N UNK R 3 59.28 26.81 -17.99
CA UNK R 3 60.69 26.43 -18.02
C UNK R 3 60.96 25.07 -18.69
N UNK R 4 60.00 24.54 -19.43
CA UNK R 4 60.10 23.20 -19.98
C UNK R 4 59.15 23.06 -21.15
N UNK R 5 59.63 22.48 -22.24
CA UNK R 5 58.80 22.21 -23.39
C UNK R 5 57.82 21.10 -23.05
N UNK R 6 56.53 21.38 -23.21
CA UNK R 6 55.48 20.43 -22.89
C UNK R 6 54.47 20.43 -24.03
N UNK R 7 54.44 19.34 -24.79
CA UNK R 7 53.64 19.26 -26.00
C UNK R 7 52.18 18.97 -25.68
N UNK R 8 51.30 19.44 -26.56
CA UNK R 8 49.88 19.16 -26.42
C UNK R 8 49.57 17.75 -26.95
N UNK R 9 48.38 17.25 -26.63
CA UNK R 9 47.97 15.93 -27.08
C UNK R 9 46.46 15.91 -27.26
N UNK R 10 45.90 14.76 -27.60
CA UNK R 10 44.56 14.69 -28.17
C UNK R 10 43.90 13.36 -27.80
N UNK R 11 42.89 12.98 -28.58
CA UNK R 11 42.10 11.76 -28.39
C UNK R 11 42.84 10.54 -28.92
N UNK R 12 42.10 9.44 -29.11
CA UNK R 12 42.69 8.13 -29.35
C UNK R 12 43.26 8.01 -30.76
N UNK R 13 43.79 6.83 -31.06
CA UNK R 13 44.59 6.59 -32.26
C UNK R 13 43.77 6.32 -33.51
N UNK R 14 42.45 6.23 -33.41
CA UNK R 14 41.60 6.11 -34.58
C UNK R 14 41.07 7.51 -34.89
N UNK R 15 41.98 8.39 -35.32
CA UNK R 15 41.61 9.71 -35.80
C UNK R 15 41.28 9.71 -37.27
N UNK R 16 41.40 8.57 -37.94
CA UNK R 16 40.92 8.43 -39.32
C UNK R 16 39.42 8.28 -39.40
N UNK R 17 38.73 8.09 -38.27
CA UNK R 17 37.28 8.12 -38.21
C UNK R 17 36.74 9.48 -37.80
N UNK R 18 37.62 10.43 -37.45
CA UNK R 18 37.18 11.75 -37.07
C UNK R 18 36.79 12.61 -38.26
N UNK R 19 37.18 12.22 -39.47
CA UNK R 19 36.95 13.04 -40.65
C UNK R 19 36.11 12.31 -41.71
N UNK R 20 36.30 11.01 -41.87
CA UNK R 20 35.60 10.24 -42.90
C UNK R 20 34.11 10.12 -42.59
N UNK R 21 33.78 9.49 -41.46
CA UNK R 21 32.43 9.50 -40.94
C UNK R 21 32.41 10.33 -39.65
N UNK R 22 31.26 10.39 -38.99
CA UNK R 22 31.20 10.95 -37.65
C UNK R 22 30.23 10.10 -36.82
N UNK R 23 30.75 9.00 -36.28
CA UNK R 23 30.11 8.28 -35.18
C UNK R 23 31.23 7.57 -34.45
N UNK R 24 31.83 8.22 -33.45
CA UNK R 24 33.00 7.58 -32.86
C UNK R 24 32.75 7.19 -31.42
N UNK R 25 32.60 8.19 -30.56
CA UNK R 25 32.22 8.10 -29.16
C UNK R 25 32.14 9.53 -28.65
N UNK R 26 31.85 9.68 -27.36
CA UNK R 26 31.37 10.97 -26.88
C UNK R 26 32.49 12.00 -26.81
N UNK R 27 33.52 11.77 -25.99
CA UNK R 27 34.64 12.72 -25.98
C UNK R 27 35.51 12.57 -27.23
N UNK R 28 35.39 11.44 -27.94
CA UNK R 28 36.07 11.29 -29.21
C UNK R 28 35.46 12.20 -30.26
N UNK R 29 34.16 12.04 -30.53
CA UNK R 29 33.45 12.94 -31.45
C UNK R 29 32.88 14.12 -30.66
N UNK R 30 33.78 14.81 -29.97
CA UNK R 30 33.46 16.03 -29.26
C UNK R 30 33.89 17.25 -30.05
N UNK R 31 33.83 17.20 -31.37
CA UNK R 31 34.13 18.37 -32.19
C UNK R 31 32.93 19.32 -32.24
N UNK R 32 32.50 19.78 -31.06
CA UNK R 32 31.51 20.84 -30.96
C UNK R 32 32.20 22.17 -30.69
N UNK R 33 33.36 22.39 -31.32
CA UNK R 33 34.15 23.58 -31.10
C UNK R 33 33.46 24.82 -31.65
N UNK R 34 33.61 25.94 -30.95
CA UNK R 34 32.99 27.18 -31.33
C UNK R 34 34.04 28.17 -31.81
N UNK R 35 33.62 29.40 -32.06
CA UNK R 35 34.53 30.47 -32.43
C UNK R 35 35.15 31.17 -31.23
N UNK R 36 34.87 30.70 -30.01
CA UNK R 36 35.39 31.32 -28.81
C UNK R 36 36.70 30.63 -28.42
N UNK R 37 37.82 31.27 -28.74
CA UNK R 37 39.15 30.77 -28.40
C UNK R 37 39.95 31.93 -27.82
N UNK R 38 39.97 32.03 -26.49
CA UNK R 38 40.61 33.15 -25.80
C UNK R 38 42.10 32.86 -25.66
N UNK R 39 42.93 33.80 -26.12
CA UNK R 39 44.37 33.65 -26.07
C UNK R 39 45.01 34.50 -24.98
N UNK R 40 44.24 34.94 -23.98
CA UNK R 40 44.74 35.81 -22.93
C UNK R 40 44.95 35.11 -21.59
N UNK R 41 44.73 33.81 -21.52
CA UNK R 41 44.75 33.13 -20.22
C UNK R 41 46.17 32.82 -19.80
N UNK R 42 46.41 32.82 -18.49
CA UNK R 42 47.70 32.50 -17.90
C UNK R 42 47.47 31.77 -16.58
N UNK R 43 48.21 30.68 -16.37
CA UNK R 43 47.92 29.75 -15.28
C UNK R 43 49.18 29.32 -14.55
N UNK R 44 50.00 30.28 -14.13
CA UNK R 44 51.29 29.95 -13.56
C UNK R 44 51.17 29.39 -12.14
N UNK R 45 50.38 30.06 -11.30
CA UNK R 45 50.46 29.85 -9.86
C UNK R 45 49.76 28.57 -9.42
N UNK R 46 49.82 28.31 -8.12
CA UNK R 46 49.16 27.15 -7.53
C UNK R 46 47.65 27.29 -7.68
N UNK R 47 47.03 28.25 -7.01
CA UNK R 47 45.64 28.58 -7.32
C UNK R 47 45.52 30.01 -7.81
N UNK R 48 45.91 30.98 -6.95
CA UNK R 48 45.93 32.38 -7.36
C UNK R 48 47.32 32.99 -7.23
N UNK R 49 47.94 32.90 -6.06
CA UNK R 49 49.17 33.63 -5.81
C UNK R 49 50.34 32.67 -5.75
N UNK R 50 51.54 33.22 -5.54
CA UNK R 50 52.75 32.43 -5.52
C UNK R 50 52.83 31.56 -4.27
N UNK R 51 53.82 30.67 -4.25
CA UNK R 51 54.00 29.78 -3.10
C UNK R 51 54.46 30.54 -1.87
N UNK R 52 54.92 31.77 -2.03
CA UNK R 52 55.07 32.74 -0.95
C UNK R 52 53.74 32.96 -0.23
N UNK R 53 52.74 33.45 -0.98
CA UNK R 53 51.47 33.85 -0.41
C UNK R 53 50.48 32.72 -0.25
N UNK R 54 50.67 31.61 -0.94
CA UNK R 54 49.67 30.55 -0.88
C UNK R 54 49.74 29.80 0.44
N UNK R 55 50.94 29.64 0.99
CA UNK R 55 51.05 28.97 2.27
C UNK R 55 50.60 29.88 3.41
N UNK R 56 50.66 31.19 3.22
CA UNK R 56 50.22 32.11 4.26
C UNK R 56 48.70 32.10 4.43
N UNK R 57 47.98 31.93 3.32
CA UNK R 57 46.53 31.85 3.42
C UNK R 57 46.11 30.52 4.04
N UNK R 58 46.82 29.44 3.71
CA UNK R 58 46.48 28.14 4.23
C UNK R 58 47.01 27.90 5.63
N UNK R 59 47.94 28.73 6.11
CA UNK R 59 48.34 28.70 7.51
C UNK R 59 47.75 29.84 8.31
N UNK R 60 46.80 30.59 7.73
CA UNK R 60 46.02 31.52 8.53
C UNK R 60 44.64 30.95 8.80
N UNK R 61 44.15 30.09 7.91
CA UNK R 61 42.89 29.39 8.19
C UNK R 61 43.08 28.38 9.31
N UNK R 62 44.21 27.68 9.31
CA UNK R 62 44.49 26.72 10.37
C UNK R 62 45.01 27.38 11.64
N UNK R 63 45.33 28.67 11.59
CA UNK R 63 45.76 29.34 12.81
C UNK R 63 44.60 30.07 13.47
N UNK R 64 43.75 30.72 12.70
CA UNK R 64 42.59 31.40 13.25
C UNK R 64 41.48 30.43 13.65
N UNK R 65 41.50 29.21 13.12
CA UNK R 65 40.67 28.16 13.69
C UNK R 65 41.31 27.58 14.93
N UNK R 66 42.63 27.75 15.09
CA UNK R 66 43.29 27.33 16.32
C UNK R 66 43.25 28.45 17.37
N UNK R 67 43.16 29.71 16.94
CA UNK R 67 43.02 30.80 17.89
C UNK R 67 41.64 30.76 18.54
N UNK R 68 40.62 30.45 17.75
CA UNK R 68 39.29 30.25 18.30
C UNK R 68 39.09 28.85 18.85
N UNK R 69 40.16 28.11 19.08
CA UNK R 69 40.06 26.75 19.61
C UNK R 69 40.49 26.70 21.07
N UNK R 70 41.73 27.12 21.35
CA UNK R 70 42.20 27.08 22.72
C UNK R 70 41.69 28.24 23.55
N UNK R 71 41.06 29.23 22.92
CA UNK R 71 40.27 30.21 23.64
C UNK R 71 38.82 29.77 23.80
N UNK R 72 38.48 28.57 23.35
CA UNK R 72 37.13 28.03 23.37
C UNK R 72 36.98 26.81 24.25
N UNK R 73 38.05 26.36 24.89
CA UNK R 73 37.99 25.19 25.74
C UNK R 73 37.39 25.52 27.10
N MET S 1 -5.32 -11.67 2.94
CA MET S 1 -5.61 -10.67 1.92
C MET S 1 -4.45 -10.52 0.97
N GLU S 2 -3.38 -11.25 1.25
CA GLU S 2 -2.23 -11.29 0.36
C GLU S 2 -2.37 -12.34 -0.73
N ALA S 3 -3.36 -13.23 -0.62
CA ALA S 3 -3.67 -14.12 -1.73
C ALA S 3 -4.27 -13.35 -2.89
N LEU S 4 -4.86 -12.18 -2.61
CA LEU S 4 -5.19 -11.25 -3.68
C LEU S 4 -3.93 -10.80 -4.41
N VAL S 5 -2.92 -10.40 -3.64
CA VAL S 5 -1.69 -9.88 -4.21
C VAL S 5 -0.94 -10.98 -4.95
N TYR S 6 -1.07 -12.22 -4.49
CA TYR S 6 -0.44 -13.33 -5.19
C TYR S 6 -1.14 -13.62 -6.51
N THR S 7 -2.47 -13.71 -6.50
CA THR S 7 -3.17 -14.01 -7.74
C THR S 7 -3.23 -12.81 -8.67
N PHE S 8 -3.05 -11.59 -8.16
CA PHE S 8 -2.97 -10.44 -9.07
C PHE S 8 -1.67 -10.46 -9.85
N LEU S 9 -0.59 -10.93 -9.22
CA LEU S 9 0.70 -10.92 -9.90
C LEU S 9 0.86 -12.12 -10.82
N LEU S 10 0.31 -13.27 -10.42
CA LEU S 10 0.40 -14.46 -11.28
C LEU S 10 -0.44 -14.28 -12.53
N ILE S 11 -1.68 -13.82 -12.37
CA ILE S 11 -2.49 -13.45 -13.53
C ILE S 11 -1.91 -12.23 -14.22
N GLY S 12 -1.19 -11.39 -13.46
CA GLY S 12 -0.48 -10.26 -14.05
C GLY S 12 0.57 -10.68 -15.06
N THR S 13 1.38 -11.68 -14.71
CA THR S 13 2.33 -12.21 -15.67
C THR S 13 1.65 -12.92 -16.82
N LEU S 14 0.52 -13.60 -16.56
CA LEU S 14 -0.18 -14.30 -17.63
C LEU S 14 -0.81 -13.34 -18.62
N MET S 15 -1.18 -12.15 -18.16
CA MET S 15 -1.66 -11.14 -19.09
C MET S 15 -0.54 -10.62 -19.96
N VAL S 16 0.61 -10.29 -19.36
CA VAL S 16 1.75 -9.74 -20.09
C VAL S 16 2.27 -10.70 -21.14
N ILE S 17 2.21 -12.00 -20.87
CA ILE S 17 2.60 -13.00 -21.86
C ILE S 17 1.61 -13.04 -23.01
N PHE S 18 0.32 -12.82 -22.73
CA PHE S 18 -0.69 -12.86 -23.78
C PHE S 18 -0.51 -11.70 -24.76
N PHE S 19 -0.21 -10.52 -24.24
CA PHE S 19 0.08 -9.39 -25.12
C PHE S 19 1.42 -9.58 -25.82
N ALA S 20 2.33 -10.34 -25.22
CA ALA S 20 3.66 -10.48 -25.81
C ALA S 20 3.68 -11.47 -26.96
N VAL S 21 2.69 -12.36 -27.03
CA VAL S 21 2.63 -13.33 -28.12
C VAL S 21 1.81 -12.75 -29.26
N PHE S 22 0.63 -12.24 -28.93
CA PHE S 22 -0.34 -11.90 -29.96
C PHE S 22 -0.30 -10.44 -30.38
N PHE S 23 0.23 -9.55 -29.55
CA PHE S 23 0.41 -8.16 -29.94
C PHE S 23 1.86 -7.78 -30.07
N ARG S 24 2.69 -8.67 -30.59
CA ARG S 24 4.11 -8.35 -30.68
C ARG S 24 4.37 -7.43 -31.86
N GLU S 25 5.51 -6.76 -31.80
CA GLU S 25 6.02 -6.03 -32.95
C GLU S 25 6.54 -7.04 -33.95
N THR S 26 5.90 -7.12 -35.10
CA THR S 26 6.34 -8.12 -36.06
C THR S 26 7.63 -7.67 -36.73
N PRO S 27 8.53 -8.60 -37.02
CA PRO S 27 9.69 -8.28 -37.84
C PRO S 27 9.35 -8.35 -39.31
N ARG S 28 9.88 -7.41 -40.07
CA ARG S 28 9.62 -7.33 -41.50
C ARG S 28 10.91 -7.51 -42.27
N ILE S 29 10.78 -8.06 -43.49
CA ILE S 29 11.96 -8.37 -44.29
C ILE S 29 12.57 -7.10 -44.87
N LEU S 30 11.73 -6.14 -45.26
CA LEU S 30 12.01 -4.94 -46.10
C LEU S 30 13.43 -4.36 -46.20
N VAL T 1 2.54 -35.07 26.34
CA VAL T 1 2.77 -34.38 27.59
C VAL T 1 4.19 -33.86 27.60
N ILE T 2 4.35 -32.60 28.01
CA ILE T 2 5.67 -32.02 28.13
C ILE T 2 6.45 -32.67 29.26
N ASP T 3 5.81 -32.90 30.39
CA ASP T 3 6.50 -33.26 31.62
C ASP T 3 5.84 -34.45 32.29
N TYR T 4 6.55 -35.57 32.34
CA TYR T 4 6.02 -36.82 32.84
C TYR T 4 7.01 -37.40 33.84
N GLU T 5 6.68 -37.32 35.14
CA GLU T 5 7.65 -37.46 36.23
C GLU T 5 8.34 -38.82 36.31
N ASN T 6 7.93 -39.80 35.53
CA ASN T 6 8.54 -41.11 35.55
C ASN T 6 9.40 -41.39 34.33
N ILE T 7 10.14 -40.40 33.83
CA ILE T 7 11.02 -40.62 32.69
C ILE T 7 12.17 -41.55 33.09
N GLY T 8 12.67 -41.39 34.31
CA GLY T 8 13.82 -42.18 34.75
C GLY T 8 13.50 -43.65 34.93
N TYR T 9 12.23 -43.98 35.11
CA TYR T 9 11.83 -45.36 35.31
C TYR T 9 11.36 -46.04 34.05
N LEU T 10 11.50 -45.40 32.89
CA LEU T 10 11.09 -46.04 31.66
C LEU T 10 12.23 -46.86 31.08
N GLY T 11 13.33 -46.20 30.75
CA GLY T 11 14.51 -46.87 30.23
C GLY T 11 15.80 -46.28 30.74
N GLY T 12 15.76 -45.50 31.81
CA GLY T 12 16.91 -44.79 32.28
C GLY T 12 17.55 -45.58 33.39
N SER T 13 17.22 -45.24 34.62
CA SER T 13 17.85 -45.81 35.82
C SER T 13 17.59 -47.30 35.98
N SER T 14 18.18 -47.87 37.01
CA SER T 14 18.15 -49.32 37.21
C SER T 14 16.76 -49.85 37.46
N ILE T 15 15.89 -49.04 37.96
CA ILE T 15 14.55 -49.46 38.31
C ILE T 15 13.62 -49.17 37.14
N VAL T 16 12.87 -50.18 36.71
CA VAL T 16 12.11 -50.14 35.47
C VAL T 16 10.62 -50.24 35.79
N ASP T 17 9.84 -49.33 35.22
CA ASP T 17 8.39 -49.34 35.37
C ASP T 17 7.79 -50.59 34.75
N ILE T 18 6.62 -50.96 35.29
CA ILE T 18 5.91 -52.14 34.81
C ILE T 18 4.71 -51.75 33.96
N ASN T 19 4.22 -50.53 34.08
CA ASN T 19 2.98 -50.15 33.43
C ASN T 19 3.21 -49.37 32.16
N ASN T 20 4.40 -48.80 31.98
CA ASN T 20 4.61 -47.90 30.86
C ASN T 20 5.82 -48.29 30.03
N ALA T 21 6.84 -48.87 30.65
CA ALA T 21 8.07 -49.18 29.95
C ALA T 21 7.85 -50.31 28.94
N ASN T 22 8.55 -50.21 27.81
CA ASN T 22 8.34 -51.13 26.71
C ASN T 22 8.96 -52.48 27.00
N ILE T 23 8.94 -53.35 26.00
CA ILE T 23 9.62 -54.62 26.16
C ILE T 23 11.11 -54.42 26.04
N ARG T 24 11.55 -53.39 25.32
CA ARG T 24 12.97 -53.09 25.14
C ARG T 24 13.62 -52.61 26.43
N ALA T 25 12.83 -52.11 27.39
CA ALA T 25 13.40 -51.76 28.69
C ALA T 25 13.80 -52.99 29.50
N TYR T 26 13.25 -54.15 29.18
CA TYR T 26 13.58 -55.38 29.86
C TYR T 26 14.71 -56.14 29.20
N LEU T 27 15.43 -55.51 28.27
CA LEU T 27 16.60 -56.14 27.69
C LEU T 27 17.70 -56.31 28.72
N LYS T 28 17.82 -55.34 29.63
CA LYS T 28 18.94 -55.29 30.53
C LYS T 28 18.75 -56.14 31.78
N MET T 29 17.69 -56.92 31.84
CA MET T 29 17.51 -57.92 32.89
C MET T 29 17.70 -59.29 32.26
N PRO T 30 18.77 -60.00 32.58
CA PRO T 30 19.02 -61.30 31.93
C PRO T 30 17.97 -62.35 32.25
N GLY T 31 17.59 -63.11 31.22
CA GLY T 31 16.66 -64.19 31.34
C GLY T 31 15.22 -63.82 31.11
N MET T 32 14.94 -62.58 30.73
CA MET T 32 13.58 -62.07 30.77
C MET T 32 12.99 -61.74 29.41
N TYR T 33 13.79 -61.49 28.37
CA TYR T 33 13.28 -60.69 27.25
C TYR T 33 12.32 -61.45 26.35
N PRO T 34 12.57 -62.69 25.92
CA PRO T 34 11.44 -63.46 25.40
C PRO T 34 10.66 -64.13 26.52
N THR T 35 9.35 -64.14 26.36
CA THR T 35 8.37 -64.93 27.10
C THR T 35 8.24 -64.63 28.60
N VAL T 36 9.05 -63.75 29.17
CA VAL T 36 8.71 -63.23 30.48
C VAL T 36 8.26 -61.81 30.27
N ALA T 37 9.16 -61.00 29.70
CA ALA T 37 8.82 -59.65 29.31
C ALA T 37 7.73 -59.63 28.26
N GLY T 38 7.67 -60.66 27.41
CA GLY T 38 6.57 -60.77 26.47
C GLY T 38 5.24 -61.00 27.15
N LYS T 39 5.26 -61.55 28.36
CA LYS T 39 4.03 -61.69 29.13
C LYS T 39 3.75 -60.43 29.94
N ILE T 40 4.78 -59.85 30.54
CA ILE T 40 4.64 -58.64 31.36
C ILE T 40 4.11 -57.49 30.51
N VAL T 41 4.48 -57.45 29.24
CA VAL T 41 4.07 -56.36 28.37
C VAL T 41 2.76 -56.63 27.65
N SER T 42 2.33 -57.88 27.55
CA SER T 42 1.09 -58.17 26.84
C SER T 42 -0.15 -58.12 27.72
N HIS T 43 -0.04 -57.80 29.00
CA HIS T 43 -1.21 -57.86 29.87
C HIS T 43 -1.41 -56.50 30.56
N GLY T 44 -2.46 -56.43 31.39
CA GLY T 44 -3.12 -55.19 31.65
C GLY T 44 -2.40 -54.30 32.66
N PRO T 45 -3.11 -53.30 33.15
CA PRO T 45 -2.51 -52.40 34.16
C PRO T 45 -2.42 -53.10 35.50
N TYR T 46 -1.39 -52.75 36.25
CA TYR T 46 -1.05 -53.48 37.46
C TYR T 46 -1.17 -52.56 38.68
N SER T 47 -1.02 -53.18 39.85
CA SER T 47 -1.05 -52.46 41.11
C SER T 47 0.32 -52.43 41.76
N GLY T 48 1.02 -53.56 41.75
CA GLY T 48 2.36 -53.65 42.29
C GLY T 48 3.08 -54.83 41.69
N VAL T 49 4.31 -55.04 42.15
CA VAL T 49 5.12 -56.14 41.64
C VAL T 49 4.60 -57.47 42.18
N SER T 50 4.06 -57.46 43.39
CA SER T 50 3.50 -58.69 43.95
C SER T 50 2.25 -59.13 43.19
N ASP T 51 1.56 -58.18 42.57
CA ASP T 51 0.39 -58.48 41.76
C ASP T 51 0.72 -58.59 40.28
N LEU T 52 2.01 -58.63 39.95
CA LEU T 52 2.44 -59.12 38.64
C LEU T 52 2.27 -60.63 38.55
N TYR T 53 2.29 -61.33 39.68
CA TYR T 53 2.17 -62.79 39.69
C TYR T 53 0.77 -63.28 39.38
N LYS T 54 -0.22 -62.40 39.32
CA LYS T 54 -1.60 -62.77 39.05
C LYS T 54 -1.93 -62.82 37.56
N ILE T 55 -0.92 -62.77 36.70
CA ILE T 55 -1.11 -62.96 35.25
C ILE T 55 -1.60 -64.38 35.00
N PRO T 56 -2.65 -64.57 34.21
CA PRO T 56 -2.99 -65.93 33.80
C PRO T 56 -1.95 -66.46 32.82
N GLY T 57 -1.52 -67.70 33.06
CA GLY T 57 -0.52 -68.35 32.25
C GLY T 57 0.89 -68.26 32.80
N LEU T 58 1.14 -67.39 33.78
CA LEU T 58 2.47 -67.22 34.34
C LEU T 58 2.83 -68.41 35.22
N SER T 59 3.87 -69.15 34.82
CA SER T 59 4.20 -70.40 35.48
C SER T 59 5.34 -70.20 36.46
N SER T 60 5.88 -71.32 36.98
CA SER T 60 6.82 -71.27 38.08
C SER T 60 8.18 -70.76 37.63
N ALA T 61 8.78 -71.42 36.64
CA ALA T 61 10.09 -71.00 36.15
C ALA T 61 10.03 -69.69 35.41
N GLU T 62 8.84 -69.29 34.95
CA GLU T 62 8.65 -67.94 34.46
C GLU T 62 8.67 -66.92 35.59
N ALA T 63 8.20 -67.31 36.78
CA ALA T 63 8.15 -66.39 37.90
C ALA T 63 9.42 -66.39 38.72
N ASP T 64 10.38 -67.27 38.42
CA ASP T 64 11.65 -67.26 39.15
C ASP T 64 12.46 -66.03 38.79
N VAL T 65 12.49 -65.67 37.51
CA VAL T 65 13.24 -64.50 37.09
C VAL T 65 12.51 -63.22 37.45
N ILE T 66 11.21 -63.29 37.73
CA ILE T 66 10.50 -62.13 38.25
C ILE T 66 10.95 -61.86 39.68
N LYS T 67 11.02 -62.89 40.50
CA LYS T 67 11.43 -62.77 41.90
C LYS T 67 12.88 -62.33 42.01
N LYS T 68 13.71 -62.67 41.03
CA LYS T 68 15.07 -62.17 41.00
C LYS T 68 15.09 -60.67 40.75
N TYR T 69 14.18 -60.17 39.93
CA TYR T 69 14.18 -58.76 39.57
C TYR T 69 12.99 -58.00 40.14
N GLU T 70 12.33 -58.56 41.17
CA GLU T 70 11.25 -57.85 41.84
C GLU T 70 11.75 -56.61 42.58
N SER T 71 13.04 -56.54 42.88
CA SER T 71 13.63 -55.34 43.45
C SER T 71 13.87 -54.24 42.42
N ARG T 72 14.06 -54.60 41.16
CA ARG T 72 14.23 -53.62 40.09
C ARG T 72 12.93 -53.28 39.39
N LEU T 73 11.84 -53.97 39.71
CA LEU T 73 10.53 -53.69 39.14
C LEU T 73 9.72 -52.84 40.10
N THR T 74 8.72 -52.16 39.56
CA THR T 74 7.93 -51.19 40.29
C THR T 74 6.70 -50.83 39.47
N ALA T 75 5.68 -50.35 40.16
CA ALA T 75 4.42 -50.00 39.51
C ALA T 75 4.16 -48.51 39.69
N LYS T 76 3.94 -47.84 38.57
CA LYS T 76 3.55 -46.45 38.53
C LYS T 76 2.15 -46.35 37.94
N THR T 77 1.55 -45.17 37.98
CA THR T 77 0.23 -45.04 37.41
C THR T 77 0.37 -45.01 35.88
N PRO T 78 -0.49 -45.71 35.15
CA PRO T 78 -0.31 -45.78 33.70
C PRO T 78 -0.76 -44.50 33.02
N SER T 79 0.15 -43.87 32.28
CA SER T 79 -0.24 -42.87 31.32
C SER T 79 -0.54 -43.58 30.02
N PRO T 80 -1.73 -43.41 29.44
CA PRO T 80 -2.10 -44.27 28.31
C PRO T 80 -1.39 -43.95 27.00
N ASP T 81 -0.56 -42.91 26.94
CA ASP T 81 0.24 -42.72 25.74
C ASP T 81 1.41 -43.68 25.70
N TYR T 82 1.92 -44.08 26.85
CA TYR T 82 3.03 -45.00 26.93
C TYR T 82 2.59 -46.45 27.01
N VAL T 83 1.28 -46.72 27.05
CA VAL T 83 0.87 -48.11 27.08
C VAL T 83 0.51 -48.64 25.71
N ILE T 84 0.51 -47.78 24.70
CA ILE T 84 0.27 -48.27 23.35
C ILE T 84 1.59 -48.72 22.73
N ASP T 85 2.70 -48.11 23.09
CA ASP T 85 3.99 -48.48 22.52
C ASP T 85 4.77 -49.45 23.39
N ARG T 86 4.09 -50.31 24.14
CA ARG T 86 4.81 -51.22 25.02
C ARG T 86 5.41 -52.38 24.24
N ILE T 87 4.67 -52.91 23.28
CA ILE T 87 5.25 -53.94 22.42
C ILE T 87 6.29 -53.33 21.48
N ASN T 88 5.91 -52.26 20.80
CA ASN T 88 6.76 -51.61 19.81
C ASN T 88 6.86 -50.14 20.16
N ASN T 89 8.02 -49.74 20.66
CA ASN T 89 8.31 -48.33 20.94
C ASN T 89 8.32 -47.53 19.65
N GLY T 90 8.81 -48.11 18.58
CA GLY T 90 9.08 -47.36 17.38
C GLY T 90 10.47 -46.78 17.32
N LEU T 91 11.37 -47.19 18.19
CA LEU T 91 12.79 -46.92 18.00
C LEU T 91 13.51 -48.25 18.04
N TYR T 92 14.35 -48.47 17.04
CA TYR T 92 15.07 -49.71 16.86
C TYR T 92 16.56 -49.41 16.89
N ARG T 93 17.35 -50.47 16.99
CA ARG T 93 18.80 -50.32 16.97
C ARG T 93 19.47 -51.46 16.21
N ILE U 1 50.11 -47.63 14.91
CA ILE U 1 49.26 -48.43 15.78
C ILE U 1 48.73 -49.64 14.98
N ASP U 2 49.54 -50.67 14.89
CA ASP U 2 49.17 -51.83 14.07
C ASP U 2 48.20 -52.73 14.84
N LEU U 3 47.81 -53.83 14.23
CA LEU U 3 46.93 -54.80 14.84
C LEU U 3 47.82 -55.84 15.53
N ASP U 4 48.23 -55.53 16.76
CA ASP U 4 49.28 -56.25 17.45
C ASP U 4 48.75 -57.52 18.09
N GLU U 5 49.54 -58.09 19.01
CA GLU U 5 49.06 -59.21 19.79
C GLU U 5 48.16 -58.78 20.93
N ALA U 6 48.13 -57.48 21.26
CA ALA U 6 47.32 -57.03 22.38
C ALA U 6 45.89 -56.75 21.95
N THR U 7 45.71 -56.10 20.80
CA THR U 7 44.37 -55.84 20.29
C THR U 7 43.71 -57.10 19.78
N ARG U 8 44.48 -58.07 19.30
CA ARG U 8 43.95 -59.35 18.84
C ARG U 8 43.70 -60.33 19.97
N THR U 9 43.67 -59.89 21.22
CA THR U 9 43.52 -60.78 22.36
C THR U 9 42.07 -60.71 22.86
N VAL U 10 41.33 -61.80 22.67
CA VAL U 10 39.90 -61.83 22.96
C VAL U 10 39.61 -62.94 23.95
N VAL U 11 38.46 -62.81 24.61
CA VAL U 11 38.02 -63.77 25.62
C VAL U 11 37.49 -65.02 24.93
N VAL U 12 37.94 -66.19 25.38
CA VAL U 12 37.63 -67.47 24.73
C VAL U 12 36.72 -68.33 25.59
N ASP U 13 37.09 -68.58 26.83
CA ASP U 13 36.29 -69.37 27.74
C ASP U 13 35.38 -68.42 28.54
N ASN U 14 34.41 -69.03 29.25
CA ASN U 14 33.54 -68.32 30.18
C ASN U 14 34.34 -67.54 31.22
N ALA U 15 35.42 -68.14 31.73
CA ALA U 15 36.30 -67.44 32.67
C ALA U 15 37.22 -66.49 31.92
N GLY U 16 38.25 -65.97 32.59
CA GLY U 16 39.10 -64.97 31.97
C GLY U 16 40.15 -65.50 31.02
N ASN U 17 39.87 -66.56 30.28
CA ASN U 17 40.83 -67.15 29.38
C ASN U 17 40.86 -66.37 28.07
N THR U 18 42.06 -66.04 27.60
CA THR U 18 42.26 -65.20 26.43
C THR U 18 43.28 -65.84 25.50
N THR U 19 42.99 -65.83 24.20
CA THR U 19 43.97 -66.20 23.19
C THR U 19 44.11 -65.07 22.19
N VAL U 20 45.11 -65.21 21.31
CA VAL U 20 45.42 -64.21 20.30
C VAL U 20 45.07 -64.78 18.94
N LEU U 21 44.16 -64.09 18.24
CA LEU U 21 43.80 -64.48 16.89
C LEU U 21 44.93 -64.16 15.93
N THR U 22 45.34 -65.12 15.12
CA THR U 22 46.41 -64.92 14.15
C THR U 22 45.95 -63.93 13.07
N PRO U 23 46.87 -63.19 12.44
CA PRO U 23 46.41 -62.12 11.54
C PRO U 23 45.83 -62.62 10.23
N GLU U 24 46.06 -63.86 9.86
CA GLU U 24 45.34 -64.44 8.72
C GLU U 24 43.88 -64.65 9.08
N GLN U 25 43.59 -64.79 10.36
CA GLN U 25 42.32 -65.26 10.87
C GLN U 25 41.39 -64.12 11.20
N VAL U 26 41.95 -62.92 11.37
CA VAL U 26 41.15 -61.71 11.34
C VAL U 26 40.56 -61.51 9.96
N LYS U 27 41.37 -61.72 8.92
CA LYS U 27 40.89 -61.59 7.55
C LYS U 27 39.87 -62.66 7.23
N ARG U 28 40.10 -63.89 7.70
CA ARG U 28 39.12 -64.96 7.57
C ARG U 28 37.83 -64.61 8.29
N GLY U 29 37.94 -63.89 9.39
CA GLY U 29 36.78 -63.47 10.16
C GLY U 29 35.97 -62.46 9.41
N LYS U 30 36.58 -61.33 9.05
CA LYS U 30 35.89 -60.21 8.43
C LYS U 30 35.27 -60.58 7.09
N ARG U 31 35.92 -61.47 6.36
CA ARG U 31 35.46 -61.85 5.04
C ARG U 31 34.30 -62.83 5.11
N LEU U 32 34.40 -63.85 5.97
CA LEU U 32 33.33 -64.83 6.08
C LEU U 32 32.14 -64.28 6.85
N PHE U 33 32.38 -63.34 7.75
CA PHE U 33 31.27 -62.69 8.45
C PHE U 33 30.43 -61.87 7.49
N ASN U 34 31.08 -61.15 6.59
CA ASN U 34 30.35 -60.32 5.64
C ASN U 34 29.64 -61.17 4.59
N ALA U 35 30.19 -62.35 4.31
CA ALA U 35 29.58 -63.22 3.31
C ALA U 35 28.36 -63.94 3.87
N THR U 36 28.48 -64.49 5.08
CA THR U 36 27.41 -65.33 5.60
C THR U 36 26.50 -64.56 6.56
N CYS U 37 27.08 -63.81 7.50
CA CYS U 37 26.28 -63.09 8.48
C CYS U 37 25.95 -61.68 8.04
N GLY U 38 26.65 -61.17 7.02
CA GLY U 38 26.72 -59.73 6.82
C GLY U 38 25.42 -59.12 6.32
N ALA U 39 24.52 -59.94 5.78
CA ALA U 39 23.28 -59.43 5.24
C ALA U 39 22.38 -58.86 6.31
N CYS U 40 22.51 -59.36 7.54
CA CYS U 40 21.70 -58.88 8.64
C CYS U 40 22.50 -58.30 9.78
N HIS U 41 23.81 -58.45 9.76
CA HIS U 41 24.66 -57.94 10.82
C HIS U 41 25.68 -56.95 10.33
N VAL U 42 25.32 -56.09 9.38
CA VAL U 42 26.23 -55.04 8.97
C VAL U 42 26.34 -54.04 10.11
N GLY U 43 27.57 -53.80 10.55
CA GLY U 43 27.79 -52.90 11.65
C GLY U 43 27.41 -53.43 13.02
N GLY U 44 27.21 -54.74 13.16
CA GLY U 44 27.00 -55.31 14.47
C GLY U 44 25.61 -55.21 15.01
N ILE U 45 24.59 -55.11 14.16
CA ILE U 45 23.21 -55.01 14.58
C ILE U 45 22.49 -56.24 14.08
N THR U 46 21.17 -56.28 14.26
CA THR U 46 20.35 -57.29 13.60
C THR U 46 19.22 -56.57 12.90
N LYS U 47 19.20 -56.64 11.57
CA LYS U 47 18.12 -55.98 10.81
C LYS U 47 16.78 -56.65 11.04
N THR U 48 16.78 -57.96 11.23
CA THR U 48 15.53 -58.69 11.40
C THR U 48 14.99 -58.58 12.82
N ASN U 49 15.81 -58.13 13.77
CA ASN U 49 15.45 -58.10 15.18
C ASN U 49 16.39 -57.13 15.89
N PRO U 50 16.11 -55.83 15.84
CA PRO U 50 17.09 -54.86 16.34
C PRO U 50 17.24 -54.82 17.85
N ASN U 51 16.40 -55.54 18.60
CA ASN U 51 16.57 -55.56 20.04
C ASN U 51 17.72 -56.46 20.44
N VAL U 52 18.01 -57.48 19.66
CA VAL U 52 19.02 -58.47 19.99
C VAL U 52 20.16 -58.26 19.00
N GLY U 53 21.20 -57.55 19.44
CA GLY U 53 22.31 -57.20 18.59
C GLY U 53 23.61 -57.85 19.05
N LEU U 54 24.64 -57.65 18.24
CA LEU U 54 25.94 -58.27 18.46
C LEU U 54 26.85 -57.46 19.37
N ASP U 55 26.29 -56.60 20.22
CA ASP U 55 27.09 -55.80 21.11
C ASP U 55 27.59 -56.64 22.28
N PRO U 56 28.80 -56.36 22.78
CA PRO U 56 29.24 -57.02 24.01
C PRO U 56 28.38 -56.63 25.21
N GLU U 57 27.78 -55.45 25.17
CA GLU U 57 26.81 -55.08 26.20
C GLU U 57 25.51 -55.86 26.04
N ALA U 58 25.24 -56.37 24.83
CA ALA U 58 24.06 -57.18 24.59
C ALA U 58 24.38 -58.65 24.42
N LEU U 59 25.66 -59.01 24.29
CA LEU U 59 26.03 -60.41 24.38
C LEU U 59 26.24 -60.84 25.83
N SER U 60 26.67 -59.92 26.69
CA SER U 60 26.89 -60.26 28.09
C SER U 60 25.62 -60.13 28.91
N LEU U 61 24.52 -59.70 28.32
CA LEU U 61 23.22 -59.79 28.97
C LEU U 61 22.37 -60.90 28.39
N ALA U 62 22.99 -61.85 27.70
CA ALA U 62 22.28 -62.99 27.14
C ALA U 62 22.38 -64.18 28.09
N THR U 63 21.48 -65.13 27.90
CA THR U 63 21.44 -66.35 28.70
C THR U 63 21.61 -67.55 27.79
N PRO U 64 22.72 -68.29 27.83
CA PRO U 64 23.95 -68.08 28.60
C PRO U 64 24.76 -66.93 28.06
N ARG U 65 25.78 -66.52 28.77
CA ARG U 65 26.52 -65.33 28.40
C ARG U 65 27.37 -65.60 27.17
N ARG U 66 27.13 -64.84 26.10
CA ARG U 66 27.76 -65.07 24.82
C ARG U 66 28.97 -64.18 24.56
N ASP U 67 29.60 -63.66 25.61
CA ASP U 67 30.69 -62.71 25.39
C ASP U 67 32.06 -63.36 25.30
N ASN U 68 32.16 -64.60 24.84
CA ASN U 68 33.44 -65.23 24.62
C ASN U 68 33.48 -65.80 23.21
N ILE U 69 34.53 -66.53 22.87
CA ILE U 69 34.54 -67.23 21.60
C ILE U 69 33.62 -68.44 21.65
N ASN U 70 33.72 -69.23 22.73
CA ASN U 70 33.21 -70.59 22.73
C ASN U 70 31.69 -70.63 22.73
N ALA U 71 31.03 -69.69 23.39
CA ALA U 71 29.58 -69.72 23.38
C ALA U 71 29.03 -69.15 22.09
N LEU U 72 29.80 -68.29 21.41
CA LEU U 72 29.39 -67.86 20.08
C LEU U 72 29.48 -69.02 19.09
N VAL U 73 30.54 -69.82 19.18
CA VAL U 73 30.67 -71.02 18.37
C VAL U 73 29.58 -72.02 18.75
N ASP U 74 29.25 -72.08 20.03
CA ASP U 74 28.14 -72.93 20.47
C ASP U 74 26.80 -72.38 19.99
N TYR U 75 26.70 -71.07 19.84
CA TYR U 75 25.47 -70.49 19.32
C TYR U 75 25.26 -70.82 17.86
N ILE U 76 26.33 -70.84 17.08
CA ILE U 76 26.22 -71.18 15.67
C ILE U 76 25.92 -72.66 15.52
N LYS U 77 26.42 -73.49 16.43
CA LYS U 77 26.02 -74.89 16.41
C LYS U 77 24.57 -75.03 16.85
N ASN U 78 24.18 -74.32 17.91
CA ASN U 78 22.90 -74.55 18.58
C ASN U 78 22.33 -73.21 19.02
N PRO U 79 21.62 -72.53 18.13
CA PRO U 79 21.09 -71.21 18.48
C PRO U 79 19.85 -71.32 19.35
N THR U 80 19.84 -70.55 20.41
CA THR U 80 18.72 -70.48 21.33
C THR U 80 18.19 -69.07 21.30
N THR U 81 17.17 -68.80 22.10
CA THR U 81 16.68 -67.45 22.19
C THR U 81 17.58 -66.60 23.06
N TYR U 82 17.16 -65.35 23.29
CA TYR U 82 17.94 -64.44 24.10
C TYR U 82 17.91 -64.84 25.56
N ASP U 83 16.83 -65.49 26.01
CA ASP U 83 16.81 -66.10 27.33
C ASP U 83 17.27 -67.55 27.32
N GLY U 84 17.47 -68.13 26.15
CA GLY U 84 18.13 -69.40 26.02
C GLY U 84 17.33 -70.61 26.39
N LEU U 85 16.01 -70.56 26.30
CA LEU U 85 15.21 -71.71 26.69
C LEU U 85 14.98 -72.65 25.52
N GLU U 86 14.54 -72.12 24.37
CA GLU U 86 14.20 -72.94 23.22
C GLU U 86 15.08 -72.60 22.03
N SER U 87 15.14 -73.54 21.08
CA SER U 87 16.04 -73.43 19.94
C SER U 87 15.36 -72.69 18.79
N ILE U 88 16.10 -71.80 18.15
CA ILE U 88 15.59 -71.06 17.00
C ILE U 88 16.30 -71.46 15.72
N ALA U 89 16.89 -72.66 15.65
CA ALA U 89 17.53 -73.11 14.43
C ALA U 89 16.53 -73.29 13.31
N GLU U 90 15.26 -73.48 13.65
CA GLU U 90 14.15 -73.44 12.71
C GLU U 90 14.17 -72.15 11.88
N VAL U 91 14.47 -71.01 12.50
CA VAL U 91 14.40 -69.72 11.83
C VAL U 91 15.72 -68.96 11.88
N HIS U 92 16.84 -69.66 12.01
CA HIS U 92 18.11 -68.97 12.11
C HIS U 92 19.21 -69.85 11.54
N PRO U 93 20.20 -69.27 10.86
CA PRO U 93 21.29 -70.08 10.31
C PRO U 93 22.13 -70.73 11.39
N SER U 94 22.41 -72.00 11.17
CA SER U 94 23.14 -72.79 12.14
C SER U 94 23.66 -74.03 11.46
N ILE U 95 24.26 -74.91 12.26
CA ILE U 95 24.62 -76.21 11.73
C ILE U 95 23.49 -77.18 11.92
N LYS U 96 22.66 -76.98 12.96
CA LYS U 96 21.42 -77.73 13.08
C LYS U 96 20.44 -77.37 11.97
N SER U 97 20.63 -76.23 11.34
CA SER U 97 19.83 -75.79 10.21
C SER U 97 20.62 -75.70 8.93
N ALA U 98 21.69 -76.46 8.78
CA ALA U 98 22.46 -76.22 7.59
C ALA U 98 21.93 -76.99 6.40
N ASP U 99 20.96 -77.88 6.59
CA ASP U 99 20.25 -78.41 5.43
C ASP U 99 19.27 -77.40 4.85
N ILE U 100 18.79 -76.50 5.71
CA ILE U 100 17.75 -75.56 5.33
C ILE U 100 18.32 -74.18 5.07
N TYR U 101 19.58 -73.95 5.44
CA TYR U 101 20.35 -72.79 4.98
C TYR U 101 21.56 -73.30 4.22
N PRO U 102 21.60 -73.18 2.90
CA PRO U 102 22.73 -73.75 2.14
C PRO U 102 24.04 -73.02 2.34
N ARG U 103 24.04 -71.82 2.87
CA ARG U 103 25.27 -71.05 3.05
C ARG U 103 26.03 -71.45 4.30
N MET U 104 25.63 -72.51 4.99
CA MET U 104 26.33 -72.98 6.18
C MET U 104 27.00 -74.32 5.97
N ARG U 105 26.85 -74.92 4.80
CA ARG U 105 27.19 -76.32 4.62
C ARG U 105 28.68 -76.58 4.55
N SER U 106 29.49 -75.59 4.20
CA SER U 106 30.91 -75.82 4.00
C SER U 106 31.77 -75.24 5.10
N LEU U 107 31.17 -74.66 6.14
CA LEU U 107 31.96 -74.10 7.21
C LEU U 107 32.61 -75.22 8.02
N THR U 108 33.70 -74.87 8.70
CA THR U 108 34.45 -75.82 9.52
C THR U 108 34.62 -75.24 10.92
N ASP U 109 35.47 -75.91 11.70
CA ASP U 109 35.77 -75.42 13.04
C ASP U 109 36.58 -74.14 12.99
N GLU U 110 37.59 -74.10 12.12
CA GLU U 110 38.44 -72.92 12.02
C GLU U 110 37.70 -71.74 11.42
N ASP U 111 36.64 -72.01 10.66
CA ASP U 111 35.81 -70.93 10.13
C ASP U 111 35.06 -70.24 11.25
N LEU U 112 34.27 -71.00 12.02
CA LEU U 112 33.46 -70.42 13.08
C LEU U 112 34.32 -69.91 14.22
N TYR U 113 35.49 -70.50 14.42
CA TYR U 113 36.42 -69.95 15.41
C TYR U 113 37.04 -68.66 14.90
N SER U 114 36.97 -68.40 13.60
CA SER U 114 37.40 -67.11 13.08
C SER U 114 36.24 -66.14 12.95
N ILE U 115 35.05 -66.64 12.60
CA ILE U 115 33.87 -65.79 12.50
C ILE U 115 33.50 -65.22 13.86
N ALA U 116 33.49 -66.08 14.87
CA ALA U 116 33.22 -65.62 16.24
C ALA U 116 34.34 -64.75 16.77
N GLY U 117 35.55 -64.95 16.27
CA GLY U 117 36.63 -64.02 16.59
C GLY U 117 36.38 -62.64 16.07
N HIS U 118 35.73 -62.54 14.90
CA HIS U 118 35.44 -61.24 14.32
C HIS U 118 34.34 -60.51 15.08
N ILE U 119 33.42 -61.25 15.69
CA ILE U 119 32.40 -60.60 16.51
C ILE U 119 33.02 -60.13 17.81
N MET U 120 34.06 -60.80 18.28
CA MET U 120 34.72 -60.40 19.52
C MET U 120 35.77 -59.32 19.31
N LEU U 121 36.50 -59.36 18.19
CA LEU U 121 37.57 -58.40 17.95
C LEU U 121 37.03 -57.04 17.56
N SER U 122 35.86 -57.00 16.93
CA SER U 122 35.33 -55.75 16.39
C SER U 122 34.97 -54.68 17.43
N PRO U 123 34.42 -54.96 18.62
CA PRO U 123 34.26 -53.87 19.58
C PRO U 123 35.55 -53.44 20.26
N LYS U 124 36.66 -54.13 20.06
CA LYS U 124 37.94 -53.57 20.48
C LYS U 124 38.49 -52.61 19.45
N ILE U 125 37.92 -52.62 18.24
CA ILE U 125 38.35 -51.76 17.16
C ILE U 125 37.53 -50.49 17.12
N ALA U 126 36.22 -50.60 17.31
CA ALA U 126 35.33 -49.47 17.18
C ALA U 126 34.75 -49.02 18.51
N SER U 127 34.07 -49.93 19.23
CA SER U 127 33.55 -49.79 20.60
C SER U 127 32.39 -48.82 20.73
N GLU U 128 32.08 -48.05 19.68
CA GLU U 128 30.86 -47.27 19.60
C GLU U 128 30.18 -47.49 18.27
N LYS U 129 30.95 -47.66 17.19
CA LYS U 129 30.37 -47.92 15.89
C LYS U 129 29.78 -49.31 15.80
N TRP U 130 30.33 -50.25 16.54
CA TRP U 130 29.89 -51.63 16.49
C TRP U 130 28.54 -51.75 17.19
N GLY U 131 27.50 -51.97 16.41
CA GLY U 131 26.17 -52.14 16.95
C GLY U 131 25.54 -50.87 17.46
N GLY U 132 26.17 -49.73 17.18
CA GLY U 132 25.61 -48.46 17.57
C GLY U 132 24.47 -47.99 16.70
N GLY U 133 24.21 -48.68 15.61
CA GLY U 133 23.16 -48.27 14.72
C GLY U 133 23.61 -47.16 13.81
N LYS U 134 22.62 -46.47 13.26
CA LYS U 134 22.88 -45.48 12.22
C LYS U 134 23.45 -44.19 12.77
N ILE U 135 23.45 -44.01 14.09
CA ILE U 135 23.96 -42.79 14.69
C ILE U 135 25.47 -42.70 14.52
N TYR U 136 26.14 -43.84 14.37
CA TYR U 136 27.58 -43.90 14.27
C TYR U 136 28.07 -44.27 12.88
N TYR U 137 27.25 -44.07 11.87
CA TYR U 137 27.70 -44.31 10.51
C TYR U 137 28.55 -43.13 10.08
N ASN V 1 -14.80 -49.92 -10.40
CA ASN V 1 -13.61 -50.18 -11.20
C ASN V 1 -12.37 -50.01 -10.35
N ALA V 2 -11.42 -49.20 -10.87
CA ALA V 2 -10.18 -48.85 -10.19
C ALA V 2 -9.40 -50.10 -9.86
N ARG V 3 -8.78 -50.70 -10.91
CA ARG V 3 -8.08 -52.00 -10.94
C ARG V 3 -9.07 -53.17 -10.96
N PHE V 4 -10.17 -52.99 -11.68
CA PHE V 4 -11.03 -54.08 -12.10
C PHE V 4 -10.43 -54.86 -13.27
N ALA V 5 -9.35 -54.36 -13.87
CA ALA V 5 -8.59 -54.98 -14.98
C ALA V 5 -9.47 -55.19 -16.20
N ASN V 6 -9.83 -54.05 -16.78
CA ASN V 6 -10.72 -53.95 -17.92
C ASN V 6 -9.97 -53.88 -19.24
N GLY V 7 -10.66 -54.24 -20.31
CA GLY V 7 -10.09 -54.13 -21.64
C GLY V 7 -10.37 -52.77 -22.23
N LYS V 8 -9.31 -51.97 -22.47
CA LYS V 8 -9.28 -50.57 -22.92
C LYS V 8 -10.25 -49.79 -22.05
N PRO V 9 -9.87 -49.57 -20.82
CA PRO V 9 -10.76 -49.83 -19.71
C PRO V 9 -12.06 -49.09 -19.59
N GLN V 10 -13.05 -49.88 -19.21
CA GLN V 10 -14.41 -49.70 -19.68
C GLN V 10 -15.31 -50.66 -18.95
N SER V 11 -16.42 -50.15 -18.42
CA SER V 11 -17.25 -50.90 -17.50
C SER V 11 -18.73 -50.83 -17.85
N ILE V 12 -19.07 -50.47 -19.09
CA ILE V 12 -20.46 -50.30 -19.49
C ILE V 12 -20.52 -50.42 -20.99
N GLU V 13 -21.72 -50.78 -21.49
CA GLU V 13 -21.96 -50.71 -22.92
C GLU V 13 -22.08 -49.29 -23.43
N ALA V 14 -22.31 -48.33 -22.54
CA ALA V 14 -22.50 -46.94 -22.94
C ALA V 14 -21.20 -46.34 -23.48
N LYS V 15 -20.07 -46.79 -22.97
CA LYS V 15 -18.81 -46.30 -23.51
C LYS V 15 -18.36 -47.10 -24.72
N TYR V 16 -19.03 -48.21 -25.01
CA TYR V 16 -18.79 -48.91 -26.26
C TYR V 16 -19.47 -48.20 -27.41
N ILE V 17 -20.53 -47.46 -27.10
CA ILE V 17 -21.24 -46.62 -28.06
C ILE V 17 -20.71 -45.21 -27.83
N MET V 18 -19.49 -45.12 -27.33
CA MET V 18 -18.71 -43.89 -27.43
C MET V 18 -17.38 -44.11 -28.14
N ARG V 19 -16.71 -45.23 -27.88
CA ARG V 19 -15.49 -45.57 -28.59
C ARG V 19 -15.74 -45.73 -30.08
N SER V 20 -16.66 -46.63 -30.43
CA SER V 20 -16.92 -46.91 -31.84
C SER V 20 -17.54 -45.72 -32.57
N PRO V 21 -18.55 -44.99 -32.07
CA PRO V 21 -19.02 -43.84 -32.85
C PRO V 21 -18.09 -42.65 -32.92
N ALA V 22 -17.11 -42.51 -32.02
CA ALA V 22 -16.25 -41.35 -32.16
C ALA V 22 -15.02 -41.67 -32.99
N GLU V 23 -14.62 -42.93 -33.01
CA GLU V 23 -13.69 -43.36 -34.03
C GLU V 23 -14.34 -43.24 -35.41
N TRP V 24 -15.52 -43.85 -35.56
CA TRP V 24 -16.18 -43.94 -36.87
C TRP V 24 -16.59 -42.58 -37.41
N ASP V 25 -17.09 -41.68 -36.57
CA ASP V 25 -17.59 -40.43 -37.13
C ASP V 25 -16.47 -39.46 -37.47
N ARG V 26 -15.29 -39.64 -36.89
CA ARG V 26 -14.11 -38.96 -37.40
C ARG V 26 -13.34 -39.83 -38.36
N PHE V 27 -13.84 -41.03 -38.64
CA PHE V 27 -13.36 -41.90 -39.68
C PHE V 27 -14.09 -41.71 -40.99
N MET V 28 -15.40 -41.50 -40.92
CA MET V 28 -16.19 -41.29 -42.12
C MET V 28 -15.85 -39.97 -42.81
N ARG V 29 -15.38 -38.99 -42.05
CA ARG V 29 -14.83 -37.79 -42.67
C ARG V 29 -13.57 -38.11 -43.43
N PHE V 30 -12.72 -38.97 -42.88
CA PHE V 30 -11.51 -39.41 -43.58
C PHE V 30 -11.86 -40.22 -44.81
N MET V 31 -12.96 -40.96 -44.75
CA MET V 31 -13.38 -41.75 -45.91
C MET V 31 -13.85 -40.84 -47.04
N ASP V 32 -14.46 -39.71 -46.69
CA ASP V 32 -15.05 -38.84 -47.69
C ASP V 32 -14.01 -38.19 -48.58
N ARG V 33 -12.76 -38.16 -48.15
CA ARG V 33 -11.73 -37.82 -49.11
C ARG V 33 -11.22 -39.07 -49.83
N TYR V 34 -11.01 -40.15 -49.09
CA TYR V 34 -10.28 -41.31 -49.61
C TYR V 34 -11.16 -42.49 -49.98
N ALA V 35 -12.45 -42.28 -50.22
CA ALA V 35 -13.26 -43.37 -50.75
C ALA V 35 -13.13 -43.43 -52.26
N GLU V 36 -13.42 -44.63 -52.80
CA GLU V 36 -13.51 -44.90 -54.24
C GLU V 36 -12.21 -44.62 -54.98
N ALA V 37 -11.08 -44.72 -54.29
CA ALA V 37 -9.78 -44.42 -54.87
C ALA V 37 -8.77 -45.42 -54.32
N ASN V 38 -8.19 -46.22 -55.21
CA ASN V 38 -7.33 -47.32 -54.79
C ASN V 38 -6.06 -47.31 -55.64
N GLY V 39 -5.29 -48.39 -55.53
CA GLY V 39 -4.17 -48.76 -56.37
C GLY V 39 -3.06 -47.73 -56.39
N LEU V 40 -2.39 -47.66 -57.55
CA LEU V 40 -1.42 -46.63 -57.91
C LEU V 40 -0.22 -46.64 -56.96
N GLY V 41 0.46 -47.79 -56.94
CA GLY V 41 1.75 -47.87 -56.29
C GLY V 41 2.77 -47.04 -57.03
N PHE V 42 3.82 -46.63 -56.32
CA PHE V 42 4.67 -45.61 -56.91
C PHE V 42 6.14 -46.00 -57.03
N SER V 43 6.65 -46.80 -56.08
CA SER V 43 8.04 -47.28 -56.05
C SER V 43 9.05 -46.13 -56.05
N SER V 44 8.97 -45.33 -54.99
CA SER V 44 9.92 -44.26 -54.74
C SER V 44 10.13 -44.17 -53.23
N UNK V 45 11.05 -43.29 -52.84
CA UNK V 45 11.34 -43.12 -51.43
C UNK V 45 10.35 -42.15 -50.83
N UNK V 46 9.20 -42.68 -50.40
CA UNK V 46 8.13 -41.93 -49.75
C UNK V 46 7.63 -40.79 -50.61
N UNK V 47 7.34 -41.10 -51.86
CA UNK V 47 6.65 -40.08 -52.60
C UNK V 47 5.21 -40.11 -52.12
N UNK V 48 4.48 -41.14 -52.52
CA UNK V 48 3.02 -41.23 -52.38
C UNK V 48 2.33 -39.92 -52.71
N UNK V 49 2.79 -39.26 -53.77
CA UNK V 49 2.47 -37.87 -54.00
C UNK V 49 1.21 -37.69 -54.83
N UNK V 50 0.35 -38.70 -54.88
CA UNK V 50 -0.92 -38.56 -55.57
C UNK V 50 -1.87 -37.67 -54.76
N UNK V 51 -2.85 -37.11 -55.45
CA UNK V 51 -3.88 -36.31 -54.78
C UNK V 51 -5.26 -36.84 -55.12
N MET W 1 61.18 -4.94 17.55
CA MET W 1 61.45 -6.00 16.58
C MET W 1 61.17 -7.35 17.18
N THR W 2 60.31 -8.13 16.53
CA THR W 2 59.92 -9.45 16.99
C THR W 2 60.43 -10.52 16.03
N ALA W 3 60.17 -11.77 16.38
CA ALA W 3 60.45 -12.88 15.47
C ALA W 3 59.45 -12.90 14.33
N SER W 4 58.23 -12.43 14.57
CA SER W 4 57.24 -12.37 13.51
C SER W 4 57.56 -11.24 12.53
N LEU W 5 58.28 -10.23 12.98
CA LEU W 5 58.68 -9.15 12.10
C LEU W 5 59.88 -9.55 11.25
N SER W 6 60.79 -10.35 11.83
CA SER W 6 61.98 -10.76 11.11
C SER W 6 61.63 -11.70 9.96
N ASN W 7 60.55 -12.47 10.13
CA ASN W 7 60.07 -13.30 9.04
C ASN W 7 59.47 -12.45 7.92
N PHE W 8 58.88 -11.31 8.28
CA PHE W 8 58.13 -10.54 7.28
C PHE W 8 59.06 -9.77 6.36
N ILE W 9 60.12 -9.17 6.90
CA ILE W 9 61.10 -8.50 6.06
C ILE W 9 61.84 -9.52 5.21
N ALA W 10 62.01 -10.74 5.74
CA ALA W 10 62.62 -11.82 4.96
C ALA W 10 61.73 -12.22 3.78
N SER W 11 60.43 -11.96 3.87
CA SER W 11 59.55 -12.24 2.75
C SER W 11 59.35 -11.04 1.84
N LEU W 12 59.51 -9.82 2.37
CA LEU W 12 59.55 -8.63 1.52
C LEU W 12 60.77 -8.68 0.61
N ILE W 13 61.92 -9.07 1.17
CA ILE W 13 63.13 -9.22 0.38
C ILE W 13 62.96 -10.34 -0.64
N ALA W 14 62.55 -11.52 -0.17
CA ALA W 14 62.40 -12.67 -1.07
C ALA W 14 61.28 -12.47 -2.08
N GLY W 15 60.28 -11.65 -1.72
CA GLY W 15 59.32 -11.23 -2.72
C GLY W 15 59.95 -10.33 -3.75
N GLY W 16 60.87 -9.47 -3.32
CA GLY W 16 61.57 -8.61 -4.27
C GLY W 16 62.68 -9.35 -5.01
N VAL W 17 63.14 -10.48 -4.46
CA VAL W 17 64.08 -11.31 -5.20
C VAL W 17 63.38 -11.98 -6.38
N VAL W 18 62.23 -12.60 -6.11
CA VAL W 18 61.49 -13.35 -7.14
C VAL W 18 61.01 -12.42 -8.25
N VAL W 19 60.53 -11.22 -7.87
CA VAL W 19 60.26 -10.19 -8.87
C VAL W 19 61.56 -9.74 -9.52
N GLY W 20 62.63 -9.63 -8.73
CA GLY W 20 63.91 -9.18 -9.27
C GLY W 20 64.60 -10.21 -10.14
N VAL W 21 64.44 -11.50 -9.83
CA VAL W 21 65.03 -12.54 -10.66
C VAL W 21 64.32 -12.61 -12.01
N ILE W 22 62.99 -12.49 -12.00
CA ILE W 22 62.21 -12.57 -13.23
C ILE W 22 62.46 -11.34 -14.10
N ALA W 23 62.42 -10.15 -13.49
CA ALA W 23 62.46 -8.90 -14.26
C ALA W 23 63.82 -8.69 -14.91
N ILE W 24 64.89 -9.14 -14.26
CA ILE W 24 66.19 -9.11 -14.92
C ILE W 24 66.24 -10.13 -16.04
N ALA W 25 65.61 -11.29 -15.83
CA ALA W 25 65.63 -12.35 -16.85
C ALA W 25 64.84 -11.96 -18.09
N LEU W 26 63.81 -11.12 -17.92
CA LEU W 26 63.05 -10.66 -19.07
C LEU W 26 63.84 -9.67 -19.89
N ILE W 27 64.57 -8.78 -19.24
CA ILE W 27 65.32 -7.74 -19.93
C ILE W 27 66.49 -8.34 -20.71
N VAL W 28 67.16 -9.33 -20.11
CA VAL W 28 68.38 -9.89 -20.71
C VAL W 28 68.05 -10.65 -22.00
N ILE W 29 66.93 -11.38 -22.01
CA ILE W 29 66.54 -12.08 -23.23
C ILE W 29 66.02 -11.08 -24.26
N SER W 30 65.22 -10.11 -23.83
CA SER W 30 64.59 -9.18 -24.77
C SER W 30 65.59 -8.26 -25.44
N LYS W 31 66.75 -8.03 -24.82
CA LYS W 31 67.83 -7.35 -25.54
C LYS W 31 68.50 -8.28 -26.54
N SER W 32 68.64 -9.56 -26.19
CA SER W 32 69.24 -10.54 -27.09
C SER W 32 68.24 -11.00 -28.15
N ASP W 33 66.96 -10.94 -27.84
CA ASP W 33 65.86 -11.21 -28.74
C ASP W 33 65.20 -9.90 -29.19
N ARG W 34 66.01 -8.92 -29.60
CA ARG W 34 65.69 -7.52 -29.84
C ARG W 34 64.36 -7.28 -30.55
N ILE W 35 64.25 -7.76 -31.79
CA ILE W 35 62.98 -7.96 -32.49
C ILE W 35 63.24 -8.86 -33.67
N ASP X 1 52.27 -68.82 -4.85
CA ASP X 1 52.13 -67.94 -6.00
C ASP X 1 50.71 -67.99 -6.55
N THR X 2 50.07 -66.83 -6.68
CA THR X 2 48.79 -66.74 -7.36
C THR X 2 49.03 -66.96 -8.83
N ARG X 3 48.92 -68.20 -9.27
CA ARG X 3 49.08 -68.40 -10.70
C ARG X 3 47.87 -67.95 -11.49
N LEU X 4 46.73 -67.67 -10.84
CA LEU X 4 45.58 -67.11 -11.54
C LEU X 4 45.88 -65.72 -12.06
N LEU X 5 46.29 -64.83 -11.17
CA LEU X 5 46.62 -63.46 -11.55
C LEU X 5 47.81 -63.44 -12.51
N VAL X 6 48.69 -64.44 -12.41
CA VAL X 6 49.80 -64.58 -13.33
C VAL X 6 49.34 -65.24 -14.63
N ILE X 7 48.14 -65.83 -14.64
CA ILE X 7 47.57 -66.25 -15.93
C ILE X 7 46.57 -65.21 -16.44
N ALA X 8 45.87 -64.51 -15.54
CA ALA X 8 44.77 -63.64 -15.98
C ALA X 8 45.27 -62.41 -16.72
N ALA X 9 46.44 -61.89 -16.34
CA ALA X 9 46.96 -60.71 -17.02
C ALA X 9 47.58 -61.01 -18.39
N PRO X 10 48.35 -62.10 -18.63
CA PRO X 10 48.78 -62.39 -20.01
C PRO X 10 47.65 -62.70 -20.95
N VAL X 11 46.54 -63.23 -20.46
CA VAL X 11 45.43 -63.52 -21.33
C VAL X 11 44.65 -62.24 -21.61
N LEU X 12 44.76 -61.24 -20.73
CA LEU X 12 44.43 -59.87 -21.13
C LEU X 12 45.37 -59.39 -22.22
N VAL X 13 46.66 -59.64 -22.03
CA VAL X 13 47.66 -59.19 -23.00
C VAL X 13 47.46 -59.89 -24.33
N ALA X 14 47.37 -61.23 -24.29
CA ALA X 14 47.28 -62.01 -25.53
C ALA X 14 45.99 -61.76 -26.29
N ALA X 15 44.94 -61.31 -25.60
CA ALA X 15 43.73 -60.90 -26.29
C ALA X 15 43.89 -59.52 -26.91
N SER X 16 44.43 -58.58 -26.14
CA SER X 16 44.60 -57.21 -26.63
C SER X 16 45.69 -57.14 -27.69
N TRP X 17 46.67 -58.02 -27.62
CA TRP X 17 47.72 -58.08 -28.64
C TRP X 17 47.19 -58.66 -29.93
N ALA X 18 46.30 -59.65 -29.84
CA ALA X 18 45.86 -60.45 -30.98
C ALA X 18 45.12 -59.67 -32.05
N LEU X 19 43.97 -59.10 -31.68
CA LEU X 19 43.15 -58.41 -32.67
C LEU X 19 43.79 -57.11 -33.10
N PHE X 20 44.61 -56.52 -32.23
CA PHE X 20 45.27 -55.29 -32.64
C PHE X 20 46.30 -55.54 -33.74
N ASN X 21 46.96 -56.70 -33.71
CA ASN X 21 47.92 -57.00 -34.77
C ASN X 21 47.25 -57.24 -36.11
N ILE X 22 45.97 -57.61 -36.12
CA ILE X 22 45.20 -57.68 -37.36
C ILE X 22 45.07 -56.29 -37.98
N GLY X 23 45.05 -55.26 -37.15
CA GLY X 23 45.42 -53.94 -37.63
C GLY X 23 46.80 -53.92 -38.24
N ARG X 24 47.84 -54.21 -37.42
CA ARG X 24 49.24 -54.04 -37.84
C ARG X 24 49.62 -54.93 -39.00
N LEU X 25 49.11 -56.16 -39.04
CA LEU X 25 49.51 -57.09 -40.09
C LEU X 25 48.98 -56.65 -41.44
N ALA X 26 47.72 -56.24 -41.49
CA ALA X 26 47.12 -55.87 -42.78
C ALA X 26 47.57 -54.49 -43.24
N ILE X 27 48.42 -53.81 -42.45
CA ILE X 27 49.00 -52.55 -42.88
C ILE X 27 50.42 -52.77 -43.40
N GLN X 28 51.13 -53.76 -42.86
CA GLN X 28 52.41 -54.13 -43.46
C GLN X 28 52.18 -54.97 -44.72
N GLN X 29 50.94 -55.41 -44.92
CA GLN X 29 50.61 -56.27 -46.04
C GLN X 29 50.23 -55.45 -47.29
N ILE X 30 50.36 -54.12 -47.24
CA ILE X 30 49.26 -53.18 -47.51
C ILE X 30 48.26 -53.77 -48.47
N GLN X 31 47.03 -53.95 -48.00
CA GLN X 31 45.94 -54.44 -48.82
C GLN X 31 44.68 -53.71 -48.37
N ARG X 32 43.58 -53.94 -49.08
CA ARG X 32 42.43 -53.05 -49.00
C ARG X 32 41.69 -53.22 -47.68
N LEU X 33 42.20 -52.55 -46.66
CA LEU X 33 41.52 -52.35 -45.38
C LEU X 33 40.15 -51.75 -45.60
N MET Y 1 42.30 -86.04 -20.70
CA MET Y 1 42.63 -85.82 -22.10
C MET Y 1 41.87 -84.63 -22.64
N ILE Y 2 40.84 -84.21 -21.92
CA ILE Y 2 39.99 -83.11 -22.36
C ILE Y 2 40.76 -81.80 -22.33
N THR Y 3 41.56 -81.61 -21.27
CA THR Y 3 42.29 -80.36 -21.08
C THR Y 3 43.34 -80.15 -22.15
N ALA Y 4 43.97 -81.23 -22.62
CA ALA Y 4 44.95 -81.09 -23.68
C ALA Y 4 44.27 -80.81 -25.01
N LEU Y 5 43.09 -81.39 -25.23
CA LEU Y 5 42.39 -81.19 -26.49
C LEU Y 5 41.84 -79.78 -26.59
N THR Y 6 41.38 -79.22 -25.48
CA THR Y 6 40.94 -77.83 -25.56
C THR Y 6 42.11 -76.86 -25.55
N ALA Y 7 43.27 -77.29 -25.06
CA ALA Y 7 44.45 -76.44 -25.16
C ALA Y 7 44.89 -76.31 -26.61
N LEU Y 8 44.86 -77.42 -27.35
CA LEU Y 8 45.11 -77.35 -28.78
C LEU Y 8 44.02 -76.58 -29.50
N PHE Y 9 42.80 -76.67 -28.99
CA PHE Y 9 41.66 -75.99 -29.58
C PHE Y 9 41.73 -74.48 -29.44
N VAL Y 10 42.30 -73.99 -28.35
CA VAL Y 10 42.50 -72.55 -28.20
C VAL Y 10 43.62 -72.08 -29.11
N LEU Y 11 44.69 -72.86 -29.21
CA LEU Y 11 45.85 -72.43 -29.97
C LEU Y 11 45.60 -72.48 -31.48
N VAL Y 12 44.75 -73.40 -31.94
CA VAL Y 12 44.34 -73.35 -33.33
C VAL Y 12 43.47 -72.13 -33.58
N SER Y 13 42.56 -71.84 -32.65
CA SER Y 13 41.66 -70.72 -32.82
C SER Y 13 42.36 -69.37 -32.70
N LEU Y 14 43.54 -69.31 -32.09
CA LEU Y 14 44.33 -68.08 -32.15
C LEU Y 14 44.79 -67.80 -33.58
N ALA Y 15 45.26 -68.83 -34.26
CA ALA Y 15 45.68 -68.68 -35.65
C ALA Y 15 44.50 -68.36 -36.55
N LEU Y 16 43.33 -68.88 -36.21
CA LEU Y 16 42.15 -68.61 -37.02
C LEU Y 16 41.69 -67.17 -36.85
N VAL Y 17 41.63 -66.68 -35.61
CA VAL Y 17 41.16 -65.33 -35.36
C VAL Y 17 42.12 -64.30 -35.95
N VAL Y 18 43.41 -64.65 -36.05
CA VAL Y 18 44.37 -63.74 -36.66
C VAL Y 18 44.40 -63.91 -38.17
N THR Y 19 44.75 -65.10 -38.66
CA THR Y 19 45.16 -65.23 -40.06
C THR Y 19 43.99 -65.22 -41.03
N VAL Y 20 42.79 -65.53 -40.58
CA VAL Y 20 41.65 -65.57 -41.50
C VAL Y 20 41.24 -64.17 -41.97
N PRO Y 21 40.95 -63.17 -41.10
CA PRO Y 21 40.56 -61.87 -41.67
C PRO Y 21 41.69 -61.13 -42.34
N VAL Y 22 42.95 -61.46 -42.03
CA VAL Y 22 44.07 -60.93 -42.79
C VAL Y 22 44.07 -61.52 -44.19
N ALA Y 23 43.68 -62.78 -44.33
CA ALA Y 23 43.55 -63.37 -45.65
C ALA Y 23 42.22 -63.08 -46.32
N LEU Y 24 41.21 -62.64 -45.56
CA LEU Y 24 39.97 -62.23 -46.19
C LEU Y 24 40.06 -60.82 -46.74
N ALA Y 25 40.68 -59.92 -46.00
CA ALA Y 25 40.81 -58.52 -46.38
C ALA Y 25 41.90 -58.29 -47.41
N THR Y 26 42.68 -59.32 -47.72
CA THR Y 26 43.59 -59.24 -48.84
C THR Y 26 42.85 -59.65 -50.11
N PRO Y 27 42.86 -58.82 -51.15
CA PRO Y 27 42.11 -59.14 -52.36
C PRO Y 27 42.67 -60.29 -53.18
N GLY Y 28 43.91 -60.69 -52.92
CA GLY Y 28 44.47 -61.81 -53.63
C GLY Y 28 44.53 -63.10 -52.84
N GLU Y 29 44.87 -63.01 -51.55
CA GLU Y 29 45.28 -64.18 -50.79
C GLU Y 29 44.14 -65.05 -50.28
N TRP Y 30 42.92 -64.89 -50.78
CA TRP Y 30 41.90 -65.84 -50.36
C TRP Y 30 41.73 -66.99 -51.35
N GLU Y 31 41.61 -66.67 -52.64
CA GLU Y 31 41.36 -67.69 -53.65
C GLU Y 31 42.52 -68.66 -53.80
N THR Y 32 43.72 -68.24 -53.38
CA THR Y 32 44.88 -69.11 -53.42
C THR Y 32 45.01 -69.94 -52.16
N SER Y 33 44.74 -69.33 -51.01
CA SER Y 33 44.93 -69.98 -49.73
C SER Y 33 43.66 -70.61 -49.17
N LYS Y 34 42.57 -70.63 -49.94
CA LYS Y 34 41.29 -71.16 -49.46
C LYS Y 34 41.38 -72.64 -49.11
N ASP Y 35 42.20 -73.39 -49.85
CA ASP Y 35 42.41 -74.79 -49.52
C ASP Y 35 43.38 -75.00 -48.36
N GLN Y 36 44.01 -73.93 -47.89
CA GLN Y 36 44.76 -74.03 -46.63
C GLN Y 36 43.87 -73.72 -45.44
N PHE Y 37 42.86 -72.87 -45.60
CA PHE Y 37 41.92 -72.60 -44.54
C PHE Y 37 40.77 -73.59 -44.50
N ASN Y 38 40.46 -74.24 -45.63
CA ASN Y 38 39.50 -75.33 -45.61
C ASN Y 38 40.01 -76.49 -44.78
N LYS Y 39 41.31 -76.78 -44.88
CA LYS Y 39 41.89 -77.88 -44.11
C LYS Y 39 41.85 -77.58 -42.62
N ILE Y 40 41.97 -76.32 -42.24
CA ILE Y 40 41.97 -75.99 -40.83
C ILE Y 40 40.55 -75.78 -40.30
N PHE Y 41 39.61 -75.31 -41.13
CA PHE Y 41 38.22 -75.19 -40.67
C PHE Y 41 37.60 -76.56 -40.47
N GLN Y 42 37.86 -77.50 -41.39
CA GLN Y 42 37.39 -78.86 -41.24
C GLN Y 42 38.03 -79.55 -40.05
N LEU Y 43 39.29 -79.22 -39.77
CA LEU Y 43 39.98 -79.72 -38.60
C LEU Y 43 39.42 -79.10 -37.32
N TRP Y 44 38.95 -77.86 -37.41
CA TRP Y 44 38.52 -77.15 -36.21
C TRP Y 44 37.20 -77.70 -35.70
N VAL Y 45 36.23 -77.89 -36.60
CA VAL Y 45 34.95 -78.46 -36.22
C VAL Y 45 35.10 -79.93 -35.87
N GLY Y 46 35.99 -80.64 -36.58
CA GLY Y 46 36.30 -82.01 -36.24
C GLY Y 46 37.05 -82.18 -34.94
N LEU Y 47 37.49 -81.08 -34.34
CA LEU Y 47 38.01 -81.09 -32.97
C LEU Y 47 36.92 -80.74 -31.96
N VAL Y 48 35.94 -79.93 -32.36
CA VAL Y 48 34.76 -79.70 -31.52
C VAL Y 48 33.99 -80.98 -31.33
N VAL Y 49 33.87 -81.78 -32.38
CA VAL Y 49 33.16 -83.04 -32.28
C VAL Y 49 33.95 -84.02 -31.42
N ALA Y 50 35.27 -84.04 -31.57
CA ALA Y 50 36.08 -84.94 -30.77
C ALA Y 50 36.25 -84.46 -29.33
N ILE Y 51 35.86 -83.23 -29.01
CA ILE Y 51 35.86 -82.78 -27.62
C ILE Y 51 34.46 -82.86 -27.02
N ALA Y 52 33.41 -82.93 -27.83
CA ALA Y 52 32.09 -83.12 -27.28
C ALA Y 52 31.83 -84.57 -26.92
N THR Y 53 32.48 -85.51 -27.62
CA THR Y 53 32.42 -86.91 -27.21
C THR Y 53 33.14 -87.11 -25.90
N ALA Y 54 34.22 -86.36 -25.68
CA ALA Y 54 35.03 -86.54 -24.50
C ALA Y 54 34.29 -86.15 -23.24
N ASP Y 55 33.58 -85.01 -23.27
CA ASP Y 55 32.70 -84.68 -22.16
C ASP Y 55 31.52 -85.63 -22.11
N GLY Y 56 31.04 -86.07 -23.27
CA GLY Y 56 29.88 -86.95 -23.30
C GLY Y 56 30.15 -88.31 -22.69
N ILE Y 57 31.30 -88.89 -23.00
CA ILE Y 57 31.68 -90.15 -22.39
C ILE Y 57 32.12 -89.96 -20.96
N SER Y 58 33.05 -89.04 -20.73
CA SER Y 58 33.68 -88.94 -19.42
C SER Y 58 32.89 -88.11 -18.42
N THR Y 59 31.60 -87.86 -18.64
CA THR Y 59 30.73 -87.52 -17.52
C THR Y 59 29.98 -88.76 -17.06
N ALA Y 60 29.13 -89.30 -17.93
CA ALA Y 60 28.44 -90.55 -17.67
C ALA Y 60 29.41 -91.65 -18.03
N ILE Y 61 30.32 -91.97 -17.11
CA ILE Y 61 31.49 -92.77 -17.44
C ILE Y 61 31.14 -94.24 -17.56
N VAL Z 11 26.69 56.71 -10.80
CA VAL Z 11 25.81 55.58 -10.49
C VAL Z 11 26.27 54.95 -9.18
N SER Z 12 25.50 55.18 -8.12
CA SER Z 12 25.90 54.75 -6.79
C SER Z 12 25.60 53.27 -6.59
N LEU Z 13 26.02 52.74 -5.43
CA LEU Z 13 25.61 51.39 -5.05
C LEU Z 13 24.12 51.34 -4.81
N TRP Z 14 23.57 52.41 -4.27
CA TRP Z 14 22.13 52.53 -4.13
C TRP Z 14 21.44 52.78 -5.47
N GLU Z 15 22.18 53.12 -6.51
CA GLU Z 15 21.54 53.22 -7.83
C GLU Z 15 21.36 51.82 -8.42
N ARG Z 16 22.38 50.96 -8.32
CA ARG Z 16 22.25 49.58 -8.83
C ARG Z 16 21.32 48.74 -7.97
N PHE Z 17 20.87 49.26 -6.83
CA PHE Z 17 19.98 48.54 -5.93
C PHE Z 17 18.51 48.84 -6.20
N CYS Z 18 18.12 50.12 -6.16
CA CYS Z 18 16.71 50.49 -6.37
C CYS Z 18 16.25 50.17 -7.77
N ALA Z 19 17.17 50.18 -8.73
CA ALA Z 19 16.84 49.75 -10.08
C ALA Z 19 16.62 48.25 -10.13
N TRP Z 20 17.19 47.51 -9.19
CA TRP Z 20 16.98 46.07 -9.18
C TRP Z 20 15.74 45.67 -8.41
N ILE Z 21 15.45 46.39 -7.32
CA ILE Z 21 14.29 46.07 -6.50
C ILE Z 21 13.00 46.36 -7.27
N THR Z 22 12.95 47.50 -7.93
CA THR Z 22 11.83 47.85 -8.76
C THR Z 22 12.03 47.45 -10.20
N SER Z 23 12.87 46.47 -10.47
CA SER Z 23 13.00 45.97 -11.83
C SER Z 23 11.78 45.15 -12.18
N THR Z 24 11.17 45.47 -13.31
CA THR Z 24 10.08 44.64 -13.80
C THR Z 24 10.59 43.42 -14.56
N GLU Z 25 11.87 43.36 -14.89
CA GLU Z 25 12.42 42.24 -15.63
C GLU Z 25 12.72 41.03 -14.76
N ASN Z 26 12.51 41.13 -13.45
CA ASN Z 26 12.73 40.00 -12.57
C ASN Z 26 11.63 38.96 -12.77
N ARG Z 27 11.90 37.74 -12.33
CA ARG Z 27 10.93 36.67 -12.47
C ARG Z 27 9.75 36.89 -11.54
N LEU Z 28 10.04 37.12 -10.26
CA LEU Z 28 9.05 37.55 -9.29
C LEU Z 28 9.45 38.95 -8.85
N TYR Z 29 8.49 39.87 -8.94
CA TYR Z 29 8.73 41.26 -8.62
C TYR Z 29 9.06 41.40 -7.16
N ILE Z 30 10.05 42.20 -6.83
CA ILE Z 30 10.32 42.34 -5.41
C ILE Z 30 9.64 43.62 -4.96
N GLY Z 31 10.11 44.76 -5.42
CA GLY Z 31 9.50 46.00 -5.03
C GLY Z 31 9.72 46.37 -3.58
N TRP Z 32 9.27 47.54 -3.18
CA TRP Z 32 9.58 47.96 -1.83
C TRP Z 32 8.63 47.38 -0.81
N PHE Z 33 7.44 46.96 -1.20
CA PHE Z 33 6.63 46.18 -0.29
C PHE Z 33 7.13 44.77 -0.18
N GLY Z 34 7.83 44.27 -1.19
CA GLY Z 34 8.41 42.94 -1.11
C GLY Z 34 9.58 42.88 -0.16
N CYS Z 35 10.19 44.02 0.15
CA CYS Z 35 11.13 44.07 1.26
C CYS Z 35 10.43 43.79 2.59
N LEU Z 36 9.14 44.07 2.67
CA LEU Z 36 8.35 43.61 3.82
C LEU Z 36 7.81 42.23 3.58
N MET Z 37 7.24 42.01 2.38
CA MET Z 37 6.36 40.88 2.14
C MET Z 37 7.11 39.56 2.14
N PHE Z 38 8.24 39.49 1.45
CA PHE Z 38 8.96 38.22 1.35
C PHE Z 38 9.51 37.76 2.71
N PRO Z 39 10.29 38.54 3.47
CA PRO Z 39 10.79 37.96 4.73
C PRO Z 39 9.73 37.86 5.82
N THR Z 40 8.57 38.46 5.64
CA THR Z 40 7.50 38.28 6.63
C THR Z 40 6.64 37.08 6.27
N LEU Z 41 6.39 36.86 4.98
CA LEU Z 41 5.63 35.66 4.63
C LEU Z 41 6.48 34.41 4.65
N LEU Z 42 7.78 34.50 4.40
CA LEU Z 42 8.60 33.30 4.48
C LEU Z 42 8.81 32.83 5.91
N THR Z 43 8.74 33.73 6.88
CA THR Z 43 8.77 33.30 8.27
C THR Z 43 7.40 32.94 8.79
N ALA Z 44 6.35 33.14 8.00
CA ALA Z 44 5.05 32.67 8.42
C ALA Z 44 4.73 31.33 7.79
N THR Z 45 5.20 31.07 6.58
CA THR Z 45 5.07 29.73 6.01
C THR Z 45 5.92 28.74 6.77
N SER Z 46 7.14 29.13 7.10
CA SER Z 46 8.11 28.21 7.65
C SER Z 46 7.74 27.79 9.06
N CYS Z 47 7.29 28.73 9.88
CA CYS Z 47 6.79 28.36 11.18
C CYS Z 47 5.51 27.55 11.05
N PHE Z 48 4.70 27.81 10.02
CA PHE Z 48 3.47 27.05 9.87
C PHE Z 48 3.74 25.60 9.50
N ILE Z 49 4.69 25.37 8.61
CA ILE Z 49 5.04 24.00 8.24
C ILE Z 49 5.61 23.26 9.43
N ILE Z 50 6.40 23.95 10.25
CA ILE Z 50 6.98 23.30 11.41
C ILE Z 50 5.92 23.12 12.51
N ALA Z 51 5.07 24.11 12.73
CA ALA Z 51 4.08 23.98 13.80
C ALA Z 51 2.93 23.05 13.43
N PHE Z 52 2.59 22.96 12.15
CA PHE Z 52 1.57 22.00 11.77
C PHE Z 52 2.08 20.57 11.85
N ILE Z 53 3.39 20.38 11.75
CA ILE Z 53 3.93 19.03 11.83
C ILE Z 53 4.35 18.71 13.26
N ALA Z 54 5.08 19.61 13.92
CA ALA Z 54 5.82 19.20 15.10
C ALA Z 54 5.55 20.00 16.37
N ALA Z 55 4.46 20.75 16.45
CA ALA Z 55 4.30 21.61 17.64
C ALA Z 55 3.73 20.82 18.80
N PRO Z 56 4.26 20.98 20.00
CA PRO Z 56 3.70 20.31 21.16
C PRO Z 56 2.38 20.92 21.58
N PRO Z 57 1.55 20.21 22.36
CA PRO Z 57 0.20 20.69 22.62
C PRO Z 57 0.15 21.90 23.53
N VAL Z 58 -0.95 22.65 23.40
CA VAL Z 58 -1.13 23.98 23.94
C VAL Z 58 -2.49 24.06 24.62
N ASP Z 59 -2.56 24.69 25.80
CA ASP Z 59 -3.86 25.03 26.37
C ASP Z 59 -4.36 26.31 25.70
N ILE Z 60 -5.49 26.23 25.03
CA ILE Z 60 -6.13 27.45 24.57
C ILE Z 60 -6.82 28.13 25.73
N ASP Z 61 -7.43 27.35 26.61
CA ASP Z 61 -8.30 27.92 27.63
C ASP Z 61 -7.57 28.38 28.87
N GLY Z 62 -6.27 28.13 28.98
CA GLY Z 62 -5.54 28.53 30.16
C GLY Z 62 -5.96 27.74 31.37
N ILE Z 63 -6.47 26.54 31.13
CA ILE Z 63 -6.99 25.69 32.19
C ILE Z 63 -6.01 24.55 32.38
N ARG Z 64 -4.85 24.67 31.74
CA ARG Z 64 -3.78 23.66 31.70
C ARG Z 64 -4.22 22.35 31.10
N GLU Z 65 -5.20 22.36 30.20
CA GLU Z 65 -5.54 21.16 29.46
C GLU Z 65 -5.05 21.37 28.03
N PRO Z 66 -3.90 20.83 27.67
CA PRO Z 66 -3.34 21.12 26.36
C PRO Z 66 -4.06 20.39 25.24
N VAL Z 67 -4.10 21.05 24.08
CA VAL Z 67 -4.79 20.56 22.90
C VAL Z 67 -3.75 20.25 21.82
N SER Z 68 -3.81 19.04 21.28
CA SER Z 68 -2.79 18.55 20.34
C SER Z 68 -3.14 19.05 18.94
N GLY Z 69 -2.26 19.85 18.37
CA GLY Z 69 -2.53 20.40 17.06
C GLY Z 69 -1.73 19.78 15.94
N SER Z 70 -0.56 19.25 16.24
CA SER Z 70 0.39 18.85 15.22
C SER Z 70 0.09 17.47 14.66
N LEU Z 71 0.73 17.15 13.53
CA LEU Z 71 0.57 15.85 12.91
C LEU Z 71 1.28 14.75 13.68
N LEU Z 72 2.44 15.08 14.26
CA LEU Z 72 3.25 14.06 14.90
C LEU Z 72 2.64 13.55 16.20
N TYR Z 73 1.61 14.21 16.72
CA TYR Z 73 0.97 13.77 17.93
C TYR Z 73 -0.40 13.20 17.68
N GLY Z 74 -0.62 12.60 16.53
CA GLY Z 74 -1.84 11.85 16.28
C GLY Z 74 -2.99 12.68 15.76
N ASN Z 75 -2.75 13.49 14.75
CA ASN Z 75 -3.81 14.24 14.12
C ASN Z 75 -3.87 13.97 12.63
N ASN Z 76 -5.02 14.26 12.06
CA ASN Z 76 -5.20 14.19 10.62
C ASN Z 76 -4.78 15.51 10.02
N ILE Z 77 -4.97 15.63 8.71
CA ILE Z 77 -4.83 16.93 8.08
C ILE Z 77 -6.02 17.81 8.43
N ILE Z 78 -7.19 17.21 8.58
CA ILE Z 78 -8.38 17.99 8.85
C ILE Z 78 -8.51 18.31 10.33
N SER Z 79 -8.28 17.33 11.19
CA SER Z 79 -8.35 17.57 12.63
C SER Z 79 -7.14 18.30 13.16
N GLY Z 80 -6.01 18.26 12.46
CA GLY Z 80 -4.84 18.99 12.90
C GLY Z 80 -4.99 20.48 12.67
N ALA Z 81 -4.23 21.26 13.44
CA ALA Z 81 -4.31 22.71 13.39
C ALA Z 81 -3.08 23.30 14.05
N VAL Z 82 -2.93 24.60 13.91
CA VAL Z 82 -2.10 25.38 14.80
C VAL Z 82 -3.04 26.15 15.69
N VAL Z 83 -3.04 25.79 16.98
CA VAL Z 83 -3.91 26.32 18.03
C VAL Z 83 -3.73 27.83 18.19
N PRO Z 84 -4.66 28.52 18.81
CA PRO Z 84 -4.35 29.89 19.22
C PRO Z 84 -3.57 29.92 20.52
N SER Z 85 -3.25 31.11 21.01
CA SER Z 85 -2.45 31.26 22.21
C SER Z 85 -3.26 30.89 23.45
N SER Z 86 -2.61 30.97 24.60
CA SER Z 86 -3.30 30.67 25.85
C SER Z 86 -4.19 31.84 26.24
N ASN Z 87 -5.31 31.51 26.87
CA ASN Z 87 -6.17 32.50 27.51
C ASN Z 87 -5.42 33.29 28.57
N ALA Z 88 -4.48 32.65 29.26
CA ALA Z 88 -3.70 33.33 30.28
C ALA Z 88 -2.81 34.41 29.70
N ILE Z 89 -2.30 34.23 28.49
CA ILE Z 89 -1.59 35.30 27.81
C ILE Z 89 -2.51 36.46 27.55
N GLY Z 90 -3.65 36.20 26.92
CA GLY Z 90 -4.59 37.27 26.68
C GLY Z 90 -4.18 38.00 25.43
N MET Z 91 -4.04 39.32 25.56
CA MET Z 91 -3.64 40.19 24.48
C MET Z 91 -2.13 40.40 24.43
N HIS Z 92 -1.41 39.85 25.39
CA HIS Z 92 0.00 40.22 25.57
C HIS Z 92 0.85 39.74 24.43
N PHE Z 93 1.64 40.66 23.91
CA PHE Z 93 2.63 40.33 22.90
C PHE Z 93 3.60 39.34 23.49
N TYR Z 94 3.59 38.13 22.94
CA TYR Z 94 4.31 37.00 23.50
C TYR Z 94 5.26 36.48 22.44
N PRO Z 95 6.42 37.08 22.32
CA PRO Z 95 7.39 36.63 21.33
C PRO Z 95 8.16 35.43 21.82
N ILE Z 96 9.21 35.02 21.10
CA ILE Z 96 10.02 33.93 21.62
C ILE Z 96 10.80 34.40 22.84
N TRP Z 97 11.44 35.56 22.75
CA TRP Z 97 12.36 36.03 23.77
C TRP Z 97 11.71 36.42 25.09
N GLU Z 98 10.39 36.49 25.15
CA GLU Z 98 9.71 36.72 26.42
C GLU Z 98 9.20 35.44 27.04
N ALA Z 99 9.47 34.29 26.44
CA ALA Z 99 9.38 33.06 27.20
C ALA Z 99 10.69 32.84 27.95
N ALA Z 100 10.67 31.93 28.90
CA ALA Z 100 11.91 31.55 29.54
C ALA Z 100 12.58 30.39 28.82
N SER Z 101 11.86 29.70 27.96
CA SER Z 101 12.39 28.64 27.13
C SER Z 101 11.42 28.39 25.98
N VAL Z 102 11.93 27.79 24.90
CA VAL Z 102 11.09 27.47 23.77
C VAL Z 102 10.19 26.29 24.09
N ASP Z 103 10.56 25.50 25.11
CA ASP Z 103 9.62 24.57 25.73
C ASP Z 103 8.37 25.29 26.20
N GLU Z 104 8.55 26.45 26.81
CA GLU Z 104 7.45 27.19 27.41
C GLU Z 104 6.74 28.05 26.39
N TRP Z 105 7.48 28.55 25.41
CA TRP Z 105 6.88 29.32 24.33
C TRP Z 105 5.92 28.46 23.52
N LEU Z 106 6.27 27.21 23.32
CA LEU Z 106 5.41 26.31 22.56
C LEU Z 106 4.32 25.69 23.42
N TYR Z 107 4.41 25.80 24.74
CA TYR Z 107 3.33 25.32 25.58
C TYR Z 107 2.17 26.28 25.61
N ASN Z 108 2.46 27.57 25.62
CA ASN Z 108 1.44 28.57 25.87
C ASN Z 108 0.80 29.10 24.60
N GLY Z 109 1.21 28.62 23.43
CA GLY Z 109 0.62 29.10 22.21
C GLY Z 109 1.37 30.25 21.60
N GLY Z 110 2.66 30.33 21.87
CA GLY Z 110 3.56 31.19 21.17
C GLY Z 110 3.53 31.18 19.64
N PRO Z 111 3.62 30.02 18.98
CA PRO Z 111 3.69 30.05 17.51
C PRO Z 111 2.40 30.42 16.82
N TYR Z 112 1.30 30.66 17.53
CA TYR Z 112 0.17 31.29 16.88
C TYR Z 112 0.49 32.74 16.55
N GLN Z 113 0.98 33.49 17.54
CA GLN Z 113 1.29 34.90 17.32
C GLN Z 113 2.45 35.09 16.35
N LEU Z 114 3.33 34.11 16.25
CA LEU Z 114 4.41 34.20 15.28
C LEU Z 114 3.88 34.06 13.85
N ILE Z 115 2.87 33.22 13.66
CA ILE Z 115 2.33 33.04 12.31
C ILE Z 115 1.31 34.11 11.98
N VAL Z 116 0.49 34.52 12.96
CA VAL Z 116 -0.59 35.46 12.67
C VAL Z 116 -0.04 36.85 12.41
N LEU Z 117 0.87 37.31 13.26
CA LEU Z 117 1.42 38.65 13.08
C LEU Z 117 2.33 38.75 11.87
N HIS Z 118 2.78 37.62 11.33
CA HIS Z 118 3.54 37.66 10.09
C HIS Z 118 2.70 37.32 8.89
N PHE Z 119 1.56 36.67 9.09
CA PHE Z 119 0.59 36.62 8.02
C PHE Z 119 0.07 38.01 7.72
N LEU Z 120 -0.28 38.75 8.75
CA LEU Z 120 -1.01 39.98 8.51
C LEU Z 120 -0.11 41.17 8.20
N LEU Z 121 1.19 41.08 8.46
CA LEU Z 121 2.07 42.08 7.88
C LEU Z 121 2.40 41.73 6.44
N GLY Z 122 2.59 40.44 6.17
CA GLY Z 122 2.98 40.04 4.83
C GLY Z 122 1.83 40.11 3.85
N VAL Z 123 0.60 39.91 4.31
CA VAL Z 123 -0.52 40.02 3.39
C VAL Z 123 -0.89 41.48 3.17
N SER Z 124 -0.69 42.33 4.18
CA SER Z 124 -0.80 43.77 3.96
C SER Z 124 0.28 44.27 3.02
N ALA Z 125 1.47 43.69 3.10
CA ALA Z 125 2.51 44.03 2.15
C ALA Z 125 2.32 43.35 0.81
N TYR Z 126 1.48 42.32 0.73
CA TYR Z 126 1.11 41.76 -0.55
C TYR Z 126 0.08 42.63 -1.24
N MET Z 127 -0.60 43.49 -0.48
CA MET Z 127 -1.53 44.42 -1.08
C MET Z 127 -0.79 45.52 -1.79
N GLY Z 128 0.21 46.10 -1.14
CA GLY Z 128 0.93 47.20 -1.73
C GLY Z 128 1.74 46.77 -2.95
N ARG Z 129 2.20 45.53 -2.94
CA ARG Z 129 2.96 45.04 -4.08
C ARG Z 129 2.07 44.82 -5.29
N GLU Z 130 0.81 44.43 -5.08
CA GLU Z 130 -0.14 44.41 -6.18
C GLU Z 130 -0.38 45.80 -6.71
N TRP Z 131 -0.25 46.81 -5.88
CA TRP Z 131 -0.37 48.17 -6.38
C TRP Z 131 0.91 48.62 -7.06
N GLU Z 132 2.04 48.40 -6.39
CA GLU Z 132 3.31 49.00 -6.78
C GLU Z 132 3.72 48.57 -8.16
N LEU Z 133 3.48 47.31 -8.50
CA LEU Z 133 3.72 46.86 -9.85
C LEU Z 133 2.69 47.39 -10.84
N SER Z 134 1.43 47.52 -10.41
CA SER Z 134 0.43 48.10 -11.30
C SER Z 134 0.74 49.56 -11.59
N TYR Z 135 1.47 50.22 -10.69
CA TYR Z 135 2.08 51.49 -11.02
C TYR Z 135 3.30 51.33 -11.92
N ARG Z 136 4.09 50.26 -11.76
CA ARG Z 136 5.27 50.09 -12.58
C ARG Z 136 4.95 49.65 -14.01
N LEU Z 137 3.83 48.98 -14.24
CA LEU Z 137 3.47 48.55 -15.58
C LEU Z 137 2.48 49.48 -16.25
N GLY Z 138 2.17 50.62 -15.65
CA GLY Z 138 1.30 51.59 -16.27
C GLY Z 138 -0.14 51.18 -16.38
N MET Z 139 -0.57 50.11 -15.72
CA MET Z 139 -1.95 49.72 -15.78
C MET Z 139 -2.72 50.40 -14.67
N ARG Z 140 -4.04 50.50 -14.86
CA ARG Z 140 -4.90 51.22 -13.91
C ARG Z 140 -4.82 50.56 -12.53
N PRO Z 141 -4.51 51.32 -11.50
CA PRO Z 141 -4.10 50.73 -10.22
C PRO Z 141 -5.22 50.55 -9.19
N TRP Z 142 -6.05 49.52 -9.35
CA TRP Z 142 -7.08 49.25 -8.36
C TRP Z 142 -7.33 47.78 -8.10
N ILE Z 143 -6.39 46.89 -8.44
CA ILE Z 143 -6.61 45.46 -8.25
C ILE Z 143 -6.51 45.09 -6.77
N PHE Z 144 -5.55 45.69 -6.09
CA PHE Z 144 -5.33 45.54 -4.65
C PHE Z 144 -6.51 46.01 -3.80
N VAL Z 145 -7.34 46.92 -4.32
CA VAL Z 145 -8.55 47.28 -3.59
C VAL Z 145 -9.55 46.13 -3.64
N ALA Z 146 -9.50 45.31 -4.68
CA ALA Z 146 -10.31 44.10 -4.64
C ALA Z 146 -9.72 43.08 -3.69
N PHE Z 147 -8.40 43.04 -3.55
CA PHE Z 147 -7.76 42.16 -2.58
C PHE Z 147 -7.92 42.69 -1.16
N SER Z 148 -8.42 43.91 -0.99
CA SER Z 148 -8.73 44.42 0.34
C SER Z 148 -9.82 43.62 1.02
N ALA Z 149 -10.70 42.96 0.27
CA ALA Z 149 -11.78 42.22 0.91
C ALA Z 149 -11.30 40.95 1.62
N PRO Z 150 -10.37 40.14 1.08
CA PRO Z 150 -9.83 39.08 1.93
C PRO Z 150 -8.94 39.57 3.05
N VAL Z 151 -8.26 40.70 2.89
CA VAL Z 151 -7.42 41.22 3.95
C VAL Z 151 -8.29 41.74 5.08
N ALA Z 152 -9.38 42.42 4.72
CA ALA Z 152 -10.40 42.81 5.69
C ALA Z 152 -10.95 41.62 6.42
N ALA Z 153 -11.20 40.54 5.69
CA ALA Z 153 -11.78 39.34 6.29
C ALA Z 153 -10.78 38.66 7.20
N ALA Z 154 -9.53 38.54 6.76
CA ALA Z 154 -8.53 37.85 7.57
C ALA Z 154 -8.14 38.66 8.79
N SER Z 155 -8.02 39.98 8.65
CA SER Z 155 -7.62 40.77 9.80
C SER Z 155 -8.75 40.90 10.82
N ALA Z 156 -10.00 40.77 10.38
CA ALA Z 156 -11.10 40.78 11.34
C ALA Z 156 -11.12 39.51 12.16
N VAL Z 157 -10.65 38.41 11.58
CA VAL Z 157 -10.77 37.10 12.21
C VAL Z 157 -9.54 36.81 13.05
N PHE Z 158 -8.37 37.27 12.63
CA PHE Z 158 -7.13 37.00 13.35
C PHE Z 158 -6.70 38.14 14.26
N LEU Z 159 -7.15 39.37 14.02
CA LEU Z 159 -6.77 40.46 14.91
C LEU Z 159 -7.94 41.06 15.65
N VAL Z 160 -8.95 41.51 14.92
CA VAL Z 160 -9.96 42.38 15.52
C VAL Z 160 -10.89 41.59 16.42
N TYR Z 161 -11.20 40.36 16.04
CA TYR Z 161 -11.98 39.54 16.95
C TYR Z 161 -11.17 39.08 18.16
N PRO Z 162 -9.87 38.81 18.06
CA PRO Z 162 -9.07 38.79 19.31
C PRO Z 162 -9.02 40.11 20.04
N ILE Z 163 -8.99 41.25 19.35
CA ILE Z 163 -8.91 42.53 20.06
C ILE Z 163 -10.21 42.82 20.78
N GLY Z 164 -11.34 42.56 20.14
CA GLY Z 164 -12.61 42.89 20.75
C GLY Z 164 -12.97 41.97 21.91
N GLN Z 165 -12.56 40.71 21.83
CA GLN Z 165 -12.90 39.76 22.86
C GLN Z 165 -11.83 39.64 23.94
N GLY Z 166 -10.68 40.24 23.75
CA GLY Z 166 -9.71 40.40 24.81
C GLY Z 166 -8.53 39.45 24.78
N SER Z 167 -8.51 38.46 23.90
CA SER Z 167 -7.41 37.50 23.92
C SER Z 167 -7.23 36.89 22.55
N PHE Z 168 -5.99 36.48 22.27
CA PHE Z 168 -5.69 35.80 21.01
C PHE Z 168 -6.20 34.38 20.98
N SER Z 169 -6.60 33.82 22.12
CA SER Z 169 -7.20 32.51 22.15
C SER Z 169 -8.55 32.48 21.47
N ASP Z 170 -9.18 33.64 21.30
CA ASP Z 170 -10.42 33.77 20.58
C ASP Z 170 -10.25 33.86 19.08
N GLY Z 171 -9.03 34.01 18.60
CA GLY Z 171 -8.80 34.00 17.18
C GLY Z 171 -9.08 32.64 16.56
N MET Z 172 -9.21 32.64 15.26
CA MET Z 172 -9.47 31.39 14.58
C MET Z 172 -8.20 30.57 14.55
N PRO Z 173 -8.26 29.29 14.93
CA PRO Z 173 -7.07 28.46 14.82
C PRO Z 173 -6.79 28.10 13.37
N LEU Z 174 -5.56 27.70 13.14
CA LEU Z 174 -5.05 27.51 11.80
C LEU Z 174 -5.20 26.05 11.41
N GLY Z 175 -6.42 25.63 11.13
CA GLY Z 175 -6.64 24.26 10.75
C GLY Z 175 -8.07 24.04 10.36
N ILE Z 176 -8.29 22.91 9.67
CA ILE Z 176 -9.56 22.71 8.99
C ILE Z 176 -10.68 22.39 9.97
N SER Z 177 -10.47 21.49 10.92
CA SER Z 177 -11.44 21.33 11.99
C SER Z 177 -11.39 22.48 12.99
N GLY Z 178 -10.29 23.22 13.01
CA GLY Z 178 -10.19 24.34 13.91
C GLY Z 178 -11.08 25.50 13.51
N THR Z 179 -11.18 25.77 12.21
CA THR Z 179 -12.06 26.83 11.75
C THR Z 179 -13.51 26.49 11.99
N PHE Z 180 -13.86 25.20 12.00
CA PHE Z 180 -15.24 24.81 12.25
C PHE Z 180 -15.60 25.02 13.71
N ASN Z 181 -14.64 24.84 14.61
CA ASN Z 181 -14.84 25.21 16.00
C ASN Z 181 -15.02 26.71 16.15
N PHE Z 182 -14.30 27.48 15.33
CA PHE Z 182 -14.43 28.92 15.40
C PHE Z 182 -15.80 29.38 14.93
N MET Z 183 -16.36 28.70 13.94
CA MET Z 183 -17.64 29.13 13.39
C MET Z 183 -18.80 28.80 14.32
N LEU Z 184 -18.73 27.65 14.98
CA LEU Z 184 -19.85 27.22 15.82
C LEU Z 184 -19.93 28.05 17.08
N VAL Z 185 -18.80 28.29 17.73
CA VAL Z 185 -18.77 29.09 18.95
C VAL Z 185 -19.19 30.53 18.65
N PHE Z 186 -18.79 31.03 17.50
CA PHE Z 186 -19.22 32.35 17.07
C PHE Z 186 -20.67 32.33 16.60
N GLN Z 187 -21.26 31.16 16.38
CA GLN Z 187 -22.70 31.16 16.15
C GLN Z 187 -23.44 31.32 17.47
N ALA Z 188 -22.94 30.72 18.53
CA ALA Z 188 -23.67 30.63 19.79
C ALA Z 188 -23.76 31.98 20.49
N GLU Z 189 -22.61 32.58 20.80
CA GLU Z 189 -22.61 33.81 21.55
C GLU Z 189 -23.06 34.97 20.71
N HIS Z 190 -22.91 34.83 19.41
CA HIS Z 190 -22.96 36.01 18.58
C HIS Z 190 -24.14 36.00 17.61
N ASN Z 191 -24.58 34.84 17.13
CA ASN Z 191 -25.69 34.69 16.17
C ASN Z 191 -25.39 35.45 14.88
N ILE Z 192 -24.40 34.92 14.16
CA ILE Z 192 -23.99 35.54 12.91
C ILE Z 192 -24.99 35.30 11.80
N LEU Z 193 -25.80 34.24 11.89
CA LEU Z 193 -26.73 33.96 10.81
C LEU Z 193 -27.83 34.98 10.74
N MET Z 194 -28.21 35.54 11.88
CA MET Z 194 -29.17 36.61 11.94
C MET Z 194 -28.51 37.98 11.92
N HIS Z 195 -27.39 38.12 11.24
CA HIS Z 195 -26.69 39.39 11.11
C HIS Z 195 -26.73 39.81 9.65
N PRO Z 196 -27.31 40.96 9.31
CA PRO Z 196 -27.43 41.32 7.90
C PRO Z 196 -26.13 41.71 7.27
N PHE Z 197 -25.15 42.13 8.07
CA PHE Z 197 -23.82 42.30 7.53
C PHE Z 197 -23.19 40.97 7.16
N HIS Z 198 -23.67 39.87 7.74
CA HIS Z 198 -23.31 38.55 7.25
C HIS Z 198 -24.22 38.11 6.12
N MET Z 199 -25.47 38.56 6.11
CA MET Z 199 -26.38 38.22 5.02
C MET Z 199 -25.96 38.90 3.73
N ALA Z 200 -25.30 40.05 3.83
CA ALA Z 200 -24.93 40.78 2.64
C ALA Z 200 -23.79 40.10 1.92
N GLY Z 201 -22.84 39.55 2.65
CA GLY Z 201 -21.70 38.94 2.00
C GLY Z 201 -21.90 37.51 1.59
N VAL Z 202 -22.83 36.80 2.21
CA VAL Z 202 -23.25 35.53 1.61
C VAL Z 202 -24.07 35.80 0.35
N ALA Z 203 -24.72 36.95 0.24
CA ALA Z 203 -25.23 37.40 -1.04
C ALA Z 203 -24.13 37.91 -1.94
N GLY Z 204 -22.93 38.14 -1.41
CA GLY Z 204 -21.80 38.43 -2.25
C GLY Z 204 -21.00 37.21 -2.63
N VAL Z 205 -21.24 36.08 -1.96
CA VAL Z 205 -20.55 34.84 -2.31
C VAL Z 205 -21.47 33.96 -3.17
N PHE Z 206 -22.76 33.93 -2.87
CA PHE Z 206 -23.71 33.29 -3.77
C PHE Z 206 -23.76 34.02 -5.10
N GLY Z 207 -24.05 35.31 -5.05
CA GLY Z 207 -24.09 36.12 -6.26
C GLY Z 207 -22.73 36.28 -6.90
N GLY Z 208 -21.67 36.14 -6.13
CA GLY Z 208 -20.33 36.15 -6.68
C GLY Z 208 -20.09 34.95 -7.57
N SER Z 209 -20.37 33.77 -7.05
CA SER Z 209 -20.21 32.58 -7.87
C SER Z 209 -21.37 32.36 -8.82
N LEU Z 210 -22.50 33.03 -8.60
CA LEU Z 210 -23.54 33.10 -9.63
C LEU Z 210 -23.01 33.77 -10.88
N PHE Z 211 -22.46 34.96 -10.72
CA PHE Z 211 -22.08 35.77 -11.87
C PHE Z 211 -20.80 35.28 -12.50
N SER Z 212 -19.96 34.60 -11.74
CA SER Z 212 -18.80 33.96 -12.34
C SER Z 212 -19.21 32.81 -13.23
N ALA Z 213 -20.26 32.08 -12.83
CA ALA Z 213 -20.77 31.02 -13.69
C ALA Z 213 -21.52 31.60 -14.88
N MET Z 214 -22.18 32.74 -14.69
CA MET Z 214 -22.90 33.37 -15.80
C MET Z 214 -21.93 33.95 -16.81
N HIS Z 215 -21.01 34.80 -16.36
CA HIS Z 215 -20.07 35.46 -17.26
C HIS Z 215 -19.13 34.46 -17.89
N GLY Z 216 -18.87 33.35 -17.22
CA GLY Z 216 -18.12 32.30 -17.86
C GLY Z 216 -18.92 31.56 -18.91
N SER Z 217 -20.23 31.43 -18.71
CA SER Z 217 -21.03 30.67 -19.66
C SER Z 217 -21.53 31.52 -20.80
N LEU Z 218 -21.56 32.84 -20.65
CA LEU Z 218 -21.96 33.66 -21.78
C LEU Z 218 -20.81 33.91 -22.72
N VAL Z 219 -19.59 33.96 -22.20
CA VAL Z 219 -18.43 34.10 -23.07
C VAL Z 219 -18.14 32.80 -23.80
N THR Z 220 -18.12 31.69 -23.07
CA THR Z 220 -17.78 30.42 -23.72
C THR Z 220 -18.89 29.86 -24.58
N SER Z 221 -20.08 30.45 -24.56
CA SER Z 221 -21.10 30.06 -25.52
C SER Z 221 -20.91 30.77 -26.84
N SER Z 222 -20.54 32.04 -26.81
CA SER Z 222 -20.54 32.88 -27.99
C SER Z 222 -19.20 32.88 -28.71
N LEU Z 223 -18.49 31.77 -28.69
CA LEU Z 223 -17.12 31.73 -29.19
C LEU Z 223 -17.08 31.58 -30.71
N ILE Z 224 -16.13 32.27 -31.33
CA ILE Z 224 -16.03 32.33 -32.80
C ILE Z 224 -15.21 31.16 -33.30
N ARG Z 225 -15.60 30.63 -34.46
CA ARG Z 225 -15.06 29.38 -35.02
C ARG Z 225 -13.63 29.55 -35.50
N GLU Z 226 -12.70 28.89 -34.83
CA GLU Z 226 -11.34 28.81 -35.33
C GLU Z 226 -10.82 27.37 -35.33
N THR Z 227 -11.19 26.60 -34.32
CA THR Z 227 -10.63 25.27 -34.16
C THR Z 227 -11.38 24.25 -35.00
N THR Z 228 -10.92 23.00 -34.92
CA THR Z 228 -11.60 21.89 -35.53
C THR Z 228 -12.32 21.08 -34.46
N GLU Z 229 -12.91 19.97 -34.89
CA GLU Z 229 -13.55 19.05 -33.96
C GLU Z 229 -12.56 18.29 -33.10
N ASN Z 230 -11.29 18.21 -33.52
CA ASN Z 230 -10.32 17.27 -32.98
C ASN Z 230 -9.23 17.96 -32.21
N GLU Z 231 -9.54 19.12 -31.66
CA GLU Z 231 -8.59 20.01 -31.05
C GLU Z 231 -9.35 20.78 -30.00
N SER Z 232 -8.66 21.16 -28.93
CA SER Z 232 -9.32 21.92 -27.88
C SER Z 232 -9.75 23.28 -28.40
N THR Z 233 -10.90 23.75 -27.92
CA THR Z 233 -11.40 25.02 -28.42
C THR Z 233 -10.62 26.20 -27.86
N ASN Z 234 -9.76 25.98 -26.88
CA ASN Z 234 -8.89 27.03 -26.36
C ASN Z 234 -7.80 27.42 -27.32
N TYR Z 235 -7.56 26.65 -28.36
CA TYR Z 235 -6.52 27.02 -29.29
C TYR Z 235 -7.03 27.94 -30.38
N GLY Z 236 -8.31 28.32 -30.31
CA GLY Z 236 -8.83 29.38 -31.14
C GLY Z 236 -8.45 30.75 -30.65
N TYR Z 237 -7.88 30.84 -29.45
CA TYR Z 237 -7.34 32.08 -28.93
C TYR Z 237 -5.82 31.94 -28.85
N LYS Z 238 -5.12 32.56 -29.78
CA LYS Z 238 -3.70 32.75 -29.63
C LYS Z 238 -3.45 33.84 -28.59
N PHE Z 239 -2.27 33.80 -27.98
CA PHE Z 239 -1.99 34.78 -26.95
C PHE Z 239 -1.60 36.12 -27.57
N GLY Z 240 -2.24 37.19 -27.10
CA GLY Z 240 -1.93 38.51 -27.59
C GLY Z 240 -2.59 38.86 -28.90
N GLN Z 241 -3.85 38.51 -29.06
CA GLN Z 241 -4.57 38.81 -30.29
C GLN Z 241 -4.91 40.29 -30.40
N GLU Z 242 -5.53 40.63 -31.53
CA GLU Z 242 -6.14 41.94 -31.73
C GLU Z 242 -7.63 41.84 -32.03
N GLU Z 243 -8.11 40.68 -32.44
CA GLU Z 243 -9.53 40.45 -32.68
C GLU Z 243 -10.14 39.81 -31.45
N GLU Z 244 -11.36 40.23 -31.11
CA GLU Z 244 -12.10 39.60 -30.02
C GLU Z 244 -12.39 38.14 -30.35
N THR Z 245 -12.22 37.30 -29.36
CA THR Z 245 -12.26 35.87 -29.55
C THR Z 245 -13.66 35.31 -29.46
N TYR Z 246 -14.66 36.16 -29.28
CA TYR Z 246 -16.04 35.73 -29.13
C TYR Z 246 -16.95 36.84 -29.66
N ASN Z 247 -18.26 36.61 -29.58
CA ASN Z 247 -19.25 37.55 -30.06
C ASN Z 247 -19.96 38.17 -28.86
N ILE Z 248 -19.79 39.47 -28.68
CA ILE Z 248 -20.54 40.15 -27.64
C ILE Z 248 -22.01 40.24 -28.01
N VAL Z 249 -22.30 40.41 -29.31
CA VAL Z 249 -23.67 40.65 -29.75
C VAL Z 249 -24.51 39.39 -29.62
N ALA Z 250 -23.91 38.21 -29.80
CA ALA Z 250 -24.67 36.99 -29.62
C ALA Z 250 -24.85 36.62 -28.16
N ALA Z 251 -23.88 36.96 -27.30
CA ALA Z 251 -24.03 36.71 -25.88
C ALA Z 251 -25.06 37.64 -25.27
N HIS Z 252 -25.02 38.91 -25.66
CA HIS Z 252 -26.00 39.88 -25.20
C HIS Z 252 -27.38 39.59 -25.76
N GLY Z 253 -27.45 39.15 -27.02
CA GLY Z 253 -28.73 38.80 -27.60
C GLY Z 253 -29.31 37.52 -27.03
N TYR Z 254 -28.44 36.61 -26.59
CA TYR Z 254 -28.88 35.46 -25.82
C TYR Z 254 -29.45 35.90 -24.48
N PHE Z 255 -28.64 36.62 -23.73
CA PHE Z 255 -28.94 36.88 -22.32
C PHE Z 255 -30.02 37.92 -22.16
N GLY Z 256 -30.20 38.78 -23.16
CA GLY Z 256 -31.32 39.71 -23.12
C GLY Z 256 -32.66 39.02 -23.30
N ARG Z 257 -32.71 37.97 -24.10
CA ARG Z 257 -33.93 37.18 -24.17
C ARG Z 257 -34.09 36.25 -22.98
N LEU Z 258 -33.01 36.01 -22.24
CA LEU Z 258 -33.13 35.15 -21.06
C LEU Z 258 -33.91 35.83 -19.96
N ILE Z 259 -33.71 37.12 -19.74
CA ILE Z 259 -34.56 37.81 -18.78
C ILE Z 259 -35.30 38.98 -19.44
N PHE Z 260 -34.59 40.07 -19.72
CA PHE Z 260 -35.17 41.36 -20.08
C PHE Z 260 -34.32 42.01 -21.16
N GLN Z 261 -34.94 42.86 -21.95
CA GLN Z 261 -34.17 43.66 -22.90
C GLN Z 261 -33.42 44.79 -22.21
N TYR Z 262 -34.11 45.59 -21.41
CA TYR Z 262 -33.55 46.83 -20.88
C TYR Z 262 -32.63 46.56 -19.70
N ALA Z 263 -33.01 45.65 -18.82
CA ALA Z 263 -32.03 45.04 -17.94
C ALA Z 263 -31.12 44.14 -18.76
N SER Z 264 -30.09 43.60 -18.10
CA SER Z 264 -29.09 42.70 -18.69
C SER Z 264 -28.35 43.41 -19.83
N PHE Z 265 -27.56 44.41 -19.44
CA PHE Z 265 -27.17 45.55 -20.26
C PHE Z 265 -26.01 45.23 -21.23
N ASN Z 266 -25.70 46.24 -22.06
CA ASN Z 266 -24.83 46.12 -23.22
C ASN Z 266 -23.35 46.12 -22.87
N ASN Z 267 -22.94 47.00 -21.95
CA ASN Z 267 -21.56 47.46 -21.83
C ASN Z 267 -20.70 46.36 -21.23
N SER Z 268 -19.82 45.77 -22.05
CA SER Z 268 -18.86 44.79 -21.57
C SER Z 268 -17.81 45.40 -20.66
N ARG Z 269 -17.64 46.71 -20.69
CA ARG Z 269 -16.73 47.35 -19.77
C ARG Z 269 -17.41 47.68 -18.45
N ALA Z 270 -18.67 48.10 -18.48
CA ALA Z 270 -19.37 48.32 -17.22
C ALA Z 270 -19.77 47.01 -16.55
N LEU Z 271 -19.75 45.91 -17.28
CA LEU Z 271 -20.11 44.62 -16.75
C LEU Z 271 -19.04 44.08 -15.83
N HIS Z 272 -17.78 44.15 -16.25
CA HIS Z 272 -16.69 43.67 -15.42
C HIS Z 272 -16.47 44.54 -14.21
N PHE Z 273 -16.97 45.76 -14.20
CA PHE Z 273 -16.98 46.45 -12.93
C PHE Z 273 -17.98 45.84 -12.00
N PHE Z 274 -19.11 45.39 -12.53
CA PHE Z 274 -20.12 44.77 -11.68
C PHE Z 274 -19.67 43.40 -11.22
N LEU Z 275 -18.79 42.73 -11.98
CA LEU Z 275 -18.13 41.55 -11.46
C LEU Z 275 -17.14 41.92 -10.36
N ALA Z 276 -16.50 43.07 -10.48
CA ALA Z 276 -15.52 43.44 -9.47
C ALA Z 276 -16.19 43.96 -8.21
N LEU Z 277 -17.36 44.59 -8.35
CA LEU Z 277 -18.03 45.19 -7.20
C LEU Z 277 -18.60 44.11 -6.29
N TRP Z 278 -19.41 43.23 -6.85
CA TRP Z 278 -20.39 42.48 -6.06
C TRP Z 278 -19.79 41.45 -5.10
N PRO Z 279 -18.72 40.72 -5.41
CA PRO Z 279 -18.06 39.97 -4.33
C PRO Z 279 -17.31 40.86 -3.36
N VAL Z 280 -16.61 41.87 -3.87
CA VAL Z 280 -15.71 42.65 -3.03
C VAL Z 280 -16.50 43.53 -2.09
N VAL Z 281 -17.62 44.09 -2.55
CA VAL Z 281 -18.47 44.87 -1.65
C VAL Z 281 -19.14 43.95 -0.64
N GLY Z 282 -19.45 42.71 -1.04
CA GLY Z 282 -20.04 41.78 -0.10
C GLY Z 282 -19.10 41.37 1.03
N ILE Z 283 -17.85 41.05 0.68
CA ILE Z 283 -16.88 40.59 1.68
C ILE Z 283 -16.33 41.73 2.53
N TRP Z 284 -16.43 42.97 2.05
CA TRP Z 284 -16.18 44.11 2.94
C TRP Z 284 -17.20 44.15 4.06
N ILE Z 285 -18.43 43.76 3.77
CA ILE Z 285 -19.51 43.92 4.72
C ILE Z 285 -19.46 42.84 5.80
N THR Z 286 -19.14 41.60 5.43
CA THR Z 286 -18.98 40.54 6.43
C THR Z 286 -17.76 40.78 7.28
N ALA Z 287 -16.71 41.37 6.71
CA ALA Z 287 -15.53 41.64 7.49
C ALA Z 287 -15.77 42.74 8.48
N MET Z 288 -16.71 43.63 8.20
CA MET Z 288 -17.26 44.50 9.21
C MET Z 288 -18.36 43.83 9.99
N GLY Z 289 -18.87 42.71 9.52
CA GLY Z 289 -19.84 41.96 10.27
C GLY Z 289 -19.19 41.19 11.39
N ILE Z 290 -18.06 40.54 11.12
CA ILE Z 290 -17.32 39.82 12.15
C ILE Z 290 -16.78 40.78 13.18
N SER Z 291 -16.40 41.96 12.75
CA SER Z 291 -15.61 42.82 13.58
C SER Z 291 -16.41 43.88 14.32
N THR Z 292 -17.68 44.09 13.99
CA THR Z 292 -18.54 44.72 14.98
C THR Z 292 -18.88 43.73 16.07
N MET Z 293 -19.08 42.47 15.74
CA MET Z 293 -19.37 41.48 16.74
C MET Z 293 -18.15 41.04 17.50
N ALA Z 294 -16.97 41.42 17.03
CA ALA Z 294 -15.79 41.47 17.89
C ALA Z 294 -16.07 42.30 19.11
N PHE Z 295 -16.75 43.42 18.93
CA PHE Z 295 -17.12 44.29 20.02
C PHE Z 295 -18.56 44.05 20.47
N ASN Z 296 -19.06 42.83 20.25
CA ASN Z 296 -20.20 42.25 20.93
C ASN Z 296 -21.51 43.00 20.63
N LEU Z 297 -21.72 43.28 19.36
CA LEU Z 297 -22.97 43.86 18.89
C LEU Z 297 -23.59 42.84 17.96
N ASN Z 298 -24.44 41.99 18.51
CA ASN Z 298 -24.79 40.72 17.92
C ASN Z 298 -25.88 40.86 16.86
N GLY Z 299 -26.13 39.78 16.14
CA GLY Z 299 -27.21 39.76 15.18
C GLY Z 299 -28.56 39.68 15.86
N PHE Z 300 -29.61 39.72 15.05
CA PHE Z 300 -30.98 39.94 15.53
C PHE Z 300 -31.47 38.88 16.50
N ASN Z 301 -31.98 39.32 17.63
CA ASN Z 301 -32.48 38.46 18.70
C ASN Z 301 -33.99 38.54 18.68
N PHE Z 302 -34.63 37.58 18.03
CA PHE Z 302 -36.08 37.54 17.92
C PHE Z 302 -36.71 36.52 18.86
N ASN Z 303 -36.05 36.23 19.97
CA ASN Z 303 -36.54 35.23 20.89
C ASN Z 303 -37.71 35.74 21.69
N GLN Z 304 -38.78 34.94 21.71
CA GLN Z 304 -40.01 35.21 22.47
C GLN Z 304 -40.64 36.52 22.05
N SER Z 305 -40.60 36.83 20.75
CA SER Z 305 -41.21 38.06 20.27
C SER Z 305 -42.67 37.84 19.96
N VAL Z 306 -43.03 36.68 19.42
CA VAL Z 306 -44.39 36.40 19.00
C VAL Z 306 -45.17 35.88 20.20
N VAL Z 307 -46.12 36.69 20.65
CA VAL Z 307 -46.86 36.45 21.88
C VAL Z 307 -48.34 36.56 21.56
N ASP Z 308 -49.14 35.63 22.08
CA ASP Z 308 -50.57 35.61 21.81
C ASP Z 308 -51.32 36.61 22.69
N SER Z 309 -52.65 36.50 22.71
CA SER Z 309 -53.46 37.39 23.55
C SER Z 309 -53.25 37.11 25.03
N GLN Z 310 -53.10 35.83 25.37
CA GLN Z 310 -52.95 35.44 26.77
C GLN Z 310 -51.61 35.90 27.34
N GLY Z 311 -50.56 35.87 26.53
CA GLY Z 311 -49.24 36.21 27.00
C GLY Z 311 -48.21 35.14 26.75
N ARG Z 312 -48.62 33.93 26.39
CA ARG Z 312 -47.67 32.85 26.22
C ARG Z 312 -46.86 33.06 24.96
N VAL Z 313 -45.57 32.76 25.07
CA VAL Z 313 -44.66 32.79 23.94
C VAL Z 313 -45.07 31.75 22.91
N ILE Z 314 -45.40 32.22 21.74
CA ILE Z 314 -45.53 31.42 20.54
C ILE Z 314 -44.16 31.35 19.90
N ASN Z 315 -43.73 30.16 19.49
CA ASN Z 315 -42.37 30.01 19.01
C ASN Z 315 -42.27 30.24 17.51
N THR Z 316 -41.11 30.73 17.08
CA THR Z 316 -40.84 30.95 15.67
C THR Z 316 -39.70 30.06 15.22
N TRP Z 317 -39.30 30.25 13.97
CA TRP Z 317 -38.08 29.61 13.50
C TRP Z 317 -36.85 30.22 14.13
N ALA Z 318 -36.95 31.44 14.67
CA ALA Z 318 -35.83 32.05 15.38
C ALA Z 318 -35.57 31.33 16.69
N ASP Z 319 -36.58 30.72 17.29
CA ASP Z 319 -36.40 30.13 18.59
C ASP Z 319 -35.67 28.80 18.52
N ILE Z 320 -35.89 28.02 17.47
CA ILE Z 320 -35.13 26.80 17.31
C ILE Z 320 -33.73 27.13 16.81
N LEU Z 321 -33.58 28.26 16.11
CA LEU Z 321 -32.25 28.79 15.81
C LEU Z 321 -31.50 29.12 17.10
N ASN Z 322 -32.16 29.80 18.04
CA ASN Z 322 -31.48 30.13 19.27
C ASN Z 322 -31.54 29.01 20.27
N ARG Z 323 -32.10 27.87 19.90
CA ARG Z 323 -31.98 26.64 20.66
C ARG Z 323 -30.76 25.84 20.22
N ALA Z 324 -30.29 26.08 18.98
CA ALA Z 324 -28.96 25.62 18.59
C ALA Z 324 -27.90 26.34 19.40
N ASN Z 325 -28.05 27.64 19.54
CA ASN Z 325 -27.05 28.47 20.19
C ASN Z 325 -26.93 28.14 21.66
N LEU Z 326 -28.04 27.74 22.29
CA LEU Z 326 -27.98 27.21 23.65
C LEU Z 326 -27.18 25.91 23.68
N GLY Z 327 -27.30 25.09 22.64
CA GLY Z 327 -26.55 23.85 22.61
C GLY Z 327 -25.07 24.09 22.43
N ILE Z 328 -24.70 25.06 21.61
CA ILE Z 328 -23.28 25.37 21.51
C ILE Z 328 -22.82 26.23 22.67
N GLU Z 329 -23.72 27.00 23.30
CA GLU Z 329 -23.27 27.85 24.41
C GLU Z 329 -22.86 27.02 25.61
N VAL Z 330 -23.68 26.04 26.00
CA VAL Z 330 -23.37 25.29 27.21
C VAL Z 330 -22.21 24.33 27.02
N MET Z 331 -21.70 24.17 25.80
CA MET Z 331 -20.64 23.20 25.55
C MET Z 331 -19.28 23.82 25.30
N HIS Z 332 -19.20 25.02 24.76
CA HIS Z 332 -17.92 25.54 24.32
C HIS Z 332 -17.06 25.88 25.53
N GLU Z 333 -15.90 25.23 25.59
CA GLU Z 333 -14.86 25.45 26.60
C GLU Z 333 -15.43 25.26 27.99
N ARG Z 334 -15.92 24.05 28.21
CA ARG Z 334 -16.97 23.82 29.18
C ARG Z 334 -16.50 23.92 30.62
N ASN Z 335 -15.20 23.93 30.86
CA ASN Z 335 -14.66 24.02 32.19
C ASN Z 335 -13.91 25.31 32.43
N ALA Z 336 -13.70 26.09 31.36
CA ALA Z 336 -13.12 27.41 31.49
C ALA Z 336 -14.08 28.38 32.14
N HIS Z 337 -15.36 28.05 32.18
CA HIS Z 337 -16.38 28.89 32.77
C HIS Z 337 -16.58 28.50 34.23
N ASN Z 338 -16.59 29.49 35.11
CA ASN Z 338 -16.88 29.27 36.51
C ASN Z 338 -18.09 30.06 36.98
N PHE Z 339 -18.67 30.87 36.10
CA PHE Z 339 -19.64 31.89 36.45
C PHE Z 339 -20.72 31.86 35.38
N PRO Z 340 -21.95 32.32 35.68
CA PRO Z 340 -23.09 31.92 34.83
C PRO Z 340 -23.12 32.53 33.45
N LEU Z 341 -22.81 33.82 33.33
CA LEU Z 341 -22.87 34.51 32.06
C LEU Z 341 -21.50 34.48 31.38
N ASP Z 342 -21.53 34.50 30.06
CA ASP Z 342 -20.34 34.37 29.24
C ASP Z 342 -19.98 35.77 28.76
N LEU Z 343 -19.32 36.52 29.63
CA LEU Z 343 -18.94 37.89 29.30
C LEU Z 343 -17.58 37.97 28.64
N ALA Z 344 -16.67 37.07 29.01
CA ALA Z 344 -15.28 37.15 28.59
C ALA Z 344 -15.08 36.79 27.13
N ALA AA 2 -3.40 16.55 -30.50
CA ALA AA 2 -4.61 17.13 -31.07
C ALA AA 2 -5.76 16.99 -30.10
N LEU AA 3 -6.17 15.75 -29.86
CA LEU AA 3 -7.26 15.52 -28.93
C LEU AA 3 -6.78 15.78 -27.51
N PRO AA 4 -7.58 16.41 -26.71
CA PRO AA 4 -7.30 16.49 -25.28
C PRO AA 4 -7.69 15.20 -24.60
N TRP AA 5 -7.44 15.10 -23.30
CA TRP AA 5 -7.68 13.85 -22.61
C TRP AA 5 -9.15 13.56 -22.42
N TYR AA 6 -10.04 14.54 -22.59
CA TYR AA 6 -11.44 14.29 -22.32
C TYR AA 6 -12.23 13.99 -23.58
N ARG AA 7 -11.71 14.34 -24.74
CA ARG AA 7 -12.34 14.05 -26.02
C ARG AA 7 -11.84 12.72 -26.58
N VAL AA 8 -11.06 11.98 -25.80
CA VAL AA 8 -10.16 10.98 -26.32
C VAL AA 8 -10.90 9.77 -26.88
N HIS AA 9 -12.16 9.58 -26.50
CA HIS AA 9 -12.95 8.48 -27.03
C HIS AA 9 -13.85 8.86 -28.17
N THR AA 10 -13.89 10.14 -28.57
CA THR AA 10 -14.77 10.51 -29.67
C THR AA 10 -14.28 10.00 -31.02
N VAL AA 11 -13.06 9.46 -31.07
CA VAL AA 11 -12.50 8.84 -32.26
C VAL AA 11 -13.27 7.61 -32.69
N VAL AA 12 -14.00 6.97 -31.76
CA VAL AA 12 -14.74 5.74 -32.06
C VAL AA 12 -16.18 6.03 -32.47
N LEU AA 13 -16.60 7.31 -32.46
CA LEU AA 13 -17.92 7.67 -32.96
C LEU AA 13 -18.07 7.32 -34.43
N ASN AA 14 -17.09 7.72 -35.24
CA ASN AA 14 -17.24 7.63 -36.68
C ASN AA 14 -17.13 6.20 -37.17
N ASP AA 15 -16.49 5.34 -36.40
CA ASP AA 15 -16.32 3.96 -36.78
C ASP AA 15 -17.27 3.10 -35.99
N PRO AA 16 -18.31 2.55 -36.61
CA PRO AA 16 -19.21 1.68 -35.87
C PRO AA 16 -18.63 0.31 -35.60
N GLY AA 17 -17.65 -0.12 -36.40
CA GLY AA 17 -17.00 -1.39 -36.11
C GLY AA 17 -16.14 -1.32 -34.87
N ARG AA 18 -15.66 -0.14 -34.52
CA ARG AA 18 -14.88 -0.03 -33.29
C ARG AA 18 -15.75 0.20 -32.07
N LEU AA 19 -16.97 0.74 -32.23
CA LEU AA 19 -17.89 0.84 -31.09
C LEU AA 19 -18.17 -0.50 -30.49
N ILE AA 20 -18.41 -1.48 -31.35
CA ILE AA 20 -18.67 -2.83 -30.90
C ILE AA 20 -17.41 -3.42 -30.31
N ALA AA 21 -16.24 -3.07 -30.84
CA ALA AA 21 -14.98 -3.48 -30.24
C ALA AA 21 -14.82 -2.94 -28.84
N VAL AA 22 -15.37 -1.78 -28.59
CA VAL AA 22 -15.16 -1.10 -27.33
C VAL AA 22 -16.22 -1.50 -26.31
N HIS AA 23 -17.47 -1.66 -26.76
CA HIS AA 23 -18.52 -2.19 -25.89
C HIS AA 23 -18.23 -3.62 -25.46
N LEU AA 24 -17.49 -4.38 -26.27
CA LEU AA 24 -17.11 -5.72 -25.85
C LEU AA 24 -15.99 -5.67 -24.83
N MET AA 25 -15.09 -4.73 -24.94
CA MET AA 25 -14.09 -4.57 -23.90
C MET AA 25 -14.73 -4.07 -22.62
N HIS AA 26 -15.78 -3.26 -22.75
CA HIS AA 26 -16.49 -2.80 -21.57
C HIS AA 26 -17.27 -3.93 -20.91
N THR AA 27 -17.97 -4.74 -21.70
CA THR AA 27 -18.72 -5.83 -21.12
C THR AA 27 -17.83 -6.97 -20.63
N ALA AA 28 -16.55 -6.97 -21.02
CA ALA AA 28 -15.61 -7.93 -20.46
C ALA AA 28 -15.06 -7.45 -19.13
N LEU AA 29 -14.92 -6.14 -18.96
CA LEU AA 29 -14.50 -5.62 -17.67
C LEU AA 29 -15.61 -5.72 -16.64
N VAL AA 30 -16.85 -5.52 -17.08
CA VAL AA 30 -17.97 -5.55 -16.15
C VAL AA 30 -18.24 -6.96 -15.67
N ALA AA 31 -18.33 -7.91 -16.60
CA ALA AA 31 -18.56 -9.29 -16.19
C ALA AA 31 -17.32 -9.89 -15.58
N GLY AA 32 -16.16 -9.36 -15.93
CA GLY AA 32 -14.96 -9.75 -15.22
C GLY AA 32 -15.00 -9.32 -13.78
N TRP AA 33 -15.58 -8.16 -13.51
CA TRP AA 33 -15.73 -7.72 -12.14
C TRP AA 33 -16.76 -8.57 -11.41
N ALA AA 34 -17.86 -8.90 -12.08
CA ALA AA 34 -18.93 -9.67 -11.45
C ALA AA 34 -18.47 -11.08 -11.11
N GLY AA 35 -17.53 -11.62 -11.87
CA GLY AA 35 -17.02 -12.92 -11.55
C GLY AA 35 -15.96 -12.85 -10.47
N SER AA 36 -15.10 -11.85 -10.56
CA SER AA 36 -13.98 -11.78 -9.63
C SER AA 36 -14.39 -11.24 -8.28
N MET AA 37 -15.36 -10.32 -8.25
CA MET AA 37 -15.89 -9.89 -6.95
C MET AA 37 -16.68 -10.99 -6.29
N ALA AA 38 -17.40 -11.80 -7.07
CA ALA AA 38 -18.12 -12.91 -6.47
C ALA AA 38 -17.18 -13.99 -5.99
N LEU AA 39 -16.03 -14.18 -6.63
CA LEU AA 39 -15.05 -15.11 -6.09
C LEU AA 39 -14.40 -14.58 -4.83
N TYR AA 40 -14.21 -13.27 -4.76
CA TYR AA 40 -13.66 -12.65 -3.56
C TYR AA 40 -14.61 -12.83 -2.40
N GLU AA 41 -15.90 -12.69 -2.66
CA GLU AA 41 -16.90 -12.82 -1.61
C GLU AA 41 -17.03 -14.24 -1.13
N LEU AA 42 -16.80 -15.22 -2.00
CA LEU AA 42 -16.83 -16.60 -1.54
C LEU AA 42 -15.66 -16.93 -0.65
N ALA AA 43 -14.55 -16.22 -0.77
CA ALA AA 43 -13.44 -16.41 0.16
C ALA AA 43 -13.71 -15.76 1.50
N VAL AA 44 -14.55 -14.73 1.52
CA VAL AA 44 -14.81 -14.01 2.76
C VAL AA 44 -16.00 -14.62 3.50
N PHE AA 45 -16.91 -15.28 2.78
CA PHE AA 45 -18.20 -15.69 3.33
C PHE AA 45 -18.04 -16.80 4.38
N ASP AA 46 -18.88 -16.73 5.41
CA ASP AA 46 -18.90 -17.69 6.51
C ASP AA 46 -20.29 -18.32 6.55
N PRO AA 47 -20.43 -19.57 6.08
CA PRO AA 47 -21.77 -20.18 6.04
C PRO AA 47 -22.22 -20.81 7.33
N SER AA 48 -21.46 -20.66 8.42
CA SER AA 48 -21.69 -21.45 9.61
C SER AA 48 -22.97 -21.05 10.34
N ASP AA 49 -23.38 -19.78 10.22
CA ASP AA 49 -24.56 -19.28 10.90
C ASP AA 49 -25.39 -18.48 9.90
N PRO AA 50 -26.43 -19.07 9.34
CA PRO AA 50 -27.36 -18.26 8.53
C PRO AA 50 -28.37 -17.50 9.36
N VAL AA 51 -28.41 -17.70 10.67
CA VAL AA 51 -29.41 -17.07 11.51
C VAL AA 51 -28.91 -15.71 11.98
N LEU AA 52 -27.82 -15.70 12.75
CA LEU AA 52 -27.29 -14.47 13.29
C LEU AA 52 -26.10 -13.94 12.50
N ASN AA 53 -25.74 -14.59 11.42
CA ASN AA 53 -24.68 -14.09 10.54
C ASN AA 53 -25.11 -14.24 9.07
N PRO AA 54 -26.16 -13.51 8.62
CA PRO AA 54 -26.54 -13.65 7.21
C PRO AA 54 -25.58 -12.99 6.25
N MET AA 55 -25.94 -12.98 4.98
CA MET AA 55 -25.03 -12.45 3.97
C MET AA 55 -24.94 -10.93 4.05
N TRP AA 56 -26.00 -10.27 4.49
CA TRP AA 56 -25.97 -8.83 4.52
C TRP AA 56 -25.22 -8.32 5.72
N ARG AA 57 -25.13 -9.15 6.75
CA ARG AA 57 -24.33 -8.84 7.91
C ARG AA 57 -22.84 -8.86 7.61
N GLN AA 58 -22.42 -9.61 6.60
CA GLN AA 58 -21.01 -9.76 6.26
C GLN AA 58 -20.54 -8.82 5.18
N GLY AA 59 -21.36 -7.86 4.77
CA GLY AA 59 -20.96 -6.97 3.71
C GLY AA 59 -20.92 -7.61 2.34
N MET AA 60 -21.83 -8.54 2.08
CA MET AA 60 -21.92 -9.17 0.77
C MET AA 60 -22.74 -8.29 -0.15
N PHE AA 61 -22.10 -7.80 -1.20
CA PHE AA 61 -22.82 -6.95 -2.14
C PHE AA 61 -23.30 -7.70 -3.34
N VAL AA 62 -22.50 -8.65 -3.84
CA VAL AA 62 -22.84 -9.34 -5.08
C VAL AA 62 -23.73 -10.54 -4.80
N MET AA 63 -23.45 -11.25 -3.71
CA MET AA 63 -24.22 -12.44 -3.34
C MET AA 63 -25.73 -12.28 -3.16
N PRO AA 64 -26.29 -11.18 -2.61
CA PRO AA 64 -27.76 -11.12 -2.56
C PRO AA 64 -28.42 -11.04 -3.92
N PHE AA 65 -27.73 -10.52 -4.91
CA PHE AA 65 -28.29 -10.49 -6.26
C PHE AA 65 -28.24 -11.87 -6.90
N MET AA 66 -27.30 -12.71 -6.46
CA MET AA 66 -27.22 -14.06 -6.98
C MET AA 66 -28.31 -14.94 -6.39
N THR AA 67 -28.58 -14.79 -5.10
CA THR AA 67 -29.52 -15.67 -4.44
C THR AA 67 -30.97 -15.26 -4.67
N ARG AA 68 -31.23 -14.00 -5.04
CA ARG AA 68 -32.62 -13.60 -5.14
C ARG AA 68 -33.27 -14.11 -6.42
N LEU AA 69 -32.49 -14.62 -7.34
CA LEU AA 69 -33.05 -15.23 -8.53
C LEU AA 69 -32.84 -16.74 -8.56
N GLY AA 70 -32.20 -17.31 -7.55
CA GLY AA 70 -32.24 -18.73 -7.36
C GLY AA 70 -30.94 -19.46 -7.11
N ILE AA 71 -29.82 -18.76 -6.93
CA ILE AA 71 -28.56 -19.43 -6.64
C ILE AA 71 -28.49 -19.58 -5.12
N THR AA 72 -28.89 -20.74 -4.61
CA THR AA 72 -28.87 -20.96 -3.18
C THR AA 72 -27.77 -21.88 -2.70
N ASP AA 73 -27.16 -22.65 -3.57
CA ASP AA 73 -26.24 -23.69 -3.15
C ASP AA 73 -24.84 -23.34 -3.60
N SER AA 74 -23.87 -23.92 -2.91
CA SER AA 74 -22.47 -23.74 -3.25
C SER AA 74 -21.77 -25.07 -3.27
N TRP AA 75 -20.63 -25.10 -3.97
CA TRP AA 75 -19.86 -26.32 -4.14
C TRP AA 75 -19.24 -26.80 -2.84
N GLY AA 76 -19.14 -25.95 -1.83
CA GLY AA 76 -18.68 -26.37 -0.52
C GLY AA 76 -19.71 -27.12 0.30
N GLY AA 77 -20.83 -27.49 -0.32
CA GLY AA 77 -21.85 -28.27 0.33
C GLY AA 77 -22.87 -27.48 1.12
N TRP AA 78 -22.56 -26.24 1.46
CA TRP AA 78 -23.46 -25.44 2.26
C TRP AA 78 -24.52 -24.81 1.38
N SER AA 79 -25.75 -24.81 1.88
CA SER AA 79 -26.83 -24.10 1.25
C SER AA 79 -27.08 -22.81 2.00
N ILE AA 80 -27.59 -21.81 1.29
CA ILE AA 80 -27.88 -20.55 1.96
C ILE AA 80 -29.25 -20.61 2.64
N THR AA 81 -30.11 -21.52 2.25
CA THR AA 81 -31.41 -21.68 2.88
C THR AA 81 -31.34 -22.56 4.11
N GLY AA 82 -30.14 -22.84 4.60
CA GLY AA 82 -30.00 -23.70 5.76
C GLY AA 82 -30.23 -25.15 5.47
N GLU AA 83 -29.77 -25.64 4.34
CA GLU AA 83 -29.91 -27.03 3.98
C GLU AA 83 -28.53 -27.65 3.84
N SER AA 84 -28.51 -28.88 3.36
CA SER AA 84 -27.29 -29.55 2.96
C SER AA 84 -27.56 -30.22 1.63
N VAL AA 85 -26.77 -29.87 0.62
CA VAL AA 85 -26.97 -30.39 -0.72
C VAL AA 85 -25.79 -31.25 -1.11
N SER AA 86 -26.07 -32.34 -1.81
CA SER AA 86 -25.01 -33.25 -2.22
C SER AA 86 -24.32 -32.75 -3.49
N ASN AA 87 -25.10 -32.26 -4.44
CA ASN AA 87 -24.59 -31.82 -5.73
C ASN AA 87 -25.38 -30.59 -6.12
N PRO AA 88 -24.77 -29.41 -6.05
CA PRO AA 88 -25.45 -28.21 -6.56
C PRO AA 88 -25.53 -28.15 -8.06
N GLY AA 89 -24.57 -28.75 -8.75
CA GLY AA 89 -24.55 -28.75 -10.19
C GLY AA 89 -23.62 -27.69 -10.75
N ILE AA 90 -23.93 -27.29 -11.98
CA ILE AA 90 -23.16 -26.23 -12.63
C ILE AA 90 -23.42 -24.90 -11.95
N TRP AA 91 -24.68 -24.62 -11.65
CA TRP AA 91 -25.08 -23.30 -11.18
C TRP AA 91 -25.02 -23.25 -9.65
N SER AA 92 -23.87 -22.85 -9.13
CA SER AA 92 -23.70 -22.55 -7.73
C SER AA 92 -23.12 -21.17 -7.64
N PHE AA 93 -22.69 -20.78 -6.44
CA PHE AA 93 -22.03 -19.49 -6.31
C PHE AA 93 -20.69 -19.47 -7.04
N GLU AA 94 -19.99 -20.60 -7.04
CA GLU AA 94 -18.72 -20.65 -7.73
C GLU AA 94 -18.92 -20.79 -9.22
N GLY AA 95 -19.95 -21.52 -9.63
CA GLY AA 95 -20.17 -21.74 -11.05
C GLY AA 95 -20.67 -20.50 -11.76
N VAL AA 96 -21.49 -19.70 -11.07
CA VAL AA 96 -21.92 -18.42 -11.63
C VAL AA 96 -20.74 -17.47 -11.71
N ALA AA 97 -19.92 -17.44 -10.66
CA ALA AA 97 -18.75 -16.58 -10.65
C ALA AA 97 -17.72 -17.01 -11.67
N LEU AA 98 -17.65 -18.31 -11.94
CA LEU AA 98 -16.74 -18.80 -12.97
C LEU AA 98 -17.27 -18.49 -14.35
N SER AA 99 -18.60 -18.51 -14.52
CA SER AA 99 -19.20 -18.28 -15.82
C SER AA 99 -19.00 -16.85 -16.28
N HIS AA 100 -18.88 -15.92 -15.35
CA HIS AA 100 -18.61 -14.54 -15.71
C HIS AA 100 -17.15 -14.31 -16.04
N ILE AA 101 -16.27 -15.20 -15.62
CA ILE AA 101 -14.87 -15.06 -15.97
C ILE AA 101 -14.60 -15.67 -17.34
N ILE AA 102 -15.35 -16.72 -17.68
CA ILE AA 102 -15.36 -17.21 -19.06
C ILE AA 102 -15.88 -16.15 -20.00
N LEU AA 103 -17.03 -15.58 -19.67
CA LEU AA 103 -17.61 -14.51 -20.47
C LEU AA 103 -16.70 -13.30 -20.51
N SER AA 104 -15.95 -13.06 -19.45
CA SER AA 104 -14.97 -11.98 -19.49
C SER AA 104 -13.86 -12.27 -20.45
N GLY AA 105 -13.41 -13.53 -20.52
CA GLY AA 105 -12.34 -13.86 -21.43
C GLY AA 105 -12.80 -13.93 -22.87
N MET AA 106 -14.00 -14.41 -23.11
CA MET AA 106 -14.49 -14.55 -24.47
C MET AA 106 -14.90 -13.21 -25.06
N CYS AA 107 -15.48 -12.33 -24.24
CA CYS AA 107 -15.76 -11.00 -24.73
C CYS AA 107 -14.50 -10.17 -24.89
N PHE AA 108 -13.44 -10.53 -24.16
CA PHE AA 108 -12.15 -9.86 -24.32
C PHE AA 108 -11.56 -10.18 -25.68
N LEU AA 109 -11.60 -11.46 -26.07
CA LEU AA 109 -11.08 -11.86 -27.37
C LEU AA 109 -11.91 -11.32 -28.50
N ALA AA 110 -13.24 -11.30 -28.31
CA ALA AA 110 -14.11 -10.73 -29.33
C ALA AA 110 -13.89 -9.23 -29.48
N ALA AA 111 -13.56 -8.56 -28.38
CA ALA AA 111 -13.24 -7.14 -28.45
C ALA AA 111 -12.00 -6.88 -29.27
N ILE AA 112 -11.04 -7.79 -29.22
CA ILE AA 112 -9.82 -7.63 -30.01
C ILE AA 112 -10.11 -7.89 -31.47
N TRP AA 113 -11.00 -8.82 -31.75
CA TRP AA 113 -11.27 -9.19 -33.12
C TRP AA 113 -11.98 -8.06 -33.87
N HIS AA 114 -12.89 -7.36 -33.21
CA HIS AA 114 -13.53 -6.23 -33.87
C HIS AA 114 -12.62 -5.02 -33.92
N TRP AA 115 -11.70 -4.89 -32.97
CA TRP AA 115 -10.77 -3.76 -33.03
C TRP AA 115 -9.77 -3.95 -34.15
N VAL AA 116 -9.41 -5.18 -34.46
CA VAL AA 116 -8.56 -5.41 -35.62
C VAL AA 116 -9.35 -5.28 -36.90
N TYR AA 117 -10.54 -5.86 -36.95
CA TYR AA 117 -11.35 -5.84 -38.16
C TYR AA 117 -12.45 -4.80 -38.00
N TRP AA 118 -12.10 -3.53 -38.26
CA TRP AA 118 -13.08 -2.47 -38.38
C TRP AA 118 -13.69 -2.41 -39.76
N ASP AA 119 -13.10 -3.09 -40.73
CA ASP AA 119 -13.45 -3.03 -42.14
C ASP AA 119 -14.59 -3.99 -42.46
N LEU AA 120 -15.50 -4.22 -41.54
CA LEU AA 120 -16.65 -5.03 -41.88
C LEU AA 120 -17.54 -4.25 -42.84
N GLU AA 121 -17.93 -4.92 -43.92
CA GLU AA 121 -18.77 -4.32 -44.96
C GLU AA 121 -20.14 -3.96 -44.42
N LEU AA 122 -20.61 -4.71 -43.42
CA LEU AA 122 -21.93 -4.57 -42.82
C LEU AA 122 -22.20 -3.18 -42.28
N PHE AA 123 -21.15 -2.44 -41.93
CA PHE AA 123 -21.28 -1.12 -41.35
C PHE AA 123 -21.29 -0.01 -42.39
N ARG AA 124 -21.38 -0.35 -43.67
CA ARG AA 124 -21.39 0.64 -44.72
C ARG AA 124 -22.82 0.90 -45.19
N ASP AA 125 -23.07 2.15 -45.55
CA ASP AA 125 -24.29 2.53 -46.25
C ASP AA 125 -24.33 1.82 -47.61
N PRO AA 126 -25.49 1.35 -48.05
CA PRO AA 126 -25.62 0.97 -49.47
C PRO AA 126 -25.59 2.17 -50.41
N ARG AA 127 -26.36 3.22 -50.13
CA ARG AA 127 -26.48 4.38 -51.01
C ARG AA 127 -25.16 5.12 -51.17
N THR AA 128 -24.67 5.72 -50.10
CA THR AA 128 -23.35 6.32 -50.10
C THR AA 128 -22.36 5.27 -49.64
N GLY AA 129 -21.08 5.62 -49.59
CA GLY AA 129 -20.08 4.75 -49.05
C GLY AA 129 -19.79 4.97 -47.58
N GLU AA 130 -20.59 5.77 -46.90
CA GLU AA 130 -20.25 6.21 -45.56
C GLU AA 130 -20.44 5.08 -44.56
N PRO AA 131 -19.62 5.03 -43.51
CA PRO AA 131 -19.94 4.15 -42.39
C PRO AA 131 -21.16 4.68 -41.65
N ALA AA 132 -22.17 3.83 -41.51
CA ALA AA 132 -23.45 4.32 -41.07
C ALA AA 132 -24.23 3.23 -40.37
N LEU AA 133 -24.91 3.60 -39.29
CA LEU AA 133 -25.77 2.71 -38.54
C LEU AA 133 -27.19 3.24 -38.57
N ASP AA 134 -28.12 2.44 -39.10
CA ASP AA 134 -29.51 2.85 -39.14
C ASP AA 134 -30.13 2.65 -37.77
N LEU AA 135 -30.03 3.65 -36.94
CA LEU AA 135 -30.54 3.63 -35.57
C LEU AA 135 -32.01 3.30 -35.35
N PRO AA 136 -32.98 3.61 -36.23
CA PRO AA 136 -34.33 3.14 -35.93
C PRO AA 136 -34.57 1.66 -36.23
N LYS AA 137 -33.83 1.06 -37.16
CA LYS AA 137 -33.96 -0.38 -37.33
C LYS AA 137 -33.22 -1.13 -36.24
N ILE AA 138 -32.06 -0.61 -35.83
CA ILE AA 138 -31.27 -1.24 -34.77
C ILE AA 138 -32.04 -1.23 -33.46
N PHE AA 139 -32.71 -0.13 -33.18
CA PHE AA 139 -33.54 -0.05 -31.98
C PHE AA 139 -34.65 -1.07 -32.03
N GLY AA 140 -35.26 -1.23 -33.19
CA GLY AA 140 -36.36 -2.17 -33.30
C GLY AA 140 -35.91 -3.60 -33.17
N ILE AA 141 -34.69 -3.89 -33.61
CA ILE AA 141 -34.10 -5.18 -33.34
C ILE AA 141 -33.95 -5.37 -31.83
N HIS AA 142 -33.19 -4.47 -31.20
CA HIS AA 142 -32.84 -4.59 -29.78
C HIS AA 142 -34.06 -4.56 -28.88
N LEU AA 143 -35.06 -3.76 -29.23
CA LEU AA 143 -36.29 -3.74 -28.44
C LEU AA 143 -37.05 -5.05 -28.57
N PHE AA 144 -36.97 -5.68 -29.74
CA PHE AA 144 -37.64 -6.96 -29.90
C PHE AA 144 -36.96 -8.04 -29.07
N LEU AA 145 -35.63 -8.08 -29.12
CA LEU AA 145 -34.86 -9.06 -28.33
C LEU AA 145 -35.08 -8.88 -26.85
N SER AA 146 -34.97 -7.63 -26.38
CA SER AA 146 -35.07 -7.34 -24.96
C SER AA 146 -36.49 -7.58 -24.46
N GLY AA 147 -37.49 -7.24 -25.27
CA GLY AA 147 -38.85 -7.56 -24.90
C GLY AA 147 -39.13 -9.05 -24.95
N LEU AA 148 -38.47 -9.77 -25.86
CA LEU AA 148 -38.55 -11.22 -25.87
C LEU AA 148 -37.91 -11.79 -24.62
N LEU AA 149 -36.73 -11.29 -24.28
CA LEU AA 149 -35.99 -11.80 -23.14
C LEU AA 149 -36.67 -11.41 -21.83
N CYS AA 150 -37.36 -10.27 -21.80
CA CYS AA 150 -38.13 -9.90 -20.62
C CYS AA 150 -39.34 -10.80 -20.45
N PHE AA 151 -40.01 -11.12 -21.55
CA PHE AA 151 -41.15 -12.03 -21.49
C PHE AA 151 -40.72 -13.41 -21.09
N GLY AA 152 -39.58 -13.86 -21.61
CA GLY AA 152 -39.08 -15.17 -21.24
C GLY AA 152 -38.64 -15.23 -19.79
N PHE AA 153 -38.13 -14.12 -19.28
CA PHE AA 153 -37.74 -14.07 -17.87
C PHE AA 153 -38.95 -14.16 -16.96
N GLY AA 154 -39.97 -13.38 -17.25
CA GLY AA 154 -41.17 -13.43 -16.42
C GLY AA 154 -41.92 -14.73 -16.56
N ALA AA 155 -42.09 -15.20 -17.79
CA ALA AA 155 -42.92 -16.37 -17.99
C ALA AA 155 -42.21 -17.67 -17.63
N PHE AA 156 -40.88 -17.71 -17.80
CA PHE AA 156 -40.21 -18.99 -17.65
C PHE AA 156 -39.26 -19.06 -16.47
N HIS AA 157 -38.87 -17.93 -15.88
CA HIS AA 157 -37.97 -17.97 -14.73
C HIS AA 157 -38.70 -17.63 -13.45
N VAL AA 158 -39.43 -16.51 -13.41
CA VAL AA 158 -40.08 -16.11 -12.16
C VAL AA 158 -41.29 -17.00 -11.88
N THR AA 159 -42.08 -17.31 -12.90
CA THR AA 159 -43.22 -18.20 -12.68
C THR AA 159 -42.77 -19.65 -12.54
N GLY AA 160 -41.51 -19.93 -12.83
CA GLY AA 160 -40.93 -21.21 -12.52
C GLY AA 160 -41.39 -22.33 -13.39
N LEU AA 161 -41.99 -22.04 -14.54
CA LEU AA 161 -42.25 -23.08 -15.54
C LEU AA 161 -40.95 -23.73 -15.96
N PHE AA 162 -40.09 -22.97 -16.61
CA PHE AA 162 -38.77 -23.48 -16.99
C PHE AA 162 -37.71 -23.20 -15.94
N GLY AA 163 -37.79 -22.10 -15.20
CA GLY AA 163 -36.74 -21.73 -14.29
C GLY AA 163 -37.01 -22.08 -12.84
N PRO AA 164 -36.11 -21.66 -11.95
CA PRO AA 164 -36.22 -22.06 -10.54
C PRO AA 164 -37.15 -21.19 -9.73
N GLY AA 165 -37.44 -19.99 -10.17
CA GLY AA 165 -38.28 -19.12 -9.37
C GLY AA 165 -37.58 -17.85 -8.97
N ILE AA 166 -37.91 -17.36 -7.78
CA ILE AA 166 -37.39 -16.10 -7.27
C ILE AA 166 -37.45 -16.22 -5.75
N TRP AA 167 -36.59 -15.47 -5.08
CA TRP AA 167 -36.60 -15.48 -3.63
C TRP AA 167 -37.83 -14.78 -3.12
N VAL AA 168 -38.67 -15.51 -2.41
CA VAL AA 168 -39.89 -14.97 -1.84
C VAL AA 168 -39.87 -15.26 -0.36
N SER AA 169 -39.83 -14.20 0.45
CA SER AA 169 -39.75 -14.33 1.88
C SER AA 169 -41.13 -14.09 2.49
N ASP AA 170 -41.22 -14.24 3.80
CA ASP AA 170 -42.43 -13.90 4.52
C ASP AA 170 -42.39 -12.44 4.95
N ALA AA 171 -43.35 -12.06 5.78
CA ALA AA 171 -43.52 -10.65 6.10
C ALA AA 171 -42.42 -10.14 7.02
N TYR AA 172 -41.81 -11.02 7.80
CA TYR AA 172 -40.87 -10.60 8.82
C TYR AA 172 -39.49 -11.17 8.62
N GLY AA 173 -39.25 -11.84 7.51
CA GLY AA 173 -37.90 -12.28 7.21
C GLY AA 173 -37.41 -13.41 8.07
N ILE AA 174 -38.31 -14.23 8.60
CA ILE AA 174 -37.90 -15.45 9.27
C ILE AA 174 -37.57 -16.52 8.25
N THR AA 175 -38.54 -16.87 7.42
CA THR AA 175 -38.39 -17.88 6.39
C THR AA 175 -38.54 -17.26 5.03
N GLY AA 176 -37.67 -17.67 4.12
CA GLY AA 176 -37.87 -17.40 2.71
C GLY AA 176 -37.24 -18.56 1.96
N LYS AA 177 -37.68 -18.72 0.73
CA LYS AA 177 -37.07 -19.72 -0.13
C LYS AA 177 -37.29 -19.31 -1.58
N VAL AA 178 -36.42 -19.80 -2.45
CA VAL AA 178 -36.59 -19.60 -3.87
C VAL AA 178 -37.71 -20.52 -4.33
N GLN AA 179 -38.73 -19.96 -4.94
CA GLN AA 179 -39.91 -20.72 -5.31
C GLN AA 179 -40.55 -20.04 -6.50
N PRO AA 180 -41.33 -20.77 -7.31
CA PRO AA 180 -42.03 -20.11 -8.41
C PRO AA 180 -43.14 -19.22 -7.88
N VAL AA 181 -43.57 -18.29 -8.73
CA VAL AA 181 -44.57 -17.30 -8.33
C VAL AA 181 -45.64 -17.21 -9.41
N ALA AA 182 -46.89 -17.47 -9.03
CA ALA AA 182 -47.99 -17.18 -9.92
C ALA AA 182 -48.13 -15.68 -10.08
N PRO AA 183 -48.28 -15.18 -11.30
CA PRO AA 183 -48.35 -13.72 -11.49
C PRO AA 183 -49.67 -13.15 -11.00
N ALA AA 184 -49.60 -11.96 -10.43
CA ALA AA 184 -50.76 -11.28 -9.87
C ALA AA 184 -51.19 -10.18 -10.84
N TRP AA 185 -52.36 -10.35 -11.45
CA TRP AA 185 -52.75 -9.52 -12.58
C TRP AA 185 -53.57 -8.30 -12.19
N GLY AA 186 -54.17 -8.30 -11.01
CA GLY AA 186 -55.04 -7.20 -10.61
C GLY AA 186 -54.27 -5.97 -10.17
N ALA AA 187 -54.89 -5.20 -9.28
CA ALA AA 187 -54.19 -4.08 -8.68
C ALA AA 187 -53.13 -4.55 -7.70
N ASP AA 188 -53.26 -5.78 -7.20
CA ASP AA 188 -52.27 -6.44 -6.35
C ASP AA 188 -50.91 -6.55 -7.03
N GLY AA 189 -50.86 -6.55 -8.36
CA GLY AA 189 -49.57 -6.58 -9.02
C GLY AA 189 -48.77 -5.31 -8.83
N PHE AA 190 -49.46 -4.19 -8.69
CA PHE AA 190 -48.79 -2.91 -8.49
C PHE AA 190 -48.48 -2.64 -7.03
N ASN AA 191 -48.92 -3.50 -6.13
CA ASN AA 191 -48.33 -3.58 -4.82
C ASN AA 191 -46.87 -4.02 -5.00
N PRO AA 192 -45.90 -3.19 -4.62
CA PRO AA 192 -44.50 -3.55 -4.81
C PRO AA 192 -44.04 -4.70 -3.94
N PHE AA 193 -44.71 -4.93 -2.82
CA PHE AA 193 -44.33 -5.98 -1.89
C PHE AA 193 -44.96 -7.31 -2.25
N ASN AA 194 -45.69 -7.37 -3.35
CA ASN AA 194 -46.17 -8.62 -3.89
C ASN AA 194 -45.17 -9.10 -4.92
N PRO AA 195 -44.54 -10.25 -4.74
CA PRO AA 195 -43.68 -10.79 -5.81
C PRO AA 195 -44.45 -11.32 -7.00
N GLY AA 196 -45.78 -11.39 -6.93
CA GLY AA 196 -46.58 -11.70 -8.10
C GLY AA 196 -46.61 -10.58 -9.10
N GLY AA 197 -46.38 -9.36 -8.65
CA GLY AA 197 -46.28 -8.26 -9.58
C GLY AA 197 -45.07 -8.37 -10.48
N ILE AA 198 -43.97 -8.92 -9.97
CA ILE AA 198 -42.74 -9.04 -10.73
C ILE AA 198 -42.90 -10.05 -11.86
N ALA AA 199 -43.61 -11.15 -11.59
CA ALA AA 199 -43.95 -12.08 -12.67
C ALA AA 199 -44.89 -11.44 -13.66
N ALA AA 200 -45.94 -10.78 -13.17
CA ALA AA 200 -46.91 -10.18 -14.04
C ALA AA 200 -46.37 -8.95 -14.75
N HIS AA 201 -45.31 -8.34 -14.20
CA HIS AA 201 -44.65 -7.25 -14.91
C HIS AA 201 -43.99 -7.74 -16.17
N HIS AA 202 -43.03 -8.63 -16.03
CA HIS AA 202 -42.16 -8.99 -17.14
C HIS AA 202 -42.89 -9.75 -18.21
N ILE AA 203 -43.98 -10.42 -17.85
CA ILE AA 203 -44.85 -10.96 -18.87
C ILE AA 203 -45.47 -9.81 -19.66
N ALA AA 204 -46.23 -8.94 -19.00
CA ALA AA 204 -46.98 -7.89 -19.70
C ALA AA 204 -46.06 -6.85 -20.31
N ALA AA 205 -45.04 -6.39 -19.58
CA ALA AA 205 -44.10 -5.43 -20.14
C ALA AA 205 -43.25 -6.07 -21.21
N GLY AA 206 -42.97 -7.36 -21.07
CA GLY AA 206 -42.28 -8.07 -22.13
C GLY AA 206 -43.12 -8.26 -23.36
N ILE AA 207 -44.44 -8.40 -23.20
CA ILE AA 207 -45.33 -8.49 -24.36
C ILE AA 207 -45.29 -7.21 -25.17
N PHE AA 208 -45.37 -6.06 -24.49
CA PHE AA 208 -45.27 -4.79 -25.20
C PHE AA 208 -43.88 -4.56 -25.75
N GLY AA 209 -42.86 -5.14 -25.11
CA GLY AA 209 -41.53 -5.08 -25.68
C GLY AA 209 -41.39 -5.91 -26.94
N ILE AA 210 -42.22 -6.93 -27.09
CA ILE AA 210 -42.24 -7.69 -28.33
C ILE AA 210 -42.98 -6.92 -29.41
N PHE AA 211 -44.20 -6.46 -29.11
CA PHE AA 211 -45.02 -5.84 -30.15
C PHE AA 211 -44.62 -4.39 -30.44
N ALA AA 212 -43.82 -3.76 -29.58
CA ALA AA 212 -43.21 -2.50 -30.01
C ALA AA 212 -41.93 -2.75 -30.77
N GLY AA 213 -41.31 -3.90 -30.57
CA GLY AA 213 -40.23 -4.31 -31.45
C GLY AA 213 -40.72 -4.47 -32.86
N ILE AA 214 -41.80 -5.26 -33.03
CA ILE AA 214 -42.42 -5.51 -34.32
C ILE AA 214 -42.89 -4.22 -34.99
N PHE AA 215 -43.31 -3.25 -34.18
CA PHE AA 215 -43.63 -1.93 -34.72
C PHE AA 215 -42.38 -1.25 -35.26
N HIS AA 216 -41.31 -1.21 -34.48
CA HIS AA 216 -40.13 -0.50 -34.94
C HIS AA 216 -39.30 -1.28 -35.95
N LEU AA 217 -39.55 -2.57 -36.12
CA LEU AA 217 -38.90 -3.30 -37.19
C LEU AA 217 -39.44 -2.90 -38.56
N THR AA 218 -40.65 -2.36 -38.61
CA THR AA 218 -41.30 -2.05 -39.88
C THR AA 218 -41.41 -0.55 -40.13
N VAL AA 219 -42.01 0.20 -39.21
CA VAL AA 219 -42.37 1.58 -39.49
C VAL AA 219 -41.14 2.47 -39.41
N ARG AA 220 -40.91 3.23 -40.45
CA ARG AA 220 -39.82 4.19 -40.50
C ARG AA 220 -40.21 5.47 -39.77
N PRO AA 221 -39.25 6.24 -39.26
CA PRO AA 221 -39.59 7.48 -38.57
C PRO AA 221 -40.10 8.53 -39.54
N PRO AA 222 -40.88 9.48 -39.07
CA PRO AA 222 -41.24 10.63 -39.91
C PRO AA 222 -40.07 11.59 -40.07
N GLN AA 223 -40.23 12.52 -41.02
CA GLN AA 223 -39.23 13.58 -41.19
C GLN AA 223 -39.17 14.46 -39.98
N ARG AA 224 -40.32 14.64 -39.32
CA ARG AA 224 -40.40 15.60 -38.24
C ARG AA 224 -39.65 15.12 -37.01
N LEU AA 225 -39.67 13.82 -36.75
CA LEU AA 225 -38.87 13.29 -35.65
C LEU AA 225 -37.43 13.12 -36.06
N TYR AA 226 -37.19 12.65 -37.30
CA TYR AA 226 -35.83 12.35 -37.74
C TYR AA 226 -34.98 13.61 -37.82
N ARG AA 227 -35.60 14.74 -38.15
CA ARG AA 227 -34.86 15.99 -38.17
C ARG AA 227 -34.67 16.53 -36.76
N ALA AA 228 -35.72 16.52 -35.96
CA ALA AA 228 -35.66 17.13 -34.63
C ALA AA 228 -34.82 16.30 -33.69
N LEU AA 229 -35.17 15.03 -33.55
CA LEU AA 229 -34.48 14.15 -32.62
C LEU AA 229 -33.17 13.64 -33.17
N ARG AA 230 -32.87 13.97 -34.43
CA ARG AA 230 -31.59 13.73 -35.09
C ARG AA 230 -31.20 12.26 -35.05
N MET AA 231 -32.06 11.43 -35.63
CA MET AA 231 -31.83 10.00 -35.54
C MET AA 231 -30.72 9.52 -36.46
N GLY AA 232 -30.16 10.37 -37.31
CA GLY AA 232 -28.94 10.03 -38.00
C GLY AA 232 -27.69 10.20 -37.18
N ASN AA 233 -27.83 10.74 -35.97
CA ASN AA 233 -26.74 10.98 -35.04
C ASN AA 233 -26.78 9.91 -33.98
N ILE AA 234 -25.62 9.33 -33.67
CA ILE AA 234 -25.59 8.29 -32.66
C ILE AA 234 -25.58 8.88 -31.26
N GLU AA 235 -25.19 10.13 -31.10
CA GLU AA 235 -25.17 10.68 -29.75
C GLU AA 235 -26.58 10.97 -29.23
N THR AA 236 -27.57 11.10 -30.13
CA THR AA 236 -28.94 11.19 -29.66
C THR AA 236 -29.41 9.89 -29.05
N VAL AA 237 -28.88 8.76 -29.49
CA VAL AA 237 -29.14 7.51 -28.80
C VAL AA 237 -28.53 7.56 -27.41
N LEU AA 238 -27.31 8.10 -27.31
CA LEU AA 238 -26.57 8.09 -26.05
C LEU AA 238 -27.27 8.93 -24.99
N SER AA 239 -27.64 10.17 -25.34
CA SER AA 239 -28.29 11.05 -24.38
C SER AA 239 -29.61 10.48 -23.93
N SER AA 240 -30.44 10.03 -24.87
CA SER AA 240 -31.71 9.42 -24.52
C SER AA 240 -31.54 8.12 -23.78
N SER AA 241 -30.43 7.41 -24.00
CA SER AA 241 -30.19 6.19 -23.24
C SER AA 241 -29.80 6.51 -21.81
N ILE AA 242 -28.99 7.55 -21.59
CA ILE AA 242 -28.62 7.95 -20.24
C ILE AA 242 -29.86 8.29 -19.44
N SER AA 243 -30.79 9.00 -20.07
CA SER AA 243 -32.06 9.36 -19.44
C SER AA 243 -32.86 8.14 -19.04
N ALA AA 244 -32.79 7.06 -19.82
CA ALA AA 244 -33.40 5.84 -19.37
C ALA AA 244 -32.59 5.18 -18.26
N VAL AA 245 -31.27 5.37 -18.26
CA VAL AA 245 -30.44 4.66 -17.31
C VAL AA 245 -30.49 5.32 -15.94
N PHE AA 246 -30.49 6.66 -15.87
CA PHE AA 246 -30.62 7.19 -14.52
C PHE AA 246 -32.07 7.23 -14.04
N PHE AA 247 -33.06 7.26 -14.95
CA PHE AA 247 -34.45 7.03 -14.53
C PHE AA 247 -34.60 5.68 -13.87
N ALA AA 248 -33.93 4.66 -14.40
CA ALA AA 248 -33.97 3.36 -13.78
C ALA AA 248 -33.19 3.34 -12.47
N ALA AA 249 -32.26 4.25 -12.27
CA ALA AA 249 -31.51 4.24 -11.02
C ALA AA 249 -32.25 4.88 -9.88
N PHE AA 250 -33.04 5.92 -10.14
CA PHE AA 250 -33.88 6.46 -9.07
C PHE AA 250 -34.95 5.46 -8.67
N VAL AA 251 -35.35 4.58 -9.57
CA VAL AA 251 -36.35 3.58 -9.24
C VAL AA 251 -35.74 2.46 -8.42
N THR AA 252 -34.56 1.95 -8.81
CA THR AA 252 -33.95 0.88 -8.05
C THR AA 252 -33.43 1.36 -6.71
N SER AA 253 -32.79 2.52 -6.67
CA SER AA 253 -32.31 3.04 -5.40
C SER AA 253 -33.44 3.53 -4.52
N GLY AA 254 -34.61 3.80 -5.08
CA GLY AA 254 -35.75 4.12 -4.27
C GLY AA 254 -36.35 2.87 -3.65
N THR AA 255 -36.61 1.86 -4.47
CA THR AA 255 -37.15 0.61 -3.96
C THR AA 255 -36.11 -0.20 -3.19
N MET AA 256 -34.83 0.16 -3.27
CA MET AA 256 -33.86 -0.39 -2.35
C MET AA 256 -34.07 0.14 -0.95
N TRP AA 257 -34.10 1.46 -0.82
CA TRP AA 257 -34.10 2.11 0.46
C TRP AA 257 -35.42 1.96 1.17
N TYR AA 258 -36.51 1.85 0.42
CA TYR AA 258 -37.83 1.71 1.01
C TYR AA 258 -38.29 0.27 1.06
N GLY AA 259 -37.56 -0.64 0.45
CA GLY AA 259 -37.96 -2.02 0.39
C GLY AA 259 -38.99 -2.28 -0.67
N ALA AA 260 -39.00 -3.52 -1.14
CA ALA AA 260 -39.99 -4.04 -2.08
C ALA AA 260 -39.93 -5.54 -1.97
N ALA AA 261 -40.74 -6.23 -2.79
CA ALA AA 261 -40.60 -7.67 -2.87
C ALA AA 261 -39.36 -8.08 -3.64
N ALA AA 262 -38.82 -7.17 -4.45
CA ALA AA 262 -37.59 -7.43 -5.18
C ALA AA 262 -36.35 -7.33 -4.30
N THR AA 263 -36.44 -6.66 -3.15
CA THR AA 263 -35.31 -6.51 -2.23
C THR AA 263 -35.75 -6.87 -0.83
N PRO AA 264 -35.79 -8.16 -0.50
CA PRO AA 264 -36.38 -8.60 0.77
C PRO AA 264 -35.42 -8.46 1.95
N ILE AA 265 -35.99 -8.70 3.14
CA ILE AA 265 -35.34 -8.30 4.39
C ILE AA 265 -34.13 -9.18 4.69
N GLU AA 266 -34.31 -10.50 4.68
CA GLU AA 266 -33.25 -11.42 5.09
C GLU AA 266 -32.19 -11.62 4.03
N LEU AA 267 -32.18 -10.77 3.03
CA LEU AA 267 -31.28 -10.84 1.90
C LEU AA 267 -30.37 -9.63 1.84
N PHE AA 268 -30.94 -8.44 1.94
CA PHE AA 268 -30.20 -7.20 1.88
C PHE AA 268 -30.10 -6.52 3.22
N GLY AA 269 -30.87 -6.95 4.20
CA GLY AA 269 -30.94 -6.24 5.46
C GLY AA 269 -32.29 -5.58 5.59
N PRO AA 270 -32.70 -5.30 6.82
CA PRO AA 270 -33.96 -4.57 7.02
C PRO AA 270 -33.80 -3.13 6.59
N THR AA 271 -34.92 -2.51 6.25
CA THR AA 271 -34.88 -1.14 5.83
C THR AA 271 -34.68 -0.23 7.03
N ARG AA 272 -34.51 1.05 6.73
CA ARG AA 272 -34.48 2.05 7.79
C ARG AA 272 -35.85 2.17 8.45
N TYR AA 273 -36.91 2.11 7.65
CA TYR AA 273 -38.25 2.41 8.11
C TYR AA 273 -38.87 1.28 8.92
N GLN AA 274 -38.17 0.17 9.06
CA GLN AA 274 -38.60 -0.85 10.00
C GLN AA 274 -38.08 -0.58 11.39
N TRP AA 275 -37.05 0.24 11.55
CA TRP AA 275 -36.69 0.70 12.88
C TRP AA 275 -37.58 1.84 13.35
N ASP AA 276 -38.02 2.69 12.42
CA ASP AA 276 -38.76 3.89 12.76
C ASP AA 276 -40.10 3.55 13.41
N SER AA 277 -40.92 2.77 12.70
CA SER AA 277 -42.22 2.39 13.23
C SER AA 277 -42.13 1.34 14.33
N GLY AA 278 -40.95 0.76 14.55
CA GLY AA 278 -40.84 -0.39 15.43
C GLY AA 278 -41.54 -1.56 14.79
N TYR AA 279 -41.12 -1.90 13.59
CA TYR AA 279 -41.85 -2.88 12.79
C TYR AA 279 -41.71 -4.27 13.36
N PHE AA 280 -40.57 -4.57 13.98
CA PHE AA 280 -40.39 -5.88 14.54
C PHE AA 280 -40.80 -5.96 16.00
N GLN AA 281 -40.79 -4.83 16.72
CA GLN AA 281 -41.33 -4.78 18.08
C GLN AA 281 -42.77 -5.25 18.11
N GLN AA 282 -43.59 -4.70 17.21
CA GLN AA 282 -45.00 -5.07 17.13
C GLN AA 282 -45.17 -6.53 16.75
N GLU AA 283 -44.18 -7.12 16.09
CA GLU AA 283 -44.23 -8.55 15.83
C GLU AA 283 -43.72 -9.36 17.01
N ILE AA 284 -42.72 -8.84 17.74
CA ILE AA 284 -42.31 -9.48 18.99
C ILE AA 284 -43.48 -9.53 19.95
N GLU AA 285 -44.09 -8.38 20.19
CA GLU AA 285 -45.08 -8.27 21.24
C GLU AA 285 -46.36 -9.00 20.89
N ARG AA 286 -46.70 -9.07 19.60
CA ARG AA 286 -47.88 -9.83 19.20
C ARG AA 286 -47.66 -11.32 19.41
N GLN AA 287 -46.47 -11.82 19.11
CA GLN AA 287 -46.20 -13.24 19.32
C GLN AA 287 -46.05 -13.57 20.80
N VAL AA 288 -45.75 -12.58 21.63
CA VAL AA 288 -45.74 -12.82 23.06
C VAL AA 288 -47.17 -12.83 23.60
N GLU AA 289 -48.02 -11.93 23.09
CA GLU AA 289 -49.39 -11.86 23.57
C GLU AA 289 -50.20 -13.07 23.16
N THR AA 290 -49.95 -13.61 21.97
CA THR AA 290 -50.62 -14.85 21.60
C THR AA 290 -50.00 -16.06 22.27
N SER AA 291 -48.84 -15.90 22.92
CA SER AA 291 -48.31 -17.00 23.72
C SER AA 291 -48.81 -16.93 25.15
N VAL AA 292 -48.96 -15.73 25.72
CA VAL AA 292 -49.53 -15.65 27.06
C VAL AA 292 -51.04 -15.81 27.04
N SER AA 293 -51.69 -15.59 25.90
CA SER AA 293 -53.11 -15.91 25.80
C SER AA 293 -53.33 -17.40 25.62
N GLU AA 294 -52.32 -18.13 25.18
CA GLU AA 294 -52.34 -19.58 25.17
C GLU AA 294 -52.24 -20.15 26.59
N GLY AA 295 -51.80 -19.35 27.56
CA GLY AA 295 -51.73 -19.75 28.94
C GLY AA 295 -50.34 -19.80 29.49
N LEU AA 296 -49.34 -19.44 28.68
CA LEU AA 296 -47.95 -19.60 29.08
C LEU AA 296 -47.54 -18.49 30.04
N SER AA 297 -46.67 -18.85 30.98
CA SER AA 297 -46.02 -17.83 31.79
C SER AA 297 -44.99 -17.09 30.94
N GLU AA 298 -44.46 -16.02 31.52
CA GLU AA 298 -43.74 -15.02 30.74
C GLU AA 298 -42.37 -15.51 30.28
N SER AA 299 -41.65 -16.24 31.14
CA SER AA 299 -40.27 -16.58 30.85
C SER AA 299 -40.14 -17.61 29.74
N GLN AA 300 -41.19 -18.34 29.44
CA GLN AA 300 -41.22 -19.20 28.27
C GLN AA 300 -42.12 -18.64 27.18
N ALA AA 301 -42.73 -17.48 27.43
CA ALA AA 301 -43.39 -16.75 26.36
C ALA AA 301 -42.38 -16.02 25.51
N TRP AA 302 -41.32 -15.50 26.12
CA TRP AA 302 -40.28 -14.80 25.37
C TRP AA 302 -39.30 -15.76 24.72
N SER AA 303 -39.15 -16.96 25.26
CA SER AA 303 -38.20 -17.90 24.68
C SER AA 303 -38.71 -18.55 23.40
N ARG AA 304 -39.98 -18.41 23.07
CA ARG AA 304 -40.50 -18.92 21.81
C ARG AA 304 -40.27 -17.97 20.65
N ILE AA 305 -39.83 -16.75 20.93
CA ILE AA 305 -39.51 -15.78 19.87
C ILE AA 305 -38.26 -16.27 19.13
N PRO AA 306 -38.27 -16.30 17.80
CA PRO AA 306 -37.07 -16.72 17.08
C PRO AA 306 -35.97 -15.70 17.22
N ASP AA 307 -34.74 -16.19 17.23
CA ASP AA 307 -33.57 -15.34 17.41
C ASP AA 307 -33.38 -14.41 16.21
N LYS AA 308 -33.67 -14.91 15.00
CA LYS AA 308 -33.48 -14.10 13.80
C LYS AA 308 -34.43 -12.90 13.80
N LEU AA 309 -35.64 -13.08 14.33
CA LEU AA 309 -36.55 -11.95 14.45
C LEU AA 309 -36.06 -10.94 15.47
N ALA AA 310 -35.41 -11.41 16.54
CA ALA AA 310 -34.86 -10.45 17.51
C ALA AA 310 -33.65 -9.74 16.94
N PHE AA 311 -32.95 -10.37 15.99
CA PHE AA 311 -31.81 -9.74 15.34
C PHE AA 311 -32.23 -8.56 14.49
N TYR AA 312 -33.45 -8.57 14.00
CA TYR AA 312 -33.90 -7.52 13.10
C TYR AA 312 -34.30 -6.27 13.86
N ASP AA 313 -34.67 -6.39 15.13
CA ASP AA 313 -35.03 -5.26 15.95
C ASP AA 313 -33.77 -4.84 16.69
N TYR AA 314 -32.89 -4.16 15.98
CA TYR AA 314 -31.55 -3.86 16.47
C TYR AA 314 -31.00 -2.70 15.66
N ILE AA 315 -30.25 -1.82 16.31
CA ILE AA 315 -29.87 -0.59 15.62
C ILE AA 315 -28.69 -0.82 14.68
N GLY AA 316 -27.74 -1.66 15.07
CA GLY AA 316 -26.63 -1.95 14.17
C GLY AA 316 -26.98 -2.74 12.91
N ASN AA 317 -28.26 -3.06 12.74
CA ASN AA 317 -28.79 -3.61 11.53
C ASN AA 317 -29.58 -2.58 10.72
N ASN AA 318 -29.39 -1.30 11.00
CA ASN AA 318 -29.98 -0.30 10.13
C ASN AA 318 -29.04 0.02 8.97
N PRO AA 319 -29.60 0.30 7.79
CA PRO AA 319 -28.78 0.89 6.74
C PRO AA 319 -28.34 2.30 7.07
N ALA AA 320 -29.15 3.02 7.83
CA ALA AA 320 -28.89 4.42 8.13
C ALA AA 320 -28.09 4.61 9.38
N LYS AA 321 -27.39 3.59 9.83
CA LYS AA 321 -26.72 3.72 11.11
C LYS AA 321 -25.24 4.02 10.93
N GLY AA 322 -24.64 3.52 9.86
CA GLY AA 322 -23.22 3.69 9.67
C GLY AA 322 -22.85 5.04 9.09
N GLY AA 323 -21.68 5.07 8.48
CA GLY AA 323 -21.16 6.28 7.88
C GLY AA 323 -20.42 5.95 6.61
N LEU AA 324 -19.91 7.00 5.96
CA LEU AA 324 -19.25 6.84 4.67
C LEU AA 324 -17.96 6.06 4.82
N PHE AA 325 -17.06 6.58 5.62
CA PHE AA 325 -15.69 6.13 5.63
C PHE AA 325 -15.47 5.04 6.67
N ARG AA 326 -16.54 4.52 7.22
CA ARG AA 326 -16.54 3.21 7.85
C ARG AA 326 -16.63 2.17 6.75
N ALA AA 327 -15.51 1.54 6.46
CA ALA AA 327 -15.45 0.62 5.35
C ALA AA 327 -15.54 -0.81 5.86
N GLY AA 328 -16.26 -1.64 5.12
CA GLY AA 328 -16.25 -3.05 5.36
C GLY AA 328 -17.57 -3.57 5.87
N PRO AA 329 -17.55 -4.80 6.37
CA PRO AA 329 -18.78 -5.46 6.81
C PRO AA 329 -19.30 -4.85 8.10
N MET AA 330 -20.53 -5.25 8.44
CA MET AA 330 -21.10 -4.85 9.72
C MET AA 330 -20.41 -5.52 10.87
N ASN AA 331 -19.83 -6.68 10.62
CA ASN AA 331 -19.18 -7.41 11.69
C ASN AA 331 -17.86 -6.75 12.08
N LYS AA 332 -17.33 -5.87 11.23
CA LYS AA 332 -16.25 -5.00 11.67
C LYS AA 332 -16.78 -3.81 12.45
N GLY AA 333 -18.10 -3.65 12.50
CA GLY AA 333 -18.69 -2.64 13.34
C GLY AA 333 -18.79 -2.99 14.81
N ASP AA 334 -19.41 -4.11 15.12
CA ASP AA 334 -19.63 -4.50 16.50
C ASP AA 334 -19.27 -5.95 16.80
N GLY AA 335 -18.99 -6.75 15.78
CA GLY AA 335 -18.61 -8.12 15.97
C GLY AA 335 -19.63 -9.09 15.39
N ILE AA 336 -19.24 -10.37 15.40
CA ILE AA 336 -20.12 -11.47 15.03
C ILE AA 336 -21.14 -11.67 16.14
N ALA AA 337 -22.42 -11.77 15.78
CA ALA AA 337 -23.44 -12.05 16.78
C ALA AA 337 -23.37 -13.51 17.21
N GLU AA 338 -23.43 -13.74 18.53
CA GLU AA 338 -23.37 -15.10 19.08
C GLU AA 338 -24.75 -15.62 19.48
N ALA AA 339 -25.44 -14.91 20.37
CA ALA AA 339 -26.70 -15.39 20.91
C ALA AA 339 -27.46 -14.24 21.55
N TRP AA 340 -28.78 -14.36 21.56
CA TRP AA 340 -29.63 -13.38 22.21
C TRP AA 340 -29.46 -13.50 23.72
N LEU AA 341 -29.27 -12.37 24.38
CA LEU AA 341 -29.13 -12.40 25.83
C LEU AA 341 -30.49 -12.61 26.49
N GLY AA 342 -31.40 -11.68 26.28
CA GLY AA 342 -32.70 -11.76 26.92
C GLY AA 342 -33.42 -10.44 26.77
N HIS AA 343 -34.71 -10.49 27.07
CA HIS AA 343 -35.53 -9.30 26.94
C HIS AA 343 -35.62 -8.63 28.29
N PRO AA 344 -35.05 -7.45 28.46
CA PRO AA 344 -35.11 -6.81 29.77
C PRO AA 344 -36.50 -6.24 30.04
N ILE AA 345 -36.94 -6.43 31.28
CA ILE AA 345 -38.12 -5.75 31.81
C ILE AA 345 -37.67 -5.00 33.04
N PHE AA 346 -37.89 -3.70 33.07
CA PHE AA 346 -37.38 -2.84 34.13
C PHE AA 346 -38.53 -2.45 35.03
N ARG AA 347 -38.42 -2.79 36.31
CA ARG AA 347 -39.48 -2.53 37.26
C ARG AA 347 -39.01 -1.55 38.33
N ASP AA 348 -39.94 -0.70 38.77
CA ASP AA 348 -39.68 0.21 39.86
C ASP AA 348 -40.09 -0.43 41.19
N LYS AA 349 -40.16 0.38 42.25
CA LYS AA 349 -40.55 -0.14 43.55
C LYS AA 349 -42.04 -0.41 43.64
N GLU AA 350 -42.84 0.14 42.74
CA GLU AA 350 -44.27 -0.13 42.70
C GLU AA 350 -44.64 -1.27 41.78
N GLY AA 351 -43.66 -1.98 41.24
CA GLY AA 351 -43.96 -3.10 40.36
C GLY AA 351 -44.51 -2.69 39.01
N ARG AA 352 -44.27 -1.46 38.58
CA ARG AA 352 -44.64 -1.03 37.24
C ARG AA 352 -43.59 -1.50 36.26
N GLU AA 353 -43.77 -1.14 34.99
CA GLU AA 353 -42.89 -1.60 33.92
C GLU AA 353 -42.28 -0.38 33.26
N LEU AA 354 -40.97 -0.41 33.07
CA LEU AA 354 -40.25 0.68 32.45
C LEU AA 354 -39.59 0.17 31.19
N THR AA 355 -39.76 0.92 30.11
CA THR AA 355 -39.07 0.65 28.86
C THR AA 355 -38.12 1.80 28.60
N VAL AA 356 -36.85 1.47 28.30
CA VAL AA 356 -35.93 2.52 27.87
C VAL AA 356 -36.37 2.99 26.50
N ARG AA 357 -36.62 4.30 26.39
CA ARG AA 357 -36.96 4.90 25.11
C ARG AA 357 -35.82 4.72 24.13
N ARG AA 358 -36.11 4.02 23.04
CA ARG AA 358 -35.06 3.68 22.09
C ARG AA 358 -34.64 4.90 21.30
N MET AA 359 -33.52 4.79 20.70
CA MET AA 359 -32.91 5.92 20.04
C MET AA 359 -33.40 6.01 18.59
N PRO AA 360 -33.65 7.21 18.08
CA PRO AA 360 -33.88 7.36 16.64
C PRO AA 360 -32.63 7.09 15.84
N ALA AA 361 -32.78 6.99 14.53
CA ALA AA 361 -31.62 6.73 13.70
C ALA AA 361 -30.77 7.97 13.46
N PHE AA 362 -31.25 9.16 13.83
CA PHE AA 362 -30.45 10.36 13.66
C PHE AA 362 -29.29 10.37 14.64
N PHE AA 363 -29.60 10.13 15.90
CA PHE AA 363 -28.66 10.40 16.96
C PHE AA 363 -27.58 9.36 16.96
N GLU AA 364 -26.33 9.81 16.92
CA GLU AA 364 -25.27 8.89 17.29
C GLU AA 364 -25.33 8.61 18.78
N THR AA 365 -25.72 9.59 19.59
CA THR AA 365 -25.90 9.42 21.03
C THR AA 365 -27.20 10.07 21.47
N PHE AA 366 -27.99 9.32 22.23
CA PHE AA 366 -29.24 9.70 22.87
C PHE AA 366 -29.01 9.27 24.31
N PRO AA 367 -29.55 9.98 25.26
CA PRO AA 367 -29.37 9.55 26.65
C PRO AA 367 -30.20 8.34 27.03
N VAL AA 368 -30.08 7.92 28.28
CA VAL AA 368 -30.85 6.80 28.79
C VAL AA 368 -32.02 7.37 29.57
N ILE AA 369 -33.23 7.07 29.10
CA ILE AA 369 -34.46 7.59 29.68
C ILE AA 369 -35.41 6.42 29.85
N LEU AA 370 -35.90 6.20 31.07
CA LEU AA 370 -36.72 5.04 31.37
C LEU AA 370 -38.16 5.52 31.55
N VAL AA 371 -39.01 5.22 30.59
CA VAL AA 371 -40.39 5.65 30.63
C VAL AA 371 -41.30 4.44 30.79
N ASP AA 372 -42.48 4.69 31.33
CA ASP AA 372 -43.46 3.67 31.66
C ASP AA 372 -44.41 3.46 30.49
N LYS AA 373 -45.59 2.90 30.77
CA LYS AA 373 -46.58 2.64 29.72
C LYS AA 373 -47.14 3.91 29.10
N ASP AA 374 -47.35 4.97 29.89
CA ASP AA 374 -47.87 6.20 29.29
C ASP AA 374 -46.78 7.22 28.97
N GLY AA 375 -45.53 6.80 28.86
CA GLY AA 375 -44.47 7.67 28.40
C GLY AA 375 -44.06 8.78 29.34
N ILE AA 376 -44.13 8.58 30.65
CA ILE AA 376 -43.68 9.55 31.63
C ILE AA 376 -42.41 9.00 32.27
N ILE AA 377 -41.45 9.88 32.51
CA ILE AA 377 -40.11 9.46 32.91
C ILE AA 377 -40.12 9.08 34.38
N ARG AA 378 -39.95 7.79 34.66
CA ARG AA 378 -39.71 7.41 36.03
C ARG AA 378 -38.24 7.40 36.37
N ALA AA 379 -37.36 7.24 35.39
CA ALA AA 379 -35.94 7.10 35.69
C ALA AA 379 -35.12 7.52 34.50
N ASP AA 380 -33.83 7.76 34.74
CA ASP AA 380 -32.89 8.13 33.70
C ASP AA 380 -31.48 7.75 34.15
N ILE AA 381 -30.48 8.19 33.41
CA ILE AA 381 -29.12 8.24 33.92
C ILE AA 381 -28.66 9.69 33.83
N PRO AA 382 -28.31 10.33 34.94
CA PRO AA 382 -28.05 11.77 34.91
C PRO AA 382 -26.70 12.08 34.29
N PHE AA 383 -26.64 13.19 33.58
CA PHE AA 383 -25.35 13.76 33.20
C PHE AA 383 -24.77 14.56 34.36
N ARG AA 384 -25.48 15.57 34.82
CA ARG AA 384 -25.17 16.21 36.09
C ARG AA 384 -25.75 15.35 37.20
N ARG AA 385 -24.89 14.77 38.03
CA ARG AA 385 -25.32 13.83 39.06
C ARG AA 385 -25.59 14.48 40.40
N ALA AA 386 -25.63 15.80 40.47
CA ALA AA 386 -25.75 16.44 41.78
C ALA AA 386 -27.19 16.47 42.26
N GLU AA 387 -28.08 17.16 41.56
CA GLU AA 387 -29.45 17.30 42.05
C GLU AA 387 -30.44 16.43 41.31
N SER AA 388 -30.01 15.28 40.81
CA SER AA 388 -30.86 14.48 39.95
C SER AA 388 -31.92 13.76 40.76
N LYS AA 389 -33.16 13.86 40.29
CA LYS AA 389 -34.31 13.29 40.97
C LYS AA 389 -34.61 11.89 40.46
N TYR AA 390 -34.20 11.58 39.24
CA TYR AA 390 -34.67 10.38 38.58
C TYR AA 390 -33.57 9.36 38.37
N SER AA 391 -32.47 9.46 39.11
CA SER AA 391 -31.38 8.51 38.96
C SER AA 391 -31.85 7.12 39.39
N ILE AA 392 -31.22 6.11 38.79
CA ILE AA 392 -31.64 4.72 39.01
C ILE AA 392 -31.37 4.29 40.44
N GLU AA 393 -30.30 4.82 41.05
CA GLU AA 393 -30.04 4.53 42.45
C GLU AA 393 -31.03 5.20 43.38
N GLN AA 394 -31.75 6.22 42.92
CA GLN AA 394 -32.78 6.81 43.74
C GLN AA 394 -34.12 6.10 43.53
N VAL AA 395 -34.50 5.90 42.28
CA VAL AA 395 -35.77 5.24 41.98
C VAL AA 395 -35.70 3.75 42.29
N GLY AA 396 -34.52 3.14 42.22
CA GLY AA 396 -34.41 1.74 42.58
C GLY AA 396 -35.02 0.86 41.52
N VAL AA 397 -34.58 1.04 40.30
CA VAL AA 397 -35.09 0.27 39.18
C VAL AA 397 -34.44 -1.10 39.18
N THR AA 398 -35.25 -2.14 39.06
CA THR AA 398 -34.74 -3.50 39.05
C THR AA 398 -34.95 -4.12 37.68
N VAL AA 399 -34.08 -5.04 37.35
CA VAL AA 399 -33.98 -5.63 36.03
C VAL AA 399 -34.39 -7.09 36.14
N ASP AA 400 -35.23 -7.56 35.23
CA ASP AA 400 -35.50 -8.99 35.14
C ASP AA 400 -35.62 -9.39 33.69
N PHE AA 401 -34.83 -10.38 33.29
CA PHE AA 401 -34.77 -10.81 31.91
C PHE AA 401 -35.74 -11.94 31.66
N TYR AA 402 -35.98 -12.19 30.38
CA TYR AA 402 -36.89 -13.25 29.97
C TYR AA 402 -36.40 -13.82 28.66
N GLY AA 403 -35.99 -15.09 28.68
CA GLY AA 403 -35.53 -15.78 27.50
C GLY AA 403 -34.03 -15.63 27.30
N GLY AA 404 -33.54 -16.36 26.32
CA GLY AA 404 -32.17 -16.30 25.90
C GLY AA 404 -31.25 -16.95 26.89
N LYS AA 405 -29.97 -16.61 26.76
CA LYS AA 405 -28.99 -17.19 27.66
C LYS AA 405 -29.03 -16.58 29.04
N LEU AA 406 -29.70 -15.45 29.21
CA LEU AA 406 -29.83 -14.81 30.50
C LEU AA 406 -31.23 -14.89 31.06
N ASN AA 407 -31.95 -15.98 30.75
CA ASN AA 407 -33.35 -16.14 31.15
C ASN AA 407 -33.49 -16.20 32.66
N GLY AA 408 -34.48 -15.44 33.17
CA GLY AA 408 -34.91 -15.47 34.54
C GLY AA 408 -33.84 -15.13 35.56
N GLN AA 409 -33.18 -13.99 35.38
CA GLN AA 409 -32.13 -13.55 36.29
C GLN AA 409 -32.43 -12.11 36.70
N THR AA 410 -32.82 -11.92 37.96
CA THR AA 410 -33.00 -10.58 38.46
C THR AA 410 -31.65 -9.89 38.62
N PHE AA 411 -31.68 -8.57 38.56
CA PHE AA 411 -30.53 -7.74 38.85
C PHE AA 411 -31.03 -6.54 39.62
N LYS AA 412 -30.79 -6.53 40.93
CA LYS AA 412 -31.06 -5.38 41.76
C LYS AA 412 -29.80 -4.57 42.02
N ASP AA 413 -28.68 -5.03 41.47
CA ASP AA 413 -27.40 -4.36 41.58
C ASP AA 413 -27.41 -3.09 40.73
N ALA AA 414 -27.37 -1.93 41.38
CA ALA AA 414 -27.55 -0.65 40.70
C ALA AA 414 -26.57 -0.31 39.59
N PRO AA 415 -25.26 -0.66 39.63
CA PRO AA 415 -24.46 -0.51 38.41
C PRO AA 415 -24.93 -1.34 37.24
N THR AA 416 -25.21 -2.61 37.48
CA THR AA 416 -25.58 -3.50 36.39
C THR AA 416 -26.96 -3.15 35.86
N VAL AA 417 -27.83 -2.58 36.69
CA VAL AA 417 -29.09 -2.04 36.18
C VAL AA 417 -28.80 -0.92 35.19
N LYS AA 418 -27.82 -0.07 35.50
CA LYS AA 418 -27.44 1.00 34.59
C LYS AA 418 -26.76 0.46 33.34
N LYS AA 419 -25.96 -0.59 33.48
CA LYS AA 419 -25.26 -1.17 32.33
C LYS AA 419 -26.24 -1.77 31.34
N PHE AA 420 -27.20 -2.55 31.83
CA PHE AA 420 -28.22 -3.08 30.95
C PHE AA 420 -29.25 -2.03 30.54
N ALA AA 421 -29.27 -0.86 31.19
CA ALA AA 421 -30.12 0.22 30.71
C ALA AA 421 -29.52 0.89 29.50
N ARG AA 422 -28.19 0.94 29.43
CA ARG AA 422 -27.52 1.51 28.29
C ARG AA 422 -27.54 0.55 27.11
N LYS AA 423 -27.41 -0.75 27.39
CA LYS AA 423 -27.52 -1.74 26.34
C LYS AA 423 -28.93 -1.79 25.78
N ALA AA 424 -29.95 -1.73 26.64
CA ALA AA 424 -31.33 -1.85 26.16
C ALA AA 424 -31.82 -0.61 25.44
N GLN AA 425 -31.05 0.48 25.48
CA GLN AA 425 -31.41 1.65 24.70
C GLN AA 425 -31.33 1.38 23.22
N LEU AA 426 -30.32 0.64 22.79
CA LEU AA 426 -30.15 0.27 21.40
C LEU AA 426 -30.52 -1.19 21.23
N GLY AA 427 -31.46 -1.46 20.35
CA GLY AA 427 -31.66 -2.81 19.90
C GLY AA 427 -32.19 -3.82 20.90
N GLU AA 428 -32.37 -5.05 20.44
CA GLU AA 428 -32.40 -6.18 21.34
C GLU AA 428 -30.97 -6.56 21.64
N VAL AA 429 -30.66 -6.74 22.91
CA VAL AA 429 -29.28 -6.83 23.33
C VAL AA 429 -28.77 -8.24 23.11
N PHE AA 430 -27.68 -8.38 22.37
CA PHE AA 430 -27.03 -9.66 22.13
C PHE AA 430 -25.68 -9.68 22.80
N GLU AA 431 -25.00 -10.80 22.65
CA GLU AA 431 -23.59 -10.93 23.00
C GLU AA 431 -22.81 -11.19 21.72
N PHE AA 432 -21.70 -10.48 21.55
CA PHE AA 432 -20.98 -10.50 20.29
C PHE AA 432 -19.60 -11.13 20.47
N ASP AA 433 -18.86 -11.16 19.37
CA ASP AA 433 -17.46 -11.55 19.33
C ASP AA 433 -16.69 -10.44 18.64
N ARG AA 434 -16.05 -9.59 19.43
CA ARG AA 434 -15.28 -8.49 18.88
C ARG AA 434 -13.82 -8.85 18.64
N THR AA 435 -13.39 -10.03 19.07
CA THR AA 435 -11.98 -10.39 19.01
C THR AA 435 -11.62 -11.19 17.77
N SER AA 436 -12.60 -11.56 16.95
CA SER AA 436 -12.32 -12.37 15.77
C SER AA 436 -11.54 -11.57 14.74
N LEU AA 437 -12.06 -10.41 14.35
CA LEU AA 437 -11.42 -9.57 13.36
C LEU AA 437 -10.93 -8.24 13.93
N GLU AA 438 -10.89 -8.11 15.26
CA GLU AA 438 -10.68 -6.84 15.97
C GLU AA 438 -11.71 -5.80 15.56
N SER AA 439 -12.98 -6.15 15.73
CA SER AA 439 -14.06 -5.23 15.46
C SER AA 439 -14.02 -4.07 16.44
N ASP AA 440 -14.35 -2.89 15.93
CA ASP AA 440 -14.36 -1.69 16.77
C ASP AA 440 -15.63 -1.68 17.60
N GLY AA 441 -15.94 -0.56 18.22
CA GLY AA 441 -17.14 -0.56 19.00
C GLY AA 441 -18.19 0.30 18.39
N VAL AA 442 -18.33 0.30 17.06
CA VAL AA 442 -19.04 1.41 16.44
C VAL AA 442 -19.45 1.06 15.01
N PHE AA 443 -20.63 1.54 14.63
CA PHE AA 443 -21.56 0.82 13.77
C PHE AA 443 -21.18 0.87 12.31
N ARG AA 444 -22.03 0.28 11.46
CA ARG AA 444 -21.83 0.14 10.02
C ARG AA 444 -23.16 0.22 9.29
N SER AA 445 -23.16 -0.14 8.01
CA SER AA 445 -24.35 -0.06 7.19
C SER AA 445 -24.45 -1.25 6.26
N SER AA 446 -25.65 -1.47 5.76
CA SER AA 446 -26.04 -2.68 5.04
C SER AA 446 -25.74 -2.55 3.57
N PRO AA 447 -25.79 -3.67 2.80
CA PRO AA 447 -25.86 -3.56 1.34
C PRO AA 447 -27.03 -2.72 0.88
N ARG AA 448 -28.10 -2.68 1.67
CA ARG AA 448 -29.18 -1.74 1.43
C ARG AA 448 -28.73 -0.30 1.61
N GLY AA 449 -27.78 -0.04 2.49
CA GLY AA 449 -27.27 1.30 2.60
C GLY AA 449 -26.36 1.64 1.44
N TRP AA 450 -25.52 0.70 1.05
CA TRP AA 450 -24.49 0.99 0.07
C TRP AA 450 -25.02 0.97 -1.36
N TYR AA 451 -26.00 0.11 -1.66
CA TYR AA 451 -26.55 0.06 -3.01
C TYR AA 451 -27.22 1.38 -3.37
N THR AA 452 -28.14 1.83 -2.53
CA THR AA 452 -28.78 3.09 -2.82
C THR AA 452 -27.90 4.28 -2.49
N TYR AA 453 -26.72 4.09 -1.90
CA TYR AA 453 -25.78 5.19 -1.84
C TYR AA 453 -25.17 5.45 -3.20
N GLY AA 454 -24.55 4.42 -3.77
CA GLY AA 454 -23.84 4.59 -5.03
C GLY AA 454 -24.78 4.96 -6.15
N HIS AA 455 -25.98 4.42 -6.14
CA HIS AA 455 -26.86 4.60 -7.29
C HIS AA 455 -27.65 5.88 -7.22
N ALA AA 456 -27.92 6.40 -6.03
CA ALA AA 456 -28.51 7.71 -5.98
C ALA AA 456 -27.49 8.79 -6.29
N ASN AA 457 -26.20 8.48 -6.21
CA ASN AA 457 -25.17 9.43 -6.64
C ASN AA 457 -24.88 9.28 -8.12
N PHE AA 458 -24.83 8.04 -8.60
CA PHE AA 458 -24.58 7.80 -10.01
C PHE AA 458 -25.71 8.35 -10.87
N ALA AA 459 -26.92 8.32 -10.34
CA ALA AA 459 -28.05 8.88 -11.06
C ALA AA 459 -27.97 10.39 -11.16
N LEU AA 460 -27.30 11.03 -10.19
CA LEU AA 460 -27.11 12.47 -10.24
C LEU AA 460 -26.07 12.85 -11.27
N LEU AA 461 -24.97 12.11 -11.31
CA LEU AA 461 -23.94 12.38 -12.30
C LEU AA 461 -24.46 12.05 -13.68
N PHE AA 462 -25.38 11.12 -13.77
CA PHE AA 462 -25.90 10.79 -15.09
C PHE AA 462 -26.98 11.75 -15.49
N PHE AA 463 -27.53 12.51 -14.56
CA PHE AA 463 -28.37 13.60 -14.95
C PHE AA 463 -27.57 14.68 -15.67
N PHE AA 464 -26.34 14.91 -15.22
CA PHE AA 464 -25.49 15.89 -15.90
C PHE AA 464 -25.06 15.39 -17.26
N GLY AA 465 -24.75 14.10 -17.35
CA GLY AA 465 -24.32 13.54 -18.63
C GLY AA 465 -25.44 13.45 -19.63
N HIS AA 466 -26.69 13.47 -19.17
CA HIS AA 466 -27.78 13.60 -20.10
C HIS AA 466 -27.84 15.00 -20.67
N LEU AA 467 -27.64 16.01 -19.83
CA LEU AA 467 -27.68 17.39 -20.30
C LEU AA 467 -26.47 17.74 -21.15
N TRP AA 468 -25.36 17.05 -20.94
CA TRP AA 468 -24.19 17.29 -21.79
C TRP AA 468 -24.44 16.75 -23.19
N HIS AA 469 -24.88 15.51 -23.29
CA HIS AA 469 -25.12 14.95 -24.60
C HIS AA 469 -26.47 15.33 -25.15
N GLY AA 470 -27.43 15.66 -24.30
CA GLY AA 470 -28.62 16.32 -24.81
C GLY AA 470 -28.30 17.68 -25.37
N GLY AA 471 -27.24 18.32 -24.89
CA GLY AA 471 -26.83 19.58 -25.45
C GLY AA 471 -25.99 19.43 -26.69
N ARG AA 472 -25.08 18.46 -26.69
CA ARG AA 472 -24.13 18.33 -27.78
C ARG AA 472 -24.77 17.81 -29.07
N THR AA 473 -25.84 17.02 -28.97
CA THR AA 473 -26.53 16.61 -30.19
C THR AA 473 -27.30 17.74 -30.81
N ILE AA 474 -28.03 18.49 -30.00
CA ILE AA 474 -28.87 19.56 -30.53
C ILE AA 474 -27.98 20.61 -31.18
N PHE AA 475 -26.80 20.85 -30.61
CA PHE AA 475 -25.93 21.90 -31.12
C PHE AA 475 -24.69 21.33 -31.74
N ARG AA 476 -24.85 20.27 -32.52
CA ARG AA 476 -23.74 19.59 -33.16
C ARG AA 476 -22.99 20.49 -34.12
N ASP AA 477 -23.68 21.43 -34.76
CA ASP AA 477 -23.02 22.26 -35.76
C ASP AA 477 -22.20 23.39 -35.12
N VAL AA 478 -22.70 23.98 -34.03
CA VAL AA 478 -22.03 25.12 -33.41
C VAL AA 478 -21.13 24.65 -32.29
N PHE AA 479 -20.80 23.36 -32.27
CA PHE AA 479 -19.91 22.84 -31.25
C PHE AA 479 -18.50 23.36 -31.42
N THR AA 480 -18.08 23.63 -32.65
CA THR AA 480 -16.81 24.28 -32.93
C THR AA 480 -17.14 25.66 -33.49
N GLY AA 481 -17.05 26.66 -32.62
CA GLY AA 481 -17.45 28.03 -32.82
C GLY AA 481 -18.89 28.36 -33.12
N ILE AA 482 -19.19 29.65 -33.12
CA ILE AA 482 -20.32 30.22 -33.84
C ILE AA 482 -19.74 31.00 -35.00
N GLY AA 483 -20.53 31.16 -36.06
CA GLY AA 483 -20.04 31.84 -37.23
C GLY AA 483 -20.30 33.33 -37.17
N ALA AA 484 -20.26 33.95 -38.34
CA ALA AA 484 -20.62 35.34 -38.50
C ALA AA 484 -22.06 35.52 -38.97
N GLU AA 485 -22.72 34.43 -39.36
CA GLU AA 485 -24.13 34.46 -39.74
C GLU AA 485 -25.05 34.68 -38.55
N VAL AA 486 -24.56 34.42 -37.33
CA VAL AA 486 -25.41 34.57 -36.17
C VAL AA 486 -25.59 36.03 -35.80
N THR AA 487 -24.70 36.92 -36.28
CA THR AA 487 -24.71 38.32 -35.89
C THR AA 487 -25.98 39.02 -36.34
N GLU AA 488 -26.50 38.64 -37.51
CA GLU AA 488 -27.74 39.24 -37.99
C GLU AA 488 -28.94 38.75 -37.18
N GLN AA 489 -28.97 37.47 -36.84
CA GLN AA 489 -30.13 36.93 -36.15
C GLN AA 489 -30.13 37.19 -34.65
N VAL AA 490 -29.10 37.81 -34.09
CA VAL AA 490 -29.12 38.21 -32.69
C VAL AA 490 -29.47 39.70 -32.64
N GLU AA 491 -30.76 39.97 -32.69
CA GLU AA 491 -31.22 41.35 -32.67
C GLU AA 491 -32.66 41.36 -32.18
N PHE AA 492 -32.98 42.35 -31.37
CA PHE AA 492 -34.32 42.48 -30.81
C PHE AA 492 -35.14 43.26 -31.82
N GLY AA 493 -35.86 42.54 -32.66
CA GLY AA 493 -36.52 43.15 -33.80
C GLY AA 493 -35.90 42.68 -35.10
N ALA AA 494 -36.59 43.09 -36.17
CA ALA AA 494 -36.30 42.90 -37.60
C ALA AA 494 -36.51 41.46 -38.06
N PHE AA 495 -36.65 40.52 -37.14
CA PHE AA 495 -37.21 39.20 -37.38
C PHE AA 495 -38.40 39.12 -36.44
N GLN AA 496 -39.61 38.95 -36.97
CA GLN AA 496 -40.73 38.90 -36.03
C GLN AA 496 -40.84 37.53 -35.38
N LYS AA 497 -40.30 36.48 -35.97
CA LYS AA 497 -40.01 35.24 -35.26
C LYS AA 497 -38.63 35.41 -34.61
N LEU AA 498 -38.23 34.44 -33.77
CA LEU AA 498 -36.83 34.28 -33.41
C LEU AA 498 -36.13 33.59 -34.59
N GLY AA 499 -34.85 33.22 -34.44
CA GLY AA 499 -33.87 33.15 -35.52
C GLY AA 499 -34.23 32.35 -36.76
N ASP AA 500 -34.56 33.12 -37.80
CA ASP AA 500 -35.18 32.65 -39.02
C ASP AA 500 -34.97 33.74 -40.05
N LYS AA 501 -34.23 33.44 -41.10
CA LYS AA 501 -33.93 34.44 -42.12
C LYS AA 501 -35.00 34.52 -43.19
N SER AA 502 -36.07 33.74 -43.07
CA SER AA 502 -37.20 33.82 -43.99
C SER AA 502 -38.20 34.90 -43.58
N THR AA 503 -37.91 35.64 -42.54
CA THR AA 503 -38.83 36.61 -41.97
C THR AA 503 -38.24 38.01 -42.08
N LYS AA 504 -38.95 38.89 -42.80
CA LYS AA 504 -38.64 40.31 -42.94
C LYS AA 504 -37.23 40.58 -43.48
N ILE BA 1 -24.58 73.69 -18.36
CA ILE BA 1 -23.49 74.59 -18.73
C ILE BA 1 -22.20 73.90 -18.25
N ALA BA 2 -21.07 74.31 -18.84
CA ALA BA 2 -19.76 73.72 -18.60
C ALA BA 2 -19.39 73.73 -17.11
N GLY BA 3 -18.56 72.76 -16.74
CA GLY BA 3 -18.26 72.47 -15.37
C GLY BA 3 -19.21 71.47 -14.73
N ARG BA 4 -20.50 71.57 -15.02
CA ARG BA 4 -21.51 70.72 -14.42
C ARG BA 4 -22.10 69.73 -15.41
N ASP BA 5 -21.51 69.59 -16.59
CA ASP BA 5 -21.84 68.53 -17.54
C ASP BA 5 -20.78 67.45 -17.42
N ILE BA 6 -21.08 66.26 -17.94
CA ILE BA 6 -20.02 65.26 -18.07
C ILE BA 6 -19.16 65.51 -19.29
N GLU BA 7 -19.67 66.26 -20.26
CA GLU BA 7 -18.93 66.49 -21.49
C GLU BA 7 -17.86 67.53 -21.27
N SER BA 8 -18.09 68.43 -20.33
CA SER BA 8 -17.15 69.51 -20.09
C SER BA 8 -15.96 69.04 -19.27
N THR BA 9 -16.07 67.88 -18.62
CA THR BA 9 -15.03 67.47 -17.70
C THR BA 9 -14.63 65.99 -17.77
N GLY BA 10 -15.47 65.11 -18.32
CA GLY BA 10 -15.22 63.70 -18.24
C GLY BA 10 -15.92 62.98 -17.11
N PHE BA 11 -15.97 63.56 -15.92
CA PHE BA 11 -16.49 62.87 -14.74
C PHE BA 11 -18.01 62.73 -14.81
N ALA BA 12 -18.49 61.55 -14.45
CA ALA BA 12 -19.92 61.27 -14.47
C ALA BA 12 -20.63 61.96 -13.31
N TRP BA 13 -21.94 61.78 -13.24
CA TRP BA 13 -22.69 62.36 -12.13
C TRP BA 13 -22.43 61.61 -10.84
N TRP BA 14 -22.23 60.31 -10.89
CA TRP BA 14 -22.11 59.56 -9.66
C TRP BA 14 -20.73 59.72 -9.05
N SER BA 15 -19.78 60.28 -9.78
CA SER BA 15 -18.53 60.76 -9.22
C SER BA 15 -18.37 62.25 -9.45
N GLY BA 16 -19.44 63.00 -9.35
CA GLY BA 16 -19.42 64.39 -9.77
C GLY BA 16 -18.80 65.35 -8.82
N ASN BA 17 -18.48 64.94 -7.59
CA ASN BA 17 -17.74 65.82 -6.70
C ASN BA 17 -16.29 65.97 -7.10
N ALA BA 18 -15.79 65.09 -7.97
CA ALA BA 18 -14.44 65.23 -8.49
C ALA BA 18 -14.32 66.38 -9.47
N ARG BA 19 -15.44 66.95 -9.90
CA ARG BA 19 -15.44 68.15 -10.70
C ARG BA 19 -15.12 69.38 -9.88
N LEU BA 20 -15.11 69.28 -8.57
CA LEU BA 20 -14.81 70.41 -7.72
C LEU BA 20 -13.34 70.61 -7.48
N ILE BA 21 -12.48 69.68 -7.92
CA ILE BA 21 -11.06 69.67 -7.52
C ILE BA 21 -10.36 70.94 -7.94
N ASN BA 22 -10.47 71.28 -9.22
CA ASN BA 22 -9.84 72.48 -9.73
C ASN BA 22 -10.77 73.68 -9.71
N VAL BA 23 -11.88 73.60 -8.98
CA VAL BA 23 -12.79 74.72 -8.79
C VAL BA 23 -12.73 75.06 -7.31
N SER BA 24 -11.89 76.05 -6.96
CA SER BA 24 -11.53 76.24 -5.56
C SER BA 24 -12.63 76.87 -4.74
N GLY BA 25 -13.41 77.78 -5.31
CA GLY BA 25 -14.40 78.48 -4.52
C GLY BA 25 -15.66 77.66 -4.29
N LYS BA 26 -16.00 76.79 -5.23
CA LYS BA 26 -17.08 75.86 -4.96
C LYS BA 26 -16.65 74.78 -3.99
N LEU BA 27 -15.37 74.39 -4.05
CA LEU BA 27 -14.86 73.38 -3.12
C LEU BA 27 -14.79 73.92 -1.70
N LEU BA 28 -14.63 75.23 -1.53
CA LEU BA 28 -14.75 75.82 -0.21
C LEU BA 28 -16.16 75.69 0.31
N GLY BA 29 -17.14 76.00 -0.54
CA GLY BA 29 -18.52 75.94 -0.11
C GLY BA 29 -19.04 74.53 0.03
N ALA BA 30 -18.33 73.55 -0.51
CA ALA BA 30 -18.65 72.17 -0.23
C ALA BA 30 -18.36 71.83 1.22
N HIS BA 31 -17.22 72.29 1.72
CA HIS BA 31 -16.83 71.99 3.09
C HIS BA 31 -17.67 72.74 4.10
N VAL BA 32 -17.88 74.03 3.85
CA VAL BA 32 -18.59 74.87 4.79
C VAL BA 32 -20.04 74.44 4.90
N ALA BA 33 -20.61 73.95 3.80
CA ALA BA 33 -21.91 73.31 3.86
C ALA BA 33 -21.82 72.01 4.63
N HIS BA 34 -20.76 71.25 4.41
CA HIS BA 34 -20.59 70.00 5.13
C HIS BA 34 -20.23 70.25 6.60
N ALA BA 35 -19.42 71.27 6.87
CA ALA BA 35 -19.21 71.66 8.26
C ALA BA 35 -20.50 72.16 8.90
N GLY BA 36 -21.41 72.67 8.07
CA GLY BA 36 -22.76 72.93 8.55
C GLY BA 36 -23.52 71.68 8.94
N LEU BA 37 -23.18 70.54 8.35
CA LEU BA 37 -23.88 69.30 8.69
C LEU BA 37 -23.40 68.73 10.02
N MET BA 38 -22.08 68.70 10.23
CA MET BA 38 -21.51 68.16 11.45
C MET BA 38 -21.94 68.95 12.67
N VAL BA 39 -22.00 70.27 12.53
CA VAL BA 39 -22.47 71.12 13.62
C VAL BA 39 -23.96 70.96 13.79
N PHE BA 40 -24.68 70.68 12.70
CA PHE BA 40 -26.12 70.49 12.81
C PHE BA 40 -26.47 69.18 13.48
N TRP BA 41 -25.79 68.10 13.09
CA TRP BA 41 -26.06 66.80 13.70
C TRP BA 41 -25.71 66.82 15.18
N ALA BA 42 -24.60 67.46 15.53
CA ALA BA 42 -24.21 67.61 16.93
C ALA BA 42 -25.21 68.43 17.72
N GLY BA 43 -25.87 69.38 17.07
CA GLY BA 43 -26.89 70.13 17.77
C GLY BA 43 -28.22 69.42 17.79
N ALA BA 44 -28.51 68.64 16.75
CA ALA BA 44 -29.83 68.04 16.67
C ALA BA 44 -29.92 66.75 17.46
N MET BA 45 -28.79 66.06 17.64
CA MET BA 45 -28.82 64.87 18.48
C MET BA 45 -29.06 65.23 19.92
N VAL BA 46 -28.27 66.18 20.45
CA VAL BA 46 -28.24 66.44 21.88
C VAL BA 46 -29.59 66.92 22.38
N LEU BA 47 -30.31 67.69 21.56
CA LEU BA 47 -31.67 68.05 21.91
C LEU BA 47 -32.61 66.86 21.84
N PHE BA 48 -32.43 66.01 20.84
CA PHE BA 48 -33.16 64.75 20.77
C PHE BA 48 -32.75 63.81 21.89
N GLU BA 49 -31.56 64.01 22.43
CA GLU BA 49 -31.01 63.24 23.52
C GLU BA 49 -31.30 63.88 24.87
N VAL BA 50 -31.69 65.16 24.90
CA VAL BA 50 -32.24 65.73 26.12
C VAL BA 50 -33.73 65.41 26.21
N SER BA 51 -34.42 65.37 25.06
CA SER BA 51 -35.86 65.13 25.05
C SER BA 51 -36.22 63.73 25.52
N HIS BA 52 -35.30 62.79 25.40
CA HIS BA 52 -35.54 61.42 25.81
C HIS BA 52 -34.88 61.09 27.13
N PHE BA 53 -34.42 62.10 27.85
CA PHE BA 53 -33.79 61.87 29.13
C PHE BA 53 -34.85 61.57 30.18
N VAL BA 54 -34.65 60.48 30.91
CA VAL BA 54 -35.44 60.20 32.12
C VAL BA 54 -34.41 60.17 33.25
N PRO BA 55 -34.66 60.85 34.38
CA PRO BA 55 -33.60 61.01 35.38
C PRO BA 55 -33.32 59.77 36.19
N GLU BA 56 -34.19 58.77 36.11
CA GLU BA 56 -33.99 57.52 36.84
C GLU BA 56 -32.77 56.76 36.39
N LYS BA 57 -32.80 56.29 35.18
CA LYS BA 57 -31.76 55.40 34.73
C LYS BA 57 -30.53 56.20 34.33
N PRO BA 58 -29.34 55.62 34.47
CA PRO BA 58 -28.14 56.33 34.05
C PRO BA 58 -28.04 56.52 32.56
N THR BA 59 -27.01 57.26 32.13
CA THR BA 59 -26.93 57.67 30.74
C THR BA 59 -26.67 56.51 29.81
N TYR BA 60 -25.98 55.48 30.28
CA TYR BA 60 -25.69 54.37 29.40
C TYR BA 60 -26.90 53.48 29.18
N GLU BA 61 -27.86 53.47 30.10
CA GLU BA 61 -29.00 52.58 29.96
C GLU BA 61 -30.01 53.08 28.94
N GLN BA 62 -30.13 54.38 28.77
CA GLN BA 62 -31.07 54.92 27.81
C GLN BA 62 -30.45 55.26 26.48
N GLY BA 63 -29.30 54.67 26.16
CA GLY BA 63 -28.74 54.68 24.83
C GLY BA 63 -28.35 56.06 24.35
N PHE BA 64 -27.56 56.77 25.14
CA PHE BA 64 -27.20 58.15 24.83
C PHE BA 64 -25.76 58.17 24.37
N ILE BA 65 -25.44 59.12 23.50
CA ILE BA 65 -24.18 59.02 22.79
C ILE BA 65 -23.38 60.31 22.90
N LEU BA 66 -24.03 61.45 23.09
CA LEU BA 66 -23.33 62.71 23.14
C LEU BA 66 -23.47 63.41 24.47
N ILE BA 67 -24.36 62.92 25.34
CA ILE BA 67 -24.41 63.40 26.71
C ILE BA 67 -23.08 63.15 27.39
N GLN BA 68 -22.52 61.96 27.21
CA GLN BA 68 -21.37 61.55 28.01
C GLN BA 68 -20.11 62.26 27.58
N HIS BA 69 -20.05 62.74 26.35
CA HIS BA 69 -18.91 63.56 25.96
C HIS BA 69 -18.98 64.93 26.60
N LEU BA 70 -20.18 65.42 26.83
CA LEU BA 70 -20.36 66.65 27.57
C LEU BA 70 -20.34 66.44 29.07
N ALA BA 71 -20.57 65.22 29.52
CA ALA BA 71 -20.54 64.96 30.95
C ALA BA 71 -19.12 64.91 31.47
N THR BA 72 -18.19 64.39 30.68
CA THR BA 72 -16.81 64.31 31.10
C THR BA 72 -16.03 65.57 30.79
N LEU BA 73 -16.70 66.64 30.42
CA LEU BA 73 -16.13 67.96 30.50
C LEU BA 73 -16.69 68.71 31.70
N GLY BA 74 -17.59 68.09 32.45
CA GLY BA 74 -18.07 68.65 33.68
C GLY BA 74 -19.35 69.43 33.60
N TYR BA 75 -20.25 69.08 32.68
CA TYR BA 75 -21.48 69.82 32.47
C TYR BA 75 -22.65 69.08 33.08
N GLY BA 76 -23.28 69.69 34.09
CA GLY BA 76 -24.49 69.16 34.67
C GLY BA 76 -24.35 67.89 35.46
N ILE BA 77 -23.17 67.34 35.60
CA ILE BA 77 -22.97 66.08 36.29
C ILE BA 77 -22.48 66.37 37.70
N GLY BA 78 -22.95 65.57 38.65
CA GLY BA 78 -22.48 65.65 40.00
C GLY BA 78 -21.68 64.42 40.36
N PRO BA 79 -21.65 64.08 41.64
CA PRO BA 79 -20.81 62.97 42.07
C PRO BA 79 -21.39 61.62 41.72
N GLY BA 80 -20.51 60.68 41.43
CA GLY BA 80 -20.90 59.31 41.15
C GLY BA 80 -21.56 59.11 39.81
N GLY BA 81 -21.43 60.06 38.89
CA GLY BA 81 -22.10 59.93 37.61
C GLY BA 81 -23.56 60.29 37.64
N GLU BA 82 -24.05 60.85 38.74
CA GLU BA 82 -25.43 61.29 38.82
C GLU BA 82 -25.54 62.65 38.14
N ILE BA 83 -26.62 62.85 37.41
CA ILE BA 83 -26.77 64.00 36.52
C ILE BA 83 -27.69 64.99 37.21
N THR BA 84 -27.16 66.17 37.52
CA THR BA 84 -27.92 67.16 38.27
C THR BA 84 -29.01 67.80 37.42
N SER BA 85 -28.65 68.23 36.21
CA SER BA 85 -29.64 68.78 35.29
C SER BA 85 -29.16 68.59 33.87
N THR BA 86 -30.08 68.75 32.92
CA THR BA 86 -29.77 68.70 31.51
C THR BA 86 -29.78 70.08 30.87
N VAL BA 87 -29.84 71.14 31.67
CA VAL BA 87 -29.82 72.49 31.12
C VAL BA 87 -28.50 72.85 30.45
N PRO BA 88 -27.30 72.52 30.98
CA PRO BA 88 -26.10 72.80 30.16
C PRO BA 88 -26.00 71.95 28.91
N TYR BA 89 -26.66 70.79 28.88
CA TYR BA 89 -26.70 70.03 27.64
C TYR BA 89 -27.66 70.67 26.67
N PHE BA 90 -28.71 71.31 27.21
CA PHE BA 90 -29.57 72.10 26.36
C PHE BA 90 -28.82 73.30 25.82
N ALA BA 91 -27.90 73.85 26.60
CA ALA BA 91 -27.14 75.01 26.14
C ALA BA 91 -26.23 74.64 25.00
N VAL BA 92 -25.55 73.50 25.12
CA VAL BA 92 -24.56 73.09 24.13
C VAL BA 92 -25.24 72.71 22.82
N GLY BA 93 -26.34 71.99 22.90
CA GLY BA 93 -27.00 71.51 21.69
C GLY BA 93 -27.70 72.62 20.91
N VAL BA 94 -28.19 73.64 21.61
CA VAL BA 94 -28.89 74.70 20.89
C VAL BA 94 -27.91 75.62 20.18
N ILE BA 95 -26.77 75.92 20.82
CA ILE BA 95 -25.74 76.76 20.21
C ILE BA 95 -25.20 76.12 18.93
N HIS BA 96 -25.10 74.80 18.90
CA HIS BA 96 -24.69 74.13 17.67
C HIS BA 96 -25.78 74.13 16.61
N LEU BA 97 -27.03 74.38 16.96
CA LEU BA 97 -28.04 74.46 15.91
C LEU BA 97 -27.93 75.79 15.17
N ILE BA 98 -27.95 76.89 15.91
CA ILE BA 98 -27.97 78.21 15.28
C ILE BA 98 -26.66 78.48 14.56
N SER BA 99 -25.56 77.95 15.09
CA SER BA 99 -24.29 78.07 14.39
C SER BA 99 -24.25 77.23 13.13
N SER BA 100 -25.06 76.18 13.05
CA SER BA 100 -25.09 75.40 11.83
C SER BA 100 -25.78 76.14 10.70
N ALA BA 101 -26.72 77.03 11.03
CA ALA BA 101 -27.34 77.81 9.97
C ALA BA 101 -26.41 78.91 9.49
N ILE BA 102 -25.46 79.33 10.32
CA ILE BA 102 -24.41 80.23 9.85
C ILE BA 102 -23.47 79.49 8.92
N LEU BA 103 -23.02 78.30 9.33
CA LEU BA 103 -22.15 77.51 8.48
C LEU BA 103 -22.90 76.94 7.29
N GLY BA 104 -24.19 76.67 7.46
CA GLY BA 104 -24.97 76.18 6.33
C GLY BA 104 -25.15 77.23 5.26
N PHE BA 105 -25.32 78.50 5.67
CA PHE BA 105 -25.55 79.57 4.71
C PHE BA 105 -24.32 79.84 3.87
N GLY BA 106 -23.15 79.92 4.50
CA GLY BA 106 -21.93 80.21 3.75
C GLY BA 106 -21.50 79.05 2.87
N GLY BA 107 -21.91 77.85 3.21
CA GLY BA 107 -21.64 76.73 2.34
C GLY BA 107 -22.54 76.73 1.13
N ILE BA 108 -23.80 77.14 1.31
CA ILE BA 108 -24.69 77.28 0.18
C ILE BA 108 -24.29 78.51 -0.63
N TYR BA 109 -23.74 79.51 0.03
CA TYR BA 109 -23.22 80.71 -0.63
C TYR BA 109 -22.13 80.36 -1.63
N HIS BA 110 -20.99 79.85 -1.17
CA HIS BA 110 -19.88 79.59 -2.07
C HIS BA 110 -20.10 78.41 -3.00
N SER BA 111 -21.16 77.66 -2.82
CA SER BA 111 -21.52 76.66 -3.81
C SER BA 111 -22.51 77.18 -4.84
N LEU BA 112 -23.22 78.27 -4.54
CA LEU BA 112 -24.16 78.84 -5.50
C LEU BA 112 -23.73 80.22 -5.96
N LEU BA 113 -23.60 81.19 -5.06
CA LEU BA 113 -23.19 82.54 -5.41
C LEU BA 113 -21.81 82.77 -4.79
N GLY BA 114 -20.77 82.51 -5.53
CA GLY BA 114 -19.45 82.82 -5.08
C GLY BA 114 -18.50 82.82 -6.25
N PRO BA 115 -17.28 83.28 -6.03
CA PRO BA 115 -16.24 83.05 -7.02
C PRO BA 115 -15.99 81.56 -7.13
N ASP BA 116 -16.05 81.05 -8.35
CA ASP BA 116 -15.84 79.62 -8.54
C ASP BA 116 -14.37 79.27 -8.33
N THR BA 117 -13.48 80.13 -8.79
CA THR BA 117 -12.07 80.03 -8.47
C THR BA 117 -11.69 81.24 -7.65
N LEU BA 118 -11.06 81.00 -6.51
CA LEU BA 118 -10.76 82.08 -5.57
C LEU BA 118 -9.59 82.94 -6.01
N GLU BA 119 -8.70 82.41 -6.85
CA GLU BA 119 -7.45 83.08 -7.16
C GLU BA 119 -7.60 84.20 -8.19
N GLU BA 120 -8.82 84.54 -8.60
CA GLU BA 120 -9.01 85.69 -9.47
C GLU BA 120 -8.88 86.97 -8.68
N SER BA 121 -9.73 87.15 -7.67
CA SER BA 121 -9.75 88.38 -6.89
C SER BA 121 -9.37 88.19 -5.44
N PHE BA 122 -9.08 86.97 -5.02
CA PHE BA 122 -8.65 86.68 -3.65
C PHE BA 122 -7.38 85.84 -3.71
N PRO BA 123 -6.22 86.48 -3.84
CA PRO BA 123 -4.98 85.72 -3.90
C PRO BA 123 -4.59 85.09 -2.58
N PHE BA 124 -5.12 85.59 -1.46
CA PHE BA 124 -4.78 85.01 -0.17
C PHE BA 124 -5.45 83.66 0.02
N PHE BA 125 -6.62 83.47 -0.58
CA PHE BA 125 -7.36 82.22 -0.43
C PHE BA 125 -7.26 81.33 -1.66
N GLY BA 126 -6.55 81.74 -2.68
CA GLY BA 126 -6.39 80.89 -3.84
C GLY BA 126 -5.18 80.00 -3.73
N TYR BA 127 -5.21 78.90 -4.47
CA TYR BA 127 -4.12 77.93 -4.40
C TYR BA 127 -4.11 77.16 -5.72
N ASP BA 128 -3.07 76.35 -5.89
CA ASP BA 128 -2.89 75.62 -7.14
C ASP BA 128 -3.00 74.11 -6.96
N TRP BA 129 -2.90 73.63 -5.72
CA TRP BA 129 -2.69 72.25 -5.23
C TRP BA 129 -1.27 71.77 -5.46
N ARG BA 130 -0.48 72.51 -6.20
CA ARG BA 130 0.91 72.17 -6.46
C ARG BA 130 1.86 73.15 -5.81
N ASP BA 131 1.33 74.29 -5.37
CA ASP BA 131 2.11 75.26 -4.62
C ASP BA 131 2.44 74.64 -3.27
N LYS BA 132 3.66 74.13 -3.15
CA LYS BA 132 4.08 73.47 -1.92
C LYS BA 132 4.15 74.45 -0.76
N ASN BA 133 4.42 75.72 -1.04
CA ASN BA 133 4.40 76.72 0.02
C ASN BA 133 2.97 76.94 0.50
N LYS BA 134 2.05 77.23 -0.43
CA LYS BA 134 0.70 77.64 -0.06
C LYS BA 134 -0.08 76.52 0.57
N MET BA 135 0.19 75.27 0.18
CA MET BA 135 -0.50 74.17 0.83
C MET BA 135 0.03 73.93 2.24
N THR BA 136 1.31 74.21 2.49
CA THR BA 136 1.80 74.14 3.87
C THR BA 136 1.29 75.30 4.70
N THR BA 137 1.04 76.46 4.08
CA THR BA 137 0.50 77.57 4.89
C THR BA 137 -0.90 77.25 5.36
N ILE BA 138 -1.67 76.50 4.59
CA ILE BA 138 -3.00 76.12 5.02
C ILE BA 138 -2.94 75.01 6.07
N LEU BA 139 -1.93 74.13 5.99
CA LEU BA 139 -1.57 73.27 7.11
C LEU BA 139 -1.29 74.09 8.35
N GLY BA 140 -0.33 75.00 8.22
CA GLY BA 140 0.19 75.71 9.37
C GLY BA 140 -0.81 76.64 9.99
N ILE BA 141 -1.80 77.09 9.22
CA ILE BA 141 -2.94 77.75 9.83
C ILE BA 141 -3.72 76.74 10.65
N HIS BA 142 -4.09 75.62 10.05
CA HIS BA 142 -5.00 74.68 10.69
C HIS BA 142 -4.36 73.94 11.85
N LEU BA 143 -3.03 73.81 11.85
CA LEU BA 143 -2.36 73.25 13.01
C LEU BA 143 -2.45 74.18 14.22
N CYS BA 144 -2.41 75.49 13.99
CA CYS BA 144 -2.54 76.43 15.09
C CYS BA 144 -3.94 76.38 15.69
N LEU BA 145 -4.95 76.16 14.85
CA LEU BA 145 -6.31 76.12 15.37
C LEU BA 145 -6.59 74.82 16.09
N LEU BA 146 -5.96 73.73 15.67
CA LEU BA 146 -6.02 72.50 16.45
C LEU BA 146 -5.22 72.63 17.73
N GLY BA 147 -4.14 73.41 17.69
CA GLY BA 147 -3.36 73.69 18.87
C GLY BA 147 -4.14 74.51 19.86
N LEU BA 148 -4.74 75.62 19.40
CA LEU BA 148 -5.56 76.44 20.28
C LEU BA 148 -6.80 75.70 20.75
N GLY BA 149 -7.26 74.71 19.99
CA GLY BA 149 -8.37 73.90 20.45
C GLY BA 149 -7.98 72.96 21.56
N SER BA 150 -6.71 72.57 21.62
CA SER BA 150 -6.27 71.64 22.64
C SER BA 150 -5.98 72.33 23.96
N PHE BA 151 -5.44 73.55 23.92
CA PHE BA 151 -5.33 74.36 25.13
C PHE BA 151 -6.68 74.76 25.65
N LEU BA 152 -7.68 74.85 24.76
CA LEU BA 152 -9.02 75.21 25.17
C LEU BA 152 -9.62 74.16 26.10
N LEU BA 153 -9.17 72.91 25.97
CA LEU BA 153 -9.49 71.91 26.97
C LEU BA 153 -8.66 72.10 28.22
N VAL BA 154 -7.40 72.48 28.05
CA VAL BA 154 -6.51 72.70 29.19
C VAL BA 154 -6.97 73.90 30.00
N ILE BA 155 -7.58 74.89 29.34
CA ILE BA 155 -8.27 75.95 30.06
C ILE BA 155 -9.51 75.41 30.76
N LYS BA 156 -10.19 74.44 30.15
CA LYS BA 156 -11.41 73.91 30.74
C LYS BA 156 -11.12 73.10 32.01
N ALA BA 157 -10.06 72.30 32.01
CA ALA BA 157 -9.77 71.47 33.17
C ALA BA 157 -9.14 72.26 34.30
N MET BA 158 -8.14 73.08 33.98
CA MET BA 158 -7.43 73.78 35.02
C MET BA 158 -8.27 74.91 35.62
N TYR BA 159 -8.93 75.68 34.77
CA TYR BA 159 -9.40 77.00 35.17
C TYR BA 159 -10.92 77.10 35.15
N LEU BA 160 -11.57 76.73 34.06
CA LEU BA 160 -12.99 76.99 33.89
C LEU BA 160 -13.81 75.76 34.25
N GLY BA 161 -14.15 75.62 35.53
CA GLY BA 161 -15.13 74.64 35.93
C GLY BA 161 -14.63 73.23 36.08
N GLY BA 162 -13.41 72.91 35.65
CA GLY BA 162 -12.86 71.59 35.86
C GLY BA 162 -13.46 70.54 34.94
N VAL BA 163 -12.96 69.32 35.08
CA VAL BA 163 -13.28 68.21 34.19
C VAL BA 163 -13.49 66.96 35.04
N TYR BA 164 -14.54 66.20 34.71
CA TYR BA 164 -14.94 65.03 35.47
C TYR BA 164 -13.86 63.95 35.51
N ASP BA 165 -13.71 63.33 36.68
CA ASP BA 165 -12.67 62.35 36.94
C ASP BA 165 -13.29 61.20 37.72
N THR BA 166 -13.05 59.96 37.29
CA THR BA 166 -13.47 58.81 38.06
C THR BA 166 -12.43 58.37 39.05
N TRP BA 167 -11.18 58.63 38.76
CA TRP BA 167 -10.09 58.43 39.70
C TRP BA 167 -10.00 59.55 40.72
N ALA BA 168 -10.95 60.47 40.69
CA ALA BA 168 -11.03 61.56 41.63
C ALA BA 168 -11.12 61.01 43.04
N PRO BA 169 -10.43 61.62 43.99
CA PRO BA 169 -10.24 61.02 45.30
C PRO BA 169 -11.52 61.04 46.11
N GLY BA 170 -11.90 59.88 46.63
CA GLY BA 170 -13.11 59.77 47.40
C GLY BA 170 -14.37 59.82 46.60
N GLY BA 171 -14.33 59.41 45.34
CA GLY BA 171 -15.53 59.38 44.53
C GLY BA 171 -15.32 60.09 43.20
N GLY BA 172 -16.09 59.66 42.21
CA GLY BA 172 -16.07 60.33 40.92
C GLY BA 172 -16.74 61.69 41.03
N ASP BA 173 -16.07 62.72 40.53
CA ASP BA 173 -16.58 64.08 40.63
C ASP BA 173 -15.87 64.94 39.60
N VAL BA 174 -16.52 66.05 39.27
CA VAL BA 174 -15.87 67.13 38.54
C VAL BA 174 -14.85 67.78 39.46
N ARG BA 175 -13.60 67.83 39.02
CA ARG BA 175 -12.55 68.43 39.81
C ARG BA 175 -11.67 69.23 38.87
N TYR BA 176 -10.88 70.13 39.46
CA TYR BA 176 -9.89 70.85 38.69
C TYR BA 176 -8.59 70.06 38.65
N ILE BA 177 -8.05 69.90 37.46
CA ILE BA 177 -6.76 69.26 37.28
C ILE BA 177 -5.72 70.32 37.60
N THR BA 178 -5.27 70.36 38.85
CA THR BA 178 -4.36 71.41 39.27
C THR BA 178 -2.94 71.14 38.78
N THR BA 179 -2.49 69.90 38.87
CA THR BA 179 -1.13 69.53 38.49
C THR BA 179 -1.17 68.41 37.47
N PRO BA 180 -1.23 68.73 36.18
CA PRO BA 180 -1.02 67.71 35.17
C PRO BA 180 0.44 67.34 35.07
N THR BA 181 0.70 66.24 34.37
CA THR BA 181 2.05 65.71 34.24
C THR BA 181 2.60 66.15 32.90
N LEU BA 182 3.58 67.05 32.92
CA LEU BA 182 4.29 67.42 31.71
C LEU BA 182 5.69 66.82 31.64
N ASN BA 183 5.89 65.61 32.10
CA ASN BA 183 7.16 64.99 31.81
C ASN BA 183 7.02 64.29 30.47
N PRO BA 184 7.82 64.63 29.46
CA PRO BA 184 7.67 63.99 28.15
C PRO BA 184 7.99 62.51 28.13
N ILE BA 185 8.74 61.98 29.09
CA ILE BA 185 8.96 60.54 29.07
C ILE BA 185 7.71 59.83 29.56
N VAL BA 186 6.95 60.47 30.44
CA VAL BA 186 5.64 59.95 30.77
C VAL BA 186 4.71 60.12 29.59
N ILE BA 187 4.70 61.30 28.98
CA ILE BA 187 3.73 61.63 27.95
C ILE BA 187 4.02 60.89 26.65
N PHE BA 188 5.24 61.01 26.14
CA PHE BA 188 5.59 60.30 24.92
C PHE BA 188 5.90 58.84 25.17
N GLY BA 189 5.91 58.40 26.42
CA GLY BA 189 5.97 56.98 26.70
C GLY BA 189 4.66 56.26 26.52
N TYR BA 190 3.58 56.99 26.24
CA TYR BA 190 2.35 56.37 25.76
C TYR BA 190 2.44 56.11 24.27
N VAL BA 191 3.00 57.05 23.52
CA VAL BA 191 3.04 56.93 22.06
C VAL BA 191 4.06 55.87 21.64
N PHE BA 192 5.13 55.71 22.40
CA PHE BA 192 6.15 54.77 22.00
C PHE BA 192 6.01 53.43 22.72
N ARG BA 193 4.93 53.29 23.48
CA ARG BA 193 4.52 52.04 24.09
C ARG BA 193 4.07 51.06 23.01
N SER BA 194 3.99 49.78 23.36
CA SER BA 194 3.44 48.80 22.43
C SER BA 194 1.92 48.93 22.36
N PRO BA 195 1.31 48.50 21.26
CA PRO BA 195 -0.15 48.45 21.22
C PRO BA 195 -0.76 47.17 21.71
N PHE BA 196 0.04 46.21 22.15
CA PHE BA 196 -0.50 44.91 22.55
C PHE BA 196 -0.89 44.94 24.02
N GLY BA 197 -1.09 43.76 24.59
CA GLY BA 197 -1.71 43.57 25.90
C GLY BA 197 -1.12 44.28 27.10
N GLY BA 198 -1.93 45.10 27.74
CA GLY BA 198 -1.57 45.78 28.95
C GLY BA 198 -0.70 46.99 28.75
N ASP BA 199 0.11 47.00 27.70
CA ASP BA 199 0.65 48.25 27.22
C ASP BA 199 -0.47 49.16 26.75
N GLY BA 200 -1.14 48.78 25.66
CA GLY BA 200 -2.36 49.47 25.27
C GLY BA 200 -2.20 50.88 24.76
N TRP BA 201 -1.66 51.07 23.56
CA TRP BA 201 -0.72 52.12 23.12
C TRP BA 201 -1.02 53.48 23.73
N VAL BA 202 -2.07 54.18 23.31
CA VAL BA 202 -2.50 55.40 24.00
C VAL BA 202 -3.90 55.27 24.50
N VAL BA 203 -4.50 54.09 24.34
CA VAL BA 203 -5.80 53.78 24.91
C VAL BA 203 -5.70 53.67 26.43
N SER BA 204 -4.51 53.36 26.93
CA SER BA 204 -4.31 53.10 28.35
C SER BA 204 -3.81 54.32 29.10
N VAL BA 205 -4.32 55.50 28.78
CA VAL BA 205 -3.97 56.64 29.62
C VAL BA 205 -4.68 56.47 30.95
N ASN BA 206 -3.92 56.49 32.04
CA ASN BA 206 -4.42 55.96 33.29
C ASN BA 206 -5.27 56.96 34.05
N ASN BA 207 -4.76 58.17 34.25
CA ASN BA 207 -5.44 59.16 35.05
C ASN BA 207 -5.76 60.37 34.19
N MET BA 208 -6.37 61.38 34.81
CA MET BA 208 -6.65 62.58 34.06
C MET BA 208 -5.47 63.52 34.01
N GLU BA 209 -4.50 63.36 34.91
CA GLU BA 209 -3.37 64.27 34.93
C GLU BA 209 -2.43 64.00 33.77
N ASP BA 210 -2.50 62.82 33.17
CA ASP BA 210 -1.80 62.54 31.93
C ASP BA 210 -2.63 62.94 30.72
N VAL BA 211 -3.95 62.98 30.87
CA VAL BA 211 -4.81 63.46 29.79
C VAL BA 211 -4.63 64.95 29.60
N ILE BA 212 -4.68 65.70 30.70
CA ILE BA 212 -4.55 67.15 30.62
C ILE BA 212 -3.12 67.53 30.33
N GLY BA 213 -2.17 66.76 30.86
CA GLY BA 213 -0.79 66.97 30.54
C GLY BA 213 -0.50 66.71 29.07
N GLY BA 214 -1.09 65.66 28.52
CA GLY BA 214 -0.86 65.32 27.13
C GLY BA 214 -1.46 66.30 26.14
N HIS BA 215 -2.44 67.08 26.57
CA HIS BA 215 -2.98 68.11 25.68
C HIS BA 215 -2.19 69.40 25.72
N ILE BA 216 -1.37 69.60 26.75
CA ILE BA 216 -0.38 70.66 26.66
C ILE BA 216 0.63 70.33 25.57
N TRP BA 217 1.04 69.06 25.50
CA TRP BA 217 2.07 68.67 24.54
C TRP BA 217 1.54 68.72 23.12
N VAL BA 218 0.34 68.19 22.89
CA VAL BA 218 -0.29 68.30 21.58
C VAL BA 218 -0.53 69.76 21.23
N GLY BA 219 -0.87 70.56 22.24
CA GLY BA 219 -1.04 71.98 22.00
C GLY BA 219 0.24 72.70 21.68
N ILE BA 220 1.35 72.34 22.36
CA ILE BA 220 2.63 72.97 22.07
C ILE BA 220 3.12 72.56 20.68
N LEU BA 221 3.01 71.27 20.37
CA LEU BA 221 3.53 70.76 19.11
C LEU BA 221 2.73 71.28 17.92
N CYS BA 222 1.41 71.40 18.07
CA CYS BA 222 0.60 71.86 16.95
C CYS BA 222 0.78 73.34 16.67
N ILE BA 223 1.17 74.13 17.67
CA ILE BA 223 1.43 75.54 17.38
C ILE BA 223 2.83 75.73 16.83
N VAL BA 224 3.82 75.09 17.44
CA VAL BA 224 5.18 75.12 16.91
C VAL BA 224 5.23 74.48 15.53
N GLY BA 225 4.46 73.42 15.32
CA GLY BA 225 4.27 72.92 13.97
C GLY BA 225 3.47 73.87 13.10
N GLY BA 226 2.54 74.60 13.70
CA GLY BA 226 1.74 75.52 12.92
C GLY BA 226 2.51 76.71 12.44
N ILE BA 227 3.44 77.21 13.26
CA ILE BA 227 4.31 78.28 12.80
C ILE BA 227 5.41 77.71 11.89
N TRP BA 228 5.66 76.41 11.96
CA TRP BA 228 6.68 75.80 11.11
C TRP BA 228 6.27 75.79 9.66
N HIS BA 229 5.00 75.50 9.37
CA HIS BA 229 4.62 75.27 7.98
C HIS BA 229 4.18 76.53 7.27
N ILE BA 230 3.86 77.59 7.99
CA ILE BA 230 3.56 78.84 7.30
C ILE BA 230 4.84 79.41 6.71
N PHE BA 231 5.98 79.06 7.29
CA PHE BA 231 7.24 79.64 6.89
C PHE BA 231 8.27 78.61 6.46
N THR BA 232 7.86 77.45 6.02
CA THR BA 232 8.74 76.55 5.29
C THR BA 232 8.07 76.06 4.03
N LYS BA 233 8.90 75.86 3.02
CA LYS BA 233 8.61 75.03 1.88
C LYS BA 233 9.20 73.67 2.18
N PRO BA 234 8.51 72.57 1.84
CA PRO BA 234 8.97 71.25 2.28
C PRO BA 234 10.32 70.86 1.69
N PHE BA 235 11.06 70.06 2.46
CA PHE BA 235 12.46 69.82 2.19
C PHE BA 235 12.61 68.91 0.98
N ALA BA 236 13.87 68.71 0.56
CA ALA BA 236 14.13 67.99 -0.67
C ALA BA 236 13.79 66.52 -0.54
N TRP BA 237 13.93 65.95 0.64
CA TRP BA 237 13.58 64.55 0.83
C TRP BA 237 12.08 64.36 0.83
N ALA BA 238 11.33 65.35 1.29
CA ALA BA 238 9.89 65.31 1.25
C ALA BA 238 9.34 65.85 -0.06
N ARG BA 239 10.18 66.48 -0.87
CA ARG BA 239 9.69 67.00 -2.14
C ARG BA 239 9.49 65.87 -3.13
N ARG BA 240 10.44 64.94 -3.19
CA ARG BA 240 10.41 63.89 -4.18
C ARG BA 240 9.77 62.62 -3.68
N ALA BA 241 9.14 62.65 -2.52
CA ALA BA 241 8.52 61.46 -1.96
C ALA BA 241 7.01 61.47 -2.07
N PHE BA 242 6.40 62.64 -2.15
CA PHE BA 242 4.96 62.77 -2.09
C PHE BA 242 4.40 63.15 -3.44
N VAL BA 243 3.17 62.74 -3.66
CA VAL BA 243 2.41 63.21 -4.82
C VAL BA 243 1.82 64.56 -4.47
N TRP BA 244 2.29 65.60 -5.12
CA TRP BA 244 1.90 66.98 -4.82
C TRP BA 244 0.76 67.35 -5.77
N SER BA 245 -0.45 66.92 -5.43
CA SER BA 245 -1.58 67.09 -6.33
C SER BA 245 -2.85 67.21 -5.49
N GLY BA 246 -3.97 67.19 -6.17
CA GLY BA 246 -5.23 67.49 -5.53
C GLY BA 246 -5.77 66.35 -4.71
N GLU BA 247 -5.92 65.22 -5.37
CA GLU BA 247 -6.52 64.05 -4.75
C GLU BA 247 -5.56 63.36 -3.78
N ALA BA 248 -4.26 63.60 -3.92
CA ALA BA 248 -3.30 62.93 -3.07
C ALA BA 248 -3.33 63.46 -1.66
N TYR BA 249 -3.65 64.73 -1.47
CA TYR BA 249 -3.71 65.26 -0.12
C TYR BA 249 -4.94 64.75 0.58
N LEU BA 250 -6.02 64.56 -0.18
CA LEU BA 250 -7.19 63.89 0.35
C LEU BA 250 -6.82 62.49 0.80
N SER BA 251 -6.06 61.78 -0.03
CA SER BA 251 -5.60 60.43 0.28
C SER BA 251 -4.78 60.40 1.56
N TYR BA 252 -3.86 61.35 1.70
CA TYR BA 252 -2.95 61.40 2.84
C TYR BA 252 -3.70 61.59 4.14
N SER BA 253 -4.83 62.31 4.09
CA SER BA 253 -5.62 62.50 5.28
C SER BA 253 -6.59 61.36 5.52
N LEU BA 254 -6.97 60.63 4.47
CA LEU BA 254 -7.85 59.48 4.65
C LEU BA 254 -7.14 58.36 5.39
N ALA BA 255 -5.83 58.26 5.24
CA ALA BA 255 -5.07 57.31 6.02
C ALA BA 255 -5.02 57.72 7.47
N ALA BA 256 -4.82 59.01 7.73
CA ALA BA 256 -4.66 59.45 9.10
C ALA BA 256 -6.00 59.53 9.81
N ILE BA 257 -7.07 59.88 9.09
CA ILE BA 257 -8.37 59.88 9.74
C ILE BA 257 -8.87 58.45 9.93
N SER BA 258 -8.35 57.48 9.17
CA SER BA 258 -8.71 56.10 9.43
C SER BA 258 -7.89 55.53 10.57
N LEU BA 259 -6.68 56.04 10.78
CA LEU BA 259 -5.92 55.65 11.96
C LEU BA 259 -6.58 56.19 13.21
N MET BA 260 -7.06 57.44 13.15
CA MET BA 260 -7.67 58.05 14.31
C MET BA 260 -8.99 57.39 14.67
N GLY BA 261 -9.70 56.87 13.69
CA GLY BA 261 -10.94 56.19 13.99
C GLY BA 261 -10.76 54.82 14.60
N PHE BA 262 -9.67 54.14 14.26
CA PHE BA 262 -9.38 52.86 14.92
C PHE BA 262 -9.01 53.07 16.37
N THR BA 263 -8.27 54.13 16.67
CA THR BA 263 -7.91 54.40 18.06
C THR BA 263 -9.12 54.86 18.84
N ALA BA 264 -9.88 55.82 18.29
CA ALA BA 264 -11.06 56.29 18.98
C ALA BA 264 -12.17 55.27 19.03
N ALA BA 265 -12.10 54.22 18.23
CA ALA BA 265 -12.91 53.05 18.52
C ALA BA 265 -12.47 52.42 19.82
N LEU BA 266 -11.17 52.28 20.03
CA LEU BA 266 -10.68 51.45 21.10
C LEU BA 266 -10.60 52.16 22.44
N TYR BA 267 -10.54 53.49 22.45
CA TYR BA 267 -10.81 54.21 23.69
C TYR BA 267 -12.20 53.89 24.18
N SER BA 268 -13.14 53.82 23.28
CA SER BA 268 -14.51 53.47 23.59
C SER BA 268 -14.73 52.00 23.60
N TRP BA 269 -13.71 51.23 23.95
CA TRP BA 269 -13.88 49.85 24.37
C TRP BA 269 -13.10 49.54 25.63
N TYR BA 270 -11.90 50.10 25.78
CA TYR BA 270 -11.03 49.69 26.86
C TYR BA 270 -10.85 50.74 27.93
N ASN BA 271 -10.99 52.01 27.61
CA ASN BA 271 -10.60 53.08 28.53
C ASN BA 271 -11.66 53.26 29.61
N ASN BA 272 -11.18 53.38 30.84
CA ASN BA 272 -11.97 53.73 32.01
C ASN BA 272 -11.89 55.21 32.33
N THR BA 273 -10.84 55.89 31.88
CA THR BA 273 -10.45 57.19 32.40
C THR BA 273 -11.06 58.34 31.62
N ALA BA 274 -10.74 58.46 30.34
CA ALA BA 274 -11.40 59.48 29.55
C ALA BA 274 -12.83 59.11 29.23
N TYR BA 275 -13.13 57.81 29.15
CA TYR BA 275 -14.47 57.30 28.90
C TYR BA 275 -14.91 56.51 30.12
N PRO BA 276 -15.56 57.16 31.07
CA PRO BA 276 -15.91 56.53 32.34
C PRO BA 276 -16.96 55.45 32.20
N SER BA 277 -17.07 54.64 33.25
CA SER BA 277 -17.92 53.47 33.21
C SER BA 277 -19.30 53.71 33.77
N GLU BA 278 -19.50 54.80 34.47
CA GLU BA 278 -20.81 55.15 34.97
C GLU BA 278 -21.52 56.11 34.05
N LEU BA 279 -20.88 56.48 32.95
CA LEU BA 279 -21.50 57.25 31.89
C LEU BA 279 -21.64 56.42 30.62
N TYR BA 280 -20.57 55.74 30.22
CA TYR BA 280 -20.61 54.94 29.02
C TYR BA 280 -20.95 53.48 29.28
N GLY BA 281 -21.18 53.08 30.52
CA GLY BA 281 -21.36 51.68 30.82
C GLY BA 281 -20.02 51.03 31.06
N PRO BA 282 -20.01 49.82 31.61
CA PRO BA 282 -18.74 49.14 31.89
C PRO BA 282 -18.05 48.71 30.61
N THR BA 283 -16.75 48.48 30.71
CA THR BA 283 -15.97 48.10 29.54
C THR BA 283 -16.25 46.65 29.19
N GLY BA 284 -15.56 46.18 28.17
CA GLY BA 284 -15.41 44.76 27.93
C GLY BA 284 -14.79 44.05 29.11
N PRO BA 285 -13.59 44.46 29.54
CA PRO BA 285 -13.02 43.83 30.74
C PRO BA 285 -13.79 44.05 32.03
N GLU BA 286 -14.43 45.20 32.22
CA GLU BA 286 -15.02 45.51 33.52
C GLU BA 286 -16.25 44.68 33.82
N ALA BA 287 -16.97 44.26 32.79
CA ALA BA 287 -18.14 43.43 33.02
C ALA BA 287 -17.76 42.05 33.52
N SER BA 288 -16.69 41.48 32.96
CA SER BA 288 -16.30 40.13 33.35
C SER BA 288 -15.55 40.11 34.66
N GLN BA 289 -14.79 41.17 34.96
CA GLN BA 289 -14.17 41.26 36.28
C GLN BA 289 -15.22 41.51 37.34
N ALA BA 290 -16.30 42.19 37.00
CA ALA BA 290 -17.38 42.38 37.95
C ALA BA 290 -18.13 41.10 38.21
N GLN BA 291 -18.12 40.18 37.25
CA GLN BA 291 -18.82 38.93 37.45
C GLN BA 291 -18.06 38.02 38.40
N ALA BA 292 -16.75 37.95 38.24
CA ALA BA 292 -15.94 37.16 39.15
C ALA BA 292 -15.85 37.83 40.52
N PHE BA 293 -16.10 39.13 40.58
CA PHE BA 293 -16.12 39.82 41.87
C PHE BA 293 -17.45 39.63 42.57
N THR BA 294 -18.55 39.57 41.84
CA THR BA 294 -19.86 39.49 42.46
C THR BA 294 -20.09 38.13 43.10
N PHE BA 295 -19.70 37.06 42.44
CA PHE BA 295 -19.87 35.75 43.05
C PHE BA 295 -18.73 35.40 43.98
N LEU BA 296 -17.63 36.15 43.96
CA LEU BA 296 -16.68 36.07 45.06
C LEU BA 296 -17.32 36.54 46.34
N VAL BA 297 -18.07 37.63 46.27
CA VAL BA 297 -18.65 38.25 47.45
C VAL BA 297 -19.72 37.36 48.06
N ARG BA 298 -20.70 36.99 47.25
CA ARG BA 298 -21.85 36.27 47.77
C ARG BA 298 -21.56 34.82 48.07
N ASP BA 299 -20.41 34.30 47.69
CA ASP BA 299 -19.99 33.02 48.20
C ASP BA 299 -19.10 33.16 49.42
N GLN BA 300 -18.49 34.32 49.63
CA GLN BA 300 -17.80 34.56 50.88
C GLN BA 300 -18.78 34.92 51.99
N ARG BA 301 -19.89 35.57 51.65
CA ARG BA 301 -20.97 35.79 52.60
C ARG BA 301 -21.56 34.47 53.09
N LEU BA 302 -21.49 33.43 52.26
CA LEU BA 302 -21.83 32.08 52.67
C LEU BA 302 -20.64 31.33 53.23
N GLY BA 303 -19.53 32.02 53.48
CA GLY BA 303 -18.41 31.43 54.16
C GLY BA 303 -17.56 30.50 53.34
N ALA BA 304 -17.19 30.91 52.14
CA ALA BA 304 -16.21 30.15 51.37
C ALA BA 304 -14.81 30.65 51.69
N ASN BA 305 -13.89 29.71 51.79
CA ASN BA 305 -12.47 30.06 51.90
C ASN BA 305 -12.01 30.42 50.50
N VAL BA 306 -12.27 31.67 50.11
CA VAL BA 306 -11.74 32.25 48.88
C VAL BA 306 -10.23 32.25 48.95
N SER BA 307 -9.60 31.94 47.80
CA SER BA 307 -8.21 31.69 47.50
C SER BA 307 -7.79 30.30 47.93
N SER BA 308 -8.67 29.48 48.48
CA SER BA 308 -8.36 28.08 48.73
C SER BA 308 -9.33 27.14 48.05
N ALA BA 309 -10.34 27.67 47.34
CA ALA BA 309 -11.23 26.87 46.53
C ALA BA 309 -10.60 26.65 45.17
N GLN BA 310 -10.75 25.45 44.61
CA GLN BA 310 -9.98 25.09 43.43
C GLN BA 310 -10.74 25.36 42.14
N GLY BA 311 -11.99 24.95 42.06
CA GLY BA 311 -12.66 24.93 40.80
C GLY BA 311 -12.40 23.62 40.12
N PRO BA 312 -13.06 23.38 38.97
CA PRO BA 312 -12.82 22.15 38.22
C PRO BA 312 -11.42 22.06 37.71
N THR BA 313 -10.84 23.19 37.36
CA THR BA 313 -9.55 23.14 36.72
C THR BA 313 -8.41 22.88 37.69
N GLY BA 314 -8.60 23.13 38.98
CA GLY BA 314 -7.49 23.10 39.90
C GLY BA 314 -6.65 24.35 39.88
N LEU BA 315 -7.13 25.41 39.23
CA LEU BA 315 -6.35 26.61 39.05
C LEU BA 315 -6.86 27.79 39.85
N GLY BA 316 -8.10 27.74 40.31
CA GLY BA 316 -8.63 28.84 41.09
C GLY BA 316 -10.00 29.29 40.64
N LYS BA 317 -10.96 29.18 41.54
CA LYS BA 317 -12.32 29.52 41.19
C LYS BA 317 -12.58 31.00 41.38
N TYR BA 318 -11.98 31.59 42.39
CA TYR BA 318 -12.20 33.00 42.69
C TYR BA 318 -10.95 33.84 42.51
N LEU BA 319 -9.90 33.52 43.23
CA LEU BA 319 -8.63 34.19 43.06
C LEU BA 319 -7.64 33.24 42.39
N MET BA 320 -6.67 33.82 41.71
CA MET BA 320 -5.74 33.08 40.89
C MET BA 320 -4.56 33.99 40.62
N ARG BA 321 -3.44 33.41 40.24
CA ARG BA 321 -2.21 34.16 40.07
C ARG BA 321 -2.05 34.52 38.61
N SER BA 322 -1.72 35.79 38.34
CA SER BA 322 -1.59 36.29 36.98
C SER BA 322 -0.29 35.78 36.36
N PRO BA 323 -0.12 35.88 35.04
CA PRO BA 323 1.13 35.44 34.42
C PRO BA 323 2.35 36.28 34.72
N SER BA 324 2.22 37.39 35.42
CA SER BA 324 3.37 38.06 35.98
C SER BA 324 3.50 37.77 37.46
N GLY BA 325 2.53 37.10 38.04
CA GLY BA 325 2.59 36.67 39.42
C GLY BA 325 1.58 37.31 40.35
N GLU BA 326 0.65 38.09 39.83
CA GLU BA 326 -0.23 38.89 40.67
C GLU BA 326 -1.53 38.16 40.94
N ILE BA 327 -2.09 38.39 42.11
CA ILE BA 327 -3.34 37.76 42.48
C ILE BA 327 -4.47 38.44 41.73
N ILE BA 328 -5.14 37.70 40.85
CA ILE BA 328 -6.22 38.25 40.03
C ILE BA 328 -7.47 37.42 40.23
N PHE BA 329 -8.56 37.86 39.63
CA PHE BA 329 -9.80 37.12 39.70
C PHE BA 329 -9.72 35.88 38.81
N GLY BA 330 -10.16 34.76 39.35
CA GLY BA 330 -10.13 33.51 38.62
C GLY BA 330 -11.28 33.39 37.67
N GLY BA 331 -11.31 32.28 36.98
CA GLY BA 331 -12.29 32.08 35.94
C GLY BA 331 -11.71 32.49 34.60
N GLU BA 332 -12.60 32.63 33.62
CA GLU BA 332 -12.17 32.97 32.28
C GLU BA 332 -11.68 34.42 32.20
N THR BA 333 -11.97 35.22 33.21
CA THR BA 333 -11.46 36.58 33.26
C THR BA 333 -9.96 36.66 33.60
N MET BA 334 -9.25 35.53 33.49
CA MET BA 334 -7.80 35.46 33.46
C MET BA 334 -7.17 36.17 32.27
N ARG BA 335 -7.95 36.67 31.33
CA ARG BA 335 -7.40 37.43 30.23
C ARG BA 335 -7.54 38.93 30.42
N PHE BA 336 -8.48 39.37 31.26
CA PHE BA 336 -8.75 40.78 31.44
C PHE BA 336 -8.14 41.31 32.71
N TRP BA 337 -6.99 40.80 33.11
CA TRP BA 337 -6.42 41.16 34.39
C TRP BA 337 -5.52 42.37 34.28
N ASP BA 338 -5.38 42.91 33.07
CA ASP BA 338 -4.73 44.21 32.89
C ASP BA 338 -5.63 45.36 33.24
N LEU BA 339 -6.84 45.07 33.72
CA LEU BA 339 -7.81 46.08 34.07
C LEU BA 339 -7.33 46.92 35.25
N ARG BA 340 -7.72 48.18 35.22
CA ARG BA 340 -7.58 49.09 36.35
C ARG BA 340 -8.83 49.95 36.38
N ALA BA 341 -9.72 49.69 37.32
CA ALA BA 341 -10.99 50.41 37.42
C ALA BA 341 -11.12 51.00 38.82
N PRO BA 342 -11.81 52.13 38.99
CA PRO BA 342 -11.85 52.77 40.30
C PRO BA 342 -12.72 52.06 41.33
N TRP BA 343 -13.30 50.92 41.02
CA TRP BA 343 -13.91 50.10 42.06
C TRP BA 343 -13.11 48.85 42.39
N VAL BA 344 -12.22 48.44 41.50
CA VAL BA 344 -11.35 47.30 41.79
C VAL BA 344 -10.14 47.76 42.58
N GLU BA 345 -9.54 48.87 42.17
CA GLU BA 345 -8.29 49.33 42.77
C GLU BA 345 -8.28 49.65 44.27
N PRO BA 346 -9.43 49.94 44.98
CA PRO BA 346 -9.32 49.96 46.45
C PRO BA 346 -8.94 48.63 47.10
N LEU BA 347 -8.99 47.53 46.35
CA LEU BA 347 -8.60 46.24 46.87
C LEU BA 347 -7.25 45.76 46.35
N ARG BA 348 -6.61 46.52 45.47
CA ARG BA 348 -5.31 46.13 44.97
C ARG BA 348 -4.23 46.49 45.97
N GLY BA 349 -3.28 45.58 46.17
CA GLY BA 349 -2.15 45.86 47.01
C GLY BA 349 -0.98 46.33 46.18
N PRO BA 350 0.23 46.08 46.64
CA PRO BA 350 1.39 46.28 45.77
C PRO BA 350 1.59 45.10 44.84
N ASN BA 351 1.18 43.89 45.23
CA ASN BA 351 0.95 42.83 44.27
C ASN BA 351 -0.53 42.48 44.30
N GLY BA 352 -1.08 42.15 43.14
CA GLY BA 352 -2.40 41.70 42.77
C GLY BA 352 -3.50 42.33 43.57
N LEU BA 353 -4.43 41.51 44.01
CA LEU BA 353 -5.40 41.89 45.02
C LEU BA 353 -4.83 41.54 46.40
N ASP BA 354 -5.08 42.42 47.37
CA ASP BA 354 -4.50 42.27 48.70
C ASP BA 354 -5.52 41.60 49.61
N ILE BA 355 -5.19 40.38 50.06
CA ILE BA 355 -6.20 39.37 50.36
C ILE BA 355 -7.02 39.74 51.59
N ASN BA 356 -6.38 40.27 52.62
CA ASN BA 356 -7.13 40.59 53.84
C ASN BA 356 -8.01 41.83 53.69
N LYS BA 357 -7.85 42.59 52.61
CA LYS BA 357 -8.81 43.63 52.29
C LYS BA 357 -10.07 43.07 51.65
N ILE BA 358 -9.94 41.98 50.88
CA ILE BA 358 -11.10 41.29 50.35
C ILE BA 358 -11.91 40.69 51.49
N LYS BA 359 -11.24 40.14 52.49
CA LYS BA 359 -11.94 39.50 53.59
C LYS BA 359 -12.56 40.53 54.52
N ASN BA 360 -11.77 41.49 54.99
CA ASN BA 360 -12.26 42.40 56.01
C ASN BA 360 -12.93 43.62 55.40
N ASP BA 361 -12.20 44.41 54.64
CA ASP BA 361 -12.61 45.77 54.33
C ASP BA 361 -13.28 45.91 52.98
N ILE BA 362 -14.00 44.89 52.51
CA ILE BA 362 -14.77 45.06 51.29
C ILE BA 362 -16.03 45.87 51.59
N GLN BA 363 -16.46 46.66 50.62
CA GLN BA 363 -17.44 47.71 50.82
C GLN BA 363 -18.72 47.44 50.03
N PRO BA 364 -19.87 47.97 50.50
CA PRO BA 364 -21.12 47.67 49.79
C PRO BA 364 -21.30 48.45 48.52
N TRP BA 365 -20.64 49.59 48.36
CA TRP BA 365 -20.75 50.32 47.10
C TRP BA 365 -20.06 49.57 45.98
N GLN BA 366 -19.00 48.84 46.30
CA GLN BA 366 -18.38 47.96 45.32
C GLN BA 366 -19.31 46.82 44.95
N GLU BA 367 -20.16 46.38 45.88
CA GLU BA 367 -21.09 45.31 45.57
C GLU BA 367 -22.27 45.81 44.76
N ARG BA 368 -22.71 47.04 45.03
CA ARG BA 368 -23.77 47.63 44.20
C ARG BA 368 -23.27 47.91 42.81
N ARG BA 369 -22.02 48.35 42.69
CA ARG BA 369 -21.49 48.75 41.40
C ARG BA 369 -21.14 47.55 40.53
N ALA BA 370 -20.57 46.51 41.12
CA ALA BA 370 -20.22 45.33 40.35
C ALA BA 370 -21.45 44.54 39.94
N ALA BA 371 -22.55 44.69 40.66
CA ALA BA 371 -23.80 44.12 40.18
C ALA BA 371 -24.45 44.95 39.09
N GLU BA 372 -24.18 46.25 39.05
CA GLU BA 372 -24.58 47.05 37.90
C GLU BA 372 -23.77 46.67 36.68
N TYR BA 373 -22.46 46.55 36.85
CA TYR BA 373 -21.58 46.37 35.72
C TYR BA 373 -21.57 44.94 35.22
N MET BA 374 -22.09 44.00 36.00
CA MET BA 374 -22.16 42.64 35.51
C MET BA 374 -23.34 42.46 34.58
N THR BA 375 -24.44 43.13 34.87
CA THR BA 375 -25.66 42.90 34.13
C THR BA 375 -25.95 43.97 33.10
N HIS BA 376 -25.21 45.07 33.13
CA HIS BA 376 -25.23 46.04 32.05
C HIS BA 376 -23.98 45.98 31.21
N ALA BA 377 -23.49 44.78 30.97
CA ALA BA 377 -22.35 44.41 30.17
C ALA BA 377 -22.48 44.92 28.75
N PRO BA 378 -21.38 45.18 28.05
CA PRO BA 378 -21.47 45.51 26.63
C PRO BA 378 -21.70 44.29 25.77
N LEU BA 379 -22.83 43.63 25.94
CA LEU BA 379 -23.29 42.58 25.06
C LEU BA 379 -24.70 42.93 24.61
N GLY BA 380 -25.02 42.63 23.36
CA GLY BA 380 -26.34 42.98 22.89
C GLY BA 380 -26.52 42.81 21.40
N SER BA 381 -27.75 42.80 20.94
CA SER BA 381 -28.07 42.51 19.56
C SER BA 381 -28.35 43.80 18.81
N LEU BA 382 -28.67 43.66 17.52
CA LEU BA 382 -28.98 44.82 16.70
C LEU BA 382 -30.28 45.46 17.11
N ASN BA 383 -31.28 44.65 17.43
CA ASN BA 383 -32.55 45.19 17.89
C ASN BA 383 -32.53 45.60 19.35
N SER BA 384 -31.34 45.63 19.96
CA SER BA 384 -31.05 46.14 21.31
C SER BA 384 -31.83 45.35 22.37
N VAL BA 385 -31.42 44.10 22.52
CA VAL BA 385 -31.92 43.26 23.59
C VAL BA 385 -30.96 43.24 24.78
N GLY BA 386 -29.76 42.72 24.59
CA GLY BA 386 -28.83 42.72 25.71
C GLY BA 386 -28.50 41.32 26.18
N GLY BA 387 -27.29 41.19 26.69
CA GLY BA 387 -26.75 39.89 27.00
C GLY BA 387 -26.23 39.21 25.74
N VAL BA 388 -26.13 37.89 25.82
CA VAL BA 388 -25.65 37.03 24.74
C VAL BA 388 -26.69 37.02 23.61
N ALA BA 389 -26.37 36.35 22.50
CA ALA BA 389 -27.38 36.06 21.49
C ALA BA 389 -28.58 35.30 22.04
N THR BA 390 -28.39 34.52 23.11
CA THR BA 390 -29.33 33.45 23.42
C THR BA 390 -30.45 33.86 24.38
N GLU BA 391 -30.48 35.11 24.84
CA GLU BA 391 -31.53 35.48 25.79
C GLU BA 391 -32.82 35.87 25.09
N ILE BA 392 -33.74 36.42 25.87
CA ILE BA 392 -35.13 36.60 25.48
C ILE BA 392 -35.44 38.10 25.48
N ASN BA 393 -36.49 38.46 24.75
CA ASN BA 393 -36.83 39.87 24.52
C ASN BA 393 -37.49 40.42 25.77
N SER BA 394 -36.69 40.78 26.77
CA SER BA 394 -37.23 41.57 27.87
C SER BA 394 -36.42 42.84 28.11
N VAL BA 395 -35.10 42.72 28.15
CA VAL BA 395 -34.23 43.86 28.38
C VAL BA 395 -34.10 44.67 27.09
N ASN BA 396 -34.05 45.99 27.23
CA ASN BA 396 -33.83 46.89 26.09
C ASN BA 396 -32.54 47.63 26.37
N TYR BA 397 -31.42 47.07 25.94
CA TYR BA 397 -30.14 47.64 26.27
C TYR BA 397 -29.05 47.13 25.34
N VAL BA 398 -28.40 48.04 24.63
CA VAL BA 398 -27.02 47.83 24.17
C VAL BA 398 -26.24 49.05 24.65
N SER BA 399 -25.05 48.79 25.19
CA SER BA 399 -24.24 49.85 25.75
C SER BA 399 -23.79 50.81 24.66
N PRO BA 400 -23.72 52.11 24.94
CA PRO BA 400 -23.12 53.04 23.99
C PRO BA 400 -21.64 52.79 23.80
N ARG BA 401 -21.04 52.13 24.77
CA ARG BA 401 -19.72 51.55 24.64
C ARG BA 401 -19.61 50.66 23.40
N SER BA 402 -20.64 49.90 23.12
CA SER BA 402 -20.60 49.02 21.97
C SER BA 402 -21.07 49.69 20.69
N TRP BA 403 -21.79 50.81 20.77
CA TRP BA 403 -22.14 51.48 19.52
C TRP BA 403 -20.99 52.35 19.02
N LEU BA 404 -20.24 52.96 19.94
CA LEU BA 404 -19.13 53.82 19.56
C LEU BA 404 -18.02 53.03 18.89
N CYS BA 405 -17.72 51.86 19.41
CA CYS BA 405 -16.58 51.13 18.87
C CYS BA 405 -16.95 50.40 17.60
N CYS BA 406 -18.19 49.94 17.47
CA CYS BA 406 -18.58 49.22 16.27
C CYS BA 406 -18.71 50.16 15.09
N SER BA 407 -19.30 51.34 15.30
CA SER BA 407 -19.44 52.30 14.22
C SER BA 407 -18.09 52.84 13.78
N HIS BA 408 -17.21 53.12 14.74
CA HIS BA 408 -15.92 53.67 14.39
C HIS BA 408 -14.87 52.61 14.16
N PHE BA 409 -15.25 51.35 14.15
CA PHE BA 409 -14.38 50.44 13.44
C PHE BA 409 -14.89 50.24 12.03
N PHE BA 410 -16.21 50.29 11.87
CA PHE BA 410 -16.87 50.25 10.58
C PHE BA 410 -16.45 51.43 9.72
N LEU BA 411 -16.78 52.64 10.18
CA LEU BA 411 -16.51 53.86 9.43
C LEU BA 411 -15.03 54.07 9.20
N ALA BA 412 -14.21 53.69 10.17
CA ALA BA 412 -12.78 53.90 10.03
C ALA BA 412 -12.12 52.86 9.16
N PHE BA 413 -12.77 51.75 8.89
CA PHE BA 413 -12.17 50.81 7.98
C PHE BA 413 -12.30 51.28 6.54
N PHE BA 414 -13.48 51.76 6.18
CA PHE BA 414 -13.71 52.18 4.79
C PHE BA 414 -12.84 53.36 4.42
N PHE BA 415 -12.43 54.14 5.41
CA PHE BA 415 -11.58 55.27 5.13
C PHE BA 415 -10.18 54.83 4.83
N LEU BA 416 -9.81 53.65 5.30
CA LEU BA 416 -8.58 53.05 4.87
C LEU BA 416 -8.76 52.37 3.51
N VAL BA 417 -9.99 51.98 3.16
CA VAL BA 417 -10.26 51.60 1.77
C VAL BA 417 -10.25 52.84 0.90
N GLY BA 418 -10.78 53.95 1.42
CA GLY BA 418 -10.78 55.19 0.68
C GLY BA 418 -9.40 55.79 0.51
N HIS BA 419 -8.52 55.56 1.49
CA HIS BA 419 -7.13 55.91 1.28
C HIS BA 419 -6.53 55.06 0.19
N TRP BA 420 -6.85 53.77 0.19
CA TRP BA 420 -6.35 52.87 -0.84
C TRP BA 420 -6.91 53.20 -2.20
N TRP BA 421 -8.10 53.77 -2.26
CA TRP BA 421 -8.63 54.26 -3.52
C TRP BA 421 -7.81 55.44 -4.03
N HIS BA 422 -7.69 56.48 -3.21
CA HIS BA 422 -7.10 57.71 -3.70
C HIS BA 422 -5.59 57.68 -3.69
N ALA BA 423 -4.95 56.83 -2.91
CA ALA BA 423 -3.52 56.66 -3.11
C ALA BA 423 -3.25 55.91 -4.40
N GLY BA 424 -4.21 55.13 -4.86
CA GLY BA 424 -4.10 54.51 -6.16
C GLY BA 424 -4.44 55.47 -7.29
N ARG BA 425 -5.52 56.22 -7.16
CA ARG BA 425 -5.94 57.07 -8.28
C ARG BA 425 -5.03 58.26 -8.46
N ALA BA 426 -4.74 59.00 -7.38
CA ALA BA 426 -4.07 60.30 -7.50
C ALA BA 426 -2.65 60.16 -7.99
N ARG BA 427 -2.08 58.99 -7.88
CA ARG BA 427 -0.74 58.77 -8.36
C ARG BA 427 -0.71 58.21 -9.77
N ALA BA 428 -1.77 57.52 -10.19
CA ALA BA 428 -1.97 57.29 -11.62
C ALA BA 428 -2.34 58.57 -12.32
N ALA BA 429 -3.15 59.39 -11.67
CA ALA BA 429 -3.54 60.66 -12.26
C ALA BA 429 -2.36 61.61 -12.33
N ALA BA 430 -1.41 61.48 -11.43
CA ALA BA 430 -0.19 62.26 -11.52
C ALA BA 430 0.72 61.72 -12.62
N ALA BA 431 0.87 60.39 -12.67
CA ALA BA 431 1.76 59.80 -13.65
C ALA BA 431 1.17 59.87 -15.05
N GLY BA 432 -0.14 59.83 -15.17
CA GLY BA 432 -0.79 60.07 -16.44
C GLY BA 432 -1.42 58.86 -17.09
N PHE BA 433 -1.51 57.72 -16.41
CA PHE BA 433 -2.12 56.54 -17.01
C PHE BA 433 -3.45 56.18 -16.36
N GLU BA 434 -4.09 57.13 -15.67
CA GLU BA 434 -5.30 56.84 -14.89
C GLU BA 434 -6.50 56.51 -15.74
N LYS BA 435 -6.45 56.76 -17.05
CA LYS BA 435 -7.58 56.42 -17.90
C LYS BA 435 -7.38 55.11 -18.63
N GLY BA 436 -6.17 54.60 -18.70
CA GLY BA 436 -5.94 53.28 -19.23
C GLY BA 436 -4.64 53.23 -20.00
N ILE BA 437 -4.51 52.19 -20.80
CA ILE BA 437 -3.31 51.92 -21.58
C ILE BA 437 -3.37 52.71 -22.88
N ASP BA 438 -2.21 53.15 -23.38
CA ASP BA 438 -2.10 54.02 -24.55
C ASP BA 438 -2.37 53.30 -25.87
N ARG BA 439 -2.13 51.97 -25.92
CA ARG BA 439 -2.33 51.04 -27.04
C ARG BA 439 -1.29 51.21 -28.15
N ASP BA 440 -0.47 52.26 -28.12
CA ASP BA 440 0.68 52.32 -29.02
C ASP BA 440 1.99 52.37 -28.26
N PHE BA 441 2.04 53.13 -27.18
CA PHE BA 441 3.23 53.24 -26.35
C PHE BA 441 3.46 52.01 -25.49
N GLU BA 442 2.44 51.14 -25.38
CA GLU BA 442 2.12 50.23 -24.28
C GLU BA 442 3.36 49.63 -23.63
N PRO BA 443 3.58 49.88 -22.34
CA PRO BA 443 4.92 49.68 -21.77
C PRO BA 443 5.32 48.24 -21.60
N VAL BA 444 4.35 47.32 -21.62
CA VAL BA 444 4.64 45.90 -21.47
C VAL BA 444 5.39 45.38 -22.69
N LEU BA 445 5.06 45.89 -23.88
CA LEU BA 445 5.76 45.49 -25.09
C LEU BA 445 7.18 46.04 -25.16
N SER BA 446 7.50 47.05 -24.38
CA SER BA 446 8.84 47.63 -24.39
C SER BA 446 9.77 46.95 -23.40
N MET BA 447 9.43 45.75 -22.93
CA MET BA 447 10.17 45.11 -21.85
C MET BA 447 10.76 43.79 -22.29
N THR BA 448 11.77 43.38 -21.55
CA THR BA 448 12.43 42.10 -21.78
C THR BA 448 11.47 40.96 -21.45
N PRO BA 449 11.33 39.96 -22.33
CA PRO BA 449 10.35 38.90 -22.09
C PRO BA 449 10.73 38.02 -20.89
N LEU BA 450 9.71 37.34 -20.36
CA LEU BA 450 9.73 36.66 -19.07
C LEU BA 450 10.14 37.63 -17.96
N ARG CA 1 -48.97 26.43 -44.12
CA ARG CA 1 -48.31 25.40 -43.31
C ARG CA 1 -49.28 24.84 -42.28
N GLY CA 2 -48.81 23.89 -41.48
CA GLY CA 2 -49.68 23.17 -40.56
C GLY CA 2 -50.11 24.00 -39.37
N LEU CA 3 -50.94 23.36 -38.53
CA LEU CA 3 -51.43 23.97 -37.30
C LEU CA 3 -50.29 24.17 -36.32
N PHE CA 4 -49.54 23.10 -36.05
CA PHE CA 4 -48.42 23.11 -35.11
C PHE CA 4 -47.35 24.09 -35.52
N ASP CA 5 -47.19 24.30 -36.81
CA ASP CA 5 -46.23 25.27 -37.30
C ASP CA 5 -46.66 26.69 -36.98
N LEU CA 6 -47.97 26.95 -37.00
CA LEU CA 6 -48.45 28.29 -36.64
C LEU CA 6 -48.35 28.51 -35.14
N VAL CA 7 -48.57 27.46 -34.37
CA VAL CA 7 -48.39 27.52 -32.91
C VAL CA 7 -46.91 27.77 -32.59
N ASP CA 8 -46.03 27.13 -33.36
CA ASP CA 8 -44.60 27.27 -33.17
C ASP CA 8 -44.13 28.68 -33.51
N ASP CA 9 -44.81 29.34 -34.46
CA ASP CA 9 -44.42 30.70 -34.81
C ASP CA 9 -44.78 31.68 -33.72
N TRP CA 10 -45.96 31.49 -33.12
CA TRP CA 10 -46.52 32.54 -32.28
C TRP CA 10 -45.93 32.55 -30.88
N LEU CA 11 -45.53 31.41 -30.35
CA LEU CA 11 -44.80 31.42 -29.09
C LEU CA 11 -43.32 31.74 -29.28
N LYS CA 12 -42.76 31.45 -30.45
CA LYS CA 12 -41.41 31.87 -30.76
C LYS CA 12 -41.37 33.25 -31.41
N LYS CA 13 -42.46 34.00 -31.33
CA LYS CA 13 -42.47 35.37 -31.82
C LYS CA 13 -41.60 36.24 -30.91
N ASP CA 14 -40.73 37.02 -31.52
CA ASP CA 14 -39.81 37.86 -30.77
C ASP CA 14 -40.55 39.06 -30.19
N ARG CA 15 -40.63 39.13 -28.88
CA ARG CA 15 -41.25 40.24 -28.19
C ARG CA 15 -40.50 40.46 -26.88
N PHE CA 16 -41.11 41.20 -25.95
CA PHE CA 16 -40.38 41.69 -24.77
C PHE CA 16 -39.98 40.55 -23.85
N VAL CA 17 -40.88 39.61 -23.60
CA VAL CA 17 -40.56 38.40 -22.86
C VAL CA 17 -40.78 37.23 -23.80
N PHE CA 18 -39.75 36.41 -23.99
CA PHE CA 18 -39.86 35.28 -24.89
C PHE CA 18 -40.64 34.16 -24.21
N VAL CA 19 -41.65 33.64 -24.89
CA VAL CA 19 -42.47 32.61 -24.28
C VAL CA 19 -41.83 31.25 -24.51
N GLY CA 20 -41.77 30.81 -25.75
CA GLY CA 20 -41.18 29.53 -26.07
C GLY CA 20 -41.97 28.30 -25.67
N TRP CA 21 -41.53 27.13 -26.14
CA TRP CA 21 -42.21 25.89 -25.77
C TRP CA 21 -41.99 25.56 -24.31
N SER CA 22 -40.78 25.83 -23.82
CA SER CA 22 -40.46 25.68 -22.41
C SER CA 22 -41.25 26.63 -21.53
N GLY CA 23 -41.74 27.73 -22.10
CA GLY CA 23 -42.55 28.65 -21.35
C GLY CA 23 -43.94 28.12 -21.06
N LEU CA 24 -44.36 27.09 -21.77
CA LEU CA 24 -45.58 26.41 -21.40
C LEU CA 24 -45.39 25.63 -20.11
N LEU CA 25 -44.16 25.25 -19.81
CA LEU CA 25 -43.86 24.58 -18.55
C LEU CA 25 -43.37 25.56 -17.49
N LEU CA 26 -42.60 26.57 -17.88
CA LEU CA 26 -42.04 27.50 -16.89
C LEU CA 26 -43.13 28.37 -16.29
N PHE CA 27 -43.75 29.21 -17.11
CA PHE CA 27 -44.58 30.29 -16.61
C PHE CA 27 -45.80 29.90 -15.78
N PRO CA 28 -46.44 28.72 -15.93
CA PRO CA 28 -47.38 28.35 -14.87
C PRO CA 28 -46.70 27.90 -13.59
N THR CA 29 -45.68 27.04 -13.69
CA THR CA 29 -45.10 26.44 -12.50
C THR CA 29 -44.24 27.43 -11.74
N ALA CA 30 -43.49 28.26 -12.45
CA ALA CA 30 -42.64 29.24 -11.78
C ALA CA 30 -43.44 30.36 -11.16
N TYR CA 31 -44.64 30.61 -11.68
CA TYR CA 31 -45.52 31.60 -11.06
C TYR CA 31 -46.09 31.06 -9.76
N LEU CA 32 -46.51 29.80 -9.76
CA LEU CA 32 -47.17 29.23 -8.59
C LEU CA 32 -46.20 28.94 -7.47
N ALA CA 33 -44.99 28.49 -7.82
CA ALA CA 33 -43.97 28.27 -6.80
C ALA CA 33 -43.56 29.57 -6.14
N ALA CA 34 -43.39 30.62 -6.95
CA ALA CA 34 -43.12 31.93 -6.37
C ALA CA 34 -44.37 32.54 -5.77
N GLY CA 35 -45.54 32.15 -6.26
CA GLY CA 35 -46.76 32.66 -5.68
C GLY CA 35 -47.12 31.94 -4.40
N GLY CA 36 -46.93 30.63 -4.36
CA GLY CA 36 -47.24 29.88 -3.16
C GLY CA 36 -46.28 30.17 -2.03
N TRP CA 37 -45.05 30.59 -2.35
CA TRP CA 37 -44.15 31.02 -1.29
C TRP CA 37 -44.60 32.34 -0.70
N MET CA 38 -45.16 33.23 -1.51
CA MET CA 38 -45.59 34.51 -0.96
C MET CA 38 -46.85 34.36 -0.12
N THR CA 39 -47.78 33.51 -0.56
CA THR CA 39 -49.00 33.32 0.21
C THR CA 39 -48.74 32.51 1.46
N GLY CA 40 -47.84 31.54 1.38
CA GLY CA 40 -47.56 30.71 2.54
C GLY CA 40 -46.78 31.44 3.61
N THR CA 41 -45.92 32.38 3.20
CA THR CA 41 -45.22 33.16 4.20
C THR CA 41 -46.02 34.33 4.71
N THR CA 42 -47.08 34.73 4.03
CA THR CA 42 -47.89 35.81 4.58
C THR CA 42 -49.10 35.33 5.35
N PHE CA 43 -49.57 34.11 5.10
CA PHE CA 43 -50.79 33.71 5.78
C PHE CA 43 -50.67 32.39 6.52
N VAL CA 44 -49.96 31.42 5.94
CA VAL CA 44 -50.12 30.03 6.36
C VAL CA 44 -49.12 29.68 7.45
N THR CA 45 -49.56 28.82 8.35
CA THR CA 45 -48.96 28.57 9.65
C THR CA 45 -47.97 27.42 9.62
N SER CA 46 -47.22 27.32 10.71
CA SER CA 46 -46.57 26.09 11.10
C SER CA 46 -47.20 25.50 12.33
N TRP CA 47 -48.35 26.05 12.75
CA TRP CA 47 -48.83 25.87 14.10
C TRP CA 47 -49.35 24.46 14.33
N TYR CA 48 -49.79 23.80 13.27
CA TYR CA 48 -50.25 22.43 13.40
C TYR CA 48 -49.25 21.42 12.88
N THR CA 49 -48.19 21.84 12.20
CA THR CA 49 -47.19 20.92 11.68
C THR CA 49 -45.92 20.96 12.52
N HIS CA 50 -45.39 22.15 12.76
CA HIS CA 50 -44.24 22.32 13.64
C HIS CA 50 -44.62 22.86 15.00
N GLY CA 51 -45.80 23.45 15.13
CA GLY CA 51 -46.11 24.15 16.36
C GLY CA 51 -45.43 25.48 16.47
N LEU CA 52 -44.97 26.02 15.36
CA LEU CA 52 -44.29 27.30 15.34
C LEU CA 52 -45.24 28.39 14.90
N ALA CA 53 -44.73 29.61 14.82
CA ALA CA 53 -45.37 30.69 14.09
C ALA CA 53 -44.48 30.99 12.89
N SER CA 54 -45.02 30.88 11.69
CA SER CA 54 -44.27 31.25 10.51
C SER CA 54 -45.20 31.87 9.50
N SER CA 55 -45.44 33.16 9.64
CA SER CA 55 -46.16 33.98 8.67
C SER CA 55 -46.02 35.42 9.08
N TYR CA 56 -46.09 36.36 8.12
CA TYR CA 56 -46.11 37.77 8.49
C TYR CA 56 -47.34 38.13 9.28
N LEU CA 57 -48.42 37.40 9.07
CA LEU CA 57 -49.63 37.66 9.80
C LEU CA 57 -49.52 37.29 11.28
N GLU CA 58 -48.70 36.33 11.65
CA GLU CA 58 -48.68 35.86 13.02
C GLU CA 58 -47.65 36.54 13.88
N GLY CA 59 -46.63 37.13 13.27
CA GLY CA 59 -45.60 37.84 14.01
C GLY CA 59 -44.24 37.81 13.37
N CYS CA 60 -44.08 37.18 12.22
CA CYS CA 60 -42.74 36.96 11.72
C CYS CA 60 -42.27 38.15 10.90
N ASN CA 61 -40.98 38.40 11.01
CA ASN CA 61 -40.30 39.36 10.17
C ASN CA 61 -40.07 38.75 8.80
N PHE CA 62 -39.32 39.47 7.96
CA PHE CA 62 -38.80 38.84 6.74
C PHE CA 62 -37.89 37.68 7.08
N LEU CA 63 -37.26 37.75 8.24
CA LEU CA 63 -36.18 36.87 8.61
C LEU CA 63 -36.71 35.58 9.23
N THR CA 64 -37.93 35.57 9.75
CA THR CA 64 -38.44 34.38 10.42
C THR CA 64 -39.70 33.80 9.79
N ALA CA 65 -40.25 34.40 8.74
CA ALA CA 65 -41.39 33.82 8.05
C ALA CA 65 -40.93 32.70 7.13
N ALA CA 66 -41.76 31.67 6.99
CA ALA CA 66 -41.35 30.51 6.22
C ALA CA 66 -42.56 29.71 5.79
N VAL CA 67 -42.52 29.21 4.55
CA VAL CA 67 -43.42 28.14 4.13
C VAL CA 67 -42.84 26.84 4.65
N SER CA 68 -43.55 26.18 5.54
CA SER CA 68 -42.95 25.13 6.34
C SER CA 68 -43.40 23.76 5.90
N THR CA 69 -42.48 22.80 6.07
CA THR CA 69 -42.69 21.40 5.76
C THR CA 69 -43.84 20.83 6.58
N PRO CA 70 -44.54 19.81 6.07
CA PRO CA 70 -45.63 19.22 6.84
C PRO CA 70 -45.16 18.41 8.04
N ALA CA 71 -46.11 17.81 8.74
CA ALA CA 71 -45.78 17.02 9.91
C ALA CA 71 -45.11 15.72 9.49
N ASN CA 72 -44.43 15.09 10.44
CA ASN CA 72 -43.94 13.72 10.23
C ASN CA 72 -45.08 12.72 10.21
N SER CA 73 -46.24 13.09 10.75
CA SER CA 73 -47.42 12.23 10.73
C SER CA 73 -47.78 11.84 9.31
N VAL CA 74 -47.90 12.83 8.44
CA VAL CA 74 -47.83 12.58 7.02
C VAL CA 74 -46.41 12.13 6.68
N GLY CA 75 -46.29 11.05 5.93
CA GLY CA 75 -44.97 10.56 5.60
C GLY CA 75 -44.39 11.29 4.42
N HIS CA 76 -44.03 10.56 3.38
CA HIS CA 76 -43.61 11.20 2.15
C HIS CA 76 -44.74 11.41 1.18
N SER CA 77 -45.94 11.71 1.66
CA SER CA 77 -47.08 11.89 0.78
C SER CA 77 -46.89 13.13 -0.08
N LEU CA 78 -47.58 13.15 -1.21
CA LEU CA 78 -47.48 14.29 -2.11
C LEU CA 78 -48.33 15.46 -1.66
N LEU CA 79 -49.23 15.25 -0.70
CA LEU CA 79 -50.12 16.27 -0.14
C LEU CA 79 -50.91 16.96 -1.24
N LEU CA 80 -51.44 16.15 -2.14
CA LEU CA 80 -52.34 16.64 -3.17
C LEU CA 80 -53.56 17.22 -2.51
N LEU CA 81 -54.10 18.29 -3.10
CA LEU CA 81 -55.29 18.95 -2.57
C LEU CA 81 -56.47 17.98 -2.55
N TRP CA 82 -56.58 17.16 -3.58
CA TRP CA 82 -57.59 16.14 -3.63
C TRP CA 82 -57.19 14.86 -2.92
N GLY CA 83 -56.00 14.83 -2.33
CA GLY CA 83 -55.43 13.59 -1.85
C GLY CA 83 -56.15 13.04 -0.63
N PRO CA 84 -55.72 11.85 -0.20
CA PRO CA 84 -56.43 11.17 0.88
C PRO CA 84 -56.24 11.77 2.25
N GLU CA 85 -55.38 12.78 2.39
CA GLU CA 85 -55.19 13.46 3.66
C GLU CA 85 -55.60 14.91 3.62
N ALA CA 86 -56.09 15.39 2.48
CA ALA CA 86 -56.59 16.76 2.39
C ALA CA 86 -58.05 16.77 1.98
N GLN CA 87 -58.37 15.99 0.93
CA GLN CA 87 -59.73 15.74 0.43
C GLN CA 87 -60.44 17.03 0.05
N GLY CA 88 -59.80 17.75 -0.88
CA GLY CA 88 -60.26 19.11 -1.14
C GLY CA 88 -59.90 19.97 0.05
N ASP CA 89 -60.75 20.96 0.32
CA ASP CA 89 -60.80 21.71 1.59
C ASP CA 89 -59.47 22.40 1.87
N PHE CA 90 -59.26 23.45 1.05
CA PHE CA 90 -58.05 24.28 1.03
C PHE CA 90 -57.61 24.76 2.41
N THR CA 91 -58.56 25.03 3.31
CA THR CA 91 -58.23 25.42 4.67
C THR CA 91 -57.48 24.31 5.39
N ARG CA 92 -57.94 23.06 5.23
CA ARG CA 92 -57.25 21.95 5.83
C ARG CA 92 -55.98 21.59 5.07
N TRP CA 93 -55.92 21.94 3.79
CA TRP CA 93 -54.73 21.65 3.01
C TRP CA 93 -53.59 22.61 3.35
N CYS CA 94 -53.92 23.80 3.85
CA CYS CA 94 -52.86 24.73 4.25
C CYS CA 94 -52.33 24.40 5.63
N GLN CA 95 -53.21 23.99 6.55
CA GLN CA 95 -52.78 23.72 7.91
C GLN CA 95 -51.96 22.45 8.00
N ILE CA 96 -52.18 21.51 7.09
CA ILE CA 96 -51.36 20.30 7.05
C ILE CA 96 -50.00 20.56 6.44
N GLY CA 97 -49.82 21.71 5.80
CA GLY CA 97 -48.56 22.02 5.17
C GLY CA 97 -48.50 21.66 3.70
N GLY CA 98 -49.64 21.71 3.00
CA GLY CA 98 -49.67 21.36 1.61
C GLY CA 98 -48.99 22.36 0.71
N LEU CA 99 -48.82 23.60 1.18
CA LEU CA 99 -48.19 24.60 0.34
C LEU CA 99 -46.72 24.34 0.17
N TRP CA 100 -46.09 23.70 1.15
CA TRP CA 100 -44.67 23.44 1.05
C TRP CA 100 -44.37 22.45 -0.06
N THR CA 101 -45.18 21.40 -0.15
CA THR CA 101 -45.01 20.46 -1.25
C THR CA 101 -45.47 21.11 -2.55
N PHE CA 102 -46.47 21.98 -2.48
CA PHE CA 102 -46.93 22.76 -3.62
C PHE CA 102 -45.81 23.63 -4.19
N VAL CA 103 -45.07 24.31 -3.32
CA VAL CA 103 -43.95 25.12 -3.78
C VAL CA 103 -42.81 24.24 -4.26
N ALA CA 104 -42.53 23.15 -3.54
CA ALA CA 104 -41.38 22.32 -3.89
C ALA CA 104 -41.63 21.47 -5.12
N LEU CA 105 -42.88 21.13 -5.41
CA LEU CA 105 -43.14 20.39 -6.63
C LEU CA 105 -43.37 21.32 -7.82
N HIS CA 106 -43.64 22.60 -7.59
CA HIS CA 106 -43.69 23.50 -8.73
C HIS CA 106 -42.37 24.21 -8.94
N GLY CA 107 -41.60 24.36 -7.88
CA GLY CA 107 -40.23 24.81 -8.04
C GLY CA 107 -39.38 23.78 -8.75
N ALA CA 108 -39.75 22.51 -8.65
CA ALA CA 108 -39.00 21.48 -9.35
C ALA CA 108 -39.22 21.58 -10.86
N PHE CA 109 -40.47 21.71 -11.29
CA PHE CA 109 -40.71 21.81 -12.72
C PHE CA 109 -40.46 23.21 -13.23
N GLY CA 110 -40.44 24.20 -12.35
CA GLY CA 110 -40.02 25.53 -12.76
C GLY CA 110 -38.56 25.58 -13.14
N LEU CA 111 -37.72 24.84 -12.39
CA LEU CA 111 -36.30 24.80 -12.72
C LEU CA 111 -36.05 23.96 -13.96
N ILE CA 112 -36.86 22.93 -14.18
CA ILE CA 112 -36.78 22.18 -15.43
C ILE CA 112 -37.18 23.08 -16.59
N GLY CA 113 -38.27 23.83 -16.42
CA GLY CA 113 -38.71 24.73 -17.46
C GLY CA 113 -37.77 25.88 -17.70
N PHE CA 114 -36.95 26.21 -16.72
CA PHE CA 114 -35.99 27.29 -16.92
C PHE CA 114 -34.71 26.79 -17.55
N CYS CA 115 -34.34 25.54 -17.32
CA CYS CA 115 -33.17 25.02 -18.02
C CYS CA 115 -33.52 24.71 -19.46
N LEU CA 116 -34.71 24.16 -19.70
CA LEU CA 116 -35.22 23.95 -21.05
C LEU CA 116 -35.37 25.26 -21.81
N ARG CA 117 -35.64 26.33 -21.08
CA ARG CA 117 -35.65 27.65 -21.69
C ARG CA 117 -34.28 28.05 -22.17
N GLN CA 118 -33.24 27.64 -21.45
CA GLN CA 118 -31.89 27.96 -21.87
C GLN CA 118 -31.44 27.11 -23.04
N PHE CA 119 -32.07 25.96 -23.27
CA PHE CA 119 -31.79 25.23 -24.50
C PHE CA 119 -32.53 25.86 -25.67
N GLU CA 120 -33.74 26.37 -25.43
CA GLU CA 120 -34.55 26.85 -26.54
C GLU CA 120 -34.05 28.19 -27.05
N ILE CA 121 -33.60 29.07 -26.15
CA ILE CA 121 -32.98 30.32 -26.59
C ILE CA 121 -31.72 30.02 -27.38
N ALA CA 122 -30.90 29.11 -26.89
CA ALA CA 122 -29.58 28.89 -27.47
C ALA CA 122 -29.67 28.26 -28.86
N ARG CA 123 -30.77 27.60 -29.18
CA ARG CA 123 -30.90 27.06 -30.52
C ARG CA 123 -31.23 28.14 -31.52
N LEU CA 124 -32.29 28.88 -31.24
CA LEU CA 124 -32.84 29.77 -32.25
C LEU CA 124 -32.01 31.04 -32.36
N VAL CA 125 -31.42 31.48 -31.24
CA VAL CA 125 -30.38 32.49 -31.30
C VAL CA 125 -29.11 31.96 -31.93
N GLY CA 126 -28.89 30.65 -31.87
CA GLY CA 126 -27.79 30.03 -32.59
C GLY CA 126 -26.48 30.10 -31.86
N ILE CA 127 -26.43 29.51 -30.67
CA ILE CA 127 -25.29 29.67 -29.76
C ILE CA 127 -25.22 28.43 -28.88
N ARG CA 128 -24.04 28.12 -28.49
CA ARG CA 128 -23.56 26.98 -27.72
C ARG CA 128 -24.21 26.95 -26.32
N PRO CA 129 -24.56 25.74 -25.74
CA PRO CA 129 -25.46 25.69 -24.59
C PRO CA 129 -24.77 25.70 -23.23
N TYR CA 130 -23.82 26.59 -23.03
CA TYR CA 130 -23.06 26.45 -21.80
C TYR CA 130 -23.74 27.15 -20.63
N ASN CA 131 -24.76 27.95 -20.88
CA ASN CA 131 -25.59 28.43 -19.79
C ASN CA 131 -26.45 27.31 -19.23
N ALA CA 132 -26.97 26.44 -20.10
CA ALA CA 132 -27.78 25.33 -19.63
C ALA CA 132 -26.95 24.31 -18.87
N ILE CA 133 -25.68 24.18 -19.22
CA ILE CA 133 -24.77 23.33 -18.46
C ILE CA 133 -24.48 23.95 -17.10
N ALA CA 134 -24.20 25.25 -17.08
CA ALA CA 134 -23.89 25.93 -15.84
C ALA CA 134 -25.09 26.07 -14.93
N PHE CA 135 -26.31 26.00 -15.46
CA PHE CA 135 -27.48 26.04 -14.61
C PHE CA 135 -27.82 24.67 -14.03
N SER CA 136 -27.21 23.61 -14.53
CA SER CA 136 -27.51 22.29 -13.99
C SER CA 136 -27.01 22.10 -12.57
N GLY CA 137 -26.08 22.93 -12.10
CA GLY CA 137 -25.68 22.97 -10.72
C GLY CA 137 -26.79 23.39 -9.76
N PRO CA 138 -27.39 24.56 -9.97
CA PRO CA 138 -28.56 24.94 -9.17
C PRO CA 138 -29.76 24.01 -9.29
N ILE CA 139 -29.87 23.23 -10.36
CA ILE CA 139 -30.86 22.16 -10.35
C ILE CA 139 -30.43 21.07 -9.38
N ALA CA 140 -29.14 20.72 -9.38
CA ALA CA 140 -28.65 19.63 -8.54
C ALA CA 140 -28.74 19.98 -7.07
N VAL CA 141 -28.54 21.24 -6.71
CA VAL CA 141 -28.64 21.62 -5.31
C VAL CA 141 -30.08 21.57 -4.85
N PHE CA 142 -31.01 22.01 -5.71
CA PHE CA 142 -32.42 21.98 -5.37
C PHE CA 142 -32.92 20.55 -5.22
N VAL CA 143 -32.61 19.69 -6.19
CA VAL CA 143 -33.15 18.34 -6.19
C VAL CA 143 -32.55 17.52 -5.07
N SER CA 144 -31.28 17.74 -4.76
CA SER CA 144 -30.65 16.90 -3.75
C SER CA 144 -30.97 17.37 -2.33
N VAL CA 145 -31.17 18.66 -2.14
CA VAL CA 145 -31.47 19.16 -0.79
C VAL CA 145 -32.97 19.13 -0.54
N PHE CA 146 -33.76 19.62 -1.47
CA PHE CA 146 -35.18 19.75 -1.17
C PHE CA 146 -35.98 18.53 -1.60
N LEU CA 147 -35.44 17.67 -2.44
CA LEU CA 147 -36.14 16.45 -2.81
C LEU CA 147 -35.38 15.20 -2.37
N LEU CA 148 -34.09 15.06 -2.69
CA LEU CA 148 -33.44 13.79 -2.40
C LEU CA 148 -33.11 13.67 -0.92
N TYR CA 149 -32.85 14.78 -0.24
CA TYR CA 149 -32.57 14.70 1.20
C TYR CA 149 -33.77 14.27 2.03
N PRO CA 150 -34.98 14.83 1.88
CA PRO CA 150 -36.10 14.27 2.67
C PRO CA 150 -36.42 12.84 2.33
N LEU CA 151 -36.36 12.47 1.05
CA LEU CA 151 -36.80 11.15 0.59
C LEU CA 151 -35.89 10.01 1.02
N GLY CA 152 -34.87 10.26 1.83
CA GLY CA 152 -34.19 9.18 2.48
C GLY CA 152 -34.40 9.25 3.96
N GLN CA 153 -34.78 10.41 4.46
CA GLN CA 153 -35.06 10.60 5.88
C GLN CA 153 -36.49 10.17 6.15
N ALA CA 154 -37.00 10.49 7.34
CA ALA CA 154 -38.25 9.90 7.81
C ALA CA 154 -39.45 10.38 7.02
N SER CA 155 -39.54 11.68 6.76
CA SER CA 155 -40.61 12.21 5.93
C SER CA 155 -40.14 13.52 5.30
N TRP CA 156 -41.09 14.25 4.73
CA TRP CA 156 -40.82 15.57 4.18
C TRP CA 156 -40.52 16.60 5.25
N PHE CA 157 -40.72 16.27 6.52
CA PHE CA 157 -40.47 17.15 7.66
C PHE CA 157 -39.02 17.60 7.76
N PHE CA 158 -38.09 16.87 7.15
CA PHE CA 158 -36.67 17.05 7.37
C PHE CA 158 -35.97 17.77 6.25
N ALA CA 159 -36.65 18.03 5.15
CA ALA CA 159 -36.18 19.02 4.22
C ALA CA 159 -36.36 20.39 4.85
N PRO CA 160 -35.60 21.38 4.43
CA PRO CA 160 -35.74 22.69 5.07
C PRO CA 160 -36.89 23.48 4.50
N SER CA 161 -37.43 24.34 5.33
CA SER CA 161 -38.55 25.15 4.93
C SER CA 161 -38.09 26.34 4.11
N PHE CA 162 -38.99 26.88 3.32
CA PHE CA 162 -38.68 28.01 2.46
C PHE CA 162 -38.79 29.28 3.27
N GLY CA 163 -37.74 29.60 4.01
CA GLY CA 163 -37.74 30.81 4.80
C GLY CA 163 -36.35 31.15 5.27
N VAL CA 164 -36.18 32.35 5.81
CA VAL CA 164 -34.83 32.85 6.07
C VAL CA 164 -34.24 32.19 7.30
N ALA CA 165 -34.95 32.23 8.44
CA ALA CA 165 -34.43 31.53 9.61
C ALA CA 165 -34.60 30.02 9.51
N ALA CA 166 -35.56 29.57 8.70
CA ALA CA 166 -35.82 28.15 8.62
C ALA CA 166 -34.72 27.39 7.88
N ILE CA 167 -34.02 28.08 6.98
CA ILE CA 167 -32.83 27.49 6.39
C ILE CA 167 -31.67 27.56 7.36
N PHE CA 168 -31.63 28.61 8.20
CA PHE CA 168 -30.51 28.84 9.09
C PHE CA 168 -30.37 27.72 10.11
N ARG CA 169 -31.49 27.16 10.54
CA ARG CA 169 -31.40 26.02 11.43
C ARG CA 169 -31.11 24.74 10.69
N PHE CA 170 -31.42 24.67 9.39
CA PHE CA 170 -31.07 23.49 8.62
C PHE CA 170 -29.58 23.44 8.41
N LEU CA 171 -28.93 24.60 8.45
CA LEU CA 171 -27.48 24.64 8.58
C LEU CA 171 -27.07 24.07 9.93
N LEU CA 172 -27.79 24.38 10.99
CA LEU CA 172 -27.40 23.89 12.30
C LEU CA 172 -28.06 22.56 12.64
N PHE CA 173 -29.07 22.14 11.88
CA PHE CA 173 -29.55 20.77 11.98
C PHE CA 173 -28.49 19.82 11.46
N LEU CA 174 -28.01 20.05 10.24
CA LEU CA 174 -27.04 19.14 9.67
C LEU CA 174 -25.67 19.25 10.32
N GLN CA 175 -25.40 20.30 11.08
CA GLN CA 175 -24.15 20.31 11.84
C GLN CA 175 -24.21 19.33 13.00
N GLY CA 176 -25.24 19.46 13.83
CA GLY CA 176 -25.28 18.69 15.05
C GLY CA 176 -25.53 17.22 14.80
N PHE CA 177 -26.40 16.91 13.86
CA PHE CA 177 -26.84 15.54 13.69
C PHE CA 177 -25.99 14.80 12.70
N HIS CA 178 -25.31 15.52 11.84
CA HIS CA 178 -24.72 14.92 10.68
C HIS CA 178 -23.27 15.27 10.48
N ASN CA 179 -22.76 16.27 11.21
CA ASN CA 179 -21.38 16.74 11.12
C ASN CA 179 -21.06 17.12 9.68
N TRP CA 180 -21.78 18.14 9.24
CA TRP CA 180 -21.88 18.40 7.81
C TRP CA 180 -20.68 19.14 7.26
N THR CA 181 -20.03 19.96 8.08
CA THR CA 181 -18.83 20.64 7.61
C THR CA 181 -17.67 19.70 7.40
N LEU CA 182 -17.67 18.56 8.08
CA LEU CA 182 -16.57 17.62 7.98
C LEU CA 182 -16.62 16.78 6.71
N ASN CA 183 -17.77 16.71 6.04
CA ASN CA 183 -17.89 15.93 4.82
C ASN CA 183 -17.00 16.55 3.74
N PRO CA 184 -16.05 15.82 3.18
CA PRO CA 184 -15.16 16.41 2.17
C PRO CA 184 -15.84 16.69 0.87
N PHE CA 185 -17.02 16.13 0.63
CA PHE CA 185 -17.82 16.55 -0.51
C PHE CA 185 -18.33 17.96 -0.31
N HIS CA 186 -18.57 18.34 0.93
CA HIS CA 186 -18.94 19.71 1.23
C HIS CA 186 -17.76 20.65 1.17
N MET CA 187 -16.57 20.16 1.54
CA MET CA 187 -15.38 20.99 1.49
C MET CA 187 -15.01 21.33 0.06
N MET CA 188 -15.27 20.41 -0.87
CA MET CA 188 -15.10 20.73 -2.28
C MET CA 188 -16.16 21.71 -2.74
N GLY CA 189 -17.32 21.70 -2.10
CA GLY CA 189 -18.35 22.67 -2.45
C GLY CA 189 -18.01 24.06 -1.98
N VAL CA 190 -17.45 24.18 -0.78
CA VAL CA 190 -17.06 25.49 -0.26
C VAL CA 190 -15.92 26.07 -1.09
N ALA CA 191 -14.99 25.21 -1.51
CA ALA CA 191 -13.89 25.64 -2.37
C ALA CA 191 -14.38 26.10 -3.74
N GLY CA 192 -15.48 25.55 -4.22
CA GLY CA 192 -16.03 25.95 -5.49
C GLY CA 192 -16.76 27.26 -5.42
N ILE CA 193 -17.44 27.50 -4.30
CA ILE CA 193 -18.22 28.73 -4.18
C ILE CA 193 -17.35 29.89 -3.74
N LEU CA 194 -16.42 29.66 -2.82
CA LEU CA 194 -15.48 30.72 -2.46
C LEU CA 194 -14.50 30.97 -3.58
N GLY CA 195 -14.04 29.90 -4.24
CA GLY CA 195 -13.24 30.09 -5.44
C GLY CA 195 -14.02 30.67 -6.60
N GLY CA 196 -15.34 30.49 -6.60
CA GLY CA 196 -16.15 31.12 -7.63
C GLY CA 196 -16.30 32.60 -7.39
N ALA CA 197 -16.49 33.01 -6.14
CA ALA CA 197 -16.51 34.43 -5.81
C ALA CA 197 -15.12 35.04 -5.91
N LEU CA 198 -14.09 34.20 -5.79
CA LEU CA 198 -12.73 34.64 -6.04
C LEU CA 198 -12.54 35.04 -7.48
N LEU CA 199 -12.95 34.18 -8.41
CA LEU CA 199 -12.75 34.44 -9.84
C LEU CA 199 -13.62 35.58 -10.33
N CYS CA 200 -14.78 35.77 -9.71
CA CYS CA 200 -15.59 36.92 -10.05
C CYS CA 200 -14.94 38.21 -9.59
N ALA CA 201 -14.21 38.18 -8.49
CA ALA CA 201 -13.53 39.37 -8.01
C ALA CA 201 -12.23 39.63 -8.75
N ILE CA 202 -11.53 38.57 -9.15
CA ILE CA 202 -10.28 38.75 -9.90
C ILE CA 202 -10.57 39.30 -11.28
N HIS CA 203 -11.33 38.54 -12.08
CA HIS CA 203 -11.51 38.87 -13.48
C HIS CA 203 -12.30 40.16 -13.65
N GLY CA 204 -13.10 40.51 -12.66
CA GLY CA 204 -13.65 41.84 -12.63
C GLY CA 204 -12.58 42.90 -12.47
N ALA CA 205 -11.65 42.67 -11.54
CA ALA CA 205 -10.69 43.70 -11.21
C ALA CA 205 -9.64 43.87 -12.30
N THR CA 206 -9.19 42.77 -12.90
CA THR CA 206 -8.09 42.87 -13.84
C THR CA 206 -8.55 43.44 -15.17
N VAL CA 207 -9.79 43.16 -15.55
CA VAL CA 207 -10.32 43.73 -16.78
C VAL CA 207 -10.51 45.23 -16.62
N GLU CA 208 -10.99 45.67 -15.46
CA GLU CA 208 -11.18 47.10 -15.21
C GLU CA 208 -9.87 47.86 -15.13
N ASN CA 209 -8.78 47.16 -14.90
CA ASN CA 209 -7.55 47.80 -14.54
C ASN CA 209 -6.45 47.61 -15.57
N THR CA 210 -6.67 46.78 -16.56
CA THR CA 210 -5.81 46.76 -17.73
C THR CA 210 -6.49 47.38 -18.94
N LEU CA 211 -7.47 48.25 -18.71
CA LEU CA 211 -8.24 48.86 -19.79
C LEU CA 211 -7.37 49.76 -20.64
N PHE CA 212 -7.86 50.07 -21.83
CA PHE CA 212 -7.17 50.96 -22.75
C PHE CA 212 -7.76 52.35 -22.71
N GLU CA 213 -6.94 53.35 -23.01
CA GLU CA 213 -7.44 54.69 -23.23
C GLU CA 213 -8.20 54.70 -24.54
N ASP CA 214 -9.53 54.83 -24.44
CA ASP CA 214 -10.35 55.00 -25.62
C ASP CA 214 -11.10 56.33 -25.63
N GLY CA 215 -10.71 57.26 -24.76
CA GLY CA 215 -11.31 58.58 -24.75
C GLY CA 215 -10.50 59.49 -23.85
N ASP CA 216 -10.97 60.72 -23.71
CA ASP CA 216 -10.35 61.67 -22.80
C ASP CA 216 -11.15 61.86 -21.52
N ALA CA 217 -12.26 61.17 -21.37
CA ALA CA 217 -13.06 61.29 -20.17
C ALA CA 217 -12.40 60.49 -19.05
N ALA CA 218 -12.46 61.04 -17.83
CA ALA CA 218 -11.96 60.30 -16.68
C ALA CA 218 -12.85 59.10 -16.39
N ASN CA 219 -14.14 59.24 -16.63
CA ASN CA 219 -15.03 58.11 -16.77
C ASN CA 219 -14.56 57.27 -17.95
N THR CA 220 -14.40 55.97 -17.71
CA THR CA 220 -14.00 55.08 -18.78
C THR CA 220 -15.15 54.24 -19.31
N PHE CA 221 -16.30 54.27 -18.64
CA PHE CA 221 -17.41 53.40 -19.05
C PHE CA 221 -18.03 53.85 -20.36
N ARG CA 222 -17.96 55.15 -20.65
CA ARG CA 222 -18.55 55.69 -21.87
C ARG CA 222 -17.65 55.55 -23.07
N ALA CA 223 -16.45 54.97 -22.91
CA ALA CA 223 -15.55 54.75 -24.01
C ALA CA 223 -15.63 53.34 -24.57
N PHE CA 224 -16.79 52.70 -24.50
CA PHE CA 224 -17.02 51.38 -25.05
C PHE CA 224 -18.30 51.37 -25.87
N THR CA 225 -18.24 50.76 -27.05
CA THR CA 225 -19.40 50.38 -27.83
C THR CA 225 -19.36 48.87 -28.03
N PRO CA 226 -20.51 48.19 -28.07
CA PRO CA 226 -20.48 46.72 -28.10
C PRO CA 226 -20.02 46.14 -29.43
N THR CA 227 -19.96 46.95 -30.48
CA THR CA 227 -19.65 46.47 -31.81
C THR CA 227 -18.17 46.52 -32.15
N GLN CA 228 -17.30 46.71 -31.16
CA GLN CA 228 -15.89 46.91 -31.43
C GLN CA 228 -15.22 45.61 -31.86
N SER CA 229 -14.19 45.75 -32.70
CA SER CA 229 -13.41 44.61 -33.14
C SER CA 229 -12.18 44.38 -32.28
N GLU CA 230 -11.73 45.40 -31.56
CA GLU CA 230 -10.53 45.32 -30.75
C GLU CA 230 -10.88 44.91 -29.33
N GLU CA 231 -9.85 44.66 -28.54
CA GLU CA 231 -10.02 44.34 -27.14
C GLU CA 231 -9.95 45.60 -26.31
N THR CA 232 -10.68 45.61 -25.21
CA THR CA 232 -10.74 46.77 -24.36
C THR CA 232 -9.91 46.64 -23.12
N TYR CA 233 -9.26 45.51 -22.93
CA TYR CA 233 -8.26 45.39 -21.89
C TYR CA 233 -7.08 44.61 -22.43
N SER CA 234 -5.90 44.98 -21.97
CA SER CA 234 -4.68 44.42 -22.50
C SER CA 234 -4.41 43.09 -21.83
N MET CA 235 -4.68 42.01 -22.55
CA MET CA 235 -4.45 40.67 -22.04
C MET CA 235 -2.97 40.39 -21.84
N VAL CA 236 -2.10 41.02 -22.63
CA VAL CA 236 -0.67 40.87 -22.44
C VAL CA 236 -0.24 41.54 -21.15
N THR CA 237 -0.76 42.73 -20.89
CA THR CA 237 -0.44 43.45 -19.67
C THR CA 237 -1.00 42.74 -18.45
N ALA CA 238 -2.21 42.17 -18.58
CA ALA CA 238 -2.82 41.45 -17.47
C ALA CA 238 -2.09 40.15 -17.19
N ASN CA 239 -1.55 39.51 -18.23
CA ASN CA 239 -0.73 38.33 -18.00
C ASN CA 239 0.57 38.71 -17.36
N ARG CA 240 1.15 39.84 -17.77
CA ARG CA 240 2.41 40.23 -17.14
C ARG CA 240 2.21 40.62 -15.68
N PHE CA 241 1.01 41.08 -15.33
CA PHE CA 241 0.73 41.44 -13.94
C PHE CA 241 0.82 40.21 -13.03
N TRP CA 242 -0.03 39.22 -13.26
CA TRP CA 242 -0.18 38.15 -12.29
C TRP CA 242 0.96 37.17 -12.34
N SER CA 243 1.61 37.05 -13.49
CA SER CA 243 2.77 36.18 -13.60
C SER CA 243 3.93 36.71 -12.79
N GLN CA 244 3.95 38.01 -12.59
CA GLN CA 244 5.00 38.72 -11.90
C GLN CA 244 4.63 39.05 -10.46
N ILE CA 245 3.33 38.98 -10.12
CA ILE CA 245 2.84 39.17 -8.76
C ILE CA 245 2.56 37.84 -8.09
N PHE CA 246 1.62 37.07 -8.63
CA PHE CA 246 1.25 35.80 -8.03
C PHE CA 246 2.18 34.69 -8.44
N GLY CA 247 2.81 34.80 -9.60
CA GLY CA 247 3.71 33.80 -10.11
C GLY CA 247 3.15 33.02 -11.27
N VAL CA 248 1.83 32.87 -11.34
CA VAL CA 248 1.15 32.02 -12.30
C VAL CA 248 -0.08 32.78 -12.80
N ALA CA 249 -0.27 32.82 -14.12
CA ALA CA 249 -1.35 33.64 -14.68
C ALA CA 249 -1.98 32.94 -15.88
N PHE CA 250 -3.16 33.42 -16.27
CA PHE CA 250 -3.84 32.93 -17.47
C PHE CA 250 -3.15 33.47 -18.71
N SER CA 251 -3.36 32.80 -19.83
CA SER CA 251 -2.96 33.30 -21.12
C SER CA 251 -3.98 33.02 -22.20
N ASN CA 252 -5.13 32.46 -21.85
CA ASN CA 252 -6.24 32.33 -22.79
C ASN CA 252 -7.45 33.03 -22.23
N LYS CA 253 -8.21 33.68 -23.10
CA LYS CA 253 -9.52 34.13 -22.68
C LYS CA 253 -10.54 33.02 -22.78
N ARG CA 254 -10.28 32.03 -23.61
CA ARG CA 254 -11.18 30.90 -23.71
C ARG CA 254 -11.01 29.97 -22.53
N TRP CA 255 -9.78 29.76 -22.08
CA TRP CA 255 -9.57 28.89 -20.93
C TRP CA 255 -9.94 29.58 -19.63
N LEU CA 256 -9.78 30.91 -19.58
CA LEU CA 256 -10.19 31.66 -18.41
C LEU CA 256 -11.69 31.56 -18.21
N HIS CA 257 -12.45 31.87 -19.24
CA HIS CA 257 -13.89 31.93 -19.06
C HIS CA 257 -14.51 30.56 -18.96
N PHE CA 258 -13.84 29.52 -19.44
CA PHE CA 258 -14.32 28.20 -19.07
C PHE CA 258 -14.04 27.92 -17.60
N PHE CA 259 -12.94 28.42 -17.09
CA PHE CA 259 -12.58 28.18 -15.71
C PHE CA 259 -13.49 28.93 -14.77
N MET CA 260 -13.99 30.09 -15.18
CA MET CA 260 -15.01 30.77 -14.40
C MET CA 260 -16.35 30.05 -14.50
N LEU CA 261 -16.60 29.36 -15.60
CA LEU CA 261 -17.76 28.48 -15.65
C LEU CA 261 -17.55 27.30 -14.73
N PHE CA 262 -16.35 26.74 -14.73
CA PHE CA 262 -16.15 25.42 -14.16
C PHE CA 262 -16.18 25.42 -12.65
N VAL CA 263 -15.52 26.38 -12.00
CA VAL CA 263 -15.30 26.35 -10.55
C VAL CA 263 -16.57 26.52 -9.72
N PRO CA 264 -17.47 27.49 -9.94
CA PRO CA 264 -18.70 27.50 -9.14
C PRO CA 264 -19.61 26.34 -9.42
N VAL CA 265 -19.58 25.83 -10.65
CA VAL CA 265 -20.51 24.78 -11.01
C VAL CA 265 -20.11 23.46 -10.36
N THR CA 266 -18.85 23.04 -10.54
CA THR CA 266 -18.39 21.79 -9.92
C THR CA 266 -18.26 21.89 -8.41
N GLY CA 267 -18.34 23.08 -7.84
CA GLY CA 267 -18.56 23.17 -6.40
C GLY CA 267 -19.93 22.65 -6.03
N LEU CA 268 -20.94 23.04 -6.79
CA LEU CA 268 -22.31 22.65 -6.44
C LEU CA 268 -22.58 21.19 -6.73
N TRP CA 269 -21.84 20.56 -7.64
CA TRP CA 269 -22.07 19.14 -7.88
C TRP CA 269 -21.51 18.30 -6.77
N THR CA 270 -20.25 18.52 -6.43
CA THR CA 270 -19.60 17.70 -5.42
C THR CA 270 -20.22 17.92 -4.05
N SER CA 271 -20.71 19.12 -3.79
CA SER CA 271 -21.47 19.35 -2.57
C SER CA 271 -22.80 18.61 -2.60
N SER CA 272 -23.46 18.59 -3.75
CA SER CA 272 -24.76 17.92 -3.83
C SER CA 272 -24.63 16.41 -3.91
N ILE CA 273 -23.44 15.89 -4.15
CA ILE CA 273 -23.26 14.44 -4.01
C ILE CA 273 -23.28 14.07 -2.54
N GLY CA 274 -22.67 14.89 -1.70
CA GLY CA 274 -22.58 14.57 -0.28
C GLY CA 274 -23.89 14.72 0.46
N ILE CA 275 -24.82 15.51 -0.07
CA ILE CA 275 -26.11 15.65 0.60
C ILE CA 275 -27.03 14.50 0.21
N VAL CA 276 -26.64 13.73 -0.81
CA VAL CA 276 -27.24 12.42 -1.01
C VAL CA 276 -26.54 11.39 -0.13
N GLY CA 277 -25.44 11.77 0.50
CA GLY CA 277 -24.89 10.94 1.55
C GLY CA 277 -25.75 10.93 2.79
N LEU CA 278 -26.20 12.10 3.23
CA LEU CA 278 -26.94 12.18 4.48
C LEU CA 278 -28.37 11.77 4.32
N ALA CA 279 -28.88 11.86 3.10
CA ALA CA 279 -30.24 11.41 2.81
C ALA CA 279 -30.40 9.98 3.28
N LEU CA 280 -29.38 9.19 3.10
CA LEU CA 280 -29.38 7.85 3.64
C LEU CA 280 -28.41 7.66 4.80
N ASN CA 281 -27.96 8.75 5.42
CA ASN CA 281 -27.17 8.80 6.66
C ASN CA 281 -25.81 8.13 6.55
N LEU CA 282 -25.31 7.86 5.36
CA LEU CA 282 -23.90 7.52 5.23
C LEU CA 282 -23.14 8.84 5.26
N ARG CA 283 -22.39 9.05 6.33
CA ARG CA 283 -21.79 10.35 6.54
C ARG CA 283 -20.41 10.22 7.12
N ALA CA 284 -19.55 11.16 6.77
CA ALA CA 284 -18.33 11.34 7.51
C ALA CA 284 -18.70 11.99 8.83
N TYR CA 285 -18.95 11.18 9.85
CA TYR CA 285 -19.24 11.71 11.18
C TYR CA 285 -18.01 11.67 12.06
N ASP CA 286 -17.40 10.51 12.27
CA ASP CA 286 -16.20 10.48 13.07
C ASP CA 286 -15.04 9.81 12.35
N PHE CA 287 -13.83 10.23 12.72
CA PHE CA 287 -12.64 9.46 12.47
C PHE CA 287 -12.54 8.43 13.58
N VAL CA 288 -12.18 7.20 13.25
CA VAL CA 288 -12.27 6.14 14.25
C VAL CA 288 -11.09 6.20 15.20
N SER CA 289 -9.86 6.11 14.66
CA SER CA 289 -8.66 6.04 15.50
C SER CA 289 -8.41 7.34 16.24
N GLN CA 290 -8.86 8.45 15.67
CA GLN CA 290 -8.87 9.72 16.37
C GLN CA 290 -9.80 9.67 17.57
N GLU CA 291 -10.88 8.90 17.45
CA GLU CA 291 -11.88 8.78 18.49
C GLU CA 291 -11.60 7.59 19.39
N LEU CA 292 -10.82 6.64 18.91
CA LEU CA 292 -10.28 5.61 19.79
C LEU CA 292 -9.41 6.29 20.82
N ARG CA 293 -8.28 6.87 20.38
CA ARG CA 293 -7.21 7.35 21.28
C ARG CA 293 -7.70 8.35 22.33
N ALA CA 294 -8.77 9.09 22.02
CA ALA CA 294 -9.41 9.91 23.03
C ALA CA 294 -10.04 9.07 24.13
N ALA CA 295 -10.62 7.92 23.78
CA ALA CA 295 -11.29 7.09 24.78
C ALA CA 295 -10.32 6.19 25.54
N GLU CA 296 -9.02 6.23 25.23
CA GLU CA 296 -8.03 5.57 26.08
C GLU CA 296 -7.02 6.55 26.66
N ASP CA 297 -7.01 7.80 26.20
CA ASP CA 297 -6.21 8.85 26.83
C ASP CA 297 -7.13 10.00 27.18
N PRO CA 298 -7.42 10.25 28.46
CA PRO CA 298 -8.16 11.47 28.80
C PRO CA 298 -7.31 12.73 28.73
N GLU CA 299 -6.03 12.60 28.46
CA GLU CA 299 -5.16 13.73 28.21
C GLU CA 299 -5.37 14.34 26.84
N PHE CA 300 -5.83 13.53 25.88
CA PHE CA 300 -5.69 13.82 24.46
C PHE CA 300 -6.92 14.55 23.93
N GLU CA 301 -6.77 15.84 23.69
CA GLU CA 301 -7.83 16.68 23.15
C GLU CA 301 -7.34 17.33 21.87
N THR CA 302 -8.20 17.38 20.88
CA THR CA 302 -8.00 18.06 19.61
C THR CA 302 -9.09 19.10 19.45
N PHE CA 303 -9.04 19.88 18.36
CA PHE CA 303 -10.21 20.68 18.01
C PHE CA 303 -11.33 19.83 17.49
N TYR CA 304 -10.98 18.65 17.02
CA TYR CA 304 -11.93 17.70 16.53
C TYR CA 304 -12.84 17.20 17.64
N THR CA 305 -12.27 16.81 18.77
CA THR CA 305 -13.08 16.33 19.87
C THR CA 305 -13.82 17.48 20.54
N LYS CA 306 -13.32 18.70 20.39
CA LYS CA 306 -14.08 19.87 20.83
C LYS CA 306 -15.35 20.05 20.02
N ASN CA 307 -15.31 19.67 18.75
CA ASN CA 307 -16.48 19.80 17.91
C ASN CA 307 -17.53 18.76 18.22
N HIS CA 308 -17.13 17.58 18.71
CA HIS CA 308 -18.10 16.55 19.05
C HIS CA 308 -18.90 16.93 20.29
N LEU CA 309 -18.26 17.60 21.24
CA LEU CA 309 -18.98 18.08 22.40
C LEU CA 309 -19.96 19.18 22.01
N LEU CA 310 -19.57 20.02 21.05
CA LEU CA 310 -20.50 21.00 20.52
C LEU CA 310 -21.60 20.34 19.72
N ASP CA 311 -21.31 19.20 19.10
CA ASP CA 311 -22.35 18.52 18.34
C ASP CA 311 -23.39 17.89 19.26
N GLU CA 312 -22.98 17.39 20.42
CA GLU CA 312 -23.98 16.88 21.35
C GLU CA 312 -24.65 17.97 22.14
N GLY CA 313 -24.14 19.20 22.08
CA GLY CA 313 -24.96 20.31 22.50
C GLY CA 313 -26.13 20.51 21.55
N ILE CA 314 -25.86 20.47 20.25
CA ILE CA 314 -26.92 20.70 19.27
C ILE CA 314 -27.88 19.53 19.24
N ARG CA 315 -27.35 18.30 19.36
CA ARG CA 315 -28.19 17.11 19.32
C ARG CA 315 -29.15 17.07 20.49
N ALA CA 316 -28.65 17.35 21.69
CA ALA CA 316 -29.47 17.11 22.87
C ALA CA 316 -30.39 18.28 23.15
N TRP CA 317 -29.89 19.50 23.03
CA TRP CA 317 -30.72 20.64 23.42
C TRP CA 317 -31.79 20.92 22.37
N MET CA 318 -31.46 20.82 21.09
CA MET CA 318 -32.43 21.23 20.08
C MET CA 318 -33.58 20.23 19.96
N ALA CA 319 -33.30 18.93 20.17
CA ALA CA 319 -34.19 17.87 19.71
C ALA CA 319 -35.52 17.83 20.45
N ALA CA 320 -35.56 18.36 21.68
CA ALA CA 320 -36.83 18.43 22.39
C ALA CA 320 -37.77 19.41 21.71
N GLN CA 321 -37.22 20.42 21.05
CA GLN CA 321 -37.99 21.40 20.32
C GLN CA 321 -37.72 21.37 18.82
N ASP CA 322 -36.83 20.51 18.37
CA ASP CA 322 -36.61 20.30 16.94
C ASP CA 322 -37.68 19.42 16.33
N GLN CA 323 -37.91 18.24 16.91
CA GLN CA 323 -38.93 17.30 16.47
C GLN CA 323 -39.97 17.21 17.58
N PRO CA 324 -41.00 18.03 17.51
CA PRO CA 324 -41.99 18.06 18.58
C PRO CA 324 -42.89 16.86 18.58
N HIS CA 325 -43.04 16.20 17.43
CA HIS CA 325 -43.94 15.07 17.32
C HIS CA 325 -43.39 13.83 18.01
N GLU CA 326 -42.06 13.70 18.12
CA GLU CA 326 -41.49 12.53 18.76
C GLU CA 326 -41.47 12.63 20.26
N ASN CA 327 -41.91 13.76 20.82
CA ASN CA 327 -42.26 13.91 22.23
C ASN CA 327 -41.09 13.63 23.15
N PHE CA 328 -39.95 14.21 22.82
CA PHE CA 328 -38.79 14.08 23.67
C PHE CA 328 -39.01 14.85 24.95
N VAL CA 329 -39.01 14.16 26.06
CA VAL CA 329 -39.02 14.78 27.36
C VAL CA 329 -37.64 14.52 27.93
N PHE CA 330 -36.87 15.58 28.12
CA PHE CA 330 -35.51 15.47 28.60
C PHE CA 330 -35.44 16.07 29.99
N PRO CA 331 -35.06 15.27 30.99
CA PRO CA 331 -34.76 15.83 32.31
C PRO CA 331 -33.59 16.79 32.27
N GLU CA 332 -33.54 17.69 33.24
CA GLU CA 332 -32.48 18.69 33.18
C GLU CA 332 -31.15 18.14 33.67
N GLU CA 333 -31.16 17.03 34.41
CA GLU CA 333 -29.93 16.31 34.70
C GLU CA 333 -29.49 15.46 33.55
N VAL CA 334 -30.36 15.19 32.61
CA VAL CA 334 -29.99 14.39 31.46
C VAL CA 334 -29.23 15.21 30.46
N LEU CA 335 -29.65 16.46 30.29
CA LEU CA 335 -29.12 17.37 29.30
C LEU CA 335 -27.66 17.66 29.54
N PRO CA 336 -26.78 17.33 28.60
CA PRO CA 336 -25.36 17.58 28.79
C PRO CA 336 -25.06 19.06 28.79
N ARG CA 337 -24.06 19.43 29.57
CA ARG CA 337 -23.88 20.81 29.96
C ARG CA 337 -22.49 20.98 30.54
N GLY CA 338 -21.87 22.11 30.26
CA GLY CA 338 -20.59 22.43 30.85
C GLY CA 338 -20.73 22.93 32.27
N ASN CA 339 -19.67 23.54 32.77
CA ASN CA 339 -19.69 24.18 34.07
C ASN CA 339 -20.29 25.57 33.93
N ALA CA 340 -21.27 25.87 34.79
CA ALA CA 340 -21.86 27.18 35.05
C ALA CA 340 -22.68 27.74 33.89
N LEU CA 341 -22.66 27.08 32.74
CA LEU CA 341 -23.42 27.48 31.58
C LEU CA 341 -23.48 26.30 30.62
N SER DA 1 -37.27 47.80 -28.67
CA SER DA 1 -37.02 47.65 -30.10
C SER DA 1 -37.72 46.41 -30.66
N THR DA 2 -38.54 45.78 -29.83
CA THR DA 2 -39.29 44.60 -30.22
C THR DA 2 -40.72 44.92 -30.64
N GLY DA 3 -41.03 46.19 -30.87
CA GLY DA 3 -42.38 46.56 -31.25
C GLY DA 3 -43.34 46.70 -30.09
N GLU DA 4 -42.86 47.21 -28.96
CA GLU DA 4 -43.69 47.44 -27.79
C GLU DA 4 -43.65 48.91 -27.41
N ARG DA 5 -44.68 49.35 -26.73
CA ARG DA 5 -44.70 50.70 -26.20
C ARG DA 5 -43.74 50.77 -25.01
N PRO DA 6 -42.85 51.75 -24.96
CA PRO DA 6 -41.76 51.72 -23.98
C PRO DA 6 -42.23 51.92 -22.54
N PHE DA 7 -41.36 51.51 -21.61
CA PHE DA 7 -41.64 51.66 -20.19
C PHE DA 7 -41.66 53.12 -19.78
N SER DA 8 -40.67 53.89 -20.24
CA SER DA 8 -40.63 55.30 -19.93
C SER DA 8 -41.68 56.11 -20.68
N ASP DA 9 -42.37 55.49 -21.65
CA ASP DA 9 -43.52 56.11 -22.29
C ASP DA 9 -44.78 55.92 -21.46
N ILE DA 10 -45.04 54.70 -20.99
CA ILE DA 10 -46.26 54.43 -20.26
C ILE DA 10 -46.24 55.06 -18.88
N ILE DA 11 -45.06 55.16 -18.27
CA ILE DA 11 -45.00 55.55 -16.87
C ILE DA 11 -45.21 57.05 -16.72
N THR DA 12 -44.96 57.83 -17.78
CA THR DA 12 -45.16 59.26 -17.76
C THR DA 12 -46.51 59.67 -18.32
N SER DA 13 -47.26 58.73 -18.90
CA SER DA 13 -48.49 59.05 -19.59
C SER DA 13 -49.57 59.50 -18.62
N VAL DA 14 -50.28 60.57 -18.98
CA VAL DA 14 -51.33 61.09 -18.12
C VAL DA 14 -52.50 60.13 -18.05
N ARG DA 15 -52.83 59.49 -19.18
CA ARG DA 15 -53.89 58.49 -19.22
C ARG DA 15 -53.60 57.32 -18.29
N TYR DA 16 -52.32 56.92 -18.23
CA TYR DA 16 -51.86 55.88 -17.31
C TYR DA 16 -52.23 56.18 -15.86
N TRP DA 17 -52.09 57.44 -15.45
CA TRP DA 17 -52.44 57.80 -14.08
C TRP DA 17 -53.94 57.92 -13.86
N ILE DA 18 -54.73 58.04 -14.93
CA ILE DA 18 -56.17 58.18 -14.74
C ILE DA 18 -56.79 56.82 -14.41
N ILE DA 19 -56.35 55.76 -15.08
CA ILE DA 19 -56.82 54.43 -14.73
C ILE DA 19 -56.26 54.00 -13.37
N HIS DA 20 -55.01 54.34 -13.10
CA HIS DA 20 -54.34 53.82 -11.92
C HIS DA 20 -54.61 54.62 -10.66
N SER DA 21 -55.23 55.79 -10.77
CA SER DA 21 -55.71 56.44 -9.56
C SER DA 21 -56.99 55.77 -9.07
N ILE DA 22 -57.62 54.95 -9.92
CA ILE DA 22 -58.81 54.22 -9.52
C ILE DA 22 -58.43 52.83 -9.00
N THR DA 23 -57.59 52.12 -9.75
CA THR DA 23 -57.40 50.69 -9.48
C THR DA 23 -56.40 50.45 -8.35
N ILE DA 24 -55.34 51.25 -8.26
CA ILE DA 24 -54.34 51.02 -7.22
C ILE DA 24 -54.88 51.31 -5.82
N PRO DA 25 -55.66 52.38 -5.57
CA PRO DA 25 -56.38 52.43 -4.29
C PRO DA 25 -57.50 51.43 -4.18
N SER DA 26 -57.97 50.84 -5.28
CA SER DA 26 -58.98 49.79 -5.14
C SER DA 26 -58.35 48.49 -4.67
N LEU DA 27 -57.19 48.13 -5.21
CA LEU DA 27 -56.55 46.88 -4.82
C LEU DA 27 -55.83 47.00 -3.50
N PHE DA 28 -55.47 48.20 -3.09
CA PHE DA 28 -54.81 48.36 -1.80
C PHE DA 28 -55.81 48.23 -0.67
N VAL DA 29 -56.96 48.89 -0.79
CA VAL DA 29 -57.99 48.82 0.24
C VAL DA 29 -58.65 47.46 0.24
N SER DA 30 -58.70 46.79 -0.92
CA SER DA 30 -59.12 45.40 -0.94
C SER DA 30 -58.12 44.52 -0.22
N GLY DA 31 -56.84 44.87 -0.27
CA GLY DA 31 -55.85 44.18 0.53
C GLY DA 31 -55.94 44.51 2.00
N TRP DA 32 -56.33 45.76 2.32
CA TRP DA 32 -56.55 46.13 3.70
C TRP DA 32 -57.74 45.38 4.29
N LEU DA 33 -58.90 45.50 3.65
CA LEU DA 33 -60.14 44.95 4.20
C LEU DA 33 -60.18 43.44 4.13
N PHE DA 34 -59.22 42.81 3.44
CA PHE DA 34 -59.13 41.36 3.41
C PHE DA 34 -58.86 40.81 4.79
N ILE DA 35 -58.01 41.49 5.57
CA ILE DA 35 -57.74 41.09 6.93
C ILE DA 35 -58.02 42.19 7.94
N SER DA 36 -58.55 43.32 7.52
CA SER DA 36 -59.22 44.19 8.48
C SER DA 36 -60.50 43.52 8.96
N THR DA 37 -61.16 42.78 8.09
CA THR DA 37 -62.28 41.92 8.43
C THR DA 37 -61.82 40.52 8.78
N GLY DA 38 -60.54 40.23 8.61
CA GLY DA 38 -59.95 38.97 9.02
C GLY DA 38 -60.44 37.75 8.26
N LEU DA 39 -60.76 37.90 6.98
CA LEU DA 39 -61.23 36.80 6.18
C LEU DA 39 -60.15 35.76 5.91
N ALA DA 40 -58.88 36.13 6.05
CA ALA DA 40 -57.80 35.18 5.82
C ALA DA 40 -57.68 34.17 6.94
N TYR DA 41 -58.16 34.54 8.12
CA TYR DA 41 -58.18 33.63 9.26
C TYR DA 41 -59.07 32.43 8.96
N ASP DA 42 -60.09 32.64 8.14
CA ASP DA 42 -61.00 31.57 7.78
C ASP DA 42 -60.62 30.90 6.47
N VAL DA 43 -59.87 31.59 5.60
CA VAL DA 43 -59.53 30.98 4.32
C VAL DA 43 -58.23 30.20 4.41
N PHE DA 44 -57.23 30.73 5.10
CA PHE DA 44 -55.99 30.00 5.27
C PHE DA 44 -55.95 29.24 6.58
N GLY DA 45 -56.98 29.37 7.41
CA GLY DA 45 -57.05 28.63 8.65
C GLY DA 45 -56.01 29.03 9.66
N THR DA 46 -55.46 30.23 9.55
CA THR DA 46 -54.44 30.67 10.48
C THR DA 46 -55.11 31.14 11.76
N PRO DA 47 -54.55 30.81 12.92
CA PRO DA 47 -55.22 31.12 14.17
C PRO DA 47 -55.05 32.57 14.58
N ARG DA 48 -56.09 33.07 15.21
CA ARG DA 48 -56.11 34.42 15.77
C ARG DA 48 -55.21 34.46 17.00
N PRO DA 49 -54.86 35.65 17.50
CA PRO DA 49 -54.13 35.70 18.78
C PRO DA 49 -54.93 35.16 19.96
N ASN DA 50 -56.25 35.06 19.84
CA ASN DA 50 -57.02 34.30 20.81
C ASN DA 50 -56.96 32.80 20.57
N GLU DA 51 -56.62 32.36 19.38
CA GLU DA 51 -56.95 31.01 18.94
C GLU DA 51 -55.77 30.07 18.87
N TYR DA 52 -54.61 30.43 19.42
CA TYR DA 52 -53.53 29.46 19.49
C TYR DA 52 -53.85 28.35 20.48
N PHE DA 53 -54.66 28.66 21.48
CA PHE DA 53 -55.07 27.69 22.47
C PHE DA 53 -56.55 27.90 22.75
N THR DA 54 -57.17 26.91 23.35
CA THR DA 54 -58.57 26.98 23.72
C THR DA 54 -58.68 26.90 25.23
N GLN DA 55 -59.93 26.90 25.71
CA GLN DA 55 -60.18 26.62 27.13
C GLN DA 55 -59.81 25.19 27.46
N ASP DA 56 -60.13 24.26 26.56
CA ASP DA 56 -59.99 22.84 26.86
C ASP DA 56 -58.54 22.39 26.74
N ARG DA 57 -57.98 22.48 25.55
CA ARG DA 57 -56.58 22.14 25.35
C ARG DA 57 -55.75 23.40 25.47
N GLN DA 58 -54.66 23.30 26.23
CA GLN DA 58 -53.65 24.32 26.30
C GLN DA 58 -52.29 23.77 25.92
N GLN DA 59 -52.25 22.93 24.89
CA GLN DA 59 -51.06 22.25 24.44
C GLN DA 59 -50.88 22.48 22.95
N VAL DA 60 -49.66 22.30 22.48
CA VAL DA 60 -49.31 22.57 21.09
C VAL DA 60 -49.98 21.53 20.19
N PRO DA 61 -50.84 21.94 19.27
CA PRO DA 61 -51.72 21.02 18.51
C PRO DA 61 -51.15 20.38 17.24
N LEU DA 62 -50.34 19.35 17.39
CA LEU DA 62 -49.72 18.78 16.21
C LEU DA 62 -50.49 17.59 15.69
N VAL DA 63 -50.50 17.48 14.36
CA VAL DA 63 -51.18 16.41 13.64
C VAL DA 63 -50.45 15.10 13.92
N ASN DA 64 -51.19 14.03 14.15
CA ASN DA 64 -50.59 12.78 14.58
C ASN DA 64 -50.84 11.60 13.65
N ASP DA 65 -51.80 11.69 12.75
CA ASP DA 65 -52.00 10.60 11.81
C ASP DA 65 -52.00 11.14 10.39
N ARG DA 66 -51.56 10.28 9.47
CA ARG DA 66 -51.43 10.63 8.06
C ARG DA 66 -52.80 10.75 7.41
N PHE DA 67 -53.55 9.65 7.39
CA PHE DA 67 -54.77 9.59 6.59
C PHE DA 67 -55.88 10.42 7.18
N SER DA 68 -56.01 10.41 8.50
CA SER DA 68 -57.12 11.04 9.18
C SER DA 68 -56.75 12.42 9.71
N ALA DA 69 -55.90 13.14 9.00
CA ALA DA 69 -55.59 14.51 9.39
C ALA DA 69 -56.76 15.44 9.12
N LYS DA 70 -57.66 15.02 8.23
CA LYS DA 70 -58.88 15.78 7.98
C LYS DA 70 -59.77 15.83 9.22
N GLN DA 71 -59.75 14.78 10.03
CA GLN DA 71 -60.53 14.80 11.26
C GLN DA 71 -59.76 15.40 12.42
N GLU DA 72 -58.42 15.33 12.38
CA GLU DA 72 -57.63 15.80 13.51
C GLU DA 72 -57.60 17.31 13.57
N LEU DA 73 -57.47 17.97 12.43
CA LEU DA 73 -57.47 19.42 12.42
C LEU DA 73 -58.84 20.00 12.74
N GLU DA 74 -59.90 19.25 12.44
CA GLU DA 74 -61.24 19.72 12.77
C GLU DA 74 -61.50 19.65 14.26
N ASP DA 75 -60.80 18.75 14.97
CA ASP DA 75 -61.02 18.67 16.41
C ASP DA 75 -60.18 19.67 17.17
N LEU DA 76 -58.97 19.96 16.68
CA LEU DA 76 -58.12 20.91 17.37
C LEU DA 76 -58.66 22.32 17.23
N THR DA 77 -59.34 22.63 16.14
CA THR DA 77 -59.94 23.94 15.97
C THR DA 77 -61.35 24.02 16.54
N LYS DA 78 -61.93 22.89 16.98
CA LYS DA 78 -63.33 22.89 17.41
C LYS DA 78 -63.50 23.60 18.75
N GLY DA 79 -62.51 23.51 19.62
CA GLY DA 79 -62.60 24.12 20.95
C GLY DA 79 -62.67 25.63 20.96
N PRO EA 1 -51.84 48.08 -28.98
CA PRO EA 1 -51.02 47.01 -28.42
C PRO EA 1 -51.01 47.04 -26.89
N ILE EA 2 -52.18 46.80 -26.29
CA ILE EA 2 -52.31 46.90 -24.85
C ILE EA 2 -52.15 45.53 -24.18
N PHE EA 3 -52.30 44.44 -24.91
CA PHE EA 3 -52.12 43.14 -24.25
C PHE EA 3 -50.68 42.64 -24.27
N THR EA 4 -50.26 42.11 -25.43
CA THR EA 4 -48.88 41.81 -25.85
C THR EA 4 -47.97 41.17 -24.78
N PHE EA 5 -48.57 40.41 -23.85
CA PHE EA 5 -47.91 39.65 -22.77
C PHE EA 5 -47.15 40.47 -21.74
N ARG EA 6 -46.93 41.76 -21.97
CA ARG EA 6 -46.18 42.55 -21.00
C ARG EA 6 -47.11 43.16 -19.99
N TRP EA 7 -48.32 43.50 -20.45
CA TRP EA 7 -49.43 43.82 -19.55
C TRP EA 7 -49.71 42.66 -18.61
N LEU EA 8 -49.64 41.43 -19.11
CA LEU EA 8 -49.92 40.26 -18.29
C LEU EA 8 -48.76 39.95 -17.36
N ALA EA 9 -47.53 39.95 -17.88
CA ALA EA 9 -46.38 39.60 -17.06
C ALA EA 9 -45.97 40.71 -16.10
N VAL EA 10 -46.55 41.91 -16.21
CA VAL EA 10 -46.44 42.85 -15.11
C VAL EA 10 -47.58 42.64 -14.12
N HIS EA 11 -48.82 42.51 -14.62
CA HIS EA 11 -49.96 42.34 -13.73
C HIS EA 11 -50.05 40.95 -13.14
N GLY EA 12 -49.32 40.00 -13.71
CA GLY EA 12 -49.12 38.74 -13.00
C GLY EA 12 -48.44 38.96 -11.68
N LEU EA 13 -47.54 39.93 -11.62
CA LEU EA 13 -46.95 40.30 -10.34
C LEU EA 13 -47.71 41.45 -9.68
N ALA EA 14 -48.14 42.46 -10.44
CA ALA EA 14 -48.49 43.74 -9.84
C ALA EA 14 -49.82 43.70 -9.08
N ILE EA 15 -50.79 42.93 -9.56
CA ILE EA 15 -52.05 42.80 -8.83
C ILE EA 15 -51.87 42.00 -7.54
N PRO EA 16 -51.11 40.88 -7.48
CA PRO EA 16 -50.85 40.30 -6.16
C PRO EA 16 -49.97 41.13 -5.25
N THR EA 17 -49.03 41.94 -5.76
CA THR EA 17 -48.19 42.74 -4.87
C THR EA 17 -49.00 43.79 -4.14
N VAL EA 18 -49.85 44.51 -4.85
CA VAL EA 18 -50.62 45.57 -4.21
C VAL EA 18 -51.64 44.98 -3.25
N PHE EA 19 -52.20 43.82 -3.60
CA PHE EA 19 -53.15 43.18 -2.71
C PHE EA 19 -52.46 42.61 -1.47
N PHE EA 20 -51.20 42.22 -1.59
CA PHE EA 20 -50.55 41.66 -0.43
C PHE EA 20 -49.91 42.74 0.43
N LEU EA 21 -49.39 43.78 -0.20
CA LEU EA 21 -48.88 44.92 0.56
C LEU EA 21 -50.01 45.66 1.26
N GLY EA 22 -51.22 45.61 0.71
CA GLY EA 22 -52.37 46.08 1.46
C GLY EA 22 -52.66 45.20 2.66
N GLY EA 23 -52.37 43.91 2.54
CA GLY EA 23 -52.51 43.02 3.68
C GLY EA 23 -51.44 43.23 4.72
N ILE EA 24 -50.18 43.37 4.27
CA ILE EA 24 -49.05 43.45 5.20
C ILE EA 24 -49.10 44.74 6.00
N THR EA 25 -49.62 45.83 5.42
CA THR EA 25 -49.85 47.02 6.23
C THR EA 25 -50.97 46.85 7.23
N ALA EA 26 -51.85 45.86 7.06
CA ALA EA 26 -52.80 45.61 8.13
C ALA EA 26 -52.18 44.77 9.22
N MET EA 27 -51.24 43.91 8.84
CA MET EA 27 -50.51 43.10 9.82
C MET EA 27 -49.67 43.96 10.76
N GLN EA 28 -49.30 45.16 10.33
CA GLN EA 28 -48.47 46.03 11.15
C GLN EA 28 -49.24 46.65 12.31
N PHE EA 29 -50.55 46.52 12.30
CA PHE EA 29 -51.35 47.13 13.34
C PHE EA 29 -52.05 46.10 14.24
N ILE EA 30 -52.33 44.90 13.72
CA ILE EA 30 -53.06 43.86 14.46
C ILE EA 30 -52.36 43.52 15.76
N GLN EA 31 -53.12 43.54 16.86
CA GLN EA 31 -52.53 43.38 18.18
C GLN EA 31 -53.06 42.12 18.85
N ARG EA 32 -52.32 41.70 19.86
CA ARG EA 32 -52.65 40.51 20.62
C ARG EA 32 -53.80 40.80 21.57
N SER FA 58 -44.12 9.66 8.89
CA SER FA 58 -43.84 8.33 9.40
C SER FA 58 -44.67 8.00 10.62
N VAL FA 59 -45.28 6.82 10.58
CA VAL FA 59 -45.72 6.15 11.79
C VAL FA 59 -44.51 5.79 12.63
N SER FA 60 -44.55 6.13 13.91
CA SER FA 60 -43.47 5.75 14.81
C SER FA 60 -44.08 5.29 16.12
N ALA FA 61 -43.24 5.07 17.12
CA ALA FA 61 -43.75 4.66 18.42
C ALA FA 61 -44.29 5.85 19.21
N ALA FA 62 -43.64 7.01 19.10
CA ALA FA 62 -44.09 8.18 19.84
C ALA FA 62 -45.35 8.80 19.26
N THR FA 63 -45.62 8.55 17.97
CA THR FA 63 -46.90 8.99 17.42
C THR FA 63 -48.03 8.10 17.89
N ILE FA 64 -47.74 6.83 18.19
CA ILE FA 64 -48.73 5.95 18.79
C ILE FA 64 -48.99 6.37 20.24
N ASN FA 65 -47.90 6.64 20.98
CA ASN FA 65 -47.97 7.13 22.36
C ASN FA 65 -48.77 8.42 22.46
N ARG FA 66 -48.66 9.29 21.46
CA ARG FA 66 -49.28 10.60 21.58
C ARG FA 66 -50.79 10.54 21.42
N ALA FA 67 -51.28 9.95 20.34
CA ALA FA 67 -52.72 9.82 20.14
C ALA FA 67 -53.36 8.94 21.20
N ARG FA 68 -52.59 8.01 21.77
CA ARG FA 68 -53.05 7.27 22.93
C ARG FA 68 -53.07 8.17 24.17
N GLY FA 69 -52.08 9.03 24.32
CA GLY FA 69 -52.07 9.92 25.47
C GLY FA 69 -53.05 11.06 25.34
N LEU FA 70 -53.22 11.59 24.12
CA LEU FA 70 -54.16 12.68 23.89
C LEU FA 70 -55.59 12.21 24.04
N TYR FA 71 -55.93 11.12 23.40
CA TYR FA 71 -57.33 10.75 23.24
C TYR FA 71 -57.74 9.62 24.17
N GLY FA 72 -56.79 8.98 24.84
CA GLY FA 72 -57.13 8.11 25.95
C GLY FA 72 -57.64 8.87 27.16
N ASP FA 73 -57.26 10.14 27.29
CA ASP FA 73 -58.01 11.05 28.14
C ASP FA 73 -59.42 11.24 27.61
N ARG FA 74 -59.54 11.43 26.30
CA ARG FA 74 -60.77 11.82 25.65
C ARG FA 74 -61.72 10.63 25.43
N ILE FA 75 -61.36 9.44 25.88
CA ILE FA 75 -62.32 8.34 25.85
C ILE FA 75 -62.73 7.99 27.27
N ALA FA 76 -61.75 7.89 28.16
CA ALA FA 76 -62.01 7.46 29.52
C ALA FA 76 -62.75 8.51 30.34
N ALA FA 77 -62.61 9.79 29.99
CA ALA FA 77 -63.32 10.84 30.72
C ALA FA 77 -64.81 10.86 30.41
N LEU FA 78 -65.27 10.08 29.44
CA LEU FA 78 -66.68 9.92 29.15
C LEU FA 78 -67.33 8.86 30.03
N LYS FA 79 -66.60 8.34 31.03
CA LYS FA 79 -67.19 7.57 32.11
C LYS FA 79 -68.21 8.40 32.89
N ASP FA 80 -67.99 9.71 32.98
CA ASP FA 80 -68.99 10.61 33.56
C ASP FA 80 -70.26 10.64 32.72
N ALA FA 81 -70.14 10.49 31.40
CA ALA FA 81 -71.30 10.58 30.52
C ALA FA 81 -71.99 9.24 30.29
N VAL FA 82 -71.37 8.13 30.65
CA VAL FA 82 -72.07 6.85 30.60
C VAL FA 82 -73.11 6.78 31.71
N ALA FA 83 -72.79 7.37 32.87
CA ALA FA 83 -73.58 7.29 34.10
C ALA FA 83 -75.00 7.81 33.94
N ALA FA 84 -75.14 9.10 33.59
CA ALA FA 84 -76.46 9.63 33.29
C ALA FA 84 -76.97 9.17 31.93
N GLY FA 85 -76.08 8.74 31.04
CA GLY FA 85 -76.47 8.39 29.70
C GLY FA 85 -76.68 9.63 28.86
N ASP FA 86 -75.66 10.48 28.78
CA ASP FA 86 -75.74 11.70 28.00
C ASP FA 86 -75.56 11.36 26.52
N PHE FA 87 -76.66 11.44 25.76
CA PHE FA 87 -76.66 10.93 24.40
C PHE FA 87 -76.06 11.92 23.41
N LYS FA 88 -76.00 13.20 23.76
CA LYS FA 88 -75.30 14.17 22.93
C LYS FA 88 -73.79 14.15 23.20
N ALA FA 89 -73.39 13.87 24.45
CA ALA FA 89 -71.99 13.86 24.83
C ALA FA 89 -71.23 12.70 24.21
N ILE FA 90 -71.92 11.66 23.76
CA ILE FA 90 -71.27 10.62 22.97
C ILE FA 90 -71.16 11.06 21.51
N ALA FA 91 -72.21 11.70 20.99
CA ALA FA 91 -72.22 12.11 19.58
C ALA FA 91 -71.26 13.27 19.33
N GLU FA 92 -70.97 14.07 20.36
CA GLU FA 92 -69.96 15.12 20.20
C GLU FA 92 -68.55 14.56 20.21
N GLU FA 93 -68.36 13.37 20.77
CA GLU FA 93 -67.06 12.75 20.85
C GLU FA 93 -66.91 11.59 19.88
N LYS FA 94 -67.68 11.59 18.78
CA LYS FA 94 -67.54 10.55 17.77
C LYS FA 94 -66.15 10.56 17.17
N ASN FA 95 -65.60 11.75 16.94
CA ASN FA 95 -64.28 11.86 16.35
C ASN FA 95 -63.18 11.47 17.33
N ALA FA 96 -63.47 11.46 18.63
CA ALA FA 96 -62.52 10.95 19.61
C ALA FA 96 -62.33 9.44 19.44
N PHE FA 97 -63.42 8.73 19.18
CA PHE FA 97 -63.33 7.30 18.92
C PHE FA 97 -62.63 7.03 17.61
N ILE FA 98 -62.87 7.88 16.61
CA ILE FA 98 -62.34 7.66 15.27
C ILE FA 98 -60.83 7.90 15.25
N LEU FA 99 -60.37 8.89 16.00
CA LEU FA 99 -58.98 9.30 15.85
C LEU FA 99 -58.05 8.63 16.84
N PHE FA 100 -58.57 8.12 17.95
CA PHE FA 100 -57.79 7.16 18.73
C PHE FA 100 -57.61 5.88 17.94
N ASN FA 101 -58.63 5.50 17.17
CA ASN FA 101 -58.60 4.32 16.33
C ASN FA 101 -57.56 4.45 15.24
N SER FA 102 -57.33 5.68 14.76
CA SER FA 102 -56.33 5.87 13.71
C SER FA 102 -54.92 5.97 14.29
N GLY FA 103 -54.79 6.50 15.50
CA GLY FA 103 -53.48 6.74 16.08
C GLY FA 103 -52.91 5.61 16.91
N ALA FA 104 -53.76 4.88 17.62
CA ALA FA 104 -53.24 3.85 18.51
C ALA FA 104 -52.84 2.59 17.74
N TYR FA 105 -53.50 2.28 16.63
CA TYR FA 105 -53.13 1.14 15.79
C TYR FA 105 -53.00 1.56 14.33
N PRO FA 106 -51.96 2.35 13.99
CA PRO FA 106 -51.86 2.82 12.59
C PRO FA 106 -51.22 1.79 11.67
N THR FA 107 -50.23 1.04 12.16
CA THR FA 107 -49.65 -0.03 11.36
C THR FA 107 -50.42 -1.32 11.55
N ASN FA 108 -50.81 -1.61 12.78
CA ASN FA 108 -51.62 -2.78 13.08
C ASN FA 108 -53.02 -2.57 12.54
N LYS FA 109 -53.31 -3.18 11.40
CA LYS FA 109 -54.64 -3.08 10.81
C LYS FA 109 -55.62 -4.10 11.37
N ALA FA 110 -55.12 -5.20 11.95
CA ALA FA 110 -56.02 -6.22 12.47
C ALA FA 110 -56.59 -5.81 13.83
N LYS FA 111 -55.79 -5.15 14.66
CA LYS FA 111 -56.34 -4.59 15.89
C LYS FA 111 -57.11 -3.31 15.62
N LYS FA 112 -56.77 -2.60 14.55
CA LYS FA 112 -57.53 -1.42 14.16
C LYS FA 112 -58.93 -1.81 13.70
N ASN FA 113 -59.02 -2.80 12.83
CA ASN FA 113 -60.32 -3.28 12.37
C ASN FA 113 -61.06 -4.04 13.46
N ALA FA 114 -60.36 -4.50 14.50
CA ALA FA 114 -61.04 -4.89 15.72
C ALA FA 114 -61.67 -3.69 16.40
N ALA FA 115 -60.93 -2.58 16.48
CA ALA FA 115 -61.43 -1.42 17.18
C ALA FA 115 -62.40 -0.59 16.32
N ILE FA 116 -62.52 -0.90 15.03
CA ILE FA 116 -63.62 -0.34 14.25
C ILE FA 116 -64.94 -0.88 14.80
N ALA FA 117 -65.08 -2.22 14.84
CA ALA FA 117 -66.33 -2.84 15.24
C ALA FA 117 -66.61 -2.66 16.72
N GLN FA 118 -65.57 -2.46 17.54
CA GLN FA 118 -65.81 -2.10 18.93
C GLN FA 118 -66.32 -0.68 19.06
N THR FA 119 -66.03 0.17 18.09
CA THR FA 119 -66.60 1.52 18.06
C THR FA 119 -68.00 1.51 17.49
N ASN FA 120 -68.24 0.66 16.47
CA ASN FA 120 -69.58 0.55 15.89
C ASN FA 120 -70.58 0.00 16.90
N GLU FA 121 -70.14 -0.92 17.75
CA GLU FA 121 -71.01 -1.50 18.77
C GLU FA 121 -71.39 -0.47 19.83
N ILE FA 122 -70.57 0.56 20.01
CA ILE FA 122 -70.95 1.67 20.89
C ILE FA 122 -72.10 2.47 20.26
N PHE FA 123 -71.96 2.81 18.99
CA PHE FA 123 -72.93 3.72 18.39
C PHE FA 123 -74.19 2.99 17.94
N LYS FA 124 -74.08 1.68 17.65
CA LYS FA 124 -75.26 0.87 17.40
C LYS FA 124 -76.11 0.72 18.65
N ALA FA 125 -75.46 0.70 19.82
CA ALA FA 125 -76.21 0.53 21.06
C ALA FA 125 -76.93 1.81 21.47
N ILE FA 126 -76.26 2.96 21.34
CA ILE FA 126 -76.88 4.22 21.71
C ILE FA 126 -77.95 4.66 20.72
N ARG FA 127 -77.95 4.09 19.52
CA ARG FA 127 -79.02 4.39 18.57
C ARG FA 127 -80.31 3.70 18.97
N SER FA 128 -80.24 2.46 19.46
CA SER FA 128 -81.39 1.84 20.09
C SER FA 128 -81.72 2.51 21.41
N GLY FA 129 -80.73 2.65 22.29
CA GLY FA 129 -80.88 3.35 23.54
C GLY FA 129 -80.81 2.50 24.80
N ASP FA 130 -80.48 1.22 24.67
CA ASP FA 130 -80.37 0.33 25.82
C ASP FA 130 -79.12 0.70 26.60
N LYS FA 131 -79.31 1.46 27.70
CA LYS FA 131 -78.20 1.96 28.53
C LYS FA 131 -77.42 0.82 29.18
N ALA FA 132 -78.07 -0.33 29.39
CA ALA FA 132 -77.36 -1.50 29.89
C ALA FA 132 -76.39 -2.05 28.85
N ALA FA 133 -76.80 -2.09 27.59
CA ALA FA 133 -75.92 -2.64 26.55
C ALA FA 133 -74.89 -1.64 26.08
N VAL FA 134 -75.07 -0.35 26.39
CA VAL FA 134 -74.05 0.65 26.05
C VAL FA 134 -72.84 0.46 26.95
N LYS FA 135 -73.07 0.41 28.27
CA LYS FA 135 -71.97 0.16 29.21
C LYS FA 135 -71.43 -1.25 29.06
N SER FA 136 -72.27 -2.20 28.62
CA SER FA 136 -71.80 -3.55 28.34
C SER FA 136 -70.87 -3.59 27.14
N ALA FA 137 -70.93 -2.57 26.28
CA ALA FA 137 -69.97 -2.48 25.18
C ALA FA 137 -68.83 -1.54 25.52
N TYR FA 138 -69.11 -0.48 26.29
CA TYR FA 138 -68.07 0.51 26.60
C TYR FA 138 -67.04 -0.03 27.60
N ASP FA 139 -67.45 -0.96 28.46
CA ASP FA 139 -66.49 -1.68 29.29
C ASP FA 139 -65.55 -2.52 28.42
N ALA FA 140 -66.09 -3.13 27.37
CA ALA FA 140 -65.26 -3.98 26.51
C ALA FA 140 -64.28 -3.15 25.68
N TYR FA 141 -64.63 -1.90 25.38
CA TYR FA 141 -63.75 -1.06 24.58
C TYR FA 141 -62.52 -0.63 25.37
N MET FA 142 -62.70 -0.27 26.62
CA MET FA 142 -61.56 0.11 27.46
C MET FA 142 -60.73 -1.10 27.88
N ALA FA 143 -61.37 -2.27 28.01
CA ALA FA 143 -60.65 -3.44 28.50
C ALA FA 143 -59.96 -4.21 27.39
N ALA FA 144 -60.26 -3.92 26.13
CA ALA FA 144 -59.54 -4.55 25.04
C ALA FA 144 -58.37 -3.69 24.57
N ASN FA 145 -58.60 -2.38 24.45
CA ASN FA 145 -57.61 -1.48 23.89
C ASN FA 145 -56.71 -0.84 24.95
N ASP FA 146 -56.99 -1.09 26.23
CA ASP FA 146 -56.35 -0.43 27.38
C ASP FA 146 -56.43 1.08 27.27
N ILE FA 147 -57.66 1.58 27.37
CA ILE FA 147 -57.87 3.01 27.56
C ILE FA 147 -57.43 3.38 28.97
N ARG FA 148 -56.59 4.41 29.06
CA ARG FA 148 -56.18 4.88 30.36
C ARG FA 148 -56.03 6.39 30.31
N PRO FA 149 -56.63 7.12 31.25
CA PRO FA 149 -56.33 8.54 31.37
C PRO FA 149 -54.95 8.74 31.96
N LEU FA 150 -54.49 9.98 31.93
CA LEU FA 150 -53.26 10.32 32.63
C LEU FA 150 -53.58 10.72 34.07
N PRO FA 151 -53.02 10.05 35.07
CA PRO FA 151 -53.25 10.48 36.45
C PRO FA 151 -52.29 11.58 36.85
N GLU FA 152 -52.35 11.95 38.13
CA GLU FA 152 -51.45 12.96 38.67
C GLU FA 152 -50.04 12.43 38.75
N ILE FA 153 -49.09 13.21 38.26
CA ILE FA 153 -47.70 12.90 38.48
C ILE FA 153 -47.17 13.87 39.52
N ASN FA 154 -45.97 13.60 40.01
CA ASN FA 154 -45.42 14.31 41.15
C ASN FA 154 -43.94 14.54 40.87
N ALA FA 155 -43.20 14.79 41.94
CA ALA FA 155 -41.80 15.12 41.77
C ALA FA 155 -40.95 13.88 41.51
N ASN FA 156 -41.25 12.76 42.19
CA ASN FA 156 -40.52 11.50 41.99
C ASN FA 156 -41.08 10.69 40.83
N ILE FA 157 -42.39 10.79 40.58
CA ILE FA 157 -43.06 9.93 39.63
C ILE FA 157 -43.34 10.66 38.32
N GLY FA 158 -42.70 11.79 38.08
CA GLY FA 158 -43.25 12.73 37.12
C GLY FA 158 -42.35 13.08 35.96
N GLN FA 159 -42.25 14.39 35.71
CA GLN FA 159 -41.76 14.98 34.47
C GLN FA 159 -42.55 14.49 33.26
N GLY FA 160 -43.75 15.03 33.10
CA GLY FA 160 -44.53 14.73 31.91
C GLY FA 160 -44.01 15.41 30.67
N TYR FA 161 -43.50 16.64 30.80
CA TYR FA 161 -43.07 17.42 29.64
C TYR FA 161 -41.75 18.09 29.94
N SER FA 162 -40.93 18.27 28.91
CA SER FA 162 -39.77 19.14 29.00
C SER FA 162 -39.87 20.30 28.02
N SER FA 163 -40.11 20.01 26.75
CA SER FA 163 -40.45 21.07 25.82
C SER FA 163 -41.88 21.51 26.08
N ASP FA 164 -42.20 22.70 25.62
CA ASP FA 164 -43.58 23.16 25.63
C ASP FA 164 -44.34 22.69 24.40
N PHE FA 165 -43.66 21.94 23.54
CA PHE FA 165 -44.25 21.32 22.36
C PHE FA 165 -44.94 20.01 22.66
N ASP FA 166 -44.79 19.50 23.88
CA ASP FA 166 -45.34 18.21 24.21
C ASP FA 166 -46.85 18.28 24.32
N PHE FA 167 -47.46 17.11 24.25
CA PHE FA 167 -48.90 17.02 24.20
C PHE FA 167 -49.51 16.96 25.59
N ARG FA 168 -48.70 17.10 26.63
CA ARG FA 168 -49.13 17.03 28.02
C ARG FA 168 -48.57 18.17 28.86
N VAL FA 169 -48.55 19.38 28.34
CA VAL FA 169 -47.90 20.48 29.05
C VAL FA 169 -48.79 20.99 30.17
N ARG FA 170 -50.01 21.35 29.85
CA ARG FA 170 -50.92 21.86 30.88
C ARG FA 170 -51.89 20.80 31.37
N THR FA 171 -51.56 19.51 31.21
CA THR FA 171 -52.41 18.45 31.73
C THR FA 171 -52.04 18.15 33.18
N LYS FA 172 -52.84 17.31 33.84
CA LYS FA 172 -52.58 16.98 35.24
C LYS FA 172 -51.42 16.01 35.40
N ALA FA 173 -51.02 15.32 34.33
CA ALA FA 173 -49.71 14.72 34.24
C ALA FA 173 -48.72 15.63 33.54
N GLY FA 174 -48.90 16.94 33.66
CA GLY FA 174 -47.87 17.86 33.28
C GLY FA 174 -47.20 18.44 34.50
N ALA FA 175 -45.94 18.09 34.72
CA ALA FA 175 -45.14 18.69 35.77
C ALA FA 175 -43.68 18.63 35.33
N ILE FA 176 -42.85 19.40 36.02
CA ILE FA 176 -41.42 19.40 35.74
C ILE FA 176 -40.69 19.61 37.05
N TYR FA 177 -39.59 18.89 37.22
CA TYR FA 177 -38.68 19.16 38.32
C TYR FA 177 -37.73 20.28 37.91
N VAL FA 178 -38.01 21.51 38.37
CA VAL FA 178 -37.42 22.71 37.81
C VAL FA 178 -35.94 22.80 38.15
N ARG FA 179 -35.57 22.43 39.38
CA ARG FA 179 -34.22 22.54 40.00
C ARG FA 179 -33.43 23.81 39.63
N ALA GA 1 -14.53 -4.53 -49.25
CA ALA GA 1 -14.40 -4.11 -47.86
C ALA GA 1 -14.77 -5.22 -46.89
N LEU GA 2 -14.13 -6.39 -47.05
CA LEU GA 2 -14.23 -7.56 -46.18
C LEU GA 2 -15.67 -8.02 -46.00
N ARG GA 3 -16.25 -8.64 -47.02
CA ARG GA 3 -17.52 -9.31 -46.82
C ARG GA 3 -17.32 -10.64 -46.10
N THR GA 4 -18.06 -10.85 -45.02
CA THR GA 4 -18.09 -12.14 -44.35
C THR GA 4 -19.40 -12.84 -44.66
N ARG GA 5 -19.52 -14.07 -44.15
CA ARG GA 5 -20.79 -14.77 -44.21
C ARG GA 5 -21.83 -14.04 -43.36
N LEU GA 6 -21.48 -13.78 -42.10
CA LEU GA 6 -22.40 -13.09 -41.20
C LEU GA 6 -22.63 -11.66 -41.61
N GLY GA 7 -21.64 -11.05 -42.28
CA GLY GA 7 -21.85 -9.74 -42.84
C GLY GA 7 -22.91 -9.72 -43.91
N GLU GA 8 -23.02 -10.81 -44.68
CA GLU GA 8 -24.05 -10.91 -45.69
C GLU GA 8 -25.39 -11.33 -45.11
N ILE GA 9 -25.38 -12.07 -43.99
CA ILE GA 9 -26.63 -12.46 -43.36
C ILE GA 9 -27.31 -11.26 -42.71
N LEU GA 10 -26.54 -10.37 -42.10
CA LEU GA 10 -27.09 -9.18 -41.46
C LEU GA 10 -26.98 -7.94 -42.33
N ARG GA 11 -26.52 -8.09 -43.57
CA ARG GA 11 -26.54 -6.97 -44.52
C ARG GA 11 -27.91 -6.34 -44.78
N PRO GA 12 -29.04 -7.08 -44.87
CA PRO GA 12 -30.32 -6.39 -45.05
C PRO GA 12 -30.73 -5.48 -43.91
N LEU GA 13 -30.28 -5.73 -42.69
CA LEU GA 13 -30.79 -4.92 -41.58
C LEU GA 13 -30.12 -3.55 -41.56
N ASN GA 14 -28.92 -3.43 -42.12
CA ASN GA 14 -28.26 -2.15 -42.37
C ASN GA 14 -28.47 -1.67 -43.80
N ALA GA 15 -29.60 -1.98 -44.42
CA ALA GA 15 -29.79 -1.56 -45.80
C ALA GA 15 -30.30 -0.12 -45.85
N GLU GA 16 -31.47 0.10 -45.28
CA GLU GA 16 -32.02 1.44 -45.21
C GLU GA 16 -31.17 2.28 -44.27
N TYR GA 17 -30.88 3.51 -44.67
CA TYR GA 17 -30.19 4.45 -43.79
C TYR GA 17 -30.73 5.82 -44.08
N GLY GA 18 -31.43 6.41 -43.13
CA GLY GA 18 -32.09 7.65 -43.39
C GLY GA 18 -33.29 7.55 -44.31
N LYS GA 19 -33.83 6.36 -44.53
CA LYS GA 19 -35.09 6.23 -45.24
C LYS GA 19 -36.21 6.66 -44.31
N VAL GA 20 -36.90 7.71 -44.66
CA VAL GA 20 -37.71 8.42 -43.69
C VAL GA 20 -39.12 8.59 -44.23
N ALA GA 21 -40.13 8.27 -43.41
CA ALA GA 21 -41.52 8.53 -43.75
C ALA GA 21 -41.73 10.03 -43.96
N PRO GA 22 -42.50 10.44 -44.96
CA PRO GA 22 -42.52 11.85 -45.39
C PRO GA 22 -43.39 12.73 -44.50
N GLY GA 23 -42.90 13.01 -43.30
CA GLY GA 23 -43.51 14.04 -42.48
C GLY GA 23 -44.70 13.57 -41.68
N TRP GA 24 -44.64 13.86 -40.37
CA TRP GA 24 -45.66 13.72 -39.33
C TRP GA 24 -45.98 12.30 -38.93
N GLY GA 25 -45.63 11.31 -39.76
CA GLY GA 25 -45.68 9.87 -39.50
C GLY GA 25 -46.81 9.29 -38.68
N THR GA 26 -46.42 8.72 -37.54
CA THR GA 26 -47.34 8.22 -36.54
C THR GA 26 -47.26 9.00 -35.24
N THR GA 27 -46.71 10.21 -35.27
CA THR GA 27 -46.56 11.00 -34.05
C THR GA 27 -47.85 11.39 -33.32
N PRO GA 28 -49.04 11.47 -33.94
CA PRO GA 28 -50.23 11.51 -33.08
C PRO GA 28 -50.45 10.23 -32.30
N ILE GA 29 -50.13 9.08 -32.90
CA ILE GA 29 -50.28 7.82 -32.17
C ILE GA 29 -49.20 7.70 -31.09
N MET GA 30 -47.99 8.19 -31.38
CA MET GA 30 -46.92 8.14 -30.39
C MET GA 30 -47.23 9.03 -29.19
N GLY GA 31 -47.86 10.19 -29.44
CA GLY GA 31 -48.18 11.09 -28.35
C GLY GA 31 -49.22 10.52 -27.41
N ILE GA 32 -50.20 9.81 -27.96
CA ILE GA 32 -51.26 9.23 -27.14
C ILE GA 32 -50.73 8.09 -26.29
N VAL GA 33 -49.84 7.27 -26.88
CA VAL GA 33 -49.19 6.20 -26.13
C VAL GA 33 -48.31 6.77 -25.03
N MET GA 34 -47.58 7.84 -25.36
CA MET GA 34 -46.71 8.47 -24.38
C MET GA 34 -47.51 9.20 -23.30
N LEU GA 35 -48.69 9.72 -23.65
CA LEU GA 35 -49.57 10.29 -22.63
C LEU GA 35 -50.17 9.21 -21.75
N ALA GA 36 -50.45 8.03 -22.32
CA ALA GA 36 -50.98 6.95 -21.52
C ALA GA 36 -49.91 6.33 -20.65
N PHE GA 37 -48.66 6.39 -21.08
CA PHE GA 37 -47.56 5.90 -20.26
C PHE GA 37 -47.30 6.83 -19.08
N LEU GA 38 -47.53 8.12 -19.24
CA LEU GA 38 -47.32 9.05 -18.14
C LEU GA 38 -48.39 8.87 -17.07
N ILE GA 39 -49.65 8.69 -17.48
CA ILE GA 39 -50.73 8.41 -16.53
C ILE GA 39 -50.45 7.12 -15.79
N PHE GA 40 -49.88 6.14 -16.49
CA PHE GA 40 -49.51 4.88 -15.89
C PHE GA 40 -48.42 5.04 -14.84
N LEU GA 41 -47.52 6.01 -15.03
CA LEU GA 41 -46.48 6.21 -14.04
C LEU GA 41 -46.97 7.00 -12.84
N VAL GA 42 -47.94 7.89 -13.04
CA VAL GA 42 -48.50 8.64 -11.92
C VAL GA 42 -49.30 7.69 -11.02
N ILE GA 43 -49.96 6.70 -11.60
CA ILE GA 43 -50.70 5.73 -10.82
C ILE GA 43 -49.76 4.87 -9.97
N ILE GA 44 -48.64 4.44 -10.56
CA ILE GA 44 -47.67 3.63 -9.81
C ILE GA 44 -47.01 4.47 -8.73
N LEU GA 45 -46.75 5.74 -9.01
CA LEU GA 45 -46.12 6.62 -8.03
C LEU GA 45 -47.03 6.86 -6.85
N GLN GA 46 -48.35 6.85 -7.07
CA GLN GA 46 -49.25 7.21 -5.99
C GLN GA 46 -49.81 6.01 -5.25
N ILE GA 47 -49.86 4.85 -5.87
CA ILE GA 47 -50.12 3.63 -5.10
C ILE GA 47 -48.96 3.38 -4.14
N TYR GA 48 -47.74 3.52 -4.64
CA TYR GA 48 -46.55 3.22 -3.85
C TYR GA 48 -46.34 4.22 -2.73
N ASN GA 49 -46.69 5.48 -2.96
CA ASN GA 49 -46.71 6.52 -1.94
C ASN GA 49 -47.79 6.26 -0.90
N SER GA 50 -48.82 5.48 -1.26
CA SER GA 50 -50.12 5.43 -0.59
C SER GA 50 -50.75 6.81 -0.52
N SER GA 51 -50.55 7.60 -1.55
CA SER GA 51 -51.37 8.76 -1.83
C SER GA 51 -52.55 8.39 -2.72
N LEU GA 52 -52.73 7.11 -2.96
CA LEU GA 52 -53.86 6.53 -3.66
C LEU GA 52 -54.05 5.14 -3.08
N ILE GA 53 -55.29 4.77 -2.79
CA ILE GA 53 -55.58 3.58 -2.02
C ILE GA 53 -56.61 2.74 -2.78
N ILE GA 54 -56.29 1.46 -2.98
CA ILE GA 54 -57.16 0.52 -3.68
C ILE GA 54 -57.71 -0.47 -2.66
N GLU GA 55 -58.95 -0.92 -2.89
CA GLU GA 55 -59.55 -2.01 -2.12
C GLU GA 55 -58.68 -3.25 -2.13
N ASN GA 56 -58.43 -3.79 -0.93
CA ASN GA 56 -57.68 -5.02 -0.68
C ASN GA 56 -56.24 -4.94 -1.22
N VAL GA 57 -55.64 -3.76 -1.17
CA VAL GA 57 -54.24 -3.55 -1.54
C VAL GA 57 -53.60 -2.68 -0.47
N ASP GA 58 -52.60 -3.23 0.22
CA ASP GA 58 -51.84 -2.46 1.19
C ASP GA 58 -50.41 -2.31 0.71
N VAL GA 59 -49.74 -1.26 1.17
CA VAL GA 59 -48.34 -1.04 0.82
C VAL GA 59 -47.51 -1.45 2.02
N ASP GA 60 -47.24 -2.76 2.11
CA ASP GA 60 -46.74 -3.33 3.35
C ASP GA 60 -46.20 -4.71 3.04
N TRP GA 61 -45.22 -5.12 3.83
CA TRP GA 61 -44.57 -6.41 3.67
C TRP GA 61 -45.56 -7.55 3.87
N ALA GA 62 -45.78 -8.34 2.82
CA ALA GA 62 -46.74 -9.44 2.83
C ALA GA 62 -45.99 -10.75 2.72
N ASN GA 63 -46.63 -11.86 3.13
CA ASN GA 63 -46.01 -13.17 3.08
C ASN GA 63 -46.43 -13.89 1.81
N GLY GA 64 -45.77 -13.57 0.71
CA GLY GA 64 -45.74 -14.47 -0.42
C GLY GA 64 -45.14 -15.79 0.04
N ILE GA 65 -45.85 -16.88 -0.25
CA ILE GA 65 -45.41 -18.21 0.13
C ILE GA 65 -46.19 -19.28 -0.64
N MET HA 1 17.97 34.52 26.21
CA MET HA 1 17.22 34.64 24.98
C MET HA 1 17.23 36.07 24.50
N LEU HA 2 18.22 36.81 24.98
CA LEU HA 2 18.39 38.20 24.58
C LEU HA 2 19.07 38.29 23.23
N THR HA 3 19.90 37.31 22.90
CA THR HA 3 20.61 37.32 21.62
C THR HA 3 19.63 37.17 20.45
N LEU HA 4 18.56 36.40 20.65
CA LEU HA 4 17.52 36.34 19.65
C LEU HA 4 16.76 37.65 19.58
N LYS HA 5 16.61 38.33 20.72
CA LYS HA 5 15.92 39.61 20.71
C LYS HA 5 16.72 40.64 19.95
N ILE HA 6 18.05 40.55 20.00
CA ILE HA 6 18.87 41.44 19.20
C ILE HA 6 18.72 41.10 17.72
N LEU HA 7 18.94 39.83 17.35
CA LEU HA 7 19.00 39.43 15.94
C LEU HA 7 17.69 39.64 15.23
N VAL HA 8 16.57 39.37 15.90
CA VAL HA 8 15.27 39.65 15.30
C VAL HA 8 15.11 41.15 15.12
N TYR HA 9 15.64 41.91 16.06
CA TYR HA 9 15.53 43.34 15.92
C TYR HA 9 16.59 43.91 15.00
N THR HA 10 17.66 43.15 14.72
CA THR HA 10 18.54 43.57 13.62
C THR HA 10 17.75 43.57 12.34
N THR HA 11 17.07 42.46 12.09
CA THR HA 11 16.54 42.21 10.76
C THR HA 11 15.20 42.92 10.55
N VAL HA 12 14.47 43.26 11.61
CA VAL HA 12 13.23 44.00 11.42
C VAL HA 12 13.52 45.42 10.96
N ILE HA 13 14.30 46.17 11.73
CA ILE HA 13 14.61 47.55 11.38
C ILE HA 13 15.52 47.61 10.15
N PHE HA 14 16.14 46.50 9.77
CA PHE HA 14 16.78 46.36 8.47
C PHE HA 14 15.81 46.52 7.31
N PHE HA 15 14.87 45.58 7.18
CA PHE HA 15 13.98 45.56 6.03
C PHE HA 15 12.99 46.70 6.08
N VAL HA 16 12.68 47.19 7.27
CA VAL HA 16 11.79 48.35 7.38
C VAL HA 16 12.51 49.60 6.90
N SER HA 17 13.81 49.71 7.16
CA SER HA 17 14.56 50.88 6.70
C SER HA 17 14.75 50.87 5.19
N LEU HA 18 14.77 49.69 4.58
CA LEU HA 18 14.74 49.63 3.13
C LEU HA 18 13.46 50.25 2.60
N PHE HA 19 12.33 49.85 3.17
CA PHE HA 19 11.01 50.33 2.79
C PHE HA 19 10.87 51.84 2.95
N ILE HA 20 11.44 52.38 4.03
CA ILE HA 20 11.37 53.80 4.28
C ILE HA 20 12.13 54.56 3.22
N PHE HA 21 13.32 54.09 2.87
CA PHE HA 21 14.13 54.78 1.90
C PHE HA 21 13.93 54.27 0.49
N GLY HA 22 12.89 53.48 0.28
CA GLY HA 22 12.48 53.20 -1.06
C GLY HA 22 11.52 54.24 -1.59
N PHE HA 23 10.56 54.64 -0.78
CA PHE HA 23 9.63 55.64 -1.25
C PHE HA 23 10.13 57.05 -1.04
N LEU HA 24 11.18 57.21 -0.24
CA LEU HA 24 11.93 58.46 -0.25
C LEU HA 24 12.91 58.53 -1.40
N SER HA 25 13.07 57.45 -2.15
CA SER HA 25 14.03 57.38 -3.24
C SER HA 25 13.42 57.78 -4.56
N SER HA 26 12.50 58.75 -4.54
CA SER HA 26 11.75 59.23 -5.71
C SER HA 26 11.01 58.08 -6.40
N ASP HA 27 10.25 57.34 -5.61
CA ASP HA 27 9.32 56.37 -6.15
C ASP HA 27 8.25 56.93 -7.10
N PRO HA 28 7.75 58.18 -7.01
CA PRO HA 28 6.89 58.68 -8.10
C PRO HA 28 7.57 58.73 -9.45
N SER HA 29 8.88 58.85 -9.49
CA SER HA 29 9.63 58.81 -10.74
C SER HA 29 9.81 57.41 -11.29
N ARG HA 30 9.56 56.37 -10.50
CA ARG HA 30 9.70 54.99 -10.97
C ARG HA 30 8.45 54.67 -11.79
N ASN HA 31 8.52 54.95 -13.09
CA ASN HA 31 7.31 55.27 -13.83
C ASN HA 31 7.56 54.97 -15.30
N PRO HA 32 6.65 54.25 -15.97
CA PRO HA 32 6.75 54.07 -17.42
C PRO HA 32 6.14 55.21 -18.23
N ASN HA 33 6.44 56.45 -17.83
CA ASN HA 33 6.04 57.60 -18.63
C ASN HA 33 7.25 58.44 -19.01
N ARG HA 34 8.12 58.71 -18.04
CA ARG HA 34 9.27 59.56 -18.26
C ARG HA 34 10.32 58.86 -19.14
N GLY IA 1 -44.31 62.54 -22.49
CA GLY IA 1 -43.86 63.17 -21.26
C GLY IA 1 -45.00 63.67 -20.40
N ARG IA 2 -45.05 64.99 -20.22
CA ARG IA 2 -46.11 65.79 -19.58
C ARG IA 2 -46.15 65.64 -18.05
N VAL IA 3 -45.47 64.63 -17.51
CA VAL IA 3 -45.13 64.54 -16.10
C VAL IA 3 -43.69 64.04 -16.07
N PRO IA 4 -42.75 64.79 -15.49
CA PRO IA 4 -41.35 64.37 -15.54
C PRO IA 4 -41.07 63.16 -14.66
N LEU IA 5 -40.02 62.43 -15.03
CA LEU IA 5 -39.71 61.15 -14.40
C LEU IA 5 -39.29 61.31 -12.96
N TRP IA 6 -38.63 62.41 -12.63
CA TRP IA 6 -38.17 62.59 -11.27
C TRP IA 6 -39.29 62.86 -10.28
N LEU IA 7 -40.46 63.30 -10.75
CA LEU IA 7 -41.64 63.31 -9.89
C LEU IA 7 -42.23 61.91 -9.73
N VAL IA 8 -42.03 61.06 -10.73
CA VAL IA 8 -42.73 59.78 -10.78
C VAL IA 8 -42.03 58.76 -9.88
N GLY IA 9 -40.71 58.63 -10.03
CA GLY IA 9 -39.94 57.71 -9.20
C GLY IA 9 -39.68 58.23 -7.79
N LEU IA 10 -40.49 59.17 -7.33
CA LEU IA 10 -40.31 59.83 -6.06
C LEU IA 10 -41.57 59.71 -5.20
N VAL IA 11 -42.72 59.99 -5.79
CA VAL IA 11 -43.98 59.64 -5.14
C VAL IA 11 -44.10 58.12 -5.05
N GLY IA 12 -43.56 57.42 -6.05
CA GLY IA 12 -43.28 56.01 -5.87
C GLY IA 12 -42.20 55.75 -4.84
N GLY IA 13 -41.18 56.61 -4.79
CA GLY IA 13 -40.12 56.48 -3.80
C GLY IA 13 -40.51 56.94 -2.41
N PHE IA 14 -41.41 57.93 -2.29
CA PHE IA 14 -42.07 58.20 -1.01
C PHE IA 14 -42.83 56.98 -0.53
N ALA IA 15 -43.60 56.37 -1.43
CA ALA IA 15 -44.45 55.25 -1.08
C ALA IA 15 -43.64 54.03 -0.69
N VAL IA 16 -42.38 53.96 -1.13
CA VAL IA 16 -41.49 52.96 -0.55
C VAL IA 16 -41.14 53.34 0.88
N ILE IA 17 -40.78 54.60 1.10
CA ILE IA 17 -40.30 55.04 2.41
C ILE IA 17 -41.43 55.02 3.43
N THR IA 18 -42.65 55.37 3.03
CA THR IA 18 -43.77 55.34 3.97
C THR IA 18 -44.12 53.92 4.38
N ILE IA 19 -44.08 52.99 3.45
CA ILE IA 19 -44.50 51.63 3.76
C ILE IA 19 -43.37 50.86 4.47
N VAL IA 20 -42.12 51.13 4.12
CA VAL IA 20 -41.01 50.43 4.78
C VAL IA 20 -40.82 50.95 6.20
N SER IA 21 -41.03 52.25 6.42
CA SER IA 21 -41.00 52.78 7.78
C SER IA 21 -42.19 52.28 8.59
N LEU IA 22 -43.30 51.99 7.91
CA LEU IA 22 -44.43 51.36 8.57
C LEU IA 22 -44.11 49.92 8.92
N PHE IA 23 -43.22 49.28 8.17
CA PHE IA 23 -42.81 47.91 8.50
C PHE IA 23 -41.94 47.88 9.74
N ILE IA 24 -41.20 48.96 9.99
CA ILE IA 24 -40.38 49.03 11.19
C ILE IA 24 -41.23 49.45 12.39
N TYR IA 25 -42.31 50.19 12.15
CA TYR IA 25 -43.17 50.64 13.23
C TYR IA 25 -43.90 49.47 13.88
N GLY IA 26 -44.64 48.70 13.07
CA GLY IA 26 -45.28 47.52 13.59
C GLY IA 26 -44.36 46.35 13.83
N SER IA 27 -43.07 46.55 13.68
CA SER IA 27 -42.11 45.64 14.29
C SER IA 27 -42.00 45.90 15.78
N TYR IA 28 -42.41 47.09 16.24
CA TYR IA 28 -42.46 47.41 17.66
C TYR IA 28 -43.86 47.43 18.24
N SER IA 29 -44.90 47.32 17.42
CA SER IA 29 -46.26 47.26 17.95
C SER IA 29 -46.99 46.08 17.32
N GLY IA 30 -47.92 45.52 18.05
CA GLY IA 30 -48.60 44.34 17.58
C GLY IA 30 -47.81 43.10 17.91
N LEU IA 31 -48.11 42.06 17.16
CA LEU IA 31 -47.36 40.81 17.24
C LEU IA 31 -45.93 40.99 16.76
N GLY IA 32 -45.06 40.08 17.21
CA GLY IA 32 -43.66 40.17 16.89
C GLY IA 32 -42.93 41.27 17.61
N SER IA 33 -43.51 41.80 18.69
CA SER IA 33 -42.93 42.91 19.42
C SER IA 33 -42.68 42.59 20.88
N SER IA 34 -43.23 41.49 21.38
CA SER IA 34 -43.22 41.09 22.79
C SER IA 34 -43.74 42.18 23.72
N LYS JA 1 -36.28 64.96 29.07
CA LYS JA 1 -37.26 66.03 28.96
C LYS JA 1 -36.56 67.36 28.71
N LEU JA 2 -37.11 68.14 27.78
CA LEU JA 2 -36.61 69.48 27.51
C LEU JA 2 -36.93 70.41 28.69
N PRO JA 3 -36.31 71.60 28.74
CA PRO JA 3 -36.80 72.62 29.68
C PRO JA 3 -38.25 72.98 29.41
N GLU JA 4 -38.94 73.41 30.48
CA GLU JA 4 -40.40 73.43 30.51
C GLU JA 4 -40.98 74.42 29.50
N ALA JA 5 -40.24 75.46 29.16
CA ALA JA 5 -40.63 76.28 28.02
C ALA JA 5 -40.55 75.48 26.73
N TYR JA 6 -39.42 74.84 26.49
CA TYR JA 6 -39.17 74.18 25.23
C TYR JA 6 -39.84 72.83 25.12
N ALA JA 7 -40.58 72.40 26.13
CA ALA JA 7 -41.24 71.11 26.09
C ALA JA 7 -42.40 71.06 25.11
N PHE JA 8 -42.86 72.19 24.59
CA PHE JA 8 -43.91 72.18 23.58
C PHE JA 8 -43.39 71.65 22.24
N LEU JA 9 -42.11 71.85 21.96
CA LEU JA 9 -41.55 71.56 20.65
C LEU JA 9 -40.93 70.17 20.59
N ASN JA 10 -41.32 69.25 21.49
CA ASN JA 10 -40.75 67.90 21.56
C ASN JA 10 -40.85 67.08 20.28
N PRO JA 11 -41.96 67.06 19.51
CA PRO JA 11 -41.91 66.30 18.26
C PRO JA 11 -41.11 66.97 17.16
N ILE JA 12 -40.98 68.29 17.20
CA ILE JA 12 -40.10 68.96 16.23
C ILE JA 12 -38.65 68.64 16.53
N VAL JA 13 -38.31 68.51 17.81
CA VAL JA 13 -36.99 68.04 18.20
C VAL JA 13 -36.80 66.59 17.79
N ASP JA 14 -37.89 65.83 17.78
CA ASP JA 14 -37.84 64.40 17.51
C ASP JA 14 -37.51 64.08 16.06
N VAL JA 15 -37.75 65.03 15.13
CA VAL JA 15 -37.35 64.77 13.74
C VAL JA 15 -35.91 65.23 13.48
N MET JA 16 -35.41 66.20 14.24
CA MET JA 16 -34.17 66.90 13.90
C MET JA 16 -32.92 66.04 13.71
N PRO JA 17 -32.75 64.86 14.33
CA PRO JA 17 -31.62 64.02 13.91
C PRO JA 17 -31.72 63.47 12.51
N VAL JA 18 -32.92 63.21 11.99
CA VAL JA 18 -33.07 62.47 10.74
C VAL JA 18 -32.58 63.30 9.55
N ILE JA 19 -32.75 64.62 9.63
CA ILE JA 19 -32.52 65.60 8.56
C ILE JA 19 -31.15 65.51 7.89
N PRO JA 20 -30.01 65.27 8.57
CA PRO JA 20 -28.76 65.02 7.80
C PRO JA 20 -28.75 63.79 6.93
N VAL JA 21 -29.61 62.81 7.14
CA VAL JA 21 -29.75 61.79 6.11
C VAL JA 21 -30.46 62.38 4.91
N LEU JA 22 -31.48 63.19 5.16
CA LEU JA 22 -32.36 63.63 4.08
C LEU JA 22 -31.71 64.68 3.17
N PHE JA 23 -30.57 65.26 3.57
CA PHE JA 23 -29.81 66.06 2.61
C PHE JA 23 -29.20 65.19 1.55
N PHE JA 24 -28.69 64.03 1.97
CA PHE JA 24 -28.05 63.08 1.07
C PHE JA 24 -29.05 62.51 0.09
N LEU JA 25 -30.33 62.52 0.46
CA LEU JA 25 -31.37 62.08 -0.46
C LEU JA 25 -31.65 63.13 -1.53
N LEU JA 26 -31.52 64.41 -1.20
CA LEU JA 26 -31.71 65.45 -2.23
C LEU JA 26 -30.60 65.42 -3.25
N ALA JA 27 -29.41 64.98 -2.85
CA ALA JA 27 -28.29 64.94 -3.76
C ALA JA 27 -28.53 63.95 -4.89
N PHE JA 28 -29.40 62.97 -4.68
CA PHE JA 28 -29.88 62.15 -5.79
C PHE JA 28 -31.15 62.70 -6.41
N VAL JA 29 -31.94 63.46 -5.65
CA VAL JA 29 -33.08 64.17 -6.24
C VAL JA 29 -32.59 65.22 -7.20
N TRP JA 30 -31.61 66.01 -6.77
CA TRP JA 30 -31.12 67.12 -7.56
C TRP JA 30 -30.44 66.65 -8.83
N GLN JA 31 -29.87 65.45 -8.83
CA GLN JA 31 -29.39 64.89 -10.08
C GLN JA 31 -30.52 64.46 -10.99
N ALA JA 32 -31.63 64.00 -10.42
CA ALA JA 32 -32.75 63.57 -11.25
C ALA JA 32 -33.50 64.77 -11.79
N ALA JA 33 -33.48 65.88 -11.06
CA ALA JA 33 -33.99 67.14 -11.57
C ALA JA 33 -33.19 67.60 -12.78
N VAL JA 34 -31.86 67.61 -12.62
CA VAL JA 34 -30.93 67.88 -13.71
C VAL JA 34 -30.81 66.70 -14.66
N SER JA 35 -31.53 65.60 -14.38
CA SER JA 35 -31.69 64.43 -15.23
C SER JA 35 -30.36 63.73 -15.49
N PHE JA 36 -29.51 63.74 -14.46
CA PHE JA 36 -28.27 62.97 -14.38
C PHE JA 36 -27.33 63.32 -15.54
N ARG JA 37 -26.89 64.56 -15.55
CA ARG JA 37 -25.90 65.00 -16.51
C ARG JA 37 -24.61 64.24 -16.32
N THR KA 2 -9.25 -5.33 -41.88
CA THR KA 2 -8.03 -4.62 -41.52
C THR KA 2 -7.92 -3.27 -42.17
N GLY KA 3 -6.72 -2.71 -42.07
CA GLY KA 3 -6.39 -1.47 -42.73
C GLY KA 3 -6.13 -0.37 -41.73
N PRO KA 4 -5.34 0.62 -42.14
CA PRO KA 4 -5.18 1.82 -41.30
C PRO KA 4 -6.48 2.62 -41.23
N ASN KA 5 -6.70 3.22 -40.08
CA ASN KA 5 -7.97 3.93 -39.92
C ASN KA 5 -7.87 5.34 -40.47
N PRO KA 6 -8.95 5.83 -41.05
CA PRO KA 6 -9.17 7.27 -41.15
C PRO KA 6 -9.85 7.83 -39.90
N ASN KA 7 -9.42 7.37 -38.73
CA ASN KA 7 -9.98 7.85 -37.48
C ASN KA 7 -8.90 8.27 -36.49
N LYS KA 8 -7.81 7.51 -36.42
CA LYS KA 8 -6.86 7.61 -35.32
C LYS KA 8 -6.13 8.95 -35.32
N GLN KA 9 -5.94 9.50 -34.12
CA GLN KA 9 -5.49 10.88 -33.98
C GLN KA 9 -4.52 11.00 -32.81
N ALA KA 10 -3.99 12.20 -32.65
CA ALA KA 10 -3.04 12.53 -31.60
C ALA KA 10 -3.78 12.94 -30.34
N VAL KA 11 -3.20 12.61 -29.19
CA VAL KA 11 -3.76 12.96 -27.90
C VAL KA 11 -2.78 13.87 -27.19
N GLU KA 12 -3.26 15.01 -26.71
CA GLU KA 12 -2.35 15.99 -26.19
C GLU KA 12 -2.72 16.45 -24.80
N LEU KA 13 -1.71 16.98 -24.10
CA LEU KA 13 -1.87 17.58 -22.79
C LEU KA 13 -0.75 18.59 -22.62
N ASN KA 14 -1.10 19.82 -22.26
CA ASN KA 14 -0.13 20.91 -22.19
C ASN KA 14 0.76 20.76 -20.97
N ARG KA 15 1.64 21.74 -20.77
CA ARG KA 15 2.41 21.74 -19.54
C ARG KA 15 1.56 22.20 -18.37
N THR KA 16 0.73 23.21 -18.59
CA THR KA 16 -0.16 23.65 -17.53
C THR KA 16 -1.15 22.57 -17.14
N SER KA 17 -1.64 21.82 -18.12
CA SER KA 17 -2.61 20.77 -17.86
C SER KA 17 -2.00 19.60 -17.10
N LEU KA 18 -0.68 19.45 -17.15
CA LEU KA 18 -0.01 18.57 -16.22
C LEU KA 18 -0.10 19.14 -14.81
N TYR KA 19 0.11 20.44 -14.68
CA TYR KA 19 0.20 21.05 -13.36
C TYR KA 19 -1.18 21.15 -12.72
N TRP KA 20 -2.21 21.42 -13.52
CA TRP KA 20 -3.57 21.26 -13.02
C TRP KA 20 -3.84 19.83 -12.62
N GLY KA 21 -3.39 18.90 -13.46
CA GLY KA 21 -3.76 17.51 -13.28
C GLY KA 21 -3.05 16.87 -12.11
N LEU KA 22 -1.79 17.26 -11.89
CA LEU KA 22 -1.10 16.78 -10.69
C LEU KA 22 -1.73 17.39 -9.45
N LEU KA 23 -1.85 18.72 -9.42
CA LEU KA 23 -2.40 19.43 -8.26
C LEU KA 23 -3.86 19.07 -8.01
N LEU KA 24 -4.56 18.56 -9.02
CA LEU KA 24 -5.86 17.94 -8.73
C LEU KA 24 -5.69 16.69 -7.91
N ILE KA 25 -4.79 15.81 -8.33
CA ILE KA 25 -4.63 14.50 -7.69
C ILE KA 25 -4.01 14.63 -6.30
N PHE KA 26 -3.02 15.50 -6.14
CA PHE KA 26 -2.37 15.62 -4.85
C PHE KA 26 -3.27 16.29 -3.82
N VAL KA 27 -4.13 17.23 -4.25
CA VAL KA 27 -4.94 17.96 -3.28
C VAL KA 27 -6.18 17.15 -2.90
N LEU KA 28 -6.75 16.40 -3.85
CA LEU KA 28 -7.77 15.41 -3.50
C LEU KA 28 -7.19 14.35 -2.58
N ALA KA 29 -5.91 14.06 -2.72
CA ALA KA 29 -5.26 13.14 -1.81
C ALA KA 29 -4.97 13.79 -0.46
N VAL KA 30 -5.04 15.12 -0.36
CA VAL KA 30 -4.95 15.73 0.96
C VAL KA 30 -6.31 15.67 1.64
N LEU KA 31 -7.37 15.96 0.89
CA LEU KA 31 -8.74 15.82 1.37
C LEU KA 31 -9.10 14.43 1.81
N PHE KA 32 -9.15 13.52 0.85
CA PHE KA 32 -9.72 12.21 1.08
C PHE KA 32 -8.73 11.23 1.65
N SER KA 33 -7.54 11.68 2.04
CA SER KA 33 -6.64 10.81 2.77
C SER KA 33 -7.26 10.42 4.08
N SER KA 34 -7.37 11.40 4.98
CA SER KA 34 -7.60 11.13 6.39
C SER KA 34 -8.94 10.50 6.65
N TYR KA 35 -9.91 10.74 5.76
CA TYR KA 35 -11.17 10.04 5.81
C TYR KA 35 -11.00 8.55 5.56
N PHE KA 36 -10.09 8.18 4.66
CA PHE KA 36 -9.83 6.76 4.48
C PHE KA 36 -9.07 6.18 5.66
N PHE KA 37 -8.28 7.00 6.37
CA PHE KA 37 -7.49 6.47 7.47
C PHE KA 37 -8.34 6.25 8.71
N ASN KA 38 -9.19 7.23 9.04
CA ASN KA 38 -10.06 7.22 10.23
C ASN KA 38 -9.38 6.93 11.56
N GLU LA 1 -4.76 0.90 14.81
CA GLU LA 1 -6.01 1.63 15.02
C GLU LA 1 -6.42 2.37 13.75
N VAL LA 2 -5.42 2.87 13.04
CA VAL LA 2 -5.68 3.52 11.76
C VAL LA 2 -6.11 2.46 10.75
N GLN LA 3 -7.01 2.83 9.84
CA GLN LA 3 -7.53 1.85 8.89
C GLN LA 3 -6.47 1.44 7.90
N PHE LA 4 -6.74 0.35 7.21
CA PHE LA 4 -5.69 -0.55 6.75
C PHE LA 4 -5.31 -0.35 5.29
N GLY LA 5 -6.29 -0.46 4.40
CA GLY LA 5 -6.05 -0.32 2.98
C GLY LA 5 -6.00 1.12 2.54
N ALA LA 6 -6.04 2.04 3.50
CA ALA LA 6 -5.90 3.45 3.19
C ALA LA 6 -4.46 3.80 2.83
N TYR LA 7 -3.49 3.02 3.32
CA TYR LA 7 -2.12 3.20 2.86
C TYR LA 7 -2.01 2.82 1.40
N LEU LA 8 -2.82 1.86 0.97
CA LEU LA 8 -2.89 1.48 -0.43
C LEU LA 8 -3.74 2.46 -1.22
N ALA LA 9 -4.88 2.87 -0.68
CA ALA LA 9 -5.83 3.65 -1.46
C ALA LA 9 -5.36 5.06 -1.69
N VAL LA 10 -4.58 5.62 -0.77
CA VAL LA 10 -4.02 6.94 -1.02
C VAL LA 10 -2.90 6.84 -2.05
N LEU LA 11 -1.92 5.97 -1.81
CA LEU LA 11 -0.70 5.97 -2.61
C LEU LA 11 -0.92 5.40 -4.01
N LEU LA 12 -1.86 4.48 -4.16
CA LEU LA 12 -2.23 4.08 -5.51
C LEU LA 12 -3.27 5.01 -6.11
N GLY LA 13 -3.91 5.84 -5.28
CA GLY LA 13 -4.80 6.87 -5.76
C GLY LA 13 -4.12 8.18 -6.06
N THR LA 14 -2.90 8.35 -5.57
CA THR LA 14 -2.01 9.41 -6.06
C THR LA 14 -1.28 8.97 -7.31
N PHE LA 15 -0.45 7.94 -7.19
CA PHE LA 15 0.62 7.69 -8.16
C PHE LA 15 0.06 7.21 -9.48
N LEU LA 16 -0.97 6.38 -9.45
CA LEU LA 16 -1.52 5.88 -10.71
C LEU LA 16 -2.28 6.96 -11.50
N PRO LA 17 -3.01 7.90 -10.88
CA PRO LA 17 -3.42 9.07 -11.67
C PRO LA 17 -2.33 10.08 -11.90
N ALA LA 18 -1.34 10.21 -11.01
CA ALA LA 18 -0.27 11.18 -11.24
C ALA LA 18 0.62 10.73 -12.38
N LEU LA 19 1.01 9.45 -12.39
CA LEU LA 19 1.86 8.95 -13.45
C LEU LA 19 1.12 8.87 -14.77
N PHE LA 20 -0.21 8.80 -14.74
CA PHE LA 20 -0.96 8.80 -15.99
C PHE LA 20 -0.89 10.16 -16.67
N LEU LA 21 -1.07 11.23 -15.91
CA LEU LA 21 -1.12 12.56 -16.49
C LEU LA 21 0.26 13.04 -16.90
N VAL LA 22 1.32 12.48 -16.31
CA VAL LA 22 2.68 12.72 -16.78
C VAL LA 22 2.84 12.29 -18.23
N ASN LA 23 2.16 11.22 -18.61
CA ASN LA 23 2.47 10.56 -19.86
C ASN LA 23 1.71 11.14 -21.01
N LEU LA 24 0.57 11.79 -20.73
CA LEU LA 24 0.00 12.63 -21.75
C LEU LA 24 0.84 13.87 -21.96
N PHE LA 25 1.67 14.25 -21.00
CA PHE LA 25 2.62 15.31 -21.25
C PHE LA 25 3.88 14.81 -21.95
N ILE LA 26 4.36 13.62 -21.58
CA ILE LA 26 5.56 13.07 -22.23
C ILE LA 26 5.25 12.69 -23.68
N GLN LA 27 4.00 12.32 -23.94
CA GLN LA 27 3.58 11.97 -25.30
C GLN LA 27 3.69 13.15 -26.24
N THR LA 28 3.21 14.33 -25.82
CA THR LA 28 3.22 15.49 -26.69
C THR LA 28 4.62 16.02 -26.93
N GLU LA 29 5.42 16.06 -25.87
CA GLU LA 29 6.78 16.58 -25.99
C GLU LA 29 7.61 15.74 -26.93
N ALA LA 30 7.35 14.44 -26.98
CA ALA LA 30 7.93 13.60 -28.00
C ALA LA 30 7.27 13.79 -29.34
N ARG LA 31 5.97 14.05 -29.37
CA ARG LA 31 5.27 14.24 -30.63
C ARG LA 31 5.63 15.56 -31.26
N LYS LA 32 5.77 16.61 -30.44
CA LYS LA 32 6.24 17.88 -30.96
C LYS LA 32 7.72 17.85 -31.28
N ALA LA 33 8.48 16.92 -30.71
CA ALA LA 33 9.87 16.78 -31.09
C ALA LA 33 10.02 15.93 -32.33
N GLY LA 34 9.13 14.97 -32.54
CA GLY LA 34 9.15 14.22 -33.78
C GLY LA 34 8.64 15.04 -34.95
N LYS LA 35 7.79 16.02 -34.68
CA LYS LA 35 7.29 16.91 -35.70
C LYS LA 35 8.40 17.77 -36.28
N ALA LA 36 8.98 18.64 -35.47
CA ALA LA 36 10.10 19.45 -35.91
C ALA LA 36 11.36 18.61 -35.85
N GLY LA 37 11.89 18.23 -37.02
CA GLY LA 37 13.02 17.35 -37.07
C GLY LA 37 14.32 17.97 -36.57
N GLY LA 38 14.74 17.57 -35.37
CA GLY LA 38 15.97 18.01 -34.79
C GLY LA 38 16.96 16.87 -34.61
N GLN LA 39 17.79 16.99 -33.57
CA GLN LA 39 18.71 15.90 -33.25
C GLN LA 39 17.95 14.68 -32.76
N ASP LA 40 16.87 14.90 -32.03
CA ASP LA 40 15.96 13.81 -31.74
C ASP LA 40 15.06 13.55 -32.94
N SER LA 41 14.59 12.32 -33.05
CA SER LA 41 13.93 11.89 -34.28
C SER LA 41 12.53 12.48 -34.40
N UNK MA 1 -18.40 -13.61 -48.22
CA UNK MA 1 -18.65 -14.87 -47.53
C UNK MA 1 -17.50 -15.83 -47.72
N UNK MA 2 -16.30 -15.29 -47.83
CA UNK MA 2 -15.16 -16.12 -48.21
C UNK MA 2 -14.46 -16.74 -47.01
N UNK MA 3 -14.44 -16.04 -45.87
CA UNK MA 3 -13.54 -16.41 -44.79
C UNK MA 3 -13.97 -17.70 -44.10
N UNK MA 4 -15.29 -17.94 -44.07
CA UNK MA 4 -15.89 -19.21 -43.65
C UNK MA 4 -15.58 -19.57 -42.20
N UNK MA 5 -15.65 -18.59 -41.33
CA UNK MA 5 -15.61 -18.84 -39.89
C UNK MA 5 -16.94 -18.56 -39.22
N UNK MA 6 -17.98 -18.28 -39.99
CA UNK MA 6 -19.24 -17.84 -39.39
C UNK MA 6 -20.27 -18.95 -39.37
N UNK MA 7 -20.13 -19.95 -40.23
CA UNK MA 7 -20.90 -21.17 -40.04
C UNK MA 7 -20.19 -22.12 -39.09
N UNK MA 8 -18.89 -21.92 -38.90
CA UNK MA 8 -18.13 -22.78 -38.02
C UNK MA 8 -18.10 -22.26 -36.59
N UNK MA 9 -18.47 -21.00 -36.37
CA UNK MA 9 -18.58 -20.49 -35.01
C UNK MA 9 -20.01 -20.17 -34.61
N UNK MA 10 -20.97 -20.36 -35.51
CA UNK MA 10 -22.36 -20.48 -35.10
C UNK MA 10 -22.69 -21.91 -34.74
N UNK MA 11 -21.97 -22.86 -35.34
CA UNK MA 11 -22.08 -24.26 -34.95
C UNK MA 11 -21.27 -24.56 -33.70
N UNK MA 12 -20.38 -23.66 -33.31
CA UNK MA 12 -19.67 -23.84 -32.06
C UNK MA 12 -20.41 -23.21 -30.89
N UNK MA 13 -21.31 -22.27 -31.17
CA UNK MA 13 -22.22 -21.77 -30.13
C UNK MA 13 -23.42 -22.68 -29.97
N UNK MA 14 -23.63 -23.62 -30.88
CA UNK MA 14 -24.62 -24.67 -30.66
C UNK MA 14 -23.99 -25.90 -30.03
N UNK MA 15 -22.67 -26.04 -30.15
CA UNK MA 15 -21.98 -27.12 -29.46
C UNK MA 15 -21.84 -26.81 -27.98
N UNK MA 16 -21.84 -25.53 -27.61
CA UNK MA 16 -21.92 -25.12 -26.22
C UNK MA 16 -23.35 -24.88 -25.77
N UNK MA 17 -24.31 -24.87 -26.69
CA UNK MA 17 -25.71 -24.86 -26.33
C UNK MA 17 -26.26 -26.26 -26.10
N UNK MA 18 -25.47 -27.29 -26.33
CA UNK MA 18 -25.81 -28.62 -25.85
C UNK MA 18 -25.37 -28.83 -24.40
N UNK MA 19 -24.70 -27.84 -23.81
CA UNK MA 19 -24.52 -27.77 -22.36
C UNK MA 19 -25.71 -27.10 -21.66
N UNK MA 20 -26.77 -26.77 -22.40
CA UNK MA 20 -28.03 -26.42 -21.77
C UNK MA 20 -28.79 -27.67 -21.34
N UNK MA 21 -28.47 -28.81 -21.94
CA UNK MA 21 -29.03 -30.08 -21.52
C UNK MA 21 -28.02 -30.95 -20.77
N UNK MA 22 -26.80 -30.47 -20.58
CA UNK MA 22 -25.85 -31.23 -19.76
C UNK MA 22 -26.19 -31.13 -18.29
N UNK MA 23 -26.83 -30.04 -17.91
CA UNK MA 23 -27.43 -29.88 -16.61
C UNK MA 23 -28.90 -30.23 -16.62
N UNK MA 24 -29.21 -31.52 -16.72
CA UNK MA 24 -30.30 -32.13 -17.49
C UNK MA 24 -31.60 -31.34 -17.42
N UNK MA 25 -32.24 -31.24 -16.28
CA UNK MA 25 -33.41 -30.42 -16.11
C UNK MA 25 -33.09 -29.35 -15.08
N UNK MA 26 -34.06 -28.45 -14.86
CA UNK MA 26 -33.97 -27.60 -13.69
C UNK MA 26 -33.93 -28.47 -12.44
N UNK MA 27 -32.78 -28.45 -11.77
CA UNK MA 27 -32.41 -29.24 -10.60
C UNK MA 27 -32.45 -30.74 -10.84
N UNK MA 28 -32.03 -31.22 -12.01
CA UNK MA 28 -31.77 -32.65 -12.14
C UNK MA 28 -30.38 -33.00 -11.63
N UNK MA 29 -29.40 -32.18 -11.98
CA UNK MA 29 -28.07 -32.32 -11.38
C UNK MA 29 -28.01 -31.64 -10.02
N UNK MA 30 -29.11 -31.03 -9.58
CA UNK MA 30 -29.26 -30.65 -8.18
C UNK MA 30 -30.27 -31.56 -7.51
N ALA NA 1 14.23 40.85 44.57
CA ALA NA 1 13.46 40.41 45.72
C ALA NA 1 14.01 41.00 47.01
N LEU NA 2 13.48 42.12 47.43
CA LEU NA 2 13.95 42.79 48.64
C LEU NA 2 12.97 42.55 49.79
N THR NA 3 13.17 43.26 50.89
CA THR NA 3 12.36 43.11 52.10
C THR NA 3 10.91 43.50 51.86
N LYS NA 4 10.04 43.13 52.81
CA LYS NA 4 8.62 43.47 52.70
C LYS NA 4 8.38 44.96 52.85
N SER NA 5 9.32 45.68 53.45
CA SER NA 5 9.17 47.11 53.69
C SER NA 5 9.12 47.91 52.39
N GLN NA 6 10.13 47.74 51.53
CA GLN NA 6 10.17 48.55 50.33
C GLN NA 6 9.52 47.87 49.13
N ILE NA 7 9.02 46.64 49.28
CA ILE NA 7 8.00 46.16 48.36
C ILE NA 7 6.70 46.92 48.59
N ASN NA 8 6.36 47.18 49.84
CA ASN NA 8 5.20 47.97 50.18
C ASN NA 8 5.35 49.45 49.85
N GLU NA 9 6.57 49.92 49.62
CA GLU NA 9 6.77 51.30 49.18
C GLU NA 9 6.52 51.48 47.69
N LEU NA 10 6.23 50.41 46.97
CA LEU NA 10 5.93 50.50 45.55
C LEU NA 10 4.43 50.49 45.35
N SER NA 11 3.96 51.34 44.46
CA SER NA 11 2.56 51.32 44.06
C SER NA 11 2.29 50.08 43.22
N TYR NA 12 1.01 49.84 42.94
CA TYR NA 12 0.64 48.65 42.20
C TYR NA 12 1.09 48.73 40.76
N LEU NA 13 0.98 49.90 40.15
CA LEU NA 13 1.23 50.06 38.74
C LEU NA 13 2.71 49.87 38.40
N GLN NA 14 3.61 50.14 39.32
CA GLN NA 14 5.03 50.01 39.04
C GLN NA 14 5.61 48.67 39.46
N VAL NA 15 4.83 47.82 40.12
CA VAL NA 15 5.16 46.41 40.21
C VAL NA 15 4.63 45.68 38.99
N LYS NA 16 3.62 46.22 38.36
CA LYS NA 16 2.73 45.51 37.43
C LYS NA 16 3.47 45.17 36.14
N GLY NA 17 4.03 43.97 36.07
CA GLY NA 17 4.80 43.54 34.94
C GLY NA 17 6.21 43.13 35.24
N THR NA 18 6.73 43.54 36.39
CA THR NA 18 8.14 43.34 36.68
C THR NA 18 8.47 41.90 37.02
N GLY NA 19 7.49 41.11 37.42
CA GLY NA 19 7.77 39.79 37.95
C GLY NA 19 8.15 39.78 39.40
N LEU NA 20 7.99 40.91 40.10
CA LEU NA 20 8.19 41.01 41.54
C LEU NA 20 7.16 40.23 42.33
N ALA NA 21 6.00 39.94 41.74
CA ALA NA 21 4.87 39.53 42.54
C ALA NA 21 4.96 38.08 42.99
N ASN NA 22 5.85 37.29 42.40
CA ASN NA 22 6.11 35.97 42.94
C ASN NA 22 7.15 35.98 44.03
N ARG NA 23 8.01 37.00 44.01
CA ARG NA 23 9.18 37.01 44.85
C ARG NA 23 8.80 37.14 46.31
N CYS NA 24 9.21 36.17 47.10
CA CYS NA 24 9.11 36.30 48.54
C CYS NA 24 10.05 37.39 49.02
N ALA NA 25 9.66 38.04 50.11
CA ALA NA 25 10.52 39.06 50.66
C ALA NA 25 11.72 38.43 51.36
N GLU NA 26 12.69 39.26 51.67
CA GLU NA 26 13.89 38.78 52.35
C GLU NA 26 13.97 39.38 53.75
N VAL NA 27 14.75 38.69 54.59
CA VAL NA 27 14.98 39.08 55.96
C VAL NA 27 16.44 39.44 56.10
N VAL NA 28 16.74 40.49 56.86
CA VAL NA 28 18.11 40.80 57.27
C VAL NA 28 18.19 40.67 58.79
N GLY NA 29 19.12 39.87 59.27
CA GLY NA 29 19.44 39.81 60.68
C GLY NA 29 19.17 38.44 61.27
N GLU NA 30 19.79 38.20 62.42
CA GLU NA 30 19.56 36.99 63.21
C GLU NA 30 19.07 37.38 64.59
N ASP NA 31 17.92 36.84 64.97
CA ASP NA 31 17.27 37.21 66.22
C ASP NA 31 16.38 36.05 66.64
N SER NA 32 15.78 36.17 67.82
CA SER NA 32 14.73 35.28 68.30
C SER NA 32 13.43 36.05 68.42
N ILE NA 33 12.32 35.32 68.50
CA ILE NA 33 11.00 35.95 68.52
C ILE NA 33 10.21 35.53 69.75
N LYS NA 34 10.25 34.22 70.08
CA LYS NA 34 9.57 33.60 71.21
C LYS NA 34 8.05 33.76 71.11
N PRO NA 35 7.38 33.00 70.25
CA PRO NA 35 5.94 33.19 70.05
C PRO NA 35 5.11 32.90 71.28
N LYS NA 36 3.97 33.57 71.36
CA LYS NA 36 3.05 33.52 72.48
C LYS NA 36 1.85 32.64 72.16
N PRO NA 37 1.19 32.06 73.17
CA PRO NA 37 -0.05 31.33 72.91
C PRO NA 37 -1.17 32.25 72.50
N GLY NA 38 -1.51 32.24 71.21
CA GLY NA 38 -2.41 33.21 70.63
C GLY NA 38 -1.85 33.90 69.40
N ALA NA 39 -0.55 33.85 69.15
CA ALA NA 39 0.04 34.38 67.93
C ALA NA 39 -0.28 33.46 66.76
N LYS NA 40 0.13 33.87 65.57
CA LYS NA 40 0.18 33.00 64.39
C LYS NA 40 1.11 33.62 63.35
N LEU NA 41 1.29 32.91 62.25
CA LEU NA 41 2.02 33.40 61.09
C LEU NA 41 1.03 33.86 60.03
N VAL NA 42 1.32 34.99 59.38
CA VAL NA 42 0.27 35.63 58.58
C VAL NA 42 0.58 35.69 57.08
N ASP NA 43 1.76 36.12 56.68
CA ASP NA 43 2.07 36.29 55.28
C ASP NA 43 3.11 35.25 54.93
N MET NA 44 2.65 34.04 54.68
CA MET NA 44 3.52 32.91 54.42
C MET NA 44 3.75 32.83 52.92
N CYS NA 45 4.79 33.50 52.44
CA CYS NA 45 5.22 33.40 51.06
C CYS NA 45 6.07 32.15 50.94
N ILE NA 46 5.82 31.36 49.90
CA ILE NA 46 6.53 30.11 49.64
C ILE NA 46 6.80 30.06 48.16
N GLU NA 47 8.06 30.22 47.75
CA GLU NA 47 8.39 30.14 46.35
C GLU NA 47 9.36 29.01 46.07
N PRO NA 48 9.06 28.11 45.13
CA PRO NA 48 10.06 27.11 44.74
C PRO NA 48 11.04 27.71 43.75
N LYS NA 49 12.32 27.52 44.01
CA LYS NA 49 13.33 28.05 43.12
C LYS NA 49 13.97 26.99 42.24
N ALA NA 50 13.60 25.73 42.42
CA ALA NA 50 14.03 24.65 41.54
C ALA NA 50 13.07 23.49 41.71
N TRP NA 51 12.75 22.84 40.60
CA TRP NA 51 11.91 21.66 40.61
C TRP NA 51 12.74 20.44 40.25
N ALA NA 52 12.23 19.27 40.65
CA ALA NA 52 12.92 18.02 40.40
C ALA NA 52 11.91 16.89 40.44
N VAL NA 53 11.97 16.02 39.43
CA VAL NA 53 10.99 14.95 39.25
C VAL NA 53 11.72 13.61 39.21
N GLU NA 54 11.21 12.65 39.97
CA GLU NA 54 11.73 11.29 39.98
C GLU NA 54 11.54 10.63 38.61
N GLU NA 55 12.46 9.72 38.27
CA GLU NA 55 12.52 9.11 36.95
C GLU NA 55 13.36 7.85 37.03
N GLU NA 56 13.60 7.22 35.87
CA GLU NA 56 14.64 6.21 35.70
C GLU NA 56 15.75 6.80 34.84
N VAL NA 57 16.98 6.74 35.33
CA VAL NA 57 18.09 7.48 34.74
C VAL NA 57 19.09 6.50 34.13
N GLY NA 58 19.81 6.95 33.10
CA GLY NA 58 20.92 6.19 32.57
C GLY NA 58 22.25 6.83 32.92
N LYS NA 59 23.19 6.00 33.35
CA LYS NA 59 24.54 6.42 33.70
C LYS NA 59 25.46 5.23 33.41
N ALA NA 60 26.57 5.14 34.14
CA ALA NA 60 27.55 4.08 33.94
C ALA NA 60 26.95 2.72 34.24
N GLY NA 61 26.45 2.06 33.20
CA GLY NA 61 26.06 0.67 33.23
C GLY NA 61 24.77 0.32 33.92
N LYS NA 62 24.31 1.13 34.87
CA LYS NA 62 23.19 0.74 35.72
C LYS NA 62 22.12 1.82 35.67
N THR NA 63 20.87 1.39 35.69
CA THR NA 63 19.74 2.31 35.71
C THR NA 63 19.07 2.27 37.07
N GLU NA 64 18.68 3.44 37.56
CA GLU NA 64 18.08 3.56 38.88
C GLU NA 64 17.26 4.85 38.92
N LYS NA 65 16.80 5.21 40.12
CA LYS NA 65 15.94 6.36 40.33
C LYS NA 65 16.73 7.55 40.83
N LYS NA 66 16.47 8.72 40.26
CA LYS NA 66 16.95 9.99 40.79
C LYS NA 66 16.03 11.09 40.28
N PHE NA 67 16.39 12.35 40.54
CA PHE NA 67 15.59 13.51 40.24
C PHE NA 67 16.31 14.37 39.19
N VAL NA 68 15.65 14.67 38.08
CA VAL NA 68 16.20 15.64 37.13
C VAL NA 68 15.76 17.05 37.49
N ASN NA 69 16.69 17.99 37.43
CA ASN NA 69 16.33 19.40 37.46
C ASN NA 69 15.53 19.72 36.20
N SER NA 70 14.31 20.20 36.39
CA SER NA 70 13.36 20.33 35.31
C SER NA 70 12.72 21.71 35.36
N LYS NA 71 12.14 22.12 34.25
CA LYS NA 71 11.74 23.50 34.04
C LYS NA 71 10.23 23.64 33.93
N VAL NA 72 9.76 24.83 34.26
CA VAL NA 72 8.33 25.06 34.45
C VAL NA 72 7.74 25.62 33.15
N MET NA 73 6.55 25.14 32.79
CA MET NA 73 5.87 25.59 31.59
C MET NA 73 4.87 26.69 31.87
N THR NA 74 4.33 26.72 33.07
CA THR NA 74 3.54 27.84 33.53
C THR NA 74 4.51 28.98 33.77
N ARG NA 75 4.08 30.20 33.44
CA ARG NA 75 5.03 31.28 33.37
C ARG NA 75 5.49 31.72 34.74
N GLN NA 76 4.57 32.26 35.51
CA GLN NA 76 4.88 32.84 36.79
C GLN NA 76 3.88 32.46 37.85
N THR NA 77 3.05 31.45 37.61
CA THR NA 77 1.91 31.17 38.47
C THR NA 77 2.22 30.03 39.44
N TYR NA 78 3.34 30.15 40.17
CA TYR NA 78 3.83 28.98 40.88
C TYR NA 78 4.11 29.16 42.37
N THR NA 79 3.93 30.34 42.93
CA THR NA 79 4.29 30.57 44.31
C THR NA 79 3.03 30.72 45.15
N LEU NA 80 3.18 30.53 46.45
CA LEU NA 80 2.06 30.62 47.38
C LEU NA 80 2.21 31.87 48.24
N ASP NA 81 1.08 32.45 48.61
CA ASP NA 81 1.11 33.73 49.31
C ASP NA 81 -0.04 33.78 50.30
N ALA NA 82 0.20 34.55 51.37
CA ALA NA 82 -0.80 34.96 52.36
C ALA NA 82 -1.44 33.75 53.04
N ILE NA 83 -0.63 32.76 53.32
CA ILE NA 83 -1.07 31.57 54.05
C ILE NA 83 -0.99 31.89 55.54
N GLU NA 84 -2.02 31.53 56.29
CA GLU NA 84 -1.97 31.75 57.72
C GLU NA 84 -2.52 30.54 58.47
N GLY NA 85 -2.01 30.35 59.68
CA GLY NA 85 -2.44 29.26 60.53
C GLY NA 85 -1.98 29.49 61.96
N PRO NA 86 -2.81 29.09 62.93
CA PRO NA 86 -2.53 29.41 64.34
C PRO NA 86 -1.33 28.64 64.88
N ILE NA 87 -0.36 29.36 65.39
CA ILE NA 87 0.87 28.77 65.92
C ILE NA 87 0.61 28.33 67.36
N THR NA 88 1.16 27.17 67.73
CA THR NA 88 0.95 26.60 69.05
C THR NA 88 2.24 25.95 69.52
N VAL NA 89 2.40 25.87 70.84
CA VAL NA 89 3.47 25.12 71.49
C VAL NA 89 2.81 24.19 72.50
N ASP NA 90 3.12 22.89 72.42
CA ASP NA 90 2.57 21.99 73.43
C ASP NA 90 3.67 21.28 74.23
N GLY NA 91 4.62 20.65 73.55
CA GLY NA 91 5.64 19.86 74.21
C GLY NA 91 6.97 20.56 74.10
N GLY NA 92 6.94 21.89 74.18
CA GLY NA 92 8.11 22.70 73.97
C GLY NA 92 8.44 22.96 72.52
N LYS NA 93 7.88 22.19 71.59
CA LYS NA 93 8.17 22.33 70.18
C LYS NA 93 7.03 23.05 69.46
N ILE NA 94 7.38 23.87 68.49
CA ILE NA 94 6.46 24.78 67.84
C ILE NA 94 5.77 24.10 66.66
N THR NA 95 4.45 24.21 66.58
CA THR NA 95 3.68 23.67 65.48
C THR NA 95 3.02 24.80 64.70
N PHE NA 96 2.81 24.59 63.40
CA PHE NA 96 2.27 25.63 62.52
C PHE NA 96 0.76 25.55 62.35
N SER NA 97 0.26 24.38 61.91
CA SER NA 97 -1.18 24.11 61.75
C SER NA 97 -1.85 25.06 60.76
N GLU NA 98 -1.49 24.88 59.49
CA GLU NA 98 -2.00 25.68 58.38
C GLU NA 98 -3.52 25.65 58.31
N LYS NA 99 -4.12 26.83 58.06
CA LYS NA 99 -5.55 26.88 57.81
C LYS NA 99 -5.94 27.50 56.48
N GLU NA 100 -5.48 28.72 56.15
CA GLU NA 100 -5.96 29.43 54.97
C GLU NA 100 -4.86 29.82 54.00
N GLY NA 101 -5.25 30.61 53.01
CA GLY NA 101 -4.35 31.25 52.08
C GLY NA 101 -4.44 30.62 50.71
N ILE NA 102 -3.65 31.19 49.79
CA ILE NA 102 -3.42 30.54 48.51
C ILE NA 102 -2.54 29.34 48.82
N ASP NA 103 -3.15 28.16 48.87
CA ASP NA 103 -2.45 26.97 49.30
C ASP NA 103 -2.32 25.93 48.21
N TYR NA 104 -2.35 26.35 46.94
CA TYR NA 104 -2.07 25.46 45.82
C TYR NA 104 -1.62 26.32 44.65
N ALA NA 105 -0.72 25.79 43.84
CA ALA NA 105 -0.27 26.46 42.64
C ALA NA 105 -0.17 25.42 41.53
N ALA NA 106 -1.14 25.41 40.64
CA ALA NA 106 -1.23 24.39 39.60
C ALA NA 106 -0.16 24.67 38.56
N THR NA 107 0.97 24.01 38.70
CA THR NA 107 2.05 24.13 37.74
C THR NA 107 2.07 22.93 36.82
N THR NA 108 2.88 23.02 35.78
CA THR NA 108 3.26 21.87 34.99
C THR NA 108 4.72 22.04 34.62
N VAL NA 109 5.47 20.95 34.74
CA VAL NA 109 6.92 20.99 34.70
C VAL NA 109 7.36 19.92 33.71
N GLN NA 110 8.06 20.31 32.67
CA GLN NA 110 8.37 19.41 31.57
C GLN NA 110 9.68 18.67 31.83
N LEU NA 111 9.63 17.36 31.70
CA LEU NA 111 10.80 16.52 31.87
C LEU NA 111 11.74 16.65 30.68
N PRO NA 112 13.02 16.43 30.90
CA PRO NA 112 13.93 16.16 29.78
C PRO NA 112 13.55 14.86 29.10
N GLY NA 113 13.08 14.97 27.88
CA GLY NA 113 12.49 13.86 27.16
C GLY NA 113 11.14 14.19 26.58
N GLY NA 114 10.60 15.36 26.88
CA GLY NA 114 9.35 15.83 26.32
C GLY NA 114 8.15 15.67 27.23
N GLU NA 115 8.25 14.85 28.27
CA GLU NA 115 7.09 14.53 29.08
C GLU NA 115 6.73 15.69 30.01
N ARG NA 116 5.45 16.03 30.05
CA ARG NA 116 4.94 17.06 30.93
C ARG NA 116 4.41 16.45 32.21
N VAL NA 117 4.82 17.01 33.34
CA VAL NA 117 4.38 16.54 34.64
C VAL NA 117 3.63 17.69 35.30
N PRO NA 118 2.31 17.71 35.22
CA PRO NA 118 1.54 18.66 36.00
C PRO NA 118 1.37 18.19 37.43
N PHE NA 119 1.34 19.14 38.34
CA PHE NA 119 1.07 18.83 39.74
C PHE NA 119 0.51 20.06 40.43
N LEU NA 120 0.03 19.86 41.65
CA LEU NA 120 -0.36 20.95 42.52
C LEU NA 120 0.74 21.14 43.56
N PHE NA 121 1.25 22.36 43.66
CA PHE NA 121 2.19 22.71 44.70
C PHE NA 121 1.41 23.20 45.91
N THR NA 122 1.11 22.29 46.83
CA THR NA 122 0.18 22.61 47.90
C THR NA 122 0.86 22.64 49.26
N VAL NA 123 0.23 23.39 50.17
CA VAL NA 123 0.52 23.43 51.60
C VAL NA 123 -0.73 23.04 52.40
N LYS NA 124 -1.74 22.53 51.71
CA LYS NA 124 -3.07 22.25 52.26
C LYS NA 124 -3.05 21.29 53.44
N ASP NA 125 -3.64 21.72 54.55
CA ASP NA 125 -3.75 20.95 55.80
C ASP NA 125 -2.39 20.53 56.34
N LEU NA 126 -1.50 21.50 56.46
CA LEU NA 126 -0.18 21.24 57.00
C LEU NA 126 -0.24 21.23 58.51
N VAL NA 127 0.59 20.39 59.13
CA VAL NA 127 0.90 20.43 60.55
C VAL NA 127 2.42 20.28 60.67
N ALA NA 128 3.11 21.37 60.97
CA ALA NA 128 4.56 21.33 61.13
C ALA NA 128 4.93 21.02 62.58
N LYS NA 129 6.19 20.68 62.77
CA LYS NA 129 6.74 20.38 64.09
C LYS NA 129 8.16 20.92 64.15
N GLY NA 130 8.40 21.89 65.02
CA GLY NA 130 9.71 22.50 65.08
C GLY NA 130 10.71 21.62 65.81
N ASN NA 131 11.98 21.96 65.65
CA ASN NA 131 13.03 21.24 66.37
C ASN NA 131 13.16 21.74 67.81
N GLY NA 132 12.53 22.86 68.12
CA GLY NA 132 12.60 23.40 69.46
C GLY NA 132 11.57 24.50 69.61
N ASP NA 133 11.97 25.55 70.32
CA ASP NA 133 11.16 26.73 70.55
C ASP NA 133 11.94 27.92 69.98
N THR NA 134 11.33 29.12 70.02
CA THR NA 134 12.03 30.40 69.93
C THR NA 134 12.80 30.62 68.63
N PHE NA 135 12.08 30.94 67.54
CA PHE NA 135 12.58 31.04 66.15
C PHE NA 135 14.00 31.58 66.03
N LYS NA 136 14.86 30.81 65.40
CA LYS NA 136 16.27 31.03 65.65
C LYS NA 136 17.09 30.81 64.38
N PRO NA 137 18.42 31.10 64.37
CA PRO NA 137 19.24 30.72 63.21
C PRO NA 137 19.37 29.21 63.00
N GLY NA 138 18.33 28.55 62.53
CA GLY NA 138 18.39 27.11 62.34
C GLY NA 138 17.19 26.35 62.83
N PHE NA 139 16.16 27.05 63.29
CA PHE NA 139 14.90 26.43 63.67
C PHE NA 139 14.24 25.79 62.46
N GLN NA 140 14.15 24.46 62.44
CA GLN NA 140 13.61 23.77 61.28
C GLN NA 140 12.24 23.18 61.62
N MET NA 141 11.28 23.40 60.72
CA MET NA 141 9.96 22.82 60.79
C MET NA 141 9.83 21.73 59.75
N GLY NA 142 8.87 20.84 59.96
CA GLY NA 142 8.61 19.80 58.99
C GLY NA 142 7.31 19.13 59.32
N GLY NA 143 6.62 18.68 58.27
CA GLY NA 143 5.33 18.08 58.50
C GLY NA 143 4.83 17.36 57.28
N ASP NA 144 3.54 17.03 57.34
CA ASP NA 144 2.86 16.32 56.27
C ASP NA 144 1.61 17.09 55.92
N PHE NA 145 1.39 17.32 54.64
CA PHE NA 145 0.22 18.01 54.16
C PHE NA 145 -0.60 17.08 53.28
N ASN NA 146 -1.61 17.64 52.63
CA ASN NA 146 -2.47 16.88 51.73
C ASN NA 146 -2.32 17.44 50.33
N THR NA 147 -1.96 16.59 49.38
CA THR NA 147 -2.14 16.90 47.96
C THR NA 147 -3.51 16.36 47.57
N PRO NA 148 -4.48 17.20 47.29
CA PRO NA 148 -5.71 16.70 46.69
C PRO NA 148 -5.51 16.44 45.22
N SER NA 149 -6.53 15.94 44.55
CA SER NA 149 -6.40 15.70 43.12
C SER NA 149 -6.32 17.03 42.39
N TYR NA 150 -5.56 17.02 41.29
CA TYR NA 150 -5.34 18.22 40.50
C TYR NA 150 -6.64 18.75 39.93
N ARG NA 151 -7.35 17.90 39.19
CA ARG NA 151 -8.67 18.23 38.70
C ARG NA 151 -9.69 17.71 39.68
N THR NA 152 -10.70 18.53 40.00
CA THR NA 152 -11.79 18.03 40.82
C THR NA 152 -12.81 17.34 39.94
N GLY NA 153 -13.88 16.84 40.56
CA GLY NA 153 -14.79 15.97 39.85
C GLY NA 153 -15.66 16.68 38.84
N LEU NA 154 -15.78 18.00 38.95
CA LEU NA 154 -16.48 18.77 37.95
C LEU NA 154 -15.72 18.84 36.63
N PHE NA 155 -14.40 18.70 36.67
CA PHE NA 155 -13.59 18.67 35.46
C PHE NA 155 -13.97 17.47 34.62
N LEU NA 156 -13.88 17.65 33.30
CA LEU NA 156 -14.44 16.68 32.38
C LEU NA 156 -13.42 16.25 31.32
N ASP NA 157 -13.20 14.94 31.24
CA ASP NA 157 -12.56 14.21 30.15
C ASP NA 157 -13.01 14.76 28.81
N PRO NA 158 -12.07 14.97 27.83
CA PRO NA 158 -12.44 15.51 26.49
C PRO NA 158 -13.57 14.85 25.71
N LYS NA 159 -14.10 13.75 26.20
CA LYS NA 159 -15.29 13.13 25.65
C LYS NA 159 -16.52 13.36 26.51
N GLY NA 160 -16.38 14.05 27.64
CA GLY NA 160 -17.52 14.31 28.48
C GLY NA 160 -17.72 13.30 29.58
N ARG NA 161 -16.67 13.06 30.36
CA ARG NA 161 -16.72 12.13 31.48
C ARG NA 161 -16.08 12.80 32.68
N GLY NA 162 -16.65 12.63 33.86
CA GLY NA 162 -16.08 13.27 35.02
C GLY NA 162 -16.34 12.46 36.26
N GLY NA 163 -15.87 12.99 37.38
CA GLY NA 163 -16.08 12.34 38.66
C GLY NA 163 -17.47 12.60 39.18
N THR NA 164 -17.76 13.87 39.43
CA THR NA 164 -19.10 14.27 39.80
C THR NA 164 -20.09 14.06 38.68
N THR NA 165 -19.69 14.31 37.42
CA THR NA 165 -20.62 14.43 36.30
C THR NA 165 -20.03 13.75 35.09
N GLY NA 166 -20.51 14.15 33.91
CA GLY NA 166 -20.05 13.56 32.68
C GLY NA 166 -20.83 12.33 32.33
N TYR NA 167 -20.56 11.81 31.15
CA TYR NA 167 -21.09 10.50 30.82
C TYR NA 167 -20.30 9.42 31.54
N ASP NA 168 -20.91 8.25 31.66
CA ASP NA 168 -20.25 7.10 32.25
C ASP NA 168 -19.71 6.14 31.20
N MET NA 169 -20.10 6.34 29.96
CA MET NA 169 -19.89 5.39 28.89
C MET NA 169 -18.93 5.98 27.88
N ALA NA 170 -18.41 5.14 27.01
CA ALA NA 170 -17.63 5.60 25.87
C ALA NA 170 -18.60 6.05 24.80
N VAL NA 171 -18.95 7.34 24.85
CA VAL NA 171 -19.84 8.01 23.91
C VAL NA 171 -19.36 7.92 22.47
N ALA NA 172 -18.04 7.82 22.30
CA ALA NA 172 -17.36 7.43 21.07
C ALA NA 172 -18.02 6.29 20.33
N LEU NA 173 -18.07 5.16 21.01
CA LEU NA 173 -18.21 3.85 20.40
C LEU NA 173 -19.41 3.23 21.08
N PRO NA 174 -20.62 3.52 20.62
CA PRO NA 174 -21.81 3.05 21.35
C PRO NA 174 -22.14 1.60 21.09
N ALA NA 175 -21.36 0.88 20.30
CA ALA NA 175 -21.52 -0.56 20.18
C ALA NA 175 -20.46 -1.32 20.95
N LEU NA 176 -19.84 -0.70 21.96
CA LEU NA 176 -18.92 -1.43 22.80
C LEU NA 176 -19.61 -2.30 23.82
N GLN NA 177 -20.85 -1.98 24.20
CA GLN NA 177 -21.38 -2.60 25.41
C GLN NA 177 -21.81 -4.03 25.15
N LEU NA 178 -22.99 -4.20 24.54
CA LEU NA 178 -23.46 -5.36 23.80
C LEU NA 178 -23.03 -6.75 24.23
N GLY NA 179 -23.34 -7.13 25.46
CA GLY NA 179 -23.08 -8.49 25.90
C GLY NA 179 -23.26 -8.59 27.41
N GLU NA 180 -22.65 -9.64 27.95
CA GLU NA 180 -22.43 -9.64 29.39
C GLU NA 180 -21.28 -8.71 29.75
N GLU NA 181 -20.24 -8.70 28.93
CA GLU NA 181 -19.11 -7.80 29.08
C GLU NA 181 -19.39 -6.52 28.31
N GLY NA 182 -19.57 -5.42 29.02
CA GLY NA 182 -19.85 -4.14 28.40
C GLY NA 182 -18.58 -3.43 27.98
N ASP NA 183 -18.39 -2.22 28.49
CA ASP NA 183 -17.18 -1.46 28.21
C ASP NA 183 -16.09 -1.71 29.24
N ALA NA 184 -16.06 -2.92 29.82
CA ALA NA 184 -15.34 -3.16 31.07
C ALA NA 184 -13.84 -3.00 30.94
N GLU NA 185 -13.31 -3.11 29.72
CA GLU NA 185 -11.89 -2.83 29.51
C GLU NA 185 -11.59 -1.34 29.57
N LEU NA 186 -12.61 -0.49 29.49
CA LEU NA 186 -12.47 0.93 29.72
C LEU NA 186 -13.01 1.35 31.08
N PHE NA 187 -13.27 0.40 31.99
CA PHE NA 187 -13.76 0.78 33.31
C PHE NA 187 -12.70 1.49 34.13
N GLY NA 188 -11.43 1.18 33.90
CA GLY NA 188 -10.36 1.90 34.58
C GLY NA 188 -10.17 3.34 34.15
N GLU NA 189 -11.00 3.82 33.21
CA GLU NA 189 -10.89 5.16 32.68
C GLU NA 189 -12.22 5.90 32.71
N ASN NA 190 -13.32 5.17 32.49
CA ASN NA 190 -14.65 5.74 32.71
C ASN NA 190 -14.86 6.10 34.16
N ASN NA 191 -14.30 5.31 35.07
CA ASN NA 191 -14.29 5.63 36.50
C ASN NA 191 -13.32 6.78 36.73
N LYS NA 192 -13.84 7.90 37.24
CA LYS NA 192 -13.04 9.08 37.52
C LYS NA 192 -12.99 9.26 39.04
N VAL NA 193 -11.97 8.68 39.68
CA VAL NA 193 -11.87 8.72 41.14
C VAL NA 193 -11.12 9.97 41.58
N PHE NA 194 -11.64 10.62 42.61
CA PHE NA 194 -10.98 11.76 43.22
C PHE NA 194 -10.02 11.21 44.27
N ASP NA 195 -8.76 11.04 43.89
CA ASP NA 195 -7.76 10.58 44.83
C ASP NA 195 -7.25 11.76 45.64
N ILE NA 196 -6.76 11.47 46.83
CA ILE NA 196 -6.07 12.45 47.65
C ILE NA 196 -4.87 11.76 48.26
N THR NA 197 -3.70 12.37 48.14
CA THR NA 197 -2.48 11.79 48.65
C THR NA 197 -1.78 12.78 49.56
N GLN NA 198 -0.67 12.33 50.14
CA GLN NA 198 -0.02 13.00 51.24
C GLN NA 198 1.38 13.41 50.82
N GLY NA 199 1.79 14.62 51.20
CA GLY NA 199 3.06 15.17 50.82
C GLY NA 199 4.06 15.19 51.96
N ARG NA 200 5.06 16.05 51.81
CA ARG NA 200 6.11 16.22 52.80
C ARG NA 200 6.79 17.56 52.55
N ILE NA 201 7.10 18.27 53.61
CA ILE NA 201 7.84 19.52 53.52
C ILE NA 201 8.74 19.64 54.74
N GLU NA 202 9.87 20.31 54.57
CA GLU NA 202 10.82 20.51 55.66
C GLU NA 202 11.37 21.93 55.58
N MET NA 203 10.88 22.80 56.44
CA MET NA 203 11.38 24.16 56.54
C MET NA 203 12.76 24.16 57.18
N GLU NA 204 13.49 25.26 57.01
CA GLU NA 204 14.72 25.50 57.76
C GLU NA 204 14.95 27.01 57.82
N VAL NA 205 14.61 27.62 58.94
CA VAL NA 205 14.64 29.07 59.05
C VAL NA 205 16.07 29.55 59.13
N ASN NA 206 16.43 30.47 58.23
CA ASN NA 206 17.80 30.95 58.15
C ASN NA 206 17.97 32.32 58.78
N LYS NA 207 17.14 33.30 58.42
CA LYS NA 207 17.29 34.66 58.89
C LYS NA 207 16.02 35.12 59.56
N VAL NA 208 16.17 35.80 60.70
CA VAL NA 208 15.05 36.20 61.56
C VAL NA 208 15.17 37.67 61.90
N ASN NA 209 14.12 38.44 61.61
CA ASN NA 209 13.99 39.82 62.03
C ASN NA 209 12.81 39.90 63.00
N ALA NA 210 13.07 40.41 64.20
CA ALA NA 210 12.00 40.56 65.18
C ALA NA 210 11.58 42.01 65.37
N GLU NA 211 12.27 42.97 64.74
CA GLU NA 211 11.75 44.34 64.74
C GLU NA 211 10.49 44.44 63.91
N ASP NA 212 10.38 43.63 62.86
CA ASP NA 212 9.16 43.48 62.11
C ASP NA 212 8.49 42.14 62.37
N SER NA 213 9.08 41.31 63.23
CA SER NA 213 8.60 39.98 63.61
C SER NA 213 8.41 39.08 62.38
N GLU NA 214 9.51 38.90 61.64
CA GLU NA 214 9.45 38.23 60.36
C GLU NA 214 10.58 37.21 60.24
N ILE NA 215 10.24 36.02 59.75
CA ILE NA 215 11.21 34.95 59.56
C ILE NA 215 11.38 34.71 58.07
N GLY NA 216 12.41 33.95 57.74
CA GLY NA 216 12.64 33.55 56.36
C GLY NA 216 13.67 32.44 56.32
N GLY NA 217 13.46 31.50 55.40
CA GLY NA 217 14.38 30.39 55.33
C GLY NA 217 14.32 29.72 53.98
N VAL NA 218 14.75 28.45 53.97
CA VAL NA 218 14.81 27.63 52.76
C VAL NA 218 14.12 26.31 53.04
N PHE NA 219 13.09 25.99 52.27
CA PHE NA 219 12.37 24.74 52.42
C PHE NA 219 12.83 23.70 51.40
N VAL NA 220 12.43 22.45 51.65
CA VAL NA 220 12.61 21.33 50.73
C VAL NA 220 11.32 20.53 50.77
N ALA NA 221 10.58 20.49 49.67
CA ALA NA 221 9.30 19.81 49.63
C ALA NA 221 9.33 18.69 48.61
N THR NA 222 8.77 17.55 49.00
CA THR NA 222 8.56 16.41 48.11
C THR NA 222 7.09 16.08 48.13
N GLN NA 223 6.52 15.83 46.95
CA GLN NA 223 5.12 15.45 46.89
C GLN NA 223 4.90 14.59 45.65
N LEU NA 224 3.64 14.34 45.34
CA LEU NA 224 3.25 13.42 44.29
C LEU NA 224 2.58 14.21 43.17
N SER NA 225 2.77 13.74 41.94
CA SER NA 225 2.26 14.44 40.77
C SER NA 225 0.78 14.20 40.58
N ASP NA 226 0.27 14.64 39.43
CA ASP NA 226 -1.12 14.42 39.05
C ASP NA 226 -1.31 12.98 38.60
N THR NA 227 -2.45 12.40 38.97
CA THR NA 227 -2.98 11.26 38.27
C THR NA 227 -4.32 11.66 37.68
N ASP NA 228 -4.47 11.48 36.36
CA ASP NA 228 -5.64 11.99 35.66
C ASP NA 228 -6.81 11.08 36.03
N MET NA 229 -7.38 11.34 37.21
CA MET NA 229 -8.43 10.56 37.84
C MET NA 229 -8.08 9.08 37.91
N GLY NA 230 -6.85 8.78 38.31
CA GLY NA 230 -6.45 7.39 38.44
C GLY NA 230 -6.18 6.70 37.13
N SER NA 231 -5.73 7.44 36.12
CA SER NA 231 -5.34 6.80 34.87
C SER NA 231 -3.84 6.52 34.84
N LYS NA 232 -3.03 7.56 34.97
CA LYS NA 232 -1.59 7.41 34.92
C LYS NA 232 -1.01 7.32 36.33
N THR NA 233 0.14 6.69 36.44
CA THR NA 233 0.83 6.61 37.72
C THR NA 233 1.60 7.90 37.95
N PRO NA 234 1.29 8.65 39.01
CA PRO NA 234 1.95 9.93 39.22
C PRO NA 234 3.38 9.77 39.71
N LYS NA 235 4.21 10.75 39.36
CA LYS NA 235 5.61 10.74 39.72
C LYS NA 235 5.83 11.53 40.99
N LYS NA 236 7.03 11.45 41.52
CA LYS NA 236 7.37 12.10 42.78
C LYS NA 236 8.11 13.41 42.46
N VAL NA 237 7.46 14.52 42.75
CA VAL NA 237 8.01 15.83 42.47
C VAL NA 237 8.75 16.32 43.71
N LEU NA 238 9.96 16.82 43.52
CA LEU NA 238 10.76 17.41 44.59
C LEU NA 238 11.00 18.86 44.25
N THR NA 239 10.58 19.77 45.12
CA THR NA 239 10.83 21.19 44.91
C THR NA 239 11.73 21.73 46.01
N LYS NA 240 12.47 22.78 45.67
CA LYS NA 240 13.35 23.46 46.60
C LYS NA 240 13.25 24.95 46.36
N GLY NA 241 13.15 25.71 47.44
CA GLY NA 241 13.06 27.14 47.30
C GLY NA 241 13.15 27.83 48.65
N ILE NA 242 12.71 29.08 48.68
CA ILE NA 242 12.80 29.88 49.89
C ILE NA 242 11.41 30.24 50.36
N PHE NA 243 11.29 30.47 51.67
CA PHE NA 243 10.03 30.85 52.26
C PHE NA 243 10.21 32.06 53.15
N TYR NA 244 9.12 32.47 53.77
CA TYR NA 244 9.02 33.77 54.40
C TYR NA 244 7.73 33.83 55.18
N ALA NA 245 7.76 34.45 56.36
CA ALA NA 245 6.55 34.63 57.13
C ALA NA 245 6.69 35.83 58.04
N LYS NA 246 5.56 36.25 58.60
CA LYS NA 246 5.50 37.34 59.56
C LYS NA 246 4.81 36.83 60.81
N VAL NA 247 5.41 37.07 61.98
CA VAL NA 247 4.98 36.48 63.24
C VAL NA 247 4.07 37.46 63.96
N GLU NA 248 2.98 36.95 64.53
CA GLU NA 248 2.13 37.76 65.39
C GLU NA 248 2.62 37.68 66.83
N GLN NA 249 1.82 38.20 67.76
CA GLN NA 249 2.17 38.13 69.18
C GLN NA 249 0.94 37.75 69.99
N PRO OA 1 4.25 -96.54 -69.30
CA PRO OA 1 4.84 -95.25 -68.93
C PRO OA 1 3.94 -94.08 -69.32
N SER OA 2 2.62 -94.31 -69.31
CA SER OA 2 1.67 -93.30 -69.77
C SER OA 2 1.65 -92.07 -68.89
N ALA OA 3 2.09 -92.19 -67.64
CA ALA OA 3 2.20 -91.05 -66.76
C ALA OA 3 3.59 -90.44 -66.78
N ASP OA 4 4.26 -90.42 -67.94
CA ASP OA 4 5.58 -89.82 -68.07
C ASP OA 4 5.53 -88.30 -68.11
N ALA OA 5 4.36 -87.70 -67.91
CA ALA OA 5 4.16 -86.27 -68.00
C ALA OA 5 4.85 -85.49 -66.88
N TRP OA 6 5.58 -86.15 -65.98
CA TRP OA 6 6.57 -85.47 -65.16
C TRP OA 6 7.89 -85.26 -65.88
N ALA OA 7 8.01 -85.67 -67.15
CA ALA OA 7 9.19 -85.33 -67.92
C ALA OA 7 9.25 -83.83 -68.20
N ASN OA 8 8.24 -83.30 -68.88
CA ASN OA 8 8.09 -81.86 -68.97
C ASN OA 8 7.29 -81.41 -67.76
N SER OA 9 7.69 -80.32 -67.14
CA SER OA 9 7.11 -79.90 -65.88
C SER OA 9 6.86 -78.41 -65.93
N VAL OA 10 5.60 -78.05 -65.97
CA VAL OA 10 5.13 -76.67 -65.90
C VAL OA 10 5.27 -76.23 -64.45
N GLU OA 11 5.49 -74.94 -64.22
CA GLU OA 11 5.69 -74.43 -62.88
C GLU OA 11 4.43 -74.59 -62.03
N SER OA 12 4.64 -75.06 -60.82
CA SER OA 12 3.59 -75.09 -59.81
C SER OA 12 3.61 -73.75 -59.12
N LYS OA 13 2.67 -72.87 -59.50
CA LYS OA 13 2.49 -71.63 -58.76
C LYS OA 13 2.08 -71.91 -57.33
N ALA OA 14 1.39 -73.03 -57.11
CA ALA OA 14 1.16 -73.55 -55.76
C ALA OA 14 2.46 -73.73 -55.00
N LEU OA 15 3.32 -74.62 -55.48
CA LEU OA 15 4.52 -75.01 -54.76
C LEU OA 15 5.72 -74.52 -55.53
N PRO OA 16 6.32 -73.38 -55.17
CA PRO OA 16 7.47 -72.88 -55.95
C PRO OA 16 8.72 -73.72 -55.84
N PHE OA 17 8.76 -74.70 -54.93
CA PHE OA 17 9.88 -75.63 -54.94
C PHE OA 17 9.62 -76.84 -55.83
N ALA OA 18 8.37 -77.30 -55.92
CA ALA OA 18 8.05 -78.50 -56.67
C ALA OA 18 7.67 -78.12 -58.11
N ARG OA 19 7.14 -79.08 -58.86
CA ARG OA 19 6.70 -78.85 -60.23
C ARG OA 19 5.35 -79.51 -60.45
N ALA OA 20 4.69 -79.08 -61.53
CA ALA OA 20 3.39 -79.55 -62.00
C ALA OA 20 3.56 -80.42 -63.23
N PRO OA 21 2.86 -81.55 -63.33
CA PRO OA 21 3.12 -82.53 -64.41
C PRO OA 21 2.38 -82.29 -65.72
N ALA OA 22 2.31 -81.04 -66.16
CA ALA OA 22 1.97 -80.64 -67.53
C ALA OA 22 0.61 -81.07 -68.07
N THR OA 23 -0.22 -81.71 -67.25
CA THR OA 23 -1.60 -81.96 -67.61
C THR OA 23 -2.51 -80.88 -67.03
N LEU OA 24 -2.03 -80.19 -65.99
CA LEU OA 24 -2.72 -79.03 -65.47
C LEU OA 24 -2.85 -77.95 -66.54
N ASP OA 25 -1.71 -77.49 -67.08
CA ASP OA 25 -1.59 -76.81 -68.38
C ASP OA 25 -2.22 -75.41 -68.44
N GLY OA 26 -2.95 -75.00 -67.41
CA GLY OA 26 -3.56 -73.69 -67.45
C GLY OA 26 -4.80 -73.58 -68.30
N THR OA 27 -5.40 -74.70 -68.70
CA THR OA 27 -6.70 -74.64 -69.39
C THR OA 27 -7.80 -74.25 -68.42
N MET OA 28 -7.98 -75.06 -67.38
CA MET OA 28 -9.13 -74.92 -66.52
C MET OA 28 -8.94 -73.75 -65.57
N LEU OA 29 -10.08 -73.15 -65.21
CA LEU OA 29 -10.11 -71.94 -64.38
C LEU OA 29 -9.52 -72.19 -63.00
N GLY OA 30 -9.72 -73.36 -62.45
CA GLY OA 30 -9.20 -73.58 -61.12
C GLY OA 30 -7.72 -73.83 -61.03
N ASP OA 31 -7.06 -74.00 -62.17
CA ASP OA 31 -5.65 -74.34 -62.20
C ASP OA 31 -4.83 -73.16 -61.72
N PHE OA 32 -4.17 -73.34 -60.59
CA PHE OA 32 -2.98 -72.58 -60.26
C PHE OA 32 -1.78 -73.50 -60.05
N GLY OA 33 -1.85 -74.73 -60.54
CA GLY OA 33 -0.71 -75.60 -60.53
C GLY OA 33 -0.48 -76.38 -59.26
N PHE OA 34 -1.51 -76.94 -58.66
CA PHE OA 34 -1.34 -77.71 -57.44
C PHE OA 34 -1.53 -79.18 -57.74
N ASP OA 35 -0.43 -79.90 -57.72
CA ASP OA 35 -0.44 -81.35 -57.91
C ASP OA 35 0.83 -81.91 -57.30
N PRO OA 36 0.87 -82.05 -55.98
CA PRO OA 36 2.14 -82.41 -55.34
C PRO OA 36 2.53 -83.85 -55.55
N LEU OA 37 1.56 -84.73 -55.79
CA LEU OA 37 1.84 -86.15 -55.97
C LEU OA 37 1.42 -86.66 -57.34
N GLY OA 38 0.32 -86.19 -57.88
CA GLY OA 38 -0.26 -86.86 -59.03
C GLY OA 38 -1.77 -86.81 -58.95
N PHE OA 39 -2.39 -87.73 -59.71
CA PHE OA 39 -3.77 -87.82 -60.17
C PHE OA 39 -4.03 -86.84 -61.30
N SER OA 40 -3.10 -85.94 -61.61
CA SER OA 40 -3.32 -85.09 -62.76
C SER OA 40 -2.97 -85.82 -64.05
N THR OA 41 -1.92 -86.64 -64.01
CA THR OA 41 -1.41 -87.30 -65.20
C THR OA 41 -2.42 -88.28 -65.76
N VAL OA 42 -3.22 -88.89 -64.90
CA VAL OA 42 -4.25 -89.82 -65.35
C VAL OA 42 -5.61 -89.16 -65.14
N PRO OA 43 -6.46 -89.16 -66.10
CA PRO OA 43 -7.86 -88.85 -65.84
C PRO OA 43 -8.68 -90.12 -65.70
N VAL OA 44 -9.94 -89.99 -65.29
CA VAL OA 44 -10.86 -91.12 -65.29
C VAL OA 44 -12.16 -90.68 -65.96
N GLY OA 45 -12.66 -91.54 -66.83
CA GLY OA 45 -13.94 -91.33 -67.45
C GLY OA 45 -15.07 -91.65 -66.50
N PRO OA 46 -16.28 -91.31 -66.90
CA PRO OA 46 -17.45 -91.63 -66.07
C PRO OA 46 -17.77 -93.11 -66.13
N TRP OA 47 -17.49 -93.81 -65.04
CA TRP OA 47 -17.81 -95.23 -65.01
C TRP OA 47 -19.32 -95.45 -64.87
N PHE OA 48 -20.02 -94.53 -64.20
CA PHE OA 48 -21.45 -94.73 -64.01
C PHE OA 48 -22.25 -94.47 -65.28
N THR OA 49 -21.61 -93.97 -66.32
CA THR OA 49 -22.30 -93.83 -67.60
C THR OA 49 -22.05 -95.03 -68.50
N GLY OA 50 -21.08 -95.86 -68.15
CA GLY OA 50 -20.80 -97.03 -68.97
C GLY OA 50 -19.78 -97.96 -68.35
N ILE OA 51 -20.10 -99.26 -68.41
CA ILE OA 51 -19.03 -100.26 -68.38
C ILE OA 51 -18.08 -99.99 -69.53
N GLN OA 52 -18.63 -99.66 -70.70
CA GLN OA 52 -17.85 -99.10 -71.79
C GLN OA 52 -17.18 -97.80 -71.39
N GLY OA 53 -17.88 -96.96 -70.64
CA GLY OA 53 -17.37 -95.69 -70.16
C GLY OA 53 -16.53 -95.74 -68.90
N ARG OA 54 -16.33 -96.94 -68.33
CA ARG OA 54 -15.45 -97.10 -67.19
C ARG OA 54 -14.02 -96.64 -67.48
N ASN OA 55 -13.50 -97.03 -68.65
CA ASN OA 55 -12.21 -96.51 -69.08
C ASN OA 55 -12.33 -95.03 -69.43
N GLY OA 56 -11.21 -94.33 -69.36
CA GLY OA 56 -11.18 -92.90 -69.46
C GLY OA 56 -10.32 -92.38 -70.59
N GLU OA 57 -10.04 -91.09 -70.53
CA GLU OA 57 -9.28 -90.35 -71.52
C GLU OA 57 -7.83 -90.25 -71.09
N ILE OA 58 -7.09 -89.36 -71.75
CA ILE OA 58 -5.69 -89.14 -71.43
C ILE OA 58 -5.45 -87.71 -70.95
N GLY OA 59 -6.26 -86.75 -71.40
CA GLY OA 59 -6.06 -85.39 -70.98
C GLY OA 59 -7.28 -84.67 -70.39
N ASN OA 60 -8.46 -85.24 -70.54
CA ASN OA 60 -9.71 -84.57 -70.17
C ASN OA 60 -10.03 -84.84 -68.71
N LEU OA 61 -9.99 -83.81 -67.88
CA LEU OA 61 -10.28 -84.02 -66.47
C LEU OA 61 -11.77 -84.22 -66.23
N LYS OA 62 -12.55 -83.14 -66.23
CA LYS OA 62 -14.02 -83.12 -66.24
C LYS OA 62 -14.69 -83.82 -65.04
N TRP OA 63 -13.95 -84.61 -64.27
CA TRP OA 63 -14.57 -85.54 -63.33
C TRP OA 63 -13.93 -85.40 -61.98
N TYR OA 64 -12.62 -85.15 -61.97
CA TYR OA 64 -12.01 -84.61 -60.77
C TYR OA 64 -12.50 -83.20 -60.53
N ARG OA 65 -12.85 -82.48 -61.60
CA ARG OA 65 -13.43 -81.16 -61.42
C ARG OA 65 -14.81 -81.24 -60.80
N GLU OA 66 -15.64 -82.18 -61.25
CA GLU OA 66 -16.97 -82.37 -60.67
C GLU OA 66 -16.90 -82.79 -59.22
N ALA OA 67 -16.04 -83.76 -58.91
CA ALA OA 67 -15.89 -84.21 -57.54
C ALA OA 67 -15.32 -83.09 -56.68
N GLU OA 68 -14.54 -82.20 -57.29
CA GLU OA 68 -14.21 -80.96 -56.61
C GLU OA 68 -15.40 -80.03 -56.55
N LEU OA 69 -16.30 -80.09 -57.53
CA LEU OA 69 -17.44 -79.19 -57.47
C LEU OA 69 -18.52 -79.70 -56.53
N ILE OA 70 -18.83 -81.00 -56.58
CA ILE OA 70 -19.95 -81.50 -55.79
C ILE OA 70 -19.61 -81.49 -54.31
N HIS OA 71 -18.43 -81.99 -53.94
CA HIS OA 71 -17.99 -81.95 -52.55
C HIS OA 71 -17.87 -80.53 -52.07
N GLY OA 72 -17.42 -79.63 -52.92
CA GLY OA 72 -17.27 -78.24 -52.51
C GLY OA 72 -18.60 -77.54 -52.34
N ARG OA 73 -19.58 -77.89 -53.16
CA ARG OA 73 -20.89 -77.25 -53.06
C ARG OA 73 -21.67 -77.77 -51.86
N ILE OA 74 -21.57 -79.07 -51.58
CA ILE OA 74 -22.23 -79.63 -50.41
C ILE OA 74 -21.60 -79.09 -49.14
N ALA OA 75 -20.27 -78.91 -49.15
CA ALA OA 75 -19.57 -78.38 -47.99
C ALA OA 75 -19.98 -76.95 -47.68
N GLN OA 76 -20.29 -76.17 -48.71
CA GLN OA 76 -20.74 -74.80 -48.49
C GLN OA 76 -22.11 -74.77 -47.85
N VAL OA 77 -22.98 -75.70 -48.24
CA VAL OA 77 -24.26 -75.82 -47.55
C VAL OA 77 -24.03 -76.44 -46.18
N ALA OA 78 -22.97 -77.25 -46.04
CA ALA OA 78 -22.75 -77.95 -44.78
C ALA OA 78 -22.26 -77.02 -43.68
N VAL OA 79 -21.36 -76.08 -44.00
CA VAL OA 79 -20.80 -75.20 -42.96
C VAL OA 79 -21.88 -74.33 -42.35
N VAL OA 80 -22.92 -74.02 -43.12
CA VAL OA 80 -24.03 -73.30 -42.53
C VAL OA 80 -24.86 -74.27 -41.69
N GLY OA 81 -24.95 -75.53 -42.12
CA GLY OA 81 -25.67 -76.53 -41.36
C GLY OA 81 -25.06 -76.88 -40.02
N PHE OA 82 -23.77 -76.62 -39.84
CA PHE OA 82 -23.17 -76.70 -38.51
C PHE OA 82 -23.42 -75.41 -37.73
N ILE OA 83 -23.21 -74.28 -38.39
CA ILE OA 83 -23.11 -73.01 -37.68
C ILE OA 83 -24.50 -72.44 -37.38
N ALA OA 84 -25.38 -72.40 -38.39
CA ALA OA 84 -26.68 -71.75 -38.23
C ALA OA 84 -27.65 -72.33 -37.20
N PRO OA 85 -27.65 -73.65 -36.84
CA PRO OA 85 -28.50 -74.06 -35.71
C PRO OA 85 -28.12 -73.46 -34.37
N GLY OA 86 -26.90 -72.97 -34.23
CA GLY OA 86 -26.50 -72.36 -32.99
C GLY OA 86 -26.86 -70.89 -32.91
N LEU OA 87 -26.80 -70.19 -34.03
CA LEU OA 87 -27.08 -68.76 -34.06
C LEU OA 87 -28.56 -68.43 -34.04
N PHE OA 88 -29.41 -69.36 -34.47
CA PHE OA 88 -30.80 -69.04 -34.69
C PHE OA 88 -31.70 -70.01 -33.93
N GLY OA 89 -33.00 -69.95 -34.22
CA GLY OA 89 -33.93 -70.86 -33.58
C GLY OA 89 -33.71 -72.29 -34.01
N THR OA 90 -34.13 -73.22 -33.15
CA THR OA 90 -33.86 -74.63 -33.36
C THR OA 90 -35.13 -75.48 -33.53
N LEU OA 91 -36.16 -74.95 -34.21
CA LEU OA 91 -37.26 -75.72 -34.76
C LEU OA 91 -38.05 -76.60 -33.78
N PRO OA 92 -39.02 -76.05 -33.05
CA PRO OA 92 -39.79 -76.84 -32.08
C PRO OA 92 -40.48 -78.05 -32.68
N GLY OA 93 -40.26 -79.21 -32.06
CA GLY OA 93 -40.74 -80.45 -32.62
C GLY OA 93 -41.93 -81.05 -31.92
N ASN OA 94 -43.11 -80.90 -32.52
CA ASN OA 94 -44.36 -81.37 -31.94
C ASN OA 94 -45.30 -81.96 -32.98
N GLU OA 95 -44.83 -82.08 -34.23
CA GLU OA 95 -45.68 -82.62 -35.30
C GLU OA 95 -45.98 -84.10 -35.08
N TRP OA 96 -44.95 -84.93 -35.08
CA TRP OA 96 -45.08 -86.35 -34.82
C TRP OA 96 -44.80 -86.61 -33.34
N THR OA 97 -44.71 -87.86 -32.91
CA THR OA 97 -44.29 -88.14 -31.55
C THR OA 97 -42.82 -87.79 -31.37
N GLY OA 98 -42.43 -87.44 -30.16
CA GLY OA 98 -41.05 -87.01 -29.93
C GLY OA 98 -40.93 -85.51 -29.84
N VAL OA 99 -40.62 -85.03 -28.63
CA VAL OA 99 -40.50 -83.60 -28.36
C VAL OA 99 -39.03 -83.27 -28.21
N ASP OA 100 -38.60 -82.17 -28.86
CA ASP OA 100 -37.29 -81.57 -28.67
C ASP OA 100 -36.15 -82.49 -29.08
N ALA OA 101 -36.38 -83.28 -30.13
CA ALA OA 101 -35.27 -83.97 -30.78
C ALA OA 101 -34.42 -82.99 -31.55
N TYR OA 102 -35.00 -81.85 -31.94
CA TYR OA 102 -34.28 -80.87 -32.73
C TYR OA 102 -33.31 -80.05 -31.88
N SER OA 103 -33.66 -79.80 -30.62
CA SER OA 103 -33.04 -78.79 -29.78
C SER OA 103 -31.55 -78.94 -29.52
N ASN OA 104 -31.00 -80.13 -29.82
CA ASN OA 104 -29.58 -80.39 -29.65
C ASN OA 104 -28.75 -79.53 -30.61
N LEU OA 105 -27.69 -78.94 -30.06
CA LEU OA 105 -26.88 -78.02 -30.85
C LEU OA 105 -25.64 -78.69 -31.44
N ASN OA 106 -25.23 -79.82 -30.89
CA ASN OA 106 -24.12 -80.60 -31.45
C ASN OA 106 -24.60 -81.28 -32.73
N PRO OA 107 -24.04 -80.96 -33.90
CA PRO OA 107 -24.62 -81.47 -35.14
C PRO OA 107 -24.34 -82.95 -35.39
N LEU OA 108 -23.41 -83.55 -34.67
CA LEU OA 108 -23.21 -84.99 -34.81
C LEU OA 108 -24.26 -85.77 -34.02
N GLU OA 109 -24.62 -85.28 -32.85
CA GLU OA 109 -25.57 -86.02 -32.02
C GLU OA 109 -27.00 -85.67 -32.37
N ALA OA 110 -27.24 -84.44 -32.84
CA ALA OA 110 -28.58 -84.07 -33.31
C ALA OA 110 -28.93 -84.83 -34.59
N PHE OA 111 -27.91 -85.32 -35.30
CA PHE OA 111 -28.14 -86.19 -36.44
C PHE OA 111 -28.84 -87.48 -36.02
N SER OA 112 -28.40 -88.09 -34.92
CA SER OA 112 -28.92 -89.38 -34.53
C SER OA 112 -30.27 -89.25 -33.83
N GLN OA 113 -30.53 -88.11 -33.20
CA GLN OA 113 -31.72 -87.97 -32.35
C GLN OA 113 -32.97 -87.70 -33.18
N VAL OA 114 -32.90 -86.73 -34.08
CA VAL OA 114 -33.96 -86.30 -35.01
C VAL OA 114 -34.47 -87.50 -35.79
N PRO OA 115 -35.79 -87.66 -35.98
CA PRO OA 115 -36.32 -88.95 -36.44
C PRO OA 115 -35.91 -89.31 -37.85
N GLY OA 116 -35.87 -90.63 -38.09
CA GLY OA 116 -35.44 -91.18 -39.36
C GLY OA 116 -36.29 -90.80 -40.53
N LEU OA 117 -37.55 -90.40 -40.28
CA LEU OA 117 -38.40 -89.86 -41.33
C LEU OA 117 -37.96 -88.47 -41.78
N ALA OA 118 -37.19 -87.75 -40.96
CA ALA OA 118 -36.83 -86.38 -41.30
C ALA OA 118 -35.62 -86.31 -42.20
N ILE OA 119 -34.58 -87.08 -41.89
CA ILE OA 119 -33.36 -87.03 -42.71
C ILE OA 119 -33.55 -87.88 -43.96
N LEU OA 120 -34.50 -88.82 -43.92
CA LEU OA 120 -34.91 -89.52 -45.13
C LEU OA 120 -35.46 -88.53 -46.14
N GLN OA 121 -36.34 -87.64 -45.69
CA GLN OA 121 -36.90 -86.64 -46.59
C GLN OA 121 -35.87 -85.61 -47.03
N ILE OA 122 -34.78 -85.45 -46.27
CA ILE OA 122 -33.64 -84.72 -46.81
C ILE OA 122 -32.95 -85.56 -47.86
N PHE OA 123 -32.71 -86.84 -47.55
CA PHE OA 123 -32.04 -87.75 -48.47
C PHE OA 123 -32.84 -87.98 -49.75
N LEU OA 124 -34.18 -87.92 -49.70
CA LEU OA 124 -34.99 -88.03 -50.91
C LEU OA 124 -34.88 -86.79 -51.78
N PHE OA 125 -34.77 -85.61 -51.17
CA PHE OA 125 -34.64 -84.39 -51.95
C PHE OA 125 -33.25 -84.27 -52.54
N MET OA 126 -32.25 -84.44 -51.68
CA MET OA 126 -30.85 -84.57 -52.06
C MET OA 126 -30.61 -85.74 -53.03
N SER OA 127 -31.51 -86.71 -53.05
CA SER OA 127 -31.60 -87.63 -54.19
C SER OA 127 -32.10 -86.94 -55.44
N TYR OA 128 -33.24 -86.23 -55.34
CA TYR OA 128 -33.99 -85.81 -56.52
C TYR OA 128 -33.24 -84.78 -57.36
N LEU OA 129 -32.36 -84.02 -56.73
CA LEU OA 129 -31.53 -83.03 -57.43
C LEU OA 129 -30.32 -83.65 -58.08
N GLU OA 130 -30.31 -84.97 -58.20
CA GLU OA 130 -29.12 -85.68 -58.61
C GLU OA 130 -29.40 -86.75 -59.66
N ILE OA 131 -30.59 -87.35 -59.65
CA ILE OA 131 -31.07 -88.12 -60.79
C ILE OA 131 -31.29 -87.13 -61.93
N ARG OA 132 -31.69 -85.91 -61.57
CA ARG OA 132 -31.66 -84.79 -62.50
C ARG OA 132 -30.27 -84.62 -63.09
N ARG OA 133 -29.23 -84.73 -62.27
CA ARG OA 133 -27.88 -84.61 -62.79
C ARG OA 133 -27.47 -85.81 -63.63
N ILE OA 134 -28.04 -86.99 -63.36
CA ILE OA 134 -27.79 -88.15 -64.22
C ILE OA 134 -28.31 -87.90 -65.62
N ASN OA 135 -29.52 -87.33 -65.72
CA ASN OA 135 -30.10 -87.04 -67.02
C ASN OA 135 -29.35 -85.92 -67.73
N ILE OA 136 -28.85 -84.94 -66.98
CA ILE OA 136 -28.12 -83.84 -67.61
C ILE OA 136 -26.75 -84.31 -68.08
N ILE OA 137 -26.15 -85.30 -67.43
CA ILE OA 137 -24.94 -85.90 -67.98
C ILE OA 137 -25.25 -86.72 -69.23
N LYS OA 138 -26.40 -87.41 -69.25
CA LYS OA 138 -26.77 -88.18 -70.43
C LYS OA 138 -27.14 -87.27 -71.60
N GLU OA 139 -27.90 -86.22 -71.33
CA GLU OA 139 -28.43 -85.39 -72.42
C GLU OA 139 -27.35 -84.50 -73.03
N GLU OA 140 -26.53 -83.87 -72.18
CA GLU OA 140 -25.47 -83.01 -72.68
C GLU OA 140 -24.34 -83.81 -73.32
N GLY OA 141 -24.12 -85.04 -72.86
CA GLY OA 141 -23.17 -85.92 -73.51
C GLY OA 141 -21.74 -85.46 -73.30
N GLU OA 142 -20.97 -85.48 -74.39
CA GLU OA 142 -19.59 -85.02 -74.36
C GLU OA 142 -19.46 -83.51 -74.50
N ASN OA 143 -20.57 -82.79 -74.56
CA ASN OA 143 -20.56 -81.33 -74.45
C ASN OA 143 -20.53 -80.87 -73.01
N TYR OA 144 -20.14 -81.72 -72.07
CA TYR OA 144 -20.51 -81.53 -70.68
C TYR OA 144 -19.68 -80.45 -70.01
N MET OA 145 -20.37 -79.55 -69.32
CA MET OA 145 -19.82 -78.53 -68.44
C MET OA 145 -19.87 -79.01 -67.01
N PRO OA 146 -18.76 -78.92 -66.27
CA PRO OA 146 -18.63 -79.64 -64.99
C PRO OA 146 -19.57 -79.18 -63.89
N GLY OA 147 -20.14 -77.98 -63.99
CA GLY OA 147 -21.15 -77.58 -63.05
C GLY OA 147 -22.50 -78.04 -63.54
N ASP OA 148 -23.38 -77.08 -63.86
CA ASP OA 148 -24.52 -77.30 -64.75
C ASP OA 148 -25.54 -78.33 -64.26
N LEU OA 149 -26.32 -77.97 -63.25
CA LEU OA 149 -27.62 -78.60 -63.03
C LEU OA 149 -28.72 -77.93 -63.88
N ARG OA 150 -28.33 -77.17 -64.91
CA ARG OA 150 -29.19 -76.24 -65.66
C ARG OA 150 -29.84 -75.22 -64.71
N ILE OA 151 -28.99 -74.38 -64.11
CA ILE OA 151 -29.43 -73.34 -63.19
C ILE OA 151 -29.08 -71.95 -63.70
N GLY OA 152 -28.05 -71.83 -64.54
CA GLY OA 152 -27.43 -70.57 -64.83
C GLY OA 152 -28.22 -69.63 -65.73
N GLN OA 153 -27.51 -68.61 -66.20
CA GLN OA 153 -28.16 -67.45 -66.80
C GLN OA 153 -28.42 -67.61 -68.29
N GLY OA 154 -27.55 -68.32 -69.01
CA GLY OA 154 -27.71 -68.51 -70.43
C GLY OA 154 -28.60 -69.70 -70.73
N GLU OA 155 -28.83 -69.92 -72.02
CA GLU OA 155 -29.46 -71.12 -72.60
C GLU OA 155 -30.95 -71.25 -72.25
N GLY OA 156 -31.44 -70.45 -71.32
CA GLY OA 156 -32.66 -70.82 -70.61
C GLY OA 156 -32.43 -72.05 -69.76
N ARG OA 157 -31.39 -72.04 -68.93
CA ARG OA 157 -31.11 -73.17 -68.04
C ARG OA 157 -32.21 -73.33 -67.00
N TRP OA 158 -32.27 -72.43 -66.00
CA TRP OA 158 -33.57 -72.12 -65.43
C TRP OA 158 -33.81 -70.62 -65.33
N ASN OA 159 -32.85 -69.87 -64.75
CA ASN OA 159 -32.78 -68.40 -64.73
C ASN OA 159 -33.99 -67.73 -64.07
N PRO OA 160 -34.06 -67.68 -62.75
CA PRO OA 160 -35.17 -66.96 -62.09
C PRO OA 160 -35.03 -65.44 -62.09
N PHE OA 161 -33.83 -64.98 -61.77
CA PHE OA 161 -33.56 -63.69 -61.18
C PHE OA 161 -33.10 -62.74 -62.28
N GLY OA 162 -32.57 -61.60 -61.86
CA GLY OA 162 -31.86 -60.75 -62.79
C GLY OA 162 -30.43 -61.19 -63.00
N LEU OA 163 -30.24 -62.45 -63.40
CA LEU OA 163 -28.90 -62.98 -63.68
C LEU OA 163 -28.45 -62.45 -65.03
N ASP OA 164 -27.99 -61.20 -65.04
CA ASP OA 164 -27.57 -60.52 -66.25
C ASP OA 164 -26.07 -60.52 -66.43
N TYR OA 165 -25.36 -61.42 -65.75
CA TYR OA 165 -23.94 -61.20 -65.51
C TYR OA 165 -23.13 -61.46 -66.78
N SER OA 166 -22.26 -60.51 -67.11
CA SER OA 166 -21.48 -60.52 -68.34
C SER OA 166 -20.50 -61.69 -68.34
N PRO OA 167 -20.03 -62.13 -69.53
CA PRO OA 167 -19.11 -63.29 -69.57
C PRO OA 167 -17.79 -63.08 -68.85
N GLU OA 168 -17.38 -61.84 -68.63
CA GLU OA 168 -16.21 -61.61 -67.76
C GLU OA 168 -16.57 -61.83 -66.31
N ALA OA 169 -17.69 -61.26 -65.86
CA ALA OA 169 -18.17 -61.52 -64.51
C ALA OA 169 -18.65 -62.95 -64.34
N TYR OA 170 -18.99 -63.63 -65.43
CA TYR OA 170 -19.30 -65.05 -65.34
C TYR OA 170 -18.06 -65.87 -65.03
N GLU OA 171 -16.91 -65.45 -65.57
CA GLU OA 171 -15.65 -66.12 -65.27
C GLU OA 171 -15.20 -65.83 -63.84
N GLU OA 172 -15.56 -64.67 -63.31
CA GLU OA 172 -15.30 -64.38 -61.91
C GLU OA 172 -16.09 -65.30 -61.00
N LYS OA 173 -17.38 -65.52 -61.32
CA LYS OA 173 -18.26 -66.28 -60.45
C LYS OA 173 -17.85 -67.75 -60.38
N ARG OA 174 -17.50 -68.34 -61.52
CA ARG OA 174 -17.03 -69.72 -61.52
C ARG OA 174 -15.74 -69.86 -60.74
N LEU OA 175 -14.92 -68.82 -60.75
CA LEU OA 175 -13.70 -68.81 -59.96
C LEU OA 175 -14.03 -68.59 -58.48
N GLN OA 176 -14.98 -67.70 -58.19
CA GLN OA 176 -15.37 -67.48 -56.80
C GLN OA 176 -16.11 -68.67 -56.23
N GLU OA 177 -16.88 -69.37 -57.06
CA GLU OA 177 -17.53 -70.59 -56.59
C GLU OA 177 -16.50 -71.64 -56.25
N LEU OA 178 -15.49 -71.78 -57.11
CA LEU OA 178 -14.48 -72.82 -56.97
C LEU OA 178 -13.57 -72.55 -55.79
N LYS OA 179 -13.20 -71.29 -55.57
CA LYS OA 179 -12.35 -70.96 -54.45
C LYS OA 179 -13.03 -71.19 -53.13
N HIS OA 180 -14.35 -70.98 -53.07
CA HIS OA 180 -15.08 -71.31 -51.87
C HIS OA 180 -15.35 -72.79 -51.77
N CYS OA 181 -15.43 -73.48 -52.90
CA CYS OA 181 -15.54 -74.93 -52.89
C CYS OA 181 -14.31 -75.56 -52.27
N ARG OA 182 -13.12 -75.07 -52.65
CA ARG OA 182 -11.90 -75.58 -52.06
C ARG OA 182 -11.74 -75.15 -50.61
N LEU OA 183 -12.36 -74.05 -50.23
CA LEU OA 183 -12.19 -73.54 -48.87
C LEU OA 183 -13.18 -74.19 -47.92
N ALA OA 184 -14.39 -74.51 -48.39
CA ALA OA 184 -15.40 -75.05 -47.49
C ALA OA 184 -15.14 -76.50 -47.14
N MET OA 185 -14.44 -77.23 -48.00
CA MET OA 185 -14.18 -78.64 -47.71
C MET OA 185 -13.28 -78.78 -46.50
N ILE OA 186 -12.27 -77.91 -46.39
CA ILE OA 186 -11.44 -77.87 -45.20
C ILE OA 186 -12.25 -77.36 -44.01
N GLY OA 187 -13.26 -76.53 -44.27
CA GLY OA 187 -14.09 -76.02 -43.19
C GLY OA 187 -14.95 -77.08 -42.57
N VAL OA 188 -15.60 -77.92 -43.39
CA VAL OA 188 -16.42 -79.00 -42.87
C VAL OA 188 -15.56 -80.01 -42.14
N PHE OA 189 -14.35 -80.26 -42.64
CA PHE OA 189 -13.43 -81.11 -41.89
C PHE OA 189 -13.03 -80.46 -40.57
N GLY OA 190 -12.97 -79.14 -40.54
CA GLY OA 190 -12.74 -78.48 -39.28
C GLY OA 190 -13.92 -78.62 -38.33
N LEU OA 191 -15.12 -78.38 -38.85
CA LEU OA 191 -16.31 -78.42 -38.01
C LEU OA 191 -16.63 -79.84 -37.57
N TRP OA 192 -16.37 -80.81 -38.42
CA TRP OA 192 -16.60 -82.20 -38.05
C TRP OA 192 -15.60 -82.67 -37.02
N ALA OA 193 -14.42 -82.07 -37.00
CA ALA OA 193 -13.41 -82.48 -36.05
C ALA OA 193 -13.56 -81.78 -34.71
N GLN OA 194 -14.03 -80.53 -34.73
CA GLN OA 194 -14.30 -79.84 -33.48
C GLN OA 194 -15.54 -80.37 -32.79
N ALA OA 195 -16.48 -80.94 -33.55
CA ALA OA 195 -17.65 -81.55 -32.92
C ALA OA 195 -17.31 -82.90 -32.33
N GLN OA 196 -16.19 -83.49 -32.72
CA GLN OA 196 -15.74 -84.70 -32.06
C GLN OA 196 -14.80 -84.37 -30.90
N ALA OA 197 -13.95 -83.36 -31.07
CA ALA OA 197 -12.99 -83.03 -30.03
C ALA OA 197 -13.66 -82.42 -28.81
N SER OA 198 -14.81 -81.79 -29.01
CA SER OA 198 -15.67 -81.39 -27.93
C SER OA 198 -17.09 -81.73 -28.33
N GLY OA 199 -17.89 -82.21 -27.39
CA GLY OA 199 -19.24 -82.63 -27.72
C GLY OA 199 -20.25 -81.52 -27.92
N VAL OA 200 -19.78 -80.30 -28.15
CA VAL OA 200 -20.64 -79.14 -28.30
C VAL OA 200 -20.53 -78.61 -29.71
N GLY OA 201 -21.40 -77.67 -30.07
CA GLY OA 201 -21.35 -77.04 -31.37
C GLY OA 201 -20.39 -75.86 -31.39
N VAL OA 202 -20.50 -75.08 -32.47
CA VAL OA 202 -19.55 -74.00 -32.69
C VAL OA 202 -19.85 -72.83 -31.78
N THR OA 203 -21.12 -72.47 -31.67
CA THR OA 203 -21.54 -71.37 -30.81
C THR OA 203 -21.32 -71.69 -29.34
N GLU OA 204 -21.16 -72.95 -28.99
CA GLU OA 204 -20.77 -73.33 -27.64
C GLU OA 204 -19.27 -73.52 -27.51
N GLN OA 205 -18.50 -73.20 -28.55
CA GLN OA 205 -17.05 -73.11 -28.46
C GLN OA 205 -16.55 -71.68 -28.64
N ILE OA 206 -16.91 -71.05 -29.76
CA ILE OA 206 -16.53 -69.67 -30.00
C ILE OA 206 -17.26 -68.74 -29.05
N GLY OA 207 -18.53 -69.04 -28.77
CA GLY OA 207 -19.25 -68.35 -27.73
C GLY OA 207 -18.91 -68.79 -26.32
N ALA OA 208 -17.95 -69.71 -26.18
CA ALA OA 208 -17.38 -70.03 -24.88
C ALA OA 208 -16.01 -69.42 -24.68
N ALA OA 209 -15.29 -69.14 -25.76
CA ALA OA 209 -13.98 -68.52 -25.69
C ALA OA 209 -14.04 -67.01 -25.77
N LEU OA 210 -15.17 -66.41 -25.42
CA LEU OA 210 -15.30 -64.96 -25.38
C LEU OA 210 -15.96 -64.48 -24.11
N THR OA 211 -15.76 -65.17 -22.99
CA THR OA 211 -16.71 -65.09 -21.89
C THR OA 211 -16.15 -64.52 -20.60
N THR OA 212 -14.80 -64.52 -20.39
CA THR OA 212 -14.17 -64.43 -19.07
C THR OA 212 -14.75 -65.54 -18.19
N PRO OA 213 -14.24 -66.77 -18.30
CA PRO OA 213 -14.84 -67.91 -17.58
C PRO OA 213 -14.90 -67.67 -16.08
N ASP OA 214 -15.92 -68.26 -15.47
CA ASP OA 214 -16.50 -67.77 -14.23
C ASP OA 214 -15.50 -67.79 -13.08
N TYR OA 215 -14.56 -68.70 -13.13
CA TYR OA 215 -13.53 -68.84 -12.12
C TYR OA 215 -12.37 -67.86 -12.30
N TYR OA 216 -12.30 -67.17 -13.42
CA TYR OA 216 -11.36 -66.08 -13.62
C TYR OA 216 -11.99 -64.70 -13.51
N ALA OA 217 -13.30 -64.60 -13.77
CA ALA OA 217 -13.97 -63.32 -13.86
C ALA OA 217 -14.12 -62.72 -12.47
N LYS OA 218 -13.99 -61.40 -12.38
CA LYS OA 218 -14.11 -60.73 -11.10
C LYS OA 218 -15.54 -60.78 -10.60
N ALA OA 219 -15.70 -60.48 -9.31
CA ALA OA 219 -16.98 -60.64 -8.64
C ALA OA 219 -18.02 -59.65 -9.16
N GLY OA 220 -17.73 -58.36 -9.07
CA GLY OA 220 -18.67 -57.39 -9.57
C GLY OA 220 -18.30 -55.99 -9.11
N TYR OA 221 -19.34 -55.19 -8.86
CA TYR OA 221 -19.20 -53.79 -8.50
C TYR OA 221 -19.99 -53.55 -7.22
N PHE OA 222 -19.30 -53.60 -6.09
CA PHE OA 222 -19.96 -53.48 -4.81
C PHE OA 222 -19.63 -52.18 -4.11
N LEU OA 223 -19.09 -51.21 -4.83
CA LEU OA 223 -18.78 -49.92 -4.24
C LEU OA 223 -20.06 -49.12 -4.05
N PRO OA 224 -20.27 -48.48 -2.91
CA PRO OA 224 -21.46 -47.65 -2.74
C PRO OA 224 -21.25 -46.28 -3.36
N GLU OA 225 -22.38 -45.61 -3.61
CA GLU OA 225 -22.36 -44.26 -4.16
C GLU OA 225 -22.14 -43.19 -3.12
N GLY OA 226 -22.06 -43.57 -1.85
CA GLY OA 226 -21.73 -42.65 -0.77
C GLY OA 226 -20.46 -43.01 -0.05
N SER PA 65 -65.52 37.09 10.67
CA SER PA 65 -66.09 36.97 12.01
C SER PA 65 -65.07 37.32 13.09
N VAL PA 66 -64.30 38.38 12.86
CA VAL PA 66 -63.16 38.69 13.72
C VAL PA 66 -63.28 40.06 14.32
N PHE PA 67 -63.08 41.06 13.45
CA PHE PA 67 -62.70 42.42 13.81
C PHE PA 67 -61.56 42.39 14.85
N GLY PA 68 -60.40 41.96 14.35
CA GLY PA 68 -59.21 41.92 15.19
C GLY PA 68 -58.83 43.30 15.69
N LEU PA 69 -58.05 43.32 16.77
CA LEU PA 69 -57.79 44.56 17.49
C LEU PA 69 -56.85 45.44 16.67
N ILE PA 70 -57.42 46.46 16.02
CA ILE PA 70 -56.69 47.18 14.98
C ILE PA 70 -55.66 48.11 15.57
N GLY PA 71 -56.04 48.86 16.61
CA GLY PA 71 -55.13 49.66 17.42
C GLY PA 71 -54.10 50.54 16.74
N ASP PA 72 -54.57 51.54 15.99
CA ASP PA 72 -53.74 52.32 15.07
C ASP PA 72 -52.64 53.09 15.82
N GLY PA 73 -52.90 53.48 17.05
CA GLY PA 73 -51.98 54.33 17.78
C GLY PA 73 -52.80 55.45 18.36
N THR PA 74 -53.91 55.73 17.67
CA THR PA 74 -54.94 56.59 18.20
C THR PA 74 -56.14 55.79 18.68
N SER PA 75 -56.24 54.53 18.26
CA SER PA 75 -57.37 53.65 18.58
C SER PA 75 -57.06 52.84 19.84
N TYR PA 76 -57.85 51.78 20.06
CA TYR PA 76 -57.84 51.07 21.33
C TYR PA 76 -56.57 50.24 21.52
N SER PA 77 -56.17 50.04 22.77
CA SER PA 77 -54.85 49.51 23.11
C SER PA 77 -54.93 48.62 24.34
N GLU PA 78 -54.59 47.33 24.20
CA GLU PA 78 -54.54 46.49 25.39
C GLU PA 78 -53.13 46.26 25.90
N GLY PA 79 -52.30 45.62 25.09
CA GLY PA 79 -51.04 45.11 25.59
C GLY PA 79 -49.84 45.39 24.72
N ALA PA 80 -50.09 45.67 23.45
CA ALA PA 80 -49.03 45.71 22.45
C ALA PA 80 -48.80 47.11 21.87
N ALA PA 81 -49.78 48.00 21.95
CA ALA PA 81 -49.62 49.33 21.39
C ALA PA 81 -48.70 50.17 22.26
N TYR PA 82 -47.91 51.00 21.61
CA TYR PA 82 -47.04 51.97 22.27
C TYR PA 82 -47.57 53.35 21.90
N GLY PA 83 -48.56 53.81 22.67
CA GLY PA 83 -49.21 55.09 22.44
C GLY PA 83 -48.68 56.17 23.36
N THR PA 84 -47.70 55.82 24.17
CA THR PA 84 -46.80 56.68 24.93
C THR PA 84 -47.44 57.48 26.07
N ASP PA 85 -48.78 57.63 26.09
CA ASP PA 85 -49.48 58.07 27.31
C ASP PA 85 -50.90 57.52 27.43
N GLN PA 86 -51.33 56.65 26.52
CA GLN PA 86 -52.74 56.25 26.48
C GLN PA 86 -53.07 55.31 27.63
N ALA PA 87 -52.39 54.17 27.71
CA ALA PA 87 -52.69 53.17 28.72
C ALA PA 87 -52.16 53.52 30.09
N ASP PA 88 -51.65 54.73 30.28
CA ASP PA 88 -51.18 55.18 31.57
C ASP PA 88 -52.30 55.85 32.37
N LYS PA 89 -53.25 56.49 31.67
CA LYS PA 89 -54.55 56.89 32.20
C LYS PA 89 -54.44 57.86 33.37
N LEU PA 90 -53.98 59.07 33.02
CA LEU PA 90 -53.92 60.25 33.90
C LEU PA 90 -52.98 60.09 35.08
N TYR PA 91 -52.10 59.09 35.03
CA TYR PA 91 -51.00 59.04 35.97
C TYR PA 91 -49.89 60.01 35.58
N SER PA 92 -49.91 60.50 34.32
CA SER PA 92 -49.12 61.61 33.80
C SER PA 92 -47.62 61.42 34.01
N PRO PA 93 -46.94 60.63 33.15
CA PRO PA 93 -45.50 60.37 33.34
C PRO PA 93 -44.61 61.59 33.28
N TYR PA 94 -43.32 61.37 33.54
CA TYR PA 94 -42.33 62.43 33.55
C TYR PA 94 -42.22 63.09 32.19
N SER PA 95 -41.79 62.33 31.20
CA SER PA 95 -41.97 62.68 29.82
C SER PA 95 -42.75 61.57 29.15
N VAL PA 96 -43.12 61.83 27.90
CA VAL PA 96 -43.85 60.86 27.12
C VAL PA 96 -42.99 59.68 26.68
N TYR PA 97 -41.68 59.80 26.80
CA TYR PA 97 -40.75 58.77 26.43
C TYR PA 97 -40.29 57.94 27.61
N SER PA 98 -41.12 57.85 28.66
CA SER PA 98 -40.76 57.15 29.87
C SER PA 98 -42.03 56.69 30.57
N PRO PA 99 -41.99 55.54 31.25
CA PRO PA 99 -43.22 55.04 31.88
C PRO PA 99 -43.55 55.67 33.21
N GLU PA 100 -42.56 56.19 33.94
CA GLU PA 100 -42.79 56.54 35.34
C GLU PA 100 -43.30 57.98 35.48
N GLY PA 101 -44.09 58.20 36.54
CA GLY PA 101 -44.49 59.55 36.93
C GLY PA 101 -43.30 60.35 37.42
N GLU PA 102 -43.50 61.66 37.67
CA GLU PA 102 -42.29 62.47 37.62
C GLU PA 102 -41.46 62.42 38.92
N LYS PA 103 -41.83 63.10 40.00
CA LYS PA 103 -41.38 62.88 41.39
C LYS PA 103 -42.38 63.63 42.25
N SER PA 104 -43.43 62.96 42.75
CA SER PA 104 -44.39 63.71 43.56
C SER PA 104 -44.77 62.98 44.83
N LEU PA 105 -44.76 61.65 44.78
CA LEU PA 105 -45.39 60.82 45.78
C LEU PA 105 -44.48 59.64 46.11
N TYR PA 106 -44.62 59.15 47.33
CA TYR PA 106 -44.19 57.87 47.87
C TYR PA 106 -42.69 57.83 48.20
N LYS PA 107 -41.91 58.83 47.81
CA LYS PA 107 -40.61 59.04 48.45
C LYS PA 107 -40.43 60.51 48.81
N PRO PA 108 -40.72 60.87 50.05
CA PRO PA 108 -40.19 62.13 50.57
C PRO PA 108 -38.69 62.01 50.79
N ASP PA 109 -37.92 62.77 50.00
CA ASP PA 109 -36.47 62.68 50.07
C ASP PA 109 -35.90 63.29 51.33
N SER PA 110 -36.64 64.19 51.98
CA SER PA 110 -36.25 64.81 53.24
C SER PA 110 -36.52 63.94 54.44
N ALA PA 111 -36.98 62.71 54.25
CA ALA PA 111 -37.19 61.78 55.35
C ALA PA 111 -35.85 61.23 55.81
N GLU PA 112 -35.89 60.21 56.68
CA GLU PA 112 -34.68 59.80 57.38
C GLU PA 112 -33.87 58.87 56.49
N TYR PA 113 -33.19 59.48 55.52
CA TYR PA 113 -31.99 58.93 54.90
C TYR PA 113 -30.76 59.61 55.44
N LEU PA 114 -30.94 60.63 56.25
CA LEU PA 114 -29.88 61.44 56.81
C LEU PA 114 -29.19 60.75 57.99
N ALA PA 115 -29.73 59.63 58.47
CA ALA PA 115 -28.95 58.75 59.34
C ALA PA 115 -27.75 58.22 58.58
N ARG PA 116 -27.97 57.74 57.36
CA ARG PA 116 -26.91 57.16 56.56
C ARG PA 116 -25.90 58.21 56.15
N LYS PA 117 -26.37 59.42 55.82
CA LYS PA 117 -25.48 60.49 55.38
C LYS PA 117 -24.60 60.97 56.52
N LYS PA 118 -25.18 61.18 57.70
CA LYS PA 118 -24.36 61.55 58.84
C LYS PA 118 -23.46 60.42 59.31
N ALA PA 119 -23.88 59.17 59.05
CA ALA PA 119 -23.01 58.05 59.40
C ALA PA 119 -21.82 57.96 58.45
N VAL PA 120 -21.95 58.50 57.23
CA VAL PA 120 -20.79 58.56 56.34
C VAL PA 120 -19.75 59.51 56.92
N LEU PA 121 -20.19 60.71 57.33
CA LEU PA 121 -19.29 61.70 57.90
C LEU PA 121 -18.72 61.27 59.24
N ALA PA 122 -19.43 60.39 59.96
CA ALA PA 122 -18.90 59.88 61.22
C ALA PA 122 -17.73 58.95 60.98
N GLU PA 123 -17.90 57.99 60.07
CA GLU PA 123 -16.82 57.09 59.71
C GLU PA 123 -15.88 57.66 58.66
N THR PA 124 -16.15 58.88 58.18
CA THR PA 124 -15.17 59.54 57.33
C THR PA 124 -13.98 59.98 58.14
N LYS PA 125 -14.22 60.54 59.33
CA LYS PA 125 -13.13 61.06 60.15
C LYS PA 125 -12.24 59.94 60.66
N ASN PA 126 -12.82 58.76 60.91
CA ASN PA 126 -12.05 57.64 61.44
C ASN PA 126 -11.04 57.12 60.42
N ARG PA 127 -11.44 57.02 59.15
CA ARG PA 127 -10.50 56.57 58.13
C ARG PA 127 -9.46 57.63 57.83
N LEU PA 128 -9.83 58.91 57.96
CA LEU PA 128 -8.85 59.96 57.77
C LEU PA 128 -7.83 60.03 58.89
N GLN PA 129 -8.17 59.50 60.07
CA GLN PA 129 -7.17 59.32 61.12
C GLN PA 129 -6.20 58.19 60.79
N LYS PA 130 -6.59 57.24 59.94
CA LYS PA 130 -5.73 56.11 59.61
C LYS PA 130 -4.59 56.49 58.69
N ILE PA 131 -4.63 57.67 58.08
CA ILE PA 131 -3.68 58.03 57.03
C ILE PA 131 -2.27 58.29 57.56
N PRO PA 132 -2.01 59.09 58.61
CA PRO PA 132 -0.60 59.27 59.02
C PRO PA 132 -0.01 58.05 59.69
N GLY PA 133 -0.83 57.07 60.08
CA GLY PA 133 -0.29 55.81 60.54
C GLY PA 133 0.29 54.98 59.40
N TYR PA 134 -0.18 55.20 58.19
CA TYR PA 134 0.30 54.45 57.03
C TYR PA 134 1.26 55.25 56.19
N VAL PA 135 1.63 56.44 56.63
CA VAL PA 135 2.71 57.16 55.98
C VAL PA 135 4.02 56.85 56.67
N ASP PA 136 3.98 56.62 57.98
CA ASP PA 136 5.18 56.26 58.73
C ASP PA 136 5.67 54.87 58.33
N LYS PA 137 4.83 53.87 58.51
CA LYS PA 137 5.02 52.61 57.81
C LYS PA 137 4.66 52.89 56.36
N LYS PA 138 5.67 53.17 55.54
CA LYS PA 138 5.49 53.87 54.27
C LYS PA 138 4.75 52.97 53.29
N GLU PA 139 3.42 53.08 53.29
CA GLU PA 139 2.56 52.21 52.50
C GLU PA 139 1.68 53.10 51.65
N TRP PA 140 2.18 53.47 50.48
CA TRP PA 140 1.54 54.48 49.66
C TRP PA 140 0.27 53.98 49.00
N PHE PA 141 0.17 52.67 48.77
CA PHE PA 141 -1.06 52.12 48.21
C PHE PA 141 -2.20 52.19 49.22
N ASN PA 142 -1.91 52.00 50.50
CA ASN PA 142 -2.95 52.05 51.53
C ASN PA 142 -3.48 53.47 51.71
N VAL PA 143 -2.64 54.47 51.49
CA VAL PA 143 -3.14 55.84 51.53
C VAL PA 143 -4.05 56.10 50.35
N LYS PA 144 -3.72 55.55 49.18
CA LYS PA 144 -4.57 55.74 48.02
C LYS PA 144 -5.81 54.86 48.07
N ASP PA 145 -5.75 53.74 48.79
CA ASP PA 145 -6.92 52.84 48.79
C ASP PA 145 -7.94 53.26 49.83
N GLU PA 146 -7.48 53.57 51.05
CA GLU PA 146 -8.40 53.95 52.12
C GLU PA 146 -9.02 55.31 51.91
N LEU PA 147 -8.50 56.07 50.96
CA LEU PA 147 -9.06 57.33 50.53
C LEU PA 147 -10.05 57.14 49.39
N THR PA 148 -10.32 55.90 49.00
CA THR PA 148 -11.31 55.63 47.97
C THR PA 148 -12.32 54.62 48.49
N ARG PA 149 -11.84 53.67 49.31
CA ARG PA 149 -12.59 52.44 49.60
C ARG PA 149 -13.85 52.71 50.40
N TYR PA 150 -13.70 53.29 51.59
CA TYR PA 150 -14.87 53.81 52.25
C TYR PA 150 -15.21 55.23 51.81
N MET PA 151 -14.19 56.00 51.40
CA MET PA 151 -14.38 57.42 51.13
C MET PA 151 -15.19 57.69 49.88
N TYR PA 152 -15.51 56.67 49.09
CA TYR PA 152 -16.36 56.83 47.93
C TYR PA 152 -17.70 57.45 48.28
N GLU PA 153 -18.23 57.15 49.45
CA GLU PA 153 -19.53 57.64 49.84
C GLU PA 153 -19.53 59.11 50.22
N THR PA 154 -18.37 59.71 50.44
CA THR PA 154 -18.32 61.03 51.07
C THR PA 154 -18.77 62.13 50.11
N ARG PA 155 -18.44 61.99 48.82
CA ARG PA 155 -18.89 63.00 47.87
C ARG PA 155 -20.39 62.93 47.67
N GLY PA 156 -20.94 61.72 47.60
CA GLY PA 156 -22.38 61.57 47.53
C GLY PA 156 -23.09 61.94 48.82
N ALA PA 157 -22.37 62.01 49.93
CA ALA PA 157 -22.95 62.51 51.16
C ALA PA 157 -22.85 64.03 51.24
N VAL PA 158 -21.62 64.57 51.18
CA VAL PA 158 -21.36 65.98 51.47
C VAL PA 158 -22.06 66.88 50.47
N ARG PA 159 -22.05 66.50 49.20
CA ARG PA 159 -22.74 67.29 48.18
C ARG PA 159 -24.26 67.21 48.36
N SER PA 160 -24.76 66.05 48.80
CA SER PA 160 -26.19 65.91 49.01
C SER PA 160 -26.63 66.46 50.36
N LEU PA 161 -25.69 66.76 51.24
CA LEU PA 161 -26.00 67.27 52.56
C LEU PA 161 -25.66 68.75 52.71
N SER PA 162 -24.88 69.31 51.81
CA SER PA 162 -24.61 70.75 51.81
C SER PA 162 -25.77 71.47 51.16
N SER PA 163 -26.29 72.48 51.85
CA SER PA 163 -27.50 73.17 51.42
C SER PA 163 -27.19 74.62 51.06
N SER PA 164 -26.64 75.41 51.97
CA SER PA 164 -26.42 76.82 51.69
C SER PA 164 -25.09 77.03 50.99
N VAL PA 165 -24.80 78.29 50.67
CA VAL PA 165 -23.57 78.59 49.95
C VAL PA 165 -22.37 78.53 50.89
N THR PA 166 -22.59 78.69 52.19
CA THR PA 166 -21.48 78.59 53.14
C THR PA 166 -21.02 77.16 53.29
N GLN PA 167 -21.97 76.22 53.29
CA GLN PA 167 -21.62 74.80 53.36
C GLN PA 167 -20.99 74.34 52.07
N LYS PA 168 -21.40 74.91 50.94
CA LYS PA 168 -20.79 74.54 49.67
C LYS PA 168 -19.34 75.03 49.60
N GLU PA 169 -19.04 76.20 50.18
CA GLU PA 169 -17.67 76.68 50.22
C GLU PA 169 -16.81 75.81 51.14
N LYS PA 170 -17.36 75.40 52.28
CA LYS PA 170 -16.62 74.54 53.18
C LYS PA 170 -16.57 73.12 52.67
N ALA PA 171 -17.47 72.76 51.77
CA ALA PA 171 -17.27 71.55 50.98
C ALA PA 171 -16.06 71.72 50.09
N GLU PA 172 -16.04 72.79 49.28
CA GLU PA 172 -15.00 73.03 48.28
C GLU PA 172 -13.59 73.05 48.87
N VAL PA 173 -13.45 73.62 50.06
CA VAL PA 173 -12.16 73.61 50.74
C VAL PA 173 -11.81 72.21 51.21
N PHE PA 174 -12.81 71.43 51.58
CA PHE PA 174 -12.56 70.06 52.03
C PHE PA 174 -12.13 69.17 50.88
N PHE PA 175 -12.75 69.34 49.71
CA PHE PA 175 -12.45 68.44 48.60
C PHE PA 175 -11.08 68.73 48.00
N ARG PA 176 -10.68 70.00 47.90
CA ARG PA 176 -9.34 70.32 47.41
C ARG PA 176 -8.27 69.79 48.35
N ALA PA 177 -8.51 69.89 49.66
CA ALA PA 177 -7.56 69.35 50.62
C ALA PA 177 -7.57 67.83 50.61
N LEU PA 178 -8.68 67.23 50.22
CA LEU PA 178 -8.73 65.78 50.09
C LEU PA 178 -8.03 65.33 48.83
N GLU PA 179 -8.09 66.12 47.77
CA GLU PA 179 -7.45 65.73 46.52
C GLU PA 179 -5.96 65.98 46.53
N ASP PA 180 -5.50 66.94 47.34
CA ASP PA 180 -4.08 67.18 47.48
C ASP PA 180 -3.41 66.10 48.32
N THR PA 181 -4.17 65.32 49.07
CA THR PA 181 -3.61 64.17 49.76
C THR PA 181 -3.33 63.04 48.79
N TYR PA 182 -4.27 62.76 47.91
CA TYR PA 182 -4.12 61.70 46.91
C TYR PA 182 -3.09 62.06 45.87
N GLY PA 183 -2.95 63.34 45.55
CA GLY PA 183 -1.87 63.74 44.67
C GLY PA 183 -0.52 63.57 45.33
N ALA PA 184 -0.42 63.95 46.60
CA ALA PA 184 0.84 63.80 47.31
C ALA PA 184 1.11 62.33 47.65
N ALA PA 185 0.05 61.51 47.73
CA ALA PA 185 0.25 60.08 47.87
C ALA PA 185 0.78 59.47 46.58
N THR PA 186 0.33 60.01 45.45
CA THR PA 186 0.86 59.56 44.16
C THR PA 186 2.31 59.98 43.99
N LEU PA 187 2.62 61.23 44.34
CA LEU PA 187 3.97 61.75 44.26
C LEU PA 187 4.91 61.13 45.29
N LYS PA 188 4.38 60.39 46.27
CA LYS PA 188 5.13 59.74 47.35
C LYS PA 188 5.93 60.76 48.17
N LYS PA 189 5.23 61.76 48.69
CA LYS PA 189 5.85 62.78 49.54
C LYS PA 189 5.14 62.77 50.88
N GLY PA 190 5.82 62.24 51.90
CA GLY PA 190 5.15 61.93 53.15
C GLY PA 190 4.76 63.15 53.96
N ASP PA 191 5.55 64.22 53.87
CA ASP PA 191 5.22 65.41 54.64
C ASP PA 191 4.06 66.18 54.02
N ALA PA 192 3.86 66.05 52.71
CA ALA PA 192 2.75 66.72 52.07
C ALA PA 192 1.45 65.96 52.24
N VAL PA 193 1.53 64.65 52.49
CA VAL PA 193 0.33 63.88 52.79
C VAL PA 193 -0.17 64.23 54.19
N LYS PA 194 0.74 64.29 55.16
CA LYS PA 194 0.34 64.59 56.54
C LYS PA 194 -0.15 66.02 56.68
N ALA PA 195 0.45 66.94 55.92
CA ALA PA 195 0.05 68.34 56.01
C ALA PA 195 -1.33 68.55 55.40
N SER PA 196 -1.57 67.93 54.26
CA SER PA 196 -2.86 68.06 53.59
C SER PA 196 -3.95 67.31 54.34
N ASN PA 197 -3.57 66.30 55.13
CA ASN PA 197 -4.55 65.61 55.95
C ASN PA 197 -5.03 66.50 57.09
N ASP PA 198 -4.11 67.22 57.73
CA ASP PA 198 -4.48 68.19 58.75
C ASP PA 198 -5.36 69.28 58.15
N LYS PA 199 -5.08 69.67 56.91
CA LYS PA 199 -5.98 70.57 56.22
C LYS PA 199 -7.31 69.91 55.91
N ALA PA 200 -7.30 68.58 55.72
CA ALA PA 200 -8.52 67.89 55.37
C ALA PA 200 -9.43 67.72 56.58
N ILE PA 201 -8.91 67.12 57.66
CA ILE PA 201 -9.73 66.79 58.84
C ILE PA 201 -10.28 68.05 59.49
N ALA PA 202 -9.49 69.13 59.51
CA ALA PA 202 -9.99 70.39 60.03
C ALA PA 202 -11.04 71.00 59.12
N ALA PA 203 -11.03 70.63 57.84
CA ALA PA 203 -12.11 71.07 56.96
C ALA PA 203 -13.33 70.18 57.11
N LEU PA 204 -13.14 68.92 57.52
CA LEU PA 204 -14.28 68.08 57.84
C LEU PA 204 -14.94 68.54 59.12
N ASP PA 205 -14.15 68.66 60.19
CA ASP PA 205 -14.65 69.05 61.50
C ASP PA 205 -15.23 70.47 61.52
N ALA PA 206 -14.83 71.31 60.57
CA ALA PA 206 -15.57 72.54 60.33
C ALA PA 206 -16.92 72.24 59.70
N PHE PA 207 -16.94 71.42 58.64
CA PHE PA 207 -18.16 71.22 57.87
C PHE PA 207 -19.21 70.44 58.64
N THR PA 208 -18.80 69.54 59.53
CA THR PA 208 -19.76 68.81 60.34
C THR PA 208 -20.48 69.72 61.31
N ALA PA 209 -19.78 70.73 61.83
CA ALA PA 209 -20.37 71.63 62.81
C ALA PA 209 -21.29 72.66 62.17
N THR PA 210 -21.26 72.84 60.86
CA THR PA 210 -22.08 73.85 60.21
C THR PA 210 -23.50 73.39 59.93
N LEU PA 211 -23.95 72.32 60.57
CA LEU PA 211 -25.27 71.78 60.28
C LEU PA 211 -26.36 72.44 61.12
N UNK QA 1 -45.80 -4.44 -48.49
CA UNK QA 1 -44.35 -4.26 -48.59
C UNK QA 1 -43.98 -2.82 -48.32
N UNK QA 2 -43.24 -2.21 -49.24
CA UNK QA 2 -42.92 -0.79 -49.16
C UNK QA 2 -44.19 0.03 -49.27
N UNK QA 3 -44.81 0.02 -50.46
CA UNK QA 3 -46.17 0.52 -50.73
C UNK QA 3 -46.37 1.99 -50.38
N UNK QA 4 -45.29 2.75 -50.19
CA UNK QA 4 -45.38 4.12 -49.71
C UNK QA 4 -44.10 4.84 -50.07
N UNK QA 5 -44.25 6.06 -50.58
CA UNK QA 5 -43.10 6.91 -50.89
C UNK QA 5 -42.47 7.36 -49.58
N UNK QA 6 -41.19 7.09 -49.41
CA UNK QA 6 -40.46 7.44 -48.19
C UNK QA 6 -39.13 8.05 -48.59
N UNK QA 7 -38.99 9.34 -48.38
CA UNK QA 7 -37.82 10.10 -48.85
C UNK QA 7 -36.63 9.89 -47.93
N UNK QA 8 -35.44 10.00 -48.51
CA UNK QA 8 -34.22 9.92 -47.72
C UNK QA 8 -33.94 11.26 -47.05
N UNK QA 9 -33.03 11.26 -46.08
CA UNK QA 9 -32.67 12.49 -45.37
C UNK QA 9 -31.21 12.41 -44.94
N UNK QA 10 -30.74 13.42 -44.22
CA UNK QA 10 -29.30 13.64 -44.07
C UNK QA 10 -29.02 14.30 -42.72
N UNK QA 11 -27.86 14.95 -42.62
CA UNK QA 11 -27.37 15.62 -41.42
C UNK QA 11 -28.04 16.99 -41.24
N UNK QA 12 -27.45 17.83 -40.39
CA UNK QA 12 -28.09 19.04 -39.90
C UNK QA 12 -28.13 20.13 -40.96
N UNK QA 13 -28.68 21.28 -40.59
CA UNK QA 13 -29.03 22.34 -41.51
C UNK QA 13 -27.86 23.26 -41.88
N UNK QA 14 -26.69 23.07 -41.28
CA UNK QA 14 -25.49 23.81 -41.68
C UNK QA 14 -24.70 22.90 -42.62
N UNK QA 15 -25.27 22.65 -43.80
CA UNK QA 15 -24.58 21.93 -44.85
C UNK QA 15 -23.73 22.85 -45.72
N UNK QA 16 -23.76 24.16 -45.46
CA UNK QA 16 -22.86 25.09 -46.11
C UNK QA 16 -21.46 25.05 -45.52
N UNK QA 17 -21.26 24.35 -44.41
CA UNK QA 17 -19.94 24.09 -43.88
C UNK QA 17 -19.40 22.74 -44.30
N UNK QA 18 -20.19 21.93 -45.00
CA UNK QA 18 -19.74 20.63 -45.46
C UNK QA 18 -18.83 20.72 -46.68
N UNK QA 19 -18.81 21.86 -47.36
CA UNK QA 19 -18.06 21.99 -48.61
C UNK QA 19 -17.02 23.10 -48.53
N UNK QA 20 -17.32 24.21 -47.86
CA UNK QA 20 -16.41 25.35 -47.79
C UNK QA 20 -15.16 25.03 -46.97
N UNK QA 21 -15.34 24.72 -45.70
CA UNK QA 21 -14.29 24.17 -44.87
C UNK QA 21 -14.61 22.72 -44.54
N UNK QA 22 -13.77 22.08 -43.74
CA UNK QA 22 -14.12 20.78 -43.18
C UNK QA 22 -13.63 20.74 -41.73
N UNK QA 23 -14.46 21.26 -40.84
CA UNK QA 23 -14.37 21.00 -39.41
C UNK QA 23 -15.76 21.19 -38.85
N UNK QA 24 -16.58 20.15 -38.83
CA UNK QA 24 -17.95 20.40 -38.44
C UNK QA 24 -18.29 19.71 -37.13
N UNK QA 25 -18.32 18.39 -37.16
CA UNK QA 25 -18.49 17.48 -36.02
C UNK QA 25 -18.39 16.07 -36.59
N UNK QA 26 -18.56 15.08 -35.73
CA UNK QA 26 -18.11 13.74 -36.07
C UNK QA 26 -19.02 13.08 -37.10
N UNK QA 27 -20.29 12.86 -36.78
CA UNK QA 27 -21.19 12.31 -37.78
C UNK QA 27 -21.58 13.36 -38.83
N UNK QA 28 -21.37 14.63 -38.52
CA UNK QA 28 -21.57 15.67 -39.51
C UNK QA 28 -20.50 15.60 -40.60
N UNK QA 29 -19.23 15.72 -40.21
CA UNK QA 29 -18.13 15.55 -41.14
C UNK QA 29 -17.72 14.08 -41.19
N UNK QA 30 -18.70 13.24 -41.50
CA UNK QA 30 -18.48 11.83 -41.72
C UNK QA 30 -18.42 11.49 -43.20
N UNK QA 31 -17.90 12.39 -44.02
CA UNK QA 31 -17.72 12.10 -45.44
C UNK QA 31 -16.46 11.26 -45.66
N UNK QA 32 -16.42 10.09 -45.03
CA UNK QA 32 -15.40 9.09 -45.30
C UNK QA 32 -15.94 8.02 -46.24
N UNK QA 33 -16.76 8.44 -47.21
CA UNK QA 33 -17.40 7.51 -48.13
C UNK QA 33 -16.38 6.85 -49.05
N UNK QA 34 -16.61 5.58 -49.37
CA UNK QA 34 -15.72 4.82 -50.22
C UNK QA 34 -16.39 4.54 -51.56
N UNK QA 35 -15.74 3.74 -52.39
CA UNK QA 35 -16.30 3.31 -53.66
C UNK QA 35 -17.21 2.10 -53.53
N UNK QA 36 -17.44 1.62 -52.32
CA UNK QA 36 -18.26 0.43 -52.10
C UNK QA 36 -19.71 0.88 -51.86
N UNK QA 37 -20.53 0.77 -52.89
CA UNK QA 37 -21.95 1.09 -52.80
C UNK QA 37 -22.74 -0.03 -53.46
N UNK QA 38 -23.22 -0.97 -52.65
CA UNK QA 38 -23.90 -2.16 -53.15
C UNK QA 38 -25.37 -1.84 -53.40
N UNK QA 39 -25.84 -2.11 -54.62
CA UNK QA 39 -27.22 -1.85 -55.00
C UNK QA 39 -28.07 -3.11 -55.06
N UNK QA 40 -27.65 -4.18 -54.40
CA UNK QA 40 -28.35 -5.46 -54.45
C UNK QA 40 -29.13 -5.78 -53.19
N UNK QA 41 -29.13 -4.90 -52.20
CA UNK QA 41 -29.71 -5.23 -50.90
C UNK QA 41 -31.22 -5.08 -50.92
N UNK QA 42 -31.90 -5.91 -50.13
CA UNK QA 42 -33.35 -5.86 -49.99
C UNK QA 42 -33.71 -6.23 -48.55
N UNK QA 43 -34.62 -5.45 -47.96
CA UNK QA 43 -34.87 -5.51 -46.52
C UNK QA 43 -36.36 -5.50 -46.20
N UNK QA 44 -37.13 -6.38 -46.84
CA UNK QA 44 -38.58 -6.32 -46.70
C UNK QA 44 -39.05 -6.86 -45.35
N UNK QA 45 -38.52 -8.01 -44.94
CA UNK QA 45 -39.14 -8.79 -43.88
C UNK QA 45 -38.83 -8.22 -42.50
N UNK QA 46 -39.39 -8.87 -41.48
CA UNK QA 46 -39.15 -8.49 -40.09
C UNK QA 46 -37.68 -8.69 -39.75
N UNK QA 47 -37.20 -9.93 -39.70
CA UNK QA 47 -35.76 -10.17 -39.63
C UNK QA 47 -35.28 -10.94 -40.86
N UNK QA 48 -35.81 -12.15 -41.06
CA UNK QA 48 -35.48 -12.93 -42.25
C UNK QA 48 -36.73 -13.28 -43.05
N UNK QA 49 -37.73 -13.90 -42.44
CA UNK QA 49 -38.85 -14.43 -43.19
C UNK QA 49 -40.09 -13.59 -42.93
N UNK QA 50 -41.19 -13.97 -43.58
CA UNK QA 50 -42.43 -13.22 -43.49
C UNK QA 50 -43.07 -13.39 -42.11
N UNK QA 51 -44.11 -12.61 -41.86
CA UNK QA 51 -44.83 -12.66 -40.59
C UNK QA 51 -45.58 -13.98 -40.41
N UNK QA 52 -45.77 -14.72 -41.50
CA UNK QA 52 -46.15 -16.13 -41.46
C UNK QA 52 -45.15 -16.94 -40.66
N UNK QA 53 -43.90 -16.96 -41.11
CA UNK QA 53 -42.87 -17.81 -40.55
C UNK QA 53 -42.17 -17.21 -39.35
N UNK QA 54 -42.25 -15.90 -39.15
CA UNK QA 54 -41.50 -15.29 -38.06
C UNK QA 54 -42.14 -15.60 -36.72
N UNK QA 55 -43.47 -15.66 -36.67
CA UNK QA 55 -44.12 -15.99 -35.42
C UNK QA 55 -43.98 -17.47 -35.08
N UNK QA 56 -43.77 -18.32 -36.09
CA UNK QA 56 -43.62 -19.75 -35.85
C UNK QA 56 -42.28 -20.06 -35.19
N UNK QA 57 -41.24 -19.31 -35.56
CA UNK QA 57 -39.95 -19.51 -34.91
C UNK QA 57 -39.96 -18.99 -33.49
N UNK QA 58 -40.66 -17.87 -33.26
CA UNK QA 58 -40.71 -17.29 -31.93
C UNK QA 58 -41.74 -17.95 -31.04
N UNK QA 59 -42.65 -18.76 -31.59
CA UNK QA 59 -43.53 -19.59 -30.78
C UNK QA 59 -43.10 -21.05 -30.78
N UNK QA 60 -41.92 -21.35 -31.32
CA UNK QA 60 -41.34 -22.68 -31.12
C UNK QA 60 -40.24 -22.63 -30.07
N UNK QA 61 -39.59 -21.47 -29.93
CA UNK QA 61 -38.63 -21.30 -28.83
C UNK QA 61 -39.34 -21.26 -27.50
N UNK QA 62 -40.49 -20.59 -27.44
CA UNK QA 62 -41.25 -20.53 -26.20
C UNK QA 62 -42.10 -21.77 -25.97
N UNK QA 63 -42.20 -22.66 -26.97
CA UNK QA 63 -42.93 -23.90 -26.74
C UNK QA 63 -42.00 -25.04 -26.36
N UNK QA 64 -40.84 -25.12 -27.00
CA UNK QA 64 -39.88 -26.16 -26.66
C UNK QA 64 -39.13 -25.84 -25.37
N UNK QA 65 -39.13 -24.59 -24.93
CA UNK QA 65 -38.71 -24.30 -23.57
C UNK QA 65 -39.83 -24.59 -22.58
N UNK QA 66 -41.08 -24.64 -23.06
CA UNK QA 66 -42.19 -25.05 -22.21
C UNK QA 66 -42.37 -26.56 -22.21
N UNK QA 67 -41.95 -27.23 -23.30
CA UNK QA 67 -42.01 -28.68 -23.32
C UNK QA 67 -40.97 -29.28 -22.38
N UNK QA 68 -39.79 -28.67 -22.33
CA UNK QA 68 -38.77 -29.07 -21.37
C UNK QA 68 -38.98 -28.41 -20.00
N UNK QA 69 -40.16 -27.85 -19.75
CA UNK QA 69 -40.45 -27.20 -18.47
C UNK QA 69 -41.37 -28.07 -17.63
N UNK QA 70 -42.55 -28.39 -18.16
CA UNK QA 70 -43.49 -29.19 -17.38
C UNK QA 70 -43.14 -30.67 -17.40
N UNK QA 71 -42.20 -31.08 -18.24
CA UNK QA 71 -41.58 -32.39 -18.13
C UNK QA 71 -40.37 -32.37 -17.21
N UNK QA 72 -40.06 -31.23 -16.61
CA UNK QA 72 -38.89 -31.04 -15.77
C UNK QA 72 -39.24 -30.71 -14.32
N UNK QA 73 -40.52 -30.66 -13.98
CA UNK QA 73 -40.94 -30.35 -12.62
C UNK QA 73 -40.83 -31.57 -11.72
N MET RA 1 2.38 5.99 11.43
CA MET RA 1 3.14 5.88 10.20
C MET RA 1 2.43 6.56 9.06
N GLU RA 2 1.24 7.07 9.34
CA GLU RA 2 0.47 7.85 8.38
C GLU RA 2 0.85 9.32 8.39
N ALA RA 3 1.60 9.76 9.39
CA ALA RA 3 2.15 11.11 9.35
C ALA RA 3 3.23 11.22 8.27
N LEU RA 4 3.84 10.10 7.89
CA LEU RA 4 4.64 10.06 6.68
C LEU RA 4 3.80 10.38 5.47
N VAL RA 5 2.64 9.72 5.36
CA VAL RA 5 1.76 9.88 4.21
C VAL RA 5 1.20 11.29 4.18
N TYR RA 6 0.98 11.88 5.35
CA TYR RA 6 0.49 13.26 5.39
C TYR RA 6 1.56 14.23 4.94
N THR RA 7 2.77 14.10 5.47
CA THR RA 7 3.82 15.04 5.09
C THR RA 7 4.37 14.77 3.69
N PHE RA 8 4.18 13.55 3.17
CA PHE RA 8 4.58 13.31 1.79
C PHE RA 8 3.65 14.02 0.82
N LEU RA 9 2.37 14.11 1.16
CA LEU RA 9 1.42 14.73 0.27
C LEU RA 9 1.42 16.23 0.39
N LEU RA 10 1.64 16.76 1.59
CA LEU RA 10 1.70 18.20 1.78
C LEU RA 10 2.94 18.78 1.12
N ILE RA 11 4.09 18.17 1.35
CA ILE RA 11 5.30 18.54 0.62
C ILE RA 11 5.16 18.16 -0.85
N GLY RA 12 4.35 17.15 -1.14
CA GLY RA 12 4.06 16.80 -2.53
C GLY RA 12 3.37 17.92 -3.29
N THR RA 13 2.37 18.55 -2.68
CA THR RA 13 1.75 19.70 -3.31
C THR RA 13 2.69 20.89 -3.36
N LEU RA 14 3.56 21.06 -2.36
CA LEU RA 14 4.47 22.19 -2.36
C LEU RA 14 5.53 22.03 -3.43
N MET RA 15 5.89 20.80 -3.79
CA MET RA 15 6.80 20.59 -4.91
C MET RA 15 6.13 20.95 -6.22
N VAL RA 16 4.89 20.47 -6.44
CA VAL RA 16 4.17 20.69 -7.67
C VAL RA 16 3.93 22.16 -7.93
N ILE RA 17 3.71 22.95 -6.88
CA ILE RA 17 3.56 24.39 -7.02
C ILE RA 17 4.89 25.04 -7.41
N PHE RA 18 6.00 24.51 -6.91
CA PHE RA 18 7.30 25.09 -7.24
C PHE RA 18 7.64 24.90 -8.71
N PHE RA 19 7.34 23.72 -9.25
CA PHE RA 19 7.53 23.52 -10.67
C PHE RA 19 6.52 24.29 -11.49
N ALA RA 20 5.36 24.59 -10.92
CA ALA RA 20 4.32 25.27 -11.67
C ALA RA 20 4.56 26.76 -11.79
N VAL RA 21 5.37 27.33 -10.91
CA VAL RA 21 5.69 28.74 -10.98
C VAL RA 21 6.92 28.94 -11.84
N PHE RA 22 7.97 28.19 -11.54
CA PHE RA 22 9.27 28.49 -12.11
C PHE RA 22 9.58 27.69 -13.37
N PHE RA 23 8.92 26.55 -13.59
CA PHE RA 23 9.09 25.81 -14.82
C PHE RA 23 7.84 25.82 -15.66
N ARG RA 24 7.12 26.93 -15.72
CA ARG RA 24 5.90 26.95 -16.48
C ARG RA 24 6.19 27.08 -17.97
N GLU RA 25 5.21 26.70 -18.77
CA GLU RA 25 5.23 26.99 -20.18
C GLU RA 25 4.95 28.47 -20.37
N THR RA 26 5.94 29.20 -20.86
CA THR RA 26 5.75 30.63 -21.00
C THR RA 26 4.85 30.92 -22.20
N PRO RA 27 3.99 31.92 -22.09
CA PRO RA 27 3.24 32.38 -23.25
C PRO RA 27 4.07 33.36 -24.07
N ARG RA 28 3.96 33.24 -25.38
CA ARG RA 28 4.72 34.07 -26.29
C ARG RA 28 3.78 34.90 -27.14
N ILE RA 29 4.23 36.09 -27.54
CA ILE RA 29 3.39 37.00 -28.30
C ILE RA 29 3.19 36.53 -29.73
N LEU RA 30 4.24 35.96 -30.33
CA LEU RA 30 4.45 35.67 -31.78
C LEU RA 30 3.24 35.50 -32.72
N VAL SA 1 -16.49 9.15 39.68
CA VAL SA 1 -17.06 7.86 39.99
C VAL SA 1 -18.30 7.67 39.15
N ILE SA 2 -18.42 6.49 38.55
CA ILE SA 2 -19.61 6.16 37.78
C ILE SA 2 -20.82 6.01 38.69
N ASP SA 3 -20.65 5.35 39.84
CA ASP SA 3 -21.78 4.91 40.64
C ASP SA 3 -21.56 5.26 42.11
N TYR SA 4 -22.39 6.17 42.62
CA TYR SA 4 -22.25 6.70 43.96
C TYR SA 4 -23.59 6.60 44.66
N GLU SA 5 -23.74 5.66 45.59
CA GLU SA 5 -25.03 5.18 46.07
C GLU SA 5 -25.89 6.24 46.78
N ASN SA 6 -25.37 7.42 47.04
CA ASN SA 6 -26.12 8.47 47.70
C ASN SA 6 -26.52 9.60 46.77
N ILE SA 7 -26.89 9.29 45.52
CA ILE SA 7 -27.34 10.32 44.59
C ILE SA 7 -28.66 10.92 45.06
N GLY SA 8 -29.54 10.06 45.59
CA GLY SA 8 -30.86 10.53 46.00
C GLY SA 8 -30.83 11.45 47.21
N TYR SA 9 -29.76 11.42 47.98
CA TYR SA 9 -29.65 12.24 49.17
C TYR SA 9 -28.86 13.51 48.94
N LEU SA 10 -28.50 13.81 47.69
CA LEU SA 10 -27.77 15.04 47.42
C LEU SA 10 -28.73 16.18 47.18
N GLY SA 11 -29.55 16.07 46.14
CA GLY SA 11 -30.54 17.07 45.81
C GLY SA 11 -31.84 16.48 45.32
N GLY SA 12 -32.07 15.20 45.53
CA GLY SA 12 -33.20 14.51 44.98
C GLY SA 12 -34.30 14.48 46.01
N SER SA 13 -34.39 13.36 46.74
CA SER SA 13 -35.46 13.10 47.68
C SER SA 13 -35.47 14.06 48.85
N SER SA 14 -36.47 13.90 49.73
CA SER SA 14 -36.72 14.84 50.80
C SER SA 14 -35.58 14.88 51.81
N ILE SA 15 -34.84 13.82 51.91
CA ILE SA 15 -33.79 13.72 52.91
C ILE SA 15 -32.47 14.14 52.26
N VAL SA 16 -31.77 15.07 52.90
CA VAL SA 16 -30.61 15.74 52.31
C VAL SA 16 -29.37 15.39 53.10
N ASP SA 17 -28.31 14.99 52.40
CA ASP SA 17 -27.02 14.67 53.02
C ASP SA 17 -26.41 15.92 53.64
N ILE SA 18 -25.58 15.70 54.66
CA ILE SA 18 -24.92 16.78 55.35
C ILE SA 18 -23.45 16.88 54.96
N ASN SA 19 -22.87 15.82 54.40
CA ASN SA 19 -21.45 15.79 54.15
C ASN SA 19 -21.11 16.07 52.71
N ASN SA 20 -22.06 15.94 51.80
CA ASN SA 20 -21.74 16.02 50.38
C ASN SA 20 -22.62 17.04 49.66
N ALA SA 21 -23.86 17.20 50.10
CA ALA SA 21 -24.79 18.07 49.40
C ALA SA 21 -24.39 19.52 49.53
N ASN SA 22 -24.62 20.29 48.47
CA ASN SA 22 -24.15 21.66 48.42
C ASN SA 22 -25.02 22.57 49.27
N ILE SA 23 -24.76 23.87 49.18
CA ILE SA 23 -25.63 24.80 49.89
C ILE SA 23 -26.95 24.95 49.15
N ARG SA 24 -26.95 24.71 47.84
CA ARG SA 24 -28.15 24.80 47.02
C ARG SA 24 -29.15 23.69 47.35
N ALA SA 25 -28.70 22.59 47.93
CA ALA SA 25 -29.63 21.56 48.38
C ALA SA 25 -30.45 22.00 49.58
N TYR SA 26 -29.99 22.98 50.32
CA TYR SA 26 -30.70 23.51 51.47
C TYR SA 26 -31.61 24.67 51.12
N LEU SA 27 -31.87 24.90 49.83
CA LEU SA 27 -32.83 25.92 49.45
C LEU SA 27 -34.23 25.52 49.86
N LYS SA 28 -34.53 24.23 49.80
CA LYS SA 28 -35.90 23.76 49.98
C LYS SA 28 -36.27 23.55 51.43
N MET SA 29 -35.42 23.93 52.36
CA MET SA 29 -35.76 23.97 53.77
C MET SA 29 -35.88 25.42 54.18
N PRO SA 30 -37.09 25.90 54.49
CA PRO SA 30 -37.27 27.32 54.82
C PRO SA 30 -36.56 27.74 56.09
N GLY SA 31 -35.95 28.93 56.03
CA GLY SA 31 -35.27 29.51 57.14
C GLY SA 31 -33.80 29.20 57.25
N MET SA 32 -33.24 28.48 56.28
CA MET SA 32 -31.93 27.89 56.47
C MET SA 32 -30.86 28.45 55.55
N TYR SA 33 -31.20 29.05 54.40
CA TYR SA 33 -30.22 29.11 53.31
C TYR SA 33 -29.10 30.14 53.54
N PRO SA 34 -29.36 31.37 53.98
CA PRO SA 34 -28.24 32.13 54.53
C PRO SA 34 -28.01 31.78 55.99
N THR SA 35 -26.74 31.70 56.35
CA THR SA 35 -26.20 31.68 57.72
C THR SA 35 -26.57 30.47 58.55
N VAL SA 36 -27.40 29.55 58.07
CA VAL SA 36 -27.49 28.25 58.74
C VAL SA 36 -26.80 27.27 57.82
N ALA SA 37 -27.32 27.16 56.60
CA ALA SA 37 -26.67 26.36 55.57
C ALA SA 37 -25.29 26.89 55.24
N GLY SA 38 -25.09 28.20 55.35
CA GLY SA 38 -23.75 28.75 55.19
C GLY SA 38 -22.78 28.28 56.25
N LYS SA 39 -23.30 27.91 57.42
CA LYS SA 39 -22.46 27.33 58.46
C LYS SA 39 -22.31 25.82 58.29
N ILE SA 40 -23.41 25.14 57.94
CA ILE SA 40 -23.39 23.69 57.75
C ILE SA 40 -22.45 23.31 56.62
N VAL SA 41 -22.35 24.17 55.60
CA VAL SA 41 -21.51 23.87 54.44
C VAL SA 41 -20.08 24.36 54.60
N SER SA 42 -19.81 25.29 55.51
CA SER SA 42 -18.45 25.79 55.66
C SER SA 42 -17.61 25.01 56.65
N HIS SA 43 -18.12 23.95 57.27
CA HIS SA 43 -17.36 23.26 58.29
C HIS SA 43 -17.23 21.78 57.94
N GLY SA 44 -16.54 21.03 58.81
CA GLY SA 44 -15.85 19.83 58.41
C GLY SA 44 -16.76 18.62 58.24
N PRO SA 45 -16.14 17.45 58.17
CA PRO SA 45 -16.92 16.21 58.05
C PRO SA 45 -17.57 15.86 59.37
N TYR SA 46 -18.75 15.26 59.28
CA TYR SA 46 -19.58 15.06 60.45
C TYR SA 46 -19.79 13.57 60.70
N SER SA 47 -20.41 13.28 61.84
CA SER SA 47 -20.73 11.91 62.22
C SER SA 47 -22.23 11.67 62.16
N GLY SA 48 -23.04 12.60 62.64
CA GLY SA 48 -24.48 12.51 62.59
C GLY SA 48 -25.10 13.88 62.71
N VAL SA 49 -26.42 13.92 62.71
CA VAL SA 49 -27.14 15.18 62.82
C VAL SA 49 -27.04 15.74 64.23
N SER SA 50 -26.95 14.86 65.23
CA SER SA 50 -26.79 15.34 66.60
C SER SA 50 -25.44 15.99 66.81
N ASP SA 51 -24.44 15.58 66.03
CA ASP SA 51 -23.11 16.17 66.09
C ASP SA 51 -22.92 17.27 65.06
N LEU SA 52 -24.00 17.70 64.41
CA LEU SA 52 -24.00 18.98 63.71
C LEU SA 52 -24.02 20.14 64.70
N TYR SA 53 -24.53 19.92 65.90
CA TYR SA 53 -24.62 20.97 66.90
C TYR SA 53 -23.28 21.35 67.52
N LYS SA 54 -22.23 20.59 67.23
CA LYS SA 54 -20.90 20.85 67.79
C LYS SA 54 -20.08 21.82 66.94
N ILE SA 55 -20.70 22.50 65.97
CA ILE SA 55 -20.03 23.55 65.20
C ILE SA 55 -19.69 24.69 66.14
N PRO SA 56 -18.46 25.21 66.11
CA PRO SA 56 -18.18 26.44 66.83
C PRO SA 56 -18.88 27.62 66.17
N GLY SA 57 -19.53 28.44 66.99
CA GLY SA 57 -20.26 29.59 66.52
C GLY SA 57 -21.74 29.37 66.34
N LEU SA 58 -22.19 28.12 66.33
CA LEU SA 58 -23.60 27.81 66.13
C LEU SA 58 -24.41 28.18 67.36
N SER SA 59 -25.33 29.12 67.22
CA SER SA 59 -26.03 29.68 68.35
C SER SA 59 -27.42 29.05 68.48
N SER SA 60 -28.24 29.62 69.37
CA SER SA 60 -29.51 28.99 69.75
C SER SA 60 -30.53 29.10 68.64
N ALA SA 61 -30.83 30.33 68.20
CA ALA SA 61 -31.81 30.52 67.13
C ALA SA 61 -31.32 30.01 65.79
N GLU SA 62 -30.00 29.86 65.65
CA GLU SA 62 -29.47 29.14 64.50
C GLU SA 62 -29.76 27.65 64.58
N ALA SA 63 -29.80 27.10 65.79
CA ALA SA 63 -30.01 25.67 65.97
C ALA SA 63 -31.48 25.30 66.07
N ASP SA 64 -32.38 26.29 66.11
CA ASP SA 64 -33.80 25.99 66.14
C ASP SA 64 -34.27 25.42 64.82
N VAL SA 65 -33.78 26.00 63.71
CA VAL SA 65 -34.18 25.51 62.40
C VAL SA 65 -33.45 24.22 62.05
N ILE SA 66 -32.36 23.91 62.74
CA ILE SA 66 -31.73 22.60 62.59
C ILE SA 66 -32.61 21.53 63.20
N LYS SA 67 -33.11 21.78 64.42
CA LYS SA 67 -33.97 20.83 65.12
C LYS SA 67 -35.29 20.62 64.39
N LYS SA 68 -35.76 21.65 63.68
CA LYS SA 68 -36.94 21.49 62.84
C LYS SA 68 -36.67 20.53 61.68
N TYR SA 69 -35.47 20.57 61.13
CA TYR SA 69 -35.14 19.75 59.97
C TYR SA 69 -34.15 18.65 60.28
N GLU SA 70 -33.97 18.30 61.56
CA GLU SA 70 -33.11 17.17 61.91
C GLU SA 70 -33.67 15.85 61.43
N SER SA 71 -34.96 15.78 61.12
CA SER SA 71 -35.54 14.61 60.51
C SER SA 71 -35.26 14.49 59.03
N ARG SA 72 -35.03 15.62 58.35
CA ARG SA 72 -34.68 15.61 56.93
C ARG SA 72 -33.18 15.62 56.69
N LEU SA 73 -32.38 15.77 57.74
CA LEU SA 73 -30.93 15.75 57.63
C LEU SA 73 -30.41 14.37 58.01
N THR SA 74 -29.19 14.09 57.56
CA THR SA 74 -28.59 12.77 57.69
C THR SA 74 -27.12 12.87 57.34
N ALA SA 75 -26.35 11.91 57.84
CA ALA SA 75 -24.91 11.90 57.61
C ALA SA 75 -24.53 10.65 56.84
N LYS SA 76 -23.83 10.84 55.74
CA LYS SA 76 -23.27 9.78 54.93
C LYS SA 76 -21.75 9.91 54.98
N THR SA 77 -21.06 8.91 54.45
CA THR SA 77 -19.61 9.01 54.43
C THR SA 77 -19.20 10.00 53.34
N PRO SA 78 -18.24 10.87 53.61
CA PRO SA 78 -17.90 11.91 52.62
C PRO SA 78 -17.07 11.33 51.50
N SER SA 79 -17.56 11.48 50.27
CA SER SA 79 -16.73 11.31 49.10
C SER SA 79 -16.09 12.64 48.81
N PRO SA 80 -14.77 12.73 48.72
CA PRO SA 80 -14.13 14.04 48.66
C PRO SA 80 -14.29 14.77 47.33
N ASP SA 81 -14.89 14.15 46.31
CA ASP SA 81 -15.18 14.91 45.10
C ASP SA 81 -16.38 15.82 45.29
N TYR SA 82 -17.31 15.43 46.15
CA TYR SA 82 -18.50 16.23 46.42
C TYR SA 82 -18.31 17.18 47.58
N VAL SA 83 -17.15 17.17 48.23
CA VAL SA 83 -16.97 18.12 49.31
C VAL SA 83 -16.23 19.37 48.86
N ILE SA 84 -15.74 19.39 47.63
CA ILE SA 84 -15.12 20.60 47.13
C ILE SA 84 -16.18 21.54 46.55
N ASP SA 85 -17.26 20.99 46.00
CA ASP SA 85 -18.29 21.82 45.40
C ASP SA 85 -19.46 22.08 46.35
N ARG SA 86 -19.21 22.14 47.65
CA ARG SA 86 -20.31 22.34 48.59
C ARG SA 86 -20.74 23.80 48.62
N ILE SA 87 -19.80 24.73 48.58
CA ILE SA 87 -20.16 26.14 48.48
C ILE SA 87 -20.71 26.43 47.08
N ASN SA 88 -19.98 26.03 46.05
CA ASN SA 88 -20.33 26.31 44.67
C ASN SA 88 -20.34 25.00 43.90
N ASN SA 89 -21.54 24.54 43.57
CA ASN SA 89 -21.72 23.36 42.74
C ASN SA 89 -21.17 23.60 41.34
N GLY SA 90 -21.32 24.81 40.83
CA GLY SA 90 -21.04 25.07 39.45
C GLY SA 90 -22.23 24.88 38.54
N LEU SA 91 -23.43 24.73 39.07
CA LEU SA 91 -24.63 24.87 38.28
C LEU SA 91 -25.50 25.93 38.92
N TYR SA 92 -25.94 26.86 38.09
CA TYR SA 92 -26.72 28.00 38.54
C TYR SA 92 -28.07 27.97 37.84
N ARG SA 93 -28.98 28.80 38.31
CA ARG SA 93 -30.30 28.91 37.71
C ARG SA 93 -30.80 30.34 37.70
N ILE TA 1 -58.25 32.58 23.52
CA ILE TA 1 -57.88 32.48 24.91
C ILE TA 1 -57.27 33.82 25.36
N ASP TA 2 -58.13 34.78 25.70
CA ASP TA 2 -57.67 36.11 26.03
C ASP TA 2 -57.16 36.14 27.48
N LEU TA 3 -56.73 37.31 27.93
CA LEU TA 3 -56.26 37.51 29.29
C LEU TA 3 -57.48 37.95 30.10
N ASP TA 4 -58.24 36.98 30.59
CA ASP TA 4 -59.55 37.20 31.15
C ASP TA 4 -59.47 37.67 32.60
N GLU TA 5 -60.61 37.59 33.31
CA GLU TA 5 -60.59 37.84 34.74
C GLU TA 5 -60.09 36.66 35.53
N ALA TA 6 -60.01 35.47 34.91
CA ALA TA 6 -59.58 34.29 35.65
C ALA TA 6 -58.07 34.16 35.68
N THR TA 7 -57.41 34.41 34.55
CA THR TA 7 -55.96 34.35 34.50
C THR TA 7 -55.34 35.55 35.23
N ARG TA 8 -56.01 36.69 35.27
CA ARG TA 8 -55.54 37.86 35.98
C ARG TA 8 -55.84 37.82 37.48
N THR TA 9 -56.19 36.67 38.03
CA THR TA 9 -56.56 36.56 39.42
C THR TA 9 -55.40 35.99 40.22
N VAL TA 10 -54.80 36.82 41.07
CA VAL TA 10 -53.59 36.45 41.79
C VAL TA 10 -53.81 36.58 43.29
N VAL TA 11 -52.96 35.90 44.04
CA VAL TA 11 -53.05 35.90 45.50
C VAL TA 11 -52.48 37.20 46.04
N VAL TA 12 -53.21 37.84 46.95
CA VAL TA 12 -52.87 39.17 47.46
C VAL TA 12 -52.44 39.12 48.92
N ASP TA 13 -53.27 38.55 49.78
CA ASP TA 13 -52.94 38.43 51.19
C ASP TA 13 -52.25 37.08 51.43
N ASN TA 14 -51.70 36.94 52.64
CA ASN TA 14 -51.12 35.68 53.10
C ASN TA 14 -52.12 34.54 53.01
N ALA TA 15 -53.39 34.79 53.36
CA ALA TA 15 -54.42 33.78 53.23
C ALA TA 15 -54.89 33.69 51.78
N GLY TA 16 -56.00 33.01 51.53
CA GLY TA 16 -56.44 32.79 50.17
C GLY TA 16 -57.15 33.94 49.50
N ASN TA 17 -56.77 35.17 49.81
CA ASN TA 17 -57.43 36.35 49.24
C ASN TA 17 -56.89 36.63 47.84
N THR TA 18 -57.79 36.85 46.90
CA THR TA 18 -57.45 37.02 45.49
C THR TA 18 -58.15 38.24 44.93
N THR TA 19 -57.41 39.04 44.15
CA THR TA 19 -58.02 40.12 43.37
C THR TA 19 -57.66 39.95 41.90
N VAL TA 20 -58.27 40.77 41.07
CA VAL TA 20 -58.09 40.72 39.62
C VAL TA 20 -57.34 41.99 39.21
N LEU TA 21 -56.17 41.82 38.61
CA LEU TA 21 -55.41 42.93 38.08
C LEU TA 21 -56.08 43.47 36.83
N THR TA 22 -56.31 44.78 36.78
CA THR TA 22 -56.93 45.40 35.63
C THR TA 22 -55.98 45.32 34.41
N PRO TA 23 -56.52 45.32 33.18
CA PRO TA 23 -55.63 45.04 32.04
C PRO TA 23 -54.70 46.18 31.69
N GLU TA 24 -54.96 47.40 32.18
CA GLU TA 24 -53.97 48.45 32.05
C GLU TA 24 -52.76 48.18 32.94
N GLN TA 25 -52.97 47.41 34.00
CA GLN TA 25 -52.04 47.25 35.09
C GLN TA 25 -51.13 46.04 34.89
N VAL TA 26 -51.55 45.13 34.02
CA VAL TA 26 -50.63 44.13 33.49
C VAL TA 26 -49.57 44.81 32.64
N LYS TA 27 -49.99 45.75 31.80
CA LYS TA 27 -49.04 46.49 30.96
C LYS TA 27 -48.13 47.36 31.81
N ARG TA 28 -48.68 47.99 32.85
CA ARG TA 28 -47.86 48.73 33.81
C ARG TA 28 -46.88 47.82 34.51
N GLY TA 29 -47.27 46.57 34.74
CA GLY TA 29 -46.41 45.61 35.39
C GLY TA 29 -45.25 45.25 34.50
N LYS TA 30 -45.54 44.72 33.31
CA LYS TA 30 -44.52 44.19 32.40
C LYS TA 30 -43.53 45.27 31.97
N ARG TA 31 -44.00 46.50 31.84
CA ARG TA 31 -43.16 47.58 31.36
C ARG TA 31 -42.24 48.09 32.46
N LEU TA 32 -42.78 48.30 33.66
CA LEU TA 32 -41.97 48.82 34.75
C LEU TA 32 -41.06 47.74 35.32
N PHE TA 33 -41.46 46.48 35.23
CA PHE TA 33 -40.60 45.39 35.67
C PHE TA 33 -39.38 45.29 34.78
N ASN TA 34 -39.56 45.44 33.48
CA ASN TA 34 -38.43 45.33 32.57
C ASN TA 34 -37.54 46.55 32.66
N ALA TA 35 -38.09 47.69 33.05
CA ALA TA 35 -37.30 48.92 33.16
C ALA TA 35 -36.47 48.92 34.44
N THR TA 36 -37.07 48.55 35.56
CA THR TA 36 -36.39 48.67 36.84
C THR TA 36 -35.78 47.36 37.30
N CYS TA 37 -36.54 46.26 37.23
CA CYS TA 37 -36.05 44.98 37.70
C CYS TA 37 -35.39 44.18 36.60
N GLY TA 38 -35.60 44.55 35.34
CA GLY TA 38 -35.40 43.63 34.25
C GLY TA 38 -33.95 43.31 33.96
N ALA TA 39 -33.04 44.15 34.45
CA ALA TA 39 -31.62 43.97 34.19
C ALA TA 39 -31.09 42.70 34.85
N CYS TA 40 -31.71 42.29 35.96
CA CYS TA 40 -31.28 41.10 36.67
C CYS TA 40 -32.34 40.03 36.77
N HIS TA 41 -33.58 40.35 36.39
CA HIS TA 41 -34.67 39.39 36.47
C HIS TA 41 -35.31 39.12 35.13
N VAL TA 42 -34.52 39.05 34.06
CA VAL TA 42 -35.06 38.66 32.79
C VAL TA 42 -35.44 37.19 32.85
N GLY TA 43 -36.69 36.89 32.55
CA GLY TA 43 -37.17 35.53 32.63
C GLY TA 43 -37.37 34.98 34.02
N GLY TA 44 -37.41 35.83 35.04
CA GLY TA 44 -37.75 35.38 36.37
C GLY TA 44 -36.64 34.75 37.16
N ILE TA 45 -35.39 35.09 36.88
CA ILE TA 45 -34.25 34.55 37.58
C ILE TA 45 -33.56 35.70 38.30
N THR TA 46 -32.42 35.42 38.92
CA THR TA 46 -31.56 36.49 39.42
C THR TA 46 -30.16 36.26 38.88
N LYS TA 47 -29.68 37.18 38.04
CA LYS TA 47 -28.33 37.03 37.47
C LYS TA 47 -27.27 37.20 38.54
N THR TA 48 -27.51 38.05 39.52
CA THR TA 48 -26.52 38.30 40.56
C THR TA 48 -26.50 37.23 41.63
N ASN TA 49 -27.53 36.37 41.67
CA ASN TA 49 -27.69 35.38 42.73
C ASN TA 49 -28.68 34.33 42.25
N PRO TA 50 -28.22 33.36 41.45
CA PRO TA 50 -29.18 32.44 40.81
C PRO TA 50 -29.83 31.45 41.75
N ASN TA 51 -29.42 31.36 43.00
CA ASN TA 51 -30.09 30.47 43.93
C ASN TA 51 -31.42 31.04 44.39
N VAL TA 52 -31.55 32.35 44.43
CA VAL TA 52 -32.74 33.00 44.94
C VAL TA 52 -33.42 33.66 43.75
N GLY TA 53 -34.43 32.98 43.20
CA GLY TA 53 -35.12 33.43 42.02
C GLY TA 53 -36.57 33.80 42.29
N LEU TA 54 -37.21 34.31 41.26
CA LEU TA 54 -38.58 34.81 41.35
C LEU TA 54 -39.63 33.74 41.11
N ASP TA 55 -39.29 32.47 41.31
CA ASP TA 55 -40.24 31.40 41.11
C ASP TA 55 -41.23 31.33 42.26
N PRO TA 56 -42.48 30.97 41.99
CA PRO TA 56 -43.42 30.70 43.09
C PRO TA 56 -43.00 29.52 43.94
N GLU TA 57 -42.26 28.58 43.36
CA GLU TA 57 -41.67 27.51 44.14
C GLU TA 57 -40.53 28.01 45.00
N ALA TA 58 -39.91 29.13 44.62
CA ALA TA 58 -38.85 29.73 45.40
C ALA TA 58 -39.28 30.99 46.14
N LEU TA 59 -40.47 31.52 45.84
CA LEU TA 59 -41.05 32.55 46.68
C LEU TA 59 -41.80 31.95 47.86
N SER TA 60 -42.38 30.76 47.69
CA SER TA 60 -43.12 30.13 48.77
C SER TA 60 -42.22 29.32 49.68
N LEU TA 61 -40.93 29.24 49.40
CA LEU TA 61 -39.97 28.70 50.34
C LEU TA 61 -39.13 29.79 50.97
N ALA TA 62 -39.59 31.03 50.91
CA ALA TA 62 -38.90 32.14 51.54
C ALA TA 62 -39.48 32.42 52.92
N THR TA 63 -38.71 33.13 53.72
CA THR TA 63 -39.12 33.50 55.07
C THR TA 63 -39.12 35.02 55.19
N PRO TA 64 -40.28 35.69 55.31
CA PRO TA 64 -41.65 35.21 55.27
C PRO TA 64 -42.04 34.82 53.86
N ARG TA 65 -43.20 34.18 53.70
CA ARG TA 65 -43.58 33.65 52.42
C ARG TA 65 -43.98 34.76 51.48
N ARG TA 66 -43.27 34.87 50.35
CA ARG TA 66 -43.43 35.97 49.42
C ARG TA 66 -44.34 35.63 48.24
N ASP TA 67 -45.22 34.65 48.37
CA ASP TA 67 -46.02 34.24 47.22
C ASP TA 67 -47.35 34.97 47.11
N ASN TA 68 -47.44 36.21 47.58
CA ASN TA 68 -48.65 37.00 47.40
C ASN TA 68 -48.26 38.35 46.82
N ILE TA 69 -49.22 39.26 46.70
CA ILE TA 69 -48.88 40.62 46.29
C ILE TA 69 -48.20 41.35 47.45
N ASN TA 70 -48.79 41.25 48.64
CA ASN TA 70 -48.50 42.19 49.72
C ASN TA 70 -47.10 42.02 50.27
N ALA TA 71 -46.60 40.78 50.34
CA ALA TA 71 -45.25 40.62 50.86
C ALA TA 71 -44.21 40.96 49.81
N LEU TA 72 -44.56 40.88 48.53
CA LEU TA 72 -43.66 41.38 47.50
C LEU TA 72 -43.55 42.89 47.57
N VAL TA 73 -44.68 43.57 47.77
CA VAL TA 73 -44.67 45.01 47.97
C VAL TA 73 -43.93 45.35 49.26
N ASP TA 74 -44.09 44.51 50.28
CA ASP TA 74 -43.34 44.71 51.52
C ASP TA 74 -41.86 44.43 51.31
N TYR TA 75 -41.53 43.54 50.38
CA TYR TA 75 -40.12 43.27 50.09
C TYR TA 75 -39.46 44.46 49.40
N ILE TA 76 -40.19 45.12 48.51
CA ILE TA 76 -39.63 46.28 47.84
C ILE TA 76 -39.50 47.44 48.81
N LYS TA 77 -40.40 47.53 49.78
CA LYS TA 77 -40.21 48.52 50.83
C LYS TA 77 -39.05 48.14 51.72
N ASN TA 78 -38.94 46.88 52.10
CA ASN TA 78 -38.03 46.43 53.15
C ASN TA 78 -37.48 45.06 52.76
N PRO TA 79 -36.41 45.04 51.98
CA PRO TA 79 -35.87 43.75 51.54
C PRO TA 79 -35.05 43.10 52.63
N THR TA 80 -35.31 41.83 52.84
CA THR TA 80 -34.59 41.03 53.80
C THR TA 80 -33.89 39.91 53.04
N THR TA 81 -33.19 39.05 53.76
CA THR TA 81 -32.57 37.92 53.11
C THR TA 81 -33.61 36.84 52.82
N TYR TA 82 -33.12 35.72 52.30
CA TYR TA 82 -34.00 34.61 51.98
C TYR TA 82 -34.54 33.94 53.23
N ASP TA 83 -33.80 33.99 54.33
CA ASP TA 83 -34.31 33.57 55.62
C ASP TA 83 -34.94 34.71 56.40
N GLY TA 84 -34.80 35.95 55.93
CA GLY TA 84 -35.54 37.07 56.44
C GLY TA 84 -35.09 37.62 57.77
N LEU TA 85 -33.82 37.45 58.13
CA LEU TA 85 -33.38 37.94 59.43
C LEU TA 85 -32.88 39.38 59.33
N GLU TA 86 -32.01 39.67 58.38
CA GLU TA 86 -31.39 40.99 58.26
C GLU TA 86 -31.74 41.64 56.93
N SER TA 87 -31.59 42.96 56.89
CA SER TA 87 -32.01 43.75 55.74
C SER TA 87 -30.88 43.86 54.73
N ILE TA 88 -31.22 43.71 53.45
CA ILE TA 88 -30.24 43.85 52.38
C ILE TA 88 -30.49 45.09 51.53
N ALA TA 89 -31.18 46.10 52.08
CA ALA TA 89 -31.41 47.32 51.33
C ALA TA 89 -30.11 48.06 51.04
N GLU TA 90 -29.09 47.80 51.84
CA GLU TA 90 -27.73 48.23 51.56
C GLU TA 90 -27.26 47.82 50.16
N VAL TA 91 -27.61 46.61 49.72
CA VAL TA 91 -27.12 46.07 48.46
C VAL TA 91 -28.26 45.65 47.53
N HIS TA 92 -29.44 46.24 47.67
CA HIS TA 92 -30.56 45.85 46.84
C HIS TA 92 -31.50 47.03 46.66
N PRO TA 93 -32.10 47.17 45.47
CA PRO TA 93 -33.02 48.29 45.25
C PRO TA 93 -34.27 48.18 46.10
N SER TA 94 -34.63 49.31 46.69
CA SER TA 94 -35.76 49.35 47.60
C SER TA 94 -36.16 50.80 47.77
N ILE TA 95 -37.12 51.01 48.67
CA ILE TA 95 -37.46 52.38 49.05
C ILE TA 95 -36.60 52.82 50.21
N LYS TA 96 -36.18 51.88 51.06
CA LYS TA 96 -35.17 52.19 52.07
C LYS TA 96 -33.82 52.50 51.44
N SER TA 97 -33.62 52.10 50.19
CA SER TA 97 -32.42 52.40 49.44
C SER TA 97 -32.68 53.27 48.25
N ALA TA 98 -33.73 54.08 48.27
CA ALA TA 98 -34.00 54.80 47.04
C ALA TA 98 -33.19 56.08 46.93
N ASP TA 99 -32.48 56.48 47.98
CA ASP TA 99 -31.49 57.53 47.81
C ASP TA 99 -30.24 57.03 47.10
N ILE TA 100 -29.96 55.72 47.25
CA ILE TA 100 -28.74 55.12 46.75
C ILE TA 100 -29.00 54.35 45.46
N TYR TA 101 -30.25 54.11 45.13
CA TYR TA 101 -30.66 53.66 43.79
C TYR TA 101 -31.58 54.71 43.19
N PRO TA 102 -31.13 55.48 42.21
CA PRO TA 102 -31.99 56.56 41.68
C PRO TA 102 -33.17 56.07 40.88
N ARG TA 103 -33.18 54.82 40.44
CA ARG TA 103 -34.29 54.31 39.63
C ARG TA 103 -35.49 53.89 40.45
N MET TA 104 -35.51 54.17 41.75
CA MET TA 104 -36.62 53.84 42.61
C MET TA 104 -37.36 55.07 43.11
N ARG TA 105 -36.90 56.26 42.77
CA ARG TA 105 -37.34 57.47 43.45
C ARG TA 105 -38.74 57.91 43.06
N SER TA 106 -39.23 57.51 41.88
CA SER TA 106 -40.50 58.01 41.41
C SER TA 106 -41.60 56.98 41.46
N LEU TA 107 -41.33 55.79 41.99
CA LEU TA 107 -42.37 54.79 42.07
C LEU TA 107 -43.41 55.17 43.11
N THR TA 108 -44.61 54.61 42.95
CA THR TA 108 -45.72 54.89 43.86
C THR TA 108 -46.29 53.58 44.35
N ASP TA 109 -47.45 53.68 45.01
CA ASP TA 109 -48.13 52.48 45.49
C ASP TA 109 -48.67 51.67 44.33
N GLU TA 110 -49.32 52.34 43.37
CA GLU TA 110 -49.90 51.64 42.24
C GLU TA 110 -48.84 51.06 41.32
N ASP TA 111 -47.62 51.62 41.35
CA ASP TA 111 -46.53 51.05 40.59
C ASP TA 111 -46.13 49.69 41.15
N LEU TA 112 -45.78 49.65 42.44
CA LEU TA 112 -45.31 48.41 43.05
C LEU TA 112 -46.44 47.40 43.19
N TYR TA 113 -47.67 47.87 43.29
CA TYR TA 113 -48.80 46.95 43.27
C TYR TA 113 -49.02 46.40 41.87
N SER TA 114 -48.46 47.05 40.85
CA SER TA 114 -48.51 46.49 39.50
C SER TA 114 -47.25 45.70 39.18
N ILE TA 115 -46.10 46.13 39.71
CA ILE TA 115 -44.85 45.41 39.49
C ILE TA 115 -44.92 44.05 40.17
N ALA TA 116 -45.39 44.01 41.41
CA ALA TA 116 -45.54 42.74 42.11
C ALA TA 116 -46.65 41.91 41.51
N GLY TA 117 -47.62 42.55 40.87
CA GLY TA 117 -48.61 41.80 40.12
C GLY TA 117 -48.00 41.08 38.94
N HIS TA 118 -46.98 41.67 38.32
CA HIS TA 118 -46.33 41.04 37.18
C HIS TA 118 -45.48 39.85 37.60
N ILE TA 119 -44.94 39.88 38.82
CA ILE TA 119 -44.20 38.73 39.30
C ILE TA 119 -45.16 37.60 39.64
N MET TA 120 -46.39 37.94 40.03
CA MET TA 120 -47.37 36.92 40.37
C MET TA 120 -48.13 36.41 39.15
N LEU TA 121 -48.40 37.27 38.17
CA LEU TA 121 -49.18 36.86 37.01
C LEU TA 121 -48.36 36.02 36.04
N SER TA 122 -47.05 36.25 36.01
CA SER TA 122 -46.20 35.59 35.02
C SER TA 122 -46.09 34.07 35.13
N PRO TA 123 -46.04 33.43 36.31
CA PRO TA 123 -46.08 31.96 36.30
C PRO TA 123 -47.44 31.37 36.02
N LYS TA 124 -48.50 32.18 35.95
CA LYS TA 124 -49.75 31.66 35.42
C LYS TA 124 -49.76 31.70 33.90
N ILE TA 125 -48.82 32.42 33.30
CA ILE TA 125 -48.73 32.54 31.86
C ILE TA 125 -47.77 31.51 31.28
N ALA TA 126 -46.65 31.29 31.95
CA ALA TA 126 -45.61 30.41 31.43
C ALA TA 126 -45.49 29.13 32.24
N SER TA 127 -45.23 29.23 33.56
CA SER TA 127 -45.22 28.17 34.56
C SER TA 127 -44.04 27.19 34.42
N GLU TA 128 -43.30 27.27 33.33
CA GLU TA 128 -42.04 26.57 33.18
C GLU TA 128 -40.95 27.51 32.68
N LYS TA 129 -41.32 28.45 31.81
CA LYS TA 129 -40.35 29.41 31.29
C LYS TA 129 -39.97 30.43 32.36
N TRP TA 130 -40.88 30.71 33.28
CA TRP TA 130 -40.63 31.71 34.31
C TRP TA 130 -39.65 31.16 35.32
N GLY TA 131 -38.43 31.69 35.31
CA GLY TA 131 -37.42 31.28 36.25
C GLY TA 131 -36.84 29.91 35.97
N GLY TA 132 -37.18 29.34 34.82
CA GLY TA 132 -36.61 28.05 34.46
C GLY TA 132 -35.19 28.12 33.95
N GLY TA 133 -34.65 29.31 33.77
CA GLY TA 133 -33.32 29.44 33.28
C GLY TA 133 -33.26 29.28 31.79
N LYS TA 134 -32.05 28.98 31.31
CA LYS TA 134 -31.80 28.96 29.88
C LYS TA 134 -32.34 27.72 29.21
N ILE TA 135 -32.78 26.73 29.98
CA ILE TA 135 -33.29 25.49 29.39
C ILE TA 135 -34.63 25.75 28.69
N TYR TA 136 -35.35 26.79 29.11
CA TYR TA 136 -36.65 27.09 28.57
C TYR TA 136 -36.67 28.34 27.70
N TYR TA 137 -35.52 28.75 27.18
CA TYR TA 137 -35.51 29.88 26.27
C TYR TA 137 -35.97 29.40 24.91
N ASN UA 1 10.52 41.81 30.90
CA ASN UA 1 9.66 42.69 30.12
C ASN UA 1 8.25 42.16 30.13
N ALA UA 2 7.66 42.03 28.93
CA ALA UA 2 6.32 41.48 28.71
C ALA UA 2 5.30 42.30 29.47
N ARG UA 3 5.00 43.50 28.95
CA ARG UA 3 4.18 44.58 29.54
C ARG UA 3 4.94 45.32 30.64
N PHE UA 4 6.22 45.53 30.44
CA PHE UA 4 7.01 46.50 31.18
C PHE UA 4 6.74 47.93 30.70
N ALA UA 5 6.02 48.10 29.58
CA ALA UA 5 5.60 49.38 28.99
C ALA UA 5 6.82 50.23 28.63
N ASN UA 6 7.52 49.73 27.63
CA ASN UA 6 8.76 50.30 27.12
C ASN UA 6 8.54 51.21 25.93
N GLY UA 7 9.49 52.10 25.69
CA GLY UA 7 9.44 52.97 24.54
C GLY UA 7 10.11 52.32 23.35
N LYS UA 8 9.32 52.02 22.28
CA LYS UA 8 9.66 51.29 21.06
C LYS UA 8 10.36 50.01 21.46
N PRO UA 9 9.62 49.08 21.99
CA PRO UA 9 10.02 48.43 23.23
C PRO UA 9 11.29 47.63 23.28
N GLN UA 10 11.96 47.85 24.40
CA GLN UA 10 13.41 47.84 24.45
C GLN UA 10 13.86 47.94 25.89
N SER UA 11 14.77 47.08 26.30
CA SER UA 11 15.11 46.92 27.70
C SER UA 11 16.61 46.91 27.95
N ILE UA 12 17.41 47.41 27.01
CA ILE UA 12 18.85 47.37 27.12
C ILE UA 12 19.43 48.44 26.22
N GLU UA 13 20.65 48.88 26.54
CA GLU UA 13 21.38 49.76 25.64
C GLU UA 13 21.87 49.02 24.40
N ALA UA 14 21.92 47.69 24.45
CA ALA UA 14 22.45 46.92 23.34
C ALA UA 14 21.52 46.98 22.13
N LYS UA 15 20.23 47.12 22.36
CA LYS UA 15 19.33 47.29 21.24
C LYS UA 15 19.21 48.74 20.79
N TYR UA 16 19.77 49.67 21.57
CA TYR UA 16 19.87 51.05 21.11
C TYR UA 16 21.01 51.18 20.12
N ILE UA 17 21.99 50.30 20.21
CA ILE UA 17 23.11 50.22 19.28
C ILE UA 17 22.75 49.09 18.31
N MET UA 18 21.44 48.86 18.16
CA MET UA 18 20.95 48.12 17.00
C MET UA 18 19.93 48.92 16.20
N ARG UA 19 19.05 49.66 16.88
CA ARG UA 19 18.11 50.56 16.20
C ARG UA 19 18.84 51.61 15.41
N SER UA 20 19.68 52.39 16.09
CA SER UA 20 20.37 53.49 15.43
C SER UA 20 21.37 53.02 14.37
N PRO UA 21 22.24 52.02 14.59
CA PRO UA 21 23.13 51.63 13.47
C PRO UA 21 22.45 50.92 12.32
N ALA UA 22 21.26 50.34 12.47
CA ALA UA 22 20.68 49.69 11.31
C ALA UA 22 19.79 50.63 10.54
N GLU UA 23 19.24 51.63 11.22
CA GLU UA 23 18.66 52.74 10.48
C GLU UA 23 19.75 53.48 9.73
N TRP UA 24 20.83 53.87 10.44
CA TRP UA 24 21.87 54.72 9.86
C TRP UA 24 22.64 54.03 8.75
N ASP UA 25 22.94 52.74 8.90
CA ASP UA 25 23.79 52.13 7.88
C ASP UA 25 23.00 51.78 6.63
N ARG UA 26 21.68 51.67 6.71
CA ARG UA 26 20.88 51.66 5.50
C ARG UA 26 20.37 53.05 5.16
N PHE UA 27 20.75 54.05 5.95
CA PHE UA 27 20.53 55.44 5.65
C PHE UA 27 21.69 56.07 4.92
N MET UA 28 22.92 55.70 5.29
CA MET UA 28 24.10 56.25 4.63
C MET UA 28 24.21 55.77 3.19
N ARG UA 29 23.66 54.59 2.88
CA ARG UA 29 23.55 54.19 1.50
C ARG UA 29 22.59 55.10 0.74
N PHE UA 30 21.48 55.48 1.38
CA PHE UA 30 20.55 56.42 0.77
C PHE UA 30 21.18 57.79 0.61
N MET UA 31 22.06 58.16 1.52
CA MET UA 31 22.74 59.45 1.41
C MET UA 31 23.69 59.46 0.24
N ASP UA 32 24.30 58.31 -0.06
CA ASP UA 32 25.34 58.25 -1.09
C ASP UA 32 24.77 58.50 -2.48
N ARG UA 33 23.47 58.35 -2.66
CA ARG UA 33 22.89 58.88 -3.88
C ARG UA 33 22.49 60.34 -3.71
N TYR UA 34 21.87 60.68 -2.58
CA TYR UA 34 21.21 61.97 -2.43
C TYR UA 34 21.99 62.98 -1.59
N ALA UA 35 23.29 62.82 -1.43
CA ALA UA 35 24.07 63.86 -0.77
C ALA UA 35 24.46 64.93 -1.77
N GLU UA 36 24.73 66.13 -1.26
CA GLU UA 36 25.28 67.27 -2.00
C GLU UA 36 24.37 67.72 -3.14
N ALA UA 37 23.07 67.49 -3.01
CA ALA UA 37 22.12 67.82 -4.05
C ALA UA 37 20.84 68.32 -3.40
N ASN UA 38 20.49 69.58 -3.65
CA ASN UA 38 19.38 70.22 -2.97
C ASN UA 38 18.51 70.94 -3.99
N GLY UA 39 17.60 71.77 -3.47
CA GLY UA 39 16.80 72.75 -4.18
C GLY UA 39 15.94 72.14 -5.27
N LEU UA 40 15.72 72.94 -6.32
CA LEU UA 40 15.10 72.54 -7.58
C LEU UA 40 13.66 72.08 -7.37
N GLY UA 41 12.85 73.00 -6.84
CA GLY UA 41 11.42 72.80 -6.81
C GLY UA 41 10.85 72.80 -8.21
N PHE UA 42 9.69 72.18 -8.37
CA PHE UA 42 9.27 71.92 -9.75
C PHE UA 42 7.89 72.48 -10.09
N SER UA 43 6.97 72.51 -9.12
CA SER UA 43 5.60 73.03 -9.26
C SER UA 43 4.84 72.30 -10.39
N SER UA 44 4.65 71.00 -10.17
CA SER UA 44 3.86 70.17 -11.05
C SER UA 44 3.15 69.13 -10.19
N UNK UA 45 2.29 68.35 -10.82
CA UNK UA 45 1.55 67.32 -10.10
C UNK UA 45 2.41 66.08 -9.99
N UNK UA 46 3.24 66.04 -8.94
CA UNK UA 46 4.12 64.91 -8.63
C UNK UA 46 5.05 64.58 -9.78
N UNK UA 47 5.71 65.60 -10.31
CA UNK UA 47 6.76 65.24 -11.22
C UNK UA 47 7.92 64.75 -10.38
N UNK UA 48 8.58 65.69 -9.70
CA UNK UA 48 9.87 65.48 -9.03
C UNK UA 48 10.82 64.63 -9.87
N UNK UA 49 10.85 64.91 -11.16
CA UNK UA 49 11.44 63.99 -12.12
C UNK UA 49 12.92 64.24 -12.35
N UNK UA 50 13.59 64.91 -11.42
CA UNK UA 50 15.02 65.09 -11.51
C UNK UA 50 15.75 63.79 -11.22
N UNK UA 51 16.98 63.70 -11.70
CA UNK UA 51 17.81 62.54 -11.43
C UNK UA 51 19.15 62.97 -10.80
N MET VA 1 -63.57 0.57 -6.62
CA MET VA 1 -63.58 2.02 -6.65
C MET VA 1 -63.69 2.60 -5.25
N THR VA 2 -62.74 3.45 -4.89
CA THR VA 2 -62.68 4.07 -3.57
C THR VA 2 -62.94 5.57 -3.68
N ALA VA 3 -62.96 6.22 -2.52
CA ALA VA 3 -63.02 7.68 -2.49
C ALA VA 3 -61.69 8.30 -2.90
N SER VA 4 -60.58 7.59 -2.66
CA SER VA 4 -59.28 8.08 -3.09
C SER VA 4 -59.12 7.94 -4.59
N LEU VA 5 -59.84 7.00 -5.20
CA LEU VA 5 -59.78 6.85 -6.64
C LEU VA 5 -60.65 7.90 -7.33
N SER VA 6 -61.78 8.25 -6.72
CA SER VA 6 -62.68 9.22 -7.33
C SER VA 6 -62.05 10.61 -7.34
N ASN VA 7 -61.20 10.90 -6.37
CA ASN VA 7 -60.45 12.15 -6.39
C ASN VA 7 -59.41 12.15 -7.51
N PHE VA 8 -58.85 10.98 -7.83
CA PHE VA 8 -57.73 10.94 -8.76
C PHE VA 8 -58.18 11.14 -10.20
N ILE VA 9 -59.29 10.50 -10.58
CA ILE VA 9 -59.83 10.71 -11.92
C ILE VA 9 -60.34 12.14 -12.05
N ALA VA 10 -60.82 12.72 -10.95
CA ALA VA 10 -61.22 14.12 -10.95
C ALA VA 10 -60.03 15.05 -11.17
N SER VA 11 -58.82 14.59 -10.86
CA SER VA 11 -57.63 15.39 -11.14
C SER VA 11 -57.01 15.06 -12.48
N LEU VA 12 -57.20 13.84 -12.98
CA LEU VA 12 -56.82 13.54 -14.35
C LEU VA 12 -57.63 14.35 -15.34
N ILE VA 13 -58.95 14.46 -15.07
CA ILE VA 13 -59.81 15.28 -15.92
C ILE VA 13 -59.42 16.74 -15.80
N ALA VA 14 -59.33 17.25 -14.56
CA ALA VA 14 -59.00 18.66 -14.35
C ALA VA 14 -57.58 18.99 -14.78
N GLY VA 15 -56.68 18.00 -14.75
CA GLY VA 15 -55.40 18.19 -15.39
C GLY VA 15 -55.52 18.29 -16.90
N GLY VA 16 -56.44 17.52 -17.48
CA GLY VA 16 -56.66 17.62 -18.91
C GLY VA 16 -57.51 18.83 -19.29
N VAL VA 17 -58.25 19.38 -18.33
CA VAL VA 17 -58.96 20.64 -18.58
C VAL VA 17 -57.96 21.78 -18.69
N VAL VA 18 -57.05 21.89 -17.72
CA VAL VA 18 -56.09 23.00 -17.67
C VAL VA 18 -55.15 22.94 -18.87
N VAL VA 19 -54.71 21.75 -19.25
CA VAL VA 19 -53.99 21.59 -20.51
C VAL VA 19 -54.93 21.89 -21.68
N GLY VA 20 -56.18 21.47 -21.57
CA GLY VA 20 -57.12 21.69 -22.66
C GLY VA 20 -57.59 23.13 -22.78
N VAL VA 21 -57.68 23.85 -21.67
CA VAL VA 21 -58.06 25.27 -21.74
C VAL VA 21 -56.93 26.08 -22.35
N ILE VA 22 -55.68 25.78 -21.98
CA ILE VA 22 -54.54 26.52 -22.50
C ILE VA 22 -54.33 26.21 -23.98
N ALA VA 23 -54.38 24.93 -24.35
CA ALA VA 23 -54.01 24.52 -25.70
C ALA VA 23 -55.02 25.01 -26.73
N ILE VA 24 -56.29 25.09 -26.35
CA ILE VA 24 -57.26 25.70 -27.25
C ILE VA 24 -57.02 27.21 -27.34
N ALA VA 25 -56.63 27.82 -26.22
CA ALA VA 25 -56.42 29.27 -26.19
C ALA VA 25 -55.19 29.66 -27.02
N LEU VA 26 -54.21 28.77 -27.13
CA LEU VA 26 -53.05 29.06 -27.95
C LEU VA 26 -53.38 28.99 -29.43
N ILE VA 27 -54.20 28.02 -29.82
CA ILE VA 27 -54.55 27.82 -31.23
C ILE VA 27 -55.42 28.96 -31.73
N VAL VA 28 -56.37 29.42 -30.90
CA VAL VA 28 -57.34 30.42 -31.33
C VAL VA 28 -56.68 31.76 -31.57
N ILE VA 29 -55.70 32.14 -30.73
CA ILE VA 29 -54.99 33.38 -30.96
C ILE VA 29 -54.04 33.24 -32.14
N SER VA 30 -53.33 32.11 -32.22
CA SER VA 30 -52.32 31.93 -33.26
C SER VA 30 -52.92 31.87 -34.66
N LYS VA 31 -54.19 31.48 -34.79
CA LYS VA 31 -54.86 31.61 -36.08
C LYS VA 31 -55.23 33.06 -36.34
N SER VA 32 -55.63 33.80 -35.31
CA SER VA 32 -55.98 35.21 -35.46
C SER VA 32 -54.73 36.09 -35.53
N ASP VA 33 -53.63 35.63 -34.93
CA ASP VA 33 -52.32 36.24 -35.01
C ASP VA 33 -51.41 35.47 -35.94
N ARG VA 34 -51.92 35.13 -37.14
CA ARG VA 34 -51.37 34.20 -38.13
C ARG VA 34 -49.87 34.29 -38.32
N ILE VA 35 -49.38 35.43 -38.79
CA ILE VA 35 -47.98 35.82 -38.71
C ILE VA 35 -47.90 37.31 -39.00
N ASP WA 1 -56.41 61.48 23.23
CA ASP WA 1 -55.74 61.57 21.95
C ASP WA 1 -54.25 61.78 22.12
N THR WA 2 -53.44 60.93 21.51
CA THR WA 2 -51.99 61.13 21.47
C THR WA 2 -51.74 62.30 20.55
N ARG WA 3 -51.65 63.49 21.11
CA ARG WA 3 -51.33 64.61 20.24
C ARG WA 3 -49.87 64.63 19.86
N LEU WA 4 -49.00 63.84 20.51
CA LEU WA 4 -47.60 63.73 20.10
C LEU WA 4 -47.49 63.10 18.72
N LEU WA 5 -48.06 61.91 18.58
CA LEU WA 5 -48.03 61.20 17.31
C LEU WA 5 -48.78 61.98 16.23
N VAL WA 6 -49.77 62.77 16.65
CA VAL WA 6 -50.50 63.63 15.72
C VAL WA 6 -49.70 64.91 15.46
N ILE WA 7 -48.69 65.19 16.29
CA ILE WA 7 -47.76 66.27 15.91
C ILE WA 7 -46.51 65.71 15.25
N ALA WA 8 -46.07 64.51 15.63
CA ALA WA 8 -44.77 64.00 15.17
C ALA WA 8 -44.79 63.65 13.68
N ALA WA 9 -45.93 63.18 13.17
CA ALA WA 9 -46.00 62.84 11.75
C ALA WA 9 -46.13 64.05 10.83
N PRO WA 10 -46.90 65.11 11.13
CA PRO WA 10 -46.86 66.29 10.24
C PRO WA 10 -45.52 66.99 10.22
N VAL WA 11 -44.76 66.91 11.30
CA VAL WA 11 -43.45 67.54 11.32
C VAL WA 11 -42.45 66.68 10.56
N LEU WA 12 -42.72 65.37 10.45
CA LEU WA 12 -42.07 64.58 9.41
C LEU WA 12 -42.48 65.07 8.03
N VAL WA 13 -43.78 65.32 7.85
CA VAL WA 13 -44.29 65.75 6.56
C VAL WA 13 -43.75 67.13 6.21
N ALA WA 14 -43.86 68.08 7.16
CA ALA WA 14 -43.47 69.46 6.87
C ALA WA 14 -41.96 69.60 6.68
N ALA WA 15 -41.17 68.66 7.22
CA ALA WA 15 -39.74 68.66 6.93
C ALA WA 15 -39.46 68.07 5.55
N SER WA 16 -40.10 66.95 5.24
CA SER WA 16 -39.89 66.28 3.96
C SER WA 16 -40.50 67.08 2.81
N TRP WA 17 -41.56 67.82 3.10
CA TRP WA 17 -42.18 68.67 2.08
C TRP WA 17 -41.32 69.89 1.79
N ALA WA 18 -40.68 70.44 2.83
CA ALA WA 18 -39.97 71.72 2.76
C ALA WA 18 -38.81 71.74 1.81
N LEU WA 19 -37.79 70.93 2.09
CA LEU WA 19 -36.58 70.96 1.28
C LEU WA 19 -36.83 70.37 -0.10
N PHE WA 20 -37.80 69.48 -0.20
CA PHE WA 20 -38.09 68.94 -1.53
C PHE WA 20 -38.68 69.98 -2.45
N ASN WA 21 -39.47 70.91 -1.91
CA ASN WA 21 -40.03 71.96 -2.75
C ASN WA 21 -38.97 72.93 -3.24
N ILE WA 22 -37.83 73.04 -2.55
CA ILE WA 22 -36.69 73.80 -3.04
C ILE WA 22 -36.15 73.19 -4.32
N GLY WA 23 -36.28 71.86 -4.44
CA GLY WA 23 -36.25 71.25 -5.76
C GLY WA 23 -37.31 71.83 -6.67
N ARG WA 24 -38.59 71.64 -6.32
CA ARG WA 24 -39.72 71.98 -7.20
C ARG WA 24 -39.79 73.46 -7.53
N LEU WA 25 -39.48 74.33 -6.56
CA LEU WA 25 -39.61 75.77 -6.78
C LEU WA 25 -38.58 76.26 -7.78
N ALA WA 26 -37.33 75.82 -7.63
CA ALA WA 26 -36.28 76.31 -8.51
C ALA WA 26 -36.33 75.66 -9.88
N ILE WA 27 -37.29 74.76 -10.11
CA ILE WA 27 -37.50 74.19 -11.44
C ILE WA 27 -38.65 74.89 -12.15
N GLN WA 28 -39.64 75.35 -11.39
CA GLN WA 28 -40.65 76.20 -12.00
C GLN WA 28 -40.12 77.61 -12.19
N GLN WA 29 -38.97 77.91 -11.60
CA GLN WA 29 -38.40 79.24 -11.65
C GLN WA 29 -37.49 79.42 -12.88
N ILE WA 30 -37.43 78.42 -13.77
CA ILE WA 30 -36.17 77.75 -14.17
C ILE WA 30 -35.00 78.69 -14.06
N GLN WA 31 -34.06 78.33 -13.19
CA GLN WA 31 -32.83 79.09 -13.01
C GLN WA 31 -31.72 78.09 -12.74
N ARG WA 32 -30.49 78.58 -12.67
CA ARG WA 32 -29.32 77.72 -12.78
C ARG WA 32 -29.13 76.86 -11.54
N LEU WA 33 -29.87 75.76 -11.49
CA LEU WA 33 -29.67 74.68 -10.53
C LEU WA 33 -28.23 74.20 -10.57
N MET XA 1 -43.69 83.37 27.64
CA MET XA 1 -43.46 84.16 26.44
C MET XA 1 -42.42 83.52 25.56
N ILE XA 2 -41.66 82.59 26.13
CA ILE XA 2 -40.58 81.94 25.40
C ILE XA 2 -41.14 81.05 24.30
N THR XA 3 -42.21 80.34 24.60
CA THR XA 3 -42.78 79.38 23.67
C THR XA 3 -43.35 80.06 22.44
N ALA XA 4 -43.92 81.25 22.61
CA ALA XA 4 -44.44 81.97 21.46
C ALA XA 4 -43.32 82.56 20.62
N LEU XA 5 -42.22 82.97 21.27
CA LEU XA 5 -41.11 83.55 20.52
C LEU XA 5 -40.37 82.48 19.72
N THR XA 6 -40.24 81.28 20.28
CA THR XA 6 -39.64 80.23 19.48
C THR XA 6 -40.59 79.66 18.45
N ALA XA 7 -41.90 79.83 18.64
CA ALA XA 7 -42.85 79.43 17.61
C ALA XA 7 -42.74 80.33 16.40
N LEU XA 8 -42.60 81.64 16.64
CA LEU XA 8 -42.33 82.57 15.54
C LEU XA 8 -40.97 82.31 14.93
N PHE XA 9 -40.03 81.86 15.76
CA PHE XA 9 -38.67 81.59 15.31
C PHE XA 9 -38.58 80.39 14.39
N VAL XA 10 -39.42 79.38 14.59
CA VAL XA 10 -39.45 78.25 13.68
C VAL XA 10 -40.13 78.64 12.38
N LEU XA 11 -41.19 79.43 12.46
CA LEU XA 11 -41.95 79.77 11.26
C LEU XA 11 -41.20 80.75 10.38
N VAL XA 12 -40.37 81.61 10.96
CA VAL XA 12 -39.49 82.45 10.13
C VAL XA 12 -38.44 81.58 9.46
N SER XA 13 -37.88 80.64 10.21
CA SER XA 13 -36.83 79.79 9.67
C SER XA 13 -37.34 78.80 8.64
N LEU XA 14 -38.65 78.52 8.59
CA LEU XA 14 -39.19 77.74 7.48
C LEU XA 14 -39.08 78.53 6.19
N ALA XA 15 -39.44 79.80 6.23
CA ALA XA 15 -39.32 80.66 5.06
C ALA XA 15 -37.87 80.85 4.67
N LEU XA 16 -36.98 80.88 5.66
CA LEU XA 16 -35.57 81.06 5.37
C LEU XA 16 -34.97 79.83 4.72
N VAL XA 17 -35.26 78.64 5.26
CA VAL XA 17 -34.73 77.41 4.69
C VAL XA 17 -35.27 77.21 3.28
N VAL XA 18 -36.50 77.63 3.02
CA VAL XA 18 -37.07 77.48 1.69
C VAL XA 18 -36.59 78.59 0.75
N THR XA 19 -36.89 79.84 1.07
CA THR XA 19 -36.81 80.89 0.05
C THR XA 19 -35.39 81.37 -0.21
N VAL XA 20 -34.45 81.13 0.71
CA VAL XA 20 -33.10 81.63 0.50
C VAL XA 20 -32.36 80.84 -0.61
N PRO XA 21 -32.24 79.50 -0.58
CA PRO XA 21 -31.52 78.86 -1.70
C PRO XA 21 -32.26 78.89 -3.02
N VAL XA 22 -33.58 79.08 -3.00
CA VAL XA 22 -34.30 79.33 -4.25
C VAL XA 22 -33.90 80.70 -4.80
N ALA XA 23 -33.61 81.65 -3.93
CA ALA XA 23 -33.11 82.93 -4.40
C ALA XA 23 -31.59 82.96 -4.55
N LEU XA 24 -30.87 82.03 -3.92
CA LEU XA 24 -29.43 81.95 -4.14
C LEU XA 24 -29.12 81.28 -5.48
N ALA XA 25 -29.81 80.19 -5.79
CA ALA XA 25 -29.61 79.48 -7.04
C ALA XA 25 -30.26 80.17 -8.22
N THR XA 26 -30.96 81.27 -7.98
CA THR XA 26 -31.43 82.12 -9.05
C THR XA 26 -30.36 83.16 -9.37
N PRO XA 27 -29.89 83.24 -10.61
CA PRO XA 27 -28.84 84.22 -10.94
C PRO XA 27 -29.32 85.65 -10.96
N GLY XA 28 -30.61 85.89 -11.07
CA GLY XA 28 -31.10 87.25 -11.05
C GLY XA 28 -31.57 87.72 -9.70
N GLU XA 29 -32.34 86.89 -9.00
CA GLU XA 29 -33.10 87.32 -7.83
C GLU XA 29 -32.29 87.37 -6.55
N TRP XA 30 -30.96 87.35 -6.61
CA TRP XA 30 -30.24 87.62 -5.37
C TRP XA 30 -29.91 89.10 -5.24
N GLU XA 31 -29.32 89.69 -6.28
CA GLU XA 31 -28.88 91.08 -6.21
C GLU XA 31 -30.05 92.05 -6.07
N THR XA 32 -31.25 91.63 -6.47
CA THR XA 32 -32.43 92.47 -6.35
C THR XA 32 -33.11 92.28 -5.00
N SER XA 33 -33.18 91.05 -4.52
CA SER XA 33 -33.89 90.75 -3.30
C SER XA 33 -32.99 90.66 -2.07
N LYS XA 34 -31.70 91.02 -2.20
CA LYS XA 34 -30.76 90.92 -1.09
C LYS XA 34 -31.16 91.81 0.08
N ASP XA 35 -31.76 92.96 -0.20
CA ASP XA 35 -32.25 93.81 0.86
C ASP XA 35 -33.58 93.34 1.43
N GLN XA 36 -34.21 92.32 0.82
CA GLN XA 36 -35.33 91.69 1.47
C GLN XA 36 -34.88 90.56 2.39
N PHE XA 37 -33.77 89.90 2.07
CA PHE XA 37 -33.23 88.86 2.93
C PHE XA 37 -32.32 89.41 4.01
N ASN XA 38 -31.72 90.59 3.79
CA ASN XA 38 -30.98 91.25 4.84
C ASN XA 38 -31.90 91.64 5.98
N LYS XA 39 -33.10 92.11 5.66
CA LYS XA 39 -34.06 92.51 6.69
C LYS XA 39 -34.51 91.32 7.51
N ILE XA 40 -34.58 90.15 6.90
CA ILE XA 40 -35.03 88.98 7.64
C ILE XA 40 -33.88 88.28 8.35
N PHE XA 41 -32.65 88.34 7.81
CA PHE XA 41 -31.50 87.76 8.52
C PHE XA 41 -31.19 88.56 9.77
N GLN XA 42 -31.22 89.88 9.67
CA GLN XA 42 -31.00 90.74 10.84
C GLN XA 42 -32.11 90.56 11.86
N LEU XA 43 -33.33 90.32 11.39
CA LEU XA 43 -34.44 90.02 12.27
C LEU XA 43 -34.29 88.66 12.92
N TRP XA 44 -33.67 87.72 12.21
CA TRP XA 44 -33.59 86.35 12.70
C TRP XA 44 -32.61 86.24 13.86
N VAL XA 45 -31.43 86.84 13.70
CA VAL XA 45 -30.44 86.83 14.78
C VAL XA 45 -30.91 87.72 15.93
N GLY XA 46 -31.57 88.82 15.61
CA GLY XA 46 -32.15 89.68 16.63
C GLY XA 46 -33.33 89.05 17.36
N LEU XA 47 -33.80 87.89 16.88
CA LEU XA 47 -34.76 87.09 17.63
C LEU XA 47 -34.06 86.02 18.46
N VAL XA 48 -32.90 85.53 18.00
CA VAL XA 48 -32.07 84.65 18.81
C VAL XA 48 -31.60 85.38 20.06
N VAL XA 49 -31.21 86.64 19.90
CA VAL XA 49 -30.76 87.43 21.04
C VAL XA 49 -31.92 87.70 21.99
N ALA XA 50 -33.10 88.00 21.44
CA ALA XA 50 -34.25 88.26 22.29
C ALA XA 50 -34.85 86.98 22.89
N ILE XA 51 -34.43 85.81 22.43
CA ILE XA 51 -34.86 84.56 23.08
C ILE XA 51 -33.79 84.04 24.02
N ALA XA 52 -32.54 84.45 23.87
CA ALA XA 52 -31.53 84.07 24.84
C ALA XA 52 -31.63 84.87 26.12
N THR XA 53 -32.09 86.11 26.04
CA THR XA 53 -32.36 86.87 27.24
C THR XA 53 -33.53 86.28 28.01
N ALA XA 54 -34.50 85.73 27.29
CA ALA XA 54 -35.70 85.22 27.92
C ALA XA 54 -35.40 84.00 28.78
N ASP XA 55 -34.60 83.07 28.26
CA ASP XA 55 -34.12 81.97 29.10
C ASP XA 55 -33.16 82.48 30.17
N GLY XA 56 -32.36 83.49 29.82
CA GLY XA 56 -31.39 84.00 30.78
C GLY XA 56 -32.04 84.67 31.97
N ILE XA 57 -33.07 85.46 31.74
CA ILE XA 57 -33.79 86.07 32.85
C ILE XA 57 -34.67 85.06 33.54
N SER XA 58 -35.48 84.33 32.79
CA SER XA 58 -36.50 83.50 33.40
C SER XA 58 -36.01 82.11 33.78
N THR XA 59 -34.71 81.90 33.90
CA THR XA 59 -34.25 80.76 34.73
C THR XA 59 -33.86 81.27 36.11
N ALA XA 60 -32.84 82.11 36.18
CA ALA XA 60 -32.46 82.76 37.41
C ALA XA 60 -33.39 83.95 37.56
N ILE XA 61 -34.60 83.70 38.06
CA ILE XA 61 -35.68 84.67 37.95
C ILE XA 61 -35.50 85.81 38.93
N ALA YA 1 -31.55 115.20 10.52
CA ALA YA 1 -31.64 115.88 11.80
C ALA YA 1 -30.41 115.55 12.62
N PHE YA 2 -29.97 116.43 13.52
CA PHE YA 2 -28.80 116.10 14.32
C PHE YA 2 -29.17 115.96 15.80
N GLU YA 3 -29.64 117.05 16.40
CA GLU YA 3 -30.32 117.00 17.68
C GLU YA 3 -31.49 117.98 17.79
N ASP YA 4 -31.60 118.93 16.87
CA ASP YA 4 -32.63 119.95 16.93
C ASP YA 4 -33.99 119.36 16.65
N GLU YA 5 -35.02 119.98 17.25
CA GLU YA 5 -36.48 119.75 17.06
C GLU YA 5 -36.87 118.28 17.16
N LEU YA 6 -36.12 117.50 17.92
CA LEU YA 6 -36.42 116.09 18.15
C LEU YA 6 -37.10 115.92 19.50
N GLY YA 7 -38.07 115.02 19.54
CA GLY YA 7 -38.78 114.72 20.76
C GLY YA 7 -40.06 115.48 20.97
N ALA YA 8 -40.42 116.38 20.06
CA ALA YA 8 -41.71 117.05 20.08
C ALA YA 8 -42.69 116.15 19.33
N GLN YA 9 -43.60 115.51 20.06
CA GLN YA 9 -44.46 114.46 19.53
C GLN YA 9 -45.81 114.54 20.23
N PRO YA 10 -46.89 114.14 19.55
CA PRO YA 10 -48.23 114.23 20.18
C PRO YA 10 -48.39 113.23 21.29
N PRO YA 11 -49.40 113.37 22.18
CA PRO YA 11 -50.56 114.25 22.30
C PRO YA 11 -50.19 115.66 22.74
N LEU YA 12 -48.94 115.81 23.21
CA LEU YA 12 -48.49 117.12 23.63
C LEU YA 12 -47.91 117.90 22.45
N GLY YA 13 -46.84 117.38 21.86
CA GLY YA 13 -46.14 118.13 20.83
C GLY YA 13 -45.05 118.99 21.42
N PHE YA 14 -45.15 120.29 21.22
CA PHE YA 14 -44.16 121.24 21.71
C PHE YA 14 -44.58 121.78 23.07
N PHE YA 15 -43.60 121.96 23.96
CA PHE YA 15 -43.86 122.34 25.34
C PHE YA 15 -43.03 123.56 25.72
N ASP YA 16 -43.67 124.71 25.78
CA ASP YA 16 -43.13 125.86 26.51
C ASP YA 16 -44.28 126.69 27.10
N PRO YA 17 -44.74 126.35 28.30
CA PRO YA 17 -45.37 127.38 29.13
C PRO YA 17 -44.37 128.26 29.82
N LEU YA 18 -43.17 127.75 30.07
CA LEU YA 18 -42.25 128.41 30.99
C LEU YA 18 -41.55 129.61 30.35
N GLY YA 19 -40.91 129.40 29.20
CA GLY YA 19 -40.16 130.44 28.54
C GLY YA 19 -38.69 130.14 28.36
N LEU YA 20 -38.26 128.92 28.66
CA LEU YA 20 -36.83 128.62 28.75
C LEU YA 20 -36.24 128.24 27.39
N VAL YA 21 -37.08 127.93 26.40
CA VAL YA 21 -36.63 127.86 25.01
C VAL YA 21 -37.03 129.13 24.25
N UNK YA 22 -37.93 129.94 24.82
CA UNK YA 22 -38.25 131.25 24.27
C UNK YA 22 -37.11 132.27 24.40
N UNK YA 23 -36.03 131.91 25.11
CA UNK YA 23 -34.71 132.55 25.06
C UNK YA 23 -34.64 133.95 25.64
N UNK YA 24 -35.76 134.47 26.15
CA UNK YA 24 -35.78 135.80 26.73
C UNK YA 24 -36.56 135.87 28.04
N UNK YA 25 -37.17 134.77 28.47
CA UNK YA 25 -38.10 134.85 29.60
C UNK YA 25 -37.42 134.67 30.95
N UNK YA 26 -36.87 133.48 31.21
CA UNK YA 26 -36.53 133.11 32.58
C UNK YA 26 -35.20 132.37 32.61
N UNK YA 27 -34.43 132.68 33.67
CA UNK YA 27 -33.04 132.27 33.88
C UNK YA 27 -32.12 132.69 32.73
N UNK YA 28 -32.52 133.69 31.95
CA UNK YA 28 -31.86 134.00 30.70
C UNK YA 28 -30.63 134.87 30.97
N ASP YA 29 -29.62 134.70 30.14
CA ASP YA 29 -28.36 135.44 30.11
C ASP YA 29 -27.54 135.32 31.39
N GLY YA 30 -27.93 134.47 32.34
CA GLY YA 30 -27.08 134.25 33.49
C GLY YA 30 -25.87 133.45 33.06
N ASP YA 31 -26.06 132.15 32.84
CA ASP YA 31 -24.96 131.20 32.67
C ASP YA 31 -25.46 130.01 31.85
N GLN YA 32 -24.61 129.55 30.93
CA GLN YA 32 -24.69 128.29 30.16
C GLN YA 32 -26.10 127.97 29.64
N GLU YA 33 -26.76 129.01 29.14
CA GLU YA 33 -28.14 128.87 28.66
C GLU YA 33 -28.21 128.43 27.20
N LYS YA 34 -27.13 127.88 26.65
CA LYS YA 34 -27.14 127.32 25.31
C LYS YA 34 -28.11 126.16 25.25
N PHE YA 35 -29.04 126.23 24.30
CA PHE YA 35 -30.11 125.24 24.24
C PHE YA 35 -29.57 123.87 23.87
N ASP YA 36 -28.51 123.84 23.08
CA ASP YA 36 -27.93 122.57 22.66
C ASP YA 36 -27.23 121.87 23.81
N ARG YA 37 -26.83 122.60 24.83
CA ARG YA 37 -26.44 121.95 26.08
C ARG YA 37 -27.66 121.28 26.70
N LEU YA 38 -28.68 122.07 27.05
CA LEU YA 38 -29.93 121.59 27.64
C LEU YA 38 -30.62 120.53 26.81
N ARG YA 39 -30.47 120.61 25.49
CA ARG YA 39 -30.90 119.54 24.60
C ARG YA 39 -30.18 118.25 24.92
N TYR YA 40 -28.86 118.33 25.03
CA TYR YA 40 -28.11 117.14 25.39
C TYR YA 40 -28.42 116.71 26.82
N VAL YA 41 -28.36 117.64 27.77
CA VAL YA 41 -28.39 117.35 29.20
C VAL YA 41 -29.69 116.62 29.59
N GLU YA 42 -30.72 116.79 28.78
CA GLU YA 42 -31.89 115.91 28.84
C GLU YA 42 -31.56 114.48 28.46
N ILE YA 43 -30.78 114.26 27.39
CA ILE YA 43 -30.57 112.92 26.85
C ILE YA 43 -29.74 112.08 27.83
N LYS YA 44 -28.68 112.66 28.41
CA LYS YA 44 -27.80 111.90 29.28
C LYS YA 44 -28.50 111.50 30.56
N HIS YA 45 -29.29 112.42 31.14
CA HIS YA 45 -30.14 112.04 32.26
C HIS YA 45 -31.16 110.99 31.84
N GLY YA 46 -31.56 111.00 30.58
CA GLY YA 46 -32.43 109.95 30.11
C GLY YA 46 -31.71 108.64 29.99
N ARG YA 47 -30.50 108.67 29.48
CA ARG YA 47 -29.71 107.46 29.31
C ARG YA 47 -29.35 106.83 30.63
N ILE YA 48 -28.96 107.66 31.60
CA ILE YA 48 -28.62 107.13 32.91
C ILE YA 48 -29.86 106.61 33.61
N SER YA 49 -31.01 107.25 33.37
CA SER YA 49 -32.26 106.77 33.96
C SER YA 49 -32.72 105.47 33.32
N MET YA 50 -32.45 105.29 32.03
CA MET YA 50 -32.86 104.05 31.37
C MET YA 50 -32.07 102.88 31.91
N LEU YA 51 -30.76 103.05 32.11
CA LEU YA 51 -29.98 101.99 32.74
C LEU YA 51 -30.32 101.87 34.22
N ALA YA 52 -30.73 102.98 34.84
CA ALA YA 52 -31.08 102.92 36.26
C ALA YA 52 -32.35 102.11 36.47
N VAL YA 53 -33.36 102.31 35.64
CA VAL YA 53 -34.63 101.60 35.82
C VAL YA 53 -34.47 100.12 35.46
N VAL YA 54 -33.88 99.85 34.29
CA VAL YA 54 -33.74 98.48 33.81
C VAL YA 54 -32.79 97.71 34.72
N GLY YA 55 -31.70 98.35 35.12
CA GLY YA 55 -30.78 97.71 36.04
C GLY YA 55 -31.36 97.48 37.40
N TYR YA 56 -32.30 98.31 37.81
CA TYR YA 56 -32.93 98.13 39.09
C TYR YA 56 -33.90 96.96 39.08
N LEU YA 57 -34.56 96.69 37.95
CA LEU YA 57 -35.41 95.53 37.84
C LEU YA 57 -34.61 94.24 37.97
N VAL YA 58 -33.45 94.19 37.30
CA VAL YA 58 -32.60 93.02 37.35
C VAL YA 58 -32.01 92.84 38.75
N GLN YA 59 -31.80 93.94 39.48
CA GLN YA 59 -31.39 93.83 40.88
C GLN YA 59 -32.51 93.31 41.76
N GLU YA 60 -33.72 93.86 41.61
CA GLU YA 60 -34.80 93.48 42.50
C GLU YA 60 -35.36 92.12 42.15
N ALA YA 61 -35.17 91.65 40.93
CA ALA YA 61 -35.64 90.31 40.59
C ALA YA 61 -34.80 89.22 41.23
N GLY YA 62 -33.69 89.56 41.89
CA GLY YA 62 -32.82 88.57 42.47
C GLY YA 62 -31.80 88.02 41.52
N VAL YA 63 -31.78 88.50 40.28
CA VAL YA 63 -30.71 88.15 39.33
C VAL YA 63 -29.40 88.68 39.88
N ARG YA 64 -28.52 87.78 40.26
CA ARG YA 64 -27.27 88.19 40.89
C ARG YA 64 -26.13 87.40 40.30
N LEU YA 65 -24.98 88.05 40.16
CA LEU YA 65 -23.75 87.37 39.81
C LEU YA 65 -23.40 86.43 40.97
N PRO YA 66 -23.06 85.18 40.71
CA PRO YA 66 -22.76 84.27 41.83
C PRO YA 66 -21.30 84.36 42.25
N GLY YA 67 -21.08 84.51 43.55
CA GLY YA 67 -19.74 84.56 44.09
C GLY YA 67 -19.66 85.58 45.20
N THR YA 68 -18.46 86.11 45.39
CA THR YA 68 -18.20 87.18 46.35
C THR YA 68 -17.81 88.45 45.62
N ILE YA 69 -18.29 89.59 46.10
CA ILE YA 69 -17.89 90.84 45.46
C ILE YA 69 -16.53 91.30 45.96
N ASP YA 70 -16.13 90.93 47.17
CA ASP YA 70 -14.80 91.26 47.63
C ASP YA 70 -14.21 90.08 48.36
N TYR YA 71 -12.98 90.26 48.82
CA TYR YA 71 -12.31 89.25 49.63
C TYR YA 71 -12.12 89.72 51.06
N SER YA 72 -12.83 90.78 51.44
CA SER YA 72 -13.00 91.18 52.83
C SER YA 72 -14.33 90.73 53.40
N GLY YA 73 -15.10 89.96 52.64
CA GLY YA 73 -16.21 89.20 53.18
C GLY YA 73 -17.63 89.56 52.76
N LYS YA 74 -17.82 90.25 51.64
CA LYS YA 74 -19.17 90.50 51.13
C LYS YA 74 -19.39 89.63 49.90
N THR YA 75 -20.44 88.81 49.94
CA THR YA 75 -20.88 88.11 48.75
C THR YA 75 -21.82 89.04 47.98
N PHE YA 76 -22.20 88.63 46.76
CA PHE YA 76 -23.10 89.47 45.98
C PHE YA 76 -24.51 89.47 46.56
N ALA YA 77 -24.88 88.39 47.25
CA ALA YA 77 -26.21 88.33 47.84
C ALA YA 77 -26.34 89.26 49.03
N GLU YA 78 -25.24 89.56 49.71
CA GLU YA 78 -25.29 90.40 50.90
C GLU YA 78 -25.54 91.86 50.58
N ILE YA 79 -25.33 92.28 49.34
CA ILE YA 79 -25.76 93.61 48.93
C ILE YA 79 -27.29 93.64 48.93
N PRO YA 80 -27.93 94.61 49.56
CA PRO YA 80 -29.39 94.64 49.58
C PRO YA 80 -29.93 94.95 48.19
N ASN YA 81 -31.17 94.57 47.99
CA ASN YA 81 -31.88 94.93 46.78
C ASN YA 81 -32.73 96.13 47.13
N GLY YA 82 -32.24 97.31 46.80
CA GLY YA 82 -32.96 98.52 47.10
C GLY YA 82 -32.07 99.73 46.93
N PHE YA 83 -32.25 100.70 47.83
CA PHE YA 83 -31.53 101.95 47.69
C PHE YA 83 -30.20 101.90 48.39
N ALA YA 84 -30.10 101.25 49.54
CA ALA YA 84 -28.82 101.17 50.24
C ALA YA 84 -27.83 100.20 49.59
N ALA YA 85 -28.06 99.78 48.35
CA ALA YA 85 -27.16 98.84 47.69
C ALA YA 85 -25.84 99.49 47.29
N PHE YA 86 -25.86 100.77 46.93
CA PHE YA 86 -24.59 101.46 46.71
C PHE YA 86 -23.90 101.82 48.02
N LYS YA 87 -24.62 101.78 49.14
CA LYS YA 87 -23.94 101.91 50.42
C LYS YA 87 -23.16 100.65 50.73
N GLU YA 88 -23.85 99.51 50.82
CA GLU YA 88 -23.21 98.24 51.19
C GLU YA 88 -22.39 97.74 50.02
N ILE YA 89 -21.18 98.29 49.89
CA ILE YA 89 -20.21 97.95 48.86
C ILE YA 89 -18.91 98.37 49.53
N PRO YA 90 -17.75 97.82 49.18
CA PRO YA 90 -16.51 98.45 49.63
C PRO YA 90 -16.39 99.81 49.00
N ALA YA 91 -15.92 100.79 49.78
CA ALA YA 91 -15.73 102.14 49.27
C ALA YA 91 -14.68 102.16 48.18
N GLY YA 92 -13.63 101.35 48.31
CA GLY YA 92 -12.67 101.19 47.24
C GLY YA 92 -13.24 100.54 46.00
N GLY YA 93 -14.29 99.73 46.18
CA GLY YA 93 -15.09 99.34 45.05
C GLY YA 93 -15.73 100.54 44.37
N LEU YA 94 -16.41 101.37 45.16
CA LEU YA 94 -17.10 102.55 44.62
C LEU YA 94 -16.14 103.57 44.06
N VAL YA 95 -14.86 103.54 44.50
CA VAL YA 95 -13.82 104.29 43.81
C VAL YA 95 -13.72 103.83 42.38
N GLN YA 96 -13.71 102.53 42.20
CA GLN YA 96 -13.38 101.94 40.93
C GLN YA 96 -14.53 102.10 39.94
N LEU YA 97 -15.78 101.96 40.40
CA LEU YA 97 -16.95 102.23 39.56
C LEU YA 97 -16.92 103.65 38.99
N LEU YA 98 -16.78 104.64 39.88
CA LEU YA 98 -16.75 106.03 39.47
C LEU YA 98 -15.56 106.35 38.58
N PHE YA 99 -14.44 105.65 38.78
CA PHE YA 99 -13.25 105.86 37.96
C PHE YA 99 -13.50 105.47 36.51
N PHE YA 100 -14.00 104.26 36.29
CA PHE YA 100 -14.26 103.83 34.92
C PHE YA 100 -15.44 104.57 34.30
N ILE YA 101 -16.36 105.07 35.13
CA ILE YA 101 -17.31 106.06 34.64
C ILE YA 101 -16.57 107.29 34.17
N GLY YA 102 -15.59 107.74 34.96
CA GLY YA 102 -14.83 108.92 34.60
C GLY YA 102 -13.91 108.73 33.40
N VAL YA 103 -13.49 107.49 33.16
CA VAL YA 103 -12.64 107.22 31.98
C VAL YA 103 -13.47 107.34 30.71
N LEU YA 104 -14.69 106.79 30.74
CA LEU YA 104 -15.67 107.07 29.70
C LEU YA 104 -15.92 108.55 29.59
N GLU YA 105 -15.97 109.21 30.73
CA GLU YA 105 -16.34 110.61 30.78
C GLU YA 105 -15.25 111.56 30.31
N SER YA 106 -14.01 111.24 30.54
CA SER YA 106 -13.02 112.16 30.02
C SER YA 106 -12.66 111.83 28.57
N SER YA 107 -12.54 110.56 28.23
CA SER YA 107 -12.09 110.23 26.89
C SER YA 107 -13.15 109.54 26.02
N VAL YA 108 -13.63 108.38 26.45
CA VAL YA 108 -14.14 107.39 25.49
C VAL YA 108 -15.50 107.78 24.92
N MET YA 109 -16.52 107.86 25.77
CA MET YA 109 -17.87 108.15 25.29
C MET YA 109 -18.26 109.54 25.76
N ARG YA 110 -18.96 110.28 24.91
CA ARG YA 110 -18.64 111.65 24.48
C ARG YA 110 -18.15 112.54 25.64
N ASP YA 111 -19.04 113.06 26.49
CA ASP YA 111 -18.93 113.93 27.65
C ASP YA 111 -18.03 115.16 27.45
N LEU YA 112 -17.67 115.51 26.21
CA LEU YA 112 -17.32 116.89 25.84
C LEU YA 112 -18.34 117.30 24.81
N THR YA 113 -18.82 116.30 24.07
CA THR YA 113 -19.64 116.53 22.90
C THR YA 113 -21.05 116.94 23.30
N UNK YA 114 -21.61 117.89 22.56
CA UNK YA 114 -22.96 118.34 22.81
C UNK YA 114 -23.99 117.48 22.11
N UNK YA 115 -23.56 116.61 21.19
CA UNK YA 115 -24.42 115.59 20.63
C UNK YA 115 -24.07 114.25 21.25
N UNK YA 116 -24.61 113.19 20.68
CA UNK YA 116 -24.30 111.85 21.18
C UNK YA 116 -23.10 111.25 20.47
N UNK YA 117 -22.69 110.08 20.96
CA UNK YA 117 -21.46 109.42 20.54
C UNK YA 117 -21.65 108.71 19.20
N UNK YA 118 -20.78 107.71 18.95
CA UNK YA 118 -20.75 107.08 17.63
C UNK YA 118 -21.55 105.78 17.56
N UNK YA 119 -22.01 105.26 18.71
CA UNK YA 119 -22.44 103.87 18.89
C UNK YA 119 -23.46 103.29 17.91
N UNK YA 120 -24.50 104.06 17.53
CA UNK YA 120 -25.36 103.77 16.37
C UNK YA 120 -26.12 102.44 16.45
N UNK YA 121 -27.20 102.39 17.22
CA UNK YA 121 -27.68 101.19 17.92
C UNK YA 121 -27.90 99.93 17.10
N UNK YA 122 -26.95 99.00 17.17
CA UNK YA 122 -27.27 97.59 16.92
C UNK YA 122 -26.75 96.61 17.96
N UNK YA 123 -25.46 96.28 17.84
CA UNK YA 123 -24.88 95.18 18.61
C UNK YA 123 -23.51 95.47 19.19
N UNK YA 124 -22.60 95.79 18.29
CA UNK YA 124 -21.17 95.66 18.46
C UNK YA 124 -20.50 96.83 17.76
N UNK YA 125 -19.22 96.68 17.44
CA UNK YA 125 -18.50 97.71 16.72
C UNK YA 125 -19.00 97.90 15.28
N UNK YA 126 -19.80 96.96 14.76
CA UNK YA 126 -20.33 97.08 13.40
C UNK YA 126 -21.23 98.29 13.25
N UNK YA 127 -22.08 98.54 14.25
CA UNK YA 127 -22.85 99.79 14.43
C UNK YA 127 -23.77 100.07 13.24
N UNK YA 128 -24.80 99.23 13.11
CA UNK YA 128 -25.82 99.42 12.10
C UNK YA 128 -26.55 100.74 12.34
N THR YA 129 -26.34 101.69 11.43
CA THR YA 129 -26.79 103.06 11.60
C THR YA 129 -28.09 103.29 10.85
N PHE YA 130 -28.89 104.22 11.32
CA PHE YA 130 -30.18 104.47 10.69
C PHE YA 130 -30.02 105.57 9.67
N ASP YA 131 -30.82 105.52 8.61
CA ASP YA 131 -30.46 106.37 7.48
C ASP YA 131 -31.19 107.70 7.41
N GLU YA 132 -32.48 107.69 7.06
CA GLU YA 132 -33.13 108.99 6.89
C GLU YA 132 -34.44 109.15 7.65
N GLU YA 133 -35.41 108.28 7.38
CA GLU YA 133 -36.77 108.55 7.79
C GLU YA 133 -37.06 107.97 9.16
N THR YA 134 -36.58 106.75 9.38
CA THR YA 134 -36.73 106.05 10.64
C THR YA 134 -35.93 106.71 11.75
N GLN YA 135 -34.80 107.31 11.41
CA GLN YA 135 -33.88 107.87 12.39
C GLN YA 135 -34.46 109.09 13.10
N PHE YA 136 -35.25 109.90 12.39
CA PHE YA 136 -35.91 111.04 13.02
C PHE YA 136 -36.89 110.60 14.08
N LYS YA 137 -37.51 109.43 13.87
CA LYS YA 137 -38.40 108.86 14.87
C LYS YA 137 -37.60 108.34 16.06
N LYS YA 138 -36.64 107.45 15.80
CA LYS YA 138 -36.06 106.65 16.88
C LYS YA 138 -35.07 107.43 17.73
N ARG YA 139 -34.51 108.53 17.22
CA ARG YA 139 -33.76 109.40 18.10
C ARG YA 139 -34.69 110.11 19.07
N ALA YA 140 -35.90 110.40 18.62
CA ALA YA 140 -36.88 111.02 19.50
C ALA YA 140 -37.58 109.98 20.35
N ILE YA 141 -37.58 108.71 19.92
CA ILE YA 141 -38.00 107.64 20.80
C ILE YA 141 -37.08 107.53 21.99
N GLU YA 142 -35.76 107.58 21.75
CA GLU YA 142 -34.77 107.55 22.82
C GLU YA 142 -34.96 108.69 23.81
N LEU YA 143 -35.41 109.83 23.33
CA LEU YA 143 -35.77 110.92 24.23
C LEU YA 143 -36.99 110.57 25.07
N ASN YA 144 -38.04 110.04 24.45
CA ASN YA 144 -39.25 109.73 25.20
C ASN YA 144 -39.04 108.50 26.07
N GLN YA 145 -38.21 107.56 25.63
CA GLN YA 145 -37.78 106.47 26.51
C GLN YA 145 -36.92 107.00 27.63
N GLY YA 146 -36.14 108.04 27.36
CA GLY YA 146 -35.33 108.63 28.40
C GLY YA 146 -36.16 109.30 29.47
N ARG YA 147 -37.18 110.06 29.06
CA ARG YA 147 -37.98 110.83 30.00
C ARG YA 147 -38.84 109.93 30.87
N ALA YA 148 -39.40 108.88 30.27
CA ALA YA 148 -40.22 107.94 31.04
C ALA YA 148 -39.40 107.23 32.09
N ALA YA 149 -38.13 106.97 31.80
CA ALA YA 149 -37.24 106.43 32.81
C ALA YA 149 -36.86 107.48 33.83
N GLN YA 150 -36.72 108.74 33.39
CA GLN YA 150 -36.44 109.83 34.33
C GLN YA 150 -37.60 110.02 35.29
N MET YA 151 -38.83 109.88 34.82
CA MET YA 151 -39.92 109.90 35.76
C MET YA 151 -39.97 108.59 36.54
N GLY YA 152 -39.53 107.50 35.94
CA GLY YA 152 -39.68 106.20 36.56
C GLY YA 152 -38.71 105.96 37.70
N ILE YA 153 -37.46 106.39 37.53
CA ILE YA 153 -36.48 106.09 38.57
C ILE YA 153 -36.68 106.98 39.79
N LEU YA 154 -37.28 108.16 39.61
CA LEU YA 154 -37.43 109.07 40.73
C LEU YA 154 -38.71 108.82 41.51
N ALA YA 155 -39.76 108.44 40.78
CA ALA YA 155 -40.91 107.74 41.34
C ALA YA 155 -40.47 106.73 42.36
N LEU YA 156 -39.65 105.81 41.88
CA LEU YA 156 -39.04 104.76 42.67
C LEU YA 156 -38.26 105.29 43.86
N MET YA 157 -37.49 106.37 43.66
CA MET YA 157 -36.77 107.02 44.78
C MET YA 157 -37.73 107.47 45.87
N VAL YA 158 -38.91 107.97 45.46
CA VAL YA 158 -39.90 108.40 46.43
C VAL YA 158 -40.56 107.20 47.11
N HIS YA 159 -40.61 106.05 46.42
CA HIS YA 159 -41.31 104.87 46.94
C HIS YA 159 -40.77 104.30 48.24
N GLU YA 160 -39.56 103.75 48.22
CA GLU YA 160 -39.21 102.79 49.26
C GLU YA 160 -38.48 103.41 50.44
N GLN YA 161 -37.89 104.60 50.26
CA GLN YA 161 -37.46 105.36 51.43
C GLN YA 161 -38.68 105.79 52.23
N LEU YA 162 -39.83 105.93 51.57
CA LEU YA 162 -41.10 106.10 52.25
C LEU YA 162 -41.87 104.80 52.41
N GLY YA 163 -41.46 103.72 51.72
CA GLY YA 163 -42.13 102.44 51.84
C GLY YA 163 -41.22 101.26 52.11
N VAL YA 164 -41.42 100.17 51.37
CA VAL YA 164 -40.64 98.93 51.49
C VAL YA 164 -40.19 98.52 50.09
N SER YA 165 -39.28 97.54 50.00
CA SER YA 165 -38.59 97.23 48.74
C SER YA 165 -39.57 96.71 47.69
N LEU YA 166 -39.13 96.67 46.42
CA LEU YA 166 -40.03 96.24 45.34
C LEU YA 166 -40.45 94.79 45.48
N LEU YA 167 -39.62 93.97 46.13
CA LEU YA 167 -40.09 92.62 46.43
C LEU YA 167 -41.20 92.63 47.48
N PRO YA 168 -41.12 93.39 48.60
CA PRO YA 168 -42.35 93.55 49.40
C PRO YA 168 -43.35 94.54 48.83
N UNK YA 169 -42.97 95.47 47.95
CA UNK YA 169 -44.03 96.29 47.32
C UNK YA 169 -44.83 95.48 46.31
N UNK YA 170 -44.27 94.40 45.80
CA UNK YA 170 -45.02 93.43 45.01
C UNK YA 170 -45.43 92.21 45.82
N UNK YA 171 -45.16 92.19 47.12
CA UNK YA 171 -45.72 91.19 48.01
C UNK YA 171 -46.68 91.78 49.03
N UNK YA 172 -47.15 93.01 48.82
CA UNK YA 172 -48.07 93.66 49.74
C UNK YA 172 -48.95 94.61 48.96
N UNK YA 173 -49.53 95.57 49.67
CA UNK YA 173 -50.43 96.54 49.06
C UNK YA 173 -49.68 97.50 48.14
N UNK YA 174 -50.10 97.53 46.88
CA UNK YA 174 -49.70 98.54 45.92
C UNK YA 174 -50.97 99.15 45.36
N UNK YA 175 -50.87 100.38 44.85
CA UNK YA 175 -51.93 101.40 44.74
C UNK YA 175 -53.34 100.96 44.41
N UNK YA 176 -53.53 100.28 43.28
CA UNK YA 176 -54.87 99.90 42.86
C UNK YA 176 -55.33 98.64 43.61
N UNK YA 177 -56.50 98.13 43.24
CA UNK YA 177 -57.03 96.96 43.93
C UNK YA 177 -56.35 95.68 43.45
N UNK YA 178 -56.38 95.44 42.13
CA UNK YA 178 -55.84 94.25 41.45
C UNK YA 178 -56.35 92.94 42.05
N GLU ZA 1 80.62 39.19 -3.53
CA GLU ZA 1 79.49 38.89 -4.40
C GLU ZA 1 79.37 37.38 -4.60
N ASN ZA 2 79.70 36.92 -5.81
CA ASN ZA 2 79.90 35.49 -6.03
C ASN ZA 2 81.10 34.97 -5.25
N GLU ZA 3 82.12 35.81 -5.09
CA GLU ZA 3 83.35 35.45 -4.39
C GLU ZA 3 83.25 35.61 -2.88
N LEU ZA 4 82.03 35.65 -2.35
CA LEU ZA 4 81.80 35.77 -0.92
C LEU ZA 4 82.16 34.47 -0.22
N GLY ZA 5 82.59 34.60 1.04
CA GLY ZA 5 82.96 33.43 1.82
C GLY ZA 5 84.29 32.84 1.45
N ALA ZA 6 85.09 33.56 0.68
CA ALA ZA 6 86.34 33.06 0.15
C ALA ZA 6 87.55 33.62 0.87
N GLN ZA 7 87.48 33.76 2.19
CA GLN ZA 7 88.55 34.31 3.00
C GLN ZA 7 89.75 33.36 3.04
N PRO ZA 8 90.96 33.86 3.27
CA PRO ZA 8 92.13 32.98 3.37
C PRO ZA 8 92.05 32.10 4.60
N PRO ZA 9 92.78 30.97 4.61
CA PRO ZA 9 93.59 30.34 3.56
C PRO ZA 9 92.82 29.31 2.77
N LEU ZA 10 91.55 29.60 2.49
CA LEU ZA 10 90.71 28.57 1.90
C LEU ZA 10 90.15 29.02 0.56
N GLY ZA 11 89.58 30.22 0.51
CA GLY ZA 11 89.02 30.71 -0.74
C GLY ZA 11 87.74 29.96 -1.06
N PHE ZA 12 87.60 29.55 -2.32
CA PHE ZA 12 86.52 28.65 -2.72
C PHE ZA 12 86.90 27.23 -2.35
N PHE ZA 13 86.12 26.60 -1.46
CA PHE ZA 13 86.42 25.26 -0.97
C PHE ZA 13 85.18 24.38 -1.13
N ASP ZA 14 85.12 23.65 -2.24
CA ASP ZA 14 84.07 22.66 -2.46
C ASP ZA 14 84.76 21.37 -2.88
N PRO ZA 15 85.28 20.60 -1.92
CA PRO ZA 15 86.16 19.49 -2.27
C PRO ZA 15 85.45 18.29 -2.86
N LEU ZA 16 84.20 18.06 -2.50
CA LEU ZA 16 83.48 16.88 -2.95
C LEU ZA 16 82.73 17.10 -4.25
N GLY ZA 17 82.83 18.29 -4.85
CA GLY ZA 17 82.39 18.53 -6.20
C GLY ZA 17 80.90 18.48 -6.43
N LEU ZA 18 80.09 18.59 -5.36
CA LEU ZA 18 78.63 18.62 -5.52
C LEU ZA 18 78.21 19.88 -6.26
N VAL ZA 19 78.91 20.98 -6.00
CA VAL ZA 19 78.51 22.32 -6.43
C VAL ZA 19 79.43 22.85 -7.52
N GLU ZA 20 80.62 22.29 -7.64
CA GLU ZA 20 81.45 22.55 -8.82
C GLU ZA 20 80.76 21.84 -9.97
N ASP ZA 21 79.79 22.54 -10.57
CA ASP ZA 21 78.78 21.95 -11.42
C ASP ZA 21 78.71 22.70 -12.74
N GLY ZA 22 78.89 24.01 -12.66
CA GLY ZA 22 78.57 24.91 -13.77
C GLY ZA 22 77.27 25.65 -13.58
N ASN ZA 23 76.37 25.15 -12.74
CA ASN ZA 23 75.15 25.85 -12.38
C ASN ZA 23 75.47 26.73 -11.18
N GLN ZA 24 75.53 28.04 -11.42
CA GLN ZA 24 75.62 28.96 -10.30
C GLN ZA 24 74.26 29.26 -9.68
N ALA ZA 25 73.16 29.01 -10.39
CA ALA ZA 25 71.83 29.30 -9.84
C ALA ZA 25 71.49 28.39 -8.68
N LYS ZA 26 72.00 27.16 -8.71
CA LYS ZA 26 71.97 26.35 -7.50
C LYS ZA 26 72.88 26.94 -6.43
N PHE ZA 27 74.14 27.26 -6.80
CA PHE ZA 27 75.11 27.88 -5.90
C PHE ZA 27 74.60 29.20 -5.34
N ASP ZA 28 73.75 29.86 -6.10
CA ASP ZA 28 73.00 30.99 -5.60
C ASP ZA 28 72.16 30.61 -4.38
N ARG ZA 29 71.14 29.75 -4.56
CA ARG ZA 29 70.23 29.40 -3.46
C ARG ZA 29 70.95 28.80 -2.27
N LEU ZA 30 72.02 28.05 -2.54
CA LEU ZA 30 72.88 27.48 -1.50
C LEU ZA 30 73.53 28.54 -0.63
N ARG ZA 31 73.90 29.67 -1.23
CA ARG ZA 31 74.51 30.74 -0.43
C ARG ZA 31 73.48 31.34 0.51
N TYR ZA 32 72.23 31.41 0.07
CA TYR ZA 32 71.15 31.81 0.95
C TYR ZA 32 70.88 30.76 2.01
N VAL ZA 33 71.14 29.50 1.68
CA VAL ZA 33 70.98 28.40 2.65
C VAL ZA 33 71.94 28.63 3.82
N GLU ZA 34 73.16 29.05 3.53
CA GLU ZA 34 74.13 29.38 4.57
C GLU ZA 34 73.67 30.51 5.45
N LEU ZA 35 73.07 31.54 4.84
CA LEU ZA 35 72.62 32.72 5.55
C LEU ZA 35 71.64 32.34 6.65
N LYS ZA 36 70.59 31.63 6.26
CA LYS ZA 36 69.50 31.36 7.17
C LYS ZA 36 69.90 30.37 8.25
N HIS ZA 37 70.56 29.26 7.87
CA HIS ZA 37 71.10 28.36 8.88
C HIS ZA 37 72.12 29.07 9.74
N GLY ZA 38 72.89 29.98 9.16
CA GLY ZA 38 73.80 30.79 9.94
C GLY ZA 38 73.09 31.65 10.96
N ARG ZA 39 72.04 32.34 10.53
CA ARG ZA 39 71.30 33.26 11.39
C ARG ZA 39 70.59 32.52 12.52
N ILE ZA 40 69.99 31.38 12.20
CA ILE ZA 40 69.30 30.59 13.21
C ILE ZA 40 70.29 29.97 14.18
N SER ZA 41 71.45 29.54 13.66
CA SER ZA 41 72.46 28.96 14.54
C SER ZA 41 73.04 29.99 15.48
N MET ZA 42 73.31 31.19 14.98
CA MET ZA 42 73.95 32.23 15.78
C MET ZA 42 73.03 32.69 16.91
N LEU ZA 43 71.74 32.75 16.66
CA LEU ZA 43 70.83 33.15 17.72
C LEU ZA 43 70.32 31.99 18.56
N ALA ZA 44 70.68 30.76 18.20
CA ALA ZA 44 70.39 29.63 19.09
C ALA ZA 44 71.45 29.49 20.18
N VAL ZA 45 72.71 29.71 19.82
CA VAL ZA 45 73.79 29.48 20.77
C VAL ZA 45 73.89 30.63 21.77
N VAL ZA 46 73.58 31.85 21.36
CA VAL ZA 46 73.60 32.96 22.30
C VAL ZA 46 72.36 32.87 23.18
N GLY ZA 47 71.31 32.22 22.67
CA GLY ZA 47 70.21 31.86 23.54
C GLY ZA 47 70.62 30.83 24.57
N TYR ZA 48 71.37 29.82 24.13
CA TYR ZA 48 71.76 28.74 25.03
C TYR ZA 48 72.69 29.21 26.14
N LEU ZA 49 73.56 30.17 25.84
CA LEU ZA 49 74.45 30.70 26.86
C LEU ZA 49 73.68 31.51 27.90
N ILE ZA 50 72.69 32.28 27.46
CA ILE ZA 50 71.95 33.11 28.38
C ILE ZA 50 70.96 32.27 29.18
N GLU ZA 51 70.48 31.16 28.60
CA GLU ZA 51 69.64 30.24 29.35
C GLU ZA 51 70.42 29.53 30.45
N LYS ZA 52 71.67 29.15 30.18
CA LYS ZA 52 72.41 28.34 31.15
C LYS ZA 52 72.88 29.18 32.33
N ALA ZA 53 73.23 30.44 32.10
CA ALA ZA 53 73.74 31.30 33.17
C ALA ZA 53 72.70 31.66 34.23
N GLY ZA 54 71.47 31.18 34.13
CA GLY ZA 54 70.47 31.51 35.13
C GLY ZA 54 69.84 32.86 34.93
N ILE ZA 55 69.94 33.43 33.74
CA ILE ZA 55 69.31 34.69 33.41
C ILE ZA 55 67.91 34.38 32.89
N ARG ZA 56 66.91 34.53 33.75
CA ARG ZA 56 65.53 34.23 33.41
C ARG ZA 56 64.67 35.42 33.76
N LEU ZA 57 63.36 35.24 33.66
CA LEU ZA 57 62.41 36.27 34.04
C LEU ZA 57 61.44 35.68 35.06
N PRO ZA 58 60.95 36.47 36.00
CA PRO ZA 58 60.00 35.94 37.00
C PRO ZA 58 58.63 35.71 36.40
N GLY ZA 59 57.74 35.19 37.24
CA GLY ZA 59 56.38 34.92 36.83
C GLY ZA 59 56.26 33.58 36.12
N ASN ZA 60 55.04 33.06 36.12
CA ASN ZA 60 54.76 31.79 35.47
C ASN ZA 60 54.81 31.95 33.95
N ILE ZA 61 54.80 30.81 33.26
CA ILE ZA 61 54.55 30.83 31.82
C ILE ZA 61 53.06 30.71 31.51
N SER ZA 62 52.27 30.11 32.40
CA SER ZA 62 50.89 29.79 32.09
C SER ZA 62 50.12 29.52 33.37
N TYR ZA 63 48.91 28.99 33.22
CA TYR ZA 63 48.08 28.57 34.35
C TYR ZA 63 48.58 27.27 34.98
N ASP ZA 64 49.43 26.51 34.26
CA ASP ZA 64 50.13 25.34 34.77
C ASP ZA 64 50.86 25.60 36.09
N GLY ZA 65 51.32 26.81 36.34
CA GLY ZA 65 52.16 27.05 37.49
C GLY ZA 65 53.61 26.83 37.18
N THR ZA 66 53.93 26.62 35.90
CA THR ZA 66 55.31 26.50 35.45
C THR ZA 66 55.91 27.90 35.37
N THR ZA 67 56.92 28.18 36.21
CA THR ZA 67 57.64 29.43 36.03
C THR ZA 67 58.66 29.28 34.91
N PHE ZA 68 59.41 30.34 34.67
CA PHE ZA 68 60.51 30.22 33.70
C PHE ZA 68 61.67 29.45 34.30
N ALA ZA 69 61.85 29.56 35.62
CA ALA ZA 69 62.86 28.77 36.31
C ALA ZA 69 62.48 27.30 36.35
N ASP ZA 70 61.18 27.00 36.28
CA ASP ZA 70 60.73 25.61 36.31
C ASP ZA 70 61.18 24.86 35.06
N ILE ZA 71 61.24 25.54 33.92
CA ILE ZA 71 61.78 24.98 32.69
C ILE ZA 71 63.29 25.17 32.73
N PRO ZA 72 64.07 24.11 32.84
CA PRO ZA 72 65.51 24.25 33.02
C PRO ZA 72 66.23 24.42 31.68
N ASP ZA 73 67.49 24.80 31.78
CA ASP ZA 73 68.41 24.76 30.64
C ASP ZA 73 68.55 23.31 30.16
N GLY ZA 74 68.90 23.16 28.89
CA GLY ZA 74 69.15 21.83 28.38
C GLY ZA 74 68.40 21.62 27.08
N PHE ZA 75 68.18 20.36 26.75
CA PHE ZA 75 67.46 20.05 25.52
C PHE ZA 75 65.96 20.06 25.70
N ALA ZA 76 65.48 19.48 26.80
CA ALA ZA 76 64.06 19.24 27.01
C ALA ZA 76 63.26 20.51 27.23
N ALA ZA 77 63.93 21.67 27.34
CA ALA ZA 77 63.28 22.96 27.53
C ALA ZA 77 62.24 23.26 26.47
N LEU ZA 78 62.61 23.14 25.19
CA LEU ZA 78 61.64 23.33 24.13
C LEU ZA 78 60.64 22.18 24.07
N SER ZA 79 61.04 20.99 24.52
CA SER ZA 79 60.11 19.86 24.51
C SER ZA 79 59.04 19.99 25.57
N LYS ZA 80 59.31 20.72 26.66
CA LYS ZA 80 58.39 20.80 27.79
C LYS ZA 80 57.55 22.07 27.78
N ILE ZA 81 57.64 22.86 26.72
CA ILE ZA 81 56.74 24.00 26.49
C ILE ZA 81 55.34 23.48 26.20
N PRO ZA 82 54.28 24.06 26.75
CA PRO ZA 82 52.93 23.55 26.46
C PRO ZA 82 52.58 23.77 25.00
N ASP ZA 83 51.58 23.00 24.56
CA ASP ZA 83 51.25 22.93 23.14
C ASP ZA 83 50.73 24.26 22.64
N ALA ZA 84 49.83 24.89 23.39
CA ALA ZA 84 49.22 26.16 23.00
C ALA ZA 84 50.25 27.26 22.81
N GLY ZA 85 51.34 27.22 23.58
CA GLY ZA 85 52.43 28.15 23.35
C GLY ZA 85 53.20 27.84 22.08
N LEU ZA 86 53.36 26.55 21.75
CA LEU ZA 86 54.06 26.18 20.52
C LEU ZA 86 53.26 26.55 19.29
N PHE ZA 87 51.93 26.42 19.35
CA PHE ZA 87 51.10 26.89 18.24
C PHE ZA 87 51.18 28.40 18.08
N GLN ZA 88 51.44 29.12 19.18
CA GLN ZA 88 51.58 30.57 19.10
C GLN ZA 88 52.94 30.98 18.58
N LEU ZA 89 53.94 30.10 18.69
CA LEU ZA 89 55.20 30.33 18.00
C LEU ZA 89 54.99 30.32 16.50
N PHE ZA 90 54.46 29.23 15.98
CA PHE ZA 90 54.35 29.07 14.52
C PHE ZA 90 53.24 29.93 13.94
N ALA ZA 91 52.32 30.40 14.77
CA ALA ZA 91 51.44 31.48 14.34
C ALA ZA 91 52.26 32.74 14.09
N PHE ZA 92 53.14 33.11 15.01
CA PHE ZA 92 53.86 34.37 14.83
C PHE ZA 92 55.14 34.19 14.04
N ILE ZA 93 55.96 33.20 14.38
CA ILE ZA 93 57.20 32.97 13.64
C ILE ZA 93 56.87 32.62 12.20
N GLY ZA 94 55.95 31.68 12.00
CA GLY ZA 94 55.69 31.19 10.67
C GLY ZA 94 54.99 32.19 9.77
N PHE ZA 95 54.21 33.10 10.36
CA PHE ZA 95 53.74 34.26 9.62
C PHE ZA 95 54.91 35.10 9.15
N LEU ZA 96 55.67 35.64 10.10
CA LEU ZA 96 56.93 36.37 9.91
C LEU ZA 96 57.94 35.65 9.04
N GLU ZA 97 57.84 34.34 8.91
CA GLU ZA 97 58.82 33.56 8.18
C GLU ZA 97 58.44 33.38 6.71
N VAL ZA 98 57.25 32.84 6.41
CA VAL ZA 98 56.97 32.46 5.04
C VAL ZA 98 56.79 33.71 4.17
N PHE ZA 99 55.92 34.61 4.56
CA PHE ZA 99 55.49 35.59 3.60
C PHE ZA 99 55.93 37.00 3.94
N VAL ZA 100 55.76 37.38 5.19
CA VAL ZA 100 55.77 38.77 5.55
C VAL ZA 100 57.09 39.08 6.20
N MET ZA 101 57.37 40.37 6.27
CA MET ZA 101 58.23 41.00 7.26
C MET ZA 101 59.71 40.65 7.10
N LYS ZA 102 59.99 39.52 6.46
CA LYS ZA 102 61.34 39.08 6.16
C LYS ZA 102 61.43 38.34 4.84
N ASP ZA 103 60.34 38.18 4.07
CA ASP ZA 103 60.43 37.92 2.62
C ASP ZA 103 61.17 36.60 2.31
N ILE ZA 104 61.14 35.64 3.24
CA ILE ZA 104 62.13 34.56 3.23
C ILE ZA 104 61.87 33.55 2.09
N THR ZA 105 60.63 33.46 1.62
CA THR ZA 105 60.38 32.81 0.34
C THR ZA 105 61.06 33.61 -0.75
N GLY ZA 106 62.15 33.08 -1.25
CA GLY ZA 106 62.87 33.74 -2.31
C GLY ZA 106 63.99 32.85 -2.76
N GLY ZA 107 64.67 33.32 -3.80
CA GLY ZA 107 65.86 32.62 -4.20
C GLY ZA 107 66.92 32.86 -3.15
N GLU ZA 108 67.28 34.11 -2.96
CA GLU ZA 108 68.56 34.34 -2.33
C GLU ZA 108 68.65 35.74 -1.77
N PHE ZA 109 69.61 35.91 -0.84
CA PHE ZA 109 70.20 37.14 -0.32
C PHE ZA 109 69.32 37.87 0.66
N VAL ZA 110 68.06 37.45 0.77
CA VAL ZA 110 66.89 38.27 0.48
C VAL ZA 110 67.07 39.74 0.90
N GLY ZA 111 67.64 39.99 2.07
CA GLY ZA 111 68.21 41.30 2.29
C GLY ZA 111 67.29 42.12 3.13
N ASP ZA 112 66.04 41.66 3.23
CA ASP ZA 112 65.14 41.83 4.37
C ASP ZA 112 64.91 43.23 4.88
N PHE ZA 113 65.37 44.22 4.12
CA PHE ZA 113 64.95 45.61 4.24
C PHE ZA 113 65.35 46.19 5.60
N ARG ZA 114 66.62 46.06 5.94
CA ARG ZA 114 67.09 46.37 7.28
C ARG ZA 114 68.56 46.76 7.25
N ASN ZA 115 68.98 47.43 8.34
CA ASN ZA 115 70.39 47.60 8.67
C ASN ZA 115 70.56 47.48 10.18
N GLY ZA 116 71.79 47.19 10.61
CA GLY ZA 116 72.07 46.99 12.01
C GLY ZA 116 72.04 48.21 12.89
N PHE ZA 117 73.05 49.07 12.75
CA PHE ZA 117 73.05 50.40 13.35
C PHE ZA 117 72.69 51.47 12.35
N ILE ZA 118 71.48 51.55 11.83
CA ILE ZA 118 71.14 51.82 10.42
C ILE ZA 118 72.23 52.27 9.41
N ASP ZA 119 73.32 52.91 9.88
CA ASP ZA 119 74.52 53.37 9.15
C ASP ZA 119 75.01 52.52 7.99
N PHE ZA 120 75.01 51.18 8.09
CA PHE ZA 120 75.96 50.39 7.29
C PHE ZA 120 75.45 49.71 6.03
N GLY ZA 121 74.99 50.49 5.07
CA GLY ZA 121 74.61 49.82 3.85
C GLY ZA 121 75.70 49.72 2.80
N TRP ZA 122 76.12 50.88 2.32
CA TRP ZA 122 77.08 51.12 1.25
C TRP ZA 122 77.19 52.62 1.35
N ASP ZA 123 77.78 53.33 0.36
CA ASP ZA 123 78.01 54.79 0.24
C ASP ZA 123 79.13 55.35 1.10
N SER ZA 124 79.47 54.62 2.14
CA SER ZA 124 80.49 55.06 3.04
C SER ZA 124 81.71 54.21 2.80
N PHE ZA 125 81.48 52.91 2.62
CA PHE ZA 125 82.54 51.93 2.46
C PHE ZA 125 82.00 50.82 1.59
N ASP ZA 126 82.27 50.88 0.30
CA ASP ZA 126 81.84 49.84 -0.61
C ASP ZA 126 82.77 48.63 -0.54
N GLU ZA 127 83.95 48.80 0.05
CA GLU ZA 127 84.84 47.68 0.28
C GLU ZA 127 84.61 47.01 1.64
N GLU ZA 128 84.24 47.78 2.66
CA GLU ZA 128 84.25 47.22 4.02
C GLU ZA 128 83.01 46.38 4.27
N THR ZA 129 81.83 46.99 4.22
CA THR ZA 129 80.61 46.29 4.57
C THR ZA 129 80.11 45.39 3.46
N LYS ZA 130 80.59 45.57 2.24
CA LYS ZA 130 80.33 44.64 1.16
C LYS ZA 130 81.52 43.69 1.03
N LEU ZA 131 81.22 42.41 0.80
CA LEU ZA 131 82.16 41.33 0.47
C LEU ZA 131 83.03 40.88 1.64
N LYS ZA 132 83.06 41.64 2.74
CA LYS ZA 132 83.81 41.22 3.92
C LYS ZA 132 82.95 41.21 5.18
N LYS ZA 133 82.26 42.30 5.48
CA LYS ZA 133 81.35 42.27 6.62
C LYS ZA 133 80.01 41.67 6.25
N ARG ZA 134 79.79 41.51 4.95
CA ARG ZA 134 78.84 40.55 4.43
C ARG ZA 134 79.25 39.12 4.77
N ALA ZA 135 80.56 38.86 4.86
CA ALA ZA 135 81.07 37.51 5.12
C ALA ZA 135 81.27 37.21 6.60
N ILE ZA 136 81.26 38.24 7.46
CA ILE ZA 136 81.37 38.01 8.90
C ILE ZA 136 80.21 37.18 9.40
N GLU ZA 137 78.98 37.62 9.06
CA GLU ZA 137 77.77 36.87 9.36
C GLU ZA 137 77.80 35.47 8.79
N LEU ZA 138 78.35 35.34 7.59
CA LEU ZA 138 78.42 34.05 6.90
C LEU ZA 138 79.30 33.07 7.65
N ASN ZA 139 80.56 33.43 7.87
CA ASN ZA 139 81.49 32.52 8.51
C ASN ZA 139 81.19 32.34 9.98
N GLN ZA 140 80.46 33.29 10.57
CA GLN ZA 140 80.06 33.10 11.96
C GLN ZA 140 79.00 32.02 12.08
N GLY ZA 141 78.12 31.93 11.08
CA GLY ZA 141 77.24 30.79 10.98
C GLY ZA 141 78.00 29.48 10.94
N ARG ZA 142 79.09 29.45 10.16
CA ARG ZA 142 79.94 28.27 10.07
C ARG ZA 142 80.59 27.92 11.41
N ALA ZA 143 80.67 28.87 12.33
CA ALA ZA 143 81.06 28.53 13.69
C ALA ZA 143 79.86 28.09 14.51
N ALA ZA 144 78.72 28.77 14.36
CA ALA ZA 144 77.59 28.48 15.23
C ALA ZA 144 76.82 27.26 14.78
N MET ZA 145 76.91 26.91 13.49
CA MET ZA 145 76.29 25.66 13.02
C MET ZA 145 76.99 24.46 13.61
N MET ZA 146 78.32 24.54 13.77
CA MET ZA 146 79.05 23.49 14.45
C MET ZA 146 78.95 23.58 15.96
N GLY ZA 147 78.48 24.72 16.48
CA GLY ZA 147 78.27 24.83 17.92
C GLY ZA 147 76.99 24.16 18.38
N ILE ZA 148 76.06 23.88 17.45
CA ILE ZA 148 74.81 23.22 17.81
C ILE ZA 148 74.88 21.71 17.63
N LEU ZA 149 75.57 21.24 16.59
CA LEU ZA 149 75.91 19.83 16.51
C LEU ZA 149 76.75 19.38 17.69
N ALA ZA 150 77.57 20.29 18.21
CA ALA ZA 150 78.11 20.15 19.55
C ALA ZA 150 76.98 19.97 20.55
N LEU ZA 151 76.16 21.02 20.73
CA LEU ZA 151 75.13 21.11 21.76
C LEU ZA 151 74.15 19.96 21.71
N MET ZA 152 73.93 19.41 20.52
CA MET ZA 152 73.12 18.21 20.34
C MET ZA 152 73.79 16.99 20.95
N VAL ZA 153 75.10 16.84 20.75
CA VAL ZA 153 75.79 15.62 21.17
C VAL ZA 153 76.35 15.77 22.58
N HIS ZA 154 76.69 17.00 23.00
CA HIS ZA 154 76.95 17.25 24.41
C HIS ZA 154 75.73 16.92 25.25
N GLU ZA 155 74.55 17.32 24.79
CA GLU ZA 155 73.33 16.97 25.50
C GLU ZA 155 72.76 15.62 25.08
N LYS ZA 156 73.55 14.79 24.40
CA LYS ZA 156 73.07 13.47 24.06
C LYS ZA 156 73.21 12.52 25.25
N LEU ZA 157 74.45 12.26 25.69
CA LEU ZA 157 74.69 11.35 26.78
C LEU ZA 157 75.29 12.02 28.01
N ILE ZA 158 75.84 13.22 27.86
CA ILE ZA 158 76.26 13.96 29.04
C ILE ZA 158 75.01 14.70 29.51
N PRO ZA 159 74.58 14.51 30.76
CA PRO ZA 159 73.52 15.36 31.33
C PRO ZA 159 74.05 16.77 31.34
N LEU ZA 160 73.21 17.78 31.22
CA LEU ZA 160 73.18 18.93 30.28
C LEU ZA 160 74.48 19.74 30.25
N GLY ZA 161 74.50 20.92 29.66
CA GLY ZA 161 75.76 21.65 29.62
C GLY ZA 161 76.32 22.17 30.94
N TYR ZA 162 75.44 22.65 31.82
CA TYR ZA 162 75.82 23.08 33.17
C TYR ZA 162 76.19 21.90 34.04
N ASP ZA 163 75.55 20.76 33.79
CA ASP ZA 163 75.94 19.43 34.26
C ASP ZA 163 77.01 18.81 33.34
N ALA ZA 164 77.48 19.51 32.31
CA ALA ZA 164 78.73 19.06 31.72
C ALA ZA 164 79.91 19.76 32.39
N ASP ZA 165 79.66 20.93 32.96
CA ASP ZA 165 80.74 21.73 33.51
C ASP ZA 165 81.02 21.38 34.97
N LEU ZA 166 79.99 21.04 35.75
CA LEU ZA 166 80.24 20.80 37.17
C LEU ZA 166 80.89 19.43 37.41
N PRO ZA 167 80.38 18.27 36.84
CA PRO ZA 167 81.24 17.07 36.80
C PRO ZA 167 82.20 17.08 35.63
N ILE ZA 168 82.71 15.89 35.31
CA ILE ZA 168 83.80 15.68 34.34
C ILE ZA 168 83.48 16.33 32.99
N ILE ZA 169 84.48 17.05 32.46
CA ILE ZA 169 84.44 17.60 31.11
C ILE ZA 169 85.26 16.73 30.16
N GLY ZA 170 86.06 15.81 30.68
CA GLY ZA 170 87.00 15.08 29.86
C GLY ZA 170 86.35 14.05 28.96
N HIS ZA 171 86.98 13.87 27.80
CA HIS ZA 171 86.61 12.84 26.84
C HIS ZA 171 86.78 11.45 27.44
N LEU ZA 172 85.92 10.52 27.03
CA LEU ZA 172 86.00 9.16 27.58
C LEU ZA 172 87.15 8.40 26.94
N GLU AB 1 101.19 58.87 6.71
CA GLU AB 1 101.88 57.60 6.78
C GLU AB 1 103.20 57.74 7.51
N ASN AB 2 103.82 58.88 7.28
CA ASN AB 2 105.08 59.19 7.93
C ASN AB 2 104.99 60.48 8.72
N GLU AB 3 103.84 61.14 8.67
CA GLU AB 3 103.48 62.11 9.70
C GLU AB 3 102.24 61.57 10.41
N LEU AB 4 102.40 61.35 11.70
CA LEU AB 4 101.37 60.77 12.55
C LEU AB 4 101.78 61.04 13.99
N GLY AB 5 100.80 61.35 14.81
CA GLY AB 5 101.00 61.41 16.25
C GLY AB 5 101.28 62.82 16.72
N ALA AB 6 102.55 63.11 16.99
CA ALA AB 6 102.90 64.26 17.80
C ALA AB 6 102.67 65.57 17.04
N GLN AB 7 102.56 66.63 17.82
CA GLN AB 7 101.46 67.56 17.63
C GLN AB 7 101.74 68.79 18.49
N PRO AB 8 100.88 69.82 18.58
CA PRO AB 8 101.02 70.81 19.67
C PRO AB 8 101.04 70.13 21.01
N PRO AB 9 102.00 70.47 21.87
CA PRO AB 9 102.99 71.55 21.80
C PRO AB 9 104.40 71.08 21.40
N LEU AB 10 104.51 70.00 20.64
CA LEU AB 10 105.81 69.42 20.37
C LEU AB 10 106.12 69.40 18.88
N GLY AB 11 105.19 68.90 18.08
CA GLY AB 11 105.51 68.58 16.71
C GLY AB 11 106.40 67.36 16.65
N PHE AB 12 107.17 67.24 15.58
CA PHE AB 12 108.13 66.14 15.49
C PHE AB 12 109.22 66.33 16.53
N PHE AB 13 109.22 65.46 17.53
CA PHE AB 13 110.06 65.60 18.72
C PHE AB 13 110.85 64.31 18.86
N ASP AB 14 112.05 64.29 18.28
CA ASP AB 14 113.00 63.20 18.46
C ASP AB 14 114.29 63.81 19.01
N PRO AB 15 114.32 64.08 20.31
CA PRO AB 15 115.39 64.95 20.85
C PRO AB 15 116.75 64.28 20.94
N LEU AB 16 116.79 62.96 21.12
CA LEU AB 16 118.08 62.28 21.23
C LEU AB 16 118.67 61.88 19.90
N GLY AB 17 117.85 61.63 18.88
CA GLY AB 17 118.36 61.04 17.65
C GLY AB 17 118.21 59.53 17.71
N LEU AB 18 118.65 58.85 16.63
CA LEU AB 18 118.40 57.48 16.13
C LEU AB 18 117.14 57.38 15.26
N VAL AB 19 116.39 58.47 15.11
CA VAL AB 19 115.23 58.45 14.20
C VAL AB 19 115.40 59.43 13.04
N GLU AB 20 116.09 60.55 13.27
CA GLU AB 20 116.45 61.45 12.18
C GLU AB 20 117.57 60.79 11.39
N ASP AB 21 117.16 59.80 10.59
CA ASP AB 21 117.98 59.05 9.67
C ASP AB 21 117.78 59.54 8.25
N GLY AB 22 116.70 60.28 8.01
CA GLY AB 22 116.32 60.74 6.69
C GLY AB 22 115.56 59.68 5.92
N ASN AB 23 115.48 58.48 6.47
CA ASN AB 23 114.80 57.35 5.86
C ASN AB 23 113.64 56.98 6.77
N GLN AB 24 112.48 56.75 6.17
CA GLN AB 24 111.26 56.54 6.91
C GLN AB 24 110.89 55.07 7.00
N ALA AB 25 111.75 54.18 6.49
CA ALA AB 25 111.51 52.74 6.60
C ALA AB 25 111.68 52.25 8.03
N LYS AB 26 112.75 52.69 8.71
CA LYS AB 26 112.87 52.41 10.14
C LYS AB 26 111.83 53.18 10.94
N PHE AB 27 111.49 54.39 10.45
CA PHE AB 27 110.48 55.20 11.10
C PHE AB 27 109.08 54.59 10.96
N ASP AB 28 108.88 53.78 9.91
CA ASP AB 28 107.67 52.97 9.81
C ASP AB 28 107.61 52.04 11.00
N ARG AB 29 108.58 51.12 11.09
CA ARG AB 29 108.46 49.95 11.98
C ARG AB 29 108.26 50.36 13.43
N LEU AB 30 109.02 51.37 13.89
CA LEU AB 30 108.86 51.91 15.24
C LEU AB 30 107.51 52.58 15.48
N ARG AB 31 106.81 53.00 14.44
CA ARG AB 31 105.51 53.64 14.64
C ARG AB 31 104.45 52.60 15.00
N TYR AB 32 104.39 51.50 14.25
CA TYR AB 32 103.47 50.43 14.57
C TYR AB 32 103.90 49.67 15.83
N VAL AB 33 105.19 49.71 16.18
CA VAL AB 33 105.62 49.28 17.50
C VAL AB 33 104.95 50.15 18.56
N GLU AB 34 104.99 51.47 18.38
CA GLU AB 34 104.35 52.40 19.32
C GLU AB 34 102.83 52.23 19.33
N LEU AB 35 102.25 51.87 18.19
CA LEU AB 35 100.81 51.60 18.14
C LEU AB 35 100.44 50.40 18.97
N LYS AB 36 101.23 49.34 18.87
CA LYS AB 36 100.91 48.10 19.57
C LYS AB 36 101.14 48.24 21.07
N HIS AB 37 102.29 48.80 21.46
CA HIS AB 37 102.50 49.16 22.86
C HIS AB 37 101.49 50.20 23.32
N GLY AB 38 101.04 51.05 22.41
CA GLY AB 38 99.90 51.90 22.64
C GLY AB 38 98.69 51.10 23.06
N ARG AB 39 98.21 50.22 22.17
CA ARG AB 39 96.98 49.46 22.39
C ARG AB 39 97.06 48.56 23.62
N ILE AB 40 98.24 48.04 23.92
CA ILE AB 40 98.36 47.08 25.01
C ILE AB 40 98.42 47.80 26.35
N SER AB 41 99.15 48.92 26.40
CA SER AB 41 99.25 49.67 27.66
C SER AB 41 97.94 50.36 28.03
N MET AB 42 97.10 50.63 27.05
CA MET AB 42 95.85 51.33 27.32
C MET AB 42 94.83 50.41 27.97
N LEU AB 43 94.74 49.17 27.50
CA LEU AB 43 93.82 48.25 28.13
C LEU AB 43 94.43 47.57 29.35
N ALA AB 44 95.69 47.82 29.63
CA ALA AB 44 96.29 47.32 30.86
C ALA AB 44 96.11 48.28 32.02
N VAL AB 45 96.08 49.60 31.75
CA VAL AB 45 95.81 50.55 32.81
C VAL AB 45 94.33 50.54 33.17
N VAL AB 46 93.45 50.42 32.17
CA VAL AB 46 92.02 50.37 32.49
C VAL AB 46 91.67 48.98 32.99
N GLY AB 47 92.45 47.97 32.61
CA GLY AB 47 92.39 46.71 33.32
C GLY AB 47 92.78 46.88 34.78
N TYR AB 48 93.84 47.64 35.03
CA TYR AB 48 94.32 47.88 36.38
C TYR AB 48 93.32 48.68 37.22
N LEU AB 49 92.68 49.67 36.61
CA LEU AB 49 91.73 50.51 37.35
C LEU AB 49 90.46 49.74 37.68
N ILE AB 50 90.03 48.86 36.79
CA ILE AB 50 88.80 48.10 37.04
C ILE AB 50 89.08 46.92 37.97
N GLU AB 51 90.31 46.38 37.93
CA GLU AB 51 90.71 45.39 38.92
C GLU AB 51 90.80 46.00 40.32
N LYS AB 52 91.21 47.26 40.41
CA LYS AB 52 91.42 47.84 41.74
C LYS AB 52 90.14 48.32 42.38
N ALA AB 53 89.17 48.78 41.57
CA ALA AB 53 87.94 49.36 42.12
C ALA AB 53 87.01 48.34 42.78
N GLY AB 54 87.42 47.07 42.91
CA GLY AB 54 86.59 46.07 43.52
C GLY AB 54 85.69 45.33 42.56
N ILE AB 55 85.82 45.60 41.26
CA ILE AB 55 84.94 45.03 40.25
C ILE AB 55 85.48 43.67 39.87
N ARG AB 56 84.86 42.62 40.40
CA ARG AB 56 85.23 41.25 40.12
C ARG AB 56 84.01 40.49 39.63
N LEU AB 57 84.21 39.24 39.26
CA LEU AB 57 83.15 38.34 38.86
C LEU AB 57 82.77 37.43 40.02
N PRO AB 58 81.57 36.87 40.01
CA PRO AB 58 81.24 35.85 41.02
C PRO AB 58 81.72 34.47 40.61
N GLY AB 59 81.88 33.61 41.62
CA GLY AB 59 82.18 32.21 41.42
C GLY AB 59 83.66 31.90 41.55
N ASN AB 60 83.94 30.60 41.63
CA ASN AB 60 85.31 30.11 41.58
C ASN AB 60 85.85 30.20 40.16
N ILE AB 61 87.17 30.31 40.03
CA ILE AB 61 87.77 30.28 38.70
C ILE AB 61 87.92 28.85 38.19
N SER AB 62 88.09 27.87 39.07
CA SER AB 62 88.43 26.52 38.63
C SER AB 62 88.19 25.56 39.79
N TYR AB 63 88.64 24.32 39.60
CA TYR AB 63 88.57 23.26 40.60
C TYR AB 63 89.52 23.48 41.77
N ASP AB 64 90.50 24.38 41.61
CA ASP AB 64 91.32 24.92 42.70
C ASP AB 64 90.48 25.47 43.85
N GLY AB 65 89.34 26.08 43.57
CA GLY AB 65 88.62 26.75 44.63
C GLY AB 65 89.14 28.15 44.86
N THR AB 66 89.58 28.80 43.80
CA THR AB 66 90.03 30.19 43.84
C THR AB 66 88.89 31.03 43.27
N THR AB 67 88.32 31.92 44.08
CA THR AB 67 87.33 32.80 43.48
C THR AB 67 88.02 33.92 42.71
N PHE AB 68 87.21 34.72 42.04
CA PHE AB 68 87.73 35.93 41.42
C PHE AB 68 88.14 36.97 42.46
N ALA AB 69 87.59 36.88 43.68
CA ALA AB 69 88.02 37.77 44.75
C ALA AB 69 89.28 37.26 45.43
N ASP AB 70 89.60 35.98 45.27
CA ASP AB 70 90.80 35.41 45.91
C ASP AB 70 92.07 35.95 45.28
N ILE AB 71 92.08 36.03 43.95
CA ILE AB 71 93.20 36.54 43.17
C ILE AB 71 93.44 37.99 43.54
N PRO AB 72 94.62 38.33 44.08
CA PRO AB 72 94.83 39.65 44.67
C PRO AB 72 94.93 40.74 43.62
N ASP AB 73 94.82 41.98 44.07
CA ASP AB 73 94.98 43.11 43.17
C ASP AB 73 96.45 43.35 42.89
N GLY AB 74 96.75 43.85 41.70
CA GLY AB 74 98.08 44.28 41.40
C GLY AB 74 98.85 43.26 40.59
N PHE AB 75 100.16 43.23 40.84
CA PHE AB 75 101.09 42.47 40.00
C PHE AB 75 100.87 40.97 40.11
N ALA AB 76 100.72 40.47 41.34
CA ALA AB 76 100.74 39.04 41.61
C ALA AB 76 99.52 38.32 41.05
N ALA AB 77 98.52 39.06 40.57
CA ALA AB 77 97.32 38.48 39.99
C ALA AB 77 97.64 37.61 38.78
N LEU AB 78 98.36 38.18 37.79
CA LEU AB 78 98.75 37.41 36.61
C LEU AB 78 99.81 36.37 36.96
N SER AB 79 100.52 36.56 38.07
CA SER AB 79 101.55 35.61 38.46
C SER AB 79 100.94 34.31 39.00
N LYS AB 80 99.82 34.40 39.72
CA LYS AB 80 99.24 33.22 40.34
C LYS AB 80 97.93 32.78 39.68
N ILE AB 81 97.70 33.17 38.43
CA ILE AB 81 96.76 32.50 37.54
C ILE AB 81 97.25 31.06 37.43
N PRO AB 82 96.38 30.04 37.49
CA PRO AB 82 96.86 28.67 37.33
C PRO AB 82 97.45 28.47 35.96
N ASP AB 83 98.39 27.52 35.87
CA ASP AB 83 99.24 27.39 34.69
C ASP AB 83 98.43 27.06 33.45
N ALA AB 84 97.47 26.14 33.59
CA ALA AB 84 96.62 25.73 32.47
C ALA AB 84 95.73 26.86 31.96
N GLY AB 85 95.43 27.84 32.81
CA GLY AB 85 94.75 29.02 32.33
C GLY AB 85 95.66 29.92 31.51
N LEU AB 86 96.96 29.90 31.79
CA LEU AB 86 97.88 30.74 31.05
C LEU AB 86 98.20 30.14 29.68
N PHE AB 87 98.15 28.80 29.57
CA PHE AB 87 98.28 28.15 28.26
C PHE AB 87 97.10 28.52 27.36
N GLN AB 88 95.92 28.70 27.94
CA GLN AB 88 94.76 29.02 27.12
C GLN AB 88 94.69 30.52 26.84
N LEU AB 89 95.40 31.32 27.62
CA LEU AB 89 95.74 32.67 27.17
C LEU AB 89 96.62 32.57 25.94
N PHE AB 90 97.63 31.70 26.01
CA PHE AB 90 98.58 31.53 24.90
C PHE AB 90 97.93 30.98 23.66
N ALA AB 91 97.07 29.98 23.87
CA ALA AB 91 96.38 29.34 22.76
C ALA AB 91 95.45 30.32 22.06
N PHE AB 92 94.72 31.12 22.85
CA PHE AB 92 93.74 32.01 22.22
C PHE AB 92 94.35 33.32 21.76
N ILE AB 93 95.14 33.99 22.61
CA ILE AB 93 95.69 35.29 22.22
C ILE AB 93 96.68 35.11 21.09
N GLY AB 94 97.54 34.09 21.18
CA GLY AB 94 98.54 33.86 20.15
C GLY AB 94 97.95 33.49 18.81
N PHE AB 95 96.82 32.79 18.83
CA PHE AB 95 96.03 32.59 17.62
C PHE AB 95 95.50 33.93 17.11
N LEU AB 96 94.91 34.72 18.00
CA LEU AB 96 94.45 36.07 17.70
C LEU AB 96 95.60 37.04 17.44
N GLU AB 97 96.83 36.71 17.85
CA GLU AB 97 97.91 37.68 17.71
C GLU AB 97 98.59 37.58 16.35
N VAL AB 98 99.15 36.42 16.05
CA VAL AB 98 100.18 36.36 15.02
C VAL AB 98 99.55 36.39 13.63
N PHE AB 99 98.47 35.65 13.42
CA PHE AB 99 98.03 35.38 12.05
C PHE AB 99 96.56 35.69 11.81
N VAL AB 100 95.73 35.68 12.86
CA VAL AB 100 94.28 35.66 12.71
C VAL AB 100 93.68 36.88 13.41
N MET AB 101 92.77 37.57 12.71
CA MET AB 101 91.87 38.63 13.17
C MET AB 101 92.53 39.97 13.45
N LYS AB 102 93.87 40.01 13.50
CA LYS AB 102 94.60 41.18 13.95
C LYS AB 102 95.85 41.43 13.14
N ASP AB 103 96.05 40.67 12.06
CA ASP AB 103 97.33 40.11 11.61
C ASP AB 103 98.47 41.12 11.62
N ILE AB 104 99.38 40.93 12.57
CA ILE AB 104 100.37 41.93 12.93
C ILE AB 104 101.69 41.76 12.22
N THR AB 105 101.88 40.66 11.48
CA THR AB 105 103.20 40.27 11.00
C THR AB 105 103.61 41.14 9.82
N GLY AB 106 104.89 41.54 9.81
CA GLY AB 106 105.37 42.60 8.96
C GLY AB 106 105.22 43.96 9.58
N GLY AB 107 104.04 44.27 10.11
CA GLY AB 107 103.87 45.32 11.09
C GLY AB 107 103.99 46.76 10.64
N GLU AB 108 103.15 47.17 9.69
CA GLU AB 108 103.01 48.59 9.41
C GLU AB 108 101.69 48.91 8.73
N PHE AB 109 100.91 49.78 9.38
CA PHE AB 109 99.57 50.21 8.97
C PHE AB 109 98.71 49.01 8.61
N VAL AB 110 98.65 48.09 9.58
CA VAL AB 110 97.83 46.90 9.43
C VAL AB 110 96.37 47.28 9.27
N GLY AB 111 95.89 48.15 10.15
CA GLY AB 111 94.59 48.76 9.96
C GLY AB 111 93.42 47.90 10.35
N ASP AB 112 93.54 46.57 10.26
CA ASP AB 112 92.68 45.58 10.95
C ASP AB 112 91.22 45.57 10.51
N PHE AB 113 90.83 46.58 9.74
CA PHE AB 113 89.51 46.75 9.14
C PHE AB 113 88.39 46.67 10.17
N ARG AB 114 88.49 47.54 11.17
CA ARG AB 114 87.52 47.64 12.25
C ARG AB 114 87.32 49.10 12.60
N ASN AB 115 86.07 49.56 12.60
CA ASN AB 115 85.72 50.93 12.95
C ASN AB 115 85.12 50.97 14.36
N GLY AB 116 85.42 52.04 15.10
CA GLY AB 116 85.09 52.03 16.50
C GLY AB 116 83.66 52.19 16.96
N PHE AB 117 83.18 53.44 16.97
CA PHE AB 117 81.78 53.73 17.22
C PHE AB 117 81.08 53.86 15.92
N ILE AB 118 80.86 52.75 15.31
CA ILE AB 118 81.18 52.32 13.98
C ILE AB 118 81.32 53.26 12.76
N ASP AB 119 81.22 54.54 13.05
CA ASP AB 119 81.70 55.72 12.35
C ASP AB 119 83.19 55.67 11.99
N PHE AB 120 83.57 56.68 11.19
CA PHE AB 120 84.91 57.30 11.07
C PHE AB 120 85.99 56.49 10.38
N GLY AB 121 85.76 56.19 9.11
CA GLY AB 121 86.80 56.31 8.13
C GLY AB 121 86.46 57.47 7.20
N TRP AB 122 86.75 57.25 5.93
CA TRP AB 122 86.60 58.23 4.87
C TRP AB 122 85.11 58.44 4.52
N ASP AB 123 84.81 59.24 3.48
CA ASP AB 123 83.45 59.55 2.98
C ASP AB 123 82.63 60.26 4.04
N SER AB 124 83.35 60.96 4.89
CA SER AB 124 82.96 61.74 6.04
C SER AB 124 84.03 62.81 6.14
N PHE AB 125 84.30 63.27 7.35
CA PHE AB 125 85.53 63.98 7.67
C PHE AB 125 86.77 63.37 7.04
N ASP AB 126 87.52 64.19 6.33
CA ASP AB 126 88.90 63.87 5.98
C ASP AB 126 89.89 64.49 6.95
N GLU AB 127 89.43 65.42 7.77
CA GLU AB 127 90.24 66.08 8.79
C GLU AB 127 90.26 65.31 10.10
N GLU AB 128 89.27 64.46 10.35
CA GLU AB 128 89.11 63.92 11.68
C GLU AB 128 89.54 62.46 11.81
N THR AB 129 89.02 61.57 10.96
CA THR AB 129 89.43 60.16 11.02
C THR AB 129 90.89 59.98 10.62
N LYS AB 130 91.45 60.95 9.90
CA LYS AB 130 92.86 61.03 9.60
C LYS AB 130 93.40 62.28 10.26
N LEU AB 131 94.61 62.18 10.81
CA LEU AB 131 95.45 63.23 11.39
C LEU AB 131 94.95 63.75 12.75
N LYS AB 132 93.75 63.40 13.20
CA LYS AB 132 93.38 63.78 14.56
C LYS AB 132 93.04 62.59 15.45
N LYS AB 133 92.06 61.78 15.03
CA LYS AB 133 91.64 60.66 15.87
C LYS AB 133 92.64 59.53 15.81
N ARG AB 134 93.28 59.37 14.66
CA ARG AB 134 94.41 58.47 14.55
C ARG AB 134 95.56 58.93 15.42
N ALA AB 135 95.67 60.24 15.65
CA ALA AB 135 96.73 60.78 16.48
C ALA AB 135 96.42 60.62 17.97
N ILE AB 136 95.15 60.62 18.38
CA ILE AB 136 94.88 60.63 19.82
C ILE AB 136 95.15 59.25 20.42
N GLU AB 137 94.77 58.19 19.72
CA GLU AB 137 94.87 56.84 20.25
C GLU AB 137 96.32 56.44 20.52
N LEU AB 138 97.20 56.82 19.61
CA LEU AB 138 98.62 56.66 19.88
C LEU AB 138 99.06 57.53 21.06
N ASN AB 139 98.56 58.77 21.14
CA ASN AB 139 98.92 59.64 22.25
C ASN AB 139 98.28 59.16 23.55
N GLN AB 140 97.08 58.58 23.44
CA GLN AB 140 96.49 57.86 24.56
C GLN AB 140 97.35 56.68 24.95
N GLY AB 141 97.98 56.03 23.96
CA GLY AB 141 98.97 55.01 24.28
C GLY AB 141 100.17 55.59 24.98
N ARG AB 142 100.58 56.80 24.55
CA ARG AB 142 101.77 57.42 25.13
C ARG AB 142 101.55 57.81 26.59
N ALA AB 143 100.32 58.16 26.96
CA ALA AB 143 100.01 58.39 28.35
C ALA AB 143 99.93 57.07 29.12
N ALA AB 144 99.47 56.01 28.47
CA ALA AB 144 99.24 54.76 29.19
C ALA AB 144 100.52 53.93 29.28
N MET AB 145 101.42 54.07 28.31
CA MET AB 145 102.75 53.45 28.42
C MET AB 145 103.50 54.04 29.61
N MET AB 146 103.36 55.35 29.83
CA MET AB 146 103.86 55.98 31.04
C MET AB 146 103.05 55.55 32.27
N GLY AB 147 101.81 55.11 32.06
CA GLY AB 147 100.98 54.74 33.20
C GLY AB 147 101.39 53.44 33.85
N ILE AB 148 102.09 52.57 33.11
CA ILE AB 148 102.45 51.26 33.65
C ILE AB 148 103.86 51.28 34.23
N LEU AB 149 104.78 52.02 33.59
CA LEU AB 149 106.11 52.25 34.17
C LEU AB 149 105.98 52.88 35.54
N ALA AB 150 105.06 53.83 35.66
CA ALA AB 150 104.51 54.22 36.96
C ALA AB 150 104.09 53.00 37.75
N LEU AB 151 103.09 52.27 37.22
CA LEU AB 151 102.28 51.32 37.98
C LEU AB 151 103.10 50.22 38.61
N MET AB 152 104.06 49.69 37.84
CA MET AB 152 104.95 48.67 38.38
C MET AB 152 105.83 49.24 39.49
N VAL AB 153 106.33 50.45 39.30
CA VAL AB 153 107.22 51.05 40.29
C VAL AB 153 106.43 51.56 41.51
N HIS AB 154 105.18 51.98 41.29
CA HIS AB 154 104.26 52.21 42.41
C HIS AB 154 104.04 50.91 43.19
N GLU AB 155 103.91 49.78 42.49
CA GLU AB 155 103.70 48.50 43.16
C GLU AB 155 104.99 47.87 43.65
N LYS AB 156 106.13 48.27 43.07
CA LYS AB 156 107.40 47.63 43.39
C LYS AB 156 107.82 47.89 44.83
N LEU AB 157 107.41 49.03 45.40
CA LEU AB 157 108.07 49.46 46.61
C LEU AB 157 107.61 48.67 47.83
N ILE AB 158 106.46 49.01 48.44
CA ILE AB 158 105.97 48.00 49.37
C ILE AB 158 104.70 47.27 48.86
N PRO AB 159 103.39 47.86 48.80
CA PRO AB 159 102.26 47.01 48.35
C PRO AB 159 101.63 47.30 46.97
N LEU AB 160 100.53 46.58 46.69
CA LEU AB 160 99.54 46.95 45.66
C LEU AB 160 98.98 48.35 45.86
N GLY AB 161 98.35 48.90 44.82
CA GLY AB 161 98.11 50.34 44.78
C GLY AB 161 96.94 50.81 45.63
N TYR AB 162 95.94 49.94 45.84
CA TYR AB 162 94.86 50.27 46.77
C TYR AB 162 95.40 50.39 48.19
N ASP AB 163 96.37 49.54 48.54
CA ASP AB 163 97.23 49.63 49.70
C ASP AB 163 98.37 50.64 49.51
N ALA AB 164 98.50 51.24 48.34
CA ALA AB 164 99.40 52.38 48.27
C ALA AB 164 98.64 53.68 48.45
N ASP AB 165 97.31 53.63 48.31
CA ASP AB 165 96.51 54.84 48.42
C ASP AB 165 95.97 55.04 49.84
N LEU AB 166 95.76 53.96 50.61
CA LEU AB 166 95.25 54.13 51.96
C LEU AB 166 96.37 54.66 52.87
N PRO AB 167 97.63 54.05 52.93
CA PRO AB 167 98.76 54.81 53.48
C PRO AB 167 99.42 55.72 52.47
N ILE AB 168 100.65 56.14 52.82
CA ILE AB 168 101.42 57.22 52.22
C ILE AB 168 101.43 57.18 50.69
N ILE AB 169 101.25 58.36 50.10
CA ILE AB 169 101.35 58.55 48.66
C ILE AB 169 102.68 59.22 48.30
N GLY AB 170 103.35 59.89 49.26
CA GLY AB 170 104.55 60.64 48.99
C GLY AB 170 105.76 59.77 48.69
N HIS AB 171 106.83 60.44 48.24
CA HIS AB 171 108.03 59.79 47.76
C HIS AB 171 108.79 59.10 48.90
N LEU AB 172 109.72 58.23 48.52
CA LEU AB 172 110.49 57.47 49.49
C LEU AB 172 111.47 58.37 50.24
N GLU BB 1 78.87 83.25 10.94
CA GLU BB 1 78.75 82.64 12.26
C GLU BB 1 78.19 83.69 13.21
N ASN BB 2 78.01 84.90 12.71
CA ASN BB 2 77.35 85.92 13.50
C ASN BB 2 75.83 85.85 13.36
N GLU BB 3 75.35 85.03 12.43
CA GLU BB 3 73.97 84.61 12.32
C GLU BB 3 73.61 83.51 13.31
N LEU BB 4 74.56 83.08 14.12
CA LEU BB 4 74.33 82.06 15.13
C LEU BB 4 73.41 82.59 16.23
N GLY BB 5 72.60 81.68 16.75
CA GLY BB 5 71.95 81.94 18.01
C GLY BB 5 70.49 82.14 17.81
N ALA BB 6 70.02 83.34 18.12
CA ALA BB 6 68.59 83.57 18.21
C ALA BB 6 67.96 83.62 16.83
N GLN BB 7 66.66 83.45 16.82
CA GLN BB 7 66.04 82.49 15.93
C GLN BB 7 64.54 82.75 16.04
N PRO BB 8 63.63 82.00 15.39
CA PRO BB 8 62.20 82.12 15.77
C PRO BB 8 61.99 81.82 17.24
N PRO BB 9 61.14 82.60 17.92
CA PRO BB 9 60.31 83.70 17.41
C PRO BB 9 60.93 85.09 17.56
N LEU BB 10 62.26 85.17 17.56
CA LEU BB 10 62.94 86.42 17.90
C LEU BB 10 63.81 86.92 16.76
N GLY BB 11 64.68 86.05 16.23
CA GLY BB 11 65.72 86.50 15.31
C GLY BB 11 66.75 87.30 16.07
N PHE BB 12 67.42 88.22 15.38
CA PHE BB 12 68.32 89.14 16.07
C PHE BB 12 67.53 90.03 17.01
N PHE BB 13 67.77 89.85 18.31
CA PHE BB 13 67.01 90.52 19.36
C PHE BB 13 68.00 91.19 20.29
N ASP BB 14 68.20 92.49 20.10
CA ASP BB 14 69.03 93.30 20.98
C ASP BB 14 68.24 94.55 21.32
N PRO BB 15 67.33 94.45 22.29
CA PRO BB 15 66.31 95.51 22.45
C PRO BB 15 66.82 96.78 23.09
N LEU BB 16 67.88 96.71 23.89
CA LEU BB 16 68.39 97.91 24.55
C LEU BB 16 69.46 98.63 23.76
N GLY BB 17 70.23 97.92 22.94
CA GLY BB 17 71.39 98.54 22.31
C GLY BB 17 72.60 98.33 23.21
N LEU BB 18 73.78 98.83 22.76
CA LEU BB 18 75.19 98.47 23.06
C LEU BB 18 75.73 97.35 22.19
N VAL BB 19 74.90 96.73 21.36
CA VAL BB 19 75.41 95.72 20.44
C VAL BB 19 75.25 96.11 18.99
N GLU BB 20 74.21 96.88 18.66
CA GLU BB 20 74.10 97.47 17.33
C GLU BB 20 75.13 98.59 17.22
N ASP BB 21 76.37 98.17 17.00
CA ASP BB 21 77.53 99.01 16.78
C ASP BB 21 77.90 99.02 15.31
N GLY BB 22 77.35 98.09 14.53
CA GLY BB 22 77.69 97.94 13.13
C GLY BB 22 78.99 97.18 12.93
N ASN BB 23 79.66 96.85 14.03
CA ASN BB 23 80.95 96.20 14.04
C ASN BB 23 80.78 94.90 14.80
N GLN BB 24 81.23 93.82 14.19
CA GLN BB 24 81.04 92.51 14.80
C GLN BB 24 82.19 92.13 15.71
N ALA BB 25 83.21 92.98 15.83
CA ALA BB 25 84.38 92.68 16.66
C ALA BB 25 84.02 92.61 18.14
N LYS BB 26 83.21 93.56 18.61
CA LYS BB 26 82.69 93.46 19.96
C LYS BB 26 81.60 92.40 20.04
N PHE BB 27 80.83 92.28 18.96
CA PHE BB 27 79.80 91.25 18.85
C PHE BB 27 80.41 89.86 18.77
N ASP BB 28 81.65 89.77 18.29
CA ASP BB 28 82.46 88.58 18.50
C ASP BB 28 82.55 88.37 20.00
N ARG BB 29 83.09 89.36 20.73
CA ARG BB 29 83.61 89.11 22.08
C ARG BB 29 82.52 88.60 23.02
N LEU BB 30 81.32 89.18 22.93
CA LEU BB 30 80.21 88.74 23.78
C LEU BB 30 79.64 87.37 23.41
N ARG BB 31 79.98 86.82 22.24
CA ARG BB 31 79.34 85.59 21.79
C ARG BB 31 79.92 84.37 22.48
N TYR BB 32 81.24 84.18 22.40
CA TYR BB 32 81.89 83.09 23.13
C TYR BB 32 81.93 83.35 24.63
N VAL BB 33 81.73 84.60 25.06
CA VAL BB 33 81.41 84.83 26.46
C VAL BB 33 80.07 84.16 26.79
N GLU BB 34 79.04 84.39 25.95
CA GLU BB 34 77.75 83.73 26.14
C GLU BB 34 77.85 82.21 25.97
N LEU BB 35 78.75 81.74 25.11
CA LEU BB 35 78.98 80.31 24.98
C LEU BB 35 79.59 79.74 26.25
N LYS BB 36 80.51 80.47 26.87
CA LYS BB 36 81.15 79.96 28.07
C LYS BB 36 80.20 80.03 29.27
N HIS BB 37 79.43 81.11 29.38
CA HIS BB 37 78.39 81.17 30.40
C HIS BB 37 77.27 80.18 30.10
N GLY BB 38 77.10 79.85 28.83
CA GLY BB 38 76.27 78.74 28.43
C GLY BB 38 76.77 77.45 29.05
N ARG BB 39 78.03 77.09 28.73
CA ARG BB 39 78.58 75.78 29.08
C ARG BB 39 78.65 75.57 30.59
N ILE BB 40 78.87 76.64 31.35
CA ILE BB 40 79.02 76.50 32.79
C ILE BB 40 77.66 76.41 33.46
N SER BB 41 76.70 77.22 33.00
CA SER BB 41 75.38 77.20 33.61
C SER BB 41 74.62 75.92 33.31
N MET BB 42 74.96 75.24 32.21
CA MET BB 42 74.24 74.04 31.84
C MET BB 42 74.65 72.86 32.71
N LEU BB 43 75.94 72.70 32.98
CA LEU BB 43 76.32 71.63 33.89
C LEU BB 43 76.24 72.05 35.34
N ALA BB 44 75.81 73.27 35.62
CA ALA BB 44 75.51 73.61 37.00
C ALA BB 44 74.05 73.35 37.33
N VAL BB 45 73.13 73.53 36.36
CA VAL BB 45 71.73 73.23 36.65
C VAL BB 45 71.51 71.73 36.74
N VAL BB 46 72.20 70.95 35.89
CA VAL BB 46 72.06 69.50 35.97
C VAL BB 46 72.91 68.96 37.11
N GLY BB 47 73.99 69.67 37.45
CA GLY BB 47 74.66 69.40 38.71
C GLY BB 47 73.74 69.64 39.88
N TYR BB 48 72.92 70.69 39.80
CA TYR BB 48 71.99 71.04 40.88
C TYR BB 48 70.88 70.01 41.01
N LEU BB 49 70.38 69.50 39.89
CA LEU BB 49 69.27 68.54 39.95
C LEU BB 49 69.76 67.17 40.42
N ILE BB 50 70.94 66.75 39.98
CA ILE BB 50 71.43 65.43 40.35
C ILE BB 50 71.90 65.41 41.81
N GLU BB 51 72.48 66.53 42.28
CA GLU BB 51 72.79 66.64 43.70
C GLU BB 51 71.52 66.63 44.55
N LYS BB 52 70.45 67.29 44.09
CA LYS BB 52 69.23 67.36 44.87
C LYS BB 52 68.44 66.07 44.82
N ALA BB 53 68.62 65.26 43.78
CA ALA BB 53 67.87 64.00 43.64
C ALA BB 53 68.28 62.94 44.66
N GLY BB 54 69.20 63.23 45.58
CA GLY BB 54 69.69 62.25 46.50
C GLY BB 54 70.81 61.41 45.95
N ILE BB 55 71.26 61.71 44.74
CA ILE BB 55 72.32 60.95 44.10
C ILE BB 55 73.65 61.46 44.65
N ARG BB 56 74.23 60.67 45.56
CA ARG BB 56 75.53 60.95 46.13
C ARG BB 56 76.40 59.72 45.96
N LEU BB 57 77.68 59.87 46.26
CA LEU BB 57 78.63 58.79 46.27
C LEU BB 57 78.73 58.19 47.66
N PRO BB 58 79.19 56.94 47.78
CA PRO BB 58 79.43 56.39 49.12
C PRO BB 58 80.79 56.81 49.67
N GLY BB 59 80.87 56.82 50.99
CA GLY BB 59 82.14 56.97 51.70
C GLY BB 59 82.37 58.38 52.20
N ASN BB 60 83.43 58.50 53.01
CA ASN BB 60 83.90 59.81 53.46
C ASN BB 60 84.61 60.52 52.31
N ILE BB 61 84.69 61.86 52.40
CA ILE BB 61 85.43 62.61 51.40
C ILE BB 61 86.92 62.65 51.73
N SER BB 62 87.30 62.59 53.01
CA SER BB 62 88.65 62.94 53.44
C SER BB 62 88.84 62.46 54.87
N TYR BB 63 89.94 62.89 55.48
CA TYR BB 63 90.27 62.59 56.88
C TYR BB 63 89.42 63.38 57.86
N ASP BB 64 88.75 64.44 57.40
CA ASP BB 64 87.70 65.14 58.16
C ASP BB 64 86.60 64.21 58.63
N GLY BB 65 86.28 63.17 57.87
CA GLY BB 65 85.14 62.35 58.23
C GLY BB 65 83.85 62.92 57.73
N THR BB 66 83.90 63.65 56.63
CA THR BB 66 82.73 64.20 55.97
C THR BB 66 82.32 63.21 54.89
N THR BB 67 81.13 62.63 55.00
CA THR BB 67 80.69 61.80 53.89
C THR BB 67 80.20 62.69 52.75
N PHE BB 68 79.91 62.05 51.62
CA PHE BB 68 79.26 62.75 50.52
C PHE BB 68 77.85 63.17 50.89
N ALA BB 69 77.22 62.48 51.85
CA ALA BB 69 75.90 62.88 52.33
C ALA BB 69 75.98 63.97 53.39
N ASP BB 70 77.14 64.10 54.04
CA ASP BB 70 77.29 65.12 55.09
C ASP BB 70 77.23 66.52 54.50
N ILE BB 71 77.87 66.70 53.33
CA ILE BB 71 77.83 67.95 52.58
C ILE BB 71 76.38 68.22 52.23
N PRO BB 72 75.80 69.30 52.73
CA PRO BB 72 74.41 69.62 52.40
C PRO BB 72 74.29 70.00 50.94
N ASP BB 73 73.09 69.88 50.41
CA ASP BB 73 72.82 70.22 49.02
C ASP BB 73 72.81 71.75 48.88
N GLY BB 74 72.73 72.24 47.66
CA GLY BB 74 72.48 73.64 47.43
C GLY BB 74 73.73 74.47 47.63
N PHE BB 75 73.52 75.73 48.05
CA PHE BB 75 74.58 76.74 48.01
C PHE BB 75 75.74 76.41 48.92
N ALA BB 76 75.45 75.94 50.13
CA ALA BB 76 76.49 75.80 51.15
C ALA BB 76 77.45 74.66 50.85
N ALA BB 77 77.11 73.81 49.87
CA ALA BB 77 77.95 72.68 49.46
C ALA BB 77 79.34 73.15 49.04
N LEU BB 78 79.40 74.00 47.99
CA LEU BB 78 80.70 74.49 47.52
C LEU BB 78 81.36 75.40 48.55
N SER BB 79 80.58 75.98 49.47
CA SER BB 79 81.14 76.85 50.50
C SER BB 79 81.94 76.06 51.52
N LYS BB 80 81.43 74.91 51.97
CA LYS BB 80 82.09 74.16 53.02
C LYS BB 80 82.83 72.92 52.51
N ILE BB 81 83.16 72.87 51.22
CA ILE BB 81 84.19 71.98 50.70
C ILE BB 81 85.46 72.34 51.44
N PRO BB 82 86.25 71.37 51.94
CA PRO BB 82 87.47 71.73 52.67
C PRO BB 82 88.44 72.44 51.74
N ASP BB 83 89.23 73.34 52.33
CA ASP BB 83 89.95 74.35 51.57
C ASP BB 83 90.94 73.71 50.61
N ALA BB 84 91.61 72.64 51.06
CA ALA BB 84 92.58 71.91 50.24
C ALA BB 84 91.92 71.26 49.02
N GLY BB 85 90.64 70.91 49.14
CA GLY BB 85 89.91 70.45 47.97
C GLY BB 85 89.66 71.56 46.98
N LEU BB 86 89.48 72.78 47.46
CA LEU BB 86 89.24 73.91 46.57
C LEU BB 86 90.51 74.31 45.84
N PHE BB 87 91.68 74.08 46.46
CA PHE BB 87 92.95 74.32 45.75
C PHE BB 87 93.14 73.33 44.61
N GLN BB 88 92.65 72.09 44.77
CA GLN BB 88 92.86 71.08 43.75
C GLN BB 88 91.82 71.17 42.65
N LEU BB 89 90.64 71.72 42.96
CA LEU BB 89 89.78 72.25 41.92
C LEU BB 89 90.52 73.30 41.11
N PHE BB 90 91.19 74.21 41.81
CA PHE BB 90 91.92 75.30 41.17
C PHE BB 90 93.08 74.81 40.36
N ALA BB 91 93.80 73.83 40.90
CA ALA BB 91 94.97 73.30 40.23
C ALA BB 91 94.58 72.58 38.96
N PHE BB 92 93.49 71.82 38.99
CA PHE BB 92 93.14 71.03 37.81
C PHE BB 92 92.29 71.80 36.82
N ILE BB 93 91.24 72.48 37.31
CA ILE BB 93 90.37 73.24 36.39
C ILE BB 93 91.16 74.38 35.77
N GLY BB 94 91.97 75.07 36.57
CA GLY BB 94 92.78 76.17 36.07
C GLY BB 94 93.77 75.76 35.01
N PHE BB 95 94.37 74.57 35.17
CA PHE BB 95 95.18 74.00 34.09
C PHE BB 95 94.29 73.66 32.89
N LEU BB 96 93.13 73.06 33.14
CA LEU BB 96 92.21 72.75 32.05
C LEU BB 96 91.58 74.01 31.48
N GLU BB 97 91.50 75.11 32.24
CA GLU BB 97 90.81 76.29 31.75
C GLU BB 97 91.68 77.21 30.89
N VAL BB 98 92.68 77.84 31.51
CA VAL BB 98 93.46 78.87 30.80
C VAL BB 98 94.37 78.20 29.77
N PHE BB 99 94.78 76.97 30.06
CA PHE BB 99 95.60 76.26 29.11
C PHE BB 99 94.70 75.45 28.20
N VAL BB 100 95.27 74.40 27.65
CA VAL BB 100 95.24 74.17 26.22
C VAL BB 100 94.11 73.22 25.83
N MET BB 101 93.60 72.45 26.79
CA MET BB 101 92.60 71.44 26.49
C MET BB 101 91.29 72.07 26.09
N LYS BB 102 91.00 73.24 26.64
CA LYS BB 102 89.80 74.01 26.32
C LYS BB 102 90.10 75.26 25.51
N ASP BB 103 91.35 75.46 25.10
CA ASP BB 103 92.09 76.73 25.24
C ASP BB 103 91.24 77.94 24.95
N ILE BB 104 90.95 78.70 26.01
CA ILE BB 104 89.93 79.73 26.00
C ILE BB 104 90.47 81.12 25.77
N THR BB 105 91.78 81.26 25.60
CA THR BB 105 92.41 82.57 25.73
C THR BB 105 92.47 83.25 24.37
N GLY BB 106 92.16 84.54 24.34
CA GLY BB 106 91.72 85.23 23.15
C GLY BB 106 90.24 85.04 22.88
N GLY BB 107 89.78 83.79 22.91
CA GLY BB 107 88.43 83.45 23.26
C GLY BB 107 87.35 83.83 22.28
N GLU BB 108 87.56 83.54 21.00
CA GLU BB 108 86.49 83.59 20.03
C GLU BB 108 86.57 82.33 19.18
N PHE BB 109 85.57 81.47 19.36
CA PHE BB 109 85.25 80.38 18.45
C PHE BB 109 86.42 79.39 18.36
N VAL BB 110 86.78 78.88 19.54
CA VAL BB 110 87.93 77.99 19.64
C VAL BB 110 87.62 76.66 18.97
N GLY BB 111 86.43 76.11 19.25
CA GLY BB 111 85.95 74.92 18.59
C GLY BB 111 86.49 73.63 19.15
N ASP BB 112 87.64 73.67 19.83
CA ASP BB 112 88.17 72.67 20.76
C ASP BB 112 88.51 71.31 20.15
N PHE BB 113 88.17 71.11 18.87
CA PHE BB 113 88.36 69.89 18.09
C PHE BB 113 87.79 68.67 18.79
N ARG BB 114 86.48 68.74 19.02
CA ARG BB 114 85.76 67.84 19.91
C ARG BB 114 84.31 67.71 19.45
N ASN BB 115 83.84 66.50 19.21
CA ASN BB 115 82.44 66.33 18.84
C ASN BB 115 81.76 65.28 19.72
N GLY BB 116 80.42 65.28 19.70
CA GLY BB 116 79.62 64.63 20.73
C GLY BB 116 79.48 63.12 20.74
N PHE BB 117 78.64 62.58 19.85
CA PHE BB 117 78.70 61.17 19.51
C PHE BB 117 79.65 60.92 18.36
N ILE BB 118 80.88 61.41 18.39
CA ILE BB 118 81.51 62.35 17.42
C ILE BB 118 80.93 62.57 16.00
N ASP BB 119 79.73 62.04 15.71
CA ASP BB 119 78.73 62.71 14.88
C ASP BB 119 78.78 64.25 14.90
N PHE BB 120 78.48 64.89 13.75
CA PHE BB 120 78.15 66.33 13.59
C PHE BB 120 79.28 67.35 13.70
N GLY BB 121 80.21 67.31 12.79
CA GLY BB 121 80.83 68.59 12.52
C GLY BB 121 80.58 69.10 11.11
N TRP BB 122 80.55 68.17 10.14
CA TRP BB 122 80.65 68.47 8.71
C TRP BB 122 80.37 67.25 7.86
N ASP BB 123 80.52 67.39 6.53
CA ASP BB 123 80.64 66.33 5.53
C ASP BB 123 79.49 65.33 5.59
N SER BB 124 78.33 65.88 5.90
CA SER BB 124 77.08 65.24 6.27
C SER BB 124 76.02 66.30 6.01
N PHE BB 125 74.92 66.24 6.75
CA PHE BB 125 74.04 67.39 6.85
C PHE BB 125 74.83 68.63 7.26
N ASP BB 126 74.94 69.57 6.31
CA ASP BB 126 75.61 70.84 6.52
C ASP BB 126 74.68 71.89 7.11
N GLU BB 127 73.41 71.55 7.29
CA GLU BB 127 72.39 72.43 7.86
C GLU BB 127 72.12 72.10 9.33
N GLU BB 128 72.46 70.91 9.78
CA GLU BB 128 72.12 70.51 11.14
C GLU BB 128 73.21 70.90 12.14
N THR BB 129 74.45 70.50 11.86
CA THR BB 129 75.53 70.71 12.81
C THR BB 129 75.98 72.16 12.85
N LYS BB 130 75.68 72.92 11.79
CA LYS BB 130 75.93 74.35 11.73
C LYS BB 130 74.58 75.02 11.52
N LEU BB 131 74.34 76.11 12.25
CA LEU BB 131 73.17 76.99 12.31
C LEU BB 131 71.97 76.35 13.02
N LYS BB 132 71.99 75.06 13.37
CA LYS BB 132 70.92 74.55 14.22
C LYS BB 132 71.42 73.95 15.53
N LYS BB 133 72.29 72.94 15.47
CA LYS BB 133 72.78 72.33 16.70
C LYS BB 133 73.78 73.23 17.41
N ARG BB 134 74.48 74.05 16.64
CA ARG BB 134 75.31 75.09 17.20
C ARG BB 134 74.46 76.22 17.76
N ALA BB 135 73.22 76.32 17.31
CA ALA BB 135 72.29 77.31 17.86
C ALA BB 135 71.62 76.82 19.14
N ILE BB 136 71.41 75.50 19.28
CA ILE BB 136 70.64 75.06 20.44
C ILE BB 136 71.46 75.16 21.72
N GLU BB 137 72.73 74.77 21.66
CA GLU BB 137 73.57 74.72 22.85
C GLU BB 137 73.74 76.09 23.49
N LEU BB 138 73.90 77.10 22.64
CA LEU BB 138 73.83 78.48 23.09
C LEU BB 138 72.47 78.78 23.71
N ASN BB 139 71.37 78.40 23.04
CA ASN BB 139 70.04 78.61 23.59
C ASN BB 139 69.78 77.74 24.80
N GLN BB 140 70.38 76.55 24.84
CA GLN BB 140 70.32 75.70 26.02
C GLN BB 140 71.04 76.35 27.17
N GLY BB 141 72.15 77.03 26.89
CA GLY BB 141 72.77 77.88 27.89
C GLY BB 141 71.87 79.01 28.31
N ARG BB 142 71.09 79.56 27.36
CA ARG BB 142 70.22 80.69 27.65
C ARG BB 142 69.12 80.32 28.63
N ALA BB 143 68.65 79.08 28.58
CA ALA BB 143 67.73 78.64 29.62
C ALA BB 143 68.45 78.42 30.93
N ALA BB 144 69.66 77.86 30.88
CA ALA BB 144 70.35 77.46 32.10
C ALA BB 144 70.95 78.65 32.84
N MET BB 145 71.35 79.69 32.09
CA MET BB 145 71.80 80.92 32.72
C MET BB 145 70.67 81.57 33.51
N MET BB 146 69.46 81.55 32.96
CA MET BB 146 68.28 82.01 33.68
C MET BB 146 67.94 81.10 34.85
N GLY BB 147 68.35 79.84 34.78
CA GLY BB 147 67.98 78.89 35.82
C GLY BB 147 68.71 79.12 37.13
N ILE BB 148 69.92 79.67 37.06
CA ILE BB 148 70.75 79.80 38.26
C ILE BB 148 70.53 81.14 38.95
N LEU BB 149 70.27 82.19 38.16
CA LEU BB 149 69.77 83.45 38.71
C LEU BB 149 68.52 83.20 39.53
N ALA BB 150 67.61 82.40 38.99
CA ALA BB 150 66.52 81.84 39.76
C ALA BB 150 67.02 81.10 40.98
N LEU BB 151 67.82 80.05 40.73
CA LEU BB 151 68.21 79.05 41.73
C LEU BB 151 68.85 79.68 42.95
N MET BB 152 69.73 80.65 42.73
CA MET BB 152 70.33 81.40 43.82
C MET BB 152 69.26 82.16 44.60
N VAL BB 153 68.31 82.78 43.89
CA VAL BB 153 67.28 83.57 44.55
C VAL BB 153 66.23 82.67 45.19
N HIS BB 154 65.95 81.51 44.58
CA HIS BB 154 65.15 80.46 45.24
C HIS BB 154 65.83 80.00 46.52
N GLU BB 155 67.16 79.96 46.53
CA GLU BB 155 67.90 79.55 47.71
C GLU BB 155 68.18 80.72 48.66
N LYS BB 156 68.20 81.95 48.15
CA LYS BB 156 68.50 83.11 48.98
C LYS BB 156 67.39 83.36 49.99
N LEU BB 157 66.15 83.05 49.63
CA LEU BB 157 65.03 83.37 50.50
C LEU BB 157 64.92 82.40 51.66
N ILE BB 158 64.88 81.11 51.35
CA ILE BB 158 64.42 80.07 52.27
C ILE BB 158 65.49 78.98 52.19
N PRO BB 159 65.39 77.82 52.85
CA PRO BB 159 66.35 76.76 52.55
C PRO BB 159 66.25 76.24 51.13
N LEU BB 160 67.16 75.32 50.83
CA LEU BB 160 67.41 74.57 49.61
C LEU BB 160 66.15 74.11 48.89
N GLY BB 161 66.16 74.06 47.56
CA GLY BB 161 64.98 73.76 46.76
C GLY BB 161 64.15 72.53 47.08
N TYR BB 162 64.79 71.48 47.59
CA TYR BB 162 64.06 70.32 48.07
C TYR BB 162 63.24 70.66 49.32
N ASP BB 163 63.80 71.47 50.21
CA ASP BB 163 63.11 72.16 51.30
C ASP BB 163 62.49 73.48 50.81
N ALA BB 164 62.43 73.69 49.51
CA ALA BB 164 61.51 74.70 48.99
C ALA BB 164 60.32 74.04 48.34
N ASP BB 165 60.50 72.81 47.88
CA ASP BB 165 59.39 72.11 47.24
C ASP BB 165 58.50 71.45 48.28
N LEU BB 166 59.04 71.01 49.42
CA LEU BB 166 58.18 70.38 50.42
C LEU BB 166 57.32 71.44 51.13
N PRO BB 167 57.88 72.59 51.64
CA PRO BB 167 56.99 73.71 51.98
C PRO BB 167 56.63 74.55 50.76
N ILE BB 168 56.13 75.77 51.05
CA ILE BB 168 55.52 76.69 50.09
C ILE BB 168 56.38 76.89 48.85
N ILE BB 169 55.71 76.88 47.70
CA ILE BB 169 56.33 77.21 46.42
C ILE BB 169 56.00 78.64 45.99
N GLY BB 170 54.92 79.22 46.53
CA GLY BB 170 54.45 80.52 46.09
C GLY BB 170 55.38 81.67 46.46
N HIS BB 171 55.05 82.83 45.89
CA HIS BB 171 55.85 84.04 46.06
C HIS BB 171 55.81 84.53 47.51
N LEU BB 172 56.76 85.41 47.83
CA LEU BB 172 56.82 86.02 49.16
C LEU BB 172 55.61 86.93 49.38
N GLU CB 1 55.77 62.52 1.82
CA GLU CB 1 55.47 62.48 0.39
C GLU CB 1 54.04 62.03 0.13
N ASN CB 2 53.71 61.90 -1.15
CA ASN CB 2 52.39 61.43 -1.55
C ASN CB 2 52.25 59.94 -1.29
N GLU CB 3 53.22 59.14 -1.69
CA GLU CB 3 53.11 57.70 -1.61
C GLU CB 3 54.18 57.20 -0.65
N LEU CB 4 53.90 57.25 0.64
CA LEU CB 4 54.79 56.71 1.66
C LEU CB 4 54.26 55.39 2.20
N GLY CB 5 52.95 55.31 2.43
CA GLY CB 5 52.29 54.18 3.05
C GLY CB 5 51.48 53.36 2.07
N ALA CB 6 52.09 53.07 0.90
CA ALA CB 6 51.52 52.22 -0.14
C ALA CB 6 52.55 51.19 -0.57
N GLN CB 7 52.54 50.00 0.09
CA GLN CB 7 53.56 48.94 0.02
C GLN CB 7 52.91 47.63 0.48
N PRO CB 8 53.49 46.42 0.24
CA PRO CB 8 52.72 45.16 0.38
C PRO CB 8 52.20 44.91 1.78
N PRO CB 9 51.11 44.15 1.92
CA PRO CB 9 50.33 43.39 0.94
C PRO CB 9 49.32 44.24 0.18
N LEU CB 10 48.83 45.29 0.84
CA LEU CB 10 47.73 46.06 0.31
C LEU CB 10 48.23 47.03 -0.75
N GLY CB 11 49.43 47.56 -0.55
CA GLY CB 11 49.92 48.61 -1.42
C GLY CB 11 49.08 49.84 -1.23
N PHE CB 12 48.56 50.36 -2.34
CA PHE CB 12 47.56 51.41 -2.29
C PHE CB 12 46.22 50.78 -1.91
N PHE CB 13 45.44 51.48 -1.07
CA PHE CB 13 44.21 50.90 -0.55
C PHE CB 13 43.22 51.99 -0.23
N ASP CB 14 42.12 52.03 -1.00
CA ASP CB 14 41.05 52.99 -0.80
C ASP CB 14 39.74 52.33 -1.18
N PRO CB 15 39.12 51.60 -0.23
CA PRO CB 15 37.87 50.91 -0.56
C PRO CB 15 36.67 51.82 -0.64
N LEU CB 16 36.77 53.07 -0.18
CA LEU CB 16 35.66 54.00 -0.30
C LEU CB 16 35.87 55.06 -1.37
N GLY CB 17 37.09 55.20 -1.88
CA GLY CB 17 37.34 56.09 -2.99
C GLY CB 17 37.62 57.53 -2.63
N LEU CB 18 38.27 57.78 -1.50
CA LEU CB 18 38.51 59.16 -1.08
C LEU CB 18 39.70 59.78 -1.82
N VAL CB 19 40.63 58.95 -2.30
CA VAL CB 19 41.74 59.42 -3.13
C VAL CB 19 41.44 59.16 -4.61
N GLU CB 20 40.17 58.94 -4.96
CA GLU CB 20 39.80 58.72 -6.36
C GLU CB 20 40.03 59.96 -7.22
N ASP CB 21 39.61 61.12 -6.74
CA ASP CB 21 40.02 62.34 -7.41
C ASP CB 21 41.41 62.75 -6.93
N GLY CB 22 41.80 63.98 -7.30
CA GLY CB 22 43.08 64.52 -6.89
C GLY CB 22 43.20 64.76 -5.40
N ASN CB 23 42.34 65.62 -4.86
CA ASN CB 23 42.28 65.99 -3.44
C ASN CB 23 43.61 66.50 -2.91
N GLN CB 24 44.19 67.48 -3.61
CA GLN CB 24 45.56 67.91 -3.34
C GLN CB 24 45.69 68.51 -1.96
N ALA CB 25 44.84 69.49 -1.63
CA ALA CB 25 44.83 70.03 -0.28
C ALA CB 25 44.21 69.04 0.70
N LYS CB 26 43.27 68.23 0.22
CA LYS CB 26 42.61 67.27 1.10
C LYS CB 26 43.57 66.16 1.51
N PHE CB 27 44.35 65.64 0.56
CA PHE CB 27 45.35 64.62 0.90
C PHE CB 27 46.44 65.18 1.81
N ASP CB 28 46.71 66.48 1.73
CA ASP CB 28 47.68 67.11 2.62
C ASP CB 28 47.24 66.99 4.07
N ARG CB 29 45.96 67.27 4.34
CA ARG CB 29 45.45 67.13 5.69
C ARG CB 29 45.37 65.66 6.07
N LEU CB 30 44.62 64.88 5.28
CA LEU CB 30 44.31 63.47 5.53
C LEU CB 30 45.52 62.61 5.83
N ARG CB 31 46.58 62.82 5.06
CA ARG CB 31 47.80 62.07 5.26
C ARG CB 31 48.42 62.40 6.59
N TYR CB 32 48.45 63.68 6.93
CA TYR CB 32 48.96 64.07 8.23
C TYR CB 32 48.01 63.63 9.33
N VAL CB 33 46.71 63.68 9.05
CA VAL CB 33 45.72 63.19 10.00
C VAL CB 33 45.93 61.71 10.28
N GLU CB 34 46.29 60.94 9.26
CA GLU CB 34 46.73 59.58 9.49
C GLU CB 34 48.11 59.54 10.15
N LEU CB 35 48.97 60.50 9.83
CA LEU CB 35 50.31 60.53 10.41
C LEU CB 35 50.28 60.93 11.87
N LYS CB 36 49.46 61.92 12.22
CA LYS CB 36 49.47 62.41 13.59
C LYS CB 36 48.80 61.42 14.54
N HIS CB 37 47.67 60.86 14.11
CA HIS CB 37 47.05 59.76 14.85
C HIS CB 37 47.98 58.57 14.94
N GLY CB 38 48.86 58.41 13.96
CA GLY CB 38 49.94 57.45 14.11
C GLY CB 38 50.79 57.72 15.32
N ARG CB 39 51.20 58.98 15.49
CA ARG CB 39 52.15 59.32 16.54
C ARG CB 39 51.52 59.23 17.92
N ILE CB 40 50.25 59.60 18.03
CA ILE CB 40 49.56 59.56 19.31
C ILE CB 40 49.29 58.12 19.71
N SER CB 41 48.87 57.30 18.75
CA SER CB 41 48.49 55.93 19.07
C SER CB 41 49.69 55.08 19.40
N MET CB 42 50.84 55.39 18.81
CA MET CB 42 52.04 54.60 19.08
C MET CB 42 52.53 54.84 20.49
N LEU CB 43 52.40 56.06 20.99
CA LEU CB 43 52.84 56.32 22.34
C LEU CB 43 51.77 56.01 23.37
N ALA CB 44 50.53 55.80 22.94
CA ALA CB 44 49.49 55.44 23.91
C ALA CB 44 49.40 53.94 24.11
N VAL CB 45 49.95 53.13 23.20
CA VAL CB 45 50.12 51.72 23.51
C VAL CB 45 51.45 51.50 24.23
N VAL CB 46 52.44 52.34 23.98
CA VAL CB 46 53.67 52.26 24.75
C VAL CB 46 53.46 52.90 26.10
N GLY CB 47 52.60 53.91 26.15
CA GLY CB 47 52.11 54.37 27.42
C GLY CB 47 51.28 53.33 28.13
N TYR CB 48 50.58 52.49 27.37
CA TYR CB 48 49.78 51.43 27.96
C TYR CB 48 50.66 50.40 28.66
N LEU CB 49 51.57 49.77 27.90
CA LEU CB 49 52.33 48.63 28.40
C LEU CB 49 53.26 49.01 29.54
N ILE CB 50 53.77 50.24 29.52
CA ILE CB 50 54.66 50.65 30.59
C ILE CB 50 53.88 50.99 31.84
N GLU CB 51 52.62 51.40 31.70
CA GLU CB 51 51.76 51.48 32.88
C GLU CB 51 51.39 50.09 33.38
N LYS CB 52 50.97 49.21 32.47
CA LYS CB 52 50.43 47.90 32.85
C LYS CB 52 51.49 46.95 33.40
N ALA CB 53 52.74 47.09 33.00
CA ALA CB 53 53.77 46.21 33.50
C ALA CB 53 54.21 46.54 34.92
N GLY CB 54 53.61 47.55 35.55
CA GLY CB 54 53.98 47.91 36.90
C GLY CB 54 55.18 48.82 36.99
N ILE CB 55 55.47 49.58 35.94
CA ILE CB 55 56.54 50.58 35.97
C ILE CB 55 55.92 51.89 36.43
N ARG CB 56 56.22 52.28 37.66
CA ARG CB 56 55.64 53.47 38.26
C ARG CB 56 56.73 54.35 38.85
N LEU CB 57 56.32 55.49 39.39
CA LEU CB 57 57.19 56.41 40.09
C LEU CB 57 56.69 56.56 41.51
N PRO CB 58 57.53 56.43 42.53
CA PRO CB 58 57.06 56.68 43.90
C PRO CB 58 56.75 58.15 44.11
N GLY CB 59 55.92 58.42 45.09
CA GLY CB 59 55.60 59.81 45.32
C GLY CB 59 54.15 60.11 45.02
N ASN CB 60 53.61 61.05 45.77
CA ASN CB 60 52.29 61.60 45.46
C ASN CB 60 52.34 62.33 44.12
N ILE CB 61 51.20 62.35 43.41
CA ILE CB 61 51.13 63.22 42.25
C ILE CB 61 50.76 64.63 42.66
N SER CB 62 50.16 64.81 43.83
CA SER CB 62 49.67 66.11 44.25
C SER CB 62 49.74 66.16 45.78
N TYR CB 63 48.98 67.07 46.37
CA TYR CB 63 48.83 67.13 47.82
C TYR CB 63 47.79 66.16 48.36
N ASP CB 64 46.99 65.54 47.48
CA ASP CB 64 45.89 64.64 47.83
C ASP CB 64 46.38 63.41 48.59
N GLY CB 65 47.63 63.02 48.46
CA GLY CB 65 47.95 61.67 48.86
C GLY CB 65 47.59 60.67 47.79
N THR CB 66 47.30 61.15 46.59
CA THR CB 66 47.19 60.31 45.41
C THR CB 66 48.61 60.04 44.92
N THR CB 67 49.10 58.83 45.17
CA THR CB 67 50.39 58.49 44.60
C THR CB 67 50.21 58.10 43.13
N PHE CB 68 51.34 57.88 42.45
CA PHE CB 68 51.26 57.28 41.13
C PHE CB 68 50.88 55.81 41.22
N ALA CB 69 51.20 55.16 42.33
CA ALA CB 69 50.75 53.80 42.55
C ALA CB 69 49.27 53.72 42.91
N ASP CB 70 48.68 54.82 43.36
CA ASP CB 70 47.25 54.83 43.62
C ASP CB 70 46.45 54.98 42.34
N ILE CB 71 46.97 55.75 41.39
CA ILE CB 71 46.33 55.92 40.09
C ILE CB 71 46.36 54.59 39.38
N PRO CB 72 45.20 54.01 39.09
CA PRO CB 72 45.16 52.63 38.61
C PRO CB 72 45.61 52.52 37.17
N ASP CB 73 46.08 51.33 36.85
CA ASP CB 73 46.25 50.91 35.47
C ASP CB 73 44.93 51.06 34.71
N GLY CB 74 45.02 51.49 33.47
CA GLY CB 74 43.88 51.39 32.58
C GLY CB 74 43.24 52.72 32.25
N PHE CB 75 41.98 52.62 31.81
CA PHE CB 75 41.27 53.80 31.35
C PHE CB 75 40.99 54.77 32.47
N ALA CB 76 40.82 54.26 33.70
CA ALA CB 76 40.45 55.11 34.82
C ALA CB 76 41.53 56.10 35.17
N ALA CB 77 42.76 55.84 34.73
CA ALA CB 77 43.93 56.65 35.07
C ALA CB 77 43.79 58.09 34.59
N LEU CB 78 43.54 58.29 33.29
CA LEU CB 78 43.46 59.65 32.76
C LEU CB 78 42.22 60.38 33.23
N SER CB 79 41.18 59.64 33.63
CA SER CB 79 39.99 60.28 34.18
C SER CB 79 40.25 60.85 35.57
N LYS CB 80 40.84 60.06 36.46
CA LYS CB 80 41.00 60.51 37.83
C LYS CB 80 42.34 61.16 38.10
N ILE CB 81 43.04 61.62 37.07
CA ILE CB 81 44.05 62.66 37.24
C ILE CB 81 43.38 63.88 37.85
N PRO CB 82 43.97 64.54 38.86
CA PRO CB 82 43.33 65.73 39.42
C PRO CB 82 43.24 66.83 38.39
N ASP CB 83 42.21 67.68 38.55
CA ASP CB 83 41.74 68.54 37.46
C ASP CB 83 42.81 69.53 37.05
N ALA CB 84 43.45 70.18 38.03
CA ALA CB 84 44.48 71.19 37.74
C ALA CB 84 45.71 70.59 37.07
N GLY CB 85 45.93 69.29 37.22
CA GLY CB 85 46.92 68.62 36.38
C GLY CB 85 46.52 68.62 34.92
N LEU CB 86 45.23 68.37 34.64
CA LEU CB 86 44.78 68.31 33.25
C LEU CB 86 44.69 69.70 32.63
N PHE CB 87 44.45 70.74 33.43
CA PHE CB 87 44.57 72.09 32.91
C PHE CB 87 46.02 72.39 32.52
N GLN CB 88 46.98 71.85 33.27
CA GLN CB 88 48.37 72.04 32.91
C GLN CB 88 48.77 71.14 31.73
N LEU CB 89 48.12 69.99 31.58
CA LEU CB 89 48.33 69.19 30.38
C LEU CB 89 47.85 69.93 29.15
N PHE CB 90 46.66 70.55 29.24
CA PHE CB 90 46.15 71.30 28.10
C PHE CB 90 46.96 72.56 27.86
N ALA CB 91 47.67 73.05 28.87
CA ALA CB 91 48.51 74.23 28.69
C ALA CB 91 49.81 73.90 27.95
N PHE CB 92 50.54 72.89 28.44
CA PHE CB 92 51.88 72.64 27.90
C PHE CB 92 51.82 71.89 26.58
N ILE CB 93 51.01 70.83 26.51
CA ILE CB 93 50.79 70.14 25.25
C ILE CB 93 50.16 71.07 24.25
N GLY CB 94 49.19 71.87 24.69
CA GLY CB 94 48.52 72.79 23.78
C GLY CB 94 49.43 73.86 23.23
N PHE CB 95 50.42 74.28 24.00
CA PHE CB 95 51.45 75.15 23.43
C PHE CB 95 52.31 74.35 22.46
N LEU CB 96 52.80 73.19 22.92
CA LEU CB 96 53.62 72.28 22.10
C LEU CB 96 52.87 71.77 20.88
N GLU CB 97 51.55 71.70 20.92
CA GLU CB 97 50.81 71.22 19.77
C GLU CB 97 50.68 72.29 18.71
N VAL CB 98 50.31 73.50 19.13
CA VAL CB 98 49.68 74.43 18.22
C VAL CB 98 50.74 75.33 17.58
N PHE CB 99 51.50 76.09 18.37
CA PHE CB 99 52.37 77.09 17.77
C PHE CB 99 53.87 76.83 17.96
N VAL CB 100 54.29 76.00 18.92
CA VAL CB 100 55.72 75.81 19.17
C VAL CB 100 56.10 74.35 18.97
N MET CB 101 57.24 74.14 18.30
CA MET CB 101 58.02 72.91 18.25
C MET CB 101 57.38 71.71 17.57
N LYS CB 102 56.08 71.78 17.27
CA LYS CB 102 55.38 70.74 16.53
C LYS CB 102 54.32 71.34 15.61
N ASP CB 103 54.56 72.57 15.11
CA ASP CB 103 53.59 73.42 14.43
C ASP CB 103 52.84 72.70 13.32
N ILE CB 104 51.51 72.77 13.39
CA ILE CB 104 50.63 72.18 12.39
C ILE CB 104 49.84 73.32 11.75
N THR CB 105 49.78 73.32 10.42
CA THR CB 105 49.18 74.45 9.72
C THR CB 105 47.93 74.03 8.98
N GLY CB 106 48.12 73.10 8.04
CA GLY CB 106 47.06 72.29 7.47
C GLY CB 106 47.45 70.84 7.47
N GLY CB 107 48.46 70.48 8.27
CA GLY CB 107 49.03 69.16 8.26
C GLY CB 107 50.07 69.00 7.18
N GLU CB 108 51.10 69.85 7.23
CA GLU CB 108 51.78 70.38 6.06
C GLU CB 108 52.74 69.43 5.33
N PHE CB 109 52.57 68.11 5.52
CA PHE CB 109 53.58 67.09 5.24
C PHE CB 109 54.81 67.46 6.07
N VAL CB 110 54.66 67.28 7.39
CA VAL CB 110 55.46 67.96 8.41
C VAL CB 110 56.94 67.62 8.31
N GLY CB 111 57.78 68.64 8.48
CA GLY CB 111 59.23 68.44 8.59
C GLY CB 111 59.80 68.41 10.00
N ASP CB 112 59.60 69.49 10.77
CA ASP CB 112 59.76 69.53 12.24
C ASP CB 112 61.22 69.34 12.70
N PHE CB 113 62.18 69.39 11.77
CA PHE CB 113 63.64 69.54 12.07
C PHE CB 113 64.15 68.41 12.96
N ARG CB 114 64.16 67.22 12.39
CA ARG CB 114 63.75 66.10 13.21
C ARG CB 114 64.29 64.78 12.72
N ASN CB 115 64.79 63.96 13.65
CA ASN CB 115 65.10 64.32 15.02
C ASN CB 115 66.58 64.03 15.30
N GLY CB 116 66.96 62.77 15.09
CA GLY CB 116 68.30 62.29 15.39
C GLY CB 116 69.33 62.65 14.35
N PHE CB 117 70.30 61.77 14.11
CA PHE CB 117 71.49 62.20 13.39
C PHE CB 117 71.34 62.25 11.86
N ILE CB 118 71.22 61.08 11.26
CA ILE CB 118 70.86 60.93 9.86
C ILE CB 118 69.37 60.59 9.77
N ASP CB 119 68.63 61.11 10.75
CA ASP CB 119 67.18 61.14 10.84
C ASP CB 119 66.45 61.34 9.51
N PHE CB 120 66.77 62.43 8.83
CA PHE CB 120 66.22 62.62 7.49
C PHE CB 120 66.77 61.61 6.51
N GLY CB 121 68.06 61.29 6.63
CA GLY CB 121 68.68 60.35 5.72
C GLY CB 121 68.83 60.89 4.32
N TRP CB 122 69.29 62.13 4.26
CA TRP CB 122 69.52 62.83 3.01
C TRP CB 122 71.02 62.85 2.74
N ASP CB 123 71.39 62.70 1.46
CA ASP CB 123 72.77 62.54 0.96
C ASP CB 123 73.41 61.24 1.47
N SER CB 124 72.68 60.36 2.16
CA SER CB 124 73.25 59.04 2.30
C SER CB 124 72.33 58.00 1.69
N PHE CB 125 71.15 57.84 2.27
CA PHE CB 125 70.31 56.68 2.07
C PHE CB 125 68.91 57.21 1.80
N ASP CB 126 68.57 57.43 0.53
CA ASP CB 126 67.25 57.96 0.24
C ASP CB 126 66.20 56.89 0.04
N GLU CB 127 66.62 55.64 -0.17
CA GLU CB 127 65.69 54.51 -0.14
C GLU CB 127 65.60 53.89 1.25
N GLU CB 128 66.61 54.11 2.09
CA GLU CB 128 66.73 53.40 3.36
C GLU CB 128 66.32 54.27 4.55
N THR CB 129 66.04 55.55 4.35
CA THR CB 129 65.34 56.33 5.37
C THR CB 129 64.00 56.81 4.83
N LYS CB 130 63.99 57.57 3.75
CA LYS CB 130 62.73 57.91 3.11
C LYS CB 130 62.17 56.67 2.43
N LEU CB 131 60.84 56.51 2.51
CA LEU CB 131 60.08 55.35 2.04
C LEU CB 131 60.44 54.06 2.78
N LYS CB 132 61.23 54.18 3.83
CA LYS CB 132 61.68 53.05 4.60
C LYS CB 132 61.28 53.19 6.04
N LYS CB 133 61.67 54.31 6.62
CA LYS CB 133 61.30 54.56 8.00
C LYS CB 133 60.14 55.50 8.08
N ARG CB 134 60.03 56.41 7.13
CA ARG CB 134 58.80 57.17 6.99
C ARG CB 134 57.65 56.27 6.57
N ALA CB 135 57.96 55.18 5.85
CA ALA CB 135 56.92 54.22 5.49
C ALA CB 135 56.49 53.39 6.68
N ILE CB 136 57.45 52.90 7.49
CA ILE CB 136 57.05 52.03 8.60
C ILE CB 136 56.37 52.82 9.69
N GLU CB 137 56.79 54.09 9.89
CA GLU CB 137 56.28 54.92 10.98
C GLU CB 137 54.78 55.12 10.87
N LEU CB 138 54.31 55.17 9.64
CA LEU CB 138 52.87 55.15 9.41
C LEU CB 138 52.24 53.82 9.84
N ASN CB 139 52.79 52.70 9.37
CA ASN CB 139 52.19 51.40 9.65
C ASN CB 139 52.25 51.06 11.12
N GLN CB 140 53.36 51.42 11.75
CA GLN CB 140 53.46 51.41 13.20
C GLN CB 140 52.33 52.18 13.85
N GLY CB 141 51.99 53.33 13.28
CA GLY CB 141 50.78 54.00 13.73
C GLY CB 141 49.54 53.26 13.30
N ARG CB 142 49.55 52.68 12.10
CA ARG CB 142 48.36 51.97 11.60
C ARG CB 142 48.06 50.74 12.44
N ALA CB 143 49.10 50.10 12.96
CA ALA CB 143 48.88 49.04 13.93
C ALA CB 143 48.37 49.60 15.25
N ALA CB 144 49.01 50.67 15.74
CA ALA CB 144 48.72 51.14 17.08
C ALA CB 144 47.42 51.92 17.15
N MET CB 145 46.92 52.44 16.03
CA MET CB 145 45.57 52.97 16.03
C MET CB 145 44.57 51.84 16.19
N MET CB 146 44.84 50.70 15.56
CA MET CB 146 44.04 49.50 15.75
C MET CB 146 44.33 48.81 17.08
N GLY CB 147 45.40 49.22 17.77
CA GLY CB 147 45.67 48.65 19.08
C GLY CB 147 44.88 49.30 20.19
N ILE CB 148 44.38 50.52 19.98
CA ILE CB 148 43.73 51.23 21.08
C ILE CB 148 42.23 51.04 21.04
N LEU CB 149 41.65 50.94 19.83
CA LEU CB 149 40.27 50.47 19.70
C LEU CB 149 40.09 49.12 20.36
N ALA CB 150 41.04 48.22 20.10
CA ALA CB 150 41.20 46.98 20.85
C ALA CB 150 41.23 47.22 22.34
N LEU CB 151 41.99 48.23 22.73
CA LEU CB 151 42.41 48.37 24.10
C LEU CB 151 41.26 48.78 24.99
N MET CB 152 40.51 49.77 24.55
CA MET CB 152 39.37 50.20 25.32
C MET CB 152 38.27 49.16 25.28
N VAL CB 153 38.13 48.46 24.15
CA VAL CB 153 37.14 47.41 24.10
C VAL CB 153 37.67 46.13 24.77
N HIS CB 154 38.94 46.08 25.14
CA HIS CB 154 39.31 45.16 26.20
C HIS CB 154 38.91 45.73 27.56
N GLU CB 155 38.93 47.05 27.66
CA GLU CB 155 38.85 47.71 28.96
C GLU CB 155 37.43 47.99 29.39
N LYS CB 156 36.55 48.32 28.46
CA LYS CB 156 35.21 48.76 28.86
C LYS CB 156 34.33 47.61 29.32
N LEU CB 157 34.70 46.38 28.98
CA LEU CB 157 33.77 45.28 29.15
C LEU CB 157 33.94 44.58 30.50
N ILE CB 158 35.17 44.24 30.89
CA ILE CB 158 35.54 43.54 32.12
C ILE CB 158 36.69 44.45 32.58
N PRO CB 159 37.38 44.31 33.76
CA PRO CB 159 38.34 45.36 34.17
C PRO CB 159 39.65 45.46 33.42
N LEU CB 160 40.61 46.15 34.06
CA LEU CB 160 41.88 46.60 33.47
C LEU CB 160 42.68 45.47 32.84
N GLY CB 161 43.68 45.86 32.03
CA GLY CB 161 44.32 44.91 31.14
C GLY CB 161 45.23 43.93 31.84
N TYR CB 162 45.83 44.36 32.95
CA TYR CB 162 46.59 43.43 33.79
C TYR CB 162 45.64 42.43 34.46
N ASP CB 163 44.44 42.88 34.81
CA ASP CB 163 43.31 42.05 35.22
C ASP CB 163 42.60 41.44 34.02
N ALA CB 164 42.85 41.90 32.81
CA ALA CB 164 42.38 41.10 31.68
C ALA CB 164 43.26 39.89 31.45
N ASP CB 165 44.45 39.86 32.06
CA ASP CB 165 45.41 38.80 31.79
C ASP CB 165 45.57 37.82 32.94
N LEU CB 166 45.13 38.13 34.16
CA LEU CB 166 45.16 37.08 35.17
C LEU CB 166 43.94 36.16 35.03
N PRO CB 167 42.65 36.65 35.01
CA PRO CB 167 41.58 35.79 34.48
C PRO CB 167 41.43 35.82 32.96
N ILE CB 168 40.24 35.38 32.52
CA ILE CB 168 39.91 34.92 31.17
C ILE CB 168 40.38 35.88 30.08
N ILE CB 169 40.93 35.28 29.02
CA ILE CB 169 41.36 35.97 27.80
C ILE CB 169 40.40 35.72 26.66
N GLY CB 170 39.40 34.86 26.86
CA GLY CB 170 38.43 34.57 25.83
C GLY CB 170 37.39 35.66 25.65
N HIS CB 171 36.94 35.80 24.40
CA HIS CB 171 35.87 36.68 23.98
C HIS CB 171 34.57 36.31 24.68
N LEU CB 172 33.62 37.23 24.68
CA LEU CB 172 32.34 37.04 25.40
C LEU CB 172 31.53 35.86 24.89
N GLU DB 1 40.62 128.91 33.03
CA GLU DB 1 40.72 127.50 32.67
C GLU DB 1 42.17 127.03 32.75
N ASN DB 2 43.07 127.79 32.15
CA ASN DB 2 44.50 127.59 32.29
C ASN DB 2 45.05 128.19 33.59
N GLU DB 3 44.59 129.39 33.95
CA GLU DB 3 45.06 130.14 35.11
C GLU DB 3 44.46 129.64 36.42
N LEU DB 4 43.79 128.50 36.40
CA LEU DB 4 43.03 127.96 37.51
C LEU DB 4 43.86 126.93 38.25
N GLY DB 5 43.67 126.86 39.56
CA GLY DB 5 44.43 125.91 40.37
C GLY DB 5 45.85 126.36 40.67
N ALA DB 6 46.18 127.58 40.26
CA ALA DB 6 47.52 128.14 40.41
C ALA DB 6 47.54 129.40 41.25
N GLN DB 7 46.59 129.55 42.17
CA GLN DB 7 46.51 130.65 43.11
C GLN DB 7 47.55 130.41 44.22
N PRO DB 8 47.85 131.42 45.06
CA PRO DB 8 48.90 131.26 46.09
C PRO DB 8 48.56 130.17 47.09
N PRO DB 9 49.56 129.63 47.81
CA PRO DB 9 50.99 129.94 47.96
C PRO DB 9 51.91 129.34 46.90
N LEU DB 10 51.53 128.21 46.32
CA LEU DB 10 52.45 127.47 45.46
C LEU DB 10 52.43 127.98 44.02
N GLY DB 11 51.38 128.67 43.60
CA GLY DB 11 51.26 129.13 42.24
C GLY DB 11 51.01 127.96 41.30
N PHE DB 12 51.44 128.11 40.05
CA PHE DB 12 51.58 126.95 39.16
C PHE DB 12 52.66 126.06 39.73
N PHE DB 13 52.34 124.79 39.92
CA PHE DB 13 53.23 123.87 40.62
C PHE DB 13 53.30 122.57 39.82
N ASP DB 14 54.21 122.54 38.85
CA ASP DB 14 54.61 121.32 38.16
C ASP DB 14 56.06 121.05 38.56
N PRO DB 15 56.28 120.37 39.69
CA PRO DB 15 57.65 120.19 40.18
C PRO DB 15 58.48 119.23 39.33
N LEU DB 16 57.92 118.09 38.96
CA LEU DB 16 58.67 117.10 38.20
C LEU DB 16 58.61 117.34 36.70
N GLY DB 17 57.73 118.22 36.23
CA GLY DB 17 57.60 118.45 34.81
C GLY DB 17 56.95 117.29 34.10
N LEU DB 18 55.64 117.08 34.33
CA LEU DB 18 54.86 116.13 33.54
C LEU DB 18 53.84 116.83 32.67
N VAL DB 19 53.47 118.06 33.02
CA VAL DB 19 52.86 119.03 32.11
C VAL DB 19 53.93 120.01 31.61
N GLU DB 20 55.20 119.57 31.60
CA GLU DB 20 56.25 120.36 30.96
C GLU DB 20 56.04 120.46 29.46
N ASP DB 21 55.35 119.50 28.86
CA ASP DB 21 55.04 119.53 27.43
C ASP DB 21 53.64 120.07 27.24
N GLY DB 22 53.57 121.32 26.78
CA GLY DB 22 52.61 121.69 25.77
C GLY DB 22 51.14 121.50 26.02
N ASN DB 23 50.63 120.41 25.44
CA ASN DB 23 49.29 120.30 24.88
C ASN DB 23 48.19 120.62 25.88
N GLN DB 24 47.05 121.05 25.35
CA GLN DB 24 45.87 121.14 26.19
C GLN DB 24 45.44 119.76 26.65
N ALA DB 25 45.63 118.73 25.81
CA ALA DB 25 45.02 117.42 26.01
C ALA DB 25 45.52 116.72 27.26
N LYS DB 26 46.83 116.58 27.42
CA LYS DB 26 47.33 115.95 28.63
C LYS DB 26 47.27 116.88 29.84
N PHE DB 27 46.96 118.15 29.63
CA PHE DB 27 46.58 119.00 30.74
C PHE DB 27 45.08 118.95 30.96
N ASP DB 28 44.31 118.78 29.88
CA ASP DB 28 42.90 118.45 29.98
C ASP DB 28 42.71 117.14 30.71
N ARG DB 29 43.44 116.11 30.28
CA ARG DB 29 43.31 114.78 30.86
C ARG DB 29 43.57 114.82 32.36
N LEU DB 30 44.75 115.30 32.75
CA LEU DB 30 45.15 115.31 34.15
C LEU DB 30 44.34 116.27 35.02
N ARG DB 31 43.59 117.20 34.43
CA ARG DB 31 42.78 118.09 35.26
C ARG DB 31 41.52 117.39 35.77
N TYR DB 32 40.85 116.64 34.89
CA TYR DB 32 39.55 116.09 35.22
C TYR DB 32 39.71 114.72 35.81
N VAL DB 33 40.84 114.11 35.50
CA VAL DB 33 41.40 113.09 36.37
C VAL DB 33 41.58 113.65 37.79
N GLU DB 34 42.15 114.87 37.93
CA GLU DB 34 42.33 115.43 39.27
C GLU DB 34 41.01 115.85 39.90
N LEU DB 35 40.07 116.37 39.11
CA LEU DB 35 38.80 116.82 39.68
C LEU DB 35 37.95 115.66 40.15
N LYS DB 36 37.90 114.59 39.36
CA LYS DB 36 37.08 113.46 39.74
C LYS DB 36 37.67 112.77 40.96
N HIS DB 37 39.00 112.65 41.01
CA HIS DB 37 39.66 112.24 42.25
C HIS DB 37 39.35 113.19 43.38
N GLY DB 38 39.22 114.48 43.06
CA GLY DB 38 38.83 115.45 44.07
C GLY DB 38 37.44 115.19 44.60
N ARG DB 39 36.48 115.04 43.69
CA ARG DB 39 35.08 114.89 44.06
C ARG DB 39 34.83 113.60 44.83
N ILE DB 40 35.53 112.54 44.44
CA ILE DB 40 35.34 111.25 45.08
C ILE DB 40 35.98 111.22 46.46
N SER DB 41 37.15 111.85 46.59
CA SER DB 41 37.84 111.85 47.88
C SER DB 41 37.11 112.68 48.92
N MET DB 42 36.44 113.74 48.47
CA MET DB 42 35.79 114.64 49.41
C MET DB 42 34.57 114.00 50.05
N LEU DB 43 33.79 113.26 49.27
CA LEU DB 43 32.67 112.55 49.87
C LEU DB 43 33.10 111.31 50.61
N ALA DB 44 34.33 110.86 50.42
CA ALA DB 44 34.79 109.67 51.11
C ALA DB 44 35.34 109.97 52.49
N VAL DB 45 35.85 111.18 52.70
CA VAL DB 45 36.19 111.56 54.06
C VAL DB 45 34.96 112.04 54.82
N VAL DB 46 34.01 112.64 54.14
CA VAL DB 46 32.74 112.98 54.77
C VAL DB 46 31.91 111.72 54.94
N GLY DB 47 32.09 110.78 54.02
CA GLY DB 47 31.61 109.44 54.27
C GLY DB 47 32.34 108.75 55.39
N TYR DB 48 33.60 109.12 55.63
CA TYR DB 48 34.31 108.51 56.74
C TYR DB 48 33.85 109.06 58.07
N LEU DB 49 33.71 110.39 58.16
CA LEU DB 49 33.42 111.01 59.45
C LEU DB 49 32.01 110.71 59.91
N ILE DB 50 31.08 110.56 58.96
CA ILE DB 50 29.70 110.29 59.34
C ILE DB 50 29.52 108.81 59.68
N GLU DB 51 30.33 107.93 59.08
CA GLU DB 51 30.35 106.55 59.55
C GLU DB 51 30.95 106.45 60.94
N LYS DB 52 32.16 106.98 61.12
CA LYS DB 52 32.92 106.77 62.34
C LYS DB 52 32.35 107.49 63.55
N ALA DB 53 31.47 108.47 63.34
CA ALA DB 53 30.83 109.14 64.47
C ALA DB 53 29.67 108.35 65.06
N GLY DB 54 29.38 107.17 64.51
CA GLY DB 54 28.27 106.38 65.00
C GLY DB 54 26.93 106.72 64.40
N ILE DB 55 26.91 107.46 63.29
CA ILE DB 55 25.66 107.80 62.61
C ILE DB 55 25.34 106.65 61.66
N ARG DB 56 24.33 105.87 62.00
CA ARG DB 56 23.97 104.70 61.23
C ARG DB 56 22.48 104.75 60.89
N LEU DB 57 22.01 103.69 60.25
CA LEU DB 57 20.59 103.52 59.95
C LEU DB 57 20.11 102.25 60.64
N PRO DB 58 19.02 102.29 61.40
CA PRO DB 58 18.52 101.05 62.00
C PRO DB 58 17.89 100.16 60.94
N GLY DB 59 17.94 98.87 61.19
CA GLY DB 59 17.38 97.92 60.25
C GLY DB 59 18.44 97.08 59.57
N ASN DB 60 18.01 95.93 59.07
CA ASN DB 60 18.90 95.04 58.36
C ASN DB 60 19.22 95.59 56.98
N ILE DB 61 20.45 95.35 56.50
CA ILE DB 61 20.78 95.69 55.12
C ILE DB 61 20.31 94.60 54.16
N SER DB 62 19.99 93.41 54.67
CA SER DB 62 19.52 92.35 53.79
C SER DB 62 18.66 91.39 54.60
N TYR DB 63 18.45 90.20 54.06
CA TYR DB 63 17.78 89.15 54.82
C TYR DB 63 18.66 88.54 55.88
N ASP DB 64 19.98 88.65 55.75
CA ASP DB 64 21.03 88.06 56.57
C ASP DB 64 20.87 88.35 58.06
N GLY DB 65 20.18 89.40 58.45
CA GLY DB 65 20.34 89.87 59.80
C GLY DB 65 21.59 90.68 59.95
N THR DB 66 22.16 91.14 58.83
CA THR DB 66 23.24 92.10 58.83
C THR DB 66 22.61 93.47 58.94
N THR DB 67 22.72 94.09 60.11
CA THR DB 67 22.22 95.46 60.19
C THR DB 67 23.30 96.40 59.65
N PHE DB 68 22.93 97.68 59.55
CA PHE DB 68 23.95 98.69 59.31
C PHE DB 68 24.82 98.89 60.54
N ALA DB 69 24.26 98.64 61.73
CA ALA DB 69 25.06 98.65 62.94
C ALA DB 69 26.03 97.48 62.99
N ASP DB 70 25.65 96.34 62.40
CA ASP DB 70 26.54 95.19 62.40
C ASP DB 70 27.69 95.38 61.41
N ILE DB 71 27.52 96.23 60.41
CA ILE DB 71 28.62 96.55 59.51
C ILE DB 71 29.56 97.50 60.23
N PRO DB 72 30.80 97.11 60.48
CA PRO DB 72 31.71 97.96 61.26
C PRO DB 72 32.24 99.11 60.42
N ASP DB 73 32.71 100.14 61.12
CA ASP DB 73 33.34 101.26 60.45
C ASP DB 73 34.68 100.83 59.83
N GLY DB 74 35.14 101.61 58.86
CA GLY DB 74 36.46 101.38 58.29
C GLY DB 74 36.51 100.53 57.04
N PHE DB 75 37.59 99.78 56.82
CA PHE DB 75 37.77 99.04 55.57
C PHE DB 75 37.20 97.64 55.59
N ALA DB 76 36.72 97.17 56.73
CA ALA DB 76 35.90 95.98 56.70
C ALA DB 76 34.51 96.24 56.14
N ALA DB 77 34.10 97.51 56.09
CA ALA DB 77 32.73 97.87 55.73
C ALA DB 77 32.42 97.54 54.28
N LEU DB 78 33.15 98.17 53.36
CA LEU DB 78 32.89 98.02 51.93
C LEU DB 78 33.11 96.60 51.45
N SER DB 79 34.01 95.87 52.12
CA SER DB 79 34.23 94.49 51.75
C SER DB 79 33.12 93.58 52.27
N LYS DB 80 32.63 93.82 53.49
CA LYS DB 80 31.62 92.95 54.09
C LYS DB 80 30.20 93.38 53.74
N ILE DB 81 30.03 94.30 52.80
CA ILE DB 81 28.74 94.44 52.12
C ILE DB 81 28.45 93.14 51.38
N PRO DB 82 27.21 92.63 51.38
CA PRO DB 82 26.92 91.43 50.59
C PRO DB 82 27.11 91.73 49.11
N ASP DB 83 27.47 90.68 48.36
CA ASP DB 83 27.94 90.84 46.99
C ASP DB 83 26.87 91.47 46.11
N ALA DB 84 25.65 90.96 46.20
CA ALA DB 84 24.51 91.49 45.46
C ALA DB 84 24.23 92.95 45.78
N GLY DB 85 24.69 93.44 46.95
CA GLY DB 85 24.71 94.86 47.18
C GLY DB 85 25.74 95.59 46.33
N LEU DB 86 26.93 95.02 46.21
CA LEU DB 86 28.00 95.68 45.46
C LEU DB 86 27.71 95.65 43.96
N PHE DB 87 27.08 94.58 43.48
CA PHE DB 87 26.69 94.53 42.07
C PHE DB 87 25.52 95.45 41.77
N GLN DB 88 24.79 95.89 42.80
CA GLN DB 88 23.81 96.94 42.60
C GLN DB 88 24.39 98.32 42.83
N LEU DB 89 25.54 98.39 43.50
CA LEU DB 89 26.31 99.62 43.44
C LEU DB 89 26.85 99.83 42.04
N PHE DB 90 27.50 98.80 41.48
CA PHE DB 90 28.11 98.92 40.15
C PHE DB 90 27.08 99.11 39.06
N ALA DB 91 25.83 98.69 39.30
CA ALA DB 91 24.79 98.99 38.34
C ALA DB 91 24.41 100.46 38.40
N PHE DB 92 24.07 100.96 39.59
CA PHE DB 92 23.56 102.33 39.67
C PHE DB 92 24.67 103.35 39.54
N ILE DB 93 25.69 103.24 40.41
CA ILE DB 93 26.83 104.15 40.37
C ILE DB 93 27.48 104.10 39.02
N GLY DB 94 27.61 102.89 38.45
CA GLY DB 94 27.94 102.68 37.06
C GLY DB 94 27.10 103.48 36.10
N PHE DB 95 25.76 103.30 36.08
CA PHE DB 95 24.90 104.08 35.20
C PHE DB 95 24.99 105.57 35.51
N LEU DB 96 25.09 105.91 36.80
CA LEU DB 96 25.35 107.30 37.17
C LEU DB 96 26.74 107.74 36.75
N GLU DB 97 27.70 106.84 36.69
CA GLU DB 97 29.03 107.33 36.38
C GLU DB 97 29.16 107.61 34.90
N VAL DB 98 28.97 106.57 34.11
CA VAL DB 98 29.21 106.77 32.71
C VAL DB 98 28.04 107.56 32.19
N PHE DB 99 26.83 107.26 32.63
CA PHE DB 99 25.75 107.38 31.67
C PHE DB 99 24.60 108.26 32.05
N VAL DB 100 23.91 107.87 33.10
CA VAL DB 100 22.99 108.79 33.69
C VAL DB 100 23.83 109.89 34.30
N MET DB 101 23.32 111.10 34.25
CA MET DB 101 23.55 112.22 35.17
C MET DB 101 24.93 112.86 35.01
N LYS DB 102 25.96 112.13 34.67
CA LYS DB 102 27.28 112.70 34.97
C LYS DB 102 28.24 112.36 33.86
N ASP DB 103 28.27 113.17 32.82
CA ASP DB 103 28.88 112.75 31.58
C ASP DB 103 30.40 112.78 31.71
N ILE DB 104 31.03 111.72 31.20
CA ILE DB 104 32.46 111.49 31.33
C ILE DB 104 33.02 111.11 29.96
N THR DB 105 33.72 112.02 29.32
CA THR DB 105 34.00 111.76 27.92
C THR DB 105 35.49 111.61 27.67
N GLY DB 106 36.20 112.70 27.95
CA GLY DB 106 37.64 112.73 28.08
C GLY DB 106 38.02 113.73 29.13
N GLY DB 107 37.11 114.06 30.05
CA GLY DB 107 37.24 115.27 30.83
C GLY DB 107 36.86 116.49 30.02
N GLU DB 108 35.58 116.69 29.75
CA GLU DB 108 35.14 117.53 28.63
C GLU DB 108 35.13 119.02 28.93
N PHE DB 109 35.93 119.49 29.90
CA PHE DB 109 35.61 120.69 30.68
C PHE DB 109 34.27 120.50 31.35
N VAL DB 110 34.25 119.59 32.34
CA VAL DB 110 33.04 118.96 32.84
C VAL DB 110 32.12 120.01 33.45
N GLY DB 111 30.98 120.20 32.80
CA GLY DB 111 30.13 121.29 33.17
C GLY DB 111 28.92 120.76 33.89
N ASP DB 112 28.35 119.65 33.41
CA ASP DB 112 27.29 118.87 34.03
C ASP DB 112 25.96 119.63 34.20
N PHE DB 113 26.00 120.94 33.97
CA PHE DB 113 24.91 121.86 33.79
C PHE DB 113 23.93 121.92 34.96
N ARG DB 114 24.40 121.71 36.20
CA ARG DB 114 23.35 121.85 37.23
C ARG DB 114 23.52 122.90 38.33
N ASN DB 115 24.32 122.55 39.35
CA ASN DB 115 24.92 123.38 40.40
C ASN DB 115 24.12 124.07 41.50
N GLY DB 116 22.84 124.28 41.33
CA GLY DB 116 22.23 125.21 42.26
C GLY DB 116 21.10 125.96 41.59
N PHE DB 117 20.95 127.25 41.90
CA PHE DB 117 20.08 128.07 41.04
C PHE DB 117 20.55 129.48 40.66
N ILE DB 118 20.92 130.32 41.63
CA ILE DB 118 21.33 131.68 41.29
C ILE DB 118 22.84 131.84 41.40
N ASP DB 119 23.58 130.74 41.22
CA ASP DB 119 24.84 130.58 41.90
C ASP DB 119 26.03 130.59 40.96
N PHE DB 120 25.83 130.21 39.71
CA PHE DB 120 26.90 129.90 38.78
C PHE DB 120 27.53 131.14 38.17
N GLY DB 121 27.36 132.29 38.83
CA GLY DB 121 27.20 133.52 38.10
C GLY DB 121 28.40 134.03 37.37
N TRP DB 122 28.43 133.65 36.10
CA TRP DB 122 28.84 134.51 35.01
C TRP DB 122 27.65 135.42 34.73
N ASP DB 123 27.95 136.63 34.22
CA ASP DB 123 27.09 137.84 34.10
C ASP DB 123 26.90 138.50 35.48
N SER DB 124 27.32 137.85 36.57
CA SER DB 124 27.29 138.53 37.86
C SER DB 124 28.68 138.68 38.47
N PHE DB 125 29.42 137.60 38.66
CA PHE DB 125 30.72 137.70 39.33
C PHE DB 125 31.72 136.81 38.64
N ASP DB 126 32.55 137.40 37.77
CA ASP DB 126 33.45 136.63 36.92
C ASP DB 126 34.65 136.04 37.68
N GLU DB 127 34.89 136.46 38.92
CA GLU DB 127 35.94 135.87 39.72
C GLU DB 127 35.42 135.07 40.90
N GLU DB 128 34.10 135.07 41.11
CA GLU DB 128 33.54 134.20 42.14
C GLU DB 128 33.11 132.87 41.55
N THR DB 129 32.49 132.90 40.36
CA THR DB 129 31.96 131.70 39.70
C THR DB 129 33.07 130.72 39.37
N LYS DB 130 34.02 131.15 38.57
CA LYS DB 130 35.26 130.43 38.43
C LYS DB 130 36.34 131.17 39.21
N LEU DB 131 37.53 130.56 39.25
CA LEU DB 131 38.79 131.11 39.76
C LEU DB 131 38.82 131.29 41.27
N LYS DB 132 37.68 131.17 41.96
CA LYS DB 132 37.73 131.00 43.40
C LYS DB 132 37.04 129.72 43.83
N LYS DB 133 35.75 129.63 43.53
CA LYS DB 133 34.97 128.45 43.90
C LYS DB 133 35.43 127.25 43.11
N ARG DB 134 35.76 127.46 41.84
CA ARG DB 134 36.27 126.39 41.00
C ARG DB 134 37.72 126.08 41.35
N ALA DB 135 38.38 127.01 42.04
CA ALA DB 135 39.72 126.75 42.54
C ALA DB 135 39.69 126.01 43.87
N ILE DB 136 38.72 126.32 44.74
CA ILE DB 136 38.73 125.69 46.06
C ILE DB 136 38.34 124.23 45.96
N GLU DB 137 37.42 123.90 45.05
CA GLU DB 137 36.89 122.55 44.97
C GLU DB 137 37.99 121.58 44.54
N LEU DB 138 38.87 122.07 43.68
CA LEU DB 138 40.10 121.40 43.36
C LEU DB 138 40.94 121.13 44.62
N ASN DB 139 41.09 122.13 45.48
CA ASN DB 139 42.00 122.02 46.61
C ASN DB 139 41.40 121.26 47.77
N GLN DB 140 40.10 121.43 47.97
CA GLN DB 140 39.38 120.60 48.93
C GLN DB 140 39.50 119.14 48.55
N GLY DB 141 39.50 118.86 47.24
CA GLY DB 141 39.92 117.55 46.79
C GLY DB 141 41.37 117.27 47.11
N ARG DB 142 42.25 118.27 46.95
CA ARG DB 142 43.68 118.06 47.19
C ARG DB 142 43.96 117.81 48.66
N ALA DB 143 43.12 118.33 49.54
CA ALA DB 143 43.18 117.91 50.93
C ALA DB 143 42.67 116.49 51.09
N ALA DB 144 41.52 116.20 50.49
CA ALA DB 144 40.83 114.95 50.79
C ALA DB 144 41.49 113.77 50.09
N MET DB 145 42.15 114.01 48.96
CA MET DB 145 42.98 112.97 48.36
C MET DB 145 44.13 112.61 49.29
N MET DB 146 44.71 113.61 49.94
CA MET DB 146 45.68 113.37 51.01
C MET DB 146 45.02 112.94 52.31
N GLY DB 147 43.69 112.91 52.35
CA GLY DB 147 43.02 112.38 53.52
C GLY DB 147 42.82 110.88 53.50
N ILE DB 148 42.82 110.27 52.31
CA ILE DB 148 42.43 108.86 52.23
C ILE DB 148 43.66 107.97 52.12
N LEU DB 149 44.73 108.47 51.49
CA LEU DB 149 46.06 107.92 51.74
C LEU DB 149 46.34 107.91 53.22
N ALA DB 150 46.03 109.03 53.86
CA ALA DB 150 46.02 109.08 55.31
C ALA DB 150 45.07 108.03 55.89
N LEU DB 151 43.85 107.97 55.38
CA LEU DB 151 42.81 107.14 56.01
C LEU DB 151 43.16 105.65 55.97
N MET DB 152 43.77 105.20 54.89
CA MET DB 152 44.19 103.83 54.81
C MET DB 152 45.38 103.56 55.72
N VAL DB 153 46.46 104.32 55.53
CA VAL DB 153 47.75 103.97 56.12
C VAL DB 153 47.73 104.15 57.64
N HIS DB 154 46.84 105.01 58.15
CA HIS DB 154 46.53 105.00 59.58
C HIS DB 154 45.89 103.68 60.00
N GLU DB 155 44.79 103.31 59.34
CA GLU DB 155 44.01 102.14 59.72
C GLU DB 155 44.74 100.82 59.45
N LYS DB 156 45.82 100.84 58.65
CA LYS DB 156 46.66 99.66 58.49
C LYS DB 156 47.32 99.19 59.77
N LEU DB 157 47.42 100.04 60.78
CA LEU DB 157 47.80 99.64 62.12
C LEU DB 157 46.54 99.69 62.98
N ILE DB 158 46.46 98.74 63.92
CA ILE DB 158 45.23 98.10 64.43
C ILE DB 158 44.06 99.04 64.73
N PRO DB 159 44.18 100.13 65.52
CA PRO DB 159 42.98 100.94 65.78
C PRO DB 159 42.67 101.92 64.63
N LEU DB 160 41.37 102.10 64.32
CA LEU DB 160 41.04 102.66 63.00
C LEU DB 160 40.91 104.19 62.93
N GLY DB 161 39.83 104.79 63.42
CA GLY DB 161 39.75 106.22 63.65
C GLY DB 161 38.67 106.59 64.66
N TYR DB 162 37.85 105.62 65.01
CA TYR DB 162 37.11 105.65 66.26
C TYR DB 162 37.88 104.84 67.28
N ASP DB 163 38.33 103.66 66.87
CA ASP DB 163 39.30 102.92 67.64
C ASP DB 163 40.62 103.67 67.72
N ALA DB 164 41.03 104.41 66.69
CA ALA DB 164 42.33 105.11 66.79
C ALA DB 164 42.27 106.28 67.75
N ASP DB 165 41.07 106.74 68.11
CA ASP DB 165 40.96 107.82 69.07
C ASP DB 165 40.59 107.37 70.48
N LEU DB 166 40.35 106.07 70.71
CA LEU DB 166 40.36 105.66 72.11
C LEU DB 166 41.77 105.28 72.61
N PRO DB 167 42.56 104.27 72.02
CA PRO DB 167 44.01 104.26 72.25
C PRO DB 167 44.87 105.22 71.45
N ILE DB 168 46.15 104.82 71.44
CA ILE DB 168 47.32 105.60 71.03
C ILE DB 168 47.11 106.34 69.71
N ILE DB 169 47.61 107.58 69.67
CA ILE DB 169 47.63 108.42 68.49
C ILE DB 169 49.05 108.58 67.93
N GLY DB 170 50.06 108.18 68.70
CA GLY DB 170 51.44 108.33 68.28
C GLY DB 170 51.87 107.32 67.22
N HIS DB 171 52.97 107.65 66.54
CA HIS DB 171 53.43 106.85 65.41
C HIS DB 171 54.08 105.56 65.87
N LEU DB 172 54.41 104.71 64.89
CA LEU DB 172 55.06 103.43 65.20
C LEU DB 172 56.51 103.67 65.66
N GLU EB 1 32.88 153.72 51.44
CA GLU EB 1 34.05 153.56 52.29
C GLU EB 1 34.05 154.58 53.41
N ASN EB 2 33.66 155.80 53.07
CA ASN EB 2 33.55 156.86 54.06
C ASN EB 2 32.15 156.93 54.64
N GLU EB 3 31.13 156.93 53.79
CA GLU EB 3 29.75 156.90 54.26
C GLU EB 3 29.44 155.43 54.56
N LEU EB 4 29.60 155.06 55.82
CA LEU EB 4 29.44 153.68 56.29
C LEU EB 4 29.27 153.74 57.80
N GLY EB 5 28.53 152.78 58.33
CA GLY EB 5 28.44 152.67 59.76
C GLY EB 5 27.28 153.51 60.24
N ALA EB 6 27.60 154.55 61.00
CA ALA EB 6 26.58 155.24 61.75
C ALA EB 6 25.72 156.13 60.85
N GLN EB 7 24.60 156.53 61.40
CA GLN EB 7 23.34 156.44 60.68
C GLN EB 7 22.29 157.19 61.50
N PRO EB 8 21.00 157.23 61.14
CA PRO EB 8 19.99 157.67 62.13
C PRO EB 8 20.09 156.82 63.39
N PRO EB 9 20.09 157.44 64.57
CA PRO EB 9 19.82 158.85 64.89
C PRO EB 9 21.07 159.67 65.11
N LEU EB 10 22.21 159.17 64.67
CA LEU EB 10 23.47 159.84 64.98
C LEU EB 10 24.09 160.46 63.74
N GLY EB 11 24.16 159.69 62.65
CA GLY EB 11 24.99 160.09 61.54
C GLY EB 11 26.45 159.99 61.96
N PHE EB 12 27.30 160.80 61.34
CA PHE EB 12 28.70 160.85 61.77
C PHE EB 12 28.78 161.42 63.18
N PHE EB 13 29.29 160.60 64.09
CA PHE EB 13 29.26 160.91 65.52
C PHE EB 13 30.65 160.65 66.09
N ASP EB 14 31.48 161.70 66.12
CA ASP EB 14 32.81 161.65 66.71
C ASP EB 14 32.89 162.75 67.77
N PRO EB 15 32.27 162.52 68.93
CA PRO EB 15 32.01 163.66 69.85
C PRO EB 15 33.23 164.16 70.60
N LEU EB 16 34.11 163.29 71.07
CA LEU EB 16 35.30 163.75 71.77
C LEU EB 16 36.32 164.35 70.83
N GLY EB 17 36.48 163.80 69.64
CA GLY EB 17 37.40 164.36 68.68
C GLY EB 17 38.70 163.60 68.72
N LEU EB 18 38.85 162.63 67.82
CA LEU EB 18 40.11 161.96 67.64
C LEU EB 18 40.30 161.82 66.14
N VAL EB 19 39.16 161.78 65.46
CA VAL EB 19 39.08 161.30 64.10
C VAL EB 19 38.86 162.43 63.12
N GLU EB 20 38.31 163.56 63.57
CA GLU EB 20 38.19 164.75 62.74
C GLU EB 20 39.58 165.36 62.59
N ASP EB 21 40.35 164.70 61.70
CA ASP EB 21 41.68 165.09 61.29
C ASP EB 21 41.65 165.68 59.90
N GLY EB 22 40.56 165.46 59.16
CA GLY EB 22 40.44 165.88 57.77
C GLY EB 22 41.03 164.87 56.81
N ASN EB 23 41.74 163.89 57.37
CA ASN EB 23 42.43 162.87 56.61
C ASN EB 23 41.77 161.54 56.92
N GLN EB 24 41.43 160.82 55.88
CA GLN EB 24 40.69 159.58 56.06
C GLN EB 24 41.62 158.39 56.30
N ALA EB 25 42.93 158.57 56.11
CA ALA EB 25 43.89 157.46 56.19
C ALA EB 25 43.96 156.86 57.58
N LYS EB 26 43.69 157.66 58.62
CA LYS EB 26 43.60 157.11 59.96
C LYS EB 26 42.19 156.62 60.27
N PHE EB 27 41.19 157.32 59.73
CA PHE EB 27 39.80 156.87 59.74
C PHE EB 27 39.65 155.52 59.04
N ASP EB 28 40.46 155.30 58.01
CA ASP EB 28 40.61 154.04 57.30
C ASP EB 28 40.95 152.87 58.22
N ARG EB 29 42.02 153.02 59.01
CA ARG EB 29 42.51 151.89 59.80
C ARG EB 29 41.55 151.53 60.92
N LEU EB 30 41.10 152.53 61.69
CA LEU EB 30 40.15 152.32 62.78
C LEU EB 30 38.83 151.73 62.33
N ARG EB 31 38.48 151.91 61.05
CA ARG EB 31 37.24 151.34 60.51
C ARG EB 31 37.31 149.82 60.49
N TYR EB 32 38.36 149.27 59.87
CA TYR EB 32 38.54 147.83 59.85
C TYR EB 32 38.93 147.28 61.21
N VAL EB 33 39.51 148.12 62.08
CA VAL EB 33 39.67 147.73 63.48
C VAL EB 33 38.29 147.50 64.10
N GLU EB 34 37.34 148.40 63.87
CA GLU EB 34 35.99 148.25 64.40
C GLU EB 34 35.26 147.06 63.77
N LEU EB 35 35.59 146.73 62.52
CA LEU EB 35 34.98 145.57 61.87
C LEU EB 35 35.40 144.28 62.55
N LYS EB 36 36.68 144.15 62.85
CA LYS EB 36 37.18 142.89 63.41
C LYS EB 36 36.74 142.73 64.85
N HIS EB 37 36.86 143.80 65.66
CA HIS EB 37 36.27 143.80 67.00
C HIS EB 37 34.76 143.64 66.92
N GLY EB 38 34.15 144.11 65.84
CA GLY EB 38 32.78 143.77 65.52
C GLY EB 38 32.61 142.27 65.39
N ARG EB 39 33.37 141.66 64.47
CA ARG EB 39 33.19 140.24 64.14
C ARG EB 39 33.49 139.32 65.32
N ILE EB 40 34.43 139.72 66.17
CA ILE EB 40 34.86 138.85 67.25
C ILE EB 40 33.88 138.92 68.42
N SER EB 41 33.39 140.13 68.72
CA SER EB 41 32.47 140.30 69.83
C SER EB 41 31.11 139.68 69.54
N MET EB 42 30.73 139.60 68.26
CA MET EB 42 29.42 139.08 67.90
C MET EB 42 29.37 137.57 68.06
N LEU EB 43 30.47 136.89 67.74
CA LEU EB 43 30.53 135.46 67.97
C LEU EB 43 30.88 135.12 69.40
N ALA EB 44 31.34 136.08 70.17
CA ALA EB 44 31.61 135.82 71.56
C ALA EB 44 30.35 135.96 72.41
N VAL EB 45 29.45 136.89 72.04
CA VAL EB 45 28.21 137.01 72.79
C VAL EB 45 27.29 135.83 72.51
N VAL EB 46 27.21 135.38 71.25
CA VAL EB 46 26.35 134.24 70.94
C VAL EB 46 27.02 132.96 71.41
N GLY EB 47 28.36 132.96 71.47
CA GLY EB 47 29.05 131.89 72.16
C GLY EB 47 28.70 131.88 73.63
N TYR EB 48 28.63 133.07 74.24
CA TYR EB 48 28.28 133.18 75.65
C TYR EB 48 26.84 132.76 75.92
N LEU EB 49 25.93 133.01 74.97
CA LEU EB 49 24.53 132.64 75.19
C LEU EB 49 24.32 131.15 74.98
N ILE EB 50 25.01 130.55 74.01
CA ILE EB 50 24.81 129.13 73.73
C ILE EB 50 25.54 128.27 74.76
N GLU EB 51 26.68 128.75 75.27
CA GLU EB 51 27.36 128.06 76.37
C GLU EB 51 26.52 128.07 77.64
N LYS EB 52 25.71 129.11 77.85
CA LYS EB 52 24.98 129.23 79.10
C LYS EB 52 23.62 128.56 79.03
N ALA EB 53 23.06 128.39 77.83
CA ALA EB 53 21.77 127.71 77.68
C ALA EB 53 21.82 126.23 78.02
N GLY EB 54 22.97 125.68 78.38
CA GLY EB 54 23.10 124.27 78.66
C GLY EB 54 23.43 123.45 77.44
N ILE EB 55 23.67 124.10 76.31
CA ILE EB 55 23.97 123.41 75.06
C ILE EB 55 25.46 123.08 75.07
N ARG EB 56 25.76 121.84 75.39
CA ARG EB 56 27.12 121.33 75.38
C ARG EB 56 27.21 120.15 74.43
N LEU EB 57 28.38 119.56 74.35
CA LEU EB 57 28.63 118.36 73.58
C LEU EB 57 28.73 117.16 74.51
N PRO EB 58 28.49 115.95 74.02
CA PRO EB 58 28.68 114.77 74.86
C PRO EB 58 30.13 114.27 74.86
N GLY EB 59 30.51 113.65 75.97
CA GLY EB 59 31.79 112.98 76.09
C GLY EB 59 32.85 113.82 76.79
N ASN EB 60 33.96 113.16 77.10
CA ASN EB 60 35.12 113.84 77.67
C ASN EB 60 35.77 114.73 76.62
N ILE EB 61 36.54 115.72 77.07
CA ILE EB 61 37.29 116.51 76.09
C ILE EB 61 38.60 115.82 75.72
N SER EB 62 39.19 115.03 76.60
CA SER EB 62 40.57 114.61 76.44
C SER EB 62 40.85 113.45 77.39
N TYR EB 63 42.14 113.13 77.54
CA TYR EB 63 42.58 112.09 78.47
C TYR EB 63 42.41 112.51 79.93
N ASP EB 64 42.37 113.82 80.19
CA ASP EB 64 42.06 114.42 81.50
C ASP EB 64 40.79 113.86 82.13
N GLY EB 65 39.80 113.50 81.33
CA GLY EB 65 38.53 113.09 81.91
C GLY EB 65 37.64 114.28 82.20
N THR EB 66 37.85 115.37 81.49
CA THR EB 66 37.02 116.56 81.60
C THR EB 66 35.93 116.45 80.53
N THR EB 67 34.68 116.35 80.96
CA THR EB 67 33.62 116.37 79.96
C THR EB 67 33.41 117.79 79.45
N PHE EB 68 32.56 117.93 78.43
CA PHE EB 68 32.15 119.25 78.01
C PHE EB 68 31.22 119.90 79.02
N ALA EB 69 30.63 119.10 79.93
CA ALA EB 69 29.85 119.66 81.02
C ALA EB 69 30.73 120.08 82.20
N ASP EB 70 31.93 119.51 82.31
CA ASP EB 70 32.79 119.82 83.46
C ASP EB 70 33.32 121.25 83.40
N ILE EB 71 33.63 121.72 82.19
CA ILE EB 71 34.16 123.06 81.96
C ILE EB 71 33.07 124.06 82.33
N PRO EB 72 33.30 124.91 83.35
CA PRO EB 72 32.22 125.75 83.88
C PRO EB 72 31.81 126.84 82.91
N ASP EB 73 30.66 127.43 83.17
CA ASP EB 73 30.16 128.50 82.31
C ASP EB 73 30.84 129.82 82.70
N GLY EB 74 31.00 130.69 81.73
CA GLY EB 74 31.52 132.01 82.01
C GLY EB 74 33.00 132.14 81.70
N PHE EB 75 33.68 133.00 82.49
CA PHE EB 75 35.05 133.41 82.20
C PHE EB 75 36.03 132.26 82.33
N ALA EB 76 35.85 131.43 83.36
CA ALA EB 76 36.85 130.44 83.72
C ALA EB 76 36.97 129.34 82.68
N ALA EB 77 36.00 129.24 81.77
CA ALA EB 77 35.99 128.19 80.75
C ALA EB 77 37.21 128.26 79.84
N LEU EB 78 37.49 129.43 79.28
CA LEU EB 78 38.64 129.59 78.39
C LEU EB 78 39.96 129.46 79.15
N SER EB 79 39.97 129.82 80.43
CA SER EB 79 41.21 129.82 81.20
C SER EB 79 41.64 128.40 81.57
N LYS EB 80 40.69 127.50 81.83
CA LYS EB 80 41.04 126.15 82.25
C LYS EB 80 40.81 125.11 81.17
N ILE EB 81 40.74 125.52 79.90
CA ILE EB 81 41.00 124.65 78.76
C ILE EB 81 42.41 124.12 78.99
N PRO EB 82 42.68 122.82 78.81
CA PRO EB 82 44.06 122.33 78.97
C PRO EB 82 44.98 123.00 77.97
N ASP EB 83 46.24 123.16 78.37
CA ASP EB 83 47.17 124.05 77.68
C ASP EB 83 47.35 123.65 76.23
N ALA EB 84 47.54 122.34 75.99
CA ALA EB 84 47.76 121.81 74.63
C ALA EB 84 46.57 122.04 73.72
N GLY EB 85 45.37 122.23 74.28
CA GLY EB 85 44.25 122.68 73.48
C GLY EB 85 44.33 124.14 73.11
N LEU EB 86 44.90 124.96 74.00
CA LEU EB 86 45.01 126.40 73.73
C LEU EB 86 46.03 126.69 72.65
N PHE EB 87 47.02 125.80 72.50
CA PHE EB 87 47.95 125.94 71.40
C PHE EB 87 47.30 125.57 70.09
N GLN EB 88 46.45 124.54 70.10
CA GLN EB 88 45.82 124.13 68.86
C GLN EB 88 44.77 125.14 68.43
N LEU EB 89 44.23 125.91 69.38
CA LEU EB 89 43.60 127.17 69.04
C LEU EB 89 44.59 128.10 68.35
N PHE EB 90 45.73 128.37 69.00
CA PHE EB 90 46.77 129.24 68.47
C PHE EB 90 47.33 128.72 67.16
N ALA EB 91 47.37 127.39 67.03
CA ALA EB 91 47.79 126.75 65.79
C ALA EB 91 46.84 127.07 64.66
N PHE EB 92 45.58 126.71 64.83
CA PHE EB 92 44.65 126.78 63.71
C PHE EB 92 44.16 128.20 63.47
N ILE EB 93 43.82 128.93 64.54
CA ILE EB 93 43.36 130.30 64.39
C ILE EB 93 44.48 131.18 63.85
N GLY EB 94 45.69 131.02 64.38
CA GLY EB 94 46.82 131.82 63.92
C GLY EB 94 47.22 131.54 62.49
N PHE EB 95 46.99 130.31 62.04
CA PHE EB 95 47.10 130.01 60.61
C PHE EB 95 45.96 130.68 59.85
N LEU EB 96 44.75 130.60 60.40
CA LEU EB 96 43.59 131.20 59.77
C LEU EB 96 43.62 132.72 59.86
N GLU EB 97 44.38 133.29 60.79
CA GLU EB 97 44.25 134.72 61.06
C GLU EB 97 45.06 135.59 60.10
N VAL EB 98 46.40 135.45 60.12
CA VAL EB 98 47.24 136.61 59.83
C VAL EB 98 47.32 136.87 58.31
N PHE EB 99 48.00 136.00 57.55
CA PHE EB 99 47.59 135.51 56.25
C PHE EB 99 46.98 134.16 56.58
N VAL EB 100 45.92 133.72 55.90
CA VAL EB 100 45.99 132.66 54.88
C VAL EB 100 44.69 132.68 54.08
N MET EB 101 43.59 132.92 54.77
CA MET EB 101 42.23 132.67 54.29
C MET EB 101 41.35 133.87 54.54
N LYS EB 102 41.68 134.58 55.62
CA LYS EB 102 40.88 135.67 56.14
C LYS EB 102 41.57 137.00 55.98
N ASP EB 103 42.54 137.05 55.08
CA ASP EB 103 43.81 137.73 55.26
C ASP EB 103 43.65 139.17 55.72
N ILE EB 104 44.00 139.41 56.98
CA ILE EB 104 43.65 140.67 57.62
C ILE EB 104 44.68 141.76 57.39
N THR EB 105 45.97 141.43 57.20
CA THR EB 105 47.08 142.35 57.41
C THR EB 105 47.08 143.44 56.35
N GLY EB 106 47.63 144.61 56.71
CA GLY EB 106 47.38 145.84 56.01
C GLY EB 106 46.13 146.52 56.48
N GLY EB 107 45.04 145.78 56.63
CA GLY EB 107 44.01 146.12 57.57
C GLY EB 107 42.94 147.09 57.13
N GLU EB 108 42.34 146.87 55.96
CA GLU EB 108 41.23 147.68 55.49
C GLU EB 108 40.56 147.08 54.27
N PHE EB 109 39.23 146.92 54.34
CA PHE EB 109 38.34 146.44 53.27
C PHE EB 109 38.90 145.20 52.58
N VAL EB 110 39.24 144.22 53.41
CA VAL EB 110 39.77 142.98 52.87
C VAL EB 110 38.72 142.28 52.04
N GLY EB 111 37.50 142.19 52.56
CA GLY EB 111 36.40 141.72 51.77
C GLY EB 111 36.26 140.22 51.73
N ASP EB 112 37.38 139.47 51.79
CA ASP EB 112 37.46 138.03 52.07
C ASP EB 112 36.76 137.13 51.05
N PHE EB 113 36.11 137.73 50.05
CA PHE EB 113 35.37 137.11 48.96
C PHE EB 113 34.44 135.98 49.41
N ARG EB 114 33.61 136.31 50.41
CA ARG EB 114 32.64 135.36 50.94
C ARG EB 114 31.29 136.05 50.99
N ASN EB 115 30.25 135.35 50.56
CA ASN EB 115 28.89 135.86 50.61
C ASN EB 115 28.10 135.09 51.67
N GLY EB 116 26.97 135.65 52.08
CA GLY EB 116 26.16 135.05 53.13
C GLY EB 116 25.47 133.78 52.70
N PHE EB 117 24.52 133.90 51.78
CA PHE EB 117 23.70 132.80 51.31
C PHE EB 117 23.78 132.63 49.80
N ILE EB 118 24.95 132.44 49.18
CA ILE EB 118 25.66 133.30 48.18
C ILE EB 118 25.01 134.63 47.67
N ASP EB 119 23.85 135.02 48.21
CA ASP EB 119 23.35 136.39 48.29
C ASP EB 119 24.42 137.48 48.42
N PHE EB 120 24.34 138.45 47.51
CA PHE EB 120 24.67 139.88 47.69
C PHE EB 120 26.16 140.19 47.66
N GLY EB 121 26.81 139.85 46.56
CA GLY EB 121 27.92 140.68 46.12
C GLY EB 121 27.41 141.99 45.54
N TRP EB 122 26.75 141.90 44.38
CA TRP EB 122 26.40 143.03 43.51
C TRP EB 122 25.49 142.46 42.43
N ASP EB 123 25.08 143.28 41.44
CA ASP EB 123 24.26 142.88 40.27
C ASP EB 123 22.88 142.36 40.69
N SER EB 124 22.48 142.82 41.87
CA SER EB 124 21.16 142.90 42.44
C SER EB 124 21.03 144.40 42.68
N PHE EB 125 20.11 144.80 43.57
CA PHE EB 125 20.09 146.15 44.16
C PHE EB 125 21.49 146.67 44.48
N ASP EB 126 21.67 147.95 44.42
CA ASP EB 126 22.96 148.47 44.82
C ASP EB 126 22.88 149.36 46.05
N GLU EB 127 21.81 149.22 46.83
CA GLU EB 127 21.48 150.13 47.92
C GLU EB 127 21.56 149.47 49.29
N GLU EB 128 21.54 148.14 49.37
CA GLU EB 128 21.44 147.46 50.65
C GLU EB 128 22.68 146.64 50.98
N THR EB 129 23.37 146.10 49.96
CA THR EB 129 24.57 145.30 50.20
C THR EB 129 25.77 146.21 50.37
N LYS EB 130 25.67 147.41 49.82
CA LYS EB 130 26.47 148.55 50.20
C LYS EB 130 25.55 149.52 50.90
N LEU EB 131 26.06 150.17 51.94
CA LEU EB 131 25.47 151.24 52.75
C LEU EB 131 24.36 150.75 53.69
N LYS EB 132 23.86 149.52 53.58
CA LYS EB 132 22.96 149.07 54.63
C LYS EB 132 23.36 147.77 55.32
N LYS EB 133 23.51 146.68 54.57
CA LYS EB 133 23.85 145.40 55.23
C LYS EB 133 25.30 145.41 55.67
N ARG EB 134 26.13 146.13 54.93
CA ARG EB 134 27.48 146.43 55.37
C ARG EB 134 27.46 147.36 56.58
N ALA EB 135 26.40 148.16 56.72
CA ALA EB 135 26.29 149.03 57.88
C ALA EB 135 25.75 148.31 59.10
N ILE EB 136 24.91 147.28 58.93
CA ILE EB 136 24.31 146.66 60.10
C ILE EB 136 25.35 145.84 60.85
N GLU EB 137 26.19 145.10 60.14
CA GLU EB 137 27.13 144.16 60.76
C GLU EB 137 28.14 144.86 61.66
N LEU EB 138 28.64 146.01 61.19
CA LEU EB 138 29.44 146.89 62.03
C LEU EB 138 28.65 147.36 63.24
N ASN EB 139 27.40 147.81 63.02
CA ASN EB 139 26.53 148.20 64.14
C ASN EB 139 26.15 147.01 64.99
N GLN EB 140 25.98 145.84 64.36
CA GLN EB 140 25.80 144.60 65.10
C GLN EB 140 26.99 144.31 65.99
N GLY EB 141 28.18 144.67 65.51
CA GLY EB 141 29.35 144.61 66.37
C GLY EB 141 29.30 145.64 67.48
N ARG EB 142 28.71 146.81 67.19
CA ARG EB 142 28.65 147.88 68.17
C ARG EB 142 27.77 147.51 69.35
N ALA EB 143 26.77 146.66 69.12
CA ALA EB 143 25.99 146.12 70.23
C ALA EB 143 26.80 145.09 71.00
N ALA EB 144 27.54 144.25 70.29
CA ALA EB 144 28.15 143.09 70.93
C ALA EB 144 29.46 143.45 71.63
N MET EB 145 30.16 144.48 71.13
CA MET EB 145 31.33 144.99 71.83
C MET EB 145 30.95 145.57 73.18
N MET EB 146 29.81 146.23 73.25
CA MET EB 146 29.26 146.67 74.53
C MET EB 146 28.71 145.49 75.32
N GLY EB 147 28.40 144.38 74.65
CA GLY EB 147 27.80 143.26 75.34
C GLY EB 147 28.80 142.50 76.20
N ILE EB 148 30.09 142.62 75.89
CA ILE EB 148 31.10 141.84 76.59
C ILE EB 148 31.74 142.64 77.71
N LEU EB 149 31.96 143.94 77.48
CA LEU EB 149 32.32 144.87 78.56
C LEU EB 149 31.35 144.78 79.70
N ALA EB 150 30.06 144.75 79.36
CA ALA EB 150 29.03 144.26 80.26
C ALA EB 150 29.42 142.93 80.87
N LEU EB 151 29.55 141.91 80.00
CA LEU EB 151 29.57 140.50 80.39
C LEU EB 151 30.70 140.19 81.35
N MET EB 152 31.87 140.77 81.09
CA MET EB 152 33.00 140.62 81.99
C MET EB 152 32.73 141.29 83.34
N VAL EB 153 32.12 142.48 83.33
CA VAL EB 153 31.81 143.17 84.56
C VAL EB 153 30.62 142.51 85.27
N HIS EB 154 29.67 141.95 84.49
CA HIS EB 154 28.63 141.10 85.07
C HIS EB 154 29.23 139.87 85.75
N GLU EB 155 30.34 139.36 85.20
CA GLU EB 155 30.98 138.18 85.78
C GLU EB 155 32.05 138.54 86.80
N LYS EB 156 32.42 139.82 86.91
CA LYS EB 156 33.61 140.20 87.66
C LYS EB 156 33.45 140.03 89.16
N LEU EB 157 32.34 140.49 89.73
CA LEU EB 157 32.08 140.37 91.16
C LEU EB 157 31.21 139.16 91.47
N ILE EB 158 30.09 139.08 90.77
CA ILE EB 158 29.09 138.01 90.73
C ILE EB 158 29.76 136.73 90.22
N PRO EB 159 29.21 135.55 90.46
CA PRO EB 159 29.58 134.38 89.64
C PRO EB 159 29.16 134.48 88.18
N LEU EB 160 29.25 133.36 87.45
CA LEU EB 160 28.76 133.25 86.08
C LEU EB 160 27.31 133.71 85.97
N GLY EB 161 26.91 134.09 84.75
CA GLY EB 161 25.68 134.85 84.57
C GLY EB 161 24.40 134.06 84.78
N TYR EB 162 24.45 132.74 84.63
CA TYR EB 162 23.30 131.90 84.97
C TYR EB 162 23.08 131.89 86.49
N ASP EB 163 24.16 132.11 87.25
CA ASP EB 163 24.16 132.42 88.67
C ASP EB 163 24.22 133.95 88.90
N ALA EB 164 24.15 134.76 87.85
CA ALA EB 164 23.76 136.15 88.08
C ALA EB 164 22.27 136.29 88.05
N ASP EB 165 21.60 135.35 87.40
CA ASP EB 165 20.21 135.57 87.05
C ASP EB 165 19.27 134.80 87.97
N LEU EB 166 19.74 133.72 88.61
CA LEU EB 166 18.88 133.07 89.61
C LEU EB 166 18.87 133.92 90.88
N PRO EB 167 20.05 134.42 91.44
CA PRO EB 167 19.95 135.52 92.41
C PRO EB 167 19.85 136.90 91.76
N ILE EB 168 20.13 137.92 92.59
CA ILE EB 168 19.86 139.33 92.34
C ILE EB 168 20.37 139.78 90.98
N ILE EB 169 19.57 140.60 90.30
CA ILE EB 169 19.96 141.25 89.05
C ILE EB 169 20.32 142.72 89.26
N GLY EB 170 19.87 143.31 90.38
CA GLY EB 170 20.09 144.72 90.63
C GLY EB 170 21.54 145.06 90.92
N HIS EB 171 21.83 146.37 90.88
CA HIS EB 171 23.19 146.87 91.03
C HIS EB 171 23.71 146.69 92.45
N LEU EB 172 25.01 146.90 92.62
CA LEU EB 172 25.66 146.73 93.91
C LEU EB 172 25.20 147.77 94.91
N GLU FB 1 3.23 151.65 43.71
CA GLU FB 1 2.78 151.73 45.09
C GLU FB 1 1.31 152.24 45.10
N ASN FB 2 0.61 152.18 43.98
CA ASN FB 2 -0.81 152.48 44.14
C ASN FB 2 -1.68 151.23 43.98
N GLU FB 3 -1.31 150.32 43.09
CA GLU FB 3 -2.21 149.25 42.63
C GLU FB 3 -2.13 148.03 43.56
N LEU FB 4 -2.49 148.23 44.81
CA LEU FB 4 -2.09 147.27 45.83
C LEU FB 4 -3.24 146.36 46.19
N GLY FB 5 -2.88 145.10 46.43
CA GLY FB 5 -3.78 144.18 47.09
C GLY FB 5 -4.75 143.53 46.10
N ALA FB 6 -5.96 144.05 46.05
CA ALA FB 6 -7.06 143.34 45.44
C ALA FB 6 -6.94 143.31 43.92
N GLN FB 7 -7.62 142.32 43.36
CA GLN FB 7 -7.03 141.46 42.36
C GLN FB 7 -8.16 140.59 41.82
N PRO FB 8 -7.95 139.62 40.92
CA PRO FB 8 -9.02 138.62 40.68
C PRO FB 8 -9.39 137.90 41.96
N PRO FB 9 -10.68 137.68 42.21
CA PRO FB 9 -11.84 137.94 41.36
C PRO FB 9 -12.55 139.25 41.68
N LEU FB 10 -11.83 140.24 42.19
CA LEU FB 10 -12.47 141.45 42.67
C LEU FB 10 -11.96 142.67 41.91
N GLY FB 11 -10.64 142.85 41.87
CA GLY FB 11 -10.09 144.10 41.40
C GLY FB 11 -10.29 145.16 42.46
N PHE FB 12 -10.32 146.43 42.04
CA PHE FB 12 -10.68 147.50 42.97
C PHE FB 12 -12.12 147.33 43.43
N PHE FB 13 -12.27 147.02 44.71
CA PHE FB 13 -13.56 146.67 45.31
C PHE FB 13 -13.75 147.57 46.51
N ASP FB 14 -14.52 148.64 46.32
CA ASP FB 14 -14.87 149.56 47.39
C ASP FB 14 -16.38 149.73 47.38
N PRO FB 15 -17.10 148.73 47.88
CA PRO FB 15 -18.54 148.62 47.57
C PRO FB 15 -19.42 149.64 48.27
N LEU FB 16 -18.99 150.16 49.41
CA LEU FB 16 -19.80 151.14 50.13
C LEU FB 16 -19.45 152.58 49.76
N GLY FB 17 -18.19 152.86 49.42
CA GLY FB 17 -17.75 154.24 49.31
C GLY FB 17 -17.25 154.70 50.66
N LEU FB 18 -16.71 155.95 50.73
CA LEU FB 18 -15.71 156.56 51.63
C LEU FB 18 -14.26 156.41 51.15
N VAL FB 19 -14.01 155.69 50.06
CA VAL FB 19 -12.67 155.69 49.48
C VAL FB 19 -12.66 156.27 48.07
N GLU FB 20 -13.74 156.10 47.31
CA GLU FB 20 -13.86 156.75 46.01
C GLU FB 20 -14.08 158.24 46.25
N ASP FB 21 -12.98 158.92 46.54
CA ASP FB 21 -12.92 160.35 46.74
C ASP FB 21 -12.25 161.03 45.56
N GLY FB 22 -11.54 160.26 44.73
CA GLY FB 22 -10.78 160.79 43.62
C GLY FB 22 -9.41 161.27 44.04
N ASN FB 23 -9.21 161.36 45.36
CA ASN FB 23 -7.94 161.75 45.96
C ASN FB 23 -7.36 160.51 46.60
N GLN FB 24 -6.08 160.31 46.40
CA GLN FB 24 -5.46 159.13 46.95
C GLN FB 24 -4.81 159.39 48.29
N ALA FB 25 -4.77 160.65 48.75
CA ALA FB 25 -4.09 161.02 50.00
C ALA FB 25 -4.76 160.37 51.22
N LYS FB 26 -6.07 160.15 51.16
CA LYS FB 26 -6.72 159.37 52.20
C LYS FB 26 -6.59 157.87 51.93
N PHE FB 27 -6.62 157.49 50.65
CA PHE FB 27 -6.38 156.11 50.23
C PHE FB 27 -4.99 155.66 50.61
N ASP FB 28 -4.04 156.59 50.53
CA ASP FB 28 -2.67 156.49 51.02
C ASP FB 28 -2.57 155.95 52.44
N ARG FB 29 -3.24 156.63 53.38
CA ARG FB 29 -3.07 156.32 54.79
C ARG FB 29 -3.70 154.98 55.14
N LEU FB 30 -4.95 154.77 54.69
CA LEU FB 30 -5.68 153.52 54.95
C LEU FB 30 -4.97 152.29 54.37
N ARG FB 31 -4.15 152.46 53.33
CA ARG FB 31 -3.42 151.35 52.75
C ARG FB 31 -2.33 150.85 53.70
N TYR FB 32 -1.56 151.77 54.27
CA TYR FB 32 -0.56 151.39 55.24
C TYR FB 32 -1.21 150.95 56.56
N VAL FB 33 -2.40 151.48 56.84
CA VAL FB 33 -3.19 150.96 57.95
C VAL FB 33 -3.52 149.49 57.71
N GLU FB 34 -3.93 149.14 56.48
CA GLU FB 34 -4.22 147.75 56.13
C GLU FB 34 -2.98 146.86 56.20
N LEU FB 35 -1.82 147.41 55.88
CA LEU FB 35 -0.59 146.65 55.98
C LEU FB 35 -0.26 146.28 57.42
N LYS FB 36 -0.42 147.24 58.33
CA LYS FB 36 0.00 147.01 59.71
C LYS FB 36 -0.97 146.07 60.42
N HIS FB 37 -2.28 146.29 60.24
CA HIS FB 37 -3.27 145.32 60.72
C HIS FB 37 -3.07 143.98 60.05
N GLY FB 38 -2.63 143.99 58.79
CA GLY FB 38 -2.16 142.81 58.11
C GLY FB 38 -1.06 142.13 58.90
N ARG FB 39 0.00 142.86 59.21
CA ARG FB 39 1.19 142.28 59.86
C ARG FB 39 0.87 141.76 61.25
N ILE FB 40 -0.05 142.41 61.96
CA ILE FB 40 -0.32 142.04 63.34
C ILE FB 40 -1.23 140.82 63.39
N SER FB 41 -2.25 140.80 62.54
CA SER FB 41 -3.21 139.71 62.55
C SER FB 41 -2.59 138.41 62.08
N MET FB 42 -1.60 138.48 61.21
CA MET FB 42 -1.00 137.28 60.65
C MET FB 42 -0.13 136.56 61.68
N LEU FB 43 0.61 137.31 62.48
CA LEU FB 43 1.37 136.67 63.53
C LEU FB 43 0.55 136.45 64.79
N ALA FB 44 -0.67 136.99 64.86
CA ALA FB 44 -1.54 136.66 65.97
C ALA FB 44 -2.29 135.38 65.72
N VAL FB 45 -2.66 135.10 64.46
CA VAL FB 45 -3.35 133.85 64.18
C VAL FB 45 -2.39 132.67 64.29
N VAL FB 46 -1.15 132.82 63.78
CA VAL FB 46 -0.21 131.71 63.86
C VAL FB 46 0.31 131.60 65.28
N GLY FB 47 0.32 132.72 66.01
CA GLY FB 47 0.55 132.65 67.44
C GLY FB 47 -0.57 131.90 68.14
N TYR FB 48 -1.81 132.14 67.72
CA TYR FB 48 -2.95 131.39 68.25
C TYR FB 48 -2.86 129.92 67.88
N LEU FB 49 -2.32 129.60 66.71
CA LEU FB 49 -2.22 128.21 66.29
C LEU FB 49 -1.13 127.47 67.05
N ILE FB 50 -0.01 128.14 67.31
CA ILE FB 50 1.11 127.46 67.93
C ILE FB 50 0.92 127.39 69.45
N GLU FB 51 0.23 128.37 70.03
CA GLU FB 51 -0.16 128.27 71.44
C GLU FB 51 -1.15 127.13 71.66
N LYS FB 52 -2.06 126.91 70.71
CA LYS FB 52 -3.09 125.90 70.91
C LYS FB 52 -2.57 124.49 70.67
N ALA FB 53 -1.52 124.33 69.86
CA ALA FB 53 -0.99 123.02 69.52
C ALA FB 53 -0.29 122.33 70.68
N GLY FB 54 -0.24 122.94 71.87
CA GLY FB 54 0.50 122.39 72.97
C GLY FB 54 1.97 122.72 72.93
N ILE FB 55 2.39 123.57 72.00
CA ILE FB 55 3.79 123.96 71.86
C ILE FB 55 4.04 125.08 72.87
N ARG FB 56 4.66 124.73 73.99
CA ARG FB 56 5.03 125.68 75.03
C ARG FB 56 6.52 125.54 75.31
N LEU FB 57 7.01 126.40 76.18
CA LEU FB 57 8.38 126.34 76.65
C LEU FB 57 8.43 125.63 78.00
N PRO FB 58 9.58 125.07 78.37
CA PRO FB 58 9.72 124.54 79.72
C PRO FB 58 10.03 125.65 80.74
N GLY FB 59 9.73 125.35 82.00
CA GLY FB 59 10.12 126.19 83.11
C GLY FB 59 9.02 127.16 83.55
N ASN FB 60 9.23 127.73 84.73
CA ASN FB 60 8.38 128.80 85.23
C ASN FB 60 8.63 130.07 84.43
N ILE FB 61 7.61 130.94 84.36
CA ILE FB 61 7.85 132.23 83.72
C ILE FB 61 8.55 133.20 84.67
N SER FB 62 8.37 133.08 85.98
CA SER FB 62 8.89 134.10 86.89
C SER FB 62 8.97 133.52 88.30
N TYR FB 63 9.15 134.43 89.27
CA TYR FB 63 9.14 134.05 90.67
C TYR FB 63 7.74 133.66 91.16
N ASP FB 64 6.70 134.06 90.43
CA ASP FB 64 5.31 133.63 90.65
C ASP FB 64 5.17 132.11 90.71
N GLY FB 65 5.98 131.37 89.97
CA GLY FB 65 5.76 129.94 89.89
C GLY FB 65 4.70 129.59 88.88
N THR FB 66 4.56 130.42 87.85
CA THR FB 66 3.66 130.17 86.74
C THR FB 66 4.50 129.55 85.62
N THR FB 67 4.22 128.31 85.25
CA THR FB 67 4.95 127.77 84.11
C THR FB 67 4.39 128.33 82.81
N PHE FB 68 5.06 127.99 81.71
CA PHE FB 68 4.50 128.29 80.41
C PHE FB 68 3.28 127.43 80.12
N ALA FB 69 3.14 126.30 80.81
CA ALA FB 69 1.93 125.49 80.71
C ALA FB 69 0.80 126.05 81.55
N ASP FB 70 1.11 126.81 82.62
CA ASP FB 70 0.08 127.28 83.54
C ASP FB 70 -0.81 128.33 82.90
N ILE FB 71 -0.23 129.17 82.05
CA ILE FB 71 -0.95 130.23 81.35
C ILE FB 71 -1.91 129.57 80.37
N PRO FB 72 -3.22 129.84 80.47
CA PRO FB 72 -4.19 129.09 79.67
C PRO FB 72 -4.14 129.49 78.21
N ASP FB 73 -4.73 128.64 77.38
CA ASP FB 73 -4.81 128.92 75.96
C ASP FB 73 -5.97 129.87 75.69
N GLY FB 74 -5.86 130.68 74.64
CA GLY FB 74 -6.93 131.58 74.29
C GLY FB 74 -6.77 132.94 74.95
N PHE FB 75 -7.92 133.61 75.13
CA PHE FB 75 -7.96 135.05 75.41
C PHE FB 75 -7.31 135.41 76.73
N ALA FB 76 -7.50 134.56 77.73
CA ALA FB 76 -7.09 134.88 79.10
C ALA FB 76 -5.59 134.97 79.25
N ALA FB 77 -4.83 134.45 78.27
CA ALA FB 77 -3.39 134.36 78.36
C ALA FB 77 -2.74 135.74 78.46
N LEU FB 78 -3.04 136.63 77.50
CA LEU FB 78 -2.45 137.97 77.50
C LEU FB 78 -2.91 138.79 78.70
N SER FB 79 -4.12 138.52 79.20
CA SER FB 79 -4.66 139.32 80.30
C SER FB 79 -4.01 138.98 81.63
N LYS FB 80 -3.68 137.71 81.88
CA LYS FB 80 -3.11 137.31 83.14
C LYS FB 80 -1.60 137.05 83.07
N ILE FB 81 -0.94 137.58 82.04
CA ILE FB 81 0.50 137.84 82.09
C ILE FB 81 0.72 138.76 83.28
N PRO FB 82 1.74 138.54 84.12
CA PRO FB 82 1.98 139.45 85.24
C PRO FB 82 2.33 140.84 84.73
N ASP FB 83 1.96 141.85 85.52
CA ASP FB 83 1.91 143.24 85.05
C ASP FB 83 3.29 143.72 84.61
N ALA FB 84 4.33 143.36 85.38
CA ALA FB 84 5.70 143.78 85.07
C ALA FB 84 6.17 143.24 83.72
N GLY FB 85 5.67 142.08 83.33
CA GLY FB 85 5.95 141.59 81.98
C GLY FB 85 5.26 142.42 80.92
N LEU FB 86 4.07 142.95 81.23
CA LEU FB 86 3.36 143.78 80.27
C LEU FB 86 4.03 145.14 80.11
N PHE FB 87 4.67 145.64 81.18
CA PHE FB 87 5.48 146.86 81.06
C PHE FB 87 6.67 146.65 80.14
N GLN FB 88 7.27 145.45 80.20
CA GLN FB 88 8.46 145.19 79.40
C GLN FB 88 8.10 144.83 77.97
N LEU FB 89 6.89 144.32 77.74
CA LEU FB 89 6.32 144.35 76.40
C LEU FB 89 6.25 145.79 75.91
N PHE FB 90 5.72 146.67 76.74
CA PHE FB 90 5.52 148.07 76.37
C PHE FB 90 6.83 148.79 76.16
N ALA FB 91 7.83 148.46 76.97
CA ALA FB 91 9.14 149.10 76.87
C ALA FB 91 9.83 148.68 75.59
N PHE FB 92 9.80 147.39 75.26
CA PHE FB 92 10.56 146.93 74.10
C PHE FB 92 9.79 147.13 72.80
N ILE FB 93 8.51 146.74 72.77
CA ILE FB 93 7.73 146.86 71.53
C ILE FB 93 7.57 148.33 71.17
N GLY FB 94 7.24 149.17 72.15
CA GLY FB 94 7.01 150.59 71.89
C GLY FB 94 8.25 151.32 71.43
N PHE FB 95 9.42 150.91 71.93
CA PHE FB 95 10.67 151.44 71.38
C PHE FB 95 10.89 150.94 69.96
N LEU FB 96 10.55 149.68 69.72
CA LEU FB 96 10.58 149.14 68.36
C LEU FB 96 9.47 149.72 67.49
N GLU FB 97 8.41 150.29 68.08
CA GLU FB 97 7.20 150.61 67.31
C GLU FB 97 7.11 152.06 66.85
N VAL FB 98 7.04 153.01 67.79
CA VAL FB 98 6.70 154.38 67.43
C VAL FB 98 7.97 155.03 66.91
N PHE FB 99 9.08 154.74 67.57
CA PHE FB 99 10.40 154.84 67.00
C PHE FB 99 10.66 153.54 66.25
N VAL FB 100 11.91 153.14 66.25
CA VAL FB 100 12.59 152.62 65.07
C VAL FB 100 12.93 151.15 65.09
N MET FB 101 13.65 150.76 64.02
CA MET FB 101 13.83 149.49 63.33
C MET FB 101 12.61 149.19 62.47
N LYS FB 102 11.54 149.97 62.64
CA LYS FB 102 10.25 149.72 62.03
C LYS FB 102 9.60 150.98 61.49
N ASP FB 103 10.28 152.13 61.61
CA ASP FB 103 9.73 153.42 61.99
C ASP FB 103 8.44 153.77 61.26
N ILE FB 104 7.33 153.71 61.98
CA ILE FB 104 6.02 153.71 61.35
C ILE FB 104 5.44 155.10 61.12
N THR FB 105 5.90 156.12 61.87
CA THR FB 105 5.18 157.38 62.03
C THR FB 105 5.23 158.18 60.73
N GLY FB 106 4.10 158.81 60.40
CA GLY FB 106 3.82 159.32 59.07
C GLY FB 106 3.01 158.36 58.22
N GLY FB 107 3.41 157.10 58.15
CA GLY FB 107 2.50 156.04 57.78
C GLY FB 107 2.09 155.81 56.33
N GLU FB 108 3.07 155.58 55.45
CA GLU FB 108 2.90 154.79 54.22
C GLU FB 108 4.25 154.55 53.58
N PHE FB 109 4.44 153.31 53.11
CA PHE FB 109 5.66 152.84 52.45
C PHE FB 109 6.84 153.19 53.34
N VAL FB 110 6.79 152.67 54.55
CA VAL FB 110 8.00 152.74 55.34
C VAL FB 110 9.03 151.83 54.71
N GLY FB 111 8.60 150.62 54.34
CA GLY FB 111 9.44 149.71 53.58
C GLY FB 111 10.46 148.99 54.43
N ASP FB 112 10.91 149.62 55.53
CA ASP FB 112 11.66 149.06 56.65
C ASP FB 112 13.05 148.56 56.27
N PHE FB 113 13.34 148.53 54.98
CA PHE FB 113 14.62 148.19 54.39
C PHE FB 113 15.06 146.78 54.81
N ARG FB 114 14.23 145.79 54.46
CA ARG FB 114 14.29 144.43 55.00
C ARG FB 114 13.58 143.47 54.07
N ASN FB 115 14.28 142.54 53.42
CA ASN FB 115 13.55 141.61 52.55
C ASN FB 115 13.63 140.17 53.05
N GLY FB 116 12.82 139.27 52.48
CA GLY FB 116 12.54 138.02 53.20
C GLY FB 116 13.64 136.98 53.39
N PHE FB 117 13.95 136.18 52.39
CA PHE FB 117 15.20 135.44 52.43
C PHE FB 117 16.32 136.23 51.77
N ILE FB 118 16.63 137.48 52.18
CA ILE FB 118 16.47 138.80 51.48
C ILE FB 118 16.33 138.83 49.93
N ASP FB 119 15.83 137.77 49.33
CA ASP FB 119 15.16 137.81 48.04
C ASP FB 119 14.19 138.96 47.84
N PHE FB 120 14.07 139.37 46.58
CA PHE FB 120 13.04 140.27 46.06
C PHE FB 120 13.21 141.73 46.48
N GLY FB 121 14.41 142.26 46.32
CA GLY FB 121 14.51 143.70 46.30
C GLY FB 121 14.13 144.28 44.95
N TRP FB 122 14.96 143.99 43.95
CA TRP FB 122 15.00 144.56 42.60
C TRP FB 122 16.13 143.81 41.88
N ASP FB 123 16.23 144.01 40.55
CA ASP FB 123 17.18 143.36 39.64
C ASP FB 123 17.03 141.85 39.65
N SER FB 124 15.77 141.46 39.67
CA SER FB 124 15.27 140.11 39.59
C SER FB 124 13.99 140.26 38.80
N PHE FB 125 13.05 139.36 38.99
CA PHE FB 125 11.67 139.64 38.62
C PHE FB 125 11.22 141.00 39.12
N ASP FB 126 10.92 141.91 38.20
CA ASP FB 126 10.28 143.17 38.54
C ASP FB 126 8.76 143.03 38.60
N GLU FB 127 8.26 141.84 38.27
CA GLU FB 127 6.84 141.51 38.32
C GLU FB 127 6.50 140.63 39.52
N GLU FB 128 7.47 139.95 40.13
CA GLU FB 128 7.13 139.14 41.28
C GLU FB 128 7.29 139.93 42.58
N THR FB 129 8.38 140.71 42.71
CA THR FB 129 8.61 141.46 43.94
C THR FB 129 7.65 142.64 44.08
N LYS FB 130 7.20 143.19 42.96
CA LYS FB 130 6.23 144.27 42.95
C LYS FB 130 4.98 143.70 42.32
N LEU FB 131 3.82 144.17 42.75
CA LEU FB 131 2.46 143.90 42.29
C LEU FB 131 1.94 142.53 42.71
N LYS FB 132 2.78 141.61 43.17
CA LYS FB 132 2.23 140.29 43.42
C LYS FB 132 2.53 139.77 44.82
N LYS FB 133 3.81 139.68 45.17
CA LYS FB 133 4.16 139.26 46.53
C LYS FB 133 3.91 140.39 47.50
N ARG FB 134 3.95 141.63 47.01
CA ARG FB 134 3.42 142.76 47.74
C ARG FB 134 1.91 142.63 47.91
N ALA FB 135 1.24 142.01 46.94
CA ALA FB 135 -0.20 141.85 47.03
C ALA FB 135 -0.60 140.70 47.92
N ILE FB 136 0.23 139.65 48.05
CA ILE FB 136 -0.22 138.49 48.82
C ILE FB 136 -0.25 138.80 50.30
N GLU FB 137 0.80 139.45 50.82
CA GLU FB 137 0.94 139.71 52.25
C GLU FB 137 -0.21 140.54 52.79
N LEU FB 138 -0.57 141.58 52.05
CA LEU FB 138 -1.76 142.36 52.36
C LEU FB 138 -3.01 141.47 52.33
N ASN FB 139 -3.14 140.64 51.28
CA ASN FB 139 -4.26 139.70 51.22
C ASN FB 139 -4.14 138.61 52.27
N GLN FB 140 -2.91 138.19 52.58
CA GLN FB 140 -2.67 137.30 53.72
C GLN FB 140 -3.13 137.95 55.00
N GLY FB 141 -2.91 139.26 55.13
CA GLY FB 141 -3.48 139.99 56.24
C GLY FB 141 -4.98 140.02 56.19
N ARG FB 142 -5.55 140.08 54.98
CA ARG FB 142 -7.00 140.13 54.82
C ARG FB 142 -7.65 138.85 55.31
N ALA FB 143 -6.97 137.72 55.18
CA ALA FB 143 -7.49 136.48 55.72
C ALA FB 143 -7.34 136.43 57.22
N ALA FB 144 -6.22 136.94 57.74
CA ALA FB 144 -5.93 136.78 59.16
C ALA FB 144 -6.70 137.80 60.01
N MET FB 145 -6.96 138.98 59.44
CA MET FB 145 -7.81 139.96 60.13
C MET FB 145 -9.22 139.41 60.31
N MET FB 146 -9.71 138.68 59.32
CA MET FB 146 -10.96 137.95 59.46
C MET FB 146 -10.82 136.78 60.42
N GLY FB 147 -9.60 136.25 60.56
CA GLY FB 147 -9.41 135.09 61.40
C GLY FB 147 -9.59 135.39 62.87
N ILE FB 148 -9.35 136.64 63.27
CA ILE FB 148 -9.33 137.00 64.70
C ILE FB 148 -10.71 137.47 65.16
N LEU FB 149 -11.40 138.25 64.31
CA LEU FB 149 -12.80 138.61 64.56
C LEU FB 149 -13.65 137.37 64.80
N ALA FB 150 -13.42 136.36 63.96
CA ALA FB 150 -13.85 135.01 64.26
C ALA FB 150 -13.36 134.57 65.62
N LEU FB 151 -12.03 134.49 65.78
CA LEU FB 151 -11.37 133.83 66.90
C LEU FB 151 -11.83 134.36 68.24
N MET FB 152 -11.97 135.69 68.33
CA MET FB 152 -12.50 136.31 69.54
C MET FB 152 -13.95 135.91 69.77
N VAL FB 153 -14.76 135.84 68.70
CA VAL FB 153 -16.16 135.48 68.86
C VAL FB 153 -16.29 133.96 69.04
N HIS FB 154 -15.37 133.17 68.45
CA HIS FB 154 -15.29 131.75 68.76
C HIS FB 154 -14.99 131.53 70.24
N GLU FB 155 -14.06 132.33 70.79
CA GLU FB 155 -13.70 132.18 72.20
C GLU FB 155 -14.74 132.74 73.13
N LYS FB 156 -15.59 133.66 72.62
CA LYS FB 156 -16.55 134.42 73.43
C LYS FB 156 -17.62 133.53 74.07
N LEU FB 157 -17.75 132.25 73.66
CA LEU FB 157 -18.88 131.41 74.03
C LEU FB 157 -18.98 131.20 75.55
N ILE FB 158 -18.18 130.31 76.14
CA ILE FB 158 -17.17 130.53 77.19
C ILE FB 158 -16.01 129.53 77.25
N PRO FB 159 -15.63 128.73 76.22
CA PRO FB 159 -14.28 128.17 76.25
C PRO FB 159 -13.27 128.75 75.27
N LEU FB 160 -12.02 128.28 75.39
CA LEU FB 160 -11.01 128.43 74.35
C LEU FB 160 -11.32 127.53 73.16
N GLY FB 161 -10.48 127.61 72.14
CA GLY FB 161 -10.82 127.01 70.85
C GLY FB 161 -10.55 125.52 70.77
N TYR FB 162 -9.54 125.03 71.50
CA TYR FB 162 -9.31 123.59 71.61
C TYR FB 162 -10.43 122.94 72.43
N ASP FB 163 -11.01 123.68 73.36
CA ASP FB 163 -12.27 123.39 74.04
C ASP FB 163 -13.47 123.93 73.24
N ALA FB 164 -13.24 124.42 72.02
CA ALA FB 164 -14.38 124.57 71.13
C ALA FB 164 -14.42 123.44 70.13
N ASP FB 165 -13.30 122.75 69.95
CA ASP FB 165 -13.21 121.73 68.91
C ASP FB 165 -13.50 120.33 69.46
N LEU FB 166 -13.16 120.05 70.74
CA LEU FB 166 -13.52 118.75 71.29
C LEU FB 166 -15.03 118.68 71.53
N PRO FB 167 -15.72 119.74 72.10
CA PRO FB 167 -17.18 119.81 71.94
C PRO FB 167 -17.64 120.47 70.65
N ILE FB 168 -18.91 120.87 70.66
CA ILE FB 168 -19.70 121.27 69.49
C ILE FB 168 -19.01 122.34 68.65
N ILE FB 169 -19.09 122.18 67.33
CA ILE FB 169 -18.56 123.13 66.37
C ILE FB 169 -19.68 123.89 65.66
N GLY FB 170 -20.92 123.37 65.67
CA GLY FB 170 -22.04 124.06 65.06
C GLY FB 170 -22.44 125.32 65.81
N HIS FB 171 -23.24 126.15 65.14
CA HIS FB 171 -23.61 127.46 65.65
C HIS FB 171 -24.57 127.36 66.82
N LEU FB 172 -24.81 128.51 67.47
CA LEU FB 172 -25.69 128.57 68.64
C LEU FB 172 -27.13 128.27 68.26
N GLU GB 1 6.33 127.27 25.10
CA GLU GB 1 6.04 126.81 23.75
C GLU GB 1 6.56 125.36 23.57
N ASN GB 2 7.15 125.08 22.42
CA ASN GB 2 8.02 123.95 22.10
C ASN GB 2 9.39 124.18 22.77
N GLU GB 3 10.42 123.46 22.32
CA GLU GB 3 11.85 123.52 22.70
C GLU GB 3 12.05 123.31 24.20
N LEU GB 4 11.44 122.22 24.67
CA LEU GB 4 11.41 121.89 26.09
C LEU GB 4 10.97 120.45 26.28
N GLY GB 5 11.24 119.89 27.44
CA GLY GB 5 10.72 118.58 27.73
C GLY GB 5 11.83 117.59 27.52
N ALA GB 6 11.63 116.69 26.57
CA ALA GB 6 12.64 115.69 26.38
C ALA GB 6 13.80 116.23 25.56
N GLN GB 7 14.83 115.44 25.53
CA GLN GB 7 16.14 115.94 25.85
C GLN GB 7 17.08 114.78 25.60
N PRO GB 8 18.39 114.89 25.84
CA PRO GB 8 19.23 113.68 25.91
C PRO GB 8 18.70 112.70 26.95
N PRO GB 9 18.64 111.42 26.62
CA PRO GB 9 19.10 110.78 25.38
C PRO GB 9 17.97 110.50 24.40
N LEU GB 10 17.00 111.39 24.30
CA LEU GB 10 15.91 111.10 23.40
C LEU GB 10 15.68 112.25 22.42
N GLY GB 11 15.64 113.47 22.95
CA GLY GB 11 15.19 114.58 22.14
C GLY GB 11 13.69 114.44 21.92
N PHE GB 12 13.22 115.02 20.82
CA PHE GB 12 11.81 114.91 20.49
C PHE GB 12 11.47 113.47 20.16
N PHE GB 13 10.69 112.85 21.04
CA PHE GB 13 10.42 111.42 21.04
C PHE GB 13 8.92 111.23 20.98
N ASP GB 14 8.38 111.13 19.77
CA ASP GB 14 6.97 110.80 19.55
C ASP GB 14 6.90 109.59 18.64
N PRO GB 15 7.40 108.43 19.10
CA PRO GB 15 7.71 107.36 18.14
C PRO GB 15 6.50 106.62 17.62
N LEU GB 16 5.39 106.57 18.35
CA LEU GB 16 4.20 105.98 17.75
C LEU GB 16 3.50 106.93 16.82
N GLY GB 17 3.86 108.21 16.81
CA GLY GB 17 3.05 109.10 16.03
C GLY GB 17 1.71 109.41 16.66
N LEU GB 18 1.72 110.24 17.69
CA LEU GB 18 0.49 110.77 18.24
C LEU GB 18 0.35 112.28 18.09
N VAL GB 19 1.43 112.98 17.76
CA VAL GB 19 1.48 114.44 17.78
C VAL GB 19 2.06 115.03 16.50
N GLU GB 20 2.50 114.17 15.57
CA GLU GB 20 3.17 114.48 14.30
C GLU GB 20 2.42 115.42 13.36
N ASP GB 21 1.28 115.99 13.80
CA ASP GB 21 0.52 117.07 13.16
C ASP GB 21 1.37 118.11 12.43
N GLY GB 22 2.39 118.63 13.09
CA GLY GB 22 2.91 119.93 12.72
C GLY GB 22 2.11 121.07 13.28
N ASN GB 23 1.25 120.79 14.26
CA ASN GB 23 0.39 121.79 14.88
C ASN GB 23 0.76 121.89 16.35
N GLN GB 24 1.05 123.11 16.80
CA GLN GB 24 1.41 123.34 18.18
C GLN GB 24 0.21 123.16 19.10
N ALA GB 25 -1.00 123.40 18.59
CA ALA GB 25 -2.19 123.52 19.43
C ALA GB 25 -2.56 122.22 20.12
N LYS GB 26 -2.45 121.10 19.41
CA LYS GB 26 -2.66 119.81 20.05
C LYS GB 26 -1.49 119.45 20.96
N PHE GB 27 -0.29 119.92 20.62
CA PHE GB 27 0.89 119.63 21.42
C PHE GB 27 0.92 120.47 22.69
N ASP GB 28 0.31 121.66 22.64
CA ASP GB 28 0.17 122.52 23.80
C ASP GB 28 -0.61 121.83 24.90
N ARG GB 29 -1.76 121.28 24.53
CA ARG GB 29 -2.68 120.74 25.52
C ARG GB 29 -2.11 119.48 26.16
N LEU GB 30 -1.55 118.58 25.35
CA LEU GB 30 -0.94 117.36 25.88
C LEU GB 30 0.30 117.63 26.71
N ARG GB 31 0.91 118.80 26.56
CA ARG GB 31 2.02 119.18 27.43
C ARG GB 31 1.55 119.46 28.83
N TYR GB 32 0.39 120.11 28.93
CA TYR GB 32 -0.04 120.59 30.24
C TYR GB 32 -0.82 119.52 30.96
N VAL GB 33 -1.34 118.58 30.19
CA VAL GB 33 -1.76 117.30 30.74
C VAL GB 33 -0.57 116.60 31.37
N GLU GB 34 0.57 116.55 30.66
CA GLU GB 34 1.76 115.89 31.19
C GLU GB 34 2.34 116.63 32.38
N LEU GB 35 2.23 117.96 32.40
CA LEU GB 35 2.64 118.71 33.58
C LEU GB 35 1.79 118.35 34.78
N LYS GB 36 0.49 118.16 34.56
CA LYS GB 36 -0.40 117.94 35.68
C LYS GB 36 -0.26 116.53 36.23
N HIS GB 37 -0.24 115.54 35.35
CA HIS GB 37 0.11 114.19 35.78
C HIS GB 37 1.53 114.11 36.27
N GLY GB 38 2.39 115.01 35.78
CA GLY GB 38 3.68 115.22 36.36
C GLY GB 38 3.53 115.57 37.82
N ARG GB 39 2.87 116.68 38.11
CA ARG GB 39 2.82 117.23 39.46
C ARG GB 39 2.11 116.30 40.44
N ILE GB 40 1.10 115.59 39.97
CA ILE GB 40 0.29 114.78 40.87
C ILE GB 40 1.00 113.48 41.22
N SER GB 41 1.56 112.81 40.21
CA SER GB 41 2.23 111.54 40.45
C SER GB 41 3.52 111.71 41.24
N MET GB 42 4.10 112.89 41.20
CA MET GB 42 5.29 113.16 41.99
C MET GB 42 4.95 113.23 43.47
N LEU GB 43 3.87 113.92 43.81
CA LEU GB 43 3.49 113.96 45.21
C LEU GB 43 2.77 112.71 45.66
N ALA GB 44 2.48 111.79 44.75
CA ALA GB 44 1.88 110.54 45.18
C ALA GB 44 2.94 109.48 45.47
N VAL GB 45 4.06 109.49 44.74
CA VAL GB 45 5.11 108.52 45.07
C VAL GB 45 5.83 108.93 46.35
N VAL GB 46 6.09 110.24 46.54
CA VAL GB 46 6.71 110.66 47.78
C VAL GB 46 5.71 110.55 48.91
N GLY GB 47 4.42 110.70 48.59
CA GLY GB 47 3.40 110.31 49.54
C GLY GB 47 3.42 108.84 49.83
N TYR GB 48 3.69 108.03 48.80
CA TYR GB 48 3.76 106.59 49.01
C TYR GB 48 4.98 106.20 49.81
N LEU GB 49 6.11 106.87 49.58
CA LEU GB 49 7.34 106.47 50.26
C LEU GB 49 7.31 106.93 51.72
N ILE GB 50 6.60 108.01 52.01
CA ILE GB 50 6.56 108.48 53.38
C ILE GB 50 5.49 107.74 54.18
N GLU GB 51 4.42 107.32 53.51
CA GLU GB 51 3.45 106.45 54.17
C GLU GB 51 4.02 105.06 54.43
N LYS GB 52 4.88 104.57 53.54
CA LYS GB 52 5.39 103.21 53.70
C LYS GB 52 6.56 103.15 54.68
N ALA GB 53 7.14 104.28 55.03
CA ALA GB 53 8.24 104.27 55.99
C ALA GB 53 7.77 104.17 57.43
N GLY GB 54 6.46 104.07 57.66
CA GLY GB 54 5.92 104.13 59.01
C GLY GB 54 5.87 105.52 59.57
N ILE GB 55 5.93 106.54 58.73
CA ILE GB 55 5.91 107.92 59.18
C ILE GB 55 4.44 108.34 59.25
N ARG GB 56 3.89 108.33 60.45
CA ARG GB 56 2.48 108.63 60.67
C ARG GB 56 2.35 109.76 61.66
N LEU GB 57 1.14 110.26 61.80
CA LEU GB 57 0.80 111.22 62.83
C LEU GB 57 0.27 110.51 64.06
N PRO GB 58 0.37 111.13 65.23
CA PRO GB 58 -0.27 110.55 66.41
C PRO GB 58 -1.72 111.00 66.55
N GLY GB 59 -2.51 110.16 67.20
CA GLY GB 59 -3.87 110.50 67.55
C GLY GB 59 -4.89 109.84 66.64
N ASN GB 60 -6.15 109.98 67.03
CA ASN GB 60 -7.24 109.50 66.22
C ASN GB 60 -7.49 110.46 65.05
N ILE GB 61 -7.96 109.92 63.93
CA ILE GB 61 -8.32 110.76 62.81
C ILE GB 61 -9.73 111.34 62.97
N SER GB 62 -10.55 110.77 63.85
CA SER GB 62 -11.91 111.25 64.05
C SER GB 62 -12.46 110.65 65.34
N TYR GB 63 -13.77 110.77 65.53
CA TYR GB 63 -14.47 110.11 66.62
C TYR GB 63 -15.08 108.79 66.19
N ASP GB 64 -14.69 108.29 65.00
CA ASP GB 64 -14.74 106.87 64.68
C ASP GB 64 -13.74 106.08 65.51
N GLY GB 65 -12.70 106.73 66.02
CA GLY GB 65 -11.69 106.01 66.77
C GLY GB 65 -10.69 105.32 65.87
N THR GB 66 -10.44 105.89 64.71
CA THR GB 66 -9.42 105.39 63.79
C THR GB 66 -8.16 106.22 64.04
N THR GB 67 -7.08 105.58 64.46
CA THR GB 67 -5.85 106.34 64.55
C THR GB 67 -5.28 106.53 63.16
N PHE GB 68 -4.25 107.38 63.07
CA PHE GB 68 -3.48 107.44 61.84
C PHE GB 68 -2.69 106.16 61.61
N ALA GB 69 -2.42 105.38 62.65
CA ALA GB 69 -1.77 104.10 62.47
C ALA GB 69 -2.75 103.02 62.02
N ASP GB 70 -4.04 103.21 62.26
CA ASP GB 70 -5.03 102.21 61.88
C ASP GB 70 -5.18 102.13 60.36
N ILE GB 71 -5.11 103.27 59.69
CA ILE GB 71 -5.28 103.36 58.25
C ILE GB 71 -4.12 102.65 57.58
N PRO GB 72 -4.39 101.59 56.83
CA PRO GB 72 -3.32 100.72 56.34
C PRO GB 72 -2.49 101.40 55.28
N ASP GB 73 -1.32 100.83 55.02
CA ASP GB 73 -0.46 101.33 53.97
C ASP GB 73 -0.96 100.82 52.63
N GLY GB 74 -0.75 101.61 51.58
CA GLY GB 74 -1.08 101.13 50.27
C GLY GB 74 -2.43 101.62 49.76
N PHE GB 75 -2.99 100.84 48.83
CA PHE GB 75 -4.17 101.25 48.05
C PHE GB 75 -5.40 101.45 48.93
N ALA GB 76 -5.48 100.69 50.02
CA ALA GB 76 -6.66 100.71 50.86
C ALA GB 76 -6.83 102.04 51.59
N ALA GB 77 -5.74 102.81 51.73
CA ALA GB 77 -5.70 103.94 52.64
C ALA GB 77 -6.66 105.05 52.24
N LEU GB 78 -6.54 105.52 50.99
CA LEU GB 78 -7.45 106.54 50.49
C LEU GB 78 -8.88 106.02 50.39
N SER GB 79 -9.04 104.71 50.20
CA SER GB 79 -10.36 104.13 50.03
C SER GB 79 -11.14 104.11 51.34
N LYS GB 80 -10.46 103.87 52.47
CA LYS GB 80 -11.16 103.72 53.74
C LYS GB 80 -10.94 104.89 54.69
N ILE GB 81 -10.57 106.05 54.16
CA ILE GB 81 -10.83 107.35 54.77
C ILE GB 81 -12.35 107.45 54.96
N PRO GB 82 -12.85 108.02 56.06
CA PRO GB 82 -14.30 108.20 56.17
C PRO GB 82 -14.81 109.14 55.10
N ASP GB 83 -16.07 108.93 54.72
CA ASP GB 83 -16.64 109.60 53.55
C ASP GB 83 -16.64 111.11 53.73
N ALA GB 84 -16.97 111.57 54.95
CA ALA GB 84 -17.01 113.00 55.24
C ALA GB 84 -15.63 113.63 55.18
N GLY GB 85 -14.57 112.83 55.37
CA GLY GB 85 -13.24 113.31 55.09
C GLY GB 85 -13.00 113.45 53.59
N LEU GB 86 -13.58 112.54 52.81
CA LEU GB 86 -13.36 112.57 51.37
C LEU GB 86 -14.16 113.70 50.71
N PHE GB 87 -15.26 114.13 51.33
CA PHE GB 87 -15.93 115.34 50.87
C PHE GB 87 -15.04 116.56 51.11
N GLN GB 88 -14.27 116.55 52.20
CA GLN GB 88 -13.54 117.75 52.58
C GLN GB 88 -12.23 117.87 51.82
N LEU GB 89 -11.68 116.75 51.35
CA LEU GB 89 -10.70 116.82 50.29
C LEU GB 89 -11.30 117.51 49.09
N PHE GB 90 -12.47 117.03 48.65
CA PHE GB 90 -13.14 117.54 47.45
C PHE GB 90 -13.47 119.00 47.55
N ALA GB 91 -13.98 119.41 48.71
CA ALA GB 91 -14.38 120.80 48.92
C ALA GB 91 -13.16 121.70 48.87
N PHE GB 92 -12.04 121.25 49.43
CA PHE GB 92 -10.86 122.11 49.46
C PHE GB 92 -10.04 121.99 48.18
N ILE GB 93 -9.74 120.75 47.76
CA ILE GB 93 -8.94 120.54 46.56
C ILE GB 93 -9.67 121.08 45.34
N GLY GB 94 -10.97 120.85 45.29
CA GLY GB 94 -11.77 121.31 44.16
C GLY GB 94 -11.80 122.81 44.02
N PHE GB 95 -11.84 123.53 45.14
CA PHE GB 95 -11.67 124.98 45.07
C PHE GB 95 -10.26 125.31 44.63
N LEU GB 96 -9.27 124.66 45.26
CA LEU GB 96 -7.87 124.82 44.91
C LEU GB 96 -7.58 124.41 43.48
N GLU GB 97 -8.37 123.52 42.92
CA GLU GB 97 -8.09 123.11 41.55
C GLU GB 97 -8.69 124.06 40.53
N VAL GB 98 -10.02 124.19 40.51
CA VAL GB 98 -10.66 124.72 39.33
C VAL GB 98 -10.54 126.23 39.26
N PHE GB 99 -10.57 126.93 40.40
CA PHE GB 99 -10.42 128.38 40.29
C PHE GB 99 -9.33 129.01 41.15
N VAL GB 100 -9.19 128.74 42.45
CA VAL GB 100 -8.21 129.53 43.22
C VAL GB 100 -6.80 128.99 43.05
N MET GB 101 -5.83 129.91 43.14
CA MET GB 101 -4.45 129.73 43.59
C MET GB 101 -3.58 128.91 42.64
N LYS GB 102 -4.19 128.19 41.70
CA LYS GB 102 -3.51 127.20 40.91
C LYS GB 102 -4.00 127.18 39.49
N ASP GB 103 -4.94 128.09 39.17
CA ASP GB 103 -5.99 128.00 38.16
C ASP GB 103 -5.52 127.31 36.90
N ILE GB 104 -6.26 126.31 36.48
CA ILE GB 104 -5.80 125.35 35.49
C ILE GB 104 -6.55 125.61 34.20
N THR GB 105 -6.84 126.89 33.94
CA THR GB 105 -8.01 127.45 33.28
C THR GB 105 -8.66 126.65 32.16
N GLY GB 106 -7.88 125.79 31.50
CA GLY GB 106 -7.98 125.60 30.08
C GLY GB 106 -6.62 125.17 29.56
N GLY GB 107 -5.65 124.96 30.46
CA GLY GB 107 -4.39 124.39 30.06
C GLY GB 107 -3.52 125.36 29.28
N GLU GB 108 -2.89 126.32 29.98
CA GLU GB 108 -2.67 127.66 29.43
C GLU GB 108 -1.27 128.26 29.56
N PHE GB 109 -0.23 127.45 29.79
CA PHE GB 109 1.05 127.78 30.43
C PHE GB 109 0.79 128.15 31.87
N VAL GB 110 0.38 127.12 32.60
CA VAL GB 110 0.05 127.20 34.01
C VAL GB 110 1.36 127.63 34.66
N GLY GB 111 1.39 128.87 35.08
CA GLY GB 111 2.63 129.46 35.46
C GLY GB 111 2.50 129.83 36.90
N ASP GB 112 1.26 130.14 37.30
CA ASP GB 112 0.76 130.12 38.68
C ASP GB 112 1.43 131.10 39.64
N PHE GB 113 2.49 131.74 39.16
CA PHE GB 113 3.18 132.84 39.82
C PHE GB 113 3.72 132.43 41.18
N ARG GB 114 4.24 131.20 41.23
CA ARG GB 114 4.92 130.65 42.40
C ARG GB 114 6.31 130.24 41.90
N ASN GB 115 7.22 131.21 41.84
CA ASN GB 115 8.47 131.06 41.11
C ASN GB 115 9.68 130.86 42.02
N GLY GB 116 9.54 130.07 43.09
CA GLY GB 116 10.63 129.95 44.05
C GLY GB 116 10.76 131.24 44.83
N PHE GB 117 11.88 131.41 45.54
CA PHE GB 117 12.07 132.76 46.05
C PHE GB 117 13.18 133.55 45.32
N ILE GB 118 14.49 133.39 45.58
CA ILE GB 118 15.45 133.98 44.64
C ILE GB 118 15.67 133.04 43.53
N ASP GB 119 15.51 131.78 43.86
CA ASP GB 119 16.29 130.83 43.15
C ASP GB 119 15.53 130.53 41.91
N PHE GB 120 16.27 130.26 40.85
CA PHE GB 120 15.71 129.61 39.70
C PHE GB 120 14.73 130.51 38.97
N GLY GB 121 15.12 131.75 38.75
CA GLY GB 121 14.23 132.70 38.13
C GLY GB 121 14.97 133.57 37.15
N TRP GB 122 14.20 134.32 36.36
CA TRP GB 122 14.69 135.25 35.34
C TRP GB 122 15.64 136.31 35.88
N ASP GB 123 16.31 137.02 34.96
CA ASP GB 123 17.30 138.07 35.26
C ASP GB 123 18.43 137.54 36.12
N SER GB 124 18.84 136.32 35.76
CA SER GB 124 19.87 135.50 36.34
C SER GB 124 20.26 134.54 35.23
N PHE GB 125 20.77 133.36 35.61
CA PHE GB 125 21.10 132.29 34.66
C PHE GB 125 19.99 132.03 33.65
N ASP GB 126 20.36 132.02 32.37
CA ASP GB 126 19.40 131.82 31.29
C ASP GB 126 19.04 130.35 31.16
N GLU GB 127 20.09 129.51 31.25
CA GLU GB 127 20.01 128.09 30.93
C GLU GB 127 19.11 127.38 31.91
N GLU GB 128 19.04 127.91 33.12
CA GLU GB 128 18.58 127.11 34.23
C GLU GB 128 17.08 127.18 34.44
N THR GB 129 16.55 128.38 34.72
CA THR GB 129 15.17 128.51 35.18
C THR GB 129 14.18 128.04 34.13
N LYS GB 130 14.55 128.12 32.86
CA LYS GB 130 13.85 127.47 31.79
C LYS GB 130 14.88 126.90 30.84
N LEU GB 131 14.43 125.86 30.13
CA LEU GB 131 15.14 124.93 29.25
C LEU GB 131 15.96 123.91 30.04
N LYS GB 132 16.15 124.08 31.35
CA LYS GB 132 16.59 122.96 32.17
C LYS GB 132 15.63 122.62 33.30
N LYS GB 133 15.38 123.55 34.21
CA LYS GB 133 14.62 123.20 35.41
C LYS GB 133 13.16 122.99 35.08
N ARG GB 134 12.68 123.73 34.10
CA ARG GB 134 11.38 123.49 33.55
C ARG GB 134 11.33 122.14 32.84
N ALA GB 135 12.48 121.67 32.34
CA ALA GB 135 12.52 120.35 31.73
C ALA GB 135 12.63 119.24 32.76
N ILE GB 136 13.25 119.50 33.93
CA ILE GB 136 13.47 118.38 34.83
C ILE GB 136 12.19 117.98 35.55
N GLU GB 137 11.39 118.98 35.96
CA GLU GB 137 10.12 118.74 36.66
C GLU GB 137 9.20 117.86 35.86
N LEU GB 138 9.15 118.12 34.57
CA LEU GB 138 8.43 117.27 33.65
C LEU GB 138 9.01 115.85 33.64
N ASN GB 139 10.34 115.73 33.60
CA ASN GB 139 10.94 114.39 33.57
C ASN GB 139 10.90 113.74 34.93
N GLN GB 140 10.93 114.56 35.99
CA GLN GB 140 10.59 114.09 37.33
C GLN GB 140 9.20 113.50 37.36
N GLY GB 141 8.25 114.19 36.73
CA GLY GB 141 6.93 113.62 36.57
C GLY GB 141 6.95 112.34 35.77
N ARG GB 142 7.80 112.30 34.74
CA ARG GB 142 7.88 111.12 33.88
C ARG GB 142 8.40 109.91 34.65
N ALA GB 143 9.23 110.13 35.66
CA ALA GB 143 9.64 109.04 36.51
C ALA GB 143 8.50 108.62 37.43
N ALA GB 144 7.78 109.60 37.96
CA ALA GB 144 6.81 109.28 39.01
C ALA GB 144 5.50 108.78 38.43
N MET GB 145 5.17 109.21 37.20
CA MET GB 145 4.02 108.62 36.52
C MET GB 145 4.22 107.13 36.30
N MET GB 146 5.43 106.75 35.93
CA MET GB 146 5.73 105.33 35.79
C MET GB 146 5.91 104.66 37.13
N GLY GB 147 6.17 105.45 38.18
CA GLY GB 147 6.35 104.87 39.50
C GLY GB 147 5.05 104.37 40.10
N ILE GB 148 3.92 104.96 39.73
CA ILE GB 148 2.65 104.56 40.33
C ILE GB 148 2.04 103.39 39.57
N LEU GB 149 2.13 103.41 38.23
CA LEU GB 149 1.69 102.28 37.41
C LEU GB 149 2.37 101.02 37.85
N ALA GB 150 3.66 101.12 38.13
CA ALA GB 150 4.34 100.12 38.93
C ALA GB 150 3.59 99.84 40.21
N LEU GB 151 3.53 100.86 41.07
CA LEU GB 151 3.15 100.73 42.48
C LEU GB 151 1.77 100.13 42.64
N MET GB 152 0.84 100.56 41.79
CA MET GB 152 -0.48 99.96 41.75
C MET GB 152 -0.41 98.49 41.36
N VAL GB 153 0.38 98.16 40.32
CA VAL GB 153 0.48 96.78 39.88
C VAL GB 153 1.32 95.96 40.85
N HIS GB 154 2.26 96.59 41.54
CA HIS GB 154 2.94 95.92 42.64
C HIS GB 154 1.94 95.58 43.76
N GLU GB 155 1.01 96.50 44.03
CA GLU GB 155 0.02 96.26 45.07
C GLU GB 155 -1.10 95.37 44.59
N LYS GB 156 -1.32 95.32 43.27
CA LYS GB 156 -2.48 94.61 42.73
C LYS GB 156 -2.31 93.10 42.84
N LEU GB 157 -1.09 92.61 42.75
CA LEU GB 157 -0.87 91.18 42.67
C LEU GB 157 -0.41 90.55 43.98
N ILE GB 158 0.01 91.35 44.94
CA ILE GB 158 0.71 90.95 46.18
C ILE GB 158 -0.02 91.80 47.23
N PRO GB 159 0.30 91.77 48.54
CA PRO GB 159 -0.10 92.91 49.37
C PRO GB 159 0.70 94.18 49.15
N LEU GB 160 0.60 95.12 50.09
CA LEU GB 160 1.24 96.44 50.06
C LEU GB 160 2.76 96.32 49.91
N GLY GB 161 3.41 97.47 49.66
CA GLY GB 161 4.79 97.45 49.23
C GLY GB 161 5.78 97.07 50.32
N TYR GB 162 5.47 97.41 51.57
CA TYR GB 162 6.31 96.99 52.68
C TYR GB 162 6.14 95.49 52.95
N ASP GB 163 4.94 94.96 52.71
CA ASP GB 163 4.63 93.54 52.60
C ASP GB 163 4.97 93.02 51.21
N ALA GB 164 5.45 93.86 50.31
CA ALA GB 164 6.05 93.28 49.12
C ALA GB 164 7.53 93.07 49.32
N ASP GB 165 8.11 93.73 50.31
CA ASP GB 165 9.56 93.73 50.45
C ASP GB 165 10.05 92.78 51.53
N LEU GB 166 9.22 92.45 52.53
CA LEU GB 166 9.67 91.40 53.44
C LEU GB 166 9.59 90.05 52.71
N PRO GB 167 8.45 89.66 52.04
CA PRO GB 167 8.55 88.52 51.11
C PRO GB 167 9.03 88.90 49.71
N ILE GB 168 8.75 87.98 48.77
CA ILE GB 168 9.32 87.90 47.43
C ILE GB 168 9.26 89.24 46.69
N ILE GB 169 10.35 89.53 45.97
CA ILE GB 169 10.46 90.67 45.07
C ILE GB 169 10.50 90.21 43.61
N GLY GB 170 10.79 88.94 43.35
CA GLY GB 170 10.83 88.42 41.99
C GLY GB 170 9.46 88.29 41.37
N HIS GB 171 9.46 88.11 40.05
CA HIS GB 171 8.23 88.24 39.26
C HIS GB 171 7.32 87.03 39.43
N LEU GB 172 6.14 87.12 38.83
CA LEU GB 172 5.11 86.10 39.03
C LEU GB 172 5.42 84.84 38.23
N ALA HB 1 76.84 121.62 31.47
CA ALA HB 1 75.71 122.50 31.77
C ALA HB 1 75.90 123.15 33.12
N PHE HB 2 75.79 122.35 34.17
CA PHE HB 2 75.92 122.83 35.53
C PHE HB 2 77.28 122.49 36.13
N GLU HB 3 78.30 122.29 35.28
CA GLU HB 3 79.63 121.94 35.76
C GLU HB 3 80.31 123.09 36.48
N ASP HB 4 79.96 124.33 36.13
CA ASP HB 4 80.55 125.50 36.74
C ASP HB 4 79.77 126.00 37.96
N GLU HB 5 78.77 125.27 38.41
CA GLU HB 5 77.92 125.76 39.48
C GLU HB 5 78.59 125.62 40.84
N LEU HB 6 77.91 126.17 41.85
CA LEU HB 6 78.31 126.01 43.24
C LEU HB 6 78.28 124.54 43.64
N GLY HB 7 79.20 124.16 44.53
CA GLY HB 7 79.30 122.79 44.96
C GLY HB 7 80.10 121.88 44.06
N ALA HB 8 80.39 122.30 42.83
CA ALA HB 8 81.34 121.63 41.97
C ALA HB 8 82.72 122.21 42.28
N GLN HB 9 83.60 121.38 42.81
CA GLN HB 9 84.83 121.89 43.42
C GLN HB 9 85.82 120.73 43.57
N PRO HB 10 87.11 121.00 43.80
CA PRO HB 10 88.05 119.90 44.06
C PRO HB 10 87.71 119.15 45.33
N PRO HB 11 88.04 117.85 45.41
CA PRO HB 11 88.74 117.02 44.43
C PRO HB 11 87.85 116.39 43.34
N LEU HB 12 86.53 116.36 43.54
CA LEU HB 12 85.66 115.65 42.62
C LEU HB 12 85.27 116.48 41.38
N GLY HB 13 85.22 117.80 41.50
CA GLY HB 13 84.72 118.57 40.38
C GLY HB 13 83.20 118.49 40.31
N PHE HB 14 82.67 118.66 39.11
CA PHE HB 14 81.24 118.40 38.90
C PHE HB 14 80.99 116.91 39.03
N PHE HB 15 80.01 116.56 39.83
CA PHE HB 15 79.84 115.18 40.26
C PHE HB 15 78.36 114.84 40.26
N ASP HB 16 77.93 114.14 39.21
CA ASP HB 16 76.57 113.61 39.11
C ASP HB 16 76.65 112.25 38.45
N PRO HB 17 76.89 111.20 39.25
CA PRO HB 17 77.01 109.85 38.66
C PRO HB 17 75.70 109.28 38.15
N LEU HB 18 74.56 109.77 38.64
CA LEU HB 18 73.26 109.34 38.16
C LEU HB 18 72.79 110.11 36.94
N GLY HB 19 73.47 111.21 36.60
CA GLY HB 19 73.04 112.06 35.50
C GLY HB 19 71.71 112.74 35.75
N LEU HB 20 71.48 113.22 36.99
CA LEU HB 20 70.17 113.72 37.35
C LEU HB 20 69.94 115.12 36.78
N VAL HB 21 70.98 115.93 36.70
CA VAL HB 21 70.87 117.27 36.13
C VAL HB 21 71.54 117.29 34.77
N ALA HB 22 71.69 116.12 34.17
CA ALA HB 22 72.33 116.01 32.87
C ALA HB 22 71.47 116.59 31.75
N ASP HB 23 70.15 116.71 31.99
CA ASP HB 23 69.28 117.29 30.97
C ASP HB 23 69.45 118.80 30.84
N GLY HB 24 70.08 119.45 31.81
CA GLY HB 24 70.29 120.87 31.74
C GLY HB 24 69.11 121.71 32.16
N ASP HB 25 68.10 121.10 32.78
CA ASP HB 25 66.94 121.85 33.27
C ASP HB 25 67.37 122.68 34.46
N GLN HB 26 67.19 124.00 34.34
CA GLN HB 26 67.52 124.90 35.42
C GLN HB 26 66.55 124.74 36.59
N GLU HB 27 65.25 124.61 36.29
CA GLU HB 27 64.23 124.55 37.34
C GLU HB 27 64.30 123.24 38.12
N LYS HB 28 64.63 122.14 37.45
CA LYS HB 28 64.91 120.89 38.16
C LYS HB 28 66.13 121.04 39.04
N PHE HB 29 67.16 121.69 38.51
CA PHE HB 29 68.39 121.92 39.27
C PHE HB 29 68.17 122.86 40.43
N ASP HB 30 67.38 123.93 40.22
CA ASP HB 30 67.09 124.88 41.27
C ASP HB 30 66.31 124.23 42.40
N ARG HB 31 65.44 123.28 42.07
CA ARG HB 31 64.74 122.53 43.09
C ARG HB 31 65.70 121.67 43.90
N LEU HB 32 66.50 120.85 43.21
CA LEU HB 32 67.43 119.92 43.86
C LEU HB 32 68.45 120.64 44.72
N ARG HB 33 68.96 121.78 44.24
CA ARG HB 33 69.90 122.56 45.02
C ARG HB 33 69.24 123.15 46.25
N TYR HB 34 67.98 123.59 46.11
CA TYR HB 34 67.19 124.04 47.26
C TYR HB 34 66.92 122.89 48.23
N VAL HB 35 66.61 121.72 47.68
CA VAL HB 35 66.43 120.51 48.49
C VAL HB 35 67.74 120.11 49.16
N GLU HB 36 68.87 120.40 48.50
CA GLU HB 36 70.17 120.06 49.06
C GLU HB 36 70.57 121.00 50.20
N ILE HB 37 70.35 122.31 50.02
CA ILE HB 37 70.69 123.28 51.06
C ILE HB 37 69.82 123.08 52.29
N LYS HB 38 68.57 122.67 52.09
CA LYS HB 38 67.60 122.59 53.18
C LYS HB 38 67.91 121.45 54.14
N HIS HB 39 68.16 120.23 53.62
CA HIS HB 39 68.61 119.13 54.47
C HIS HB 39 69.93 119.46 55.14
N GLY HB 40 70.79 120.20 54.44
CA GLY HB 40 72.07 120.58 55.01
C GLY HB 40 71.93 121.49 56.21
N ARG HB 41 71.03 122.46 56.13
CA ARG HB 41 70.80 123.37 57.25
C ARG HB 41 70.19 122.65 58.43
N ILE HB 42 69.41 121.60 58.16
CA ILE HB 42 68.86 120.78 59.22
C ILE HB 42 69.95 119.93 59.86
N SER HB 43 70.75 119.26 59.02
CA SER HB 43 71.74 118.32 59.50
C SER HB 43 72.86 119.01 60.26
N MET HB 44 73.18 120.25 59.91
CA MET HB 44 74.16 121.02 60.66
C MET HB 44 73.68 121.32 62.07
N LEU HB 45 72.38 121.57 62.22
CA LEU HB 45 71.82 121.72 63.56
C LEU HB 45 71.60 120.38 64.22
N ALA HB 46 71.45 119.32 63.42
CA ALA HB 46 71.08 118.03 63.98
C ALA HB 46 72.27 117.35 64.65
N VAL HB 47 73.47 117.51 64.08
CA VAL HB 47 74.64 116.86 64.67
C VAL HB 47 75.06 117.59 65.95
N VAL HB 48 75.06 118.93 65.93
CA VAL HB 48 75.39 119.72 67.11
C VAL HB 48 74.35 119.49 68.20
N GLY HB 49 73.09 119.37 67.79
CA GLY HB 49 72.05 118.98 68.72
C GLY HB 49 72.26 117.59 69.28
N TYR HB 50 72.77 116.67 68.46
CA TYR HB 50 72.99 115.31 68.96
C TYR HB 50 74.18 115.26 69.92
N LEU HB 51 75.23 116.02 69.63
CA LEU HB 51 76.46 115.90 70.42
C LEU HB 51 76.31 116.58 71.78
N VAL HB 52 75.61 117.70 71.83
CA VAL HB 52 75.44 118.44 73.08
C VAL HB 52 74.47 117.70 74.00
N GLN HB 53 73.47 117.02 73.43
CA GLN HB 53 72.59 116.18 74.23
C GLN HB 53 73.31 114.93 74.75
N GLU HB 54 74.21 114.36 73.94
CA GLU HB 54 74.93 113.17 74.38
C GLU HB 54 75.96 113.52 75.44
N ALA HB 55 76.44 114.76 75.46
CA ALA HB 55 77.30 115.23 76.54
C ALA HB 55 76.54 115.47 77.84
N GLY HB 56 75.21 115.36 77.84
CA GLY HB 56 74.41 115.50 79.03
C GLY HB 56 73.80 116.86 79.25
N VAL HB 57 74.07 117.83 78.37
CA VAL HB 57 73.60 119.19 78.57
C VAL HB 57 72.10 119.26 78.30
N ARG HB 58 71.35 119.72 79.29
CA ARG HB 58 69.90 119.84 79.16
C ARG HB 58 69.49 121.26 79.49
N LEU HB 59 68.27 121.60 79.07
CA LEU HB 59 67.65 122.83 79.53
C LEU HB 59 67.28 122.68 81.01
N PRO HB 60 67.40 123.76 81.79
CA PRO HB 60 67.09 123.65 83.23
C PRO HB 60 65.59 123.52 83.48
N GLY HB 61 65.26 122.72 84.50
CA GLY HB 61 63.89 122.67 84.97
C GLY HB 61 63.06 121.63 84.27
N THR HB 62 61.75 121.89 84.22
CA THR HB 62 60.76 120.94 83.74
C THR HB 62 60.30 121.29 82.34
N ILE HB 63 59.90 120.26 81.59
CA ILE HB 63 59.33 120.45 80.25
C ILE HB 63 57.82 120.71 80.32
N ASP HB 64 57.14 120.28 81.39
CA ASP HB 64 55.73 120.56 81.54
C ASP HB 64 55.43 120.84 83.01
N TYR HB 65 54.15 121.09 83.31
CA TYR HB 65 53.74 121.36 84.68
C TYR HB 65 53.53 120.11 85.50
N SER HB 66 53.62 118.91 84.91
CA SER HB 66 53.45 117.69 85.68
C SER HB 66 54.74 117.23 86.34
N GLY HB 67 55.83 117.99 86.22
CA GLY HB 67 57.07 117.68 86.88
C GLY HB 67 58.08 116.94 86.04
N LYS HB 68 57.74 116.59 84.79
CA LYS HB 68 58.70 115.93 83.91
C LYS HB 68 59.81 116.91 83.54
N THR HB 69 61.04 116.55 83.89
CA THR HB 69 62.19 117.42 83.71
C THR HB 69 62.91 117.10 82.39
N PHE HB 70 63.76 118.02 81.95
CA PHE HB 70 64.55 117.79 80.75
C PHE HB 70 65.62 116.73 81.00
N ALA HB 71 66.12 116.65 82.24
CA ALA HB 71 67.24 115.76 82.54
C ALA HB 71 66.85 114.29 82.47
N GLU HB 72 65.57 113.99 82.68
CA GLU HB 72 65.13 112.60 82.55
C GLU HB 72 65.07 112.14 81.10
N ILE HB 73 64.95 113.06 80.16
CA ILE HB 73 64.76 112.73 78.75
C ILE HB 73 66.12 112.37 78.15
N PRO HB 74 66.29 111.16 77.61
CA PRO HB 74 67.59 110.79 77.04
C PRO HB 74 67.80 111.41 75.66
N ASN HB 75 68.99 111.16 75.12
CA ASN HB 75 69.29 111.55 73.75
C ASN HB 75 68.81 110.46 72.78
N GLY HB 76 68.53 110.89 71.55
CA GLY HB 76 68.27 109.97 70.47
C GLY HB 76 66.80 109.81 70.18
N PHE HB 77 66.49 108.67 69.56
CA PHE HB 77 65.09 108.34 69.26
C PHE HB 77 64.30 108.04 70.52
N ALA HB 78 64.98 107.70 71.62
CA ALA HB 78 64.31 107.47 72.89
C ALA HB 78 63.88 108.76 73.58
N ALA HB 79 64.28 109.92 73.05
CA ALA HB 79 63.77 111.19 73.57
C ALA HB 79 62.27 111.32 73.32
N PHE HB 80 61.80 110.86 72.16
CA PHE HB 80 60.41 111.01 71.77
C PHE HB 80 59.45 110.17 72.62
N LYS HB 81 59.96 109.18 73.35
CA LYS HB 81 59.10 108.41 74.23
C LYS HB 81 58.70 109.21 75.47
N GLU HB 82 59.58 110.07 75.96
CA GLU HB 82 59.37 110.75 77.23
C GLU HB 82 59.04 112.23 77.09
N ILE HB 83 59.17 112.81 75.91
CA ILE HB 83 58.60 114.14 75.66
C ILE HB 83 57.08 114.00 75.65
N PRO HB 84 56.34 114.79 76.44
CA PRO HB 84 54.89 114.59 76.52
C PRO HB 84 54.19 114.95 75.22
N ALA HB 85 52.97 114.41 75.09
CA ALA HB 85 52.28 114.42 73.79
C ALA HB 85 51.93 115.82 73.33
N GLY HB 86 51.64 116.72 74.27
CA GLY HB 86 51.42 118.11 73.91
C GLY HB 86 52.69 118.80 73.43
N GLY HB 87 53.83 118.34 73.92
CA GLY HB 87 55.09 118.88 73.43
C GLY HB 87 55.39 118.45 72.01
N LEU HB 88 55.16 117.17 71.71
CA LEU HB 88 55.48 116.61 70.40
C LEU HB 88 54.61 117.19 69.30
N VAL HB 89 53.41 117.68 69.64
CA VAL HB 89 52.55 118.29 68.64
C VAL HB 89 53.09 119.66 68.24
N GLN HB 90 53.56 120.45 69.20
CA GLN HB 90 54.06 121.79 68.89
C GLN HB 90 55.40 121.75 68.22
N LEU HB 91 56.27 120.82 68.65
CA LEU HB 91 57.53 120.61 67.96
C LEU HB 91 57.29 120.30 66.49
N LEU HB 92 56.28 119.48 66.21
CA LEU HB 92 55.91 119.25 64.83
C LEU HB 92 55.25 120.50 64.21
N PHE HB 93 54.39 121.18 64.96
CA PHE HB 93 53.59 122.22 64.32
C PHE HB 93 54.37 123.52 64.11
N PHE HB 94 55.13 123.95 65.12
CA PHE HB 94 55.83 125.23 65.04
C PHE HB 94 56.89 125.22 63.94
N ILE HB 95 57.48 124.05 63.69
CA ILE HB 95 58.41 123.94 62.57
C ILE HB 95 57.65 124.01 61.26
N GLY HB 96 56.39 123.55 61.26
CA GLY HB 96 55.54 123.73 60.09
C GLY HB 96 55.12 125.17 59.86
N VAL HB 97 55.14 126.00 60.91
CA VAL HB 97 54.96 127.44 60.70
C VAL HB 97 56.18 128.02 60.03
N LEU HB 98 57.38 127.54 60.40
CA LEU HB 98 58.60 127.92 59.71
C LEU HB 98 58.58 127.43 58.26
N GLU HB 99 57.98 126.27 58.01
CA GLU HB 99 57.84 125.79 56.65
C GLU HB 99 56.84 126.64 55.87
N SER HB 100 55.73 127.00 56.51
CA SER HB 100 54.68 127.72 55.79
C SER HB 100 54.95 129.22 55.75
N SER HB 101 55.17 129.84 56.91
CA SER HB 101 55.08 131.29 57.04
C SER HB 101 56.42 131.98 57.15
N VAL HB 102 57.52 131.26 57.42
CA VAL HB 102 58.77 131.95 57.70
C VAL HB 102 59.89 131.57 56.73
N MET HB 103 60.28 130.30 56.72
CA MET HB 103 61.49 129.88 55.99
C MET HB 103 61.13 129.49 54.57
N ARG HB 104 61.00 130.49 53.70
CA ARG HB 104 60.83 130.33 52.26
C ARG HB 104 61.08 131.68 51.61
N ASP HB 105 60.92 131.76 50.30
CA ASP HB 105 60.91 133.05 49.61
C ASP HB 105 59.49 133.60 49.67
N LEU HB 106 59.25 134.51 50.60
CA LEU HB 106 57.94 135.15 50.67
C LEU HB 106 57.81 136.29 49.66
N THR HB 107 58.88 137.07 49.47
CA THR HB 107 58.79 138.31 48.72
C THR HB 107 59.29 138.21 47.28
N GLY HB 108 59.95 137.12 46.91
CA GLY HB 108 60.39 136.98 45.53
C GLY HB 108 61.68 137.68 45.18
N GLU HB 109 62.35 138.29 46.16
CA GLU HB 109 63.59 139.03 45.90
C GLU HB 109 64.84 138.26 46.28
N ALA HB 110 64.72 136.95 46.51
CA ALA HB 110 65.87 136.13 46.87
C ALA HB 110 66.85 136.07 45.71
N GLU HB 111 68.13 136.31 46.02
CA GLU HB 111 69.18 136.28 45.01
C GLU HB 111 69.45 134.87 44.47
N PHE HB 112 69.07 133.84 45.23
CA PHE HB 112 69.24 132.44 44.84
C PHE HB 112 68.30 131.59 45.69
N VAL HB 113 68.38 130.28 45.50
CA VAL HB 113 67.49 129.37 46.21
C VAL HB 113 68.01 129.10 47.63
N GLY HB 114 67.17 129.36 48.62
CA GLY HB 114 67.60 129.27 49.98
C GLY HB 114 68.01 130.59 50.60
N ASP HB 115 67.90 131.69 49.86
CA ASP HB 115 68.05 133.03 50.42
C ASP HB 115 66.73 133.39 51.08
N PHE HB 116 66.70 133.35 52.41
CA PHE HB 116 65.47 133.53 53.17
C PHE HB 116 65.41 134.86 53.87
N ARG HB 117 66.26 135.82 53.48
CA ARG HB 117 66.37 137.09 54.20
C ARG HB 117 65.10 137.92 54.10
N ASN HB 118 64.44 137.89 52.93
CA ASN HB 118 63.12 138.50 52.67
C ASN HB 118 63.11 140.01 52.89
N GLY HB 119 64.29 140.65 52.84
CA GLY HB 119 64.39 142.06 53.19
C GLY HB 119 64.16 142.38 54.64
N ALA HB 120 64.22 141.39 55.52
CA ALA HB 120 63.91 141.56 56.93
C ALA HB 120 65.14 141.42 57.81
N ILE HB 121 65.87 140.32 57.70
CA ILE HB 121 67.04 140.05 58.52
C ILE HB 121 68.24 139.91 57.59
N ASP HB 122 69.16 140.87 57.66
CA ASP HB 122 70.42 140.84 56.92
C ASP HB 122 71.53 141.30 57.84
N PHE HB 123 72.59 140.49 57.94
CA PHE HB 123 73.72 140.79 58.79
C PHE HB 123 74.89 141.40 58.04
N GLY HB 124 74.70 141.87 56.82
CA GLY HB 124 75.76 142.42 56.02
C GLY HB 124 76.29 141.54 54.91
N TRP HB 125 75.41 140.88 54.15
CA TRP HB 125 75.77 140.02 53.02
C TRP HB 125 76.50 140.75 51.92
N ASP HB 126 76.12 142.00 51.69
CA ASP HB 126 76.73 142.81 50.64
C ASP HB 126 78.07 143.42 51.09
N THR HB 127 78.47 143.22 52.34
CA THR HB 127 79.81 143.61 52.76
C THR HB 127 80.87 142.59 52.35
N PHE HB 128 80.45 141.41 51.90
CA PHE HB 128 81.35 140.46 51.26
C PHE HB 128 81.42 140.77 49.78
N ASP HB 129 82.59 140.58 49.17
CA ASP HB 129 82.63 140.72 47.72
C ASP HB 129 82.13 139.42 47.08
N GLU HB 130 82.06 139.39 45.74
CA GLU HB 130 81.39 138.30 45.04
C GLU HB 130 82.14 136.98 45.20
N GLU HB 131 83.45 137.03 45.45
CA GLU HB 131 84.20 135.81 45.69
C GLU HB 131 84.01 135.31 47.11
N THR HB 132 83.86 136.22 48.08
CA THR HB 132 83.57 135.79 49.45
C THR HB 132 82.13 135.33 49.58
N GLN HB 133 81.20 136.00 48.87
CA GLN HB 133 79.80 135.55 48.83
C GLN HB 133 79.67 134.16 48.24
N PHE HB 134 80.47 133.85 47.22
CA PHE HB 134 80.48 132.50 46.66
C PHE HB 134 81.13 131.52 47.61
N LYS HB 135 82.11 131.98 48.40
CA LYS HB 135 82.82 131.09 49.31
C LYS HB 135 81.94 130.70 50.49
N LYS HB 136 81.20 131.66 51.05
CA LYS HB 136 80.35 131.38 52.21
C LYS HB 136 79.16 130.50 51.83
N ARG HB 137 78.69 130.61 50.58
CA ARG HB 137 77.69 129.68 50.10
C ARG HB 137 78.28 128.30 49.89
N ALA HB 138 79.55 128.24 49.50
CA ALA HB 138 80.21 126.96 49.26
C ALA HB 138 80.54 126.26 50.57
N ILE HB 139 80.82 127.03 51.62
CA ILE HB 139 81.04 126.43 52.93
C ILE HB 139 79.73 125.88 53.48
N GLU HB 140 78.66 126.69 53.45
CA GLU HB 140 77.36 126.28 53.98
C GLU HB 140 76.81 125.04 53.26
N LEU HB 141 77.03 124.95 51.94
CA LEU HB 141 76.61 123.75 51.21
C LEU HB 141 77.42 122.54 51.64
N ASN HB 142 78.73 122.71 51.82
CA ASN HB 142 79.59 121.57 52.08
C ASN HB 142 79.65 121.22 53.56
N GLN HB 143 79.49 122.21 54.44
CA GLN HB 143 79.15 121.89 55.83
C GLN HB 143 77.79 121.21 55.89
N GLY HB 144 76.89 121.59 54.99
CA GLY HB 144 75.62 120.92 54.91
C GLY HB 144 75.73 119.48 54.45
N ARG HB 145 76.49 119.25 53.37
CA ARG HB 145 76.62 117.90 52.81
C ARG HB 145 77.39 116.97 53.76
N ALA HB 146 78.35 117.53 54.50
CA ALA HB 146 79.09 116.72 55.47
C ALA HB 146 78.19 116.28 56.60
N ALA HB 147 77.36 117.21 57.10
CA ALA HB 147 76.53 116.91 58.26
C ALA HB 147 75.40 115.95 57.91
N GLN HB 148 74.98 115.93 56.64
CA GLN HB 148 73.95 114.97 56.21
C GLN HB 148 74.44 113.55 56.34
N MET HB 149 75.69 113.30 55.93
CA MET HB 149 76.29 112.00 56.20
C MET HB 149 76.64 111.84 57.67
N GLY HB 150 76.89 112.96 58.35
CA GLY HB 150 77.22 112.89 59.77
C GLY HB 150 76.04 112.51 60.63
N ILE HB 151 74.88 113.12 60.38
CA ILE HB 151 73.71 112.78 61.17
C ILE HB 151 73.14 111.44 60.74
N LEU HB 152 73.30 111.07 59.46
CA LEU HB 152 72.80 109.78 59.00
C LEU HB 152 73.61 108.65 59.64
N ALA HB 153 74.90 108.87 59.86
CA ALA HB 153 75.66 107.96 60.70
C ALA HB 153 75.05 107.89 62.10
N LEU HB 154 75.01 109.03 62.81
CA LEU HB 154 74.66 109.06 64.23
C LEU HB 154 73.24 108.54 64.51
N MET HB 155 72.40 108.47 63.48
CA MET HB 155 71.08 107.85 63.63
C MET HB 155 71.12 106.35 63.34
N VAL HB 156 71.91 105.92 62.33
CA VAL HB 156 72.01 104.49 62.02
C VAL HB 156 72.73 103.76 63.15
N HIS HB 157 73.71 104.42 63.75
CA HIS HB 157 74.55 103.78 64.76
C HIS HB 157 73.92 103.74 66.13
N GLU HB 158 72.93 104.60 66.38
CA GLU HB 158 72.14 104.44 67.60
C GLU HB 158 71.30 103.17 67.54
N GLN HB 159 70.83 102.81 66.34
CA GLN HB 159 70.01 101.62 66.17
C GLN HB 159 70.85 100.36 66.06
N LEU HB 160 72.06 100.46 65.49
CA LEU HB 160 72.95 99.32 65.41
C LEU HB 160 73.49 98.90 66.77
N GLY HB 161 73.51 99.80 67.74
CA GLY HB 161 74.12 99.53 69.02
C GLY HB 161 75.62 99.69 69.04
N VAL HB 162 76.22 100.14 67.93
CA VAL HB 162 77.65 100.37 67.83
C VAL HB 162 77.86 101.87 67.86
N SER HB 163 78.41 102.38 68.96
CA SER HB 163 78.56 103.82 69.14
C SER HB 163 79.79 104.33 68.41
N LEU HB 164 79.67 105.51 67.82
CA LEU HB 164 80.80 106.18 67.21
C LEU HB 164 81.41 107.25 68.10
N LEU HB 165 80.89 107.41 69.32
CA LEU HB 165 81.31 108.47 70.19
C LEU HB 165 82.03 107.90 71.41
N PRO HB 166 83.07 108.59 71.92
CA PRO HB 166 83.75 108.19 73.16
C PRO HB 166 82.81 108.23 74.38
N ALA IB 1 40.12 -96.48 -57.18
CA ALA IB 1 40.34 -97.92 -57.07
C ALA IB 1 39.59 -98.48 -55.88
N PHE IB 2 38.46 -99.14 -56.11
CA PHE IB 2 37.68 -99.72 -55.04
C PHE IB 2 37.59 -101.24 -55.21
N GLU IB 3 37.61 -101.96 -54.08
CA GLU IB 3 37.34 -103.39 -53.97
C GLU IB 3 38.46 -104.26 -54.57
N ASP IB 4 39.53 -103.68 -55.08
CA ASP IB 4 40.56 -104.51 -55.66
C ASP IB 4 41.86 -104.37 -54.89
N GLU IB 5 42.29 -105.47 -54.26
CA GLU IB 5 43.61 -105.66 -53.63
C GLU IB 5 43.77 -104.86 -52.32
N LEU IB 6 42.82 -103.99 -51.99
CA LEU IB 6 42.96 -103.08 -50.86
C LEU IB 6 42.99 -103.81 -49.52
N GLY IB 7 43.88 -103.36 -48.66
CA GLY IB 7 44.10 -103.98 -47.38
C GLY IB 7 45.35 -104.81 -47.29
N ALA IB 8 45.96 -105.14 -48.43
CA ALA IB 8 47.25 -105.80 -48.42
C ALA IB 8 48.34 -104.79 -48.11
N GLN IB 9 48.92 -104.90 -46.91
CA GLN IB 9 49.81 -103.91 -46.32
C GLN IB 9 50.92 -104.60 -45.51
N PRO IB 10 52.06 -103.95 -45.28
CA PRO IB 10 53.15 -104.58 -44.50
C PRO IB 10 52.73 -104.85 -43.06
N PRO IB 11 53.38 -105.82 -42.38
CA PRO IB 11 54.42 -106.75 -42.84
C PRO IB 11 53.92 -107.94 -43.66
N LEU IB 12 52.68 -108.36 -43.42
CA LEU IB 12 52.21 -109.59 -44.07
C LEU IB 12 52.00 -109.38 -45.56
N GLY IB 13 51.51 -108.21 -45.96
CA GLY IB 13 51.36 -107.90 -47.37
C GLY IB 13 50.25 -108.72 -47.99
N PHE IB 14 50.57 -109.33 -49.12
CA PHE IB 14 49.67 -110.28 -49.74
C PHE IB 14 49.76 -111.62 -49.00
N PHE IB 15 48.61 -112.25 -48.81
CA PHE IB 15 48.52 -113.44 -47.96
C PHE IB 15 47.65 -114.49 -48.64
N ASP IB 16 48.29 -115.45 -49.30
CA ASP IB 16 47.63 -116.69 -49.73
C ASP IB 16 48.59 -117.86 -49.52
N PRO IB 17 48.58 -118.46 -48.33
CA PRO IB 17 49.07 -119.84 -48.24
C PRO IB 17 48.04 -120.83 -48.73
N LEU IB 18 46.76 -120.47 -48.69
CA LEU IB 18 45.69 -121.44 -48.84
C LEU IB 18 45.44 -121.79 -50.30
N GLY IB 19 45.23 -120.79 -51.15
CA GLY IB 19 44.89 -121.00 -52.54
C GLY IB 19 43.53 -120.46 -52.95
N LEU IB 20 42.88 -119.69 -52.10
CA LEU IB 20 41.48 -119.33 -52.34
C LEU IB 20 41.33 -118.08 -53.19
N VAL IB 21 42.41 -117.29 -53.37
CA VAL IB 21 42.46 -116.27 -54.41
C VAL IB 21 43.26 -116.77 -55.61
N UNK IB 22 44.00 -117.88 -55.46
CA UNK IB 22 44.66 -118.55 -56.58
C UNK IB 22 43.68 -119.20 -57.57
N UNK IB 23 42.38 -119.24 -57.24
CA UNK IB 23 41.26 -119.47 -58.14
C UNK IB 23 41.17 -120.89 -58.71
N UNK IB 24 42.11 -121.76 -58.35
CA UNK IB 24 42.11 -123.13 -58.83
C UNK IB 24 42.37 -124.16 -57.73
N UNK IB 25 42.66 -123.72 -56.52
CA UNK IB 25 43.13 -124.66 -55.48
C UNK IB 25 41.98 -125.33 -54.72
N UNK IB 26 41.21 -124.56 -53.95
CA UNK IB 26 40.37 -125.14 -52.93
C UNK IB 26 39.03 -124.44 -52.86
N UNK IB 27 37.98 -125.25 -52.64
CA UNK IB 27 36.56 -124.87 -52.70
C UNK IB 27 36.19 -124.25 -54.05
N UNK IB 28 36.94 -124.57 -55.10
CA UNK IB 28 36.80 -123.87 -56.37
C UNK IB 28 35.72 -124.52 -57.21
N ASP IB 29 35.04 -123.69 -58.00
CA ASP IB 29 33.96 -124.04 -58.91
C ASP IB 29 32.76 -124.68 -58.24
N GLY IB 30 32.68 -124.72 -56.91
CA GLY IB 30 31.48 -125.19 -56.28
C GLY IB 30 30.39 -124.17 -56.44
N ASP IB 31 30.44 -123.09 -55.66
CA ASP IB 31 29.34 -122.15 -55.51
C ASP IB 31 29.90 -120.81 -55.08
N GLN IB 32 29.46 -119.74 -55.76
CA GLN IB 32 29.64 -118.35 -55.36
C GLN IB 32 31.06 -117.97 -54.96
N GLU IB 33 32.01 -118.36 -55.79
CA GLU IB 33 33.42 -118.14 -55.51
C GLU IB 33 33.98 -116.89 -56.17
N LYS IB 34 33.10 -115.98 -56.61
CA LYS IB 34 33.52 -114.68 -57.12
C LYS IB 34 34.29 -113.94 -56.06
N PHE IB 35 35.50 -113.50 -56.40
CA PHE IB 35 36.38 -112.91 -55.41
C PHE IB 35 35.82 -111.58 -54.90
N ASP IB 36 35.11 -110.88 -55.77
CA ASP IB 36 34.49 -109.63 -55.38
C ASP IB 36 33.33 -109.83 -54.43
N ARG IB 37 32.76 -111.03 -54.39
CA ARG IB 37 31.87 -111.34 -53.28
C ARG IB 37 32.64 -111.41 -51.98
N LEU IB 38 33.60 -112.34 -51.88
CA LEU IB 38 34.45 -112.56 -50.70
C LEU IB 38 35.16 -111.31 -50.21
N ARG IB 39 35.32 -110.33 -51.08
CA ARG IB 39 36.06 -109.12 -50.76
C ARG IB 39 35.21 -108.16 -49.93
N TYR IB 40 33.97 -107.91 -50.33
CA TYR IB 40 33.09 -107.09 -49.51
C TYR IB 40 32.52 -107.88 -48.35
N VAL IB 41 32.36 -109.19 -48.51
CA VAL IB 41 31.93 -110.06 -47.43
C VAL IB 41 32.94 -110.01 -46.29
N GLU IB 42 34.21 -109.75 -46.60
CA GLU IB 42 35.17 -109.35 -45.57
C GLU IB 42 34.83 -107.99 -44.98
N ILE IB 43 34.45 -107.02 -45.83
CA ILE IB 43 34.26 -105.65 -45.37
C ILE IB 43 33.05 -105.55 -44.45
N LYS IB 44 31.95 -106.21 -44.84
CA LYS IB 44 30.71 -106.09 -44.06
C LYS IB 44 30.85 -106.75 -42.71
N HIS IB 45 31.51 -107.92 -42.65
CA HIS IB 45 31.85 -108.50 -41.37
C HIS IB 45 32.76 -107.61 -40.57
N GLY IB 46 33.60 -106.82 -41.25
CA GLY IB 46 34.46 -105.89 -40.55
C GLY IB 46 33.67 -104.73 -39.99
N ARG IB 47 32.72 -104.23 -40.78
CA ARG IB 47 31.91 -103.10 -40.36
C ARG IB 47 31.01 -103.45 -39.20
N ILE IB 48 30.43 -104.65 -39.24
CA ILE IB 48 29.59 -105.09 -38.15
C ILE IB 48 30.43 -105.34 -36.91
N SER IB 49 31.66 -105.82 -37.09
CA SER IB 49 32.55 -106.05 -35.96
C SER IB 49 33.03 -104.75 -35.34
N MET IB 50 33.23 -103.71 -36.16
CA MET IB 50 33.66 -102.43 -35.62
C MET IB 50 32.59 -101.81 -34.76
N LEU IB 51 31.34 -101.87 -35.21
CA LEU IB 51 30.24 -101.40 -34.36
C LEU IB 51 30.02 -102.35 -33.20
N ALA IB 52 30.34 -103.63 -33.38
CA ALA IB 52 30.17 -104.57 -32.29
C ALA IB 52 31.15 -104.28 -31.16
N VAL IB 53 32.42 -104.03 -31.49
CA VAL IB 53 33.42 -103.82 -30.44
C VAL IB 53 33.20 -102.47 -29.76
N VAL IB 54 33.05 -101.41 -30.56
CA VAL IB 54 32.89 -100.06 -30.02
C VAL IB 54 31.61 -99.94 -29.22
N GLY IB 55 30.53 -100.50 -29.76
CA GLY IB 55 29.27 -100.49 -29.06
C GLY IB 55 29.28 -101.33 -27.81
N TYR IB 56 30.13 -102.34 -27.78
CA TYR IB 56 30.25 -103.15 -26.60
C TYR IB 56 30.98 -102.42 -25.48
N LEU IB 57 31.94 -101.57 -25.82
CA LEU IB 57 32.63 -100.78 -24.81
C LEU IB 57 31.67 -99.80 -24.14
N VAL IB 58 30.83 -99.16 -24.94
CA VAL IB 58 29.86 -98.20 -24.42
C VAL IB 58 28.81 -98.91 -23.58
N GLN IB 59 28.49 -100.17 -23.91
CA GLN IB 59 27.61 -100.94 -23.04
C GLN IB 59 28.29 -101.31 -21.73
N GLU IB 60 29.53 -101.77 -21.78
CA GLU IB 60 30.19 -102.22 -20.57
C GLU IB 60 30.64 -101.08 -19.70
N ALA IB 61 30.80 -99.89 -20.28
CA ALA IB 61 31.18 -98.75 -19.46
C ALA IB 61 30.04 -98.24 -18.59
N GLY IB 62 28.84 -98.80 -18.73
CA GLY IB 62 27.70 -98.32 -17.97
C GLY IB 62 27.01 -97.15 -18.60
N VAL IB 63 27.48 -96.69 -19.75
CA VAL IB 63 26.79 -95.65 -20.51
C VAL IB 63 25.46 -96.20 -20.98
N ARG IB 64 24.37 -95.67 -20.43
CA ARG IB 64 23.06 -96.21 -20.73
C ARG IB 64 22.10 -95.06 -21.00
N LEU IB 65 21.17 -95.30 -21.91
CA LEU IB 65 20.06 -94.38 -22.10
C LEU IB 65 19.21 -94.41 -20.85
N PRO IB 66 18.80 -93.27 -20.30
CA PRO IB 66 18.01 -93.30 -19.07
C PRO IB 66 16.52 -93.44 -19.36
N GLY IB 67 15.88 -94.36 -18.66
CA GLY IB 67 14.46 -94.57 -18.80
C GLY IB 67 14.12 -96.04 -18.76
N THR IB 68 13.01 -96.38 -19.42
CA THR IB 68 12.58 -97.77 -19.56
C THR IB 68 12.64 -98.16 -21.03
N ILE IB 69 13.05 -99.39 -21.31
CA ILE IB 69 13.09 -99.85 -22.70
C ILE IB 69 11.71 -100.32 -23.15
N ASP IB 70 10.87 -100.80 -22.24
CA ASP IB 70 9.52 -101.16 -22.61
C ASP IB 70 8.57 -100.69 -21.52
N TYR IB 71 7.29 -100.92 -21.75
CA TYR IB 71 6.26 -100.63 -20.77
C TYR IB 71 5.64 -101.90 -20.22
N SER IB 72 6.31 -103.03 -20.42
CA SER IB 72 6.03 -104.27 -19.71
C SER IB 72 7.01 -104.50 -18.57
N GLY IB 73 7.89 -103.54 -18.30
CA GLY IB 73 8.63 -103.50 -17.05
C GLY IB 73 10.13 -103.68 -17.07
N LYS IB 74 10.80 -103.47 -18.21
CA LYS IB 74 12.26 -103.51 -18.26
C LYS IB 74 12.79 -102.09 -18.43
N THR IB 75 13.62 -101.66 -17.49
CA THR IB 75 14.35 -100.42 -17.67
C THR IB 75 15.61 -100.72 -18.48
N PHE IB 76 16.35 -99.68 -18.86
CA PHE IB 76 17.58 -99.91 -19.63
C PHE IB 76 18.67 -100.51 -18.77
N ALA IB 77 18.64 -100.22 -17.46
CA ALA IB 77 19.65 -100.76 -16.57
C ALA IB 77 19.48 -102.26 -16.35
N GLU IB 78 18.26 -102.77 -16.50
CA GLU IB 78 18.01 -104.17 -16.24
C GLU IB 78 18.52 -105.08 -17.34
N ILE IB 79 18.83 -104.53 -18.50
CA ILE IB 79 19.57 -105.31 -19.51
C ILE IB 79 20.98 -105.55 -19.00
N PRO IB 80 21.48 -106.78 -19.00
CA PRO IB 80 22.83 -107.02 -18.52
C PRO IB 80 23.85 -106.41 -19.45
N ASN IB 81 25.05 -106.23 -18.93
CA ASN IB 81 26.18 -105.81 -19.73
C ASN IB 81 27.01 -107.04 -20.00
N GLY IB 82 26.84 -107.63 -21.18
CA GLY IB 82 27.63 -108.79 -21.53
C GLY IB 82 27.07 -109.47 -22.76
N PHE IB 83 27.38 -110.76 -22.88
CA PHE IB 83 26.88 -111.55 -24.00
C PHE IB 83 25.38 -111.74 -23.97
N ALA IB 84 24.77 -111.89 -22.80
CA ALA IB 84 23.35 -112.21 -22.72
C ALA IB 84 22.45 -110.99 -22.84
N ALA IB 85 22.94 -109.87 -23.36
CA ALA IB 85 22.14 -108.65 -23.35
C ALA IB 85 21.10 -108.62 -24.46
N PHE IB 86 21.35 -109.32 -25.57
CA PHE IB 86 20.32 -109.47 -26.57
C PHE IB 86 19.25 -110.47 -26.17
N LYS IB 87 19.51 -111.29 -25.16
CA LYS IB 87 18.45 -112.15 -24.63
C LYS IB 87 17.44 -111.31 -23.87
N GLU IB 88 17.90 -110.62 -22.83
CA GLU IB 88 17.01 -109.85 -21.96
C GLU IB 88 16.58 -108.59 -22.69
N ILE IB 89 15.59 -108.73 -23.55
CA ILE IB 89 14.99 -107.67 -24.34
C ILE IB 89 13.61 -108.23 -24.65
N PRO IB 90 12.59 -107.43 -24.91
CA PRO IB 90 11.36 -108.00 -25.46
C PRO IB 90 11.64 -108.58 -26.83
N ALA IB 91 11.05 -109.74 -27.10
CA ALA IB 91 11.25 -110.39 -28.40
C ALA IB 91 10.66 -109.55 -29.52
N GLY IB 92 9.54 -108.89 -29.25
CA GLY IB 92 8.99 -107.95 -30.23
C GLY IB 92 9.86 -106.73 -30.41
N GLY IB 93 10.66 -106.41 -29.39
CA GLY IB 93 11.75 -105.47 -29.60
C GLY IB 93 12.75 -105.98 -30.61
N LEU IB 94 13.22 -107.22 -30.41
CA LEU IB 94 14.22 -107.82 -31.29
C LEU IB 94 13.68 -108.07 -32.70
N VAL IB 95 12.35 -108.15 -32.85
CA VAL IB 95 11.75 -108.10 -34.18
C VAL IB 95 12.07 -106.78 -34.83
N GLN IB 96 11.92 -105.72 -34.07
CA GLN IB 96 11.96 -104.39 -34.62
C GLN IB 96 13.39 -104.01 -34.98
N LEU IB 97 14.38 -104.37 -34.14
CA LEU IB 97 15.79 -104.19 -34.48
C LEU IB 97 16.14 -104.85 -35.80
N LEU IB 98 15.87 -106.14 -35.90
CA LEU IB 98 16.17 -106.93 -37.08
C LEU IB 98 15.42 -106.45 -38.32
N PHE IB 99 14.22 -105.87 -38.13
CA PHE IB 99 13.46 -105.35 -39.25
C PHE IB 99 14.15 -104.15 -39.88
N PHE IB 100 14.48 -103.15 -39.06
CA PHE IB 100 15.14 -101.95 -39.61
C PHE IB 100 16.56 -102.26 -40.06
N ILE IB 101 17.17 -103.31 -39.52
CA ILE IB 101 18.38 -103.85 -40.12
C ILE IB 101 18.11 -104.31 -41.54
N GLY IB 102 17.02 -105.05 -41.74
CA GLY IB 102 16.69 -105.54 -43.06
C GLY IB 102 16.22 -104.48 -44.03
N VAL IB 103 15.71 -103.36 -43.51
CA VAL IB 103 15.33 -102.25 -44.38
C VAL IB 103 16.56 -101.60 -44.98
N LEU IB 104 17.59 -101.41 -44.15
CA LEU IB 104 18.88 -100.94 -44.66
C LEU IB 104 19.50 -101.98 -45.57
N GLU IB 105 19.17 -103.24 -45.36
CA GLU IB 105 19.82 -104.32 -46.05
C GLU IB 105 19.11 -104.71 -47.35
N SER IB 106 17.83 -104.42 -47.46
CA SER IB 106 17.19 -104.64 -48.75
C SER IB 106 17.19 -103.38 -49.59
N SER IB 107 17.09 -102.21 -48.97
CA SER IB 107 16.90 -101.00 -49.76
C SER IB 107 17.89 -99.86 -49.52
N VAL IB 108 18.16 -99.51 -48.28
CA VAL IB 108 18.78 -98.21 -48.09
C VAL IB 108 20.29 -98.29 -48.25
N MET IB 109 20.96 -98.98 -47.35
CA MET IB 109 22.39 -99.26 -47.53
C MET IB 109 22.59 -100.66 -48.09
N ARG IB 110 22.21 -100.84 -49.36
CA ARG IB 110 22.03 -102.14 -50.00
C ARG IB 110 23.26 -103.01 -49.90
N ASP IB 111 23.07 -104.21 -49.37
CA ASP IB 111 24.21 -105.10 -49.24
C ASP IB 111 24.53 -105.79 -50.55
N LEU IB 112 23.52 -105.99 -51.41
CA LEU IB 112 23.67 -106.78 -52.62
C LEU IB 112 24.62 -106.14 -53.61
N THR IB 113 24.74 -104.81 -53.58
CA THR IB 113 25.84 -104.16 -54.26
C THR IB 113 27.13 -104.67 -53.67
N UNK IB 114 27.95 -105.31 -54.51
CA UNK IB 114 29.22 -105.85 -54.07
C UNK IB 114 30.19 -104.75 -53.71
N UNK IB 115 29.91 -103.52 -54.08
CA UNK IB 115 30.66 -102.36 -53.65
C UNK IB 115 30.15 -101.87 -52.30
N UNK IB 116 30.67 -100.73 -51.87
CA UNK IB 116 30.13 -99.98 -50.76
C UNK IB 116 29.80 -98.58 -51.25
N UNK IB 117 28.60 -98.11 -50.91
CA UNK IB 117 27.83 -97.28 -51.81
C UNK IB 117 28.05 -95.78 -51.65
N UNK IB 118 27.67 -95.22 -50.50
CA UNK IB 118 27.27 -93.81 -50.55
C UNK IB 118 27.92 -92.89 -49.52
N UNK IB 119 28.27 -93.41 -48.35
CA UNK IB 119 28.37 -92.59 -47.14
C UNK IB 119 29.56 -91.62 -47.18
N UNK IB 120 30.72 -92.08 -47.67
CA UNK IB 120 31.85 -91.23 -48.04
C UNK IB 120 32.39 -90.38 -46.90
N UNK IB 121 33.16 -91.00 -45.99
CA UNK IB 121 33.17 -90.68 -44.56
C UNK IB 121 33.48 -89.24 -44.16
N UNK IB 122 32.44 -88.46 -43.83
CA UNK IB 122 32.64 -87.33 -42.94
C UNK IB 122 31.68 -87.22 -41.78
N UNK IB 123 30.49 -86.72 -42.06
CA UNK IB 123 29.54 -86.35 -41.01
C UNK IB 123 28.10 -86.73 -41.28
N UNK IB 124 27.61 -86.24 -42.39
CA UNK IB 124 26.21 -86.02 -42.68
C UNK IB 124 25.99 -86.33 -44.15
N UNK IB 125 24.89 -85.80 -44.70
CA UNK IB 125 24.62 -85.98 -46.12
C UNK IB 125 25.60 -85.24 -47.02
N UNK IB 126 26.41 -84.33 -46.49
CA UNK IB 126 27.39 -83.60 -47.28
C UNK IB 126 28.44 -84.52 -47.88
N UNK IB 127 28.91 -85.50 -47.09
CA UNK IB 127 29.71 -86.64 -47.55
C UNK IB 127 31.02 -86.20 -48.20
N UNK IB 128 31.89 -85.64 -47.36
CA UNK IB 128 33.23 -85.24 -47.82
C UNK IB 128 34.01 -86.47 -48.25
N THR IB 129 34.34 -86.54 -49.54
CA THR IB 129 34.92 -87.72 -50.15
C THR IB 129 36.42 -87.56 -50.29
N PHE IB 130 37.16 -88.61 -49.94
CA PHE IB 130 38.59 -88.63 -50.20
C PHE IB 130 38.79 -88.93 -51.68
N ASP IB 131 39.59 -88.10 -52.36
CA ASP IB 131 39.55 -88.11 -53.83
C ASP IB 131 40.42 -89.17 -54.48
N GLU IB 132 41.74 -89.00 -54.43
CA GLU IB 132 42.63 -89.84 -55.24
C GLU IB 132 43.66 -90.58 -54.41
N GLU IB 133 44.51 -89.88 -53.66
CA GLU IB 133 45.69 -90.53 -53.10
C GLU IB 133 45.43 -91.04 -51.71
N THR IB 134 44.68 -90.27 -50.93
CA THR IB 134 44.36 -90.65 -49.55
C THR IB 134 43.29 -91.73 -49.52
N GLN IB 135 42.40 -91.77 -50.51
CA GLN IB 135 41.33 -92.76 -50.53
C GLN IB 135 41.87 -94.17 -50.65
N PHE IB 136 42.96 -94.37 -51.41
CA PHE IB 136 43.58 -95.70 -51.52
C PHE IB 136 44.09 -96.18 -50.18
N LYS IB 137 44.54 -95.26 -49.33
CA LYS IB 137 44.98 -95.60 -48.00
C LYS IB 137 43.77 -95.98 -47.14
N LYS IB 138 42.86 -95.02 -46.96
CA LYS IB 138 41.80 -95.13 -45.97
C LYS IB 138 40.82 -96.27 -46.26
N ARG IB 139 40.60 -96.61 -47.53
CA ARG IB 139 39.77 -97.77 -47.86
C ARG IB 139 40.44 -99.05 -47.39
N ALA IB 140 41.75 -99.13 -47.58
CA ALA IB 140 42.52 -100.27 -47.08
C ALA IB 140 42.60 -100.24 -45.57
N ILE IB 141 42.53 -99.06 -44.98
CA ILE IB 141 42.57 -98.93 -43.52
C ILE IB 141 41.28 -99.42 -42.88
N GLU IB 142 40.15 -99.12 -43.52
CA GLU IB 142 38.86 -99.64 -43.05
C GLU IB 142 38.85 -101.15 -43.02
N LEU IB 143 39.56 -101.78 -43.94
CA LEU IB 143 39.71 -103.22 -43.90
C LEU IB 143 40.50 -103.68 -42.68
N ASN IB 144 41.64 -103.03 -42.42
CA ASN IB 144 42.45 -103.46 -41.28
C ASN IB 144 41.80 -103.08 -39.96
N GLN IB 145 41.06 -101.97 -39.93
CA GLN IB 145 40.22 -101.69 -38.78
C GLN IB 145 39.08 -102.69 -38.68
N GLY IB 146 38.61 -103.17 -39.83
CA GLY IB 146 37.58 -104.19 -39.81
C GLY IB 146 38.08 -105.51 -39.25
N ARG IB 147 39.27 -105.93 -39.68
CA ARG IB 147 39.78 -107.24 -39.30
C ARG IB 147 40.16 -107.29 -37.83
N ALA IB 148 40.74 -106.20 -37.32
CA ALA IB 148 41.11 -106.16 -35.91
C ALA IB 148 39.89 -106.22 -35.02
N ALA IB 149 38.78 -105.64 -35.48
CA ALA IB 149 37.54 -105.78 -34.74
C ALA IB 149 36.96 -107.18 -34.92
N GLN IB 150 37.16 -107.79 -36.09
CA GLN IB 150 36.73 -109.17 -36.29
C GLN IB 150 37.50 -110.12 -35.38
N MET IB 151 38.77 -109.84 -35.14
CA MET IB 151 39.45 -110.64 -34.13
C MET IB 151 39.05 -110.20 -32.74
N GLY IB 152 38.65 -108.94 -32.59
CA GLY IB 152 38.40 -108.41 -31.27
C GLY IB 152 37.08 -108.87 -30.68
N ILE IB 153 36.01 -108.89 -31.48
CA ILE IB 153 34.71 -109.22 -30.91
C ILE IB 153 34.60 -110.71 -30.63
N LEU IB 154 35.36 -111.54 -31.34
CA LEU IB 154 35.22 -112.98 -31.17
C LEU IB 154 36.06 -113.50 -30.02
N ALA IB 155 37.24 -112.92 -29.85
CA ALA IB 155 37.98 -112.96 -28.61
C ALA IB 155 37.06 -112.77 -27.43
N LEU IB 156 36.34 -111.66 -27.47
CA LEU IB 156 35.40 -111.26 -26.45
C LEU IB 156 34.23 -112.24 -26.30
N MET IB 157 33.86 -112.91 -27.39
CA MET IB 157 32.92 -114.02 -27.27
C MET IB 157 33.52 -115.17 -26.48
N VAL IB 158 34.78 -115.50 -26.77
CA VAL IB 158 35.45 -116.62 -26.11
C VAL IB 158 35.73 -116.28 -24.65
N HIS IB 159 35.91 -115.00 -24.33
CA HIS IB 159 36.17 -114.54 -22.97
C HIS IB 159 35.08 -114.90 -21.97
N GLU IB 160 33.88 -114.35 -22.18
CA GLU IB 160 32.93 -114.16 -21.09
C GLU IB 160 32.07 -115.38 -20.83
N GLN IB 161 31.71 -116.13 -21.87
CA GLN IB 161 31.02 -117.40 -21.66
C GLN IB 161 31.95 -118.38 -20.96
N LEU IB 162 33.26 -118.19 -21.09
CA LEU IB 162 34.24 -118.96 -20.36
C LEU IB 162 34.73 -118.24 -19.11
N GLY IB 163 34.52 -116.93 -19.01
CA GLY IB 163 34.92 -116.19 -17.83
C GLY IB 163 33.81 -115.33 -17.25
N VAL IB 164 34.10 -114.05 -17.05
CA VAL IB 164 33.13 -113.08 -16.53
C VAL IB 164 33.09 -111.89 -17.48
N SER IB 165 32.16 -110.96 -17.24
CA SER IB 165 31.99 -109.78 -18.08
C SER IB 165 33.21 -108.85 -17.97
N LEU IB 166 33.26 -107.83 -18.84
CA LEU IB 166 34.41 -106.92 -18.86
C LEU IB 166 34.54 -106.11 -17.58
N LEU IB 167 33.44 -105.85 -16.89
CA LEU IB 167 33.57 -105.09 -15.65
C LEU IB 167 34.22 -105.92 -14.54
N PRO IB 168 33.88 -107.21 -14.32
CA PRO IB 168 34.75 -107.99 -13.45
C PRO IB 168 36.03 -108.48 -14.11
N UNK IB 169 36.11 -108.54 -15.45
CA UNK IB 169 37.40 -108.88 -16.04
C UNK IB 169 38.39 -107.73 -15.93
N UNK IB 170 37.90 -106.50 -15.74
CA UNK IB 170 38.74 -105.38 -15.36
C UNK IB 170 38.68 -105.08 -13.88
N UNK IB 171 38.01 -105.91 -13.09
CA UNK IB 171 38.07 -105.83 -11.64
C UNK IB 171 38.67 -107.09 -11.01
N UNK IB 172 39.35 -107.92 -11.79
CA UNK IB 172 39.95 -109.14 -11.29
C UNK IB 172 41.18 -109.45 -12.14
N UNK IB 173 41.60 -110.70 -12.12
CA UNK IB 173 42.78 -111.13 -12.86
C UNK IB 173 42.52 -111.11 -14.36
N UNK IB 174 43.39 -110.41 -15.08
CA UNK IB 174 43.46 -110.44 -16.53
C UNK IB 174 44.92 -110.72 -16.89
N UNK IB 175 45.15 -111.28 -18.07
CA UNK IB 175 46.30 -112.10 -18.46
C UNK IB 175 47.68 -111.74 -17.93
N UNK IB 176 48.13 -110.50 -18.14
CA UNK IB 176 49.48 -110.14 -17.71
C UNK IB 176 49.50 -109.80 -16.22
N UNK IB 177 50.65 -109.35 -15.73
CA UNK IB 177 50.76 -109.03 -14.31
C UNK IB 177 50.13 -107.68 -14.00
N UNK IB 178 50.58 -106.64 -14.70
CA UNK IB 178 50.14 -105.23 -14.56
C UNK IB 178 50.22 -104.73 -13.12
N GLU JB 1 -64.64 -16.21 -55.09
CA GLU JB 1 -65.33 -15.26 -55.95
C GLU JB 1 -65.90 -14.10 -55.14
N ASN JB 2 -66.23 -13.02 -55.84
CA ASN JB 2 -66.98 -11.93 -55.24
C ASN JB 2 -68.41 -12.36 -54.93
N GLU JB 3 -68.96 -13.26 -55.75
CA GLU JB 3 -70.39 -13.53 -55.71
C GLU JB 3 -70.75 -14.47 -54.57
N LEU JB 4 -69.76 -15.05 -53.91
CA LEU JB 4 -70.00 -16.00 -52.82
C LEU JB 4 -70.69 -15.32 -51.65
N GLY JB 5 -71.61 -16.05 -51.02
CA GLY JB 5 -72.35 -15.56 -49.89
C GLY JB 5 -73.22 -14.35 -50.15
N ALA JB 6 -73.57 -14.10 -51.41
CA ALA JB 6 -74.49 -13.06 -51.79
C ALA JB 6 -75.83 -13.66 -52.19
N GLN JB 7 -76.31 -14.61 -51.41
CA GLN JB 7 -77.49 -15.37 -51.81
C GLN JB 7 -78.75 -14.51 -51.68
N PRO JB 8 -79.62 -14.53 -52.70
CA PRO JB 8 -80.89 -13.77 -52.62
C PRO JB 8 -81.79 -14.26 -51.49
N PRO JB 9 -82.76 -13.44 -51.04
CA PRO JB 9 -83.32 -12.14 -51.47
C PRO JB 9 -82.54 -10.92 -50.97
N LEU JB 10 -81.24 -11.09 -50.78
CA LEU JB 10 -80.35 -10.01 -50.37
C LEU JB 10 -79.37 -9.68 -51.48
N GLY JB 11 -78.70 -10.67 -52.05
CA GLY JB 11 -77.65 -10.38 -53.01
C GLY JB 11 -76.46 -9.77 -52.29
N PHE JB 12 -75.86 -8.77 -52.93
CA PHE JB 12 -74.85 -7.95 -52.26
C PHE JB 12 -75.57 -7.09 -51.22
N PHE JB 13 -75.20 -7.26 -49.95
CA PHE JB 13 -75.84 -6.55 -48.86
C PHE JB 13 -74.77 -5.94 -47.97
N ASP JB 14 -74.47 -4.66 -48.18
CA ASP JB 14 -73.53 -3.91 -47.35
C ASP JB 14 -74.17 -2.57 -47.03
N PRO JB 15 -75.08 -2.54 -46.05
CA PRO JB 15 -75.95 -1.36 -45.89
C PRO JB 15 -75.25 -0.16 -45.29
N LEU JB 16 -74.15 -0.37 -44.57
CA LEU JB 16 -73.49 0.73 -43.88
C LEU JB 16 -72.35 1.33 -44.68
N GLY JB 17 -72.07 0.81 -45.87
CA GLY JB 17 -71.12 1.42 -46.77
C GLY JB 17 -69.67 1.38 -46.32
N LEU JB 18 -69.35 0.57 -45.30
CA LEU JB 18 -67.97 0.41 -44.85
C LEU JB 18 -67.12 -0.19 -45.95
N VAL JB 19 -67.73 -1.02 -46.80
CA VAL JB 19 -67.01 -1.80 -47.78
C VAL JB 19 -67.38 -1.38 -49.21
N GLU JB 20 -68.53 -0.74 -49.40
CA GLU JB 20 -68.81 -0.07 -50.67
C GLU JB 20 -67.85 1.11 -50.73
N ASP JB 21 -66.64 0.84 -51.19
CA ASP JB 21 -65.47 1.67 -50.98
C ASP JB 21 -64.75 1.91 -52.30
N GLY JB 22 -64.80 0.91 -53.17
CA GLY JB 22 -64.00 0.88 -54.38
C GLY JB 22 -62.74 0.05 -54.24
N ASN JB 23 -62.34 -0.26 -53.01
CA ASN JB 23 -61.27 -1.20 -52.75
C ASN JB 23 -61.91 -2.57 -52.66
N GLN JB 24 -61.81 -3.35 -53.72
CA GLN JB 24 -62.14 -4.75 -53.57
C GLN JB 24 -61.13 -5.50 -52.72
N ALA JB 25 -59.85 -5.07 -52.70
CA ALA JB 25 -58.81 -5.83 -52.01
C ALA JB 25 -58.99 -5.84 -50.50
N LYS JB 26 -59.74 -4.89 -49.96
CA LYS JB 26 -60.12 -4.99 -48.56
C LYS JB 26 -61.35 -5.89 -48.39
N PHE JB 27 -62.35 -5.74 -49.29
CA PHE JB 27 -63.48 -6.67 -49.32
C PHE JB 27 -63.02 -8.08 -49.58
N ASP JB 28 -61.94 -8.20 -50.35
CA ASP JB 28 -61.22 -9.44 -50.55
C ASP JB 28 -60.94 -10.08 -49.20
N ARG JB 29 -60.03 -9.51 -48.38
CA ARG JB 29 -59.56 -10.16 -47.15
C ARG JB 29 -60.70 -10.51 -46.19
N LEU JB 30 -61.76 -9.69 -46.20
CA LEU JB 30 -62.91 -9.94 -45.35
C LEU JB 30 -63.72 -11.15 -45.78
N ARG JB 31 -63.65 -11.53 -47.06
CA ARG JB 31 -64.28 -12.78 -47.48
C ARG JB 31 -63.60 -13.96 -46.81
N TYR JB 32 -62.27 -13.91 -46.70
CA TYR JB 32 -61.57 -14.93 -45.92
C TYR JB 32 -61.83 -14.77 -44.43
N VAL JB 33 -62.13 -13.55 -43.97
CA VAL JB 33 -62.49 -13.37 -42.58
C VAL JB 33 -63.86 -14.00 -42.30
N GLU JB 34 -64.77 -13.95 -43.29
CA GLU JB 34 -66.01 -14.70 -43.19
C GLU JB 34 -65.78 -16.19 -43.08
N LEU JB 35 -64.76 -16.68 -43.80
CA LEU JB 35 -64.46 -18.11 -43.80
C LEU JB 35 -64.06 -18.59 -42.43
N LYS JB 36 -63.01 -17.96 -41.86
CA LYS JB 36 -62.38 -18.51 -40.67
C LYS JB 36 -63.27 -18.41 -39.44
N HIS JB 37 -63.91 -17.25 -39.23
CA HIS JB 37 -64.91 -17.15 -38.17
C HIS JB 37 -66.05 -18.11 -38.39
N GLY JB 38 -66.45 -18.29 -39.64
CA GLY JB 38 -67.49 -19.25 -39.95
C GLY JB 38 -67.07 -20.67 -39.61
N ARG JB 39 -65.84 -21.03 -39.96
CA ARG JB 39 -65.33 -22.36 -39.71
C ARG JB 39 -65.19 -22.65 -38.21
N ILE JB 40 -64.71 -21.66 -37.47
CA ILE JB 40 -64.54 -21.83 -36.03
C ILE JB 40 -65.89 -21.81 -35.33
N SER JB 41 -66.83 -21.01 -35.84
CA SER JB 41 -68.16 -20.96 -35.24
C SER JB 41 -68.89 -22.27 -35.42
N MET JB 42 -68.82 -22.84 -36.61
CA MET JB 42 -69.56 -24.06 -36.91
C MET JB 42 -69.05 -25.24 -36.10
N LEU JB 43 -67.73 -25.33 -35.89
CA LEU JB 43 -67.22 -26.43 -35.10
C LEU JB 43 -67.23 -26.14 -33.61
N ALA JB 44 -67.60 -24.93 -33.19
CA ALA JB 44 -67.79 -24.68 -31.78
C ALA JB 44 -69.19 -25.06 -31.32
N VAL JB 45 -70.18 -24.85 -32.19
CA VAL JB 45 -71.55 -25.13 -31.80
C VAL JB 45 -71.85 -26.62 -31.88
N VAL JB 46 -71.25 -27.32 -32.85
CA VAL JB 46 -71.46 -28.76 -32.91
C VAL JB 46 -70.67 -29.41 -31.80
N GLY JB 47 -69.60 -28.75 -31.35
CA GLY JB 47 -68.96 -29.17 -30.12
C GLY JB 47 -69.86 -28.97 -28.91
N TYR JB 48 -70.52 -27.82 -28.84
CA TYR JB 48 -71.34 -27.49 -27.68
C TYR JB 48 -72.56 -28.39 -27.57
N LEU JB 49 -73.11 -28.84 -28.69
CA LEU JB 49 -74.25 -29.74 -28.63
C LEU JB 49 -73.83 -31.13 -28.19
N ILE JB 50 -72.67 -31.59 -28.65
CA ILE JB 50 -72.19 -32.91 -28.27
C ILE JB 50 -71.70 -32.91 -26.83
N GLU JB 51 -71.21 -31.76 -26.34
CA GLU JB 51 -70.85 -31.65 -24.93
C GLU JB 51 -72.07 -31.66 -24.03
N LYS JB 52 -73.16 -31.01 -24.46
CA LYS JB 52 -74.34 -30.90 -23.60
C LYS JB 52 -75.09 -32.22 -23.49
N ALA JB 53 -75.09 -33.03 -24.55
CA ALA JB 53 -75.82 -34.29 -24.54
C ALA JB 53 -75.20 -35.37 -23.65
N GLY JB 54 -74.09 -35.08 -22.96
CA GLY JB 54 -73.48 -36.07 -22.10
C GLY JB 54 -72.67 -37.10 -22.85
N ILE JB 55 -72.27 -36.81 -24.08
CA ILE JB 55 -71.40 -37.69 -24.85
C ILE JB 55 -69.97 -37.31 -24.51
N ARG JB 56 -69.34 -38.09 -23.63
CA ARG JB 56 -67.99 -37.82 -23.18
C ARG JB 56 -67.17 -39.08 -23.37
N LEU JB 57 -65.96 -39.07 -22.84
CA LEU JB 57 -65.10 -40.23 -22.82
C LEU JB 57 -64.68 -40.53 -21.38
N PRO JB 58 -64.47 -41.80 -21.03
CA PRO JB 58 -63.95 -42.12 -19.70
C PRO JB 58 -62.48 -41.78 -19.57
N GLY JB 59 -61.96 -42.01 -18.38
CA GLY JB 59 -60.58 -41.70 -18.08
C GLY JB 59 -60.42 -40.28 -17.58
N ASN JB 60 -59.32 -40.06 -16.87
CA ASN JB 60 -59.00 -38.74 -16.37
C ASN JB 60 -58.46 -37.87 -17.51
N ILE JB 61 -58.49 -36.55 -17.29
CA ILE JB 61 -57.73 -35.67 -18.17
C ILE JB 61 -56.28 -35.58 -17.73
N SER JB 62 -55.98 -35.77 -16.44
CA SER JB 62 -54.64 -35.54 -15.92
C SER JB 62 -54.47 -36.22 -14.57
N TYR JB 63 -53.37 -35.88 -13.90
CA TYR JB 63 -53.07 -36.36 -12.54
C TYR JB 63 -53.92 -35.65 -11.49
N ASP JB 64 -54.58 -34.55 -11.84
CA ASP JB 64 -55.62 -33.91 -11.04
C ASP JB 64 -56.73 -34.88 -10.62
N GLY JB 65 -56.95 -35.95 -11.37
CA GLY JB 65 -58.09 -36.79 -11.11
C GLY JB 65 -59.35 -36.24 -11.71
N THR JB 66 -59.24 -35.18 -12.49
CA THR JB 66 -60.36 -34.62 -13.21
C THR JB 66 -60.70 -35.55 -14.36
N THR JB 67 -61.87 -36.19 -14.30
CA THR JB 67 -62.31 -36.94 -15.46
C THR JB 67 -62.88 -35.98 -16.50
N PHE JB 68 -63.37 -36.54 -17.60
CA PHE JB 68 -64.01 -35.69 -18.58
C PHE JB 68 -65.41 -35.31 -18.12
N ALA JB 69 -66.05 -36.16 -17.35
CA ALA JB 69 -67.35 -35.85 -16.77
C ALA JB 69 -67.26 -34.82 -15.65
N ASP JB 70 -66.07 -34.63 -15.09
CA ASP JB 70 -65.89 -33.62 -14.04
C ASP JB 70 -66.02 -32.22 -14.59
N ILE JB 71 -65.49 -31.99 -15.79
CA ILE JB 71 -65.60 -30.72 -16.49
C ILE JB 71 -66.98 -30.67 -17.14
N PRO JB 72 -67.86 -29.79 -16.71
CA PRO JB 72 -69.24 -29.82 -17.21
C PRO JB 72 -69.40 -29.05 -18.50
N ASP JB 73 -70.55 -29.26 -19.14
CA ASP JB 73 -71.00 -28.41 -20.23
C ASP JB 73 -71.19 -26.99 -19.72
N GLY JB 74 -71.05 -26.01 -20.58
CA GLY JB 74 -71.25 -24.67 -20.12
C GLY JB 74 -70.17 -23.77 -20.64
N PHE JB 75 -70.02 -22.61 -20.01
CA PHE JB 75 -68.93 -21.74 -20.41
C PHE JB 75 -67.62 -22.18 -19.79
N ALA JB 76 -67.61 -22.43 -18.49
CA ALA JB 76 -66.38 -22.50 -17.71
C ALA JB 76 -65.54 -23.73 -17.99
N ALA JB 77 -65.97 -24.59 -18.93
CA ALA JB 77 -65.26 -25.80 -19.30
C ALA JB 77 -63.85 -25.50 -19.81
N LEU JB 78 -63.73 -24.57 -20.75
CA LEU JB 78 -62.41 -24.17 -21.22
C LEU JB 78 -61.65 -23.38 -20.16
N SER JB 79 -62.37 -22.71 -19.26
CA SER JB 79 -61.69 -21.96 -18.20
C SER JB 79 -61.08 -22.89 -17.16
N LYS JB 80 -61.61 -24.10 -17.01
CA LYS JB 80 -61.16 -25.01 -15.96
C LYS JB 80 -60.23 -26.12 -16.45
N ILE JB 81 -59.85 -26.08 -17.71
CA ILE JB 81 -58.79 -26.96 -18.25
C ILE JB 81 -57.47 -26.56 -17.60
N PRO JB 82 -56.61 -27.50 -17.18
CA PRO JB 82 -55.35 -27.11 -16.53
C PRO JB 82 -54.43 -26.41 -17.51
N ASP JB 83 -53.46 -25.69 -16.95
CA ASP JB 83 -52.64 -24.79 -17.74
C ASP JB 83 -51.78 -25.55 -18.74
N ALA JB 84 -51.13 -26.63 -18.29
CA ALA JB 84 -50.26 -27.43 -19.15
C ALA JB 84 -51.03 -28.05 -20.32
N GLY JB 85 -52.31 -28.36 -20.12
CA GLY JB 85 -53.13 -28.78 -21.24
C GLY JB 85 -53.46 -27.64 -22.19
N LEU JB 86 -53.60 -26.42 -21.66
CA LEU JB 86 -53.83 -25.27 -22.52
C LEU JB 86 -52.60 -24.94 -23.35
N PHE JB 87 -51.40 -24.98 -22.75
CA PHE JB 87 -50.17 -24.73 -23.50
C PHE JB 87 -49.95 -25.78 -24.58
N GLN JB 88 -50.49 -26.98 -24.41
CA GLN JB 88 -50.40 -27.99 -25.46
C GLN JB 88 -51.41 -27.74 -26.57
N LEU JB 89 -52.45 -26.95 -26.29
CA LEU JB 89 -53.33 -26.51 -27.37
C LEU JB 89 -52.64 -25.50 -28.26
N PHE JB 90 -51.95 -24.51 -27.65
CA PHE JB 90 -51.25 -23.49 -28.42
C PHE JB 90 -50.11 -24.10 -29.23
N ALA JB 91 -49.52 -25.19 -28.73
CA ALA JB 91 -48.42 -25.81 -29.46
C ALA JB 91 -48.93 -26.56 -30.68
N PHE JB 92 -50.15 -27.07 -30.65
CA PHE JB 92 -50.62 -27.86 -31.79
C PHE JB 92 -51.59 -27.07 -32.66
N ILE JB 93 -52.58 -26.41 -32.05
CA ILE JB 93 -53.49 -25.58 -32.82
C ILE JB 93 -52.74 -24.41 -33.44
N GLY JB 94 -51.83 -23.80 -32.68
CA GLY JB 94 -51.14 -22.63 -33.16
C GLY JB 94 -50.16 -22.95 -34.27
N PHE JB 95 -49.46 -24.09 -34.17
CA PHE JB 95 -48.57 -24.59 -35.22
C PHE JB 95 -49.32 -24.77 -36.52
N LEU JB 96 -50.46 -25.45 -36.45
CA LEU JB 96 -51.41 -25.58 -37.55
C LEU JB 96 -51.91 -24.23 -38.05
N GLU JB 97 -51.77 -23.20 -37.24
CA GLU JB 97 -52.41 -21.96 -37.62
C GLU JB 97 -51.40 -20.92 -38.08
N VAL JB 98 -50.25 -20.87 -37.42
CA VAL JB 98 -49.32 -19.78 -37.66
C VAL JB 98 -48.74 -19.88 -39.06
N PHE JB 99 -48.33 -21.07 -39.47
CA PHE JB 99 -47.70 -21.19 -40.77
C PHE JB 99 -48.14 -22.47 -41.44
N VAL JB 100 -48.25 -23.50 -40.60
CA VAL JB 100 -48.06 -24.86 -41.02
C VAL JB 100 -49.40 -25.52 -41.22
N MET JB 101 -49.48 -26.43 -42.20
CA MET JB 101 -50.58 -27.41 -42.38
C MET JB 101 -51.86 -26.70 -42.82
N LYS JB 102 -52.05 -25.45 -42.44
CA LYS JB 102 -53.03 -24.52 -42.92
C LYS JB 102 -52.25 -23.26 -43.06
N ASP JB 103 -52.41 -22.56 -44.16
CA ASP JB 103 -51.52 -21.43 -44.41
C ASP JB 103 -51.88 -20.23 -43.54
N ILE JB 104 -52.92 -20.33 -42.69
CA ILE JB 104 -53.91 -19.31 -42.33
C ILE JB 104 -53.48 -17.84 -42.48
N THR JB 105 -52.20 -17.53 -42.22
CA THR JB 105 -51.59 -16.29 -42.73
C THR JB 105 -51.75 -16.29 -44.24
N GLY JB 106 -52.65 -15.46 -44.71
CA GLY JB 106 -52.81 -15.26 -46.13
C GLY JB 106 -53.59 -13.98 -46.27
N GLY JB 107 -53.67 -13.52 -47.50
CA GLY JB 107 -54.63 -12.48 -47.74
C GLY JB 107 -56.00 -13.12 -47.60
N GLU JB 108 -56.18 -14.19 -48.38
CA GLU JB 108 -57.47 -14.78 -48.67
C GLU JB 108 -57.25 -15.96 -49.60
N PHE JB 109 -58.30 -16.76 -49.76
CA PHE JB 109 -58.42 -17.85 -50.72
C PHE JB 109 -57.27 -18.80 -50.48
N VAL JB 110 -57.22 -19.17 -49.22
CA VAL JB 110 -56.13 -20.01 -48.83
C VAL JB 110 -56.37 -21.41 -49.36
N GLY JB 111 -57.59 -21.93 -49.15
CA GLY JB 111 -58.04 -23.13 -49.79
C GLY JB 111 -57.36 -24.41 -49.35
N ASP JB 112 -56.30 -24.31 -48.53
CA ASP JB 112 -55.82 -25.28 -47.54
C ASP JB 112 -55.54 -26.67 -48.12
N PHE JB 113 -55.58 -26.80 -49.44
CA PHE JB 113 -55.30 -28.02 -50.20
C PHE JB 113 -56.13 -29.20 -49.71
N ARG JB 114 -57.45 -29.12 -49.91
CA ARG JB 114 -58.35 -30.17 -49.40
C ARG JB 114 -59.56 -30.37 -50.26
N ASN JB 115 -60.25 -31.49 -49.99
CA ASN JB 115 -61.60 -31.78 -50.41
C ASN JB 115 -62.28 -32.64 -49.35
N GLY JB 116 -63.61 -32.54 -49.27
CA GLY JB 116 -64.38 -33.21 -48.24
C GLY JB 116 -64.52 -34.71 -48.41
N PHE JB 117 -65.03 -35.14 -49.56
CA PHE JB 117 -65.19 -36.54 -49.92
C PHE JB 117 -64.34 -36.94 -51.11
N ILE JB 118 -63.04 -36.65 -51.17
CA ILE JB 118 -62.30 -35.97 -52.26
C ILE JB 118 -62.88 -35.92 -53.72
N ASP JB 119 -64.13 -36.30 -53.92
CA ASP JB 119 -64.89 -36.09 -55.14
C ASP JB 119 -65.01 -34.64 -55.63
N PHE JB 120 -64.76 -33.61 -54.79
CA PHE JB 120 -65.36 -32.31 -55.11
C PHE JB 120 -64.41 -31.14 -55.31
N GLY JB 121 -63.20 -31.37 -55.81
CA GLY JB 121 -62.31 -30.27 -56.10
C GLY JB 121 -62.78 -29.41 -57.25
N TRP JB 122 -62.85 -30.04 -58.41
CA TRP JB 122 -63.35 -29.50 -59.68
C TRP JB 122 -63.65 -30.75 -60.51
N ASP JB 123 -63.86 -30.60 -61.83
CA ASP JB 123 -64.11 -31.70 -62.79
C ASP JB 123 -65.31 -32.56 -62.38
N SER JB 124 -66.28 -31.95 -61.76
CA SER JB 124 -67.54 -32.63 -61.90
C SER JB 124 -68.53 -31.59 -62.37
N PHE JB 125 -68.54 -30.46 -61.69
CA PHE JB 125 -69.58 -29.46 -61.86
C PHE JB 125 -68.96 -28.12 -61.55
N ASP JB 126 -68.70 -27.33 -62.59
CA ASP JB 126 -68.15 -26.00 -62.40
C ASP JB 126 -69.24 -25.02 -61.97
N GLU JB 127 -70.50 -25.43 -62.04
CA GLU JB 127 -71.62 -24.63 -61.56
C GLU JB 127 -71.99 -24.96 -60.13
N GLU JB 128 -71.79 -26.19 -59.68
CA GLU JB 128 -72.43 -26.63 -58.43
C GLU JB 128 -71.52 -26.41 -57.23
N THR JB 129 -70.36 -27.06 -57.21
CA THR JB 129 -69.45 -26.91 -56.09
C THR JB 129 -68.77 -25.54 -56.10
N LYS JB 130 -68.64 -24.92 -57.27
CA LYS JB 130 -68.20 -23.54 -57.38
C LYS JB 130 -69.43 -22.66 -57.36
N LEU JB 131 -69.33 -21.53 -56.67
CA LEU JB 131 -70.27 -20.42 -56.56
C LEU JB 131 -71.53 -20.77 -55.74
N LYS JB 132 -71.78 -22.03 -55.41
CA LYS JB 132 -72.93 -22.36 -54.58
C LYS JB 132 -72.57 -23.16 -53.33
N LYS JB 133 -71.89 -24.29 -53.52
CA LYS JB 133 -71.57 -25.13 -52.38
C LYS JB 133 -70.32 -24.66 -51.66
N ARG JB 134 -69.63 -23.72 -52.26
CA ARG JB 134 -68.64 -22.88 -51.61
C ARG JB 134 -69.30 -21.74 -50.84
N ALA JB 135 -70.57 -21.46 -51.11
CA ALA JB 135 -71.35 -20.49 -50.36
C ALA JB 135 -72.19 -21.12 -49.26
N ILE JB 136 -72.36 -22.45 -49.29
CA ILE JB 136 -73.06 -23.14 -48.21
C ILE JB 136 -72.31 -22.96 -46.90
N GLU JB 137 -70.99 -23.18 -46.94
CA GLU JB 137 -70.12 -23.01 -45.78
C GLU JB 137 -70.18 -21.60 -45.24
N LEU JB 138 -70.27 -20.62 -46.13
CA LEU JB 138 -70.21 -19.22 -45.74
C LEU JB 138 -71.43 -18.82 -44.94
N ASN JB 139 -72.61 -18.97 -45.53
CA ASN JB 139 -73.85 -18.59 -44.84
C ASN JB 139 -74.09 -19.47 -43.63
N GLN JB 140 -73.52 -20.66 -43.62
CA GLN JB 140 -73.66 -21.49 -42.44
C GLN JB 140 -72.88 -20.91 -41.27
N GLY JB 141 -71.71 -20.33 -41.55
CA GLY JB 141 -71.01 -19.58 -40.53
C GLY JB 141 -71.82 -18.40 -40.03
N ARG JB 142 -72.53 -17.73 -40.93
CA ARG JB 142 -73.40 -16.62 -40.54
C ARG JB 142 -74.57 -17.09 -39.67
N ALA JB 143 -74.92 -18.37 -39.74
CA ALA JB 143 -75.81 -18.94 -38.74
C ALA JB 143 -75.07 -19.20 -37.43
N ALA JB 144 -73.90 -19.84 -37.53
CA ALA JB 144 -73.26 -20.35 -36.33
C ALA JB 144 -72.53 -19.26 -35.55
N MET JB 145 -72.07 -18.20 -36.22
CA MET JB 145 -71.52 -17.05 -35.51
C MET JB 145 -72.59 -16.38 -34.69
N MET JB 146 -73.81 -16.33 -35.22
CA MET JB 146 -74.96 -15.87 -34.46
C MET JB 146 -75.35 -16.85 -33.37
N GLY JB 147 -74.98 -18.12 -33.51
CA GLY JB 147 -75.29 -19.11 -32.50
C GLY JB 147 -74.38 -19.07 -31.29
N ILE JB 148 -73.18 -18.49 -31.44
CA ILE JB 148 -72.27 -18.36 -30.31
C ILE JB 148 -72.44 -17.05 -29.56
N LEU JB 149 -72.81 -15.97 -30.26
CA LEU JB 149 -73.39 -14.82 -29.58
C LEU JB 149 -74.55 -15.25 -28.71
N ALA JB 150 -75.43 -16.09 -29.26
CA ALA JB 150 -76.50 -16.73 -28.49
C ALA JB 150 -75.96 -17.55 -27.33
N LEU JB 151 -75.09 -18.51 -27.63
CA LEU JB 151 -74.49 -19.41 -26.66
C LEU JB 151 -73.78 -18.65 -25.54
N MET JB 152 -73.19 -17.51 -25.89
CA MET JB 152 -72.72 -16.59 -24.86
C MET JB 152 -73.87 -16.07 -24.02
N VAL JB 153 -74.97 -15.63 -24.67
CA VAL JB 153 -76.05 -14.93 -23.95
C VAL JB 153 -76.76 -15.88 -23.00
N HIS JB 154 -77.06 -17.08 -23.48
CA HIS JB 154 -77.77 -18.07 -22.68
C HIS JB 154 -76.98 -18.48 -21.45
N GLU JB 155 -75.67 -18.23 -21.44
CA GLU JB 155 -74.84 -18.44 -20.26
C GLU JB 155 -74.33 -17.15 -19.64
N LYS JB 156 -74.96 -16.00 -19.91
CA LYS JB 156 -74.52 -14.75 -19.30
C LYS JB 156 -75.02 -14.59 -17.87
N LEU JB 157 -76.34 -14.43 -17.74
CA LEU JB 157 -76.97 -14.35 -16.43
C LEU JB 157 -77.80 -15.60 -16.16
N ILE JB 158 -78.42 -16.11 -17.21
CA ILE JB 158 -79.07 -17.42 -17.26
C ILE JB 158 -77.95 -18.43 -17.05
N PRO JB 159 -78.19 -19.54 -16.37
CA PRO JB 159 -77.17 -20.59 -16.22
C PRO JB 159 -76.87 -21.33 -17.52
N LEU JB 160 -76.11 -22.43 -17.49
CA LEU JB 160 -75.72 -23.17 -18.68
C LEU JB 160 -76.95 -23.67 -19.45
N GLY JB 161 -76.73 -24.12 -20.68
CA GLY JB 161 -77.86 -24.34 -21.58
C GLY JB 161 -78.72 -25.54 -21.22
N TYR JB 162 -78.12 -26.56 -20.60
CA TYR JB 162 -78.90 -27.69 -20.10
C TYR JB 162 -79.68 -27.30 -18.85
N ASP JB 163 -79.24 -26.25 -18.15
CA ASP JB 163 -79.98 -25.52 -17.13
C ASP JB 163 -80.73 -24.34 -17.74
N ALA JB 164 -80.59 -24.12 -19.05
CA ALA JB 164 -81.54 -23.21 -19.68
C ALA JB 164 -82.74 -23.99 -20.20
N ASP JB 165 -82.57 -25.29 -20.40
CA ASP JB 165 -83.64 -26.13 -20.94
C ASP JB 165 -84.52 -26.70 -19.84
N LEU JB 166 -83.94 -27.05 -18.68
CA LEU JB 166 -84.75 -27.75 -17.67
C LEU JB 166 -85.66 -26.79 -16.90
N PRO JB 167 -85.18 -25.64 -16.31
CA PRO JB 167 -86.14 -24.60 -15.92
C PRO JB 167 -86.55 -23.72 -17.09
N ILE JB 168 -87.12 -22.56 -16.76
CA ILE JB 168 -87.78 -21.65 -17.70
C ILE JB 168 -86.90 -21.34 -18.91
N ILE JB 169 -87.52 -21.39 -20.09
CA ILE JB 169 -86.87 -21.01 -21.33
C ILE JB 169 -87.39 -19.67 -21.84
N GLY JB 170 -88.56 -19.21 -21.37
CA GLY JB 170 -89.13 -17.98 -21.85
C GLY JB 170 -88.37 -16.75 -21.41
N HIS JB 171 -88.39 -15.74 -22.28
CA HIS JB 171 -87.66 -14.51 -22.02
C HIS JB 171 -88.36 -13.71 -20.92
N LEU JB 172 -87.59 -12.90 -20.20
CA LEU JB 172 -88.14 -12.05 -19.15
C LEU JB 172 -89.02 -10.96 -19.76
N GLU KB 1 -85.99 -36.32 -69.57
CA GLU KB 1 -87.08 -36.41 -68.61
C GLU KB 1 -88.37 -36.87 -69.28
N ASN KB 2 -88.38 -36.89 -70.61
CA ASN KB 2 -89.51 -37.41 -71.35
C ASN KB 2 -89.64 -38.91 -71.11
N GLU KB 3 -88.61 -39.66 -71.50
CA GLU KB 3 -88.50 -41.06 -71.10
C GLU KB 3 -87.97 -41.05 -69.67
N LEU KB 4 -88.86 -40.83 -68.71
CA LEU KB 4 -88.44 -40.97 -67.32
C LEU KB 4 -89.17 -42.12 -66.67
N GLY KB 5 -90.48 -41.99 -66.51
CA GLY KB 5 -91.26 -43.01 -65.85
C GLY KB 5 -91.85 -43.97 -66.87
N ALA KB 6 -91.23 -44.02 -68.04
CA ALA KB 6 -91.68 -44.80 -69.16
C ALA KB 6 -90.95 -46.13 -69.28
N GLN KB 7 -90.63 -46.76 -68.15
CA GLN KB 7 -89.94 -48.04 -68.10
C GLN KB 7 -90.83 -49.16 -68.65
N PRO KB 8 -90.25 -50.25 -69.14
CA PRO KB 8 -91.06 -51.40 -69.59
C PRO KB 8 -91.77 -52.08 -68.43
N PRO KB 9 -92.87 -52.80 -68.69
CA PRO KB 9 -93.58 -53.02 -69.95
C PRO KB 9 -94.79 -52.10 -70.11
N LEU KB 10 -94.64 -50.86 -69.67
CA LEU KB 10 -95.77 -49.94 -69.64
C LEU KB 10 -95.50 -48.73 -70.52
N GLY KB 11 -94.37 -48.08 -70.29
CA GLY KB 11 -94.06 -46.88 -71.05
C GLY KB 11 -94.91 -45.73 -70.57
N PHE KB 12 -95.50 -45.02 -71.52
CA PHE KB 12 -96.48 -44.00 -71.18
C PHE KB 12 -97.83 -44.66 -70.93
N PHE KB 13 -98.34 -44.52 -69.71
CA PHE KB 13 -99.54 -45.21 -69.28
C PHE KB 13 -100.51 -44.18 -68.69
N ASP KB 14 -101.40 -43.66 -69.54
CA ASP KB 14 -102.49 -42.79 -69.11
C ASP KB 14 -103.76 -43.31 -69.77
N PRO KB 15 -104.37 -44.35 -69.19
CA PRO KB 15 -105.50 -45.00 -69.88
C PRO KB 15 -106.78 -44.18 -69.86
N LEU KB 16 -107.00 -43.36 -68.84
CA LEU KB 16 -108.23 -42.61 -68.72
C LEU KB 16 -108.23 -41.30 -69.49
N GLY KB 17 -107.14 -40.99 -70.20
CA GLY KB 17 -107.10 -39.87 -71.12
C GLY KB 17 -107.18 -38.50 -70.49
N LEU KB 18 -107.05 -38.40 -69.17
CA LEU KB 18 -107.10 -37.12 -68.47
C LEU KB 18 -105.96 -36.22 -68.92
N VAL KB 19 -104.77 -36.80 -69.01
CA VAL KB 19 -103.56 -36.05 -69.31
C VAL KB 19 -103.24 -36.09 -70.80
N GLU KB 20 -103.70 -37.10 -71.51
CA GLU KB 20 -103.55 -37.17 -72.96
C GLU KB 20 -104.43 -36.08 -73.55
N ASP KB 21 -103.90 -34.86 -73.57
CA ASP KB 21 -104.66 -33.63 -73.73
C ASP KB 21 -104.07 -32.77 -74.83
N GLY KB 22 -102.75 -32.77 -74.93
CA GLY KB 22 -102.03 -31.85 -75.80
C GLY KB 22 -101.47 -30.66 -75.07
N ASN KB 23 -101.89 -30.42 -73.83
CA ASN KB 23 -101.22 -29.47 -72.95
C ASN KB 23 -100.16 -30.24 -72.20
N GLN KB 24 -98.92 -30.17 -72.69
CA GLN KB 24 -97.83 -30.77 -71.96
C GLN KB 24 -97.56 -30.06 -70.65
N ALA KB 25 -97.86 -28.75 -70.56
CA ALA KB 25 -97.54 -27.95 -69.38
C ALA KB 25 -98.32 -28.41 -68.15
N LYS KB 26 -99.42 -29.13 -68.35
CA LYS KB 26 -100.09 -29.76 -67.21
C LYS KB 26 -99.49 -31.13 -66.91
N PHE KB 27 -99.24 -31.95 -67.95
CA PHE KB 27 -98.45 -33.18 -67.79
C PHE KB 27 -97.08 -32.87 -67.26
N ASP KB 28 -96.57 -31.68 -67.60
CA ASP KB 28 -95.41 -31.16 -66.89
C ASP KB 28 -95.68 -31.13 -65.39
N ARG KB 29 -96.52 -30.19 -64.89
CA ARG KB 29 -96.57 -29.89 -63.45
C ARG KB 29 -96.96 -31.10 -62.60
N LEU KB 30 -97.70 -32.04 -63.22
CA LEU KB 30 -98.01 -33.31 -62.58
C LEU KB 30 -96.80 -34.22 -62.43
N ARG KB 31 -95.74 -34.03 -63.21
CA ARG KB 31 -94.52 -34.81 -62.98
C ARG KB 31 -93.81 -34.35 -61.72
N TYR KB 32 -93.86 -33.04 -61.44
CA TYR KB 32 -93.45 -32.54 -60.13
C TYR KB 32 -94.33 -33.08 -59.03
N VAL KB 33 -95.63 -33.20 -59.31
CA VAL KB 33 -96.58 -33.67 -58.33
C VAL KB 33 -96.21 -35.09 -57.90
N GLU KB 34 -95.84 -35.95 -58.87
CA GLU KB 34 -95.33 -37.29 -58.58
C GLU KB 34 -94.08 -37.28 -57.70
N LEU KB 35 -93.23 -36.27 -57.87
CA LEU KB 35 -91.99 -36.19 -57.11
C LEU KB 35 -92.28 -35.99 -55.63
N LYS KB 36 -93.05 -34.96 -55.31
CA LYS KB 36 -93.23 -34.58 -53.93
C LYS KB 36 -94.09 -35.57 -53.18
N HIS KB 37 -95.18 -36.05 -53.80
CA HIS KB 37 -95.90 -37.20 -53.25
C HIS KB 37 -94.99 -38.40 -53.10
N GLY KB 38 -94.08 -38.60 -54.05
CA GLY KB 38 -93.10 -39.66 -53.95
C GLY KB 38 -92.19 -39.49 -52.76
N ARG KB 39 -91.58 -38.31 -52.63
CA ARG KB 39 -90.62 -38.05 -51.55
C ARG KB 39 -91.28 -38.13 -50.18
N ILE KB 40 -92.51 -37.68 -50.07
CA ILE KB 40 -93.20 -37.70 -48.79
C ILE KB 40 -93.64 -39.11 -48.43
N SER KB 41 -94.08 -39.89 -49.44
CA SER KB 41 -94.52 -41.25 -49.17
C SER KB 41 -93.37 -42.15 -48.80
N MET KB 42 -92.20 -41.92 -49.39
CA MET KB 42 -91.06 -42.79 -49.17
C MET KB 42 -90.46 -42.62 -47.79
N LEU KB 43 -90.40 -41.38 -47.30
CA LEU KB 43 -89.83 -41.19 -45.98
C LEU KB 43 -90.83 -41.43 -44.87
N ALA KB 44 -92.13 -41.54 -45.20
CA ALA KB 44 -93.12 -41.82 -44.17
C ALA KB 44 -93.23 -43.31 -43.88
N VAL KB 45 -92.94 -44.15 -44.87
CA VAL KB 45 -92.96 -45.59 -44.61
C VAL KB 45 -91.70 -46.02 -43.88
N VAL KB 46 -90.54 -45.46 -44.25
CA VAL KB 46 -89.30 -45.80 -43.57
C VAL KB 46 -89.27 -45.11 -42.22
N GLY KB 47 -90.03 -44.02 -42.07
CA GLY KB 47 -90.35 -43.55 -40.74
C GLY KB 47 -91.14 -44.58 -39.97
N TYR KB 48 -92.17 -45.14 -40.60
CA TYR KB 48 -93.09 -46.05 -39.91
C TYR KB 48 -92.43 -47.38 -39.56
N LEU KB 49 -91.57 -47.88 -40.45
CA LEU KB 49 -90.91 -49.17 -40.20
C LEU KB 49 -89.93 -49.06 -39.05
N ILE KB 50 -89.29 -47.90 -38.88
CA ILE KB 50 -88.40 -47.70 -37.75
C ILE KB 50 -89.20 -47.41 -36.49
N GLU KB 51 -90.40 -46.80 -36.63
CA GLU KB 51 -91.25 -46.58 -35.47
C GLU KB 51 -91.83 -47.89 -34.94
N LYS KB 52 -92.08 -48.86 -35.81
CA LYS KB 52 -92.68 -50.12 -35.34
C LYS KB 52 -91.68 -51.00 -34.63
N ALA KB 53 -90.43 -51.02 -35.08
CA ALA KB 53 -89.43 -51.93 -34.54
C ALA KB 53 -88.95 -51.55 -33.14
N GLY KB 54 -89.47 -50.47 -32.54
CA GLY KB 54 -89.08 -50.11 -31.19
C GLY KB 54 -87.83 -49.28 -31.09
N ILE KB 55 -87.37 -48.72 -32.21
CA ILE KB 55 -86.17 -47.89 -32.22
C ILE KB 55 -86.59 -46.47 -31.85
N ARG KB 56 -86.35 -46.11 -30.59
CA ARG KB 56 -86.76 -44.83 -30.04
C ARG KB 56 -85.57 -44.15 -29.38
N LEU KB 57 -85.83 -43.04 -28.72
CA LEU KB 57 -84.80 -42.28 -28.01
C LEU KB 57 -85.25 -42.04 -26.58
N PRO KB 58 -84.33 -42.06 -25.62
CA PRO KB 58 -84.72 -41.82 -24.23
C PRO KB 58 -85.04 -40.35 -23.99
N GLY KB 59 -85.65 -40.10 -22.84
CA GLY KB 59 -86.03 -38.76 -22.44
C GLY KB 59 -87.46 -38.44 -22.80
N ASN KB 60 -87.99 -37.40 -22.15
CA ASN KB 60 -89.34 -36.94 -22.38
C ASN KB 60 -89.44 -36.16 -23.69
N ILE KB 61 -90.68 -35.84 -24.08
CA ILE KB 61 -90.92 -34.91 -25.18
C ILE KB 61 -91.18 -33.50 -24.67
N SER KB 62 -91.66 -33.34 -23.44
CA SER KB 62 -92.08 -32.05 -22.92
C SER KB 62 -92.22 -32.16 -21.41
N TYR KB 63 -92.82 -31.13 -20.81
CA TYR KB 63 -93.12 -31.09 -19.38
C TYR KB 63 -94.33 -31.96 -19.03
N ASP KB 64 -95.12 -32.38 -20.02
CA ASP KB 64 -96.17 -33.39 -19.90
C ASP KB 64 -95.68 -34.66 -19.20
N GLY KB 65 -94.44 -35.07 -19.41
CA GLY KB 65 -94.00 -36.34 -18.90
C GLY KB 65 -94.22 -37.48 -19.85
N THR KB 66 -94.41 -37.17 -21.12
CA THR KB 66 -94.56 -38.17 -22.17
C THR KB 66 -93.19 -38.48 -22.73
N THR KB 67 -92.74 -39.73 -22.60
CA THR KB 67 -91.48 -40.09 -23.24
C THR KB 67 -91.75 -40.43 -24.71
N PHE KB 68 -90.70 -40.83 -25.40
CA PHE KB 68 -90.87 -41.22 -26.80
C PHE KB 68 -91.44 -42.62 -26.88
N ALA KB 69 -91.14 -43.48 -25.89
CA ALA KB 69 -91.77 -44.79 -25.81
C ALA KB 69 -93.19 -44.70 -25.28
N ASP KB 70 -93.60 -43.56 -24.73
CA ASP KB 70 -95.00 -43.39 -24.35
C ASP KB 70 -95.90 -43.28 -25.58
N ILE KB 71 -95.47 -42.49 -26.56
CA ILE KB 71 -96.14 -42.34 -27.86
C ILE KB 71 -95.88 -43.62 -28.67
N PRO KB 72 -96.89 -44.45 -28.91
CA PRO KB 72 -96.65 -45.74 -29.55
C PRO KB 72 -96.65 -45.64 -31.07
N ASP KB 73 -96.28 -46.75 -31.71
CA ASP KB 73 -96.34 -46.85 -33.16
C ASP KB 73 -97.79 -46.81 -33.62
N GLY KB 74 -98.00 -46.23 -34.80
CA GLY KB 74 -99.26 -46.39 -35.49
C GLY KB 74 -99.82 -45.07 -35.91
N PHE KB 75 -101.16 -44.99 -35.94
CA PHE KB 75 -101.78 -43.78 -36.46
C PHE KB 75 -101.73 -42.63 -35.48
N ALA KB 76 -102.25 -42.84 -34.26
CA ALA KB 76 -102.52 -41.74 -33.33
C ALA KB 76 -101.26 -41.11 -32.76
N ALA KB 77 -100.07 -41.59 -33.15
CA ALA KB 77 -98.80 -41.01 -32.72
C ALA KB 77 -98.68 -39.54 -33.13
N LEU KB 78 -98.99 -39.22 -34.39
CA LEU KB 78 -99.01 -37.83 -34.83
C LEU KB 78 -100.17 -37.07 -34.20
N SER KB 79 -101.26 -37.76 -33.90
CA SER KB 79 -102.41 -37.11 -33.29
C SER KB 79 -102.15 -36.75 -31.84
N LYS KB 80 -101.31 -37.52 -31.14
CA LYS KB 80 -101.08 -37.32 -29.72
C LYS KB 80 -99.86 -36.45 -29.42
N ILE KB 81 -99.22 -35.91 -30.44
CA ILE KB 81 -98.18 -34.88 -30.27
C ILE KB 81 -98.83 -33.65 -29.67
N PRO KB 82 -98.22 -32.98 -28.67
CA PRO KB 82 -98.83 -31.77 -28.12
C PRO KB 82 -98.87 -30.65 -29.13
N ASP KB 83 -99.66 -29.63 -28.80
CA ASP KB 83 -99.97 -28.59 -29.77
C ASP KB 83 -98.75 -27.72 -30.07
N ALA KB 84 -98.06 -27.27 -29.03
CA ALA KB 84 -96.93 -26.35 -29.18
C ALA KB 84 -95.76 -27.02 -29.93
N GLY KB 85 -95.66 -28.34 -29.84
CA GLY KB 85 -94.73 -29.05 -30.71
C GLY KB 85 -95.15 -29.01 -32.16
N LEU KB 86 -96.46 -29.06 -32.44
CA LEU KB 86 -96.93 -29.04 -33.81
C LEU KB 86 -96.78 -27.66 -34.44
N PHE KB 87 -96.95 -26.60 -33.65
CA PHE KB 87 -96.69 -25.25 -34.15
C PHE KB 87 -95.22 -25.06 -34.48
N GLN KB 88 -94.33 -25.70 -33.71
CA GLN KB 88 -92.90 -25.68 -33.99
C GLN KB 88 -92.51 -26.61 -35.14
N LEU KB 89 -93.39 -27.53 -35.51
CA LEU KB 89 -93.19 -28.25 -36.77
C LEU KB 89 -93.37 -27.33 -37.96
N PHE KB 90 -94.57 -26.76 -38.09
CA PHE KB 90 -94.90 -25.89 -39.22
C PHE KB 90 -94.15 -24.55 -39.17
N ALA KB 91 -93.61 -24.19 -38.01
CA ALA KB 91 -92.63 -23.10 -37.98
C ALA KB 91 -91.38 -23.48 -38.76
N PHE KB 92 -90.87 -24.69 -38.54
CA PHE KB 92 -89.67 -25.10 -39.26
C PHE KB 92 -90.01 -25.73 -40.60
N ILE KB 93 -90.98 -26.64 -40.63
CA ILE KB 93 -91.30 -27.35 -41.87
C ILE KB 93 -91.87 -26.39 -42.89
N GLY KB 94 -92.79 -25.51 -42.49
CA GLY KB 94 -93.37 -24.56 -43.42
C GLY KB 94 -92.38 -23.53 -43.93
N PHE KB 95 -91.46 -23.10 -43.09
CA PHE KB 95 -90.33 -22.29 -43.53
C PHE KB 95 -89.45 -23.08 -44.50
N LEU KB 96 -89.24 -24.37 -44.20
CA LEU KB 96 -88.57 -25.27 -45.13
C LEU KB 96 -89.44 -25.59 -46.33
N GLU KB 97 -90.75 -25.44 -46.23
CA GLU KB 97 -91.61 -25.92 -47.29
C GLU KB 97 -91.84 -24.89 -48.38
N VAL KB 98 -92.40 -23.75 -48.00
CA VAL KB 98 -92.97 -22.88 -49.01
C VAL KB 98 -91.88 -22.07 -49.72
N PHE KB 99 -90.90 -21.54 -49.01
CA PHE KB 99 -90.00 -20.59 -49.67
C PHE KB 99 -88.53 -20.99 -49.54
N VAL KB 100 -88.12 -21.32 -48.34
CA VAL KB 100 -86.71 -21.45 -47.99
C VAL KB 100 -86.31 -22.92 -48.05
N MET KB 101 -85.07 -23.15 -48.49
CA MET KB 101 -84.29 -24.39 -48.43
C MET KB 101 -84.72 -25.46 -49.42
N LYS KB 102 -85.90 -25.29 -50.03
CA LYS KB 102 -86.45 -26.37 -50.84
C LYS KB 102 -87.18 -25.93 -52.10
N ASP KB 103 -87.46 -24.63 -52.29
CA ASP KB 103 -87.85 -24.06 -53.60
C ASP KB 103 -89.16 -24.69 -54.12
N ILE KB 104 -90.02 -25.15 -53.20
CA ILE KB 104 -91.13 -26.02 -53.58
C ILE KB 104 -92.23 -25.24 -54.30
N THR KB 105 -92.38 -23.95 -53.99
CA THR KB 105 -93.20 -23.09 -54.85
C THR KB 105 -92.49 -22.88 -56.17
N GLY KB 106 -92.97 -23.54 -57.20
CA GLY KB 106 -92.46 -23.39 -58.53
C GLY KB 106 -93.40 -24.17 -59.42
N GLY KB 107 -93.18 -24.09 -60.73
CA GLY KB 107 -93.91 -24.99 -61.61
C GLY KB 107 -93.50 -26.43 -61.36
N GLU KB 108 -92.21 -26.72 -61.50
CA GLU KB 108 -91.66 -28.06 -61.64
C GLU KB 108 -90.15 -27.96 -61.79
N PHE KB 109 -89.48 -29.12 -61.77
CA PHE KB 109 -88.07 -29.32 -62.12
C PHE KB 109 -87.22 -28.50 -61.16
N VAL KB 110 -87.60 -28.63 -59.90
CA VAL KB 110 -87.13 -27.71 -58.88
C VAL KB 110 -85.67 -27.99 -58.55
N GLY KB 111 -85.33 -29.26 -58.31
CA GLY KB 111 -83.96 -29.70 -58.35
C GLY KB 111 -83.10 -29.31 -57.17
N ASP KB 112 -83.52 -28.33 -56.36
CA ASP KB 112 -83.19 -28.17 -54.94
C ASP KB 112 -81.71 -27.96 -54.64
N PHE KB 113 -80.87 -27.91 -55.67
CA PHE KB 113 -79.46 -27.57 -55.60
C PHE KB 113 -78.69 -28.53 -54.69
N ARG KB 114 -79.04 -29.82 -54.79
CA ARG KB 114 -78.53 -30.86 -53.88
C ARG KB 114 -78.28 -32.15 -54.65
N ASN KB 115 -77.35 -32.97 -54.14
CA ASN KB 115 -77.05 -34.28 -54.71
C ASN KB 115 -77.11 -35.35 -53.63
N GLY KB 116 -77.36 -36.59 -54.05
CA GLY KB 116 -77.49 -37.67 -53.11
C GLY KB 116 -76.20 -38.18 -52.50
N PHE KB 117 -75.36 -38.78 -53.35
CA PHE KB 117 -74.18 -39.52 -52.95
C PHE KB 117 -72.96 -38.82 -53.33
N ILE KB 118 -72.84 -37.60 -52.94
CA ILE KB 118 -72.25 -36.53 -53.69
C ILE KB 118 -71.86 -36.63 -55.20
N ASP KB 119 -71.86 -37.80 -55.84
CA ASP KB 119 -71.35 -37.95 -57.20
C ASP KB 119 -72.23 -37.88 -58.47
N PHE KB 120 -73.56 -37.68 -58.41
CA PHE KB 120 -74.40 -38.23 -59.49
C PHE KB 120 -75.30 -37.23 -60.22
N GLY KB 121 -74.77 -36.13 -60.72
CA GLY KB 121 -75.45 -35.50 -61.83
C GLY KB 121 -74.80 -35.90 -63.14
N TRP KB 122 -74.86 -35.03 -64.14
CA TRP KB 122 -74.31 -35.27 -65.48
C TRP KB 122 -72.78 -35.23 -65.43
N ASP KB 123 -72.12 -35.18 -66.61
CA ASP KB 123 -70.67 -35.19 -66.87
C ASP KB 123 -69.93 -36.49 -66.65
N SER KB 124 -70.52 -37.36 -65.86
CA SER KB 124 -69.91 -38.65 -65.66
C SER KB 124 -70.81 -39.66 -66.35
N PHE KB 125 -72.11 -39.43 -66.30
CA PHE KB 125 -73.09 -40.34 -66.88
C PHE KB 125 -74.26 -39.50 -67.38
N ASP KB 126 -74.27 -39.23 -68.69
CA ASP KB 126 -75.42 -38.58 -69.29
C ASP KB 126 -76.52 -39.58 -69.60
N GLU KB 127 -76.17 -40.86 -69.73
CA GLU KB 127 -77.15 -41.91 -69.97
C GLU KB 127 -77.77 -42.40 -68.66
N GLU KB 128 -77.03 -42.39 -67.57
CA GLU KB 128 -77.38 -43.26 -66.44
C GLU KB 128 -78.12 -42.54 -65.31
N THR KB 129 -77.52 -41.48 -64.75
CA THR KB 129 -78.23 -40.73 -63.72
C THR KB 129 -79.30 -39.84 -64.31
N LYS KB 130 -79.23 -39.55 -65.60
CA LYS KB 130 -80.32 -38.93 -66.31
C LYS KB 130 -81.16 -40.04 -66.93
N LEU KB 131 -82.48 -39.89 -66.86
CA LEU KB 131 -83.50 -40.69 -67.54
C LEU KB 131 -83.64 -42.12 -67.02
N LYS KB 132 -82.75 -42.57 -66.13
CA LYS KB 132 -82.90 -43.89 -65.51
C LYS KB 132 -82.97 -43.81 -63.99
N LYS KB 133 -81.96 -43.25 -63.33
CA LYS KB 133 -81.98 -43.20 -61.88
C LYS KB 133 -82.73 -42.00 -61.35
N ARG KB 134 -83.00 -41.04 -62.22
CA ARG KB 134 -83.99 -40.01 -61.96
C ARG KB 134 -85.40 -40.60 -61.89
N ALA KB 135 -85.59 -41.82 -62.42
CA ALA KB 135 -86.83 -42.56 -62.32
C ALA KB 135 -86.87 -43.61 -61.22
N ILE KB 136 -85.73 -43.91 -60.57
CA ILE KB 136 -85.77 -44.83 -59.43
C ILE KB 136 -86.60 -44.24 -58.31
N GLU KB 137 -86.30 -42.99 -57.95
CA GLU KB 137 -87.04 -42.28 -56.90
C GLU KB 137 -88.50 -42.08 -57.27
N LEU KB 138 -88.78 -41.90 -58.56
CA LEU KB 138 -90.15 -41.71 -59.02
C LEU KB 138 -90.98 -42.97 -58.78
N ASN KB 139 -90.55 -44.10 -59.35
CA ASN KB 139 -91.32 -45.33 -59.23
C ASN KB 139 -91.27 -45.89 -57.82
N GLN KB 140 -90.24 -45.55 -57.06
CA GLN KB 140 -90.24 -45.93 -55.66
C GLN KB 140 -91.29 -45.13 -54.89
N GLY KB 141 -91.50 -43.87 -55.28
CA GLY KB 141 -92.64 -43.15 -54.78
C GLY KB 141 -93.95 -43.81 -55.13
N ARG KB 142 -94.04 -44.36 -56.35
CA ARG KB 142 -95.24 -45.08 -56.76
C ARG KB 142 -95.45 -46.36 -55.96
N ALA KB 143 -94.36 -46.93 -55.43
CA ALA KB 143 -94.51 -48.04 -54.51
C ALA KB 143 -94.88 -47.58 -53.12
N ALA KB 144 -94.33 -46.44 -52.66
CA ALA KB 144 -94.54 -46.04 -51.28
C ALA KB 144 -95.85 -45.28 -51.09
N MET KB 145 -96.36 -44.65 -52.14
CA MET KB 145 -97.70 -44.06 -52.08
C MET KB 145 -98.75 -45.15 -51.88
N MET KB 146 -98.52 -46.31 -52.51
CA MET KB 146 -99.32 -47.49 -52.24
C MET KB 146 -99.03 -48.08 -50.87
N GLY KB 147 -97.88 -47.76 -50.27
CA GLY KB 147 -97.58 -48.25 -48.94
C GLY KB 147 -98.31 -47.52 -47.83
N ILE KB 148 -98.81 -46.32 -48.10
CA ILE KB 148 -99.53 -45.55 -47.08
C ILE KB 148 -101.04 -45.66 -47.24
N LEU KB 149 -101.54 -45.81 -48.47
CA LEU KB 149 -102.90 -46.30 -48.68
C LEU KB 149 -103.11 -47.63 -48.00
N ALA KB 150 -102.10 -48.49 -48.09
CA ALA KB 150 -102.00 -49.64 -47.21
C ALA KB 150 -102.07 -49.22 -45.75
N LEU KB 151 -101.05 -48.47 -45.30
CA LEU KB 151 -100.78 -48.21 -43.88
C LEU KB 151 -101.96 -47.59 -43.16
N MET KB 152 -102.71 -46.76 -43.87
CA MET KB 152 -103.90 -46.15 -43.29
C MET KB 152 -105.01 -47.19 -43.14
N VAL KB 153 -105.21 -48.03 -44.15
CA VAL KB 153 -106.29 -49.02 -44.12
C VAL KB 153 -105.90 -50.25 -43.27
N HIS KB 154 -104.60 -50.56 -43.18
CA HIS KB 154 -104.14 -51.58 -42.21
C HIS KB 154 -104.41 -51.13 -40.78
N GLU KB 155 -104.42 -49.82 -40.54
CA GLU KB 155 -104.67 -49.30 -39.20
C GLU KB 155 -106.08 -48.78 -39.01
N LYS KB 156 -106.87 -48.69 -40.08
CA LYS KB 156 -108.26 -48.32 -39.93
C LYS KB 156 -109.13 -49.52 -39.61
N LEU KB 157 -108.94 -50.65 -40.30
CA LEU KB 157 -109.31 -51.94 -39.74
C LEU KB 157 -108.36 -52.19 -38.57
N ILE KB 158 -108.94 -52.57 -37.45
CA ILE KB 158 -108.54 -52.19 -36.08
C ILE KB 158 -107.05 -52.11 -35.75
N PRO KB 159 -106.20 -53.14 -35.92
CA PRO KB 159 -104.90 -53.12 -35.21
C PRO KB 159 -103.89 -52.09 -35.71
N LEU KB 160 -103.02 -51.67 -34.79
CA LEU KB 160 -101.72 -51.14 -35.15
C LEU KB 160 -100.95 -52.21 -35.91
N GLY KB 161 -99.97 -51.81 -36.70
CA GLY KB 161 -99.30 -52.75 -37.58
C GLY KB 161 -98.52 -53.86 -36.86
N TYR KB 162 -98.06 -53.53 -35.66
CA TYR KB 162 -97.43 -54.52 -34.79
C TYR KB 162 -98.46 -55.52 -34.27
N ASP KB 163 -99.61 -55.02 -33.81
CA ASP KB 163 -100.85 -55.77 -33.58
C ASP KB 163 -101.42 -56.32 -34.88
N ALA KB 164 -101.03 -55.81 -36.05
CA ALA KB 164 -101.46 -56.53 -37.25
C ALA KB 164 -100.61 -57.78 -37.47
N ASP KB 165 -99.43 -57.84 -36.85
CA ASP KB 165 -98.52 -58.96 -37.08
C ASP KB 165 -98.63 -60.03 -36.00
N LEU KB 166 -98.93 -59.65 -34.75
CA LEU KB 166 -98.89 -60.65 -33.68
C LEU KB 166 -100.15 -61.52 -33.65
N PRO KB 167 -101.42 -60.99 -33.72
CA PRO KB 167 -102.53 -61.85 -34.15
C PRO KB 167 -102.65 -61.96 -35.67
N ILE KB 168 -103.82 -62.48 -36.09
CA ILE KB 168 -104.11 -62.91 -37.46
C ILE KB 168 -103.76 -61.83 -38.49
N ILE KB 169 -103.13 -62.25 -39.57
CA ILE KB 169 -102.77 -61.37 -40.67
C ILE KB 169 -103.67 -61.59 -41.89
N GLY KB 170 -104.29 -62.77 -42.01
CA GLY KB 170 -105.06 -63.10 -43.20
C GLY KB 170 -106.35 -62.33 -43.29
N HIS KB 171 -106.78 -62.11 -44.53
CA HIS KB 171 -107.95 -61.28 -44.82
C HIS KB 171 -109.23 -61.98 -44.39
N LEU KB 172 -110.25 -61.17 -44.08
CA LEU KB 172 -111.55 -61.70 -43.70
C LEU KB 172 -112.22 -62.35 -44.91
N GLU LB 1 -64.91 -57.91 -74.93
CA GLU LB 1 -65.68 -58.36 -73.79
C GLU LB 1 -65.43 -59.85 -73.58
N ASN LB 2 -64.85 -60.47 -74.61
CA ASN LB 2 -64.44 -61.86 -74.51
C ASN LB 2 -63.09 -62.01 -73.85
N GLU LB 3 -62.33 -60.92 -73.73
CA GLU LB 3 -60.98 -60.91 -73.15
C GLU LB 3 -61.00 -60.80 -71.64
N LEU LB 4 -62.13 -61.06 -71.02
CA LEU LB 4 -62.36 -60.66 -69.64
C LEU LB 4 -61.94 -61.77 -68.69
N GLY LB 5 -61.06 -61.46 -67.75
CA GLY LB 5 -60.42 -62.48 -66.97
C GLY LB 5 -59.26 -63.12 -67.69
N ALA LB 6 -58.55 -62.37 -68.54
CA ALA LB 6 -57.33 -62.81 -69.19
C ALA LB 6 -56.09 -62.35 -68.45
N GLN LB 7 -56.13 -62.38 -67.11
CA GLN LB 7 -55.05 -61.83 -66.31
C GLN LB 7 -53.82 -62.73 -66.35
N PRO LB 8 -52.65 -62.17 -66.05
CA PRO LB 8 -51.44 -62.98 -65.90
C PRO LB 8 -51.51 -63.87 -64.67
N PRO LB 9 -50.69 -64.93 -64.59
CA PRO LB 9 -49.77 -65.49 -65.62
C PRO LB 9 -50.46 -66.51 -66.52
N LEU LB 10 -51.74 -66.29 -66.79
CA LEU LB 10 -52.56 -67.29 -67.48
C LEU LB 10 -53.13 -66.76 -68.78
N GLY LB 11 -53.83 -65.62 -68.72
CA GLY LB 11 -54.43 -65.07 -69.92
C GLY LB 11 -55.64 -65.87 -70.34
N PHE LB 12 -55.66 -66.30 -71.60
CA PHE LB 12 -56.65 -67.27 -72.06
C PHE LB 12 -56.18 -68.66 -71.67
N PHE LB 13 -57.01 -69.38 -70.90
CA PHE LB 13 -56.67 -70.72 -70.43
C PHE LB 13 -57.82 -71.66 -70.72
N ASP LB 14 -57.73 -72.41 -71.80
CA ASP LB 14 -58.67 -73.50 -72.10
C ASP LB 14 -57.87 -74.66 -72.67
N PRO LB 15 -57.29 -75.50 -71.80
CA PRO LB 15 -56.40 -76.56 -72.30
C PRO LB 15 -57.14 -77.73 -72.92
N LEU LB 16 -58.37 -78.00 -72.51
CA LEU LB 16 -59.10 -79.17 -72.98
C LEU LB 16 -59.83 -78.93 -74.29
N GLY LB 17 -59.78 -77.72 -74.83
CA GLY LB 17 -60.25 -77.44 -76.18
C GLY LB 17 -61.74 -77.58 -76.40
N LEU LB 18 -62.52 -77.68 -75.32
CA LEU LB 18 -63.97 -77.64 -75.40
C LEU LB 18 -64.44 -76.34 -76.03
N VAL LB 19 -63.82 -75.24 -75.60
CA VAL LB 19 -64.24 -73.92 -75.99
C VAL LB 19 -63.44 -73.39 -77.18
N GLU LB 20 -62.21 -73.86 -77.36
CA GLU LB 20 -61.39 -73.47 -78.51
C GLU LB 20 -62.02 -74.11 -79.73
N ASP LB 21 -63.02 -73.42 -80.29
CA ASP LB 21 -64.00 -74.01 -81.19
C ASP LB 21 -64.16 -73.22 -82.47
N GLY LB 22 -64.05 -71.90 -82.38
CA GLY LB 22 -64.39 -71.02 -83.48
C GLY LB 22 -65.79 -70.44 -83.36
N ASN LB 23 -66.65 -71.05 -82.55
CA ASN LB 23 -67.91 -70.45 -82.17
C ASN LB 23 -67.62 -69.62 -80.93
N GLN LB 24 -67.47 -68.32 -81.12
CA GLN LB 24 -67.44 -67.43 -79.96
C GLN LB 24 -68.76 -67.40 -79.25
N ALA LB 25 -69.90 -67.63 -79.95
CA ALA LB 25 -71.22 -67.46 -79.35
C ALA LB 25 -71.51 -68.50 -78.27
N LYS LB 26 -70.71 -69.57 -78.20
CA LYS LB 26 -70.79 -70.46 -77.04
C LYS LB 26 -69.90 -69.97 -75.90
N PHE LB 27 -68.63 -69.62 -76.21
CA PHE LB 27 -67.74 -68.92 -75.27
C PHE LB 27 -68.35 -67.61 -74.81
N ASP LB 28 -69.18 -67.02 -75.66
CA ASP LB 28 -70.00 -65.90 -75.26
C ASP LB 28 -70.89 -66.25 -74.07
N ARG LB 29 -71.83 -67.19 -74.24
CA ARG LB 29 -72.83 -67.48 -73.20
C ARG LB 29 -72.17 -68.02 -71.93
N LEU LB 30 -71.09 -68.78 -72.09
CA LEU LB 30 -70.34 -69.32 -70.95
C LEU LB 30 -69.68 -68.23 -70.10
N ARG LB 31 -69.44 -67.04 -70.66
CA ARG LB 31 -68.90 -65.95 -69.86
C ARG LB 31 -69.96 -65.39 -68.91
N TYR LB 32 -71.20 -65.28 -69.38
CA TYR LB 32 -72.31 -64.96 -68.48
C TYR LB 32 -72.57 -66.08 -67.51
N VAL LB 33 -72.26 -67.31 -67.92
CA VAL LB 33 -72.41 -68.46 -67.03
C VAL LB 33 -71.46 -68.32 -65.85
N GLU LB 34 -70.18 -67.97 -66.11
CA GLU LB 34 -69.20 -67.68 -65.06
C GLU LB 34 -69.65 -66.58 -64.10
N LEU LB 35 -70.40 -65.61 -64.61
CA LEU LB 35 -70.92 -64.53 -63.78
C LEU LB 35 -71.82 -65.06 -62.68
N LYS LB 36 -72.88 -65.76 -63.08
CA LYS LB 36 -73.90 -66.19 -62.12
C LYS LB 36 -73.37 -67.26 -61.17
N HIS LB 37 -72.51 -68.17 -61.66
CA HIS LB 37 -71.84 -69.11 -60.76
C HIS LB 37 -70.94 -68.37 -59.78
N GLY LB 38 -70.28 -67.31 -60.24
CA GLY LB 38 -69.52 -66.48 -59.35
C GLY LB 38 -70.40 -65.79 -58.33
N ARG LB 39 -71.50 -65.19 -58.79
CA ARG LB 39 -72.34 -64.35 -57.95
C ARG LB 39 -73.01 -65.15 -56.84
N ILE LB 40 -73.38 -66.41 -57.13
CA ILE LB 40 -74.02 -67.22 -56.11
C ILE LB 40 -72.99 -67.80 -55.15
N SER LB 41 -71.82 -68.20 -55.66
CA SER LB 41 -70.79 -68.78 -54.81
C SER LB 41 -70.22 -67.76 -53.85
N MET LB 42 -70.17 -66.50 -54.25
CA MET LB 42 -69.54 -65.47 -53.43
C MET LB 42 -70.42 -65.06 -52.26
N LEU LB 43 -71.73 -64.92 -52.48
CA LEU LB 43 -72.57 -64.58 -51.35
C LEU LB 43 -72.96 -65.81 -50.53
N ALA LB 44 -72.59 -67.00 -50.98
CA ALA LB 44 -72.84 -68.16 -50.14
C ALA LB 44 -71.71 -68.40 -49.16
N VAL LB 45 -70.47 -68.11 -49.56
CA VAL LB 45 -69.35 -68.32 -48.65
C VAL LB 45 -69.33 -67.25 -47.56
N VAL LB 46 -69.74 -66.02 -47.88
CA VAL LB 46 -69.84 -65.00 -46.85
C VAL LB 46 -71.07 -65.24 -46.00
N GLY LB 47 -72.10 -65.87 -46.59
CA GLY LB 47 -73.21 -66.33 -45.77
C GLY LB 47 -72.78 -67.40 -44.80
N TYR LB 48 -71.90 -68.30 -45.24
CA TYR LB 48 -71.48 -69.42 -44.41
C TYR LB 48 -70.55 -68.98 -43.29
N LEU LB 49 -69.71 -67.99 -43.53
CA LEU LB 49 -68.81 -67.51 -42.48
C LEU LB 49 -69.57 -66.76 -41.41
N ILE LB 50 -70.61 -66.02 -41.80
CA ILE LB 50 -71.40 -65.27 -40.82
C ILE LB 50 -72.32 -66.22 -40.06
N GLU LB 51 -72.80 -67.29 -40.71
CA GLU LB 51 -73.59 -68.30 -40.00
C GLU LB 51 -72.74 -69.08 -39.00
N LYS LB 52 -71.46 -69.29 -39.33
CA LYS LB 52 -70.58 -70.03 -38.42
C LYS LB 52 -70.13 -69.17 -37.24
N ALA LB 53 -70.03 -67.85 -37.43
CA ALA LB 53 -69.61 -66.97 -36.34
C ALA LB 53 -70.67 -66.78 -35.27
N GLY LB 54 -71.86 -67.34 -35.42
CA GLY LB 54 -72.88 -67.17 -34.41
C GLY LB 54 -73.63 -65.87 -34.50
N ILE LB 55 -73.48 -65.14 -35.59
CA ILE LB 55 -74.24 -63.91 -35.81
C ILE LB 55 -75.63 -64.31 -36.29
N ARG LB 56 -76.60 -64.26 -35.38
CA ARG LB 56 -77.96 -64.66 -35.67
C ARG LB 56 -78.90 -63.56 -35.19
N LEU LB 57 -80.19 -63.73 -35.47
CA LEU LB 57 -81.20 -62.79 -35.03
C LEU LB 57 -82.12 -63.47 -34.02
N PRO LB 58 -82.61 -62.74 -33.01
CA PRO LB 58 -83.51 -63.34 -32.03
C PRO LB 58 -84.89 -63.61 -32.62
N GLY LB 59 -85.63 -64.47 -31.93
CA GLY LB 59 -87.00 -64.77 -32.30
C GLY LB 59 -87.12 -66.09 -33.06
N ASN LB 60 -88.36 -66.56 -33.19
CA ASN LB 60 -88.65 -67.79 -33.90
C ASN LB 60 -88.63 -67.54 -35.41
N ILE LB 61 -88.63 -68.63 -36.17
CA ILE LB 61 -88.87 -68.56 -37.61
C ILE LB 61 -90.36 -68.71 -37.94
N SER LB 62 -91.13 -69.36 -37.09
CA SER LB 62 -92.48 -69.79 -37.42
C SER LB 62 -93.20 -70.20 -36.15
N TYR LB 63 -94.37 -70.82 -36.31
CA TYR LB 63 -95.17 -71.37 -35.23
C TYR LB 63 -94.66 -72.73 -34.75
N ASP LB 64 -93.76 -73.36 -35.50
CA ASP LB 64 -93.01 -74.54 -35.07
C ASP LB 64 -92.26 -74.32 -33.76
N GLY LB 65 -91.83 -73.09 -33.48
CA GLY LB 65 -91.03 -72.84 -32.30
C GLY LB 65 -89.55 -72.93 -32.56
N THR LB 66 -89.16 -73.01 -33.83
CA THR LB 66 -87.75 -73.03 -34.21
C THR LB 66 -87.22 -71.60 -34.21
N THR LB 67 -86.22 -71.32 -33.38
CA THR LB 67 -85.56 -70.02 -33.48
C THR LB 67 -84.51 -70.08 -34.58
N PHE LB 68 -83.81 -68.96 -34.76
CA PHE LB 68 -82.73 -68.94 -35.74
C PHE LB 68 -81.50 -69.66 -35.19
N ALA LB 69 -81.31 -69.62 -33.87
CA ALA LB 69 -80.24 -70.37 -33.24
C ALA LB 69 -80.58 -71.85 -33.11
N ASP LB 70 -81.85 -72.22 -33.25
CA ASP LB 70 -82.20 -73.63 -33.31
C ASP LB 70 -81.64 -74.27 -34.57
N ILE LB 71 -81.71 -73.55 -35.70
CA ILE LB 71 -81.13 -73.97 -36.96
C ILE LB 71 -79.63 -73.75 -36.89
N PRO LB 72 -78.81 -74.80 -36.90
CA PRO LB 72 -77.37 -74.62 -36.70
C PRO LB 72 -76.65 -74.36 -38.01
N ASP LB 73 -75.37 -74.03 -37.88
CA ASP LB 73 -74.46 -73.90 -39.02
C ASP LB 73 -74.25 -75.28 -39.63
N GLY LB 74 -73.88 -75.31 -40.90
CA GLY LB 74 -73.49 -76.55 -41.53
C GLY LB 74 -74.31 -76.78 -42.78
N PHE LB 75 -74.46 -78.06 -43.14
CA PHE LB 75 -75.19 -78.40 -44.36
C PHE LB 75 -76.69 -78.37 -44.15
N ALA LB 76 -77.17 -79.00 -43.07
CA ALA LB 76 -78.59 -79.33 -42.95
C ALA LB 76 -79.47 -78.13 -42.66
N ALA LB 77 -78.90 -76.93 -42.54
CA ALA LB 77 -79.65 -75.71 -42.25
C ALA LB 77 -80.69 -75.41 -43.33
N LEU LB 78 -80.26 -75.37 -44.59
CA LEU LB 78 -81.22 -75.21 -45.68
C LEU LB 78 -82.11 -76.44 -45.80
N SER LB 79 -81.59 -77.61 -45.44
CA SER LB 79 -82.38 -78.84 -45.49
C SER LB 79 -83.48 -78.86 -44.45
N LYS LB 80 -83.29 -78.18 -43.31
CA LYS LB 80 -84.25 -78.22 -42.21
C LYS LB 80 -85.20 -77.02 -42.17
N ILE LB 81 -85.10 -76.11 -43.14
CA ILE LB 81 -86.07 -75.02 -43.29
C ILE LB 81 -87.44 -75.62 -43.61
N PRO LB 82 -88.53 -75.16 -42.99
CA PRO LB 82 -89.83 -75.75 -43.27
C PRO LB 82 -90.28 -75.48 -44.69
N ASP LB 83 -91.24 -76.28 -45.14
CA ASP LB 83 -91.65 -76.29 -46.54
C ASP LB 83 -92.25 -74.95 -46.94
N ALA LB 84 -93.17 -74.41 -46.11
CA ALA LB 84 -93.88 -73.18 -46.44
C ALA LB 84 -92.94 -71.99 -46.56
N GLY LB 85 -91.83 -72.02 -45.83
CA GLY LB 85 -90.78 -71.04 -46.07
C GLY LB 85 -90.12 -71.21 -47.42
N LEU LB 86 -89.88 -72.45 -47.84
CA LEU LB 86 -89.18 -72.72 -49.10
C LEU LB 86 -90.04 -72.33 -50.29
N PHE LB 87 -91.36 -72.46 -50.19
CA PHE LB 87 -92.24 -72.00 -51.26
C PHE LB 87 -92.26 -70.48 -51.33
N GLN LB 88 -92.11 -69.80 -50.18
CA GLN LB 88 -92.08 -68.34 -50.18
C GLN LB 88 -90.72 -67.81 -50.60
N LEU LB 89 -89.68 -68.64 -50.54
CA LEU LB 89 -88.40 -68.31 -51.16
C LEU LB 89 -88.55 -68.24 -52.67
N PHE LB 90 -88.94 -69.36 -53.28
CA PHE LB 90 -89.07 -69.47 -54.73
C PHE LB 90 -90.21 -68.63 -55.28
N ALA LB 91 -91.12 -68.15 -54.41
CA ALA LB 91 -92.05 -67.11 -54.82
C ALA LB 91 -91.32 -65.81 -55.13
N PHE LB 92 -90.42 -65.39 -54.23
CA PHE LB 92 -89.73 -64.12 -54.44
C PHE LB 92 -88.41 -64.31 -55.18
N ILE LB 93 -87.64 -65.34 -54.82
CA ILE LB 93 -86.38 -65.59 -55.51
C ILE LB 93 -86.65 -65.94 -56.96
N GLY LB 94 -87.63 -66.80 -57.21
CA GLY LB 94 -88.00 -67.15 -58.57
C GLY LB 94 -88.52 -65.97 -59.37
N PHE LB 95 -89.28 -65.08 -58.72
CA PHE LB 95 -89.74 -63.87 -59.39
C PHE LB 95 -88.57 -62.94 -59.69
N LEU LB 96 -87.62 -62.84 -58.76
CA LEU LB 96 -86.41 -62.06 -59.01
C LEU LB 96 -85.50 -62.73 -60.03
N GLU LB 97 -85.62 -64.03 -60.24
CA GLU LB 97 -84.64 -64.77 -61.05
C GLU LB 97 -85.03 -64.88 -62.51
N VAL LB 98 -86.13 -65.58 -62.80
CA VAL LB 98 -86.52 -65.80 -64.18
C VAL LB 98 -87.06 -64.52 -64.79
N PHE LB 99 -87.60 -63.64 -63.97
CA PHE LB 99 -88.17 -62.42 -64.49
C PHE LB 99 -87.15 -61.30 -64.43
N VAL LB 100 -87.66 -60.08 -64.37
CA VAL LB 100 -87.10 -58.93 -65.05
C VAL LB 100 -86.11 -58.19 -64.15
N MET LB 101 -86.22 -58.40 -62.83
CA MET LB 101 -85.61 -57.57 -61.80
C MET LB 101 -84.10 -57.56 -61.92
N LYS LB 102 -83.58 -58.73 -62.30
CA LYS LB 102 -82.21 -58.85 -62.74
C LYS LB 102 -82.09 -59.39 -64.15
N ASP LB 103 -83.21 -59.56 -64.88
CA ASP LB 103 -83.19 -59.72 -66.35
C ASP LB 103 -82.39 -60.97 -66.76
N ILE LB 104 -82.40 -61.99 -65.88
CA ILE LB 104 -81.38 -63.04 -65.92
C ILE LB 104 -81.58 -63.96 -67.11
N THR LB 105 -82.83 -64.20 -67.48
CA THR LB 105 -83.12 -64.90 -68.73
C THR LB 105 -82.66 -64.04 -69.89
N GLY LB 106 -81.63 -64.52 -70.55
CA GLY LB 106 -81.09 -63.84 -71.69
C GLY LB 106 -80.01 -64.75 -72.24
N GLY LB 107 -79.44 -64.32 -73.35
CA GLY LB 107 -78.28 -65.00 -73.84
C GLY LB 107 -77.17 -64.79 -72.84
N GLU LB 108 -77.02 -63.53 -72.41
CA GLU LB 108 -75.72 -63.10 -72.00
C GLU LB 108 -75.72 -61.65 -71.56
N PHE LB 109 -74.76 -61.31 -70.69
CA PHE LB 109 -74.22 -59.95 -70.52
C PHE LB 109 -75.30 -58.94 -70.15
N VAL LB 110 -75.91 -59.21 -69.00
CA VAL LB 110 -77.22 -58.66 -68.73
C VAL LB 110 -77.11 -57.24 -68.19
N GLY LB 111 -76.18 -57.01 -67.26
CA GLY LB 111 -75.82 -55.66 -66.86
C GLY LB 111 -76.76 -54.99 -65.86
N ASP LB 112 -78.02 -55.43 -65.79
CA ASP LB 112 -78.88 -55.35 -64.61
C ASP LB 112 -79.34 -53.94 -64.23
N PHE LB 113 -78.83 -52.92 -64.93
CA PHE LB 113 -79.09 -51.49 -64.66
C PHE LB 113 -78.69 -51.13 -63.23
N ARG LB 114 -77.50 -51.60 -62.84
CA ARG LB 114 -77.10 -51.63 -61.45
C ARG LB 114 -75.61 -51.38 -61.30
N ASN LB 115 -75.21 -50.87 -60.13
CA ASN LB 115 -73.83 -50.46 -59.88
C ASN LB 115 -73.49 -50.53 -58.39
N GLY LB 116 -72.21 -50.34 -58.09
CA GLY LB 116 -71.58 -50.64 -56.80
C GLY LB 116 -71.60 -49.63 -55.68
N PHE LB 117 -71.02 -48.45 -55.88
CA PHE LB 117 -71.22 -47.30 -54.99
C PHE LB 117 -71.97 -46.19 -55.70
N ILE LB 118 -73.07 -46.45 -56.40
CA ILE LB 118 -73.25 -46.44 -57.87
C ILE LB 118 -72.13 -45.94 -58.83
N ASP LB 119 -71.11 -45.26 -58.33
CA ASP LB 119 -69.98 -44.59 -58.98
C ASP LB 119 -69.52 -45.13 -60.33
N PHE LB 120 -69.42 -46.45 -60.53
CA PHE LB 120 -68.71 -46.99 -61.70
C PHE LB 120 -69.63 -47.53 -62.77
N GLY LB 121 -69.76 -46.80 -63.87
CA GLY LB 121 -69.87 -47.45 -65.14
C GLY LB 121 -68.65 -47.29 -66.01
N TRP LB 122 -68.25 -46.04 -66.25
CA TRP LB 122 -67.59 -45.64 -67.49
C TRP LB 122 -67.30 -44.13 -67.40
N ASP LB 123 -66.65 -43.55 -68.41
CA ASP LB 123 -66.53 -42.09 -68.65
C ASP LB 123 -65.70 -41.32 -67.63
N SER LB 124 -65.32 -41.95 -66.53
CA SER LB 124 -64.41 -41.34 -65.57
C SER LB 124 -63.09 -42.07 -65.60
N PHE LB 125 -63.15 -43.40 -65.74
CA PHE LB 125 -61.98 -44.25 -65.90
C PHE LB 125 -62.37 -45.38 -66.83
N ASP LB 126 -61.97 -45.26 -68.09
CA ASP LB 126 -62.37 -46.23 -69.10
C ASP LB 126 -61.51 -47.47 -69.08
N GLU LB 127 -60.22 -47.34 -68.72
CA GLU LB 127 -59.35 -48.48 -68.59
C GLU LB 127 -59.58 -49.26 -67.31
N GLU LB 128 -60.01 -48.59 -66.25
CA GLU LB 128 -59.98 -49.23 -64.93
C GLU LB 128 -61.19 -50.11 -64.65
N THR LB 129 -62.37 -49.50 -64.57
CA THR LB 129 -63.55 -50.24 -64.13
C THR LB 129 -64.10 -51.15 -65.20
N LYS LB 130 -63.63 -51.01 -66.44
CA LYS LB 130 -63.85 -51.97 -67.50
C LYS LB 130 -62.56 -52.75 -67.70
N LEU LB 131 -62.69 -54.06 -67.95
CA LEU LB 131 -61.63 -55.01 -68.33
C LEU LB 131 -60.66 -55.33 -67.19
N LYS LB 132 -60.71 -54.62 -66.06
CA LYS LB 132 -59.95 -55.01 -64.89
C LYS LB 132 -60.87 -55.28 -63.70
N LYS LB 133 -61.70 -54.32 -63.32
CA LYS LB 133 -62.59 -54.52 -62.19
C LYS LB 133 -63.87 -55.22 -62.58
N ARG LB 134 -64.09 -55.37 -63.87
CA ARG LB 134 -65.05 -56.32 -64.40
C ARG LB 134 -64.50 -57.74 -64.34
N ALA LB 135 -63.18 -57.89 -64.16
CA ALA LB 135 -62.56 -59.19 -63.96
C ALA LB 135 -62.25 -59.50 -62.50
N ILE LB 136 -62.45 -58.55 -61.58
CA ILE LB 136 -62.30 -58.86 -60.16
C ILE LB 136 -63.38 -59.82 -59.71
N GLU LB 137 -64.65 -59.42 -59.92
CA GLU LB 137 -65.81 -60.23 -59.58
C GLU LB 137 -65.78 -61.59 -60.23
N LEU LB 138 -65.31 -61.62 -61.48
CA LEU LB 138 -65.17 -62.87 -62.22
C LEU LB 138 -64.17 -63.80 -61.54
N ASN LB 139 -62.95 -63.32 -61.32
CA ASN LB 139 -61.93 -64.13 -60.66
C ASN LB 139 -62.24 -64.36 -59.20
N GLN LB 140 -63.08 -63.52 -58.60
CA GLN LB 140 -63.42 -63.75 -57.20
C GLN LB 140 -64.38 -64.91 -57.06
N GLY LB 141 -65.36 -64.99 -57.97
CA GLY LB 141 -66.15 -66.20 -58.07
C GLY LB 141 -65.31 -67.43 -58.33
N ARG LB 142 -64.22 -67.29 -59.10
CA ARG LB 142 -63.29 -68.39 -59.32
C ARG LB 142 -62.65 -68.86 -58.03
N ALA LB 143 -62.53 -67.99 -57.04
CA ALA LB 143 -62.16 -68.45 -55.71
C ALA LB 143 -63.34 -69.10 -54.99
N ALA LB 144 -64.51 -68.45 -55.00
CA ALA LB 144 -65.61 -68.87 -54.14
C ALA LB 144 -66.30 -70.12 -54.65
N MET LB 145 -66.24 -70.38 -55.96
CA MET LB 145 -66.75 -71.63 -56.51
C MET LB 145 -65.96 -72.82 -55.98
N MET LB 146 -64.65 -72.66 -55.84
CA MET LB 146 -63.80 -73.66 -55.22
C MET LB 146 -64.05 -73.79 -53.72
N GLY LB 147 -64.64 -72.76 -53.10
CA GLY LB 147 -64.87 -72.81 -51.67
C GLY LB 147 -66.08 -73.64 -51.29
N ILE LB 148 -67.03 -73.82 -52.20
CA ILE LB 148 -68.23 -74.61 -51.90
C ILE LB 148 -68.10 -76.05 -52.36
N LEU LB 149 -67.26 -76.33 -53.37
CA LEU LB 149 -66.75 -77.68 -53.54
C LEU LB 149 -66.04 -78.15 -52.28
N ALA LB 150 -65.27 -77.26 -51.68
CA ALA LB 150 -64.67 -77.52 -50.38
C ALA LB 150 -65.73 -77.72 -49.31
N LEU LB 151 -66.60 -76.72 -49.12
CA LEU LB 151 -67.65 -76.71 -48.10
C LEU LB 151 -68.56 -77.93 -48.18
N MET LB 152 -68.77 -78.43 -49.40
CA MET LB 152 -69.46 -79.70 -49.57
C MET LB 152 -68.65 -80.84 -48.98
N VAL LB 153 -67.34 -80.87 -49.28
CA VAL LB 153 -66.52 -82.02 -48.92
C VAL LB 153 -66.00 -81.93 -47.48
N HIS LB 154 -65.77 -80.70 -46.98
CA HIS LB 154 -65.46 -80.54 -45.54
C HIS LB 154 -66.63 -81.00 -44.67
N GLU LB 155 -67.86 -80.89 -45.18
CA GLU LB 155 -69.04 -81.33 -44.45
C GLU LB 155 -69.51 -82.72 -44.86
N LYS LB 156 -68.87 -83.33 -45.85
CA LYS LB 156 -69.14 -84.72 -46.21
C LYS LB 156 -68.23 -85.69 -45.49
N LEU LB 157 -67.39 -85.20 -44.58
CA LEU LB 157 -66.49 -86.02 -43.79
C LEU LB 157 -66.59 -85.70 -42.30
N ILE LB 158 -66.88 -84.44 -41.99
CA ILE LB 158 -66.97 -83.86 -40.64
C ILE LB 158 -68.42 -83.38 -40.63
N PRO LB 159 -69.12 -83.25 -39.50
CA PRO LB 159 -70.51 -82.77 -39.62
C PRO LB 159 -70.61 -81.31 -40.02
N LEU LB 160 -69.75 -80.44 -39.50
CA LEU LB 160 -69.76 -79.03 -39.89
C LEU LB 160 -68.37 -78.47 -39.71
N GLY LB 161 -68.20 -77.21 -40.11
CA GLY LB 161 -66.88 -76.59 -40.17
C GLY LB 161 -66.35 -76.03 -38.86
N TYR LB 162 -67.25 -75.59 -37.99
CA TYR LB 162 -66.87 -75.26 -36.63
C TYR LB 162 -66.52 -76.52 -35.83
N ASP LB 163 -67.04 -77.69 -36.24
CA ASP LB 163 -66.52 -79.00 -35.85
C ASP LB 163 -65.38 -79.45 -36.76
N ALA LB 164 -65.15 -78.78 -37.88
CA ALA LB 164 -63.86 -79.03 -38.50
C ALA LB 164 -62.77 -78.25 -37.81
N ASP LB 165 -63.14 -77.17 -37.11
CA ASP LB 165 -62.14 -76.30 -36.49
C ASP LB 165 -61.76 -76.77 -35.09
N LEU LB 166 -62.75 -77.21 -34.27
CA LEU LB 166 -62.44 -77.44 -32.86
C LEU LB 166 -61.66 -78.73 -32.63
N PRO LB 167 -62.06 -79.92 -33.17
CA PRO LB 167 -61.09 -81.03 -33.21
C PRO LB 167 -60.17 -80.92 -34.41
N ILE LB 168 -59.52 -82.05 -34.72
CA ILE LB 168 -58.45 -82.14 -35.73
C ILE LB 168 -58.88 -81.52 -37.06
N ILE LB 169 -57.97 -80.70 -37.60
CA ILE LB 169 -58.12 -80.10 -38.92
C ILE LB 169 -57.25 -80.82 -39.94
N GLY LB 170 -56.26 -81.59 -39.48
CA GLY LB 170 -55.32 -82.21 -40.39
C GLY LB 170 -55.94 -83.33 -41.22
N HIS LB 171 -55.44 -83.43 -42.45
CA HIS LB 171 -55.90 -84.47 -43.36
C HIS LB 171 -55.48 -85.85 -42.86
N LEU LB 172 -56.33 -86.85 -43.11
CA LEU LB 172 -56.11 -88.22 -42.66
C LEU LB 172 -54.84 -88.83 -43.26
N GLU MB 1 -41.16 -40.24 -59.25
CA GLU MB 1 -41.13 -38.90 -59.80
C GLU MB 1 -40.27 -37.99 -58.91
N ASN MB 2 -39.54 -37.07 -59.54
CA ASN MB 2 -38.70 -36.08 -58.86
C ASN MB 2 -39.53 -35.04 -58.10
N GLU MB 3 -40.70 -34.68 -58.60
CA GLU MB 3 -41.49 -33.60 -58.02
C GLU MB 3 -42.33 -34.05 -56.83
N LEU MB 4 -42.57 -35.35 -56.67
CA LEU MB 4 -43.34 -35.87 -55.56
C LEU MB 4 -42.55 -35.73 -54.27
N GLY MB 5 -43.21 -35.26 -53.22
CA GLY MB 5 -42.59 -35.28 -51.90
C GLY MB 5 -41.44 -34.30 -51.71
N ALA MB 6 -41.56 -33.09 -52.28
CA ALA MB 6 -40.61 -31.99 -52.11
C ALA MB 6 -41.41 -30.69 -52.14
N GLN MB 7 -41.83 -30.21 -50.94
CA GLN MB 7 -42.83 -29.14 -50.76
C GLN MB 7 -42.61 -28.50 -49.38
N PRO MB 8 -43.20 -27.34 -49.02
CA PRO MB 8 -42.68 -26.53 -47.87
C PRO MB 8 -42.74 -27.27 -46.54
N PRO MB 9 -41.87 -26.90 -45.58
CA PRO MB 9 -40.90 -25.81 -45.52
C PRO MB 9 -39.59 -26.12 -46.22
N LEU MB 10 -39.23 -27.39 -46.25
CA LEU MB 10 -37.93 -27.80 -46.76
C LEU MB 10 -37.95 -27.82 -48.27
N GLY MB 11 -39.07 -28.22 -48.86
CA GLY MB 11 -39.14 -28.40 -50.29
C GLY MB 11 -38.23 -29.52 -50.72
N PHE MB 12 -37.35 -29.21 -51.64
CA PHE MB 12 -36.26 -30.10 -52.01
C PHE MB 12 -35.20 -30.07 -50.92
N PHE MB 13 -34.61 -31.22 -50.61
CA PHE MB 13 -33.73 -31.32 -49.44
C PHE MB 13 -32.79 -32.50 -49.58
N ASP MB 14 -31.52 -32.22 -49.82
CA ASP MB 14 -30.45 -33.23 -49.76
C ASP MB 14 -29.23 -32.59 -49.10
N PRO MB 15 -29.07 -32.79 -47.80
CA PRO MB 15 -27.89 -32.24 -47.13
C PRO MB 15 -26.62 -33.04 -47.37
N LEU MB 16 -26.72 -34.23 -47.97
CA LEU MB 16 -25.54 -35.05 -48.18
C LEU MB 16 -25.14 -35.16 -49.65
N GLY MB 17 -26.02 -34.77 -50.58
CA GLY MB 17 -25.66 -34.73 -51.99
C GLY MB 17 -25.87 -36.01 -52.76
N LEU MB 18 -26.84 -36.85 -52.36
CA LEU MB 18 -27.03 -38.12 -53.03
C LEU MB 18 -27.81 -37.96 -54.33
N VAL MB 19 -28.74 -37.00 -54.38
CA VAL MB 19 -29.44 -36.67 -55.62
C VAL MB 19 -28.78 -35.48 -56.31
N GLU MB 20 -27.57 -35.09 -55.88
CA GLU MB 20 -26.82 -34.05 -56.59
C GLU MB 20 -26.44 -34.51 -57.98
N ASP MB 21 -25.98 -35.75 -58.10
CA ASP MB 21 -25.77 -36.35 -59.40
C ASP MB 21 -27.11 -36.82 -59.97
N GLY MB 22 -27.08 -37.33 -61.20
CA GLY MB 22 -28.27 -37.78 -61.88
C GLY MB 22 -28.92 -38.98 -61.22
N ASN MB 23 -28.17 -40.08 -61.18
CA ASN MB 23 -28.48 -41.27 -60.38
C ASN MB 23 -29.83 -41.87 -60.79
N GLN MB 24 -29.96 -42.15 -62.09
CA GLN MB 24 -31.23 -42.42 -62.76
C GLN MB 24 -31.97 -43.61 -62.19
N ALA MB 25 -31.37 -44.81 -62.26
CA ALA MB 25 -31.95 -45.95 -61.58
C ALA MB 25 -31.80 -45.83 -60.07
N LYS MB 26 -30.76 -45.11 -59.62
CA LYS MB 26 -30.51 -44.97 -58.20
C LYS MB 26 -31.59 -44.12 -57.53
N PHE MB 27 -32.11 -43.11 -58.23
CA PHE MB 27 -33.16 -42.26 -57.68
C PHE MB 27 -34.41 -43.07 -57.37
N ASP MB 28 -34.91 -43.79 -58.38
CA ASP MB 28 -36.13 -44.58 -58.24
C ASP MB 28 -35.93 -45.72 -57.24
N ARG MB 29 -34.72 -46.25 -57.15
CA ARG MB 29 -34.39 -47.14 -56.05
C ARG MB 29 -34.61 -46.43 -54.72
N LEU MB 30 -33.84 -45.36 -54.47
CA LEU MB 30 -33.97 -44.52 -53.28
C LEU MB 30 -35.37 -43.99 -53.05
N ARG MB 31 -36.06 -43.67 -54.13
CA ARG MB 31 -37.39 -43.08 -54.02
C ARG MB 31 -38.39 -44.11 -53.52
N TYR MB 32 -38.37 -45.31 -54.12
CA TYR MB 32 -39.28 -46.34 -53.67
C TYR MB 32 -38.88 -46.85 -52.31
N VAL MB 33 -37.59 -46.89 -52.04
CA VAL MB 33 -37.09 -47.29 -50.73
C VAL MB 33 -37.56 -46.30 -49.67
N GLU MB 34 -37.62 -45.01 -50.01
CA GLU MB 34 -38.30 -44.08 -49.12
C GLU MB 34 -39.81 -44.29 -49.12
N LEU MB 35 -40.37 -44.67 -50.27
CA LEU MB 35 -41.82 -44.88 -50.37
C LEU MB 35 -42.25 -46.13 -49.64
N LYS MB 36 -41.47 -47.21 -49.74
CA LYS MB 36 -41.91 -48.47 -49.15
C LYS MB 36 -41.78 -48.46 -47.65
N HIS MB 37 -40.65 -47.92 -47.15
CA HIS MB 37 -40.50 -47.67 -45.71
C HIS MB 37 -41.56 -46.73 -45.19
N GLY MB 38 -42.04 -45.83 -46.05
CA GLY MB 38 -43.22 -45.06 -45.71
C GLY MB 38 -44.41 -45.94 -45.40
N ARG MB 39 -44.66 -46.92 -46.25
CA ARG MB 39 -45.84 -47.75 -46.12
C ARG MB 39 -45.76 -48.68 -44.92
N ILE MB 40 -44.56 -49.17 -44.63
CA ILE MB 40 -44.37 -50.06 -43.48
C ILE MB 40 -44.50 -49.28 -42.18
N SER MB 41 -43.89 -48.10 -42.14
CA SER MB 41 -43.84 -47.35 -40.89
C SER MB 41 -45.20 -46.75 -40.55
N MET MB 42 -46.00 -46.44 -41.56
CA MET MB 42 -47.34 -45.91 -41.30
C MET MB 42 -48.24 -46.98 -40.71
N LEU MB 43 -48.12 -48.22 -41.18
CA LEU MB 43 -48.92 -49.28 -40.62
C LEU MB 43 -48.40 -49.76 -39.29
N ALA MB 44 -47.13 -49.52 -38.98
CA ALA MB 44 -46.58 -50.04 -37.74
C ALA MB 44 -46.74 -49.07 -36.59
N VAL MB 45 -47.02 -47.79 -36.86
CA VAL MB 45 -47.49 -46.93 -35.77
C VAL MB 45 -48.99 -47.05 -35.61
N VAL MB 46 -49.71 -47.38 -36.68
CA VAL MB 46 -51.13 -47.64 -36.54
C VAL MB 46 -51.33 -49.03 -35.96
N GLY MB 47 -50.43 -49.94 -36.30
CA GLY MB 47 -50.37 -51.19 -35.58
C GLY MB 47 -49.97 -51.00 -34.14
N TYR MB 48 -49.17 -49.97 -33.86
CA TYR MB 48 -48.78 -49.69 -32.50
C TYR MB 48 -49.97 -49.25 -31.66
N LEU MB 49 -50.63 -48.15 -32.08
CA LEU MB 49 -51.66 -47.51 -31.26
C LEU MB 49 -52.86 -48.41 -31.06
N ILE MB 50 -53.16 -49.25 -32.04
CA ILE MB 50 -54.31 -50.12 -31.92
C ILE MB 50 -53.98 -51.31 -31.02
N GLU MB 51 -52.73 -51.72 -30.95
CA GLU MB 51 -52.34 -52.67 -29.92
C GLU MB 51 -52.36 -52.02 -28.54
N LYS MB 52 -51.77 -50.83 -28.42
CA LYS MB 52 -51.59 -50.19 -27.12
C LYS MB 52 -52.89 -49.71 -26.51
N ALA MB 53 -53.90 -49.41 -27.33
CA ALA MB 53 -55.16 -48.94 -26.79
C ALA MB 53 -56.01 -50.05 -26.19
N GLY MB 54 -55.53 -51.29 -26.20
CA GLY MB 54 -56.29 -52.39 -25.65
C GLY MB 54 -57.33 -52.93 -26.62
N ILE MB 55 -57.12 -52.75 -27.92
CA ILE MB 55 -57.97 -53.35 -28.93
C ILE MB 55 -57.39 -54.72 -29.28
N ARG MB 56 -58.04 -55.78 -28.81
CA ARG MB 56 -57.55 -57.12 -29.01
C ARG MB 56 -58.65 -58.00 -29.58
N LEU MB 57 -58.30 -59.27 -29.81
CA LEU MB 57 -59.22 -60.29 -30.25
C LEU MB 57 -59.23 -61.40 -29.22
N PRO MB 58 -60.39 -61.85 -28.74
CA PRO MB 58 -60.40 -63.02 -27.85
C PRO MB 58 -59.99 -64.27 -28.60
N GLY MB 59 -59.57 -65.26 -27.84
CA GLY MB 59 -59.14 -66.50 -28.45
C GLY MB 59 -57.64 -66.69 -28.30
N ASN MB 60 -57.26 -67.96 -28.26
CA ASN MB 60 -55.85 -68.32 -28.32
C ASN MB 60 -55.29 -67.95 -29.69
N ILE MB 61 -53.97 -67.72 -29.76
CA ILE MB 61 -53.39 -67.59 -31.10
C ILE MB 61 -53.04 -68.97 -31.64
N SER MB 62 -52.88 -69.96 -30.77
CA SER MB 62 -52.43 -71.28 -31.17
C SER MB 62 -53.03 -72.31 -30.23
N TYR MB 63 -52.42 -73.48 -30.17
CA TYR MB 63 -52.81 -74.50 -29.19
C TYR MB 63 -52.18 -74.25 -27.82
N ASP MB 64 -51.19 -73.36 -27.72
CA ASP MB 64 -50.42 -73.08 -26.52
C ASP MB 64 -51.28 -72.57 -25.36
N GLY MB 65 -52.45 -72.00 -25.63
CA GLY MB 65 -53.06 -71.23 -24.59
C GLY MB 65 -52.48 -69.84 -24.52
N THR MB 66 -51.72 -69.45 -25.54
CA THR MB 66 -51.31 -68.07 -25.74
C THR MB 66 -52.48 -67.34 -26.38
N THR MB 67 -53.20 -66.55 -25.59
CA THR MB 67 -54.24 -65.74 -26.22
C THR MB 67 -53.61 -64.52 -26.86
N PHE MB 68 -54.44 -63.75 -27.57
CA PHE MB 68 -53.98 -62.46 -28.04
C PHE MB 68 -53.86 -61.47 -26.88
N ALA MB 69 -54.64 -61.68 -25.82
CA ALA MB 69 -54.50 -60.88 -24.62
C ALA MB 69 -53.27 -61.26 -23.82
N ASP MB 70 -52.73 -62.47 -24.01
CA ASP MB 70 -51.50 -62.85 -23.34
C ASP MB 70 -50.28 -62.24 -24.02
N ILE MB 71 -50.32 -62.12 -25.35
CA ILE MB 71 -49.26 -61.48 -26.10
C ILE MB 71 -49.21 -60.01 -25.69
N PRO MB 72 -48.14 -59.56 -25.08
CA PRO MB 72 -48.11 -58.22 -24.52
C PRO MB 72 -48.03 -57.17 -25.62
N ASP MB 73 -48.45 -55.97 -25.25
CA ASP MB 73 -48.19 -54.79 -26.06
C ASP MB 73 -46.70 -54.58 -26.22
N GLY MB 74 -46.31 -53.95 -27.31
CA GLY MB 74 -44.96 -53.47 -27.43
C GLY MB 74 -44.05 -54.38 -28.23
N PHE MB 75 -42.75 -54.21 -27.99
CA PHE MB 75 -41.76 -54.90 -28.81
C PHE MB 75 -41.78 -56.40 -28.57
N ALA MB 76 -42.12 -56.83 -27.36
CA ALA MB 76 -42.06 -58.24 -27.01
C ALA MB 76 -43.06 -59.06 -27.82
N ALA MB 77 -44.09 -58.41 -28.37
CA ALA MB 77 -45.16 -59.06 -29.09
C ALA MB 77 -44.64 -59.84 -30.31
N LEU MB 78 -43.93 -59.17 -31.22
CA LEU MB 78 -43.49 -59.83 -32.45
C LEU MB 78 -42.40 -60.85 -32.17
N SER MB 79 -41.68 -60.71 -31.05
CA SER MB 79 -40.69 -61.70 -30.69
C SER MB 79 -41.34 -63.00 -30.24
N LYS MB 80 -42.30 -62.93 -29.33
CA LYS MB 80 -42.87 -64.13 -28.76
C LYS MB 80 -44.13 -64.61 -29.48
N ILE MB 81 -44.36 -64.16 -30.72
CA ILE MB 81 -45.22 -64.91 -31.64
C ILE MB 81 -44.65 -66.30 -31.80
N PRO MB 82 -45.46 -67.37 -31.76
CA PRO MB 82 -44.90 -68.72 -31.93
C PRO MB 82 -44.29 -68.88 -33.31
N ASP MB 83 -43.28 -69.75 -33.39
CA ASP MB 83 -42.36 -69.75 -34.52
C ASP MB 83 -43.08 -70.07 -35.83
N ALA MB 84 -43.95 -71.09 -35.80
CA ALA MB 84 -44.67 -71.52 -37.00
C ALA MB 84 -45.63 -70.45 -37.51
N GLY MB 85 -46.06 -69.53 -36.65
CA GLY MB 85 -46.75 -68.35 -37.13
C GLY MB 85 -45.84 -67.46 -37.96
N LEU MB 86 -44.58 -67.30 -37.53
CA LEU MB 86 -43.66 -66.43 -38.25
C LEU MB 86 -43.15 -67.07 -39.53
N PHE MB 87 -43.11 -68.41 -39.58
CA PHE MB 87 -42.86 -69.07 -40.85
C PHE MB 87 -44.00 -68.80 -41.83
N GLN MB 88 -45.24 -68.72 -41.32
CA GLN MB 88 -46.36 -68.41 -42.18
C GLN MB 88 -46.45 -66.93 -42.52
N LEU MB 89 -45.95 -66.05 -41.65
CA LEU MB 89 -45.85 -64.64 -42.00
C LEU MB 89 -44.86 -64.44 -43.14
N PHE MB 90 -43.73 -65.14 -43.08
CA PHE MB 90 -42.74 -65.04 -44.14
C PHE MB 90 -43.24 -65.70 -45.42
N ALA MB 91 -44.20 -66.62 -45.32
CA ALA MB 91 -44.73 -67.26 -46.50
C ALA MB 91 -45.71 -66.34 -47.24
N PHE MB 92 -46.70 -65.80 -46.53
CA PHE MB 92 -47.78 -65.08 -47.21
C PHE MB 92 -47.37 -63.66 -47.57
N ILE MB 93 -46.75 -62.94 -46.61
CA ILE MB 93 -46.23 -61.62 -46.92
C ILE MB 93 -45.11 -61.73 -47.93
N GLY MB 94 -44.30 -62.79 -47.83
CA GLY MB 94 -43.22 -62.98 -48.80
C GLY MB 94 -43.72 -63.24 -50.20
N PHE MB 95 -44.86 -63.93 -50.32
CA PHE MB 95 -45.49 -64.04 -51.64
C PHE MB 95 -46.05 -62.70 -52.06
N LEU MB 96 -46.80 -62.05 -51.17
CA LEU MB 96 -47.38 -60.73 -51.41
C LEU MB 96 -46.31 -59.67 -51.66
N GLU MB 97 -45.12 -59.84 -51.10
CA GLU MB 97 -44.08 -58.84 -51.31
C GLU MB 97 -43.47 -58.99 -52.69
N VAL MB 98 -43.11 -60.21 -53.04
CA VAL MB 98 -42.10 -60.42 -54.06
C VAL MB 98 -42.75 -60.49 -55.44
N PHE MB 99 -43.66 -61.44 -55.67
CA PHE MB 99 -44.15 -61.66 -57.03
C PHE MB 99 -45.65 -61.42 -57.24
N VAL MB 100 -46.47 -61.30 -56.19
CA VAL MB 100 -47.91 -61.12 -56.40
C VAL MB 100 -48.39 -59.83 -55.74
N MET MB 101 -49.19 -59.07 -56.48
CA MET MB 101 -50.07 -57.97 -56.04
C MET MB 101 -49.36 -56.72 -55.56
N LYS MB 102 -48.07 -56.80 -55.28
CA LYS MB 102 -47.26 -55.69 -54.81
C LYS MB 102 -45.86 -55.76 -55.40
N ASP MB 103 -45.75 -56.28 -56.63
CA ASP MB 103 -44.50 -56.62 -57.29
C ASP MB 103 -43.52 -55.46 -57.30
N ILE MB 104 -42.32 -55.73 -56.80
CA ILE MB 104 -41.23 -54.77 -56.79
C ILE MB 104 -40.13 -55.31 -57.70
N THR MB 105 -39.59 -54.45 -58.55
CA THR MB 105 -38.64 -54.92 -59.55
C THR MB 105 -37.28 -54.32 -59.30
N GLY MB 106 -37.24 -52.99 -59.29
CA GLY MB 106 -36.13 -52.22 -58.77
C GLY MB 106 -36.77 -51.11 -57.97
N GLY MB 107 -38.01 -51.36 -57.55
CA GLY MB 107 -38.81 -50.29 -57.00
C GLY MB 107 -39.21 -49.35 -58.12
N GLU MB 108 -40.19 -49.74 -58.93
CA GLU MB 108 -40.33 -49.32 -60.32
C GLU MB 108 -40.99 -47.93 -60.53
N PHE MB 109 -40.93 -47.00 -59.56
CA PHE MB 109 -41.75 -45.78 -59.52
C PHE MB 109 -43.19 -46.25 -59.53
N VAL MB 110 -43.56 -46.82 -58.38
CA VAL MB 110 -44.50 -47.91 -58.28
C VAL MB 110 -45.92 -47.46 -58.62
N GLY MB 111 -46.69 -48.35 -59.25
CA GLY MB 111 -48.10 -48.10 -59.46
C GLY MB 111 -49.00 -49.22 -58.96
N ASP MB 112 -48.48 -50.46 -58.91
CA ASP MB 112 -49.09 -51.68 -58.31
C ASP MB 112 -50.49 -52.02 -58.83
N PHE MB 113 -50.99 -51.32 -59.84
CA PHE MB 113 -52.37 -51.32 -60.30
C PHE MB 113 -53.41 -51.23 -59.17
N ARG MB 114 -53.07 -50.55 -58.06
CA ARG MB 114 -53.86 -50.65 -56.85
C ARG MB 114 -54.78 -49.43 -56.71
N ASN MB 115 -55.89 -49.65 -56.04
CA ASN MB 115 -57.19 -49.16 -56.50
C ASN MB 115 -57.89 -48.26 -55.49
N GLY MB 116 -57.97 -46.99 -55.82
CA GLY MB 116 -59.03 -46.12 -55.33
C GLY MB 116 -60.29 -46.30 -56.14
N PHE MB 117 -61.18 -45.32 -56.09
CA PHE MB 117 -62.38 -45.52 -56.87
C PHE MB 117 -62.49 -44.55 -58.05
N ILE MB 118 -62.66 -43.27 -57.74
CA ILE MB 118 -62.51 -42.20 -58.73
C ILE MB 118 -61.28 -41.37 -58.35
N ASP MB 119 -60.38 -41.98 -57.60
CA ASP MB 119 -59.37 -41.30 -56.83
C ASP MB 119 -58.03 -41.23 -57.53
N PHE MB 120 -57.88 -41.91 -58.67
CA PHE MB 120 -56.63 -41.79 -59.43
C PHE MB 120 -56.46 -40.46 -60.10
N GLY MB 121 -57.52 -39.66 -60.16
CA GLY MB 121 -57.82 -39.13 -61.45
C GLY MB 121 -56.93 -38.12 -62.13
N TRP MB 122 -56.14 -38.64 -63.05
CA TRP MB 122 -55.78 -37.92 -64.24
C TRP MB 122 -56.98 -38.00 -65.19
N ASP MB 123 -57.10 -36.98 -66.07
CA ASP MB 123 -58.26 -36.55 -66.86
C ASP MB 123 -59.27 -35.87 -65.93
N SER MB 124 -59.03 -35.87 -64.62
CA SER MB 124 -59.94 -35.22 -63.68
C SER MB 124 -59.23 -34.28 -62.71
N PHE MB 125 -58.02 -34.60 -62.26
CA PHE MB 125 -57.31 -33.77 -61.30
C PHE MB 125 -55.82 -33.88 -61.56
N ASP MB 126 -55.21 -32.82 -62.09
CA ASP MB 126 -53.78 -32.85 -62.34
C ASP MB 126 -53.00 -32.74 -61.04
N GLU MB 127 -53.35 -31.77 -60.19
CA GLU MB 127 -52.58 -31.43 -59.02
C GLU MB 127 -53.04 -32.12 -57.76
N GLU MB 128 -54.25 -32.69 -57.76
CA GLU MB 128 -54.74 -33.32 -56.54
C GLU MB 128 -54.16 -34.72 -56.36
N THR MB 129 -54.10 -35.49 -57.43
CA THR MB 129 -53.74 -36.90 -57.34
C THR MB 129 -52.26 -37.08 -57.09
N LYS MB 130 -51.44 -36.66 -58.02
CA LYS MB 130 -50.01 -36.60 -57.79
C LYS MB 130 -49.72 -35.15 -57.46
N LEU MB 131 -48.53 -34.91 -56.89
CA LEU MB 131 -48.03 -33.63 -56.38
C LEU MB 131 -48.79 -33.14 -55.15
N LYS MB 132 -49.87 -33.83 -54.77
CA LYS MB 132 -50.45 -33.64 -53.46
C LYS MB 132 -50.58 -34.94 -52.69
N LYS MB 133 -51.29 -35.93 -53.21
CA LYS MB 133 -51.59 -37.11 -52.40
C LYS MB 133 -50.39 -38.05 -52.34
N ARG MB 134 -49.73 -38.26 -53.47
CA ARG MB 134 -48.49 -39.01 -53.45
C ARG MB 134 -47.40 -38.21 -52.72
N ALA MB 135 -47.56 -36.89 -52.65
CA ALA MB 135 -46.68 -36.07 -51.82
C ALA MB 135 -47.02 -36.22 -50.35
N ILE MB 136 -48.31 -36.20 -49.97
CA ILE MB 136 -48.62 -36.29 -48.54
C ILE MB 136 -48.35 -37.71 -48.04
N GLU MB 137 -48.59 -38.73 -48.87
CA GLU MB 137 -48.40 -40.12 -48.47
C GLU MB 137 -46.96 -40.38 -48.06
N LEU MB 138 -46.04 -39.72 -48.75
CA LEU MB 138 -44.63 -39.81 -48.42
C LEU MB 138 -44.34 -39.20 -47.05
N ASN MB 139 -44.82 -37.97 -46.80
CA ASN MB 139 -44.43 -37.32 -45.56
C ASN MB 139 -45.15 -37.89 -44.37
N GLN MB 140 -46.33 -38.47 -44.59
CA GLN MB 140 -46.91 -39.39 -43.63
C GLN MB 140 -45.96 -40.49 -43.28
N GLY MB 141 -45.37 -41.12 -44.30
CA GLY MB 141 -44.35 -42.11 -44.05
C GLY MB 141 -43.11 -41.48 -43.44
N ARG MB 142 -42.77 -40.27 -43.88
CA ARG MB 142 -41.58 -39.63 -43.32
C ARG MB 142 -41.79 -39.23 -41.88
N ALA MB 143 -43.04 -38.98 -41.47
CA ALA MB 143 -43.33 -38.83 -40.05
C ALA MB 143 -43.23 -40.18 -39.35
N ALA MB 144 -43.85 -41.21 -39.92
CA ALA MB 144 -44.00 -42.46 -39.21
C ALA MB 144 -42.71 -43.28 -39.19
N MET MB 145 -41.78 -43.01 -40.11
CA MET MB 145 -40.45 -43.59 -39.97
C MET MB 145 -39.74 -43.00 -38.77
N MET MB 146 -39.93 -41.70 -38.53
CA MET MB 146 -39.44 -41.05 -37.34
C MET MB 146 -40.26 -41.37 -36.11
N GLY MB 147 -41.43 -41.99 -36.28
CA GLY MB 147 -42.22 -42.39 -35.14
C GLY MB 147 -41.79 -43.71 -34.53
N ILE MB 148 -41.12 -44.56 -35.32
CA ILE MB 148 -40.80 -45.89 -34.82
C ILE MB 148 -39.41 -45.92 -34.20
N LEU MB 149 -38.49 -45.11 -34.72
CA LEU MB 149 -37.23 -44.88 -34.04
C LEU MB 149 -37.46 -44.34 -32.64
N ALA MB 150 -38.38 -43.38 -32.53
CA ALA MB 150 -38.91 -42.94 -31.25
C ALA MB 150 -39.44 -44.08 -30.43
N LEU MB 151 -40.15 -44.96 -31.11
CA LEU MB 151 -40.97 -45.95 -30.44
C LEU MB 151 -40.14 -47.03 -29.81
N MET MB 152 -39.18 -47.53 -30.56
CA MET MB 152 -38.24 -48.49 -30.01
C MET MB 152 -37.42 -47.87 -28.91
N VAL MB 153 -37.14 -46.57 -29.02
CA VAL MB 153 -36.29 -45.96 -28.02
C VAL MB 153 -37.11 -45.48 -26.81
N HIS MB 154 -38.43 -45.35 -26.96
CA HIS MB 154 -39.28 -45.31 -25.77
C HIS MB 154 -39.32 -46.67 -25.10
N GLU MB 155 -39.34 -47.73 -25.91
CA GLU MB 155 -39.40 -49.10 -25.43
C GLU MB 155 -38.10 -49.54 -24.75
N LYS MB 156 -37.01 -48.79 -24.91
CA LYS MB 156 -35.75 -49.08 -24.22
C LYS MB 156 -35.89 -49.06 -22.72
N LEU MB 157 -36.32 -47.92 -22.19
CA LEU MB 157 -36.67 -47.79 -20.79
C LEU MB 157 -37.79 -48.76 -20.49
N ILE MB 158 -37.64 -49.45 -19.35
CA ILE MB 158 -38.30 -50.69 -18.94
C ILE MB 158 -39.76 -50.88 -19.37
N PRO MB 159 -40.69 -49.92 -19.19
CA PRO MB 159 -42.08 -50.21 -19.55
C PRO MB 159 -42.32 -50.24 -21.05
N LEU MB 160 -43.35 -50.99 -21.44
CA LEU MB 160 -43.94 -50.90 -22.77
C LEU MB 160 -44.75 -49.62 -22.84
N GLY MB 161 -45.29 -49.32 -24.02
CA GLY MB 161 -46.05 -48.11 -24.30
C GLY MB 161 -47.21 -47.76 -23.37
N TYR MB 162 -48.19 -48.64 -23.25
CA TYR MB 162 -49.26 -48.48 -22.26
C TYR MB 162 -48.69 -48.41 -20.85
N ASP MB 163 -47.68 -49.23 -20.59
CA ASP MB 163 -46.98 -49.23 -19.31
C ASP MB 163 -46.13 -47.97 -19.15
N ALA MB 164 -45.70 -47.34 -20.24
CA ALA MB 164 -44.91 -46.13 -20.10
C ALA MB 164 -45.79 -44.91 -19.90
N ASP MB 165 -47.05 -44.98 -20.34
CA ASP MB 165 -47.84 -43.77 -20.41
C ASP MB 165 -48.44 -43.40 -19.07
N LEU MB 166 -48.61 -44.36 -18.15
CA LEU MB 166 -49.09 -43.97 -16.82
C LEU MB 166 -47.97 -43.41 -15.94
N PRO MB 167 -46.75 -44.03 -15.82
CA PRO MB 167 -45.56 -43.30 -15.36
C PRO MB 167 -44.84 -42.44 -16.39
N ILE MB 168 -43.51 -42.54 -16.31
CA ILE MB 168 -42.37 -41.63 -16.40
C ILE MB 168 -42.43 -40.36 -17.24
N ILE MB 169 -43.19 -40.32 -18.33
CA ILE MB 169 -42.84 -39.79 -19.66
C ILE MB 169 -41.67 -38.80 -19.81
N GLY MB 170 -41.32 -38.01 -18.79
CA GLY MB 170 -40.04 -37.30 -18.78
C GLY MB 170 -38.76 -38.08 -19.10
N HIS MB 171 -37.91 -37.50 -19.95
CA HIS MB 171 -36.65 -38.04 -20.47
C HIS MB 171 -35.69 -38.39 -19.33
N LEU MB 172 -34.68 -39.23 -19.60
CA LEU MB 172 -33.78 -39.76 -18.56
C LEU MB 172 -33.00 -38.68 -17.82
N GLU NB 1 -33.19 -108.66 -72.94
CA GLU NB 1 -33.12 -109.12 -74.31
C GLU NB 1 -34.54 -109.44 -74.84
N ASN NB 2 -34.65 -109.49 -76.17
CA ASN NB 2 -35.82 -109.85 -76.95
C ASN NB 2 -36.46 -111.21 -76.59
N GLU NB 3 -35.80 -112.35 -76.86
CA GLU NB 3 -36.43 -113.66 -76.64
C GLU NB 3 -36.14 -114.26 -75.27
N LEU NB 4 -35.53 -113.50 -74.38
CA LEU NB 4 -35.01 -114.01 -73.13
C LEU NB 4 -35.98 -113.69 -72.01
N GLY NB 5 -36.45 -114.72 -71.32
CA GLY NB 5 -37.50 -114.55 -70.36
C GLY NB 5 -38.89 -114.72 -70.94
N ALA NB 6 -39.00 -114.99 -72.23
CA ALA NB 6 -40.27 -115.13 -72.94
C ALA NB 6 -40.54 -116.53 -73.45
N GLN NB 7 -39.96 -117.54 -72.83
CA GLN NB 7 -40.14 -118.96 -73.10
C GLN NB 7 -41.50 -119.38 -72.53
N PRO NB 8 -42.03 -120.60 -72.79
CA PRO NB 8 -43.43 -120.93 -72.40
C PRO NB 8 -43.71 -120.81 -70.91
N PRO NB 9 -44.98 -120.72 -70.51
CA PRO NB 9 -46.30 -120.89 -71.13
C PRO NB 9 -46.88 -119.62 -71.72
N LEU NB 10 -46.40 -118.46 -71.30
CA LEU NB 10 -47.01 -117.20 -71.66
C LEU NB 10 -46.43 -116.63 -72.94
N GLY NB 11 -45.20 -117.01 -73.31
CA GLY NB 11 -44.55 -116.45 -74.47
C GLY NB 11 -44.15 -115.01 -74.24
N PHE NB 12 -44.07 -114.24 -75.32
CA PHE NB 12 -44.06 -112.78 -75.21
C PHE NB 12 -45.39 -112.35 -74.61
N PHE NB 13 -45.33 -111.59 -73.51
CA PHE NB 13 -46.53 -111.25 -72.75
C PHE NB 13 -46.50 -109.74 -72.46
N ASP NB 14 -47.03 -108.97 -73.40
CA ASP NB 14 -47.32 -107.55 -73.21
C ASP NB 14 -48.84 -107.41 -73.28
N PRO NB 15 -49.52 -107.61 -72.14
CA PRO NB 15 -51.00 -107.60 -72.18
C PRO NB 15 -51.60 -106.23 -72.42
N LEU NB 16 -51.11 -105.20 -71.74
CA LEU NB 16 -51.67 -103.88 -71.87
C LEU NB 16 -51.05 -103.08 -73.01
N GLY NB 17 -49.94 -103.56 -73.57
CA GLY NB 17 -49.28 -102.82 -74.64
C GLY NB 17 -48.59 -101.58 -74.14
N LEU NB 18 -47.50 -101.75 -73.38
CA LEU NB 18 -46.63 -100.64 -73.02
C LEU NB 18 -45.28 -100.72 -73.71
N VAL NB 19 -44.91 -101.91 -74.18
CA VAL NB 19 -43.89 -102.11 -75.20
C VAL NB 19 -44.57 -102.36 -76.56
N GLU NB 20 -45.79 -101.85 -76.73
CA GLU NB 20 -46.42 -101.85 -78.04
C GLU NB 20 -45.68 -100.97 -79.03
N ASP NB 21 -44.96 -99.95 -78.53
CA ASP NB 21 -44.17 -99.08 -79.38
C ASP NB 21 -42.72 -99.55 -79.38
N GLY NB 22 -42.33 -100.17 -80.49
CA GLY NB 22 -41.03 -99.91 -81.07
C GLY NB 22 -39.78 -100.15 -80.26
N ASN NB 23 -39.25 -99.03 -79.74
CA ASN NB 23 -37.82 -98.80 -79.56
C ASN NB 23 -37.13 -99.85 -78.71
N GLN NB 24 -35.82 -99.96 -78.93
CA GLN NB 24 -35.01 -100.75 -78.01
C GLN NB 24 -34.97 -100.09 -76.65
N ALA NB 25 -34.98 -98.75 -76.60
CA ALA NB 25 -34.63 -97.98 -75.41
C ALA NB 25 -35.61 -98.19 -74.26
N LYS NB 26 -36.91 -97.99 -74.52
CA LYS NB 26 -37.90 -98.24 -73.47
C LYS NB 26 -38.15 -99.72 -73.24
N PHE NB 27 -37.56 -100.58 -74.07
CA PHE NB 27 -37.50 -102.00 -73.76
C PHE NB 27 -36.18 -102.34 -73.06
N ASP NB 28 -35.11 -101.65 -73.43
CA ASP NB 28 -33.85 -101.69 -72.68
C ASP NB 28 -34.06 -101.21 -71.25
N ARG NB 29 -34.80 -100.11 -71.11
CA ARG NB 29 -35.12 -99.55 -69.80
C ARG NB 29 -35.87 -100.57 -68.95
N LEU NB 30 -37.05 -100.96 -69.41
CA LEU NB 30 -37.96 -101.80 -68.63
C LEU NB 30 -37.44 -103.21 -68.41
N ARG NB 31 -36.46 -103.67 -69.18
CA ARG NB 31 -35.93 -105.01 -68.92
C ARG NB 31 -35.06 -105.01 -67.68
N TYR NB 32 -34.34 -103.91 -67.44
CA TYR NB 32 -33.28 -103.96 -66.45
C TYR NB 32 -33.73 -103.27 -65.18
N VAL NB 33 -34.66 -102.36 -65.36
CA VAL NB 33 -35.67 -102.11 -64.35
C VAL NB 33 -36.24 -103.45 -63.86
N GLU NB 34 -36.64 -104.35 -64.77
CA GLU NB 34 -37.21 -105.63 -64.32
C GLU NB 34 -36.15 -106.55 -63.70
N LEU NB 35 -34.93 -106.56 -64.25
CA LEU NB 35 -33.87 -107.41 -63.70
C LEU NB 35 -33.52 -107.04 -62.29
N LYS NB 36 -33.30 -105.76 -62.07
CA LYS NB 36 -32.77 -105.32 -60.80
C LYS NB 36 -33.81 -105.47 -59.72
N HIS NB 37 -35.07 -105.16 -60.04
CA HIS NB 37 -36.19 -105.55 -59.20
C HIS NB 37 -36.20 -107.05 -58.95
N GLY NB 38 -35.82 -107.83 -59.96
CA GLY NB 38 -35.69 -109.26 -59.76
C GLY NB 38 -34.61 -109.58 -58.75
N ARG NB 39 -33.41 -109.06 -58.96
CA ARG NB 39 -32.26 -109.38 -58.12
C ARG NB 39 -32.46 -108.90 -56.68
N ILE NB 40 -33.11 -107.76 -56.52
CA ILE NB 40 -33.34 -107.22 -55.20
C ILE NB 40 -34.43 -108.02 -54.47
N SER NB 41 -35.46 -108.43 -55.20
CA SER NB 41 -36.54 -109.19 -54.57
C SER NB 41 -36.09 -110.59 -54.19
N MET NB 42 -35.17 -111.16 -54.95
CA MET NB 42 -34.77 -112.53 -54.71
C MET NB 42 -33.95 -112.67 -53.44
N LEU NB 43 -33.05 -111.73 -53.20
CA LEU NB 43 -32.31 -111.76 -51.94
C LEU NB 43 -33.13 -111.22 -50.78
N ALA NB 44 -34.28 -110.60 -51.06
CA ALA NB 44 -35.11 -110.11 -49.99
C ALA NB 44 -36.04 -111.17 -49.45
N VAL NB 45 -36.42 -112.15 -50.27
CA VAL NB 45 -37.19 -113.27 -49.73
C VAL NB 45 -36.24 -114.30 -49.13
N VAL NB 46 -35.03 -114.42 -49.63
CA VAL NB 46 -34.05 -115.29 -48.99
C VAL NB 46 -33.50 -114.60 -47.76
N GLY NB 47 -33.43 -113.28 -47.81
CA GLY NB 47 -33.24 -112.52 -46.60
C GLY NB 47 -34.43 -112.61 -45.67
N TYR NB 48 -35.62 -112.87 -46.20
CA TYR NB 48 -36.77 -113.03 -45.33
C TYR NB 48 -36.73 -114.37 -44.61
N LEU NB 49 -36.47 -115.44 -45.35
CA LEU NB 49 -36.59 -116.78 -44.78
C LEU NB 49 -35.49 -117.07 -43.79
N ILE NB 50 -34.32 -116.48 -44.00
CA ILE NB 50 -33.22 -116.72 -43.08
C ILE NB 50 -33.37 -115.85 -41.82
N GLU NB 51 -34.01 -114.69 -41.93
CA GLU NB 51 -34.40 -113.97 -40.72
C GLU NB 51 -35.47 -114.73 -39.95
N LYS NB 52 -36.56 -115.10 -40.62
CA LYS NB 52 -37.73 -115.63 -39.95
C LYS NB 52 -37.52 -117.03 -39.40
N ALA NB 53 -36.52 -117.76 -39.88
CA ALA NB 53 -36.22 -119.08 -39.34
C ALA NB 53 -35.46 -119.01 -38.02
N GLY NB 54 -35.16 -117.83 -37.50
CA GLY NB 54 -34.44 -117.72 -36.27
C GLY NB 54 -32.93 -117.76 -36.40
N ILE NB 55 -32.40 -117.61 -37.61
CA ILE NB 55 -30.97 -117.59 -37.84
C ILE NB 55 -30.50 -116.16 -37.61
N ARG NB 56 -29.79 -115.94 -36.50
CA ARG NB 56 -29.36 -114.61 -36.11
C ARG NB 56 -27.86 -114.62 -35.87
N LEU NB 57 -27.34 -113.48 -35.44
CA LEU NB 57 -25.96 -113.34 -35.05
C LEU NB 57 -25.90 -112.91 -33.59
N PRO NB 58 -25.14 -113.59 -32.73
CA PRO NB 58 -25.05 -113.15 -31.33
C PRO NB 58 -24.22 -111.89 -31.23
N GLY NB 59 -24.53 -111.10 -30.21
CA GLY NB 59 -23.81 -109.87 -29.99
C GLY NB 59 -24.67 -108.65 -30.28
N ASN NB 60 -24.23 -107.52 -29.74
CA ASN NB 60 -24.93 -106.26 -29.94
C ASN NB 60 -24.66 -105.73 -31.34
N ILE NB 61 -25.68 -105.08 -31.94
CA ILE NB 61 -25.44 -104.37 -33.20
C ILE NB 61 -24.80 -103.02 -32.95
N SER NB 62 -24.90 -102.48 -31.75
CA SER NB 62 -24.32 -101.18 -31.47
C SER NB 62 -23.93 -101.12 -29.99
N TYR NB 63 -23.74 -99.91 -29.50
CA TYR NB 63 -23.53 -99.70 -28.07
C TYR NB 63 -24.80 -99.84 -27.27
N ASP NB 64 -25.96 -99.64 -27.89
CA ASP NB 64 -27.32 -99.59 -27.33
C ASP NB 64 -27.66 -100.80 -26.45
N GLY NB 65 -27.00 -101.93 -26.63
CA GLY NB 65 -27.57 -103.14 -26.09
C GLY NB 65 -28.66 -103.66 -26.97
N THR NB 66 -28.72 -103.19 -28.21
CA THR NB 66 -29.57 -103.76 -29.24
C THR NB 66 -28.83 -104.95 -29.82
N THR NB 67 -29.26 -106.16 -29.49
CA THR NB 67 -28.65 -107.28 -30.15
C THR NB 67 -29.31 -107.49 -31.51
N PHE NB 68 -28.77 -108.41 -32.28
CA PHE NB 68 -29.49 -108.87 -33.46
C PHE NB 68 -30.70 -109.70 -33.08
N ALA NB 69 -30.64 -110.38 -31.93
CA ALA NB 69 -31.81 -111.07 -31.41
C ALA NB 69 -32.88 -110.10 -30.96
N ASP NB 70 -32.49 -108.91 -30.48
CA ASP NB 70 -33.48 -107.94 -30.06
C ASP NB 70 -34.16 -107.27 -31.23
N ILE NB 71 -33.55 -107.28 -32.41
CA ILE NB 71 -34.20 -106.76 -33.61
C ILE NB 71 -35.19 -107.81 -34.08
N PRO NB 72 -36.49 -107.53 -34.06
CA PRO NB 72 -37.47 -108.56 -34.43
C PRO NB 72 -37.50 -108.75 -35.93
N ASP NB 73 -38.05 -109.89 -36.35
CA ASP NB 73 -38.23 -110.16 -37.77
C ASP NB 73 -39.27 -109.20 -38.35
N GLY NB 74 -39.21 -109.02 -39.66
CA GLY NB 74 -40.28 -108.34 -40.36
C GLY NB 74 -39.99 -106.89 -40.74
N PHE NB 75 -41.08 -106.13 -40.96
CA PHE NB 75 -40.96 -104.73 -41.38
C PHE NB 75 -40.68 -103.77 -40.23
N ALA NB 76 -40.66 -104.25 -39.00
CA ALA NB 76 -40.12 -103.43 -37.93
C ALA NB 76 -38.60 -103.48 -37.88
N ALA NB 77 -37.98 -104.44 -38.59
CA ALA NB 77 -36.54 -104.66 -38.46
C ALA NB 77 -35.75 -103.54 -39.10
N LEU NB 78 -35.98 -103.30 -40.39
CA LEU NB 78 -35.23 -102.29 -41.14
C LEU NB 78 -35.47 -100.90 -40.59
N SER NB 79 -36.64 -100.65 -40.02
CA SER NB 79 -36.91 -99.36 -39.43
C SER NB 79 -36.21 -99.21 -38.07
N LYS NB 80 -36.17 -100.27 -37.27
CA LYS NB 80 -35.58 -100.18 -35.92
C LYS NB 80 -34.08 -100.44 -35.91
N ILE NB 81 -33.45 -100.53 -37.06
CA ILE NB 81 -31.99 -100.38 -37.15
C ILE NB 81 -31.65 -98.97 -36.69
N PRO NB 82 -30.56 -98.76 -35.91
CA PRO NB 82 -30.19 -97.38 -35.55
C PRO NB 82 -29.81 -96.61 -36.80
N ASP NB 83 -30.03 -95.29 -36.74
CA ASP NB 83 -29.95 -94.44 -37.92
C ASP NB 83 -28.57 -94.49 -38.55
N ALA NB 84 -27.55 -94.32 -37.73
CA ALA NB 84 -26.16 -94.38 -38.17
C ALA NB 84 -25.80 -95.72 -38.82
N GLY NB 85 -26.55 -96.77 -38.53
CA GLY NB 85 -26.44 -97.98 -39.33
C GLY NB 85 -26.98 -97.80 -40.74
N LEU NB 86 -28.16 -97.19 -40.87
CA LEU NB 86 -28.77 -97.01 -42.19
C LEU NB 86 -27.99 -96.02 -43.04
N PHE NB 87 -27.38 -95.01 -42.42
CA PHE NB 87 -26.52 -94.10 -43.18
C PHE NB 87 -25.21 -94.74 -43.57
N GLN NB 88 -24.83 -95.83 -42.91
CA GLN NB 88 -23.70 -96.61 -43.39
C GLN NB 88 -24.15 -97.71 -44.33
N LEU NB 89 -25.43 -98.04 -44.34
CA LEU NB 89 -25.95 -98.85 -45.43
C LEU NB 89 -25.97 -98.04 -46.72
N PHE NB 90 -26.49 -96.81 -46.66
CA PHE NB 90 -26.60 -95.98 -47.86
C PHE NB 90 -25.23 -95.58 -48.40
N ALA NB 91 -24.22 -95.51 -47.55
CA ALA NB 91 -22.87 -95.20 -48.02
C ALA NB 91 -22.31 -96.37 -48.80
N PHE NB 92 -22.38 -97.57 -48.23
CA PHE NB 92 -21.74 -98.71 -48.87
C PHE NB 92 -22.55 -99.21 -50.05
N ILE NB 93 -23.85 -99.47 -49.83
CA ILE NB 93 -24.72 -99.91 -50.91
C ILE NB 93 -24.81 -98.83 -51.98
N GLY NB 94 -24.70 -97.56 -51.60
CA GLY NB 94 -24.47 -96.52 -52.60
C GLY NB 94 -23.19 -96.73 -53.40
N PHE NB 95 -22.07 -96.94 -52.72
CA PHE NB 95 -20.81 -97.20 -53.42
C PHE NB 95 -20.82 -98.59 -54.06
N LEU NB 96 -21.65 -99.49 -53.56
CA LEU NB 96 -21.67 -100.76 -54.27
C LEU NB 96 -22.56 -100.71 -55.50
N GLU NB 97 -23.40 -99.71 -55.66
CA GLU NB 97 -24.40 -99.78 -56.72
C GLU NB 97 -24.31 -98.67 -57.76
N VAL NB 98 -24.32 -97.39 -57.34
CA VAL NB 98 -24.34 -96.15 -58.18
C VAL NB 98 -23.22 -96.18 -59.19
N PHE NB 99 -22.18 -96.84 -58.75
CA PHE NB 99 -20.82 -96.49 -58.88
C PHE NB 99 -20.21 -97.62 -59.66
N VAL NB 100 -19.97 -98.68 -58.94
CA VAL NB 100 -19.08 -99.70 -59.41
C VAL NB 100 -19.44 -100.97 -58.72
N MET NB 101 -18.87 -102.07 -59.22
CA MET NB 101 -19.01 -103.46 -58.77
C MET NB 101 -20.39 -104.02 -59.12
N LYS NB 102 -21.35 -103.14 -59.42
CA LYS NB 102 -22.69 -103.48 -59.84
C LYS NB 102 -23.20 -102.53 -60.92
N ASP NB 103 -22.28 -101.89 -61.66
CA ASP NB 103 -22.43 -100.62 -62.37
C ASP NB 103 -23.74 -100.49 -63.14
N ILE NB 104 -24.32 -99.29 -63.06
CA ILE NB 104 -25.69 -99.01 -63.46
C ILE NB 104 -25.69 -97.74 -64.32
N THR NB 105 -26.12 -97.87 -65.56
CA THR NB 105 -25.93 -96.68 -66.40
C THR NB 105 -27.21 -96.13 -66.98
N GLY NB 106 -27.85 -96.94 -67.81
CA GLY NB 106 -29.16 -96.73 -68.33
C GLY NB 106 -29.72 -98.13 -68.48
N GLY NB 107 -29.12 -99.06 -67.74
CA GLY NB 107 -29.30 -100.45 -68.03
C GLY NB 107 -28.49 -100.99 -69.20
N GLU NB 108 -27.21 -101.31 -69.01
CA GLU NB 108 -26.28 -101.58 -70.10
C GLU NB 108 -25.99 -103.08 -70.36
N PHE NB 109 -26.97 -103.95 -70.12
CA PHE NB 109 -26.83 -105.42 -70.01
C PHE NB 109 -25.90 -105.72 -68.86
N VAL NB 110 -26.40 -105.48 -67.64
CA VAL NB 110 -25.55 -105.49 -66.45
C VAL NB 110 -25.00 -106.89 -66.27
N GLY NB 111 -23.73 -107.00 -66.60
CA GLY NB 111 -23.04 -108.23 -66.42
C GLY NB 111 -22.03 -108.10 -65.31
N ASP NB 112 -21.34 -106.95 -65.31
CA ASP NB 112 -20.19 -106.65 -64.46
C ASP NB 112 -19.04 -107.65 -64.62
N PHE NB 113 -19.11 -108.48 -65.68
CA PHE NB 113 -18.07 -109.35 -66.20
C PHE NB 113 -17.59 -110.48 -65.28
N ARG NB 114 -18.37 -110.96 -64.30
CA ARG NB 114 -17.72 -111.93 -63.41
C ARG NB 114 -18.24 -113.37 -63.30
N ASN NB 115 -19.31 -113.59 -62.52
CA ASN NB 115 -20.24 -114.73 -62.45
C ASN NB 115 -19.88 -116.12 -61.93
N GLY NB 116 -18.63 -116.45 -61.75
CA GLY NB 116 -18.29 -117.86 -61.65
C GLY NB 116 -16.94 -118.06 -62.29
N PHE NB 117 -16.70 -119.25 -62.87
CA PHE NB 117 -15.50 -119.33 -63.70
C PHE NB 117 -15.65 -119.91 -65.11
N ILE NB 118 -16.12 -121.16 -65.20
CA ILE NB 118 -16.14 -121.85 -66.49
C ILE NB 118 -17.60 -121.88 -66.92
N ASP NB 119 -18.33 -120.87 -66.50
CA ASP NB 119 -19.77 -120.98 -66.34
C ASP NB 119 -20.55 -120.22 -67.40
N PHE NB 120 -19.97 -119.14 -67.92
CA PHE NB 120 -20.67 -118.15 -68.72
C PHE NB 120 -20.85 -118.58 -70.15
N GLY NB 121 -20.77 -119.88 -70.41
CA GLY NB 121 -20.17 -120.32 -71.63
C GLY NB 121 -20.95 -120.07 -72.89
N TRP NB 122 -20.59 -118.95 -73.50
CA TRP NB 122 -20.48 -118.83 -74.93
C TRP NB 122 -19.15 -119.48 -75.31
N ASP NB 123 -19.09 -120.00 -76.54
CA ASP NB 123 -18.08 -120.92 -77.13
C ASP NB 123 -18.27 -122.34 -76.57
N SER NB 124 -19.13 -122.53 -75.57
CA SER NB 124 -19.40 -123.89 -75.10
C SER NB 124 -20.87 -124.28 -75.22
N PHE NB 125 -21.80 -123.46 -74.77
CA PHE NB 125 -23.22 -123.83 -74.84
C PHE NB 125 -24.05 -122.57 -75.06
N ASP NB 126 -24.44 -122.32 -76.30
CA ASP NB 126 -25.09 -121.07 -76.65
C ASP NB 126 -26.52 -120.97 -76.17
N GLU NB 127 -27.14 -122.07 -75.74
CA GLU NB 127 -28.49 -122.03 -75.20
C GLU NB 127 -28.52 -122.28 -73.70
N GLU NB 128 -27.38 -122.53 -73.07
CA GLU NB 128 -27.33 -122.63 -71.63
C GLU NB 128 -26.93 -121.32 -70.98
N THR NB 129 -25.91 -120.65 -71.53
CA THR NB 129 -25.36 -119.41 -70.99
C THR NB 129 -26.40 -118.30 -70.98
N LYS NB 130 -26.88 -117.93 -72.15
CA LYS NB 130 -28.14 -117.23 -72.23
C LYS NB 130 -29.22 -118.22 -72.59
N LEU NB 131 -30.45 -117.72 -72.72
CA LEU NB 131 -31.64 -118.39 -73.25
C LEU NB 131 -32.18 -119.50 -72.34
N LYS NB 132 -31.44 -119.89 -71.29
CA LYS NB 132 -32.04 -120.64 -70.21
C LYS NB 132 -31.81 -120.01 -68.85
N LYS NB 133 -30.53 -119.82 -68.50
CA LYS NB 133 -30.17 -119.37 -67.17
C LYS NB 133 -30.49 -117.89 -67.01
N ARG NB 134 -30.36 -117.13 -68.07
CA ARG NB 134 -30.67 -115.71 -68.02
C ARG NB 134 -32.15 -115.49 -68.19
N ALA NB 135 -32.88 -116.55 -68.55
CA ALA NB 135 -34.32 -116.54 -68.52
C ALA NB 135 -34.86 -116.87 -67.13
N ILE NB 136 -34.21 -117.78 -66.40
CA ILE NB 136 -34.73 -118.15 -65.08
C ILE NB 136 -34.52 -117.01 -64.11
N GLU NB 137 -33.39 -116.31 -64.20
CA GLU NB 137 -33.06 -115.29 -63.22
C GLU NB 137 -34.03 -114.14 -63.31
N LEU NB 138 -34.48 -113.85 -64.52
CA LEU NB 138 -35.62 -113.00 -64.73
C LEU NB 138 -36.87 -113.54 -64.04
N ASN NB 139 -37.13 -114.85 -64.20
CA ASN NB 139 -38.39 -115.41 -63.73
C ASN NB 139 -38.38 -115.69 -62.25
N GLN NB 140 -37.24 -116.10 -61.72
CA GLN NB 140 -37.09 -116.23 -60.27
C GLN NB 140 -37.29 -114.89 -59.60
N GLY NB 141 -36.85 -113.82 -60.27
CA GLY NB 141 -37.25 -112.50 -59.84
C GLY NB 141 -38.73 -112.27 -59.97
N ARG NB 142 -39.35 -112.79 -61.04
CA ARG NB 142 -40.78 -112.61 -61.26
C ARG NB 142 -41.60 -113.33 -60.20
N ALA NB 143 -41.06 -114.41 -59.65
CA ALA NB 143 -41.67 -114.99 -58.47
C ALA NB 143 -41.45 -114.12 -57.25
N ALA NB 144 -40.22 -113.66 -57.04
CA ALA NB 144 -39.87 -113.03 -55.79
C ALA NB 144 -40.40 -111.60 -55.70
N MET NB 145 -40.58 -110.95 -56.85
CA MET NB 145 -41.28 -109.66 -56.86
C MET NB 145 -42.72 -109.83 -56.38
N MET NB 146 -43.36 -110.91 -56.80
CA MET NB 146 -44.65 -111.29 -56.26
C MET NB 146 -44.55 -111.91 -54.87
N GLY NB 147 -43.33 -112.17 -54.40
CA GLY NB 147 -43.16 -112.66 -53.05
C GLY NB 147 -43.24 -111.60 -51.99
N ILE NB 148 -42.98 -110.34 -52.35
CA ILE NB 148 -42.83 -109.30 -51.34
C ILE NB 148 -44.09 -108.45 -51.24
N LEU NB 149 -44.81 -108.31 -52.34
CA LEU NB 149 -46.18 -107.80 -52.27
C LEU NB 149 -47.05 -108.72 -51.42
N ALA NB 150 -46.83 -110.03 -51.56
CA ALA NB 150 -47.31 -110.99 -50.57
C ALA NB 150 -46.85 -110.60 -49.18
N LEU NB 151 -45.53 -110.50 -49.02
CA LEU NB 151 -44.88 -110.39 -47.72
C LEU NB 151 -45.31 -109.15 -46.95
N MET NB 152 -45.56 -108.04 -47.67
CA MET NB 152 -45.99 -106.82 -46.99
C MET NB 152 -47.40 -106.95 -46.45
N VAL NB 153 -48.30 -107.43 -47.29
CA VAL NB 153 -49.68 -107.53 -46.88
C VAL NB 153 -49.87 -108.74 -45.96
N HIS NB 154 -48.88 -109.64 -45.90
CA HIS NB 154 -48.91 -110.71 -44.91
C HIS NB 154 -48.56 -110.20 -43.52
N GLU NB 155 -47.83 -109.08 -43.43
CA GLU NB 155 -47.44 -108.57 -42.12
C GLU NB 155 -48.34 -107.43 -41.66
N LYS NB 156 -49.16 -106.87 -42.56
CA LYS NB 156 -50.13 -105.86 -42.13
C LYS NB 156 -51.28 -106.49 -41.33
N LEU NB 157 -51.94 -107.49 -41.90
CA LEU NB 157 -52.69 -108.47 -41.12
C LEU NB 157 -51.67 -109.32 -40.40
N ILE NB 158 -52.10 -110.25 -39.54
CA ILE NB 158 -51.64 -110.73 -38.19
C ILE NB 158 -50.16 -110.37 -37.89
N PRO NB 159 -49.34 -110.87 -36.89
CA PRO NB 159 -48.05 -110.15 -36.74
C PRO NB 159 -47.02 -110.21 -37.87
N LEU NB 160 -46.57 -111.37 -38.32
CA LEU NB 160 -45.56 -111.45 -39.37
C LEU NB 160 -45.67 -112.83 -40.01
N GLY NB 161 -44.65 -113.33 -40.69
CA GLY NB 161 -44.80 -114.67 -41.24
C GLY NB 161 -44.13 -115.80 -40.49
N TYR NB 162 -43.75 -115.57 -39.24
CA TYR NB 162 -43.46 -116.61 -38.25
C TYR NB 162 -44.59 -116.65 -37.22
N ASP NB 163 -45.05 -115.46 -36.82
CA ASP NB 163 -46.19 -115.27 -35.93
C ASP NB 163 -47.51 -115.18 -36.73
N ALA NB 164 -47.53 -115.59 -37.99
CA ALA NB 164 -48.82 -116.03 -38.50
C ALA NB 164 -48.76 -117.44 -39.02
N ASP NB 165 -47.61 -118.09 -38.89
CA ASP NB 165 -47.54 -119.51 -39.10
C ASP NB 165 -47.71 -120.29 -37.81
N LEU NB 166 -47.71 -119.64 -36.64
CA LEU NB 166 -48.25 -120.31 -35.47
C LEU NB 166 -49.78 -120.13 -35.38
N PRO NB 167 -50.37 -118.92 -35.50
CA PRO NB 167 -51.83 -118.85 -35.64
C PRO NB 167 -52.32 -118.98 -37.08
N ILE NB 168 -53.59 -118.58 -37.25
CA ILE NB 168 -54.40 -118.74 -38.46
C ILE NB 168 -53.69 -118.29 -39.74
N ILE NB 169 -53.78 -119.14 -40.77
CA ILE NB 169 -53.24 -118.89 -42.10
C ILE NB 169 -54.33 -118.39 -43.06
N GLY NB 170 -55.61 -118.48 -42.69
CA GLY NB 170 -56.68 -118.13 -43.59
C GLY NB 170 -56.94 -116.62 -43.71
N HIS NB 171 -57.63 -116.25 -44.78
CA HIS NB 171 -57.77 -114.85 -45.17
C HIS NB 171 -58.75 -114.10 -44.26
N LEU NB 172 -58.84 -112.79 -44.47
CA LEU NB 172 -59.73 -111.95 -43.66
C LEU NB 172 -61.19 -112.21 -44.04
N GLU OB 1 -28.11 -140.96 -79.59
CA GLU OB 1 -27.25 -141.91 -78.87
C GLU OB 1 -28.08 -142.73 -77.89
N ASN OB 2 -28.70 -143.81 -78.34
CA ASN OB 2 -29.12 -144.81 -77.36
C ASN OB 2 -28.20 -146.01 -77.43
N GLU OB 3 -26.98 -145.86 -76.92
CA GLU OB 3 -26.19 -146.99 -76.48
C GLU OB 3 -26.45 -147.29 -75.03
N LEU OB 4 -27.01 -146.31 -74.30
CA LEU OB 4 -26.98 -146.11 -72.86
C LEU OB 4 -27.09 -147.35 -71.97
N GLY OB 5 -26.19 -147.48 -71.02
CA GLY OB 5 -26.37 -148.54 -70.06
C GLY OB 5 -25.30 -149.61 -70.09
N ALA OB 6 -25.73 -150.85 -70.37
CA ALA OB 6 -24.95 -152.01 -69.98
C ALA OB 6 -23.71 -152.19 -70.85
N GLN OB 7 -22.81 -153.01 -70.35
CA GLN OB 7 -21.40 -152.64 -70.31
C GLN OB 7 -20.62 -153.89 -69.89
N PRO OB 8 -19.29 -153.85 -69.71
CA PRO OB 8 -18.64 -154.94 -68.96
C PRO OB 8 -19.26 -155.10 -67.58
N PRO OB 9 -19.53 -156.32 -67.16
CA PRO OB 9 -19.22 -157.61 -67.78
C PRO OB 9 -20.37 -158.24 -68.57
N LEU OB 10 -21.29 -157.43 -69.08
CA LEU OB 10 -22.49 -157.97 -69.72
C LEU OB 10 -22.58 -157.52 -71.17
N GLY OB 11 -22.40 -156.24 -71.43
CA GLY OB 11 -22.75 -155.70 -72.73
C GLY OB 11 -24.26 -155.70 -72.87
N PHE OB 12 -24.73 -155.75 -74.12
CA PHE OB 12 -26.16 -155.87 -74.37
C PHE OB 12 -26.68 -157.19 -73.83
N PHE OB 13 -27.56 -157.12 -72.85
CA PHE OB 13 -28.01 -158.29 -72.10
C PHE OB 13 -29.53 -158.26 -72.05
N ASP OB 14 -30.15 -158.94 -73.01
CA ASP OB 14 -31.61 -159.10 -73.06
C ASP OB 14 -31.93 -160.58 -73.13
N PRO OB 15 -31.81 -161.29 -72.00
CA PRO OB 15 -31.80 -162.76 -72.06
C PRO OB 15 -33.16 -163.40 -72.30
N LEU OB 16 -34.25 -162.76 -71.87
CA LEU OB 16 -35.56 -163.35 -72.11
C LEU OB 16 -36.13 -162.97 -73.46
N GLY OB 17 -35.61 -161.94 -74.12
CA GLY OB 17 -35.85 -161.78 -75.54
C GLY OB 17 -36.95 -160.82 -75.95
N LEU OB 18 -37.51 -160.04 -75.01
CA LEU OB 18 -38.62 -159.16 -75.34
C LEU OB 18 -38.19 -158.02 -76.24
N VAL OB 19 -36.97 -157.53 -76.04
CA VAL OB 19 -36.54 -156.30 -76.68
C VAL OB 19 -35.90 -156.54 -78.03
N GLU OB 20 -35.40 -157.76 -78.27
CA GLU OB 20 -34.81 -158.10 -79.56
C GLU OB 20 -35.92 -158.21 -80.59
N ASP OB 21 -36.38 -157.04 -81.03
CA ASP OB 21 -37.40 -156.84 -82.04
C ASP OB 21 -36.77 -156.35 -83.33
N GLY OB 22 -35.54 -155.84 -83.27
CA GLY OB 22 -34.87 -155.26 -84.43
C GLY OB 22 -35.22 -153.80 -84.63
N ASN OB 23 -36.19 -153.34 -83.85
CA ASN OB 23 -36.71 -151.98 -83.94
C ASN OB 23 -36.40 -151.30 -82.63
N GLN OB 24 -35.72 -150.17 -82.72
CA GLN OB 24 -35.32 -149.47 -81.52
C GLN OB 24 -36.47 -148.68 -80.90
N ALA OB 25 -37.61 -148.54 -81.61
CA ALA OB 25 -38.68 -147.64 -81.20
C ALA OB 25 -39.35 -148.08 -79.89
N LYS OB 26 -39.34 -149.38 -79.60
CA LYS OB 26 -39.81 -149.84 -78.30
C LYS OB 26 -38.68 -149.84 -77.28
N PHE OB 27 -37.47 -150.18 -77.74
CA PHE OB 27 -36.24 -150.04 -76.95
C PHE OB 27 -36.04 -148.59 -76.53
N ASP OB 28 -36.44 -147.66 -77.39
CA ASP OB 28 -36.55 -146.23 -77.12
C ASP OB 28 -37.33 -145.90 -75.85
N ARG OB 29 -38.58 -146.38 -75.77
CA ARG OB 29 -39.46 -145.99 -74.68
C ARG OB 29 -39.01 -146.57 -73.35
N LEU OB 30 -38.74 -147.88 -73.33
CA LEU OB 30 -38.30 -148.58 -72.12
C LEU OB 30 -37.01 -148.04 -71.54
N ARG OB 31 -36.18 -147.39 -72.38
CA ARG OB 31 -34.93 -146.79 -71.92
C ARG OB 31 -35.20 -145.65 -70.96
N TYR OB 32 -36.02 -144.69 -71.39
CA TYR OB 32 -36.38 -143.58 -70.54
C TYR OB 32 -37.30 -144.00 -69.40
N VAL OB 33 -38.03 -145.10 -69.59
CA VAL OB 33 -38.72 -145.72 -68.47
C VAL OB 33 -37.71 -146.14 -67.40
N GLU OB 34 -36.62 -146.81 -67.83
CA GLU OB 34 -35.57 -147.23 -66.90
C GLU OB 34 -34.83 -146.02 -66.31
N LEU OB 35 -34.71 -144.93 -67.08
CA LEU OB 35 -34.11 -143.71 -66.58
C LEU OB 35 -34.88 -143.15 -65.40
N LYS OB 36 -36.20 -143.08 -65.53
CA LYS OB 36 -37.03 -142.47 -64.51
C LYS OB 36 -37.12 -143.35 -63.27
N HIS OB 37 -37.40 -144.65 -63.47
CA HIS OB 37 -37.34 -145.61 -62.36
C HIS OB 37 -35.95 -145.67 -61.76
N GLY OB 38 -34.93 -145.41 -62.56
CA GLY OB 38 -33.60 -145.13 -62.07
C GLY OB 38 -33.62 -143.98 -61.10
N ARG OB 39 -34.05 -142.80 -61.57
CA ARG OB 39 -33.96 -141.58 -60.78
C ARG OB 39 -34.82 -141.63 -59.53
N ILE OB 40 -35.94 -142.35 -59.59
CA ILE OB 40 -36.85 -142.41 -58.44
C ILE OB 40 -36.29 -143.31 -57.37
N SER OB 41 -35.78 -144.47 -57.77
CA SER OB 41 -35.30 -145.45 -56.80
C SER OB 41 -34.01 -144.99 -56.12
N MET OB 42 -33.25 -144.11 -56.78
CA MET OB 42 -31.98 -143.67 -56.22
C MET OB 42 -32.18 -142.67 -55.10
N LEU OB 43 -33.13 -141.75 -55.27
CA LEU OB 43 -33.44 -140.83 -54.19
C LEU OB 43 -34.43 -141.43 -53.20
N ALA OB 44 -34.90 -142.64 -53.44
CA ALA OB 44 -35.71 -143.31 -52.43
C ALA OB 44 -34.84 -144.16 -51.50
N VAL OB 45 -33.77 -144.77 -52.01
CA VAL OB 45 -32.90 -145.55 -51.14
C VAL OB 45 -32.10 -144.64 -50.22
N VAL OB 46 -31.64 -143.50 -50.72
CA VAL OB 46 -30.88 -142.59 -49.87
C VAL OB 46 -31.83 -141.84 -48.95
N GLY OB 47 -33.07 -141.63 -49.41
CA GLY OB 47 -34.12 -141.21 -48.50
C GLY OB 47 -34.35 -142.23 -47.42
N TYR OB 48 -34.32 -143.51 -47.78
CA TYR OB 48 -34.48 -144.58 -46.80
C TYR OB 48 -33.31 -144.64 -45.82
N LEU OB 49 -32.10 -144.36 -46.30
CA LEU OB 49 -30.94 -144.43 -45.42
C LEU OB 49 -30.89 -143.23 -44.47
N ILE OB 50 -31.26 -142.04 -44.97
CA ILE OB 50 -31.15 -140.84 -44.14
C ILE OB 50 -32.33 -140.79 -43.14
N GLU OB 51 -33.49 -141.33 -43.53
CA GLU OB 51 -34.59 -141.46 -42.58
C GLU OB 51 -34.25 -142.48 -41.48
N LYS OB 52 -33.47 -143.51 -41.81
CA LYS OB 52 -33.18 -144.54 -40.83
C LYS OB 52 -32.05 -144.14 -39.88
N ALA OB 53 -31.11 -143.32 -40.35
CA ALA OB 53 -29.98 -142.92 -39.53
C ALA OB 53 -30.35 -141.99 -38.37
N GLY OB 54 -31.62 -141.64 -38.20
CA GLY OB 54 -32.05 -140.77 -37.14
C GLY OB 54 -31.99 -139.30 -37.51
N ILE OB 55 -31.73 -138.99 -38.76
CA ILE OB 55 -31.64 -137.61 -39.22
C ILE OB 55 -33.07 -137.14 -39.52
N ARG OB 56 -33.63 -136.38 -38.60
CA ARG OB 56 -34.96 -135.80 -38.76
C ARG OB 56 -34.85 -134.29 -38.63
N LEU OB 57 -35.98 -133.63 -38.72
CA LEU OB 57 -36.10 -132.20 -38.52
C LEU OB 57 -36.70 -131.91 -37.15
N PRO OB 58 -36.44 -130.74 -36.58
CA PRO OB 58 -37.08 -130.40 -35.30
C PRO OB 58 -38.47 -129.83 -35.47
N GLY OB 59 -39.29 -130.01 -34.44
CA GLY OB 59 -40.62 -129.43 -34.37
C GLY OB 59 -41.70 -130.38 -34.85
N ASN OB 60 -42.94 -129.93 -34.67
CA ASN OB 60 -44.11 -130.67 -35.15
C ASN OB 60 -44.17 -130.63 -36.68
N ILE OB 61 -45.08 -131.41 -37.26
CA ILE OB 61 -45.32 -131.25 -38.69
C ILE OB 61 -46.50 -130.32 -38.95
N SER OB 62 -47.47 -130.24 -38.04
CA SER OB 62 -48.73 -129.60 -38.35
C SER OB 62 -49.49 -129.32 -37.05
N TYR OB 63 -50.77 -128.97 -37.20
CA TYR OB 63 -51.65 -128.77 -36.06
C TYR OB 63 -51.96 -130.06 -35.32
N ASP OB 64 -51.83 -131.22 -35.99
CA ASP OB 64 -51.92 -132.56 -35.42
C ASP OB 64 -51.04 -132.74 -34.18
N GLY OB 65 -49.87 -132.10 -34.14
CA GLY OB 65 -48.97 -132.35 -33.05
C GLY OB 65 -48.09 -133.55 -33.31
N THR OB 66 -47.86 -133.86 -34.57
CA THR OB 66 -46.98 -134.94 -34.98
C THR OB 66 -45.61 -134.34 -35.23
N THR OB 67 -44.61 -134.73 -34.46
CA THR OB 67 -43.27 -134.25 -34.76
C THR OB 67 -42.70 -135.02 -35.95
N PHE OB 68 -41.53 -134.59 -36.42
CA PHE OB 68 -40.82 -135.38 -37.41
C PHE OB 68 -40.25 -136.64 -36.81
N ALA OB 69 -40.12 -136.70 -35.49
CA ALA OB 69 -39.72 -137.93 -34.82
C ALA OB 69 -40.89 -138.89 -34.63
N ASP OB 70 -42.12 -138.37 -34.61
CA ASP OB 70 -43.29 -139.21 -34.38
C ASP OB 70 -43.54 -140.15 -35.54
N ILE OB 71 -43.33 -139.65 -36.76
CA ILE OB 71 -43.55 -140.42 -37.99
C ILE OB 71 -42.53 -141.55 -38.04
N PRO OB 72 -42.98 -142.81 -37.98
CA PRO OB 72 -42.05 -143.92 -37.79
C PRO OB 72 -41.18 -144.17 -39.02
N ASP OB 73 -40.13 -144.95 -38.82
CA ASP OB 73 -39.22 -145.27 -39.91
C ASP OB 73 -39.83 -146.37 -40.78
N GLY OB 74 -39.51 -146.34 -42.07
CA GLY OB 74 -39.92 -147.41 -42.95
C GLY OB 74 -41.18 -147.09 -43.73
N PHE OB 75 -41.95 -148.15 -44.02
CA PHE OB 75 -43.06 -148.08 -44.97
C PHE OB 75 -44.19 -147.19 -44.46
N ALA OB 76 -44.48 -147.27 -43.16
CA ALA OB 76 -45.67 -146.63 -42.62
C ALA OB 76 -45.58 -145.11 -42.65
N ALA OB 77 -44.38 -144.58 -42.84
CA ALA OB 77 -44.14 -143.14 -42.82
C ALA OB 77 -44.93 -142.41 -43.90
N LEU OB 78 -44.83 -142.87 -45.15
CA LEU OB 78 -45.56 -142.23 -46.24
C LEU OB 78 -47.06 -142.45 -46.12
N SER OB 79 -47.48 -143.56 -45.51
CA SER OB 79 -48.89 -143.89 -45.44
C SER OB 79 -49.63 -143.03 -44.42
N LYS OB 80 -48.96 -142.65 -43.33
CA LYS OB 80 -49.61 -141.88 -42.27
C LYS OB 80 -49.16 -140.42 -42.22
N ILE OB 81 -48.58 -139.92 -43.30
CA ILE OB 81 -48.54 -138.48 -43.57
C ILE OB 81 -49.99 -138.04 -43.59
N PRO OB 82 -50.36 -136.92 -42.94
CA PRO OB 82 -51.75 -136.46 -43.00
C PRO OB 82 -52.16 -136.16 -44.42
N ASP OB 83 -53.45 -136.37 -44.71
CA ASP OB 83 -53.95 -136.45 -46.08
C ASP OB 83 -53.64 -135.17 -46.85
N ALA OB 84 -53.90 -134.01 -46.21
CA ALA OB 84 -53.70 -132.70 -46.83
C ALA OB 84 -52.24 -132.45 -47.20
N GLY OB 85 -51.31 -133.12 -46.52
CA GLY OB 85 -49.93 -133.09 -46.96
C GLY OB 85 -49.70 -133.91 -48.22
N LEU OB 86 -50.42 -135.01 -48.37
CA LEU OB 86 -50.23 -135.89 -49.53
C LEU OB 86 -50.78 -135.24 -50.80
N PHE OB 87 -51.78 -134.35 -50.65
CA PHE OB 87 -52.23 -133.56 -51.78
C PHE OB 87 -51.19 -132.54 -52.19
N GLN OB 88 -50.54 -131.92 -51.21
CA GLN OB 88 -49.55 -130.90 -51.53
C GLN OB 88 -48.30 -131.52 -52.11
N LEU OB 89 -48.05 -132.80 -51.82
CA LEU OB 89 -47.15 -133.59 -52.65
C LEU OB 89 -47.69 -133.68 -54.07
N PHE OB 90 -48.94 -134.13 -54.21
CA PHE OB 90 -49.59 -134.28 -55.51
C PHE OB 90 -49.72 -132.94 -56.23
N ALA OB 91 -49.89 -131.87 -55.45
CA ALA OB 91 -49.92 -130.53 -55.99
C ALA OB 91 -48.59 -130.16 -56.62
N PHE OB 92 -47.53 -130.20 -55.82
CA PHE OB 92 -46.26 -129.66 -56.28
C PHE OB 92 -45.54 -130.63 -57.21
N ILE OB 93 -45.51 -131.92 -56.86
CA ILE OB 93 -44.82 -132.89 -57.70
C ILE OB 93 -45.52 -133.02 -59.04
N GLY OB 94 -46.86 -133.10 -59.03
CA GLY OB 94 -47.60 -133.26 -60.28
C GLY OB 94 -47.49 -132.07 -61.21
N PHE OB 95 -47.35 -130.88 -60.63
CA PHE OB 95 -46.97 -129.71 -61.42
C PHE OB 95 -45.57 -129.86 -61.97
N LEU OB 96 -44.64 -130.28 -61.11
CA LEU OB 96 -43.26 -130.51 -61.51
C LEU OB 96 -43.11 -131.71 -62.42
N GLU OB 97 -44.01 -132.68 -62.35
CA GLU OB 97 -43.77 -133.95 -63.04
C GLU OB 97 -44.19 -133.91 -64.50
N VAL OB 98 -45.49 -133.76 -64.75
CA VAL OB 98 -46.04 -134.10 -66.06
C VAL OB 98 -45.66 -133.03 -67.08
N PHE OB 99 -45.88 -131.77 -66.73
CA PHE OB 99 -45.46 -130.57 -67.42
C PHE OB 99 -44.19 -130.03 -66.75
N VAL OB 100 -44.22 -128.73 -66.58
CA VAL OB 100 -43.21 -127.69 -66.76
C VAL OB 100 -41.73 -128.03 -66.65
N MET OB 101 -41.27 -128.48 -65.48
CA MET OB 101 -39.86 -128.30 -65.19
C MET OB 101 -39.06 -129.53 -65.59
N LYS OB 102 -39.69 -130.68 -65.59
CA LYS OB 102 -39.04 -131.94 -65.86
C LYS OB 102 -39.50 -132.60 -67.12
N ASP OB 103 -40.12 -131.83 -68.01
CA ASP OB 103 -41.31 -132.23 -68.78
C ASP OB 103 -41.13 -133.57 -69.45
N ILE OB 104 -41.78 -134.58 -68.89
CA ILE OB 104 -41.45 -135.95 -69.22
C ILE OB 104 -42.19 -136.45 -70.45
N THR OB 105 -43.34 -135.86 -70.80
CA THR OB 105 -44.35 -136.49 -71.63
C THR OB 105 -43.86 -136.66 -73.06
N GLY OB 106 -44.19 -137.80 -73.66
CA GLY OB 106 -43.53 -138.29 -74.84
C GLY OB 106 -42.41 -139.26 -74.53
N GLY OB 107 -41.54 -138.90 -73.58
CA GLY OB 107 -40.79 -139.88 -72.85
C GLY OB 107 -39.56 -140.53 -73.44
N GLU OB 108 -38.59 -139.72 -73.88
CA GLU OB 108 -37.24 -140.19 -74.20
C GLU OB 108 -36.31 -139.02 -74.48
N PHE OB 109 -35.08 -139.11 -73.95
CA PHE OB 109 -34.01 -138.11 -74.10
C PHE OB 109 -34.51 -136.71 -73.80
N VAL OB 110 -35.26 -136.62 -72.70
CA VAL OB 110 -35.84 -135.35 -72.30
C VAL OB 110 -34.73 -134.37 -71.94
N GLY OB 111 -33.75 -134.84 -71.20
CA GLY OB 111 -32.54 -134.06 -71.04
C GLY OB 111 -32.58 -132.95 -70.05
N ASP OB 112 -33.72 -132.25 -69.92
CA ASP OB 112 -34.06 -131.35 -68.80
C ASP OB 112 -33.11 -130.15 -68.64
N PHE OB 113 -32.13 -130.04 -69.53
CA PHE OB 113 -31.08 -129.02 -69.63
C PHE OB 113 -30.44 -128.62 -68.31
N ARG OB 114 -30.08 -129.60 -67.50
CA ARG OB 114 -29.43 -129.35 -66.23
C ARG OB 114 -28.09 -130.08 -66.20
N ASN OB 115 -27.09 -129.41 -65.66
CA ASN OB 115 -25.81 -130.03 -65.39
C ASN OB 115 -25.62 -130.19 -63.89
N GLY OB 116 -24.80 -131.16 -63.50
CA GLY OB 116 -24.62 -131.44 -62.09
C GLY OB 116 -23.82 -130.40 -61.33
N PHE OB 117 -22.62 -130.11 -61.84
CA PHE OB 117 -21.65 -129.22 -61.23
C PHE OB 117 -21.17 -128.15 -62.19
N ILE OB 118 -22.04 -127.32 -62.78
CA ILE OB 118 -22.30 -127.09 -64.22
C ILE OB 118 -21.43 -127.80 -65.31
N ASP OB 119 -20.35 -128.47 -64.93
CA ASP OB 119 -19.49 -129.31 -65.77
C ASP OB 119 -20.21 -130.45 -66.50
N PHE OB 120 -19.37 -131.17 -67.27
CA PHE OB 120 -19.66 -132.22 -68.24
C PHE OB 120 -20.92 -131.96 -69.08
N GLY OB 121 -20.88 -130.82 -69.79
CA GLY OB 121 -21.64 -130.65 -71.01
C GLY OB 121 -20.95 -131.37 -72.16
N TRP OB 122 -21.52 -131.19 -73.36
CA TRP OB 122 -20.95 -131.82 -74.56
C TRP OB 122 -19.53 -131.31 -74.83
N ASP OB 123 -19.33 -130.00 -74.73
CA ASP OB 123 -17.98 -129.46 -74.85
C ASP OB 123 -17.19 -129.69 -73.57
N SER OB 124 -16.56 -130.85 -73.51
CA SER OB 124 -15.52 -131.23 -72.56
C SER OB 124 -14.90 -132.48 -73.19
N PHE OB 125 -14.45 -133.39 -72.35
CA PHE OB 125 -14.45 -134.80 -72.71
C PHE OB 125 -15.67 -135.16 -73.55
N ASP OB 126 -15.44 -135.75 -74.70
CA ASP OB 126 -16.53 -136.32 -75.48
C ASP OB 126 -16.72 -137.80 -75.19
N GLU OB 127 -15.88 -138.37 -74.33
CA GLU OB 127 -15.94 -139.75 -73.92
C GLU OB 127 -16.53 -139.91 -72.53
N GLU OB 128 -16.56 -138.85 -71.73
CA GLU OB 128 -16.96 -139.00 -70.34
C GLU OB 128 -18.41 -138.61 -70.12
N THR OB 129 -18.82 -137.43 -70.61
CA THR OB 129 -20.19 -136.96 -70.42
C THR OB 129 -21.19 -137.80 -71.20
N LYS OB 130 -20.74 -138.49 -72.24
CA LYS OB 130 -21.53 -139.45 -72.99
C LYS OB 130 -20.81 -140.78 -72.97
N LEU OB 131 -21.58 -141.86 -72.86
CA LEU OB 131 -21.21 -143.28 -72.82
C LEU OB 131 -20.59 -143.70 -71.48
N LYS OB 132 -20.21 -142.78 -70.58
CA LYS OB 132 -19.77 -143.25 -69.27
C LYS OB 132 -20.53 -142.66 -68.10
N LYS OB 133 -20.55 -141.33 -67.95
CA LYS OB 133 -21.24 -140.73 -66.81
C LYS OB 133 -22.73 -140.80 -66.99
N ARG OB 134 -23.18 -140.70 -68.24
CA ARG OB 134 -24.55 -140.98 -68.57
C ARG OB 134 -24.87 -142.45 -68.32
N ALA OB 135 -23.87 -143.33 -68.47
CA ALA OB 135 -24.08 -144.76 -68.29
C ALA OB 135 -24.13 -145.16 -66.82
N ILE OB 136 -23.43 -144.44 -65.93
CA ILE OB 136 -23.43 -144.89 -64.54
C ILE OB 136 -24.78 -144.65 -63.88
N GLU OB 137 -25.42 -143.53 -64.20
CA GLU OB 137 -26.63 -143.10 -63.51
C GLU OB 137 -27.79 -144.07 -63.69
N LEU OB 138 -27.98 -144.55 -64.91
CA LEU OB 138 -28.92 -145.63 -65.16
C LEU OB 138 -28.50 -146.90 -64.41
N ASN OB 139 -27.21 -147.24 -64.45
CA ASN OB 139 -26.72 -148.40 -63.68
C ASN OB 139 -26.81 -148.14 -62.19
N GLN OB 140 -26.59 -146.90 -61.76
CA GLN OB 140 -26.87 -146.49 -60.39
C GLN OB 140 -28.33 -146.71 -60.06
N GLY OB 141 -29.22 -146.47 -61.03
CA GLY OB 141 -30.61 -146.82 -60.84
C GLY OB 141 -30.82 -148.31 -60.78
N ARG OB 142 -30.02 -149.07 -61.53
CA ARG OB 142 -30.17 -150.52 -61.56
C ARG OB 142 -29.82 -151.14 -60.21
N ALA OB 143 -28.93 -150.50 -59.46
CA ALA OB 143 -28.68 -150.94 -58.10
C ALA OB 143 -29.83 -150.56 -57.18
N ALA OB 144 -30.38 -149.36 -57.38
CA ALA OB 144 -31.34 -148.82 -56.42
C ALA OB 144 -32.75 -149.36 -56.66
N MET OB 145 -33.08 -149.70 -57.91
CA MET OB 145 -34.34 -150.36 -58.20
C MET OB 145 -34.40 -151.73 -57.52
N MET OB 146 -33.27 -152.44 -57.53
CA MET OB 146 -33.17 -153.67 -56.78
C MET OB 146 -33.12 -153.41 -55.27
N GLY OB 147 -32.72 -152.20 -54.88
CA GLY OB 147 -32.58 -151.91 -53.46
C GLY OB 147 -33.91 -151.78 -52.76
N ILE OB 148 -34.98 -151.47 -53.49
CA ILE OB 148 -36.26 -151.20 -52.87
C ILE OB 148 -37.15 -152.44 -52.86
N LEU OB 149 -37.09 -153.22 -53.95
CA LEU OB 149 -37.70 -154.56 -53.98
C LEU OB 149 -37.23 -155.38 -52.81
N ALA OB 150 -35.92 -155.33 -52.57
CA ALA OB 150 -35.35 -155.70 -51.29
C ALA OB 150 -36.09 -155.04 -50.15
N LEU OB 151 -36.01 -153.70 -50.10
CA LEU OB 151 -36.35 -152.90 -48.92
C LEU OB 151 -37.78 -153.12 -48.48
N MET OB 152 -38.69 -153.20 -49.45
CA MET OB 152 -40.09 -153.54 -49.15
C MET OB 152 -40.19 -154.93 -48.56
N VAL OB 153 -39.51 -155.91 -49.16
CA VAL OB 153 -39.59 -157.29 -48.68
C VAL OB 153 -38.83 -157.44 -47.36
N HIS OB 154 -37.74 -156.66 -47.18
CA HIS OB 154 -37.10 -156.56 -45.87
C HIS OB 154 -38.08 -156.01 -44.82
N GLU OB 155 -38.95 -155.09 -45.23
CA GLU OB 155 -39.92 -154.50 -44.30
C GLU OB 155 -41.22 -155.27 -44.24
N LYS OB 156 -41.52 -156.09 -45.25
CA LYS OB 156 -42.87 -156.66 -45.40
C LYS OB 156 -43.19 -157.65 -44.29
N LEU OB 157 -42.23 -158.47 -43.90
CA LEU OB 157 -42.51 -159.61 -43.04
C LEU OB 157 -42.38 -159.28 -41.55
N ILE OB 158 -41.27 -158.66 -41.16
CA ILE OB 158 -40.75 -158.44 -39.81
C ILE OB 158 -40.65 -156.91 -39.86
N PRO OB 159 -40.42 -156.13 -38.78
CA PRO OB 159 -40.57 -154.68 -38.89
C PRO OB 159 -39.49 -153.98 -39.70
N LEU OB 160 -39.48 -152.63 -39.56
CA LEU OB 160 -38.57 -151.69 -40.23
C LEU OB 160 -37.11 -152.09 -40.10
N GLY OB 161 -36.25 -151.60 -40.99
CA GLY OB 161 -34.92 -152.17 -41.13
C GLY OB 161 -33.98 -151.91 -39.97
N TYR OB 162 -34.18 -150.80 -39.26
CA TYR OB 162 -33.39 -150.54 -38.05
C TYR OB 162 -33.75 -151.53 -36.94
N ASP OB 163 -35.01 -151.99 -36.93
CA ASP OB 163 -35.51 -153.13 -36.16
C ASP OB 163 -35.40 -154.43 -36.97
N ALA OB 164 -34.79 -154.39 -38.14
CA ALA OB 164 -34.38 -155.66 -38.73
C ALA OB 164 -32.89 -155.88 -38.54
N ASP OB 165 -32.18 -154.82 -38.14
CA ASP OB 165 -30.74 -154.93 -37.97
C ASP OB 165 -30.34 -155.10 -36.51
N LEU OB 166 -31.22 -154.73 -35.57
CA LEU OB 166 -30.90 -155.01 -34.17
C LEU OB 166 -31.19 -156.48 -33.86
N PRO OB 167 -32.40 -157.07 -34.21
CA PRO OB 167 -32.48 -158.54 -34.24
C PRO OB 167 -31.97 -159.14 -35.54
N ILE OB 168 -32.35 -160.41 -35.74
CA ILE OB 168 -31.84 -161.31 -36.77
C ILE OB 168 -31.78 -160.67 -38.16
N ILE OB 169 -30.69 -160.95 -38.87
CA ILE OB 169 -30.53 -160.55 -40.26
C ILE OB 169 -30.76 -161.71 -41.22
N GLY OB 170 -30.68 -162.96 -40.73
CA GLY OB 170 -30.75 -164.13 -41.58
C GLY OB 170 -32.12 -164.37 -42.20
N HIS OB 171 -32.13 -165.30 -43.16
CA HIS OB 171 -33.32 -165.66 -43.90
C HIS OB 171 -34.37 -166.32 -43.00
N LEU OB 172 -35.61 -166.38 -43.49
CA LEU OB 172 -36.71 -166.95 -42.71
C LEU OB 172 -36.55 -168.46 -42.54
N GLU PB 1 4.00 -140.35 -69.01
CA GLU PB 1 3.80 -141.78 -69.08
C GLU PB 1 5.00 -142.53 -68.54
N ASN PB 2 5.94 -142.83 -69.45
CA ASN PB 2 7.29 -143.13 -68.99
C ASN PB 2 7.97 -141.85 -68.51
N GLU PB 3 7.58 -140.72 -69.09
CA GLU PB 3 7.97 -139.40 -68.64
C GLU PB 3 7.16 -138.91 -67.45
N LEU PB 4 6.38 -139.79 -66.83
CA LEU PB 4 5.59 -139.43 -65.68
C LEU PB 4 6.39 -139.68 -64.41
N GLY PB 5 6.51 -138.66 -63.57
CA GLY PB 5 7.08 -138.89 -62.27
C GLY PB 5 8.08 -137.84 -61.88
N ALA PB 6 9.33 -138.27 -61.71
CA ALA PB 6 10.35 -137.40 -61.18
C ALA PB 6 10.77 -136.35 -62.19
N GLN PB 7 11.44 -135.35 -61.68
CA GLN PB 7 11.13 -133.98 -62.01
C GLN PB 7 12.23 -133.12 -61.40
N PRO PB 8 12.21 -131.78 -61.46
CA PRO PB 8 13.13 -131.01 -60.58
C PRO PB 8 12.90 -131.35 -59.13
N PRO PB 9 13.96 -131.52 -58.35
CA PRO PB 9 15.38 -131.33 -58.65
C PRO PB 9 16.12 -132.61 -59.03
N LEU PB 10 15.40 -133.58 -59.61
CA LEU PB 10 16.03 -134.88 -59.84
C LEU PB 10 16.00 -135.24 -61.32
N GLY PB 11 14.83 -135.16 -61.96
CA GLY PB 11 14.67 -135.72 -63.28
C GLY PB 11 14.64 -137.25 -63.17
N PHE PB 12 15.00 -137.92 -64.27
CA PHE PB 12 15.14 -139.37 -64.21
C PHE PB 12 16.28 -139.74 -63.27
N PHE PB 13 15.92 -140.41 -62.18
CA PHE PB 13 16.84 -140.70 -61.08
C PHE PB 13 16.72 -142.19 -60.79
N ASP PB 14 17.66 -142.97 -61.34
CA ASP PB 14 17.71 -144.41 -61.11
C ASP PB 14 19.12 -144.75 -60.67
N PRO PB 15 19.47 -144.41 -59.42
CA PRO PB 15 20.90 -144.36 -59.04
C PRO PB 15 21.56 -145.71 -58.87
N LEU PB 16 20.82 -146.75 -58.51
CA LEU PB 16 21.39 -148.08 -58.38
C LEU PB 16 21.36 -148.86 -59.69
N GLY PB 17 20.65 -148.36 -60.70
CA GLY PB 17 20.82 -148.91 -62.05
C GLY PB 17 20.13 -150.22 -62.30
N LEU PB 18 19.10 -150.57 -61.52
CA LEU PB 18 18.36 -151.81 -61.76
C LEU PB 18 17.48 -151.68 -62.98
N VAL PB 19 16.86 -150.52 -63.16
CA VAL PB 19 15.80 -150.38 -64.15
C VAL PB 19 16.40 -150.10 -65.53
N GLU PB 20 17.59 -149.48 -65.58
CA GLU PB 20 18.14 -148.96 -66.83
C GLU PB 20 18.54 -150.11 -67.75
N ASP PB 21 17.53 -150.63 -68.43
CA ASP PB 21 17.63 -151.78 -69.31
C ASP PB 21 17.53 -151.38 -70.77
N GLY PB 22 17.05 -150.17 -71.04
CA GLY PB 22 16.80 -149.71 -72.40
C GLY PB 22 15.45 -150.18 -72.90
N ASN PB 23 14.75 -150.94 -72.08
CA ASN PB 23 13.43 -151.48 -72.40
C ASN PB 23 12.45 -150.90 -71.40
N GLN PB 24 11.35 -150.38 -71.90
CA GLN PB 24 10.36 -149.77 -71.04
C GLN PB 24 9.31 -150.76 -70.57
N ALA PB 25 9.38 -152.02 -71.02
CA ALA PB 25 8.38 -153.04 -70.67
C ALA PB 25 8.43 -153.37 -69.18
N LYS PB 26 9.62 -153.59 -68.63
CA LYS PB 26 9.74 -153.72 -67.18
C LYS PB 26 9.55 -152.37 -66.49
N PHE PB 27 9.95 -151.29 -67.18
CA PHE PB 27 9.76 -149.95 -66.64
C PHE PB 27 8.30 -149.56 -66.60
N ASP PB 28 7.49 -150.16 -67.47
CA ASP PB 28 6.04 -150.05 -67.38
C ASP PB 28 5.57 -150.59 -66.05
N ARG PB 29 5.79 -151.89 -65.83
CA ARG PB 29 5.13 -152.62 -64.75
C ARG PB 29 5.44 -152.03 -63.38
N LEU PB 30 6.70 -151.65 -63.15
CA LEU PB 30 7.08 -151.00 -61.90
C LEU PB 30 6.44 -149.63 -61.69
N ARG PB 31 6.01 -148.97 -62.76
CA ARG PB 31 5.43 -147.63 -62.62
C ARG PB 31 4.01 -147.71 -62.08
N TYR PB 32 3.20 -148.61 -62.62
CA TYR PB 32 1.87 -148.82 -62.06
C TYR PB 32 1.94 -149.49 -60.69
N VAL PB 33 3.00 -150.25 -60.43
CA VAL PB 33 3.30 -150.68 -59.07
C VAL PB 33 3.49 -149.46 -58.17
N GLU PB 34 4.27 -148.48 -58.62
CA GLU PB 34 4.48 -147.24 -57.85
C GLU PB 34 3.19 -146.43 -57.72
N LEU PB 35 2.32 -146.48 -58.74
CA LEU PB 35 1.02 -145.80 -58.66
C LEU PB 35 0.14 -146.41 -57.59
N LYS PB 36 0.16 -147.73 -57.47
CA LYS PB 36 -0.75 -148.39 -56.54
C LYS PB 36 -0.25 -148.28 -55.11
N HIS PB 37 1.05 -148.51 -54.88
CA HIS PB 37 1.64 -148.24 -53.57
C HIS PB 37 1.51 -146.77 -53.21
N GLY PB 38 1.55 -145.90 -54.21
CA GLY PB 38 1.18 -144.52 -54.09
C GLY PB 38 -0.18 -144.37 -53.44
N ARG PB 39 -1.21 -144.92 -54.07
CA ARG PB 39 -2.59 -144.68 -53.62
C ARG PB 39 -2.87 -145.30 -52.26
N ILE PB 40 -2.20 -146.41 -51.95
CA ILE PB 40 -2.47 -147.09 -50.69
C ILE PB 40 -1.80 -146.36 -49.54
N SER PB 41 -0.56 -145.92 -49.75
CA SER PB 41 0.17 -145.24 -48.69
C SER PB 41 -0.42 -143.87 -48.39
N MET PB 42 -1.03 -143.23 -49.38
CA MET PB 42 -1.55 -141.89 -49.18
C MET PB 42 -2.83 -141.90 -48.35
N LEU PB 43 -3.69 -142.88 -48.57
CA LEU PB 43 -4.86 -142.98 -47.72
C LEU PB 43 -4.58 -143.75 -46.44
N ALA PB 44 -3.41 -144.35 -46.31
CA ALA PB 44 -3.05 -144.97 -45.03
C ALA PB 44 -2.46 -143.94 -44.09
N VAL PB 45 -1.70 -142.97 -44.60
CA VAL PB 45 -1.16 -141.94 -43.72
C VAL PB 45 -2.26 -141.01 -43.25
N VAL PB 46 -3.19 -140.63 -44.12
CA VAL PB 46 -4.24 -139.72 -43.71
C VAL PB 46 -5.24 -140.46 -42.85
N GLY PB 47 -5.39 -141.77 -43.09
CA GLY PB 47 -6.14 -142.60 -42.16
C GLY PB 47 -5.46 -142.65 -40.81
N TYR PB 48 -4.12 -142.74 -40.82
CA TYR PB 48 -3.37 -142.70 -39.58
C TYR PB 48 -3.49 -141.35 -38.89
N LEU PB 49 -3.58 -140.27 -39.66
CA LEU PB 49 -3.70 -138.94 -39.08
C LEU PB 49 -5.09 -138.72 -38.49
N ILE PB 50 -6.12 -139.23 -39.16
CA ILE PB 50 -7.48 -138.98 -38.70
C ILE PB 50 -7.84 -139.92 -37.56
N GLU PB 51 -7.25 -141.12 -37.54
CA GLU PB 51 -7.42 -142.01 -36.39
C GLU PB 51 -6.74 -141.43 -35.14
N LYS PB 52 -5.62 -140.74 -35.31
CA LYS PB 52 -4.88 -140.26 -34.15
C LYS PB 52 -5.47 -138.99 -33.56
N ALA PB 53 -6.12 -138.17 -34.39
CA ALA PB 53 -6.66 -136.90 -33.94
C ALA PB 53 -7.86 -137.04 -33.01
N GLY PB 54 -8.28 -138.26 -32.68
CA GLY PB 54 -9.44 -138.47 -31.85
C GLY PB 54 -10.74 -138.51 -32.60
N ILE PB 55 -10.69 -138.51 -33.93
CA ILE PB 55 -11.88 -138.55 -34.76
C ILE PB 55 -12.31 -140.01 -34.89
N ARG PB 56 -13.33 -140.38 -34.13
CA ARG PB 56 -13.92 -141.71 -34.18
C ARG PB 56 -15.41 -141.58 -34.43
N LEU PB 57 -16.05 -142.72 -34.61
CA LEU PB 57 -17.49 -142.82 -34.74
C LEU PB 57 -18.12 -143.14 -33.39
N PRO PB 58 -19.38 -142.82 -33.19
CA PRO PB 58 -20.07 -143.30 -31.99
C PRO PB 58 -20.55 -144.73 -32.15
N GLY PB 59 -20.77 -145.38 -31.02
CA GLY PB 59 -21.40 -146.69 -30.98
C GLY PB 59 -20.41 -147.84 -30.90
N ASN PB 60 -20.95 -149.02 -30.61
CA ASN PB 60 -20.16 -150.24 -30.62
C ASN PB 60 -19.84 -150.66 -32.05
N ILE PB 61 -18.78 -151.47 -32.21
CA ILE PB 61 -18.50 -152.00 -33.54
C ILE PB 61 -19.30 -153.28 -33.82
N SER PB 62 -19.69 -154.04 -32.80
CA SER PB 62 -20.42 -155.29 -33.04
C SER PB 62 -21.10 -155.73 -31.75
N TYR PB 63 -21.53 -156.99 -31.75
CA TYR PB 63 -22.09 -157.64 -30.56
C TYR PB 63 -21.03 -157.84 -29.47
N ASP PB 64 -19.74 -157.84 -29.84
CA ASP PB 64 -18.60 -157.82 -28.92
C ASP PB 64 -18.71 -156.72 -27.87
N GLY PB 65 -19.30 -155.57 -28.21
CA GLY PB 65 -19.32 -154.48 -27.26
C GLY PB 65 -18.05 -153.67 -27.31
N THR PB 66 -17.38 -153.67 -28.46
CA THR PB 66 -16.19 -152.89 -28.70
C THR PB 66 -16.64 -151.59 -29.37
N THR PB 67 -16.42 -150.45 -28.71
CA THR PB 67 -16.78 -149.21 -29.41
C THR PB 67 -15.73 -148.87 -30.45
N PHE PB 68 -16.01 -147.81 -31.20
CA PHE PB 68 -14.98 -147.25 -32.08
C PHE PB 68 -13.88 -146.59 -31.28
N ALA PB 69 -14.15 -146.21 -30.03
CA ALA PB 69 -13.12 -145.70 -29.14
C ALA PB 69 -12.30 -146.82 -28.51
N ASP PB 70 -12.88 -148.02 -28.40
CA ASP PB 70 -12.19 -149.12 -27.71
C ASP PB 70 -10.99 -149.62 -28.51
N ILE PB 71 -11.14 -149.69 -29.83
CA ILE PB 71 -10.07 -150.09 -30.73
C ILE PB 71 -8.96 -149.06 -30.62
N PRO PB 72 -7.74 -149.46 -30.25
CA PRO PB 72 -6.68 -148.48 -30.01
C PRO PB 72 -6.21 -147.82 -31.30
N ASP PB 73 -5.46 -146.74 -31.12
CA ASP PB 73 -4.78 -146.08 -32.23
C ASP PB 73 -3.68 -147.00 -32.76
N GLY PB 74 -3.14 -146.67 -33.93
CA GLY PB 74 -1.90 -147.27 -34.38
C GLY PB 74 -2.07 -148.72 -34.81
N PHE PB 75 -0.95 -149.45 -34.73
CA PHE PB 75 -0.77 -150.73 -35.44
C PHE PB 75 -1.75 -151.79 -34.96
N ALA PB 76 -2.06 -151.79 -33.67
CA ALA PB 76 -2.87 -152.86 -33.08
C ALA PB 76 -4.30 -152.85 -33.57
N ALA PB 77 -4.74 -151.74 -34.17
CA ALA PB 77 -6.13 -151.55 -34.57
C ALA PB 77 -6.55 -152.56 -35.63
N LEU PB 78 -5.80 -152.63 -36.74
CA LEU PB 78 -6.14 -153.55 -37.83
C LEU PB 78 -6.01 -155.01 -37.41
N SER PB 79 -5.12 -155.29 -36.45
CA SER PB 79 -4.91 -156.67 -36.01
C SER PB 79 -6.05 -157.18 -35.15
N LYS PB 80 -6.60 -156.34 -34.27
CA LYS PB 80 -7.66 -156.78 -33.36
C LYS PB 80 -9.05 -156.33 -33.79
N ILE PB 81 -9.23 -155.96 -35.07
CA ILE PB 81 -10.52 -156.01 -35.74
C ILE PB 81 -11.01 -157.45 -35.60
N PRO PB 82 -12.28 -157.69 -35.24
CA PRO PB 82 -12.77 -159.07 -35.17
C PRO PB 82 -12.73 -159.73 -36.54
N ASP PB 83 -12.53 -161.05 -36.52
CA ASP PB 83 -12.12 -161.79 -37.71
C ASP PB 83 -13.15 -161.68 -38.83
N ALA PB 84 -14.43 -161.77 -38.47
CA ALA PB 84 -15.53 -161.70 -39.44
C ALA PB 84 -15.57 -160.37 -40.17
N GLY PB 85 -15.12 -159.30 -39.52
CA GLY PB 85 -14.96 -158.04 -40.22
C GLY PB 85 -13.83 -158.06 -41.22
N LEU PB 86 -12.76 -158.81 -40.92
CA LEU PB 86 -11.64 -158.91 -41.84
C LEU PB 86 -12.00 -159.74 -43.07
N PHE PB 87 -12.92 -160.72 -42.90
CA PHE PB 87 -13.44 -161.44 -44.06
C PHE PB 87 -14.26 -160.52 -44.96
N GLN PB 88 -15.02 -159.61 -44.35
CA GLN PB 88 -15.87 -158.71 -45.13
C GLN PB 88 -15.07 -157.57 -45.74
N LEU PB 89 -13.95 -157.22 -45.13
CA LEU PB 89 -12.94 -156.44 -45.85
C LEU PB 89 -12.50 -157.20 -47.08
N PHE PB 90 -12.16 -158.48 -46.91
CA PHE PB 90 -11.65 -159.31 -48.00
C PHE PB 90 -12.69 -159.53 -49.08
N ALA PB 91 -13.95 -159.67 -48.67
CA ALA PB 91 -15.03 -159.89 -49.61
C ALA PB 91 -15.28 -158.66 -50.46
N PHE PB 92 -15.33 -157.48 -49.83
CA PHE PB 92 -15.68 -156.28 -50.58
C PHE PB 92 -14.47 -155.69 -51.29
N ILE PB 93 -13.34 -155.56 -50.59
CA ILE PB 93 -12.16 -154.95 -51.20
C ILE PB 93 -11.65 -155.83 -52.33
N GLY PB 94 -11.64 -157.15 -52.11
CA GLY PB 94 -11.16 -158.06 -53.14
C GLY PB 94 -12.04 -158.09 -54.38
N PHE PB 95 -13.35 -157.95 -54.20
CA PHE PB 95 -14.23 -157.75 -55.34
C PHE PB 95 -13.95 -156.40 -56.00
N LEU PB 96 -13.74 -155.36 -55.20
CA LEU PB 96 -13.34 -154.07 -55.73
C LEU PB 96 -11.90 -154.06 -56.23
N GLU PB 97 -11.09 -155.05 -55.86
CA GLU PB 97 -9.67 -154.98 -56.24
C GLU PB 97 -9.41 -155.64 -57.58
N VAL PB 98 -9.66 -156.94 -57.67
CA VAL PB 98 -9.00 -157.73 -58.69
C VAL PB 98 -9.82 -157.73 -59.98
N PHE PB 99 -11.15 -157.81 -59.89
CA PHE PB 99 -11.92 -157.88 -61.13
C PHE PB 99 -12.56 -156.54 -61.48
N VAL PB 100 -13.08 -155.80 -60.49
CA VAL PB 100 -14.20 -154.88 -60.66
C VAL PB 100 -13.85 -153.47 -60.20
N MET PB 101 -14.30 -152.47 -60.98
CA MET PB 101 -14.40 -151.04 -60.65
C MET PB 101 -13.08 -150.29 -60.60
N LYS PB 102 -11.97 -151.02 -60.61
CA LYS PB 102 -10.64 -150.45 -60.43
C LYS PB 102 -9.66 -151.06 -61.39
N ASP PB 103 -10.17 -151.90 -62.31
CA ASP PB 103 -9.60 -153.19 -62.69
C ASP PB 103 -8.10 -153.13 -62.89
N ILE PB 104 -7.37 -153.77 -61.99
CA ILE PB 104 -5.93 -153.59 -61.92
C ILE PB 104 -5.15 -154.58 -62.78
N THR PB 105 -5.74 -155.73 -63.11
CA THR PB 105 -4.99 -156.90 -63.55
C THR PB 105 -4.43 -156.69 -64.95
N GLY PB 106 -3.18 -157.10 -65.14
CA GLY PB 106 -2.34 -156.67 -66.23
C GLY PB 106 -1.42 -155.52 -65.86
N GLY PB 107 -1.94 -154.53 -65.15
CA GLY PB 107 -1.10 -153.60 -64.44
C GLY PB 107 -0.34 -152.54 -65.21
N GLU PB 108 -1.02 -151.80 -66.10
CA GLU PB 108 -0.42 -150.63 -66.72
C GLU PB 108 -1.46 -149.71 -67.33
N PHE PB 109 -1.46 -148.46 -66.86
CA PHE PB 109 -2.34 -147.36 -67.33
C PHE PB 109 -3.79 -147.80 -67.41
N VAL PB 110 -4.32 -148.25 -66.28
CA VAL PB 110 -5.75 -148.54 -66.21
C VAL PB 110 -6.54 -147.26 -66.47
N GLY PB 111 -6.09 -146.15 -65.87
CA GLY PB 111 -6.68 -144.85 -66.11
C GLY PB 111 -8.00 -144.62 -65.41
N ASP PB 112 -8.68 -145.70 -65.00
CA ASP PB 112 -9.63 -145.74 -63.90
C ASP PB 112 -10.97 -145.09 -64.22
N PHE PB 113 -11.00 -144.36 -65.34
CA PHE PB 113 -12.14 -143.62 -65.88
C PHE PB 113 -12.91 -142.84 -64.83
N ARG PB 114 -12.17 -142.21 -63.90
CA ARG PB 114 -12.73 -141.42 -62.83
C ARG PB 114 -11.98 -140.11 -62.82
N ASN PB 115 -12.67 -139.01 -62.53
CA ASN PB 115 -12.00 -137.74 -62.41
C ASN PB 115 -12.18 -137.20 -61.00
N GLY PB 116 -11.51 -136.09 -60.71
CA GLY PB 116 -11.48 -135.57 -59.37
C GLY PB 116 -12.69 -134.73 -59.01
N PHE PB 117 -12.90 -133.70 -59.81
CA PHE PB 117 -13.99 -132.75 -59.70
C PHE PB 117 -14.68 -132.54 -61.04
N ILE PB 118 -15.28 -133.56 -61.67
CA ILE PB 118 -15.10 -134.14 -63.02
C ILE PB 118 -14.11 -133.53 -64.03
N ASP PB 119 -13.54 -132.38 -63.72
CA ASP PB 119 -12.37 -131.71 -64.27
C ASP PB 119 -11.17 -132.63 -64.55
N PHE PB 120 -10.20 -132.04 -65.28
CA PHE PB 120 -8.81 -132.49 -65.47
C PHE PB 120 -8.69 -133.77 -66.30
N GLY PB 121 -8.98 -133.57 -67.57
CA GLY PB 121 -8.21 -134.27 -68.57
C GLY PB 121 -8.06 -133.42 -69.80
N TRP PB 122 -8.25 -134.07 -70.94
CA TRP PB 122 -8.18 -133.49 -72.27
C TRP PB 122 -9.29 -132.45 -72.49
N ASP PB 123 -9.15 -131.65 -73.56
CA ASP PB 123 -10.06 -130.57 -73.98
C ASP PB 123 -10.15 -129.49 -72.92
N SER PB 124 -9.04 -129.30 -72.22
CA SER PB 124 -8.77 -128.29 -71.21
C SER PB 124 -7.27 -128.01 -71.34
N PHE PB 125 -6.65 -127.59 -70.25
CA PHE PB 125 -5.20 -127.75 -70.09
C PHE PB 125 -4.75 -129.12 -70.58
N ASP PB 126 -3.86 -129.13 -71.56
CA ASP PB 126 -3.19 -130.38 -71.91
C ASP PB 126 -1.79 -130.46 -71.32
N GLU PB 127 -1.30 -129.36 -70.75
CA GLU PB 127 -0.05 -129.31 -70.04
C GLU PB 127 -0.20 -129.66 -68.56
N GLU PB 128 -1.39 -129.48 -67.99
CA GLU PB 128 -1.55 -129.63 -66.55
C GLU PB 128 -1.93 -131.05 -66.15
N THR PB 129 -3.00 -131.59 -66.74
CA THR PB 129 -3.51 -132.89 -66.34
C THR PB 129 -2.58 -134.03 -66.74
N LYS PB 130 -1.74 -133.80 -67.74
CA LYS PB 130 -0.69 -134.72 -68.15
C LYS PB 130 0.63 -134.04 -67.83
N LEU PB 131 1.59 -134.83 -67.33
CA LEU PB 131 2.96 -134.50 -66.97
C LEU PB 131 3.05 -133.66 -65.69
N LYS PB 132 1.94 -133.14 -65.13
CA LYS PB 132 2.09 -132.42 -63.87
C LYS PB 132 1.20 -132.89 -62.73
N LYS PB 133 -0.12 -132.87 -62.90
CA LYS PB 133 -1.00 -133.33 -61.83
C LYS PB 133 -1.03 -134.84 -61.78
N ARG PB 134 -0.81 -135.45 -62.94
CA ARG PB 134 -0.55 -136.87 -63.01
C ARG PB 134 0.79 -137.22 -62.37
N ALA PB 135 1.68 -136.22 -62.24
CA ALA PB 135 2.99 -136.41 -61.62
C ALA PB 135 2.95 -136.15 -60.12
N ILE PB 136 2.04 -135.31 -59.63
CA ILE PB 136 2.09 -134.99 -58.21
C ILE PB 136 1.64 -136.19 -57.39
N GLU PB 137 0.59 -136.88 -57.83
CA GLU PB 137 -0.01 -137.97 -57.07
C GLU PB 137 0.96 -139.12 -56.84
N LEU PB 138 1.69 -139.46 -57.91
CA LEU PB 138 2.81 -140.39 -57.80
C LEU PB 138 3.84 -139.89 -56.80
N ASN PB 139 4.22 -138.61 -56.90
CA ASN PB 139 5.15 -138.02 -55.93
C ASN PB 139 4.52 -137.87 -54.56
N GLN PB 140 3.22 -137.58 -54.52
CA GLN PB 140 2.48 -137.60 -53.26
C GLN PB 140 2.52 -138.99 -52.66
N GLY PB 141 2.45 -140.02 -53.50
CA GLY PB 141 2.68 -141.37 -53.03
C GLY PB 141 4.10 -141.57 -52.54
N ARG PB 142 5.06 -140.92 -53.19
CA ARG PB 142 6.47 -141.05 -52.81
C ARG PB 142 6.72 -140.50 -51.41
N ALA PB 143 5.98 -139.47 -51.02
CA ALA PB 143 6.09 -138.97 -49.66
C ALA PB 143 5.41 -139.89 -48.67
N ALA PB 144 4.26 -140.45 -49.05
CA ALA PB 144 3.47 -141.21 -48.09
C ALA PB 144 4.01 -142.62 -47.92
N MET PB 145 4.63 -143.19 -48.98
CA MET PB 145 5.30 -144.48 -48.85
C MET PB 145 6.47 -144.38 -47.86
N MET PB 146 7.18 -143.26 -47.90
CA MET PB 146 8.17 -142.97 -46.87
C MET PB 146 7.53 -142.69 -45.53
N GLY PB 147 6.28 -142.23 -45.54
CA GLY PB 147 5.62 -141.89 -44.29
C GLY PB 147 5.31 -143.09 -43.43
N ILE PB 148 5.12 -144.26 -44.06
CA ILE PB 148 4.65 -145.44 -43.33
C ILE PB 148 5.82 -146.28 -42.82
N LEU PB 149 6.88 -146.43 -43.64
CA LEU PB 149 8.13 -147.05 -43.19
C LEU PB 149 8.65 -146.38 -41.95
N ALA PB 150 8.61 -145.05 -41.95
CA ALA PB 150 8.71 -144.28 -40.73
C ALA PB 150 7.72 -144.74 -39.69
N LEU PB 151 6.42 -144.58 -40.01
CA LEU PB 151 5.30 -144.71 -39.09
C LEU PB 151 5.36 -146.03 -38.33
N MET PB 152 5.55 -147.12 -39.07
CA MET PB 152 5.72 -148.44 -38.48
C MET PB 152 6.94 -148.49 -37.56
N VAL PB 153 8.07 -147.92 -37.99
CA VAL PB 153 9.28 -147.94 -37.16
C VAL PB 153 9.16 -146.95 -36.01
N HIS PB 154 8.43 -145.83 -36.23
CA HIS PB 154 8.01 -144.99 -35.10
C HIS PB 154 7.18 -145.80 -34.13
N GLU PB 155 6.22 -146.58 -34.66
CA GLU PB 155 5.35 -147.40 -33.81
C GLU PB 155 6.10 -148.56 -33.17
N LYS PB 156 7.03 -149.17 -33.91
CA LYS PB 156 7.65 -150.42 -33.47
C LYS PB 156 8.53 -150.21 -32.25
N LEU PB 157 9.20 -149.04 -32.16
CA LEU PB 157 10.24 -148.89 -31.15
C LEU PB 157 9.69 -148.87 -29.73
N ILE PB 158 9.20 -147.73 -29.24
CA ILE PB 158 8.32 -147.89 -28.08
C ILE PB 158 6.86 -147.56 -28.42
N PRO PB 159 6.41 -146.24 -28.77
CA PRO PB 159 4.96 -146.00 -28.90
C PRO PB 159 4.39 -145.64 -30.30
N LEU PB 160 3.05 -145.50 -30.37
CA LEU PB 160 2.35 -145.39 -31.65
C LEU PB 160 2.40 -143.97 -32.24
N GLY PB 161 2.36 -142.95 -31.40
CA GLY PB 161 2.50 -141.60 -31.92
C GLY PB 161 1.65 -140.52 -31.27
N TYR PB 162 0.44 -140.88 -30.85
CA TYR PB 162 -0.21 -140.09 -29.81
C TYR PB 162 0.52 -140.26 -28.50
N ASP PB 163 1.17 -141.41 -28.34
CA ASP PB 163 2.09 -141.74 -27.27
C ASP PB 163 3.54 -141.48 -27.67
N ALA PB 164 3.84 -141.08 -28.92
CA ALA PB 164 5.24 -140.69 -29.14
C ALA PB 164 5.44 -139.20 -29.05
N ASP PB 165 4.39 -138.42 -29.26
CA ASP PB 165 4.56 -136.97 -29.22
C ASP PB 165 4.45 -136.41 -27.81
N LEU PB 166 3.74 -137.11 -26.90
CA LEU PB 166 3.63 -136.59 -25.55
C LEU PB 166 4.93 -136.85 -24.76
N PRO PB 167 5.54 -138.08 -24.76
CA PRO PB 167 6.97 -138.17 -24.40
C PRO PB 167 7.91 -137.93 -25.56
N ILE PB 168 9.15 -138.42 -25.37
CA ILE PB 168 10.33 -138.14 -26.17
C ILE PB 168 10.09 -138.31 -27.67
N ILE PB 169 10.63 -137.37 -28.44
CA ILE PB 169 10.60 -137.40 -29.89
C ILE PB 169 11.98 -137.66 -30.48
N GLY PB 170 13.06 -137.46 -29.70
CA GLY PB 170 14.40 -137.71 -30.18
C GLY PB 170 14.71 -139.18 -30.41
N HIS PB 171 15.85 -139.42 -31.09
CA HIS PB 171 16.29 -140.75 -31.47
C HIS PB 171 16.62 -141.60 -30.25
N LEU PB 172 16.78 -142.92 -30.48
CA LEU PB 172 17.11 -143.85 -29.40
C LEU PB 172 18.52 -143.58 -28.89
N GLU QB 1 1.71 -109.88 -67.55
CA GLU QB 1 2.34 -109.01 -68.54
C GLU QB 1 1.99 -107.55 -68.10
N ASN QB 2 2.01 -106.58 -69.02
CA ASN QB 2 1.91 -105.15 -68.79
C ASN QB 2 0.47 -104.63 -68.88
N GLU QB 3 -0.47 -105.42 -69.39
CA GLU QB 3 -1.83 -104.94 -69.58
C GLU QB 3 -2.71 -105.14 -68.34
N LEU QB 4 -2.10 -105.42 -67.20
CA LEU QB 4 -2.81 -105.99 -66.07
C LEU QB 4 -2.52 -105.20 -64.82
N GLY QB 5 -3.42 -105.32 -63.87
CA GLY QB 5 -3.25 -104.63 -62.62
C GLY QB 5 -4.37 -103.66 -62.51
N ALA QB 6 -4.04 -102.38 -62.48
CA ALA QB 6 -5.10 -101.42 -62.33
C ALA QB 6 -5.79 -101.15 -63.66
N GLN QB 7 -6.86 -100.42 -63.56
CA GLN QB 7 -8.09 -100.82 -64.17
C GLN QB 7 -9.02 -99.64 -63.98
N PRO QB 8 -10.31 -99.68 -64.38
CA PRO QB 8 -11.24 -98.69 -63.85
C PRO QB 8 -11.22 -98.66 -62.34
N PRO QB 9 -11.07 -97.50 -61.74
CA PRO QB 9 -11.11 -96.14 -62.28
C PRO QB 9 -9.76 -95.49 -62.37
N LEU QB 10 -8.72 -96.27 -62.56
CA LEU QB 10 -7.40 -95.65 -62.59
C LEU QB 10 -6.74 -96.00 -63.91
N GLY QB 11 -6.75 -97.27 -64.27
CA GLY QB 11 -5.92 -97.68 -65.37
C GLY QB 11 -4.47 -97.60 -64.93
N PHE QB 12 -3.59 -97.33 -65.89
CA PHE QB 12 -2.18 -97.20 -65.56
C PHE QB 12 -1.97 -95.96 -64.71
N PHE QB 13 -1.73 -96.19 -63.42
CA PHE QB 13 -1.68 -95.15 -62.40
C PHE QB 13 -0.30 -95.19 -61.78
N ASP QB 14 0.59 -94.31 -62.26
CA ASP QB 14 1.93 -94.17 -61.72
C ASP QB 14 2.16 -92.69 -61.47
N PRO QB 15 1.47 -92.12 -60.48
CA PRO QB 15 1.38 -90.65 -60.41
C PRO QB 15 2.65 -89.96 -59.97
N LEU QB 16 3.39 -90.54 -59.01
CA LEU QB 16 4.66 -89.95 -58.63
C LEU QB 16 5.67 -90.10 -59.74
N GLY QB 17 5.62 -91.18 -60.50
CA GLY QB 17 6.50 -91.29 -61.64
C GLY QB 17 7.57 -92.34 -61.55
N LEU QB 18 7.35 -93.41 -60.80
CA LEU QB 18 8.43 -94.36 -60.54
C LEU QB 18 8.62 -95.28 -61.72
N VAL QB 19 7.61 -95.39 -62.58
CA VAL QB 19 7.56 -96.34 -63.68
C VAL QB 19 7.23 -95.52 -64.93
N GLU QB 20 7.67 -94.28 -64.93
CA GLU QB 20 7.70 -93.53 -66.18
C GLU QB 20 8.74 -94.05 -67.14
N ASP QB 21 9.72 -94.79 -66.62
CA ASP QB 21 10.64 -95.50 -67.49
C ASP QB 21 9.88 -96.58 -68.25
N GLY QB 22 9.98 -96.51 -69.58
CA GLY QB 22 9.18 -97.37 -70.42
C GLY QB 22 9.69 -98.80 -70.46
N ASN QB 23 10.86 -99.04 -69.88
CA ASN QB 23 11.46 -100.36 -69.92
C ASN QB 23 10.71 -101.34 -69.03
N GLN QB 24 10.51 -102.54 -69.55
CA GLN QB 24 9.68 -103.53 -68.87
C GLN QB 24 10.40 -104.16 -67.69
N ALA QB 25 11.73 -104.16 -67.71
CA ALA QB 25 12.50 -104.90 -66.72
C ALA QB 25 12.38 -104.28 -65.33
N LYS QB 26 12.36 -102.94 -65.27
CA LYS QB 26 12.11 -102.26 -64.01
C LYS QB 26 10.68 -102.52 -63.54
N PHE QB 27 9.76 -102.63 -64.49
CA PHE QB 27 8.35 -102.83 -64.16
C PHE QB 27 8.06 -104.25 -63.70
N ASP QB 28 8.62 -105.23 -64.42
CA ASP QB 28 8.34 -106.64 -64.18
C ASP QB 28 8.74 -107.05 -62.77
N ARG QB 29 9.86 -106.53 -62.27
CA ARG QB 29 10.30 -106.90 -60.94
C ARG QB 29 9.36 -106.32 -59.88
N LEU QB 30 8.98 -105.05 -60.02
CA LEU QB 30 8.05 -104.43 -59.08
C LEU QB 30 6.65 -105.03 -59.17
N ARG QB 31 6.33 -105.75 -60.24
CA ARG QB 31 5.03 -106.40 -60.32
C ARG QB 31 4.97 -107.59 -59.38
N TYR QB 32 6.03 -108.40 -59.38
CA TYR QB 32 6.11 -109.54 -58.47
C TYR QB 32 6.14 -109.10 -57.03
N VAL QB 33 6.80 -107.97 -56.76
CA VAL QB 33 6.81 -107.38 -55.42
C VAL QB 33 5.39 -107.12 -54.96
N GLU QB 34 4.58 -106.49 -55.82
CA GLU QB 34 3.19 -106.27 -55.49
C GLU QB 34 2.40 -107.57 -55.43
N LEU QB 35 2.78 -108.57 -56.22
CA LEU QB 35 2.15 -109.87 -56.11
C LEU QB 35 2.43 -110.50 -54.76
N LYS QB 36 3.67 -110.41 -54.31
CA LYS QB 36 4.05 -111.12 -53.10
C LYS QB 36 3.55 -110.42 -51.85
N HIS QB 37 3.71 -109.09 -51.80
CA HIS QB 37 3.07 -108.32 -50.74
C HIS QB 37 1.56 -108.38 -50.84
N GLY QB 38 1.05 -108.60 -52.05
CA GLY QB 38 -0.33 -108.95 -52.24
C GLY QB 38 -0.64 -110.20 -51.45
N ARG QB 39 0.04 -111.30 -51.76
CA ARG QB 39 -0.31 -112.61 -51.22
C ARG QB 39 -0.14 -112.67 -49.71
N ILE QB 40 0.87 -111.97 -49.18
CA ILE QB 40 1.15 -112.09 -47.77
C ILE QB 40 0.19 -111.27 -46.94
N SER QB 41 -0.04 -110.02 -47.36
CA SER QB 41 -0.92 -109.14 -46.60
C SER QB 41 -2.37 -109.61 -46.65
N MET QB 42 -2.74 -110.36 -47.68
CA MET QB 42 -4.08 -110.92 -47.74
C MET QB 42 -4.28 -111.99 -46.68
N LEU QB 43 -3.32 -112.89 -46.55
CA LEU QB 43 -3.46 -113.90 -45.51
C LEU QB 43 -3.13 -113.36 -44.13
N ALA QB 44 -2.61 -112.15 -44.03
CA ALA QB 44 -2.42 -111.60 -42.71
C ALA QB 44 -3.65 -110.86 -42.21
N VAL QB 45 -4.42 -110.23 -43.10
CA VAL QB 45 -5.64 -109.58 -42.62
C VAL QB 45 -6.72 -110.61 -42.34
N VAL QB 46 -6.81 -111.67 -43.13
CA VAL QB 46 -7.78 -112.71 -42.80
C VAL QB 46 -7.28 -113.49 -41.60
N GLY QB 47 -5.95 -113.58 -41.47
CA GLY QB 47 -5.39 -114.11 -40.24
C GLY QB 47 -5.60 -113.16 -39.08
N TYR QB 48 -5.62 -111.87 -39.36
CA TYR QB 48 -6.01 -110.91 -38.34
C TYR QB 48 -7.46 -111.11 -37.92
N LEU QB 49 -8.37 -111.11 -38.89
CA LEU QB 49 -9.81 -111.11 -38.61
C LEU QB 49 -10.26 -112.41 -37.94
N ILE QB 50 -9.54 -113.51 -38.18
CA ILE QB 50 -9.94 -114.77 -37.57
C ILE QB 50 -9.34 -114.90 -36.17
N GLU QB 51 -8.18 -114.30 -35.94
CA GLU QB 51 -7.67 -114.20 -34.57
C GLU QB 51 -8.54 -113.29 -33.72
N LYS QB 52 -9.02 -112.18 -34.29
CA LYS QB 52 -9.78 -111.19 -33.53
C LYS QB 52 -11.16 -111.69 -33.12
N ALA QB 53 -11.76 -112.57 -33.90
CA ALA QB 53 -13.11 -113.00 -33.57
C ALA QB 53 -13.16 -114.05 -32.48
N GLY QB 54 -12.05 -114.30 -31.78
CA GLY QB 54 -12.02 -115.30 -30.74
C GLY QB 54 -11.97 -116.72 -31.25
N ILE QB 55 -11.57 -116.93 -32.49
CA ILE QB 55 -11.52 -118.25 -33.08
C ILE QB 55 -10.13 -118.82 -32.79
N ARG QB 56 -10.04 -119.68 -31.78
CA ARG QB 56 -8.77 -120.24 -31.35
C ARG QB 56 -8.85 -121.76 -31.40
N LEU QB 57 -7.72 -122.39 -31.18
CA LEU QB 57 -7.65 -123.83 -31.01
C LEU QB 57 -7.71 -124.18 -29.54
N PRO QB 58 -8.17 -125.37 -29.20
CA PRO QB 58 -8.07 -125.81 -27.80
C PRO QB 58 -6.70 -126.40 -27.52
N GLY QB 59 -6.33 -126.38 -26.25
CA GLY QB 59 -5.15 -127.07 -25.78
C GLY QB 59 -3.96 -126.15 -25.58
N ASN QB 60 -2.97 -126.68 -24.90
CA ASN QB 60 -1.70 -125.98 -24.73
C ASN QB 60 -0.92 -125.98 -26.05
N ILE QB 61 -0.14 -124.93 -26.26
CA ILE QB 61 0.72 -124.90 -27.44
C ILE QB 61 1.98 -125.72 -27.23
N SER QB 62 2.38 -126.00 -25.98
CA SER QB 62 3.63 -126.70 -25.72
C SER QB 62 3.66 -127.16 -24.28
N TYR QB 63 4.84 -127.59 -23.83
CA TYR QB 63 5.12 -127.76 -22.41
C TYR QB 63 5.82 -126.52 -21.87
N ASP QB 64 5.21 -125.38 -22.22
CA ASP QB 64 5.29 -124.12 -21.49
C ASP QB 64 4.00 -123.92 -20.71
N GLY QB 65 2.94 -124.63 -21.05
CA GLY QB 65 1.67 -124.39 -20.44
C GLY QB 65 1.00 -123.15 -20.99
N THR QB 66 1.27 -122.81 -22.24
CA THR QB 66 0.64 -121.70 -22.91
C THR QB 66 -0.50 -122.28 -23.76
N THR QB 67 -1.74 -121.92 -23.45
CA THR QB 67 -2.79 -122.36 -24.34
C THR QB 67 -2.79 -121.48 -25.59
N PHE QB 68 -3.57 -121.89 -26.57
CA PHE QB 68 -3.82 -121.00 -27.70
C PHE QB 68 -4.66 -119.79 -27.28
N ALA QB 69 -5.39 -119.88 -26.18
CA ALA QB 69 -6.09 -118.71 -25.66
C ALA QB 69 -5.15 -117.80 -24.89
N ASP QB 70 -4.05 -118.34 -24.38
CA ASP QB 70 -3.11 -117.53 -23.61
C ASP QB 70 -2.39 -116.52 -24.48
N ILE QB 71 -2.03 -116.93 -25.70
CA ILE QB 71 -1.31 -116.09 -26.65
C ILE QB 71 -2.21 -114.91 -26.99
N PRO QB 72 -1.77 -113.70 -26.68
CA PRO QB 72 -2.65 -112.53 -26.82
C PRO QB 72 -2.95 -112.21 -28.27
N ASP QB 73 -3.72 -111.17 -28.42
CA ASP QB 73 -4.48 -110.98 -29.63
C ASP QB 73 -3.96 -109.72 -30.30
N GLY QB 74 -3.38 -109.84 -31.48
CA GLY QB 74 -2.77 -108.69 -32.10
C GLY QB 74 -1.28 -108.79 -32.31
N PHE QB 75 -0.58 -107.66 -32.11
CA PHE QB 75 0.84 -107.55 -32.47
C PHE QB 75 1.71 -108.43 -31.59
N ALA QB 76 1.32 -108.61 -30.33
CA ALA QB 76 2.12 -109.35 -29.38
C ALA QB 76 2.20 -110.83 -29.73
N ALA QB 77 1.24 -111.33 -30.52
CA ALA QB 77 1.03 -112.76 -30.70
C ALA QB 77 2.21 -113.43 -31.36
N LEU QB 78 2.62 -112.92 -32.53
CA LEU QB 78 3.78 -113.46 -33.23
C LEU QB 78 5.06 -113.26 -32.43
N SER QB 79 5.11 -112.20 -31.62
CA SER QB 79 6.34 -111.88 -30.90
C SER QB 79 6.58 -112.83 -29.74
N LYS QB 80 5.53 -113.28 -29.06
CA LYS QB 80 5.70 -114.13 -27.91
C LYS QB 80 5.28 -115.57 -28.13
N ILE QB 81 5.28 -116.01 -29.39
CA ILE QB 81 5.49 -117.41 -29.76
C ILE QB 81 6.83 -117.83 -29.16
N PRO QB 82 6.98 -119.03 -28.61
CA PRO QB 82 8.30 -119.46 -28.14
C PRO QB 82 9.27 -119.56 -29.30
N ASP QB 83 10.55 -119.31 -28.99
CA ASP QB 83 11.56 -119.13 -30.03
C ASP QB 83 11.71 -120.37 -30.89
N ALA QB 84 11.66 -121.55 -30.26
CA ALA QB 84 11.76 -122.81 -31.00
C ALA QB 84 10.58 -123.02 -31.94
N GLY QB 85 9.44 -122.40 -31.65
CA GLY QB 85 8.38 -122.37 -32.63
C GLY QB 85 8.70 -121.45 -33.79
N LEU QB 86 9.40 -120.34 -33.51
CA LEU QB 86 9.73 -119.40 -34.57
C LEU QB 86 10.85 -119.92 -35.46
N PHE QB 87 11.70 -120.81 -34.94
CA PHE QB 87 12.65 -121.51 -35.80
C PHE QB 87 11.90 -122.44 -36.75
N GLN QB 88 10.81 -123.06 -36.28
CA GLN QB 88 10.15 -124.08 -37.08
C GLN QB 88 9.22 -123.48 -38.11
N LEU QB 89 8.75 -122.25 -37.88
CA LEU QB 89 8.23 -121.45 -38.98
C LEU QB 89 9.30 -121.31 -40.04
N PHE QB 90 10.48 -120.82 -39.64
CA PHE QB 90 11.58 -120.50 -40.55
C PHE QB 90 12.05 -121.71 -41.33
N ALA QB 91 12.18 -122.84 -40.64
CA ALA QB 91 12.62 -124.07 -41.27
C ALA QB 91 11.61 -124.52 -42.31
N PHE QB 92 10.33 -124.45 -41.99
CA PHE QB 92 9.33 -124.92 -42.95
C PHE QB 92 9.02 -123.87 -44.00
N ILE QB 93 8.76 -122.62 -43.56
CA ILE QB 93 8.39 -121.56 -44.51
C ILE QB 93 9.53 -121.30 -45.46
N GLY QB 94 10.76 -121.24 -44.94
CA GLY QB 94 11.92 -120.96 -45.78
C GLY QB 94 12.18 -122.03 -46.82
N PHE QB 95 11.88 -123.28 -46.51
CA PHE QB 95 11.94 -124.32 -47.53
C PHE QB 95 10.85 -124.10 -48.58
N LEU QB 96 9.62 -123.87 -48.12
CA LEU QB 96 8.49 -123.48 -48.97
C LEU QB 96 8.73 -122.16 -49.67
N GLU QB 97 9.67 -121.36 -49.19
CA GLU QB 97 9.86 -120.05 -49.80
C GLU QB 97 10.92 -120.03 -50.88
N VAL QB 98 12.14 -120.42 -50.54
CA VAL QB 98 13.22 -120.10 -51.46
C VAL QB 98 13.28 -121.14 -52.58
N PHE QB 99 13.03 -122.42 -52.29
CA PHE QB 99 13.05 -123.39 -53.38
C PHE QB 99 11.81 -124.27 -53.49
N VAL QB 100 11.30 -124.88 -52.41
CA VAL QB 100 10.19 -125.82 -52.54
C VAL QB 100 8.91 -125.08 -52.88
N MET QB 101 8.24 -125.53 -53.94
CA MET QB 101 6.88 -125.25 -54.39
C MET QB 101 6.61 -123.87 -54.95
N LYS QB 102 7.32 -122.85 -54.51
CA LYS QB 102 6.96 -121.45 -54.81
C LYS QB 102 8.21 -120.62 -54.64
N ASP QB 103 9.00 -120.41 -55.68
CA ASP QB 103 10.23 -119.66 -55.48
C ASP QB 103 10.00 -118.16 -55.70
N ILE QB 104 10.84 -117.34 -55.06
CA ILE QB 104 10.81 -115.89 -55.29
C ILE QB 104 11.84 -115.48 -56.32
N THR QB 105 12.98 -116.16 -56.35
CA THR QB 105 14.04 -115.88 -57.31
C THR QB 105 13.64 -116.24 -58.72
N GLY QB 106 13.15 -117.47 -58.93
CA GLY QB 106 13.12 -118.04 -60.27
C GLY QB 106 12.09 -117.43 -61.17
N GLY QB 107 10.98 -116.98 -60.61
CA GLY QB 107 10.05 -116.28 -61.45
C GLY QB 107 9.64 -114.95 -60.88
N GLU QB 108 9.54 -113.95 -61.76
CA GLU QB 108 9.05 -112.65 -61.34
C GLU QB 108 7.58 -112.49 -61.65
N PHE QB 109 6.91 -113.58 -62.04
CA PHE QB 109 5.46 -113.61 -62.08
C PHE QB 109 4.96 -115.03 -61.85
N VAL QB 110 5.46 -115.76 -60.82
CA VAL QB 110 5.44 -117.22 -60.89
C VAL QB 110 4.02 -117.74 -60.92
N GLY QB 111 3.71 -118.44 -61.99
CA GLY QB 111 2.44 -119.09 -62.12
C GLY QB 111 2.30 -120.25 -61.17
N ASP QB 112 3.39 -120.78 -60.61
CA ASP QB 112 3.45 -121.75 -59.50
C ASP QB 112 2.77 -123.09 -59.79
N PHE QB 113 2.11 -123.19 -60.95
CA PHE QB 113 1.29 -124.29 -61.40
C PHE QB 113 0.29 -124.77 -60.36
N ARG QB 114 -0.30 -123.81 -59.63
CA ARG QB 114 -1.53 -124.06 -58.91
C ARG QB 114 -2.69 -123.30 -59.52
N ASN QB 115 -2.77 -123.27 -60.85
CA ASN QB 115 -3.97 -122.82 -61.55
C ASN QB 115 -4.99 -123.95 -61.68
N GLY QB 116 -4.93 -124.91 -60.78
CA GLY QB 116 -5.57 -126.19 -60.83
C GLY QB 116 -6.97 -126.30 -60.27
N PHE QB 117 -7.95 -125.80 -61.01
CA PHE QB 117 -9.33 -126.05 -60.64
C PHE QB 117 -10.17 -126.02 -61.90
N ILE QB 118 -11.48 -126.28 -61.73
CA ILE QB 118 -12.47 -125.90 -62.76
C ILE QB 118 -12.45 -124.40 -62.95
N ASP QB 119 -12.01 -123.69 -61.91
CA ASP QB 119 -11.72 -122.28 -62.01
C ASP QB 119 -10.63 -122.00 -63.03
N PHE QB 120 -10.48 -120.73 -63.32
CA PHE QB 120 -10.70 -120.18 -64.65
C PHE QB 120 -9.94 -120.90 -65.77
N GLY QB 121 -8.61 -120.82 -65.84
CA GLY QB 121 -7.88 -121.88 -66.53
C GLY QB 121 -8.04 -122.08 -68.03
N TRP QB 122 -7.33 -121.32 -68.89
CA TRP QB 122 -7.87 -120.55 -70.04
C TRP QB 122 -9.04 -121.27 -70.71
N ASP QB 123 -8.82 -122.05 -71.79
CA ASP QB 123 -9.58 -123.12 -72.44
C ASP QB 123 -11.10 -123.16 -72.18
N SER QB 124 -11.65 -121.96 -72.09
CA SER QB 124 -12.98 -121.56 -71.64
C SER QB 124 -12.97 -120.05 -71.85
N PHE QB 125 -13.75 -119.33 -71.03
CA PHE QB 125 -13.69 -117.87 -70.94
C PHE QB 125 -12.26 -117.32 -70.98
N ASP QB 126 -12.03 -116.41 -71.94
CA ASP QB 126 -10.73 -115.76 -72.06
C ASP QB 126 -10.65 -114.56 -71.12
N GLU QB 127 -11.78 -113.84 -70.99
CA GLU QB 127 -11.85 -112.56 -70.31
C GLU QB 127 -11.58 -112.67 -68.83
N GLU QB 128 -11.69 -113.87 -68.28
CA GLU QB 128 -11.75 -114.03 -66.85
C GLU QB 128 -10.41 -114.45 -66.25
N THR QB 129 -9.81 -115.49 -66.83
CA THR QB 129 -8.67 -116.16 -66.20
C THR QB 129 -7.46 -115.26 -66.10
N LYS QB 130 -7.24 -114.43 -67.09
CA LYS QB 130 -6.32 -113.32 -67.00
C LYS QB 130 -7.10 -112.12 -67.52
N LEU QB 131 -6.58 -110.95 -67.13
CA LEU QB 131 -7.14 -109.60 -67.30
C LEU QB 131 -8.34 -109.36 -66.40
N LYS QB 132 -8.90 -110.38 -65.75
CA LYS QB 132 -9.81 -110.11 -64.63
C LYS QB 132 -9.39 -110.80 -63.33
N LYS QB 133 -9.32 -112.13 -63.28
CA LYS QB 133 -9.08 -112.79 -62.00
C LYS QB 133 -7.63 -112.63 -61.58
N ARG QB 134 -6.75 -112.55 -62.55
CA ARG QB 134 -5.37 -112.21 -62.28
C ARG QB 134 -5.25 -110.74 -61.90
N ALA QB 135 -6.22 -109.92 -62.28
CA ALA QB 135 -6.21 -108.53 -61.86
C ALA QB 135 -6.79 -108.35 -60.47
N ILE QB 136 -7.76 -109.19 -60.06
CA ILE QB 136 -8.43 -108.92 -58.79
C ILE QB 136 -7.54 -109.27 -57.62
N GLU QB 137 -6.80 -110.38 -57.72
CA GLU QB 137 -5.92 -110.85 -56.65
C GLU QB 137 -4.90 -109.80 -56.28
N LEU QB 138 -4.35 -109.18 -57.30
CA LEU QB 138 -3.47 -108.05 -57.11
C LEU QB 138 -4.19 -106.90 -56.41
N ASN QB 139 -5.43 -106.60 -56.82
CA ASN QB 139 -6.17 -105.51 -56.18
C ASN QB 139 -6.67 -105.92 -54.81
N GLN QB 140 -6.99 -107.21 -54.64
CA GLN QB 140 -7.22 -107.77 -53.32
C GLN QB 140 -6.03 -107.57 -52.43
N GLY QB 141 -4.84 -107.79 -52.96
CA GLY QB 141 -3.64 -107.46 -52.24
C GLY QB 141 -3.55 -105.98 -51.93
N ARG QB 142 -4.00 -105.14 -52.87
CA ARG QB 142 -3.91 -103.70 -52.69
C ARG QB 142 -4.78 -103.21 -51.56
N ALA QB 143 -5.91 -103.87 -51.33
CA ALA QB 143 -6.72 -103.54 -50.17
C ALA QB 143 -6.05 -104.03 -48.90
N ALA QB 144 -5.47 -105.24 -48.95
CA ALA QB 144 -4.98 -105.87 -47.74
C ALA QB 144 -3.63 -105.31 -47.33
N MET QB 145 -2.83 -104.86 -48.30
CA MET QB 145 -1.60 -104.16 -47.97
C MET QB 145 -1.89 -102.87 -47.22
N MET QB 146 -2.93 -102.17 -47.64
CA MET QB 146 -3.37 -101.00 -46.89
C MET QB 146 -4.10 -101.39 -45.62
N GLY QB 147 -4.58 -102.63 -45.56
CA GLY QB 147 -5.27 -103.07 -44.36
C GLY QB 147 -4.35 -103.22 -43.17
N ILE QB 148 -3.10 -103.61 -43.40
CA ILE QB 148 -2.20 -103.86 -42.28
C ILE QB 148 -1.51 -102.60 -41.80
N LEU QB 149 -1.14 -101.72 -42.75
CA LEU QB 149 -0.57 -100.42 -42.39
C LEU QB 149 -1.48 -99.65 -41.48
N ALA QB 150 -2.76 -99.66 -41.81
CA ALA QB 150 -3.80 -99.29 -40.86
C ALA QB 150 -3.61 -100.03 -39.57
N LEU QB 151 -3.75 -101.34 -39.65
CA LEU QB 151 -3.92 -102.25 -38.52
C LEU QB 151 -2.80 -102.14 -37.53
N MET QB 152 -1.57 -102.07 -38.04
CA MET QB 152 -0.42 -101.75 -37.21
C MET QB 152 -0.59 -100.39 -36.54
N VAL QB 153 -0.86 -99.35 -37.33
CA VAL QB 153 -0.99 -98.00 -36.79
C VAL QB 153 -2.25 -97.87 -35.94
N HIS QB 154 -3.26 -98.71 -36.19
CA HIS QB 154 -4.31 -98.89 -35.20
C HIS QB 154 -3.74 -99.48 -33.92
N GLU QB 155 -3.01 -100.60 -34.02
CA GLU QB 155 -2.48 -101.26 -32.83
C GLU QB 155 -1.36 -100.47 -32.16
N LYS QB 156 -0.79 -99.49 -32.86
CA LYS QB 156 0.28 -98.70 -32.27
C LYS QB 156 -0.26 -97.58 -31.40
N LEU QB 157 -1.33 -96.93 -31.85
CA LEU QB 157 -1.87 -95.82 -31.09
C LEU QB 157 -2.66 -96.29 -29.88
N ILE QB 158 -3.42 -97.36 -30.04
CA ILE QB 158 -4.41 -97.78 -29.05
C ILE QB 158 -4.11 -99.27 -28.84
N PRO QB 159 -4.82 -100.03 -27.96
CA PRO QB 159 -4.54 -101.47 -27.87
C PRO QB 159 -5.04 -102.32 -29.03
N LEU QB 160 -5.11 -103.63 -28.79
CA LEU QB 160 -5.54 -104.62 -29.79
C LEU QB 160 -6.89 -104.30 -30.43
N GLY QB 161 -7.15 -104.92 -31.58
CA GLY QB 161 -8.26 -104.50 -32.43
C GLY QB 161 -9.64 -104.79 -31.88
N TYR QB 162 -9.72 -105.70 -30.90
CA TYR QB 162 -10.99 -105.98 -30.25
C TYR QB 162 -11.21 -105.01 -29.09
N ASP QB 163 -10.14 -104.64 -28.40
CA ASP QB 163 -10.01 -103.52 -27.47
C ASP QB 163 -9.86 -102.21 -28.24
N ALA QB 164 -9.91 -102.24 -29.57
CA ALA QB 164 -10.08 -101.00 -30.30
C ALA QB 164 -11.54 -100.62 -30.37
N ASP QB 165 -12.43 -101.61 -30.37
CA ASP QB 165 -13.80 -101.37 -30.78
C ASP QB 165 -14.75 -101.31 -29.59
N LEU QB 166 -14.36 -101.86 -28.45
CA LEU QB 166 -15.21 -101.64 -27.29
C LEU QB 166 -15.01 -100.20 -26.81
N PRO QB 167 -13.75 -99.66 -26.64
CA PRO QB 167 -13.62 -98.19 -26.54
C PRO QB 167 -13.54 -97.48 -27.88
N ILE QB 168 -13.03 -96.24 -27.82
CA ILE QB 168 -13.08 -95.22 -28.87
C ILE QB 168 -12.61 -95.73 -30.22
N ILE QB 169 -13.32 -95.30 -31.27
CA ILE QB 169 -12.95 -95.55 -32.66
C ILE QB 169 -12.51 -94.26 -33.37
N GLY QB 170 -12.81 -93.09 -32.80
CA GLY QB 170 -12.47 -91.82 -33.41
C GLY QB 170 -10.99 -91.49 -33.32
N HIS QB 171 -10.60 -90.46 -34.07
CA HIS QB 171 -9.20 -90.11 -34.25
C HIS QB 171 -8.60 -89.53 -32.97
N LEU QB 172 -7.26 -89.43 -32.95
CA LEU QB 172 -6.57 -88.99 -31.73
C LEU QB 172 -6.72 -87.49 -31.52
N ALA RB 1 -65.36 -99.90 -85.47
CA ALA RB 1 -64.33 -100.93 -85.46
C ALA RB 1 -64.90 -102.26 -85.06
N PHE RB 2 -65.28 -102.37 -83.79
CA PHE RB 2 -65.84 -103.59 -83.24
C PHE RB 2 -67.34 -103.53 -83.08
N GLU RB 3 -68.02 -102.67 -83.87
CA GLU RB 3 -69.46 -102.52 -83.78
C GLU RB 3 -70.19 -103.75 -84.29
N ASP RB 4 -69.58 -104.50 -85.21
CA ASP RB 4 -70.20 -105.68 -85.78
C ASP RB 4 -69.82 -106.96 -85.06
N GLU RB 5 -69.17 -106.87 -83.91
CA GLU RB 5 -68.70 -108.07 -83.24
C GLU RB 5 -69.83 -108.76 -82.48
N LEU RB 6 -69.49 -109.90 -81.90
CA LEU RB 6 -70.37 -110.63 -81.01
C LEU RB 6 -70.67 -109.79 -79.77
N GLY RB 7 -71.88 -109.94 -79.24
CA GLY RB 7 -72.30 -109.20 -78.07
C GLY RB 7 -72.82 -107.81 -78.37
N ALA RB 8 -72.61 -107.29 -79.58
CA ALA RB 8 -73.28 -106.09 -80.05
C ALA RB 8 -74.59 -106.53 -80.69
N GLN RB 9 -75.71 -106.13 -80.10
CA GLN RB 9 -76.98 -106.73 -80.44
C GLN RB 9 -78.10 -105.82 -79.94
N PRO RB 10 -79.35 -106.00 -80.38
CA PRO RB 10 -80.46 -105.21 -79.82
C PRO RB 10 -80.67 -105.53 -78.34
N PRO RB 11 -81.17 -104.57 -77.55
CA PRO RB 11 -81.59 -103.20 -77.91
C PRO RB 11 -80.47 -102.16 -77.93
N LEU RB 12 -79.33 -102.45 -77.31
CA LEU RB 12 -78.29 -101.42 -77.16
C LEU RB 12 -77.40 -101.28 -78.38
N GLY RB 13 -77.18 -102.35 -79.14
CA GLY RB 13 -76.24 -102.26 -80.24
C GLY RB 13 -74.82 -102.41 -79.72
N PHE RB 14 -73.88 -101.81 -80.44
CA PHE RB 14 -72.52 -101.70 -79.91
C PHE RB 14 -72.52 -100.73 -78.74
N PHE RB 15 -71.93 -101.15 -77.64
CA PHE RB 15 -72.10 -100.46 -76.37
C PHE RB 15 -70.76 -100.40 -75.64
N ASP RB 16 -70.09 -99.25 -75.74
CA ASP RB 16 -68.85 -99.00 -75.00
C ASP RB 16 -68.87 -97.54 -74.57
N PRO RB 17 -69.50 -97.24 -73.44
CA PRO RB 17 -69.57 -95.84 -72.98
C PRO RB 17 -68.26 -95.28 -72.47
N LEU RB 18 -67.31 -96.15 -72.11
CA LEU RB 18 -65.99 -95.71 -71.68
C LEU RB 18 -65.01 -95.55 -72.85
N GLY RB 19 -65.38 -96.02 -74.04
CA GLY RB 19 -64.47 -95.99 -75.17
C GLY RB 19 -63.26 -96.87 -74.99
N LEU RB 20 -63.43 -98.07 -74.42
CA LEU RB 20 -62.30 -98.89 -74.04
C LEU RB 20 -61.70 -99.60 -75.26
N VAL RB 21 -62.55 -99.99 -76.21
CA VAL RB 21 -62.05 -100.62 -77.44
C VAL RB 21 -62.20 -99.64 -78.58
N ALA RB 22 -62.25 -98.35 -78.25
CA ALA RB 22 -62.40 -97.31 -79.27
C ALA RB 22 -61.13 -97.13 -80.09
N ASP RB 23 -59.98 -97.57 -79.57
CA ASP RB 23 -58.75 -97.48 -80.33
C ASP RB 23 -58.68 -98.47 -81.48
N GLY RB 24 -59.52 -99.51 -81.46
CA GLY RB 24 -59.51 -100.49 -82.52
C GLY RB 24 -58.45 -101.55 -82.40
N ASP RB 25 -57.81 -101.66 -81.23
CA ASP RB 25 -56.82 -102.71 -81.00
C ASP RB 25 -57.54 -104.04 -80.91
N GLN RB 26 -57.14 -104.98 -81.78
CA GLN RB 26 -57.73 -106.30 -81.76
C GLN RB 26 -57.27 -107.10 -80.55
N GLU RB 27 -55.98 -107.00 -80.20
CA GLU RB 27 -55.41 -107.78 -79.11
C GLU RB 27 -55.93 -107.32 -77.76
N LYS RB 28 -56.13 -106.01 -77.59
CA LYS RB 28 -56.80 -105.50 -76.41
C LYS RB 28 -58.23 -106.01 -76.35
N PHE RB 29 -58.91 -106.03 -77.50
CA PHE RB 29 -60.29 -106.50 -77.57
C PHE RB 29 -60.37 -108.00 -77.33
N ASP RB 30 -59.44 -108.76 -77.89
CA ASP RB 30 -59.42 -110.21 -77.71
C ASP RB 30 -59.20 -110.58 -76.25
N ARG RB 31 -58.39 -109.79 -75.56
CA ARG RB 31 -58.20 -110.00 -74.12
C ARG RB 31 -59.49 -109.75 -73.36
N LEU RB 32 -60.08 -108.55 -73.55
CA LEU RB 32 -61.28 -108.14 -72.84
C LEU RB 32 -62.46 -109.06 -73.09
N ARG RB 33 -62.60 -109.53 -74.34
CA ARG RB 33 -63.66 -110.47 -74.66
C ARG RB 33 -63.40 -111.83 -74.00
N TYR RB 34 -62.13 -112.25 -73.94
CA TYR RB 34 -61.75 -113.45 -73.20
C TYR RB 34 -61.98 -113.29 -71.71
N VAL RB 35 -61.65 -112.10 -71.19
CA VAL RB 35 -61.91 -111.78 -69.78
C VAL RB 35 -63.42 -111.71 -69.52
N GLU RB 36 -64.20 -111.31 -70.54
CA GLU RB 36 -65.65 -111.25 -70.39
C GLU RB 36 -66.29 -112.64 -70.39
N ILE RB 37 -65.85 -113.52 -71.30
CA ILE RB 37 -66.40 -114.87 -71.38
C ILE RB 37 -66.06 -115.66 -70.12
N LYS RB 38 -64.87 -115.40 -69.55
CA LYS RB 38 -64.38 -116.19 -68.44
C LYS RB 38 -65.16 -115.95 -67.15
N HIS RB 39 -65.37 -114.67 -66.79
CA HIS RB 39 -66.24 -114.33 -65.66
C HIS RB 39 -67.64 -114.82 -65.89
N GLY RB 40 -68.10 -114.79 -67.14
CA GLY RB 40 -69.43 -115.24 -67.46
C GLY RB 40 -69.63 -116.72 -67.18
N ARG RB 41 -68.65 -117.53 -67.57
CA ARG RB 41 -68.73 -118.98 -67.33
C ARG RB 41 -68.67 -119.31 -65.85
N ILE RB 42 -67.99 -118.47 -65.08
CA ILE RB 42 -67.95 -118.65 -63.64
C ILE RB 42 -69.28 -118.25 -63.02
N SER RB 43 -69.79 -117.08 -63.41
CA SER RB 43 -71.01 -116.53 -62.82
C SER RB 43 -72.23 -117.37 -63.15
N MET RB 44 -72.25 -118.01 -64.32
CA MET RB 44 -73.34 -118.92 -64.67
C MET RB 44 -73.35 -120.13 -63.74
N LEU RB 45 -72.17 -120.62 -63.36
CA LEU RB 45 -72.10 -121.71 -62.38
C LEU RB 45 -72.33 -121.18 -60.97
N ALA RB 46 -71.99 -119.91 -60.73
CA ALA RB 46 -72.03 -119.38 -59.38
C ALA RB 46 -73.45 -119.13 -58.91
N VAL RB 47 -74.33 -118.72 -59.84
CA VAL RB 47 -75.72 -118.44 -59.49
C VAL RB 47 -76.47 -119.74 -59.21
N VAL RB 48 -76.28 -120.74 -60.10
CA VAL RB 48 -76.93 -122.04 -59.94
C VAL RB 48 -76.39 -122.74 -58.70
N GLY RB 49 -75.09 -122.57 -58.44
CA GLY RB 49 -74.53 -123.06 -57.20
C GLY RB 49 -75.11 -122.37 -55.98
N TYR RB 50 -75.38 -121.07 -56.09
CA TYR RB 50 -75.92 -120.35 -54.94
C TYR RB 50 -77.38 -120.72 -54.69
N LEU RB 51 -78.15 -120.95 -55.75
CA LEU RB 51 -79.57 -121.21 -55.58
C LEU RB 51 -79.83 -122.62 -55.07
N VAL RB 52 -79.03 -123.59 -55.53
CA VAL RB 52 -79.24 -124.98 -55.12
C VAL RB 52 -78.75 -125.20 -53.69
N GLN RB 53 -77.72 -124.45 -53.27
CA GLN RB 53 -77.31 -124.49 -51.87
C GLN RB 53 -78.32 -123.80 -50.96
N GLU RB 54 -78.93 -122.72 -51.43
CA GLU RB 54 -79.91 -122.00 -50.60
C GLU RB 54 -81.20 -122.80 -50.48
N ALA RB 55 -81.48 -123.66 -51.45
CA ALA RB 55 -82.61 -124.60 -51.34
C ALA RB 55 -82.34 -125.74 -50.38
N GLY RB 56 -81.14 -125.85 -49.83
CA GLY RB 56 -80.81 -126.86 -48.84
C GLY RB 56 -80.17 -128.12 -49.40
N VAL RB 57 -79.96 -128.19 -50.71
CA VAL RB 57 -79.40 -129.40 -51.31
C VAL RB 57 -77.92 -129.49 -51.00
N ARG RB 58 -77.51 -130.60 -50.40
CA ARG RB 58 -76.12 -130.84 -50.06
C ARG RB 58 -75.67 -132.16 -50.64
N LEU RB 59 -74.36 -132.32 -50.71
CA LEU RB 59 -73.78 -133.61 -51.00
C LEU RB 59 -73.97 -134.54 -49.81
N PRO RB 60 -74.23 -135.83 -50.03
CA PRO RB 60 -74.47 -136.73 -48.89
C PRO RB 60 -73.20 -137.02 -48.13
N GLY RB 61 -73.34 -137.16 -46.81
CA GLY RB 61 -72.24 -137.62 -45.99
C GLY RB 61 -71.36 -136.51 -45.48
N THR RB 62 -70.09 -136.86 -45.25
CA THR RB 62 -69.14 -135.98 -44.58
C THR RB 62 -68.15 -135.40 -45.58
N ILE RB 63 -67.65 -134.19 -45.25
CA ILE RB 63 -66.63 -133.55 -46.07
C ILE RB 63 -65.23 -133.99 -45.66
N ASP RB 64 -65.04 -134.49 -44.44
CA ASP RB 64 -63.74 -135.04 -44.04
C ASP RB 64 -63.95 -136.26 -43.15
N TYR RB 65 -62.86 -136.83 -42.67
CA TYR RB 65 -62.93 -138.00 -41.81
C TYR RB 65 -63.19 -137.66 -40.35
N SER RB 66 -63.20 -136.37 -39.98
CA SER RB 66 -63.48 -136.00 -38.60
C SER RB 66 -64.96 -135.88 -38.31
N GLY RB 67 -65.82 -136.21 -39.27
CA GLY RB 67 -67.25 -136.21 -39.05
C GLY RB 67 -67.98 -134.96 -39.47
N LYS RB 68 -67.27 -133.94 -39.95
CA LYS RB 68 -67.91 -132.73 -40.45
C LYS RB 68 -68.68 -133.04 -41.71
N THR RB 69 -70.00 -132.82 -41.68
CA THR RB 69 -70.88 -133.17 -42.78
C THR RB 69 -71.11 -131.97 -43.69
N PHE RB 70 -71.61 -132.24 -44.90
CA PHE RB 70 -71.96 -131.16 -45.80
C PHE RB 70 -73.18 -130.38 -45.31
N ALA RB 71 -74.08 -131.06 -44.59
CA ALA RB 71 -75.35 -130.46 -44.20
C ALA RB 71 -75.17 -129.38 -43.14
N GLU RB 72 -74.08 -129.46 -42.36
CA GLU RB 72 -73.81 -128.41 -41.39
C GLU RB 72 -73.32 -127.12 -42.03
N ILE RB 73 -72.76 -127.21 -43.23
CA ILE RB 73 -72.12 -126.08 -43.89
C ILE RB 73 -73.21 -125.21 -44.51
N PRO RB 74 -73.33 -123.94 -44.14
CA PRO RB 74 -74.36 -123.08 -44.72
C PRO RB 74 -74.00 -122.60 -46.12
N ASN RB 75 -74.93 -121.88 -46.72
CA ASN RB 75 -74.66 -121.22 -47.99
C ASN RB 75 -74.00 -119.86 -47.76
N GLY RB 76 -73.28 -119.41 -48.77
CA GLY RB 76 -72.76 -118.07 -48.81
C GLY RB 76 -71.31 -117.97 -48.38
N PHE RB 77 -70.94 -116.78 -47.92
CA PHE RB 77 -69.59 -116.56 -47.42
C PHE RB 77 -69.34 -117.28 -46.11
N ALA RB 78 -70.41 -117.66 -45.40
CA ALA RB 78 -70.28 -118.42 -44.15
C ALA RB 78 -69.95 -119.88 -44.40
N ALA RB 79 -69.97 -120.34 -45.65
CA ALA RB 79 -69.53 -121.69 -45.97
C ALA RB 79 -68.04 -121.85 -45.71
N PHE RB 80 -67.25 -120.81 -46.02
CA PHE RB 80 -65.80 -120.88 -45.89
C PHE RB 80 -65.33 -120.94 -44.44
N LYS RB 81 -66.20 -120.63 -43.48
CA LYS RB 81 -65.81 -120.75 -42.08
C LYS RB 81 -65.77 -122.21 -41.63
N GLU RB 82 -66.65 -123.05 -42.19
CA GLU RB 82 -66.81 -124.42 -41.72
C GLU RB 82 -66.26 -125.47 -42.68
N ILE RB 83 -65.91 -125.11 -43.90
CA ILE RB 83 -65.13 -126.02 -44.74
C ILE RB 83 -63.73 -126.13 -44.14
N PRO RB 84 -63.21 -127.34 -43.89
CA PRO RB 84 -61.92 -127.46 -43.20
C PRO RB 84 -60.77 -126.96 -44.05
N ALA RB 85 -59.66 -126.66 -43.37
CA ALA RB 85 -58.55 -125.94 -43.98
C ALA RB 85 -57.90 -126.73 -45.10
N GLY RB 86 -57.86 -128.06 -44.96
CA GLY RB 86 -57.36 -128.89 -46.04
C GLY RB 86 -58.27 -128.88 -47.26
N GLY RB 87 -59.58 -128.69 -47.04
CA GLY RB 87 -60.48 -128.57 -48.16
C GLY RB 87 -60.32 -127.27 -48.92
N LEU RB 88 -60.12 -126.17 -48.19
CA LEU RB 88 -60.04 -124.85 -48.81
C LEU RB 88 -58.77 -124.68 -49.63
N VAL RB 89 -57.70 -125.39 -49.28
CA VAL RB 89 -56.47 -125.34 -50.07
C VAL RB 89 -56.68 -126.02 -51.41
N GLN RB 90 -57.43 -127.12 -51.40
CA GLN RB 90 -57.64 -127.90 -52.62
C GLN RB 90 -58.61 -127.22 -53.56
N LEU RB 91 -59.70 -126.68 -53.01
CA LEU RB 91 -60.64 -125.88 -53.79
C LEU RB 91 -59.91 -124.73 -54.47
N LEU RB 92 -58.97 -124.11 -53.77
CA LEU RB 92 -58.14 -123.09 -54.41
C LEU RB 92 -57.18 -123.72 -55.42
N PHE RB 93 -56.56 -124.86 -55.08
CA PHE RB 93 -55.49 -125.35 -55.94
C PHE RB 93 -56.00 -126.06 -57.18
N PHE RB 94 -57.00 -126.95 -57.03
CA PHE RB 94 -57.39 -127.76 -58.18
C PHE RB 94 -58.16 -126.93 -59.21
N ILE RB 95 -58.67 -125.76 -58.83
CA ILE RB 95 -59.12 -124.81 -59.83
C ILE RB 95 -57.92 -124.15 -60.51
N GLY RB 96 -56.82 -123.98 -59.77
CA GLY RB 96 -55.61 -123.43 -60.38
C GLY RB 96 -54.93 -124.39 -61.34
N VAL RB 97 -55.20 -125.69 -61.21
CA VAL RB 97 -54.77 -126.64 -62.23
C VAL RB 97 -55.58 -126.42 -63.51
N LEU RB 98 -56.88 -126.14 -63.36
CA LEU RB 98 -57.70 -125.80 -64.51
C LEU RB 98 -57.24 -124.48 -65.13
N GLU RB 99 -56.75 -123.55 -64.31
CA GLU RB 99 -56.19 -122.31 -64.85
C GLU RB 99 -54.87 -122.57 -65.58
N SER RB 100 -54.05 -123.47 -65.03
CA SER RB 100 -52.72 -123.69 -65.60
C SER RB 100 -52.76 -124.72 -66.71
N SER RB 101 -53.30 -125.90 -66.42
CA SER RB 101 -53.08 -127.07 -67.26
C SER RB 101 -54.29 -127.45 -68.11
N VAL RB 102 -55.48 -126.92 -67.85
CA VAL RB 102 -56.66 -127.42 -68.55
C VAL RB 102 -57.39 -126.33 -69.34
N MET RB 103 -57.92 -125.32 -68.64
CA MET RB 103 -58.84 -124.36 -69.26
C MET RB 103 -58.05 -123.18 -69.83
N ARG RB 104 -57.51 -123.37 -71.02
CA ARG RB 104 -56.86 -122.34 -71.82
C ARG RB 104 -56.68 -122.87 -73.23
N ASP RB 105 -56.07 -122.10 -74.11
CA ASP RB 105 -55.65 -122.60 -75.42
C ASP RB 105 -54.29 -123.27 -75.24
N LEU RB 106 -54.30 -124.59 -75.13
CA LEU RB 106 -53.03 -125.31 -75.04
C LEU RB 106 -52.41 -125.51 -76.42
N THR RB 107 -53.22 -125.81 -77.43
CA THR RB 107 -52.72 -126.27 -78.72
C THR RB 107 -52.68 -125.18 -79.79
N GLY RB 108 -53.27 -124.01 -79.54
CA GLY RB 108 -53.19 -122.95 -80.52
C GLY RB 108 -54.18 -123.04 -81.66
N GLU RB 109 -55.07 -124.03 -81.66
CA GLU RB 109 -56.02 -124.21 -82.75
C GLU RB 109 -57.42 -123.70 -82.42
N ALA RB 110 -57.55 -122.90 -81.37
CA ALA RB 110 -58.85 -122.36 -80.99
C ALA RB 110 -59.36 -121.40 -82.06
N GLU RB 111 -60.63 -121.59 -82.45
CA GLU RB 111 -61.25 -120.75 -83.46
C GLU RB 111 -61.49 -119.33 -82.98
N PHE RB 112 -61.53 -119.10 -81.67
CA PHE RB 112 -61.72 -117.80 -81.05
C PHE RB 112 -61.26 -117.87 -79.60
N VAL RB 113 -61.44 -116.75 -78.89
CA VAL RB 113 -60.98 -116.67 -77.51
C VAL RB 113 -61.99 -117.34 -76.57
N GLY RB 114 -61.52 -118.30 -75.81
CA GLY RB 114 -62.42 -119.08 -74.98
C GLY RB 114 -62.86 -120.39 -75.59
N ASP RB 115 -62.38 -120.73 -76.79
CA ASP RB 115 -62.54 -122.06 -77.35
C ASP RB 115 -61.51 -122.95 -76.67
N PHE RB 116 -61.96 -123.79 -75.76
CA PHE RB 116 -61.08 -124.59 -74.94
C PHE RB 116 -61.09 -126.07 -75.31
N ARG RB 117 -61.60 -126.39 -76.51
CA ARG RB 117 -61.80 -127.80 -76.88
C ARG RB 117 -60.48 -128.54 -77.06
N ASN RB 118 -59.46 -127.85 -77.59
CA ASN RB 118 -58.07 -128.33 -77.69
C ASN RB 118 -57.93 -129.59 -78.53
N GLY RB 119 -58.89 -129.86 -79.41
CA GLY RB 119 -58.92 -131.11 -80.14
C GLY RB 119 -59.20 -132.33 -79.28
N ALA RB 120 -59.75 -132.14 -78.09
CA ALA RB 120 -59.95 -133.23 -77.14
C ALA RB 120 -61.42 -133.52 -76.91
N ILE RB 121 -62.21 -132.51 -76.52
CA ILE RB 121 -63.62 -132.70 -76.20
C ILE RB 121 -64.44 -131.81 -77.11
N ASP RB 122 -65.20 -132.42 -78.02
CA ASP RB 122 -66.09 -131.73 -78.93
C ASP RB 122 -67.40 -132.50 -79.02
N PHE RB 123 -68.51 -131.81 -78.79
CA PHE RB 123 -69.83 -132.42 -78.81
C PHE RB 123 -70.57 -132.19 -80.11
N GLY RB 124 -69.88 -131.80 -81.17
CA GLY RB 124 -70.51 -131.53 -82.45
C GLY RB 124 -70.70 -130.07 -82.79
N TRP RB 125 -69.71 -129.22 -82.56
CA TRP RB 125 -69.74 -127.79 -82.85
C TRP RB 125 -69.93 -127.51 -84.34
N ASP RB 126 -69.34 -128.34 -85.19
CA ASP RB 126 -69.44 -128.17 -86.62
C ASP RB 126 -70.76 -128.71 -87.18
N THR RB 127 -71.61 -129.32 -86.35
CA THR RB 127 -72.95 -129.68 -86.79
C THR RB 127 -73.91 -128.50 -86.76
N PHE RB 128 -73.51 -127.39 -86.15
CA PHE RB 128 -74.24 -126.13 -86.26
C PHE RB 128 -73.74 -125.39 -87.50
N ASP RB 129 -74.63 -124.65 -88.16
CA ASP RB 129 -74.13 -123.80 -89.23
C ASP RB 129 -73.58 -122.51 -88.62
N GLU RB 130 -73.04 -121.62 -89.47
CA GLU RB 130 -72.31 -120.45 -88.99
C GLU RB 130 -73.22 -119.47 -88.26
N GLU RB 131 -74.52 -119.46 -88.61
CA GLU RB 131 -75.45 -118.60 -87.89
C GLU RB 131 -75.83 -119.20 -86.54
N THR RB 132 -75.93 -120.53 -86.45
CA THR RB 132 -76.20 -121.16 -85.15
C THR RB 132 -74.97 -121.11 -84.26
N GLN RB 133 -73.77 -121.27 -84.85
CA GLN RB 133 -72.53 -121.11 -84.10
C GLN RB 133 -72.38 -119.70 -83.53
N PHE RB 134 -72.81 -118.69 -84.30
CA PHE RB 134 -72.80 -117.33 -83.79
C PHE RB 134 -73.87 -117.13 -82.72
N LYS RB 135 -74.99 -117.85 -82.83
CA LYS RB 135 -76.08 -117.68 -81.88
C LYS RB 135 -75.73 -118.31 -80.53
N LYS RB 136 -75.11 -119.48 -80.54
CA LYS RB 136 -74.78 -120.17 -79.29
C LYS RB 136 -73.66 -119.45 -78.55
N ARG RB 137 -72.76 -118.79 -79.28
CA ARG RB 137 -71.77 -117.94 -78.65
C ARG RB 137 -72.42 -116.68 -78.08
N ALA RB 138 -73.47 -116.18 -78.74
CA ALA RB 138 -74.15 -114.98 -78.27
C ALA RB 138 -75.00 -115.27 -77.04
N ILE RB 139 -75.56 -116.48 -76.95
CA ILE RB 139 -76.30 -116.86 -75.76
C ILE RB 139 -75.35 -117.00 -74.57
N GLU RB 140 -74.24 -117.73 -74.77
CA GLU RB 140 -73.26 -117.97 -73.69
C GLU RB 140 -72.66 -116.67 -73.16
N LEU RB 141 -72.40 -115.72 -74.05
CA LEU RB 141 -71.90 -114.42 -73.61
C LEU RB 141 -72.95 -113.69 -72.79
N ASN RB 142 -74.20 -113.72 -73.24
CA ASN RB 142 -75.25 -112.92 -72.61
C ASN RB 142 -75.89 -113.62 -71.42
N GLN RB 143 -75.93 -114.96 -71.43
CA GLN RB 143 -76.15 -115.66 -70.18
C GLN RB 143 -75.01 -115.42 -69.22
N GLY RB 144 -73.80 -115.27 -69.76
CA GLY RB 144 -72.67 -114.90 -68.92
C GLY RB 144 -72.81 -113.51 -68.32
N ARG RB 145 -73.14 -112.52 -69.15
CA ARG RB 145 -73.24 -111.14 -68.69
C ARG RB 145 -74.41 -110.95 -67.72
N ALA RB 146 -75.48 -111.71 -67.93
CA ALA RB 146 -76.62 -111.66 -67.01
C ALA RB 146 -76.22 -112.20 -65.64
N ALA RB 147 -75.53 -113.33 -65.62
CA ALA RB 147 -75.21 -114.00 -64.36
C ALA RB 147 -74.16 -113.22 -63.57
N GLN RB 148 -73.32 -112.43 -64.26
CA GLN RB 148 -72.33 -111.60 -63.58
C GLN RB 148 -73.01 -110.54 -62.71
N MET RB 149 -74.06 -109.90 -63.25
CA MET RB 149 -74.88 -109.03 -62.40
C MET RB 149 -75.74 -109.85 -61.46
N GLY RB 150 -76.07 -111.10 -61.84
CA GLY RB 150 -76.88 -111.93 -60.99
C GLY RB 150 -76.14 -112.40 -59.75
N ILE RB 151 -74.89 -112.84 -59.92
CA ILE RB 151 -74.13 -113.28 -58.75
C ILE RB 151 -73.64 -112.09 -57.94
N LEU RB 152 -73.37 -110.95 -58.60
CA LEU RB 152 -72.91 -109.77 -57.89
C LEU RB 152 -74.02 -109.23 -56.99
N ALA RB 153 -75.26 -109.34 -57.44
CA ALA RB 153 -76.39 -109.09 -56.54
C ALA RB 153 -76.34 -110.04 -55.35
N LEU RB 154 -76.41 -111.36 -55.62
CA LEU RB 154 -76.57 -112.37 -54.56
C LEU RB 154 -75.43 -112.38 -53.54
N MET RB 155 -74.27 -111.79 -53.90
CA MET RB 155 -73.21 -111.60 -52.94
C MET RB 155 -73.35 -110.31 -52.15
N VAL RB 156 -73.75 -109.21 -52.81
CA VAL RB 156 -73.92 -107.93 -52.12
C VAL RB 156 -75.09 -108.00 -51.13
N HIS RB 157 -76.13 -108.75 -51.50
CA HIS RB 157 -77.35 -108.80 -50.70
C HIS RB 157 -77.25 -109.76 -49.53
N GLU RB 158 -76.31 -110.70 -49.58
CA GLU RB 158 -76.03 -111.49 -48.39
C GLU RB 158 -75.39 -110.63 -47.31
N GLN RB 159 -74.58 -109.66 -47.71
CA GLN RB 159 -73.90 -108.80 -46.75
C GLN RB 159 -74.79 -107.64 -46.29
N LEU RB 160 -75.69 -107.17 -47.14
CA LEU RB 160 -76.63 -106.13 -46.74
C LEU RB 160 -77.67 -106.66 -45.75
N GLY RB 161 -77.92 -107.96 -45.73
CA GLY RB 161 -78.97 -108.51 -44.92
C GLY RB 161 -80.35 -108.40 -45.52
N VAL RB 162 -80.46 -107.91 -46.75
CA VAL RB 162 -81.74 -107.80 -47.46
C VAL RB 162 -81.75 -108.90 -48.51
N SER RB 163 -82.55 -109.93 -48.28
CA SER RB 163 -82.58 -111.09 -49.16
C SER RB 163 -83.40 -110.79 -50.42
N LEU RB 164 -82.94 -111.32 -51.54
CA LEU RB 164 -83.68 -111.26 -52.79
C LEU RB 164 -84.44 -112.53 -53.10
N LEU RB 165 -84.37 -113.53 -52.22
CA LEU RB 165 -84.94 -114.82 -52.50
C LEU RB 165 -86.12 -115.09 -51.57
N PRO RB 166 -87.16 -115.81 -52.05
CA PRO RB 166 -88.28 -116.23 -51.21
C PRO RB 166 -87.85 -117.16 -50.07
#